data_6T17
#
_entry.id   6T17
#
_cell.length_a   1.00
_cell.length_b   1.00
_cell.length_c   1.00
_cell.angle_alpha   90.00
_cell.angle_beta   90.00
_cell.angle_gamma   90.00
#
_symmetry.space_group_name_H-M   'P 1'
#
_entity_poly.entity_id   1
_entity_poly.type   'polypeptide(L)'
_entity_poly.pdbx_seq_one_letter_code
;MRIQHNIAALNTHRNLAANNAAASKNLEKLSSGFKINRAGDDAAGLAISEKMRGQISGLNMASKNSSDAISLIQTAEGGL
NETHAILQRMRELAVQSRNDTNDEATNDRSNLNDELKQLQEEITRISSQMEFNNKKLLDGSQSTNGLTFQIGANAGQTIT
MKISTMSATKLGVDAAKASISKGTAASKAIKSIDDAINTVSKTRSALGAVQNRLEHTINNLGTSAENLTAAESRIRDTDM
AAEMMAFTKNNILTQAAQSMLAQANQQPQGVLQLLQ
;
_entity_poly.pdbx_strand_id   A,B,C,D,E,F,G,H,I,J,K,L,M,N,O,P,Q,R,S,T,U,V,W,X,Y,Z,a,b,c,d,e,f,g,h,i,j,k,l,m,n,o,p,q,r
#
# COMPACT_ATOMS: atom_id res chain seq x y z
N MET A 1 6.13 -42.30 11.30
CA MET A 1 7.37 -41.85 10.68
C MET A 1 8.16 -40.66 11.24
N ARG A 2 7.47 -39.61 11.72
CA ARG A 2 8.12 -38.39 12.17
C ARG A 2 7.83 -38.05 13.63
N ILE A 3 6.56 -38.00 14.02
CA ILE A 3 6.15 -37.37 15.28
C ILE A 3 5.52 -38.40 16.22
N GLN A 4 4.44 -39.02 15.75
CA GLN A 4 3.59 -39.84 16.60
C GLN A 4 4.34 -41.01 17.24
N HIS A 5 5.44 -41.45 16.65
CA HIS A 5 6.22 -42.57 17.18
C HIS A 5 7.70 -42.27 17.02
N ASN A 6 8.48 -42.57 18.06
CA ASN A 6 9.93 -42.32 18.09
C ASN A 6 10.62 -43.61 18.49
N ILE A 7 11.03 -44.40 17.50
CA ILE A 7 11.40 -45.80 17.75
C ILE A 7 12.77 -45.89 18.42
N ALA A 8 13.67 -44.94 18.14
CA ALA A 8 14.98 -44.93 18.77
C ALA A 8 14.85 -44.85 20.29
N ALA A 9 13.94 -44.00 20.76
CA ALA A 9 13.73 -43.86 22.19
C ALA A 9 13.17 -45.14 22.79
N LEU A 10 12.30 -45.85 22.06
CA LEU A 10 11.79 -47.14 22.54
C LEU A 10 12.93 -48.14 22.72
N ASN A 11 13.79 -48.27 21.70
CA ASN A 11 14.93 -49.18 21.80
C ASN A 11 15.83 -48.81 22.97
N THR A 12 16.10 -47.51 23.14
CA THR A 12 16.94 -47.06 24.24
C THR A 12 16.30 -47.39 25.58
N HIS A 13 14.98 -47.24 25.68
CA HIS A 13 14.28 -47.58 26.92
C HIS A 13 14.39 -49.06 27.22
N ARG A 14 14.23 -49.91 26.21
CA ARG A 14 14.40 -51.35 26.39
C ARG A 14 15.78 -51.67 26.95
N ASN A 15 16.82 -51.15 26.31
CA ASN A 15 18.18 -51.45 26.74
C ASN A 15 18.44 -50.93 28.15
N LEU A 16 17.91 -49.75 28.46
CA LEU A 16 18.06 -49.17 29.79
C LEU A 16 17.43 -50.07 30.85
N ALA A 17 16.21 -50.55 30.58
CA ALA A 17 15.54 -51.46 31.51
C ALA A 17 16.34 -52.73 31.72
N ALA A 18 16.88 -53.29 30.64
CA ALA A 18 17.69 -54.50 30.76
C ALA A 18 18.93 -54.27 31.62
N ASN A 19 19.62 -53.15 31.39
CA ASN A 19 20.81 -52.85 32.18
C ASN A 19 20.48 -52.67 33.66
N ASN A 20 19.38 -51.98 33.95
CA ASN A 20 18.96 -51.80 35.32
C ASN A 20 18.66 -53.14 35.99
N ALA A 21 17.98 -54.03 35.27
CA ALA A 21 17.69 -55.36 35.82
C ALA A 21 18.97 -56.13 36.13
N ALA A 22 19.93 -56.10 35.21
CA ALA A 22 21.18 -56.81 35.44
C ALA A 22 21.93 -56.25 36.64
N ALA A 23 21.96 -54.92 36.77
CA ALA A 23 22.61 -54.30 37.92
C ALA A 23 21.93 -54.69 39.22
N SER A 24 20.59 -54.78 39.21
CA SER A 24 19.87 -55.19 40.40
C SER A 24 20.20 -56.63 40.78
N LYS A 25 20.29 -57.52 39.80
CA LYS A 25 20.70 -58.89 40.07
C LYS A 25 22.09 -58.94 40.69
N ASN A 26 23.03 -58.14 40.18
CA ASN A 26 24.37 -58.11 40.74
C ASN A 26 24.36 -57.59 42.17
N LEU A 27 23.53 -56.57 42.44
CA LEU A 27 23.40 -56.08 43.81
C LEU A 27 22.90 -57.16 44.74
N GLU A 28 21.90 -57.92 44.29
CA GLU A 28 21.38 -59.04 45.08
C GLU A 28 22.50 -60.03 45.40
N LYS A 29 23.27 -60.42 44.38
CA LYS A 29 24.34 -61.39 44.60
C LYS A 29 25.43 -60.86 45.52
N LEU A 30 25.67 -59.55 45.50
CA LEU A 30 26.73 -58.99 46.34
C LEU A 30 26.26 -58.84 47.78
N SER A 31 25.02 -58.40 47.99
CA SER A 31 24.51 -58.25 49.34
C SER A 31 24.30 -59.61 50.01
N SER A 32 23.76 -60.57 49.27
CA SER A 32 23.50 -61.88 49.85
C SER A 32 24.78 -62.63 50.16
N GLY A 33 25.81 -62.46 49.34
CA GLY A 33 27.01 -63.24 49.45
C GLY A 33 26.94 -64.62 48.81
N PHE A 34 25.81 -64.97 48.19
CA PHE A 34 25.62 -66.25 47.53
C PHE A 34 25.35 -66.02 46.05
N LYS A 35 25.87 -66.91 45.22
CA LYS A 35 25.70 -66.83 43.78
C LYS A 35 24.36 -67.38 43.31
N ILE A 36 23.72 -68.23 44.12
CA ILE A 36 22.47 -68.90 43.77
C ILE A 36 21.48 -68.59 44.89
N ASN A 37 20.61 -67.60 44.65
CA ASN A 37 19.54 -67.26 45.57
C ASN A 37 18.19 -67.79 45.13
N ARG A 38 18.04 -68.14 43.85
CA ARG A 38 16.83 -68.72 43.30
C ARG A 38 17.21 -69.93 42.46
N ALA A 39 16.22 -70.75 42.13
CA ALA A 39 16.47 -71.89 41.26
C ALA A 39 16.64 -71.47 39.81
N GLY A 40 16.09 -70.31 39.43
CA GLY A 40 16.33 -69.80 38.09
C GLY A 40 17.79 -69.45 37.85
N ASP A 41 18.51 -69.11 38.91
CA ASP A 41 19.95 -68.87 38.79
C ASP A 41 20.66 -70.12 38.26
N ASP A 42 20.43 -71.25 38.92
CA ASP A 42 21.09 -72.49 38.54
C ASP A 42 20.35 -73.65 39.18
N ALA A 43 19.78 -74.52 38.36
CA ALA A 43 18.99 -75.64 38.88
C ALA A 43 19.90 -76.76 39.40
N ALA A 44 20.82 -77.24 38.56
CA ALA A 44 21.80 -78.25 38.97
C ALA A 44 22.95 -77.56 39.68
N GLY A 45 22.94 -77.64 41.01
CA GLY A 45 23.85 -76.89 41.84
C GLY A 45 23.13 -76.40 43.08
N LEU A 46 21.85 -76.03 42.94
CA LEU A 46 21.02 -75.81 44.12
C LEU A 46 20.82 -77.12 44.88
N ALA A 47 20.42 -78.17 44.17
CA ALA A 47 20.26 -79.49 44.78
C ALA A 47 21.58 -79.98 45.38
N ILE A 48 22.67 -79.81 44.64
CA ILE A 48 23.97 -80.27 45.11
C ILE A 48 24.37 -79.51 46.38
N SER A 49 24.11 -78.19 46.40
CA SER A 49 24.41 -77.39 47.58
C SER A 49 23.60 -77.84 48.77
N GLU A 50 22.31 -78.14 48.57
CA GLU A 50 21.49 -78.57 49.69
C GLU A 50 21.94 -79.91 50.24
N LYS A 51 22.22 -80.88 49.36
CA LYS A 51 22.73 -82.16 49.81
C LYS A 51 24.05 -82.01 50.54
N MET A 52 24.93 -81.14 50.04
CA MET A 52 26.23 -80.96 50.68
C MET A 52 26.09 -80.29 52.03
N ARG A 53 25.14 -79.36 52.16
CA ARG A 53 24.87 -78.74 53.46
C ARG A 53 24.37 -79.77 54.45
N GLY A 54 23.46 -80.65 54.01
CA GLY A 54 22.99 -81.73 54.87
C GLY A 54 24.14 -82.62 55.32
N GLN A 55 25.01 -82.99 54.39
CA GLN A 55 26.14 -83.84 54.73
C GLN A 55 27.09 -83.14 55.70
N ILE A 56 27.32 -81.84 55.51
CA ILE A 56 28.22 -81.11 56.40
C ILE A 56 27.66 -81.08 57.82
N SER A 57 26.38 -80.72 57.94
CA SER A 57 25.75 -80.71 59.26
C SER A 57 25.80 -82.09 59.91
N GLY A 58 25.50 -83.14 59.14
CA GLY A 58 25.55 -84.48 59.67
C GLY A 58 26.94 -84.88 60.12
N LEU A 59 27.96 -84.49 59.36
CA LEU A 59 29.33 -84.86 59.71
C LEU A 59 29.79 -84.14 60.98
N ASN A 60 29.45 -82.86 61.11
CA ASN A 60 29.81 -82.14 62.32
C ASN A 60 29.09 -82.71 63.54
N MET A 61 27.80 -83.00 63.40
CA MET A 61 27.06 -83.60 64.50
C MET A 61 27.60 -84.99 64.84
N ALA A 62 28.07 -85.73 63.85
CA ALA A 62 28.66 -87.04 64.11
C ALA A 62 29.99 -86.91 64.84
N SER A 63 30.77 -85.89 64.52
CA SER A 63 31.98 -85.60 65.27
C SER A 63 31.65 -85.33 66.74
N LYS A 64 30.62 -84.51 66.97
CA LYS A 64 30.16 -84.22 68.32
C LYS A 64 29.76 -85.51 69.05
N ASN A 65 28.98 -86.37 68.38
CA ASN A 65 28.53 -87.62 68.97
C ASN A 65 29.70 -88.54 69.29
N SER A 66 30.70 -88.59 68.41
CA SER A 66 31.87 -89.43 68.65
C SER A 66 32.64 -88.94 69.88
N SER A 67 32.77 -87.63 70.04
CA SER A 67 33.40 -87.09 71.23
C SER A 67 32.61 -87.46 72.49
N ASP A 68 31.29 -87.39 72.41
CA ASP A 68 30.46 -87.79 73.55
C ASP A 68 30.69 -89.26 73.93
N ALA A 69 30.77 -90.13 72.91
CA ALA A 69 31.06 -91.54 73.16
C ALA A 69 32.43 -91.72 73.80
N ILE A 70 33.42 -90.94 73.37
CA ILE A 70 34.74 -91.01 73.98
C ILE A 70 34.66 -90.65 75.45
N SER A 71 33.86 -89.63 75.78
CA SER A 71 33.70 -89.23 77.17
C SER A 71 33.10 -90.36 78.00
N LEU A 72 32.04 -90.98 77.48
CA LEU A 72 31.42 -92.13 78.15
C LEU A 72 32.43 -93.25 78.41
N ILE A 73 33.20 -93.59 77.38
CA ILE A 73 34.16 -94.68 77.51
C ILE A 73 35.24 -94.33 78.54
N GLN A 74 35.69 -93.08 78.55
CA GLN A 74 36.66 -92.66 79.55
C GLN A 74 36.09 -92.79 80.96
N THR A 75 34.79 -92.51 81.12
CA THR A 75 34.15 -92.68 82.43
C THR A 75 34.23 -94.14 82.87
N ALA A 76 33.89 -95.05 81.96
CA ALA A 76 33.90 -96.47 82.32
C ALA A 76 35.32 -96.95 82.65
N GLU A 77 36.32 -96.55 81.86
CA GLU A 77 37.70 -96.96 82.14
C GLU A 77 38.17 -96.42 83.48
N GLY A 78 37.86 -95.16 83.78
CA GLY A 78 38.20 -94.62 85.09
C GLY A 78 37.52 -95.37 86.21
N GLY A 79 36.31 -95.84 85.98
CA GLY A 79 35.65 -96.70 86.97
C GLY A 79 36.41 -97.99 87.21
N LEU A 80 36.91 -98.60 86.15
CA LEU A 80 37.57 -99.90 86.28
C LEU A 80 39.01 -99.82 86.80
N ASN A 81 39.64 -98.64 86.73
CA ASN A 81 40.98 -98.49 87.30
C ASN A 81 40.97 -98.78 88.80
N GLU A 82 39.96 -98.29 89.52
CA GLU A 82 39.90 -98.54 90.96
C GLU A 82 39.57 -99.99 91.25
N THR A 83 38.81 -100.64 90.36
CA THR A 83 38.61 -102.08 90.46
C THR A 83 39.95 -102.81 90.43
N HIS A 84 40.81 -102.46 89.46
CA HIS A 84 42.17 -103.01 89.42
C HIS A 84 42.89 -102.82 90.76
N ALA A 85 42.85 -101.58 91.27
CA ALA A 85 43.60 -101.26 92.48
C ALA A 85 43.14 -102.10 93.67
N ILE A 86 41.84 -102.13 93.92
CA ILE A 86 41.36 -102.84 95.10
C ILE A 86 41.48 -104.35 94.90
N LEU A 87 41.47 -104.83 93.66
CA LEU A 87 41.74 -106.25 93.42
C LEU A 87 43.18 -106.60 93.79
N GLN A 88 44.12 -105.72 93.44
CA GLN A 88 45.51 -105.92 93.87
C GLN A 88 45.61 -105.97 95.39
N ARG A 89 44.93 -105.04 96.06
CA ARG A 89 44.95 -105.02 97.52
C ARG A 89 44.37 -106.30 98.10
N MET A 90 43.27 -106.79 97.52
CA MET A 90 42.63 -108.03 97.97
C MET A 90 43.55 -109.22 97.80
N ARG A 91 44.27 -109.28 96.67
CA ARG A 91 45.23 -110.36 96.47
C ARG A 91 46.34 -110.31 97.50
N GLU A 92 46.84 -109.11 97.80
CA GLU A 92 47.85 -108.97 98.84
C GLU A 92 47.33 -109.47 100.18
N LEU A 93 46.10 -109.09 100.53
CA LEU A 93 45.47 -109.54 101.76
C LEU A 93 45.33 -111.05 101.82
N ALA A 94 44.94 -111.68 100.71
CA ALA A 94 44.81 -113.13 100.68
C ALA A 94 46.16 -113.82 100.85
N VAL A 95 47.19 -113.33 100.17
CA VAL A 95 48.52 -113.93 100.29
C VAL A 95 49.02 -113.81 101.72
N GLN A 96 48.71 -112.70 102.40
CA GLN A 96 49.08 -112.57 103.80
C GLN A 96 48.26 -113.49 104.70
N SER A 97 46.95 -113.57 104.47
CA SER A 97 46.08 -114.44 105.24
C SER A 97 46.45 -115.91 105.11
N ARG A 98 47.04 -116.30 103.98
CA ARG A 98 47.29 -117.69 103.63
C ARG A 98 48.32 -118.37 104.54
N ASN A 99 49.17 -117.59 105.19
CA ASN A 99 50.24 -118.13 106.02
C ASN A 99 49.70 -118.59 107.37
N ASP A 100 50.38 -119.57 107.98
CA ASP A 100 49.94 -120.19 109.22
C ASP A 100 50.45 -119.48 110.47
N THR A 101 51.15 -118.35 110.31
CA THR A 101 51.45 -117.51 111.46
C THR A 101 50.17 -116.92 112.06
N ASN A 102 49.14 -116.76 111.25
CA ASN A 102 47.91 -116.12 111.69
C ASN A 102 46.99 -117.13 112.37
N ASP A 103 46.35 -116.69 113.46
CA ASP A 103 45.47 -117.53 114.26
C ASP A 103 44.01 -117.16 114.05
N GLU A 104 43.17 -118.17 113.84
CA GLU A 104 41.74 -117.97 113.87
C GLU A 104 41.22 -117.69 115.27
N ALA A 105 41.92 -118.16 116.30
CA ALA A 105 41.45 -118.00 117.68
C ALA A 105 41.48 -116.53 118.09
N THR A 106 42.64 -115.88 117.95
CA THR A 106 42.81 -114.48 118.35
C THR A 106 42.54 -113.51 117.20
N ASN A 107 41.71 -113.91 116.24
CA ASN A 107 41.05 -112.98 115.31
C ASN A 107 42.05 -112.30 114.38
N ASP A 108 43.10 -113.02 113.95
CA ASP A 108 44.07 -112.48 113.02
C ASP A 108 43.50 -112.40 111.61
N ARG A 109 42.85 -113.47 111.15
CA ARG A 109 42.29 -113.51 109.80
C ARG A 109 40.94 -112.83 109.68
N SER A 110 40.18 -112.73 110.76
CA SER A 110 38.88 -112.06 110.69
C SER A 110 39.01 -110.58 110.43
N ASN A 111 40.14 -109.96 110.82
CA ASN A 111 40.36 -108.56 110.47
C ASN A 111 40.69 -108.40 108.99
N LEU A 112 41.48 -109.32 108.42
CA LEU A 112 41.69 -109.28 106.98
C LEU A 112 40.41 -109.58 106.23
N ASN A 113 39.52 -110.37 106.82
CA ASN A 113 38.21 -110.62 106.22
C ASN A 113 37.31 -109.39 106.32
N ASP A 114 37.39 -108.63 107.43
CA ASP A 114 36.73 -107.33 107.50
C ASP A 114 37.17 -106.44 106.34
N GLU A 115 38.49 -106.32 106.15
CA GLU A 115 39.04 -105.53 105.05
C GLU A 115 38.53 -106.04 103.70
N LEU A 116 38.55 -107.36 103.51
CA LEU A 116 38.12 -107.95 102.25
C LEU A 116 36.64 -107.71 101.97
N LYS A 117 35.79 -107.85 102.99
CA LYS A 117 34.37 -107.59 102.82
C LYS A 117 34.10 -106.14 102.46
N GLN A 118 34.81 -105.20 103.09
CA GLN A 118 34.64 -103.80 102.72
C GLN A 118 35.06 -103.55 101.28
N LEU A 119 36.16 -104.18 100.85
CA LEU A 119 36.59 -103.99 99.46
C LEU A 119 35.62 -104.65 98.48
N GLN A 120 34.96 -105.73 98.88
CA GLN A 120 33.94 -106.34 98.02
C GLN A 120 32.69 -105.46 97.93
N GLU A 121 32.31 -104.81 99.03
CA GLU A 121 31.22 -103.85 98.94
C GLU A 121 31.60 -102.69 98.04
N GLU A 122 32.88 -102.28 98.04
CA GLU A 122 33.30 -101.19 97.16
C GLU A 122 33.33 -101.61 95.69
N ILE A 123 33.79 -102.83 95.40
CA ILE A 123 33.80 -103.28 94.01
C ILE A 123 32.39 -103.41 93.46
N THR A 124 31.41 -103.77 94.30
CA THR A 124 30.03 -103.77 93.85
C THR A 124 29.48 -102.34 93.72
N ARG A 125 29.87 -101.45 94.63
CA ARG A 125 29.40 -100.08 94.62
C ARG A 125 29.83 -99.36 93.35
N ILE A 126 31.09 -99.52 92.95
CA ILE A 126 31.57 -98.87 91.72
C ILE A 126 30.78 -99.39 90.53
N SER A 127 30.43 -100.67 90.53
CA SER A 127 29.66 -101.24 89.44
C SER A 127 28.30 -100.56 89.33
N SER A 128 27.49 -100.62 90.38
CA SER A 128 26.11 -100.16 90.30
C SER A 128 25.89 -98.76 90.87
N GLN A 129 26.91 -97.89 90.85
CA GLN A 129 26.73 -96.46 91.09
C GLN A 129 27.52 -95.62 90.10
N MET A 130 27.84 -96.18 88.93
CA MET A 130 28.51 -95.47 87.86
C MET A 130 27.50 -95.05 86.82
N GLU A 131 27.58 -93.82 86.35
CA GLU A 131 26.56 -93.36 85.37
C GLU A 131 27.10 -92.19 84.56
N PHE A 132 26.60 -92.09 83.34
CA PHE A 132 26.88 -91.00 82.41
C PHE A 132 25.54 -90.54 81.86
N ASN A 133 25.11 -89.35 82.28
CA ASN A 133 23.84 -88.78 81.82
C ASN A 133 22.66 -89.64 82.28
N ASN A 134 22.73 -90.12 83.52
CA ASN A 134 21.67 -90.96 84.09
C ASN A 134 21.55 -92.27 83.33
N LYS A 135 22.67 -92.99 83.19
CA LYS A 135 22.73 -94.22 82.42
C LYS A 135 23.70 -95.17 83.11
N LYS A 136 23.17 -96.19 83.76
CA LYS A 136 24.01 -97.17 84.43
C LYS A 136 24.77 -97.99 83.38
N LEU A 137 26.09 -98.07 83.54
CA LEU A 137 26.98 -98.67 82.55
C LEU A 137 27.44 -100.08 82.93
N LEU A 138 27.95 -100.26 84.15
CA LEU A 138 28.61 -101.49 84.57
C LEU A 138 27.71 -102.41 85.39
N ASP A 139 26.44 -102.52 84.99
CA ASP A 139 25.46 -103.30 85.74
C ASP A 139 24.99 -104.50 84.93
N GLY A 140 25.08 -104.40 83.60
CA GLY A 140 24.41 -105.30 82.69
C GLY A 140 23.27 -104.68 81.91
N SER A 141 23.07 -103.35 81.99
CA SER A 141 22.02 -102.72 81.21
C SER A 141 22.33 -102.78 79.72
N GLN A 142 23.58 -102.53 79.35
CA GLN A 142 24.00 -102.50 77.96
C GLN A 142 24.45 -103.86 77.45
N SER A 143 24.57 -104.86 78.33
CA SER A 143 25.00 -106.19 77.90
C SER A 143 23.91 -106.94 77.16
N THR A 144 22.67 -106.43 77.15
CA THR A 144 21.56 -107.11 76.51
C THR A 144 21.46 -106.74 75.03
N ASN A 145 21.46 -105.44 74.73
CA ASN A 145 21.33 -104.93 73.37
C ASN A 145 22.54 -104.13 72.93
N GLY A 146 22.98 -103.17 73.74
CA GLY A 146 24.20 -102.42 73.50
C GLY A 146 23.91 -100.96 73.17
N LEU A 147 24.94 -100.14 73.35
CA LEU A 147 24.89 -98.72 73.04
C LEU A 147 25.28 -98.50 71.58
N THR A 148 24.47 -97.74 70.87
CA THR A 148 24.66 -97.48 69.44
C THR A 148 25.03 -96.02 69.24
N PHE A 149 26.19 -95.77 68.63
CA PHE A 149 26.68 -94.44 68.33
C PHE A 149 26.55 -94.17 66.85
N GLN A 150 25.92 -93.05 66.51
CA GLN A 150 25.82 -92.55 65.15
C GLN A 150 27.08 -91.75 64.84
N ILE A 151 27.94 -92.31 63.99
CA ILE A 151 29.24 -91.71 63.67
C ILE A 151 29.25 -91.36 62.19
N GLY A 152 28.09 -91.02 61.63
CA GLY A 152 28.00 -90.68 60.23
C GLY A 152 26.75 -89.87 59.96
N ALA A 153 26.79 -89.12 58.86
CA ALA A 153 25.68 -88.26 58.50
C ALA A 153 24.43 -89.06 58.14
N ASN A 154 24.60 -90.13 57.37
CA ASN A 154 23.49 -90.89 56.83
C ASN A 154 23.03 -91.98 57.80
N ALA A 155 21.93 -92.64 57.43
CA ALA A 155 21.37 -93.71 58.23
C ALA A 155 22.17 -95.00 58.05
N GLY A 156 22.31 -95.75 59.13
CA GLY A 156 23.06 -96.98 59.13
C GLY A 156 24.53 -96.84 59.41
N GLN A 157 25.06 -95.61 59.42
CA GLN A 157 26.48 -95.37 59.70
C GLN A 157 26.68 -95.32 61.21
N THR A 158 26.54 -96.49 61.83
CA THR A 158 26.52 -96.62 63.28
C THR A 158 27.58 -97.61 63.73
N ILE A 159 27.83 -97.63 65.04
CA ILE A 159 28.61 -98.68 65.67
C ILE A 159 27.92 -99.09 66.96
N THR A 160 27.82 -100.40 67.18
CA THR A 160 27.24 -100.95 68.40
C THR A 160 28.35 -101.34 69.36
N MET A 161 28.04 -101.27 70.65
CA MET A 161 28.99 -101.55 71.71
C MET A 161 28.26 -102.24 72.85
N LYS A 162 29.01 -103.01 73.63
CA LYS A 162 28.45 -103.76 74.75
C LYS A 162 29.43 -103.75 75.89
N ILE A 163 28.89 -103.66 77.11
CA ILE A 163 29.68 -103.69 78.34
C ILE A 163 29.05 -104.73 79.25
N SER A 164 29.89 -105.59 79.81
CA SER A 164 29.44 -106.71 80.63
C SER A 164 29.24 -106.29 82.08
N THR A 165 28.52 -107.13 82.82
CA THR A 165 28.39 -106.92 84.25
C THR A 165 29.72 -107.17 84.92
N MET A 166 30.15 -106.21 85.75
CA MET A 166 31.44 -106.20 86.43
C MET A 166 31.25 -106.14 87.94
N SER A 167 30.28 -106.89 88.45
CA SER A 167 30.09 -107.04 89.88
C SER A 167 30.89 -108.21 90.44
N ALA A 168 30.88 -108.35 91.77
CA ALA A 168 31.64 -109.42 92.41
C ALA A 168 31.03 -110.79 92.14
N THR A 169 29.70 -110.87 92.00
CA THR A 169 29.05 -112.14 91.74
C THR A 169 29.45 -112.70 90.38
N LYS A 170 29.53 -111.84 89.36
CA LYS A 170 29.83 -112.30 88.01
C LYS A 170 31.26 -112.82 87.92
N LEU A 171 32.17 -112.22 88.67
CA LEU A 171 33.59 -112.56 88.59
C LEU A 171 34.03 -113.62 89.60
N GLY A 172 33.10 -114.21 90.34
CA GLY A 172 33.45 -115.29 91.25
C GLY A 172 34.36 -114.87 92.37
N VAL A 173 34.21 -113.64 92.86
CA VAL A 173 35.03 -113.11 93.95
C VAL A 173 34.19 -112.60 95.12
N ASP A 174 32.86 -112.65 95.01
CA ASP A 174 31.98 -112.32 96.12
C ASP A 174 32.27 -113.19 97.35
N ALA A 175 31.79 -112.72 98.50
CA ALA A 175 32.11 -113.36 99.77
C ALA A 175 31.61 -114.78 99.87
N ALA A 176 30.61 -115.17 99.07
CA ALA A 176 30.12 -116.54 99.10
C ALA A 176 31.12 -117.55 98.52
N LYS A 177 32.15 -117.08 97.81
CA LYS A 177 33.12 -117.97 97.19
C LYS A 177 34.56 -117.48 97.33
N ALA A 178 34.82 -116.40 98.08
CA ALA A 178 36.17 -115.85 98.20
C ALA A 178 36.49 -115.40 99.62
N SER A 179 35.96 -116.07 100.63
CA SER A 179 36.34 -115.77 101.99
C SER A 179 37.80 -116.12 102.23
N ILE A 180 38.40 -115.46 103.22
CA ILE A 180 39.74 -115.79 103.67
C ILE A 180 39.70 -116.06 105.17
N SER A 181 38.57 -116.57 105.66
CA SER A 181 38.48 -117.04 107.04
C SER A 181 39.52 -118.12 107.31
N LYS A 182 39.64 -119.08 106.41
CA LYS A 182 40.53 -120.22 106.61
C LYS A 182 41.85 -119.98 105.88
N GLY A 183 42.74 -120.97 105.96
CA GLY A 183 43.92 -121.00 105.13
C GLY A 183 43.63 -121.58 103.76
N THR A 184 42.71 -122.55 103.73
CA THR A 184 42.36 -123.20 102.46
C THR A 184 41.64 -122.23 101.53
N ALA A 185 40.73 -121.43 102.06
CA ALA A 185 39.92 -120.55 101.22
C ALA A 185 40.76 -119.46 100.57
N ALA A 186 41.83 -119.03 101.22
CA ALA A 186 42.73 -118.05 100.61
C ALA A 186 43.42 -118.61 99.37
N SER A 187 43.71 -119.91 99.37
CA SER A 187 44.28 -120.57 98.20
C SER A 187 43.40 -120.36 96.97
N LYS A 188 42.11 -120.65 97.11
CA LYS A 188 41.18 -120.44 96.00
C LYS A 188 40.98 -118.96 95.72
N ALA A 189 41.03 -118.13 96.76
CA ALA A 189 40.80 -116.70 96.61
C ALA A 189 41.87 -116.05 95.74
N ILE A 190 43.12 -116.51 95.87
CA ILE A 190 44.20 -115.96 95.06
C ILE A 190 43.93 -116.18 93.57
N LYS A 191 43.62 -117.42 93.21
CA LYS A 191 43.32 -117.75 91.81
C LYS A 191 42.08 -117.02 91.33
N SER A 192 41.07 -116.92 92.19
CA SER A 192 39.84 -116.22 91.84
C SER A 192 40.12 -114.75 91.54
N ILE A 193 40.97 -114.13 92.35
CA ILE A 193 41.31 -112.72 92.17
C ILE A 193 42.13 -112.53 90.89
N ASP A 194 43.04 -113.47 90.60
CA ASP A 194 43.79 -113.40 89.35
C ASP A 194 42.87 -113.46 88.14
N ASP A 195 41.91 -114.39 88.15
CA ASP A 195 40.95 -114.50 87.06
C ASP A 195 40.16 -113.21 86.90
N ALA A 196 39.74 -112.62 88.02
CA ALA A 196 38.99 -111.36 87.96
C ALA A 196 39.83 -110.23 87.38
N ILE A 197 41.10 -110.13 87.78
CA ILE A 197 41.98 -109.10 87.24
C ILE A 197 42.13 -109.26 85.73
N ASN A 198 42.34 -110.49 85.26
CA ASN A 198 42.47 -110.72 83.83
C ASN A 198 41.19 -110.35 83.08
N THR A 199 40.03 -110.70 83.65
CA THR A 199 38.76 -110.39 82.99
C THR A 199 38.56 -108.88 82.87
N VAL A 200 38.84 -108.14 83.94
CA VAL A 200 38.59 -106.70 83.88
C VAL A 200 39.63 -106.01 82.99
N SER A 201 40.85 -106.56 82.91
CA SER A 201 41.81 -106.07 81.92
C SER A 201 41.30 -106.28 80.50
N LYS A 202 40.70 -107.44 80.23
CA LYS A 202 40.11 -107.71 78.93
C LYS A 202 39.04 -106.68 78.58
N THR A 203 38.15 -106.41 79.54
CA THR A 203 37.09 -105.43 79.30
C THR A 203 37.64 -104.04 79.03
N ARG A 204 38.66 -103.63 79.81
CA ARG A 204 39.29 -102.33 79.59
C ARG A 204 39.90 -102.24 78.19
N SER A 205 40.56 -103.31 77.75
CA SER A 205 41.10 -103.35 76.40
C SER A 205 39.99 -103.18 75.37
N ALA A 206 38.87 -103.87 75.56
CA ALA A 206 37.75 -103.76 74.64
C ALA A 206 37.24 -102.34 74.54
N LEU A 207 37.23 -101.61 75.67
CA LEU A 207 36.78 -100.22 75.63
C LEU A 207 37.81 -99.32 74.92
N GLY A 208 39.09 -99.49 75.25
CA GLY A 208 40.11 -98.65 74.66
C GLY A 208 40.22 -98.80 73.16
N ALA A 209 39.95 -100.00 72.65
CA ALA A 209 39.96 -100.20 71.20
C ALA A 209 38.93 -99.31 70.52
N VAL A 210 37.72 -99.26 71.07
CA VAL A 210 36.67 -98.44 70.48
C VAL A 210 37.01 -96.96 70.59
N GLN A 211 37.65 -96.57 71.70
CA GLN A 211 38.11 -95.19 71.84
C GLN A 211 39.09 -94.82 70.71
N ASN A 212 40.10 -95.67 70.51
CA ASN A 212 41.10 -95.40 69.47
C ASN A 212 40.47 -95.39 68.09
N ARG A 213 39.47 -96.24 67.85
CA ARG A 213 38.74 -96.19 66.59
C ARG A 213 38.03 -94.85 66.40
N LEU A 214 37.36 -94.38 67.45
CA LEU A 214 36.58 -93.15 67.34
C LEU A 214 37.47 -91.95 67.08
N GLU A 215 38.71 -91.98 67.56
CA GLU A 215 39.64 -90.89 67.28
C GLU A 215 39.88 -90.76 65.76
N HIS A 216 40.26 -91.87 65.12
CA HIS A 216 40.45 -91.89 63.67
C HIS A 216 39.17 -91.47 62.95
N THR A 217 38.03 -91.94 63.44
CA THR A 217 36.76 -91.56 62.84
C THR A 217 36.56 -90.04 62.89
N ILE A 218 36.90 -89.41 64.00
CA ILE A 218 36.75 -87.96 64.13
C ILE A 218 37.66 -87.25 63.14
N ASN A 219 38.90 -87.72 63.01
CA ASN A 219 39.83 -87.12 62.04
C ASN A 219 39.26 -87.18 60.62
N ASN A 220 38.77 -88.36 60.23
CA ASN A 220 38.21 -88.52 58.89
C ASN A 220 36.99 -87.64 58.69
N LEU A 221 36.13 -87.52 59.71
CA LEU A 221 34.95 -86.68 59.60
C LEU A 221 35.33 -85.22 59.41
N GLY A 222 36.33 -84.75 60.16
CA GLY A 222 36.78 -83.37 59.98
C GLY A 222 37.31 -83.10 58.59
N THR A 223 38.15 -84.02 58.09
CA THR A 223 38.68 -83.85 56.74
C THR A 223 37.57 -83.80 55.70
N SER A 224 36.62 -84.74 55.78
CA SER A 224 35.54 -84.79 54.81
C SER A 224 34.66 -83.54 54.90
N ALA A 225 34.41 -83.06 56.11
CA ALA A 225 33.60 -81.86 56.27
C ALA A 225 34.28 -80.65 55.64
N GLU A 226 35.58 -80.49 55.86
CA GLU A 226 36.31 -79.38 55.25
C GLU A 226 36.26 -79.47 53.73
N ASN A 227 36.49 -80.66 53.18
CA ASN A 227 36.49 -80.78 51.72
C ASN A 227 35.12 -80.47 51.12
N LEU A 228 34.05 -81.01 51.72
CA LEU A 228 32.72 -80.72 51.21
C LEU A 228 32.33 -79.27 51.41
N THR A 229 32.83 -78.64 52.48
CA THR A 229 32.59 -77.21 52.67
C THR A 229 33.24 -76.41 51.55
N ALA A 230 34.47 -76.76 51.19
CA ALA A 230 35.14 -76.11 50.07
C ALA A 230 34.34 -76.28 48.78
N ALA A 231 33.88 -77.50 48.52
CA ALA A 231 33.09 -77.78 47.32
C ALA A 231 31.82 -76.94 47.30
N GLU A 232 31.08 -76.92 48.40
CA GLU A 232 29.83 -76.18 48.46
C GLU A 232 30.08 -74.68 48.32
N SER A 233 31.17 -74.18 48.90
CA SER A 233 31.52 -72.77 48.73
C SER A 233 31.78 -72.45 47.27
N ARG A 234 32.56 -73.28 46.60
CA ARG A 234 32.87 -73.03 45.19
C ARG A 234 31.62 -73.14 44.32
N ILE A 235 30.66 -73.97 44.71
CA ILE A 235 29.44 -74.11 43.92
C ILE A 235 28.55 -72.89 44.10
N ARG A 236 28.19 -72.58 45.35
CA ARG A 236 27.12 -71.63 45.64
C ARG A 236 27.60 -70.21 45.92
N ASP A 237 28.68 -70.04 46.68
CA ASP A 237 29.14 -68.70 47.00
C ASP A 237 29.68 -67.99 45.76
N THR A 238 29.68 -66.66 45.81
CA THR A 238 30.04 -65.82 44.69
C THR A 238 31.36 -65.12 44.95
N ASP A 239 32.12 -64.88 43.88
CA ASP A 239 33.33 -64.10 43.96
C ASP A 239 32.98 -62.61 43.91
N MET A 240 33.45 -61.85 44.91
CA MET A 240 33.08 -60.45 45.03
C MET A 240 33.62 -59.63 43.86
N ALA A 241 34.82 -59.96 43.40
CA ALA A 241 35.48 -59.14 42.38
C ALA A 241 34.73 -59.18 41.05
N ALA A 242 34.31 -60.38 40.63
CA ALA A 242 33.62 -60.50 39.35
C ALA A 242 32.28 -59.79 39.37
N GLU A 243 31.54 -59.92 40.47
CA GLU A 243 30.24 -59.24 40.56
C GLU A 243 30.42 -57.74 40.66
N MET A 244 31.49 -57.27 41.32
CA MET A 244 31.79 -55.85 41.34
C MET A 244 32.06 -55.33 39.94
N MET A 245 32.87 -56.07 39.18
CA MET A 245 33.13 -55.72 37.78
C MET A 245 31.83 -55.60 36.99
N ALA A 246 30.99 -56.64 37.08
CA ALA A 246 29.74 -56.65 36.32
C ALA A 246 28.83 -55.50 36.74
N PHE A 247 28.78 -55.20 38.04
CA PHE A 247 27.91 -54.14 38.53
C PHE A 247 28.37 -52.78 38.04
N THR A 248 29.68 -52.51 38.08
CA THR A 248 30.20 -51.26 37.56
C THR A 248 29.92 -51.14 36.06
N LYS A 249 30.14 -52.21 35.32
CA LYS A 249 29.85 -52.23 33.89
C LYS A 249 28.39 -51.88 33.61
N ASN A 250 27.48 -52.53 34.33
CA ASN A 250 26.06 -52.30 34.11
C ASN A 250 25.65 -50.90 34.49
N ASN A 251 26.25 -50.33 35.54
CA ASN A 251 25.96 -48.93 35.89
C ASN A 251 26.39 -47.99 34.77
N ILE A 252 27.59 -48.21 34.23
CA ILE A 252 28.09 -47.36 33.16
C ILE A 252 27.16 -47.46 31.94
N LEU A 253 26.71 -48.68 31.64
CA LEU A 253 25.79 -48.86 30.52
C LEU A 253 24.46 -48.17 30.78
N THR A 254 23.98 -48.22 32.02
CA THR A 254 22.74 -47.54 32.38
C THR A 254 22.86 -46.04 32.16
N GLN A 255 23.97 -45.45 32.60
CA GLN A 255 24.20 -44.02 32.41
C GLN A 255 24.25 -43.68 30.93
N ALA A 256 24.94 -44.50 30.13
CA ALA A 256 25.02 -44.26 28.69
C ALA A 256 23.64 -44.28 28.06
N ALA A 257 22.82 -45.27 28.42
CA ALA A 257 21.48 -45.36 27.87
C ALA A 257 20.62 -44.18 28.32
N GLN A 258 20.80 -43.71 29.55
CA GLN A 258 20.07 -42.54 30.02
C GLN A 258 20.39 -41.33 29.16
N SER A 259 21.68 -41.06 28.94
CA SER A 259 22.07 -39.93 28.09
C SER A 259 21.55 -40.09 26.67
N MET A 260 21.61 -41.31 26.13
CA MET A 260 21.13 -41.54 24.77
C MET A 260 19.63 -41.27 24.67
N LEU A 261 18.87 -41.65 25.71
CA LEU A 261 17.43 -41.39 25.69
C LEU A 261 17.13 -39.91 25.81
N ALA A 262 17.89 -39.21 26.65
CA ALA A 262 17.74 -37.76 26.75
C ALA A 262 17.98 -37.08 25.41
N GLN A 263 18.94 -37.60 24.64
CA GLN A 263 19.17 -37.05 23.30
C GLN A 263 18.04 -37.42 22.35
N ALA A 264 17.62 -38.68 22.35
CA ALA A 264 16.59 -39.14 21.42
C ALA A 264 15.27 -38.43 21.64
N ASN A 265 14.97 -38.04 22.88
CA ASN A 265 13.75 -37.29 23.13
C ASN A 265 13.81 -35.89 22.52
N GLN A 266 14.99 -35.29 22.46
CA GLN A 266 15.17 -33.98 21.86
C GLN A 266 15.29 -34.03 20.35
N GLN A 267 15.66 -35.18 19.79
CA GLN A 267 15.86 -35.30 18.34
C GLN A 267 14.66 -34.86 17.52
N PRO A 268 13.41 -35.30 17.80
CA PRO A 268 12.29 -34.84 16.95
C PRO A 268 11.78 -33.44 17.31
N GLN A 269 12.44 -32.43 16.75
CA GLN A 269 12.04 -31.03 16.88
C GLN A 269 12.12 -30.40 15.50
N GLY A 270 11.02 -30.51 14.75
CA GLY A 270 10.90 -29.89 13.45
C GLY A 270 9.81 -28.84 13.44
N VAL A 271 9.68 -28.12 14.56
CA VAL A 271 8.67 -27.07 14.66
C VAL A 271 9.06 -25.87 13.81
N LEU A 272 10.36 -25.69 13.51
CA LEU A 272 10.76 -24.58 12.66
C LEU A 272 10.34 -24.74 11.21
N GLN A 273 9.88 -25.92 10.79
CA GLN A 273 9.23 -26.00 9.48
C GLN A 273 8.00 -25.11 9.44
N LEU A 274 7.15 -25.22 10.45
CA LEU A 274 5.83 -24.61 10.43
C LEU A 274 5.90 -23.11 10.67
N LEU A 275 6.37 -22.72 11.84
CA LEU A 275 6.40 -21.32 12.24
C LEU A 275 7.70 -20.67 11.76
N GLN A 276 7.89 -19.41 12.12
CA GLN A 276 9.13 -18.73 11.76
C GLN A 276 9.25 -17.43 12.57
N MET B 1 -11.03 -23.27 31.60
CA MET B 1 -10.54 -24.14 30.55
C MET B 1 -9.15 -23.92 29.92
N ARG B 2 -8.74 -22.66 29.72
CA ARG B 2 -7.48 -22.36 29.03
C ARG B 2 -6.51 -21.55 29.88
N ILE B 3 -6.95 -20.42 30.44
CA ILE B 3 -6.05 -19.41 30.99
C ILE B 3 -6.26 -19.25 32.49
N GLN B 4 -7.49 -18.89 32.87
CA GLN B 4 -7.79 -18.48 34.23
C GLN B 4 -7.46 -19.54 35.27
N HIS B 5 -7.43 -20.81 34.88
CA HIS B 5 -7.15 -21.90 35.81
C HIS B 5 -6.28 -22.93 35.11
N ASN B 6 -5.27 -23.43 35.83
CA ASN B 6 -4.30 -24.40 35.31
C ASN B 6 -4.23 -25.57 36.28
N ILE B 7 -5.03 -26.60 36.03
CA ILE B 7 -5.30 -27.62 37.05
C ILE B 7 -4.11 -28.56 37.23
N ALA B 8 -3.34 -28.79 36.15
CA ALA B 8 -2.15 -29.63 36.25
C ALA B 8 -1.17 -29.08 37.26
N ALA B 9 -0.97 -27.76 37.25
CA ALA B 9 -0.07 -27.13 38.19
C ALA B 9 -0.57 -27.25 39.62
N LEU B 10 -1.90 -27.19 39.82
CA LEU B 10 -2.47 -27.39 41.15
C LEU B 10 -2.16 -28.80 41.67
N ASN B 11 -2.40 -29.81 40.83
CA ASN B 11 -2.12 -31.19 41.24
C ASN B 11 -0.64 -31.37 41.55
N THR B 12 0.24 -30.80 40.71
CA THR B 12 1.66 -30.89 40.95
C THR B 12 2.06 -30.22 42.26
N HIS B 13 1.43 -29.08 42.57
CA HIS B 13 1.70 -28.39 43.82
C HIS B 13 1.29 -29.24 45.02
N ARG B 14 0.11 -29.86 44.94
CA ARG B 14 -0.34 -30.78 45.99
C ARG B 14 0.69 -31.88 46.24
N ASN B 15 1.09 -32.56 45.18
CA ASN B 15 2.02 -33.68 45.33
C ASN B 15 3.36 -33.20 45.87
N LEU B 16 3.82 -32.03 45.42
CA LEU B 16 5.07 -31.47 45.91
C LEU B 16 5.01 -31.19 47.41
N ALA B 17 3.90 -30.60 47.87
CA ALA B 17 3.72 -30.34 49.29
C ALA B 17 3.74 -31.63 50.09
N ALA B 18 3.05 -32.66 49.59
CA ALA B 18 3.03 -33.94 50.29
C ALA B 18 4.43 -34.54 50.40
N ASN B 19 5.19 -34.50 49.31
CA ASN B 19 6.54 -35.07 49.34
C ASN B 19 7.44 -34.30 50.31
N ASN B 20 7.31 -32.97 50.32
CA ASN B 20 8.09 -32.16 51.27
C ASN B 20 7.74 -32.53 52.71
N ALA B 21 6.45 -32.70 53.00
CA ALA B 21 6.04 -33.07 54.35
C ALA B 21 6.62 -34.41 54.76
N ALA B 22 6.57 -35.40 53.85
CA ALA B 22 7.12 -36.71 54.18
C ALA B 22 8.62 -36.65 54.43
N ALA B 23 9.33 -35.89 53.60
CA ALA B 23 10.77 -35.74 53.80
C ALA B 23 11.08 -35.07 55.14
N SER B 24 10.26 -34.09 55.54
CA SER B 24 10.46 -33.43 56.82
C SER B 24 10.24 -34.41 57.97
N LYS B 25 9.21 -35.25 57.88
CA LYS B 25 8.99 -36.28 58.89
C LYS B 25 10.19 -37.22 59.00
N ASN B 26 10.74 -37.63 57.86
CA ASN B 26 11.91 -38.50 57.88
C ASN B 26 13.10 -37.81 58.51
N LEU B 27 13.29 -36.52 58.22
CA LEU B 27 14.37 -35.77 58.85
C LEU B 27 14.20 -35.74 60.37
N GLU B 28 12.97 -35.52 60.83
CA GLU B 28 12.69 -35.54 62.27
C GLU B 28 13.08 -36.89 62.87
N LYS B 29 12.66 -37.98 62.23
CA LYS B 29 12.96 -39.30 62.77
C LYS B 29 14.45 -39.60 62.76
N LEU B 30 15.19 -39.06 61.79
CA LEU B 30 16.62 -39.32 61.72
C LEU B 30 17.40 -38.49 62.73
N SER B 31 17.03 -37.23 62.89
CA SER B 31 17.73 -36.37 63.86
C SER B 31 17.42 -36.80 65.29
N SER B 32 16.16 -37.14 65.57
CA SER B 32 15.79 -37.51 66.93
C SER B 32 16.39 -38.86 67.33
N GLY B 33 16.50 -39.77 66.38
CA GLY B 33 16.90 -41.12 66.67
C GLY B 33 15.80 -42.02 67.18
N PHE B 34 14.57 -41.51 67.29
CA PHE B 34 13.41 -42.27 67.74
C PHE B 34 12.37 -42.32 66.64
N LYS B 35 11.69 -43.47 66.54
CA LYS B 35 10.66 -43.67 65.54
C LYS B 35 9.32 -43.08 65.95
N ILE B 36 9.11 -42.83 67.25
CA ILE B 36 7.84 -42.34 67.77
C ILE B 36 8.17 -41.09 68.58
N ASN B 37 7.97 -39.92 67.98
CA ASN B 37 8.14 -38.64 68.65
C ASN B 37 6.82 -38.02 69.06
N ARG B 38 5.71 -38.44 68.45
CA ARG B 38 4.38 -37.98 68.78
C ARG B 38 3.46 -39.19 68.93
N ALA B 39 2.30 -38.97 69.51
CA ALA B 39 1.32 -40.05 69.63
C ALA B 39 0.64 -40.33 68.30
N GLY B 40 0.59 -39.35 67.39
CA GLY B 40 0.07 -39.60 66.06
C GLY B 40 0.90 -40.60 65.28
N ASP B 41 2.20 -40.69 65.60
CA ASP B 41 3.04 -41.70 64.97
C ASP B 41 2.53 -43.11 65.28
N ASP B 42 2.31 -43.39 66.55
CA ASP B 42 1.84 -44.72 66.96
C ASP B 42 1.32 -44.63 68.39
N ALA B 43 0.03 -44.90 68.57
CA ALA B 43 -0.59 -44.78 69.89
C ALA B 43 -0.25 -45.99 70.76
N ALA B 44 -0.51 -47.19 70.28
CA ALA B 44 -0.14 -48.42 70.99
C ALA B 44 1.32 -48.72 70.72
N GLY B 45 2.17 -48.40 71.69
CA GLY B 45 3.61 -48.47 71.51
C GLY B 45 4.26 -47.30 72.22
N LEU B 46 3.61 -46.14 72.20
CA LEU B 46 4.02 -45.05 73.08
C LEU B 46 3.81 -45.43 74.54
N ALA B 47 2.62 -45.91 74.87
CA ALA B 47 2.33 -46.37 76.23
C ALA B 47 3.26 -47.51 76.63
N ILE B 48 3.47 -48.46 75.72
CA ILE B 48 4.33 -49.61 76.02
C ILE B 48 5.75 -49.14 76.27
N SER B 49 6.23 -48.19 75.48
CA SER B 49 7.57 -47.66 75.65
C SER B 49 7.71 -46.94 76.99
N GLU B 50 6.69 -46.18 77.39
CA GLU B 50 6.76 -45.47 78.66
C GLU B 50 6.77 -46.44 79.84
N LYS B 51 5.89 -47.44 79.81
CA LYS B 51 5.89 -48.44 80.87
C LYS B 51 7.22 -49.20 80.92
N MET B 52 7.78 -49.53 79.76
CA MET B 52 9.04 -50.25 79.74
C MET B 52 10.19 -49.40 80.26
N ARG B 53 10.17 -48.10 79.95
CA ARG B 53 11.17 -47.19 80.49
C ARG B 53 11.07 -47.12 82.01
N GLY B 54 9.84 -47.02 82.53
CA GLY B 54 9.65 -47.05 83.97
C GLY B 54 10.19 -48.32 84.60
N GLN B 55 9.90 -49.45 83.98
CA GLN B 55 10.38 -50.73 84.50
C GLN B 55 11.91 -50.82 84.46
N ILE B 56 12.52 -50.31 83.38
CA ILE B 56 13.98 -50.35 83.26
C ILE B 56 14.62 -49.51 84.36
N SER B 57 14.13 -48.28 84.54
CA SER B 57 14.67 -47.42 85.60
C SER B 57 14.49 -48.07 86.96
N GLY B 58 13.31 -48.64 87.23
CA GLY B 58 13.08 -49.30 88.49
C GLY B 58 13.99 -50.49 88.72
N LEU B 59 14.25 -51.27 87.66
CA LEU B 59 15.09 -52.45 87.80
C LEU B 59 16.54 -52.05 88.07
N ASN B 60 17.04 -51.03 87.37
CA ASN B 60 18.40 -50.57 87.63
C ASN B 60 18.54 -50.01 89.03
N MET B 61 17.56 -49.21 89.47
CA MET B 61 17.61 -48.68 90.83
C MET B 61 17.50 -49.79 91.86
N ALA B 62 16.76 -50.86 91.56
CA ALA B 62 16.65 -51.99 92.48
C ALA B 62 17.97 -52.74 92.55
N SER B 63 18.67 -52.86 91.43
CA SER B 63 20.02 -53.43 91.45
C SER B 63 20.94 -52.62 92.36
N LYS B 64 20.89 -51.29 92.23
CA LYS B 64 21.67 -50.41 93.09
C LYS B 64 21.33 -50.64 94.56
N ASN B 65 20.04 -50.70 94.87
CA ASN B 65 19.59 -50.90 96.25
C ASN B 65 20.05 -52.25 96.79
N SER B 66 20.01 -53.29 95.97
CA SER B 66 20.45 -54.61 96.40
C SER B 66 21.94 -54.61 96.71
N SER B 67 22.73 -53.91 95.90
CA SER B 67 24.15 -53.78 96.19
C SER B 67 24.38 -53.04 97.51
N ASP B 68 23.59 -51.99 97.75
CA ASP B 68 23.70 -51.27 99.02
C ASP B 68 23.42 -52.18 100.20
N ALA B 69 22.37 -53.00 100.08
CA ALA B 69 22.04 -53.97 101.13
C ALA B 69 23.17 -54.96 101.35
N ILE B 70 23.81 -55.41 100.27
CA ILE B 70 24.95 -56.31 100.40
C ILE B 70 26.07 -55.64 101.19
N SER B 71 26.31 -54.36 100.92
CA SER B 71 27.34 -53.63 101.66
C SER B 71 27.03 -53.58 103.15
N LEU B 72 25.78 -53.25 103.48
CA LEU B 72 25.34 -53.23 104.88
C LEU B 72 25.58 -54.59 105.55
N ILE B 73 25.16 -55.67 104.88
CA ILE B 73 25.30 -57.00 105.47
C ILE B 73 26.76 -57.35 105.67
N GLN B 74 27.61 -56.99 104.70
CA GLN B 74 29.04 -57.23 104.85
C GLN B 74 29.60 -56.49 106.05
N THR B 75 29.10 -55.28 106.30
CA THR B 75 29.53 -54.53 107.49
C THR B 75 29.21 -55.30 108.75
N ALA B 76 27.96 -55.79 108.85
CA ALA B 76 27.56 -56.51 110.06
C ALA B 76 28.37 -57.81 110.25
N GLU B 77 28.59 -58.56 109.16
CA GLU B 77 29.38 -59.79 109.28
C GLU B 77 30.81 -59.50 109.72
N GLY B 78 31.42 -58.45 109.15
CA GLY B 78 32.75 -58.07 109.60
C GLY B 78 32.77 -57.66 111.05
N GLY B 79 31.69 -57.03 111.53
CA GLY B 79 31.59 -56.75 112.94
C GLY B 79 31.58 -58.00 113.80
N LEU B 80 30.87 -59.04 113.35
CA LEU B 80 30.73 -60.26 114.15
C LEU B 80 31.95 -61.17 114.08
N ASN B 81 32.80 -61.03 113.07
CA ASN B 81 34.04 -61.81 113.02
C ASN B 81 34.91 -61.57 114.26
N GLU B 82 35.04 -60.32 114.68
CA GLU B 82 35.85 -60.03 115.85
C GLU B 82 35.18 -60.51 117.13
N THR B 83 33.85 -60.53 117.15
CA THR B 83 33.13 -61.17 118.24
C THR B 83 33.54 -62.63 118.37
N HIS B 84 33.54 -63.36 117.25
CA HIS B 84 34.04 -64.74 117.25
C HIS B 84 35.44 -64.83 117.85
N ALA B 85 36.34 -63.96 117.37
CA ALA B 85 37.74 -64.04 117.79
C ALA B 85 37.89 -63.84 119.30
N ILE B 86 37.29 -62.77 119.83
CA ILE B 86 37.48 -62.49 121.24
C ILE B 86 36.71 -63.49 122.10
N LEU B 87 35.64 -64.09 121.57
CA LEU B 87 34.99 -65.17 122.30
C LEU B 87 35.90 -66.39 122.42
N GLN B 88 36.61 -66.72 121.35
CA GLN B 88 37.60 -67.79 121.42
C GLN B 88 38.65 -67.49 122.47
N ARG B 89 39.15 -66.25 122.47
CA ARG B 89 40.16 -65.87 123.45
C ARG B 89 39.62 -65.98 124.88
N MET B 90 38.38 -65.56 125.10
CA MET B 90 37.74 -65.65 126.42
C MET B 90 37.59 -67.09 126.86
N ARG B 91 37.21 -67.98 125.95
CA ARG B 91 37.12 -69.40 126.29
C ARG B 91 38.48 -69.96 126.70
N GLU B 92 39.53 -69.59 125.95
CA GLU B 92 40.87 -70.02 126.30
C GLU B 92 41.25 -69.53 127.70
N LEU B 93 40.96 -68.27 128.01
CA LEU B 93 41.22 -67.69 129.32
C LEU B 93 40.46 -68.44 130.42
N ALA B 94 39.20 -68.79 130.17
CA ALA B 94 38.43 -69.51 131.19
C ALA B 94 39.00 -70.91 131.42
N VAL B 95 39.36 -71.61 130.35
CA VAL B 95 39.92 -72.95 130.49
C VAL B 95 41.23 -72.90 131.27
N GLN B 96 42.02 -71.84 131.06
CA GLN B 96 43.25 -71.68 131.84
C GLN B 96 42.96 -71.31 133.30
N SER B 97 42.01 -70.41 133.53
CA SER B 97 41.63 -70.02 134.88
C SER B 97 41.06 -71.17 135.69
N ARG B 98 40.47 -72.16 135.02
CA ARG B 98 39.72 -73.24 135.67
C ARG B 98 40.61 -74.18 136.47
N ASN B 99 41.90 -74.23 136.17
CA ASN B 99 42.82 -75.13 136.84
C ASN B 99 43.20 -74.61 138.23
N ASP B 100 43.55 -75.54 139.13
CA ASP B 100 43.84 -75.22 140.52
C ASP B 100 45.31 -74.87 140.76
N THR B 101 46.13 -74.83 139.72
CA THR B 101 47.47 -74.27 139.84
C THR B 101 47.42 -72.78 140.19
N ASN B 102 46.35 -72.09 139.79
CA ASN B 102 46.24 -70.66 139.97
C ASN B 102 45.71 -70.33 141.37
N ASP B 103 46.27 -69.28 141.98
CA ASP B 103 45.92 -68.87 143.33
C ASP B 103 45.12 -67.58 143.31
N GLU B 104 44.02 -67.56 144.07
CA GLU B 104 43.30 -66.33 144.32
C GLU B 104 44.09 -65.38 145.22
N ALA B 105 44.97 -65.92 146.08
CA ALA B 105 45.70 -65.09 147.03
C ALA B 105 46.68 -64.17 146.32
N THR B 106 47.56 -64.74 145.48
CA THR B 106 48.57 -63.97 144.76
C THR B 106 48.09 -63.52 143.39
N ASN B 107 46.78 -63.36 143.20
CA ASN B 107 46.22 -62.57 142.11
C ASN B 107 46.48 -63.21 140.75
N ASP B 108 46.45 -64.55 140.68
CA ASP B 108 46.63 -65.24 139.41
C ASP B 108 45.39 -65.13 138.54
N ARG B 109 44.21 -65.36 139.12
CA ARG B 109 42.97 -65.32 138.36
C ARG B 109 42.42 -63.92 138.16
N SER B 110 42.77 -62.96 139.03
CA SER B 110 42.27 -61.61 138.86
C SER B 110 42.87 -60.93 137.63
N ASN B 111 44.06 -61.35 137.20
CA ASN B 111 44.60 -60.82 135.95
C ASN B 111 43.87 -61.39 134.73
N LEU B 112 43.50 -62.67 134.77
CA LEU B 112 42.69 -63.21 133.70
C LEU B 112 41.31 -62.57 133.72
N ASN B 113 40.82 -62.18 134.89
CA ASN B 113 39.56 -61.46 134.98
C ASN B 113 39.68 -60.04 134.44
N ASP B 114 40.82 -59.37 134.67
CA ASP B 114 41.11 -58.10 134.00
C ASP B 114 40.99 -58.25 132.49
N GLU B 115 41.66 -59.25 131.94
CA GLU B 115 41.60 -59.54 130.51
C GLU B 115 40.17 -59.78 130.06
N LEU B 116 39.43 -60.59 130.82
CA LEU B 116 38.07 -60.95 130.47
C LEU B 116 37.14 -59.73 130.49
N LYS B 117 37.28 -58.88 131.51
CA LYS B 117 36.47 -57.67 131.58
C LYS B 117 36.75 -56.73 130.42
N GLN B 118 38.02 -56.59 130.02
CA GLN B 118 38.32 -55.75 128.87
C GLN B 118 37.71 -56.33 127.60
N LEU B 119 37.75 -57.66 127.44
CA LEU B 119 37.16 -58.26 126.25
C LEU B 119 35.63 -58.14 126.28
N GLN B 120 35.01 -58.14 127.45
CA GLN B 120 33.57 -57.92 127.53
C GLN B 120 33.21 -56.47 127.20
N GLU B 121 34.03 -55.51 127.61
CA GLU B 121 33.79 -54.15 127.18
C GLU B 121 33.94 -54.03 125.68
N GLU B 122 34.86 -54.79 125.08
CA GLU B 122 35.02 -54.72 123.62
C GLU B 122 33.86 -55.39 122.88
N ILE B 123 33.35 -56.52 123.39
CA ILE B 123 32.21 -57.16 122.74
C ILE B 123 30.97 -56.27 122.81
N THR B 124 30.81 -55.49 123.90
CA THR B 124 29.71 -54.54 123.94
C THR B 124 29.97 -53.34 123.01
N ARG B 125 31.23 -52.90 122.94
CA ARG B 125 31.58 -51.74 122.12
C ARG B 125 31.30 -52.01 120.65
N ILE B 126 31.69 -53.20 120.16
CA ILE B 126 31.44 -53.53 118.76
C ILE B 126 29.94 -53.53 118.48
N SER B 127 29.15 -53.98 119.45
CA SER B 127 27.70 -54.00 119.28
C SER B 127 27.16 -52.59 119.08
N SER B 128 27.38 -51.71 120.07
CA SER B 128 26.75 -50.40 120.05
C SER B 128 27.67 -49.28 119.55
N GLN B 129 28.63 -49.59 118.67
CA GLN B 129 29.36 -48.56 117.93
C GLN B 129 29.53 -48.97 116.47
N MET B 130 28.67 -49.85 115.97
CA MET B 130 28.67 -50.27 114.57
C MET B 130 27.57 -49.51 113.84
N GLU B 131 27.88 -49.01 112.65
CA GLU B 131 26.86 -48.21 111.93
C GLU B 131 27.16 -48.19 110.44
N PHE B 132 26.09 -48.07 109.66
CA PHE B 132 26.13 -47.92 108.22
C PHE B 132 25.21 -46.76 107.87
N ASN B 133 25.80 -45.64 107.46
CA ASN B 133 25.03 -44.45 107.08
C ASN B 133 24.26 -43.90 108.29
N ASN B 134 24.91 -43.88 109.45
CA ASN B 134 24.31 -43.39 110.68
C ASN B 134 23.10 -44.25 111.08
N LYS B 135 23.33 -45.56 111.18
CA LYS B 135 22.26 -46.51 111.47
C LYS B 135 22.85 -47.62 112.33
N LYS B 136 22.51 -47.61 113.62
CA LYS B 136 22.98 -48.65 114.52
C LYS B 136 22.33 -49.98 114.17
N LEU B 137 23.16 -51.02 113.99
CA LEU B 137 22.71 -52.31 113.49
C LEU B 137 22.58 -53.37 114.59
N LEU B 138 23.61 -53.54 115.41
CA LEU B 138 23.70 -54.65 116.37
C LEU B 138 23.30 -54.25 117.78
N ASP B 139 22.26 -53.42 117.92
CA ASP B 139 21.84 -52.91 119.22
C ASP B 139 20.46 -53.43 119.60
N GLY B 140 19.67 -53.81 118.60
CA GLY B 140 18.25 -54.05 118.74
C GLY B 140 17.36 -53.02 118.07
N SER B 141 17.92 -52.09 117.30
CA SER B 141 17.09 -51.12 116.58
C SER B 141 16.22 -51.80 115.53
N GLN B 142 16.82 -52.72 114.78
CA GLN B 142 16.12 -53.41 113.70
C GLN B 142 15.41 -54.67 114.16
N SER B 143 15.61 -55.10 115.41
CA SER B 143 14.95 -56.30 115.90
C SER B 143 13.47 -56.07 116.19
N THR B 144 13.00 -54.82 116.16
CA THR B 144 11.60 -54.52 116.46
C THR B 144 10.73 -54.63 115.22
N ASN B 145 11.12 -53.98 114.13
CA ASN B 145 10.36 -53.95 112.89
C ASN B 145 11.14 -54.56 111.72
N GLY B 146 12.38 -54.13 111.52
CA GLY B 146 13.26 -54.72 110.53
C GLY B 146 13.56 -53.76 109.38
N LEU B 147 14.65 -54.05 108.69
CA LEU B 147 15.08 -53.28 107.52
C LEU B 147 14.42 -53.86 106.27
N THR B 148 13.83 -52.99 105.47
CA THR B 148 13.10 -53.36 104.27
C THR B 148 13.87 -52.87 103.04
N PHE B 149 14.22 -53.81 102.15
CA PHE B 149 14.93 -53.51 100.92
C PHE B 149 13.98 -53.66 99.74
N GLN B 150 13.92 -52.61 98.92
CA GLN B 150 13.17 -52.63 97.66
C GLN B 150 14.05 -53.24 96.59
N ILE B 151 13.72 -54.46 96.16
CA ILE B 151 14.51 -55.20 95.19
C ILE B 151 13.69 -55.42 93.94
N GLY B 152 12.82 -54.47 93.62
CA GLY B 152 11.97 -54.57 92.44
C GLY B 152 11.44 -53.22 92.03
N ALA B 153 11.07 -53.13 90.76
CA ALA B 153 10.60 -51.86 90.21
C ALA B 153 9.27 -51.45 90.83
N ASN B 154 8.36 -52.40 90.99
CA ASN B 154 7.00 -52.11 91.42
C ASN B 154 6.87 -52.11 92.94
N ALA B 155 5.69 -51.73 93.41
CA ALA B 155 5.41 -51.69 94.84
C ALA B 155 5.13 -53.09 95.38
N GLY B 156 5.60 -53.33 96.60
CA GLY B 156 5.45 -54.61 97.25
C GLY B 156 6.57 -55.60 96.97
N GLN B 157 7.45 -55.32 96.00
CA GLN B 157 8.55 -56.21 95.66
C GLN B 157 9.71 -55.93 96.61
N THR B 158 9.51 -56.31 97.87
CA THR B 158 10.41 -55.99 98.96
C THR B 158 10.86 -57.26 99.67
N ILE B 159 11.87 -57.10 100.51
CA ILE B 159 12.27 -58.13 101.47
C ILE B 159 12.54 -57.48 102.81
N THR B 160 12.03 -58.08 103.88
CA THR B 160 12.27 -57.62 105.24
C THR B 160 13.37 -58.46 105.88
N MET B 161 14.09 -57.82 106.80
CA MET B 161 15.23 -58.43 107.47
C MET B 161 15.25 -57.95 108.91
N LYS B 162 15.84 -58.76 109.77
CA LYS B 162 15.92 -58.45 111.19
C LYS B 162 17.27 -58.89 111.73
N ILE B 163 17.82 -58.10 112.64
CA ILE B 163 19.09 -58.40 113.30
C ILE B 163 18.86 -58.26 114.80
N SER B 164 19.32 -59.24 115.55
CA SER B 164 19.08 -59.32 116.99
C SER B 164 20.14 -58.53 117.75
N THR B 165 19.84 -58.25 119.02
CA THR B 165 20.82 -57.64 119.90
C THR B 165 21.94 -58.65 120.18
N MET B 166 23.18 -58.21 119.99
CA MET B 166 24.38 -59.02 120.12
C MET B 166 25.32 -58.43 121.16
N SER B 167 24.77 -57.97 122.28
CA SER B 167 25.55 -57.51 123.42
C SER B 167 25.84 -58.65 124.39
N ALA B 168 26.66 -58.36 125.39
CA ALA B 168 27.03 -59.39 126.36
C ALA B 168 25.86 -59.76 127.27
N THR B 169 24.97 -58.81 127.56
CA THR B 169 23.83 -59.10 128.42
C THR B 169 22.88 -60.10 127.76
N LYS B 170 22.64 -59.94 126.45
CA LYS B 170 21.68 -60.81 125.76
C LYS B 170 22.20 -62.24 125.68
N LEU B 171 23.50 -62.41 125.55
CA LEU B 171 24.12 -63.72 125.36
C LEU B 171 24.56 -64.39 126.67
N GLY B 172 24.25 -63.81 127.82
CA GLY B 172 24.56 -64.44 129.08
C GLY B 172 26.03 -64.62 129.34
N VAL B 173 26.85 -63.67 128.88
CA VAL B 173 28.30 -63.71 129.06
C VAL B 173 28.84 -62.44 129.73
N ASP B 174 27.98 -61.48 130.03
CA ASP B 174 28.39 -60.30 130.79
C ASP B 174 28.96 -60.69 132.16
N ALA B 175 29.69 -59.74 132.75
CA ALA B 175 30.44 -60.02 133.97
C ALA B 175 29.55 -60.41 135.15
N ALA B 176 28.27 -60.06 135.12
CA ALA B 176 27.36 -60.46 136.19
C ALA B 176 27.07 -61.95 136.21
N LYS B 177 27.39 -62.69 135.15
CA LYS B 177 27.13 -64.11 135.08
C LYS B 177 28.26 -64.92 134.46
N ALA B 178 29.43 -64.31 134.19
CA ALA B 178 30.54 -65.01 133.54
C ALA B 178 31.89 -64.62 134.13
N SER B 179 31.95 -64.31 135.42
CA SER B 179 33.24 -64.07 136.05
C SER B 179 34.06 -65.35 136.07
N ILE B 180 35.38 -65.17 136.15
CA ILE B 180 36.30 -66.28 136.35
C ILE B 180 37.17 -66.00 137.57
N SER B 181 36.61 -65.27 138.54
CA SER B 181 37.28 -65.10 139.82
C SER B 181 37.56 -66.45 140.49
N LYS B 182 36.57 -67.34 140.49
CA LYS B 182 36.67 -68.62 141.16
C LYS B 182 37.06 -69.70 140.17
N GLY B 183 37.15 -70.93 140.66
CA GLY B 183 37.27 -72.10 139.80
C GLY B 183 35.90 -72.56 139.34
N THR B 184 34.89 -72.41 140.20
CA THR B 184 33.54 -72.85 139.87
C THR B 184 32.94 -72.00 138.75
N ALA B 185 33.16 -70.68 138.82
CA ALA B 185 32.55 -69.78 137.85
C ALA B 185 33.08 -70.00 136.44
N ALA B 186 34.35 -70.41 136.31
CA ALA B 186 34.90 -70.71 135.00
C ALA B 186 34.20 -71.90 134.35
N SER B 187 33.76 -72.86 135.17
CA SER B 187 32.99 -73.99 134.66
C SER B 187 31.76 -73.52 133.90
N LYS B 188 30.97 -72.65 134.52
CA LYS B 188 29.80 -72.11 133.85
C LYS B 188 30.19 -71.19 132.71
N ALA B 189 31.32 -70.47 132.85
CA ALA B 189 31.72 -69.52 131.83
C ALA B 189 32.06 -70.22 130.52
N ILE B 190 32.64 -71.41 130.59
CA ILE B 190 32.98 -72.16 129.39
C ILE B 190 31.72 -72.47 128.58
N LYS B 191 30.71 -73.04 129.25
CA LYS B 191 29.46 -73.36 128.60
C LYS B 191 28.75 -72.12 128.08
N SER B 192 28.80 -71.05 128.88
CA SER B 192 28.18 -69.78 128.48
C SER B 192 28.83 -69.24 127.21
N ILE B 193 30.16 -69.34 127.12
CA ILE B 193 30.88 -68.85 125.95
C ILE B 193 30.58 -69.72 124.73
N ASP B 194 30.46 -71.05 124.93
CA ASP B 194 30.09 -71.93 123.84
C ASP B 194 28.71 -71.57 123.28
N ASP B 195 27.75 -71.35 124.17
CA ASP B 195 26.40 -70.96 123.74
C ASP B 195 26.44 -69.65 122.96
N ALA B 196 27.24 -68.69 123.43
CA ALA B 196 27.33 -67.42 122.73
C ALA B 196 27.96 -67.58 121.34
N ILE B 197 29.00 -68.39 121.23
CA ILE B 197 29.62 -68.64 119.93
C ILE B 197 28.62 -69.26 118.96
N ASN B 198 27.84 -70.24 119.43
CA ASN B 198 26.85 -70.86 118.56
C ASN B 198 25.79 -69.85 118.12
N THR B 199 25.34 -69.01 119.04
CA THR B 199 24.31 -68.02 118.70
C THR B 199 24.82 -67.03 117.66
N VAL B 200 26.05 -66.55 117.81
CA VAL B 200 26.54 -65.55 116.86
C VAL B 200 26.84 -66.21 115.51
N SER B 201 27.24 -67.49 115.51
CA SER B 201 27.36 -68.22 114.26
C SER B 201 26.00 -68.32 113.55
N LYS B 202 24.95 -68.59 114.31
CA LYS B 202 23.60 -68.65 113.74
C LYS B 202 23.23 -67.32 113.10
N THR B 203 23.49 -66.21 113.80
CA THR B 203 23.17 -64.89 113.24
C THR B 203 23.97 -64.61 111.97
N ARG B 204 25.26 -64.95 111.96
CA ARG B 204 26.07 -64.77 110.77
C ARG B 204 25.52 -65.57 109.59
N SER B 205 25.11 -66.80 109.85
CA SER B 205 24.48 -67.61 108.80
C SER B 205 23.24 -66.93 108.25
N ALA B 206 22.41 -66.40 109.15
CA ALA B 206 21.18 -65.72 108.73
C ALA B 206 21.49 -64.52 107.83
N LEU B 207 22.58 -63.82 108.11
CA LEU B 207 22.96 -62.69 107.25
C LEU B 207 23.47 -63.16 105.89
N GLY B 208 24.35 -64.16 105.90
CA GLY B 208 24.94 -64.64 104.67
C GLY B 208 23.92 -65.22 103.71
N ALA B 209 22.86 -65.83 104.23
CA ALA B 209 21.80 -66.34 103.38
C ALA B 209 21.15 -65.22 102.58
N VAL B 210 20.86 -64.09 103.22
CA VAL B 210 20.23 -62.97 102.53
C VAL B 210 21.20 -62.37 101.52
N GLN B 211 22.50 -62.35 101.85
CA GLN B 211 23.50 -61.88 100.89
C GLN B 211 23.48 -62.73 99.62
N ASN B 212 23.51 -64.06 99.79
CA ASN B 212 23.52 -64.96 98.64
C ASN B 212 22.23 -64.83 97.83
N ARG B 213 21.10 -64.60 98.51
CA ARG B 213 19.86 -64.35 97.80
C ARG B 213 19.95 -63.09 96.94
N LEU B 214 20.48 -62.01 97.52
CA LEU B 214 20.54 -60.74 96.81
C LEU B 214 21.43 -60.83 95.58
N GLU B 215 22.46 -61.68 95.62
CA GLU B 215 23.30 -61.86 94.43
C GLU B 215 22.48 -62.38 93.26
N HIS B 216 21.74 -63.48 93.47
CA HIS B 216 20.88 -64.02 92.43
C HIS B 216 19.84 -63.00 91.99
N THR B 217 19.30 -62.23 92.93
CA THR B 217 18.35 -61.17 92.59
C THR B 217 18.97 -60.16 91.64
N ILE B 218 20.22 -59.77 91.89
CA ILE B 218 20.89 -58.80 91.04
C ILE B 218 21.08 -59.37 89.63
N ASN B 219 21.47 -60.63 89.54
CA ASN B 219 21.63 -61.26 88.23
C ASN B 219 20.32 -61.24 87.44
N ASN B 220 19.23 -61.65 88.10
CA ASN B 220 17.92 -61.65 87.44
C ASN B 220 17.51 -60.26 87.01
N LEU B 221 17.75 -59.26 87.86
CA LEU B 221 17.39 -57.88 87.51
C LEU B 221 18.16 -57.40 86.29
N GLY B 222 19.46 -57.70 86.23
CA GLY B 222 20.24 -57.32 85.06
C GLY B 222 19.73 -57.96 83.79
N THR B 223 19.45 -59.26 83.84
CA THR B 223 18.93 -59.95 82.66
C THR B 223 17.60 -59.33 82.20
N SER B 224 16.68 -59.12 83.15
CA SER B 224 15.38 -58.55 82.79
C SER B 224 15.52 -57.15 82.23
N ALA B 225 16.41 -56.34 82.79
CA ALA B 225 16.62 -54.99 82.30
C ALA B 225 17.15 -55.00 80.88
N GLU B 226 18.12 -55.87 80.58
CA GLU B 226 18.63 -55.96 79.22
C GLU B 226 17.55 -56.38 78.24
N ASN B 227 16.75 -57.38 78.61
CA ASN B 227 15.71 -57.85 77.70
C ASN B 227 14.66 -56.78 77.43
N LEU B 228 14.21 -56.09 78.48
CA LEU B 228 13.23 -55.03 78.29
C LEU B 228 13.83 -53.85 77.53
N THR B 229 15.12 -53.58 77.70
CA THR B 229 15.78 -52.54 76.93
C THR B 229 15.77 -52.88 75.45
N ALA B 230 16.07 -54.15 75.12
CA ALA B 230 16.00 -54.60 73.74
C ALA B 230 14.59 -54.42 73.17
N ALA B 231 13.58 -54.83 73.94
CA ALA B 231 12.20 -54.69 73.50
C ALA B 231 11.83 -53.23 73.24
N GLU B 232 12.17 -52.35 74.19
CA GLU B 232 11.84 -50.93 74.04
C GLU B 232 12.57 -50.32 72.86
N SER B 233 13.83 -50.72 72.64
CA SER B 233 14.57 -50.24 71.49
C SER B 233 13.89 -50.66 70.19
N ARG B 234 13.49 -51.92 70.09
CA ARG B 234 12.84 -52.39 68.88
C ARG B 234 11.48 -51.72 68.67
N ILE B 235 10.80 -51.34 69.75
CA ILE B 235 9.51 -50.68 69.62
C ILE B 235 9.70 -49.24 69.14
N ARG B 236 10.48 -48.46 69.89
CA ARG B 236 10.50 -47.01 69.71
C ARG B 236 11.62 -46.50 68.83
N ASP B 237 12.83 -47.04 68.95
CA ASP B 237 13.94 -46.54 68.14
C ASP B 237 13.73 -46.89 66.67
N THR B 238 14.39 -46.12 65.81
CA THR B 238 14.23 -46.24 64.37
C THR B 238 15.50 -46.79 63.73
N ASP B 239 15.32 -47.52 62.63
CA ASP B 239 16.44 -48.00 61.84
C ASP B 239 16.89 -46.91 60.90
N MET B 240 18.18 -46.57 60.95
CA MET B 240 18.70 -45.46 60.18
C MET B 240 18.60 -45.72 58.68
N ALA B 241 18.83 -46.96 58.26
CA ALA B 241 18.90 -47.27 56.84
C ALA B 241 17.56 -47.09 56.15
N ALA B 242 16.48 -47.56 56.77
CA ALA B 242 15.16 -47.43 56.16
C ALA B 242 14.74 -45.98 56.03
N GLU B 243 14.99 -45.17 57.07
CA GLU B 243 14.63 -43.76 57.01
C GLU B 243 15.50 -43.02 56.01
N MET B 244 16.77 -43.41 55.88
CA MET B 244 17.62 -42.83 54.85
C MET B 244 17.08 -43.12 53.46
N MET B 245 16.68 -44.37 53.22
CA MET B 245 16.05 -44.76 51.96
C MET B 245 14.83 -43.89 51.68
N ALA B 246 13.92 -43.80 52.65
CA ALA B 246 12.70 -43.03 52.46
C ALA B 246 12.99 -41.56 52.21
N PHE B 247 13.97 -41.00 52.91
CA PHE B 247 14.29 -39.59 52.75
C PHE B 247 14.86 -39.32 51.37
N THR B 248 15.77 -40.16 50.89
CA THR B 248 16.30 -40.01 49.53
C THR B 248 15.19 -40.12 48.49
N LYS B 249 14.31 -41.10 48.66
CA LYS B 249 13.17 -41.27 47.76
C LYS B 249 12.31 -40.01 47.71
N ASN B 250 11.97 -39.48 48.89
CA ASN B 250 11.11 -38.31 48.94
C ASN B 250 11.79 -37.08 48.36
N ASN B 251 13.11 -36.94 48.54
CA ASN B 251 13.82 -35.83 47.90
C ASN B 251 13.76 -35.94 46.38
N ILE B 252 13.98 -37.14 45.85
CA ILE B 252 13.93 -37.32 44.40
C ILE B 252 12.53 -37.00 43.88
N LEU B 253 11.51 -37.42 44.61
CA LEU B 253 10.14 -37.11 44.21
C LEU B 253 9.87 -35.60 44.25
N THR B 254 10.41 -34.93 45.27
CA THR B 254 10.25 -33.48 45.37
C THR B 254 10.88 -32.78 44.17
N GLN B 255 12.08 -33.20 43.79
CA GLN B 255 12.74 -32.61 42.63
C GLN B 255 11.94 -32.85 41.36
N ALA B 256 11.42 -34.07 41.20
CA ALA B 256 10.61 -34.39 40.03
C ALA B 256 9.37 -33.50 39.96
N ALA B 257 8.69 -33.32 41.09
CA ALA B 257 7.51 -32.47 41.12
C ALA B 257 7.86 -31.02 40.85
N GLN B 258 9.02 -30.57 41.33
CA GLN B 258 9.46 -29.20 41.05
C GLN B 258 9.63 -28.99 39.55
N SER B 259 10.34 -29.90 38.88
CA SER B 259 10.53 -29.79 37.43
C SER B 259 9.20 -29.85 36.70
N MET B 260 8.29 -30.74 37.13
CA MET B 260 6.99 -30.87 36.50
C MET B 260 6.19 -29.58 36.62
N LEU B 261 6.28 -28.93 37.78
CA LEU B 261 5.56 -27.67 37.97
C LEU B 261 6.16 -26.56 37.12
N ALA B 262 7.49 -26.53 37.03
CA ALA B 262 8.15 -25.55 36.16
C ALA B 262 7.70 -25.72 34.72
N GLN B 263 7.48 -26.96 34.29
CA GLN B 263 6.97 -27.20 32.93
C GLN B 263 5.51 -26.78 32.81
N ALA B 264 4.68 -27.17 33.78
CA ALA B 264 3.26 -26.89 33.72
C ALA B 264 2.97 -25.39 33.73
N ASN B 265 3.81 -24.60 34.40
CA ASN B 265 3.63 -23.16 34.37
C ASN B 265 3.90 -22.57 32.99
N GLN B 266 4.83 -23.17 32.23
CA GLN B 266 5.13 -22.72 30.89
C GLN B 266 4.16 -23.27 29.84
N GLN B 267 3.45 -24.35 30.16
CA GLN B 267 2.54 -24.96 29.18
C GLN B 267 1.50 -24.00 28.63
N PRO B 268 0.78 -23.20 29.44
CA PRO B 268 -0.22 -22.29 28.84
C PRO B 268 0.38 -21.01 28.26
N GLN B 269 0.85 -21.10 27.02
CA GLN B 269 1.36 -19.95 26.26
C GLN B 269 0.76 -20.03 24.87
N GLY B 270 -0.42 -19.44 24.71
CA GLY B 270 -1.09 -19.35 23.43
C GLY B 270 -1.23 -17.90 23.00
N VAL B 271 -0.21 -17.09 23.31
CA VAL B 271 -0.23 -15.69 22.91
C VAL B 271 -0.03 -15.54 21.42
N LEU B 272 0.60 -16.52 20.77
CA LEU B 272 0.78 -16.43 19.31
C LEU B 272 -0.52 -16.59 18.53
N GLN B 273 -1.61 -17.01 19.17
CA GLN B 273 -2.91 -16.91 18.49
C GLN B 273 -3.22 -15.46 18.16
N LEU B 274 -3.07 -14.58 19.16
CA LEU B 274 -3.58 -13.22 19.07
C LEU B 274 -2.67 -12.35 18.20
N LEU B 275 -1.43 -12.18 18.62
CA LEU B 275 -0.49 -11.30 17.93
C LEU B 275 0.24 -12.08 16.84
N GLN B 276 1.18 -11.41 16.18
CA GLN B 276 1.96 -12.08 15.14
C GLN B 276 3.18 -11.22 14.78
N MET C 1 1.44 6.25 37.11
CA MET C 1 0.60 5.08 36.85
C MET C 1 1.09 3.96 35.90
N ARG C 2 1.77 4.30 34.80
CA ARG C 2 2.16 3.33 33.80
C ARG C 2 3.67 3.26 33.58
N ILE C 3 4.32 4.40 33.32
CA ILE C 3 5.69 4.42 32.79
C ILE C 3 6.64 5.08 33.76
N GLN C 4 6.36 6.34 34.10
CA GLN C 4 7.30 7.18 34.83
C GLN C 4 7.69 6.61 36.18
N HIS C 5 6.86 5.75 36.78
CA HIS C 5 7.13 5.15 38.07
C HIS C 5 6.69 3.70 38.06
N ASN C 6 7.53 2.83 38.63
CA ASN C 6 7.28 1.39 38.68
C ASN C 6 7.43 0.92 40.13
N ILE C 7 6.33 0.89 40.86
CA ILE C 7 6.39 0.79 42.32
C ILE C 7 6.76 -0.63 42.76
N ALA C 8 6.36 -1.63 41.99
CA ALA C 8 6.72 -3.02 42.32
C ALA C 8 8.23 -3.19 42.39
N ALA C 9 8.95 -2.58 41.43
CA ALA C 9 10.40 -2.67 41.43
C ALA C 9 11.01 -1.97 42.63
N LEU C 10 10.41 -0.85 43.06
CA LEU C 10 10.88 -0.17 44.26
C LEU C 10 10.75 -1.06 45.49
N ASN C 11 9.58 -1.68 45.66
CA ASN C 11 9.38 -2.59 46.80
C ASN C 11 10.36 -3.75 46.75
N THR C 12 10.56 -4.32 45.56
CA THR C 12 11.50 -5.43 45.42
C THR C 12 12.92 -4.98 45.77
N HIS C 13 13.30 -3.77 45.36
CA HIS C 13 14.62 -3.25 45.70
C HIS C 13 14.79 -3.09 47.20
N ARG C 14 13.77 -2.55 47.88
CA ARG C 14 13.80 -2.44 49.33
C ARG C 14 14.04 -3.79 49.99
N ASN C 15 13.24 -4.79 49.61
CA ASN C 15 13.36 -6.10 50.23
C ASN C 15 14.72 -6.73 49.93
N LEU C 16 15.22 -6.53 48.72
CA LEU C 16 16.54 -7.04 48.34
C LEU C 16 17.63 -6.43 49.21
N ALA C 17 17.58 -5.11 49.41
CA ALA C 17 18.56 -4.44 50.25
C ALA C 17 18.50 -4.98 51.69
N ALA C 18 17.29 -5.17 52.21
CA ALA C 18 17.15 -5.70 53.57
C ALA C 18 17.76 -7.09 53.69
N ASN C 19 17.48 -7.96 52.72
CA ASN C 19 18.02 -9.31 52.76
C ASN C 19 19.55 -9.30 52.68
N ASN C 20 20.11 -8.45 51.82
CA ASN C 20 21.56 -8.33 51.73
C ASN C 20 22.16 -7.88 53.06
N ALA C 21 21.53 -6.90 53.70
CA ALA C 21 22.02 -6.43 54.99
C ALA C 21 22.01 -7.54 56.03
N ALA C 22 20.92 -8.30 56.09
CA ALA C 22 20.84 -9.40 57.06
C ALA C 22 21.90 -10.45 56.81
N ALA C 23 22.12 -10.79 55.53
CA ALA C 23 23.15 -11.76 55.20
C ALA C 23 24.54 -11.26 55.59
N SER C 24 24.79 -9.96 55.40
CA SER C 24 26.07 -9.40 55.80
C SER C 24 26.27 -9.47 57.31
N LYS C 25 25.22 -9.18 58.08
CA LYS C 25 25.29 -9.32 59.54
C LYS C 25 25.63 -10.76 59.93
N ASN C 26 24.99 -11.73 59.28
CA ASN C 26 25.26 -13.13 59.59
C ASN C 26 26.70 -13.49 59.24
N LEU C 27 27.21 -12.98 58.12
CA LEU C 27 28.61 -13.21 57.77
C LEU C 27 29.54 -12.65 58.83
N GLU C 28 29.24 -11.45 59.33
CA GLU C 28 30.04 -10.86 60.41
C GLU C 28 30.05 -11.76 61.63
N LYS C 29 28.87 -12.24 62.04
CA LYS C 29 28.79 -13.08 63.23
C LYS C 29 29.50 -14.41 63.03
N LEU C 30 29.54 -14.93 61.81
CA LEU C 30 30.19 -16.21 61.57
C LEU C 30 31.70 -16.07 61.50
N SER C 31 32.19 -15.02 60.85
CA SER C 31 33.63 -14.80 60.76
C SER C 31 34.22 -14.43 62.11
N SER C 32 33.52 -13.57 62.86
CA SER C 32 34.05 -13.12 64.15
C SER C 32 34.04 -14.25 65.16
N GLY C 33 33.05 -15.12 65.11
CA GLY C 33 32.85 -16.12 66.12
C GLY C 33 32.13 -15.63 67.37
N PHE C 34 31.73 -14.36 67.42
CA PHE C 34 31.02 -13.79 68.55
C PHE C 34 29.65 -13.31 68.09
N LYS C 35 28.67 -13.45 68.97
CA LYS C 35 27.30 -13.04 68.68
C LYS C 35 27.08 -11.56 68.91
N ILE C 36 27.93 -10.90 69.69
CA ILE C 36 27.80 -9.49 70.05
C ILE C 36 29.11 -8.81 69.68
N ASN C 37 29.13 -8.16 68.51
CA ASN C 37 30.27 -7.37 68.07
C ASN C 37 30.07 -5.87 68.28
N ARG C 38 28.83 -5.43 68.43
CA ARG C 38 28.50 -4.04 68.69
C ARG C 38 27.51 -3.99 69.85
N ALA C 39 27.33 -2.79 70.40
CA ALA C 39 26.34 -2.63 71.46
C ALA C 39 24.92 -2.60 70.92
N GLY C 40 24.75 -2.27 69.64
CA GLY C 40 23.44 -2.37 69.03
C GLY C 40 22.93 -3.80 68.95
N ASP C 41 23.84 -4.77 68.90
CA ASP C 41 23.44 -6.17 68.93
C ASP C 41 22.70 -6.48 70.23
N ASP C 42 23.30 -6.13 71.36
CA ASP C 42 22.69 -6.42 72.66
C ASP C 42 23.38 -5.58 73.71
N ALA C 43 22.64 -4.68 74.35
CA ALA C 43 23.23 -3.79 75.35
C ALA C 43 23.46 -4.50 76.67
N ALA C 44 22.42 -5.12 77.22
CA ALA C 44 22.54 -5.92 78.45
C ALA C 44 23.05 -7.29 78.10
N GLY C 45 24.34 -7.51 78.33
CA GLY C 45 25.03 -8.70 77.87
C GLY C 45 26.43 -8.35 77.41
N LEU C 46 26.57 -7.18 76.76
CA LEU C 46 27.90 -6.65 76.53
C LEU C 46 28.59 -6.31 77.84
N ALA C 47 27.90 -5.56 78.71
CA ALA C 47 28.44 -5.23 80.03
C ALA C 47 28.71 -6.50 80.84
N ILE C 48 27.78 -7.45 80.81
CA ILE C 48 27.95 -8.68 81.56
C ILE C 48 29.16 -9.46 81.05
N SER C 49 29.34 -9.49 79.73
CA SER C 49 30.48 -10.18 79.15
C SER C 49 31.78 -9.53 79.56
N GLU C 50 31.82 -8.19 79.58
CA GLU C 50 33.05 -7.50 79.95
C GLU C 50 33.40 -7.75 81.42
N LYS C 51 32.40 -7.64 82.30
CA LYS C 51 32.65 -7.93 83.71
C LYS C 51 33.09 -9.37 83.92
N MET C 52 32.48 -10.31 83.19
CA MET C 52 32.86 -11.71 83.35
C MET C 52 34.26 -11.96 82.82
N ARG C 53 34.65 -11.29 81.74
CA ARG C 53 36.02 -11.40 81.24
C ARG C 53 37.02 -10.87 82.26
N GLY C 54 36.70 -9.73 82.87
CA GLY C 54 37.55 -9.20 83.93
C GLY C 54 37.69 -10.18 85.08
N GLN C 55 36.58 -10.77 85.50
CA GLN C 55 36.62 -11.74 86.61
C GLN C 55 37.43 -12.98 86.24
N ILE C 56 37.30 -13.44 84.99
CA ILE C 56 38.03 -14.63 84.55
C ILE C 56 39.53 -14.35 84.58
N SER C 57 39.95 -13.23 84.00
CA SER C 57 41.36 -12.87 84.01
C SER C 57 41.88 -12.73 85.44
N GLY C 58 41.11 -12.07 86.30
CA GLY C 58 41.52 -11.93 87.68
C GLY C 58 41.65 -13.26 88.41
N LEU C 59 40.72 -14.17 88.15
CA LEU C 59 40.76 -15.47 88.82
C LEU C 59 41.96 -16.30 88.36
N ASN C 60 42.25 -16.28 87.06
CA ASN C 60 43.42 -17.01 86.58
C ASN C 60 44.70 -16.41 87.12
N MET C 61 44.81 -15.08 87.13
CA MET C 61 45.99 -14.45 87.70
C MET C 61 46.12 -14.73 89.20
N ALA C 62 44.99 -14.82 89.90
CA ALA C 62 45.02 -15.15 91.32
C ALA C 62 45.48 -16.58 91.55
N SER C 63 45.08 -17.50 90.67
CA SER C 63 45.60 -18.87 90.72
C SER C 63 47.12 -18.86 90.56
N LYS C 64 47.61 -18.11 89.58
CA LYS C 64 49.06 -17.98 89.38
C LYS C 64 49.75 -17.44 90.63
N ASN C 65 49.17 -16.40 91.22
CA ASN C 65 49.75 -15.79 92.42
C ASN C 65 49.76 -16.77 93.60
N SER C 66 48.69 -17.55 93.74
CA SER C 66 48.62 -18.54 94.81
C SER C 66 49.70 -19.60 94.64
N SER C 67 49.93 -20.04 93.41
CA SER C 67 51.01 -20.99 93.16
C SER C 67 52.37 -20.39 93.50
N ASP C 68 52.57 -19.11 93.16
CA ASP C 68 53.81 -18.44 93.52
C ASP C 68 54.02 -18.41 95.03
N ALA C 69 52.95 -18.10 95.78
CA ALA C 69 53.03 -18.11 97.23
C ALA C 69 53.37 -19.50 97.76
N ILE C 70 52.80 -20.55 97.15
CA ILE C 70 53.12 -21.91 97.56
C ILE C 70 54.61 -22.18 97.35
N SER C 71 55.17 -21.70 96.24
CA SER C 71 56.59 -21.89 95.99
C SER C 71 57.44 -21.22 97.06
N LEU C 72 57.09 -19.97 97.39
CA LEU C 72 57.79 -19.24 98.46
C LEU C 72 57.76 -20.02 99.78
N ILE C 73 56.56 -20.50 100.16
CA ILE C 73 56.41 -21.21 101.43
C ILE C 73 57.23 -22.49 101.42
N GLN C 74 57.23 -23.20 100.29
CA GLN C 74 58.05 -24.41 100.19
C GLN C 74 59.53 -24.08 100.38
N THR C 75 59.96 -22.94 99.86
CA THR C 75 61.36 -22.53 100.05
C THR C 75 61.66 -22.37 101.53
N ALA C 76 60.78 -21.67 102.25
CA ALA C 76 61.03 -21.44 103.68
C ALA C 76 61.03 -22.75 104.47
N GLU C 77 60.08 -23.64 104.18
CA GLU C 77 60.03 -24.93 104.89
C GLU C 77 61.30 -25.75 104.62
N GLY C 78 61.75 -25.78 103.36
CA GLY C 78 62.99 -26.47 103.06
C GLY C 78 64.17 -25.86 103.78
N GLY C 79 64.16 -24.54 103.97
CA GLY C 79 65.18 -23.91 104.79
C GLY C 79 65.18 -24.39 106.23
N LEU C 80 63.98 -24.55 106.80
CA LEU C 80 63.87 -24.93 108.21
C LEU C 80 64.10 -26.42 108.47
N ASN C 81 63.99 -27.27 107.45
CA ASN C 81 64.29 -28.68 107.64
C ASN C 81 65.74 -28.89 108.10
N GLU C 82 66.68 -28.15 107.50
CA GLU C 82 68.08 -28.31 107.90
C GLU C 82 68.33 -27.71 109.28
N THR C 83 67.57 -26.69 109.65
CA THR C 83 67.58 -26.20 111.03
C THR C 83 67.22 -27.32 112.00
N HIS C 84 66.13 -28.04 111.72
CA HIS C 84 65.79 -29.21 112.53
C HIS C 84 66.95 -30.18 112.64
N ALA C 85 67.55 -30.52 111.49
CA ALA C 85 68.60 -31.54 111.46
C ALA C 85 69.80 -31.12 112.32
N ILE C 86 70.31 -29.91 112.13
CA ILE C 86 71.50 -29.51 112.87
C ILE C 86 71.16 -29.26 114.33
N LEU C 87 69.92 -28.91 114.65
CA LEU C 87 69.53 -28.82 116.06
C LEU C 87 69.58 -30.19 116.72
N GLN C 88 69.11 -31.23 116.03
CA GLN C 88 69.22 -32.59 116.54
C GLN C 88 70.68 -32.95 116.78
N ARG C 89 71.55 -32.62 115.82
CA ARG C 89 72.98 -32.92 115.98
C ARG C 89 73.56 -32.19 117.18
N MET C 90 73.18 -30.92 117.38
CA MET C 90 73.67 -30.12 118.50
C MET C 90 73.21 -30.70 119.82
N ARG C 91 71.96 -31.18 119.89
CA ARG C 91 71.48 -31.82 121.11
C ARG C 91 72.28 -33.08 121.41
N GLU C 92 72.56 -33.88 120.38
CA GLU C 92 73.37 -35.08 120.56
C GLU C 92 74.75 -34.71 121.10
N LEU C 93 75.37 -33.68 120.52
CA LEU C 93 76.68 -33.20 120.98
C LEU C 93 76.63 -32.75 122.43
N ALA C 94 75.58 -32.03 122.83
CA ALA C 94 75.48 -31.58 124.21
C ALA C 94 75.31 -32.75 125.18
N VAL C 95 74.48 -33.72 124.82
CA VAL C 95 74.28 -34.88 125.69
C VAL C 95 75.58 -35.65 125.84
N GLN C 96 76.38 -35.73 124.78
CA GLN C 96 77.69 -36.37 124.90
C GLN C 96 78.67 -35.54 125.72
N SER C 97 78.70 -34.23 125.52
CA SER C 97 79.57 -33.33 126.28
C SER C 97 79.25 -33.35 127.76
N ARG C 98 78.00 -33.63 128.13
CA ARG C 98 77.50 -33.49 129.49
C ARG C 98 78.13 -34.49 130.46
N ASN C 99 78.65 -35.61 129.94
CA ASN C 99 79.21 -36.66 130.79
C ASN C 99 80.60 -36.28 131.29
N ASP C 100 80.98 -36.83 132.45
CA ASP C 100 82.23 -36.50 133.12
C ASP C 100 83.40 -37.38 132.66
N THR C 101 83.19 -38.26 131.70
CA THR C 101 84.32 -38.95 131.06
C THR C 101 85.20 -37.98 130.31
N ASN C 102 84.64 -36.86 129.85
CA ASN C 102 85.36 -35.91 129.03
C ASN C 102 86.13 -34.93 129.90
N ASP C 103 87.35 -34.60 129.47
CA ASP C 103 88.26 -33.73 130.22
C ASP C 103 88.38 -32.37 129.54
N GLU C 104 88.27 -31.32 130.33
CA GLU C 104 88.60 -29.97 129.85
C GLU C 104 90.09 -29.81 129.63
N ALA C 105 90.93 -30.56 130.35
CA ALA C 105 92.38 -30.41 130.26
C ALA C 105 92.89 -30.82 128.88
N THR C 106 92.56 -32.05 128.47
CA THR C 106 93.02 -32.59 127.19
C THR C 106 92.03 -32.33 126.06
N ASN C 107 91.22 -31.28 126.17
CA ASN C 107 90.53 -30.69 125.03
C ASN C 107 89.47 -31.62 124.46
N ASP C 108 88.78 -32.39 125.32
CA ASP C 108 87.71 -33.27 124.87
C ASP C 108 86.46 -32.49 124.52
N ARG C 109 86.07 -31.54 125.38
CA ARG C 109 84.86 -30.75 125.15
C ARG C 109 85.07 -29.58 124.20
N SER C 110 86.30 -29.07 124.07
CA SER C 110 86.53 -27.96 123.16
C SER C 110 86.36 -28.37 121.71
N ASN C 111 86.56 -29.65 121.38
CA ASN C 111 86.28 -30.11 120.03
C ASN C 111 84.77 -30.19 119.76
N LEU C 112 83.98 -30.63 120.74
CA LEU C 112 82.54 -30.60 120.58
C LEU C 112 82.06 -29.16 120.52
N ASN C 113 82.75 -28.24 121.19
CA ASN C 113 82.41 -26.82 121.09
C ASN C 113 82.78 -26.25 119.73
N ASP C 114 83.90 -26.69 119.14
CA ASP C 114 84.21 -26.36 117.75
C ASP C 114 83.06 -26.76 116.84
N GLU C 115 82.61 -28.02 116.95
CA GLU C 115 81.49 -28.51 116.18
C GLU C 115 80.23 -27.67 116.41
N LEU C 116 79.94 -27.36 117.67
CA LEU C 116 78.75 -26.59 118.02
C LEU C 116 78.81 -25.17 117.45
N LYS C 117 79.97 -24.52 117.53
CA LYS C 117 80.11 -23.18 116.98
C LYS C 117 79.91 -23.17 115.47
N GLN C 118 80.45 -24.19 114.78
CA GLN C 118 80.23 -24.25 113.34
C GLN C 118 78.76 -24.46 113.01
N LEU C 119 78.07 -25.28 113.79
CA LEU C 119 76.64 -25.49 113.53
C LEU C 119 75.83 -24.24 113.86
N GLN C 120 76.28 -23.43 114.83
CA GLN C 120 75.60 -22.17 115.11
C GLN C 120 75.83 -21.15 113.99
N GLU C 121 77.03 -21.13 113.42
CA GLU C 121 77.23 -20.28 112.26
C GLU C 121 76.36 -20.73 111.09
N GLU C 122 76.14 -22.04 110.96
CA GLU C 122 75.29 -22.53 109.88
C GLU C 122 73.81 -22.20 110.12
N ILE C 123 73.33 -22.32 111.36
CA ILE C 123 71.94 -21.98 111.65
C ILE C 123 71.69 -20.50 111.42
N THR C 124 72.68 -19.63 111.68
CA THR C 124 72.52 -18.22 111.34
C THR C 124 72.61 -17.99 109.83
N ARG C 125 73.48 -18.73 109.15
CA ARG C 125 73.67 -18.56 107.71
C ARG C 125 72.39 -18.90 106.95
N ILE C 126 71.75 -20.01 107.32
CA ILE C 126 70.50 -20.38 106.65
C ILE C 126 69.45 -19.31 106.84
N SER C 127 69.43 -18.68 108.02
CA SER C 127 68.48 -17.62 108.28
C SER C 127 68.69 -16.45 107.34
N SER C 128 69.89 -15.85 107.36
CA SER C 128 70.12 -14.61 106.63
C SER C 128 70.83 -14.82 105.29
N GLN C 129 70.66 -15.98 104.64
CA GLN C 129 71.05 -16.17 103.25
C GLN C 129 69.98 -16.93 102.47
N MET C 130 68.74 -16.90 102.94
CA MET C 130 67.60 -17.51 102.27
C MET C 130 66.83 -16.43 101.53
N GLU C 131 66.45 -16.69 100.29
CA GLU C 131 65.73 -15.65 99.53
C GLU C 131 64.92 -16.27 98.41
N PHE C 132 63.83 -15.58 98.07
CA PHE C 132 62.95 -15.93 96.96
C PHE C 132 62.72 -14.64 96.18
N ASN C 133 63.30 -14.56 94.98
CA ASN C 133 63.17 -13.39 94.11
C ASN C 133 63.79 -12.15 94.77
N ASN C 134 64.94 -12.34 95.39
CA ASN C 134 65.66 -11.25 96.07
C ASN C 134 64.84 -10.70 97.23
N LYS C 135 64.43 -11.59 98.13
CA LYS C 135 63.57 -11.24 99.26
C LYS C 135 63.97 -12.09 100.45
N LYS C 136 64.64 -11.47 101.41
CA LYS C 136 65.04 -12.19 102.62
C LYS C 136 63.81 -12.54 103.44
N LEU C 137 63.68 -13.82 103.80
CA LEU C 137 62.49 -14.36 104.45
C LEU C 137 62.66 -14.56 105.95
N LEU C 138 63.73 -15.23 106.38
CA LEU C 138 63.92 -15.67 107.76
C LEU C 138 64.83 -14.76 108.56
N ASP C 139 64.70 -13.44 108.37
CA ASP C 139 65.56 -12.47 109.03
C ASP C 139 64.78 -11.60 109.99
N GLY C 140 63.48 -11.47 109.77
CA GLY C 140 62.65 -10.47 110.39
C GLY C 140 62.16 -9.37 109.47
N SER C 141 62.39 -9.48 108.16
CA SER C 141 61.88 -8.48 107.23
C SER C 141 60.36 -8.48 107.19
N GLN C 142 59.76 -9.67 107.14
CA GLN C 142 58.33 -9.83 107.04
C GLN C 142 57.63 -9.86 108.40
N SER C 143 58.39 -9.92 109.50
CA SER C 143 57.79 -9.96 110.82
C SER C 143 57.23 -8.61 111.25
N THR C 144 57.52 -7.54 110.50
CA THR C 144 57.06 -6.20 110.87
C THR C 144 55.67 -5.92 110.31
N ASN C 145 55.47 -6.14 109.01
CA ASN C 145 54.21 -5.88 108.34
C ASN C 145 53.59 -7.15 107.74
N GLY C 146 54.36 -7.92 107.00
CA GLY C 146 53.94 -9.21 106.48
C GLY C 146 53.77 -9.20 104.97
N LEU C 147 53.82 -10.40 104.40
CA LEU C 147 53.63 -10.60 102.97
C LEU C 147 52.14 -10.76 102.67
N THR C 148 51.66 -10.02 101.67
CA THR C 148 50.27 -10.00 101.29
C THR C 148 50.10 -10.65 99.92
N PHE C 149 49.28 -11.69 99.85
CA PHE C 149 49.00 -12.40 98.62
C PHE C 149 47.59 -12.08 98.15
N GLN C 150 47.48 -11.65 96.88
CA GLN C 150 46.20 -11.42 96.23
C GLN C 150 45.70 -12.74 95.67
N ILE C 151 44.66 -13.29 96.29
CA ILE C 151 44.12 -14.59 95.92
C ILE C 151 42.70 -14.43 95.42
N GLY C 152 42.43 -13.29 94.78
CA GLY C 152 41.10 -13.01 94.27
C GLY C 152 41.16 -11.94 93.20
N ALA C 153 40.12 -11.95 92.35
CA ALA C 153 40.06 -11.00 91.24
C ALA C 153 39.90 -9.57 91.73
N ASN C 154 39.04 -9.36 92.72
CA ASN C 154 38.68 -8.03 93.18
C ASN C 154 39.63 -7.52 94.26
N ALA C 155 39.45 -6.26 94.63
CA ALA C 155 40.26 -5.63 95.66
C ALA C 155 39.83 -6.07 97.05
N GLY C 156 40.80 -6.24 97.94
CA GLY C 156 40.55 -6.69 99.29
C GLY C 156 40.54 -8.19 99.47
N GLN C 157 40.52 -8.96 98.39
CA GLN C 157 40.53 -10.42 98.48
C GLN C 157 41.97 -10.91 98.64
N THR C 158 42.52 -10.63 99.82
CA THR C 158 43.92 -10.84 100.11
C THR C 158 44.08 -11.72 101.34
N ILE C 159 45.30 -12.20 101.56
CA ILE C 159 45.68 -12.84 102.81
C ILE C 159 47.05 -12.32 103.22
N THR C 160 47.20 -11.97 104.50
CA THR C 160 48.45 -11.53 105.06
C THR C 160 49.14 -12.68 105.78
N MET C 161 50.47 -12.63 105.80
CA MET C 161 51.29 -13.68 106.38
C MET C 161 52.50 -13.03 107.04
N LYS C 162 53.04 -13.71 108.04
CA LYS C 162 54.19 -13.21 108.78
C LYS C 162 55.12 -14.37 109.10
N ILE C 163 56.42 -14.10 109.05
CA ILE C 163 57.45 -15.06 109.38
C ILE C 163 58.39 -14.41 110.38
N SER C 164 58.71 -15.13 111.44
CA SER C 164 59.50 -14.59 112.54
C SER C 164 60.99 -14.77 112.26
N THR C 165 61.80 -14.02 113.02
CA THR C 165 63.24 -14.20 112.96
C THR C 165 63.61 -15.56 113.54
N MET C 166 64.40 -16.32 112.80
CA MET C 166 64.81 -17.68 113.12
C MET C 166 66.33 -17.80 113.20
N SER C 167 66.96 -16.80 113.80
CA SER C 167 68.39 -16.84 114.08
C SER C 167 68.67 -17.46 115.44
N ALA C 168 69.96 -17.65 115.72
CA ALA C 168 70.36 -18.26 116.99
C ALA C 168 70.11 -17.33 118.16
N THR C 169 70.24 -16.01 117.95
CA THR C 169 70.02 -15.06 119.04
C THR C 169 68.57 -15.07 119.51
N LYS C 170 67.62 -15.15 118.57
CA LYS C 170 66.21 -15.09 118.93
C LYS C 170 65.79 -16.33 119.71
N LEU C 171 66.38 -17.48 119.39
CA LEU C 171 66.00 -18.75 119.99
C LEU C 171 66.81 -19.12 121.22
N GLY C 172 67.68 -18.24 121.70
CA GLY C 172 68.42 -18.48 122.93
C GLY C 172 69.36 -19.67 122.84
N VAL C 173 69.96 -19.88 121.67
CA VAL C 173 70.90 -20.98 121.44
C VAL C 173 72.25 -20.50 120.91
N ASP C 174 72.41 -19.19 120.68
CA ASP C 174 73.70 -18.63 120.31
C ASP C 174 74.76 -18.93 121.36
N ALA C 175 76.03 -18.79 120.94
CA ALA C 175 77.16 -19.20 121.78
C ALA C 175 77.25 -18.42 123.09
N ALA C 176 76.64 -17.23 123.16
CA ALA C 176 76.66 -16.47 124.40
C ALA C 176 75.82 -17.09 125.50
N LYS C 177 74.95 -18.06 125.17
CA LYS C 177 74.08 -18.68 126.17
C LYS C 177 73.95 -20.19 126.00
N ALA C 178 74.72 -20.82 125.10
CA ALA C 178 74.60 -22.25 124.83
C ALA C 178 75.95 -22.92 124.63
N SER C 179 76.99 -22.44 125.29
CA SER C 179 78.28 -23.12 125.22
C SER C 179 78.18 -24.49 125.90
N ILE C 180 79.07 -25.39 125.49
CA ILE C 180 79.22 -26.68 126.14
C ILE C 180 80.67 -26.86 126.57
N SER C 181 81.34 -25.76 126.88
CA SER C 181 82.67 -25.83 127.49
C SER C 181 82.65 -26.63 128.77
N LYS C 182 81.67 -26.38 129.64
CA LYS C 182 81.59 -27.00 130.95
C LYS C 182 80.64 -28.19 130.89
N GLY C 183 80.45 -28.83 132.04
CA GLY C 183 79.40 -29.82 132.20
C GLY C 183 78.08 -29.15 132.55
N THR C 184 78.16 -28.04 133.31
CA THR C 184 76.95 -27.34 133.72
C THR C 184 76.25 -26.69 132.53
N ALA C 185 77.03 -26.08 131.63
CA ALA C 185 76.45 -25.36 130.51
C ALA C 185 75.71 -26.28 129.55
N ALA C 186 76.16 -27.54 129.42
CA ALA C 186 75.45 -28.49 128.57
C ALA C 186 74.06 -28.81 129.12
N SER C 187 73.91 -28.79 130.45
CA SER C 187 72.60 -28.98 131.05
C SER C 187 71.60 -27.96 130.53
N LYS C 188 71.96 -26.68 130.57
CA LYS C 188 71.09 -25.64 130.05
C LYS C 188 70.98 -25.73 128.54
N ALA C 189 72.05 -26.15 127.85
CA ALA C 189 72.04 -26.21 126.40
C ALA C 189 71.02 -27.22 125.89
N ILE C 190 70.86 -28.33 126.60
CA ILE C 190 69.89 -29.35 126.18
C ILE C 190 68.48 -28.77 126.17
N LYS C 191 68.10 -28.12 127.27
CA LYS C 191 66.77 -27.52 127.37
C LYS C 191 66.61 -26.41 126.35
N SER C 192 67.66 -25.61 126.15
CA SER C 192 67.62 -24.52 125.19
C SER C 192 67.38 -25.05 123.78
N ILE C 193 68.05 -26.15 123.44
CA ILE C 193 67.91 -26.76 122.12
C ILE C 193 66.51 -27.36 121.95
N ASP C 194 65.97 -27.97 123.01
CA ASP C 194 64.60 -28.47 122.94
C ASP C 194 63.60 -27.36 122.68
N ASP C 195 63.74 -26.24 123.39
CA ASP C 195 62.86 -25.09 123.19
C ASP C 195 62.96 -24.59 121.76
N ALA C 196 64.18 -24.53 121.22
CA ALA C 196 64.36 -24.07 119.85
C ALA C 196 63.72 -25.01 118.84
N ILE C 197 63.87 -26.33 119.04
CA ILE C 197 63.24 -27.30 118.15
C ILE C 197 61.72 -27.13 118.16
N ASN C 198 61.13 -26.97 119.35
CA ASN C 198 59.69 -26.78 119.43
C ASN C 198 59.25 -25.50 118.72
N THR C 199 60.00 -24.42 118.90
CA THR C 199 59.63 -23.16 118.26
C THR C 199 59.67 -23.27 116.75
N VAL C 200 60.72 -23.90 116.21
CA VAL C 200 60.82 -23.97 114.75
C VAL C 200 59.79 -24.95 114.18
N SER C 201 59.42 -25.98 114.95
CA SER C 201 58.30 -26.83 114.56
C SER C 201 57.00 -26.03 114.49
N LYS C 202 56.78 -25.15 115.47
CA LYS C 202 55.60 -24.30 115.45
C LYS C 202 55.56 -23.43 114.20
N THR C 203 56.69 -22.81 113.87
CA THR C 203 56.75 -21.96 112.68
C THR C 203 56.49 -22.76 111.40
N ARG C 204 57.07 -23.95 111.29
CA ARG C 204 56.82 -24.80 110.13
C ARG C 204 55.35 -25.16 110.01
N SER C 205 54.70 -25.48 111.13
CA SER C 205 53.27 -25.73 111.12
C SER C 205 52.49 -24.53 110.61
N ALA C 206 52.86 -23.33 111.08
CA ALA C 206 52.19 -22.11 110.65
C ALA C 206 52.31 -21.91 109.13
N LEU C 207 53.46 -22.27 108.56
CA LEU C 207 53.63 -22.15 107.12
C LEU C 207 52.79 -23.19 106.36
N GLY C 208 52.84 -24.44 106.82
CA GLY C 208 52.12 -25.51 106.14
C GLY C 208 50.62 -25.30 106.14
N ALA C 209 50.08 -24.69 107.19
CA ALA C 209 48.65 -24.39 107.22
C ALA C 209 48.26 -23.47 106.07
N VAL C 210 49.06 -22.42 105.84
CA VAL C 210 48.75 -21.48 104.75
C VAL C 210 48.90 -22.17 103.41
N GLN C 211 49.89 -23.06 103.28
CA GLN C 211 50.03 -23.83 102.05
C GLN C 211 48.77 -24.64 101.75
N ASN C 212 48.29 -25.39 102.76
CA ASN C 212 47.11 -26.21 102.58
C ASN C 212 45.88 -25.36 102.27
N ARG C 213 45.79 -24.18 102.87
CA ARG C 213 44.70 -23.26 102.53
C ARG C 213 44.77 -22.84 101.06
N LEU C 214 45.96 -22.48 100.60
CA LEU C 214 46.11 -21.99 99.23
C LEU C 214 45.76 -23.06 98.21
N GLU C 215 45.98 -24.33 98.55
CA GLU C 215 45.58 -25.41 97.63
C GLU C 215 44.08 -25.40 97.39
N HIS C 216 43.29 -25.40 98.46
CA HIS C 216 41.83 -25.31 98.35
C HIS C 216 41.42 -24.04 97.61
N THR C 217 42.10 -22.93 97.89
CA THR C 217 41.81 -21.68 97.19
C THR C 217 42.00 -21.84 95.68
N ILE C 218 43.07 -22.51 95.27
CA ILE C 218 43.33 -22.72 93.84
C ILE C 218 42.23 -23.56 93.22
N ASN C 219 41.81 -24.62 93.91
CA ASN C 219 40.72 -25.46 93.39
C ASN C 219 39.46 -24.64 93.18
N ASN C 220 39.08 -23.85 94.18
CA ASN C 220 37.88 -23.02 94.08
C ASN C 220 37.99 -22.02 92.94
N LEU C 221 39.17 -21.40 92.78
CA LEU C 221 39.37 -20.43 91.70
C LEU C 221 39.21 -21.10 90.34
N GLY C 222 39.78 -22.28 90.17
CA GLY C 222 39.63 -22.98 88.90
C GLY C 222 38.18 -23.30 88.59
N THR C 223 37.44 -23.81 89.57
CA THR C 223 36.03 -24.11 89.37
C THR C 223 35.24 -22.86 88.97
N SER C 224 35.45 -21.76 89.71
CA SER C 224 34.72 -20.54 89.43
C SER C 224 35.07 -19.99 88.04
N ALA C 225 36.35 -20.08 87.67
CA ALA C 225 36.75 -19.59 86.35
C ALA C 225 36.11 -20.39 85.24
N GLU C 226 36.06 -21.72 85.38
CA GLU C 226 35.40 -22.54 84.36
C GLU C 226 33.91 -22.20 84.26
N ASN C 227 33.24 -22.05 85.40
CA ASN C 227 31.81 -21.76 85.36
C ASN C 227 31.53 -20.41 84.71
N LEU C 228 32.29 -19.38 85.09
CA LEU C 228 32.09 -18.07 84.49
C LEU C 228 32.47 -18.07 83.01
N THR C 229 33.46 -18.87 82.62
CA THR C 229 33.80 -18.99 81.22
C THR C 229 32.64 -19.59 80.42
N ALA C 230 32.01 -20.63 80.98
CA ALA C 230 30.82 -21.20 80.35
C ALA C 230 29.72 -20.16 80.20
N ALA C 231 29.46 -19.41 81.27
CA ALA C 231 28.43 -18.37 81.24
C ALA C 231 28.73 -17.33 80.17
N GLU C 232 29.96 -16.83 80.13
CA GLU C 232 30.33 -15.80 79.15
C GLU C 232 30.24 -16.34 77.73
N SER C 233 30.63 -17.60 77.53
CA SER C 233 30.51 -18.22 76.22
C SER C 233 29.05 -18.27 75.79
N ARG C 234 28.17 -18.71 76.67
CA ARG C 234 26.76 -18.81 76.33
C ARG C 234 26.15 -17.43 76.08
N ILE C 235 26.66 -16.40 76.75
CA ILE C 235 26.12 -15.05 76.54
C ILE C 235 26.58 -14.50 75.20
N ARG C 236 27.90 -14.46 74.97
CA ARG C 236 28.47 -13.69 73.86
C ARG C 236 28.75 -14.52 72.62
N ASP C 237 29.28 -15.73 72.75
CA ASP C 237 29.61 -16.52 71.58
C ASP C 237 28.34 -16.96 70.85
N THR C 238 28.50 -17.26 69.57
CA THR C 238 27.38 -17.60 68.69
C THR C 238 27.43 -19.06 68.30
N ASP C 239 26.25 -19.63 68.09
CA ASP C 239 26.14 -20.99 67.58
C ASP C 239 26.27 -20.97 66.06
N MET C 240 27.21 -21.78 65.55
CA MET C 240 27.50 -21.75 64.12
C MET C 240 26.32 -22.22 63.28
N ALA C 241 25.59 -23.23 63.79
CA ALA C 241 24.53 -23.85 63.00
C ALA C 241 23.39 -22.88 62.74
N ALA C 242 22.96 -22.14 63.77
CA ALA C 242 21.84 -21.21 63.61
C ALA C 242 22.19 -20.09 62.64
N GLU C 243 23.41 -19.55 62.75
CA GLU C 243 23.81 -18.48 61.85
C GLU C 243 23.98 -19.00 60.43
N MET C 244 24.45 -20.24 60.27
CA MET C 244 24.52 -20.85 58.95
C MET C 244 23.12 -20.96 58.33
N MET C 245 22.16 -21.44 59.12
CA MET C 245 20.77 -21.50 58.67
C MET C 245 20.28 -20.14 58.21
N ALA C 246 20.46 -19.13 59.05
CA ALA C 246 19.97 -17.79 58.72
C ALA C 246 20.66 -17.24 57.47
N PHE C 247 21.96 -17.50 57.32
CA PHE C 247 22.69 -16.99 56.18
C PHE C 247 22.21 -17.64 54.89
N THR C 248 22.01 -18.96 54.90
CA THR C 248 21.49 -19.64 53.72
C THR C 248 20.10 -19.13 53.37
N LYS C 249 19.24 -18.96 54.38
CA LYS C 249 17.90 -18.42 54.16
C LYS C 249 17.96 -17.05 53.51
N ASN C 250 18.80 -16.16 54.04
CA ASN C 250 18.88 -14.81 53.51
C ASN C 250 19.45 -14.79 52.10
N ASN C 251 20.40 -15.69 51.78
CA ASN C 251 20.90 -15.79 50.41
C ASN C 251 19.79 -16.20 49.45
N ILE C 252 19.00 -17.21 49.84
CA ILE C 252 17.91 -17.67 48.99
C ILE C 252 16.91 -16.54 48.76
N LEU C 253 16.61 -15.79 49.81
CA LEU C 253 15.69 -14.66 49.68
C LEU C 253 16.27 -13.58 48.77
N THR C 254 17.57 -13.34 48.87
CA THR C 254 18.23 -12.36 48.00
C THR C 254 18.11 -12.77 46.54
N GLN C 255 18.36 -14.05 46.24
CA GLN C 255 18.23 -14.54 44.88
C GLN C 255 16.80 -14.39 44.37
N ALA C 256 15.82 -14.74 45.22
CA ALA C 256 14.41 -14.60 44.84
C ALA C 256 14.08 -13.16 44.51
N ALA C 257 14.52 -12.21 45.35
CA ALA C 257 14.25 -10.81 45.10
C ALA C 257 14.95 -10.32 43.84
N GLN C 258 16.15 -10.83 43.56
CA GLN C 258 16.85 -10.47 42.32
C GLN C 258 16.04 -10.89 41.10
N SER C 259 15.57 -12.14 41.09
CA SER C 259 14.76 -12.61 39.96
C SER C 259 13.47 -11.81 39.85
N MET C 260 12.83 -11.50 40.98
CA MET C 260 11.59 -10.74 40.96
C MET C 260 11.81 -9.35 40.38
N LEU C 261 12.94 -8.73 40.71
CA LEU C 261 13.24 -7.40 40.18
C LEU C 261 13.54 -7.47 38.69
N ALA C 262 14.26 -8.51 38.25
CA ALA C 262 14.50 -8.69 36.83
C ALA C 262 13.18 -8.83 36.06
N GLN C 263 12.19 -9.49 36.66
CA GLN C 263 10.89 -9.59 36.03
C GLN C 263 10.16 -8.25 36.04
N ALA C 264 10.15 -7.57 37.18
CA ALA C 264 9.42 -6.32 37.32
C ALA C 264 9.95 -5.24 36.39
N ASN C 265 11.26 -5.27 36.09
CA ASN C 265 11.80 -4.31 35.14
C ASN C 265 11.30 -4.56 33.73
N GLN C 266 11.04 -5.82 33.37
CA GLN C 266 10.52 -6.16 32.06
C GLN C 266 9.01 -6.00 31.96
N GLN C 267 8.31 -5.99 33.09
CA GLN C 267 6.85 -5.89 33.07
C GLN C 267 6.32 -4.68 32.31
N PRO C 268 6.82 -3.46 32.51
CA PRO C 268 6.26 -2.32 31.74
C PRO C 268 6.82 -2.20 30.32
N GLN C 269 6.20 -2.97 29.41
CA GLN C 269 6.53 -2.91 27.98
C GLN C 269 5.20 -2.87 27.22
N GLY C 270 4.70 -1.66 27.02
CA GLY C 270 3.49 -1.43 26.25
C GLY C 270 3.79 -0.62 25.00
N VAL C 271 4.96 -0.86 24.41
CA VAL C 271 5.33 -0.14 23.20
C VAL C 271 4.51 -0.62 22.01
N LEU C 272 3.97 -1.84 22.06
CA LEU C 272 3.15 -2.33 20.95
C LEU C 272 1.80 -1.63 20.86
N GLN C 273 1.40 -0.84 21.87
CA GLN C 273 0.26 0.04 21.66
C GLN C 273 0.52 1.02 20.54
N LEU C 274 1.68 1.67 20.59
CA LEU C 274 1.97 2.82 19.74
C LEU C 274 2.30 2.38 18.33
N LEU C 275 3.38 1.63 18.17
CA LEU C 275 3.87 1.22 16.86
C LEU C 275 3.19 -0.08 16.44
N GLN C 276 3.60 -0.62 15.30
CA GLN C 276 3.04 -1.88 14.83
C GLN C 276 3.90 -2.43 13.69
N MET D 1 26.26 14.80 17.53
CA MET D 1 25.06 14.71 18.37
C MET D 1 24.18 13.44 18.35
N ARG D 2 23.99 12.80 17.19
CA ARG D 2 23.09 11.67 17.06
C ARG D 2 23.77 10.40 16.57
N ILE D 3 24.50 10.47 15.45
CA ILE D 3 24.92 9.28 14.72
C ILE D 3 26.44 9.18 14.68
N GLN D 4 27.09 10.21 14.14
CA GLN D 4 28.51 10.15 13.83
C GLN D 4 29.39 9.88 15.05
N HIS D 5 28.90 10.20 16.25
CA HIS D 5 29.67 10.00 17.48
C HIS D 5 28.72 9.52 18.57
N ASN D 6 29.18 8.53 19.34
CA ASN D 6 28.41 7.91 20.42
C ASN D 6 29.25 7.93 21.69
N ILE D 7 29.09 8.97 22.51
CA ILE D 7 30.07 9.25 23.55
C ILE D 7 29.92 8.28 24.73
N ALA D 8 28.71 7.80 24.98
CA ALA D 8 28.49 6.83 26.05
C ALA D 8 29.32 5.58 25.82
N ALA D 9 29.36 5.11 24.59
CA ALA D 9 30.15 3.93 24.26
C ALA D 9 31.64 4.18 24.46
N LEU D 10 32.11 5.39 24.14
CA LEU D 10 33.51 5.74 24.39
C LEU D 10 33.85 5.67 25.87
N ASN D 11 32.99 6.27 26.72
CA ASN D 11 33.23 6.23 28.16
C ASN D 11 33.22 4.79 28.67
N THR D 12 32.28 3.98 28.18
CA THR D 12 32.19 2.58 28.59
C THR D 12 33.45 1.82 28.17
N HIS D 13 33.97 2.12 26.97
CA HIS D 13 35.20 1.48 26.51
C HIS D 13 36.37 1.84 27.39
N ARG D 14 36.49 3.12 27.75
CA ARG D 14 37.54 3.56 28.67
C ARG D 14 37.49 2.77 29.97
N ASN D 15 36.32 2.73 30.61
CA ASN D 15 36.19 2.05 31.89
C ASN D 15 36.48 0.56 31.76
N LEU D 16 36.04 -0.04 30.66
CA LEU D 16 36.31 -1.46 30.42
C LEU D 16 37.81 -1.73 30.31
N ALA D 17 38.52 -0.88 29.57
CA ALA D 17 39.97 -1.04 29.45
C ALA D 17 40.65 -0.91 30.80
N ALA D 18 40.22 0.07 31.61
CA ALA D 18 40.81 0.24 32.93
C ALA D 18 40.59 -0.99 33.81
N ASN D 19 39.37 -1.53 33.80
CA ASN D 19 39.08 -2.71 34.61
C ASN D 19 39.91 -3.91 34.16
N ASN D 20 40.04 -4.09 32.84
CA ASN D 20 40.87 -5.18 32.33
C ASN D 20 42.32 -5.03 32.78
N ALA D 21 42.85 -3.81 32.72
CA ALA D 21 44.22 -3.58 33.15
C ALA D 21 44.40 -3.92 34.64
N ALA D 22 43.46 -3.49 35.47
CA ALA D 22 43.56 -3.78 36.91
C ALA D 22 43.50 -5.29 37.17
N ALA D 23 42.62 -5.99 36.47
CA ALA D 23 42.53 -7.43 36.64
C ALA D 23 43.82 -8.12 36.21
N SER D 24 44.44 -7.63 35.13
CA SER D 24 45.72 -8.19 34.69
C SER D 24 46.80 -7.98 35.73
N LYS D 25 46.86 -6.79 36.34
CA LYS D 25 47.82 -6.54 37.40
C LYS D 25 47.61 -7.50 38.57
N ASN D 26 46.35 -7.73 38.95
CA ASN D 26 46.06 -8.66 40.04
C ASN D 26 46.49 -10.07 39.68
N LEU D 27 46.26 -10.48 38.43
CA LEU D 27 46.72 -11.80 37.99
C LEU D 27 48.22 -11.92 38.10
N GLU D 28 48.95 -10.87 37.70
CA GLU D 28 50.40 -10.86 37.83
C GLU D 28 50.82 -11.06 39.28
N LYS D 29 50.20 -10.30 40.19
CA LYS D 29 50.56 -10.39 41.60
C LYS D 29 50.22 -11.76 42.19
N LEU D 30 49.17 -12.40 41.69
CA LEU D 30 48.79 -13.70 42.23
C LEU D 30 49.68 -14.82 41.69
N SER D 31 50.01 -14.77 40.40
CA SER D 31 50.87 -15.80 39.83
C SER D 31 52.30 -15.67 40.36
N SER D 32 52.81 -14.45 40.46
CA SER D 32 54.18 -14.26 40.91
C SER D 32 54.34 -14.61 42.38
N GLY D 33 53.32 -14.35 43.19
CA GLY D 33 53.43 -14.48 44.62
C GLY D 33 54.08 -13.32 45.33
N PHE D 34 54.48 -12.27 44.60
CA PHE D 34 55.11 -11.09 45.17
C PHE D 34 54.23 -9.87 44.88
N LYS D 35 54.18 -8.95 45.84
CA LYS D 35 53.40 -7.74 45.71
C LYS D 35 54.12 -6.66 44.91
N ILE D 36 55.44 -6.74 44.79
CA ILE D 36 56.25 -5.74 44.11
C ILE D 36 57.08 -6.47 43.07
N ASN D 37 56.61 -6.43 41.82
CA ASN D 37 57.33 -6.99 40.68
C ASN D 37 58.05 -5.93 39.85
N ARG D 38 57.65 -4.66 39.98
CA ARG D 38 58.29 -3.55 39.29
C ARG D 38 58.51 -2.44 40.31
N ALA D 39 59.34 -1.47 39.93
CA ALA D 39 59.57 -0.32 40.79
C ALA D 39 58.39 0.64 40.77
N GLY D 40 57.59 0.63 39.71
CA GLY D 40 56.38 1.43 39.69
C GLY D 40 55.38 0.99 40.75
N ASP D 41 55.40 -0.29 41.13
CA ASP D 41 54.55 -0.77 42.21
C ASP D 41 54.85 -0.01 43.50
N ASP D 42 56.12 0.02 43.89
CA ASP D 42 56.51 0.68 45.14
C ASP D 42 58.02 0.90 45.11
N ALA D 43 58.43 2.17 45.13
CA ALA D 43 59.85 2.49 45.06
C ALA D 43 60.55 2.26 46.39
N ALA D 44 60.04 2.87 47.46
CA ALA D 44 60.56 2.66 48.81
C ALA D 44 59.98 1.37 49.38
N GLY D 45 60.77 0.31 49.34
CA GLY D 45 60.30 -1.02 49.67
C GLY D 45 60.96 -2.03 48.75
N LEU D 46 61.15 -1.66 47.49
CA LEU D 46 62.01 -2.45 46.60
C LEU D 46 63.45 -2.44 47.11
N ALA D 47 63.98 -1.25 47.38
CA ALA D 47 65.33 -1.12 47.92
C ALA D 47 65.44 -1.83 49.27
N ILE D 48 64.45 -1.65 50.13
CA ILE D 48 64.48 -2.28 51.45
C ILE D 48 64.46 -3.80 51.31
N SER D 49 63.66 -4.32 50.38
CA SER D 49 63.60 -5.76 50.16
C SER D 49 64.94 -6.28 49.65
N GLU D 50 65.58 -5.55 48.74
CA GLU D 50 66.87 -6.01 48.22
C GLU D 50 67.94 -6.02 49.30
N LYS D 51 68.02 -4.95 50.10
CA LYS D 51 68.98 -4.92 51.21
C LYS D 51 68.70 -6.04 52.20
N MET D 52 67.43 -6.29 52.50
CA MET D 52 67.08 -7.34 53.46
C MET D 52 67.43 -8.71 52.92
N ARG D 53 67.24 -8.93 51.61
CA ARG D 53 67.63 -10.19 51.00
C ARG D 53 69.13 -10.39 51.08
N GLY D 54 69.90 -9.33 50.80
CA GLY D 54 71.35 -9.40 50.96
C GLY D 54 71.75 -9.76 52.38
N GLN D 55 71.12 -9.11 53.36
CA GLN D 55 71.43 -9.40 54.75
C GLN D 55 71.06 -10.82 55.14
N ILE D 56 69.94 -11.33 54.63
CA ILE D 56 69.51 -12.69 54.95
C ILE D 56 70.52 -13.70 54.39
N SER D 57 70.89 -13.53 53.12
CA SER D 57 71.88 -14.43 52.53
C SER D 57 73.20 -14.36 53.28
N GLY D 58 73.64 -13.15 53.63
CA GLY D 58 74.89 -13.02 54.38
C GLY D 58 74.83 -13.68 55.74
N LEU D 59 73.69 -13.56 56.42
CA LEU D 59 73.56 -14.14 57.76
C LEU D 59 73.55 -15.66 57.69
N ASN D 60 72.85 -16.23 56.72
CA ASN D 60 72.85 -17.68 56.57
C ASN D 60 74.24 -18.19 56.22
N MET D 61 74.93 -17.52 55.29
CA MET D 61 76.28 -17.93 54.95
C MET D 61 77.24 -17.77 56.13
N ALA D 62 77.01 -16.77 56.97
CA ALA D 62 77.84 -16.59 58.16
C ALA D 62 77.59 -17.70 59.17
N SER D 63 76.34 -18.15 59.29
CA SER D 63 76.04 -19.31 60.13
C SER D 63 76.80 -20.53 59.63
N LYS D 64 76.78 -20.75 58.31
CA LYS D 64 77.53 -21.85 57.71
C LYS D 64 79.02 -21.75 58.03
N ASN D 65 79.58 -20.55 57.87
CA ASN D 65 81.00 -20.33 58.14
C ASN D 65 81.34 -20.58 59.61
N SER D 66 80.46 -20.16 60.52
CA SER D 66 80.69 -20.37 61.94
C SER D 66 80.70 -21.86 62.27
N SER D 67 79.79 -22.62 61.65
CA SER D 67 79.80 -24.07 61.85
C SER D 67 81.09 -24.69 61.32
N ASP D 68 81.57 -24.21 60.17
CA ASP D 68 82.85 -24.70 59.64
C ASP D 68 83.99 -24.43 60.62
N ALA D 69 84.02 -23.23 61.19
CA ALA D 69 85.04 -22.90 62.18
C ALA D 69 84.94 -23.81 63.40
N ILE D 70 83.72 -24.13 63.83
CA ILE D 70 83.56 -25.04 64.96
C ILE D 70 84.13 -26.40 64.63
N SER D 71 83.94 -26.86 63.39
CA SER D 71 84.49 -28.15 62.98
C SER D 71 86.02 -28.14 63.04
N LEU D 72 86.62 -27.07 62.51
CA LEU D 72 88.07 -26.90 62.58
C LEU D 72 88.58 -26.96 64.02
N ILE D 73 87.93 -26.21 64.90
CA ILE D 73 88.37 -26.15 66.30
C ILE D 73 88.24 -27.52 66.95
N GLN D 74 87.15 -28.23 66.66
CA GLN D 74 86.99 -29.58 67.20
C GLN D 74 88.11 -30.49 66.73
N THR D 75 88.55 -30.32 65.48
CA THR D 75 89.67 -31.12 64.98
C THR D 75 90.91 -30.87 65.81
N ALA D 76 91.22 -29.59 66.05
CA ALA D 76 92.43 -29.26 66.82
C ALA D 76 92.35 -29.79 68.26
N GLU D 77 91.20 -29.64 68.90
CA GLU D 77 91.05 -30.15 70.27
C GLU D 77 91.21 -31.66 70.33
N GLY D 78 90.62 -32.38 69.37
CA GLY D 78 90.80 -33.81 69.30
C GLY D 78 92.25 -34.20 69.09
N GLY D 79 92.98 -33.38 68.32
CA GLY D 79 94.41 -33.60 68.19
C GLY D 79 95.15 -33.48 69.51
N LEU D 80 94.78 -32.48 70.32
CA LEU D 80 95.50 -32.23 71.58
C LEU D 80 95.12 -33.19 72.71
N ASN D 81 93.96 -33.85 72.61
CA ASN D 81 93.61 -34.86 73.63
C ASN D 81 94.65 -35.96 73.71
N GLU D 82 95.13 -36.44 72.56
CA GLU D 82 96.12 -37.50 72.58
C GLU D 82 97.47 -36.99 73.06
N THR D 83 97.77 -35.71 72.81
CA THR D 83 98.93 -35.08 73.42
C THR D 83 98.87 -35.17 74.94
N HIS D 84 97.71 -34.81 75.52
CA HIS D 84 97.51 -34.98 76.97
C HIS D 84 97.80 -36.42 77.40
N ALA D 85 97.21 -37.38 76.68
CA ALA D 85 97.33 -38.79 77.08
C ALA D 85 98.79 -39.25 77.09
N ILE D 86 99.51 -39.00 76.00
CA ILE D 86 100.87 -39.51 75.93
C ILE D 86 101.79 -38.71 76.85
N LEU D 87 101.45 -37.46 77.15
CA LEU D 87 102.22 -36.73 78.17
C LEU D 87 102.05 -37.36 79.54
N GLN D 88 100.83 -37.77 79.88
CA GLN D 88 100.61 -38.49 81.13
C GLN D 88 101.45 -39.77 81.18
N ARG D 89 101.45 -40.51 80.06
CA ARG D 89 102.23 -41.75 80.00
C ARG D 89 103.72 -41.46 80.18
N MET D 90 104.23 -40.40 79.55
CA MET D 90 105.63 -40.02 79.66
C MET D 90 105.99 -39.64 81.09
N ARG D 91 105.10 -38.91 81.77
CA ARG D 91 105.35 -38.57 83.18
C ARG D 91 105.42 -39.83 84.04
N GLU D 92 104.51 -40.78 83.79
CA GLU D 92 104.55 -42.04 84.52
C GLU D 92 105.88 -42.76 84.30
N LEU D 93 106.32 -42.82 83.04
CA LEU D 93 107.60 -43.43 82.69
C LEU D 93 108.77 -42.75 83.39
N ALA D 94 108.76 -41.42 83.45
CA ALA D 94 109.85 -40.71 84.12
C ALA D 94 109.85 -40.98 85.62
N VAL D 95 108.68 -40.98 86.25
CA VAL D 95 108.62 -41.26 87.68
C VAL D 95 109.11 -42.67 87.98
N GLN D 96 108.81 -43.61 87.08
CA GLN D 96 109.35 -44.97 87.27
C GLN D 96 110.85 -45.04 87.03
N SER D 97 111.34 -44.37 85.98
CA SER D 97 112.76 -44.33 85.69
C SER D 97 113.58 -43.68 86.79
N ARG D 98 112.99 -42.77 87.56
CA ARG D 98 113.67 -41.94 88.52
C ARG D 98 114.21 -42.74 89.71
N ASN D 99 113.65 -43.91 89.98
CA ASN D 99 114.05 -44.72 91.13
C ASN D 99 115.37 -45.45 90.86
N ASP D 100 116.11 -45.74 91.93
CA ASP D 100 117.42 -46.35 91.85
C ASP D 100 117.39 -47.88 91.83
N THR D 101 116.20 -48.48 91.83
CA THR D 101 116.10 -49.90 91.57
C THR D 101 116.56 -50.25 90.15
N ASN D 102 116.44 -49.30 89.23
CA ASN D 102 116.75 -49.55 87.83
C ASN D 102 118.24 -49.36 87.57
N ASP D 103 118.80 -50.24 86.74
CA ASP D 103 120.22 -50.24 86.42
C ASP D 103 120.47 -49.75 85.01
N GLU D 104 121.43 -48.85 84.86
CA GLU D 104 121.92 -48.47 83.54
C GLU D 104 122.71 -49.60 82.88
N ALA D 105 123.33 -50.49 83.68
CA ALA D 105 124.17 -51.55 83.14
C ALA D 105 123.34 -52.55 82.34
N THR D 106 122.31 -53.11 82.97
CA THR D 106 121.45 -54.11 82.35
C THR D 106 120.24 -53.51 81.65
N ASN D 107 120.34 -52.24 81.21
CA ASN D 107 119.45 -51.68 80.20
C ASN D 107 118.02 -51.54 80.72
N ASP D 108 117.86 -51.21 82.01
CA ASP D 108 116.53 -51.00 82.57
C ASP D 108 115.93 -49.67 82.12
N ARG D 109 116.73 -48.60 82.17
CA ARG D 109 116.25 -47.28 81.80
C ARG D 109 116.27 -47.03 80.29
N SER D 110 117.13 -47.73 79.54
CA SER D 110 117.16 -47.52 78.10
C SER D 110 115.90 -48.02 77.42
N ASN D 111 115.20 -48.99 78.01
CA ASN D 111 113.91 -49.40 77.47
C ASN D 111 112.82 -48.35 77.72
N LEU D 112 112.84 -47.72 78.90
CA LEU D 112 111.92 -46.62 79.13
C LEU D 112 112.26 -45.45 78.24
N ASN D 113 113.54 -45.28 77.91
CA ASN D 113 113.94 -44.24 76.96
C ASN D 113 113.50 -44.57 75.54
N ASP D 114 113.54 -45.86 75.14
CA ASP D 114 112.93 -46.29 73.88
C ASP D 114 111.47 -45.85 73.83
N GLU D 115 110.71 -46.19 74.87
CA GLU D 115 109.30 -45.81 74.97
C GLU D 115 109.13 -44.29 74.86
N LEU D 116 109.96 -43.55 75.61
CA LEU D 116 109.87 -42.10 75.63
C LEU D 116 110.18 -41.49 74.26
N LYS D 117 111.21 -41.99 73.58
CA LYS D 117 111.54 -41.48 72.25
C LYS D 117 110.42 -41.75 71.26
N GLN D 118 109.79 -42.93 71.33
CA GLN D 118 108.66 -43.18 70.44
C GLN D 118 107.49 -42.25 70.73
N LEU D 119 107.24 -41.97 72.01
CA LEU D 119 106.15 -41.04 72.34
C LEU D 119 106.49 -39.61 71.93
N GLN D 120 107.77 -39.24 71.93
CA GLN D 120 108.16 -37.92 71.43
C GLN D 120 108.02 -37.83 69.92
N GLU D 121 108.32 -38.90 69.20
CA GLU D 121 108.06 -38.88 67.77
C GLU D 121 106.56 -38.78 67.50
N GLU D 122 105.73 -39.39 68.36
CA GLU D 122 104.28 -39.29 68.17
C GLU D 122 103.76 -37.90 68.48
N ILE D 123 104.27 -37.25 69.54
CA ILE D 123 103.82 -35.90 69.87
C ILE D 123 104.21 -34.92 68.76
N THR D 124 105.35 -35.14 68.11
CA THR D 124 105.69 -34.30 66.95
C THR D 124 104.83 -34.64 65.73
N ARG D 125 104.53 -35.94 65.54
CA ARG D 125 103.75 -36.37 64.40
C ARG D 125 102.34 -35.78 64.43
N ILE D 126 101.70 -35.81 65.60
CA ILE D 126 100.36 -35.22 65.72
C ILE D 126 100.39 -33.74 65.39
N SER D 127 101.46 -33.06 65.78
CA SER D 127 101.59 -31.64 65.49
C SER D 127 101.62 -31.40 63.98
N SER D 128 102.60 -31.98 63.29
CA SER D 128 102.82 -31.67 61.88
C SER D 128 102.23 -32.69 60.92
N GLN D 129 101.16 -33.39 61.30
CA GLN D 129 100.35 -34.18 60.37
C GLN D 129 98.86 -33.99 60.63
N MET D 130 98.48 -32.88 61.25
CA MET D 130 97.08 -32.53 61.50
C MET D 130 96.65 -31.51 60.45
N GLU D 131 95.47 -31.70 59.88
CA GLU D 131 95.04 -30.76 58.82
C GLU D 131 93.52 -30.78 58.69
N PHE D 132 92.99 -29.64 58.27
CA PHE D 132 91.58 -29.45 57.96
C PHE D 132 91.52 -28.75 56.61
N ASN D 133 91.08 -29.48 55.58
CA ASN D 133 90.97 -28.94 54.23
C ASN D 133 92.33 -28.53 53.68
N ASN D 134 93.33 -29.39 53.93
CA ASN D 134 94.71 -29.13 53.48
C ASN D 134 95.27 -27.87 54.11
N LYS D 135 95.22 -27.81 55.45
CA LYS D 135 95.65 -26.64 56.21
C LYS D 135 96.29 -27.11 57.50
N LYS D 136 97.61 -27.02 57.57
CA LYS D 136 98.32 -27.41 58.78
C LYS D 136 98.01 -26.44 59.89
N LEU D 137 97.58 -26.97 61.05
CA LEU D 137 97.09 -26.17 62.17
C LEU D 137 98.11 -26.01 63.30
N LEU D 138 98.69 -27.11 63.76
CA LEU D 138 99.52 -27.13 64.97
C LEU D 138 101.01 -27.10 64.67
N ASP D 139 101.42 -26.32 63.68
CA ASP D 139 102.81 -26.25 63.24
C ASP D 139 103.42 -24.89 63.52
N GLY D 140 102.58 -23.86 63.61
CA GLY D 140 103.00 -22.48 63.58
C GLY D 140 102.60 -21.72 62.32
N SER D 141 101.80 -22.32 61.43
CA SER D 141 101.35 -21.61 60.24
C SER D 141 100.44 -20.44 60.61
N GLN D 142 99.52 -20.67 61.54
CA GLN D 142 98.55 -19.66 61.94
C GLN D 142 99.04 -18.78 63.07
N SER D 143 100.19 -19.10 63.68
CA SER D 143 100.72 -18.30 64.77
C SER D 143 101.32 -16.98 64.29
N THR D 144 101.48 -16.80 62.98
CA THR D 144 102.09 -15.58 62.44
C THR D 144 101.04 -14.49 62.23
N ASN D 145 99.95 -14.82 61.54
CA ASN D 145 98.89 -13.87 61.22
C ASN D 145 97.55 -14.27 61.82
N GLY D 146 97.13 -15.51 61.64
CA GLY D 146 95.94 -16.05 62.26
C GLY D 146 94.84 -16.33 61.27
N LEU D 147 93.91 -17.20 61.67
CA LEU D 147 92.74 -17.55 60.88
C LEU D 147 91.61 -16.57 61.16
N THR D 148 91.02 -16.05 60.10
CA THR D 148 89.96 -15.05 60.18
C THR D 148 88.65 -15.66 59.71
N PHE D 149 87.64 -15.63 60.59
CA PHE D 149 86.32 -16.15 60.29
C PHE D 149 85.35 -15.00 60.11
N GLN D 150 84.63 -15.01 58.98
CA GLN D 150 83.57 -14.05 58.70
C GLN D 150 82.29 -14.57 59.35
N ILE D 151 81.85 -13.92 60.41
CA ILE D 151 80.69 -14.33 61.18
C ILE D 151 79.60 -13.26 61.08
N GLY D 152 79.55 -12.58 59.94
CA GLY D 152 78.57 -11.53 59.74
C GLY D 152 78.38 -11.25 58.27
N ALA D 153 77.22 -10.68 57.95
CA ALA D 153 76.87 -10.40 56.57
C ALA D 153 77.78 -9.32 55.97
N ASN D 154 78.05 -8.28 56.73
CA ASN D 154 78.77 -7.12 56.23
C ASN D 154 80.28 -7.27 56.38
N ALA D 155 81.01 -6.32 55.84
CA ALA D 155 82.46 -6.32 55.90
C ALA D 155 82.93 -5.84 57.27
N GLY D 156 84.01 -6.46 57.74
CA GLY D 156 84.58 -6.16 59.05
C GLY D 156 84.00 -6.95 60.19
N GLN D 157 82.91 -7.67 59.98
CA GLN D 157 82.28 -8.48 61.02
C GLN D 157 82.99 -9.83 61.10
N THR D 158 84.23 -9.78 61.58
CA THR D 158 85.14 -10.92 61.57
C THR D 158 85.65 -11.20 62.98
N ILE D 159 86.27 -12.36 63.12
CA ILE D 159 87.04 -12.68 64.33
C ILE D 159 88.35 -13.33 63.90
N THR D 160 89.44 -12.91 64.51
CA THR D 160 90.76 -13.48 64.27
C THR D 160 91.10 -14.48 65.38
N MET D 161 91.89 -15.48 65.02
CA MET D 161 92.26 -16.55 65.90
C MET D 161 93.71 -16.94 65.61
N LYS D 162 94.37 -17.49 66.63
CA LYS D 162 95.76 -17.90 66.50
C LYS D 162 95.98 -19.19 67.27
N ILE D 163 96.82 -20.05 66.71
CA ILE D 163 97.18 -21.32 67.34
C ILE D 163 98.70 -21.42 67.33
N SER D 164 99.27 -21.78 68.47
CA SER D 164 100.71 -21.80 68.65
C SER D 164 101.30 -23.12 68.20
N THR D 165 102.61 -23.13 68.01
CA THR D 165 103.32 -24.37 67.73
C THR D 165 103.30 -25.27 68.95
N MET D 166 102.89 -26.52 68.76
CA MET D 166 102.71 -27.52 69.80
C MET D 166 103.58 -28.74 69.53
N SER D 167 104.82 -28.50 69.11
CA SER D 167 105.80 -29.57 68.95
C SER D 167 106.60 -29.77 70.24
N ALA D 168 107.44 -30.80 70.23
CA ALA D 168 108.23 -31.11 71.42
C ALA D 168 109.32 -30.08 71.65
N THR D 169 109.87 -29.49 70.59
CA THR D 169 110.92 -28.48 70.75
C THR D 169 110.39 -27.23 71.45
N LYS D 170 109.18 -26.80 71.10
CA LYS D 170 108.63 -25.56 71.66
C LYS D 170 108.34 -25.73 73.15
N LEU D 171 107.94 -26.93 73.56
CA LEU D 171 107.53 -27.19 74.94
C LEU D 171 108.66 -27.70 75.83
N GLY D 172 109.88 -27.74 75.34
CA GLY D 172 111.02 -28.13 76.17
C GLY D 172 110.95 -29.55 76.66
N VAL D 173 110.40 -30.47 75.84
CA VAL D 173 110.28 -31.88 76.19
C VAL D 173 110.92 -32.80 75.16
N ASP D 174 111.46 -32.24 74.08
CA ASP D 174 112.22 -33.02 73.11
C ASP D 174 113.40 -33.74 73.76
N ALA D 175 113.91 -34.76 73.05
CA ALA D 175 114.92 -35.63 73.61
C ALA D 175 116.22 -34.92 73.95
N ALA D 176 116.48 -33.75 73.35
CA ALA D 176 117.67 -32.99 73.68
C ALA D 176 117.65 -32.40 75.08
N LYS D 177 116.48 -32.36 75.74
CA LYS D 177 116.36 -31.77 77.06
C LYS D 177 115.47 -32.57 78.01
N ALA D 178 115.01 -33.76 77.61
CA ALA D 178 114.10 -34.55 78.43
C ALA D 178 114.43 -36.05 78.40
N SER D 179 115.69 -36.41 78.27
CA SER D 179 116.07 -37.80 78.36
C SER D 179 115.82 -38.32 79.76
N ILE D 180 115.65 -39.65 79.87
CA ILE D 180 115.57 -40.32 81.16
C ILE D 180 116.61 -41.43 81.20
N SER D 181 117.73 -41.23 80.49
CA SER D 181 118.85 -42.14 80.61
C SER D 181 119.33 -42.24 82.06
N LYS D 182 119.48 -41.09 82.72
CA LYS D 182 120.02 -41.04 84.07
C LYS D 182 118.88 -40.99 85.09
N GLY D 183 119.25 -40.90 86.36
CA GLY D 183 118.30 -40.60 87.42
C GLY D 183 118.09 -39.11 87.54
N THR D 184 119.16 -38.33 87.29
CA THR D 184 119.06 -36.87 87.40
C THR D 184 118.17 -36.29 86.33
N ALA D 185 118.28 -36.79 85.09
CA ALA D 185 117.53 -36.22 83.97
C ALA D 185 116.03 -36.44 84.14
N ALA D 186 115.62 -37.53 84.77
CA ALA D 186 114.20 -37.76 85.02
C ALA D 186 113.62 -36.71 85.97
N SER D 187 114.44 -36.22 86.91
CA SER D 187 114.00 -35.14 87.80
C SER D 187 113.56 -33.92 87.00
N LYS D 188 114.39 -33.47 86.06
CA LYS D 188 114.01 -32.35 85.23
C LYS D 188 112.89 -32.72 84.27
N ALA D 189 112.85 -33.98 83.82
CA ALA D 189 111.85 -34.40 82.86
C ALA D 189 110.45 -34.32 83.45
N ILE D 190 110.31 -34.63 84.74
CA ILE D 190 109.00 -34.57 85.39
C ILE D 190 108.46 -33.14 85.35
N LYS D 191 109.27 -32.18 85.77
CA LYS D 191 108.86 -30.78 85.77
C LYS D 191 108.60 -30.29 84.35
N SER D 192 109.44 -30.72 83.41
CA SER D 192 109.27 -30.33 82.02
C SER D 192 107.94 -30.83 81.47
N ILE D 193 107.58 -32.06 81.81
CA ILE D 193 106.33 -32.65 81.35
C ILE D 193 105.13 -31.95 82.00
N ASP D 194 105.25 -31.59 83.28
CA ASP D 194 104.18 -30.83 83.93
C ASP D 194 103.96 -29.49 83.25
N ASP D 195 105.04 -28.77 82.94
CA ASP D 195 104.92 -27.49 82.25
C ASP D 195 104.25 -27.67 80.90
N ALA D 196 104.62 -28.73 80.18
CA ALA D 196 104.02 -28.99 78.86
C ALA D 196 102.53 -29.28 78.98
N ILE D 197 102.14 -30.09 79.97
CA ILE D 197 100.72 -30.40 80.19
C ILE D 197 99.94 -29.13 80.47
N ASN D 198 100.48 -28.25 81.33
CA ASN D 198 99.79 -26.99 81.63
C ASN D 198 99.65 -26.12 80.39
N THR D 199 100.71 -26.04 79.57
CA THR D 199 100.65 -25.21 78.38
C THR D 199 99.61 -25.72 77.40
N VAL D 200 99.55 -27.04 77.19
CA VAL D 200 98.59 -27.56 76.20
C VAL D 200 97.17 -27.46 76.74
N SER D 201 96.99 -27.55 78.07
CA SER D 201 95.68 -27.27 78.66
C SER D 201 95.26 -25.82 78.40
N LYS D 202 96.20 -24.88 78.55
CA LYS D 202 95.92 -23.49 78.26
C LYS D 202 95.46 -23.30 76.82
N THR D 203 96.17 -23.92 75.88
CA THR D 203 95.80 -23.80 74.47
C THR D 203 94.41 -24.40 74.20
N ARG D 204 94.12 -25.55 74.79
CA ARG D 204 92.80 -26.16 74.62
C ARG D 204 91.70 -25.25 75.16
N SER D 205 91.94 -24.62 76.32
CA SER D 205 90.98 -23.65 76.85
C SER D 205 90.76 -22.51 75.88
N ALA D 206 91.85 -22.00 75.30
CA ALA D 206 91.74 -20.90 74.34
C ALA D 206 90.88 -21.28 73.14
N LEU D 207 90.99 -22.53 72.69
CA LEU D 207 90.16 -22.99 71.57
C LEU D 207 88.70 -23.13 71.97
N GLY D 208 88.45 -23.76 73.13
CA GLY D 208 87.08 -23.99 73.56
C GLY D 208 86.32 -22.71 73.80
N ALA D 209 87.00 -21.65 74.26
CA ALA D 209 86.35 -20.37 74.44
C ALA D 209 85.77 -19.85 73.11
N VAL D 210 86.55 -19.93 72.04
CA VAL D 210 86.09 -19.45 70.75
C VAL D 210 84.96 -20.33 70.24
N GLN D 211 85.01 -21.63 70.51
CA GLN D 211 83.91 -22.52 70.14
C GLN D 211 82.60 -22.08 70.83
N ASN D 212 82.66 -21.85 72.14
CA ASN D 212 81.48 -21.45 72.89
C ASN D 212 80.96 -20.10 72.40
N ARG D 213 81.86 -19.19 72.03
CA ARG D 213 81.44 -17.92 71.47
C ARG D 213 80.69 -18.13 70.15
N LEU D 214 81.22 -18.98 69.28
CA LEU D 214 80.61 -19.18 67.97
C LEU D 214 79.23 -19.80 68.08
N GLU D 215 78.99 -20.60 69.12
CA GLU D 215 77.65 -21.15 69.33
C GLU D 215 76.61 -20.03 69.53
N HIS D 216 76.89 -19.13 70.48
CA HIS D 216 76.02 -17.98 70.72
C HIS D 216 75.87 -17.14 69.46
N THR D 217 76.97 -16.96 68.71
CA THR D 217 76.91 -16.21 67.46
C THR D 217 75.93 -16.86 66.48
N ILE D 218 75.96 -18.19 66.38
CA ILE D 218 75.04 -18.89 65.47
C ILE D 218 73.60 -18.68 65.89
N ASN D 219 73.34 -18.77 67.20
CA ASN D 219 71.98 -18.55 67.68
C ASN D 219 71.48 -17.15 67.31
N ASN D 220 72.31 -16.13 67.55
CA ASN D 220 71.92 -14.76 67.24
C ASN D 220 71.70 -14.58 65.74
N LEU D 221 72.55 -15.19 64.91
CA LEU D 221 72.40 -15.09 63.47
C LEU D 221 71.08 -15.71 63.01
N GLY D 222 70.74 -16.88 63.56
CA GLY D 222 69.47 -17.50 63.20
C GLY D 222 68.28 -16.64 63.57
N THR D 223 68.29 -16.09 64.79
CA THR D 223 67.19 -15.21 65.21
C THR D 223 67.06 -14.00 64.30
N SER D 224 68.18 -13.34 64.00
CA SER D 224 68.14 -12.15 63.16
C SER D 224 67.67 -12.49 61.75
N ALA D 225 68.10 -13.64 61.22
CA ALA D 225 67.68 -14.02 59.88
C ALA D 225 66.18 -14.28 59.83
N GLU D 226 65.64 -14.96 60.84
CA GLU D 226 64.19 -15.19 60.87
C GLU D 226 63.43 -13.88 60.95
N ASN D 227 63.88 -12.95 61.81
CA ASN D 227 63.16 -11.68 61.95
C ASN D 227 63.19 -10.87 60.65
N LEU D 228 64.37 -10.77 60.02
CA LEU D 228 64.45 -10.04 58.77
C LEU D 228 63.68 -10.73 57.65
N THR D 229 63.62 -12.07 57.67
CA THR D 229 62.80 -12.78 56.70
C THR D 229 61.33 -12.43 56.87
N ALA D 230 60.85 -12.37 58.11
CA ALA D 230 59.48 -11.95 58.37
C ALA D 230 59.23 -10.54 57.85
N ALA D 231 60.16 -9.63 58.13
CA ALA D 231 60.02 -8.25 57.67
C ALA D 231 59.95 -8.17 56.16
N GLU D 232 60.87 -8.86 55.47
CA GLU D 232 60.91 -8.83 54.02
C GLU D 232 59.65 -9.46 53.42
N SER D 233 59.16 -10.53 54.04
CA SER D 233 57.90 -11.13 53.59
C SER D 233 56.75 -10.15 53.69
N ARG D 234 56.64 -9.47 54.84
CA ARG D 234 55.56 -8.52 55.02
C ARG D 234 55.68 -7.34 54.07
N ILE D 235 56.90 -6.97 53.70
CA ILE D 235 57.08 -5.84 52.78
C ILE D 235 56.70 -6.25 51.36
N ARG D 236 57.32 -7.30 50.84
CA ARG D 236 57.26 -7.61 49.42
C ARG D 236 56.19 -8.64 49.04
N ASP D 237 56.03 -9.70 49.83
CA ASP D 237 55.06 -10.72 49.46
C ASP D 237 53.63 -10.18 49.59
N THR D 238 52.71 -10.82 48.88
CA THR D 238 51.33 -10.38 48.78
C THR D 238 50.41 -11.36 49.50
N ASP D 239 49.33 -10.82 50.05
CA ASP D 239 48.29 -11.64 50.65
C ASP D 239 47.35 -12.15 49.56
N MET D 240 47.16 -13.47 49.50
CA MET D 240 46.39 -14.07 48.43
C MET D 240 44.93 -13.64 48.49
N ALA D 241 44.38 -13.51 49.69
CA ALA D 241 42.95 -13.25 49.85
C ALA D 241 42.57 -11.89 49.31
N ALA D 242 43.36 -10.85 49.63
CA ALA D 242 43.04 -9.51 49.17
C ALA D 242 43.11 -9.40 47.65
N GLU D 243 44.14 -10.00 47.05
CA GLU D 243 44.26 -9.95 45.60
C GLU D 243 43.16 -10.78 44.93
N MET D 244 42.75 -11.88 45.55
CA MET D 244 41.60 -12.63 45.03
C MET D 244 40.34 -11.79 45.04
N MET D 245 40.10 -11.09 46.15
CA MET D 245 38.97 -10.17 46.25
C MET D 245 39.01 -9.15 45.13
N ALA D 246 40.15 -8.47 44.97
CA ALA D 246 40.28 -7.43 43.97
C ALA D 246 40.08 -7.99 42.56
N PHE D 247 40.60 -9.18 42.29
CA PHE D 247 40.49 -9.77 40.97
C PHE D 247 39.04 -10.12 40.64
N THR D 248 38.33 -10.71 41.60
CA THR D 248 36.91 -11.01 41.40
C THR D 248 36.11 -9.74 41.16
N LYS D 249 36.37 -8.70 41.96
CA LYS D 249 35.71 -7.41 41.79
C LYS D 249 35.95 -6.85 40.39
N ASN D 250 37.20 -6.85 39.94
CA ASN D 250 37.52 -6.30 38.64
C ASN D 250 36.91 -7.12 37.51
N ASN D 251 36.81 -8.44 37.66
CA ASN D 251 36.14 -9.26 36.65
C ASN D 251 34.67 -8.89 36.56
N ILE D 252 34.00 -8.75 37.71
CA ILE D 252 32.58 -8.39 37.71
C ILE D 252 32.39 -7.03 37.05
N LEU D 253 33.27 -6.08 37.34
CA LEU D 253 33.18 -4.76 36.72
C LEU D 253 33.40 -4.85 35.21
N THR D 254 34.34 -5.69 34.78
CA THR D 254 34.57 -5.89 33.36
C THR D 254 33.33 -6.43 32.66
N GLN D 255 32.68 -7.42 33.26
CA GLN D 255 31.45 -7.96 32.67
C GLN D 255 30.36 -6.90 32.61
N ALA D 256 30.21 -6.11 33.67
CA ALA D 256 29.21 -5.06 33.68
C ALA D 256 29.47 -4.05 32.55
N ALA D 257 30.73 -3.64 32.38
CA ALA D 257 31.06 -2.69 31.32
C ALA D 257 30.83 -3.31 29.95
N GLN D 258 31.10 -4.61 29.79
CA GLN D 258 30.83 -5.28 28.53
C GLN D 258 29.36 -5.21 28.17
N SER D 259 28.49 -5.57 29.13
CA SER D 259 27.06 -5.50 28.88
C SER D 259 26.60 -4.08 28.59
N MET D 260 27.14 -3.10 29.33
CA MET D 260 26.77 -1.71 29.12
C MET D 260 27.16 -1.25 27.71
N LEU D 261 28.32 -1.69 27.23
CA LEU D 261 28.74 -1.31 25.89
C LEU D 261 27.89 -1.98 24.83
N ALA D 262 27.52 -3.24 25.05
CA ALA D 262 26.61 -3.91 24.13
C ALA D 262 25.28 -3.19 24.03
N GLN D 263 24.81 -2.63 25.16
CA GLN D 263 23.58 -1.84 25.12
C GLN D 263 23.79 -0.51 24.40
N ALA D 264 24.88 0.19 24.74
CA ALA D 264 25.14 1.51 24.17
C ALA D 264 25.31 1.45 22.65
N ASN D 265 25.85 0.35 22.14
CA ASN D 265 25.97 0.22 20.69
C ASN D 265 24.61 0.07 20.02
N GLN D 266 23.64 -0.55 20.69
CA GLN D 266 22.29 -0.69 20.16
C GLN D 266 21.44 0.55 20.37
N GLN D 267 21.80 1.41 21.32
CA GLN D 267 20.99 2.60 21.62
C GLN D 267 20.74 3.49 20.40
N PRO D 268 21.74 3.86 19.58
CA PRO D 268 21.42 4.73 18.42
C PRO D 268 20.83 3.97 17.23
N GLN D 269 19.52 3.77 17.27
CA GLN D 269 18.77 3.17 16.17
C GLN D 269 17.52 4.02 15.96
N GLY D 270 17.65 5.05 15.13
CA GLY D 270 16.54 5.90 14.75
C GLY D 270 16.26 5.79 13.27
N VAL D 271 16.42 4.59 12.72
CA VAL D 271 16.15 4.37 11.31
C VAL D 271 14.65 4.42 11.03
N LEU D 272 13.81 4.16 12.03
CA LEU D 272 12.37 4.22 11.81
C LEU D 272 11.85 5.64 11.62
N GLN D 273 12.66 6.67 11.88
CA GLN D 273 12.29 8.01 11.44
C GLN D 273 12.13 8.05 9.93
N LEU D 274 13.14 7.54 9.23
CA LEU D 274 13.26 7.74 7.79
C LEU D 274 12.29 6.85 7.03
N LEU D 275 12.46 5.54 7.15
CA LEU D 275 11.67 4.58 6.41
C LEU D 275 10.39 4.25 7.18
N GLN D 276 9.60 3.31 6.64
CA GLN D 276 8.39 2.90 7.32
C GLN D 276 7.86 1.62 6.69
N MET E 1 31.41 -4.75 -8.15
CA MET E 1 31.24 -3.65 -7.21
C MET E 1 30.14 -3.69 -6.13
N ARG E 2 28.94 -4.22 -6.45
CA ARG E 2 27.80 -4.20 -5.54
C ARG E 2 27.29 -5.59 -5.19
N ILE E 3 26.98 -6.42 -6.20
CA ILE E 3 26.18 -7.62 -6.00
C ILE E 3 26.98 -8.87 -6.34
N GLN E 4 27.46 -8.94 -7.58
CA GLN E 4 28.05 -10.16 -8.13
C GLN E 4 29.25 -10.65 -7.34
N HIS E 5 29.93 -9.77 -6.59
CA HIS E 5 31.10 -10.15 -5.81
C HIS E 5 31.07 -9.40 -4.49
N ASN E 6 31.39 -10.11 -3.41
CA ASN E 6 31.38 -9.57 -2.05
C ASN E 6 32.73 -9.87 -1.40
N ILE E 7 33.67 -8.94 -1.50
CA ILE E 7 35.07 -9.24 -1.23
C ILE E 7 35.33 -9.37 0.28
N ALA E 8 34.58 -8.62 1.09
CA ALA E 8 34.72 -8.72 2.54
C ALA E 8 34.47 -10.14 3.02
N ALA E 9 33.44 -10.78 2.48
CA ALA E 9 33.13 -12.15 2.85
C ALA E 9 34.23 -13.11 2.42
N LEU E 10 34.85 -12.86 1.27
CA LEU E 10 35.98 -13.69 0.84
C LEU E 10 37.14 -13.59 1.82
N ASN E 11 37.50 -12.36 2.21
CA ASN E 11 38.58 -12.17 3.18
C ASN E 11 38.26 -12.85 4.51
N THR E 12 37.01 -12.70 4.97
CA THR E 12 36.59 -13.34 6.21
C THR E 12 36.68 -14.84 6.11
N HIS E 13 36.30 -15.41 4.97
CA HIS E 13 36.40 -16.85 4.77
C HIS E 13 37.84 -17.32 4.82
N ARG E 14 38.74 -16.58 4.17
CA ARG E 14 40.17 -16.90 4.23
C ARG E 14 40.66 -16.97 5.67
N ASN E 15 40.39 -15.90 6.43
CA ASN E 15 40.86 -15.84 7.81
C ASN E 15 40.25 -16.95 8.66
N LEU E 16 38.98 -17.25 8.43
CA LEU E 16 38.31 -18.33 9.15
C LEU E 16 38.98 -19.67 8.88
N ALA E 17 39.28 -19.95 7.61
CA ALA E 17 39.95 -21.19 7.26
C ALA E 17 41.32 -21.28 7.92
N ALA E 18 42.07 -20.18 7.93
CA ALA E 18 43.38 -20.17 8.57
C ALA E 18 43.27 -20.46 10.06
N ASN E 19 42.31 -19.83 10.74
CA ASN E 19 42.15 -20.06 12.18
C ASN E 19 41.76 -21.50 12.46
N ASN E 20 40.87 -22.07 11.65
CA ASN E 20 40.49 -23.47 11.82
C ASN E 20 41.69 -24.39 11.65
N ALA E 21 42.53 -24.13 10.65
CA ALA E 21 43.72 -24.94 10.44
C ALA E 21 44.66 -24.87 11.64
N ALA E 22 44.88 -23.67 12.17
CA ALA E 22 45.76 -23.53 13.32
C ALA E 22 45.22 -24.27 14.54
N ALA E 23 43.91 -24.16 14.77
CA ALA E 23 43.30 -24.87 15.89
C ALA E 23 43.43 -26.39 15.72
N SER E 24 43.29 -26.88 14.49
CA SER E 24 43.47 -28.31 14.24
C SER E 24 44.90 -28.75 14.53
N LYS E 25 45.87 -27.95 14.12
CA LYS E 25 47.27 -28.26 14.44
C LYS E 25 47.48 -28.33 15.94
N ASN E 26 46.90 -27.38 16.69
CA ASN E 26 47.06 -27.40 18.14
C ASN E 26 46.40 -28.63 18.75
N LEU E 27 45.24 -29.03 18.22
CA LEU E 27 44.58 -30.25 18.70
C LEU E 27 45.47 -31.46 18.46
N GLU E 28 46.10 -31.54 17.29
CA GLU E 28 47.04 -32.63 17.00
C GLU E 28 48.16 -32.66 18.03
N LYS E 29 48.77 -31.50 18.29
CA LYS E 29 49.89 -31.45 19.24
C LYS E 29 49.45 -31.81 20.65
N LEU E 30 48.21 -31.49 21.02
CA LEU E 30 47.75 -31.79 22.38
C LEU E 30 47.38 -33.26 22.54
N SER E 31 46.72 -33.84 21.53
CA SER E 31 46.36 -35.25 21.60
C SER E 31 47.59 -36.15 21.52
N SER E 32 48.53 -35.81 20.63
CA SER E 32 49.70 -36.65 20.45
C SER E 32 50.62 -36.57 21.66
N GLY E 33 50.70 -35.42 22.31
CA GLY E 33 51.66 -35.19 23.35
C GLY E 33 53.06 -34.85 22.88
N PHE E 34 53.28 -34.75 21.57
CA PHE E 34 54.57 -34.41 20.99
C PHE E 34 54.45 -33.12 20.19
N LYS E 35 55.49 -32.30 20.24
CA LYS E 35 55.52 -31.03 19.53
C LYS E 35 55.89 -31.20 18.07
N ILE E 36 56.54 -32.31 17.69
CA ILE E 36 57.01 -32.56 16.34
C ILE E 36 56.43 -33.89 15.90
N ASN E 37 55.35 -33.85 15.13
CA ASN E 37 54.74 -35.03 14.55
C ASN E 37 55.09 -35.21 13.08
N ARG E 38 55.52 -34.15 12.41
CA ARG E 38 55.95 -34.19 11.02
C ARG E 38 57.28 -33.45 10.91
N ALA E 39 57.95 -33.65 9.77
CA ALA E 39 59.20 -32.94 9.53
C ALA E 39 58.95 -31.48 9.16
N GLY E 40 57.77 -31.16 8.65
CA GLY E 40 57.43 -29.77 8.41
C GLY E 40 57.36 -28.95 9.68
N ASP E 41 57.04 -29.60 10.81
CA ASP E 41 57.06 -28.91 12.09
C ASP E 41 58.44 -28.37 12.40
N ASP E 42 59.46 -29.23 12.31
CA ASP E 42 60.83 -28.82 12.63
C ASP E 42 61.77 -29.88 12.06
N ALA E 43 62.62 -29.46 11.11
CA ALA E 43 63.54 -30.41 10.47
C ALA E 43 64.73 -30.71 11.38
N ALA E 44 65.44 -29.68 11.82
CA ALA E 44 66.56 -29.85 12.76
C ALA E 44 65.99 -29.97 14.17
N GLY E 45 65.94 -31.20 14.67
CA GLY E 45 65.27 -31.51 15.91
C GLY E 45 64.56 -32.84 15.80
N LEU E 46 63.99 -33.12 14.63
CA LEU E 46 63.53 -34.47 14.34
C LEU E 46 64.70 -35.45 14.31
N ALA E 47 65.73 -35.12 13.54
CA ALA E 47 66.94 -35.93 13.49
C ALA E 47 67.58 -36.07 14.86
N ILE E 48 67.67 -34.96 15.60
CA ILE E 48 68.29 -34.99 16.92
C ILE E 48 67.48 -35.87 17.85
N SER E 49 66.16 -35.80 17.78
CA SER E 49 65.30 -36.63 18.61
C SER E 49 65.48 -38.10 18.28
N GLU E 50 65.58 -38.44 17.00
CA GLU E 50 65.75 -39.84 16.62
C GLU E 50 67.10 -40.38 17.10
N LYS E 51 68.17 -39.62 16.90
CA LYS E 51 69.48 -40.04 17.39
C LYS E 51 69.48 -40.20 18.90
N MET E 52 68.82 -39.27 19.61
CA MET E 52 68.79 -39.34 21.07
C MET E 52 67.97 -40.54 21.53
N ARG E 53 66.89 -40.86 20.83
CA ARG E 53 66.12 -42.06 21.16
C ARG E 53 66.96 -43.31 20.97
N GLY E 54 67.69 -43.37 19.86
CA GLY E 54 68.59 -44.51 19.65
C GLY E 54 69.61 -44.64 20.76
N GLN E 55 70.21 -43.51 21.16
CA GLN E 55 71.20 -43.54 22.22
C GLN E 55 70.59 -43.96 23.55
N ILE E 56 69.37 -43.51 23.84
CA ILE E 56 68.71 -43.88 25.10
C ILE E 56 68.44 -45.37 25.14
N SER E 57 67.87 -45.92 24.05
CA SER E 57 67.62 -47.35 24.00
C SER E 57 68.92 -48.14 24.13
N GLY E 58 69.97 -47.71 23.44
CA GLY E 58 71.25 -48.38 23.54
C GLY E 58 71.83 -48.34 24.94
N LEU E 59 71.69 -47.21 25.62
CA LEU E 59 72.25 -47.08 26.96
C LEU E 59 71.49 -47.96 27.95
N ASN E 60 70.16 -48.00 27.85
CA ASN E 60 69.40 -48.87 28.73
C ASN E 60 69.72 -50.34 28.48
N MET E 61 69.80 -50.74 27.21
CA MET E 61 70.17 -52.11 26.90
C MET E 61 71.58 -52.44 27.36
N ALA E 62 72.48 -51.47 27.32
CA ALA E 62 73.84 -51.69 27.81
C ALA E 62 73.86 -51.85 29.31
N SER E 63 73.02 -51.10 30.03
CA SER E 63 72.86 -51.31 31.46
C SER E 63 72.40 -52.73 31.76
N LYS E 64 71.40 -53.19 31.00
CA LYS E 64 70.91 -54.57 31.15
C LYS E 64 72.03 -55.58 30.92
N ASN E 65 72.81 -55.38 29.85
CA ASN E 65 73.90 -56.28 29.52
C ASN E 65 74.97 -56.28 30.61
N SER E 66 75.28 -55.11 31.18
CA SER E 66 76.26 -55.04 32.24
C SER E 66 75.80 -55.79 33.48
N SER E 67 74.51 -55.69 33.79
CA SER E 67 73.98 -56.47 34.91
C SER E 67 74.08 -57.96 34.64
N ASP E 68 73.81 -58.38 33.40
CA ASP E 68 73.95 -59.79 33.04
C ASP E 68 75.38 -60.27 33.24
N ALA E 69 76.35 -59.45 32.80
CA ALA E 69 77.76 -59.78 33.00
C ALA E 69 78.10 -59.90 34.48
N ILE E 70 77.54 -59.01 35.31
CA ILE E 70 77.78 -59.09 36.74
C ILE E 70 77.25 -60.42 37.29
N SER E 71 76.09 -60.85 36.81
CA SER E 71 75.54 -62.14 37.26
C SER E 71 76.46 -63.29 36.90
N LEU E 72 76.95 -63.30 35.64
CA LEU E 72 77.90 -64.31 35.21
C LEU E 72 79.14 -64.35 36.11
N ILE E 73 79.72 -63.17 36.38
CA ILE E 73 80.94 -63.11 37.18
C ILE E 73 80.67 -63.61 38.59
N GLN E 74 79.52 -63.25 39.15
CA GLN E 74 79.15 -63.74 40.48
C GLN E 74 79.06 -65.26 40.48
N THR E 75 78.55 -65.84 39.41
CA THR E 75 78.49 -67.30 39.31
C THR E 75 79.87 -67.90 39.39
N ALA E 76 80.81 -67.34 38.61
CA ALA E 76 82.18 -67.89 38.60
C ALA E 76 82.85 -67.75 39.98
N GLU E 77 82.69 -66.58 40.62
CA GLU E 77 83.30 -66.39 41.94
C GLU E 77 82.72 -67.36 42.97
N GLY E 78 81.40 -67.56 42.93
CA GLY E 78 80.80 -68.55 43.82
C GLY E 78 81.31 -69.94 43.55
N GLY E 79 81.59 -70.26 42.29
CA GLY E 79 82.22 -71.53 41.98
C GLY E 79 83.59 -71.67 42.61
N LEU E 80 84.38 -70.60 42.59
CA LEU E 80 85.76 -70.68 43.10
C LEU E 80 85.86 -70.61 44.62
N ASN E 81 84.82 -70.13 45.31
CA ASN E 81 84.83 -70.14 46.77
C ASN E 81 84.97 -71.57 47.32
N GLU E 82 84.26 -72.51 46.73
CA GLU E 82 84.35 -73.89 47.20
C GLU E 82 85.69 -74.51 46.84
N THR E 83 86.28 -74.08 45.73
CA THR E 83 87.65 -74.47 45.42
C THR E 83 88.59 -74.05 46.55
N HIS E 84 88.49 -72.80 46.99
CA HIS E 84 89.27 -72.35 48.16
C HIS E 84 89.06 -73.27 49.36
N ALA E 85 87.79 -73.56 49.67
CA ALA E 85 87.48 -74.34 50.86
C ALA E 85 88.11 -75.73 50.81
N ILE E 86 87.89 -76.45 49.71
CA ILE E 86 88.40 -77.81 49.65
C ILE E 86 89.92 -77.82 49.50
N LEU E 87 90.51 -76.76 48.96
CA LEU E 87 91.97 -76.67 48.95
C LEU E 87 92.52 -76.52 50.37
N GLN E 88 91.86 -75.72 51.20
CA GLN E 88 92.24 -75.62 52.60
C GLN E 88 92.14 -76.99 53.28
N ARG E 89 91.05 -77.71 53.03
CA ARG E 89 90.89 -79.04 53.62
C ARG E 89 91.99 -79.98 53.17
N MET E 90 92.35 -79.94 51.88
CA MET E 90 93.41 -80.79 51.34
C MET E 90 94.76 -80.46 51.97
N ARG E 91 95.05 -79.18 52.17
CA ARG E 91 96.28 -78.80 52.84
C ARG E 91 96.33 -79.33 54.27
N GLU E 92 95.20 -79.24 54.98
CA GLU E 92 95.13 -79.78 56.33
C GLU E 92 95.40 -81.28 56.31
N LEU E 93 94.79 -82.01 55.38
CA LEU E 93 94.99 -83.44 55.23
C LEU E 93 96.46 -83.77 54.95
N ALA E 94 97.11 -83.00 54.07
CA ALA E 94 98.51 -83.25 53.78
C ALA E 94 99.40 -83.01 54.99
N VAL E 95 99.16 -81.93 55.73
CA VAL E 95 99.96 -81.64 56.92
C VAL E 95 99.78 -82.74 57.96
N GLN E 96 98.57 -83.30 58.06
CA GLN E 96 98.38 -84.43 58.96
C GLN E 96 99.04 -85.71 58.46
N SER E 97 98.93 -85.99 57.16
CA SER E 97 99.57 -87.15 56.57
C SER E 97 101.09 -87.12 56.68
N ARG E 98 101.67 -85.93 56.74
CA ARG E 98 103.11 -85.73 56.67
C ARG E 98 103.86 -86.28 57.88
N ASN E 99 103.17 -86.44 59.01
CA ASN E 99 103.80 -86.90 60.25
C ASN E 99 104.04 -88.41 60.21
N ASP E 100 105.05 -88.86 60.96
CA ASP E 100 105.46 -90.25 60.98
C ASP E 100 104.72 -91.10 62.01
N THR E 101 103.75 -90.52 62.73
CA THR E 101 102.85 -91.32 63.54
C THR E 101 102.01 -92.25 62.68
N ASN E 102 101.76 -91.87 61.43
CA ASN E 102 100.89 -92.63 60.56
C ASN E 102 101.65 -93.76 59.87
N ASP E 103 101.01 -94.91 59.74
CA ASP E 103 101.61 -96.11 59.16
C ASP E 103 101.02 -96.41 57.80
N GLU E 104 101.90 -96.68 56.83
CA GLU E 104 101.46 -97.20 55.54
C GLU E 104 100.95 -98.64 55.66
N ALA E 105 101.43 -99.40 56.64
CA ALA E 105 101.05 -100.80 56.77
C ALA E 105 99.58 -100.94 57.13
N THR E 106 99.16 -100.29 58.21
CA THR E 106 97.77 -100.37 58.68
C THR E 106 96.89 -99.28 58.09
N ASN E 107 97.23 -98.75 56.92
CA ASN E 107 96.31 -98.02 56.07
C ASN E 107 95.89 -96.68 56.70
N ASP E 108 96.82 -96.02 57.40
CA ASP E 108 96.53 -94.72 57.99
C ASP E 108 96.51 -93.62 56.92
N ARG E 109 97.49 -93.61 56.03
CA ARG E 109 97.58 -92.58 55.00
C ARG E 109 96.70 -92.87 53.78
N SER E 110 96.35 -94.14 53.52
CA SER E 110 95.51 -94.43 52.38
C SER E 110 94.08 -93.92 52.58
N ASN E 111 93.63 -93.77 53.83
CA ASN E 111 92.34 -93.15 54.06
C ASN E 111 92.38 -91.64 53.80
N LEU E 112 93.47 -90.97 54.19
CA LEU E 112 93.60 -89.56 53.84
C LEU E 112 93.75 -89.41 52.34
N ASN E 113 94.33 -90.40 51.66
CA ASN E 113 94.40 -90.37 50.20
C ASN E 113 93.03 -90.61 49.57
N ASP E 114 92.21 -91.48 50.16
CA ASP E 114 90.81 -91.58 49.74
C ASP E 114 90.12 -90.22 49.78
N GLU E 115 90.24 -89.55 50.92
CA GLU E 115 89.67 -88.20 51.09
C GLU E 115 90.21 -87.24 50.04
N LEU E 116 91.53 -87.26 49.84
CA LEU E 116 92.17 -86.36 48.88
C LEU E 116 91.71 -86.62 47.45
N LYS E 117 91.61 -87.89 47.06
CA LYS E 117 91.13 -88.22 45.72
C LYS E 117 89.70 -87.76 45.50
N GLN E 118 88.84 -87.92 46.51
CA GLN E 118 87.47 -87.44 46.36
C GLN E 118 87.44 -85.91 46.23
N LEU E 119 88.28 -85.21 46.98
CA LEU E 119 88.31 -83.76 46.86
C LEU E 119 88.88 -83.31 45.52
N GLN E 120 89.79 -84.10 44.94
CA GLN E 120 90.30 -83.79 43.60
C GLN E 120 89.24 -84.03 42.53
N GLU E 121 88.43 -85.07 42.69
CA GLU E 121 87.32 -85.24 41.77
C GLU E 121 86.34 -84.10 41.89
N GLU E 122 86.15 -83.57 43.11
CA GLU E 122 85.23 -82.44 43.28
C GLU E 122 85.80 -81.14 42.69
N ILE E 123 87.09 -80.89 42.86
CA ILE E 123 87.69 -79.68 42.27
C ILE E 123 87.62 -79.73 40.75
N THR E 124 87.74 -80.92 40.14
CA THR E 124 87.54 -81.02 38.70
C THR E 124 86.06 -80.87 38.32
N ARG E 125 85.16 -81.43 39.14
CA ARG E 125 83.74 -81.37 38.84
C ARG E 125 83.23 -79.94 38.83
N ILE E 126 83.64 -79.14 39.82
CA ILE E 126 83.21 -77.74 39.85
C ILE E 126 83.70 -77.01 38.61
N SER E 127 84.90 -77.35 38.14
CA SER E 127 85.44 -76.72 36.94
C SER E 127 84.55 -77.00 35.73
N SER E 128 84.37 -78.29 35.40
CA SER E 128 83.70 -78.66 34.16
C SER E 128 82.23 -79.04 34.35
N GLN E 129 81.56 -78.51 35.37
CA GLN E 129 80.10 -78.58 35.46
C GLN E 129 79.50 -77.24 35.90
N MET E 130 80.22 -76.14 35.67
CA MET E 130 79.74 -74.80 35.96
C MET E 130 79.26 -74.16 34.66
N GLU E 131 78.11 -73.51 34.70
CA GLU E 131 77.59 -72.92 33.45
C GLU E 131 76.62 -71.80 33.76
N PHE E 132 76.55 -70.85 32.83
CA PHE E 132 75.63 -69.73 32.86
C PHE E 132 75.01 -69.65 31.47
N ASN E 133 73.73 -70.01 31.36
CA ASN E 133 73.00 -69.97 30.10
C ASN E 133 73.60 -70.96 29.10
N ASN E 134 73.95 -72.14 29.59
CA ASN E 134 74.55 -73.19 28.76
C ASN E 134 75.90 -72.75 28.19
N LYS E 135 76.79 -72.31 29.08
CA LYS E 135 78.08 -71.77 28.69
C LYS E 135 79.11 -72.19 29.74
N LYS E 136 79.96 -73.15 29.39
CA LYS E 136 81.00 -73.59 30.30
C LYS E 136 82.03 -72.49 30.49
N LEU E 137 82.31 -72.15 31.75
CA LEU E 137 83.15 -71.00 32.11
C LEU E 137 84.57 -71.40 32.51
N LEU E 138 84.71 -72.35 33.43
CA LEU E 138 85.99 -72.69 34.06
C LEU E 138 86.66 -73.92 33.45
N ASP E 139 86.60 -74.05 32.13
CA ASP E 139 87.13 -75.20 31.42
C ASP E 139 88.30 -74.83 30.53
N GLY E 140 88.36 -73.57 30.11
CA GLY E 140 89.21 -73.11 29.04
C GLY E 140 88.49 -72.72 27.77
N SER E 141 87.15 -72.67 27.78
CA SER E 141 86.42 -72.24 26.58
C SER E 141 86.69 -70.77 26.28
N GLN E 142 86.68 -69.93 27.31
CA GLN E 142 86.86 -68.51 27.16
C GLN E 142 88.32 -68.08 27.21
N SER E 143 89.24 -68.98 27.55
CA SER E 143 90.65 -68.64 27.62
C SER E 143 91.28 -68.49 26.24
N THR E 144 90.57 -68.86 25.17
CA THR E 144 91.13 -68.79 23.82
C THR E 144 90.89 -67.42 23.20
N ASN E 145 89.64 -66.94 23.23
CA ASN E 145 89.27 -65.66 22.64
C ASN E 145 88.71 -64.69 23.67
N GLY E 146 87.77 -65.12 24.49
CA GLY E 146 87.26 -64.33 25.60
C GLY E 146 85.82 -63.91 25.38
N LEU E 147 85.17 -63.57 26.49
CA LEU E 147 83.79 -63.07 26.49
C LEU E 147 83.79 -61.56 26.30
N THR E 148 82.97 -61.09 25.37
CA THR E 148 82.88 -59.68 25.02
C THR E 148 81.53 -59.13 25.45
N PHE E 149 81.55 -58.11 26.29
CA PHE E 149 80.35 -57.44 26.79
C PHE E 149 80.21 -56.08 26.12
N GLN E 150 79.04 -55.84 25.55
CA GLN E 150 78.67 -54.55 24.98
C GLN E 150 78.13 -53.68 26.11
N ILE E 151 78.90 -52.67 26.50
CA ILE E 151 78.56 -51.80 27.61
C ILE E 151 78.37 -50.38 27.10
N GLY E 152 77.88 -50.25 25.87
CA GLY E 152 77.68 -48.96 25.28
C GLY E 152 76.70 -49.04 24.13
N ALA E 153 76.09 -47.90 23.81
CA ALA E 153 75.09 -47.85 22.75
C ALA E 153 75.71 -48.10 21.38
N ASN E 154 76.86 -47.51 21.12
CA ASN E 154 77.47 -47.54 19.81
C ASN E 154 78.37 -48.76 19.63
N ALA E 155 78.87 -48.94 18.41
CA ALA E 155 79.75 -50.04 18.09
C ALA E 155 81.16 -49.77 18.59
N GLY E 156 81.81 -50.84 19.05
CA GLY E 156 83.15 -50.76 19.60
C GLY E 156 83.24 -50.45 21.07
N GLN E 157 82.11 -50.06 21.70
CA GLN E 157 82.09 -49.75 23.13
C GLN E 157 81.91 -51.05 23.91
N THR E 158 82.98 -51.86 23.89
CA THR E 158 82.97 -53.21 24.42
C THR E 158 84.07 -53.39 25.45
N ILE E 159 83.99 -54.50 26.18
CA ILE E 159 85.09 -54.95 27.03
C ILE E 159 85.26 -56.45 26.85
N THR E 160 86.50 -56.89 26.68
CA THR E 160 86.83 -58.30 26.57
C THR E 160 87.30 -58.84 27.92
N MET E 161 87.06 -60.12 28.14
CA MET E 161 87.37 -60.78 29.40
C MET E 161 87.82 -62.20 29.09
N LYS E 162 88.63 -62.76 29.97
CA LYS E 162 89.16 -64.10 29.82
C LYS E 162 89.20 -64.79 31.16
N ILE E 163 88.89 -66.09 31.15
CA ILE E 163 88.94 -66.93 32.35
C ILE E 163 89.76 -68.16 32.01
N SER E 164 90.69 -68.49 32.90
CA SER E 164 91.64 -69.58 32.67
C SER E 164 91.05 -70.91 33.10
N THR E 165 91.68 -71.99 32.64
CA THR E 165 91.31 -73.32 33.10
C THR E 165 91.71 -73.48 34.56
N MET E 166 90.76 -73.93 35.38
CA MET E 166 90.89 -74.07 36.82
C MET E 166 90.66 -75.52 37.25
N SER E 167 91.18 -76.46 36.48
CA SER E 167 91.16 -77.87 36.83
C SER E 167 92.39 -78.26 37.65
N ALA E 168 92.38 -79.50 38.13
CA ALA E 168 93.49 -79.97 38.95
C ALA E 168 94.76 -80.17 38.13
N THR E 169 94.63 -80.54 36.85
CA THR E 169 95.80 -80.74 36.02
C THR E 169 96.56 -79.43 35.79
N LYS E 170 95.82 -78.34 35.56
CA LYS E 170 96.47 -77.07 35.26
C LYS E 170 97.22 -76.53 36.46
N LEU E 171 96.71 -76.78 37.67
CA LEU E 171 97.28 -76.24 38.89
C LEU E 171 98.29 -77.17 39.56
N GLY E 172 98.65 -78.28 38.94
CA GLY E 172 99.67 -79.16 39.48
C GLY E 172 99.31 -79.78 40.80
N VAL E 173 98.03 -80.09 41.00
CA VAL E 173 97.53 -80.71 42.23
C VAL E 173 96.78 -82.00 41.96
N ASP E 174 96.61 -82.41 40.71
CA ASP E 174 96.03 -83.69 40.38
C ASP E 174 96.81 -84.84 41.01
N ALA E 175 96.15 -86.01 41.08
CA ALA E 175 96.71 -87.15 41.81
C ALA E 175 98.03 -87.65 41.21
N ALA E 176 98.31 -87.35 39.95
CA ALA E 176 99.57 -87.76 39.35
C ALA E 176 100.78 -87.03 39.92
N LYS E 177 100.57 -85.91 40.64
CA LYS E 177 101.66 -85.12 41.18
C LYS E 177 101.41 -84.63 42.61
N ALA E 178 100.33 -85.07 43.27
CA ALA E 178 99.99 -84.59 44.60
C ALA E 178 99.47 -85.70 45.51
N SER E 179 99.94 -86.92 45.33
CA SER E 179 99.56 -87.99 46.25
C SER E 179 100.13 -87.72 47.63
N ILE E 180 99.49 -88.30 48.64
CA ILE E 180 99.99 -88.27 50.01
C ILE E 180 100.11 -89.70 50.53
N SER E 181 100.35 -90.64 49.62
CA SER E 181 100.67 -92.01 50.03
C SER E 181 101.87 -92.05 50.96
N LYS E 182 102.94 -91.32 50.61
CA LYS E 182 104.18 -91.36 51.35
C LYS E 182 104.24 -90.16 52.31
N GLY E 183 105.34 -90.06 53.04
CA GLY E 183 105.65 -88.86 53.79
C GLY E 183 106.31 -87.82 52.92
N THR E 184 107.11 -88.27 51.95
CA THR E 184 107.81 -87.34 51.07
C THR E 184 106.83 -86.60 50.16
N ALA E 185 105.84 -87.31 49.62
CA ALA E 185 104.93 -86.71 48.67
C ALA E 185 104.07 -85.62 49.30
N ALA E 186 103.75 -85.75 50.59
CA ALA E 186 103.00 -84.71 51.28
C ALA E 186 103.80 -83.41 51.37
N SER E 187 105.12 -83.50 51.48
CA SER E 187 105.98 -82.32 51.46
C SER E 187 105.75 -81.49 50.21
N LYS E 188 105.81 -82.14 49.05
CA LYS E 188 105.55 -81.43 47.80
C LYS E 188 104.09 -81.02 47.68
N ALA E 189 103.18 -81.84 48.23
CA ALA E 189 101.75 -81.55 48.12
C ALA E 189 101.39 -80.26 48.83
N ILE E 190 102.03 -79.99 49.97
CA ILE E 190 101.74 -78.76 50.71
C ILE E 190 102.06 -77.53 49.86
N LYS E 191 103.27 -77.51 49.29
CA LYS E 191 103.67 -76.39 48.43
C LYS E 191 102.80 -76.29 47.20
N SER E 192 102.45 -77.44 46.62
CA SER E 192 101.60 -77.47 45.43
C SER E 192 100.22 -76.87 45.75
N ILE E 193 99.67 -77.20 46.92
CA ILE E 193 98.37 -76.68 47.32
C ILE E 193 98.45 -75.18 47.59
N ASP E 194 99.55 -74.72 48.19
CA ASP E 194 99.73 -73.29 48.41
C ASP E 194 99.76 -72.53 47.08
N ASP E 195 100.51 -73.05 46.11
CA ASP E 195 100.57 -72.41 44.80
C ASP E 195 99.19 -72.36 44.16
N ALA E 196 98.41 -73.45 44.29
CA ALA E 196 97.08 -73.48 43.72
C ALA E 196 96.16 -72.45 44.38
N ILE E 197 96.23 -72.34 45.72
CA ILE E 197 95.42 -71.36 46.43
C ILE E 197 95.75 -69.95 45.96
N ASN E 198 97.04 -69.64 45.82
CA ASN E 198 97.43 -68.31 45.36
C ASN E 198 96.92 -68.04 43.95
N THR E 199 97.02 -69.04 43.06
CA THR E 199 96.57 -68.85 41.69
C THR E 199 95.07 -68.59 41.63
N VAL E 200 94.28 -69.35 42.39
CA VAL E 200 92.83 -69.16 42.31
C VAL E 200 92.42 -67.85 42.98
N SER E 201 93.17 -67.41 44.00
CA SER E 201 92.94 -66.08 44.56
C SER E 201 93.20 -65.00 43.51
N LYS E 202 94.26 -65.16 42.73
CA LYS E 202 94.57 -64.22 41.65
C LYS E 202 93.41 -64.15 40.65
N THR E 203 92.90 -65.31 40.25
CA THR E 203 91.80 -65.33 39.29
C THR E 203 90.54 -64.67 39.86
N ARG E 204 90.23 -64.94 41.14
CA ARG E 204 89.09 -64.30 41.77
C ARG E 204 89.23 -62.78 41.81
N SER E 205 90.44 -62.30 42.11
CA SER E 205 90.70 -60.87 42.07
C SER E 205 90.44 -60.30 40.68
N ALA E 206 90.92 -61.01 39.65
CA ALA E 206 90.73 -60.56 38.28
C ALA E 206 89.24 -60.44 37.93
N LEU E 207 88.42 -61.35 38.45
CA LEU E 207 86.98 -61.28 38.20
C LEU E 207 86.34 -60.11 38.95
N GLY E 208 86.69 -59.95 40.23
CA GLY E 208 86.10 -58.92 41.04
C GLY E 208 86.41 -57.51 40.53
N ALA E 209 87.59 -57.34 39.95
CA ALA E 209 87.94 -56.04 39.37
C ALA E 209 86.96 -55.65 38.27
N VAL E 210 86.64 -56.60 37.37
CA VAL E 210 85.73 -56.32 36.28
C VAL E 210 84.33 -56.07 36.82
N GLN E 211 83.94 -56.79 37.88
CA GLN E 211 82.65 -56.53 38.51
C GLN E 211 82.56 -55.08 39.01
N ASN E 212 83.58 -54.65 39.76
CA ASN E 212 83.59 -53.30 40.29
C ASN E 212 83.60 -52.26 39.18
N ARG E 213 84.29 -52.54 38.07
CA ARG E 213 84.25 -51.64 36.93
C ARG E 213 82.83 -51.53 36.36
N LEU E 214 82.16 -52.67 36.21
CA LEU E 214 80.83 -52.66 35.60
C LEU E 214 79.83 -51.91 36.45
N GLU E 215 80.02 -51.90 37.77
CA GLU E 215 79.13 -51.11 38.63
C GLU E 215 79.19 -49.62 38.28
N HIS E 216 80.41 -49.07 38.24
CA HIS E 216 80.60 -47.68 37.86
C HIS E 216 80.06 -47.42 36.45
N THR E 217 80.28 -48.37 35.54
CA THR E 217 79.73 -48.24 34.19
C THR E 217 78.22 -48.10 34.20
N ILE E 218 77.55 -48.91 35.03
CA ILE E 218 76.09 -48.86 35.11
C ILE E 218 75.64 -47.51 35.63
N ASN E 219 76.32 -46.99 36.66
CA ASN E 219 75.98 -45.67 37.20
C ASN E 219 76.09 -44.59 36.12
N ASN E 220 77.20 -44.60 35.38
CA ASN E 220 77.40 -43.61 34.33
C ASN E 220 76.35 -43.73 33.24
N LEU E 221 76.00 -44.97 32.87
CA LEU E 221 74.98 -45.17 31.84
C LEU E 221 73.63 -44.62 32.29
N GLY E 222 73.26 -44.88 33.54
CA GLY E 222 72.00 -44.34 34.05
C GLY E 222 71.97 -42.83 34.03
N THR E 223 73.05 -42.19 34.48
CA THR E 223 73.11 -40.73 34.47
C THR E 223 72.98 -40.18 33.05
N SER E 224 73.73 -40.76 32.11
CA SER E 224 73.69 -40.29 30.73
C SER E 224 72.32 -40.49 30.11
N ALA E 225 71.68 -41.61 30.41
CA ALA E 225 70.35 -41.88 29.87
C ALA E 225 69.34 -40.87 30.40
N GLU E 226 69.38 -40.57 31.69
CA GLU E 226 68.47 -39.56 32.23
C GLU E 226 68.69 -38.19 31.59
N ASN E 227 69.96 -37.79 31.44
CA ASN E 227 70.24 -36.48 30.86
C ASN E 227 69.76 -36.39 29.42
N LEU E 228 70.04 -37.41 28.61
CA LEU E 228 69.59 -37.40 27.22
C LEU E 228 68.08 -37.50 27.13
N THR E 229 67.44 -38.20 28.07
CA THR E 229 65.98 -38.24 28.09
C THR E 229 65.41 -36.85 28.34
N ALA E 230 66.00 -36.12 29.29
CA ALA E 230 65.58 -34.74 29.53
C ALA E 230 65.75 -33.88 28.29
N ALA E 231 66.90 -34.01 27.62
CA ALA E 231 67.15 -33.23 26.40
C ALA E 231 66.12 -33.56 25.32
N GLU E 232 65.87 -34.85 25.09
CA GLU E 232 64.92 -35.24 24.05
C GLU E 232 63.51 -34.78 24.38
N SER E 233 63.14 -34.84 25.66
CA SER E 233 61.84 -34.34 26.09
C SER E 233 61.70 -32.85 25.79
N ARG E 234 62.73 -32.07 26.15
CA ARG E 234 62.67 -30.64 25.91
C ARG E 234 62.64 -30.32 24.42
N ILE E 235 63.27 -31.15 23.60
CA ILE E 235 63.28 -30.91 22.16
C ILE E 235 61.91 -31.22 21.55
N ARG E 236 61.42 -32.45 21.76
CA ARG E 236 60.29 -32.95 21.01
C ARG E 236 58.95 -32.82 21.72
N ASP E 237 58.89 -33.09 23.02
CA ASP E 237 57.61 -33.01 23.71
C ASP E 237 57.13 -31.56 23.80
N THR E 238 55.83 -31.41 23.98
CA THR E 238 55.17 -30.11 23.97
C THR E 238 54.67 -29.76 25.37
N ASP E 239 54.67 -28.45 25.66
CA ASP E 239 54.09 -27.95 26.90
C ASP E 239 52.58 -27.81 26.73
N MET E 240 51.83 -28.43 27.64
CA MET E 240 50.38 -28.46 27.51
C MET E 240 49.78 -27.06 27.64
N ALA E 241 50.33 -26.24 28.51
CA ALA E 241 49.74 -24.95 28.81
C ALA E 241 49.79 -24.02 27.61
N ALA E 242 50.94 -23.95 26.93
CA ALA E 242 51.07 -23.07 25.78
C ALA E 242 50.14 -23.47 24.65
N GLU E 243 50.04 -24.77 24.38
CA GLU E 243 49.16 -25.23 23.32
C GLU E 243 47.70 -25.02 23.70
N MET E 244 47.36 -25.16 24.98
CA MET E 244 46.01 -24.85 25.42
C MET E 244 45.67 -23.38 25.19
N MET E 245 46.61 -22.49 25.54
CA MET E 245 46.45 -21.07 25.27
C MET E 245 46.20 -20.81 23.79
N ALA E 246 47.06 -21.37 22.94
CA ALA E 246 46.94 -21.14 21.50
C ALA E 246 45.62 -21.68 20.96
N PHE E 247 45.19 -22.84 21.46
CA PHE E 247 43.96 -23.45 20.98
C PHE E 247 42.74 -22.61 21.36
N THR E 248 42.70 -22.13 22.60
CA THR E 248 41.60 -21.26 23.03
C THR E 248 41.58 -19.98 22.20
N LYS E 249 42.76 -19.37 21.99
CA LYS E 249 42.86 -18.18 21.17
C LYS E 249 42.32 -18.41 19.77
N ASN E 250 42.73 -19.52 19.14
CA ASN E 250 42.29 -19.80 17.78
C ASN E 250 40.79 -20.09 17.71
N ASN E 251 40.23 -20.74 18.74
CA ASN E 251 38.79 -20.94 18.77
C ASN E 251 38.04 -19.62 18.84
N ILE E 252 38.51 -18.71 19.71
CA ILE E 252 37.87 -17.41 19.83
C ILE E 252 37.93 -16.65 18.52
N LEU E 253 39.08 -16.73 17.83
CA LEU E 253 39.22 -16.07 16.54
C LEU E 253 38.29 -16.70 15.50
N THR E 254 38.14 -18.03 15.54
CA THR E 254 37.23 -18.71 14.63
C THR E 254 35.80 -18.23 14.83
N GLN E 255 35.37 -18.13 16.09
CA GLN E 255 34.02 -17.65 16.37
C GLN E 255 33.83 -16.21 15.89
N ALA E 256 34.83 -15.36 16.12
CA ALA E 256 34.75 -13.97 15.66
C ALA E 256 34.61 -13.92 14.14
N ALA E 257 35.41 -14.70 13.42
CA ALA E 257 35.32 -14.71 11.96
C ALA E 257 33.98 -15.25 11.49
N GLN E 258 33.44 -16.24 12.20
CA GLN E 258 32.11 -16.76 11.86
C GLN E 258 31.05 -15.67 11.94
N SER E 259 31.04 -14.94 13.07
CA SER E 259 30.08 -13.85 13.23
C SER E 259 30.29 -12.77 12.17
N MET E 260 31.54 -12.44 11.88
CA MET E 260 31.82 -11.41 10.88
C MET E 260 31.32 -11.83 9.51
N LEU E 261 31.46 -13.11 9.18
CA LEU E 261 30.99 -13.59 7.88
C LEU E 261 29.46 -13.59 7.83
N ALA E 262 28.81 -13.96 8.94
CA ALA E 262 27.36 -13.90 9.00
C ALA E 262 26.87 -12.47 8.78
N GLN E 263 27.61 -11.49 9.29
CA GLN E 263 27.25 -10.08 9.05
C GLN E 263 27.50 -9.69 7.60
N ALA E 264 28.68 -10.05 7.07
CA ALA E 264 29.05 -9.65 5.72
C ALA E 264 28.11 -10.23 4.68
N ASN E 265 27.55 -11.42 4.93
CA ASN E 265 26.59 -11.98 4.00
C ASN E 265 25.29 -11.18 3.98
N GLN E 266 24.90 -10.60 5.11
CA GLN E 266 23.70 -9.78 5.18
C GLN E 266 23.93 -8.35 4.71
N GLN E 267 25.18 -7.88 4.68
CA GLN E 267 25.46 -6.50 4.29
C GLN E 267 24.91 -6.13 2.92
N PRO E 268 25.10 -6.91 1.85
CA PRO E 268 24.54 -6.48 0.54
C PRO E 268 23.05 -6.78 0.37
N GLN E 269 22.23 -5.87 0.89
CA GLN E 269 20.78 -5.93 0.73
C GLN E 269 20.31 -4.52 0.34
N GLY E 270 20.30 -4.26 -0.97
CA GLY E 270 19.82 -3.02 -1.53
C GLY E 270 18.60 -3.26 -2.39
N VAL E 271 17.77 -4.22 -1.99
CA VAL E 271 16.56 -4.52 -2.75
C VAL E 271 15.52 -3.41 -2.60
N LEU E 272 15.60 -2.62 -1.51
CA LEU E 272 14.65 -1.53 -1.33
C LEU E 272 14.89 -0.38 -2.30
N GLN E 273 16.00 -0.35 -3.03
CA GLN E 273 16.11 0.59 -4.14
C GLN E 273 15.03 0.32 -5.17
N LEU E 274 14.89 -0.95 -5.56
CA LEU E 274 14.09 -1.31 -6.71
C LEU E 274 12.61 -1.27 -6.39
N LEU E 275 12.18 -2.13 -5.46
CA LEU E 275 10.77 -2.25 -5.10
C LEU E 275 10.41 -1.23 -4.03
N GLN E 276 9.16 -1.30 -3.57
CA GLN E 276 8.73 -0.40 -2.50
C GLN E 276 7.40 -0.90 -1.92
N MET F 1 7.87 -26.78 -13.77
CA MET F 1 8.91 -25.77 -13.83
C MET F 1 8.99 -24.65 -12.77
N ARG F 2 7.84 -24.11 -12.33
CA ARG F 2 7.82 -22.97 -11.42
C ARG F 2 7.10 -23.27 -10.11
N ILE F 3 5.86 -23.77 -10.16
CA ILE F 3 4.97 -23.78 -9.00
C ILE F 3 4.63 -25.21 -8.60
N GLN F 4 4.04 -25.96 -9.53
CA GLN F 4 3.44 -27.25 -9.23
C GLN F 4 4.44 -28.25 -8.65
N HIS F 5 5.73 -28.09 -8.92
CA HIS F 5 6.76 -28.99 -8.43
C HIS F 5 7.98 -28.18 -8.02
N ASN F 6 8.57 -28.54 -6.87
CA ASN F 6 9.72 -27.86 -6.30
C ASN F 6 10.80 -28.91 -5.99
N ILE F 7 11.70 -29.13 -6.95
CA ILE F 7 12.54 -30.32 -6.91
C ILE F 7 13.65 -30.18 -5.86
N ALA F 8 14.11 -28.95 -5.60
CA ALA F 8 15.13 -28.73 -4.58
C ALA F 8 14.64 -29.22 -3.21
N ALA F 9 13.38 -28.92 -2.90
CA ALA F 9 12.82 -29.36 -1.62
C ALA F 9 12.72 -30.88 -1.54
N LEU F 10 12.42 -31.54 -2.67
CA LEU F 10 12.40 -33.00 -2.70
C LEU F 10 13.77 -33.58 -2.39
N ASN F 11 14.81 -33.05 -3.05
CA ASN F 11 16.17 -33.52 -2.79
C ASN F 11 16.56 -33.29 -1.33
N THR F 12 16.22 -32.12 -0.80
CA THR F 12 16.52 -31.81 0.59
C THR F 12 15.81 -32.77 1.54
N HIS F 13 14.56 -33.12 1.22
CA HIS F 13 13.80 -34.06 2.03
C HIS F 13 14.45 -35.44 2.02
N ARG F 14 14.88 -35.90 0.84
CA ARG F 14 15.60 -37.16 0.73
C ARG F 14 16.82 -37.19 1.64
N ASN F 15 17.67 -36.17 1.51
CA ASN F 15 18.90 -36.13 2.30
C ASN F 15 18.60 -36.06 3.79
N LEU F 16 17.57 -35.30 4.17
CA LEU F 16 17.17 -35.21 5.57
C LEU F 16 16.75 -36.56 6.12
N ALA F 17 15.94 -37.29 5.36
CA ALA F 17 15.51 -38.62 5.77
C ALA F 17 16.70 -39.55 5.95
N ALA F 18 17.65 -39.51 5.01
CA ALA F 18 18.84 -40.34 5.11
C ALA F 18 19.64 -40.03 6.36
N ASN F 19 19.85 -38.74 6.65
CA ASN F 19 20.60 -38.35 7.84
C ASN F 19 19.91 -38.80 9.11
N ASN F 20 18.58 -38.64 9.17
CA ASN F 20 17.83 -39.10 10.33
C ASN F 20 17.98 -40.60 10.52
N ALA F 21 17.91 -41.38 9.44
CA ALA F 21 18.07 -42.82 9.54
C ALA F 21 19.46 -43.18 10.07
N ALA F 22 20.50 -42.53 9.57
CA ALA F 22 21.85 -42.82 10.04
C ALA F 22 22.00 -42.49 11.52
N ALA F 23 21.46 -41.35 11.94
CA ALA F 23 21.52 -40.98 13.35
C ALA F 23 20.79 -41.99 14.23
N SER F 24 19.65 -42.50 13.74
CA SER F 24 18.91 -43.51 14.50
C SER F 24 19.73 -44.80 14.64
N LYS F 25 20.40 -45.22 13.56
CA LYS F 25 21.27 -46.39 13.64
C LYS F 25 22.37 -46.18 14.66
N ASN F 26 22.98 -45.00 14.68
CA ASN F 26 24.03 -44.72 15.65
C ASN F 26 23.49 -44.75 17.08
N LEU F 27 22.29 -44.22 17.28
CA LEU F 27 21.65 -44.28 18.60
C LEU F 27 21.45 -45.73 19.04
N GLU F 28 20.99 -46.57 18.11
CA GLU F 28 20.82 -47.99 18.41
C GLU F 28 22.15 -48.62 18.85
N LYS F 29 23.21 -48.35 18.09
CA LYS F 29 24.51 -48.93 18.43
C LYS F 29 25.05 -48.42 19.76
N LEU F 30 24.73 -47.18 20.11
CA LEU F 30 25.24 -46.62 21.36
C LEU F 30 24.44 -47.13 22.56
N SER F 31 23.12 -47.23 22.44
CA SER F 31 22.31 -47.73 23.54
C SER F 31 22.54 -49.21 23.78
N SER F 32 22.64 -49.99 22.69
CA SER F 32 22.81 -51.43 22.83
C SER F 32 24.19 -51.77 23.38
N GLY F 33 25.19 -51.00 23.01
CA GLY F 33 26.56 -51.34 23.34
C GLY F 33 27.21 -52.34 22.41
N PHE F 34 26.50 -52.83 21.39
CA PHE F 34 27.01 -53.78 20.43
C PHE F 34 27.00 -53.17 19.04
N LYS F 35 28.02 -53.50 18.25
CA LYS F 35 28.15 -52.99 16.89
C LYS F 35 27.30 -53.77 15.90
N ILE F 36 26.90 -55.00 16.24
CA ILE F 36 26.16 -55.88 15.34
C ILE F 36 24.91 -56.31 16.09
N ASN F 37 23.79 -55.65 15.82
CA ASN F 37 22.49 -56.01 16.37
C ASN F 37 21.62 -56.78 15.39
N ARG F 38 21.91 -56.69 14.09
CA ARG F 38 21.21 -57.42 13.06
C ARG F 38 22.24 -58.07 12.14
N ALA F 39 21.77 -59.02 11.32
CA ALA F 39 22.66 -59.64 10.35
C ALA F 39 22.95 -58.71 9.18
N GLY F 40 22.07 -57.75 8.90
CA GLY F 40 22.36 -56.76 7.88
C GLY F 40 23.56 -55.89 8.22
N ASP F 41 23.83 -55.71 9.52
CA ASP F 41 25.02 -54.99 9.94
C ASP F 41 26.28 -55.68 9.43
N ASP F 42 26.40 -56.97 9.68
CA ASP F 42 27.58 -57.72 9.27
C ASP F 42 27.27 -59.20 9.35
N ALA F 43 27.30 -59.89 8.21
CA ALA F 43 26.97 -61.30 8.16
C ALA F 43 28.12 -62.17 8.69
N ALA F 44 29.31 -62.00 8.11
CA ALA F 44 30.50 -62.71 8.59
C ALA F 44 31.08 -61.97 9.79
N GLY F 45 30.80 -62.49 10.97
CA GLY F 45 31.11 -61.81 12.21
C GLY F 45 30.00 -62.05 13.21
N LEU F 46 28.75 -62.08 12.75
CA LEU F 46 27.67 -62.57 13.60
C LEU F 46 27.88 -64.04 13.93
N ALA F 47 28.11 -64.86 12.90
CA ALA F 47 28.38 -66.28 13.11
C ALA F 47 29.61 -66.48 13.99
N ILE F 48 30.67 -65.72 13.71
CA ILE F 48 31.91 -65.85 14.49
C ILE F 48 31.66 -65.49 15.94
N SER F 49 30.88 -64.43 16.18
CA SER F 49 30.56 -64.01 17.54
C SER F 49 29.75 -65.08 18.26
N GLU F 50 28.80 -65.70 17.58
CA GLU F 50 27.99 -66.74 18.22
C GLU F 50 28.82 -67.96 18.57
N LYS F 51 29.67 -68.41 17.63
CA LYS F 51 30.55 -69.54 17.93
C LYS F 51 31.50 -69.22 19.07
N MET F 52 32.03 -67.99 19.10
CA MET F 52 32.96 -67.61 20.16
C MET F 52 32.25 -67.54 21.51
N ARG F 53 31.00 -67.07 21.52
CA ARG F 53 30.23 -67.05 22.75
C ARG F 53 29.99 -68.47 23.26
N GLY F 54 29.64 -69.38 22.35
CA GLY F 54 29.49 -70.77 22.73
C GLY F 54 30.76 -71.34 23.33
N GLN F 55 31.90 -71.06 22.69
CA GLN F 55 33.17 -71.56 23.20
C GLN F 55 33.52 -70.96 24.56
N ILE F 56 33.22 -69.68 24.75
CA ILE F 56 33.52 -69.04 26.03
C ILE F 56 32.69 -69.68 27.15
N SER F 57 31.39 -69.84 26.91
CA SER F 57 30.53 -70.47 27.91
C SER F 57 31.00 -71.89 28.21
N GLY F 58 31.35 -72.65 27.16
CA GLY F 58 31.83 -74.00 27.36
C GLY F 58 33.12 -74.05 28.15
N LEU F 59 34.03 -73.11 27.88
CA LEU F 59 35.31 -73.11 28.58
C LEU F 59 35.14 -72.76 30.06
N ASN F 60 34.28 -71.78 30.35
CA ASN F 60 34.03 -71.43 31.75
C ASN F 60 33.37 -72.59 32.49
N MET F 61 32.38 -73.23 31.86
CA MET F 61 31.74 -74.37 32.48
C MET F 61 32.71 -75.53 32.66
N ALA F 62 33.66 -75.70 31.74
CA ALA F 62 34.66 -76.74 31.87
C ALA F 62 35.62 -76.45 33.02
N SER F 63 35.95 -75.17 33.21
CA SER F 63 36.73 -74.78 34.39
C SER F 63 36.00 -75.15 35.67
N LYS F 64 34.70 -74.84 35.73
CA LYS F 64 33.88 -75.20 36.89
C LYS F 64 33.90 -76.71 37.12
N ASN F 65 33.73 -77.49 36.04
CA ASN F 65 33.71 -78.94 36.14
C ASN F 65 35.06 -79.48 36.62
N SER F 66 36.15 -78.90 36.15
CA SER F 66 37.48 -79.33 36.57
C SER F 66 37.69 -79.07 38.05
N SER F 67 37.21 -77.93 38.54
CA SER F 67 37.30 -77.65 39.96
C SER F 67 36.47 -78.66 40.77
N ASP F 68 35.29 -79.01 40.27
CA ASP F 68 34.47 -80.03 40.93
C ASP F 68 35.21 -81.36 41.03
N ALA F 69 35.86 -81.76 39.93
CA ALA F 69 36.64 -82.99 39.93
C ALA F 69 37.78 -82.92 40.94
N ILE F 70 38.43 -81.76 41.05
CA ILE F 70 39.49 -81.60 42.03
C ILE F 70 38.94 -81.80 43.44
N SER F 71 37.75 -81.28 43.70
CA SER F 71 37.13 -81.45 45.01
C SER F 71 36.88 -82.93 45.32
N LEU F 72 36.32 -83.65 44.34
CA LEU F 72 36.10 -85.09 44.48
C LEU F 72 37.40 -85.83 44.80
N ILE F 73 38.46 -85.53 44.05
CA ILE F 73 39.73 -86.23 44.24
C ILE F 73 40.29 -85.92 45.62
N GLN F 74 40.18 -84.66 46.06
CA GLN F 74 40.64 -84.31 47.40
C GLN F 74 39.88 -85.09 48.46
N THR F 75 38.59 -85.31 48.24
CA THR F 75 37.81 -86.13 49.18
C THR F 75 38.39 -87.53 49.28
N ALA F 76 38.65 -88.16 48.13
CA ALA F 76 39.18 -89.52 48.15
C ALA F 76 40.56 -89.59 48.82
N GLU F 77 41.44 -88.63 48.51
CA GLU F 77 42.77 -88.64 49.13
C GLU F 77 42.67 -88.46 50.64
N GLY F 78 41.81 -87.56 51.10
CA GLY F 78 41.59 -87.42 52.53
C GLY F 78 41.06 -88.69 53.17
N GLY F 79 40.23 -89.42 52.43
CA GLY F 79 39.79 -90.71 52.93
C GLY F 79 40.94 -91.70 53.10
N LEU F 80 41.88 -91.71 52.15
CA LEU F 80 42.97 -92.68 52.20
C LEU F 80 44.08 -92.31 53.18
N ASN F 81 44.17 -91.04 53.60
CA ASN F 81 45.16 -90.66 54.61
C ASN F 81 44.95 -91.44 55.92
N GLU F 82 43.69 -91.57 56.34
CA GLU F 82 43.42 -92.30 57.58
C GLU F 82 43.66 -93.80 57.40
N THR F 83 43.46 -94.31 56.18
CA THR F 83 43.87 -95.68 55.88
C THR F 83 45.35 -95.87 56.14
N HIS F 84 46.18 -94.95 55.62
CA HIS F 84 47.61 -94.99 55.92
C HIS F 84 47.88 -95.02 57.42
N ALA F 85 47.23 -94.12 58.16
CA ALA F 85 47.48 -94.00 59.59
C ALA F 85 47.17 -95.30 60.33
N ILE F 86 45.96 -95.84 60.12
CA ILE F 86 45.58 -97.03 60.87
C ILE F 86 46.36 -98.24 60.39
N LEU F 87 46.82 -98.25 59.13
CA LEU F 87 47.70 -99.33 58.70
C LEU F 87 49.03 -99.29 59.44
N GLN F 88 49.58 -98.09 59.63
CA GLN F 88 50.79 -97.95 60.44
C GLN F 88 50.56 -98.48 61.85
N ARG F 89 49.42 -98.11 62.45
CA ARG F 89 49.12 -98.58 63.79
C ARG F 89 49.00 -100.10 63.84
N MET F 90 48.37 -100.70 62.83
CA MET F 90 48.22 -102.15 62.76
C MET F 90 49.57 -102.84 62.63
N ARG F 91 50.47 -102.28 61.82
CA ARG F 91 51.80 -102.84 61.71
C ARG F 91 52.54 -102.79 63.05
N GLU F 92 52.42 -101.67 63.76
CA GLU F 92 53.03 -101.56 65.08
C GLU F 92 52.48 -102.62 66.02
N LEU F 93 51.16 -102.82 66.02
CA LEU F 93 50.51 -103.84 66.83
C LEU F 93 51.01 -105.24 66.48
N ALA F 94 51.17 -105.54 65.19
CA ALA F 94 51.66 -106.86 64.80
C ALA F 94 53.09 -107.08 65.24
N VAL F 95 53.95 -106.06 65.08
CA VAL F 95 55.34 -106.21 65.49
C VAL F 95 55.43 -106.41 67.00
N GLN F 96 54.54 -105.77 67.77
CA GLN F 96 54.51 -106.02 69.21
C GLN F 96 53.97 -107.40 69.55
N SER F 97 52.89 -107.83 68.87
CA SER F 97 52.32 -109.14 69.09
C SER F 97 53.28 -110.27 68.75
N ARG F 98 54.21 -110.03 67.84
CA ARG F 98 55.09 -111.06 67.28
C ARG F 98 56.08 -111.62 68.30
N ASN F 99 56.36 -110.87 69.36
CA ASN F 99 57.34 -111.29 70.37
C ASN F 99 56.76 -112.33 71.30
N ASP F 100 57.64 -113.17 71.86
CA ASP F 100 57.23 -114.28 72.71
C ASP F 100 57.11 -113.91 74.18
N THR F 101 57.31 -112.64 74.54
CA THR F 101 56.96 -112.19 75.87
C THR F 101 55.46 -112.29 76.14
N ASN F 102 54.65 -112.23 75.08
CA ASN F 102 53.21 -112.21 75.22
C ASN F 102 52.67 -113.62 75.30
N ASP F 103 51.67 -113.82 76.17
CA ASP F 103 51.08 -115.12 76.42
C ASP F 103 49.68 -115.21 75.83
N GLU F 104 49.40 -116.30 75.13
CA GLU F 104 48.04 -116.62 74.71
C GLU F 104 47.16 -117.00 75.89
N ALA F 105 47.74 -117.54 76.96
CA ALA F 105 46.97 -118.02 78.09
C ALA F 105 46.29 -116.86 78.82
N THR F 106 47.08 -115.86 79.23
CA THR F 106 46.55 -114.71 79.97
C THR F 106 46.17 -113.56 79.04
N ASN F 107 45.82 -113.85 77.79
CA ASN F 107 45.06 -112.94 76.94
C ASN F 107 45.86 -111.69 76.58
N ASP F 108 47.17 -111.84 76.37
CA ASP F 108 48.02 -110.71 75.97
C ASP F 108 47.79 -110.36 74.51
N ARG F 109 47.76 -111.36 73.63
CA ARG F 109 47.59 -111.12 72.20
C ARG F 109 46.14 -110.92 71.79
N SER F 110 45.17 -111.45 72.55
CA SER F 110 43.78 -111.27 72.19
C SER F 110 43.33 -109.82 72.34
N ASN F 111 43.99 -109.04 73.21
CA ASN F 111 43.68 -107.62 73.28
C ASN F 111 44.23 -106.86 72.07
N LEU F 112 45.43 -107.22 71.61
CA LEU F 112 45.93 -106.62 70.38
C LEU F 112 45.07 -107.05 69.20
N ASN F 113 44.49 -108.25 69.26
CA ASN F 113 43.56 -108.69 68.22
C ASN F 113 42.25 -107.93 68.29
N ASP F 114 41.76 -107.62 69.49
CA ASP F 114 40.63 -106.71 69.64
C ASP F 114 40.89 -105.39 68.93
N GLU F 115 42.05 -104.79 69.22
CA GLU F 115 42.45 -103.54 68.58
C GLU F 115 42.51 -103.69 67.06
N LEU F 116 43.11 -104.78 66.59
CA LEU F 116 43.27 -105.02 65.16
C LEU F 116 41.92 -105.20 64.46
N LYS F 117 41.00 -105.94 65.09
CA LYS F 117 39.67 -106.14 64.51
C LYS F 117 38.92 -104.82 64.41
N GLN F 118 39.02 -103.97 65.44
CA GLN F 118 38.36 -102.68 65.36
C GLN F 118 38.95 -101.82 64.25
N LEU F 119 40.27 -101.86 64.07
CA LEU F 119 40.88 -101.09 63.00
C LEU F 119 40.52 -101.65 61.63
N GLN F 120 40.29 -102.96 61.53
CA GLN F 120 39.83 -103.53 60.26
C GLN F 120 38.39 -103.14 59.96
N GLU F 121 37.54 -103.07 60.98
CA GLU F 121 36.20 -102.55 60.75
C GLU F 121 36.26 -101.10 60.32
N GLU F 122 37.21 -100.32 60.84
CA GLU F 122 37.32 -98.92 60.44
C GLU F 122 37.85 -98.78 59.01
N ILE F 123 38.83 -99.60 58.61
CA ILE F 123 39.34 -99.53 57.24
C ILE F 123 38.26 -99.91 56.24
N THR F 124 37.36 -100.85 56.61
CA THR F 124 36.23 -101.15 55.72
C THR F 124 35.19 -100.02 55.74
N ARG F 125 34.96 -99.42 56.91
CA ARG F 125 33.98 -98.35 57.04
C ARG F 125 34.34 -97.15 56.19
N ILE F 126 35.62 -96.75 56.22
CA ILE F 126 36.04 -95.61 55.40
C ILE F 126 35.82 -95.90 53.93
N SER F 127 36.04 -97.16 53.53
CA SER F 127 35.84 -97.53 52.14
C SER F 127 34.38 -97.34 51.73
N SER F 128 33.46 -98.03 52.41
CA SER F 128 32.06 -98.04 51.98
C SER F 128 31.17 -97.08 52.75
N GLN F 129 31.71 -95.96 53.26
CA GLN F 129 30.90 -94.85 53.76
C GLN F 129 31.47 -93.51 53.30
N MET F 130 32.24 -93.50 52.22
CA MET F 130 32.79 -92.29 51.63
C MET F 130 31.94 -91.90 50.43
N GLU F 131 31.61 -90.63 50.31
CA GLU F 131 30.74 -90.23 49.18
C GLU F 131 30.91 -88.75 48.88
N PHE F 132 30.69 -88.41 47.62
CA PHE F 132 30.69 -87.05 47.11
C PHE F 132 29.44 -86.89 46.27
N ASN F 133 28.47 -86.12 46.77
CA ASN F 133 27.21 -85.88 46.06
C ASN F 133 26.43 -87.19 45.88
N ASN F 134 26.40 -88.00 46.93
CA ASN F 134 25.70 -89.29 46.91
C ASN F 134 26.31 -90.23 45.88
N LYS F 135 27.62 -90.44 45.96
CA LYS F 135 28.36 -91.24 45.00
C LYS F 135 29.46 -91.99 45.74
N LYS F 136 29.27 -93.29 45.92
CA LYS F 136 30.27 -94.11 46.59
C LYS F 136 31.51 -94.21 45.70
N LEU F 137 32.68 -93.91 46.27
CA LEU F 137 33.92 -93.81 45.52
C LEU F 137 34.83 -95.02 45.71
N LEU F 138 35.08 -95.43 46.95
CA LEU F 138 36.10 -96.45 47.28
C LEU F 138 35.50 -97.82 47.52
N ASP F 139 34.51 -98.21 46.71
CA ASP F 139 33.80 -99.47 46.88
C ASP F 139 34.05 -100.41 45.71
N GLY F 140 34.39 -99.85 44.55
CA GLY F 140 34.38 -100.55 43.29
C GLY F 140 33.28 -100.10 42.33
N SER F 141 32.54 -99.04 42.64
CA SER F 141 31.52 -98.55 41.71
C SER F 141 32.16 -98.00 40.45
N GLN F 142 33.24 -97.24 40.59
CA GLN F 142 33.90 -96.61 39.46
C GLN F 142 34.97 -97.48 38.83
N SER F 143 35.31 -98.62 39.45
CA SER F 143 36.33 -99.50 38.90
C SER F 143 35.83 -100.28 37.69
N THR F 144 34.53 -100.23 37.39
CA THR F 144 33.98 -100.98 36.26
C THR F 144 34.06 -100.19 34.97
N ASN F 145 33.58 -98.94 34.98
CA ASN F 145 33.57 -98.07 33.81
C ASN F 145 34.40 -96.81 34.01
N GLY F 146 34.21 -96.11 35.10
CA GLY F 146 35.01 -94.96 35.46
C GLY F 146 34.24 -93.66 35.39
N LEU F 147 34.77 -92.65 36.10
CA LEU F 147 34.20 -91.32 36.12
C LEU F 147 34.79 -90.50 34.96
N THR F 148 33.91 -89.84 34.21
CA THR F 148 34.27 -89.07 33.04
C THR F 148 34.04 -87.59 33.31
N PHE F 149 35.10 -86.80 33.20
CA PHE F 149 35.04 -85.35 33.39
C PHE F 149 35.15 -84.64 32.05
N GLN F 150 34.20 -83.75 31.79
CA GLN F 150 34.21 -82.88 30.62
C GLN F 150 35.05 -81.66 30.94
N ILE F 151 36.24 -81.59 30.33
CA ILE F 151 37.20 -80.52 30.60
C ILE F 151 37.40 -79.70 29.33
N GLY F 152 36.35 -79.59 28.52
CA GLY F 152 36.44 -78.84 27.29
C GLY F 152 35.06 -78.45 26.81
N ALA F 153 35.02 -77.41 25.97
CA ALA F 153 33.77 -76.89 25.47
C ALA F 153 33.08 -77.88 24.54
N ASN F 154 33.85 -78.51 23.65
CA ASN F 154 33.29 -79.36 22.62
C ASN F 154 33.14 -80.81 23.09
N ALA F 155 32.52 -81.61 22.24
CA ALA F 155 32.29 -83.02 22.55
C ALA F 155 33.57 -83.82 22.35
N GLY F 156 33.76 -84.82 23.21
CA GLY F 156 34.94 -85.65 23.18
C GLY F 156 36.11 -85.14 23.98
N GLN F 157 36.08 -83.89 24.43
CA GLN F 157 37.15 -83.30 25.21
C GLN F 157 36.99 -83.70 26.68
N THR F 158 37.21 -84.99 26.93
CA THR F 158 36.93 -85.60 28.22
C THR F 158 38.18 -86.29 28.76
N ILE F 159 38.11 -86.66 30.04
CA ILE F 159 39.09 -87.55 30.64
C ILE F 159 38.37 -88.57 31.49
N THR F 160 38.77 -89.83 31.37
CA THR F 160 38.23 -90.92 32.16
C THR F 160 39.16 -91.23 33.32
N MET F 161 38.56 -91.71 34.41
CA MET F 161 39.28 -91.99 35.64
C MET F 161 38.67 -93.23 36.28
N LYS F 162 39.49 -93.93 37.06
CA LYS F 162 39.05 -95.16 37.72
C LYS F 162 39.66 -95.23 39.11
N ILE F 163 38.88 -95.73 40.06
CA ILE F 163 39.32 -95.91 41.44
C ILE F 163 39.00 -97.34 41.84
N SER F 164 39.97 -98.02 42.43
CA SER F 164 39.85 -99.43 42.75
C SER F 164 39.18 -99.62 44.12
N THR F 165 38.74 -100.85 44.36
CA THR F 165 38.21 -101.19 45.67
C THR F 165 39.35 -101.20 46.69
N MET F 166 39.15 -100.50 47.80
CA MET F 166 40.13 -100.30 48.86
C MET F 166 39.61 -100.82 50.19
N SER F 167 38.95 -101.97 50.16
CA SER F 167 38.52 -102.66 51.37
C SER F 167 39.60 -103.62 51.88
N ALA F 168 39.34 -104.19 53.05
CA ALA F 168 40.31 -105.10 53.65
C ALA F 168 40.41 -106.41 52.89
N THR F 169 39.30 -106.87 52.31
CA THR F 169 39.31 -108.12 51.56
C THR F 169 40.20 -108.01 50.32
N LYS F 170 40.13 -106.88 49.61
CA LYS F 170 40.89 -106.74 48.37
C LYS F 170 42.39 -106.69 48.64
N LEU F 171 42.78 -106.13 49.78
CA LEU F 171 44.19 -105.93 50.11
C LEU F 171 44.79 -107.06 50.93
N GLY F 172 44.06 -108.13 51.17
CA GLY F 172 44.60 -109.29 51.86
C GLY F 172 45.00 -108.99 53.30
N VAL F 173 44.24 -108.12 53.98
CA VAL F 173 44.50 -107.77 55.36
C VAL F 173 43.29 -107.99 56.26
N ASP F 174 42.16 -108.43 55.71
CA ASP F 174 41.00 -108.80 56.50
C ASP F 174 41.34 -109.89 57.52
N ALA F 175 40.48 -110.03 58.53
CA ALA F 175 40.75 -110.91 59.65
C ALA F 175 40.87 -112.37 59.25
N ALA F 176 40.33 -112.77 58.10
CA ALA F 176 40.46 -114.14 57.64
C ALA F 176 41.88 -114.51 57.22
N LYS F 177 42.76 -113.51 57.02
CA LYS F 177 44.12 -113.77 56.58
C LYS F 177 45.16 -112.91 57.29
N ALA F 178 44.78 -112.14 58.32
CA ALA F 178 45.71 -111.24 59.00
C ALA F 178 45.50 -111.22 60.51
N SER F 179 45.08 -112.34 61.10
CA SER F 179 44.99 -112.40 62.54
C SER F 179 46.37 -112.32 63.17
N ILE F 180 46.41 -111.88 64.43
CA ILE F 180 47.63 -111.88 65.23
C ILE F 180 47.38 -112.64 66.52
N SER F 181 46.48 -113.62 66.47
CA SER F 181 46.30 -114.53 67.60
C SER F 181 47.59 -115.24 67.95
N LYS F 182 48.31 -115.74 66.94
CA LYS F 182 49.51 -116.53 67.16
C LYS F 182 50.75 -115.63 67.00
N GLY F 183 51.92 -116.23 67.14
CA GLY F 183 53.16 -115.58 66.77
C GLY F 183 53.44 -115.74 65.29
N THR F 184 53.04 -116.87 64.72
CA THR F 184 53.28 -117.13 63.30
C THR F 184 52.45 -116.20 62.42
N ALA F 185 51.19 -115.97 62.80
CA ALA F 185 50.30 -115.18 61.96
C ALA F 185 50.75 -113.72 61.89
N ALA F 186 51.37 -113.21 62.94
CA ALA F 186 51.88 -111.84 62.91
C ALA F 186 53.00 -111.69 61.88
N SER F 187 53.80 -112.75 61.68
CA SER F 187 54.83 -112.74 60.66
C SER F 187 54.24 -112.43 59.29
N LYS F 188 53.18 -113.15 58.90
CA LYS F 188 52.53 -112.89 57.63
C LYS F 188 51.79 -111.55 57.65
N ALA F 189 51.27 -111.16 58.81
CA ALA F 189 50.50 -109.92 58.91
C ALA F 189 51.36 -108.71 58.63
N ILE F 190 52.63 -108.75 59.06
CA ILE F 190 53.54 -107.63 58.81
C ILE F 190 53.72 -107.41 57.31
N LYS F 191 54.04 -108.48 56.58
CA LYS F 191 54.22 -108.39 55.14
C LYS F 191 52.93 -107.99 54.44
N SER F 192 51.80 -108.53 54.92
CA SER F 192 50.50 -108.20 54.34
C SER F 192 50.20 -106.72 54.50
N ILE F 193 50.52 -106.16 55.67
CA ILE F 193 50.28 -104.74 55.93
C ILE F 193 51.21 -103.88 55.09
N ASP F 194 52.46 -104.31 54.90
CA ASP F 194 53.37 -103.57 54.03
C ASP F 194 52.85 -103.52 52.60
N ASP F 195 52.39 -104.66 52.09
CA ASP F 195 51.84 -104.70 50.74
C ASP F 195 50.63 -103.77 50.62
N ALA F 196 49.77 -103.77 51.64
CA ALA F 196 48.61 -102.89 51.61
C ALA F 196 49.00 -101.41 51.61
N ILE F 197 49.99 -101.04 52.44
CA ILE F 197 50.45 -99.66 52.47
C ILE F 197 50.99 -99.24 51.11
N ASN F 198 51.78 -100.11 50.47
CA ASN F 198 52.32 -99.78 49.15
C ASN F 198 51.19 -99.61 48.13
N THR F 199 50.19 -100.49 48.17
CA THR F 199 49.09 -100.41 47.21
C THR F 199 48.31 -99.11 47.38
N VAL F 200 48.01 -98.72 48.62
CA VAL F 200 47.21 -97.51 48.81
C VAL F 200 48.04 -96.27 48.50
N SER F 201 49.36 -96.32 48.71
CA SER F 201 50.22 -95.24 48.24
C SER F 201 50.17 -95.10 46.73
N LYS F 202 50.19 -96.24 46.02
CA LYS F 202 50.07 -96.22 44.56
C LYS F 202 48.77 -95.56 44.12
N THR F 203 47.66 -95.94 44.76
CA THR F 203 46.38 -95.34 44.40
C THR F 203 46.35 -93.85 44.68
N ARG F 204 46.89 -93.41 45.82
CA ARG F 204 46.97 -91.98 46.11
C ARG F 204 47.77 -91.23 45.07
N SER F 205 48.89 -91.81 44.64
CA SER F 205 49.69 -91.20 43.58
C SER F 205 48.87 -91.06 42.29
N ALA F 206 48.12 -92.10 41.95
CA ALA F 206 47.29 -92.07 40.75
C ALA F 206 46.27 -90.95 40.82
N LEU F 207 45.71 -90.69 42.01
CA LEU F 207 44.75 -89.59 42.14
C LEU F 207 45.44 -88.23 42.03
N GLY F 208 46.57 -88.07 42.73
CA GLY F 208 47.26 -86.79 42.73
C GLY F 208 47.74 -86.38 41.36
N ALA F 209 48.12 -87.35 40.52
CA ALA F 209 48.53 -87.03 39.16
C ALA F 209 47.40 -86.36 38.39
N VAL F 210 46.18 -86.90 38.50
CA VAL F 210 45.04 -86.32 37.79
C VAL F 210 44.72 -84.94 38.35
N GLN F 211 44.88 -84.76 39.66
CA GLN F 211 44.67 -83.44 40.26
C GLN F 211 45.63 -82.41 39.65
N ASN F 212 46.92 -82.76 39.61
CA ASN F 212 47.91 -81.85 39.06
C ASN F 212 47.66 -81.56 37.58
N ARG F 213 47.18 -82.55 36.84
CA ARG F 213 46.81 -82.33 35.44
C ARG F 213 45.66 -81.32 35.35
N LEU F 214 44.64 -81.49 36.18
CA LEU F 214 43.47 -80.62 36.10
C LEU F 214 43.82 -79.17 36.43
N GLU F 215 44.82 -78.96 37.29
CA GLU F 215 45.25 -77.60 37.58
C GLU F 215 45.75 -76.89 36.32
N HIS F 216 46.68 -77.53 35.60
CA HIS F 216 47.18 -76.99 34.34
C HIS F 216 46.04 -76.80 33.34
N THR F 217 45.10 -77.75 33.30
CA THR F 217 43.95 -77.64 32.41
C THR F 217 43.14 -76.38 32.73
N ILE F 218 42.94 -76.08 34.01
CA ILE F 218 42.18 -74.91 34.40
C ILE F 218 42.90 -73.64 33.97
N ASN F 219 44.23 -73.60 34.15
CA ASN F 219 44.99 -72.43 33.72
C ASN F 219 44.84 -72.19 32.21
N ASN F 220 44.98 -73.26 31.42
CA ASN F 220 44.85 -73.14 29.97
C ASN F 220 43.45 -72.68 29.58
N LEU F 221 42.43 -73.22 30.25
CA LEU F 221 41.06 -72.82 29.94
C LEU F 221 40.83 -71.35 30.22
N GLY F 222 41.34 -70.86 31.36
CA GLY F 222 41.21 -69.44 31.67
C GLY F 222 41.87 -68.55 30.63
N THR F 223 43.10 -68.91 30.24
CA THR F 223 43.82 -68.13 29.23
C THR F 223 43.04 -68.10 27.91
N SER F 224 42.57 -69.27 27.46
CA SER F 224 41.85 -69.34 26.20
C SER F 224 40.54 -68.55 26.27
N ALA F 225 39.85 -68.62 27.40
CA ALA F 225 38.60 -67.88 27.54
C ALA F 225 38.84 -66.39 27.48
N GLU F 226 39.88 -65.90 28.15
CA GLU F 226 40.18 -64.47 28.09
C GLU F 226 40.51 -64.04 26.66
N ASN F 227 41.33 -64.82 25.96
CA ASN F 227 41.72 -64.45 24.60
C ASN F 227 40.50 -64.42 23.67
N LEU F 228 39.65 -65.45 23.73
CA LEU F 228 38.47 -65.47 22.89
C LEU F 228 37.48 -64.37 23.28
N THR F 229 37.42 -64.02 24.56
CA THR F 229 36.58 -62.90 24.98
C THR F 229 37.06 -61.59 24.36
N ALA F 230 38.39 -61.39 24.36
CA ALA F 230 38.95 -60.20 23.70
C ALA F 230 38.60 -60.18 22.22
N ALA F 231 38.76 -61.33 21.55
CA ALA F 231 38.44 -61.41 20.12
C ALA F 231 36.97 -61.09 19.86
N GLU F 232 36.07 -61.69 20.64
CA GLU F 232 34.64 -61.46 20.44
C GLU F 232 34.27 -60.01 20.72
N SER F 233 34.90 -59.41 21.73
CA SER F 233 34.66 -58.01 22.03
C SER F 233 35.08 -57.14 20.85
N ARG F 234 36.26 -57.38 20.31
CA ARG F 234 36.73 -56.59 19.18
C ARG F 234 35.87 -56.79 17.95
N ILE F 235 35.29 -57.97 17.78
CA ILE F 235 34.44 -58.23 16.63
C ILE F 235 33.11 -57.50 16.77
N ARG F 236 32.40 -57.78 17.87
CA ARG F 236 30.99 -57.39 17.98
C ARG F 236 30.76 -56.08 18.73
N ASP F 237 31.48 -55.84 19.82
CA ASP F 237 31.26 -54.61 20.57
C ASP F 237 31.71 -53.39 19.78
N THR F 238 31.15 -52.24 20.13
CA THR F 238 31.37 -50.99 19.42
C THR F 238 32.18 -50.02 20.27
N ASP F 239 32.98 -49.20 19.59
CA ASP F 239 33.72 -48.14 20.25
C ASP F 239 32.80 -46.93 20.42
N MET F 240 32.68 -46.45 21.67
CA MET F 240 31.74 -45.38 21.97
C MET F 240 32.13 -44.08 21.27
N ALA F 241 33.44 -43.81 21.17
CA ALA F 241 33.90 -42.53 20.65
C ALA F 241 33.55 -42.36 19.17
N ALA F 242 33.78 -43.41 18.38
CA ALA F 242 33.50 -43.31 16.94
C ALA F 242 32.01 -43.13 16.68
N GLU F 243 31.17 -43.87 17.40
CA GLU F 243 29.73 -43.72 17.22
C GLU F 243 29.24 -42.37 17.70
N MET F 244 29.84 -41.84 18.77
CA MET F 244 29.51 -40.49 19.22
C MET F 244 29.84 -39.46 18.14
N MET F 245 31.04 -39.59 17.55
CA MET F 245 31.42 -38.72 16.43
C MET F 245 30.41 -38.78 15.31
N ALA F 246 30.07 -40.00 14.87
CA ALA F 246 29.14 -40.17 13.76
C ALA F 246 27.77 -39.59 14.09
N PHE F 247 27.31 -39.79 15.33
CA PHE F 247 26.00 -39.30 15.73
C PHE F 247 25.94 -37.78 15.74
N THR F 248 26.97 -37.14 16.29
CA THR F 248 27.04 -35.68 16.26
C THR F 248 27.07 -35.15 14.84
N LYS F 249 27.88 -35.78 13.98
CA LYS F 249 27.95 -35.40 12.57
C LYS F 249 26.56 -35.49 11.91
N ASN F 250 25.87 -36.60 12.11
CA ASN F 250 24.58 -36.80 11.48
C ASN F 250 23.54 -35.82 12.02
N ASN F 251 23.61 -35.48 13.31
CA ASN F 251 22.70 -34.47 13.84
C ASN F 251 22.94 -33.11 13.19
N ILE F 252 24.21 -32.72 13.05
CA ILE F 252 24.53 -31.45 12.42
C ILE F 252 24.02 -31.42 10.98
N LEU F 253 24.19 -32.54 10.27
CA LEU F 253 23.71 -32.62 8.90
C LEU F 253 22.19 -32.55 8.84
N THR F 254 21.50 -33.17 9.80
CA THR F 254 20.05 -33.10 9.88
C THR F 254 19.58 -31.66 10.06
N GLN F 255 20.23 -30.93 10.97
CA GLN F 255 19.87 -29.53 11.19
C GLN F 255 20.11 -28.70 9.93
N ALA F 256 21.23 -28.93 9.25
CA ALA F 256 21.52 -28.21 8.02
C ALA F 256 20.46 -28.47 6.97
N ALA F 257 20.05 -29.73 6.80
CA ALA F 257 19.03 -30.06 5.82
C ALA F 257 17.68 -29.46 6.21
N GLN F 258 17.38 -29.40 7.50
CA GLN F 258 16.14 -28.77 7.96
C GLN F 258 16.11 -27.30 7.56
N SER F 259 17.19 -26.57 7.84
CA SER F 259 17.25 -25.16 7.46
C SER F 259 17.17 -24.99 5.96
N MET F 260 17.85 -25.85 5.20
CA MET F 260 17.82 -25.77 3.74
C MET F 260 16.42 -25.99 3.21
N LEU F 261 15.67 -26.91 3.81
CA LEU F 261 14.30 -27.16 3.37
C LEU F 261 13.40 -26.00 3.73
N ALA F 262 13.58 -25.40 4.91
CA ALA F 262 12.82 -24.22 5.28
C ALA F 262 13.06 -23.09 4.29
N GLN F 263 14.29 -22.96 3.78
CA GLN F 263 14.56 -21.95 2.76
C GLN F 263 13.92 -22.32 1.43
N ALA F 264 14.07 -23.57 1.00
CA ALA F 264 13.56 -24.00 -0.29
C ALA F 264 12.06 -23.88 -0.38
N ASN F 265 11.35 -24.06 0.74
CA ASN F 265 9.90 -23.88 0.73
C ASN F 265 9.51 -22.42 0.51
N GLN F 266 10.33 -21.48 0.99
CA GLN F 266 10.07 -20.07 0.80
C GLN F 266 10.53 -19.55 -0.55
N GLN F 267 11.46 -20.27 -1.21
CA GLN F 267 12.00 -19.80 -2.49
C GLN F 267 10.94 -19.53 -3.54
N PRO F 268 9.96 -20.42 -3.79
CA PRO F 268 8.96 -20.10 -4.84
C PRO F 268 7.86 -19.16 -4.37
N GLN F 269 8.15 -17.85 -4.43
CA GLN F 269 7.18 -16.81 -4.12
C GLN F 269 7.29 -15.76 -5.22
N GLY F 270 6.53 -15.96 -6.30
CA GLY F 270 6.46 -15.02 -7.39
C GLY F 270 5.06 -14.44 -7.52
N VAL F 271 4.40 -14.24 -6.38
CA VAL F 271 3.06 -13.67 -6.39
C VAL F 271 3.09 -12.20 -6.77
N LEU F 272 4.22 -11.51 -6.56
CA LEU F 272 4.31 -10.10 -6.95
C LEU F 272 4.32 -9.89 -8.46
N GLN F 273 4.50 -10.95 -9.26
CA GLN F 273 4.24 -10.79 -10.69
C GLN F 273 2.81 -10.38 -10.94
N LEU F 274 1.88 -11.10 -10.32
CA LEU F 274 0.46 -11.00 -10.66
C LEU F 274 -0.15 -9.73 -10.08
N LEU F 275 -0.17 -9.64 -8.75
CA LEU F 275 -0.80 -8.53 -8.06
C LEU F 275 0.18 -7.37 -7.92
N GLN F 276 -0.24 -6.31 -7.22
CA GLN F 276 0.64 -5.17 -6.99
C GLN F 276 0.03 -4.28 -5.92
N MET G 1 -19.64 -22.52 3.40
CA MET G 1 -18.62 -22.77 2.39
C MET G 1 -17.33 -21.92 2.33
N ARG G 2 -17.43 -20.61 2.57
CA ARG G 2 -16.31 -19.69 2.43
C ARG G 2 -15.97 -18.95 3.71
N ILE G 3 -16.95 -18.28 4.34
CA ILE G 3 -16.68 -17.29 5.38
C ILE G 3 -17.27 -17.72 6.71
N GLN G 4 -18.59 -17.94 6.73
CA GLN G 4 -19.33 -18.12 7.97
C GLN G 4 -18.83 -19.31 8.79
N HIS G 5 -18.20 -20.30 8.16
CA HIS G 5 -17.70 -21.48 8.85
C HIS G 5 -16.34 -21.86 8.27
N ASN G 6 -15.41 -22.21 9.15
CA ASN G 6 -14.04 -22.58 8.77
C ASN G 6 -13.72 -23.92 9.42
N ILE G 7 -13.94 -25.01 8.68
CA ILE G 7 -13.98 -26.34 9.30
C ILE G 7 -12.58 -26.83 9.65
N ALA G 8 -11.58 -26.44 8.87
CA ALA G 8 -10.20 -26.82 9.16
C ALA G 8 -9.78 -26.35 10.54
N ALA G 9 -10.15 -25.12 10.90
CA ALA G 9 -9.81 -24.59 12.21
C ALA G 9 -10.53 -25.36 13.32
N LEU G 10 -11.77 -25.80 13.07
CA LEU G 10 -12.47 -26.61 14.05
C LEU G 10 -11.75 -27.93 14.30
N ASN G 11 -11.36 -28.62 13.22
CA ASN G 11 -10.63 -29.88 13.38
C ASN G 11 -9.31 -29.66 14.12
N THR G 12 -8.60 -28.58 13.78
CA THR G 12 -7.34 -28.27 14.44
C THR G 12 -7.57 -28.01 15.93
N HIS G 13 -8.65 -27.31 16.27
CA HIS G 13 -8.98 -27.03 17.66
C HIS G 13 -9.25 -28.33 18.42
N ARG G 14 -10.03 -29.23 17.81
CA ARG G 14 -10.28 -30.54 18.41
C ARG G 14 -8.98 -31.26 18.74
N ASN G 15 -8.10 -31.38 17.74
CA ASN G 15 -6.85 -32.11 17.94
C ASN G 15 -5.98 -31.44 19.00
N LEU G 16 -5.97 -30.11 19.00
CA LEU G 16 -5.19 -29.36 20.00
C LEU G 16 -5.70 -29.65 21.41
N ALA G 17 -7.01 -29.64 21.59
CA ALA G 17 -7.60 -29.95 22.89
C ALA G 17 -7.24 -31.37 23.33
N ALA G 18 -7.31 -32.32 22.41
CA ALA G 18 -6.95 -33.69 22.75
C ALA G 18 -5.49 -33.81 23.19
N ASN G 19 -4.58 -33.16 22.45
CA ASN G 19 -3.17 -33.21 22.80
C ASN G 19 -2.92 -32.58 24.17
N ASN G 20 -3.57 -31.45 24.44
CA ASN G 20 -3.43 -30.82 25.74
C ASN G 20 -3.91 -31.72 26.86
N ALA G 21 -5.03 -32.40 26.66
CA ALA G 21 -5.55 -33.32 27.67
C ALA G 21 -4.58 -34.46 27.93
N ALA G 22 -4.01 -35.03 26.86
CA ALA G 22 -3.06 -36.13 27.04
C ALA G 22 -1.81 -35.67 27.79
N ALA G 23 -1.31 -34.48 27.46
CA ALA G 23 -0.14 -33.95 28.15
C ALA G 23 -0.44 -33.71 29.63
N SER G 24 -1.66 -33.24 29.94
CA SER G 24 -2.04 -33.04 31.34
C SER G 24 -2.08 -34.37 32.09
N LYS G 25 -2.63 -35.41 31.46
CA LYS G 25 -2.62 -36.74 32.08
C LYS G 25 -1.21 -37.20 32.37
N ASN G 26 -0.29 -37.00 31.41
CA ASN G 26 1.09 -37.40 31.62
C ASN G 26 1.74 -36.62 32.76
N LEU G 27 1.43 -35.32 32.85
CA LEU G 27 1.93 -34.52 33.96
C LEU G 27 1.43 -35.06 35.30
N GLU G 28 0.16 -35.42 35.36
CA GLU G 28 -0.39 -36.02 36.57
C GLU G 28 0.37 -37.28 36.95
N LYS G 29 0.58 -38.16 35.98
CA LYS G 29 1.27 -39.42 36.27
C LYS G 29 2.72 -39.20 36.69
N LEU G 30 3.36 -38.14 36.18
CA LEU G 30 4.75 -37.89 36.53
C LEU G 30 4.88 -37.24 37.90
N SER G 31 3.99 -36.30 38.22
CA SER G 31 4.04 -35.65 39.53
C SER G 31 3.64 -36.61 40.64
N SER G 32 2.59 -37.42 40.39
CA SER G 32 2.12 -38.34 41.43
C SER G 32 3.11 -39.45 41.68
N GLY G 33 3.81 -39.90 40.65
CA GLY G 33 4.65 -41.06 40.75
C GLY G 33 3.92 -42.38 40.63
N PHE G 34 2.60 -42.38 40.44
CA PHE G 34 1.79 -43.58 40.29
C PHE G 34 1.14 -43.59 38.93
N LYS G 35 1.03 -44.79 38.35
CA LYS G 35 0.42 -44.97 37.04
C LYS G 35 -1.10 -45.01 37.10
N ILE G 36 -1.67 -45.31 38.26
CA ILE G 36 -3.11 -45.46 38.44
C ILE G 36 -3.51 -44.54 39.57
N ASN G 37 -4.04 -43.36 39.22
CA ASN G 37 -4.56 -42.41 40.18
C ASN G 37 -6.08 -42.42 40.26
N ARG G 38 -6.75 -42.95 39.24
CA ARG G 38 -8.19 -43.08 39.20
C ARG G 38 -8.53 -44.50 38.75
N ALA G 39 -9.79 -44.89 38.94
CA ALA G 39 -10.23 -46.19 38.47
C ALA G 39 -10.43 -46.22 36.96
N GLY G 40 -10.67 -45.06 36.34
CA GLY G 40 -10.72 -45.00 34.89
C GLY G 40 -9.41 -45.35 34.24
N ASP G 41 -8.29 -45.11 34.93
CA ASP G 41 -6.99 -45.52 34.42
C ASP G 41 -6.94 -47.02 34.21
N ASP G 42 -7.30 -47.79 35.24
CA ASP G 42 -7.25 -49.24 35.15
C ASP G 42 -8.07 -49.82 36.30
N ALA G 43 -9.14 -50.53 35.98
CA ALA G 43 -10.02 -51.09 36.99
C ALA G 43 -9.42 -52.33 37.64
N ALA G 44 -9.05 -53.32 36.83
CA ALA G 44 -8.38 -54.52 37.33
C ALA G 44 -6.90 -54.23 37.50
N GLY G 45 -6.49 -54.00 38.74
CA GLY G 45 -5.16 -53.51 39.05
C GLY G 45 -5.22 -52.51 40.18
N LEU G 46 -6.27 -51.69 40.21
CA LEU G 46 -6.55 -50.89 41.40
C LEU G 46 -6.89 -51.80 42.58
N ALA G 47 -7.84 -52.72 42.38
CA ALA G 47 -8.19 -53.68 43.41
C ALA G 47 -7.00 -54.52 43.83
N ILE G 48 -6.22 -55.00 42.85
CA ILE G 48 -5.06 -55.82 43.16
C ILE G 48 -4.04 -55.03 43.97
N SER G 49 -3.84 -53.76 43.61
CA SER G 49 -2.90 -52.92 44.35
C SER G 49 -3.37 -52.70 45.78
N GLU G 50 -4.68 -52.49 45.97
CA GLU G 50 -5.19 -52.27 47.33
C GLU G 50 -5.04 -53.52 48.18
N LYS G 51 -5.40 -54.68 47.63
CA LYS G 51 -5.22 -55.93 48.37
C LYS G 51 -3.75 -56.17 48.70
N MET G 52 -2.86 -55.89 47.74
CA MET G 52 -1.44 -56.12 47.98
C MET G 52 -0.90 -55.16 49.03
N ARG G 53 -1.38 -53.92 49.04
CA ARG G 53 -0.99 -52.97 50.08
C ARG G 53 -1.44 -53.46 51.46
N GLY G 54 -2.68 -53.95 51.53
CA GLY G 54 -3.16 -54.52 52.79
C GLY G 54 -2.29 -55.67 53.26
N GLN G 55 -1.94 -56.57 52.33
CA GLN G 55 -1.10 -57.71 52.68
C GLN G 55 0.28 -57.28 53.12
N ILE G 56 0.85 -56.26 52.47
CA ILE G 56 2.18 -55.78 52.83
C ILE G 56 2.16 -55.21 54.25
N SER G 57 1.19 -54.34 54.53
CA SER G 57 1.08 -53.78 55.87
C SER G 57 0.88 -54.86 56.92
N GLY G 58 0.02 -55.84 56.62
CA GLY G 58 -0.19 -56.93 57.55
C GLY G 58 1.05 -57.76 57.80
N LEU G 59 1.83 -58.01 56.74
CA LEU G 59 3.04 -58.82 56.88
C LEU G 59 4.09 -58.08 57.69
N ASN G 60 4.26 -56.79 57.47
CA ASN G 60 5.22 -56.02 58.25
C ASN G 60 4.80 -55.95 59.72
N MET G 61 3.52 -55.72 59.98
CA MET G 61 3.04 -55.70 61.36
C MET G 61 3.17 -57.06 62.01
N ALA G 62 3.01 -58.13 61.24
CA ALA G 62 3.19 -59.47 61.78
C ALA G 62 4.64 -59.75 62.12
N SER G 63 5.57 -59.24 61.31
CA SER G 63 6.98 -59.31 61.64
C SER G 63 7.26 -58.61 62.96
N LYS G 64 6.70 -57.40 63.12
CA LYS G 64 6.84 -56.66 64.38
C LYS G 64 6.30 -57.47 65.56
N ASN G 65 5.12 -58.06 65.39
CA ASN G 65 4.52 -58.84 66.47
C ASN G 65 5.35 -60.07 66.81
N SER G 66 5.92 -60.72 65.80
CA SER G 66 6.76 -61.89 66.04
C SER G 66 8.01 -61.50 66.83
N SER G 67 8.60 -60.35 66.51
CA SER G 67 9.74 -59.87 67.28
C SER G 67 9.34 -59.60 68.73
N ASP G 68 8.16 -59.01 68.93
CA ASP G 68 7.68 -58.76 70.29
C ASP G 68 7.53 -60.07 71.06
N ALA G 69 6.97 -61.09 70.42
CA ALA G 69 6.85 -62.40 71.05
C ALA G 69 8.21 -62.99 71.40
N ILE G 70 9.20 -62.81 70.52
CA ILE G 70 10.55 -63.29 70.82
C ILE G 70 11.09 -62.59 72.07
N SER G 71 10.83 -61.29 72.20
CA SER G 71 11.29 -60.56 73.38
C SER G 71 10.65 -61.12 74.65
N LEU G 72 9.34 -61.35 74.61
CA LEU G 72 8.64 -61.96 75.74
C LEU G 72 9.25 -63.30 76.13
N ILE G 73 9.48 -64.16 75.14
CA ILE G 73 10.01 -65.49 75.41
C ILE G 73 11.42 -65.39 76.00
N GLN G 74 12.24 -64.47 75.49
CA GLN G 74 13.57 -64.27 76.05
C GLN G 74 13.48 -63.84 77.51
N THR G 75 12.49 -63.01 77.84
CA THR G 75 12.30 -62.62 79.24
C THR G 75 12.04 -63.83 80.12
N ALA G 76 11.13 -64.71 79.67
CA ALA G 76 10.80 -65.88 80.48
C ALA G 76 12.00 -66.82 80.63
N GLU G 77 12.76 -67.05 79.55
CA GLU G 77 13.93 -67.91 79.63
C GLU G 77 14.97 -67.34 80.58
N GLY G 78 15.22 -66.03 80.50
CA GLY G 78 16.13 -65.40 81.44
C GLY G 78 15.66 -65.53 82.88
N GLY G 79 14.35 -65.49 83.09
CA GLY G 79 13.82 -65.76 84.42
C GLY G 79 14.14 -67.16 84.91
N LEU G 80 14.04 -68.15 84.02
CA LEU G 80 14.24 -69.54 84.44
C LEU G 80 15.71 -69.93 84.58
N ASN G 81 16.63 -69.18 83.97
CA ASN G 81 18.06 -69.46 84.15
C ASN G 81 18.46 -69.38 85.63
N GLU G 82 17.96 -68.37 86.34
CA GLU G 82 18.30 -68.25 87.75
C GLU G 82 17.63 -69.32 88.58
N THR G 83 16.45 -69.78 88.15
CA THR G 83 15.84 -70.95 88.77
C THR G 83 16.77 -72.16 88.69
N HIS G 84 17.31 -72.42 87.50
CA HIS G 84 18.32 -73.47 87.36
C HIS G 84 19.46 -73.30 88.35
N ALA G 85 20.01 -72.08 88.41
CA ALA G 85 21.19 -71.83 89.24
C ALA G 85 20.90 -72.11 90.71
N ILE G 86 19.82 -71.55 91.24
CA ILE G 86 19.56 -71.71 92.67
C ILE G 86 19.11 -73.14 92.97
N LEU G 87 18.52 -73.85 91.99
CA LEU G 87 18.22 -75.25 92.19
C LEU G 87 19.50 -76.07 92.33
N GLN G 88 20.51 -75.77 91.51
CA GLN G 88 21.81 -76.42 91.66
C GLN G 88 22.38 -76.16 93.05
N ARG G 89 22.32 -74.91 93.50
CA ARG G 89 22.83 -74.57 94.82
C ARG G 89 22.08 -75.34 95.92
N MET G 90 20.76 -75.44 95.80
CA MET G 90 19.95 -76.17 96.77
C MET G 90 20.31 -77.65 96.80
N ARG G 91 20.54 -78.24 95.63
CA ARG G 91 20.97 -79.64 95.59
C ARG G 91 22.31 -79.83 96.29
N GLU G 92 23.25 -78.91 96.04
CA GLU G 92 24.54 -78.96 96.72
C GLU G 92 24.36 -78.90 98.23
N LEU G 93 23.51 -77.97 98.70
CA LEU G 93 23.22 -77.82 100.12
C LEU G 93 22.62 -79.10 100.70
N ALA G 94 21.70 -79.74 99.99
CA ALA G 94 21.10 -80.97 100.49
C ALA G 94 22.11 -82.10 100.56
N VAL G 95 22.96 -82.24 99.55
CA VAL G 95 23.97 -83.29 99.57
C VAL G 95 24.94 -83.07 100.72
N GLN G 96 25.25 -81.81 101.03
CA GLN G 96 26.09 -81.54 102.20
C GLN G 96 25.37 -81.80 103.51
N SER G 97 24.11 -81.39 103.61
CA SER G 97 23.30 -81.63 104.81
C SER G 97 23.10 -83.11 105.10
N ARG G 98 23.12 -83.95 104.07
CA ARG G 98 22.77 -85.36 104.16
C ARG G 98 23.76 -86.17 104.98
N ASN G 99 25.00 -85.69 105.13
CA ASN G 99 26.04 -86.42 105.84
C ASN G 99 25.85 -86.30 107.36
N ASP G 100 26.32 -87.32 108.08
CA ASP G 100 26.16 -87.41 109.53
C ASP G 100 27.26 -86.71 110.32
N THR G 101 28.20 -86.04 109.64
CA THR G 101 29.12 -85.16 110.35
C THR G 101 28.39 -83.98 110.98
N ASN G 102 27.25 -83.59 110.42
CA ASN G 102 26.52 -82.42 110.87
C ASN G 102 25.61 -82.77 112.03
N ASP G 103 25.54 -81.88 113.02
CA ASP G 103 24.76 -82.09 114.24
C ASP G 103 23.53 -81.20 114.23
N GLU G 104 22.38 -81.80 114.57
CA GLU G 104 21.18 -81.02 114.85
C GLU G 104 21.29 -80.25 116.15
N ALA G 105 22.10 -80.72 117.11
CA ALA G 105 22.19 -80.07 118.41
C ALA G 105 22.84 -78.70 118.29
N THR G 106 24.03 -78.63 117.69
CA THR G 106 24.77 -77.38 117.54
C THR G 106 24.47 -76.66 116.23
N ASN G 107 23.28 -76.90 115.66
CA ASN G 107 22.70 -76.01 114.66
C ASN G 107 23.49 -76.03 113.35
N ASP G 108 24.03 -77.21 112.98
CA ASP G 108 24.76 -77.32 111.71
C ASP G 108 23.82 -77.33 110.52
N ARG G 109 22.73 -78.11 110.61
CA ARG G 109 21.79 -78.23 109.52
C ARG G 109 20.77 -77.10 109.47
N SER G 110 20.49 -76.44 110.60
CA SER G 110 19.53 -75.35 110.58
C SER G 110 20.05 -74.14 109.81
N ASN G 111 21.37 -73.97 109.72
CA ASN G 111 21.92 -72.92 108.88
C ASN G 111 21.77 -73.23 107.40
N LEU G 112 21.97 -74.50 107.02
CA LEU G 112 21.70 -74.88 105.63
C LEU G 112 20.22 -74.78 105.33
N ASN G 113 19.37 -74.98 106.34
CA ASN G 113 17.93 -74.79 106.16
C ASN G 113 17.58 -73.30 106.04
N ASP G 114 18.27 -72.43 106.78
CA ASP G 114 18.14 -70.98 106.56
C ASP G 114 18.42 -70.64 105.09
N GLU G 115 19.57 -71.12 104.59
CA GLU G 115 19.93 -70.90 103.20
C GLU G 115 18.87 -71.44 102.25
N LEU G 116 18.39 -72.65 102.50
CA LEU G 116 17.40 -73.29 101.64
C LEU G 116 16.09 -72.52 101.64
N LYS G 117 15.63 -72.07 102.81
CA LYS G 117 14.39 -71.30 102.88
C LYS G 117 14.51 -69.99 102.12
N GLN G 118 15.66 -69.31 102.22
CA GLN G 118 15.84 -68.08 101.46
C GLN G 118 15.82 -68.36 99.95
N LEU G 119 16.43 -69.46 99.52
CA LEU G 119 16.42 -69.79 98.10
C LEU G 119 15.02 -70.19 97.64
N GLN G 120 14.21 -70.78 98.52
CA GLN G 120 12.83 -71.09 98.16
C GLN G 120 11.98 -69.81 98.05
N GLU G 121 12.23 -68.84 98.92
CA GLU G 121 11.55 -67.57 98.76
C GLU G 121 11.96 -66.90 97.46
N GLU G 122 13.22 -67.07 97.05
CA GLU G 122 13.66 -66.47 95.78
C GLU G 122 13.06 -67.19 94.58
N ILE G 123 12.98 -68.52 94.61
CA ILE G 123 12.37 -69.24 93.48
C ILE G 123 10.90 -68.88 93.34
N THR G 124 10.20 -68.61 94.45
CA THR G 124 8.82 -68.13 94.34
C THR G 124 8.76 -66.69 93.86
N ARG G 125 9.71 -65.86 94.31
CA ARG G 125 9.72 -64.45 93.94
C ARG G 125 9.92 -64.28 92.44
N ILE G 126 10.86 -65.03 91.86
CA ILE G 126 11.08 -64.94 90.41
C ILE G 126 9.82 -65.33 89.66
N SER G 127 9.09 -66.32 90.18
CA SER G 127 7.85 -66.74 89.53
C SER G 127 6.84 -65.61 89.50
N SER G 128 6.45 -65.09 90.66
CA SER G 128 5.36 -64.13 90.74
C SER G 128 5.82 -62.68 90.84
N GLN G 129 6.99 -62.34 90.29
CA GLN G 129 7.39 -60.96 90.09
C GLN G 129 8.04 -60.75 88.72
N MET G 130 7.74 -61.64 87.77
CA MET G 130 8.21 -61.54 86.40
C MET G 130 7.10 -60.98 85.53
N GLU G 131 7.42 -60.03 84.67
CA GLU G 131 6.36 -59.42 83.85
C GLU G 131 6.94 -58.80 82.59
N PHE G 132 6.12 -58.78 81.55
CA PHE G 132 6.41 -58.15 80.27
C PHE G 132 5.20 -57.30 79.92
N ASN G 133 5.35 -55.98 79.99
CA ASN G 133 4.27 -55.05 79.66
C ASN G 133 3.09 -55.23 80.62
N ASN G 134 3.41 -55.40 81.91
CA ASN G 134 2.39 -55.57 82.95
C ASN G 134 1.59 -56.85 82.71
N LYS G 135 2.30 -57.97 82.58
CA LYS G 135 1.69 -59.27 82.27
C LYS G 135 2.47 -60.35 83.01
N LYS G 136 1.88 -60.88 84.07
CA LYS G 136 2.53 -61.95 84.82
C LYS G 136 2.58 -63.21 83.97
N LEU G 137 3.77 -63.80 83.85
CA LEU G 137 4.03 -64.92 82.95
C LEU G 137 4.10 -66.27 83.67
N LEU G 138 4.90 -66.36 84.73
CA LEU G 138 5.23 -67.64 85.38
C LEU G 138 4.40 -67.88 86.64
N ASP G 139 3.11 -67.55 86.60
CA ASP G 139 2.24 -67.67 87.76
C ASP G 139 1.16 -68.71 87.53
N GLY G 140 0.82 -68.96 86.27
CA GLY G 140 -0.36 -69.68 85.87
C GLY G 140 -1.43 -68.84 85.19
N SER G 141 -1.14 -67.57 84.88
CA SER G 141 -2.12 -66.74 84.17
C SER G 141 -2.37 -67.27 82.76
N GLN G 142 -1.30 -67.64 82.06
CA GLN G 142 -1.39 -68.10 80.68
C GLN G 142 -1.61 -69.60 80.57
N SER G 143 -1.52 -70.34 81.69
CA SER G 143 -1.73 -71.79 81.65
C SER G 143 -3.19 -72.16 81.47
N THR G 144 -4.12 -71.21 81.57
CA THR G 144 -5.54 -71.49 81.45
C THR G 144 -6.00 -71.46 79.99
N ASN G 145 -5.68 -70.38 79.28
CA ASN G 145 -6.08 -70.19 77.89
C ASN G 145 -4.89 -70.07 76.95
N GLY G 146 -3.92 -69.22 77.27
CA GLY G 146 -2.68 -69.12 76.53
C GLY G 146 -2.55 -67.79 75.81
N LEU G 147 -1.32 -67.44 75.47
CA LEU G 147 -1.00 -66.23 74.72
C LEU G 147 -1.07 -66.53 73.23
N THR G 148 -1.77 -65.69 72.49
CA THR G 148 -1.99 -65.85 71.06
C THR G 148 -1.25 -64.75 70.30
N PHE G 149 -0.36 -65.16 69.41
CA PHE G 149 0.42 -64.24 68.58
C PHE G 149 -0.10 -64.29 67.15
N GLN G 150 -0.40 -63.11 66.61
CA GLN G 150 -0.78 -62.94 65.21
C GLN G 150 0.49 -62.82 64.39
N ILE G 151 0.79 -63.86 63.61
CA ILE G 151 2.02 -63.93 62.82
C ILE G 151 1.66 -63.98 61.34
N GLY G 152 0.56 -63.30 60.98
CA GLY G 152 0.11 -63.28 59.60
C GLY G 152 -0.81 -62.11 59.36
N ALA G 153 -0.90 -61.72 58.09
CA ALA G 153 -1.71 -60.58 57.72
C ALA G 153 -3.20 -60.86 57.93
N ASN G 154 -3.66 -62.05 57.55
CA ASN G 154 -5.07 -62.38 57.56
C ASN G 154 -5.51 -62.94 58.90
N ALA G 155 -6.82 -63.15 59.04
CA ALA G 155 -7.40 -63.68 60.25
C ALA G 155 -7.19 -65.18 60.34
N GLY G 156 -6.94 -65.67 61.56
CA GLY G 156 -6.69 -67.06 61.80
C GLY G 156 -5.23 -67.48 61.69
N GLN G 157 -4.37 -66.62 61.16
CA GLN G 157 -2.95 -66.92 61.02
C GLN G 157 -2.24 -66.62 62.35
N THR G 158 -2.55 -67.45 63.34
CA THR G 158 -2.12 -67.24 64.71
C THR G 158 -1.36 -68.46 65.22
N ILE G 159 -0.71 -68.27 66.38
CA ILE G 159 -0.16 -69.39 67.14
C ILE G 159 -0.47 -69.17 68.61
N THR G 160 -0.92 -70.24 69.28
CA THR G 160 -1.20 -70.21 70.70
C THR G 160 -0.02 -70.80 71.46
N MET G 161 0.15 -70.32 72.69
CA MET G 161 1.26 -70.71 73.55
C MET G 161 0.76 -70.77 74.98
N LYS G 162 1.43 -71.59 75.79
CA LYS G 162 1.06 -71.77 77.18
C LYS G 162 2.31 -71.90 78.03
N ILE G 163 2.27 -71.33 79.22
CA ILE G 163 3.37 -71.40 80.17
C ILE G 163 2.78 -71.87 81.50
N SER G 164 3.43 -72.84 82.12
CA SER G 164 2.93 -73.46 83.34
C SER G 164 3.37 -72.68 84.57
N THR G 165 2.72 -72.97 85.69
CA THR G 165 3.13 -72.41 86.97
C THR G 165 4.47 -73.02 87.38
N MET G 166 5.43 -72.16 87.71
CA MET G 166 6.81 -72.54 88.05
C MET G 166 7.16 -72.06 89.45
N SER G 167 6.23 -72.21 90.39
CA SER G 167 6.48 -71.94 91.79
C SER G 167 7.00 -73.19 92.51
N ALA G 168 7.38 -73.01 93.78
CA ALA G 168 7.90 -74.11 94.55
C ALA G 168 6.83 -75.13 94.90
N THR G 169 5.59 -74.69 95.10
CA THR G 169 4.51 -75.61 95.43
C THR G 169 4.22 -76.57 94.28
N LYS G 170 4.23 -76.07 93.05
CA LYS G 170 3.90 -76.91 91.89
C LYS G 170 4.97 -77.98 91.67
N LEU G 171 6.22 -77.66 91.96
CA LEU G 171 7.34 -78.55 91.69
C LEU G 171 7.71 -79.44 92.86
N GLY G 172 6.94 -79.42 93.94
CA GLY G 172 7.20 -80.31 95.07
C GLY G 172 8.52 -80.07 95.76
N VAL G 173 8.96 -78.81 95.82
CA VAL G 173 10.22 -78.43 96.46
C VAL G 173 10.02 -77.37 97.54
N ASP G 174 8.80 -76.89 97.75
CA ASP G 174 8.50 -75.99 98.86
C ASP G 174 8.88 -76.60 100.21
N ALA G 175 8.99 -75.73 101.21
CA ALA G 175 9.51 -76.14 102.51
C ALA G 175 8.62 -77.17 103.21
N ALA G 176 7.34 -77.28 102.82
CA ALA G 176 6.47 -78.28 103.40
C ALA G 176 6.82 -79.71 102.99
N LYS G 177 7.65 -79.89 101.96
CA LYS G 177 8.02 -81.21 101.48
C LYS G 177 9.49 -81.34 101.12
N ALA G 178 10.33 -80.34 101.40
CA ALA G 178 11.73 -80.37 101.02
C ALA G 178 12.65 -79.79 102.10
N SER G 179 12.28 -79.94 103.36
CA SER G 179 13.18 -79.51 104.42
C SER G 179 14.43 -80.38 104.44
N ILE G 180 15.50 -79.82 104.99
CA ILE G 180 16.73 -80.56 105.22
C ILE G 180 17.12 -80.45 106.69
N SER G 181 16.11 -80.31 107.56
CA SER G 181 16.34 -80.38 108.99
C SER G 181 17.00 -81.70 109.38
N LYS G 182 16.49 -82.82 108.86
CA LYS G 182 16.95 -84.14 109.23
C LYS G 182 17.97 -84.63 108.19
N GLY G 183 18.45 -85.86 108.40
CA GLY G 183 19.21 -86.55 107.38
C GLY G 183 18.30 -87.25 106.39
N THR G 184 17.15 -87.74 106.89
CA THR G 184 16.22 -88.45 106.01
C THR G 184 15.58 -87.51 105.00
N ALA G 185 15.22 -86.31 105.43
CA ALA G 185 14.51 -85.38 104.54
C ALA G 185 15.40 -84.93 103.38
N ALA G 186 16.71 -84.83 103.60
CA ALA G 186 17.62 -84.47 102.51
C ALA G 186 17.63 -85.53 101.41
N SER G 187 17.46 -86.80 101.80
CA SER G 187 17.36 -87.88 100.82
C SER G 187 16.24 -87.61 99.82
N LYS G 188 15.04 -87.30 100.32
CA LYS G 188 13.93 -86.98 99.43
C LYS G 188 14.16 -85.65 98.73
N ALA G 189 14.82 -84.71 99.39
CA ALA G 189 15.02 -83.38 98.83
C ALA G 189 15.89 -83.45 97.58
N ILE G 190 16.89 -84.34 97.57
CA ILE G 190 17.76 -84.48 96.41
C ILE G 190 16.95 -84.90 95.18
N LYS G 191 16.14 -85.94 95.33
CA LYS G 191 15.31 -86.42 94.23
C LYS G 191 14.30 -85.37 93.81
N SER G 192 13.72 -84.68 94.79
CA SER G 192 12.75 -83.63 94.51
C SER G 192 13.37 -82.51 93.68
N ILE G 193 14.60 -82.14 94.03
CA ILE G 193 15.30 -81.08 93.31
C ILE G 193 15.66 -81.53 91.90
N ASP G 194 16.06 -82.80 91.74
CA ASP G 194 16.33 -83.33 90.41
C ASP G 194 15.09 -83.28 89.52
N ASP G 195 13.95 -83.71 90.07
CA ASP G 195 12.70 -83.65 89.31
C ASP G 195 12.37 -82.22 88.90
N ALA G 196 12.57 -81.27 89.83
CA ALA G 196 12.29 -79.87 89.51
C ALA G 196 13.20 -79.35 88.42
N ILE G 197 14.50 -79.69 88.47
CA ILE G 197 15.44 -79.26 87.43
C ILE G 197 15.02 -79.80 86.08
N ASN G 198 14.63 -81.08 86.01
CA ASN G 198 14.20 -81.65 84.75
C ASN G 198 12.94 -80.96 84.22
N THR G 199 11.99 -80.68 85.10
CA THR G 199 10.75 -80.03 84.68
C THR G 199 11.03 -78.63 84.11
N VAL G 200 11.88 -77.86 84.78
CA VAL G 200 12.11 -76.49 84.30
C VAL G 200 12.95 -76.52 83.02
N SER G 201 13.83 -77.53 82.86
CA SER G 201 14.51 -77.71 81.58
C SER G 201 13.51 -77.99 80.47
N LYS G 202 12.52 -78.84 80.75
CA LYS G 202 11.48 -79.12 79.77
C LYS G 202 10.75 -77.86 79.35
N THR G 203 10.37 -77.04 80.33
CA THR G 203 9.66 -75.79 80.02
C THR G 203 10.53 -74.85 79.18
N ARG G 204 11.82 -74.73 79.53
CA ARG G 204 12.72 -73.89 78.75
C ARG G 204 12.83 -74.37 77.31
N SER G 205 12.92 -75.70 77.12
CA SER G 205 12.93 -76.25 75.77
C SER G 205 11.67 -75.87 75.01
N ALA G 206 10.52 -75.98 75.68
CA ALA G 206 9.25 -75.64 75.04
C ALA G 206 9.23 -74.18 74.58
N LEU G 207 9.84 -73.29 75.37
CA LEU G 207 9.89 -71.88 74.97
C LEU G 207 10.84 -71.67 73.80
N GLY G 208 12.03 -72.27 73.87
CA GLY G 208 13.02 -72.08 72.82
C GLY G 208 12.57 -72.60 71.47
N ALA G 209 11.77 -73.66 71.46
CA ALA G 209 11.22 -74.17 70.21
C ALA G 209 10.37 -73.11 69.51
N VAL G 210 9.50 -72.44 70.26
CA VAL G 210 8.65 -71.41 69.67
C VAL G 210 9.48 -70.23 69.21
N GLN G 211 10.53 -69.90 69.96
CA GLN G 211 11.45 -68.84 69.51
C GLN G 211 12.06 -69.17 68.15
N ASN G 212 12.60 -70.37 68.02
CA ASN G 212 13.23 -70.79 66.76
C ASN G 212 12.22 -70.81 65.63
N ARG G 213 10.97 -71.21 65.91
CA ARG G 213 9.93 -71.16 64.90
C ARG G 213 9.68 -69.72 64.44
N LEU G 214 9.58 -68.79 65.39
CA LEU G 214 9.27 -67.41 65.05
C LEU G 214 10.36 -66.78 64.21
N GLU G 215 11.61 -67.21 64.40
CA GLU G 215 12.69 -66.69 63.55
C GLU G 215 12.44 -67.02 62.07
N HIS G 216 12.19 -68.30 61.78
CA HIS G 216 11.88 -68.72 60.41
C HIS G 216 10.64 -67.99 59.90
N THR G 217 9.64 -67.81 60.75
CA THR G 217 8.44 -67.08 60.36
C THR G 217 8.78 -65.66 59.93
N ILE G 218 9.66 -64.99 60.68
CA ILE G 218 10.05 -63.62 60.34
C ILE G 218 10.76 -63.58 58.98
N ASN G 219 11.65 -64.55 58.75
CA ASN G 219 12.35 -64.61 57.45
C ASN G 219 11.35 -64.76 56.30
N ASN G 220 10.40 -65.68 56.45
CA ASN G 220 9.41 -65.89 55.41
C ASN G 220 8.55 -64.65 55.18
N LEU G 221 8.16 -63.98 56.27
CA LEU G 221 7.37 -62.76 56.15
C LEU G 221 8.12 -61.68 55.39
N GLY G 222 9.40 -61.50 55.71
CA GLY G 222 10.20 -60.51 54.99
C GLY G 222 10.29 -60.81 53.51
N THR G 223 10.56 -62.07 53.17
CA THR G 223 10.63 -62.45 51.76
C THR G 223 9.32 -62.18 51.03
N SER G 224 8.21 -62.59 51.64
CA SER G 224 6.91 -62.41 51.00
C SER G 224 6.57 -60.93 50.85
N ALA G 225 6.91 -60.12 51.86
CA ALA G 225 6.63 -58.69 51.78
C ALA G 225 7.43 -58.04 50.66
N GLU G 226 8.71 -58.40 50.52
CA GLU G 226 9.50 -57.85 49.42
C GLU G 226 8.94 -58.24 48.06
N ASN G 227 8.56 -59.52 47.90
CA ASN G 227 8.03 -59.96 46.61
C ASN G 227 6.72 -59.26 46.27
N LEU G 228 5.80 -59.16 47.23
CA LEU G 228 4.55 -58.46 46.97
C LEU G 228 4.75 -56.98 46.74
N THR G 229 5.75 -56.39 47.40
CA THR G 229 6.08 -54.98 47.15
C THR G 229 6.54 -54.79 45.71
N ALA G 230 7.40 -55.70 45.22
CA ALA G 230 7.83 -55.65 43.83
C ALA G 230 6.64 -55.76 42.89
N ALA G 231 5.74 -56.70 43.16
CA ALA G 231 4.56 -56.89 42.33
C ALA G 231 3.69 -55.64 42.30
N GLU G 232 3.42 -55.06 43.48
CA GLU G 232 2.57 -53.87 43.56
C GLU G 232 3.23 -52.68 42.86
N SER G 233 4.56 -52.56 42.98
CA SER G 233 5.28 -51.51 42.28
C SER G 233 5.12 -51.65 40.78
N ARG G 234 5.32 -52.87 40.27
CA ARG G 234 5.19 -53.08 38.84
C ARG G 234 3.78 -52.86 38.34
N ILE G 235 2.78 -53.12 39.19
CA ILE G 235 1.39 -52.91 38.78
C ILE G 235 1.06 -51.42 38.74
N ARG G 236 1.28 -50.72 39.86
CA ARG G 236 0.73 -49.38 40.04
C ARG G 236 1.71 -48.26 39.72
N ASP G 237 2.97 -48.39 40.11
CA ASP G 237 3.93 -47.31 39.86
C ASP G 237 4.22 -47.19 38.37
N THR G 238 4.68 -46.01 37.97
CA THR G 238 4.90 -45.67 36.58
C THR G 238 6.39 -45.53 36.29
N ASP G 239 6.77 -45.86 35.06
CA ASP G 239 8.13 -45.65 34.61
C ASP G 239 8.30 -44.21 34.14
N MET G 240 9.29 -43.52 34.70
CA MET G 240 9.46 -42.10 34.42
C MET G 240 9.81 -41.86 32.96
N ALA G 241 10.62 -42.74 32.37
CA ALA G 241 11.12 -42.51 31.03
C ALA G 241 10.01 -42.54 29.98
N ALA G 242 9.11 -43.52 30.08
CA ALA G 242 8.03 -43.64 29.12
C ALA G 242 7.09 -42.45 29.19
N GLU G 243 6.74 -42.01 30.40
CA GLU G 243 5.87 -40.87 30.55
C GLU G 243 6.55 -39.59 30.09
N MET G 244 7.86 -39.47 30.31
CA MET G 244 8.60 -38.33 29.78
C MET G 244 8.55 -38.29 28.26
N MET G 245 8.76 -39.46 27.62
CA MET G 245 8.64 -39.56 26.17
C MET G 245 7.27 -39.10 25.70
N ALA G 246 6.22 -39.65 26.32
CA ALA G 246 4.86 -39.31 25.91
C ALA G 246 4.56 -37.83 26.10
N PHE G 247 5.05 -37.25 27.20
CA PHE G 247 4.79 -35.85 27.49
C PHE G 247 5.48 -34.94 26.48
N THR G 248 6.74 -35.25 26.14
CA THR G 248 7.44 -34.47 25.12
C THR G 248 6.74 -34.57 23.78
N LYS G 249 6.32 -35.79 23.41
CA LYS G 249 5.59 -36.00 22.16
C LYS G 249 4.32 -35.16 22.12
N ASN G 250 3.54 -35.20 23.21
CA ASN G 250 2.29 -34.46 23.23
C ASN G 250 2.52 -32.95 23.21
N ASN G 251 3.58 -32.47 23.85
CA ASN G 251 3.90 -31.04 23.75
C ASN G 251 4.22 -30.64 22.32
N ILE G 252 5.03 -31.45 21.64
CA ILE G 252 5.39 -31.13 20.26
C ILE G 252 4.13 -31.12 19.38
N LEU G 253 3.23 -32.07 19.60
CA LEU G 253 1.98 -32.11 18.85
C LEU G 253 1.12 -30.89 19.14
N THR G 254 1.09 -30.46 20.41
CA THR G 254 0.34 -29.27 20.79
C THR G 254 0.87 -28.03 20.05
N GLN G 255 2.20 -27.89 20.01
CA GLN G 255 2.79 -26.76 19.31
C GLN G 255 2.45 -26.80 17.82
N ALA G 256 2.54 -27.99 17.21
CA ALA G 256 2.20 -28.14 15.81
C ALA G 256 0.76 -27.74 15.53
N ALA G 257 -0.16 -28.18 16.38
CA ALA G 257 -1.57 -27.83 16.19
C ALA G 257 -1.79 -26.34 16.40
N GLN G 258 -1.07 -25.73 17.33
CA GLN G 258 -1.16 -24.28 17.53
C GLN G 258 -0.78 -23.53 16.26
N SER G 259 0.38 -23.89 15.69
CA SER G 259 0.81 -23.23 14.46
C SER G 259 -0.18 -23.47 13.32
N MET G 260 -0.70 -24.70 13.22
CA MET G 260 -1.66 -25.01 12.16
C MET G 260 -2.92 -24.18 12.31
N LEU G 261 -3.37 -23.97 13.54
CA LEU G 261 -4.56 -23.16 13.77
C LEU G 261 -4.31 -21.70 13.45
N ALA G 262 -3.12 -21.20 13.81
CA ALA G 262 -2.75 -19.83 13.46
C ALA G 262 -2.76 -19.64 11.94
N GLN G 263 -2.35 -20.66 11.19
CA GLN G 263 -2.40 -20.58 9.73
C GLN G 263 -3.84 -20.63 9.23
N ALA G 264 -4.62 -21.59 9.76
CA ALA G 264 -5.99 -21.78 9.28
C ALA G 264 -6.85 -20.55 9.54
N ASN G 265 -6.58 -19.81 10.61
CA ASN G 265 -7.33 -18.59 10.86
C ASN G 265 -7.02 -17.51 9.81
N GLN G 266 -5.80 -17.49 9.29
CA GLN G 266 -5.41 -16.53 8.27
C GLN G 266 -5.82 -16.97 6.87
N GLN G 267 -6.07 -18.27 6.67
CA GLN G 267 -6.40 -18.77 5.34
C GLN G 267 -7.60 -18.07 4.70
N PRO G 268 -8.74 -17.88 5.38
CA PRO G 268 -9.88 -17.20 4.70
C PRO G 268 -9.75 -15.68 4.67
N GLN G 269 -9.01 -15.19 3.67
CA GLN G 269 -8.87 -13.76 3.41
C GLN G 269 -9.06 -13.54 1.91
N GLY G 270 -10.31 -13.34 1.51
CA GLY G 270 -10.66 -13.05 0.14
C GLY G 270 -11.27 -11.67 0.02
N VAL G 271 -10.78 -10.73 0.84
CA VAL G 271 -11.29 -9.38 0.79
C VAL G 271 -10.84 -8.66 -0.48
N LEU G 272 -9.73 -9.10 -1.10
CA LEU G 272 -9.29 -8.47 -2.33
C LEU G 272 -10.19 -8.78 -3.52
N GLN G 273 -11.13 -9.72 -3.41
CA GLN G 273 -12.18 -9.82 -4.43
C GLN G 273 -12.98 -8.53 -4.51
N LEU G 274 -13.42 -8.05 -3.35
CA LEU G 274 -14.41 -6.98 -3.29
C LEU G 274 -13.77 -5.62 -3.58
N LEU G 275 -12.84 -5.20 -2.73
CA LEU G 275 -12.21 -3.90 -2.86
C LEU G 275 -11.02 -3.97 -3.80
N GLN G 276 -10.31 -2.85 -3.93
CA GLN G 276 -9.11 -2.84 -4.77
C GLN G 276 -8.31 -1.57 -4.48
N MET H 1 -22.18 5.74 19.40
CA MET H 1 -22.37 4.53 18.63
C MET H 1 -21.28 4.01 17.67
N ARG H 2 -20.56 4.91 16.97
CA ARG H 2 -19.59 4.52 15.97
C ARG H 2 -18.18 5.03 16.26
N ILE H 3 -18.02 6.34 16.50
CA ILE H 3 -16.70 6.97 16.47
C ILE H 3 -16.35 7.55 17.83
N GLN H 4 -17.19 8.45 18.33
CA GLN H 4 -16.87 9.25 19.50
C GLN H 4 -16.59 8.41 20.74
N HIS H 5 -17.11 7.18 20.81
CA HIS H 5 -16.90 6.31 21.95
C HIS H 5 -16.69 4.88 21.46
N ASN H 6 -15.72 4.19 22.06
CA ASN H 6 -15.35 2.83 21.70
C ASN H 6 -15.35 1.98 22.97
N ILE H 7 -16.49 1.33 23.26
CA ILE H 7 -16.71 0.77 24.59
C ILE H 7 -15.90 -0.51 24.80
N ALA H 8 -15.65 -1.26 23.74
CA ALA H 8 -14.84 -2.47 23.84
C ALA H 8 -13.45 -2.15 24.37
N ALA H 9 -12.86 -1.07 23.88
CA ALA H 9 -11.53 -0.67 24.33
C ALA H 9 -11.56 -0.25 25.79
N LEU H 10 -12.64 0.39 26.24
CA LEU H 10 -12.77 0.74 27.65
C LEU H 10 -12.79 -0.51 28.53
N ASN H 11 -13.61 -1.50 28.15
CA ASN H 11 -13.67 -2.74 28.92
C ASN H 11 -12.31 -3.44 28.94
N THR H 12 -11.62 -3.47 27.80
CA THR H 12 -10.31 -4.08 27.73
C THR H 12 -9.32 -3.35 28.63
N HIS H 13 -9.40 -2.02 28.66
CA HIS H 13 -8.52 -1.24 29.53
C HIS H 13 -8.77 -1.56 30.99
N ARG H 14 -10.04 -1.64 31.38
CA ARG H 14 -10.39 -2.04 32.76
C ARG H 14 -9.75 -3.37 33.12
N ASN H 15 -9.97 -4.38 32.30
CA ASN H 15 -9.46 -5.72 32.60
C ASN H 15 -7.93 -5.73 32.64
N LEU H 16 -7.29 -4.97 31.74
CA LEU H 16 -5.84 -4.86 31.73
C LEU H 16 -5.32 -4.26 33.03
N ALA H 17 -5.96 -3.18 33.48
CA ALA H 17 -5.56 -2.56 34.74
C ALA H 17 -5.70 -3.53 35.91
N ALA H 18 -6.81 -4.27 35.94
CA ALA H 18 -7.01 -5.25 37.02
C ALA H 18 -5.93 -6.32 37.01
N ASN H 19 -5.60 -6.85 35.83
CA ASN H 19 -4.58 -7.88 35.75
C ASN H 19 -3.22 -7.34 36.20
N ASN H 20 -2.88 -6.12 35.79
CA ASN H 20 -1.62 -5.52 36.22
C ASN H 20 -1.57 -5.36 37.73
N ALA H 21 -2.68 -4.93 38.33
CA ALA H 21 -2.72 -4.78 39.78
C ALA H 21 -2.51 -6.12 40.48
N ALA H 22 -3.17 -7.17 39.99
CA ALA H 22 -3.01 -8.49 40.61
C ALA H 22 -1.57 -8.99 40.49
N ALA H 23 -0.96 -8.79 39.32
CA ALA H 23 0.43 -9.19 39.14
C ALA H 23 1.35 -8.43 40.08
N SER H 24 1.09 -7.14 40.28
CA SER H 24 1.89 -6.35 41.21
C SER H 24 1.76 -6.87 42.65
N LYS H 25 0.54 -7.22 43.05
CA LYS H 25 0.35 -7.80 44.38
C LYS H 25 1.14 -9.10 44.53
N ASN H 26 1.13 -9.94 43.49
CA ASN H 26 1.88 -11.19 43.55
C ASN H 26 3.38 -10.93 43.64
N LEU H 27 3.86 -9.92 42.90
CA LEU H 27 5.27 -9.56 42.99
C LEU H 27 5.64 -9.12 44.40
N GLU H 28 4.76 -8.32 45.02
CA GLU H 28 4.98 -7.91 46.41
C GLU H 28 5.09 -9.12 47.33
N LYS H 29 4.16 -10.05 47.21
CA LYS H 29 4.17 -11.23 48.07
C LYS H 29 5.39 -12.10 47.83
N LEU H 30 5.90 -12.14 46.61
CA LEU H 30 7.07 -12.98 46.31
C LEU H 30 8.35 -12.33 46.79
N SER H 31 8.50 -11.03 46.61
CA SER H 31 9.70 -10.33 47.05
C SER H 31 9.77 -10.28 48.57
N SER H 32 8.64 -9.99 49.22
CA SER H 32 8.64 -9.86 50.66
C SER H 32 8.86 -11.21 51.35
N GLY H 33 8.35 -12.29 50.75
CA GLY H 33 8.37 -13.58 51.40
C GLY H 33 7.25 -13.80 52.40
N PHE H 34 6.37 -12.83 52.61
CA PHE H 34 5.25 -12.93 53.53
C PHE H 34 3.95 -12.80 52.76
N LYS H 35 2.94 -13.55 53.20
CA LYS H 35 1.63 -13.53 52.58
C LYS H 35 0.77 -12.36 53.04
N ILE H 36 1.08 -11.78 54.19
CA ILE H 36 0.30 -10.71 54.80
C ILE H 36 1.26 -9.55 55.05
N ASN H 37 1.27 -8.57 54.14
CA ASN H 37 2.05 -7.36 54.30
C ASN H 37 1.22 -6.18 54.76
N ARG H 38 -0.10 -6.23 54.58
CA ARG H 38 -1.03 -5.20 55.03
C ARG H 38 -2.17 -5.88 55.76
N ALA H 39 -2.96 -5.06 56.48
CA ALA H 39 -4.13 -5.60 57.15
C ALA H 39 -5.27 -5.87 56.18
N GLY H 40 -5.29 -5.19 55.03
CA GLY H 40 -6.27 -5.50 54.01
C GLY H 40 -6.11 -6.90 53.46
N ASP H 41 -4.89 -7.44 53.48
CA ASP H 41 -4.67 -8.82 53.07
C ASP H 41 -5.48 -9.78 53.93
N ASP H 42 -5.35 -9.66 55.25
CA ASP H 42 -6.05 -10.55 56.16
C ASP H 42 -6.02 -9.93 57.55
N ALA H 43 -7.20 -9.61 58.09
CA ALA H 43 -7.27 -8.96 59.40
C ALA H 43 -7.06 -9.96 60.53
N ALA H 44 -7.85 -11.04 60.54
CA ALA H 44 -7.69 -12.11 61.52
C ALA H 44 -6.58 -13.04 61.06
N GLY H 45 -5.41 -12.89 61.65
CA GLY H 45 -4.20 -13.57 61.19
C GLY H 45 -3.02 -12.64 61.32
N LEU H 46 -3.22 -11.35 61.05
CA LEU H 46 -2.22 -10.35 61.40
C LEU H 46 -2.04 -10.28 62.91
N ALA H 47 -3.16 -10.14 63.64
CA ALA H 47 -3.10 -10.13 65.10
C ALA H 47 -2.52 -11.42 65.65
N ILE H 48 -2.95 -12.56 65.09
CA ILE H 48 -2.46 -13.85 65.56
C ILE H 48 -0.96 -13.96 65.32
N SER H 49 -0.49 -13.49 64.16
CA SER H 49 0.93 -13.52 63.85
C SER H 49 1.72 -12.66 64.82
N GLU H 50 1.20 -11.47 65.14
CA GLU H 50 1.92 -10.59 66.06
C GLU H 50 2.00 -11.19 67.46
N LYS H 51 0.88 -11.73 67.96
CA LYS H 51 0.91 -12.38 69.27
C LYS H 51 1.86 -13.57 69.28
N MET H 52 1.87 -14.35 68.20
CA MET H 52 2.74 -15.51 68.14
C MET H 52 4.20 -15.10 68.08
N ARG H 53 4.50 -14.02 67.37
CA ARG H 53 5.87 -13.50 67.35
C ARG H 53 6.30 -13.06 68.74
N GLY H 54 5.42 -12.35 69.45
CA GLY H 54 5.72 -11.97 70.82
C GLY H 54 5.99 -13.18 71.70
N GLN H 55 5.16 -14.21 71.58
CA GLN H 55 5.35 -15.41 72.37
C GLN H 55 6.65 -16.11 72.03
N ILE H 56 7.01 -16.15 70.74
CA ILE H 56 8.24 -16.81 70.32
C ILE H 56 9.45 -16.09 70.90
N SER H 57 9.48 -14.77 70.78
CA SER H 57 10.58 -13.98 71.34
C SER H 57 10.66 -14.18 72.85
N GLY H 58 9.52 -14.15 73.54
CA GLY H 58 9.52 -14.35 74.97
C GLY H 58 10.01 -15.73 75.37
N LEU H 59 9.64 -16.76 74.61
CA LEU H 59 10.06 -18.11 74.94
C LEU H 59 11.56 -18.29 74.73
N ASN H 60 12.09 -17.75 73.65
CA ASN H 60 13.54 -17.84 73.43
C ASN H 60 14.31 -17.08 74.50
N MET H 61 13.85 -15.88 74.85
CA MET H 61 14.51 -15.12 75.91
C MET H 61 14.39 -15.83 77.26
N ALA H 62 13.28 -16.53 77.49
CA ALA H 62 13.13 -17.28 78.73
C ALA H 62 14.08 -18.48 78.76
N SER H 63 14.30 -19.11 77.62
CA SER H 63 15.31 -20.17 77.53
C SER H 63 16.69 -19.62 77.90
N LYS H 64 17.03 -18.46 77.34
CA LYS H 64 18.29 -17.81 77.66
C LYS H 64 18.41 -17.53 79.17
N ASN H 65 17.34 -17.00 79.76
CA ASN H 65 17.33 -16.68 81.18
C ASN H 65 17.48 -17.94 82.03
N SER H 66 16.83 -19.03 81.63
CA SER H 66 16.94 -20.28 82.37
C SER H 66 18.37 -20.81 82.33
N SER H 67 19.02 -20.69 81.18
CA SER H 67 20.42 -21.09 81.09
C SER H 67 21.30 -20.24 82.00
N ASP H 68 21.02 -18.94 82.05
CA ASP H 68 21.77 -18.05 82.95
C ASP H 68 21.61 -18.48 84.40
N ALA H 69 20.37 -18.80 84.80
CA ALA H 69 20.12 -19.29 86.16
C ALA H 69 20.87 -20.58 86.43
N ILE H 70 20.93 -21.48 85.45
CA ILE H 70 21.69 -22.71 85.62
C ILE H 70 23.16 -22.40 85.87
N SER H 71 23.70 -21.43 85.15
CA SER H 71 25.10 -21.04 85.35
C SER H 71 25.33 -20.52 86.77
N LEU H 72 24.44 -19.65 87.24
CA LEU H 72 24.52 -19.15 88.61
C LEU H 72 24.51 -20.29 89.64
N ILE H 73 23.57 -21.22 89.47
CA ILE H 73 23.45 -22.33 90.42
C ILE H 73 24.70 -23.20 90.40
N GLN H 74 25.25 -23.44 89.21
CA GLN H 74 26.49 -24.20 89.11
C GLN H 74 27.62 -23.50 89.85
N THR H 75 27.65 -22.17 89.78
CA THR H 75 28.67 -21.41 90.52
C THR H 75 28.55 -21.68 92.01
N ALA H 76 27.32 -21.59 92.54
CA ALA H 76 27.13 -21.80 93.98
C ALA H 76 27.49 -23.22 94.40
N GLU H 77 27.09 -24.22 93.61
CA GLU H 77 27.43 -25.60 93.95
C GLU H 77 28.93 -25.83 93.94
N GLY H 78 29.62 -25.28 92.94
CA GLY H 78 31.07 -25.38 92.92
C GLY H 78 31.70 -24.70 94.12
N GLY H 79 31.10 -23.61 94.59
CA GLY H 79 31.58 -22.99 95.82
C GLY H 79 31.44 -23.91 97.03
N LEU H 80 30.32 -24.63 97.11
CA LEU H 80 30.07 -25.47 98.28
C LEU H 80 30.83 -26.81 98.26
N ASN H 81 31.31 -27.25 97.10
CA ASN H 81 32.12 -28.46 97.04
C ASN H 81 33.38 -28.33 97.91
N GLU H 82 34.05 -27.17 97.84
CA GLU H 82 35.25 -26.97 98.64
C GLU H 82 34.92 -26.85 100.12
N THR H 83 33.74 -26.31 100.44
CA THR H 83 33.26 -26.34 101.81
C THR H 83 33.18 -27.77 102.33
N HIS H 84 32.58 -28.67 101.55
CA HIS H 84 32.57 -30.10 101.90
C HIS H 84 33.98 -30.61 102.17
N ALA H 85 34.90 -30.32 101.24
CA ALA H 85 36.25 -30.86 101.34
C ALA H 85 36.96 -30.41 102.63
N ILE H 86 36.94 -29.10 102.89
CA ILE H 86 37.66 -28.61 104.05
C ILE H 86 36.95 -28.99 105.34
N LEU H 87 35.64 -29.21 105.29
CA LEU H 87 34.94 -29.73 106.46
C LEU H 87 35.39 -31.15 106.78
N GLN H 88 35.57 -31.98 105.75
CA GLN H 88 36.12 -33.31 105.95
C GLN H 88 37.50 -33.24 106.58
N ARG H 89 38.34 -32.35 106.07
CA ARG H 89 39.68 -32.19 106.62
C ARG H 89 39.64 -31.76 108.08
N MET H 90 38.74 -30.83 108.42
CA MET H 90 38.59 -30.35 109.79
C MET H 90 38.13 -31.47 110.73
N ARG H 91 37.21 -32.31 110.25
CA ARG H 91 36.78 -33.45 111.06
C ARG H 91 37.93 -34.41 111.32
N GLU H 92 38.74 -34.67 110.29
CA GLU H 92 39.91 -35.52 110.45
C GLU H 92 40.86 -34.93 111.49
N LEU H 93 41.11 -33.62 111.41
CA LEU H 93 41.96 -32.92 112.37
C LEU H 93 41.42 -33.03 113.79
N ALA H 94 40.11 -32.88 113.97
CA ALA H 94 39.52 -32.98 115.30
C ALA H 94 39.64 -34.39 115.85
N VAL H 95 39.39 -35.40 115.03
CA VAL H 95 39.49 -36.79 115.49
C VAL H 95 40.93 -37.09 115.89
N GLN H 96 41.90 -36.53 115.17
CA GLN H 96 43.30 -36.72 115.58
C GLN H 96 43.64 -35.95 116.85
N SER H 97 43.17 -34.71 116.97
CA SER H 97 43.41 -33.90 118.16
C SER H 97 42.80 -34.51 119.41
N ARG H 98 41.72 -35.29 119.26
CA ARG H 98 40.93 -35.79 120.37
C ARG H 98 41.68 -36.81 121.23
N ASN H 99 42.71 -37.44 120.69
CA ASN H 99 43.46 -38.48 121.40
C ASN H 99 44.42 -37.85 122.41
N ASP H 100 44.71 -38.61 123.48
CA ASP H 100 45.54 -38.14 124.58
C ASP H 100 47.03 -38.38 124.36
N THR H 101 47.43 -38.91 123.20
CA THR H 101 48.84 -38.92 122.85
C THR H 101 49.40 -37.51 122.68
N ASN H 102 48.54 -36.56 122.33
CA ASN H 102 48.97 -35.20 122.04
C ASN H 102 49.06 -34.38 123.32
N ASP H 103 50.09 -33.55 123.40
CA ASP H 103 50.37 -32.74 124.58
C ASP H 103 50.07 -31.27 124.31
N GLU H 104 49.35 -30.64 125.24
CA GLU H 104 49.20 -29.20 125.22
C GLU H 104 50.51 -28.47 125.56
N ALA H 105 51.39 -29.12 126.33
CA ALA H 105 52.62 -28.47 126.76
C ALA H 105 53.55 -28.21 125.58
N THR H 106 53.87 -29.25 124.82
CA THR H 106 54.78 -29.15 123.68
C THR H 106 54.05 -28.87 122.37
N ASN H 107 52.88 -28.23 122.43
CA ASN H 107 52.27 -27.55 121.30
C ASN H 107 51.85 -28.53 120.20
N ASP H 108 51.37 -29.72 120.60
CA ASP H 108 50.88 -30.70 119.62
C ASP H 108 49.53 -30.29 119.05
N ARG H 109 48.60 -29.88 119.92
CA ARG H 109 47.26 -29.50 119.49
C ARG H 109 47.18 -28.08 118.96
N SER H 110 48.07 -27.19 119.37
CA SER H 110 48.02 -25.82 118.87
C SER H 110 48.36 -25.74 117.38
N ASN H 111 49.14 -26.70 116.86
CA ASN H 111 49.39 -26.74 115.42
C ASN H 111 48.15 -27.21 114.65
N LEU H 112 47.42 -28.19 115.19
CA LEU H 112 46.16 -28.57 114.57
C LEU H 112 45.15 -27.44 114.68
N ASN H 113 45.24 -26.63 115.73
CA ASN H 113 44.38 -25.45 115.85
C ASN H 113 44.77 -24.36 114.86
N ASP H 114 46.08 -24.20 114.60
CA ASP H 114 46.53 -23.34 113.50
C ASP H 114 45.86 -23.75 112.18
N GLU H 115 45.97 -25.05 111.86
CA GLU H 115 45.34 -25.60 110.65
C GLU H 115 43.84 -25.33 110.65
N LEU H 116 43.18 -25.58 111.78
CA LEU H 116 41.73 -25.41 111.86
C LEU H 116 41.33 -23.96 111.68
N LYS H 117 42.05 -23.02 112.30
CA LYS H 117 41.75 -21.61 112.14
C LYS H 117 41.91 -21.15 110.70
N GLN H 118 42.96 -21.63 110.01
CA GLN H 118 43.11 -21.27 108.62
C GLN H 118 41.97 -21.82 107.77
N LEU H 119 41.52 -23.05 108.07
CA LEU H 119 40.41 -23.61 107.30
C LEU H 119 39.10 -22.88 107.61
N GLN H 120 38.95 -22.35 108.83
CA GLN H 120 37.77 -21.56 109.16
C GLN H 120 37.80 -20.20 108.44
N GLU H 121 38.98 -19.60 108.32
CA GLU H 121 39.07 -18.39 107.52
C GLU H 121 38.74 -18.67 106.07
N GLU H 122 39.11 -19.86 105.57
CA GLU H 122 38.80 -20.20 104.17
C GLU H 122 37.30 -20.47 103.98
N ILE H 123 36.66 -21.15 104.93
CA ILE H 123 35.22 -21.40 104.80
C ILE H 123 34.43 -20.10 104.84
N THR H 124 34.91 -19.10 105.61
CA THR H 124 34.26 -17.79 105.57
C THR H 124 34.57 -17.05 104.27
N ARG H 125 35.81 -17.19 103.78
CA ARG H 125 36.22 -16.49 102.56
C ARG H 125 35.40 -16.96 101.36
N ILE H 126 35.20 -18.27 101.22
CA ILE H 126 34.40 -18.78 100.11
C ILE H 126 32.98 -18.23 100.18
N SER H 127 32.45 -18.09 101.39
CA SER H 127 31.11 -17.55 101.56
C SER H 127 31.02 -16.12 101.03
N SER H 128 31.83 -15.22 101.59
CA SER H 128 31.69 -13.80 101.27
C SER H 128 32.69 -13.30 100.24
N GLN H 129 33.17 -14.16 99.34
CA GLN H 129 33.90 -13.72 98.15
C GLN H 129 33.45 -14.48 96.90
N MET H 130 32.23 -15.01 96.93
CA MET H 130 31.63 -15.70 95.78
C MET H 130 30.67 -14.75 95.09
N GLU H 131 30.71 -14.69 93.78
CA GLU H 131 29.82 -13.74 93.07
C GLU H 131 29.59 -14.18 91.64
N PHE H 132 28.43 -13.81 91.12
CA PHE H 132 28.04 -14.02 89.73
C PHE H 132 27.49 -12.70 89.23
N ASN H 133 28.24 -12.03 88.35
CA ASN H 133 27.81 -10.75 87.78
C ASN H 133 27.71 -9.68 88.87
N ASN H 134 28.67 -9.67 89.79
CA ASN H 134 28.70 -8.70 90.89
C ASN H 134 27.50 -8.89 91.80
N LYS H 135 27.29 -10.12 92.28
CA LYS H 135 26.14 -10.46 93.10
C LYS H 135 26.58 -11.50 94.13
N LYS H 136 26.70 -11.05 95.38
CA LYS H 136 27.09 -11.96 96.46
C LYS H 136 25.96 -12.96 96.72
N LEU H 137 26.30 -14.24 96.71
CA LEU H 137 25.33 -15.33 96.79
C LEU H 137 25.22 -15.96 98.16
N LEU H 138 26.36 -16.35 98.75
CA LEU H 138 26.39 -17.15 99.98
C LEU H 138 26.64 -16.32 101.24
N ASP H 139 26.03 -15.14 101.31
CA ASP H 139 26.24 -14.21 102.42
C ASP H 139 24.98 -14.04 103.25
N GLY H 140 23.83 -14.26 102.63
CA GLY H 140 22.55 -13.86 103.16
C GLY H 140 21.87 -12.74 102.40
N SER H 141 22.41 -12.32 101.24
CA SER H 141 21.74 -11.28 100.46
C SER H 141 20.42 -11.77 99.90
N GLN H 142 20.39 -13.00 99.39
CA GLN H 142 19.20 -13.57 98.78
C GLN H 142 18.31 -14.29 99.78
N SER H 143 18.75 -14.46 101.02
CA SER H 143 17.95 -15.15 102.03
C SER H 143 16.80 -14.28 102.53
N THR H 144 16.78 -12.99 102.19
CA THR H 144 15.75 -12.09 102.68
C THR H 144 14.52 -12.11 101.77
N ASN H 145 14.73 -11.93 100.46
CA ASN H 145 13.64 -11.89 99.47
C ASN H 145 13.76 -12.99 98.44
N GLY H 146 14.92 -13.17 97.84
CA GLY H 146 15.19 -14.27 96.94
C GLY H 146 15.39 -13.80 95.50
N LEU H 147 16.04 -14.65 94.72
CA LEU H 147 16.27 -14.41 93.30
C LEU H 147 15.09 -14.94 92.50
N THR H 148 14.59 -14.10 91.60
CA THR H 148 13.42 -14.41 90.78
C THR H 148 13.85 -14.56 89.33
N PHE H 149 13.57 -15.73 88.75
CA PHE H 149 13.89 -16.03 87.36
C PHE H 149 12.61 -16.05 86.54
N GLN H 150 12.62 -15.28 85.45
CA GLN H 150 11.54 -15.27 84.47
C GLN H 150 11.78 -16.41 83.49
N ILE H 151 10.94 -17.45 83.58
CA ILE H 151 11.09 -18.65 82.76
C ILE H 151 9.87 -18.79 81.86
N GLY H 152 9.30 -17.66 81.45
CA GLY H 152 8.13 -17.68 80.59
C GLY H 152 7.97 -16.36 79.87
N ALA H 153 7.25 -16.41 78.76
CA ALA H 153 7.06 -15.21 77.94
C ALA H 153 6.21 -14.17 78.66
N ASN H 154 5.15 -14.60 79.33
CA ASN H 154 4.18 -13.69 79.92
C ASN H 154 4.57 -13.31 81.35
N ALA H 155 3.80 -12.38 81.91
CA ALA H 155 4.04 -11.91 83.26
C ALA H 155 3.53 -12.91 84.28
N GLY H 156 4.26 -13.04 85.39
CA GLY H 156 3.92 -13.98 86.44
C GLY H 156 4.50 -15.37 86.27
N GLN H 157 5.04 -15.69 85.10
CA GLN H 157 5.63 -17.01 84.84
C GLN H 157 7.06 -17.02 85.36
N THR H 158 7.18 -16.99 86.68
CA THR H 158 8.43 -16.83 87.39
C THR H 158 8.66 -17.97 88.36
N ILE H 159 9.88 -18.06 88.86
CA ILE H 159 10.21 -18.92 89.99
C ILE H 159 11.12 -18.15 90.94
N THR H 160 10.81 -18.24 92.23
CA THR H 160 11.62 -17.62 93.27
C THR H 160 12.54 -18.67 93.90
N MET H 161 13.69 -18.20 94.37
CA MET H 161 14.72 -19.05 94.94
C MET H 161 15.37 -18.31 96.09
N LYS H 162 15.92 -19.07 97.04
CA LYS H 162 16.56 -18.51 98.21
C LYS H 162 17.78 -19.32 98.56
N ILE H 163 18.83 -18.64 99.01
CA ILE H 163 20.07 -19.28 99.44
C ILE H 163 20.42 -18.72 100.80
N SER H 164 20.75 -19.62 101.72
CA SER H 164 20.99 -19.25 103.12
C SER H 164 22.44 -18.82 103.32
N THR H 165 22.67 -18.17 104.46
CA THR H 165 24.04 -17.83 104.85
C THR H 165 24.79 -19.11 105.20
N MET H 166 25.97 -19.27 104.60
CA MET H 166 26.82 -20.45 104.74
C MET H 166 28.20 -20.08 105.29
N SER H 167 28.21 -19.19 106.28
CA SER H 167 29.43 -18.85 107.00
C SER H 167 29.63 -19.77 108.20
N ALA H 168 30.78 -19.61 108.85
CA ALA H 168 31.10 -20.45 109.99
C ALA H 168 30.24 -20.11 111.20
N THR H 169 29.86 -18.84 111.36
CA THR H 169 29.03 -18.45 112.49
C THR H 169 27.65 -19.09 112.42
N LYS H 170 27.06 -19.14 111.22
CA LYS H 170 25.71 -19.67 111.09
C LYS H 170 25.67 -21.16 111.38
N LEU H 171 26.73 -21.88 111.04
CA LEU H 171 26.79 -23.33 111.17
C LEU H 171 27.38 -23.81 112.49
N GLY H 172 27.68 -22.91 113.42
CA GLY H 172 28.17 -23.30 114.72
C GLY H 172 29.51 -24.01 114.69
N VAL H 173 30.38 -23.61 113.77
CA VAL H 173 31.72 -24.20 113.63
C VAL H 173 32.83 -23.14 113.71
N ASP H 174 32.48 -21.86 113.85
CA ASP H 174 33.47 -20.82 114.07
C ASP H 174 34.31 -21.09 115.33
N ALA H 175 35.45 -20.41 115.40
CA ALA H 175 36.42 -20.69 116.44
C ALA H 175 35.91 -20.41 117.85
N ALA H 176 34.87 -19.58 117.98
CA ALA H 176 34.29 -19.32 119.29
C ALA H 176 33.56 -20.53 119.88
N LYS H 177 33.25 -21.55 119.07
CA LYS H 177 32.53 -22.73 119.55
C LYS H 177 33.07 -24.04 118.99
N ALA H 178 34.21 -24.03 118.29
CA ALA H 178 34.76 -25.24 117.69
C ALA H 178 36.27 -25.33 117.80
N SER H 179 36.86 -24.79 118.87
CA SER H 179 38.28 -24.96 119.08
C SER H 179 38.61 -26.41 119.34
N ILE H 180 39.86 -26.77 119.08
CA ILE H 180 40.38 -28.10 119.42
C ILE H 180 41.64 -27.92 120.26
N SER H 181 41.71 -26.83 121.03
CA SER H 181 42.77 -26.66 122.01
C SER H 181 42.80 -27.82 123.00
N LYS H 182 41.64 -28.20 123.51
CA LYS H 182 41.55 -29.23 124.54
C LYS H 182 41.20 -30.57 123.90
N GLY H 183 41.05 -31.59 124.74
CA GLY H 183 40.49 -32.86 124.32
C GLY H 183 38.97 -32.82 124.34
N THR H 184 38.42 -32.08 125.31
CA THR H 184 36.97 -31.99 125.44
C THR H 184 36.35 -31.24 124.26
N ALA H 185 36.98 -30.14 123.84
CA ALA H 185 36.41 -29.32 122.79
C ALA H 185 36.35 -30.04 121.45
N ALA H 186 37.30 -30.96 121.20
CA ALA H 186 37.26 -31.74 119.97
C ALA H 186 36.04 -32.66 119.93
N SER H 187 35.60 -33.15 121.10
CA SER H 187 34.38 -33.95 121.17
C SER H 187 33.20 -33.20 120.60
N LYS H 188 32.99 -31.97 121.04
CA LYS H 188 31.90 -31.16 120.50
C LYS H 188 32.17 -30.76 119.06
N ALA H 189 33.44 -30.56 118.71
CA ALA H 189 33.78 -30.11 117.36
C ALA H 189 33.42 -31.16 116.32
N ILE H 190 33.58 -32.44 116.66
CA ILE H 190 33.24 -33.51 115.72
C ILE H 190 31.75 -33.46 115.38
N LYS H 191 30.90 -33.39 116.40
CA LYS H 191 29.46 -33.31 116.18
C LYS H 191 29.08 -32.04 115.45
N SER H 192 29.72 -30.93 115.80
CA SER H 192 29.45 -29.66 115.15
C SER H 192 29.78 -29.72 113.66
N ILE H 193 30.89 -30.37 113.33
CA ILE H 193 31.31 -30.49 111.93
C ILE H 193 30.36 -31.42 111.18
N ASP H 194 29.89 -32.50 111.82
CA ASP H 194 28.91 -33.38 111.19
C ASP H 194 27.63 -32.61 110.87
N ASP H 195 27.13 -31.83 111.82
CA ASP H 195 25.92 -31.04 111.59
C ASP H 195 26.12 -30.07 110.44
N ALA H 196 27.30 -29.43 110.37
CA ALA H 196 27.57 -28.50 109.27
C ALA H 196 27.61 -29.21 107.93
N ILE H 197 28.24 -30.38 107.87
CA ILE H 197 28.28 -31.15 106.62
C ILE H 197 26.88 -31.50 106.16
N ASN H 198 26.02 -31.95 107.08
CA ASN H 198 24.64 -32.29 106.71
C ASN H 198 23.89 -31.07 106.21
N THR H 199 24.06 -29.92 106.87
CA THR H 199 23.37 -28.71 106.44
C THR H 199 23.79 -28.28 105.05
N VAL H 200 25.09 -28.31 104.76
CA VAL H 200 25.53 -27.85 103.44
C VAL H 200 25.15 -28.86 102.37
N SER H 201 25.08 -30.15 102.71
CA SER H 201 24.53 -31.13 101.78
C SER H 201 23.07 -30.82 101.46
N LYS H 202 22.30 -30.46 102.48
CA LYS H 202 20.90 -30.09 102.27
C LYS H 202 20.79 -28.90 101.31
N THR H 203 21.60 -27.88 101.53
CA THR H 203 21.57 -26.71 100.65
C THR H 203 21.95 -27.06 99.22
N ARG H 204 22.97 -27.89 99.04
CA ARG H 204 23.36 -28.32 97.70
C ARG H 204 22.24 -29.08 97.01
N SER H 205 21.54 -29.95 97.75
CA SER H 205 20.39 -30.64 97.19
C SER H 205 19.32 -29.65 96.74
N ALA H 206 19.06 -28.64 97.57
CA ALA H 206 18.06 -27.64 97.23
C ALA H 206 18.41 -26.92 95.93
N LEU H 207 19.70 -26.66 95.71
CA LEU H 207 20.13 -26.00 94.47
C LEU H 207 19.97 -26.95 93.27
N GLY H 208 20.43 -28.19 93.42
CA GLY H 208 20.39 -29.12 92.31
C GLY H 208 18.98 -29.44 91.85
N ALA H 209 18.02 -29.43 92.78
CA ALA H 209 16.62 -29.63 92.39
C ALA H 209 16.16 -28.56 91.41
N VAL H 210 16.47 -27.30 91.70
CA VAL H 210 16.06 -26.21 90.83
C VAL H 210 16.78 -26.30 89.50
N GLN H 211 18.03 -26.73 89.50
CA GLN H 211 18.76 -26.94 88.25
C GLN H 211 18.05 -27.97 87.37
N ASN H 212 17.71 -29.12 87.96
CA ASN H 212 17.04 -30.18 87.22
C ASN H 212 15.68 -29.72 86.72
N ARG H 213 14.98 -28.91 87.49
CA ARG H 213 13.70 -28.34 87.03
C ARG H 213 13.92 -27.45 85.81
N LEU H 214 14.94 -26.59 85.86
CA LEU H 214 15.16 -25.65 84.77
C LEU H 214 15.52 -26.36 83.48
N GLU H 215 16.17 -27.52 83.58
CA GLU H 215 16.46 -28.29 82.37
C GLU H 215 15.18 -28.69 81.63
N HIS H 216 14.24 -29.30 82.36
CA HIS H 216 12.95 -29.67 81.78
C HIS H 216 12.22 -28.45 81.25
N THR H 217 12.30 -27.33 81.99
CA THR H 217 11.69 -26.09 81.53
C THR H 217 12.25 -25.65 80.19
N ILE H 218 13.57 -25.76 80.02
CA ILE H 218 14.20 -25.36 78.76
C ILE H 218 13.71 -26.25 77.62
N ASN H 219 13.63 -27.56 77.87
CA ASN H 219 13.13 -28.48 76.85
C ASN H 219 11.72 -28.10 76.41
N ASN H 220 10.83 -27.87 77.38
CA ASN H 220 9.46 -27.50 77.06
C ASN H 220 9.40 -26.18 76.29
N LEU H 221 10.22 -25.21 76.68
CA LEU H 221 10.23 -23.93 75.99
C LEU H 221 10.67 -24.09 74.54
N GLY H 222 11.70 -24.90 74.30
CA GLY H 222 12.14 -25.14 72.93
C GLY H 222 11.05 -25.79 72.08
N THR H 223 10.39 -26.81 72.62
CA THR H 223 9.31 -27.47 71.90
C THR H 223 8.19 -26.49 71.55
N SER H 224 7.76 -25.70 72.55
CA SER H 224 6.67 -24.76 72.31
C SER H 224 7.07 -23.70 71.30
N ALA H 225 8.31 -23.23 71.36
CA ALA H 225 8.76 -22.22 70.41
C ALA H 225 8.76 -22.76 68.99
N GLU H 226 9.25 -23.99 68.80
CA GLU H 226 9.23 -24.59 67.47
C GLU H 226 7.80 -24.74 66.96
N ASN H 227 6.88 -25.22 67.79
CA ASN H 227 5.50 -25.42 67.35
C ASN H 227 4.85 -24.09 66.97
N LEU H 228 5.01 -23.07 67.80
CA LEU H 228 4.42 -21.77 67.48
C LEU H 228 5.09 -21.14 66.26
N THR H 229 6.39 -21.40 66.06
CA THR H 229 7.04 -20.91 64.85
C THR H 229 6.44 -21.55 63.62
N ALA H 230 6.18 -22.85 63.67
CA ALA H 230 5.52 -23.54 62.56
C ALA H 230 4.14 -22.94 62.30
N ALA H 231 3.37 -22.71 63.36
CA ALA H 231 2.05 -22.13 63.21
C ALA H 231 2.11 -20.75 62.57
N GLU H 232 3.00 -19.88 63.07
CA GLU H 232 3.12 -18.54 62.53
C GLU H 232 3.58 -18.56 61.08
N SER H 233 4.49 -19.47 60.74
CA SER H 233 4.93 -19.61 59.35
C SER H 233 3.75 -19.99 58.46
N ARG H 234 2.96 -20.97 58.87
CA ARG H 234 1.84 -21.39 58.07
C ARG H 234 0.78 -20.30 57.95
N ILE H 235 0.66 -19.44 58.97
CA ILE H 235 -0.32 -18.35 58.90
C ILE H 235 0.15 -17.27 57.95
N ARG H 236 1.35 -16.72 58.20
CA ARG H 236 1.77 -15.48 57.55
C ARG H 236 2.64 -15.69 56.32
N ASP H 237 3.58 -16.64 56.35
CA ASP H 237 4.46 -16.82 55.20
C ASP H 237 3.69 -17.39 54.01
N THR H 238 4.23 -17.17 52.81
CA THR H 238 3.58 -17.53 51.57
C THR H 238 4.31 -18.67 50.89
N ASP H 239 3.55 -19.50 50.17
CA ASP H 239 4.12 -20.56 49.36
C ASP H 239 4.58 -19.99 48.02
N MET H 240 5.84 -20.20 47.69
CA MET H 240 6.41 -19.60 46.49
C MET H 240 5.75 -20.13 45.22
N ALA H 241 5.40 -21.42 45.20
CA ALA H 241 4.90 -22.04 43.99
C ALA H 241 3.54 -21.48 43.59
N ALA H 242 2.64 -21.31 44.56
CA ALA H 242 1.30 -20.81 44.24
C ALA H 242 1.36 -19.38 43.73
N GLU H 243 2.18 -18.54 44.36
CA GLU H 243 2.30 -17.16 43.91
C GLU H 243 2.99 -17.07 42.56
N MET H 244 3.94 -17.97 42.29
CA MET H 244 4.55 -18.03 40.96
C MET H 244 3.51 -18.38 39.91
N MET H 245 2.67 -19.38 40.19
CA MET H 245 1.57 -19.75 39.30
C MET H 245 0.68 -18.55 39.03
N ALA H 246 0.22 -17.87 40.09
CA ALA H 246 -0.67 -16.74 39.92
C ALA H 246 -0.02 -15.62 39.14
N PHE H 247 1.27 -15.36 39.38
CA PHE H 247 1.96 -14.28 38.69
C PHE H 247 2.09 -14.58 37.20
N THR H 248 2.46 -15.81 36.85
CA THR H 248 2.53 -16.19 35.44
C THR H 248 1.17 -16.07 34.77
N LYS H 249 0.12 -16.54 35.44
CA LYS H 249 -1.23 -16.43 34.91
C LYS H 249 -1.60 -14.97 34.65
N ASN H 250 -1.34 -14.10 35.62
CA ASN H 250 -1.71 -12.70 35.47
C ASN H 250 -0.90 -12.02 34.37
N ASN H 251 0.37 -12.40 34.20
CA ASN H 251 1.15 -11.85 33.10
C ASN H 251 0.56 -12.26 31.75
N ILE H 252 0.20 -13.53 31.61
CA ILE H 252 -0.39 -14.00 30.36
C ILE H 252 -1.69 -13.26 30.08
N LEU H 253 -2.50 -13.04 31.11
CA LEU H 253 -3.74 -12.31 30.94
C LEU H 253 -3.48 -10.87 30.54
N THR H 254 -2.45 -10.25 31.13
CA THR H 254 -2.08 -8.89 30.77
C THR H 254 -1.69 -8.79 29.30
N GLN H 255 -0.88 -9.74 28.82
CA GLN H 255 -0.49 -9.74 27.42
C GLN H 255 -1.70 -9.91 26.51
N ALA H 256 -2.61 -10.82 26.88
CA ALA H 256 -3.82 -11.03 26.10
C ALA H 256 -4.65 -9.75 26.01
N ALA H 257 -4.82 -9.07 27.14
CA ALA H 257 -5.59 -7.82 27.13
C ALA H 257 -4.90 -6.74 26.33
N GLN H 258 -3.56 -6.70 26.36
CA GLN H 258 -2.82 -5.74 25.55
C GLN H 258 -3.09 -5.97 24.06
N SER H 259 -2.98 -7.21 23.60
CA SER H 259 -3.26 -7.51 22.21
C SER H 259 -4.70 -7.20 21.84
N MET H 260 -5.64 -7.51 22.73
CA MET H 260 -7.04 -7.24 22.47
C MET H 260 -7.30 -5.74 22.34
N LEU H 261 -6.63 -4.94 23.16
CA LEU H 261 -6.80 -3.49 23.07
C LEU H 261 -6.18 -2.94 21.80
N ALA H 262 -5.02 -3.48 21.40
CA ALA H 262 -4.41 -3.08 20.14
C ALA H 262 -5.34 -3.36 18.96
N GLN H 263 -6.08 -4.47 19.03
CA GLN H 263 -7.05 -4.78 17.99
C GLN H 263 -8.25 -3.84 18.06
N ALA H 264 -8.79 -3.63 19.26
CA ALA H 264 -9.98 -2.81 19.42
C ALA H 264 -9.75 -1.37 18.99
N ASN H 265 -8.52 -0.86 19.15
CA ASN H 265 -8.23 0.48 18.69
C ASN H 265 -8.26 0.58 17.17
N GLN H 266 -7.88 -0.50 16.47
CA GLN H 266 -7.91 -0.52 15.02
C GLN H 266 -9.29 -0.85 14.46
N GLN H 267 -10.17 -1.45 15.27
CA GLN H 267 -11.49 -1.83 14.77
C GLN H 267 -12.28 -0.68 14.17
N PRO H 268 -12.40 0.49 14.81
CA PRO H 268 -13.18 1.58 14.17
C PRO H 268 -12.44 2.34 13.08
N GLN H 269 -12.45 1.78 11.87
CA GLN H 269 -11.88 2.42 10.69
C GLN H 269 -12.89 2.28 9.56
N GLY H 270 -13.80 3.25 9.48
CA GLY H 270 -14.79 3.32 8.42
C GLY H 270 -14.58 4.56 7.57
N VAL H 271 -13.32 4.93 7.37
CA VAL H 271 -13.01 6.10 6.55
C VAL H 271 -13.27 5.81 5.08
N LEU H 272 -13.26 4.54 4.67
CA LEU H 272 -13.54 4.22 3.27
C LEU H 272 -14.99 4.43 2.88
N GLN H 273 -15.90 4.64 3.85
CA GLN H 273 -17.23 5.12 3.48
C GLN H 273 -17.15 6.45 2.76
N LEU H 274 -16.41 7.38 3.35
CA LEU H 274 -16.44 8.78 2.92
C LEU H 274 -15.65 8.98 1.64
N LEU H 275 -14.35 8.72 1.70
CA LEU H 275 -13.46 8.96 0.57
C LEU H 275 -13.42 7.73 -0.34
N GLN H 276 -12.59 7.79 -1.37
CA GLN H 276 -12.46 6.65 -2.27
C GLN H 276 -11.22 6.83 -3.15
N MET I 1 0.49 28.05 11.77
CA MET I 1 -0.71 27.30 12.11
C MET I 1 -0.96 25.90 11.51
N ARG I 2 -0.60 25.67 10.25
CA ARG I 2 -0.90 24.42 9.57
C ARG I 2 0.35 23.70 9.06
N ILE I 3 1.20 24.38 8.29
CA ILE I 3 2.24 23.72 7.50
C ILE I 3 3.62 24.14 7.95
N GLN I 4 3.89 25.44 7.91
CA GLN I 4 5.25 25.97 8.09
C GLN I 4 5.85 25.60 9.44
N HIS I 5 5.02 25.32 10.45
CA HIS I 5 5.51 24.97 11.78
C HIS I 5 4.64 23.86 12.35
N ASN I 6 5.28 22.89 12.98
CA ASN I 6 4.62 21.72 13.57
C ASN I 6 5.07 21.58 15.02
N ILE I 7 4.32 22.16 15.94
CA ILE I 7 4.83 22.39 17.30
C ILE I 7 4.85 21.08 18.10
N ALA I 8 3.91 20.17 17.82
CA ALA I 8 3.89 18.88 18.50
C ALA I 8 5.20 18.13 18.28
N ALA I 9 5.71 18.15 17.06
CA ALA I 9 6.96 17.48 16.76
C ALA I 9 8.13 18.13 17.49
N LEU I 10 8.10 19.46 17.65
CA LEU I 10 9.14 20.13 18.42
C LEU I 10 9.14 19.67 19.87
N ASN I 11 7.96 19.65 20.49
CA ASN I 11 7.86 19.19 21.88
C ASN I 11 8.34 17.75 22.02
N THR I 12 7.94 16.89 21.08
CA THR I 12 8.36 15.50 21.10
C THR I 12 9.88 15.38 20.97
N HIS I 13 10.47 16.22 20.11
CA HIS I 13 11.93 16.21 19.95
C HIS I 13 12.62 16.62 21.24
N ARG I 14 12.11 17.67 21.90
CA ARG I 14 12.65 18.09 23.20
C ARG I 14 12.65 16.94 24.19
N ASN I 15 11.49 16.30 24.37
CA ASN I 15 11.37 15.22 25.35
C ASN I 15 12.27 14.05 24.98
N LEU I 16 12.39 13.74 23.68
CA LEU I 16 13.26 12.66 23.24
C LEU I 16 14.72 12.95 23.58
N ALA I 17 15.16 14.19 23.33
CA ALA I 17 16.53 14.58 23.68
C ALA I 17 16.78 14.45 25.17
N ALA I 18 15.81 14.90 25.99
CA ALA I 18 15.97 14.79 27.43
C ALA I 18 16.10 13.33 27.88
N ASN I 19 15.24 12.46 27.34
CA ASN I 19 15.30 11.05 27.72
C ASN I 19 16.63 10.42 27.31
N ASN I 20 17.11 10.75 26.11
CA ASN I 20 18.40 10.24 25.67
C ASN I 20 19.53 10.69 26.61
N ALA I 21 19.50 11.96 27.01
CA ALA I 21 20.52 12.47 27.92
C ALA I 21 20.49 11.73 29.25
N ALA I 22 19.29 11.51 29.80
CA ALA I 22 19.19 10.80 31.08
C ALA I 22 19.70 9.37 30.96
N ALA I 23 19.36 8.69 29.86
CA ALA I 23 19.85 7.33 29.66
C ALA I 23 21.37 7.30 29.55
N SER I 24 21.95 8.31 28.88
CA SER I 24 23.41 8.38 28.78
C SER I 24 24.05 8.57 30.15
N LYS I 25 23.46 9.43 30.98
CA LYS I 25 23.98 9.61 32.34
C LYS I 25 23.93 8.29 33.12
N ASN I 26 22.83 7.55 32.98
CA ASN I 26 22.73 6.27 33.68
C ASN I 26 23.76 5.28 33.17
N LEU I 27 24.01 5.27 31.86
CA LEU I 27 25.06 4.41 31.31
C LEU I 27 26.43 4.77 31.89
N GLU I 28 26.71 6.06 32.00
CA GLU I 28 27.96 6.50 32.62
C GLU I 28 28.08 5.98 34.04
N LYS I 29 27.02 6.13 34.83
CA LYS I 29 27.07 5.69 36.22
C LYS I 29 27.20 4.18 36.34
N LEU I 30 26.66 3.42 35.38
CA LEU I 30 26.74 1.98 35.45
C LEU I 30 28.10 1.47 35.01
N SER I 31 28.67 2.05 33.95
CA SER I 31 29.97 1.63 33.48
C SER I 31 31.07 2.03 34.47
N SER I 32 30.98 3.24 35.02
CA SER I 32 32.02 3.71 35.94
C SER I 32 31.98 2.95 37.26
N GLY I 33 30.79 2.57 37.71
CA GLY I 33 30.62 2.00 39.02
C GLY I 33 30.56 3.00 40.16
N PHE I 34 30.64 4.30 39.85
CA PHE I 34 30.57 5.36 40.85
C PHE I 34 29.36 6.24 40.57
N LYS I 35 28.72 6.71 41.65
CA LYS I 35 27.55 7.57 41.54
C LYS I 35 27.92 9.02 41.30
N ILE I 36 29.15 9.42 41.60
CA ILE I 36 29.60 10.81 41.50
C ILE I 36 30.86 10.79 40.64
N ASN I 37 30.71 11.10 39.36
CA ASN I 37 31.84 11.23 38.44
C ASN I 37 32.22 12.68 38.17
N ARG I 38 31.30 13.62 38.42
CA ARG I 38 31.55 15.03 38.27
C ARG I 38 31.07 15.75 39.52
N ALA I 39 31.49 17.01 39.68
CA ALA I 39 31.01 17.80 40.81
C ALA I 39 29.57 18.27 40.61
N GLY I 40 29.11 18.35 39.37
CA GLY I 40 27.72 18.66 39.12
C GLY I 40 26.78 17.59 39.65
N ASP I 41 27.24 16.34 39.71
CA ASP I 41 26.45 15.27 40.31
C ASP I 41 26.12 15.60 41.75
N ASP I 42 27.14 15.92 42.55
CA ASP I 42 26.93 16.19 43.97
C ASP I 42 28.17 16.90 44.50
N ALA I 43 28.01 18.14 44.94
CA ALA I 43 29.15 18.92 45.44
C ALA I 43 29.56 18.50 46.84
N ALA I 44 28.62 18.49 47.78
CA ALA I 44 28.88 18.02 49.14
C ALA I 44 28.77 16.51 49.16
N GLY I 45 29.91 15.84 49.17
CA GLY I 45 29.99 14.41 49.00
C GLY I 45 31.18 14.05 48.15
N LEU I 46 31.48 14.86 47.14
CA LEU I 46 32.76 14.76 46.46
C LEU I 46 33.91 15.06 47.40
N ALA I 47 33.83 16.20 48.10
CA ALA I 47 34.84 16.57 49.08
C ALA I 47 34.94 15.52 50.18
N ILE I 48 33.80 15.06 50.68
CA ILE I 48 33.79 14.07 51.75
C ILE I 48 34.44 12.77 51.27
N SER I 49 34.16 12.37 50.04
CA SER I 49 34.75 11.15 49.48
C SER I 49 36.26 11.31 49.35
N GLU I 50 36.73 12.47 48.91
CA GLU I 50 38.17 12.66 48.76
C GLU I 50 38.88 12.64 50.11
N LYS I 51 38.32 13.33 51.10
CA LYS I 51 38.92 13.30 52.44
C LYS I 51 38.91 11.89 53.01
N MET I 52 37.83 11.14 52.79
CA MET I 52 37.75 9.79 53.32
C MET I 52 38.74 8.87 52.62
N ARG I 53 38.95 9.06 51.31
CA ARG I 53 39.96 8.29 50.60
C ARG I 53 41.35 8.58 51.14
N GLY I 54 41.65 9.87 51.38
CA GLY I 54 42.91 10.22 52.00
C GLY I 54 43.11 9.56 53.34
N GLN I 55 42.07 9.58 54.17
CA GLN I 55 42.15 8.96 55.49
C GLN I 55 42.34 7.45 55.40
N ILE I 56 41.66 6.81 54.44
CA ILE I 56 41.79 5.36 54.28
C ILE I 56 43.21 4.99 53.89
N SER I 57 43.75 5.70 52.89
CA SER I 57 45.13 5.44 52.46
C SER I 57 46.10 5.67 53.61
N GLY I 58 45.92 6.76 54.36
CA GLY I 58 46.79 7.04 55.48
C GLY I 58 46.70 5.97 56.57
N LEU I 59 45.50 5.48 56.83
CA LEU I 59 45.33 4.47 57.88
C LEU I 59 45.97 3.14 57.48
N ASN I 60 45.81 2.75 56.21
CA ASN I 60 46.45 1.52 55.75
C ASN I 60 47.96 1.63 55.78
N MET I 61 48.50 2.78 55.32
CA MET I 61 49.94 2.98 55.37
C MET I 61 50.45 3.02 56.80
N ALA I 62 49.64 3.56 57.72
CA ALA I 62 50.04 3.57 59.14
C ALA I 62 50.05 2.17 59.72
N SER I 63 49.11 1.33 59.30
CA SER I 63 49.15 -0.08 59.70
C SER I 63 50.44 -0.74 59.23
N LYS I 64 50.80 -0.49 57.97
CA LYS I 64 52.05 -1.01 57.43
C LYS I 64 53.25 -0.54 58.24
N ASN I 65 53.28 0.76 58.56
CA ASN I 65 54.39 1.32 59.32
C ASN I 65 54.46 0.72 60.72
N SER I 66 53.30 0.49 61.36
CA SER I 66 53.28 -0.11 62.69
C SER I 66 53.84 -1.52 62.65
N SER I 67 53.49 -2.28 61.60
CA SER I 67 54.05 -3.61 61.46
C SER I 67 55.57 -3.56 61.28
N ASP I 68 56.05 -2.59 60.50
CA ASP I 68 57.49 -2.43 60.33
C ASP I 68 58.18 -2.14 61.67
N ALA I 69 57.58 -1.27 62.47
CA ALA I 69 58.12 -0.98 63.80
C ALA I 69 58.15 -2.23 64.67
N ILE I 70 57.10 -3.05 64.59
CA ILE I 70 57.08 -4.29 65.35
C ILE I 70 58.24 -5.19 64.93
N SER I 71 58.52 -5.25 63.63
CA SER I 71 59.64 -6.06 63.14
C SER I 71 60.96 -5.56 63.72
N LEU I 72 61.18 -4.24 63.68
CA LEU I 72 62.37 -3.65 64.27
C LEU I 72 62.53 -4.02 65.75
N ILE I 73 61.44 -3.87 66.51
CA ILE I 73 61.50 -4.15 67.94
C ILE I 73 61.80 -5.62 68.19
N GLN I 74 61.20 -6.51 67.39
CA GLN I 74 61.50 -7.93 67.52
C GLN I 74 62.97 -8.20 67.26
N THR I 75 63.56 -7.49 66.31
CA THR I 75 65.00 -7.65 66.04
C THR I 75 65.81 -7.30 67.28
N ALA I 76 65.50 -6.16 67.89
CA ALA I 76 66.25 -5.73 69.08
C ALA I 76 66.09 -6.71 70.24
N GLU I 77 64.86 -7.18 70.48
CA GLU I 77 64.64 -8.14 71.57
C GLU I 77 65.39 -9.44 71.33
N GLY I 78 65.38 -9.94 70.08
CA GLY I 78 66.16 -11.11 69.76
C GLY I 78 67.64 -10.90 69.97
N GLY I 79 68.12 -9.69 69.70
CA GLY I 79 69.50 -9.37 70.02
C GLY I 79 69.81 -9.46 71.50
N LEU I 80 68.89 -8.98 72.33
CA LEU I 80 69.14 -8.95 73.78
C LEU I 80 68.94 -10.30 74.47
N ASN I 81 68.24 -11.24 73.84
CA ASN I 81 68.10 -12.58 74.42
C ASN I 81 69.47 -13.25 74.60
N GLU I 82 70.34 -13.12 73.60
CA GLU I 82 71.66 -13.72 73.71
C GLU I 82 72.53 -13.00 74.72
N THR I 83 72.31 -11.69 74.89
CA THR I 83 72.94 -10.96 75.98
C THR I 83 72.59 -11.58 77.32
N HIS I 84 71.29 -11.83 77.55
CA HIS I 84 70.86 -12.55 78.76
C HIS I 84 71.62 -13.86 78.93
N ALA I 85 71.66 -14.66 77.86
CA ALA I 85 72.25 -15.99 77.94
C ALA I 85 73.73 -15.92 78.34
N ILE I 86 74.51 -15.10 77.64
CA ILE I 86 75.94 -15.07 77.92
C ILE I 86 76.21 -14.39 79.24
N LEU I 87 75.33 -13.49 79.70
CA LEU I 87 75.47 -12.94 81.04
C LEU I 87 75.29 -14.01 82.11
N GLN I 88 74.30 -14.89 81.91
CA GLN I 88 74.14 -16.03 82.81
C GLN I 88 75.40 -16.89 82.84
N ARG I 89 75.94 -17.17 81.67
CA ARG I 89 77.17 -17.98 81.59
C ARG I 89 78.32 -17.30 82.32
N MET I 90 78.46 -15.99 82.16
CA MET I 90 79.52 -15.22 82.82
C MET I 90 79.36 -15.24 84.33
N ARG I 91 78.13 -15.14 84.82
CA ARG I 91 77.89 -15.24 86.26
C ARG I 91 78.29 -16.61 86.78
N GLU I 92 77.93 -17.67 86.04
CA GLU I 92 78.33 -19.01 86.43
C GLU I 92 79.85 -19.14 86.50
N LEU I 93 80.54 -18.60 85.49
CA LEU I 93 82.01 -18.61 85.47
C LEU I 93 82.59 -17.87 86.65
N ALA I 94 82.02 -16.71 87.01
CA ALA I 94 82.54 -15.96 88.14
C ALA I 94 82.33 -16.70 89.46
N VAL I 95 81.15 -17.31 89.64
CA VAL I 95 80.89 -18.05 90.86
C VAL I 95 81.83 -19.24 90.98
N GLN I 96 82.18 -19.87 89.85
CA GLN I 96 83.16 -20.94 89.89
C GLN I 96 84.57 -20.43 90.15
N SER I 97 84.96 -19.33 89.52
CA SER I 97 86.27 -18.72 89.73
C SER I 97 86.48 -18.27 91.17
N ARG I 98 85.40 -17.91 91.87
CA ARG I 98 85.45 -17.29 93.19
C ARG I 98 86.00 -18.22 94.27
N ASN I 99 85.92 -19.52 94.06
CA ASN I 99 86.36 -20.49 95.06
C ASN I 99 87.88 -20.61 95.09
N ASP I 100 88.42 -20.98 96.26
CA ASP I 100 89.85 -21.07 96.48
C ASP I 100 90.46 -22.42 96.11
N THR I 101 89.66 -23.33 95.57
CA THR I 101 90.23 -24.54 94.97
C THR I 101 91.09 -24.21 93.75
N ASN I 102 90.79 -23.10 93.08
CA ASN I 102 91.47 -22.74 91.85
C ASN I 102 92.77 -21.99 92.17
N ASP I 103 93.82 -22.29 91.39
CA ASP I 103 95.15 -21.72 91.58
C ASP I 103 95.46 -20.73 90.47
N GLU I 104 95.98 -19.56 90.88
CA GLU I 104 96.55 -18.63 89.91
C GLU I 104 97.85 -19.14 89.33
N ALA I 105 98.59 -19.98 90.06
CA ALA I 105 99.89 -20.46 89.61
C ALA I 105 99.75 -21.34 88.38
N THR I 106 98.93 -22.40 88.48
CA THR I 106 98.74 -23.34 87.39
C THR I 106 97.58 -22.97 86.49
N ASN I 107 97.24 -21.68 86.40
CA ASN I 107 96.44 -21.13 85.31
C ASN I 107 95.00 -21.66 85.33
N ASP I 108 94.43 -21.86 86.53
CA ASP I 108 93.05 -22.30 86.64
C ASP I 108 92.08 -21.17 86.33
N ARG I 109 92.32 -19.98 86.88
CA ARG I 109 91.43 -18.85 86.68
C ARG I 109 91.69 -18.11 85.38
N SER I 110 92.89 -18.20 84.82
CA SER I 110 93.16 -17.50 83.56
C SER I 110 92.40 -18.14 82.40
N ASN I 111 92.06 -19.42 82.49
CA ASN I 111 91.20 -20.02 81.46
C ASN I 111 89.75 -19.53 81.57
N LEU I 112 89.24 -19.38 82.79
CA LEU I 112 87.92 -18.79 82.95
C LEU I 112 87.93 -17.34 82.51
N ASN I 113 89.07 -16.66 82.68
CA ASN I 113 89.20 -15.29 82.18
C ASN I 113 89.27 -15.25 80.65
N ASP I 114 89.92 -16.22 80.02
CA ASP I 114 89.84 -16.38 78.56
C ASP I 114 88.39 -16.46 78.11
N GLU I 115 87.63 -17.36 78.74
CA GLU I 115 86.21 -17.52 78.44
C GLU I 115 85.45 -16.20 78.64
N LEU I 116 85.70 -15.53 79.76
CA LEU I 116 85.02 -14.29 80.09
C LEU I 116 85.34 -13.19 79.08
N LYS I 117 86.61 -13.06 78.68
CA LYS I 117 86.98 -12.06 77.69
C LYS I 117 86.31 -12.32 76.35
N GLN I 118 86.24 -13.58 75.94
CA GLN I 118 85.55 -13.88 74.69
C GLN I 118 84.07 -13.54 74.78
N LEU I 119 83.44 -13.81 75.92
CA LEU I 119 82.03 -13.46 76.07
C LEU I 119 81.83 -11.95 76.12
N GLN I 120 82.80 -11.21 76.64
CA GLN I 120 82.70 -9.75 76.62
C GLN I 120 82.87 -9.20 75.21
N GLU I 121 83.75 -9.79 74.41
CA GLU I 121 83.83 -9.38 73.02
C GLU I 121 82.52 -9.70 72.29
N GLU I 122 81.85 -10.79 72.66
CA GLU I 122 80.58 -11.12 72.01
C GLU I 122 79.46 -10.17 72.45
N ILE I 123 79.41 -9.80 73.74
CA ILE I 123 78.38 -8.87 74.19
C ILE I 123 78.57 -7.50 73.53
N THR I 124 79.81 -7.09 73.27
CA THR I 124 80.01 -5.84 72.51
C THR I 124 79.67 -6.02 71.03
N ARG I 125 79.99 -7.19 70.47
CA ARG I 125 79.72 -7.44 69.05
C ARG I 125 78.24 -7.39 68.75
N ILE I 126 77.41 -8.02 69.60
CA ILE I 126 75.97 -8.00 69.38
C ILE I 126 75.46 -6.56 69.42
N SER I 127 76.03 -5.74 70.31
CA SER I 127 75.62 -4.34 70.40
C SER I 127 75.88 -3.62 69.09
N SER I 128 77.14 -3.57 68.66
CA SER I 128 77.51 -2.74 67.50
C SER I 128 77.63 -3.52 66.20
N GLN I 129 76.89 -4.61 66.03
CA GLN I 129 76.72 -5.25 64.73
C GLN I 129 75.26 -5.67 64.51
N MET I 130 74.32 -5.03 65.21
CA MET I 130 72.89 -5.26 65.04
C MET I 130 72.32 -4.15 64.17
N GLU I 131 71.48 -4.51 63.21
CA GLU I 131 70.94 -3.47 62.30
C GLU I 131 69.64 -3.94 61.67
N PHE I 132 68.80 -2.96 61.36
CA PHE I 132 67.54 -3.15 60.65
C PHE I 132 67.49 -2.11 59.55
N ASN I 133 67.64 -2.54 58.30
CA ASN I 133 67.62 -1.64 57.15
C ASN I 133 68.78 -0.65 57.20
N ASN I 134 69.96 -1.16 57.57
CA ASN I 134 71.17 -0.33 57.68
C ASN I 134 71.00 0.75 58.74
N LYS I 135 70.63 0.33 59.95
CA LYS I 135 70.36 1.26 61.05
C LYS I 135 70.83 0.60 62.34
N LYS I 136 71.95 1.09 62.88
CA LYS I 136 72.47 0.57 64.12
C LYS I 136 71.53 0.95 65.27
N LEU I 137 71.13 -0.05 66.06
CA LEU I 137 70.11 0.11 67.09
C LEU I 137 70.69 0.20 68.50
N LEU I 138 71.56 -0.73 68.88
CA LEU I 138 72.03 -0.89 70.26
C LEU I 138 73.40 -0.27 70.48
N ASP I 139 73.65 0.90 69.90
CA ASP I 139 74.96 1.56 69.98
C ASP I 139 74.87 2.87 70.75
N GLY I 140 73.68 3.47 70.78
CA GLY I 140 73.48 4.83 71.21
C GLY I 140 73.09 5.79 70.10
N SER I 141 72.83 5.31 68.88
CA SER I 141 72.40 6.19 67.80
C SER I 141 71.04 6.79 68.09
N GLN I 142 70.11 5.97 68.59
CA GLN I 142 68.75 6.40 68.85
C GLN I 142 68.56 6.96 70.26
N SER I 143 69.58 6.85 71.12
CA SER I 143 69.47 7.36 72.49
C SER I 143 69.56 8.88 72.54
N THR I 144 69.91 9.53 71.43
CA THR I 144 70.06 10.99 71.43
C THR I 144 68.74 11.68 71.13
N ASN I 145 68.06 11.27 70.05
CA ASN I 145 66.80 11.86 69.63
C ASN I 145 65.65 10.86 69.63
N GLY I 146 65.84 9.69 69.04
CA GLY I 146 64.87 8.62 69.10
C GLY I 146 64.24 8.34 67.74
N LEU I 147 63.69 7.14 67.61
CA LEU I 147 62.98 6.72 66.41
C LEU I 147 61.52 7.12 66.51
N THR I 148 61.01 7.74 65.46
CA THR I 148 59.65 8.25 65.41
C THR I 148 58.84 7.43 64.40
N PHE I 149 57.75 6.83 64.86
CA PHE I 149 56.86 6.03 64.03
C PHE I 149 55.56 6.79 63.80
N GLN I 150 55.19 6.93 62.53
CA GLN I 150 53.92 7.51 62.13
C GLN I 150 52.87 6.41 62.16
N ILE I 151 51.97 6.49 63.14
CA ILE I 151 50.94 5.48 63.36
C ILE I 151 49.57 6.10 63.15
N GLY I 152 49.48 7.07 62.25
CA GLY I 152 48.23 7.74 61.97
C GLY I 152 48.27 8.42 60.62
N ALA I 153 47.07 8.65 60.08
CA ALA I 153 46.96 9.25 58.75
C ALA I 153 47.45 10.70 58.76
N ASN I 154 47.09 11.46 59.79
CA ASN I 154 47.36 12.89 59.83
C ASN I 154 48.71 13.20 60.45
N ALA I 155 49.08 14.47 60.41
CA ALA I 155 50.35 14.92 60.96
C ALA I 155 50.27 15.02 62.47
N GLY I 156 51.37 14.67 63.13
CA GLY I 156 51.46 14.69 64.57
C GLY I 156 51.03 13.40 65.25
N GLN I 157 50.40 12.48 64.52
CA GLN I 157 49.95 11.21 65.09
C GLN I 157 51.13 10.23 65.08
N THR I 158 52.09 10.52 65.95
CA THR I 158 53.37 9.82 65.99
C THR I 158 53.62 9.26 67.38
N ILE I 159 54.62 8.39 67.46
CA ILE I 159 55.17 7.95 68.75
C ILE I 159 56.68 7.95 68.65
N THR I 160 57.34 8.48 69.67
CA THR I 160 58.79 8.48 69.76
C THR I 160 59.26 7.35 70.66
N MET I 161 60.45 6.86 70.37
CA MET I 161 61.04 5.73 71.07
C MET I 161 62.54 5.95 71.20
N LYS I 162 63.12 5.35 72.22
CA LYS I 162 64.55 5.50 72.49
C LYS I 162 65.10 4.16 72.97
N ILE I 163 66.33 3.86 72.54
CA ILE I 163 67.03 2.65 72.94
C ILE I 163 68.41 3.08 73.44
N SER I 164 68.81 2.55 74.59
CA SER I 164 70.05 2.95 75.24
C SER I 164 71.22 2.13 74.71
N THR I 165 72.43 2.63 74.98
CA THR I 165 73.63 1.86 74.68
C THR I 165 73.70 0.65 75.59
N MET I 166 73.91 -0.53 74.99
CA MET I 166 73.94 -1.82 75.65
C MET I 166 75.27 -2.51 75.43
N SER I 167 76.36 -1.76 75.50
CA SER I 167 77.70 -2.32 75.45
C SER I 167 78.20 -2.67 76.85
N ALA I 168 79.38 -3.31 76.90
CA ALA I 168 79.95 -3.72 78.18
C ALA I 168 80.42 -2.53 79.00
N THR I 169 80.90 -1.46 78.34
CA THR I 169 81.37 -0.29 79.06
C THR I 169 80.22 0.40 79.81
N LYS I 170 79.06 0.50 79.18
CA LYS I 170 77.94 1.21 79.79
C LYS I 170 77.42 0.47 81.02
N LEU I 171 77.47 -0.86 80.99
CA LEU I 171 76.91 -1.69 82.05
C LEU I 171 77.92 -2.08 83.13
N GLY I 172 79.14 -1.54 83.08
CA GLY I 172 80.11 -1.79 84.13
C GLY I 172 80.53 -3.23 84.24
N VAL I 173 80.61 -3.94 83.10
CA VAL I 173 81.01 -5.34 83.06
C VAL I 173 82.18 -5.58 82.12
N ASP I 174 82.67 -4.55 81.43
CA ASP I 174 83.88 -4.66 80.63
C ASP I 174 85.07 -5.13 81.45
N ALA I 175 86.10 -5.61 80.75
CA ALA I 175 87.24 -6.25 81.41
C ALA I 175 88.01 -5.31 82.32
N ALA I 176 87.89 -3.99 82.11
CA ALA I 176 88.56 -3.04 83.00
C ALA I 176 87.97 -3.00 84.40
N LYS I 177 86.77 -3.57 84.62
CA LYS I 177 86.13 -3.54 85.92
C LYS I 177 85.48 -4.86 86.30
N ALA I 178 85.65 -5.93 85.51
CA ALA I 178 85.00 -7.21 85.78
C ALA I 178 85.91 -8.40 85.52
N SER I 179 87.21 -8.25 85.75
CA SER I 179 88.10 -9.39 85.63
C SER I 179 87.79 -10.41 86.73
N ILE I 180 88.16 -11.66 86.46
CA ILE I 180 88.08 -12.73 87.45
C ILE I 180 89.44 -13.38 87.59
N SER I 181 90.52 -12.60 87.36
CA SER I 181 91.86 -13.07 87.65
C SER I 181 92.00 -13.48 89.10
N LYS I 182 91.51 -12.66 90.02
CA LYS I 182 91.66 -12.88 91.45
C LYS I 182 90.41 -13.56 92.00
N GLY I 183 90.41 -13.80 93.31
CA GLY I 183 89.22 -14.20 94.03
C GLY I 183 88.39 -12.99 94.41
N THR I 184 89.07 -11.88 94.71
CA THR I 184 88.35 -10.67 95.12
C THR I 184 87.56 -10.08 93.96
N ALA I 185 88.14 -10.06 92.77
CA ALA I 185 87.48 -9.43 91.62
C ALA I 185 86.22 -10.16 91.22
N ALA I 186 86.17 -11.48 91.41
CA ALA I 186 84.95 -12.23 91.11
C ALA I 186 83.79 -11.82 92.02
N SER I 187 84.10 -11.44 93.26
CA SER I 187 83.08 -10.94 94.18
C SER I 187 82.35 -9.75 93.57
N LYS I 188 83.11 -8.75 93.10
CA LYS I 188 82.50 -7.60 92.46
C LYS I 188 81.87 -7.97 91.13
N ALA I 189 82.46 -8.93 90.41
CA ALA I 189 81.97 -9.31 89.10
C ALA I 189 80.56 -9.90 89.19
N ILE I 190 80.28 -10.66 90.25
CA ILE I 190 78.96 -11.26 90.42
C ILE I 190 77.90 -10.17 90.52
N LYS I 191 78.12 -9.20 91.40
CA LYS I 191 77.19 -8.10 91.58
C LYS I 191 77.05 -7.28 90.30
N SER I 192 78.18 -7.05 89.64
CA SER I 192 78.19 -6.29 88.39
C SER I 192 77.34 -6.98 87.33
N ILE I 193 77.46 -8.31 87.24
CA ILE I 193 76.70 -9.08 86.26
C ILE I 193 75.22 -9.07 86.61
N ASP I 194 74.89 -9.15 87.90
CA ASP I 194 73.48 -9.06 88.31
C ASP I 194 72.87 -7.71 87.91
N ASP I 195 73.60 -6.63 88.17
CA ASP I 195 73.12 -5.31 87.78
C ASP I 195 72.90 -5.22 86.28
N ALA I 196 73.83 -5.78 85.50
CA ALA I 196 73.69 -5.76 84.05
C ALA I 196 72.47 -6.56 83.59
N ILE I 197 72.25 -7.74 84.18
CA ILE I 197 71.08 -8.54 83.83
C ILE I 197 69.80 -7.77 84.11
N ASN I 198 69.71 -7.12 85.27
CA ASN I 198 68.52 -6.34 85.60
C ASN I 198 68.31 -5.19 84.62
N THR I 199 69.39 -4.50 84.25
CA THR I 199 69.27 -3.38 83.32
C THR I 199 68.77 -3.84 81.96
N VAL I 200 69.31 -4.95 81.45
CA VAL I 200 68.90 -5.38 80.11
C VAL I 200 67.48 -5.96 80.15
N SER I 201 67.07 -6.54 81.28
CA SER I 201 65.67 -6.93 81.45
C SER I 201 64.76 -5.70 81.39
N LYS I 202 65.17 -4.62 82.05
CA LYS I 202 64.40 -3.38 82.02
C LYS I 202 64.23 -2.88 80.59
N THR I 203 65.33 -2.87 79.83
CA THR I 203 65.26 -2.41 78.44
C THR I 203 64.35 -3.30 77.59
N ARG I 204 64.44 -4.62 77.77
CA ARG I 204 63.56 -5.53 77.04
C ARG I 204 62.09 -5.27 77.37
N SER I 205 61.79 -5.03 78.65
CA SER I 205 60.42 -4.67 79.03
C SER I 205 59.97 -3.41 78.32
N ALA I 206 60.84 -2.40 78.27
CA ALA I 206 60.51 -1.15 77.61
C ALA I 206 60.17 -1.36 76.14
N LEU I 207 60.89 -2.27 75.48
CA LEU I 207 60.60 -2.56 74.08
C LEU I 207 59.26 -3.31 73.92
N GLY I 208 59.05 -4.33 74.75
CA GLY I 208 57.86 -5.13 74.64
C GLY I 208 56.58 -4.34 74.89
N ALA I 209 56.66 -3.34 75.77
CA ALA I 209 55.51 -2.48 76.01
C ALA I 209 55.07 -1.78 74.73
N VAL I 210 56.04 -1.22 73.99
CA VAL I 210 55.72 -0.50 72.76
C VAL I 210 55.19 -1.48 71.71
N GLN I 211 55.73 -2.70 71.69
CA GLN I 211 55.19 -3.72 70.78
C GLN I 211 53.71 -3.99 71.06
N ASN I 212 53.39 -4.22 72.34
CA ASN I 212 52.01 -4.51 72.70
C ASN I 212 51.08 -3.33 72.41
N ARG I 213 51.59 -2.10 72.57
CA ARG I 213 50.82 -0.93 72.20
C ARG I 213 50.52 -0.92 70.70
N LEU I 214 51.55 -1.20 69.88
CA LEU I 214 51.39 -1.13 68.44
C LEU I 214 50.39 -2.16 67.93
N GLU I 215 50.29 -3.31 68.62
CA GLU I 215 49.28 -4.30 68.23
C GLU I 215 47.87 -3.72 68.33
N HIS I 216 47.54 -3.16 69.49
CA HIS I 216 46.24 -2.52 69.67
C HIS I 216 46.02 -1.40 68.67
N THR I 217 47.08 -0.62 68.40
CA THR I 217 47.00 0.44 67.39
C THR I 217 46.61 -0.12 66.03
N ILE I 218 47.22 -1.24 65.64
CA ILE I 218 46.91 -1.85 64.35
C ILE I 218 45.46 -2.29 64.30
N ASN I 219 44.97 -2.90 65.38
CA ASN I 219 43.56 -3.31 65.42
C ASN I 219 42.64 -2.12 65.23
N ASN I 220 42.88 -1.04 65.96
CA ASN I 220 42.05 0.16 65.85
C ASN I 220 42.11 0.75 64.45
N LEU I 221 43.31 0.77 63.84
CA LEU I 221 43.44 1.30 62.49
C LEU I 221 42.64 0.48 61.49
N GLY I 222 42.69 -0.85 61.60
CA GLY I 222 41.91 -1.69 60.72
C GLY I 222 40.42 -1.45 60.85
N THR I 223 39.93 -1.38 62.09
CA THR I 223 38.51 -1.12 62.31
C THR I 223 38.09 0.22 61.70
N SER I 224 38.88 1.27 61.96
CA SER I 224 38.53 2.60 61.45
C SER I 224 38.57 2.62 59.93
N ALA I 225 39.54 1.93 59.32
CA ALA I 225 39.63 1.90 57.87
C ALA I 225 38.42 1.20 57.26
N GLU I 226 38.00 0.08 57.84
CA GLU I 226 36.82 -0.60 57.33
C GLU I 226 35.58 0.28 57.44
N ASN I 227 35.40 0.95 58.59
CA ASN I 227 34.21 1.78 58.77
C ASN I 227 34.19 2.94 57.78
N LEU I 228 35.33 3.63 57.61
CA LEU I 228 35.38 4.73 56.67
C LEU I 228 35.23 4.25 55.23
N THR I 229 35.71 3.04 54.93
CA THR I 229 35.51 2.48 53.61
C THR I 229 34.03 2.25 53.33
N ALA I 230 33.32 1.71 54.32
CA ALA I 230 31.87 1.54 54.20
C ALA I 230 31.18 2.88 53.96
N ALA I 231 31.56 3.90 54.74
CA ALA I 231 30.96 5.22 54.58
C ALA I 231 31.20 5.79 53.19
N GLU I 232 32.45 5.71 52.72
CA GLU I 232 32.80 6.25 51.40
C GLU I 232 32.08 5.49 50.29
N SER I 233 31.94 4.17 50.45
CA SER I 233 31.19 3.37 49.48
C SER I 233 29.74 3.82 49.42
N ARG I 234 29.11 3.99 50.57
CA ARG I 234 27.72 4.42 50.59
C ARG I 234 27.55 5.83 50.04
N ILE I 235 28.56 6.69 50.19
CA ILE I 235 28.45 8.04 49.67
C ILE I 235 28.59 8.04 48.15
N ARG I 236 29.70 7.49 47.65
CA ARG I 236 30.09 7.68 46.25
C ARG I 236 29.66 6.55 45.32
N ASP I 237 29.78 5.30 45.74
CA ASP I 237 29.43 4.20 44.85
C ASP I 237 27.92 4.16 44.61
N THR I 238 27.53 3.55 43.51
CA THR I 238 26.15 3.51 43.06
C THR I 238 25.58 2.10 43.18
N ASP I 239 24.28 2.03 43.43
CA ASP I 239 23.57 0.76 43.44
C ASP I 239 23.20 0.37 42.02
N MET I 240 23.60 -0.83 41.60
CA MET I 240 23.40 -1.25 40.22
C MET I 240 21.92 -1.38 39.89
N ALA I 241 21.11 -1.85 40.83
CA ALA I 241 19.71 -2.14 40.55
C ALA I 241 18.93 -0.88 40.24
N ALA I 242 19.13 0.18 41.03
CA ALA I 242 18.39 1.41 40.82
C ALA I 242 18.74 2.05 39.48
N GLU I 243 20.03 2.07 39.13
CA GLU I 243 20.44 2.64 37.86
C GLU I 243 19.96 1.78 36.69
N MET I 244 19.92 0.46 36.86
CA MET I 244 19.34 -0.40 35.84
C MET I 244 17.86 -0.08 35.61
N MET I 245 17.12 0.08 36.70
CA MET I 245 15.71 0.48 36.63
C MET I 245 15.57 1.78 35.85
N ALA I 246 16.33 2.80 36.24
CA ALA I 246 16.23 4.11 35.60
C ALA I 246 16.61 4.03 34.12
N PHE I 247 17.62 3.25 33.79
CA PHE I 247 18.06 3.14 32.40
C PHE I 247 17.01 2.46 31.54
N THR I 248 16.40 1.37 32.04
CA THR I 248 15.32 0.72 31.30
C THR I 248 14.15 1.66 31.11
N LYS I 249 13.76 2.39 32.16
CA LYS I 249 12.69 3.36 32.07
C LYS I 249 12.97 4.41 31.00
N ASN I 250 14.18 4.97 31.02
CA ASN I 250 14.52 6.00 30.05
C ASN I 250 14.56 5.46 28.63
N ASN I 251 15.00 4.23 28.44
CA ASN I 251 14.97 3.63 27.10
C ASN I 251 13.53 3.49 26.60
N ILE I 252 12.63 3.00 27.47
CA ILE I 252 11.24 2.85 27.07
C ILE I 252 10.65 4.21 26.71
N LEU I 253 10.96 5.24 27.49
CA LEU I 253 10.48 6.58 27.20
C LEU I 253 11.04 7.10 25.87
N THR I 254 12.31 6.80 25.60
CA THR I 254 12.92 7.19 24.33
C THR I 254 12.20 6.56 23.16
N GLN I 255 11.90 5.26 23.26
CA GLN I 255 11.19 4.57 22.19
C GLN I 255 9.79 5.17 21.99
N ALA I 256 9.10 5.45 23.10
CA ALA I 256 7.77 6.06 23.02
C ALA I 256 7.83 7.41 22.30
N ALA I 257 8.81 8.24 22.66
CA ALA I 257 8.94 9.54 22.01
C ALA I 257 9.30 9.40 20.54
N GLN I 258 10.11 8.39 20.20
CA GLN I 258 10.44 8.15 18.79
C GLN I 258 9.18 7.83 18.00
N SER I 259 8.35 6.91 18.50
CA SER I 259 7.11 6.58 17.80
C SER I 259 6.19 7.79 17.71
N MET I 260 6.09 8.57 18.78
CA MET I 260 5.24 9.75 18.78
C MET I 260 5.70 10.75 17.73
N LEU I 261 7.02 10.92 17.59
CA LEU I 261 7.53 11.85 16.59
C LEU I 261 7.28 11.34 15.18
N ALA I 262 7.43 10.02 14.97
CA ALA I 262 7.13 9.45 13.67
C ALA I 262 5.66 9.68 13.30
N GLN I 263 4.76 9.64 14.29
CA GLN I 263 3.37 9.94 14.03
C GLN I 263 3.15 11.43 13.75
N ALA I 264 3.75 12.29 14.57
CA ALA I 264 3.56 13.73 14.44
C ALA I 264 4.07 14.25 13.10
N ASN I 265 5.11 13.63 12.56
CA ASN I 265 5.60 14.03 11.24
C ASN I 265 4.61 13.70 10.14
N GLN I 266 3.85 12.61 10.29
CA GLN I 266 2.84 12.22 9.32
C GLN I 266 1.53 12.96 9.50
N GLN I 267 1.28 13.51 10.70
CA GLN I 267 0.02 14.19 10.96
C GLN I 267 -0.31 15.30 9.97
N PRO I 268 0.60 16.24 9.64
CA PRO I 268 0.22 17.29 8.67
C PRO I 268 0.27 16.84 7.21
N GLN I 269 -0.81 16.22 6.76
CA GLN I 269 -0.98 15.82 5.36
C GLN I 269 -2.39 16.22 4.94
N GLY I 270 -2.51 17.45 4.46
CA GLY I 270 -3.76 17.97 3.93
C GLY I 270 -3.65 18.28 2.47
N VAL I 271 -2.88 17.46 1.74
CA VAL I 271 -2.72 17.67 0.31
C VAL I 271 -3.99 17.30 -0.44
N LEU I 272 -4.85 16.45 0.14
CA LEU I 272 -6.10 16.12 -0.54
C LEU I 272 -7.10 17.27 -0.56
N GLN I 273 -6.87 18.35 0.19
CA GLN I 273 -7.66 19.56 -0.04
C GLN I 273 -7.48 20.05 -1.47
N LEU I 274 -6.23 20.17 -1.88
CA LEU I 274 -5.88 20.87 -3.12
C LEU I 274 -6.19 20.03 -4.34
N LEU I 275 -5.52 18.89 -4.47
CA LEU I 275 -5.66 18.04 -5.63
C LEU I 275 -6.82 17.06 -5.43
N GLN I 276 -7.01 16.17 -6.40
CA GLN I 276 -8.07 15.17 -6.27
C GLN I 276 -7.86 14.08 -7.31
N MET J 1 18.93 21.25 -14.48
CA MET J 1 18.12 21.85 -13.44
C MET J 1 16.92 21.09 -12.82
N ARG J 2 16.16 20.34 -13.64
CA ARG J 2 14.95 19.67 -13.18
C ARG J 2 14.99 18.16 -13.35
N ILE J 3 15.28 17.67 -14.57
CA ILE J 3 15.03 16.28 -14.93
C ILE J 3 16.34 15.56 -15.26
N GLN J 4 17.06 16.09 -16.24
CA GLN J 4 18.21 15.38 -16.82
C GLN J 4 19.30 15.07 -15.80
N HIS J 5 19.37 15.81 -14.70
CA HIS J 5 20.38 15.61 -13.67
C HIS J 5 19.75 15.80 -12.31
N ASN J 6 20.10 14.92 -11.37
CA ASN J 6 19.56 14.93 -10.00
C ASN J 6 20.73 14.89 -9.03
N ILE J 7 21.19 16.06 -8.60
CA ILE J 7 22.50 16.15 -7.95
C ILE J 7 22.45 15.62 -6.51
N ALA J 8 21.29 15.75 -5.85
CA ALA J 8 21.13 15.22 -4.50
C ALA J 8 21.40 13.72 -4.47
N ALA J 9 20.87 13.01 -5.46
CA ALA J 9 21.08 11.56 -5.53
C ALA J 9 22.55 11.22 -5.76
N LEU J 10 23.26 12.04 -6.56
CA LEU J 10 24.68 11.83 -6.75
C LEU J 10 25.45 11.97 -5.45
N ASN J 11 25.17 13.04 -4.70
CA ASN J 11 25.84 13.23 -3.40
C ASN J 11 25.54 12.07 -2.45
N THR J 12 24.28 11.64 -2.42
CA THR J 12 23.90 10.52 -1.56
C THR J 12 24.62 9.25 -1.97
N HIS J 13 24.77 9.02 -3.27
CA HIS J 13 25.50 7.86 -3.75
C HIS J 13 26.96 7.90 -3.32
N ARG J 14 27.59 9.05 -3.45
CA ARG J 14 28.97 9.23 -2.98
C ARG J 14 29.11 8.84 -1.52
N ASN J 15 28.26 9.43 -0.66
CA ASN J 15 28.35 9.18 0.76
C ASN J 15 28.08 7.71 1.09
N LEU J 16 27.13 7.10 0.37
CA LEU J 16 26.83 5.69 0.57
C LEU J 16 28.03 4.81 0.24
N ALA J 17 28.69 5.10 -0.89
CA ALA J 17 29.88 4.35 -1.26
C ALA J 17 30.98 4.49 -0.22
N ALA J 18 31.18 5.71 0.29
CA ALA J 18 32.20 5.93 1.32
C ALA J 18 31.89 5.12 2.58
N ASN J 19 30.63 5.14 3.02
CA ASN J 19 30.26 4.40 4.23
C ASN J 19 30.46 2.90 4.03
N ASN J 20 30.08 2.38 2.86
CA ASN J 20 30.29 0.97 2.57
C ASN J 20 31.78 0.61 2.62
N ALA J 21 32.62 1.46 2.04
CA ALA J 21 34.06 1.20 2.06
C ALA J 21 34.60 1.17 3.49
N ALA J 22 34.18 2.12 4.32
CA ALA J 22 34.64 2.14 5.71
C ALA J 22 34.20 0.90 6.47
N ALA J 23 32.94 0.48 6.26
CA ALA J 23 32.45 -0.73 6.92
C ALA J 23 33.24 -1.95 6.47
N SER J 24 33.59 -2.02 5.18
CA SER J 24 34.39 -3.14 4.68
C SER J 24 35.77 -3.16 5.33
N LYS J 25 36.40 -1.98 5.47
CA LYS J 25 37.69 -1.91 6.16
C LYS J 25 37.57 -2.42 7.60
N ASN J 26 36.51 -2.02 8.28
CA ASN J 26 36.31 -2.48 9.67
C ASN J 26 36.11 -3.99 9.72
N LEU J 27 35.37 -4.54 8.76
CA LEU J 27 35.20 -5.99 8.69
C LEU J 27 36.54 -6.69 8.51
N GLU J 28 37.38 -6.15 7.63
CA GLU J 28 38.72 -6.71 7.43
C GLU J 28 39.50 -6.71 8.74
N LYS J 29 39.50 -5.59 9.45
CA LYS J 29 40.26 -5.50 10.69
C LYS J 29 39.70 -6.43 11.77
N LEU J 30 38.40 -6.69 11.76
CA LEU J 30 37.82 -7.56 12.77
C LEU J 30 38.06 -9.03 12.46
N SER J 31 37.95 -9.42 11.19
CA SER J 31 38.20 -10.81 10.82
C SER J 31 39.66 -11.16 10.94
N SER J 32 40.56 -10.26 10.53
CA SER J 32 41.98 -10.55 10.57
C SER J 32 42.50 -10.60 12.00
N GLY J 33 41.94 -9.76 12.87
CA GLY J 33 42.46 -9.60 14.21
C GLY J 33 43.66 -8.67 14.33
N PHE J 34 44.11 -8.08 13.22
CA PHE J 34 45.22 -7.15 13.20
C PHE J 34 44.76 -5.79 12.72
N LYS J 35 45.33 -4.74 13.30
CA LYS J 35 44.99 -3.38 12.94
C LYS J 35 45.71 -2.90 11.70
N ILE J 36 46.81 -3.54 11.33
CA ILE J 36 47.65 -3.13 10.19
C ILE J 36 47.78 -4.36 9.30
N ASN J 37 46.98 -4.41 8.24
CA ASN J 37 47.06 -5.46 7.23
C ASN J 37 47.77 -5.00 5.96
N ARG J 38 47.86 -3.70 5.74
CA ARG J 38 48.55 -3.11 4.61
C ARG J 38 49.45 -2.00 5.11
N ALA J 39 50.38 -1.56 4.25
CA ALA J 39 51.24 -0.44 4.61
C ALA J 39 50.50 0.88 4.53
N GLY J 40 49.44 0.96 3.74
CA GLY J 40 48.62 2.16 3.72
C GLY J 40 47.93 2.41 5.04
N ASP J 41 47.67 1.35 5.82
CA ASP J 41 47.11 1.53 7.15
C ASP J 41 48.05 2.36 8.03
N ASP J 42 49.32 1.97 8.08
CA ASP J 42 50.28 2.67 8.93
C ASP J 42 51.68 2.25 8.50
N ALA J 43 52.47 3.20 8.01
CA ALA J 43 53.81 2.89 7.51
C ALA J 43 54.79 2.72 8.67
N ALA J 44 54.89 3.70 9.55
CA ALA J 44 55.74 3.60 10.75
C ALA J 44 54.99 2.83 11.81
N GLY J 45 55.33 1.56 11.97
CA GLY J 45 54.60 0.65 12.81
C GLY J 45 54.54 -0.72 12.17
N LEU J 46 54.41 -0.76 10.84
CA LEU J 46 54.63 -2.01 10.12
C LEU J 46 56.07 -2.47 10.26
N ALA J 47 57.03 -1.57 9.98
CA ALA J 47 58.43 -1.88 10.16
C ALA J 47 58.75 -2.26 11.59
N ILE J 48 58.21 -1.50 12.55
CA ILE J 48 58.48 -1.77 13.96
C ILE J 48 57.93 -3.14 14.35
N SER J 49 56.73 -3.48 13.85
CA SER J 49 56.15 -4.78 14.13
C SER J 49 56.99 -5.90 13.55
N GLU J 50 57.51 -5.72 12.34
CA GLU J 50 58.32 -6.77 11.73
C GLU J 50 59.62 -6.97 12.49
N LYS J 51 60.31 -5.88 12.85
CA LYS J 51 61.52 -5.99 13.64
C LYS J 51 61.25 -6.64 14.99
N MET J 52 60.13 -6.28 15.63
CA MET J 52 59.81 -6.85 16.93
C MET J 52 59.48 -8.34 16.82
N ARG J 53 58.81 -8.74 15.74
CA ARG J 53 58.56 -10.15 15.51
C ARG J 53 59.85 -10.91 15.32
N GLY J 54 60.78 -10.36 14.54
CA GLY J 54 62.09 -10.98 14.40
C GLY J 54 62.80 -11.14 15.73
N GLN J 55 62.77 -10.09 16.55
CA GLN J 55 63.42 -10.15 17.86
C GLN J 55 62.76 -11.18 18.76
N ILE J 56 61.43 -11.28 18.72
CA ILE J 56 60.72 -12.24 19.55
C ILE J 56 61.10 -13.66 19.17
N SER J 57 61.07 -13.96 17.87
CA SER J 57 61.45 -15.29 17.40
C SER J 57 62.89 -15.60 17.78
N GLY J 58 63.79 -14.64 17.59
CA GLY J 58 65.18 -14.85 17.97
C GLY J 58 65.37 -15.10 19.44
N LEU J 59 64.63 -14.37 20.29
CA LEU J 59 64.76 -14.53 21.72
C LEU J 59 64.24 -15.89 22.18
N ASN J 60 63.11 -16.33 21.63
CA ASN J 60 62.60 -17.66 21.98
C ASN J 60 63.54 -18.75 21.52
N MET J 61 64.08 -18.64 20.31
CA MET J 61 65.02 -19.64 19.83
C MET J 61 66.31 -19.62 20.65
N ALA J 62 66.71 -18.45 21.14
CA ALA J 62 67.89 -18.36 21.98
C ALA J 62 67.65 -19.01 23.34
N SER J 63 66.43 -18.87 23.87
CA SER J 63 66.06 -19.59 25.09
C SER J 63 66.18 -21.09 24.88
N LYS J 64 65.65 -21.57 23.74
CA LYS J 64 65.76 -23.00 23.40
C LYS J 64 67.22 -23.43 23.34
N ASN J 65 68.07 -22.64 22.67
CA ASN J 65 69.48 -22.97 22.53
C ASN J 65 70.18 -22.98 23.89
N SER J 66 69.84 -22.04 24.76
CA SER J 66 70.44 -22.01 26.09
C SER J 66 70.07 -23.25 26.89
N SER J 67 68.83 -23.70 26.77
CA SER J 67 68.43 -24.93 27.44
C SER J 67 69.19 -26.13 26.89
N ASP J 68 69.40 -26.16 25.57
CA ASP J 68 70.19 -27.24 24.97
C ASP J 68 71.62 -27.25 25.52
N ALA J 69 72.23 -26.07 25.64
CA ALA J 69 73.56 -25.96 26.21
C ALA J 69 73.59 -26.46 27.65
N ILE J 70 72.54 -26.14 28.42
CA ILE J 70 72.47 -26.62 29.80
C ILE J 70 72.43 -28.15 29.83
N SER J 71 71.69 -28.75 28.89
CA SER J 71 71.63 -30.21 28.82
C SER J 71 73.01 -30.81 28.53
N LEU J 72 73.71 -30.23 27.56
CA LEU J 72 75.08 -30.66 27.25
C LEU J 72 75.99 -30.59 28.48
N ILE J 73 75.95 -29.46 29.19
CA ILE J 73 76.81 -29.27 30.34
C ILE J 73 76.48 -30.28 31.43
N GLN J 74 75.19 -30.54 31.64
CA GLN J 74 74.78 -31.53 32.62
C GLN J 74 75.32 -32.90 32.25
N THR J 75 75.35 -33.22 30.96
CA THR J 75 75.92 -34.50 30.52
C THR J 75 77.38 -34.59 30.93
N ALA J 76 78.15 -33.53 30.65
CA ALA J 76 79.58 -33.56 30.98
C ALA J 76 79.81 -33.67 32.48
N GLU J 77 79.05 -32.93 33.29
CA GLU J 77 79.21 -33.00 34.73
C GLU J 77 78.88 -34.39 35.26
N GLY J 78 77.80 -34.99 34.75
CA GLY J 78 77.48 -36.36 35.13
C GLY J 78 78.57 -37.33 34.74
N GLY J 79 79.23 -37.08 33.62
CA GLY J 79 80.38 -37.90 33.26
C GLY J 79 81.51 -37.79 34.26
N LEU J 80 81.77 -36.58 34.75
CA LEU J 80 82.90 -36.37 35.66
C LEU J 80 82.62 -36.80 37.10
N ASN J 81 81.36 -36.94 37.49
CA ASN J 81 81.06 -37.44 38.82
C ASN J 81 81.64 -38.83 39.05
N GLU J 82 81.54 -39.71 38.06
CA GLU J 82 82.09 -41.06 38.20
C GLU J 82 83.60 -41.04 38.18
N THR J 83 84.19 -40.08 37.47
CA THR J 83 85.64 -39.87 37.55
C THR J 83 86.05 -39.57 39.00
N HIS J 84 85.34 -38.65 39.66
CA HIS J 84 85.57 -38.40 41.08
C HIS J 84 85.51 -39.68 41.90
N ALA J 85 84.44 -40.47 41.69
CA ALA J 85 84.22 -41.66 42.50
C ALA J 85 85.37 -42.66 42.34
N ILE J 86 85.72 -42.99 41.11
CA ILE J 86 86.75 -44.00 40.91
C ILE J 86 88.12 -43.47 41.29
N LEU J 87 88.32 -42.15 41.23
CA LEU J 87 89.57 -41.59 41.74
C LEU J 87 89.68 -41.77 43.24
N GLN J 88 88.58 -41.55 43.96
CA GLN J 88 88.57 -41.83 45.40
C GLN J 88 88.90 -43.28 45.68
N ARG J 89 88.30 -44.20 44.91
CA ARG J 89 88.58 -45.61 45.10
C ARG J 89 90.05 -45.93 44.84
N MET J 90 90.62 -45.34 43.81
CA MET J 90 92.03 -45.55 43.46
C MET J 90 92.95 -45.03 44.56
N ARG J 91 92.62 -43.88 45.14
CA ARG J 91 93.41 -43.37 46.26
C ARG J 91 93.34 -44.31 47.45
N GLU J 92 92.15 -44.83 47.75
CA GLU J 92 92.02 -45.80 48.84
C GLU J 92 92.88 -47.03 48.58
N LEU J 93 92.85 -47.54 47.34
CA LEU J 93 93.67 -48.69 46.95
C LEU J 93 95.16 -48.40 47.11
N ALA J 94 95.61 -47.21 46.71
CA ALA J 94 97.02 -46.87 46.86
C ALA J 94 97.43 -46.78 48.32
N VAL J 95 96.60 -46.16 49.15
CA VAL J 95 96.92 -46.05 50.58
C VAL J 95 97.00 -47.43 51.21
N GLN J 96 96.14 -48.35 50.78
CA GLN J 96 96.23 -49.72 51.28
C GLN J 96 97.46 -50.45 50.75
N SER J 97 97.78 -50.29 49.46
CA SER J 97 98.95 -50.91 48.87
C SER J 97 100.25 -50.42 49.49
N ARG J 98 100.26 -49.20 50.01
CA ARG J 98 101.47 -48.53 50.47
C ARG J 98 102.08 -49.18 51.72
N ASN J 99 101.29 -49.94 52.47
CA ASN J 99 101.76 -50.55 53.71
C ASN J 99 102.60 -51.79 53.42
N ASP J 100 103.52 -52.11 54.34
CA ASP J 100 104.46 -53.21 54.17
C ASP J 100 103.92 -54.54 54.68
N THR J 101 102.68 -54.59 55.14
CA THR J 101 102.03 -55.88 55.40
C THR J 101 101.87 -56.68 54.12
N ASN J 102 101.76 -56.01 52.98
CA ASN J 102 101.49 -56.67 51.72
C ASN J 102 102.79 -57.17 51.08
N ASP J 103 102.74 -58.36 50.50
CA ASP J 103 103.89 -59.02 49.90
C ASP J 103 103.79 -59.00 48.38
N GLU J 104 104.89 -58.63 47.73
CA GLU J 104 105.01 -58.80 46.29
C GLU J 104 105.13 -60.27 45.89
N ALA J 105 105.66 -61.12 46.79
CA ALA J 105 105.87 -62.52 46.46
C ALA J 105 104.55 -63.25 46.25
N THR J 106 103.66 -63.18 47.25
CA THR J 106 102.38 -63.86 47.19
C THR J 106 101.27 -63.00 46.62
N ASN J 107 101.62 -62.02 45.78
CA ASN J 107 100.68 -61.39 44.85
C ASN J 107 99.63 -60.56 45.59
N ASP J 108 100.02 -59.91 46.69
CA ASP J 108 99.09 -59.05 47.43
C ASP J 108 98.84 -57.74 46.70
N ARG J 109 99.91 -57.10 46.21
CA ARG J 109 99.80 -55.82 45.53
C ARG J 109 99.40 -55.95 44.07
N SER J 110 99.68 -57.09 43.42
CA SER J 110 99.30 -57.25 42.03
C SER J 110 97.80 -57.32 41.85
N ASN J 111 97.06 -57.76 42.86
CA ASN J 111 95.60 -57.72 42.79
C ASN J 111 95.07 -56.29 42.90
N LEU J 112 95.67 -55.48 43.77
CA LEU J 112 95.29 -54.08 43.83
C LEU J 112 95.68 -53.37 42.54
N ASN J 113 96.75 -53.83 41.89
CA ASN J 113 97.13 -53.29 40.59
C ASN J 113 96.16 -53.73 39.49
N ASP J 114 95.66 -54.96 39.55
CA ASP J 114 94.56 -55.38 38.68
C ASP J 114 93.39 -54.42 38.80
N GLU J 115 92.96 -54.17 40.03
CA GLU J 115 91.86 -53.23 40.30
C GLU J 115 92.17 -51.85 39.73
N LEU J 116 93.39 -51.37 39.99
CA LEU J 116 93.79 -50.03 39.54
C LEU J 116 93.81 -49.93 38.02
N LYS J 117 94.32 -50.95 37.33
CA LYS J 117 94.34 -50.94 35.87
C LYS J 117 92.93 -50.93 35.30
N GLN J 118 92.02 -51.71 35.90
CA GLN J 118 90.65 -51.67 35.41
C GLN J 118 90.02 -50.30 35.62
N LEU J 119 90.30 -49.65 36.76
CA LEU J 119 89.74 -48.33 36.98
C LEU J 119 90.37 -47.29 36.05
N GLN J 120 91.62 -47.48 35.65
CA GLN J 120 92.24 -46.60 34.67
C GLN J 120 91.64 -46.78 33.28
N GLU J 121 91.33 -48.03 32.91
CA GLU J 121 90.63 -48.23 31.66
C GLU J 121 89.24 -47.59 31.71
N GLU J 122 88.59 -47.59 32.87
CA GLU J 122 87.28 -46.96 32.98
C GLU J 122 87.37 -45.44 32.92
N ILE J 123 88.38 -44.84 33.56
CA ILE J 123 88.52 -43.38 33.50
C ILE J 123 88.83 -42.94 32.08
N THR J 124 89.56 -43.73 31.29
CA THR J 124 89.74 -43.39 29.89
C THR J 124 88.46 -43.62 29.08
N ARG J 125 87.72 -44.69 29.40
CA ARG J 125 86.51 -45.01 28.67
C ARG J 125 85.47 -43.91 28.81
N ILE J 126 85.27 -43.40 30.03
CA ILE J 126 84.31 -42.32 30.22
C ILE J 126 84.71 -41.10 29.42
N SER J 127 86.01 -40.84 29.32
CA SER J 127 86.49 -39.70 28.55
C SER J 127 86.10 -39.84 27.08
N SER J 128 86.54 -40.91 26.43
CA SER J 128 86.38 -41.04 24.98
C SER J 128 85.20 -41.92 24.57
N GLN J 129 84.15 -42.01 25.40
CA GLN J 129 82.88 -42.60 24.99
C GLN J 129 81.70 -41.76 25.48
N MET J 130 81.93 -40.48 25.77
CA MET J 130 80.88 -39.55 26.17
C MET J 130 80.49 -38.70 24.97
N GLU J 131 79.19 -38.52 24.77
CA GLU J 131 78.77 -37.75 23.59
C GLU J 131 77.37 -37.18 23.79
N PHE J 132 77.12 -36.05 23.14
CA PHE J 132 75.84 -35.38 23.11
C PHE J 132 75.56 -35.04 21.65
N ASN J 133 74.61 -35.75 21.05
CA ASN J 133 74.23 -35.52 19.65
C ASN J 133 75.39 -35.85 18.72
N ASN J 134 76.09 -36.95 19.01
CA ASN J 134 77.23 -37.38 18.21
C ASN J 134 78.36 -36.36 18.25
N LYS J 135 78.77 -35.99 19.46
CA LYS J 135 79.78 -34.96 19.66
C LYS J 135 80.62 -35.34 20.87
N LYS J 136 81.84 -35.79 20.62
CA LYS J 136 82.75 -36.15 21.70
C LYS J 136 83.15 -34.90 22.47
N LEU J 137 82.99 -34.94 23.79
CA LEU J 137 83.18 -33.78 24.66
C LEU J 137 84.50 -33.79 25.41
N LEU J 138 84.82 -34.90 26.08
CA LEU J 138 85.94 -34.99 27.02
C LEU J 138 87.18 -35.64 26.41
N ASP J 139 87.47 -35.33 25.15
CA ASP J 139 88.57 -35.94 24.42
C ASP J 139 89.65 -34.91 24.08
N GLY J 140 89.27 -33.65 24.00
CA GLY J 140 90.08 -32.61 23.42
C GLY J 140 89.56 -32.06 22.10
N SER J 141 88.35 -32.46 21.67
CA SER J 141 87.79 -31.91 20.43
C SER J 141 87.49 -30.43 20.58
N GLN J 142 86.91 -30.04 21.70
CA GLN J 142 86.50 -28.66 21.94
C GLN J 142 87.61 -27.83 22.59
N SER J 143 88.72 -28.44 23.00
CA SER J 143 89.81 -27.70 23.61
C SER J 143 90.60 -26.89 22.60
N THR J 144 90.37 -27.10 21.29
CA THR J 144 91.12 -26.39 20.27
C THR J 144 90.49 -25.05 19.94
N ASN J 145 89.19 -25.05 19.65
CA ASN J 145 88.45 -23.84 19.27
C ASN J 145 87.33 -23.51 20.25
N GLY J 146 86.49 -24.48 20.59
CA GLY J 146 85.47 -24.33 21.61
C GLY J 146 84.07 -24.36 21.02
N LEU J 147 83.11 -24.65 21.89
CA LEU J 147 81.69 -24.67 21.54
C LEU J 147 81.11 -23.27 21.71
N THR J 148 80.40 -22.81 20.70
CA THR J 148 79.80 -21.48 20.67
C THR J 148 78.30 -21.59 20.73
N PHE J 149 77.70 -20.96 21.74
CA PHE J 149 76.26 -20.94 21.94
C PHE J 149 75.71 -19.57 21.60
N GLN J 150 74.70 -19.54 20.73
CA GLN J 150 73.97 -18.33 20.38
C GLN J 150 72.88 -18.12 21.42
N ILE J 151 73.06 -17.12 22.27
CA ILE J 151 72.15 -16.84 23.37
C ILE J 151 71.50 -15.48 23.16
N GLY J 152 71.30 -15.10 21.90
CA GLY J 152 70.71 -13.83 21.58
C GLY J 152 70.14 -13.83 20.18
N ALA J 153 69.20 -12.92 19.95
CA ALA J 153 68.52 -12.85 18.66
C ALA J 153 69.48 -12.40 17.56
N ASN J 154 70.31 -11.41 17.84
CA ASN J 154 71.15 -10.79 16.84
C ASN J 154 72.49 -11.51 16.71
N ALA J 155 73.27 -11.08 15.72
CA ALA J 155 74.58 -11.67 15.46
C ALA J 155 75.61 -11.14 16.46
N GLY J 156 76.52 -12.01 16.86
CA GLY J 156 77.54 -11.68 17.82
C GLY J 156 77.15 -11.89 19.26
N GLN J 157 75.87 -12.12 19.56
CA GLN J 157 75.40 -12.35 20.92
C GLN J 157 75.62 -13.82 21.28
N THR J 158 76.90 -14.17 21.44
CA THR J 158 77.34 -15.55 21.61
C THR J 158 78.15 -15.68 22.88
N ILE J 159 78.38 -16.93 23.27
CA ILE J 159 79.35 -17.26 24.31
C ILE J 159 80.16 -18.47 23.86
N THR J 160 81.47 -18.40 24.04
CA THR J 160 82.37 -19.49 23.71
C THR J 160 82.71 -20.26 24.98
N MET J 161 82.98 -21.55 24.81
CA MET J 161 83.26 -22.45 25.92
C MET J 161 84.31 -23.46 25.47
N LYS J 162 85.05 -23.98 26.43
CA LYS J 162 86.12 -24.94 26.15
C LYS J 162 86.14 -26.00 27.24
N ILE J 163 86.42 -27.23 26.84
CA ILE J 163 86.54 -28.36 27.74
C ILE J 163 87.85 -29.06 27.45
N SER J 164 88.61 -29.35 28.49
CA SER J 164 89.94 -29.91 28.35
C SER J 164 89.88 -31.43 28.24
N THR J 165 90.99 -32.01 27.79
CA THR J 165 91.12 -33.46 27.78
C THR J 165 91.21 -33.97 29.22
N MET J 166 90.38 -34.96 29.54
CA MET J 166 90.24 -35.53 30.87
C MET J 166 90.53 -37.03 30.86
N SER J 167 91.56 -37.42 30.11
CA SER J 167 92.04 -38.80 30.11
C SER J 167 93.11 -39.02 31.18
N ALA J 168 93.51 -40.27 31.34
CA ALA J 168 94.50 -40.60 32.36
C ALA J 168 95.88 -40.07 31.99
N THR J 169 96.21 -40.01 30.70
CA THR J 169 97.51 -39.52 30.28
C THR J 169 97.68 -38.04 30.61
N LYS J 170 96.64 -37.24 30.41
CA LYS J 170 96.74 -35.81 30.64
C LYS J 170 96.92 -35.49 32.12
N LEU J 171 96.31 -36.29 32.99
CA LEU J 171 96.31 -36.04 34.42
C LEU J 171 97.45 -36.75 35.16
N GLY J 172 98.36 -37.41 34.46
CA GLY J 172 99.50 -38.02 35.10
C GLY J 172 99.15 -39.15 36.05
N VAL J 173 98.10 -39.91 35.72
CA VAL J 173 97.65 -41.03 36.54
C VAL J 173 97.58 -42.33 35.75
N ASP J 174 97.88 -42.31 34.46
CA ASP J 174 97.98 -43.53 33.67
C ASP J 174 99.00 -44.50 34.26
N ALA J 175 98.89 -45.77 33.83
CA ALA J 175 99.69 -46.84 34.42
C ALA J 175 101.19 -46.65 34.21
N ALA J 176 101.59 -45.86 33.21
CA ALA J 176 103.01 -45.60 32.99
C ALA J 176 103.65 -44.74 34.09
N LYS J 177 102.84 -44.08 34.92
CA LYS J 177 103.37 -43.21 35.98
C LYS J 177 102.62 -43.35 37.30
N ALA J 178 101.70 -44.31 37.44
CA ALA J 178 100.90 -44.45 38.65
C ALA J 178 100.70 -45.91 39.06
N SER J 179 101.67 -46.77 38.78
CA SER J 179 101.57 -48.14 39.25
C SER J 179 101.66 -48.18 40.76
N ILE J 180 101.11 -49.26 41.34
CA ILE J 180 101.24 -49.53 42.77
C ILE J 180 101.81 -50.93 42.95
N SER J 181 102.63 -51.38 41.99
CA SER J 181 103.39 -52.61 42.16
C SER J 181 104.25 -52.57 43.40
N LYS J 182 104.97 -51.46 43.60
CA LYS J 182 105.91 -51.33 44.70
C LYS J 182 105.26 -50.59 45.86
N GLY J 183 106.03 -50.37 46.93
CA GLY J 183 105.63 -49.48 47.99
C GLY J 183 105.97 -48.04 47.65
N THR J 184 107.09 -47.84 46.93
CA THR J 184 107.52 -46.50 46.57
C THR J 184 106.55 -45.86 45.58
N ALA J 185 106.08 -46.63 44.59
CA ALA J 185 105.24 -46.07 43.55
C ALA J 185 103.89 -45.61 44.09
N ALA J 186 103.38 -46.27 45.13
CA ALA J 186 102.14 -45.83 45.75
C ALA J 186 102.27 -44.45 46.38
N SER J 187 103.46 -44.14 46.91
CA SER J 187 103.72 -42.81 47.46
C SER J 187 103.46 -41.73 46.42
N LYS J 188 104.03 -41.89 45.23
CA LYS J 188 103.79 -40.92 44.16
C LYS J 188 102.36 -41.01 43.66
N ALA J 189 101.76 -42.21 43.68
CA ALA J 189 100.42 -42.39 43.15
C ALA J 189 99.40 -41.61 43.97
N ILE J 190 99.60 -41.55 45.29
CA ILE J 190 98.67 -40.81 46.15
C ILE J 190 98.64 -39.34 45.75
N LYS J 191 99.82 -38.72 45.64
CA LYS J 191 99.91 -37.32 45.26
C LYS J 191 99.36 -37.10 43.85
N SER J 192 99.66 -38.03 42.96
CA SER J 192 99.18 -37.93 41.58
C SER J 192 97.66 -37.96 41.53
N ILE J 193 97.05 -38.82 42.35
CA ILE J 193 95.60 -38.93 42.39
C ILE J 193 94.98 -37.68 43.01
N ASP J 194 95.63 -37.12 44.03
CA ASP J 194 95.14 -35.87 44.62
C ASP J 194 95.14 -34.74 43.59
N ASP J 195 96.24 -34.62 42.84
CA ASP J 195 96.32 -33.60 41.80
C ASP J 195 95.22 -33.79 40.77
N ALA J 196 94.97 -35.04 40.37
CA ALA J 196 93.92 -35.31 39.39
C ALA J 196 92.54 -34.95 39.93
N ILE J 197 92.26 -35.28 41.19
CA ILE J 197 90.98 -34.92 41.80
C ILE J 197 90.78 -33.40 41.80
N ASN J 198 91.83 -32.66 42.17
CA ASN J 198 91.72 -31.21 42.18
C ASN J 198 91.47 -30.66 40.78
N THR J 199 92.17 -31.20 39.78
CA THR J 199 92.00 -30.72 38.41
C THR J 199 90.58 -30.96 37.91
N VAL J 200 90.03 -32.15 38.18
CA VAL J 200 88.69 -32.43 37.66
C VAL J 200 87.64 -31.65 38.44
N SER J 201 87.90 -31.36 39.72
CA SER J 201 87.02 -30.44 40.45
C SER J 201 87.02 -29.06 39.82
N LYS J 202 88.21 -28.57 39.43
CA LYS J 202 88.31 -27.29 38.76
C LYS J 202 87.49 -27.26 37.47
N THR J 203 87.61 -28.31 36.66
CA THR J 203 86.86 -28.38 35.42
C THR J 203 85.35 -28.40 35.67
N ARG J 204 84.91 -29.17 36.67
CA ARG J 204 83.49 -29.20 37.01
C ARG J 204 82.98 -27.82 37.43
N SER J 205 83.78 -27.11 38.23
CA SER J 205 83.42 -25.75 38.61
C SER J 205 83.27 -24.86 37.37
N ALA J 206 84.21 -24.98 36.43
CA ALA J 206 84.15 -24.17 35.22
C ALA J 206 82.88 -24.45 34.43
N LEU J 207 82.42 -25.70 34.42
CA LEU J 207 81.17 -26.01 33.72
C LEU J 207 79.96 -25.44 34.47
N GLY J 208 79.92 -25.63 35.79
CA GLY J 208 78.78 -25.18 36.56
C GLY J 208 78.59 -23.69 36.52
N ALA J 209 79.69 -22.93 36.43
CA ALA J 209 79.58 -21.49 36.30
C ALA J 209 78.80 -21.09 35.05
N VAL J 210 79.12 -21.73 33.92
CA VAL J 210 78.44 -21.41 32.68
C VAL J 210 76.97 -21.83 32.75
N GLN J 211 76.70 -22.95 33.43
CA GLN J 211 75.30 -23.36 33.63
C GLN J 211 74.52 -22.28 34.38
N ASN J 212 75.08 -21.82 35.50
CA ASN J 212 74.40 -20.82 36.31
C ASN J 212 74.22 -19.52 35.53
N ARG J 213 75.19 -19.16 34.69
CA ARG J 213 75.04 -17.99 33.83
C ARG J 213 73.88 -18.17 32.86
N LEU J 214 73.78 -19.33 32.23
CA LEU J 214 72.75 -19.57 31.24
C LEU J 214 71.36 -19.51 31.85
N GLU J 215 71.23 -19.89 33.12
CA GLU J 215 69.93 -19.78 33.78
C GLU J 215 69.44 -18.34 33.83
N HIS J 216 70.30 -17.44 34.33
CA HIS J 216 69.97 -16.01 34.35
C HIS J 216 69.70 -15.49 32.95
N THR J 217 70.48 -15.94 31.97
CA THR J 217 70.26 -15.54 30.58
C THR J 217 68.86 -15.93 30.12
N ILE J 218 68.42 -17.14 30.46
CA ILE J 218 67.09 -17.60 30.06
C ILE J 218 66.01 -16.74 30.70
N ASN J 219 66.17 -16.41 31.98
CA ASN J 219 65.21 -15.54 32.65
C ASN J 219 65.09 -14.19 31.95
N ASN J 220 66.24 -13.58 31.65
CA ASN J 220 66.24 -12.28 30.98
C ASN J 220 65.60 -12.37 29.60
N LEU J 221 65.89 -13.45 28.87
CA LEU J 221 65.31 -13.61 27.53
C LEU J 221 63.79 -13.72 27.61
N GLY J 222 63.28 -14.49 28.58
CA GLY J 222 61.84 -14.61 28.74
C GLY J 222 61.19 -13.27 29.04
N THR J 223 61.78 -12.52 29.97
CA THR J 223 61.23 -11.21 30.32
C THR J 223 61.20 -10.29 29.10
N SER J 224 62.31 -10.23 28.36
CA SER J 224 62.39 -9.35 27.20
C SER J 224 61.40 -9.77 26.12
N ALA J 225 61.23 -11.08 25.92
CA ALA J 225 60.28 -11.56 24.92
C ALA J 225 58.87 -11.18 25.29
N GLU J 226 58.49 -11.33 26.57
CA GLU J 226 57.14 -10.94 26.98
C GLU J 226 56.92 -9.45 26.78
N ASN J 227 57.90 -8.62 27.16
CA ASN J 227 57.72 -7.17 27.02
C ASN J 227 57.59 -6.77 25.56
N LEU J 228 58.45 -7.31 24.68
CA LEU J 228 58.35 -6.97 23.27
C LEU J 228 57.07 -7.52 22.66
N THR J 229 56.59 -8.66 23.14
CA THR J 229 55.32 -9.19 22.66
C THR J 229 54.18 -8.24 23.01
N ALA J 230 54.18 -7.71 24.23
CA ALA J 230 53.19 -6.73 24.63
C ALA J 230 53.26 -5.49 23.74
N ALA J 231 54.47 -4.99 23.49
CA ALA J 231 54.64 -3.82 22.64
C ALA J 231 54.11 -4.07 21.24
N GLU J 232 54.48 -5.22 20.64
CA GLU J 232 54.03 -5.53 19.29
C GLU J 232 52.52 -5.69 19.23
N SER J 233 51.94 -6.30 20.26
CA SER J 233 50.48 -6.44 20.33
C SER J 233 49.81 -5.07 20.34
N ARG J 234 50.31 -4.17 21.19
CA ARG J 234 49.72 -2.84 21.28
C ARG J 234 49.90 -2.06 19.99
N ILE J 235 50.98 -2.31 19.24
CA ILE J 235 51.20 -1.60 17.99
C ILE J 235 50.25 -2.12 16.91
N ARG J 236 50.29 -3.44 16.66
CA ARG J 236 49.67 -4.00 15.47
C ARG J 236 48.28 -4.57 15.69
N ASP J 237 48.04 -5.26 16.81
CA ASP J 237 46.73 -5.84 17.04
C ASP J 237 45.69 -4.76 17.28
N THR J 238 44.43 -5.11 17.04
CA THR J 238 43.31 -4.18 17.11
C THR J 238 42.42 -4.51 18.29
N ASP J 239 41.81 -3.47 18.85
CA ASP J 239 40.82 -3.63 19.90
C ASP J 239 39.46 -3.94 19.28
N MET J 240 38.86 -5.05 19.71
CA MET J 240 37.61 -5.50 19.09
C MET J 240 36.48 -4.52 19.32
N ALA J 241 36.44 -3.91 20.51
CA ALA J 241 35.31 -3.06 20.88
C ALA J 241 35.23 -1.81 20.01
N ALA J 242 36.37 -1.15 19.77
CA ALA J 242 36.38 0.06 18.98
C ALA J 242 35.98 -0.22 17.54
N GLU J 243 36.49 -1.30 16.97
CA GLU J 243 36.13 -1.65 15.59
C GLU J 243 34.67 -2.06 15.49
N MET J 244 34.14 -2.73 16.52
CA MET J 244 32.73 -3.05 16.55
C MET J 244 31.88 -1.79 16.55
N MET J 245 32.25 -0.82 17.40
CA MET J 245 31.59 0.48 17.41
C MET J 245 31.58 1.12 16.04
N ALA J 246 32.76 1.20 15.42
CA ALA J 246 32.87 1.85 14.12
C ALA J 246 32.05 1.12 13.06
N PHE J 247 32.05 -0.21 13.11
CA PHE J 247 31.32 -0.99 12.11
C PHE J 247 29.82 -0.78 12.25
N THR J 248 29.30 -0.79 13.48
CA THR J 248 27.88 -0.52 13.69
C THR J 248 27.51 0.88 13.23
N LYS J 249 28.34 1.86 13.56
CA LYS J 249 28.12 3.23 13.12
C LYS J 249 28.05 3.33 11.59
N ASN J 250 29.01 2.70 10.92
CA ASN J 250 29.05 2.77 9.46
C ASN J 250 27.86 2.04 8.83
N ASN J 251 27.40 0.94 9.43
CA ASN J 251 26.20 0.27 8.92
C ASN J 251 24.98 1.17 9.05
N ILE J 252 24.83 1.83 10.20
CA ILE J 252 23.69 2.72 10.39
C ILE J 252 23.73 3.86 9.37
N LEU J 253 24.92 4.39 9.12
CA LEU J 253 25.06 5.46 8.14
C LEU J 253 24.73 4.96 6.74
N THR J 254 25.14 3.73 6.42
CA THR J 254 24.82 3.14 5.13
C THR J 254 23.32 3.02 4.94
N GLN J 255 22.62 2.54 5.96
CA GLN J 255 21.16 2.42 5.88
C GLN J 255 20.51 3.79 5.70
N ALA J 256 20.98 4.79 6.44
CA ALA J 256 20.45 6.14 6.31
C ALA J 256 20.63 6.66 4.89
N ALA J 257 21.82 6.48 4.31
CA ALA J 257 22.07 6.94 2.96
C ALA J 257 21.21 6.18 1.95
N GLN J 258 20.99 4.89 2.19
CA GLN J 258 20.11 4.11 1.31
C GLN J 258 18.70 4.70 1.29
N SER J 259 18.14 4.95 2.48
CA SER J 259 16.81 5.53 2.54
C SER J 259 16.77 6.92 1.90
N MET J 260 17.80 7.72 2.13
CA MET J 260 17.86 9.06 1.54
C MET J 260 17.90 8.99 0.02
N LEU J 261 18.61 8.02 -0.53
CA LEU J 261 18.68 7.88 -1.98
C LEU J 261 17.34 7.39 -2.54
N ALA J 262 16.68 6.48 -1.82
CA ALA J 262 15.35 6.05 -2.25
C ALA J 262 14.38 7.21 -2.29
N GLN J 263 14.52 8.15 -1.35
CA GLN J 263 13.67 9.35 -1.37
C GLN J 263 14.05 10.27 -2.52
N ALA J 264 15.35 10.53 -2.70
CA ALA J 264 15.81 11.46 -3.71
C ALA J 264 15.46 10.99 -5.12
N ASN J 265 15.40 9.68 -5.33
CA ASN J 265 14.99 9.18 -6.64
C ASN J 265 13.52 9.46 -6.91
N GLN J 266 12.69 9.47 -5.88
CA GLN J 266 11.26 9.77 -6.03
C GLN J 266 10.98 11.26 -6.07
N GLN J 267 11.89 12.09 -5.56
CA GLN J 267 11.66 13.53 -5.51
C GLN J 267 11.32 14.15 -6.86
N PRO J 268 12.05 13.88 -7.96
CA PRO J 268 11.67 14.52 -9.24
C PRO J 268 10.52 13.82 -9.95
N GLN J 269 9.30 14.18 -9.56
CA GLN J 269 8.08 13.71 -10.21
C GLN J 269 7.17 14.92 -10.40
N GLY J 270 7.35 15.59 -11.55
CA GLY J 270 6.52 16.72 -11.94
C GLY J 270 5.74 16.40 -13.19
N VAL J 271 5.31 15.14 -13.32
CA VAL J 271 4.54 14.75 -14.49
C VAL J 271 3.13 15.33 -14.44
N LEU J 272 2.63 15.67 -13.25
CA LEU J 272 1.30 16.27 -13.15
C LEU J 272 1.24 17.69 -13.69
N GLN J 273 2.38 18.33 -13.98
CA GLN J 273 2.33 19.57 -14.74
C GLN J 273 1.72 19.32 -16.12
N LEU J 274 2.21 18.30 -16.80
CA LEU J 274 1.91 18.10 -18.21
C LEU J 274 0.51 17.53 -18.40
N LEU J 275 0.28 16.33 -17.89
CA LEU J 275 -0.98 15.64 -18.07
C LEU J 275 -1.97 16.05 -16.98
N GLN J 276 -3.15 15.43 -16.98
CA GLN J 276 -4.14 15.71 -15.96
C GLN J 276 -5.23 14.64 -15.99
N MET K 1 8.53 -3.99 -32.55
CA MET K 1 9.05 -2.73 -32.02
C MET K 1 8.41 -2.07 -30.77
N ARG K 2 7.08 -2.14 -30.63
CA ARG K 2 6.38 -1.45 -29.55
C ARG K 2 5.58 -2.39 -28.66
N ILE K 3 4.71 -3.23 -29.24
CA ILE K 3 3.68 -3.93 -28.48
C ILE K 3 3.87 -5.43 -28.55
N GLN K 4 3.87 -5.97 -29.78
CA GLN K 4 3.82 -7.41 -29.99
C GLN K 4 4.98 -8.16 -29.36
N HIS K 5 6.11 -7.49 -29.12
CA HIS K 5 7.28 -8.11 -28.54
C HIS K 5 7.93 -7.14 -27.56
N ASN K 6 8.35 -7.66 -26.41
CA ASN K 6 8.96 -6.87 -25.34
C ASN K 6 10.27 -7.54 -24.94
N ILE K 7 11.37 -7.12 -25.56
CA ILE K 7 12.62 -7.90 -25.51
C ILE K 7 13.29 -7.77 -24.15
N ALA K 8 13.14 -6.63 -23.47
CA ALA K 8 13.71 -6.45 -22.15
C ALA K 8 13.18 -7.49 -21.18
N ALA K 9 11.88 -7.77 -21.24
CA ALA K 9 11.28 -8.76 -20.37
C ALA K 9 11.81 -10.16 -20.68
N LEU K 10 12.07 -10.46 -21.96
CA LEU K 10 12.66 -11.75 -22.32
C LEU K 10 14.04 -11.91 -21.71
N ASN K 11 14.88 -10.88 -21.84
CA ASN K 11 16.22 -10.94 -21.25
C ASN K 11 16.16 -11.10 -19.74
N THR K 12 15.24 -10.36 -19.09
CA THR K 12 15.08 -10.46 -17.65
C THR K 12 14.63 -11.87 -17.25
N HIS K 13 13.74 -12.47 -18.05
CA HIS K 13 13.29 -13.83 -17.77
C HIS K 13 14.44 -14.82 -17.87
N ARG K 14 15.26 -14.69 -18.91
CA ARG K 14 16.45 -15.53 -19.05
C ARG K 14 17.33 -15.46 -17.82
N ASN K 15 17.69 -14.23 -17.42
CA ASN K 15 18.59 -14.06 -16.28
C ASN K 15 17.96 -14.61 -14.99
N LEU K 16 16.65 -14.41 -14.83
CA LEU K 16 15.94 -14.93 -13.66
C LEU K 16 16.01 -16.45 -13.61
N ALA K 17 15.77 -17.10 -14.75
CA ALA K 17 15.86 -18.55 -14.81
C ALA K 17 17.26 -19.04 -14.45
N ALA K 18 18.28 -18.37 -14.99
CA ALA K 18 19.66 -18.76 -14.69
C ALA K 18 19.96 -18.64 -13.20
N ASN K 19 19.54 -17.53 -12.58
CA ASN K 19 19.78 -17.34 -11.15
C ASN K 19 19.08 -18.40 -10.33
N ASN K 20 17.83 -18.72 -10.69
CA ASN K 20 17.10 -19.76 -9.97
C ASN K 20 17.81 -21.10 -10.08
N ALA K 21 18.31 -21.44 -11.28
CA ALA K 21 19.03 -22.69 -11.46
C ALA K 21 20.28 -22.74 -10.59
N ALA K 22 21.04 -21.65 -10.55
CA ALA K 22 22.25 -21.63 -9.74
C ALA K 22 21.93 -21.78 -8.25
N ALA K 23 20.87 -21.10 -7.79
CA ALA K 23 20.47 -21.23 -6.39
C ALA K 23 20.04 -22.66 -6.07
N SER K 24 19.36 -23.33 -7.01
CA SER K 24 18.96 -24.71 -6.80
C SER K 24 20.18 -25.63 -6.70
N LYS K 25 21.19 -25.40 -7.55
CA LYS K 25 22.42 -26.18 -7.46
C LYS K 25 23.08 -25.99 -6.10
N ASN K 26 23.12 -24.74 -5.60
CA ASN K 26 23.73 -24.49 -4.31
C ASN K 26 22.94 -25.18 -3.19
N LEU K 27 21.61 -25.17 -3.29
CA LEU K 27 20.79 -25.89 -2.31
C LEU K 27 21.12 -27.38 -2.31
N GLU K 28 21.26 -27.96 -3.50
CA GLU K 28 21.65 -29.36 -3.60
C GLU K 28 22.96 -29.62 -2.90
N LYS K 29 23.97 -28.79 -3.18
CA LYS K 29 25.28 -28.99 -2.57
C LYS K 29 25.25 -28.81 -1.06
N LEU K 30 24.37 -27.95 -0.55
CA LEU K 30 24.30 -27.71 0.89
C LEU K 30 23.56 -28.83 1.60
N SER K 31 22.46 -29.30 1.02
CA SER K 31 21.71 -30.38 1.65
C SER K 31 22.47 -31.69 1.59
N SER K 32 23.13 -31.98 0.46
CA SER K 32 23.84 -33.24 0.32
C SER K 32 25.08 -33.28 1.21
N GLY K 33 25.73 -32.14 1.39
CA GLY K 33 27.00 -32.09 2.06
C GLY K 33 28.20 -32.46 1.21
N PHE K 34 28.00 -32.78 -0.07
CA PHE K 34 29.06 -33.12 -0.99
C PHE K 34 29.10 -32.11 -2.13
N LYS K 35 30.31 -31.80 -2.59
CA LYS K 35 30.51 -30.85 -3.67
C LYS K 35 30.30 -31.47 -5.04
N ILE K 36 30.39 -32.79 -5.15
CA ILE K 36 30.30 -33.52 -6.41
C ILE K 36 29.21 -34.56 -6.25
N ASN K 37 28.00 -34.24 -6.73
CA ASN K 37 26.89 -35.18 -6.74
C ASN K 37 26.66 -35.82 -8.10
N ARG K 38 27.16 -35.20 -9.16
CA ARG K 38 27.07 -35.72 -10.52
C ARG K 38 28.45 -35.65 -11.15
N ALA K 39 28.60 -36.35 -12.28
CA ALA K 39 29.88 -36.28 -13.01
C ALA K 39 30.00 -34.97 -13.78
N GLY K 40 28.89 -34.31 -14.09
CA GLY K 40 28.97 -33.00 -14.71
C GLY K 40 29.58 -31.96 -13.80
N ASP K 41 29.46 -32.15 -12.48
CA ASP K 41 30.12 -31.26 -11.53
C ASP K 41 31.62 -31.28 -11.74
N ASP K 42 32.22 -32.47 -11.75
CA ASP K 42 33.67 -32.60 -11.90
C ASP K 42 33.99 -34.04 -12.27
N ALA K 43 34.55 -34.24 -13.46
CA ALA K 43 34.85 -35.59 -13.93
C ALA K 43 36.10 -36.15 -13.27
N ALA K 44 37.21 -35.42 -13.35
CA ALA K 44 38.46 -35.81 -12.68
C ALA K 44 38.39 -35.37 -11.22
N GLY K 45 38.10 -36.33 -10.34
CA GLY K 45 37.82 -36.04 -8.96
C GLY K 45 36.72 -36.96 -8.46
N LEU K 46 35.73 -37.24 -9.31
CA LEU K 46 34.79 -38.32 -9.03
C LEU K 46 35.50 -39.66 -8.99
N ALA K 47 36.28 -39.96 -10.02
CA ALA K 47 37.06 -41.19 -10.06
C ALA K 47 38.04 -41.26 -8.90
N ILE K 48 38.72 -40.15 -8.62
CA ILE K 48 39.70 -40.12 -7.53
C ILE K 48 39.00 -40.37 -6.20
N SER K 49 37.82 -39.78 -6.00
CA SER K 49 37.07 -39.99 -4.78
C SER K 49 36.65 -41.44 -4.63
N GLU K 50 36.21 -42.07 -5.72
CA GLU K 50 35.79 -43.46 -5.64
C GLU K 50 36.95 -44.38 -5.31
N LYS K 51 38.08 -44.18 -5.98
CA LYS K 51 39.27 -44.98 -5.67
C LYS K 51 39.72 -44.78 -4.24
N MET K 52 39.67 -43.53 -3.75
CA MET K 52 40.10 -43.25 -2.39
C MET K 52 39.15 -43.88 -1.38
N ARG K 53 37.84 -43.88 -1.68
CA ARG K 53 36.88 -44.54 -0.81
C ARG K 53 37.15 -46.04 -0.75
N GLY K 54 37.42 -46.65 -1.91
CA GLY K 54 37.78 -48.06 -1.92
C GLY K 54 39.01 -48.34 -1.08
N GLN K 55 40.03 -47.50 -1.22
CA GLN K 55 41.26 -47.70 -0.44
C GLN K 55 41.01 -47.52 1.04
N ILE K 56 40.17 -46.56 1.42
CA ILE K 56 39.87 -46.32 2.84
C ILE K 56 39.17 -47.54 3.44
N SER K 57 38.14 -48.03 2.75
CA SER K 57 37.43 -49.21 3.22
C SER K 57 38.37 -50.40 3.33
N GLY K 58 39.21 -50.60 2.32
CA GLY K 58 40.16 -51.71 2.36
C GLY K 58 41.15 -51.59 3.50
N LEU K 59 41.62 -50.38 3.78
CA LEU K 59 42.60 -50.18 4.85
C LEU K 59 41.97 -50.43 6.21
N ASN K 60 40.75 -49.95 6.42
CA ASN K 60 40.07 -50.21 7.69
C ASN K 60 39.80 -51.70 7.88
N MET K 61 39.33 -52.37 6.83
CA MET K 61 39.10 -53.81 6.93
C MET K 61 40.39 -54.57 7.15
N ALA K 62 41.50 -54.08 6.59
CA ALA K 62 42.79 -54.73 6.81
C ALA K 62 43.26 -54.53 8.25
N SER K 63 42.99 -53.36 8.83
CA SER K 63 43.25 -53.17 10.26
C SER K 63 42.48 -54.17 11.10
N LYS K 64 41.19 -54.34 10.78
CA LYS K 64 40.37 -55.33 11.47
C LYS K 64 40.96 -56.73 11.35
N ASN K 65 41.36 -57.11 10.14
CA ASN K 65 41.92 -58.43 9.90
C ASN K 65 43.23 -58.62 10.66
N SER K 66 44.07 -57.58 10.72
CA SER K 66 45.32 -57.68 11.46
C SER K 66 45.07 -57.88 12.95
N SER K 67 44.06 -57.20 13.48
CA SER K 67 43.70 -57.41 14.88
C SER K 67 43.22 -58.84 15.12
N ASP K 68 42.43 -59.37 14.18
CA ASP K 68 41.99 -60.76 14.29
C ASP K 68 43.18 -61.72 14.31
N ALA K 69 44.15 -61.49 13.43
CA ALA K 69 45.36 -62.31 13.42
C ALA K 69 46.11 -62.23 14.74
N ILE K 70 46.18 -61.03 15.32
CA ILE K 70 46.83 -60.86 16.62
C ILE K 70 46.12 -61.71 17.67
N SER K 71 44.78 -61.73 17.63
CA SER K 71 44.02 -62.53 18.58
C SER K 71 44.35 -64.01 18.44
N LEU K 72 44.36 -64.50 17.19
CA LEU K 72 44.74 -65.89 16.92
C LEU K 72 46.12 -66.23 17.49
N ILE K 73 47.10 -65.36 17.21
CA ILE K 73 48.47 -65.61 17.66
C ILE K 73 48.54 -65.62 19.18
N GLN K 74 47.81 -64.72 19.83
CA GLN K 74 47.77 -64.71 21.29
C GLN K 74 47.20 -66.01 21.83
N THR K 75 46.20 -66.56 21.13
CA THR K 75 45.64 -67.84 21.55
C THR K 75 46.70 -68.93 21.52
N ALA K 76 47.46 -68.99 20.41
CA ALA K 76 48.49 -70.03 20.29
C ALA K 76 49.58 -69.87 21.36
N GLU K 77 50.03 -68.63 21.59
CA GLU K 77 51.06 -68.41 22.61
C GLU K 77 50.58 -68.81 24.00
N GLY K 78 49.33 -68.44 24.33
CA GLY K 78 48.77 -68.87 25.59
C GLY K 78 48.68 -70.38 25.70
N GLY K 79 48.42 -71.05 24.59
CA GLY K 79 48.46 -72.51 24.60
C GLY K 79 49.84 -73.05 24.92
N LEU K 80 50.88 -72.43 24.38
CA LEU K 80 52.24 -72.95 24.56
C LEU K 80 52.85 -72.59 25.92
N ASN K 81 52.32 -71.58 26.61
CA ASN K 81 52.80 -71.27 27.95
C ASN K 81 52.65 -72.46 28.90
N GLU K 82 51.51 -73.14 28.83
CA GLU K 82 51.30 -74.29 29.70
C GLU K 82 52.17 -75.47 29.29
N THR K 83 52.47 -75.58 27.99
CA THR K 83 53.46 -76.54 27.54
C THR K 83 54.80 -76.31 28.23
N HIS K 84 55.27 -75.06 28.24
CA HIS K 84 56.48 -74.71 28.99
C HIS K 84 56.39 -75.17 30.44
N ALA K 85 55.27 -74.85 31.10
CA ALA K 85 55.14 -75.13 32.53
C ALA K 85 55.23 -76.64 32.81
N ILE K 86 54.44 -77.44 32.08
CA ILE K 86 54.43 -78.86 32.37
C ILE K 86 55.73 -79.52 31.91
N LEU K 87 56.41 -78.95 30.92
CA LEU K 87 57.74 -79.45 30.57
C LEU K 87 58.73 -79.24 31.70
N GLN K 88 58.67 -78.07 32.34
CA GLN K 88 59.51 -77.82 33.51
C GLN K 88 59.21 -78.84 34.61
N ARG K 89 57.92 -79.09 34.86
CA ARG K 89 57.55 -80.07 35.88
C ARG K 89 58.07 -81.46 35.53
N MET K 90 57.99 -81.85 34.26
CA MET K 90 58.47 -83.15 33.81
C MET K 90 59.98 -83.28 33.99
N ARG K 91 60.71 -82.21 33.69
CA ARG K 91 62.16 -82.23 33.90
C ARG K 91 62.49 -82.39 35.39
N GLU K 92 61.76 -81.69 36.25
CA GLU K 92 61.95 -81.84 37.69
C GLU K 92 61.70 -83.28 38.12
N LEU K 93 60.61 -83.88 37.62
CA LEU K 93 60.29 -85.28 37.92
C LEU K 93 61.39 -86.22 37.46
N ALA K 94 61.94 -86.00 36.26
CA ALA K 94 63.01 -86.86 35.77
C ALA K 94 64.26 -86.73 36.61
N VAL K 95 64.64 -85.51 36.98
CA VAL K 95 65.84 -85.31 37.79
C VAL K 95 65.66 -85.99 39.14
N GLN K 96 64.44 -85.97 39.70
CA GLN K 96 64.20 -86.68 40.94
C GLN K 96 64.21 -88.20 40.76
N SER K 97 63.60 -88.70 39.69
CA SER K 97 63.58 -90.12 39.39
C SER K 97 64.98 -90.68 39.16
N ARG K 98 65.91 -89.86 38.69
CA ARG K 98 67.22 -90.28 38.24
C ARG K 98 68.11 -90.80 39.37
N ASN K 99 67.81 -90.40 40.61
CA ASN K 99 68.63 -90.79 41.76
C ASN K 99 68.34 -92.23 42.18
N ASP K 100 69.34 -92.86 42.80
CA ASP K 100 69.26 -94.27 43.18
C ASP K 100 68.67 -94.48 44.57
N THR K 101 68.23 -93.42 45.25
CA THR K 101 67.44 -93.59 46.46
C THR K 101 66.11 -94.25 46.17
N ASN K 102 65.59 -94.10 44.95
CA ASN K 102 64.29 -94.61 44.59
C ASN K 102 64.38 -96.07 44.17
N ASP K 103 63.39 -96.86 44.58
CA ASP K 103 63.35 -98.29 44.31
C ASP K 103 62.28 -98.62 43.28
N GLU K 104 62.65 -99.44 42.30
CA GLU K 104 61.67 -100.02 41.40
C GLU K 104 60.79 -101.05 42.09
N ALA K 105 61.30 -101.70 43.14
CA ALA K 105 60.55 -102.76 43.80
C ALA K 105 59.31 -102.21 44.50
N THR K 106 59.50 -101.21 45.37
CA THR K 106 58.40 -100.62 46.12
C THR K 106 57.78 -99.41 45.42
N ASN K 107 57.87 -99.36 44.09
CA ASN K 107 57.01 -98.52 43.27
C ASN K 107 57.28 -97.04 43.49
N ASP K 108 58.55 -96.66 43.70
CA ASP K 108 58.92 -95.26 43.87
C ASP K 108 58.89 -94.52 42.55
N ARG K 109 59.48 -95.12 41.51
CA ARG K 109 59.54 -94.48 40.19
C ARG K 109 58.27 -94.64 39.37
N SER K 110 57.48 -95.69 39.63
CA SER K 110 56.25 -95.85 38.86
C SER K 110 55.22 -94.77 39.18
N ASN K 111 55.28 -94.17 40.38
CA ASN K 111 54.40 -93.04 40.67
C ASN K 111 54.84 -91.78 39.92
N LEU K 112 56.15 -91.55 39.82
CA LEU K 112 56.61 -90.44 39.00
C LEU K 112 56.31 -90.70 37.53
N ASN K 113 56.27 -91.97 37.12
CA ASN K 113 55.87 -92.30 35.76
C ASN K 113 54.37 -92.10 35.55
N ASP K 114 53.55 -92.39 36.56
CA ASP K 114 52.13 -92.01 36.52
C ASP K 114 51.98 -90.51 36.25
N GLU K 115 52.69 -89.71 37.05
CA GLU K 115 52.67 -88.26 36.88
C GLU K 115 53.12 -87.86 35.47
N LEU K 116 54.20 -88.46 35.00
CA LEU K 116 54.75 -88.13 33.70
C LEU K 116 53.79 -88.49 32.56
N LYS K 117 53.15 -89.66 32.66
CA LYS K 117 52.19 -90.07 31.64
C LYS K 117 51.00 -89.13 31.60
N GLN K 118 50.51 -88.70 32.76
CA GLN K 118 49.41 -87.75 32.76
C GLN K 118 49.82 -86.42 32.14
N LEU K 119 51.04 -85.96 32.41
CA LEU K 119 51.50 -84.71 31.82
C LEU K 119 51.72 -84.86 30.31
N GLN K 120 52.08 -86.05 29.84
CA GLN K 120 52.19 -86.28 28.40
C GLN K 120 50.82 -86.30 27.73
N GLU K 121 49.82 -86.86 28.40
CA GLU K 121 48.47 -86.78 27.85
C GLU K 121 48.01 -85.33 27.81
N GLU K 122 48.42 -84.52 28.78
CA GLU K 122 48.03 -83.10 28.76
C GLU K 122 48.75 -82.32 27.67
N ILE K 123 50.04 -82.59 27.45
CA ILE K 123 50.76 -81.89 26.38
C ILE K 123 50.20 -82.25 25.02
N THR K 124 49.70 -83.48 24.84
CA THR K 124 49.03 -83.81 23.58
C THR K 124 47.64 -83.18 23.51
N ARG K 125 46.93 -83.11 24.64
CA ARG K 125 45.58 -82.55 24.67
C ARG K 125 45.60 -81.08 24.29
N ILE K 126 46.55 -80.31 24.83
CA ILE K 126 46.63 -78.89 24.49
C ILE K 126 46.89 -78.72 23.00
N SER K 127 47.69 -79.61 22.43
CA SER K 127 47.98 -79.55 21.00
C SER K 127 46.69 -79.71 20.18
N SER K 128 46.02 -80.85 20.34
CA SER K 128 44.89 -81.19 19.47
C SER K 128 43.52 -80.88 20.10
N GLN K 129 43.44 -79.91 21.00
CA GLN K 129 42.15 -79.35 21.43
C GLN K 129 42.19 -77.83 21.51
N MET K 130 43.11 -77.20 20.78
CA MET K 130 43.22 -75.76 20.70
C MET K 130 42.58 -75.29 19.41
N GLU K 131 41.78 -74.23 19.47
CA GLU K 131 41.09 -73.78 18.25
C GLU K 131 40.70 -72.31 18.36
N PHE K 132 40.65 -71.66 17.21
CA PHE K 132 40.20 -70.29 17.06
C PHE K 132 39.22 -70.28 15.90
N ASN K 133 37.92 -70.09 16.21
CA ASN K 133 36.88 -70.05 15.19
C ASN K 133 36.77 -71.39 14.47
N ASN K 134 36.86 -72.48 15.24
CA ASN K 134 36.77 -73.83 14.69
C ASN K 134 37.93 -74.11 13.73
N LYS K 135 39.14 -73.90 14.21
CA LYS K 135 40.35 -74.04 13.39
C LYS K 135 41.46 -74.59 14.27
N LYS K 136 41.79 -75.85 14.08
CA LYS K 136 42.87 -76.47 14.84
C LYS K 136 44.20 -75.86 14.41
N LEU K 137 44.98 -75.39 15.40
CA LEU K 137 46.21 -74.64 15.15
C LEU K 137 47.47 -75.48 15.35
N LEU K 138 47.59 -76.17 16.48
CA LEU K 138 48.83 -76.85 16.89
C LEU K 138 48.82 -78.34 16.60
N ASP K 139 48.29 -78.73 15.44
CA ASP K 139 48.15 -80.13 15.06
C ASP K 139 49.02 -80.48 13.87
N GLY K 140 49.34 -79.48 13.05
CA GLY K 140 49.90 -79.66 11.74
C GLY K 140 48.97 -79.31 10.59
N SER K 141 47.79 -78.72 10.87
CA SER K 141 46.90 -78.31 9.79
C SER K 141 47.51 -77.19 8.97
N GLN K 142 48.11 -76.20 9.63
CA GLN K 142 48.69 -75.05 8.97
C GLN K 142 50.13 -75.26 8.56
N SER K 143 50.76 -76.36 8.98
CA SER K 143 52.15 -76.62 8.62
C SER K 143 52.31 -77.05 7.17
N THR K 144 51.20 -77.34 6.47
CA THR K 144 51.28 -77.79 5.08
C THR K 144 51.31 -76.62 4.11
N ASN K 145 50.36 -75.69 4.24
CA ASN K 145 50.25 -74.53 3.36
C ASN K 145 50.42 -73.21 4.11
N GLY K 146 49.71 -73.03 5.21
CA GLY K 146 49.88 -71.87 6.07
C GLY K 146 48.66 -70.95 6.04
N LEU K 147 48.56 -70.15 7.09
CA LEU K 147 47.50 -69.15 7.22
C LEU K 147 47.93 -67.85 6.55
N THR K 148 47.05 -67.31 5.71
CA THR K 148 47.30 -66.10 4.95
C THR K 148 46.43 -64.97 5.45
N PHE K 149 47.06 -63.88 5.87
CA PHE K 149 46.37 -62.70 6.37
C PHE K 149 46.47 -61.58 5.34
N GLN K 150 45.32 -61.02 4.99
CA GLN K 150 45.23 -59.85 4.12
C GLN K 150 45.39 -58.61 4.98
N ILE K 151 46.54 -57.95 4.83
CA ILE K 151 46.89 -56.78 5.65
C ILE K 151 47.00 -55.57 4.74
N GLY K 152 46.21 -55.53 3.67
CA GLY K 152 46.25 -54.43 2.74
C GLY K 152 44.98 -54.37 1.93
N ALA K 153 44.70 -53.18 1.39
CA ALA K 153 43.49 -52.97 0.63
C ALA K 153 43.50 -53.75 -0.68
N ASN K 154 44.63 -53.75 -1.37
CA ASN K 154 44.73 -54.33 -2.70
C ASN K 154 45.08 -55.81 -2.65
N ALA K 155 45.05 -56.45 -3.82
CA ALA K 155 45.37 -57.86 -3.93
C ALA K 155 46.88 -58.08 -3.88
N GLY K 156 47.27 -59.19 -3.24
CA GLY K 156 48.66 -59.53 -3.07
C GLY K 156 49.31 -58.96 -1.83
N GLN K 157 48.65 -58.02 -1.14
CA GLN K 157 49.20 -57.41 0.07
C GLN K 157 48.89 -58.32 1.26
N THR K 158 49.56 -59.47 1.28
CA THR K 158 49.28 -60.55 2.21
C THR K 158 50.55 -60.91 2.98
N ILE K 159 50.36 -61.70 4.04
CA ILE K 159 51.47 -62.36 4.72
C ILE K 159 51.06 -63.80 5.02
N THR K 160 51.97 -64.73 4.75
CA THR K 160 51.76 -66.14 5.05
C THR K 160 52.46 -66.50 6.35
N MET K 161 51.89 -67.48 7.04
CA MET K 161 52.37 -67.92 8.34
C MET K 161 52.20 -69.43 8.44
N LYS K 162 53.04 -70.05 9.26
CA LYS K 162 53.02 -71.50 9.44
C LYS K 162 53.27 -71.82 10.91
N ILE K 163 52.58 -72.85 11.39
CA ILE K 163 52.74 -73.33 12.76
C ILE K 163 52.97 -74.83 12.69
N SER K 164 53.97 -75.32 13.41
CA SER K 164 54.38 -76.70 13.35
C SER K 164 53.57 -77.55 14.32
N THR K 165 53.63 -78.87 14.11
CA THR K 165 53.02 -79.80 15.06
C THR K 165 53.81 -79.76 16.36
N MET K 166 53.09 -79.59 17.47
CA MET K 166 53.64 -79.46 18.82
C MET K 166 53.10 -80.54 19.74
N SER K 167 53.01 -81.76 19.23
CA SER K 167 52.63 -82.92 20.03
C SER K 167 53.87 -83.58 20.65
N ALA K 168 53.63 -84.56 21.50
CA ALA K 168 54.73 -85.25 22.17
C ALA K 168 55.52 -86.13 21.20
N THR K 169 54.86 -86.69 20.19
CA THR K 169 55.56 -87.54 19.23
C THR K 169 56.58 -86.73 18.41
N LYS K 170 56.21 -85.51 18.00
CA LYS K 170 57.09 -84.72 17.16
C LYS K 170 58.34 -84.28 17.92
N LEU K 171 58.19 -84.03 19.22
CA LEU K 171 59.28 -83.51 20.04
C LEU K 171 60.09 -84.58 20.74
N GLY K 172 59.84 -85.85 20.46
CA GLY K 172 60.65 -86.92 21.02
C GLY K 172 60.56 -87.03 22.53
N VAL K 173 59.38 -86.73 23.10
CA VAL K 173 59.15 -86.80 24.54
C VAL K 173 57.98 -87.70 24.89
N ASP K 174 57.29 -88.28 23.92
CA ASP K 174 56.25 -89.26 24.17
C ASP K 174 56.77 -90.45 24.96
N ALA K 175 55.84 -91.20 25.55
CA ALA K 175 56.20 -92.27 26.47
C ALA K 175 57.00 -93.39 25.82
N ALA K 176 56.94 -93.52 24.49
CA ALA K 176 57.73 -94.53 23.80
C ALA K 176 59.22 -94.24 23.81
N LYS K 177 59.63 -93.01 24.15
CA LYS K 177 61.05 -92.64 24.15
C LYS K 177 61.44 -91.79 25.35
N ALA K 178 60.56 -91.58 26.33
CA ALA K 178 60.85 -90.72 27.47
C ALA K 178 60.33 -91.27 28.78
N SER K 179 60.29 -92.60 28.93
CA SER K 179 59.92 -93.18 30.20
C SER K 179 60.96 -92.86 31.26
N ILE K 180 60.53 -92.89 32.53
CA ILE K 180 61.44 -92.76 33.66
C ILE K 180 61.25 -93.96 34.58
N SER K 181 60.86 -95.10 34.02
CA SER K 181 60.84 -96.34 34.77
C SER K 181 62.20 -96.66 35.37
N LYS K 182 63.25 -96.52 34.58
CA LYS K 182 64.60 -96.89 35.00
C LYS K 182 65.35 -95.64 35.47
N GLY K 183 66.60 -95.84 35.86
CA GLY K 183 67.52 -94.73 36.10
C GLY K 183 68.15 -94.27 34.80
N THR K 184 68.39 -95.21 33.88
CA THR K 184 69.03 -94.87 32.61
C THR K 184 68.10 -94.03 31.74
N ALA K 185 66.81 -94.37 31.70
CA ALA K 185 65.88 -93.68 30.82
C ALA K 185 65.69 -92.22 31.24
N ALA K 186 65.78 -91.92 32.54
CA ALA K 186 65.68 -90.54 32.98
C ALA K 186 66.84 -89.69 32.45
N SER K 187 68.02 -90.30 32.30
CA SER K 187 69.16 -89.59 31.71
C SER K 187 68.81 -89.05 30.33
N LYS K 188 68.27 -89.91 29.46
CA LYS K 188 67.86 -89.45 28.13
C LYS K 188 66.65 -88.52 28.21
N ALA K 189 65.77 -88.75 29.19
CA ALA K 189 64.56 -87.94 29.29
C ALA K 189 64.89 -86.49 29.60
N ILE K 190 65.92 -86.25 30.42
CA ILE K 190 66.30 -84.89 30.75
C ILE K 190 66.71 -84.13 29.49
N LYS K 191 67.60 -84.72 28.69
CA LYS K 191 68.04 -84.09 27.45
C LYS K 191 66.89 -83.92 26.47
N SER K 192 66.01 -84.93 26.40
CA SER K 192 64.85 -84.87 25.51
C SER K 192 63.94 -83.71 25.89
N ILE K 193 63.73 -83.52 27.19
CA ILE K 193 62.87 -82.44 27.68
C ILE K 193 63.52 -81.08 27.42
N ASP K 194 64.84 -80.98 27.57
CA ASP K 194 65.54 -79.74 27.25
C ASP K 194 65.37 -79.38 25.78
N ASP K 195 65.56 -80.36 24.90
CA ASP K 195 65.38 -80.13 23.47
C ASP K 195 63.95 -79.66 23.17
N ALA K 196 62.97 -80.29 23.81
CA ALA K 196 61.59 -79.89 23.59
C ALA K 196 61.31 -78.46 24.06
N ILE K 197 61.85 -78.09 25.23
CA ILE K 197 61.68 -76.73 25.74
C ILE K 197 62.28 -75.72 24.76
N ASN K 198 63.48 -76.00 24.25
CA ASN K 198 64.11 -75.09 23.29
C ASN K 198 63.28 -74.96 22.02
N THR K 199 62.76 -76.08 21.52
CA THR K 199 61.96 -76.04 20.30
C THR K 199 60.69 -75.22 20.48
N VAL K 200 60.00 -75.39 21.61
CA VAL K 200 58.74 -74.66 21.78
C VAL K 200 59.03 -73.18 22.06
N SER K 201 60.17 -72.86 22.68
CA SER K 201 60.59 -71.47 22.79
C SER K 201 60.82 -70.86 21.43
N LYS K 202 61.46 -71.60 20.52
CA LYS K 202 61.67 -71.13 19.16
C LYS K 202 60.35 -70.82 18.47
N THR K 203 59.38 -71.74 18.59
CA THR K 203 58.08 -71.52 17.97
C THR K 203 57.38 -70.30 18.55
N ARG K 204 57.43 -70.13 19.87
CA ARG K 204 56.82 -68.94 20.49
C ARG K 204 57.46 -67.66 19.98
N SER K 205 58.78 -67.65 19.84
CA SER K 205 59.47 -66.50 19.27
C SER K 205 58.97 -66.21 17.86
N ALA K 206 58.82 -67.26 17.05
CA ALA K 206 58.34 -67.09 15.68
C ALA K 206 56.95 -66.46 15.66
N LEU K 207 56.10 -66.82 16.61
CA LEU K 207 54.76 -66.22 16.66
C LEU K 207 54.82 -64.76 17.10
N GLY K 208 55.60 -64.48 18.15
CA GLY K 208 55.67 -63.13 18.68
C GLY K 208 56.24 -62.13 17.68
N ALA K 209 57.16 -62.59 16.82
CA ALA K 209 57.69 -61.71 15.79
C ALA K 209 56.59 -61.22 14.86
N VAL K 210 55.71 -62.13 14.43
CA VAL K 210 54.62 -61.76 13.54
C VAL K 210 53.64 -60.84 14.25
N GLN K 211 53.42 -61.08 15.54
CA GLN K 211 52.56 -60.18 16.32
C GLN K 211 53.11 -58.76 16.31
N ASN K 212 54.41 -58.62 16.63
CA ASN K 212 55.03 -57.30 16.67
C ASN K 212 55.01 -56.63 15.30
N ARG K 213 55.16 -57.41 14.23
CA ARG K 213 55.04 -56.87 12.89
C ARG K 213 53.64 -56.32 12.64
N LEU K 214 52.62 -57.09 13.02
CA LEU K 214 51.24 -56.68 12.75
C LEU K 214 50.88 -55.41 13.50
N GLU K 215 51.48 -55.19 14.67
CA GLU K 215 51.24 -53.93 15.39
C GLU K 215 51.66 -52.71 14.56
N HIS K 216 52.91 -52.73 14.08
CA HIS K 216 53.40 -51.66 13.21
C HIS K 216 52.54 -51.53 11.96
N THR K 217 52.12 -52.66 11.39
CA THR K 217 51.24 -52.63 10.22
C THR K 217 49.94 -51.90 10.52
N ILE K 218 49.36 -52.15 11.70
CA ILE K 218 48.11 -51.49 12.08
C ILE K 218 48.32 -49.98 12.19
N ASN K 219 49.43 -49.58 12.82
CA ASN K 219 49.72 -48.16 12.95
C ASN K 219 49.82 -47.49 11.58
N ASN K 220 50.56 -48.11 10.66
CA ASN K 220 50.71 -47.55 9.32
C ASN K 220 49.39 -47.48 8.59
N LEU K 221 48.56 -48.51 8.74
CA LEU K 221 47.25 -48.51 8.09
C LEU K 221 46.38 -47.38 8.61
N GLY K 222 46.37 -47.16 9.93
CA GLY K 222 45.60 -46.07 10.49
C GLY K 222 46.04 -44.71 9.96
N THR K 223 47.37 -44.49 9.94
CA THR K 223 47.89 -43.22 9.42
C THR K 223 47.48 -43.01 7.97
N SER K 224 47.65 -44.04 7.13
CA SER K 224 47.33 -43.91 5.72
C SER K 224 45.83 -43.67 5.52
N ALA K 225 45.00 -44.34 6.31
CA ALA K 225 43.56 -44.15 6.19
C ALA K 225 43.15 -42.73 6.55
N GLU K 226 43.72 -42.19 7.64
CA GLU K 226 43.42 -40.80 8.00
C GLU K 226 43.85 -39.83 6.90
N ASN K 227 45.06 -40.02 6.36
CA ASN K 227 45.53 -39.09 5.33
C ASN K 227 44.66 -39.16 4.08
N LEU K 228 44.32 -40.36 3.62
CA LEU K 228 43.46 -40.48 2.44
C LEU K 228 42.06 -39.97 2.72
N THR K 229 41.58 -40.12 3.95
CA THR K 229 40.27 -39.55 4.30
C THR K 229 40.30 -38.04 4.19
N ALA K 230 41.37 -37.41 4.69
CA ALA K 230 41.53 -35.96 4.55
C ALA K 230 41.54 -35.55 3.08
N ALA K 231 42.30 -36.28 2.25
CA ALA K 231 42.38 -35.98 0.83
C ALA K 231 41.00 -36.08 0.17
N GLU K 232 40.28 -37.18 0.44
CA GLU K 232 38.97 -37.38 -0.17
C GLU K 232 37.98 -36.32 0.29
N SER K 233 38.06 -35.93 1.57
CA SER K 233 37.20 -34.86 2.07
C SER K 233 37.47 -33.56 1.33
N ARG K 234 38.75 -33.20 1.18
CA ARG K 234 39.08 -31.97 0.49
C ARG K 234 38.68 -32.01 -0.98
N ILE K 235 38.68 -33.19 -1.59
CA ILE K 235 38.29 -33.30 -2.99
C ILE K 235 36.79 -33.15 -3.14
N ARG K 236 36.02 -33.99 -2.44
CA ARG K 236 34.60 -34.15 -2.72
C ARG K 236 33.69 -33.33 -1.82
N ASP K 237 33.98 -33.24 -0.52
CA ASP K 237 33.10 -32.50 0.37
C ASP K 237 33.17 -31.01 0.08
N THR K 238 32.13 -30.29 0.46
CA THR K 238 31.96 -28.88 0.17
C THR K 238 32.09 -28.05 1.44
N ASP K 239 32.61 -26.83 1.28
CA ASP K 239 32.66 -25.87 2.38
C ASP K 239 31.32 -25.17 2.51
N MET K 240 30.74 -25.22 3.70
CA MET K 240 29.41 -24.68 3.91
C MET K 240 29.36 -23.17 3.70
N ALA K 241 30.42 -22.47 4.11
CA ALA K 241 30.41 -21.01 4.08
C ALA K 241 30.36 -20.48 2.65
N ALA K 242 31.17 -21.05 1.76
CA ALA K 242 31.21 -20.58 0.38
C ALA K 242 29.87 -20.81 -0.32
N GLU K 243 29.28 -21.98 -0.12
CA GLU K 243 27.99 -22.27 -0.74
C GLU K 243 26.89 -21.40 -0.15
N MET K 244 26.97 -21.10 1.15
CA MET K 244 26.01 -20.17 1.76
C MET K 244 26.12 -18.79 1.11
N MET K 245 27.36 -18.30 0.94
CA MET K 245 27.59 -17.04 0.26
C MET K 245 26.96 -17.04 -1.12
N ALA K 246 27.26 -18.08 -1.92
CA ALA K 246 26.75 -18.14 -3.28
C ALA K 246 25.24 -18.22 -3.31
N PHE K 247 24.64 -18.95 -2.38
CA PHE K 247 23.19 -19.10 -2.35
C PHE K 247 22.52 -17.78 -2.00
N THR K 248 23.05 -17.06 -1.01
CA THR K 248 22.49 -15.74 -0.67
C THR K 248 22.62 -14.78 -1.85
N LYS K 249 23.77 -14.77 -2.51
CA LYS K 249 23.99 -13.94 -3.69
C LYS K 249 22.97 -14.24 -4.78
N ASN K 250 22.77 -15.53 -5.07
CA ASN K 250 21.84 -15.91 -6.13
C ASN K 250 20.41 -15.57 -5.76
N ASN K 251 20.03 -15.68 -4.49
CA ASN K 251 18.69 -15.27 -4.07
C ASN K 251 18.49 -13.78 -4.29
N ILE K 252 19.48 -12.97 -3.90
CA ILE K 252 19.37 -11.53 -4.08
C ILE K 252 19.24 -11.19 -5.55
N LEU K 253 20.00 -11.87 -6.40
CA LEU K 253 19.92 -11.64 -7.84
C LEU K 253 18.55 -12.05 -8.38
N THR K 254 18.00 -13.16 -7.87
CA THR K 254 16.67 -13.59 -8.28
C THR K 254 15.62 -12.55 -7.94
N GLN K 255 15.69 -12.00 -6.73
CA GLN K 255 14.74 -10.95 -6.33
C GLN K 255 14.87 -9.72 -7.21
N ALA K 256 16.12 -9.32 -7.50
CA ALA K 256 16.35 -8.17 -8.37
C ALA K 256 15.74 -8.39 -9.75
N ALA K 257 15.96 -9.58 -10.32
CA ALA K 257 15.40 -9.87 -11.64
C ALA K 257 13.88 -9.92 -11.60
N GLN K 258 13.30 -10.41 -10.50
CA GLN K 258 11.84 -10.41 -10.35
C GLN K 258 11.30 -9.00 -10.40
N SER K 259 11.89 -8.09 -9.61
CA SER K 259 11.43 -6.70 -9.62
C SER K 259 11.63 -6.06 -11.00
N MET K 260 12.76 -6.34 -11.65
CA MET K 260 13.02 -5.78 -12.96
C MET K 260 11.98 -6.25 -13.97
N LEU K 261 11.57 -7.52 -13.88
CA LEU K 261 10.57 -8.04 -14.81
C LEU K 261 9.20 -7.43 -14.52
N ALA K 262 8.87 -7.25 -13.24
CA ALA K 262 7.63 -6.58 -12.89
C ALA K 262 7.57 -5.17 -13.46
N GLN K 263 8.72 -4.48 -13.48
CA GLN K 263 8.77 -3.15 -14.09
C GLN K 263 8.65 -3.23 -15.61
N ALA K 264 9.40 -4.15 -16.23
CA ALA K 264 9.42 -4.25 -17.68
C ALA K 264 8.06 -4.62 -18.25
N ASN K 265 7.26 -5.38 -17.49
CA ASN K 265 5.91 -5.70 -17.95
C ASN K 265 5.01 -4.47 -17.95
N GLN K 266 5.23 -3.54 -17.02
CA GLN K 266 4.46 -2.31 -16.96
C GLN K 266 4.97 -1.24 -17.92
N GLN K 267 6.21 -1.34 -18.38
CA GLN K 267 6.79 -0.32 -19.26
C GLN K 267 5.97 -0.08 -20.52
N PRO K 268 5.53 -1.09 -21.28
CA PRO K 268 4.75 -0.78 -22.50
C PRO K 268 3.28 -0.47 -22.23
N GLN K 269 3.01 0.79 -21.88
CA GLN K 269 1.65 1.29 -21.69
C GLN K 269 1.55 2.63 -22.42
N GLY K 270 1.20 2.57 -23.71
CA GLY K 270 0.99 3.75 -24.52
C GLY K 270 -0.45 3.83 -24.97
N VAL K 271 -1.37 3.41 -24.10
CA VAL K 271 -2.78 3.47 -24.44
C VAL K 271 -3.29 4.91 -24.44
N LEU K 272 -2.62 5.81 -23.72
CA LEU K 272 -3.04 7.21 -23.72
C LEU K 272 -2.79 7.92 -25.03
N GLN K 273 -2.02 7.33 -25.96
CA GLN K 273 -1.98 7.86 -27.31
C GLN K 273 -3.36 7.83 -27.93
N LEU K 274 -4.02 6.68 -27.84
CA LEU K 274 -5.24 6.43 -28.59
C LEU K 274 -6.43 7.13 -27.99
N LEU K 275 -6.78 6.77 -26.75
CA LEU K 275 -7.95 7.30 -26.09
C LEU K 275 -7.60 8.59 -25.36
N GLN K 276 -8.57 9.15 -24.64
CA GLN K 276 -8.32 10.36 -23.87
C GLN K 276 -9.46 10.59 -22.88
N MET L 1 -21.35 -15.14 -25.16
CA MET L 1 -20.11 -14.68 -25.79
C MET L 1 -19.33 -13.48 -25.22
N ARG L 2 -20.03 -12.45 -24.73
CA ARG L 2 -19.39 -11.22 -24.27
C ARG L 2 -19.68 -10.89 -22.82
N ILE L 3 -20.95 -10.85 -22.43
CA ILE L 3 -21.36 -10.23 -21.16
C ILE L 3 -22.00 -11.27 -20.24
N GLN L 4 -23.08 -11.90 -20.71
CA GLN L 4 -23.92 -12.73 -19.87
C GLN L 4 -23.18 -13.88 -19.23
N HIS L 5 -22.06 -14.33 -19.81
CA HIS L 5 -21.28 -15.44 -19.29
C HIS L 5 -19.80 -15.13 -19.45
N ASN L 6 -19.02 -15.43 -18.41
CA ASN L 6 -17.58 -15.17 -18.37
C ASN L 6 -16.87 -16.46 -17.98
N ILE L 7 -16.46 -17.25 -18.97
CA ILE L 7 -16.08 -18.64 -18.72
C ILE L 7 -14.71 -18.73 -18.05
N ALA L 8 -13.82 -17.78 -18.32
CA ALA L 8 -12.51 -17.76 -17.68
C ALA L 8 -12.65 -17.68 -16.17
N ALA L 9 -13.56 -16.84 -15.69
CA ALA L 9 -13.78 -16.72 -14.26
C ALA L 9 -14.34 -18.00 -13.66
N LEU L 10 -15.19 -18.71 -14.40
CA LEU L 10 -15.69 -20.00 -13.94
C LEU L 10 -14.56 -21.00 -13.76
N ASN L 11 -13.69 -21.11 -14.77
CA ASN L 11 -12.55 -22.03 -14.67
C ASN L 11 -11.65 -21.66 -13.50
N THR L 12 -11.39 -20.36 -13.33
CA THR L 12 -10.56 -19.90 -12.22
C THR L 12 -11.20 -20.25 -10.88
N HIS L 13 -12.52 -20.11 -10.78
CA HIS L 13 -13.23 -20.45 -9.56
C HIS L 13 -13.10 -21.94 -9.25
N ARG L 14 -13.27 -22.78 -10.27
CA ARG L 14 -13.08 -24.23 -10.10
C ARG L 14 -11.70 -24.54 -9.53
N ASN L 15 -10.66 -24.00 -10.17
CA ASN L 15 -9.30 -24.31 -9.73
C ASN L 15 -9.05 -23.79 -8.32
N LEU L 16 -9.59 -22.61 -8.01
CA LEU L 16 -9.44 -22.04 -6.67
C LEU L 16 -10.08 -22.94 -5.62
N ALA L 17 -11.29 -23.43 -5.90
CA ALA L 17 -11.96 -24.34 -4.98
C ALA L 17 -11.15 -25.61 -4.76
N ALA L 18 -10.61 -26.17 -5.86
CA ALA L 18 -9.79 -27.38 -5.74
C ALA L 18 -8.56 -27.14 -4.87
N ASN L 19 -7.87 -26.02 -5.08
CA ASN L 19 -6.67 -25.71 -4.30
C ASN L 19 -7.02 -25.54 -2.83
N ASN L 20 -8.13 -24.85 -2.53
CA ASN L 20 -8.56 -24.69 -1.15
C ASN L 20 -8.85 -26.04 -0.50
N ALA L 21 -9.51 -26.93 -1.22
CA ALA L 21 -9.80 -28.26 -0.69
C ALA L 21 -8.53 -29.03 -0.38
N ALA L 22 -7.55 -28.97 -1.29
CA ALA L 22 -6.30 -29.69 -1.05
C ALA L 22 -5.56 -29.12 0.15
N ALA L 23 -5.54 -27.79 0.29
CA ALA L 23 -4.90 -27.18 1.44
C ALA L 23 -5.59 -27.58 2.74
N SER L 24 -6.92 -27.67 2.72
CA SER L 24 -7.64 -28.10 3.91
C SER L 24 -7.29 -29.54 4.28
N LYS L 25 -7.20 -30.43 3.29
CA LYS L 25 -6.78 -31.80 3.57
C LYS L 25 -5.40 -31.84 4.19
N ASN L 26 -4.47 -31.03 3.68
CA ASN L 26 -3.13 -31.00 4.24
C ASN L 26 -3.14 -30.49 5.68
N LEU L 27 -3.97 -29.48 5.95
CA LEU L 27 -4.11 -28.98 7.33
C LEU L 27 -4.62 -30.08 8.25
N GLU L 28 -5.61 -30.85 7.79
CA GLU L 28 -6.12 -31.96 8.58
C GLU L 28 -5.00 -32.95 8.89
N LYS L 29 -4.22 -33.33 7.87
CA LYS L 29 -3.16 -34.31 8.08
C LYS L 29 -2.07 -33.77 9.02
N LEU L 30 -1.83 -32.46 9.00
CA LEU L 30 -0.79 -31.89 9.86
C LEU L 30 -1.25 -31.75 11.30
N SER L 31 -2.50 -31.33 11.50
CA SER L 31 -3.02 -31.18 12.86
C SER L 31 -3.22 -32.54 13.51
N SER L 32 -3.75 -33.51 12.77
CA SER L 32 -4.02 -34.82 13.33
C SER L 32 -2.72 -35.56 13.65
N GLY L 33 -1.70 -35.38 12.83
CA GLY L 33 -0.49 -36.16 12.95
C GLY L 33 -0.55 -37.52 12.29
N PHE L 34 -1.67 -37.89 11.67
CA PHE L 34 -1.84 -39.16 11.00
C PHE L 34 -2.11 -38.92 9.53
N LYS L 35 -1.59 -39.82 8.69
CA LYS L 35 -1.76 -39.73 7.24
C LYS L 35 -3.09 -40.28 6.78
N ILE L 36 -3.73 -41.13 7.58
CA ILE L 36 -4.97 -41.81 7.22
C ILE L 36 -5.97 -41.51 8.33
N ASN L 37 -6.84 -40.53 8.09
CA ASN L 37 -7.92 -40.19 9.01
C ASN L 37 -9.27 -40.75 8.57
N ARG L 38 -9.40 -41.07 7.28
CA ARG L 38 -10.61 -41.67 6.72
C ARG L 38 -10.22 -42.87 5.88
N ALA L 39 -11.21 -43.69 5.55
CA ALA L 39 -10.94 -44.82 4.67
C ALA L 39 -10.78 -44.39 3.22
N GLY L 40 -11.33 -43.24 2.84
CA GLY L 40 -11.09 -42.72 1.51
C GLY L 40 -9.64 -42.36 1.27
N ASP L 41 -8.90 -42.02 2.34
CA ASP L 41 -7.48 -41.77 2.22
C ASP L 41 -6.76 -43.01 1.70
N ASP L 42 -6.98 -44.15 2.34
CA ASP L 42 -6.31 -45.38 1.95
C ASP L 42 -7.04 -46.55 2.59
N ALA L 43 -7.62 -47.43 1.77
CA ALA L 43 -8.39 -48.55 2.28
C ALA L 43 -7.48 -49.66 2.79
N ALA L 44 -6.56 -50.14 1.95
CA ALA L 44 -5.57 -51.14 2.36
C ALA L 44 -4.43 -50.45 3.09
N GLY L 45 -4.45 -50.53 4.41
CA GLY L 45 -3.54 -49.79 5.25
C GLY L 45 -4.27 -49.31 6.49
N LEU L 46 -5.54 -48.94 6.35
CA LEU L 46 -6.39 -48.74 7.52
C LEU L 46 -6.57 -50.05 8.28
N ALA L 47 -6.97 -51.10 7.56
CA ALA L 47 -7.12 -52.42 8.17
C ALA L 47 -5.81 -52.90 8.77
N ILE L 48 -4.71 -52.73 8.04
CA ILE L 48 -3.40 -53.17 8.51
C ILE L 48 -3.01 -52.42 9.77
N SER L 49 -3.29 -51.12 9.81
CA SER L 49 -2.99 -50.31 10.99
C SER L 49 -3.81 -50.77 12.19
N GLU L 50 -5.09 -51.08 11.97
CA GLU L 50 -5.93 -51.52 13.08
C GLU L 50 -5.47 -52.86 13.63
N LYS L 51 -5.17 -53.82 12.75
CA LYS L 51 -4.66 -55.11 13.19
C LYS L 51 -3.33 -54.94 13.93
N MET L 52 -2.45 -54.07 13.42
CA MET L 52 -1.16 -53.89 14.07
C MET L 52 -1.32 -53.23 15.43
N ARG L 53 -2.27 -52.30 15.56
CA ARG L 53 -2.55 -51.69 16.86
C ARG L 53 -3.05 -52.73 17.85
N GLY L 54 -3.95 -53.60 17.39
CA GLY L 54 -4.41 -54.69 18.25
C GLY L 54 -3.27 -55.59 18.70
N GLN L 55 -2.38 -55.94 17.77
CA GLN L 55 -1.24 -56.79 18.11
C GLN L 55 -0.31 -56.09 19.09
N ILE L 56 -0.08 -54.79 18.91
CA ILE L 56 0.81 -54.05 19.80
C ILE L 56 0.24 -54.02 21.22
N SER L 57 -1.04 -53.69 21.34
CA SER L 57 -1.68 -53.69 22.66
C SER L 57 -1.63 -55.07 23.30
N GLY L 58 -1.92 -56.11 22.52
CA GLY L 58 -1.86 -57.46 23.05
C GLY L 58 -0.47 -57.85 23.50
N LEU L 59 0.56 -57.46 22.75
CA LEU L 59 1.92 -57.82 23.10
C LEU L 59 2.37 -57.10 24.37
N ASN L 60 2.03 -55.82 24.51
CA ASN L 60 2.39 -55.10 25.73
C ASN L 60 1.66 -55.68 26.93
N MET L 61 0.37 -55.99 26.79
CA MET L 61 -0.36 -56.60 27.89
C MET L 61 0.18 -57.98 28.23
N ALA L 62 0.66 -58.71 27.23
CA ALA L 62 1.25 -60.02 27.48
C ALA L 62 2.58 -59.89 28.22
N SER L 63 3.35 -58.86 27.90
CA SER L 63 4.56 -58.57 28.68
C SER L 63 4.21 -58.30 30.13
N LYS L 64 3.18 -57.49 30.37
CA LYS L 64 2.71 -57.23 31.72
C LYS L 64 2.32 -58.52 32.44
N ASN L 65 1.56 -59.37 31.76
CA ASN L 65 1.12 -60.62 32.34
C ASN L 65 2.29 -61.54 32.66
N SER L 66 3.29 -61.58 31.78
CA SER L 66 4.47 -62.42 32.03
C SER L 66 5.23 -61.93 33.26
N SER L 67 5.33 -60.62 33.42
CA SER L 67 5.96 -60.09 34.62
C SER L 67 5.18 -60.46 35.88
N ASP L 68 3.85 -60.40 35.80
CA ASP L 68 3.02 -60.82 36.92
C ASP L 68 3.27 -62.28 37.29
N ALA L 69 3.35 -63.15 36.27
CA ALA L 69 3.64 -64.55 36.51
C ALA L 69 5.01 -64.73 37.16
N ILE L 70 5.99 -63.95 36.74
CA ILE L 70 7.31 -64.01 37.36
C ILE L 70 7.23 -63.65 38.83
N SER L 71 6.43 -62.64 39.16
CA SER L 71 6.26 -62.25 40.56
C SER L 71 5.65 -63.39 41.38
N LEU L 72 4.60 -64.01 40.85
CA LEU L 72 3.99 -65.16 41.51
C LEU L 72 5.00 -66.28 41.77
N ILE L 73 5.79 -66.62 40.74
CA ILE L 73 6.75 -67.70 40.86
C ILE L 73 7.81 -67.36 41.90
N GLN L 74 8.26 -66.10 41.92
CA GLN L 74 9.23 -65.67 42.92
C GLN L 74 8.65 -65.82 44.32
N THR L 75 7.36 -65.54 44.48
CA THR L 75 6.72 -65.72 45.79
C THR L 75 6.80 -67.18 46.22
N ALA L 76 6.46 -68.10 45.31
CA ALA L 76 6.48 -69.52 45.67
C ALA L 76 7.90 -69.99 46.00
N GLU L 77 8.90 -69.58 45.21
CA GLU L 77 10.28 -69.98 45.50
C GLU L 77 10.75 -69.45 46.84
N GLY L 78 10.43 -68.20 47.15
CA GLY L 78 10.76 -67.66 48.45
C GLY L 78 10.09 -68.42 49.58
N GLY L 79 8.87 -68.90 49.34
CA GLY L 79 8.22 -69.76 50.31
C GLY L 79 8.97 -71.05 50.56
N LEU L 80 9.49 -71.66 49.48
CA LEU L 80 10.17 -72.95 49.61
C LEU L 80 11.60 -72.86 50.14
N ASN L 81 12.22 -71.68 50.08
CA ASN L 81 13.55 -71.52 50.67
C ASN L 81 13.54 -71.82 52.16
N GLU L 82 12.53 -71.35 52.88
CA GLU L 82 12.46 -71.59 54.31
C GLU L 82 12.13 -73.05 54.60
N THR L 83 11.39 -73.70 53.70
CA THR L 83 11.20 -75.14 53.79
C THR L 83 12.54 -75.87 53.76
N HIS L 84 13.40 -75.51 52.80
CA HIS L 84 14.76 -76.05 52.76
C HIS L 84 15.47 -75.86 54.09
N ALA L 85 15.44 -74.63 54.61
CA ALA L 85 16.17 -74.31 55.83
C ALA L 85 15.71 -75.15 57.01
N ILE L 86 14.41 -75.19 57.26
CA ILE L 86 13.92 -75.91 58.44
C ILE L 86 14.06 -77.41 58.23
N LEU L 87 14.05 -77.90 56.99
CA LEU L 87 14.34 -79.31 56.74
C LEU L 87 15.78 -79.65 57.12
N GLN L 88 16.71 -78.77 56.77
CA GLN L 88 18.10 -78.97 57.20
C GLN L 88 18.19 -79.02 58.72
N ARG L 89 17.51 -78.09 59.40
CA ARG L 89 17.53 -78.07 60.86
C ARG L 89 16.95 -79.37 61.43
N MET L 90 15.86 -79.87 60.85
CA MET L 90 15.23 -81.10 61.30
C MET L 90 16.15 -82.30 61.11
N ARG L 91 16.87 -82.35 59.99
CA ARG L 91 17.83 -83.42 59.78
C ARG L 91 18.94 -83.37 60.82
N GLU L 92 19.44 -82.17 61.12
CA GLU L 92 20.45 -82.02 62.17
C GLU L 92 19.93 -82.53 63.51
N LEU L 93 18.69 -82.16 63.85
CA LEU L 93 18.05 -82.62 65.09
C LEU L 93 17.93 -84.14 65.13
N ALA L 94 17.54 -84.76 64.01
CA ALA L 94 17.42 -86.21 63.98
C ALA L 94 18.77 -86.90 64.15
N VAL L 95 19.80 -86.39 63.48
CA VAL L 95 21.13 -86.99 63.60
C VAL L 95 21.64 -86.87 65.03
N GLN L 96 21.31 -85.76 65.71
CA GLN L 96 21.68 -85.64 67.12
C GLN L 96 20.86 -86.56 68.01
N SER L 97 19.55 -86.66 67.77
CA SER L 97 18.68 -87.54 68.54
C SER L 97 19.05 -89.01 68.40
N ARG L 98 19.66 -89.38 67.28
CA ARG L 98 19.91 -90.78 66.92
C ARG L 98 20.95 -91.44 67.82
N ASN L 99 21.80 -90.66 68.48
CA ASN L 99 22.86 -91.20 69.32
C ASN L 99 22.31 -91.69 70.66
N ASP L 100 23.00 -92.66 71.26
CA ASP L 100 22.56 -93.29 72.50
C ASP L 100 23.06 -92.58 73.75
N THR L 101 23.76 -91.46 73.60
CA THR L 101 24.05 -90.60 74.76
C THR L 101 22.77 -90.03 75.36
N ASN L 102 21.73 -89.87 74.54
CA ASN L 102 20.50 -89.24 74.98
C ASN L 102 19.59 -90.26 75.65
N ASP L 103 18.93 -89.82 76.73
CA ASP L 103 18.05 -90.68 77.53
C ASP L 103 16.60 -90.31 77.32
N GLU L 104 15.77 -91.33 77.10
CA GLU L 104 14.33 -91.15 77.13
C GLU L 104 13.80 -90.86 78.53
N ALA L 105 14.50 -91.34 79.56
CA ALA L 105 14.03 -91.18 80.93
C ALA L 105 14.05 -89.72 81.36
N THR L 106 15.21 -89.06 81.23
CA THR L 106 15.36 -87.66 81.63
C THR L 106 15.09 -86.70 80.48
N ASN L 107 14.26 -87.09 79.51
CA ASN L 107 13.61 -86.17 78.60
C ASN L 107 14.61 -85.47 77.67
N ASP L 108 15.66 -86.19 77.25
CA ASP L 108 16.63 -85.63 76.32
C ASP L 108 16.07 -85.54 74.90
N ARG L 109 15.43 -86.62 74.44
CA ARG L 109 14.87 -86.66 73.09
C ARG L 109 13.51 -85.98 72.96
N SER L 110 12.75 -85.89 74.06
CA SER L 110 11.45 -85.24 73.97
C SER L 110 11.57 -83.74 73.71
N ASN L 111 12.69 -83.13 74.11
CA ASN L 111 12.92 -81.72 73.77
C ASN L 111 13.25 -81.55 72.29
N LEU L 112 14.03 -82.47 71.72
CA LEU L 112 14.26 -82.41 70.28
C LEU L 112 12.98 -82.71 69.53
N ASN L 113 12.09 -83.51 70.12
CA ASN L 113 10.79 -83.76 69.50
C ASN L 113 9.88 -82.53 69.61
N ASP L 114 9.96 -81.80 70.72
CA ASP L 114 9.29 -80.49 70.80
C ASP L 114 9.72 -79.59 69.64
N GLU L 115 11.04 -79.46 69.46
CA GLU L 115 11.59 -78.67 68.36
C GLU L 115 11.08 -79.17 67.01
N LEU L 116 11.12 -80.49 66.81
CA LEU L 116 10.70 -81.08 65.55
C LEU L 116 9.21 -80.84 65.27
N LYS L 117 8.37 -80.99 66.29
CA LYS L 117 6.94 -80.74 66.11
C LYS L 117 6.66 -79.29 65.75
N GLN L 118 7.37 -78.35 66.39
CA GLN L 118 7.18 -76.96 66.03
C GLN L 118 7.62 -76.68 64.59
N LEU L 119 8.72 -77.31 64.16
CA LEU L 119 9.15 -77.12 62.78
C LEU L 119 8.19 -77.77 61.79
N GLN L 120 7.53 -78.86 62.18
CA GLN L 120 6.52 -79.46 61.31
C GLN L 120 5.27 -78.59 61.22
N GLU L 121 4.88 -77.96 62.33
CA GLU L 121 3.79 -77.00 62.24
C GLU L 121 4.17 -75.83 61.34
N GLU L 122 5.43 -75.42 61.35
CA GLU L 122 5.85 -74.31 60.48
C GLU L 122 5.89 -74.73 59.01
N ILE L 123 6.36 -75.94 58.71
CA ILE L 123 6.39 -76.39 57.31
C ILE L 123 4.97 -76.52 56.76
N THR L 124 3.99 -76.90 57.60
CA THR L 124 2.60 -76.89 57.15
C THR L 124 2.06 -75.48 57.01
N ARG L 125 2.44 -74.58 57.93
CA ARG L 125 1.94 -73.22 57.92
C ARG L 125 2.38 -72.49 56.66
N ILE L 126 3.65 -72.64 56.27
CA ILE L 126 4.13 -71.99 55.04
C ILE L 126 3.35 -72.49 53.84
N SER L 127 3.00 -73.78 53.85
CA SER L 127 2.24 -74.35 52.74
C SER L 127 0.88 -73.67 52.62
N SER L 128 0.07 -73.74 53.68
CA SER L 128 -1.32 -73.29 53.60
C SER L 128 -1.54 -71.90 54.17
N GLN L 129 -0.53 -71.03 54.15
CA GLN L 129 -0.72 -69.60 54.41
C GLN L 129 0.07 -68.74 53.42
N MET L 130 0.39 -69.30 52.26
CA MET L 130 1.07 -68.58 51.19
C MET L 130 0.05 -68.16 50.15
N GLU L 131 0.13 -66.92 49.68
CA GLU L 131 -0.88 -66.46 48.71
C GLU L 131 -0.35 -65.29 47.90
N PHE L 132 -0.85 -65.18 46.68
CA PHE L 132 -0.57 -64.10 45.76
C PHE L 132 -1.91 -63.64 45.21
N ASN L 133 -2.36 -62.45 45.63
CA ASN L 133 -3.62 -61.89 45.18
C ASN L 133 -4.80 -62.75 45.62
N ASN L 134 -4.73 -63.24 46.86
CA ASN L 134 -5.79 -64.09 47.42
C ASN L 134 -5.90 -65.40 46.65
N LYS L 135 -4.77 -66.11 46.51
CA LYS L 135 -4.71 -67.34 45.74
C LYS L 135 -3.72 -68.28 46.42
N LYS L 136 -4.26 -69.31 47.07
CA LYS L 136 -3.42 -70.29 47.73
C LYS L 136 -2.64 -71.09 46.68
N LEU L 137 -1.32 -71.17 46.84
CA LEU L 137 -0.43 -71.76 45.85
C LEU L 137 0.04 -73.17 46.23
N LEU L 138 0.54 -73.35 47.45
CA LEU L 138 1.22 -74.59 47.86
C LEU L 138 0.32 -75.51 48.67
N ASP L 139 -0.95 -75.62 48.29
CA ASP L 139 -1.93 -76.42 49.01
C ASP L 139 -2.40 -77.61 48.20
N GLY L 140 -2.30 -77.52 46.88
CA GLY L 140 -2.96 -78.41 45.95
C GLY L 140 -4.10 -77.79 45.16
N SER L 141 -4.30 -76.47 45.26
CA SER L 141 -5.36 -75.83 44.47
C SER L 141 -5.04 -75.88 42.99
N GLN L 142 -3.79 -75.62 42.63
CA GLN L 142 -3.37 -75.59 41.23
C GLN L 142 -2.91 -76.94 40.72
N SER L 143 -2.78 -77.94 41.59
CA SER L 143 -2.35 -79.26 41.16
C SER L 143 -3.43 -80.02 40.42
N THR L 144 -4.67 -79.51 40.41
CA THR L 144 -5.78 -80.21 39.75
C THR L 144 -5.87 -79.83 38.28
N ASN L 145 -5.89 -78.52 37.98
CA ASN L 145 -6.01 -78.02 36.62
C ASN L 145 -4.80 -77.20 36.19
N GLY L 146 -4.37 -76.24 37.01
CA GLY L 146 -3.17 -75.48 36.78
C GLY L 146 -3.45 -74.02 36.45
N LEU L 147 -2.43 -73.20 36.65
CA LEU L 147 -2.49 -71.78 36.34
C LEU L 147 -2.09 -71.55 34.89
N THR L 148 -2.90 -70.78 34.17
CA THR L 148 -2.71 -70.51 32.75
C THR L 148 -2.35 -69.05 32.57
N PHE L 149 -1.18 -68.80 31.95
CA PHE L 149 -0.70 -67.46 31.67
C PHE L 149 -0.81 -67.18 30.18
N GLN L 150 -1.46 -66.06 29.84
CA GLN L 150 -1.56 -65.55 28.47
C GLN L 150 -0.30 -64.75 28.18
N ILE L 151 0.57 -65.31 27.34
CA ILE L 151 1.85 -64.69 27.02
C ILE L 151 1.88 -64.33 25.54
N GLY L 152 0.71 -63.98 24.99
CA GLY L 152 0.63 -63.64 23.58
C GLY L 152 -0.63 -62.84 23.32
N ALA L 153 -0.58 -62.09 22.21
CA ALA L 153 -1.71 -61.23 21.86
C ALA L 153 -2.94 -62.04 21.49
N ASN L 154 -2.76 -63.10 20.72
CA ASN L 154 -3.87 -63.87 20.17
C ASN L 154 -4.32 -64.97 21.12
N ALA L 155 -5.42 -65.63 20.75
CA ALA L 155 -5.97 -66.71 21.55
C ALA L 155 -5.17 -67.99 21.35
N GLY L 156 -5.03 -68.75 22.44
CA GLY L 156 -4.28 -69.97 22.43
C GLY L 156 -2.81 -69.82 22.73
N GLN L 157 -2.28 -68.60 22.73
CA GLN L 157 -0.87 -68.35 23.02
C GLN L 157 -0.67 -68.30 24.54
N THR L 158 -0.80 -69.47 25.14
CA THR L 158 -0.82 -69.62 26.60
C THR L 158 0.23 -70.60 27.04
N ILE L 159 0.47 -70.62 28.35
CA ILE L 159 1.27 -71.67 28.98
C ILE L 159 0.57 -72.10 30.27
N THR L 160 0.47 -73.40 30.49
CA THR L 160 -0.10 -73.96 31.70
C THR L 160 1.01 -74.35 32.66
N MET L 161 0.69 -74.29 33.95
CA MET L 161 1.64 -74.56 35.01
C MET L 161 0.91 -75.26 36.14
N LYS L 162 1.66 -76.04 36.92
CA LYS L 162 1.10 -76.80 38.03
C LYS L 162 2.08 -76.79 39.19
N ILE L 163 1.53 -76.71 40.40
CA ILE L 163 2.31 -76.74 41.63
C ILE L 163 1.69 -77.79 42.54
N SER L 164 2.53 -78.65 43.10
CA SER L 164 2.08 -79.77 43.89
C SER L 164 1.88 -79.37 45.35
N THR L 165 1.16 -80.21 46.08
CA THR L 165 1.02 -80.02 47.52
C THR L 165 2.36 -80.25 48.19
N MET L 166 2.78 -79.30 49.03
CA MET L 166 4.06 -79.28 49.72
C MET L 166 3.87 -79.23 51.22
N SER L 167 2.90 -79.99 51.73
CA SER L 167 2.70 -80.15 53.17
C SER L 167 3.52 -81.32 53.72
N ALA L 168 3.49 -81.46 55.04
CA ALA L 168 4.26 -82.53 55.67
C ALA L 168 3.65 -83.91 55.39
N THR L 169 2.32 -83.98 55.25
CA THR L 169 1.69 -85.27 54.98
C THR L 169 2.10 -85.81 53.62
N LYS L 170 2.17 -84.95 52.61
CA LYS L 170 2.48 -85.41 51.25
C LYS L 170 3.92 -85.92 51.17
N LEU L 171 4.83 -85.32 51.92
CA LEU L 171 6.24 -85.64 51.86
C LEU L 171 6.68 -86.71 52.86
N GLY L 172 5.76 -87.31 53.59
CA GLY L 172 6.11 -88.39 54.49
C GLY L 172 7.02 -87.97 55.62
N VAL L 173 6.86 -86.74 56.12
CA VAL L 173 7.67 -86.21 57.22
C VAL L 173 6.81 -85.72 58.38
N ASP L 174 5.49 -85.77 58.26
CA ASP L 174 4.60 -85.45 59.38
C ASP L 174 4.89 -86.33 60.59
N ALA L 175 4.40 -85.86 61.75
CA ALA L 175 4.73 -86.51 63.02
C ALA L 175 4.23 -87.94 63.12
N ALA L 176 3.24 -88.32 62.32
CA ALA L 176 2.76 -89.70 62.32
C ALA L 176 3.75 -90.69 61.74
N LYS L 177 4.79 -90.22 61.04
CA LYS L 177 5.78 -91.10 60.42
C LYS L 177 7.21 -90.61 60.56
N ALA L 178 7.46 -89.54 61.33
CA ALA L 178 8.81 -88.97 61.45
C ALA L 178 9.12 -88.53 62.87
N SER L 179 8.58 -89.21 63.87
CA SER L 179 8.96 -88.90 65.24
C SER L 179 10.43 -89.25 65.48
N ILE L 180 11.01 -88.60 66.47
CA ILE L 180 12.36 -88.92 66.93
C ILE L 180 12.32 -89.20 68.43
N SER L 181 11.18 -89.70 68.91
CA SER L 181 11.09 -90.18 70.29
C SER L 181 12.13 -91.26 70.56
N LYS L 182 12.28 -92.22 69.65
CA LYS L 182 13.15 -93.36 69.85
C LYS L 182 14.48 -93.10 69.13
N GLY L 183 15.37 -94.08 69.21
CA GLY L 183 16.57 -94.11 68.38
C GLY L 183 16.27 -94.69 67.01
N THR L 184 15.36 -95.66 66.97
CA THR L 184 15.02 -96.30 65.69
C THR L 184 14.30 -95.34 64.76
N ALA L 185 13.38 -94.54 65.30
CA ALA L 185 12.57 -93.66 64.46
C ALA L 185 13.41 -92.57 63.81
N ALA L 186 14.48 -92.12 64.47
CA ALA L 186 15.37 -91.14 63.87
C ALA L 186 16.06 -91.70 62.63
N SER L 187 16.37 -93.00 62.63
CA SER L 187 16.94 -93.64 61.46
C SER L 187 16.07 -93.44 60.23
N LYS L 188 14.77 -93.73 60.35
CA LYS L 188 13.86 -93.52 59.23
C LYS L 188 13.65 -92.03 58.98
N ALA L 189 13.69 -91.20 60.03
CA ALA L 189 13.45 -89.78 59.87
C ALA L 189 14.51 -89.12 59.01
N ILE L 190 15.76 -89.58 59.14
CA ILE L 190 16.84 -89.01 58.34
C ILE L 190 16.58 -89.23 56.85
N LYS L 191 16.28 -90.47 56.47
CA LYS L 191 15.99 -90.78 55.08
C LYS L 191 14.75 -90.06 54.59
N SER L 192 13.73 -89.97 55.45
CA SER L 192 12.50 -89.28 55.10
C SER L 192 12.76 -87.81 54.81
N ILE L 193 13.61 -87.19 55.63
CA ILE L 193 13.95 -85.78 55.46
C ILE L 193 14.77 -85.58 54.19
N ASP L 194 15.69 -86.51 53.89
CA ASP L 194 16.45 -86.42 52.64
C ASP L 194 15.53 -86.49 51.42
N ASP L 195 14.58 -87.43 51.44
CA ASP L 195 13.63 -87.54 50.34
C ASP L 195 12.82 -86.25 50.18
N ALA L 196 12.40 -85.67 51.31
CA ALA L 196 11.64 -84.42 51.24
C ALA L 196 12.47 -83.28 50.66
N ILE L 197 13.73 -83.16 51.08
CA ILE L 197 14.62 -82.13 50.55
C ILE L 197 14.77 -82.27 49.04
N ASN L 198 14.99 -83.51 48.56
CA ASN L 198 15.13 -83.73 47.13
C ASN L 198 13.85 -83.36 46.38
N THR L 199 12.69 -83.72 46.94
CA THR L 199 11.42 -83.41 46.27
C THR L 199 11.21 -81.91 46.16
N VAL L 200 11.49 -81.16 47.23
CA VAL L 200 11.23 -79.72 47.19
C VAL L 200 12.27 -79.03 46.31
N SER L 201 13.49 -79.57 46.23
CA SER L 201 14.45 -79.08 45.25
C SER L 201 13.94 -79.27 43.82
N LYS L 202 13.35 -80.43 43.55
CA LYS L 202 12.77 -80.70 42.23
C LYS L 202 11.69 -79.69 41.89
N THR L 203 10.79 -79.42 42.85
CA THR L 203 9.73 -78.45 42.61
C THR L 203 10.28 -77.05 42.36
N ARG L 204 11.29 -76.64 43.13
CA ARG L 204 11.91 -75.33 42.92
C ARG L 204 12.52 -75.23 41.53
N SER L 205 13.20 -76.30 41.09
CA SER L 205 13.74 -76.33 39.73
C SER L 205 12.63 -76.15 38.69
N ALA L 206 11.52 -76.85 38.89
CA ALA L 206 10.40 -76.75 37.96
C ALA L 206 9.88 -75.33 37.87
N LEU L 207 9.87 -74.61 38.99
CA LEU L 207 9.41 -73.21 38.97
C LEU L 207 10.43 -72.31 38.26
N GLY L 208 11.71 -72.48 38.59
CA GLY L 208 12.73 -71.62 38.02
C GLY L 208 12.85 -71.76 36.52
N ALA L 209 12.59 -72.96 35.99
CA ALA L 209 12.60 -73.15 34.55
C ALA L 209 11.56 -72.27 33.87
N VAL L 210 10.36 -72.23 34.41
CA VAL L 210 9.30 -71.41 33.82
C VAL L 210 9.64 -69.93 33.94
N GLN L 211 10.27 -69.54 35.05
CA GLN L 211 10.72 -68.16 35.20
C GLN L 211 11.70 -67.77 34.09
N ASN L 212 12.71 -68.62 33.88
CA ASN L 212 13.72 -68.34 32.85
C ASN L 212 13.09 -68.31 31.46
N ARG L 213 12.09 -69.17 31.22
CA ARG L 213 11.37 -69.13 29.95
C ARG L 213 10.66 -67.79 29.77
N LEU L 214 9.98 -67.32 30.82
CA LEU L 214 9.20 -66.10 30.72
C LEU L 214 10.08 -64.90 30.46
N GLU L 215 11.32 -64.92 30.95
CA GLU L 215 12.24 -63.83 30.67
C GLU L 215 12.50 -63.69 29.16
N HIS L 216 12.87 -64.80 28.51
CA HIS L 216 13.08 -64.79 27.07
C HIS L 216 11.80 -64.40 26.33
N THR L 217 10.64 -64.86 26.82
CA THR L 217 9.38 -64.48 26.23
C THR L 217 9.17 -62.97 26.27
N ILE L 218 9.51 -62.34 27.39
CA ILE L 218 9.35 -60.90 27.53
C ILE L 218 10.26 -60.17 26.55
N ASN L 219 11.50 -60.65 26.42
CA ASN L 219 12.42 -60.02 25.45
C ASN L 219 11.87 -60.08 24.04
N ASN L 220 11.38 -61.27 23.63
CA ASN L 220 10.83 -61.42 22.29
C ASN L 220 9.60 -60.54 22.09
N LEU L 221 8.74 -60.44 23.11
CA LEU L 221 7.56 -59.60 22.99
C LEU L 221 7.93 -58.15 22.81
N GLY L 222 8.92 -57.67 23.57
CA GLY L 222 9.36 -56.29 23.41
C GLY L 222 9.90 -56.01 22.02
N THR L 223 10.74 -56.91 21.51
CA THR L 223 11.29 -56.73 20.17
C THR L 223 10.17 -56.69 19.12
N SER L 224 9.23 -57.63 19.20
CA SER L 224 8.14 -57.69 18.22
C SER L 224 7.27 -56.44 18.31
N ALA L 225 7.01 -55.97 19.53
CA ALA L 225 6.19 -54.77 19.69
C ALA L 225 6.86 -53.55 19.07
N GLU L 226 8.17 -53.40 19.30
CA GLU L 226 8.88 -52.27 18.69
C GLU L 226 8.84 -52.35 17.17
N ASN L 227 9.08 -53.53 16.61
CA ASN L 227 9.09 -53.67 15.15
C ASN L 227 7.72 -53.36 14.56
N LEU L 228 6.66 -53.90 15.15
CA LEU L 228 5.32 -53.62 14.64
C LEU L 228 4.93 -52.16 14.84
N THR L 229 5.41 -51.53 15.92
CA THR L 229 5.17 -50.11 16.11
C THR L 229 5.82 -49.29 15.00
N ALA L 230 7.05 -49.65 14.64
CA ALA L 230 7.72 -48.99 13.52
C ALA L 230 6.93 -49.15 12.23
N ALA L 231 6.48 -50.38 11.97
CA ALA L 231 5.70 -50.65 10.76
C ALA L 231 4.41 -49.82 10.73
N GLU L 232 3.67 -49.81 11.85
CA GLU L 232 2.41 -49.07 11.89
C GLU L 232 2.65 -47.57 11.76
N SER L 233 3.73 -47.06 12.34
CA SER L 233 4.09 -45.66 12.19
C SER L 233 4.34 -45.33 10.73
N ARG L 234 5.14 -46.15 10.05
CA ARG L 234 5.44 -45.89 8.65
C ARG L 234 4.20 -46.00 7.77
N ILE L 235 3.24 -46.85 8.15
CA ILE L 235 2.03 -46.99 7.36
C ILE L 235 1.12 -45.77 7.55
N ARG L 236 0.77 -45.47 8.80
CA ARG L 236 -0.31 -44.53 9.08
C ARG L 236 0.16 -43.11 9.38
N ASP L 237 1.24 -42.93 10.14
CA ASP L 237 1.68 -41.59 10.47
C ASP L 237 2.22 -40.88 9.23
N THR L 238 2.21 -39.55 9.30
CA THR L 238 2.58 -38.70 8.18
C THR L 238 3.89 -37.99 8.45
N ASP L 239 4.65 -37.73 7.39
CA ASP L 239 5.87 -36.94 7.48
C ASP L 239 5.50 -35.46 7.43
N MET L 240 5.96 -34.71 8.43
CA MET L 240 5.59 -33.31 8.55
C MET L 240 6.12 -32.48 7.40
N ALA L 241 7.33 -32.80 6.94
CA ALA L 241 7.99 -31.96 5.93
C ALA L 241 7.23 -32.00 4.60
N ALA L 242 6.83 -33.20 4.16
CA ALA L 242 6.14 -33.33 2.88
C ALA L 242 4.81 -32.62 2.90
N GLU L 243 4.05 -32.77 3.99
CA GLU L 243 2.76 -32.10 4.09
C GLU L 243 2.92 -30.59 4.20
N MET L 244 3.99 -30.12 4.86
CA MET L 244 4.28 -28.69 4.90
C MET L 244 4.55 -28.17 3.49
N MET L 245 5.38 -28.90 2.73
CA MET L 245 5.63 -28.54 1.33
C MET L 245 4.34 -28.43 0.54
N ALA L 246 3.50 -29.46 0.63
CA ALA L 246 2.25 -29.48 -0.14
C ALA L 246 1.33 -28.34 0.28
N PHE L 247 1.28 -28.05 1.58
CA PHE L 247 0.40 -26.99 2.08
C PHE L 247 0.85 -25.63 1.59
N THR L 248 2.16 -25.36 1.64
CA THR L 248 2.68 -24.09 1.12
C THR L 248 2.40 -23.96 -0.37
N LYS L 249 2.63 -25.04 -1.12
CA LYS L 249 2.34 -25.04 -2.55
C LYS L 249 0.88 -24.71 -2.83
N ASN L 250 -0.03 -25.37 -2.12
CA ASN L 250 -1.44 -25.16 -2.34
C ASN L 250 -1.87 -23.74 -1.95
N ASN L 251 -1.27 -23.17 -0.90
CA ASN L 251 -1.58 -21.78 -0.55
C ASN L 251 -1.14 -20.83 -1.65
N ILE L 252 0.07 -21.04 -2.18
CA ILE L 252 0.56 -20.18 -3.26
C ILE L 252 -0.37 -20.28 -4.48
N LEU L 253 -0.80 -21.50 -4.79
CA LEU L 253 -1.72 -21.69 -5.92
C LEU L 253 -3.06 -21.00 -5.65
N THR L 254 -3.55 -21.07 -4.43
CA THR L 254 -4.78 -20.39 -4.06
C THR L 254 -4.67 -18.89 -4.27
N GLN L 255 -3.56 -18.30 -3.82
CA GLN L 255 -3.35 -16.87 -4.01
C GLN L 255 -3.30 -16.51 -5.49
N ALA L 256 -2.60 -17.32 -6.28
CA ALA L 256 -2.51 -17.08 -7.72
C ALA L 256 -3.89 -17.11 -8.36
N ALA L 257 -4.71 -18.10 -8.01
CA ALA L 257 -6.05 -18.20 -8.57
C ALA L 257 -6.92 -17.03 -8.12
N GLN L 258 -6.73 -16.56 -6.87
CA GLN L 258 -7.47 -15.39 -6.40
C GLN L 258 -7.17 -14.17 -7.25
N SER L 259 -5.87 -13.90 -7.47
CA SER L 259 -5.49 -12.77 -8.30
C SER L 259 -6.00 -12.91 -9.73
N MET L 260 -5.93 -14.14 -10.28
CA MET L 260 -6.41 -14.37 -11.64
C MET L 260 -7.90 -14.11 -11.74
N LEU L 261 -8.66 -14.48 -10.72
CA LEU L 261 -10.10 -14.25 -10.74
C LEU L 261 -10.41 -12.76 -10.61
N ALA L 262 -9.66 -12.06 -9.76
CA ALA L 262 -9.83 -10.61 -9.65
C ALA L 262 -9.58 -9.93 -10.99
N GLN L 263 -8.62 -10.43 -11.76
CA GLN L 263 -8.38 -9.88 -13.10
C GLN L 263 -9.51 -10.24 -14.06
N ALA L 264 -9.93 -11.51 -14.06
CA ALA L 264 -10.94 -11.97 -15.00
C ALA L 264 -12.27 -11.27 -14.78
N ASN L 265 -12.58 -10.89 -13.54
CA ASN L 265 -13.80 -10.15 -13.29
C ASN L 265 -13.75 -8.75 -13.89
N GLN L 266 -12.57 -8.14 -13.94
CA GLN L 266 -12.40 -6.82 -14.54
C GLN L 266 -12.27 -6.86 -16.05
N GLN L 267 -11.90 -8.02 -16.62
CA GLN L 267 -11.69 -8.12 -18.06
C GLN L 267 -12.89 -7.69 -18.89
N PRO L 268 -14.14 -8.13 -18.61
CA PRO L 268 -15.26 -7.67 -19.45
C PRO L 268 -15.77 -6.28 -19.09
N GLN L 269 -15.11 -5.26 -19.64
CA GLN L 269 -15.53 -3.87 -19.51
C GLN L 269 -15.45 -3.22 -20.89
N GLY L 270 -16.54 -3.33 -21.64
CA GLY L 270 -16.67 -2.72 -22.95
C GLY L 270 -17.76 -1.68 -22.94
N VAL L 271 -17.89 -0.96 -21.82
CA VAL L 271 -18.90 0.08 -21.73
C VAL L 271 -18.52 1.29 -22.57
N LEU L 272 -17.24 1.48 -22.87
CA LEU L 272 -16.83 2.60 -23.70
C LEU L 272 -17.24 2.45 -25.15
N GLN L 273 -17.70 1.26 -25.59
CA GLN L 273 -18.34 1.18 -26.89
C GLN L 273 -19.57 2.07 -26.94
N LEU L 274 -20.42 1.95 -25.92
CA LEU L 274 -21.75 2.55 -25.96
C LEU L 274 -21.69 4.04 -25.71
N LEU L 275 -21.24 4.43 -24.52
CA LEU L 275 -21.21 5.83 -24.13
C LEU L 275 -19.91 6.49 -24.60
N GLN L 276 -19.72 7.75 -24.23
CA GLN L 276 -18.49 8.44 -24.58
C GLN L 276 -18.38 9.74 -23.77
N MET M 1 -38.77 3.69 -4.82
CA MET M 1 -38.27 2.82 -5.89
C MET M 1 -36.87 3.05 -6.50
N ARG M 2 -36.47 4.31 -6.70
CA ARG M 2 -35.22 4.63 -7.37
C ARG M 2 -34.25 5.44 -6.52
N ILE M 3 -34.70 6.57 -5.95
CA ILE M 3 -33.81 7.57 -5.39
C ILE M 3 -34.03 7.73 -3.89
N GLN M 4 -35.26 8.07 -3.52
CA GLN M 4 -35.57 8.49 -2.15
C GLN M 4 -35.25 7.41 -1.12
N HIS M 5 -35.21 6.15 -1.51
CA HIS M 5 -34.92 5.05 -0.60
C HIS M 5 -34.03 4.04 -1.30
N ASN M 6 -33.02 3.53 -0.57
CA ASN M 6 -32.05 2.58 -1.09
C ASN M 6 -31.98 1.40 -0.13
N ILE M 7 -32.77 0.37 -0.39
CA ILE M 7 -33.03 -0.66 0.62
C ILE M 7 -31.83 -1.59 0.80
N ALA M 8 -31.06 -1.81 -0.27
CA ALA M 8 -29.87 -2.65 -0.18
C ALA M 8 -28.89 -2.09 0.85
N ALA M 9 -28.71 -0.78 0.84
CA ALA M 9 -27.81 -0.14 1.79
C ALA M 9 -28.32 -0.28 3.22
N LEU M 10 -29.65 -0.22 3.41
CA LEU M 10 -30.22 -0.44 4.74
C LEU M 10 -29.91 -1.85 5.25
N ASN M 11 -30.14 -2.86 4.41
CA ASN M 11 -29.85 -4.23 4.80
C ASN M 11 -28.36 -4.41 5.12
N THR M 12 -27.50 -3.82 4.30
CA THR M 12 -26.06 -3.90 4.53
C THR M 12 -25.68 -3.24 5.85
N HIS M 13 -26.32 -2.11 6.16
CA HIS M 13 -26.06 -1.43 7.43
C HIS M 13 -26.47 -2.28 8.61
N ARG M 14 -27.65 -2.92 8.52
CA ARG M 14 -28.10 -3.83 9.56
C ARG M 14 -27.07 -4.93 9.82
N ASN M 15 -26.65 -5.61 8.75
CA ASN M 15 -25.71 -6.72 8.90
C ASN M 15 -24.38 -6.24 9.45
N LEU M 16 -23.93 -5.05 9.01
CA LEU M 16 -22.68 -4.48 9.51
C LEU M 16 -22.76 -4.23 11.01
N ALA M 17 -23.87 -3.64 11.46
CA ALA M 17 -24.06 -3.39 12.89
C ALA M 17 -24.04 -4.69 13.68
N ALA M 18 -24.72 -5.72 13.17
CA ALA M 18 -24.73 -7.01 13.86
C ALA M 18 -23.33 -7.60 13.98
N ASN M 19 -22.56 -7.55 12.89
CA ASN M 19 -21.20 -8.10 12.92
C ASN M 19 -20.32 -7.33 13.91
N ASN M 20 -20.45 -6.00 13.94
CA ASN M 20 -19.69 -5.20 14.88
C ASN M 20 -20.04 -5.57 16.32
N ALA M 21 -21.33 -5.75 16.60
CA ALA M 21 -21.75 -6.14 17.95
C ALA M 21 -21.16 -7.48 18.35
N ALA M 22 -21.19 -8.45 17.44
CA ALA M 22 -20.64 -9.77 17.76
C ALA M 22 -19.15 -9.70 18.01
N ALA M 23 -18.43 -8.93 17.20
CA ALA M 23 -16.99 -8.76 17.41
C ALA M 23 -16.71 -8.10 18.76
N SER M 24 -17.53 -7.13 19.14
CA SER M 24 -17.34 -6.49 20.44
C SER M 24 -17.56 -7.47 21.58
N LYS M 25 -18.58 -8.32 21.48
CA LYS M 25 -18.80 -9.35 22.48
C LYS M 25 -17.60 -10.29 22.59
N ASN M 26 -17.04 -10.69 21.45
CA ASN M 26 -15.86 -11.55 21.47
C ASN M 26 -14.67 -10.86 22.11
N LEU M 27 -14.50 -9.56 21.83
CA LEU M 27 -13.43 -8.81 22.48
C LEU M 27 -13.60 -8.79 23.99
N GLU M 28 -14.84 -8.57 24.45
CA GLU M 28 -15.12 -8.61 25.88
C GLU M 28 -14.72 -9.95 26.47
N LYS M 29 -15.13 -11.05 25.83
CA LYS M 29 -14.83 -12.37 26.37
C LYS M 29 -13.33 -12.66 26.36
N LEU M 30 -12.59 -12.10 25.40
CA LEU M 30 -11.16 -12.36 25.33
C LEU M 30 -10.39 -11.53 26.35
N SER M 31 -10.77 -10.26 26.52
CA SER M 31 -10.09 -9.42 27.49
C SER M 31 -10.40 -9.86 28.92
N SER M 32 -11.65 -10.20 29.20
CA SER M 32 -12.04 -10.59 30.55
C SER M 32 -11.42 -11.92 30.94
N GLY M 33 -11.30 -12.84 29.99
CA GLY M 33 -10.89 -14.19 30.27
C GLY M 33 -12.00 -15.10 30.77
N PHE M 34 -13.23 -14.60 30.88
CA PHE M 34 -14.38 -15.37 31.33
C PHE M 34 -15.42 -15.42 30.21
N LYS M 35 -16.09 -16.57 30.11
CA LYS M 35 -17.12 -16.77 29.09
C LYS M 35 -18.45 -16.19 29.50
N ILE M 36 -18.68 -15.95 30.80
CA ILE M 36 -19.95 -15.48 31.32
C ILE M 36 -19.64 -14.23 32.14
N ASN M 37 -19.83 -13.06 31.54
CA ASN M 37 -19.69 -11.78 32.22
C ASN M 37 -21.02 -11.17 32.63
N ARG M 38 -22.12 -11.60 32.01
CA ARG M 38 -23.46 -11.14 32.34
C ARG M 38 -24.36 -12.36 32.47
N ALA M 39 -25.54 -12.16 33.05
CA ALA M 39 -26.50 -13.25 33.15
C ALA M 39 -27.18 -13.53 31.82
N GLY M 40 -27.22 -12.54 30.92
CA GLY M 40 -27.73 -12.79 29.58
C GLY M 40 -26.89 -13.77 28.80
N ASP M 41 -25.59 -13.86 29.12
CA ASP M 41 -24.74 -14.86 28.50
C ASP M 41 -25.25 -16.26 28.80
N ASP M 42 -25.48 -16.57 30.07
CA ASP M 42 -25.92 -17.90 30.46
C ASP M 42 -26.46 -17.81 31.89
N ALA M 43 -27.75 -18.09 32.06
CA ALA M 43 -28.37 -17.99 33.37
C ALA M 43 -28.02 -19.20 34.24
N ALA M 44 -28.28 -20.41 33.75
CA ALA M 44 -27.90 -21.64 34.46
C ALA M 44 -26.44 -21.93 34.19
N GLY M 45 -25.60 -21.61 35.16
CA GLY M 45 -24.16 -21.65 35.00
C GLY M 45 -23.52 -20.49 35.72
N LEU M 46 -24.18 -19.33 35.70
CA LEU M 46 -23.78 -18.25 36.59
C LEU M 46 -23.99 -18.64 38.05
N ALA M 47 -25.19 -19.13 38.37
CA ALA M 47 -25.47 -19.60 39.71
C ALA M 47 -24.55 -20.73 40.12
N ILE M 48 -24.33 -21.68 39.21
CA ILE M 48 -23.46 -22.82 39.51
C ILE M 48 -22.04 -22.34 39.78
N SER M 49 -21.56 -21.38 38.98
CA SER M 49 -20.23 -20.84 39.17
C SER M 49 -20.11 -20.14 40.51
N GLU M 50 -21.13 -19.38 40.91
CA GLU M 50 -21.06 -18.68 42.18
C GLU M 50 -21.05 -19.66 43.35
N LYS M 51 -21.93 -20.68 43.32
CA LYS M 51 -21.93 -21.68 44.36
C LYS M 51 -20.60 -22.42 44.42
N MET M 52 -20.03 -22.74 43.26
CA MET M 52 -18.76 -23.47 43.24
C MET M 52 -17.63 -22.60 43.77
N ARG M 53 -17.65 -21.30 43.48
CA ARG M 53 -16.66 -20.39 44.03
C ARG M 53 -16.78 -20.32 45.55
N GLY M 54 -18.00 -20.24 46.06
CA GLY M 54 -18.19 -20.28 47.50
C GLY M 54 -17.64 -21.54 48.12
N GLN M 55 -17.92 -22.69 47.49
CA GLN M 55 -17.44 -23.96 48.01
C GLN M 55 -15.91 -24.03 47.97
N ILE M 56 -15.30 -23.50 46.92
CA ILE M 56 -13.85 -23.54 46.79
C ILE M 56 -13.22 -22.70 47.90
N SER M 57 -13.71 -21.48 48.09
CA SER M 57 -13.18 -20.63 49.15
C SER M 57 -13.37 -21.28 50.51
N GLY M 58 -14.54 -21.86 50.76
CA GLY M 58 -14.78 -22.53 52.03
C GLY M 58 -13.85 -23.72 52.25
N LEU M 59 -13.59 -24.49 51.20
CA LEU M 59 -12.73 -25.66 51.33
C LEU M 59 -11.29 -25.26 51.60
N ASN M 60 -10.79 -24.22 50.91
CA ASN M 60 -9.44 -23.76 51.18
C ASN M 60 -9.32 -23.20 52.59
N MET M 61 -10.30 -22.42 53.03
CA MET M 61 -10.26 -21.89 54.39
C MET M 61 -10.36 -23.01 55.42
N ALA M 62 -11.11 -24.07 55.11
CA ALA M 62 -11.21 -25.21 56.01
C ALA M 62 -9.88 -25.96 56.09
N SER M 63 -9.17 -26.06 54.97
CA SER M 63 -7.82 -26.62 55.00
C SER M 63 -6.91 -25.81 55.91
N LYS M 64 -6.97 -24.49 55.79
CA LYS M 64 -6.20 -23.61 56.66
C LYS M 64 -6.55 -23.85 58.13
N ASN M 65 -7.84 -23.92 58.44
CA ASN M 65 -8.29 -24.13 59.80
C ASN M 65 -7.82 -25.48 60.34
N SER M 66 -7.86 -26.52 59.50
CA SER M 66 -7.40 -27.84 59.94
C SER M 66 -5.92 -27.82 60.27
N SER M 67 -5.13 -27.11 59.45
CA SER M 67 -3.71 -26.98 59.75
C SER M 67 -3.49 -26.25 61.08
N ASP M 68 -4.29 -25.20 61.33
CA ASP M 68 -4.19 -24.48 62.60
C ASP M 68 -4.48 -25.41 63.78
N ALA M 69 -5.53 -26.24 63.65
CA ALA M 69 -5.85 -27.20 64.69
C ALA M 69 -4.71 -28.19 64.90
N ILE M 70 -4.06 -28.63 63.82
CA ILE M 70 -2.92 -29.53 63.95
C ILE M 70 -1.81 -28.86 64.75
N SER M 71 -1.58 -27.57 64.49
CA SER M 71 -0.55 -26.84 65.24
C SER M 71 -0.87 -26.80 66.73
N LEU M 72 -2.13 -26.48 67.06
CA LEU M 72 -2.58 -26.48 68.45
C LEU M 72 -2.33 -27.83 69.12
N ILE M 73 -2.73 -28.91 68.44
CA ILE M 73 -2.60 -30.24 69.01
C ILE M 73 -1.13 -30.59 69.23
N GLN M 74 -0.27 -30.22 68.27
CA GLN M 74 1.16 -30.45 68.42
C GLN M 74 1.70 -29.71 69.63
N THR M 75 1.19 -28.50 69.89
CA THR M 75 1.61 -27.76 71.07
C THR M 75 1.28 -28.54 72.34
N ALA M 76 0.04 -29.04 72.42
CA ALA M 76 -0.36 -29.78 73.63
C ALA M 76 0.46 -31.06 73.81
N GLU M 77 0.70 -31.80 72.72
CA GLU M 77 1.49 -33.03 72.84
C GLU M 77 2.91 -32.73 73.29
N GLY M 78 3.52 -31.68 72.72
CA GLY M 78 4.84 -31.28 73.18
C GLY M 78 4.86 -30.89 74.64
N GLY M 79 3.76 -30.28 75.12
CA GLY M 79 3.65 -30.00 76.53
C GLY M 79 3.65 -31.26 77.38
N LEU M 80 2.95 -32.30 76.92
CA LEU M 80 2.81 -33.51 77.72
C LEU M 80 4.03 -34.43 77.65
N ASN M 81 4.90 -34.27 76.64
CA ASN M 81 6.13 -35.05 76.60
C ASN M 81 7.00 -34.81 77.84
N GLU M 82 7.12 -33.55 78.27
CA GLU M 82 7.92 -33.26 79.44
C GLU M 82 7.25 -33.76 80.71
N THR M 83 5.91 -33.79 80.72
CA THR M 83 5.19 -34.44 81.81
C THR M 83 5.61 -35.90 81.94
N HIS M 84 5.63 -36.62 80.81
CA HIS M 84 6.14 -38.00 80.80
C HIS M 84 7.54 -38.08 81.41
N ALA M 85 8.43 -37.21 80.94
CA ALA M 85 9.83 -37.27 81.37
C ALA M 85 9.97 -37.08 82.87
N ILE M 86 9.36 -36.02 83.41
CA ILE M 86 9.54 -35.75 84.82
C ILE M 86 8.77 -36.76 85.67
N LEU M 87 7.71 -37.37 85.14
CA LEU M 87 7.06 -38.45 85.86
C LEU M 87 7.98 -39.66 85.98
N GLN M 88 8.70 -39.99 84.90
CA GLN M 88 9.69 -41.05 84.97
C GLN M 88 10.74 -40.75 86.03
N ARG M 89 11.23 -39.50 86.04
CA ARG M 89 12.23 -39.12 87.04
C ARG M 89 11.68 -39.24 88.46
N MET M 90 10.44 -38.84 88.67
CA MET M 90 9.80 -38.94 89.98
C MET M 90 9.66 -40.39 90.42
N ARG M 91 9.29 -41.27 89.49
CA ARG M 91 9.21 -42.69 89.83
C ARG M 91 10.57 -43.25 90.23
N GLU M 92 11.62 -42.86 89.50
CA GLU M 92 12.96 -43.28 89.86
C GLU M 92 13.32 -42.80 91.26
N LEU M 93 13.03 -41.54 91.57
CA LEU M 93 13.27 -40.98 92.89
C LEU M 93 12.52 -41.73 93.98
N ALA M 94 11.25 -42.08 93.73
CA ALA M 94 10.50 -42.83 94.73
C ALA M 94 11.07 -44.22 94.95
N VAL M 95 11.44 -44.92 93.88
CA VAL M 95 12.00 -46.25 94.03
C VAL M 95 13.32 -46.18 94.80
N GLN M 96 14.10 -45.12 94.61
CA GLN M 96 15.32 -44.96 95.41
C GLN M 96 15.02 -44.61 96.85
N SER M 97 14.07 -43.71 97.09
CA SER M 97 13.67 -43.33 98.44
C SER M 97 13.10 -44.50 99.24
N ARG M 98 12.52 -45.49 98.56
CA ARG M 98 11.78 -46.57 99.19
C ARG M 98 12.68 -47.51 100.00
N ASN M 99 13.97 -47.54 99.70
CA ASN M 99 14.90 -48.45 100.38
C ASN M 99 15.26 -47.94 101.77
N ASP M 100 15.60 -48.86 102.67
CA ASP M 100 15.89 -48.55 104.06
C ASP M 100 17.35 -48.19 104.31
N THR M 101 18.18 -48.13 103.27
CA THR M 101 19.51 -47.57 103.41
C THR M 101 19.45 -46.08 103.76
N ASN M 102 18.38 -45.40 103.37
CA ASN M 102 18.26 -43.98 103.55
C ASN M 102 17.72 -43.66 104.94
N ASP M 103 18.27 -42.61 105.57
CA ASP M 103 17.90 -42.21 106.92
C ASP M 103 17.09 -40.92 106.90
N GLU M 104 16.00 -40.92 107.66
CA GLU M 104 15.26 -39.68 107.92
C GLU M 104 16.05 -38.74 108.82
N ALA M 105 16.92 -39.27 109.68
CA ALA M 105 17.65 -38.45 110.64
C ALA M 105 18.62 -37.52 109.94
N THR M 106 19.50 -38.07 109.10
CA THR M 106 20.51 -37.29 108.40
C THR M 106 20.04 -36.84 107.02
N ASN M 107 18.72 -36.69 106.83
CA ASN M 107 18.16 -35.90 105.73
C ASN M 107 18.44 -36.52 104.38
N ASP M 108 18.41 -37.86 104.30
CA ASP M 108 18.61 -38.55 103.02
C ASP M 108 17.38 -38.44 102.14
N ARG M 109 16.20 -38.68 102.72
CA ARG M 109 14.95 -38.65 101.96
C ARG M 109 14.40 -37.24 101.76
N SER M 110 14.73 -36.30 102.64
CA SER M 110 14.23 -34.94 102.48
C SER M 110 14.83 -34.25 101.26
N ASN M 111 16.03 -34.67 100.83
CA ASN M 111 16.58 -34.12 99.59
C ASN M 111 15.86 -34.68 98.36
N LEU M 112 15.50 -35.97 98.38
CA LEU M 112 14.69 -36.51 97.31
C LEU M 112 13.30 -35.89 97.31
N ASN M 113 12.81 -35.51 98.50
CA ASN M 113 11.54 -34.79 98.58
C ASN M 113 11.66 -33.37 98.05
N ASP M 114 12.78 -32.69 98.30
CA ASP M 114 13.06 -31.41 97.64
C ASP M 114 12.95 -31.55 96.12
N GLU M 115 13.65 -32.54 95.57
CA GLU M 115 13.59 -32.82 94.13
C GLU M 115 12.16 -33.07 93.67
N LEU M 116 11.43 -33.91 94.42
CA LEU M 116 10.06 -34.26 94.06
C LEU M 116 9.14 -33.05 94.09
N LYS M 117 9.26 -32.20 95.12
CA LYS M 117 8.44 -31.00 95.18
C LYS M 117 8.72 -30.06 94.04
N GLN M 118 9.99 -29.90 93.65
CA GLN M 118 10.29 -29.05 92.50
C GLN M 118 9.70 -29.63 91.22
N LEU M 119 9.74 -30.95 91.06
CA LEU M 119 9.16 -31.55 89.87
C LEU M 119 7.63 -31.45 89.87
N GLN M 120 7.01 -31.45 91.06
CA GLN M 120 5.57 -31.24 91.13
C GLN M 120 5.19 -29.80 90.80
N GLU M 121 6.00 -28.84 91.22
CA GLU M 121 5.76 -27.47 90.79
C GLU M 121 5.91 -27.34 89.29
N GLU M 122 6.84 -28.08 88.69
CA GLU M 122 7.02 -28.02 87.24
C GLU M 122 5.86 -28.68 86.49
N ILE M 123 5.35 -29.82 86.99
CA ILE M 123 4.22 -30.46 86.33
C ILE M 123 2.98 -29.58 86.41
N THR M 124 2.82 -28.82 87.49
CA THR M 124 1.70 -27.87 87.52
C THR M 124 1.95 -26.66 86.62
N ARG M 125 3.21 -26.21 86.55
CA ARG M 125 3.56 -25.05 85.73
C ARG M 125 3.29 -25.31 84.26
N ILE M 126 3.69 -26.49 83.77
CA ILE M 126 3.45 -26.82 82.37
C ILE M 126 1.96 -26.83 82.08
N SER M 127 1.16 -27.30 83.04
CA SER M 127 -0.29 -27.31 82.86
C SER M 127 -0.84 -25.91 82.68
N SER M 128 -0.63 -25.04 83.66
CA SER M 128 -1.27 -23.72 83.65
C SER M 128 -0.35 -22.60 83.17
N GLN M 129 0.62 -22.89 82.29
CA GLN M 129 1.35 -21.86 81.56
C GLN M 129 1.53 -22.25 80.09
N MET M 130 0.68 -23.14 79.58
CA MET M 130 0.68 -23.55 78.19
C MET M 130 -0.41 -22.80 77.45
N GLU M 131 -0.11 -22.28 76.26
CA GLU M 131 -1.13 -21.49 75.55
C GLU M 131 -0.82 -21.45 74.05
N PHE M 132 -1.88 -21.34 73.28
CA PHE M 132 -1.84 -21.18 71.82
C PHE M 132 -2.77 -20.03 71.48
N ASN M 133 -2.19 -18.89 71.09
CA ASN M 133 -2.96 -17.71 70.71
C ASN M 133 -3.75 -17.18 71.91
N ASN M 134 -3.10 -17.16 73.08
CA ASN M 134 -3.72 -16.68 74.31
C ASN M 134 -4.91 -17.55 74.70
N LYS M 135 -4.68 -18.86 74.79
CA LYS M 135 -5.74 -19.83 75.07
C LYS M 135 -5.15 -20.94 75.93
N LYS M 136 -5.50 -20.93 77.21
CA LYS M 136 -5.02 -21.98 78.12
C LYS M 136 -5.66 -23.31 77.75
N LEU M 137 -4.83 -24.33 77.56
CA LEU M 137 -5.25 -25.63 77.06
C LEU M 137 -5.39 -26.70 78.15
N LEU M 138 -4.37 -26.86 78.98
CA LEU M 138 -4.27 -27.97 79.93
C LEU M 138 -4.67 -27.59 81.34
N ASP M 139 -5.71 -26.77 81.48
CA ASP M 139 -6.16 -26.26 82.77
C ASP M 139 -7.53 -26.80 83.13
N GLY M 140 -8.32 -27.17 82.14
CA GLY M 140 -9.73 -27.43 82.28
C GLY M 140 -10.63 -26.40 81.61
N SER M 141 -10.08 -25.46 80.84
CA SER M 141 -10.91 -24.49 80.13
C SER M 141 -11.76 -25.18 79.07
N GLN M 142 -11.16 -26.09 78.31
CA GLN M 142 -11.83 -26.78 77.23
C GLN M 142 -12.54 -28.04 77.67
N SER M 143 -12.35 -28.47 78.91
CA SER M 143 -13.00 -29.69 79.40
C SER M 143 -14.49 -29.47 79.68
N THR M 144 -14.97 -28.22 79.65
CA THR M 144 -16.36 -27.94 79.95
C THR M 144 -17.23 -28.05 78.71
N ASN M 145 -16.84 -27.38 77.62
CA ASN M 145 -17.59 -27.35 76.37
C ASN M 145 -16.80 -27.94 75.21
N GLY M 146 -15.56 -27.50 75.02
CA GLY M 146 -14.67 -28.09 74.03
C GLY M 146 -14.38 -27.12 72.89
N LEU M 147 -13.27 -27.39 72.20
CA LEU M 147 -12.86 -26.61 71.04
C LEU M 147 -13.49 -27.19 69.78
N THR M 148 -14.09 -26.31 68.99
CA THR M 148 -14.81 -26.69 67.77
C THR M 148 -14.04 -26.19 66.55
N PHE M 149 -13.67 -27.11 65.67
CA PHE M 149 -12.96 -26.80 64.44
C PHE M 149 -13.90 -26.95 63.25
N GLN M 150 -13.97 -25.90 62.43
CA GLN M 150 -14.72 -25.92 61.18
C GLN M 150 -13.82 -26.51 60.10
N ILE M 151 -14.14 -27.73 59.67
CA ILE M 151 -13.33 -28.46 58.70
C ILE M 151 -14.15 -28.68 57.43
N GLY M 152 -15.03 -27.72 57.12
CA GLY M 152 -15.86 -27.83 55.94
C GLY M 152 -16.40 -26.48 55.54
N ALA M 153 -16.77 -26.39 54.27
CA ALA M 153 -17.24 -25.12 53.72
C ALA M 153 -18.58 -24.72 54.33
N ASN M 154 -19.50 -25.68 54.48
CA ASN M 154 -20.85 -25.40 54.90
C ASN M 154 -20.98 -25.41 56.43
N ALA M 155 -22.18 -25.04 56.90
CA ALA M 155 -22.45 -25.01 58.32
C ALA M 155 -22.72 -26.42 58.85
N GLY M 156 -22.27 -26.66 60.07
CA GLY M 156 -22.41 -27.95 60.71
C GLY M 156 -21.29 -28.93 60.43
N GLN M 157 -20.41 -28.63 59.47
CA GLN M 157 -19.29 -29.51 59.13
C GLN M 157 -18.13 -29.23 60.09
N THR M 158 -18.34 -29.63 61.34
CA THR M 158 -17.45 -29.31 62.44
C THR M 158 -17.00 -30.56 63.15
N ILE M 159 -15.99 -30.41 64.00
CA ILE M 159 -15.60 -31.45 64.94
C ILE M 159 -15.33 -30.80 66.29
N THR M 160 -15.84 -31.41 67.35
CA THR M 160 -15.62 -30.96 68.71
C THR M 160 -14.52 -31.78 69.36
N MET M 161 -13.81 -31.15 70.28
CA MET M 161 -12.67 -31.76 70.95
C MET M 161 -12.65 -31.29 72.40
N LYS M 162 -12.06 -32.10 73.26
CA LYS M 162 -11.99 -31.80 74.68
C LYS M 162 -10.64 -32.24 75.22
N ILE M 163 -10.11 -31.44 76.15
CA ILE M 163 -8.84 -31.74 76.81
C ILE M 163 -9.07 -31.61 78.31
N SER M 164 -8.61 -32.59 79.06
CA SER M 164 -8.85 -32.68 80.49
C SER M 164 -7.80 -31.89 81.26
N THR M 165 -8.12 -31.62 82.53
CA THR M 165 -7.14 -31.00 83.42
C THR M 165 -6.02 -32.00 83.70
N MET M 166 -4.78 -31.56 83.51
CA MET M 166 -3.57 -32.36 83.66
C MET M 166 -2.64 -31.77 84.71
N SER M 167 -3.21 -31.32 85.82
CA SER M 167 -2.44 -30.86 86.97
C SER M 167 -2.15 -32.02 87.92
N ALA M 168 -1.33 -31.73 88.94
CA ALA M 168 -0.96 -32.75 89.90
C ALA M 168 -2.13 -33.14 90.80
N THR M 169 -3.02 -32.20 91.10
CA THR M 169 -4.17 -32.51 91.95
C THR M 169 -5.11 -33.50 91.28
N LYS M 170 -5.35 -33.34 89.97
CA LYS M 170 -6.29 -34.21 89.27
C LYS M 170 -5.77 -35.63 89.19
N LEU M 171 -4.45 -35.80 89.07
CA LEU M 171 -3.84 -37.10 88.87
C LEU M 171 -3.40 -37.77 90.17
N GLY M 172 -3.71 -37.20 91.32
CA GLY M 172 -3.41 -37.84 92.58
C GLY M 172 -1.93 -38.01 92.85
N VAL M 173 -1.12 -37.05 92.40
CA VAL M 173 0.33 -37.07 92.59
C VAL M 173 0.85 -35.82 93.26
N ASP M 174 -0.02 -34.85 93.57
CA ASP M 174 0.38 -33.69 94.34
C ASP M 174 0.96 -34.08 95.70
N ALA M 175 1.67 -33.12 96.31
CA ALA M 175 2.42 -33.41 97.53
C ALA M 175 1.53 -33.81 98.70
N ALA M 176 0.23 -33.47 98.66
CA ALA M 176 -0.68 -33.88 99.73
C ALA M 176 -0.96 -35.38 99.75
N LYS M 177 -0.61 -36.11 98.68
CA LYS M 177 -0.87 -37.54 98.59
C LYS M 177 0.27 -38.33 97.98
N ALA M 178 1.43 -37.71 97.72
CA ALA M 178 2.55 -38.38 97.07
C ALA M 178 3.90 -38.00 97.67
N SER M 179 3.94 -37.71 98.96
CA SER M 179 5.22 -37.45 99.60
C SER M 179 6.07 -38.72 99.63
N ILE M 180 7.38 -38.54 99.71
CA ILE M 180 8.32 -39.64 99.90
C ILE M 180 9.17 -39.37 101.12
N SER M 181 8.60 -38.64 102.10
CA SER M 181 9.26 -38.48 103.39
C SER M 181 9.54 -39.82 104.04
N LYS M 182 8.56 -40.72 104.03
CA LYS M 182 8.67 -42.00 104.71
C LYS M 182 9.07 -43.08 103.70
N GLY M 183 9.17 -44.32 104.19
CA GLY M 183 9.29 -45.47 103.32
C GLY M 183 7.93 -45.95 102.85
N THR M 184 6.92 -45.80 103.71
CA THR M 184 5.58 -46.25 103.36
C THR M 184 4.98 -45.39 102.25
N ALA M 185 5.19 -44.07 102.32
CA ALA M 185 4.57 -43.17 101.35
C ALA M 185 5.12 -43.38 99.95
N ALA M 186 6.38 -43.79 99.83
CA ALA M 186 6.95 -44.07 98.52
C ALA M 186 6.26 -45.27 97.86
N SER M 187 5.82 -46.24 98.66
CA SER M 187 5.07 -47.36 98.14
C SER M 187 3.83 -46.90 97.38
N LYS M 188 3.03 -46.04 98.01
CA LYS M 188 1.86 -45.50 97.33
C LYS M 188 2.25 -44.56 96.20
N ALA M 189 3.37 -43.85 96.35
CA ALA M 189 3.79 -42.88 95.33
C ALA M 189 4.12 -43.57 94.03
N ILE M 190 4.71 -44.76 94.10
CA ILE M 190 5.07 -45.49 92.88
C ILE M 190 3.81 -45.81 92.08
N LYS M 191 2.80 -46.39 92.74
CA LYS M 191 1.56 -46.73 92.07
C LYS M 191 0.85 -45.48 91.56
N SER M 192 0.89 -44.41 92.36
CA SER M 192 0.26 -43.15 91.97
C SER M 192 0.90 -42.60 90.70
N ILE M 193 2.23 -42.68 90.62
CA ILE M 193 2.96 -42.19 89.45
C ILE M 193 2.68 -43.06 88.23
N ASP M 194 2.57 -44.37 88.42
CA ASP M 194 2.20 -45.25 87.31
C ASP M 194 0.83 -44.90 86.75
N ASP M 195 -0.15 -44.70 87.65
CA ASP M 195 -1.48 -44.32 87.21
C ASP M 195 -1.45 -43.00 86.44
N ALA M 196 -0.67 -42.04 86.92
CA ALA M 196 -0.57 -40.75 86.23
C ALA M 196 0.05 -40.91 84.84
N ILE M 197 1.11 -41.71 84.73
CA ILE M 197 1.74 -41.95 83.43
C ILE M 197 0.74 -42.56 82.45
N ASN M 198 -0.03 -43.56 82.90
CA ASN M 198 -1.01 -44.18 82.03
C ASN M 198 -2.08 -43.18 81.60
N THR M 199 -2.54 -42.33 82.52
CA THR M 199 -3.57 -41.36 82.18
C THR M 199 -3.06 -40.36 81.14
N VAL M 200 -1.84 -39.87 81.31
CA VAL M 200 -1.35 -38.86 80.36
C VAL M 200 -1.03 -39.51 79.01
N SER M 201 -0.63 -40.79 79.01
CA SER M 201 -0.51 -41.51 77.76
C SER M 201 -1.85 -41.61 77.03
N LYS M 202 -2.91 -41.90 77.79
CA LYS M 202 -4.26 -41.95 77.22
C LYS M 202 -4.63 -40.63 76.57
N THR M 203 -4.38 -39.53 77.28
CA THR M 203 -4.70 -38.21 76.73
C THR M 203 -3.91 -37.91 75.47
N ARG M 204 -2.61 -38.24 75.46
CA ARG M 204 -1.80 -38.04 74.27
C ARG M 204 -2.32 -38.84 73.09
N SER M 205 -2.74 -40.08 73.34
CA SER M 205 -3.34 -40.89 72.28
C SER M 205 -4.60 -40.21 71.73
N ALA M 206 -5.43 -39.68 72.62
CA ALA M 206 -6.67 -39.01 72.20
C ALA M 206 -6.36 -37.82 71.31
N LEU M 207 -5.27 -37.09 71.60
CA LEU M 207 -4.90 -35.96 70.75
C LEU M 207 -4.37 -36.42 69.40
N GLY M 208 -3.49 -37.42 69.41
CA GLY M 208 -2.90 -37.88 68.17
C GLY M 208 -3.91 -38.47 67.20
N ALA M 209 -4.97 -39.09 67.72
CA ALA M 209 -6.02 -39.60 66.85
C ALA M 209 -6.66 -38.47 66.05
N VAL M 210 -6.97 -37.36 66.71
CA VAL M 210 -7.60 -36.23 66.02
C VAL M 210 -6.63 -35.62 65.01
N GLN M 211 -5.35 -35.59 65.36
CA GLN M 211 -4.34 -35.12 64.40
C GLN M 211 -4.34 -35.95 63.13
N ASN M 212 -4.29 -37.28 63.29
CA ASN M 212 -4.28 -38.18 62.14
C ASN M 212 -5.56 -38.05 61.32
N ARG M 213 -6.70 -37.83 61.98
CA ARG M 213 -7.95 -37.59 61.27
C ARG M 213 -7.85 -36.32 60.43
N LEU M 214 -7.33 -35.24 61.01
CA LEU M 214 -7.28 -33.97 60.32
C LEU M 214 -6.38 -34.04 59.09
N GLU M 215 -5.35 -34.88 59.13
CA GLU M 215 -4.50 -35.05 57.95
C GLU M 215 -5.30 -35.57 56.75
N HIS M 216 -6.04 -36.67 56.96
CA HIS M 216 -6.90 -37.22 55.92
C HIS M 216 -7.93 -36.20 55.47
N THR M 217 -8.49 -35.44 56.41
CA THR M 217 -9.44 -34.40 56.08
C THR M 217 -8.83 -33.37 55.14
N ILE M 218 -7.58 -32.97 55.40
CA ILE M 218 -6.91 -31.99 54.55
C ILE M 218 -6.72 -32.55 53.15
N ASN M 219 -6.32 -33.81 53.05
CA ASN M 219 -6.14 -34.43 51.74
C ASN M 219 -7.44 -34.41 50.94
N ASN M 220 -8.54 -34.83 51.60
CA ASN M 220 -9.83 -34.84 50.92
C ASN M 220 -10.27 -33.44 50.50
N LEU M 221 -10.03 -32.45 51.35
CA LEU M 221 -10.40 -31.08 51.02
C LEU M 221 -9.63 -30.58 49.80
N GLY M 222 -8.33 -30.88 49.74
CA GLY M 222 -7.54 -30.47 48.59
C GLY M 222 -8.04 -31.11 47.30
N THR M 223 -8.31 -32.42 47.34
CA THR M 223 -8.82 -33.11 46.16
C THR M 223 -10.15 -32.50 45.70
N SER M 224 -11.08 -32.28 46.63
CA SER M 224 -12.38 -31.73 46.27
C SER M 224 -12.25 -30.32 45.73
N ALA M 225 -11.36 -29.52 46.30
CA ALA M 225 -11.17 -28.15 45.81
C ALA M 225 -10.62 -28.15 44.39
N GLU M 226 -9.64 -29.01 44.10
CA GLU M 226 -9.12 -29.09 42.74
C GLU M 226 -10.20 -29.52 41.75
N ASN M 227 -11.00 -30.53 42.11
CA ASN M 227 -12.03 -31.00 41.20
C ASN M 227 -13.08 -29.92 40.93
N LEU M 228 -13.55 -29.25 41.98
CA LEU M 228 -14.54 -28.19 41.78
C LEU M 228 -13.93 -27.00 41.03
N THR M 229 -12.65 -26.73 41.22
CA THR M 229 -11.99 -25.68 40.46
C THR M 229 -11.99 -26.01 38.98
N ALA M 230 -11.68 -27.27 38.65
CA ALA M 230 -11.75 -27.71 37.25
C ALA M 230 -13.14 -27.54 36.69
N ALA M 231 -14.15 -27.96 37.45
CA ALA M 231 -15.53 -27.83 36.99
C ALA M 231 -15.91 -26.37 36.75
N GLU M 232 -15.58 -25.49 37.70
CA GLU M 232 -15.93 -24.08 37.55
C GLU M 232 -15.19 -23.46 36.38
N SER M 233 -13.93 -23.85 36.17
CA SER M 233 -13.19 -23.36 35.02
C SER M 233 -13.86 -23.77 33.72
N ARG M 234 -14.25 -25.03 33.61
CA ARG M 234 -14.90 -25.50 32.40
C ARG M 234 -16.24 -24.84 32.18
N ILE M 235 -16.93 -24.47 33.26
CA ILE M 235 -18.23 -23.82 33.12
C ILE M 235 -18.06 -22.37 32.66
N ARG M 236 -17.28 -21.59 33.41
CA ARG M 236 -17.28 -20.14 33.25
C ARG M 236 -16.15 -19.62 32.37
N ASP M 237 -14.94 -20.15 32.50
CA ASP M 237 -13.83 -19.64 31.70
C ASP M 237 -14.02 -19.98 30.22
N THR M 238 -13.36 -19.21 29.37
CA THR M 238 -13.51 -19.31 27.92
C THR M 238 -12.24 -19.85 27.30
N ASP M 239 -12.41 -20.58 26.19
CA ASP M 239 -11.28 -21.04 25.40
C ASP M 239 -10.83 -19.93 24.46
N MET M 240 -9.54 -19.59 24.53
CA MET M 240 -9.02 -18.47 23.76
C MET M 240 -9.11 -18.72 22.27
N ALA M 241 -8.88 -19.96 21.85
CA ALA M 241 -8.79 -20.27 20.42
C ALA M 241 -10.13 -20.08 19.73
N ALA M 242 -11.22 -20.57 20.34
CA ALA M 242 -12.53 -20.45 19.72
C ALA M 242 -12.97 -18.99 19.60
N GLU M 243 -12.72 -18.19 20.64
CA GLU M 243 -13.09 -16.79 20.59
C GLU M 243 -12.23 -16.03 19.60
N MET M 244 -10.95 -16.41 19.47
CA MET M 244 -10.10 -15.82 18.45
C MET M 244 -10.64 -16.10 17.05
N MET M 245 -11.02 -17.36 16.81
CA MET M 245 -11.65 -17.74 15.54
C MET M 245 -12.87 -16.88 15.25
N ALA M 246 -13.78 -16.80 16.23
CA ALA M 246 -15.01 -16.05 16.03
C ALA M 246 -14.73 -14.56 15.79
N PHE M 247 -13.75 -14.01 16.50
CA PHE M 247 -13.44 -12.59 16.35
C PHE M 247 -12.87 -12.29 14.97
N THR M 248 -11.95 -13.15 14.50
CA THR M 248 -11.42 -12.97 13.14
C THR M 248 -12.52 -13.08 12.09
N LYS M 249 -13.39 -14.08 12.25
CA LYS M 249 -14.52 -14.24 11.34
C LYS M 249 -15.40 -13.00 11.31
N ASN M 250 -15.75 -12.47 12.48
CA ASN M 250 -16.61 -11.30 12.54
C ASN M 250 -15.93 -10.06 11.97
N ASN M 251 -14.63 -9.92 12.15
CA ASN M 251 -13.91 -8.81 11.52
C ASN M 251 -13.97 -8.90 10.00
N ILE M 252 -13.73 -10.10 9.46
CA ILE M 252 -13.77 -10.28 8.02
C ILE M 252 -15.16 -9.95 7.49
N LEU M 253 -16.20 -10.38 8.21
CA LEU M 253 -17.57 -10.08 7.80
C LEU M 253 -17.85 -8.59 7.85
N THR M 254 -17.32 -7.91 8.88
CA THR M 254 -17.48 -6.47 8.99
C THR M 254 -16.85 -5.75 7.80
N GLN M 255 -15.65 -6.16 7.42
CA GLN M 255 -14.99 -5.55 6.26
C GLN M 255 -15.78 -5.79 4.99
N ALA M 256 -16.29 -7.02 4.82
CA ALA M 256 -17.10 -7.33 3.64
C ALA M 256 -18.33 -6.45 3.57
N ALA M 257 -19.02 -6.29 4.71
CA ALA M 257 -20.21 -5.45 4.72
C ALA M 257 -19.87 -3.99 4.47
N GLN M 258 -18.71 -3.53 4.96
CA GLN M 258 -18.28 -2.16 4.68
C GLN M 258 -18.10 -1.94 3.19
N SER M 259 -17.39 -2.85 2.52
CA SER M 259 -17.20 -2.73 1.08
C SER M 259 -18.53 -2.79 0.33
N MET M 260 -19.41 -3.69 0.76
CA MET M 260 -20.72 -3.82 0.10
C MET M 260 -21.52 -2.54 0.24
N LEU M 261 -21.45 -1.89 1.41
CA LEU M 261 -22.18 -0.64 1.60
C LEU M 261 -21.58 0.49 0.77
N ALA M 262 -20.25 0.52 0.67
CA ALA M 262 -19.60 1.50 -0.19
C ALA M 262 -20.04 1.35 -1.64
N GLN M 263 -20.24 0.10 -2.08
CA GLN M 263 -20.75 -0.12 -3.43
C GLN M 263 -22.21 0.29 -3.56
N ALA M 264 -23.04 -0.12 -2.59
CA ALA M 264 -24.46 0.16 -2.65
C ALA M 264 -24.76 1.65 -2.64
N ASN M 265 -23.92 2.44 -1.97
CA ASN M 265 -24.12 3.88 -1.98
C ASN M 265 -23.84 4.48 -3.36
N GLN M 266 -22.91 3.89 -4.12
CA GLN M 266 -22.61 4.35 -5.45
C GLN M 266 -23.56 3.81 -6.51
N GLN M 267 -24.27 2.72 -6.21
CA GLN M 267 -25.17 2.10 -7.19
C GLN M 267 -26.21 3.06 -7.73
N PRO M 268 -26.95 3.85 -6.93
CA PRO M 268 -27.95 4.76 -7.54
C PRO M 268 -27.36 6.04 -8.10
N GLN M 269 -26.87 5.96 -9.34
CA GLN M 269 -26.37 7.12 -10.08
C GLN M 269 -26.96 7.05 -11.48
N GLY M 270 -28.15 7.63 -11.65
CA GLY M 270 -28.81 7.73 -12.93
C GLY M 270 -28.95 9.17 -13.35
N VAL M 271 -27.94 9.99 -13.03
CA VAL M 271 -27.98 11.39 -13.41
C VAL M 271 -27.76 11.55 -14.91
N LEU M 272 -27.13 10.58 -15.58
CA LEU M 272 -26.93 10.68 -17.02
C LEU M 272 -28.23 10.52 -17.80
N GLN M 273 -29.33 10.08 -17.19
CA GLN M 273 -30.62 10.18 -17.86
C GLN M 273 -30.94 11.63 -18.18
N LEU M 274 -30.80 12.50 -17.18
CA LEU M 274 -31.31 13.86 -17.26
C LEU M 274 -30.41 14.74 -18.12
N LEU M 275 -29.17 14.92 -17.69
CA LEU M 275 -28.24 15.81 -18.37
C LEU M 275 -27.50 15.04 -19.46
N GLN M 276 -26.56 15.72 -20.12
CA GLN M 276 -25.77 15.07 -21.15
C GLN M 276 -24.55 15.93 -21.50
N MET N 1 -26.50 33.26 0.91
CA MET N 1 -27.33 32.10 0.64
C MET N 1 -26.83 30.98 -0.31
N ARG N 2 -26.15 31.33 -1.40
CA ARG N 2 -25.73 30.36 -2.41
C ARG N 2 -24.23 30.31 -2.62
N ILE N 3 -23.59 31.44 -2.88
CA ILE N 3 -22.22 31.47 -3.40
C ILE N 3 -21.26 32.14 -2.43
N GLN N 4 -21.56 33.40 -2.08
CA GLN N 4 -20.63 34.24 -1.33
C GLN N 4 -20.25 33.66 0.02
N HIS N 5 -21.07 32.79 0.60
CA HIS N 5 -20.80 32.20 1.89
C HIS N 5 -21.24 30.74 1.88
N ASN N 6 -20.40 29.87 2.44
CA ASN N 6 -20.64 28.43 2.48
C ASN N 6 -20.49 27.96 3.93
N ILE N 7 -21.61 27.92 4.66
CA ILE N 7 -21.55 27.81 6.11
C ILE N 7 -21.18 26.39 6.56
N ALA N 8 -21.56 25.39 5.78
CA ALA N 8 -21.19 24.01 6.10
C ALA N 8 -19.68 23.84 6.18
N ALA N 9 -18.97 24.45 5.23
CA ALA N 9 -17.52 24.37 5.23
C ALA N 9 -16.91 25.08 6.44
N LEU N 10 -17.52 26.19 6.87
CA LEU N 10 -17.06 26.86 8.08
C LEU N 10 -17.20 25.96 9.30
N ASN N 11 -18.37 25.34 9.46
CA ASN N 11 -18.57 24.43 10.59
C ASN N 11 -17.59 23.27 10.55
N THR N 12 -17.37 22.71 9.36
CA THR N 12 -16.42 21.61 9.21
C THR N 12 -15.00 22.05 9.57
N HIS N 13 -14.63 23.27 9.19
CA HIS N 13 -13.32 23.81 9.53
C HIS N 13 -13.15 23.95 11.03
N ARG N 14 -14.18 24.48 11.70
CA ARG N 14 -14.16 24.59 13.16
C ARG N 14 -13.91 23.23 13.81
N ASN N 15 -14.71 22.23 13.42
CA ASN N 15 -14.59 20.92 14.04
C ASN N 15 -13.22 20.30 13.75
N LEU N 16 -12.71 20.51 12.53
CA LEU N 16 -11.40 20.00 12.16
C LEU N 16 -10.30 20.61 13.04
N ALA N 17 -10.37 21.93 13.25
CA ALA N 17 -9.40 22.60 14.10
C ALA N 17 -9.46 22.06 15.52
N ALA N 18 -10.67 21.86 16.05
CA ALA N 18 -10.82 21.33 17.40
C ALA N 18 -10.20 19.94 17.51
N ASN N 19 -10.47 19.07 16.54
CA ASN N 19 -9.92 17.72 16.58
C ASN N 19 -8.40 17.74 16.51
N ASN N 20 -7.84 18.60 15.66
CA ASN N 20 -6.38 18.72 15.57
C ASN N 20 -5.79 19.17 16.90
N ALA N 21 -6.43 20.15 17.54
CA ALA N 21 -5.94 20.62 18.84
C ALA N 21 -5.96 19.50 19.88
N ALA N 22 -7.04 18.73 19.93
CA ALA N 22 -7.13 17.64 20.90
C ALA N 22 -6.05 16.58 20.63
N ALA N 23 -5.83 16.24 19.36
CA ALA N 23 -4.79 15.28 19.03
C ALA N 23 -3.42 15.79 19.43
N SER N 24 -3.17 17.09 19.25
CA SER N 24 -1.88 17.67 19.67
C SER N 24 -1.70 17.58 21.18
N LYS N 25 -2.76 17.87 21.94
CA LYS N 25 -2.68 17.72 23.39
C LYS N 25 -2.35 16.29 23.78
N ASN N 26 -2.98 15.31 23.12
CA ASN N 26 -2.70 13.92 23.43
C ASN N 26 -1.26 13.55 23.09
N LEU N 27 -0.74 14.07 21.98
CA LEU N 27 0.66 13.85 21.62
C LEU N 27 1.59 14.42 22.70
N GLU N 28 1.28 15.61 23.20
CA GLU N 28 2.06 16.20 24.28
C GLU N 28 2.07 15.28 25.50
N LYS N 29 0.90 14.82 25.89
CA LYS N 29 0.81 13.97 27.08
C LYS N 29 1.54 12.64 26.89
N LEU N 30 1.57 12.12 25.66
CA LEU N 30 2.23 10.84 25.42
C LEU N 30 3.76 10.99 25.36
N SER N 31 4.24 12.06 24.72
CA SER N 31 5.67 12.27 24.63
C SER N 31 6.25 12.65 25.99
N SER N 32 5.55 13.50 26.74
CA SER N 32 6.07 13.95 28.03
C SER N 32 6.06 12.81 29.05
N GLY N 33 5.06 11.93 28.98
CA GLY N 33 4.87 10.93 29.99
C GLY N 33 4.14 11.41 31.23
N PHE N 34 3.74 12.68 31.29
CA PHE N 34 3.02 13.24 32.41
C PHE N 34 1.65 13.72 31.95
N LYS N 35 0.65 13.56 32.83
CA LYS N 35 -0.71 13.97 32.54
C LYS N 35 -0.94 15.45 32.76
N ILE N 36 -0.08 16.10 33.55
CA ILE N 36 -0.23 17.51 33.92
C ILE N 36 1.07 18.20 33.56
N ASN N 37 1.09 18.86 32.41
CA ASN N 37 2.24 19.65 31.97
C ASN N 37 2.03 21.15 32.18
N ARG N 38 0.78 21.59 32.32
CA ARG N 38 0.45 22.98 32.59
C ARG N 38 -0.55 23.02 33.74
N ALA N 39 -0.74 24.21 34.31
CA ALA N 39 -1.74 24.36 35.36
C ALA N 39 -3.15 24.37 34.80
N GLY N 40 -3.33 24.72 33.53
CA GLY N 40 -4.63 24.61 32.91
C GLY N 40 -5.13 23.19 32.82
N ASP N 41 -4.21 22.22 32.76
CA ASP N 41 -4.60 20.82 32.80
C ASP N 41 -5.35 20.50 34.08
N ASP N 42 -4.76 20.85 35.22
CA ASP N 42 -5.37 20.54 36.51
C ASP N 42 -4.68 21.39 37.57
N ALA N 43 -5.45 22.28 38.22
CA ALA N 43 -4.87 23.17 39.21
C ALA N 43 -4.64 22.45 40.54
N ALA N 44 -5.68 21.82 41.09
CA ALA N 44 -5.56 21.03 42.31
C ALA N 44 -5.04 19.65 41.96
N GLY N 45 -3.75 19.44 42.18
CA GLY N 45 -3.05 18.25 41.72
C GLY N 45 -1.66 18.62 41.27
N LEU N 46 -1.51 19.79 40.64
CA LEU N 46 -0.17 20.33 40.41
C LEU N 46 0.50 20.66 41.73
N ALA N 47 -0.20 21.40 42.60
CA ALA N 47 0.32 21.73 43.92
C ALA N 47 0.60 20.47 44.72
N ILE N 48 -0.32 19.51 44.69
CA ILE N 48 -0.16 18.27 45.44
C ILE N 48 1.06 17.50 44.93
N SER N 49 1.25 17.47 43.61
CA SER N 49 2.40 16.79 43.03
C SER N 49 3.70 17.46 43.44
N GLU N 50 3.73 18.79 43.47
CA GLU N 50 4.95 19.49 43.86
C GLU N 50 5.28 19.24 45.32
N LYS N 51 4.29 19.33 46.20
CA LYS N 51 4.52 19.04 47.62
C LYS N 51 4.98 17.60 47.81
N MET N 52 4.39 16.66 47.08
CA MET N 52 4.76 15.26 47.23
C MET N 52 6.18 15.03 46.71
N ARG N 53 6.57 15.70 45.63
CA ARG N 53 7.93 15.60 45.14
C ARG N 53 8.92 16.13 46.18
N GLY N 54 8.60 17.27 46.79
CA GLY N 54 9.44 17.79 47.86
C GLY N 54 9.59 16.81 49.00
N GLN N 55 8.47 16.21 49.42
CA GLN N 55 8.52 15.24 50.51
C GLN N 55 9.32 14.00 50.14
N ILE N 56 9.20 13.55 48.89
CA ILE N 56 9.95 12.37 48.46
C ILE N 56 11.44 12.65 48.49
N SER N 57 11.86 13.78 47.92
CA SER N 57 13.26 14.15 47.94
C SER N 57 13.78 14.28 49.37
N GLY N 58 12.99 14.93 50.24
CA GLY N 58 13.40 15.06 51.62
C GLY N 58 13.53 13.74 52.34
N LEU N 59 12.62 12.82 52.07
CA LEU N 59 12.66 11.52 52.73
C LEU N 59 13.86 10.70 52.28
N ASN N 60 14.15 10.73 50.98
CA ASN N 60 15.33 10.00 50.48
C ASN N 60 16.62 10.60 51.05
N MET N 61 16.71 11.93 51.07
CA MET N 61 17.89 12.57 51.65
C MET N 61 18.00 12.29 53.14
N ALA N 62 16.87 12.18 53.84
CA ALA N 62 16.90 11.85 55.26
C ALA N 62 17.37 10.42 55.48
N SER N 63 16.98 9.50 54.60
CA SER N 63 17.50 8.14 54.64
C SER N 63 19.02 8.14 54.49
N LYS N 64 19.52 8.92 53.52
CA LYS N 64 20.96 9.05 53.33
C LYS N 64 21.64 9.58 54.58
N ASN N 65 21.06 10.62 55.18
CA ASN N 65 21.63 11.23 56.38
C ASN N 65 21.64 10.24 57.55
N SER N 66 20.57 9.45 57.68
CA SER N 66 20.50 8.46 58.76
C SER N 66 21.59 7.41 58.59
N SER N 67 21.83 6.98 57.35
CA SER N 67 22.92 6.04 57.10
C SER N 67 24.27 6.64 57.45
N ASP N 68 24.46 7.93 57.12
CA ASP N 68 25.70 8.60 57.48
C ASP N 68 25.90 8.62 59.00
N ALA N 69 24.83 8.92 59.73
CA ALA N 69 24.89 8.90 61.20
C ALA N 69 25.23 7.51 61.73
N ILE N 70 24.67 6.47 61.11
CA ILE N 70 25.00 5.11 61.51
C ILE N 70 26.49 4.84 61.31
N SER N 71 27.05 5.33 60.21
CA SER N 71 28.48 5.15 59.96
C SER N 71 29.32 5.83 61.03
N LEU N 72 28.96 7.07 61.37
CA LEU N 72 29.65 7.79 62.44
C LEU N 72 29.61 7.01 63.77
N ILE N 73 28.43 6.53 64.13
CA ILE N 73 28.26 5.81 65.40
C ILE N 73 29.09 4.53 65.39
N GLN N 74 29.11 3.82 64.26
CA GLN N 74 29.92 2.62 64.16
C GLN N 74 31.40 2.95 64.35
N THR N 75 31.84 4.10 63.84
CA THR N 75 33.23 4.52 64.04
C THR N 75 33.52 4.68 65.53
N ALA N 76 32.64 5.37 66.24
CA ALA N 76 32.88 5.59 67.67
C ALA N 76 32.88 4.28 68.46
N GLU N 77 31.93 3.38 68.16
CA GLU N 77 31.90 2.09 68.86
C GLU N 77 33.16 1.28 68.60
N GLY N 78 33.61 1.25 67.35
CA GLY N 78 34.87 0.58 67.05
C GLY N 78 36.04 1.18 67.78
N GLY N 79 36.02 2.50 67.97
CA GLY N 79 37.04 3.13 68.79
C GLY N 79 37.02 2.65 70.23
N LEU N 80 35.82 2.48 70.80
CA LEU N 80 35.73 2.10 72.21
C LEU N 80 35.95 0.61 72.47
N ASN N 81 35.84 -0.24 71.44
CA ASN N 81 36.16 -1.65 71.62
C ASN N 81 37.61 -1.86 72.08
N GLU N 82 38.55 -1.11 71.50
CA GLU N 82 39.94 -1.25 71.90
C GLU N 82 40.18 -0.67 73.29
N THR N 83 39.41 0.34 73.66
CA THR N 83 39.42 0.83 75.04
C THR N 83 39.06 -0.29 76.00
N HIS N 84 37.97 -1.02 75.71
CA HIS N 84 37.62 -2.20 76.52
C HIS N 84 38.80 -3.17 76.62
N ALA N 85 39.40 -3.49 75.48
CA ALA N 85 40.46 -4.50 75.45
C ALA N 85 41.65 -4.09 76.33
N ILE N 86 42.15 -2.87 76.13
CA ILE N 86 43.33 -2.47 76.88
C ILE N 86 43.00 -2.22 78.34
N LEU N 87 41.75 -1.90 78.66
CA LEU N 87 41.34 -1.81 80.06
C LEU N 87 41.39 -3.18 80.72
N GLN N 88 40.94 -4.21 80.02
CA GLN N 88 41.06 -5.58 80.53
C GLN N 88 42.52 -5.93 80.78
N ARG N 89 43.39 -5.60 79.82
CA ARG N 89 44.81 -5.88 79.99
C ARG N 89 45.39 -5.16 81.20
N MET N 90 45.01 -3.89 81.39
CA MET N 90 45.48 -3.09 82.52
C MET N 90 45.01 -3.69 83.85
N ARG N 91 43.77 -4.16 83.90
CA ARG N 91 43.29 -4.81 85.11
C ARG N 91 44.08 -6.08 85.42
N GLU N 92 44.38 -6.87 84.38
CA GLU N 92 45.20 -8.06 84.56
C GLU N 92 46.57 -7.69 85.12
N LEU N 93 47.19 -6.65 84.55
CA LEU N 93 48.48 -6.16 85.01
C LEU N 93 48.43 -5.72 86.46
N ALA N 94 47.38 -5.01 86.86
CA ALA N 94 47.27 -4.57 88.24
C ALA N 94 47.11 -5.73 89.19
N VAL N 95 46.27 -6.72 88.83
CA VAL N 95 46.08 -7.88 89.69
C VAL N 95 47.38 -8.65 89.84
N GLN N 96 48.19 -8.71 88.79
CA GLN N 96 49.50 -9.35 88.91
C GLN N 96 50.47 -8.52 89.75
N SER N 97 50.50 -7.21 89.54
CA SER N 97 51.35 -6.32 90.32
C SER N 97 51.03 -6.33 91.80
N ARG N 98 49.78 -6.62 92.17
CA ARG N 98 49.28 -6.49 93.52
C ARG N 98 49.89 -7.50 94.49
N ASN N 99 50.42 -8.61 93.97
CA ASN N 99 50.99 -9.66 94.81
C ASN N 99 52.38 -9.27 95.33
N ASP N 100 52.75 -9.82 96.48
CA ASP N 100 54.00 -9.50 97.15
C ASP N 100 55.18 -10.36 96.71
N THR N 101 54.97 -11.25 95.74
CA THR N 101 56.10 -11.92 95.10
C THR N 101 56.99 -10.94 94.35
N ASN N 102 56.42 -9.83 93.90
CA ASN N 102 57.15 -8.87 93.09
C ASN N 102 57.92 -7.89 93.97
N ASP N 103 59.14 -7.55 93.56
CA ASP N 103 60.02 -6.67 94.30
C ASP N 103 60.14 -5.32 93.63
N GLU N 104 60.03 -4.26 94.42
CA GLU N 104 60.35 -2.92 93.96
C GLU N 104 61.85 -2.74 93.75
N ALA N 105 62.68 -3.49 94.46
CA ALA N 105 64.13 -3.32 94.38
C ALA N 105 64.65 -3.74 93.01
N THR N 106 64.34 -4.97 92.59
CA THR N 106 64.80 -5.49 91.32
C THR N 106 63.82 -5.25 90.17
N ASN N 107 63.00 -4.19 90.28
CA ASN N 107 62.31 -3.59 89.14
C ASN N 107 61.25 -4.53 88.56
N ASP N 108 60.58 -5.31 89.42
CA ASP N 108 59.51 -6.19 88.96
C ASP N 108 58.25 -5.41 88.60
N ARG N 109 57.85 -4.47 89.46
CA ARG N 109 56.64 -3.70 89.23
C ARG N 109 56.85 -2.52 88.29
N SER N 110 58.08 -2.00 88.17
CA SER N 110 58.30 -0.88 87.27
C SER N 110 58.14 -1.29 85.81
N ASN N 111 58.35 -2.56 85.48
CA ASN N 111 58.08 -3.02 84.12
C ASN N 111 56.57 -3.11 83.85
N LEU N 112 55.80 -3.56 84.82
CA LEU N 112 54.34 -3.53 84.65
C LEU N 112 53.85 -2.09 84.59
N ASN N 113 54.53 -1.17 85.27
CA ASN N 113 54.19 0.25 85.17
C ASN N 113 54.57 0.82 83.81
N ASP N 114 55.70 0.39 83.24
CA ASP N 114 56.01 0.72 81.84
C ASP N 114 54.86 0.33 80.92
N GLU N 115 54.42 -0.93 81.04
CA GLU N 115 53.30 -1.44 80.25
C GLU N 115 52.05 -0.59 80.48
N LEU N 116 51.75 -0.30 81.74
CA LEU N 116 50.55 0.47 82.09
C LEU N 116 50.59 1.89 81.52
N LYS N 117 51.75 2.54 81.62
CA LYS N 117 51.89 3.90 81.07
C LYS N 117 51.70 3.90 79.56
N GLN N 118 52.25 2.90 78.86
CA GLN N 118 52.04 2.84 77.43
C GLN N 118 50.57 2.62 77.09
N LEU N 119 49.88 1.78 77.86
CA LEU N 119 48.46 1.58 77.59
C LEU N 119 47.63 2.82 77.92
N GLN N 120 48.07 3.63 78.90
CA GLN N 120 47.39 4.88 79.18
C GLN N 120 47.62 5.91 78.07
N GLU N 121 48.82 5.94 77.51
CA GLU N 121 49.03 6.79 76.35
C GLU N 121 48.17 6.34 75.18
N GLU N 122 47.95 5.04 75.04
CA GLU N 122 47.10 4.55 73.94
C GLU N 122 45.63 4.87 74.18
N ILE N 123 45.14 4.74 75.42
CA ILE N 123 43.74 5.07 75.70
C ILE N 123 43.48 6.55 75.48
N THR N 124 44.47 7.42 75.75
CA THR N 124 44.30 8.84 75.41
C THR N 124 44.40 9.07 73.90
N ARG N 125 45.29 8.34 73.23
CA ARG N 125 45.48 8.51 71.79
C ARG N 125 44.21 8.16 71.02
N ILE N 126 43.56 7.06 71.38
CA ILE N 126 42.32 6.68 70.70
C ILE N 126 41.27 7.76 70.89
N SER N 127 41.24 8.37 72.07
CA SER N 127 40.28 9.43 72.34
C SER N 127 40.49 10.60 71.40
N SER N 128 41.68 11.21 71.43
CA SER N 128 41.92 12.45 70.70
C SER N 128 42.63 12.25 69.36
N GLN N 129 42.47 11.10 68.72
CA GLN N 129 42.87 10.92 67.33
C GLN N 129 41.82 10.15 66.54
N MET N 130 40.56 10.17 67.01
CA MET N 130 39.44 9.57 66.32
C MET N 130 38.66 10.64 65.58
N GLU N 131 38.28 10.38 64.34
CA GLU N 131 37.57 11.43 63.57
C GLU N 131 36.76 10.81 62.45
N PHE N 132 35.68 11.49 62.10
CA PHE N 132 34.81 11.15 60.99
C PHE N 132 34.57 12.43 60.21
N ASN N 133 35.17 12.52 59.02
CA ASN N 133 35.02 13.70 58.16
C ASN N 133 35.63 14.94 58.82
N ASN N 134 36.79 14.75 59.45
CA ASN N 134 37.49 15.84 60.13
C ASN N 134 36.66 16.38 61.30
N LYS N 135 36.25 15.48 62.19
CA LYS N 135 35.38 15.82 63.31
C LYS N 135 35.78 14.97 64.50
N LYS N 136 36.44 15.59 65.47
CA LYS N 136 36.84 14.86 66.68
C LYS N 136 35.61 14.50 67.49
N LEU N 137 35.48 13.22 67.84
CA LEU N 137 34.29 12.67 68.49
C LEU N 137 34.46 12.47 69.99
N LEU N 138 35.53 11.80 70.42
CA LEU N 138 35.70 11.36 71.80
C LEU N 138 36.61 12.27 72.61
N ASP N 139 36.48 13.58 72.42
CA ASP N 139 37.33 14.56 73.09
C ASP N 139 36.54 15.42 74.05
N GLY N 140 35.24 15.55 73.82
CA GLY N 140 34.40 16.54 74.46
C GLY N 140 33.91 17.64 73.53
N SER N 141 34.15 17.54 72.22
CA SER N 141 33.64 18.54 71.29
C SER N 141 32.12 18.53 71.24
N GLN N 142 31.53 17.33 71.19
CA GLN N 142 30.09 17.17 71.07
C GLN N 142 29.39 17.13 72.42
N SER N 143 30.14 17.07 73.53
CA SER N 143 29.53 17.01 74.85
C SER N 143 28.97 18.36 75.28
N THR N 144 29.25 19.44 74.54
CA THR N 144 28.78 20.77 74.92
C THR N 144 27.39 21.04 74.35
N ASN N 145 27.20 20.83 73.04
CA ASN N 145 25.94 21.09 72.37
C ASN N 145 25.34 19.82 71.76
N GLY N 146 26.12 19.06 71.02
CA GLY N 146 25.70 17.77 70.49
C GLY N 146 25.55 17.79 68.98
N LEU N 147 25.60 16.59 68.41
CA LEU N 147 25.41 16.38 66.98
C LEU N 147 23.94 16.23 66.67
N THR N 148 23.46 16.96 65.67
CA THR N 148 22.06 16.98 65.27
C THR N 148 21.91 16.34 63.90
N PHE N 149 21.10 15.29 63.83
CA PHE N 149 20.82 14.58 62.58
C PHE N 149 19.41 14.91 62.11
N GLN N 150 19.31 15.34 60.85
CA GLN N 150 18.03 15.57 60.19
C GLN N 150 17.55 14.24 59.62
N ILE N 151 16.51 13.69 60.23
CA ILE N 151 15.98 12.38 59.86
C ILE N 151 14.55 12.55 59.34
N GLY N 152 14.27 13.68 58.71
CA GLY N 152 12.96 13.95 58.19
C GLY N 152 13.00 15.03 57.13
N ALA N 153 11.97 15.03 56.27
CA ALA N 153 11.92 15.97 55.18
C ALA N 153 11.75 17.40 55.68
N ASN N 154 10.88 17.60 56.65
CA ASN N 154 10.52 18.93 57.11
C ASN N 154 11.45 19.43 58.20
N ALA N 155 11.26 20.70 58.58
CA ALA N 155 12.07 21.32 59.62
C ALA N 155 11.62 20.87 61.00
N GLY N 156 12.60 20.71 61.89
CA GLY N 156 12.34 20.25 63.24
C GLY N 156 12.35 18.75 63.41
N GLN N 157 12.34 17.98 62.33
CA GLN N 157 12.35 16.52 62.41
C GLN N 157 13.79 16.04 62.58
N THR N 158 14.33 16.31 63.76
CA THR N 158 15.74 16.10 64.07
C THR N 158 15.88 15.22 65.29
N ILE N 159 17.11 14.75 65.51
CA ILE N 159 17.49 14.12 66.76
C ILE N 159 18.85 14.64 67.18
N THR N 160 18.99 14.98 68.46
CA THR N 160 20.24 15.44 69.03
C THR N 160 20.93 14.28 69.75
N MET N 161 22.25 14.33 69.78
CA MET N 161 23.08 13.29 70.36
C MET N 161 24.28 13.94 71.02
N LYS N 162 24.82 13.25 72.03
CA LYS N 162 25.96 13.75 72.78
C LYS N 162 26.90 12.61 73.10
N ILE N 163 28.19 12.89 73.06
CA ILE N 163 29.23 11.92 73.38
C ILE N 163 30.17 12.57 74.39
N SER N 164 30.48 11.85 75.46
CA SER N 164 31.26 12.39 76.56
C SER N 164 32.76 12.23 76.28
N THR N 165 33.55 12.97 77.05
CA THR N 165 35.00 12.80 77.00
C THR N 165 35.37 11.44 77.58
N MET N 166 36.17 10.68 76.84
CA MET N 166 36.58 9.32 77.16
C MET N 166 38.10 9.22 77.24
N SER N 167 38.73 10.22 77.85
CA SER N 167 40.15 10.19 78.13
C SER N 167 40.43 9.56 79.50
N ALA N 168 41.73 9.37 79.78
CA ALA N 168 42.12 8.76 81.05
C ALA N 168 41.85 9.69 82.23
N THR N 169 41.98 11.00 82.03
CA THR N 169 41.75 11.94 83.12
C THR N 169 40.30 11.92 83.57
N LYS N 170 39.36 11.84 82.63
CA LYS N 170 37.94 11.90 82.97
C LYS N 170 37.52 10.65 83.75
N LEU N 171 38.12 9.51 83.44
CA LEU N 171 37.74 8.23 84.02
C LEU N 171 38.55 7.87 85.26
N GLY N 172 39.41 8.75 85.75
CA GLY N 172 40.15 8.49 86.98
C GLY N 172 41.09 7.32 86.89
N VAL N 173 41.70 7.11 85.72
CA VAL N 173 42.64 6.02 85.49
C VAL N 173 44.00 6.51 84.98
N ASP N 174 44.14 7.82 84.76
CA ASP N 174 45.44 8.39 84.39
C ASP N 174 46.49 8.08 85.45
N ALA N 175 47.76 8.23 85.03
CA ALA N 175 48.88 7.83 85.88
C ALA N 175 48.97 8.61 87.18
N ALA N 176 48.37 9.79 87.26
CA ALA N 176 48.37 10.55 88.50
C ALA N 176 47.52 9.92 89.60
N LYS N 177 46.66 8.95 89.27
CA LYS N 177 45.79 8.31 90.25
C LYS N 177 45.67 6.80 90.06
N ALA N 178 46.44 6.19 89.17
CA ALA N 178 46.34 4.76 88.90
C ALA N 178 47.69 4.09 88.70
N SER N 179 48.73 4.57 89.37
CA SER N 179 50.02 3.90 89.31
C SER N 179 49.92 2.53 89.97
N ILE N 180 50.82 1.64 89.57
CA ILE N 180 50.98 0.34 90.20
C ILE N 180 52.42 0.16 90.64
N SER N 181 53.08 1.28 90.97
CA SER N 181 54.41 1.21 91.58
C SER N 181 54.38 0.40 92.86
N LYS N 182 53.40 0.65 93.72
CA LYS N 182 53.32 0.02 95.03
C LYS N 182 52.37 -1.18 94.96
N GLY N 183 52.19 -1.83 96.11
CA GLY N 183 51.14 -2.82 96.26
C GLY N 183 49.81 -2.17 96.61
N THR N 184 49.89 -1.06 97.37
CA THR N 184 48.66 -0.37 97.77
C THR N 184 47.97 0.28 96.58
N ALA N 185 48.75 0.90 95.68
CA ALA N 185 48.16 1.63 94.57
C ALA N 185 47.44 0.70 93.61
N ALA N 186 47.90 -0.54 93.46
CA ALA N 186 47.19 -1.50 92.61
C ALA N 186 45.81 -1.83 93.14
N SER N 187 45.65 -1.82 94.47
CA SER N 187 44.33 -2.02 95.08
C SER N 187 43.33 -1.00 94.56
N LYS N 188 43.69 0.29 94.60
CA LYS N 188 42.80 1.32 94.08
C LYS N 188 42.71 1.23 92.56
N ALA N 189 43.78 0.82 91.89
CA ALA N 189 43.79 0.78 90.43
C ALA N 189 42.78 -0.23 89.91
N ILE N 190 42.62 -1.36 90.62
CA ILE N 190 41.67 -2.37 90.18
C ILE N 190 40.25 -1.80 90.17
N LYS N 191 39.85 -1.17 91.28
CA LYS N 191 38.52 -0.57 91.36
C LYS N 191 38.35 0.55 90.35
N SER N 192 39.40 1.35 90.17
CA SER N 192 39.37 2.44 89.21
C SER N 192 39.14 1.92 87.79
N ILE N 193 39.81 0.82 87.45
CA ILE N 193 39.68 0.22 86.13
C ILE N 193 38.29 -0.39 85.95
N ASP N 194 37.74 -1.00 87.00
CA ASP N 194 36.38 -1.52 86.92
C ASP N 194 35.37 -0.40 86.66
N ASP N 195 35.51 0.71 87.39
CA ASP N 195 34.62 1.85 87.18
C ASP N 195 34.73 2.36 85.75
N ALA N 196 35.96 2.44 85.22
CA ALA N 196 36.14 2.91 83.85
C ALA N 196 35.49 1.96 82.83
N ILE N 197 35.65 0.65 83.03
CA ILE N 197 35.03 -0.32 82.13
C ILE N 197 33.52 -0.16 82.13
N ASN N 198 32.92 0.00 83.32
CA ASN N 198 31.47 0.16 83.40
C ASN N 198 31.03 1.44 82.68
N THR N 199 31.78 2.53 82.87
CA THR N 199 31.41 3.79 82.24
C THR N 199 31.46 3.69 80.72
N VAL N 200 32.51 3.07 80.18
CA VAL N 200 32.62 3.00 78.73
C VAL N 200 31.60 2.02 78.16
N SER N 201 31.23 0.98 78.92
CA SER N 201 30.11 0.14 78.51
C SER N 201 28.82 0.92 78.43
N LYS N 202 28.57 1.80 79.42
CA LYS N 202 27.39 2.64 79.41
C LYS N 202 27.36 3.53 78.16
N THR N 203 28.49 4.15 77.83
CA THR N 203 28.55 5.00 76.65
C THR N 203 28.30 4.20 75.37
N ARG N 204 28.89 3.01 75.26
CA ARG N 204 28.65 2.17 74.09
C ARG N 204 27.17 1.81 73.95
N SER N 205 26.52 1.49 75.08
CA SER N 205 25.09 1.22 75.05
C SER N 205 24.32 2.42 74.54
N ALA N 206 24.68 3.62 75.01
CA ALA N 206 24.01 4.84 74.58
C ALA N 206 24.13 5.04 73.08
N LEU N 207 25.29 4.69 72.51
CA LEU N 207 25.46 4.82 71.06
C LEU N 207 24.63 3.78 70.31
N GLY N 208 24.68 2.53 70.76
CA GLY N 208 23.98 1.46 70.07
C GLY N 208 22.48 1.66 70.06
N ALA N 209 21.93 2.27 71.11
CA ALA N 209 20.50 2.56 71.13
C ALA N 209 20.11 3.48 69.98
N VAL N 210 20.90 4.53 69.76
CA VAL N 210 20.60 5.47 68.68
C VAL N 210 20.76 4.81 67.33
N GLN N 211 21.74 3.91 67.21
CA GLN N 211 21.89 3.15 65.97
C GLN N 211 20.64 2.33 65.66
N ASN N 212 20.16 1.57 66.67
CA ASN N 212 18.98 0.75 66.48
C ASN N 212 17.75 1.59 66.16
N ARG N 213 17.66 2.78 66.76
CA ARG N 213 16.57 3.69 66.43
C ARG N 213 16.64 4.11 64.96
N LEU N 214 17.83 4.48 64.50
CA LEU N 214 17.98 4.98 63.14
C LEU N 214 17.64 3.91 62.11
N GLU N 215 17.88 2.64 62.44
CA GLU N 215 17.49 1.57 61.53
C GLU N 215 15.98 1.57 61.27
N HIS N 216 15.18 1.57 62.35
CA HIS N 216 13.73 1.64 62.22
C HIS N 216 13.31 2.91 61.49
N THR N 217 13.98 4.02 61.77
CA THR N 217 13.68 5.27 61.07
C THR N 217 13.89 5.12 59.58
N ILE N 218 14.96 4.46 59.16
CA ILE N 218 15.24 4.26 57.74
C ILE N 218 14.14 3.41 57.10
N ASN N 219 13.73 2.36 57.78
CA ASN N 219 12.65 1.51 57.25
C ASN N 219 11.37 2.32 57.04
N ASN N 220 11.00 3.11 58.05
CA ASN N 220 9.78 3.93 57.93
C ASN N 220 9.90 4.95 56.80
N LEU N 221 11.07 5.55 56.66
CA LEU N 221 11.27 6.53 55.59
C LEU N 221 11.12 5.88 54.21
N GLY N 222 11.70 4.70 54.04
CA GLY N 222 11.56 4.00 52.78
C GLY N 222 10.11 3.68 52.44
N THR N 223 9.38 3.16 53.43
CA THR N 223 7.97 2.85 53.22
C THR N 223 7.18 4.09 52.82
N SER N 224 7.37 5.19 53.57
CA SER N 224 6.64 6.42 53.28
C SER N 224 7.00 6.97 51.91
N ALA N 225 8.27 6.89 51.53
CA ALA N 225 8.68 7.39 50.22
C ALA N 225 8.05 6.58 49.11
N GLU N 226 8.01 5.25 49.24
CA GLU N 226 7.36 4.44 48.22
C GLU N 226 5.87 4.77 48.10
N ASN N 227 5.18 4.90 49.24
CA ASN N 227 3.76 5.19 49.20
C ASN N 227 3.48 6.55 48.55
N LEU N 228 4.23 7.58 48.93
CA LEU N 228 4.02 8.89 48.34
C LEU N 228 4.41 8.90 46.87
N THR N 229 5.41 8.11 46.48
CA THR N 229 5.76 7.99 45.07
C THR N 229 4.60 7.40 44.28
N ALA N 230 3.97 6.35 44.82
CA ALA N 230 2.79 5.77 44.18
C ALA N 230 1.68 6.80 44.04
N ALA N 231 1.43 7.56 45.11
CA ALA N 231 0.38 8.58 45.06
C ALA N 231 0.68 9.64 44.00
N GLU N 232 1.92 10.14 43.98
CA GLU N 232 2.28 11.17 43.01
C GLU N 232 2.21 10.64 41.58
N SER N 233 2.60 9.39 41.38
CA SER N 233 2.48 8.76 40.06
C SER N 233 1.04 8.71 39.62
N ARG N 234 0.15 8.26 40.50
CA ARG N 234 -1.26 8.17 40.15
C ARG N 234 -1.88 9.54 39.90
N ILE N 235 -1.37 10.58 40.58
CA ILE N 235 -1.91 11.91 40.38
C ILE N 235 -1.45 12.48 39.03
N ARG N 236 -0.14 12.52 38.82
CA ARG N 236 0.43 13.30 37.72
C ARG N 236 0.73 12.48 36.47
N ASP N 237 1.27 11.27 36.60
CA ASP N 237 1.60 10.49 35.42
C ASP N 237 0.34 10.04 34.69
N THR N 238 0.51 9.74 33.40
CA THR N 238 -0.60 9.41 32.52
C THR N 238 -0.54 7.94 32.12
N ASP N 239 -1.72 7.37 31.90
CA ASP N 239 -1.81 6.01 31.38
C ASP N 239 -1.68 6.04 29.87
N MET N 240 -0.73 5.25 29.36
CA MET N 240 -0.43 5.28 27.92
C MET N 240 -1.61 4.81 27.09
N ALA N 241 -2.33 3.79 27.58
CA ALA N 241 -3.39 3.18 26.79
C ALA N 241 -4.54 4.14 26.53
N ALA N 242 -4.97 4.86 27.56
CA ALA N 242 -6.09 5.79 27.40
C ALA N 242 -5.75 6.92 26.44
N GLU N 243 -4.54 7.47 26.56
CA GLU N 243 -4.13 8.53 25.66
C GLU N 243 -3.95 8.03 24.23
N MET N 244 -3.48 6.79 24.07
CA MET N 244 -3.40 6.20 22.74
C MET N 244 -4.78 6.07 22.12
N MET N 245 -5.75 5.58 22.90
CA MET N 245 -7.14 5.52 22.45
C MET N 245 -7.63 6.87 21.98
N ALA N 246 -7.46 7.89 22.83
CA ALA N 246 -7.96 9.22 22.51
C ALA N 246 -7.27 9.78 21.27
N PHE N 247 -5.97 9.53 21.13
CA PHE N 247 -5.23 10.05 19.98
C PHE N 247 -5.69 9.41 18.68
N THR N 248 -5.89 8.08 18.69
CA THR N 248 -6.41 7.41 17.51
C THR N 248 -7.79 7.92 17.15
N LYS N 249 -8.66 8.06 18.15
CA LYS N 249 -10.00 8.61 17.93
C LYS N 249 -9.95 9.99 17.29
N ASN N 250 -9.11 10.86 17.83
CA ASN N 250 -9.03 12.22 17.30
C ASN N 250 -8.45 12.25 15.89
N ASN N 251 -7.50 11.36 15.58
CA ASN N 251 -7.00 11.28 14.21
C ASN N 251 -8.09 10.86 13.25
N ILE N 252 -8.88 9.84 13.62
CA ILE N 252 -9.96 9.39 12.76
C ILE N 252 -10.96 10.51 12.53
N LEU N 253 -11.28 11.25 13.60
CA LEU N 253 -12.20 12.38 13.46
C LEU N 253 -11.63 13.46 12.56
N THR N 254 -10.32 13.72 12.67
CA THR N 254 -9.67 14.69 11.81
C THR N 254 -9.78 14.29 10.34
N GLN N 255 -9.52 13.01 10.05
CA GLN N 255 -9.64 12.53 8.67
C GLN N 255 -11.07 12.67 8.16
N ALA N 256 -12.05 12.32 9.00
CA ALA N 256 -13.45 12.45 8.62
C ALA N 256 -13.80 13.90 8.28
N ALA N 257 -13.36 14.83 9.13
CA ALA N 257 -13.64 16.24 8.89
C ALA N 257 -12.94 16.74 7.63
N GLN N 258 -11.73 16.24 7.36
CA GLN N 258 -11.04 16.60 6.13
C GLN N 258 -11.83 16.19 4.90
N SER N 259 -12.29 14.93 4.87
CA SER N 259 -13.09 14.47 3.74
C SER N 259 -14.39 15.26 3.63
N MET N 260 -15.03 15.55 4.76
CA MET N 260 -16.28 16.31 4.73
C MET N 260 -16.06 17.71 4.16
N LEU N 261 -14.94 18.33 4.50
CA LEU N 261 -14.64 19.65 3.98
C LEU N 261 -14.34 19.60 2.49
N ALA N 262 -13.61 18.57 2.06
CA ALA N 262 -13.36 18.40 0.62
C ALA N 262 -14.66 18.26 -0.14
N GLN N 263 -15.65 17.58 0.45
CA GLN N 263 -16.96 17.48 -0.20
C GLN N 263 -17.70 18.82 -0.19
N ALA N 264 -17.72 19.49 0.97
CA ALA N 264 -18.45 20.75 1.10
C ALA N 264 -17.91 21.82 0.18
N ASN N 265 -16.61 21.80 -0.11
CA ASN N 265 -16.07 22.78 -1.05
C ASN N 265 -16.57 22.53 -2.47
N GLN N 266 -16.80 21.26 -2.83
CA GLN N 266 -17.32 20.92 -4.15
C GLN N 266 -18.83 21.08 -4.26
N GLN N 267 -19.54 21.09 -3.13
CA GLN N 267 -21.00 21.17 -3.16
C GLN N 267 -21.53 22.38 -3.91
N PRO N 268 -21.04 23.61 -3.71
CA PRO N 268 -21.61 24.75 -4.47
C PRO N 268 -21.05 24.87 -5.89
N GLN N 269 -21.64 24.11 -6.81
CA GLN N 269 -21.31 24.18 -8.23
C GLN N 269 -22.63 24.22 -9.00
N GLY N 270 -23.15 25.43 -9.20
CA GLY N 270 -24.35 25.65 -9.98
C GLY N 270 -24.05 26.47 -11.22
N VAL N 271 -22.87 26.24 -11.81
CA VAL N 271 -22.50 26.96 -13.02
C VAL N 271 -23.31 26.48 -14.21
N LEU N 272 -23.84 25.25 -14.17
CA LEU N 272 -24.66 24.77 -15.28
C LEU N 272 -26.01 25.46 -15.38
N GLN N 273 -26.41 26.24 -14.37
CA GLN N 273 -27.57 27.12 -14.58
C GLN N 273 -27.30 28.11 -15.69
N LEU N 274 -26.14 28.77 -15.63
CA LEU N 274 -25.85 29.91 -16.47
C LEU N 274 -25.51 29.49 -17.90
N LEU N 275 -24.42 28.75 -18.04
CA LEU N 275 -23.94 28.34 -19.35
C LEU N 275 -24.60 27.03 -19.78
N GLN N 276 -24.18 26.51 -20.93
CA GLN N 276 -24.73 25.25 -21.40
C GLN N 276 -23.86 24.70 -22.54
N MET O 1 -1.63 42.07 -18.56
CA MET O 1 -2.83 41.97 -17.73
C MET O 1 -3.71 40.70 -17.75
N ARG O 2 -3.88 40.06 -18.92
CA ARG O 2 -4.78 38.92 -19.06
C ARG O 2 -4.07 37.66 -19.56
N ILE O 3 -3.35 37.74 -20.67
CA ILE O 3 -2.91 36.55 -21.40
C ILE O 3 -1.39 36.46 -21.43
N GLN O 4 -0.74 37.49 -21.97
CA GLN O 4 0.68 37.44 -22.27
C GLN O 4 1.55 37.19 -21.05
N HIS O 5 1.06 37.50 -19.84
CA HIS O 5 1.81 37.30 -18.61
C HIS O 5 0.88 36.80 -17.53
N ASN O 6 1.34 35.81 -16.76
CA ASN O 6 0.55 35.19 -15.69
C ASN O 6 1.39 35.20 -14.42
N ILE O 7 1.22 36.24 -13.59
CA ILE O 7 2.19 36.52 -12.54
C ILE O 7 2.05 35.56 -11.37
N ALA O 8 0.83 35.06 -11.11
CA ALA O 8 0.61 34.09 -10.06
C ALA O 8 1.45 32.84 -10.28
N ALA O 9 1.51 32.37 -11.53
CA ALA O 9 2.31 31.20 -11.85
C ALA O 9 3.79 31.46 -11.64
N LEU O 10 4.25 32.67 -11.95
CA LEU O 10 5.65 33.03 -11.69
C LEU O 10 5.98 32.96 -10.21
N ASN O 11 5.12 33.55 -9.38
CA ASN O 11 5.35 33.51 -7.93
C ASN O 11 5.34 32.07 -7.42
N THR O 12 4.41 31.26 -7.92
CA THR O 12 4.33 29.86 -7.52
C THR O 12 5.59 29.11 -7.93
N HIS O 13 6.11 29.40 -9.12
CA HIS O 13 7.35 28.78 -9.59
C HIS O 13 8.52 29.14 -8.69
N ARG O 14 8.63 30.42 -8.33
CA ARG O 14 9.67 30.86 -7.40
C ARG O 14 9.62 30.07 -6.10
N ASN O 15 8.45 30.03 -5.48
CA ASN O 15 8.31 29.34 -4.19
C ASN O 15 8.62 27.85 -4.32
N LEU O 16 8.19 27.24 -5.43
CA LEU O 16 8.46 25.83 -5.67
C LEU O 16 9.96 25.57 -5.77
N ALA O 17 10.68 26.43 -6.51
CA ALA O 17 12.12 26.29 -6.63
C ALA O 17 12.79 26.41 -5.27
N ALA O 18 12.36 27.38 -4.46
CA ALA O 18 12.94 27.55 -3.13
C ALA O 18 12.72 26.32 -2.26
N ASN O 19 11.51 25.77 -2.28
CA ASN O 19 11.22 24.59 -1.47
C ASN O 19 12.06 23.40 -1.92
N ASN O 20 12.20 23.22 -3.24
CA ASN O 20 13.04 22.14 -3.75
C ASN O 20 14.48 22.29 -3.30
N ALA O 21 15.01 23.52 -3.34
CA ALA O 21 16.38 23.76 -2.90
C ALA O 21 16.55 23.42 -1.43
N ALA O 22 15.60 23.83 -0.59
CA ALA O 22 15.69 23.54 0.83
C ALA O 22 15.64 22.04 1.10
N ALA O 23 14.77 21.33 0.40
CA ALA O 23 14.69 19.87 0.56
C ALA O 23 15.98 19.21 0.12
N SER O 24 16.61 19.71 -0.94
CA SER O 24 17.88 19.15 -1.37
C SER O 24 18.97 19.37 -0.32
N LYS O 25 19.01 20.56 0.27
CA LYS O 25 19.97 20.81 1.35
C LYS O 25 19.76 19.85 2.51
N ASN O 26 18.50 19.60 2.88
CA ASN O 26 18.21 18.67 3.96
C ASN O 26 18.64 17.25 3.61
N LEU O 27 18.43 16.85 2.36
CA LEU O 27 18.90 15.54 1.91
C LEU O 27 20.41 15.43 2.03
N GLU O 28 21.13 16.48 1.63
CA GLU O 28 22.58 16.50 1.78
C GLU O 28 22.99 16.31 3.23
N LYS O 29 22.35 17.06 4.14
CA LYS O 29 22.72 16.96 5.55
C LYS O 29 22.38 15.59 6.13
N LEU O 30 21.33 14.94 5.62
CA LEU O 30 20.96 13.63 6.16
C LEU O 30 21.85 12.52 5.63
N SER O 31 22.20 12.58 4.33
CA SER O 31 23.07 11.55 3.76
C SER O 31 24.48 11.69 4.29
N SER O 32 24.99 12.92 4.41
CA SER O 32 26.36 13.12 4.87
C SER O 32 26.51 12.76 6.35
N GLY O 33 25.49 13.01 7.14
CA GLY O 33 25.59 12.87 8.57
C GLY O 33 26.23 14.04 9.29
N PHE O 34 26.62 15.09 8.57
CA PHE O 34 27.23 16.28 9.14
C PHE O 34 26.36 17.49 8.85
N LYS O 35 26.30 18.41 9.82
CA LYS O 35 25.51 19.62 9.69
C LYS O 35 26.22 20.70 8.89
N ILE O 36 27.55 20.63 8.77
CA ILE O 36 28.36 21.65 8.11
C ILE O 36 29.19 20.92 7.06
N ASN O 37 28.74 20.96 5.81
CA ASN O 37 29.47 20.41 4.68
C ASN O 37 30.18 21.47 3.86
N ARG O 38 29.77 22.73 3.98
CA ARG O 38 30.40 23.86 3.32
C ARG O 38 30.62 24.96 4.33
N ALA O 39 31.44 25.94 3.95
CA ALA O 39 31.65 27.09 4.83
C ALA O 39 30.48 28.05 4.81
N GLY O 40 29.67 28.03 3.74
CA GLY O 40 28.46 28.82 3.72
C GLY O 40 27.45 28.37 4.76
N ASP O 41 27.49 27.09 5.14
CA ASP O 41 26.63 26.61 6.22
C ASP O 41 26.92 27.35 7.51
N ASP O 42 28.19 27.41 7.91
CA ASP O 42 28.56 28.05 9.15
C ASP O 42 30.07 28.29 9.14
N ALA O 43 30.48 29.55 9.17
CA ALA O 43 31.90 29.89 9.10
C ALA O 43 32.59 29.66 10.44
N ALA O 44 32.07 30.27 11.51
CA ALA O 44 32.59 30.04 12.86
C ALA O 44 32.00 28.75 13.41
N GLY O 45 32.81 27.70 13.39
CA GLY O 45 32.35 26.37 13.70
C GLY O 45 33.01 25.37 12.78
N LEU O 46 33.21 25.74 11.52
CA LEU O 46 34.08 24.96 10.65
C LEU O 46 35.51 24.97 11.16
N ALA O 47 36.04 26.17 11.43
CA ALA O 47 37.38 26.31 11.99
C ALA O 47 37.50 25.60 13.32
N ILE O 48 36.49 25.76 14.19
CA ILE O 48 36.52 25.13 15.50
C ILE O 48 36.52 23.61 15.36
N SER O 49 35.72 23.09 14.42
CA SER O 49 35.67 21.66 14.19
C SER O 49 37.02 21.13 13.70
N GLU O 50 37.67 21.88 12.79
CA GLU O 50 38.95 21.43 12.28
C GLU O 50 40.02 21.42 13.36
N LYS O 51 40.09 22.49 14.17
CA LYS O 51 41.03 22.52 15.27
C LYS O 51 40.77 21.39 16.27
N MET O 52 39.48 21.13 16.56
CA MET O 52 39.15 20.08 17.52
C MET O 52 39.51 18.71 16.96
N ARG O 53 39.32 18.50 15.66
CA ARG O 53 39.73 17.24 15.04
C ARG O 53 41.24 17.06 15.13
N GLY O 54 41.99 18.13 14.86
CA GLY O 54 43.43 18.05 15.03
C GLY O 54 43.83 17.69 16.45
N GLN O 55 43.20 18.33 17.42
CA GLN O 55 43.51 18.05 18.82
C GLN O 55 43.15 16.62 19.20
N ILE O 56 42.03 16.11 18.69
CA ILE O 56 41.61 14.74 18.99
C ILE O 56 42.62 13.74 18.45
N SER O 57 43.00 13.91 17.17
CA SER O 57 43.99 13.03 16.57
C SER O 57 45.32 13.10 17.33
N GLY O 58 45.75 14.31 17.70
CA GLY O 58 46.99 14.45 18.44
C GLY O 58 46.92 13.78 19.81
N LEU O 59 45.78 13.90 20.49
CA LEU O 59 45.65 13.31 21.82
C LEU O 59 45.65 11.79 21.75
N ASN O 60 44.96 11.22 20.76
CA ASN O 60 44.97 9.76 20.61
C ASN O 60 46.37 9.26 20.27
N MET O 61 47.06 9.95 19.35
CA MET O 61 48.42 9.55 19.01
C MET O 61 49.36 9.70 20.19
N ALA O 62 49.12 10.70 21.05
CA ALA O 62 49.95 10.88 22.24
C ALA O 62 49.69 9.77 23.24
N SER O 63 48.45 9.31 23.36
CA SER O 63 48.15 8.14 24.18
C SER O 63 48.92 6.93 23.69
N LYS O 64 48.91 6.72 22.37
CA LYS O 64 49.67 5.62 21.77
C LYS O 64 51.16 5.73 22.09
N ASN O 65 51.71 6.94 21.95
CA ASN O 65 53.13 7.16 22.23
C ASN O 65 53.46 6.91 23.70
N SER O 66 52.57 7.33 24.60
CA SER O 66 52.79 7.10 26.02
C SER O 66 52.81 5.62 26.34
N SER O 67 51.92 4.86 25.72
CA SER O 67 51.93 3.41 25.91
C SER O 67 53.23 2.79 25.40
N ASP O 68 53.72 3.29 24.25
CA ASP O 68 55.00 2.80 23.72
C ASP O 68 56.13 3.07 24.70
N ALA O 69 56.15 4.27 25.27
CA ALA O 69 57.16 4.61 26.28
C ALA O 69 57.07 3.69 27.49
N ILE O 70 55.85 3.37 27.92
CA ILE O 70 55.68 2.45 29.04
C ILE O 70 56.28 1.09 28.71
N SER O 71 56.07 0.63 27.47
CA SER O 71 56.64 -0.65 27.05
C SER O 71 58.17 -0.63 27.12
N LEU O 72 58.77 0.45 26.60
CA LEU O 72 60.22 0.61 26.67
C LEU O 72 60.72 0.57 28.11
N ILE O 73 60.06 1.31 29.00
CA ILE O 73 60.50 1.37 30.39
C ILE O 73 60.37 0.00 31.05
N GLN O 74 59.29 -0.72 30.75
CA GLN O 74 59.13 -2.07 31.28
C GLN O 74 60.26 -2.98 30.82
N THR O 75 60.70 -2.81 29.57
CA THR O 75 61.83 -3.60 29.07
C THR O 75 63.08 -3.33 29.91
N ALA O 76 63.37 -2.06 30.16
CA ALA O 76 64.57 -1.72 30.93
C ALA O 76 64.49 -2.26 32.36
N GLU O 77 63.33 -2.12 33.01
CA GLU O 77 63.18 -2.62 34.38
C GLU O 77 63.35 -4.14 34.43
N GLY O 78 62.76 -4.86 33.46
CA GLY O 78 62.96 -6.29 33.39
C GLY O 78 64.41 -6.66 33.18
N GLY O 79 65.14 -5.84 32.43
CA GLY O 79 66.57 -6.05 32.30
C GLY O 79 67.31 -5.93 33.62
N LEU O 80 66.92 -4.94 34.44
CA LEU O 80 67.63 -4.70 35.69
C LEU O 80 67.25 -5.65 36.82
N ASN O 81 66.10 -6.33 36.72
CA ASN O 81 65.74 -7.33 37.72
C ASN O 81 66.79 -8.44 37.80
N GLU O 82 67.28 -8.90 36.66
CA GLU O 82 68.29 -9.96 36.68
C GLU O 82 69.63 -9.44 37.18
N THR O 83 69.92 -8.15 36.94
CA THR O 83 71.08 -7.52 37.55
C THR O 83 71.00 -7.62 39.07
N HIS O 84 69.84 -7.27 39.65
CA HIS O 84 69.63 -7.44 41.08
C HIS O 84 69.93 -8.87 41.52
N ALA O 85 69.36 -9.84 40.80
CA ALA O 85 69.48 -11.25 41.19
C ALA O 85 70.93 -11.70 41.20
N ILE O 86 71.66 -11.45 40.12
CA ILE O 86 73.03 -11.94 40.05
C ILE O 86 73.93 -11.15 40.98
N LEU O 87 73.59 -9.90 41.29
CA LEU O 87 74.34 -9.16 42.31
C LEU O 87 74.18 -9.79 43.68
N GLN O 88 72.95 -10.22 44.01
CA GLN O 88 72.74 -10.94 45.26
C GLN O 88 73.59 -12.22 45.29
N ARG O 89 73.59 -12.96 44.19
CA ARG O 89 74.38 -14.18 44.14
C ARG O 89 75.87 -13.90 44.31
N MET O 90 76.37 -12.83 43.69
CA MET O 90 77.77 -12.43 43.81
C MET O 90 78.12 -12.05 45.23
N ARG O 91 77.22 -11.34 45.92
CA ARG O 91 77.47 -11.01 47.33
C ARG O 91 77.53 -12.26 48.18
N GLU O 92 76.63 -13.21 47.93
CA GLU O 92 76.68 -14.48 48.66
C GLU O 92 78.01 -15.20 48.43
N LEU O 93 78.46 -15.23 47.18
CA LEU O 93 79.74 -15.85 46.83
C LEU O 93 80.91 -15.16 47.54
N ALA O 94 80.89 -13.83 47.61
CA ALA O 94 81.97 -13.11 48.28
C ALA O 94 81.97 -13.39 49.78
N VAL O 95 80.80 -13.40 50.41
CA VAL O 95 80.72 -13.68 51.84
C VAL O 95 81.21 -15.08 52.14
N GLN O 96 80.95 -16.03 51.24
CA GLN O 96 81.48 -17.38 51.42
C GLN O 96 82.98 -17.43 51.18
N SER O 97 83.48 -16.77 50.15
CA SER O 97 84.90 -16.72 49.86
C SER O 97 85.71 -16.07 50.97
N ARG O 98 85.10 -15.17 51.73
CA ARG O 98 85.78 -14.34 52.72
C ARG O 98 86.32 -15.13 53.89
N ASN O 99 85.76 -16.31 54.16
CA ASN O 99 86.16 -17.12 55.31
C ASN O 99 87.48 -17.84 55.05
N ASP O 100 88.22 -18.12 56.12
CA ASP O 100 89.54 -18.73 56.04
C ASP O 100 89.51 -20.26 56.02
N THR O 101 88.32 -20.86 56.00
CA THR O 101 88.24 -22.30 55.74
C THR O 101 88.71 -22.63 54.32
N ASN O 102 88.60 -21.68 53.40
CA ASN O 102 88.91 -21.92 52.01
C ASN O 102 90.40 -21.72 51.75
N ASP O 103 90.97 -22.59 50.93
CA ASP O 103 92.39 -22.58 50.61
C ASP O 103 92.64 -22.08 49.20
N GLU O 104 93.61 -21.18 49.06
CA GLU O 104 94.10 -20.80 47.74
C GLU O 104 94.89 -21.92 47.09
N ALA O 105 95.52 -22.80 47.89
CA ALA O 105 96.36 -23.85 47.34
C ALA O 105 95.54 -24.86 46.55
N THR O 106 94.51 -25.43 47.18
CA THR O 106 93.68 -26.43 46.54
C THR O 106 92.46 -25.84 45.83
N ASN O 107 92.56 -24.57 45.40
CA ASN O 107 91.67 -24.01 44.39
C ASN O 107 90.23 -23.88 44.90
N ASP O 108 90.06 -23.55 46.19
CA ASP O 108 88.72 -23.36 46.74
C ASP O 108 88.13 -22.03 46.28
N ARG O 109 88.91 -20.96 46.35
CA ARG O 109 88.42 -19.64 45.98
C ARG O 109 88.46 -19.38 44.47
N SER O 110 89.32 -20.07 43.72
CA SER O 110 89.36 -19.86 42.28
C SER O 110 88.10 -20.36 41.59
N ASN O 111 87.40 -21.34 42.19
CA ASN O 111 86.12 -21.75 41.63
C ASN O 111 85.03 -20.71 41.88
N LEU O 112 85.02 -20.09 43.06
CA LEU O 112 84.10 -19.00 43.29
C LEU O 112 84.44 -17.81 42.41
N ASN O 113 85.73 -17.64 42.08
CA ASN O 113 86.12 -16.60 41.14
C ASN O 113 85.69 -16.93 39.71
N ASP O 114 85.75 -18.20 39.32
CA ASP O 114 85.14 -18.63 38.05
C ASP O 114 83.67 -18.21 37.99
N GLU O 115 82.92 -18.55 39.03
CA GLU O 115 81.51 -18.18 39.11
C GLU O 115 81.33 -16.67 39.02
N LEU O 116 82.15 -15.93 39.77
CA LEU O 116 82.05 -14.47 39.79
C LEU O 116 82.36 -13.86 38.44
N LYS O 117 83.39 -14.36 37.75
CA LYS O 117 83.73 -13.84 36.42
C LYS O 117 82.61 -14.10 35.42
N GLN O 118 82.00 -15.28 35.49
CA GLN O 118 80.88 -15.55 34.60
C GLN O 118 79.70 -14.62 34.89
N LEU O 119 79.43 -14.34 36.16
CA LEU O 119 78.34 -13.43 36.49
C LEU O 119 78.67 -11.99 36.08
N GLN O 120 79.95 -11.61 36.09
CA GLN O 120 80.33 -10.30 35.61
C GLN O 120 80.19 -10.18 34.08
N GLU O 121 80.52 -11.26 33.37
CA GLU O 121 80.25 -11.24 31.94
C GLU O 121 78.76 -11.15 31.66
N GLU O 122 77.93 -11.77 32.50
CA GLU O 122 76.49 -11.67 32.31
C GLU O 122 75.94 -10.28 32.63
N ILE O 123 76.44 -9.65 33.69
CA ILE O 123 75.97 -8.29 34.02
C ILE O 123 76.38 -7.31 32.93
N THR O 124 77.52 -7.52 32.27
CA THR O 124 77.85 -6.67 31.12
C THR O 124 77.01 -7.02 29.89
N ARG O 125 76.73 -8.31 29.70
CA ARG O 125 75.94 -8.74 28.55
C ARG O 125 74.54 -8.16 28.58
N ILE O 126 73.88 -8.20 29.74
CA ILE O 126 72.55 -7.63 29.86
C ILE O 126 72.57 -6.15 29.53
N SER O 127 73.63 -5.45 29.93
CA SER O 127 73.76 -4.03 29.64
C SER O 127 73.79 -3.79 28.13
N SER O 128 74.78 -4.35 27.45
CA SER O 128 75.00 -4.03 26.04
C SER O 128 74.42 -5.06 25.07
N GLN O 129 73.35 -5.77 25.45
CA GLN O 129 72.55 -6.56 24.51
C GLN O 129 71.07 -6.39 24.76
N MET O 130 70.67 -5.28 25.39
CA MET O 130 69.28 -4.94 25.62
C MET O 130 68.83 -3.92 24.58
N GLU O 131 67.66 -4.11 24.00
CA GLU O 131 67.22 -3.18 22.95
C GLU O 131 65.71 -3.20 22.80
N PHE O 132 65.18 -2.07 22.38
CA PHE O 132 63.76 -1.88 22.07
C PHE O 132 63.71 -1.18 20.72
N ASN O 133 63.28 -1.91 19.69
CA ASN O 133 63.17 -1.37 18.34
C ASN O 133 64.54 -0.95 17.80
N ASN O 134 65.55 -1.79 18.05
CA ASN O 134 66.92 -1.54 17.60
C ASN O 134 67.47 -0.26 18.25
N LYS O 135 67.42 -0.21 19.58
CA LYS O 135 67.83 0.96 20.34
C LYS O 135 68.46 0.48 21.64
N LYS O 136 69.78 0.58 21.72
CA LYS O 136 70.49 0.18 22.93
C LYS O 136 70.16 1.17 24.05
N LEU O 137 69.74 0.62 25.20
CA LEU O 137 69.23 1.42 26.32
C LEU O 137 70.24 1.58 27.45
N LEU O 138 70.83 0.48 27.91
CA LEU O 138 71.66 0.46 29.13
C LEU O 138 73.14 0.50 28.83
N ASP O 139 73.55 1.30 27.85
CA ASP O 139 74.95 1.38 27.42
C ASP O 139 75.55 2.74 27.71
N GLY O 140 74.70 3.76 27.80
CA GLY O 140 75.10 5.14 27.77
C GLY O 140 74.71 5.90 26.51
N SER O 141 73.92 5.30 25.62
CA SER O 141 73.47 6.02 24.43
C SER O 141 72.55 7.17 24.79
N GLN O 142 71.63 6.94 25.72
CA GLN O 142 70.65 7.94 26.12
C GLN O 142 71.14 8.82 27.26
N SER O 143 72.28 8.50 27.87
CA SER O 143 72.80 9.31 28.97
C SER O 143 73.39 10.62 28.50
N THR O 144 73.56 10.81 27.18
CA THR O 144 74.15 12.03 26.66
C THR O 144 73.11 13.12 26.44
N ASN O 145 72.02 12.79 25.73
CA ASN O 145 70.96 13.73 25.42
C ASN O 145 69.61 13.32 26.01
N GLY O 146 69.20 12.08 25.82
CA GLY O 146 68.01 11.53 26.44
C GLY O 146 66.92 11.25 25.43
N LEU O 147 66.00 10.37 25.84
CA LEU O 147 64.84 10.02 25.04
C LEU O 147 63.71 10.99 25.32
N THR O 148 63.10 11.51 24.25
CA THR O 148 62.04 12.51 24.32
C THR O 148 60.74 11.88 23.85
N PHE O 149 59.73 11.90 24.72
CA PHE O 149 58.40 11.37 24.41
C PHE O 149 57.42 12.53 24.23
N GLN O 150 56.72 12.51 23.11
CA GLN O 150 55.65 13.46 22.82
C GLN O 150 54.37 12.92 23.45
N ILE O 151 53.92 13.58 24.52
CA ILE O 151 52.75 13.15 25.28
C ILE O 151 51.67 14.21 25.18
N GLY O 152 51.62 14.90 24.05
CA GLY O 152 50.63 15.94 23.84
C GLY O 152 50.44 16.23 22.37
N ALA O 153 49.28 16.79 22.05
CA ALA O 153 48.95 17.07 20.66
C ALA O 153 49.84 18.15 20.08
N ASN O 154 50.10 19.21 20.84
CA ASN O 154 50.81 20.38 20.34
C ASN O 154 52.33 20.23 20.51
N ALA O 155 53.05 21.19 19.97
CA ALA O 155 54.51 21.20 20.04
C ALA O 155 54.98 21.66 21.41
N GLY O 156 56.05 21.05 21.89
CA GLY O 156 56.61 21.36 23.19
C GLY O 156 56.03 20.56 24.33
N GLN O 157 54.93 19.83 24.11
CA GLN O 157 54.31 19.01 25.16
C GLN O 157 55.03 17.66 25.22
N THR O 158 56.27 17.72 25.71
CA THR O 158 57.18 16.59 25.71
C THR O 158 57.69 16.31 27.12
N ILE O 159 58.32 15.15 27.26
CA ILE O 159 59.08 14.83 28.46
C ILE O 159 60.39 14.19 28.05
N THR O 160 61.48 14.62 28.66
CA THR O 160 62.81 14.05 28.43
C THR O 160 63.14 13.06 29.53
N MET O 161 63.96 12.07 29.17
CA MET O 161 64.33 10.99 30.07
C MET O 161 65.77 10.61 29.78
N LYS O 162 66.43 10.06 30.78
CA LYS O 162 67.84 9.67 30.68
C LYS O 162 68.06 8.37 31.44
N ILE O 163 68.90 7.51 30.88
CA ILE O 163 69.27 6.24 31.50
C ILE O 163 70.78 6.16 31.51
N SER O 164 71.35 5.80 32.65
CA SER O 164 72.78 5.79 32.84
C SER O 164 73.39 4.47 32.38
N THR O 165 74.70 4.47 32.20
CA THR O 165 75.43 3.25 31.92
C THR O 165 75.40 2.34 33.14
N MET O 166 75.00 1.08 32.93
CA MET O 166 74.82 0.08 33.97
C MET O 166 75.70 -1.13 33.71
N SER O 167 76.94 -0.89 33.28
CA SER O 167 77.93 -1.95 33.14
C SER O 167 78.72 -2.14 34.43
N ALA O 168 79.57 -3.18 34.43
CA ALA O 168 80.36 -3.49 35.61
C ALA O 168 81.44 -2.44 35.86
N THR O 169 81.99 -1.84 34.79
CA THR O 169 83.03 -0.83 34.96
C THR O 169 82.49 0.41 35.66
N LYS O 170 81.28 0.84 35.31
CA LYS O 170 80.72 2.06 35.88
C LYS O 170 80.42 1.90 37.37
N LEU O 171 80.02 0.69 37.77
CA LEU O 171 79.61 0.42 39.14
C LEU O 171 80.73 -0.08 40.03
N GLY O 172 81.97 -0.11 39.55
CA GLY O 172 83.09 -0.50 40.37
C GLY O 172 83.03 -1.93 40.87
N VAL O 173 82.50 -2.83 40.05
CA VAL O 173 82.39 -4.25 40.40
C VAL O 173 83.04 -5.16 39.35
N ASP O 174 83.58 -4.60 38.28
CA ASP O 174 84.34 -5.37 37.30
C ASP O 174 85.52 -6.08 37.97
N ALA O 175 86.05 -7.09 37.26
CA ALA O 175 87.07 -7.97 37.83
C ALA O 175 88.36 -7.24 38.17
N ALA O 176 88.60 -6.07 37.58
CA ALA O 176 89.80 -5.30 37.92
C ALA O 176 89.76 -4.72 39.32
N LYS O 177 88.59 -4.68 39.97
CA LYS O 177 88.46 -4.10 41.30
C LYS O 177 87.57 -4.91 42.23
N ALA O 178 87.13 -6.11 41.83
CA ALA O 178 86.21 -6.91 42.65
C ALA O 178 86.54 -8.40 42.61
N SER O 179 87.82 -8.75 42.48
CA SER O 179 88.20 -10.14 42.57
C SER O 179 87.95 -10.67 43.98
N ILE O 180 87.79 -11.99 44.07
CA ILE O 180 87.70 -12.68 45.36
C ILE O 180 88.75 -13.78 45.41
N SER O 181 89.87 -13.58 44.70
CA SER O 181 91.01 -14.47 44.83
C SER O 181 91.48 -14.57 46.27
N LYS O 182 91.61 -13.43 46.94
CA LYS O 182 92.15 -13.38 48.29
C LYS O 182 91.00 -13.33 49.31
N GLY O 183 91.35 -13.25 50.58
CA GLY O 183 90.41 -12.95 51.62
C GLY O 183 90.18 -11.46 51.76
N THR O 184 91.24 -10.68 51.52
CA THR O 184 91.14 -9.23 51.63
C THR O 184 90.25 -8.65 50.55
N ALA O 185 90.37 -9.15 49.32
CA ALA O 185 89.62 -8.58 48.20
C ALA O 185 88.13 -8.80 48.35
N ALA O 186 87.72 -9.90 48.99
CA ALA O 186 86.30 -10.14 49.23
C ALA O 186 85.71 -9.09 50.17
N SER O 187 86.51 -8.60 51.13
CA SER O 187 86.07 -7.53 52.01
C SER O 187 85.62 -6.32 51.22
N LYS O 188 86.45 -5.86 50.28
CA LYS O 188 86.07 -4.72 49.45
C LYS O 188 84.95 -5.10 48.49
N ALA O 189 84.93 -6.35 48.03
CA ALA O 189 83.93 -6.78 47.05
C ALA O 189 82.53 -6.71 47.64
N ILE O 190 82.39 -7.03 48.93
CA ILE O 190 81.07 -6.99 49.58
C ILE O 190 80.52 -5.57 49.54
N LYS O 191 81.33 -4.60 49.97
CA LYS O 191 80.90 -3.20 49.97
C LYS O 191 80.65 -2.70 48.55
N SER O 192 81.50 -3.12 47.61
CA SER O 192 81.34 -2.73 46.21
C SER O 192 80.01 -3.23 45.66
N ILE O 193 79.66 -4.47 45.99
CA ILE O 193 78.41 -5.07 45.52
C ILE O 193 77.21 -4.38 46.17
N ASP O 194 77.32 -4.01 47.45
CA ASP O 194 76.25 -3.27 48.11
C ASP O 194 76.01 -1.93 47.42
N ASP O 195 77.09 -1.20 47.13
CA ASP O 195 76.97 0.07 46.43
C ASP O 195 76.31 -0.10 45.08
N ALA O 196 76.68 -1.16 44.35
CA ALA O 196 76.09 -1.41 43.05
C ALA O 196 74.60 -1.72 43.15
N ILE O 197 74.21 -2.53 44.14
CA ILE O 197 72.79 -2.85 44.34
C ILE O 197 72.00 -1.58 44.62
N ASN O 198 72.53 -0.70 45.49
CA ASN O 198 71.83 0.54 45.79
C ASN O 198 71.70 1.41 44.55
N THR O 199 72.75 1.51 43.74
CA THR O 199 72.70 2.34 42.55
C THR O 199 71.67 1.83 41.56
N VAL O 200 71.61 0.51 41.34
CA VAL O 200 70.66 0.00 40.36
C VAL O 200 69.23 0.08 40.89
N SER O 201 69.06 -0.02 42.21
CA SER O 201 67.75 0.26 42.80
C SER O 201 67.32 1.70 42.54
N LYS O 202 68.25 2.64 42.70
CA LYS O 202 67.95 4.04 42.41
C LYS O 202 67.50 4.22 40.97
N THR O 203 68.23 3.61 40.03
CA THR O 203 67.86 3.74 38.62
C THR O 203 66.48 3.13 38.33
N ARG O 204 66.20 1.97 38.93
CA ARG O 204 64.88 1.36 38.75
C ARG O 204 63.77 2.26 39.28
N SER O 205 64.00 2.89 40.44
CA SER O 205 63.03 3.84 40.98
C SER O 205 62.80 4.99 40.00
N ALA O 206 63.89 5.51 39.43
CA ALA O 206 63.78 6.61 38.47
C ALA O 206 62.94 6.23 37.27
N LEU O 207 63.05 4.97 36.82
CA LEU O 207 62.23 4.52 35.69
C LEU O 207 60.76 4.37 36.09
N GLY O 208 60.52 3.74 37.24
CA GLY O 208 59.15 3.49 37.66
C GLY O 208 58.38 4.77 37.91
N ALA O 209 59.05 5.83 38.36
CA ALA O 209 58.38 7.11 38.54
C ALA O 209 57.81 7.62 37.22
N VAL O 210 58.60 7.55 36.16
CA VAL O 210 58.15 8.03 34.86
C VAL O 210 57.01 7.15 34.33
N GLN O 211 57.08 5.85 34.61
CA GLN O 211 55.98 4.96 34.23
C GLN O 211 54.67 5.38 34.91
N ASN O 212 54.73 5.60 36.22
CA ASN O 212 53.53 6.00 36.96
C ASN O 212 53.00 7.35 36.49
N ARG O 213 53.90 8.27 36.12
CA ARG O 213 53.48 9.53 35.55
C ARG O 213 52.73 9.33 34.24
N LEU O 214 53.28 8.48 33.37
CA LEU O 214 52.68 8.28 32.05
C LEU O 214 51.30 7.65 32.15
N GLU O 215 51.05 6.84 33.19
CA GLU O 215 49.72 6.28 33.39
C GLU O 215 48.68 7.39 33.60
N HIS O 216 48.94 8.30 34.54
CA HIS O 216 48.07 9.43 34.77
C HIS O 216 47.92 10.28 33.52
N THR O 217 49.01 10.47 32.78
CA THR O 217 48.96 11.22 31.53
C THR O 217 47.99 10.57 30.54
N ILE O 218 48.02 9.25 30.44
CA ILE O 218 47.12 8.54 29.52
C ILE O 218 45.68 8.74 29.93
N ASN O 219 45.41 8.64 31.24
CA ASN O 219 44.04 8.86 31.72
C ASN O 219 43.54 10.24 31.35
N ASN O 220 44.37 11.27 31.61
CA ASN O 220 43.97 12.64 31.28
C ASN O 220 43.75 12.82 29.79
N LEU O 221 44.61 12.21 28.97
CA LEU O 221 44.46 12.32 27.52
C LEU O 221 43.15 11.70 27.06
N GLY O 222 42.81 10.52 27.60
CA GLY O 222 41.55 9.90 27.23
C GLY O 222 40.35 10.76 27.60
N THR O 223 40.35 11.30 28.81
CA THR O 223 39.25 12.16 29.24
C THR O 223 39.11 13.38 28.33
N SER O 224 40.23 14.04 28.04
CA SER O 224 40.19 15.23 27.20
C SER O 224 39.73 14.91 25.79
N ALA O 225 40.17 13.76 25.26
CA ALA O 225 39.76 13.37 23.92
C ALA O 225 38.26 13.11 23.85
N GLU O 226 37.71 12.42 24.85
CA GLU O 226 36.27 12.19 24.88
C GLU O 226 35.50 13.50 24.95
N ASN O 227 35.93 14.42 25.82
CA ASN O 227 35.22 15.68 25.96
C ASN O 227 35.25 16.50 24.68
N LEU O 228 36.42 16.59 24.05
CA LEU O 228 36.51 17.34 22.80
C LEU O 228 35.75 16.65 21.67
N THR O 229 35.69 15.32 21.68
CA THR O 229 34.88 14.60 20.71
C THR O 229 33.41 14.94 20.87
N ALA O 230 32.93 14.99 22.11
CA ALA O 230 31.55 15.40 22.36
C ALA O 230 31.29 16.80 21.85
N ALA O 231 32.21 17.73 22.15
CA ALA O 231 32.07 19.11 21.68
C ALA O 231 32.02 19.19 20.16
N GLU O 232 32.94 18.51 19.48
CA GLU O 232 32.98 18.54 18.02
C GLU O 232 31.73 17.92 17.42
N SER O 233 31.23 16.84 18.03
CA SER O 233 30.00 16.23 17.57
C SER O 233 28.83 17.20 17.68
N ARG O 234 28.71 17.88 18.82
CA ARG O 234 27.62 18.82 19.00
C ARG O 234 27.74 20.00 18.06
N ILE O 235 28.96 20.39 17.69
CA ILE O 235 29.14 21.51 16.78
C ILE O 235 28.77 21.11 15.36
N ARG O 236 29.39 20.06 14.84
CA ARG O 236 29.35 19.76 13.41
C ARG O 236 28.29 18.73 13.03
N ASP O 237 28.13 17.66 13.81
CA ASP O 237 27.17 16.63 13.44
C ASP O 237 25.75 17.16 13.57
N THR O 238 24.83 16.52 12.84
CA THR O 238 23.44 16.95 12.74
C THR O 238 22.52 15.96 13.45
N ASP O 239 21.44 16.49 14.00
CA ASP O 239 20.39 15.66 14.58
C ASP O 239 19.47 15.16 13.49
N MET O 240 19.29 13.83 13.42
CA MET O 240 18.52 13.23 12.34
C MET O 240 17.07 13.65 12.39
N ALA O 241 16.51 13.77 13.60
CA ALA O 241 15.08 14.02 13.75
C ALA O 241 14.69 15.39 13.21
N ALA O 242 15.47 16.42 13.53
CA ALA O 242 15.15 17.77 13.08
C ALA O 242 15.23 17.88 11.57
N GLU O 243 16.25 17.29 10.97
CA GLU O 243 16.38 17.33 9.51
C GLU O 243 15.30 16.51 8.84
N MET O 244 14.88 15.41 9.45
CA MET O 244 13.76 14.64 8.93
C MET O 244 12.48 15.48 8.94
N MET O 245 12.23 16.18 10.05
CA MET O 245 11.10 17.08 10.14
C MET O 245 11.13 18.12 9.02
N ALA O 246 12.27 18.80 8.87
CA ALA O 246 12.39 19.85 7.87
C ALA O 246 12.21 19.29 6.47
N PHE O 247 12.74 18.10 6.20
CA PHE O 247 12.64 17.51 4.88
C PHE O 247 11.20 17.15 4.53
N THR O 248 10.47 16.56 5.49
CA THR O 248 9.07 16.26 5.27
C THR O 248 8.26 17.52 5.03
N LYS O 249 8.52 18.55 5.85
CA LYS O 249 7.84 19.84 5.67
C LYS O 249 8.08 20.41 4.28
N ASN O 250 9.34 20.41 3.83
CA ASN O 250 9.66 20.97 2.52
C ASN O 250 9.05 20.16 1.39
N ASN O 251 8.98 18.84 1.54
CA ASN O 251 8.31 18.02 0.52
C ASN O 251 6.83 18.36 0.43
N ILE O 252 6.16 18.51 1.57
CA ILE O 252 4.74 18.86 1.57
C ILE O 252 4.53 20.21 0.92
N LEU O 253 5.42 21.17 1.21
CA LEU O 253 5.33 22.48 0.59
C LEU O 253 5.55 22.41 -0.91
N THR O 254 6.49 21.57 -1.35
CA THR O 254 6.75 21.38 -2.76
C THR O 254 5.51 20.84 -3.47
N GLN O 255 4.86 19.84 -2.88
CA GLN O 255 3.64 19.29 -3.47
C GLN O 255 2.54 20.34 -3.55
N ALA O 256 2.38 21.13 -2.48
CA ALA O 256 1.37 22.18 -2.47
C ALA O 256 1.62 23.19 -3.59
N ALA O 257 2.88 23.61 -3.75
CA ALA O 257 3.21 24.56 -4.80
C ALA O 257 3.00 23.96 -6.19
N GLN O 258 3.28 22.66 -6.35
CA GLN O 258 3.02 21.98 -7.62
C GLN O 258 1.54 22.04 -7.98
N SER O 259 0.68 21.68 -7.03
CA SER O 259 -0.76 21.73 -7.27
C SER O 259 -1.22 23.16 -7.57
N MET O 260 -0.69 24.13 -6.82
CA MET O 260 -1.07 25.53 -7.03
C MET O 260 -0.68 26.00 -8.43
N LEU O 261 0.49 25.57 -8.91
CA LEU O 261 0.92 25.95 -10.24
C LEU O 261 0.07 25.28 -11.31
N ALA O 262 -0.28 24.01 -11.10
CA ALA O 262 -1.18 23.33 -12.02
C ALA O 262 -2.52 24.05 -12.12
N GLN O 263 -3.00 24.61 -11.01
CA GLN O 263 -4.24 25.39 -11.05
C GLN O 263 -4.03 26.72 -11.76
N ALA O 264 -2.95 27.43 -11.42
CA ALA O 264 -2.70 28.75 -11.98
C ALA O 264 -2.51 28.69 -13.49
N ASN O 265 -1.96 27.60 -14.01
CA ASN O 265 -1.83 27.47 -15.45
C ASN O 265 -3.19 27.32 -16.14
N GLN O 266 -4.16 26.70 -15.46
CA GLN O 266 -5.49 26.55 -16.01
C GLN O 266 -6.37 27.78 -15.80
N GLN O 267 -6.02 28.64 -14.85
CA GLN O 267 -6.83 29.82 -14.54
C GLN O 267 -7.09 30.71 -15.76
N PRO O 268 -6.09 31.09 -16.58
CA PRO O 268 -6.41 31.96 -17.73
C PRO O 268 -6.98 31.21 -18.93
N GLN O 269 -8.29 30.99 -18.89
CA GLN O 269 -9.03 30.40 -20.00
C GLN O 269 -10.29 31.23 -20.22
N GLY O 270 -10.16 32.27 -21.05
CA GLY O 270 -11.26 33.12 -21.43
C GLY O 270 -11.54 33.01 -22.91
N VAL O 271 -11.38 31.81 -23.45
CA VAL O 271 -11.63 31.60 -24.88
C VAL O 271 -13.13 31.63 -25.16
N LEU O 272 -13.98 31.36 -24.18
CA LEU O 272 -15.41 31.42 -24.40
C LEU O 272 -15.94 32.84 -24.59
N GLN O 273 -15.14 33.87 -24.32
CA GLN O 273 -15.52 35.20 -24.76
C GLN O 273 -15.66 35.26 -26.27
N LEU O 274 -14.66 34.75 -26.96
CA LEU O 274 -14.52 34.96 -28.40
C LEU O 274 -15.48 34.06 -29.17
N LEU O 275 -15.30 32.75 -29.05
CA LEU O 275 -16.09 31.78 -29.80
C LEU O 275 -17.36 31.45 -29.04
N GLN O 276 -18.15 30.51 -29.58
CA GLN O 276 -19.37 30.10 -28.90
C GLN O 276 -19.88 28.80 -29.55
N MET P 1 3.80 22.72 -44.27
CA MET P 1 3.62 23.82 -43.33
C MET P 1 2.51 23.77 -42.26
N ARG P 2 1.33 23.22 -42.58
CA ARG P 2 0.19 23.23 -41.67
C ARG P 2 -0.32 21.84 -41.34
N ILE P 3 -0.62 21.02 -42.35
CA ILE P 3 -1.41 19.80 -42.16
C ILE P 3 -0.60 18.56 -42.51
N GLN P 4 -0.11 18.50 -43.74
CA GLN P 4 0.48 17.29 -44.29
C GLN P 4 1.68 16.80 -43.49
N HIS P 5 2.36 17.68 -42.75
CA HIS P 5 3.52 17.32 -41.96
C HIS P 5 3.48 18.06 -40.63
N ASN P 6 3.81 17.34 -39.55
CA ASN P 6 3.78 17.88 -38.19
C ASN P 6 5.13 17.58 -37.54
N ILE P 7 6.06 18.52 -37.63
CA ILE P 7 7.47 18.22 -37.35
C ILE P 7 7.72 18.09 -35.86
N ALA P 8 6.97 18.83 -35.04
CA ALA P 8 7.10 18.72 -33.59
C ALA P 8 6.85 17.30 -33.12
N ALA P 9 5.83 16.65 -33.67
CA ALA P 9 5.52 15.28 -33.30
C ALA P 9 6.63 14.33 -33.73
N LEU P 10 7.26 14.58 -34.87
CA LEU P 10 8.40 13.77 -35.30
C LEU P 10 9.55 13.87 -34.31
N ASN P 11 9.91 15.11 -33.92
CA ASN P 11 10.98 15.29 -32.95
C ASN P 11 10.65 14.61 -31.62
N THR P 12 9.40 14.75 -31.17
CA THR P 12 8.98 14.11 -29.93
C THR P 12 9.09 12.60 -30.03
N HIS P 13 8.72 12.04 -31.19
CA HIS P 13 8.82 10.60 -31.40
C HIS P 13 10.27 10.13 -31.33
N ARG P 14 11.17 10.88 -31.98
CA ARG P 14 12.59 10.57 -31.91
C ARG P 14 13.07 10.51 -30.47
N ASN P 15 12.80 11.56 -29.70
CA ASN P 15 13.27 11.62 -28.32
C ASN P 15 12.66 10.50 -27.48
N LEU P 16 11.39 10.19 -27.72
CA LEU P 16 10.72 9.11 -27.01
C LEU P 16 11.40 7.77 -27.29
N ALA P 17 11.70 7.51 -28.55
CA ALA P 17 12.39 6.27 -28.91
C ALA P 17 13.75 6.18 -28.23
N ALA P 18 14.49 7.29 -28.22
CA ALA P 18 15.81 7.30 -27.57
C ALA P 18 15.70 7.00 -26.08
N ASN P 19 14.72 7.63 -25.41
CA ASN P 19 14.55 7.39 -23.98
C ASN P 19 14.18 5.94 -23.70
N ASN P 20 13.29 5.37 -24.51
CA ASN P 20 12.93 3.97 -24.35
C ASN P 20 14.13 3.05 -24.52
N ALA P 21 14.98 3.34 -25.52
CA ALA P 21 16.17 2.53 -25.73
C ALA P 21 17.11 2.60 -24.53
N ALA P 22 17.31 3.80 -23.98
CA ALA P 22 18.19 3.94 -22.82
C ALA P 22 17.65 3.19 -21.62
N ALA P 23 16.33 3.29 -21.39
CA ALA P 23 15.72 2.57 -20.29
C ALA P 23 15.87 1.05 -20.46
N SER P 24 15.74 0.57 -21.69
CA SER P 24 15.92 -0.85 -21.94
C SER P 24 17.36 -1.29 -21.65
N LYS P 25 18.34 -0.48 -22.05
CA LYS P 25 19.73 -0.79 -21.72
C LYS P 25 19.94 -0.87 -20.22
N ASN P 26 19.35 0.07 -19.47
CA ASN P 26 19.49 0.06 -18.02
C ASN P 26 18.83 -1.19 -17.42
N LEU P 27 17.69 -1.59 -17.95
CA LEU P 27 17.04 -2.81 -17.50
C LEU P 27 17.94 -4.02 -17.73
N GLU P 28 18.56 -4.08 -18.90
CA GLU P 28 19.51 -5.17 -19.19
C GLU P 28 20.63 -5.19 -18.16
N LYS P 29 21.23 -4.03 -17.88
CA LYS P 29 22.34 -3.99 -16.94
C LYS P 29 21.90 -4.34 -15.52
N LEU P 30 20.66 -4.05 -15.16
CA LEU P 30 20.19 -4.35 -13.81
C LEU P 30 19.83 -5.83 -13.66
N SER P 31 19.19 -6.41 -14.66
CA SER P 31 18.84 -7.82 -14.60
C SER P 31 20.07 -8.70 -14.68
N SER P 32 21.01 -8.36 -15.57
CA SER P 32 22.20 -9.19 -15.75
C SER P 32 23.10 -9.12 -14.53
N GLY P 33 23.17 -7.96 -13.88
CA GLY P 33 24.13 -7.73 -12.82
C GLY P 33 25.53 -7.37 -13.29
N PHE P 34 25.76 -7.27 -14.60
CA PHE P 34 27.05 -6.92 -15.17
C PHE P 34 26.90 -5.63 -15.96
N LYS P 35 27.96 -4.80 -15.91
CA LYS P 35 27.97 -3.53 -16.62
C LYS P 35 28.35 -3.69 -18.08
N ILE P 36 29.00 -4.79 -18.45
CA ILE P 36 29.49 -5.02 -19.80
C ILE P 36 28.93 -6.36 -20.24
N ASN P 37 27.84 -6.32 -21.02
CA ASN P 37 27.24 -7.50 -21.61
C ASN P 37 27.60 -7.67 -23.09
N ARG P 38 28.03 -6.60 -23.74
CA ARG P 38 28.46 -6.63 -25.13
C ARG P 38 29.78 -5.90 -25.24
N ALA P 39 30.47 -6.08 -26.37
CA ALA P 39 31.71 -5.36 -26.60
C ALA P 39 31.46 -3.90 -26.97
N GLY P 40 30.27 -3.58 -27.48
CA GLY P 40 29.93 -2.19 -27.71
C GLY P 40 29.85 -1.38 -26.44
N ASP P 41 29.52 -2.03 -25.32
CA ASP P 41 29.53 -1.36 -24.03
C ASP P 41 30.91 -0.81 -23.72
N ASP P 42 31.94 -1.66 -23.81
CA ASP P 42 33.30 -1.24 -23.48
C ASP P 42 34.26 -2.28 -24.04
N ALA P 43 35.10 -1.87 -24.99
CA ALA P 43 36.03 -2.80 -25.62
C ALA P 43 37.22 -3.10 -24.72
N ALA P 44 37.92 -2.07 -24.26
CA ALA P 44 39.03 -2.23 -23.32
C ALA P 44 38.47 -2.37 -21.92
N GLY P 45 38.42 -3.60 -21.42
CA GLY P 45 37.74 -3.92 -20.18
C GLY P 45 37.05 -5.25 -20.31
N LEU P 46 36.48 -5.53 -21.48
CA LEU P 46 36.03 -6.88 -21.78
C LEU P 46 37.20 -7.85 -21.81
N ALA P 47 38.25 -7.51 -22.57
CA ALA P 47 39.46 -8.32 -22.62
C ALA P 47 40.09 -8.46 -21.25
N ILE P 48 40.17 -7.35 -20.51
CA ILE P 48 40.78 -7.38 -19.19
C ILE P 48 39.98 -8.28 -18.26
N SER P 49 38.64 -8.21 -18.33
CA SER P 49 37.80 -9.05 -17.51
C SER P 49 37.99 -10.53 -17.85
N GLU P 50 38.10 -10.85 -19.13
CA GLU P 50 38.28 -12.24 -19.52
C GLU P 50 39.63 -12.78 -19.04
N LYS P 51 40.70 -12.00 -19.23
CA LYS P 51 42.00 -12.43 -18.73
C LYS P 51 42.00 -12.59 -17.22
N MET P 52 41.34 -11.67 -16.51
CA MET P 52 41.30 -11.75 -15.06
C MET P 52 40.49 -12.95 -14.59
N ARG P 53 39.41 -13.28 -15.31
CA ARG P 53 38.64 -14.48 -14.99
C ARG P 53 39.48 -15.73 -15.18
N GLY P 54 40.23 -15.79 -16.28
CA GLY P 54 41.14 -16.90 -16.50
C GLY P 54 42.16 -17.04 -15.39
N GLN P 55 42.74 -15.91 -14.98
CA GLN P 55 43.73 -15.94 -13.90
C GLN P 55 43.12 -16.38 -12.58
N ILE P 56 41.89 -15.93 -12.30
CA ILE P 56 41.22 -16.31 -11.05
C ILE P 56 40.97 -17.80 -11.01
N SER P 57 40.41 -18.34 -12.10
CA SER P 57 40.17 -19.78 -12.17
C SER P 57 41.47 -20.57 -12.03
N GLY P 58 42.53 -20.12 -12.72
CA GLY P 58 43.80 -20.79 -12.62
C GLY P 58 44.38 -20.75 -11.21
N LEU P 59 44.23 -19.62 -10.53
CA LEU P 59 44.78 -19.49 -9.18
C LEU P 59 44.02 -20.37 -8.20
N ASN P 60 42.69 -20.43 -8.31
CA ASN P 60 41.93 -21.31 -7.43
C ASN P 60 42.26 -22.77 -7.69
N MET P 61 42.36 -23.16 -8.96
CA MET P 61 42.73 -24.54 -9.28
C MET P 61 44.14 -24.86 -8.81
N ALA P 62 45.05 -23.88 -8.84
CA ALA P 62 46.40 -24.10 -8.35
C ALA P 62 46.41 -24.27 -6.85
N SER P 63 45.56 -23.53 -6.13
CA SER P 63 45.40 -23.74 -4.70
C SER P 63 44.95 -25.17 -4.41
N LYS P 64 43.95 -25.63 -5.17
CA LYS P 64 43.48 -27.01 -5.04
C LYS P 64 44.61 -28.01 -5.27
N ASN P 65 45.39 -27.79 -6.34
CA ASN P 65 46.49 -28.69 -6.66
C ASN P 65 47.56 -28.70 -5.57
N SER P 66 47.85 -27.53 -5.00
CA SER P 66 48.83 -27.44 -3.93
C SER P 66 48.37 -28.21 -2.70
N SER P 67 47.07 -28.12 -2.38
CA SER P 67 46.54 -28.91 -1.27
C SER P 67 46.65 -30.41 -1.54
N ASP P 68 46.39 -30.81 -2.79
CA ASP P 68 46.54 -32.22 -3.15
C ASP P 68 47.98 -32.69 -2.96
N ALA P 69 48.94 -31.86 -3.38
CA ALA P 69 50.35 -32.19 -3.18
C ALA P 69 50.69 -32.30 -1.70
N ILE P 70 50.13 -31.43 -0.87
CA ILE P 70 50.35 -31.52 0.57
C ILE P 70 49.84 -32.84 1.11
N SER P 71 48.68 -33.28 0.62
CA SER P 71 48.13 -34.57 1.05
C SER P 71 49.06 -35.72 0.69
N LEU P 72 49.56 -35.72 -0.55
CA LEU P 72 50.52 -36.73 -0.99
C LEU P 72 51.75 -36.76 -0.09
N ILE P 73 52.31 -35.58 0.18
CA ILE P 73 53.53 -35.51 0.99
C ILE P 73 53.26 -36.02 2.40
N GLN P 74 52.10 -35.67 2.96
CA GLN P 74 51.74 -36.17 4.29
C GLN P 74 51.66 -37.69 4.29
N THR P 75 51.15 -38.27 3.19
CA THR P 75 51.10 -39.73 3.09
C THR P 75 52.50 -40.32 3.17
N ALA P 76 53.43 -39.76 2.40
CA ALA P 76 54.80 -40.29 2.41
C ALA P 76 55.47 -40.15 3.77
N GLU P 77 55.30 -38.99 4.42
CA GLU P 77 55.90 -38.80 5.74
C GLU P 77 55.32 -39.78 6.77
N GLY P 78 54.01 -39.99 6.74
CA GLY P 78 53.41 -40.98 7.61
C GLY P 78 53.93 -42.37 7.33
N GLY P 79 54.22 -42.68 6.07
CA GLY P 79 54.86 -43.94 5.76
C GLY P 79 56.23 -44.08 6.39
N LEU P 80 57.02 -43.00 6.39
CA LEU P 80 58.39 -43.08 6.91
C LEU P 80 58.48 -43.02 8.43
N ASN P 81 57.43 -42.54 9.11
CA ASN P 81 57.44 -42.56 10.57
C ASN P 81 57.58 -43.99 11.11
N GLU P 82 56.87 -44.94 10.51
CA GLU P 82 56.97 -46.32 10.98
C GLU P 82 58.33 -46.93 10.62
N THR P 83 58.92 -46.49 9.52
CA THR P 83 60.30 -46.86 9.21
C THR P 83 61.23 -46.45 10.34
N HIS P 84 61.12 -45.19 10.79
CA HIS P 84 61.88 -44.75 11.96
C HIS P 84 61.67 -45.67 13.16
N ALA P 85 60.41 -45.97 13.47
CA ALA P 85 60.10 -46.76 14.65
C ALA P 85 60.73 -48.15 14.59
N ILE P 86 60.53 -48.86 13.49
CA ILE P 86 61.05 -50.22 13.42
C ILE P 86 62.57 -50.22 13.30
N LEU P 87 63.16 -49.16 12.75
CA LEU P 87 64.61 -49.05 12.75
C LEU P 87 65.14 -48.91 14.17
N GLN P 88 64.47 -48.12 15.00
CA GLN P 88 64.85 -48.02 16.40
C GLN P 88 64.77 -49.40 17.08
N ARG P 89 63.68 -50.12 16.81
CA ARG P 89 63.53 -51.45 17.41
C ARG P 89 64.64 -52.39 16.95
N MET P 90 65.00 -52.34 15.66
CA MET P 90 66.07 -53.17 15.12
C MET P 90 67.42 -52.84 15.76
N ARG P 91 67.69 -51.56 15.97
CA ARG P 91 68.92 -51.17 16.65
C ARG P 91 68.96 -51.71 18.08
N GLU P 92 67.83 -51.62 18.78
CA GLU P 92 67.75 -52.18 20.13
C GLU P 92 68.04 -53.68 20.12
N LEU P 93 67.43 -54.39 19.16
CA LEU P 93 67.66 -55.83 19.00
C LEU P 93 69.12 -56.15 18.73
N ALA P 94 69.78 -55.36 17.88
CA ALA P 94 71.19 -55.61 17.58
C ALA P 94 72.06 -55.37 18.80
N VAL P 95 71.80 -54.29 19.54
CA VAL P 95 72.59 -54.00 20.73
C VAL P 95 72.42 -55.11 21.76
N GLN P 96 71.22 -55.68 21.85
CA GLN P 96 71.03 -56.82 22.76
C GLN P 96 71.70 -58.08 22.25
N SER P 97 71.60 -58.36 20.95
CA SER P 97 72.24 -59.52 20.35
C SER P 97 73.76 -59.47 20.47
N ARG P 98 74.35 -58.28 20.53
CA ARG P 98 75.78 -58.08 20.47
C ARG P 98 76.52 -58.63 21.69
N ASN P 99 75.83 -58.79 22.81
CA ASN P 99 76.46 -59.25 24.05
C ASN P 99 76.70 -60.76 24.01
N ASP P 100 77.72 -61.20 24.76
CA ASP P 100 78.14 -62.60 24.77
C ASP P 100 77.41 -63.46 25.80
N THR P 101 76.43 -62.88 26.50
CA THR P 101 75.54 -63.71 27.32
C THR P 101 74.69 -64.64 26.45
N ASN P 102 74.45 -64.25 25.20
CA ASN P 102 73.58 -65.01 24.32
C ASN P 102 74.36 -66.13 23.63
N ASP P 103 73.72 -67.29 23.50
CA ASP P 103 74.34 -68.47 22.91
C ASP P 103 73.76 -68.76 21.54
N GLU P 104 74.65 -69.03 20.58
CA GLU P 104 74.21 -69.56 19.29
C GLU P 104 73.71 -70.99 19.39
N ALA P 105 74.20 -71.76 20.38
CA ALA P 105 73.84 -73.16 20.49
C ALA P 105 72.35 -73.32 20.84
N THR P 106 71.91 -72.66 21.92
CA THR P 106 70.53 -72.77 22.38
C THR P 106 69.65 -71.67 21.81
N ASN P 107 70.00 -71.14 20.63
CA ASN P 107 69.06 -70.40 19.78
C ASN P 107 68.64 -69.07 20.41
N ASP P 108 69.56 -68.41 21.12
CA ASP P 108 69.26 -67.10 21.72
C ASP P 108 69.23 -66.01 20.66
N ARG P 109 70.22 -65.99 19.77
CA ARG P 109 70.30 -64.96 18.75
C ARG P 109 69.43 -65.24 17.53
N SER P 110 69.10 -66.51 17.26
CA SER P 110 68.25 -66.81 16.11
C SER P 110 66.83 -66.30 16.30
N ASN P 111 66.38 -66.16 17.55
CA ASN P 111 65.06 -65.55 17.78
C ASN P 111 65.09 -64.04 17.53
N LEU P 112 66.18 -63.37 17.92
CA LEU P 112 66.31 -61.96 17.59
C LEU P 112 66.46 -61.79 16.08
N ASN P 113 67.06 -62.78 15.41
CA ASN P 113 67.14 -62.75 13.95
C ASN P 113 65.78 -62.98 13.30
N ASP P 114 64.95 -63.86 13.88
CA ASP P 114 63.54 -63.98 13.46
C ASP P 114 62.85 -62.61 13.51
N GLU P 115 62.96 -61.94 14.65
CA GLU P 115 62.39 -60.62 14.82
C GLU P 115 62.92 -59.64 13.77
N LEU P 116 64.24 -59.65 13.57
CA LEU P 116 64.88 -58.73 12.63
C LEU P 116 64.43 -58.99 11.20
N LYS P 117 64.33 -60.25 10.80
CA LYS P 117 63.87 -60.58 9.45
C LYS P 117 62.43 -60.13 9.23
N GLN P 118 61.57 -60.31 10.24
CA GLN P 118 60.20 -59.84 10.08
C GLN P 118 60.15 -58.31 9.96
N LEU P 119 60.99 -57.61 10.72
CA LEU P 119 61.00 -56.15 10.61
C LEU P 119 61.58 -55.70 9.27
N GLN P 120 62.50 -56.47 8.69
CA GLN P 120 63.02 -56.15 7.37
C GLN P 120 61.96 -56.39 6.27
N GLU P 121 61.17 -57.45 6.43
CA GLU P 121 60.06 -57.62 5.50
C GLU P 121 59.06 -56.48 5.63
N GLU P 122 58.86 -55.96 6.84
CA GLU P 122 57.94 -54.84 7.02
C GLU P 122 58.49 -53.54 6.43
N ILE P 123 59.80 -53.28 6.61
CA ILE P 123 60.38 -52.06 6.03
C ILE P 123 60.33 -52.11 4.51
N THR P 124 60.45 -53.29 3.91
CA THR P 124 60.26 -53.38 2.45
C THR P 124 58.79 -53.25 2.06
N ARG P 125 57.89 -53.81 2.89
CA ARG P 125 56.46 -53.77 2.59
C ARG P 125 55.94 -52.34 2.57
N ILE P 126 56.35 -51.53 3.56
CA ILE P 126 55.91 -50.14 3.61
C ILE P 126 56.39 -49.40 2.37
N SER P 127 57.60 -49.73 1.91
CA SER P 127 58.13 -49.08 0.71
C SER P 127 57.25 -49.38 -0.50
N SER P 128 57.09 -50.66 -0.85
CA SER P 128 56.42 -51.03 -2.09
C SER P 128 54.96 -51.43 -1.91
N GLN P 129 54.27 -50.89 -0.90
CA GLN P 129 52.82 -50.98 -0.80
C GLN P 129 52.20 -49.65 -0.36
N MET P 130 52.91 -48.55 -0.58
CA MET P 130 52.43 -47.21 -0.28
C MET P 130 51.95 -46.57 -1.58
N GLU P 131 50.80 -45.91 -1.56
CA GLU P 131 50.27 -45.33 -2.80
C GLU P 131 49.30 -44.21 -2.49
N PHE P 132 49.23 -43.26 -3.41
CA PHE P 132 48.29 -42.15 -3.39
C PHE P 132 47.67 -42.06 -4.77
N ASN P 133 46.39 -42.43 -4.88
CA ASN P 133 45.68 -42.39 -6.15
C ASN P 133 46.29 -43.37 -7.16
N ASN P 134 46.65 -44.56 -6.67
CA ASN P 134 47.26 -45.60 -7.51
C ASN P 134 48.60 -45.14 -8.07
N LYS P 135 49.49 -44.70 -7.17
CA LYS P 135 50.79 -44.15 -7.55
C LYS P 135 51.81 -44.57 -6.50
N LYS P 136 52.66 -45.51 -6.85
CA LYS P 136 53.71 -45.96 -5.93
C LYS P 136 54.73 -44.85 -5.73
N LEU P 137 55.00 -44.51 -4.48
CA LEU P 137 55.83 -43.37 -4.11
C LEU P 137 57.25 -43.76 -3.70
N LEU P 138 57.40 -44.71 -2.78
CA LEU P 138 58.67 -45.04 -2.15
C LEU P 138 59.35 -46.25 -2.76
N ASP P 139 59.30 -46.38 -4.09
CA ASP P 139 59.83 -47.53 -4.79
C ASP P 139 61.01 -47.14 -5.67
N GLY P 140 61.06 -45.89 -6.09
CA GLY P 140 61.92 -45.41 -7.15
C GLY P 140 61.20 -45.02 -8.43
N SER P 141 59.86 -44.99 -8.43
CA SER P 141 59.13 -44.55 -9.62
C SER P 141 59.39 -43.08 -9.91
N GLN P 142 59.37 -42.25 -8.88
CA GLN P 142 59.55 -40.81 -9.04
C GLN P 142 61.01 -40.38 -8.96
N SER P 143 61.92 -41.28 -8.62
CA SER P 143 63.34 -40.93 -8.55
C SER P 143 63.97 -40.76 -9.92
N THR P 144 63.27 -41.14 -11.00
CA THR P 144 63.83 -41.05 -12.34
C THR P 144 63.58 -39.68 -12.95
N ASN P 145 62.33 -39.22 -12.93
CA ASN P 145 61.95 -37.94 -13.52
C ASN P 145 61.39 -36.97 -12.49
N GLY P 146 60.44 -37.41 -11.67
CA GLY P 146 59.92 -36.62 -10.56
C GLY P 146 58.48 -36.21 -10.78
N LEU P 147 57.81 -35.89 -9.68
CA LEU P 147 56.44 -35.40 -9.68
C LEU P 147 56.43 -33.89 -9.86
N THR P 148 55.61 -33.42 -10.79
CA THR P 148 55.52 -32.00 -11.13
C THR P 148 54.16 -31.47 -10.71
N PHE P 149 54.17 -30.45 -9.86
CA PHE P 149 52.96 -29.80 -9.38
C PHE P 149 52.81 -28.44 -10.02
N GLN P 150 51.64 -28.20 -10.61
CA GLN P 150 51.27 -26.90 -11.17
C GLN P 150 50.71 -26.05 -10.05
N ILE P 151 51.48 -25.03 -9.64
CA ILE P 151 51.12 -24.17 -8.52
C ILE P 151 50.92 -22.74 -9.03
N GLY P 152 50.45 -22.62 -10.26
CA GLY P 152 50.23 -21.32 -10.86
C GLY P 152 49.26 -21.41 -12.01
N ALA P 153 48.64 -20.26 -12.31
CA ALA P 153 47.64 -20.22 -13.38
C ALA P 153 48.27 -20.46 -14.74
N ASN P 154 49.43 -19.87 -15.00
CA ASN P 154 50.04 -19.88 -16.32
C ASN P 154 50.95 -21.10 -16.49
N ALA P 155 51.46 -21.25 -17.71
CA ALA P 155 52.34 -22.36 -18.03
C ALA P 155 53.75 -22.08 -17.52
N GLY P 156 54.41 -23.15 -17.07
CA GLY P 156 55.74 -23.05 -16.51
C GLY P 156 55.81 -22.75 -15.04
N GLN P 157 54.69 -22.37 -14.41
CA GLN P 157 54.66 -22.08 -12.98
C GLN P 157 54.49 -23.38 -12.21
N THR P 158 55.56 -24.18 -12.22
CA THR P 158 55.56 -25.53 -11.71
C THR P 158 56.66 -25.71 -10.67
N ILE P 159 56.58 -26.81 -9.95
CA ILE P 159 57.68 -27.26 -9.10
C ILE P 159 57.86 -28.77 -9.29
N THR P 160 59.10 -29.21 -9.44
CA THR P 160 59.44 -30.62 -9.56
C THR P 160 59.91 -31.14 -8.22
N MET P 161 59.66 -32.43 -8.00
CA MET P 161 59.99 -33.09 -6.75
C MET P 161 60.45 -34.52 -7.06
N LYS P 162 61.26 -35.07 -6.17
CA LYS P 162 61.79 -36.40 -6.34
C LYS P 162 61.83 -37.11 -4.99
N ILE P 163 61.54 -38.41 -5.01
CA ILE P 163 61.58 -39.25 -3.81
C ILE P 163 62.42 -40.46 -4.15
N SER P 164 63.34 -40.81 -3.26
CA SER P 164 64.30 -41.88 -3.49
C SER P 164 63.72 -43.22 -3.07
N THR P 165 64.37 -44.29 -3.54
CA THR P 165 64.01 -45.63 -3.09
C THR P 165 64.39 -45.79 -1.62
N MET P 166 63.44 -46.25 -0.81
CA MET P 166 63.58 -46.41 0.63
C MET P 166 63.34 -47.86 1.05
N SER P 167 63.88 -48.79 0.27
CA SER P 167 63.86 -50.20 0.62
C SER P 167 65.09 -50.58 1.45
N ALA P 168 65.09 -51.83 1.92
CA ALA P 168 66.20 -52.30 2.74
C ALA P 168 67.48 -52.47 1.93
N THR P 169 67.35 -52.84 0.65
CA THR P 169 68.53 -53.03 -0.19
C THR P 169 69.28 -51.71 -0.41
N LYS P 170 68.54 -50.63 -0.63
CA LYS P 170 69.17 -49.35 -0.92
C LYS P 170 69.92 -48.81 0.29
N LEU P 171 69.41 -49.08 1.49
CA LEU P 171 69.96 -48.54 2.72
C LEU P 171 70.98 -49.45 3.39
N GLY P 172 71.34 -50.57 2.76
CA GLY P 172 72.38 -51.43 3.30
C GLY P 172 72.01 -52.07 4.63
N VAL P 173 70.73 -52.39 4.80
CA VAL P 173 70.23 -53.02 6.04
C VAL P 173 69.49 -54.31 5.76
N ASP P 174 69.33 -54.71 4.50
CA ASP P 174 68.76 -56.01 4.16
C ASP P 174 69.55 -57.15 4.79
N ALA P 175 68.91 -58.32 4.86
CA ALA P 175 69.46 -59.45 5.58
C ALA P 175 70.78 -59.95 4.99
N ALA P 176 71.07 -59.64 3.72
CA ALA P 176 72.34 -60.04 3.13
C ALA P 176 73.53 -59.30 3.71
N LYS P 177 73.31 -58.19 4.43
CA LYS P 177 74.41 -57.41 4.99
C LYS P 177 74.14 -56.92 6.41
N ALA P 178 73.05 -57.37 7.06
CA ALA P 178 72.71 -56.90 8.40
C ALA P 178 72.18 -58.01 9.29
N SER P 179 72.66 -59.23 9.11
CA SER P 179 72.30 -60.30 10.02
C SER P 179 72.86 -60.03 11.41
N ILE P 180 72.22 -60.63 12.42
CA ILE P 180 72.71 -60.60 13.79
C ILE P 180 72.83 -62.04 14.30
N SER P 181 73.09 -62.98 13.39
CA SER P 181 73.42 -64.34 13.79
C SER P 181 74.62 -64.37 14.72
N LYS P 182 75.67 -63.64 14.38
CA LYS P 182 76.92 -63.66 15.14
C LYS P 182 76.95 -62.48 16.10
N GLY P 183 78.06 -62.36 16.83
CA GLY P 183 78.36 -61.17 17.59
C GLY P 183 79.00 -60.12 16.73
N THR P 184 79.82 -60.56 15.76
CA THR P 184 80.52 -59.62 14.89
C THR P 184 79.55 -58.88 13.97
N ALA P 185 78.55 -59.60 13.44
CA ALA P 185 77.64 -58.99 12.48
C ALA P 185 76.77 -57.91 13.12
N ALA P 186 76.45 -58.05 14.40
CA ALA P 186 75.69 -57.02 15.10
C ALA P 186 76.47 -55.71 15.18
N SER P 187 77.80 -55.81 15.30
CA SER P 187 78.64 -54.61 15.30
C SER P 187 78.42 -53.78 14.05
N LYS P 188 78.48 -54.42 12.88
CA LYS P 188 78.23 -53.71 11.64
C LYS P 188 76.76 -53.31 11.52
N ALA P 189 75.85 -54.14 12.06
CA ALA P 189 74.42 -53.86 11.94
C ALA P 189 74.05 -52.57 12.66
N ILE P 190 74.69 -52.30 13.80
CA ILE P 190 74.39 -51.09 14.55
C ILE P 190 74.71 -49.85 13.70
N LYS P 191 75.91 -49.81 13.12
CA LYS P 191 76.31 -48.69 12.29
C LYS P 191 75.44 -48.58 11.05
N SER P 192 75.10 -49.73 10.46
CA SER P 192 74.25 -49.77 9.28
C SER P 192 72.89 -49.17 9.58
N ILE P 193 72.33 -49.52 10.75
CA ILE P 193 71.02 -49.01 11.15
C ILE P 193 71.08 -47.51 11.43
N ASP P 194 72.18 -47.05 12.04
CA ASP P 194 72.35 -45.60 12.26
C ASP P 194 72.38 -44.85 10.94
N ASP P 195 73.14 -45.35 9.97
CA ASP P 195 73.20 -44.71 8.66
C ASP P 195 71.82 -44.68 8.01
N ALA P 196 71.06 -45.76 8.13
CA ALA P 196 69.72 -45.79 7.55
C ALA P 196 68.79 -44.78 8.22
N ILE P 197 68.85 -44.68 9.56
CA ILE P 197 68.03 -43.70 10.27
C ILE P 197 68.35 -42.29 9.81
N ASN P 198 69.64 -41.97 9.68
CA ASN P 198 70.03 -40.64 9.22
C ASN P 198 69.52 -40.37 7.82
N THR P 199 69.64 -41.35 6.92
CA THR P 199 69.18 -41.16 5.55
C THR P 199 67.68 -40.91 5.49
N VAL P 200 66.90 -41.68 6.24
CA VAL P 200 65.45 -41.51 6.15
C VAL P 200 65.03 -40.20 6.83
N SER P 201 65.76 -39.77 7.86
CA SER P 201 65.53 -38.44 8.41
C SER P 201 65.78 -37.35 7.36
N LYS P 202 66.86 -37.50 6.60
CA LYS P 202 67.15 -36.54 5.53
C LYS P 202 66.00 -36.48 4.52
N THR P 203 65.51 -37.64 4.11
CA THR P 203 64.40 -37.67 3.14
C THR P 203 63.14 -37.02 3.72
N ARG P 204 62.82 -37.30 4.98
CA ARG P 204 61.67 -36.66 5.62
C ARG P 204 61.82 -35.15 5.66
N SER P 205 63.01 -34.66 5.97
CA SER P 205 63.27 -33.22 5.94
C SER P 205 63.01 -32.66 4.55
N ALA P 206 63.49 -33.36 3.52
CA ALA P 206 63.30 -32.90 2.15
C ALA P 206 61.82 -32.79 1.80
N LEU P 207 61.00 -33.71 2.31
CA LEU P 207 59.57 -33.64 2.05
C LEU P 207 58.92 -32.48 2.80
N GLY P 208 59.26 -32.33 4.09
CA GLY P 208 58.65 -31.30 4.90
C GLY P 208 58.95 -29.90 4.40
N ALA P 209 60.15 -29.70 3.83
CA ALA P 209 60.47 -28.40 3.25
C ALA P 209 59.50 -28.02 2.14
N VAL P 210 59.20 -28.97 1.25
CA VAL P 210 58.28 -28.69 0.15
C VAL P 210 56.88 -28.45 0.69
N GLN P 211 56.50 -29.17 1.74
CA GLN P 211 55.19 -28.92 2.37
C GLN P 211 55.09 -27.49 2.87
N ASN P 212 56.10 -27.05 3.62
CA ASN P 212 56.11 -25.70 4.17
C ASN P 212 56.11 -24.65 3.06
N ARG P 213 56.80 -24.93 1.96
CA ARG P 213 56.76 -24.02 0.81
C ARG P 213 55.36 -23.92 0.25
N LEU P 214 54.69 -25.06 0.08
CA LEU P 214 53.37 -25.06 -0.53
C LEU P 214 52.35 -24.31 0.32
N GLU P 215 52.54 -24.32 1.63
CA GLU P 215 51.64 -23.53 2.49
C GLU P 215 51.69 -22.04 2.16
N HIS P 216 52.91 -21.48 2.13
CA HIS P 216 53.09 -20.08 1.74
C HIS P 216 52.55 -19.82 0.34
N THR P 217 52.78 -20.77 -0.57
CA THR P 217 52.25 -20.63 -1.93
C THR P 217 50.73 -20.52 -1.93
N ILE P 218 50.06 -21.33 -1.10
CA ILE P 218 48.61 -21.28 -1.03
C ILE P 218 48.13 -19.94 -0.49
N ASN P 219 48.81 -19.42 0.53
CA ASN P 219 48.45 -18.11 1.07
C ASN P 219 48.56 -17.03 0.00
N ASN P 220 49.67 -17.02 -0.72
CA ASN P 220 49.87 -16.02 -1.77
C ASN P 220 48.83 -16.15 -2.87
N LEU P 221 48.49 -17.38 -3.24
CA LEU P 221 47.48 -17.59 -4.28
C LEU P 221 46.13 -17.06 -3.84
N GLY P 222 45.74 -17.31 -2.59
CA GLY P 222 44.48 -16.79 -2.08
C GLY P 222 44.43 -15.28 -2.10
N THR P 223 45.51 -14.64 -1.64
CA THR P 223 45.57 -13.17 -1.64
C THR P 223 45.44 -12.62 -3.06
N SER P 224 46.20 -13.18 -4.00
CA SER P 224 46.16 -12.71 -5.37
C SER P 224 44.79 -12.92 -6.00
N ALA P 225 44.15 -14.05 -5.71
CA ALA P 225 42.83 -14.31 -6.26
C ALA P 225 41.81 -13.33 -5.74
N GLU P 226 41.85 -13.02 -4.44
CA GLU P 226 40.93 -12.03 -3.90
C GLU P 226 41.14 -10.65 -4.53
N ASN P 227 42.40 -10.24 -4.67
CA ASN P 227 42.68 -8.92 -5.23
C ASN P 227 42.21 -8.84 -6.68
N LEU P 228 42.50 -9.85 -7.50
CA LEU P 228 42.06 -9.83 -8.89
C LEU P 228 40.55 -9.94 -8.99
N THR P 229 39.90 -10.65 -8.06
CA THR P 229 38.45 -10.70 -8.04
C THR P 229 37.86 -9.31 -7.78
N ALA P 230 38.44 -8.58 -6.83
CA ALA P 230 38.01 -7.21 -6.58
C ALA P 230 38.18 -6.35 -7.82
N ALA P 231 39.33 -6.46 -8.48
CA ALA P 231 39.58 -5.68 -9.70
C ALA P 231 38.56 -6.00 -10.79
N GLU P 232 38.32 -7.30 -11.03
CA GLU P 232 37.38 -7.70 -12.07
C GLU P 232 35.96 -7.24 -11.74
N SER P 233 35.59 -7.30 -10.46
CA SER P 233 34.28 -6.82 -10.03
C SER P 233 34.15 -5.33 -10.32
N ARG P 234 35.15 -4.55 -9.96
CA ARG P 234 35.08 -3.12 -10.20
C ARG P 234 35.07 -2.79 -11.69
N ILE P 235 35.71 -3.62 -12.51
CA ILE P 235 35.72 -3.36 -13.95
C ILE P 235 34.36 -3.67 -14.56
N ARG P 236 33.88 -4.92 -14.36
CA ARG P 236 32.75 -5.42 -15.13
C ARG P 236 31.41 -5.30 -14.42
N ASP P 237 31.34 -5.57 -13.12
CA ASP P 237 30.06 -5.51 -12.43
C ASP P 237 29.57 -4.06 -12.34
N THR P 238 28.26 -3.92 -12.16
CA THR P 238 27.60 -2.63 -12.17
C THR P 238 27.09 -2.28 -10.77
N ASP P 239 27.07 -0.98 -10.48
CA ASP P 239 26.48 -0.50 -9.23
C ASP P 239 24.98 -0.36 -9.41
N MET P 240 24.22 -0.99 -8.51
CA MET P 240 22.77 -1.03 -8.65
C MET P 240 22.16 0.36 -8.52
N ALA P 241 22.71 1.18 -7.63
CA ALA P 241 22.11 2.48 -7.33
C ALA P 241 22.16 3.41 -8.53
N ALA P 242 23.31 3.49 -9.20
CA ALA P 242 23.45 4.38 -10.34
C ALA P 242 22.52 3.98 -11.48
N GLU P 243 22.43 2.67 -11.76
CA GLU P 243 21.55 2.21 -12.83
C GLU P 243 20.09 2.41 -12.46
N MET P 244 19.74 2.26 -11.18
CA MET P 244 18.39 2.56 -10.73
C MET P 244 18.05 4.03 -10.96
N MET P 245 18.98 4.92 -10.59
CA MET P 245 18.81 6.35 -10.86
C MET P 245 18.56 6.60 -12.34
N ALA P 246 19.43 6.07 -13.19
CA ALA P 246 19.32 6.30 -14.62
C ALA P 246 18.01 5.75 -15.18
N PHE P 247 17.58 4.58 -14.69
CA PHE P 247 16.35 3.97 -15.17
C PHE P 247 15.13 4.79 -14.80
N THR P 248 15.08 5.27 -13.55
CA THR P 248 13.98 6.13 -13.13
C THR P 248 13.95 7.42 -13.94
N LYS P 249 15.12 8.03 -14.15
CA LYS P 249 15.21 9.24 -14.97
C LYS P 249 14.67 9.00 -16.37
N ASN P 250 15.10 7.90 -17.01
CA ASN P 250 14.67 7.62 -18.37
C ASN P 250 13.18 7.32 -18.44
N ASN P 251 12.62 6.67 -17.42
CA ASN P 251 11.17 6.44 -17.40
C ASN P 251 10.42 7.77 -17.32
N ILE P 252 10.87 8.67 -16.44
CA ILE P 252 10.22 9.97 -16.32
C ILE P 252 10.29 10.73 -17.64
N LEU P 253 11.44 10.67 -18.31
CA LEU P 253 11.58 11.33 -19.60
C LEU P 253 10.67 10.71 -20.65
N THR P 254 10.52 9.38 -20.62
CA THR P 254 9.62 8.69 -21.54
C THR P 254 8.19 9.16 -21.34
N GLN P 255 7.75 9.25 -20.08
CA GLN P 255 6.40 9.73 -19.80
C GLN P 255 6.20 11.16 -20.28
N ALA P 256 7.19 12.02 -20.04
CA ALA P 256 7.10 13.40 -20.49
C ALA P 256 6.97 13.47 -22.00
N ALA P 257 7.77 12.69 -22.73
CA ALA P 257 7.70 12.69 -24.18
C ALA P 257 6.36 12.14 -24.67
N GLN P 258 5.81 11.15 -23.98
CA GLN P 258 4.51 10.62 -24.33
C GLN P 258 3.43 11.70 -24.23
N SER P 259 3.41 12.42 -23.11
CA SER P 259 2.44 13.50 -22.94
C SER P 259 2.65 14.60 -24.00
N MET P 260 3.90 14.94 -24.27
CA MET P 260 4.18 15.96 -25.27
C MET P 260 3.69 15.55 -26.65
N LEU P 261 3.84 14.27 -26.99
CA LEU P 261 3.36 13.79 -28.28
C LEU P 261 1.85 13.79 -28.34
N ALA P 262 1.20 13.40 -27.24
CA ALA P 262 -0.26 13.47 -27.19
C ALA P 262 -0.76 14.89 -27.41
N GLN P 263 -0.03 15.87 -26.88
CA GLN P 263 -0.40 17.27 -27.12
C GLN P 263 -0.14 17.67 -28.57
N ALA P 264 1.04 17.34 -29.09
CA ALA P 264 1.41 17.74 -30.44
C ALA P 264 0.49 17.15 -31.49
N ASN P 265 -0.06 15.97 -31.25
CA ASN P 265 -1.02 15.39 -32.18
C ASN P 265 -2.32 16.19 -32.20
N GLN P 266 -2.72 16.77 -31.07
CA GLN P 266 -3.93 17.57 -31.00
C GLN P 266 -3.72 19.01 -31.47
N GLN P 267 -2.46 19.48 -31.49
CA GLN P 267 -2.19 20.87 -31.86
C GLN P 267 -2.74 21.24 -33.24
N PRO P 268 -2.53 20.47 -34.31
CA PRO P 268 -3.09 20.90 -35.62
C PRO P 268 -4.57 20.59 -35.80
N GLN P 269 -5.40 21.49 -35.28
CA GLN P 269 -6.86 21.43 -35.45
C GLN P 269 -7.33 22.83 -35.84
N GLY P 270 -7.34 23.09 -37.14
CA GLY P 270 -7.83 24.33 -37.70
C GLY P 270 -9.04 24.09 -38.57
N VAL P 271 -9.87 23.12 -38.17
CA VAL P 271 -11.08 22.82 -38.94
C VAL P 271 -12.11 23.92 -38.78
N LEU P 272 -12.05 24.70 -37.70
CA LEU P 272 -13.01 25.79 -37.52
C LEU P 272 -12.78 26.95 -38.48
N GLN P 273 -11.66 26.99 -39.20
CA GLN P 273 -11.55 27.93 -40.30
C GLN P 273 -12.62 27.66 -41.34
N LEU P 274 -12.75 26.40 -41.73
CA LEU P 274 -13.54 26.03 -42.90
C LEU P 274 -15.03 26.06 -42.58
N LEU P 275 -15.45 25.20 -41.65
CA LEU P 275 -16.86 25.06 -41.31
C LEU P 275 -17.24 26.07 -40.24
N GLN P 276 -18.49 26.00 -39.77
CA GLN P 276 -18.93 26.88 -38.70
C GLN P 276 -20.26 26.37 -38.14
N MET Q 1 -19.55 0.54 -50.16
CA MET Q 1 -18.51 1.57 -50.21
C MET Q 1 -18.44 2.68 -49.15
N ARG Q 2 -19.59 3.21 -48.71
CA ARG Q 2 -19.64 4.34 -47.80
C ARG Q 2 -20.35 4.03 -46.49
N ILE Q 3 -21.59 3.52 -46.56
CA ILE Q 3 -22.49 3.50 -45.39
C ILE Q 3 -22.83 2.07 -45.00
N GLN Q 4 -23.41 1.32 -45.94
CA GLN Q 4 -23.99 0.01 -45.65
C GLN Q 4 -22.99 -0.97 -45.08
N HIS Q 5 -21.70 -0.79 -45.33
CA HIS Q 5 -20.67 -1.70 -44.85
C HIS Q 5 -19.45 -0.89 -44.42
N ASN Q 6 -18.88 -1.25 -43.27
CA ASN Q 6 -17.72 -0.56 -42.70
C ASN Q 6 -16.64 -1.60 -42.38
N ILE Q 7 -15.74 -1.82 -43.34
CA ILE Q 7 -14.87 -3.00 -43.30
C ILE Q 7 -13.78 -2.86 -42.25
N ALA Q 8 -13.33 -1.63 -41.98
CA ALA Q 8 -12.33 -1.41 -40.95
C ALA Q 8 -12.81 -1.90 -39.59
N ALA Q 9 -14.07 -1.62 -39.28
CA ALA Q 9 -14.64 -2.07 -38.01
C ALA Q 9 -14.73 -3.59 -37.94
N LEU Q 10 -15.02 -4.24 -39.07
CA LEU Q 10 -15.03 -5.70 -39.10
C LEU Q 10 -13.65 -6.27 -38.79
N ASN Q 11 -12.62 -5.73 -39.44
CA ASN Q 11 -11.26 -6.20 -39.18
C ASN Q 11 -10.88 -5.98 -37.72
N THR Q 12 -11.23 -4.81 -37.18
CA THR Q 12 -10.93 -4.51 -35.78
C THR Q 12 -11.65 -5.48 -34.86
N HIS Q 13 -12.89 -5.83 -35.18
CA HIS Q 13 -13.65 -6.78 -34.37
C HIS Q 13 -12.99 -8.15 -34.39
N ARG Q 14 -12.55 -8.60 -35.57
CA ARG Q 14 -11.82 -9.87 -35.68
C ARG Q 14 -10.61 -9.88 -34.76
N ASN Q 15 -9.77 -8.86 -34.89
CA ASN Q 15 -8.54 -8.82 -34.09
C ASN Q 15 -8.84 -8.75 -32.60
N LEU Q 16 -9.88 -8.01 -32.23
CA LEU Q 16 -10.28 -7.92 -30.83
C LEU Q 16 -10.71 -9.28 -30.28
N ALA Q 17 -11.51 -10.02 -31.05
CA ALA Q 17 -11.92 -11.35 -30.65
C ALA Q 17 -10.72 -12.27 -30.47
N ALA Q 18 -9.77 -12.22 -31.41
CA ALA Q 18 -8.58 -13.05 -31.30
C ALA Q 18 -7.78 -12.73 -30.04
N ASN Q 19 -7.59 -11.44 -29.75
CA ASN Q 19 -6.84 -11.05 -28.57
C ASN Q 19 -7.55 -11.51 -27.29
N ASN Q 20 -8.87 -11.37 -27.24
CA ASN Q 20 -9.63 -11.84 -26.08
C ASN Q 20 -9.47 -13.34 -25.89
N ALA Q 21 -9.52 -14.11 -26.98
CA ALA Q 21 -9.35 -15.55 -26.89
C ALA Q 21 -7.97 -15.91 -26.35
N ALA Q 22 -6.93 -15.24 -26.84
CA ALA Q 22 -5.58 -15.53 -26.37
C ALA Q 22 -5.44 -15.20 -24.89
N ALA Q 23 -5.99 -14.07 -24.46
CA ALA Q 23 -5.94 -13.70 -23.05
C ALA Q 23 -6.67 -14.73 -22.18
N SER Q 24 -7.80 -15.24 -22.67
CA SER Q 24 -8.53 -16.26 -21.93
C SER Q 24 -7.71 -17.55 -21.79
N LYS Q 25 -7.03 -17.95 -22.87
CA LYS Q 25 -6.15 -19.12 -22.79
C LYS Q 25 -5.06 -18.92 -21.77
N ASN Q 26 -4.46 -17.72 -21.74
CA ASN Q 26 -3.42 -17.44 -20.76
C ASN Q 26 -3.96 -17.48 -19.34
N LEU Q 27 -5.17 -16.97 -19.14
CA LEU Q 27 -5.81 -17.04 -17.82
C LEU Q 27 -6.01 -18.49 -17.39
N GLU Q 28 -6.46 -19.34 -18.32
CA GLU Q 28 -6.61 -20.76 -18.03
C GLU Q 28 -5.28 -21.37 -17.59
N LYS Q 29 -4.21 -21.09 -18.35
CA LYS Q 29 -2.92 -21.67 -18.01
C LYS Q 29 -2.39 -21.16 -16.67
N LEU Q 30 -2.72 -19.92 -16.31
CA LEU Q 30 -2.22 -19.37 -15.05
C LEU Q 30 -3.01 -19.89 -13.86
N SER Q 31 -4.33 -20.00 -13.99
CA SER Q 31 -5.15 -20.50 -12.90
C SER Q 31 -4.91 -21.99 -12.67
N SER Q 32 -4.80 -22.76 -13.76
CA SER Q 32 -4.62 -24.20 -13.63
C SER Q 32 -3.24 -24.54 -13.07
N GLY Q 33 -2.24 -23.76 -13.43
CA GLY Q 33 -0.87 -24.09 -13.09
C GLY Q 33 -0.21 -25.09 -14.02
N PHE Q 34 -0.92 -25.56 -15.05
CA PHE Q 34 -0.39 -26.52 -16.01
C PHE Q 34 -0.40 -25.89 -17.40
N LYS Q 35 0.62 -26.21 -18.19
CA LYS Q 35 0.75 -25.69 -19.54
C LYS Q 35 -0.09 -26.47 -20.55
N ILE Q 36 -0.48 -27.70 -20.22
CA ILE Q 36 -1.20 -28.58 -21.12
C ILE Q 36 -2.45 -29.03 -20.38
N ASN Q 37 -3.58 -28.38 -20.66
CA ASN Q 37 -4.88 -28.74 -20.11
C ASN Q 37 -5.74 -29.52 -21.10
N ARG Q 38 -5.44 -29.42 -22.40
CA ARG Q 38 -6.13 -30.15 -23.45
C ARG Q 38 -5.10 -30.79 -24.35
N ALA Q 39 -5.56 -31.72 -25.18
CA ALA Q 39 -4.65 -32.34 -26.15
C ALA Q 39 -4.36 -31.41 -27.33
N GLY Q 40 -5.25 -30.44 -27.59
CA GLY Q 40 -4.96 -29.45 -28.61
C GLY Q 40 -3.77 -28.58 -28.25
N ASP Q 41 -3.50 -28.40 -26.96
CA ASP Q 41 -2.32 -27.67 -26.52
C ASP Q 41 -1.06 -28.35 -27.04
N ASP Q 42 -0.93 -29.65 -26.79
CA ASP Q 42 0.27 -30.38 -27.20
C ASP Q 42 -0.04 -31.87 -27.12
N ALA Q 43 0.00 -32.54 -28.27
CA ALA Q 43 -0.32 -33.97 -28.32
C ALA Q 43 0.83 -34.82 -27.80
N ALA Q 44 2.03 -34.65 -28.36
CA ALA Q 44 3.22 -35.35 -27.89
C ALA Q 44 3.78 -34.61 -26.68
N GLY Q 45 3.51 -35.14 -25.50
CA GLY Q 45 3.81 -34.46 -24.26
C GLY Q 45 2.70 -34.71 -23.26
N LEU Q 46 1.45 -34.76 -23.73
CA LEU Q 46 0.35 -35.26 -22.90
C LEU Q 46 0.58 -36.73 -22.58
N ALA Q 47 0.82 -37.54 -23.60
CA ALA Q 47 1.10 -38.96 -23.39
C ALA Q 47 2.33 -39.16 -22.52
N ILE Q 48 3.39 -38.39 -22.78
CA ILE Q 48 4.61 -38.51 -22.00
C ILE Q 48 4.36 -38.15 -20.54
N SER Q 49 3.57 -37.11 -20.30
CA SER Q 49 3.24 -36.71 -18.94
C SER Q 49 2.44 -37.78 -18.23
N GLU Q 50 1.49 -38.41 -18.93
CA GLU Q 50 0.68 -39.45 -18.30
C GLU Q 50 1.54 -40.67 -17.95
N LYS Q 51 2.38 -41.11 -18.88
CA LYS Q 51 3.28 -42.23 -18.59
C LYS Q 51 4.22 -41.90 -17.43
N MET Q 52 4.74 -40.67 -17.39
CA MET Q 52 5.65 -40.30 -16.33
C MET Q 52 4.94 -40.23 -14.98
N ARG Q 53 3.69 -39.77 -14.98
CA ARG Q 53 2.90 -39.77 -13.74
C ARG Q 53 2.67 -41.20 -13.25
N GLY Q 54 2.33 -42.11 -14.17
CA GLY Q 54 2.19 -43.50 -13.79
C GLY Q 54 3.47 -44.07 -13.19
N GLN Q 55 4.61 -43.77 -13.83
CA GLN Q 55 5.88 -44.26 -13.32
C GLN Q 55 6.21 -43.67 -11.96
N ILE Q 56 5.90 -42.39 -11.74
CA ILE Q 56 6.18 -41.75 -10.46
C ILE Q 56 5.36 -42.40 -9.35
N SER Q 57 4.06 -42.57 -9.59
CA SER Q 57 3.20 -43.22 -8.61
C SER Q 57 3.68 -44.64 -8.32
N GLY Q 58 4.04 -45.39 -9.37
CA GLY Q 58 4.53 -46.74 -9.17
C GLY Q 58 5.83 -46.78 -8.38
N LEU Q 59 6.72 -45.84 -8.63
CA LEU Q 59 8.00 -45.82 -7.93
C LEU Q 59 7.82 -45.48 -6.46
N ASN Q 60 6.96 -44.50 -6.15
CA ASN Q 60 6.69 -44.18 -4.75
C ASN Q 60 6.03 -45.34 -4.02
N MET Q 61 5.05 -45.98 -4.67
CA MET Q 61 4.41 -47.14 -4.05
C MET Q 61 5.39 -48.29 -3.87
N ALA Q 62 6.34 -48.45 -4.80
CA ALA Q 62 7.35 -49.48 -4.67
C ALA Q 62 8.30 -49.18 -3.51
N SER Q 63 8.63 -47.90 -3.30
CA SER Q 63 9.40 -47.52 -2.12
C SER Q 63 8.67 -47.91 -0.84
N LYS Q 64 7.37 -47.60 -0.79
CA LYS Q 64 6.54 -47.98 0.35
C LYS Q 64 6.57 -49.49 0.57
N ASN Q 65 6.40 -50.26 -0.50
CA ASN Q 65 6.40 -51.72 -0.40
C ASN Q 65 7.75 -52.24 0.08
N SER Q 66 8.84 -51.65 -0.40
CA SER Q 66 10.17 -52.08 0.04
C SER Q 66 10.36 -51.83 1.53
N SER Q 67 9.88 -50.68 2.01
CA SER Q 67 9.95 -50.41 3.44
C SER Q 67 9.14 -51.43 4.24
N ASP Q 68 7.95 -51.80 3.73
CA ASP Q 68 7.14 -52.82 4.39
C ASP Q 68 7.89 -54.15 4.47
N ALA Q 69 8.54 -54.54 3.37
CA ALA Q 69 9.34 -55.76 3.38
C ALA Q 69 10.48 -55.69 4.38
N ILE Q 70 11.11 -54.52 4.50
CA ILE Q 70 12.17 -54.36 5.50
C ILE Q 70 11.62 -54.58 6.90
N SER Q 71 10.42 -54.06 7.16
CA SER Q 71 9.79 -54.25 8.47
C SER Q 71 9.56 -55.73 8.75
N LEU Q 72 9.00 -56.44 7.78
CA LEU Q 72 8.79 -57.89 7.91
C LEU Q 72 10.09 -58.61 8.24
N ILE Q 73 11.16 -58.31 7.48
CA ILE Q 73 12.43 -58.99 7.67
C ILE Q 73 12.99 -58.69 9.07
N GLN Q 74 12.86 -57.45 9.51
CA GLN Q 74 13.31 -57.09 10.86
C GLN Q 74 12.55 -57.89 11.91
N THR Q 75 11.25 -58.12 11.67
CA THR Q 75 10.47 -58.95 12.61
C THR Q 75 11.06 -60.35 12.71
N ALA Q 76 11.34 -60.96 11.56
CA ALA Q 76 11.88 -62.32 11.56
C ALA Q 76 13.25 -62.38 12.23
N GLU Q 77 14.13 -61.42 11.95
CA GLU Q 77 15.45 -61.42 12.57
C GLU Q 77 15.35 -61.25 14.09
N GLY Q 78 14.48 -60.36 14.55
CA GLY Q 78 14.25 -60.22 15.98
C GLY Q 78 13.73 -61.49 16.60
N GLY Q 79 12.91 -62.24 15.86
CA GLY Q 79 12.48 -63.54 16.34
C GLY Q 79 13.63 -64.51 16.52
N LEU Q 80 14.57 -64.51 15.58
CA LEU Q 80 15.67 -65.47 15.63
C LEU Q 80 16.78 -65.10 16.62
N ASN Q 81 16.86 -63.84 17.03
CA ASN Q 81 17.83 -63.46 18.05
C ASN Q 81 17.61 -64.23 19.35
N GLU Q 82 16.36 -64.39 19.77
CA GLU Q 82 16.09 -65.13 21.00
C GLU Q 82 16.34 -66.62 20.82
N THR Q 83 16.15 -67.13 19.61
CA THR Q 83 16.57 -68.49 19.29
C THR Q 83 18.06 -68.67 19.55
N HIS Q 84 18.88 -67.75 19.04
CA HIS Q 84 20.31 -67.77 19.34
C HIS Q 84 20.56 -67.81 20.85
N ALA Q 85 19.90 -66.92 21.59
CA ALA Q 85 20.16 -66.81 23.02
C ALA Q 85 19.84 -68.11 23.76
N ILE Q 86 18.65 -68.66 23.53
CA ILE Q 86 18.27 -69.85 24.28
C ILE Q 86 19.05 -71.06 23.80
N LEU Q 87 19.52 -71.06 22.55
CA LEU Q 87 20.41 -72.13 22.10
C LEU Q 87 21.74 -72.08 22.85
N GLN Q 88 22.28 -70.87 23.05
CA GLN Q 88 23.49 -70.74 23.87
C GLN Q 88 23.26 -71.27 25.28
N ARG Q 89 22.11 -70.92 25.87
CA ARG Q 89 21.80 -71.39 27.22
C ARG Q 89 21.69 -72.92 27.25
N MET Q 90 21.07 -73.52 26.23
CA MET Q 90 20.93 -74.97 26.14
C MET Q 90 22.28 -75.65 26.02
N ARG Q 91 23.19 -75.07 25.23
CA ARG Q 91 24.54 -75.63 25.12
C ARG Q 91 25.26 -75.57 26.46
N GLU Q 92 25.12 -74.46 27.17
CA GLU Q 92 25.72 -74.36 28.51
C GLU Q 92 25.18 -75.43 29.43
N LEU Q 93 23.86 -75.63 29.42
CA LEU Q 93 23.21 -76.66 30.22
C LEU Q 93 23.73 -78.06 29.88
N ALA Q 94 23.89 -78.35 28.58
CA ALA Q 94 24.39 -79.66 28.18
C ALA Q 94 25.83 -79.88 28.63
N VAL Q 95 26.68 -78.86 28.48
CA VAL Q 95 28.07 -78.99 28.91
C VAL Q 95 28.15 -79.20 30.42
N GLN Q 96 27.26 -78.58 31.17
CA GLN Q 96 27.22 -78.82 32.61
C GLN Q 96 26.67 -80.21 32.94
N SER Q 97 25.62 -80.65 32.26
CA SER Q 97 25.04 -81.96 32.46
C SER Q 97 26.02 -83.09 32.13
N ARG Q 98 26.95 -82.84 31.23
CA ARG Q 98 27.84 -83.85 30.67
C ARG Q 98 28.83 -84.41 31.69
N ASN Q 99 29.11 -83.67 32.75
CA ASN Q 99 30.08 -84.08 33.75
C ASN Q 99 29.50 -85.14 34.69
N ASP Q 100 30.38 -85.98 35.25
CA ASP Q 100 29.98 -87.10 36.09
C ASP Q 100 29.85 -86.73 37.56
N THR Q 101 30.03 -85.46 37.91
CA THR Q 101 29.68 -85.01 39.26
C THR Q 101 28.18 -85.13 39.51
N ASN Q 102 27.38 -85.06 38.45
CA ASN Q 102 25.92 -85.06 38.58
C ASN Q 102 25.39 -86.48 38.65
N ASP Q 103 24.40 -86.69 39.52
CA ASP Q 103 23.81 -88.01 39.76
C ASP Q 103 22.42 -88.08 39.15
N GLU Q 104 22.15 -89.19 38.45
CA GLU Q 104 20.80 -89.50 38.02
C GLU Q 104 19.91 -89.90 39.19
N ALA Q 105 20.49 -90.45 40.27
CA ALA Q 105 19.71 -90.93 41.40
C ALA Q 105 19.02 -89.77 42.12
N THR Q 106 19.79 -88.77 42.54
CA THR Q 106 19.27 -87.63 43.27
C THR Q 106 18.88 -86.48 42.37
N ASN Q 107 18.53 -86.76 41.10
CA ASN Q 107 17.77 -85.85 40.26
C ASN Q 107 18.56 -84.59 39.91
N ASP Q 108 19.88 -84.74 39.71
CA ASP Q 108 20.71 -83.60 39.32
C ASP Q 108 20.49 -83.24 37.85
N ARG Q 109 20.47 -84.24 36.97
CA ARG Q 109 20.31 -83.99 35.55
C ARG Q 109 18.87 -83.80 35.13
N SER Q 110 17.91 -84.34 35.88
CA SER Q 110 16.50 -84.17 35.51
C SER Q 110 16.05 -82.73 35.66
N ASN Q 111 16.69 -81.96 36.55
CA ASN Q 111 16.38 -80.53 36.63
C ASN Q 111 16.92 -79.76 35.42
N LEU Q 112 18.13 -80.11 34.96
CA LEU Q 112 18.64 -79.50 33.74
C LEU Q 112 17.79 -79.92 32.54
N ASN Q 113 17.22 -81.13 32.61
CA ASN Q 113 16.30 -81.57 31.56
C ASN Q 113 14.97 -80.82 31.62
N ASP Q 114 14.48 -80.52 32.82
CA ASP Q 114 13.33 -79.62 32.97
C ASP Q 114 13.60 -78.30 32.26
N GLU Q 115 14.74 -77.69 32.57
CA GLU Q 115 15.15 -76.43 31.94
C GLU Q 115 15.20 -76.57 30.41
N LEU Q 116 15.83 -77.66 29.94
CA LEU Q 116 15.98 -77.89 28.51
C LEU Q 116 14.64 -78.07 27.82
N LYS Q 117 13.73 -78.83 28.43
CA LYS Q 117 12.40 -79.02 27.83
C LYS Q 117 11.64 -77.70 27.74
N GLN Q 118 11.73 -76.87 28.78
CA GLN Q 118 11.06 -75.57 28.70
C GLN Q 118 11.66 -74.71 27.60
N LEU Q 119 12.98 -74.74 27.43
CA LEU Q 119 13.59 -73.96 26.36
C LEU Q 119 13.24 -74.51 24.99
N GLN Q 120 13.02 -75.83 24.88
CA GLN Q 120 12.57 -76.39 23.60
C GLN Q 120 11.12 -76.01 23.30
N GLU Q 121 10.27 -75.95 24.32
CA GLU Q 121 8.93 -75.44 24.09
C GLU Q 121 8.97 -73.98 23.65
N GLU Q 122 9.91 -73.20 24.19
CA GLU Q 122 10.03 -71.80 23.80
C GLU Q 122 10.56 -71.65 22.36
N ILE Q 123 11.55 -72.46 21.98
CA ILE Q 123 12.06 -72.38 20.61
C ILE Q 123 10.99 -72.77 19.60
N THR Q 124 10.10 -73.71 19.95
CA THR Q 124 8.97 -74.00 19.05
C THR Q 124 7.92 -72.89 19.08
N ARG Q 125 7.69 -72.30 20.26
CA ARG Q 125 6.69 -71.25 20.38
C ARG Q 125 7.05 -70.03 19.54
N ILE Q 126 8.32 -69.61 19.58
CA ILE Q 126 8.75 -68.47 18.78
C ILE Q 126 8.53 -68.76 17.30
N SER Q 127 8.76 -70.01 16.89
CA SER Q 127 8.57 -70.37 15.49
C SER Q 127 7.12 -70.19 15.08
N SER Q 128 6.19 -70.89 15.75
CA SER Q 128 4.80 -70.91 15.31
C SER Q 128 3.90 -69.96 16.09
N GLN Q 129 4.43 -68.85 16.60
CA GLN Q 129 3.61 -67.74 17.10
C GLN Q 129 4.18 -66.39 16.66
N MET Q 130 4.95 -66.37 15.58
CA MET Q 130 5.49 -65.16 15.00
C MET Q 130 4.65 -64.76 13.80
N GLU Q 131 4.31 -63.50 13.68
CA GLU Q 131 3.44 -63.09 12.55
C GLU Q 131 3.60 -61.61 12.26
N PHE Q 132 3.38 -61.26 11.00
CA PHE Q 132 3.38 -59.90 10.49
C PHE Q 132 2.12 -59.74 9.65
N ASN Q 133 1.15 -58.99 10.15
CA ASN Q 133 -0.10 -58.75 9.44
C ASN Q 133 -0.87 -60.06 9.24
N ASN Q 134 -0.89 -60.89 10.29
CA ASN Q 134 -1.60 -62.18 10.25
C ASN Q 134 -0.98 -63.10 9.22
N LYS Q 135 0.34 -63.30 9.31
CA LYS Q 135 1.09 -64.10 8.34
C LYS Q 135 2.19 -64.84 9.09
N LYS Q 136 2.00 -66.15 9.27
CA LYS Q 136 3.01 -66.96 9.94
C LYS Q 136 4.25 -67.06 9.06
N LEU Q 137 5.42 -66.74 9.63
CA LEU Q 137 6.66 -66.63 8.89
C LEU Q 137 7.59 -67.84 9.07
N LEU Q 138 7.84 -68.25 10.31
CA LEU Q 138 8.85 -69.27 10.64
C LEU Q 138 8.26 -70.65 10.86
N ASP Q 139 7.28 -71.04 10.05
CA ASP Q 139 6.58 -72.30 10.21
C ASP Q 139 6.84 -73.23 9.04
N GLY Q 140 7.18 -72.66 7.89
CA GLY Q 140 7.18 -73.35 6.62
C GLY Q 140 6.09 -72.91 5.65
N SER Q 141 5.34 -71.85 5.97
CA SER Q 141 4.32 -71.37 5.04
C SER Q 141 4.95 -70.81 3.78
N GLN Q 142 6.03 -70.03 3.93
CA GLN Q 142 6.69 -69.39 2.81
C GLN Q 142 7.78 -70.25 2.18
N SER Q 143 8.11 -71.40 2.80
CA SER Q 143 9.14 -72.27 2.25
C SER Q 143 8.66 -73.04 1.03
N THR Q 144 7.36 -73.00 0.72
CA THR Q 144 6.82 -73.75 -0.41
C THR Q 144 6.91 -72.94 -1.70
N ASN Q 145 6.42 -71.70 -1.69
CA ASN Q 145 6.40 -70.83 -2.85
C ASN Q 145 7.22 -69.56 -2.64
N GLY Q 146 7.02 -68.86 -1.54
CA GLY Q 146 7.83 -67.71 -1.18
C GLY Q 146 7.04 -66.41 -1.23
N LEU Q 147 7.55 -65.42 -0.52
CA LEU Q 147 6.98 -64.08 -0.50
C LEU Q 147 7.56 -63.25 -1.65
N THR Q 148 6.69 -62.60 -2.40
CA THR Q 148 7.05 -61.81 -3.56
C THR Q 148 6.81 -60.34 -3.28
N PHE Q 149 7.86 -59.54 -3.39
CA PHE Q 149 7.79 -58.10 -3.19
C PHE Q 149 7.91 -57.38 -4.52
N GLN Q 150 6.95 -56.49 -4.78
CA GLN Q 150 6.96 -55.62 -5.95
C GLN Q 150 7.79 -54.40 -5.61
N ILE Q 151 8.98 -54.30 -6.22
CA ILE Q 151 9.92 -53.23 -5.94
C ILE Q 151 10.13 -52.41 -7.21
N GLY Q 152 9.09 -52.30 -8.02
CA GLY Q 152 9.17 -51.54 -9.25
C GLY Q 152 7.79 -51.16 -9.74
N ALA Q 153 7.76 -50.11 -10.56
CA ALA Q 153 6.50 -49.59 -11.07
C ALA Q 153 5.83 -50.59 -12.01
N ASN Q 154 6.60 -51.21 -12.89
CA ASN Q 154 6.06 -52.06 -13.94
C ASN Q 154 5.90 -53.50 -13.47
N ALA Q 155 5.29 -54.31 -14.33
CA ALA Q 155 5.08 -55.72 -14.04
C ALA Q 155 6.36 -56.52 -14.24
N GLY Q 156 6.56 -57.51 -13.37
CA GLY Q 156 7.74 -58.34 -13.41
C GLY Q 156 8.91 -57.83 -12.59
N GLN Q 157 8.86 -56.58 -12.14
CA GLN Q 157 9.94 -55.98 -11.34
C GLN Q 157 9.75 -56.39 -9.88
N THR Q 158 9.99 -57.68 -9.64
CA THR Q 158 9.71 -58.31 -8.35
C THR Q 158 10.95 -58.99 -7.81
N ILE Q 159 10.88 -59.36 -6.54
CA ILE Q 159 11.88 -60.25 -5.93
C ILE Q 159 11.15 -61.29 -5.09
N THR Q 160 11.56 -62.54 -5.22
CA THR Q 160 11.02 -63.64 -4.43
C THR Q 160 11.95 -63.94 -3.27
N MET Q 161 11.35 -64.44 -2.18
CA MET Q 161 12.07 -64.72 -0.95
C MET Q 161 11.46 -65.97 -0.33
N LYS Q 162 12.27 -66.67 0.45
CA LYS Q 162 11.84 -67.90 1.10
C LYS Q 162 12.44 -67.97 2.50
N ILE Q 163 11.67 -68.48 3.44
CA ILE Q 163 12.09 -68.67 4.82
C ILE Q 163 11.78 -70.11 5.21
N SER Q 164 12.76 -70.78 5.80
CA SER Q 164 12.65 -72.19 6.12
C SER Q 164 11.98 -72.39 7.48
N THR Q 165 11.54 -73.63 7.72
CA THR Q 165 11.01 -73.99 9.02
C THR Q 165 12.14 -73.99 10.04
N MET Q 166 11.93 -73.30 11.15
CA MET Q 166 12.90 -73.09 12.22
C MET Q 166 12.37 -73.62 13.55
N SER Q 167 11.72 -74.79 13.51
CA SER Q 167 11.30 -75.48 14.72
C SER Q 167 12.38 -76.43 15.22
N ALA Q 168 12.12 -77.02 16.40
CA ALA Q 168 13.09 -77.92 16.99
C ALA Q 168 13.20 -79.23 16.22
N THR Q 169 12.09 -79.69 15.63
CA THR Q 169 12.13 -80.94 14.87
C THR Q 169 13.02 -80.82 13.64
N LYS Q 170 12.95 -79.69 12.94
CA LYS Q 170 13.71 -79.53 11.70
C LYS Q 170 15.21 -79.48 11.99
N LEU Q 171 15.59 -78.91 13.12
CA LEU Q 171 16.99 -78.70 13.47
C LEU Q 171 17.60 -79.84 14.28
N GLY Q 172 16.88 -80.92 14.51
CA GLY Q 172 17.43 -82.07 15.21
C GLY Q 172 17.81 -81.78 16.64
N VAL Q 173 17.05 -80.92 17.32
CA VAL Q 173 17.30 -80.57 18.71
C VAL Q 173 16.08 -80.81 19.60
N ASP Q 174 14.96 -81.25 19.04
CA ASP Q 174 13.79 -81.63 19.83
C ASP Q 174 14.14 -82.73 20.84
N ALA Q 175 13.26 -82.88 21.84
CA ALA Q 175 13.55 -83.76 22.96
C ALA Q 175 13.67 -85.23 22.56
N ALA Q 176 13.14 -85.62 21.40
CA ALA Q 176 13.28 -86.99 20.93
C ALA Q 176 14.70 -87.34 20.51
N LYS Q 177 15.58 -86.34 20.32
CA LYS Q 177 16.95 -86.58 19.89
C LYS Q 177 17.98 -85.72 20.61
N ALA Q 178 17.58 -84.96 21.65
CA ALA Q 178 18.50 -84.06 22.34
C ALA Q 178 18.29 -84.05 23.84
N SER Q 179 17.87 -85.17 24.42
CA SER Q 179 17.77 -85.24 25.87
C SER Q 179 19.16 -85.14 26.50
N ILE Q 180 19.18 -84.72 27.76
CA ILE Q 180 20.40 -84.71 28.56
C ILE Q 180 20.14 -85.48 29.85
N SER Q 181 19.24 -86.47 29.79
CA SER Q 181 19.07 -87.39 30.91
C SER Q 181 20.37 -88.09 31.26
N LYS Q 182 21.10 -88.59 30.26
CA LYS Q 182 22.30 -89.36 30.48
C LYS Q 182 23.53 -88.45 30.32
N GLY Q 183 24.70 -89.05 30.47
CA GLY Q 183 25.95 -88.39 30.12
C GLY Q 183 26.23 -88.52 28.64
N THR Q 184 25.84 -89.68 28.06
CA THR Q 184 26.10 -89.92 26.64
C THR Q 184 25.27 -88.99 25.77
N ALA Q 185 24.00 -88.78 26.13
CA ALA Q 185 23.11 -87.98 25.30
C ALA Q 185 23.54 -86.51 25.23
N ALA Q 186 24.15 -86.00 26.30
CA ALA Q 186 24.66 -84.63 26.27
C ALA Q 186 25.78 -84.47 25.25
N SER Q 187 26.58 -85.52 25.05
CA SER Q 187 27.63 -85.49 24.02
C SER Q 187 27.03 -85.18 22.66
N LYS Q 188 25.99 -85.91 22.26
CA LYS Q 188 25.34 -85.65 20.99
C LYS Q 188 24.60 -84.32 21.02
N ALA Q 189 24.06 -83.94 22.17
CA ALA Q 189 23.28 -82.70 22.28
C ALA Q 189 24.15 -81.48 22.00
N ILE Q 190 25.41 -81.51 22.43
CA ILE Q 190 26.30 -80.38 22.20
C ILE Q 190 26.49 -80.16 20.70
N LYS Q 191 26.83 -81.22 19.97
CA LYS Q 191 27.02 -81.13 18.53
C LYS Q 191 25.72 -80.72 17.83
N SER Q 192 24.60 -81.28 18.29
CA SER Q 192 23.30 -80.96 17.72
C SER Q 192 22.99 -79.46 17.88
N ILE Q 193 23.30 -78.93 19.05
CA ILE Q 193 23.05 -77.51 19.32
C ILE Q 193 23.97 -76.63 18.49
N ASP Q 194 25.23 -77.05 18.31
CA ASP Q 194 26.14 -76.30 17.45
C ASP Q 194 25.63 -76.25 16.01
N ASP Q 195 25.18 -77.39 15.49
CA ASP Q 195 24.63 -77.42 14.14
C ASP Q 195 23.43 -76.51 14.02
N ALA Q 196 22.56 -76.51 15.03
CA ALA Q 196 21.38 -75.63 15.00
C ALA Q 196 21.77 -74.16 15.02
N ILE Q 197 22.74 -73.80 15.85
CA ILE Q 197 23.21 -72.41 15.89
C ILE Q 197 23.74 -71.98 14.54
N ASN Q 198 24.54 -72.82 13.89
CA ASN Q 198 25.07 -72.49 12.58
C ASN Q 198 23.96 -72.32 11.56
N THR Q 199 22.97 -73.21 11.58
CA THR Q 199 21.87 -73.13 10.62
C THR Q 199 21.09 -71.84 10.79
N VAL Q 200 20.78 -71.46 12.04
CA VAL Q 200 19.97 -70.26 12.23
C VAL Q 200 20.79 -69.01 11.93
N SER Q 201 22.11 -69.06 12.14
CA SER Q 201 22.97 -67.97 11.69
C SER Q 201 22.92 -67.82 10.17
N LYS Q 202 22.95 -68.95 9.46
CA LYS Q 202 22.84 -68.92 8.01
C LYS Q 202 21.54 -68.27 7.56
N THR Q 203 20.42 -68.66 8.19
CA THR Q 203 19.14 -68.07 7.83
C THR Q 203 19.10 -66.56 8.11
N ARG Q 204 19.63 -66.14 9.25
CA ARG Q 204 19.69 -64.71 9.56
C ARG Q 204 20.50 -63.95 8.53
N SER Q 205 21.64 -64.52 8.10
CA SER Q 205 22.43 -63.90 7.04
C SER Q 205 21.61 -63.75 5.76
N ALA Q 206 20.87 -64.81 5.41
CA ALA Q 206 20.05 -64.77 4.20
C ALA Q 206 19.01 -63.65 4.26
N LEU Q 207 18.45 -63.41 5.44
CA LEU Q 207 17.48 -62.32 5.59
C LEU Q 207 18.16 -60.95 5.49
N GLY Q 208 19.28 -60.79 6.19
CA GLY Q 208 19.96 -59.50 6.20
C GLY Q 208 20.45 -59.07 4.84
N ALA Q 209 20.84 -60.05 4.00
CA ALA Q 209 21.25 -59.71 2.64
C ALA Q 209 20.13 -59.04 1.86
N VAL Q 210 18.91 -59.58 1.97
CA VAL Q 210 17.78 -59.01 1.26
C VAL Q 210 17.44 -57.65 1.82
N GLN Q 211 17.58 -57.48 3.13
CA GLN Q 211 17.37 -56.16 3.74
C GLN Q 211 18.33 -55.12 3.14
N ASN Q 212 19.62 -55.45 3.09
CA ASN Q 212 20.61 -54.53 2.57
C ASN Q 212 20.36 -54.24 1.09
N ARG Q 213 19.89 -55.24 0.34
CA ARG Q 213 19.53 -55.00 -1.05
C ARG Q 213 18.37 -54.00 -1.15
N LEU Q 214 17.34 -54.19 -0.33
CA LEU Q 214 16.17 -53.32 -0.41
C LEU Q 214 16.50 -51.88 -0.07
N GLU Q 215 17.50 -51.67 0.80
CA GLU Q 215 17.92 -50.30 1.09
C GLU Q 215 18.42 -49.57 -0.17
N HIS Q 216 19.36 -50.21 -0.88
CA HIS Q 216 19.86 -49.65 -2.14
C HIS Q 216 18.72 -49.46 -3.14
N THR Q 217 17.80 -50.42 -3.19
CA THR Q 217 16.65 -50.30 -4.08
C THR Q 217 15.83 -49.05 -3.76
N ILE Q 218 15.63 -48.78 -2.48
CA ILE Q 218 14.86 -47.61 -2.08
C ILE Q 218 15.57 -46.33 -2.51
N ASN Q 219 16.89 -46.29 -2.32
CA ASN Q 219 17.65 -45.12 -2.74
C ASN Q 219 17.50 -44.87 -4.24
N ASN Q 220 17.66 -45.93 -5.04
CA ASN Q 220 17.54 -45.79 -6.48
C ASN Q 220 16.13 -45.35 -6.88
N LEU Q 221 15.11 -45.89 -6.23
CA LEU Q 221 13.73 -45.51 -6.53
C LEU Q 221 13.50 -44.04 -6.24
N GLY Q 222 14.01 -43.55 -5.11
CA GLY Q 222 13.86 -42.13 -4.79
C GLY Q 222 14.52 -41.24 -5.82
N THR Q 223 15.75 -41.58 -6.20
CA THR Q 223 16.46 -40.79 -7.22
C THR Q 223 15.69 -40.76 -8.52
N SER Q 224 15.24 -41.93 -9.00
CA SER Q 224 14.52 -42.00 -10.26
C SER Q 224 13.21 -41.22 -10.20
N ALA Q 225 12.51 -41.30 -9.06
CA ALA Q 225 11.25 -40.58 -8.92
C ALA Q 225 11.48 -39.07 -8.97
N GLU Q 226 12.52 -38.57 -8.29
CA GLU Q 226 12.81 -37.15 -8.35
C GLU Q 226 13.15 -36.70 -9.77
N ASN Q 227 13.98 -37.49 -10.47
CA ASN Q 227 14.35 -37.10 -11.83
C ASN Q 227 13.15 -37.08 -12.77
N LEU Q 228 12.31 -38.11 -12.71
CA LEU Q 228 11.13 -38.12 -13.57
C LEU Q 228 10.14 -37.04 -13.18
N THR Q 229 10.06 -36.70 -11.89
CA THR Q 229 9.21 -35.59 -11.47
C THR Q 229 9.69 -34.28 -12.08
N ALA Q 230 11.01 -34.05 -12.07
CA ALA Q 230 11.57 -32.87 -12.72
C ALA Q 230 11.22 -32.84 -14.20
N ALA Q 231 11.40 -33.98 -14.88
CA ALA Q 231 11.09 -34.06 -16.30
C ALA Q 231 9.62 -33.75 -16.57
N GLU Q 232 8.72 -34.35 -15.81
CA GLU Q 232 7.29 -34.14 -16.01
C GLU Q 232 6.90 -32.70 -15.72
N SER Q 233 7.52 -32.09 -14.70
CA SER Q 233 7.28 -30.69 -14.41
C SER Q 233 7.69 -29.81 -15.58
N ARG Q 234 8.89 -30.05 -16.11
CA ARG Q 234 9.36 -29.24 -17.22
C ARG Q 234 8.50 -29.45 -18.47
N ILE Q 235 7.93 -30.63 -18.64
CA ILE Q 235 7.09 -30.88 -19.81
C ILE Q 235 5.74 -30.18 -19.66
N ARG Q 236 5.02 -30.46 -18.58
CA ARG Q 236 3.63 -30.08 -18.46
C ARG Q 236 3.38 -28.77 -17.71
N ASP Q 237 4.08 -28.52 -16.62
CA ASP Q 237 3.85 -27.31 -15.85
C ASP Q 237 4.30 -26.08 -16.64
N THR Q 238 3.73 -24.93 -16.29
CA THR Q 238 3.95 -23.69 -16.99
C THR Q 238 4.75 -22.72 -16.13
N ASP Q 239 5.55 -21.89 -16.80
CA ASP Q 239 6.27 -20.81 -16.12
C ASP Q 239 5.34 -19.61 -15.95
N MET Q 240 5.22 -19.16 -14.71
CA MET Q 240 4.27 -18.07 -14.41
C MET Q 240 4.66 -16.78 -15.09
N ALA Q 241 5.96 -16.50 -15.18
CA ALA Q 241 6.41 -15.22 -15.70
C ALA Q 241 6.06 -15.04 -17.18
N ALA Q 242 6.31 -16.08 -17.97
CA ALA Q 242 6.04 -15.98 -19.41
C ALA Q 242 4.55 -15.80 -19.68
N GLU Q 243 3.71 -16.55 -18.96
CA GLU Q 243 2.27 -16.42 -19.16
C GLU Q 243 1.76 -15.07 -18.67
N MET Q 244 2.36 -14.54 -17.60
CA MET Q 244 2.02 -13.20 -17.15
C MET Q 244 2.35 -12.17 -18.22
N MET Q 245 3.54 -12.27 -18.80
CA MET Q 245 3.94 -11.40 -19.91
C MET Q 245 2.92 -11.46 -21.04
N ALA Q 246 2.60 -12.68 -21.48
CA ALA Q 246 1.67 -12.84 -22.60
C ALA Q 246 0.29 -12.29 -22.27
N PHE Q 247 -0.16 -12.48 -21.03
CA PHE Q 247 -1.48 -12.02 -20.64
C PHE Q 247 -1.55 -10.50 -20.62
N THR Q 248 -0.52 -9.84 -20.07
CA THR Q 248 -0.47 -8.39 -20.09
C THR Q 248 -0.44 -7.85 -21.51
N LYS Q 249 0.38 -8.47 -22.36
CA LYS Q 249 0.45 -8.08 -23.76
C LYS Q 249 -0.91 -8.18 -24.44
N ASN Q 250 -1.61 -9.30 -24.24
CA ASN Q 250 -2.89 -9.50 -24.88
C ASN Q 250 -3.95 -8.53 -24.34
N ASN Q 251 -3.89 -8.19 -23.05
CA ASN Q 251 -4.81 -7.18 -22.52
C ASN Q 251 -4.58 -5.83 -23.16
N ILE Q 252 -3.31 -5.43 -23.29
CA ILE Q 252 -2.99 -4.15 -23.92
C ILE Q 252 -3.49 -4.12 -25.36
N LEU Q 253 -3.31 -5.24 -26.07
CA LEU Q 253 -3.78 -5.31 -27.45
C LEU Q 253 -5.30 -5.24 -27.51
N THR Q 254 -5.98 -5.88 -26.56
CA THR Q 254 -7.44 -5.82 -26.49
C THR Q 254 -7.92 -4.38 -26.31
N GLN Q 255 -7.28 -3.66 -25.38
CA GLN Q 255 -7.65 -2.26 -25.16
C GLN Q 255 -7.42 -1.42 -26.41
N ALA Q 256 -6.29 -1.64 -27.08
CA ALA Q 256 -6.00 -0.91 -28.32
C ALA Q 256 -7.06 -1.17 -29.37
N ALA Q 257 -7.44 -2.43 -29.55
CA ALA Q 257 -8.46 -2.76 -30.53
C ALA Q 257 -9.82 -2.17 -30.15
N GLN Q 258 -10.13 -2.12 -28.85
CA GLN Q 258 -11.37 -1.50 -28.40
C GLN Q 258 -11.41 -0.03 -28.80
N SER Q 259 -10.33 0.70 -28.50
CA SER Q 259 -10.28 2.11 -28.87
C SER Q 259 -10.36 2.29 -30.39
N MET Q 260 -9.66 1.44 -31.14
CA MET Q 260 -9.69 1.54 -32.59
C MET Q 260 -11.10 1.31 -33.13
N LEU Q 261 -11.84 0.37 -32.55
CA LEU Q 261 -13.20 0.11 -32.99
C LEU Q 261 -14.11 1.28 -32.64
N ALA Q 262 -13.93 1.85 -31.45
CA ALA Q 262 -14.71 3.04 -31.08
C ALA Q 262 -14.48 4.18 -32.06
N GLN Q 263 -13.25 4.31 -32.56
CA GLN Q 263 -12.97 5.33 -33.57
C GLN Q 263 -13.61 4.97 -34.91
N ALA Q 264 -13.44 3.72 -35.35
CA ALA Q 264 -13.94 3.30 -36.64
C ALA Q 264 -15.46 3.39 -36.73
N ASN Q 265 -16.16 3.21 -35.61
CA ASN Q 265 -17.61 3.38 -35.64
C ASN Q 265 -18.01 4.83 -35.85
N GLN Q 266 -17.20 5.77 -35.36
CA GLN Q 266 -17.48 7.20 -35.55
C GLN Q 266 -17.00 7.72 -36.89
N GLN Q 267 -16.07 7.01 -37.55
CA GLN Q 267 -15.52 7.49 -38.81
C GLN Q 267 -16.58 7.75 -39.88
N PRO Q 268 -17.55 6.86 -40.15
CA PRO Q 268 -18.55 7.18 -41.20
C PRO Q 268 -19.66 8.12 -40.73
N GLN Q 269 -19.37 9.42 -40.77
CA GLN Q 269 -20.35 10.46 -40.47
C GLN Q 269 -20.24 11.52 -41.56
N GLY Q 270 -21.00 11.32 -42.64
CA GLY Q 270 -21.07 12.26 -43.74
C GLY Q 270 -22.47 12.83 -43.86
N VAL Q 271 -23.14 13.03 -42.72
CA VAL Q 271 -24.48 13.58 -42.74
C VAL Q 271 -24.46 15.06 -43.11
N LEU Q 272 -23.33 15.75 -42.90
CA LEU Q 272 -23.26 17.15 -43.27
C LEU Q 272 -23.23 17.38 -44.77
N GLN Q 273 -23.05 16.34 -45.59
CA GLN Q 273 -23.29 16.49 -47.01
C GLN Q 273 -24.73 16.89 -47.27
N LEU Q 274 -25.67 16.16 -46.66
CA LEU Q 274 -27.07 16.26 -47.00
C LEU Q 274 -27.71 17.51 -46.41
N LEU Q 275 -27.72 17.61 -45.09
CA LEU Q 275 -28.37 18.70 -44.39
C LEU Q 275 -27.40 19.87 -44.24
N GLN Q 276 -27.84 20.92 -43.55
CA GLN Q 276 -26.96 22.06 -43.31
C GLN Q 276 -27.58 22.95 -42.22
N MET R 1 -47.19 4.52 -33.14
CA MET R 1 -46.15 4.27 -34.14
C MET R 1 -44.88 5.14 -34.19
N ARG R 2 -44.99 6.46 -33.94
CA ARG R 2 -43.88 7.38 -34.07
C ARG R 2 -43.55 8.11 -32.78
N ILE R 3 -44.54 8.77 -32.16
CA ILE R 3 -44.28 9.76 -31.10
C ILE R 3 -44.88 9.32 -29.79
N GLN R 4 -46.19 9.09 -29.77
CA GLN R 4 -46.93 8.89 -28.54
C GLN R 4 -46.43 7.70 -27.72
N HIS R 5 -45.78 6.72 -28.36
CA HIS R 5 -45.29 5.54 -27.68
C HIS R 5 -43.92 5.18 -28.25
N ASN R 6 -43.00 4.82 -27.36
CA ASN R 6 -41.62 4.47 -27.72
C ASN R 6 -41.29 3.12 -27.09
N ILE R 7 -41.51 2.04 -27.83
CA ILE R 7 -41.54 0.70 -27.23
C ILE R 7 -40.14 0.22 -26.87
N ALA R 8 -39.13 0.63 -27.64
CA ALA R 8 -37.75 0.26 -27.35
C ALA R 8 -37.34 0.71 -25.96
N ALA R 9 -37.72 1.93 -25.60
CA ALA R 9 -37.40 2.47 -24.29
C ALA R 9 -38.12 1.69 -23.18
N LEU R 10 -39.35 1.24 -23.44
CA LEU R 10 -40.06 0.42 -22.46
C LEU R 10 -39.33 -0.90 -22.22
N ASN R 11 -38.93 -1.58 -23.30
CA ASN R 11 -38.18 -2.83 -23.15
C ASN R 11 -36.87 -2.60 -22.40
N THR R 12 -36.17 -1.53 -22.73
CA THR R 12 -34.92 -1.22 -22.05
C THR R 12 -35.16 -0.95 -20.57
N HIS R 13 -36.24 -0.27 -20.23
CA HIS R 13 -36.58 0.00 -18.84
C HIS R 13 -36.85 -1.31 -18.09
N ARG R 14 -37.61 -2.21 -18.71
CA ARG R 14 -37.86 -3.52 -18.12
C ARG R 14 -36.55 -4.24 -17.79
N ASN R 15 -35.67 -4.35 -18.78
CA ASN R 15 -34.42 -5.07 -18.58
C ASN R 15 -33.55 -4.39 -17.52
N LEU R 16 -33.55 -3.06 -17.50
CA LEU R 16 -32.80 -2.32 -16.49
C LEU R 16 -33.30 -2.62 -15.09
N ALA R 17 -34.63 -2.62 -14.91
CA ALA R 17 -35.21 -2.94 -13.62
C ALA R 17 -34.84 -4.35 -13.18
N ALA R 18 -34.89 -5.31 -14.12
CA ALA R 18 -34.54 -6.68 -13.78
C ALA R 18 -33.08 -6.79 -13.34
N ASN R 19 -32.18 -6.13 -14.05
CA ASN R 19 -30.76 -6.18 -13.70
C ASN R 19 -30.52 -5.55 -12.33
N ASN R 20 -31.18 -4.42 -12.05
CA ASN R 20 -31.04 -3.79 -10.74
C ASN R 20 -31.53 -4.72 -9.63
N ALA R 21 -32.65 -5.40 -9.85
CA ALA R 21 -33.17 -6.33 -8.85
C ALA R 21 -32.18 -7.46 -8.59
N ALA R 22 -31.61 -8.02 -9.66
CA ALA R 22 -30.65 -9.12 -9.48
C ALA R 22 -29.41 -8.65 -8.73
N ALA R 23 -28.91 -7.46 -9.05
CA ALA R 23 -27.76 -6.91 -8.34
C ALA R 23 -28.07 -6.69 -6.86
N SER R 24 -29.28 -6.23 -6.56
CA SER R 24 -29.68 -6.04 -5.17
C SER R 24 -29.72 -7.38 -4.42
N LYS R 25 -30.25 -8.42 -5.06
CA LYS R 25 -30.24 -9.75 -4.44
C LYS R 25 -28.82 -10.21 -4.15
N ASN R 26 -27.90 -9.99 -5.10
CA ASN R 26 -26.52 -10.39 -4.87
C ASN R 26 -25.89 -9.60 -3.74
N LEU R 27 -26.21 -8.31 -3.64
CA LEU R 27 -25.72 -7.50 -2.52
C LEU R 27 -26.22 -8.06 -1.19
N GLU R 28 -27.50 -8.43 -1.13
CA GLU R 28 -28.05 -9.04 0.07
C GLU R 28 -27.27 -10.30 0.44
N LYS R 29 -27.04 -11.19 -0.53
CA LYS R 29 -26.35 -12.43 -0.25
C LYS R 29 -24.91 -12.20 0.19
N LEU R 30 -24.27 -11.14 -0.32
CA LEU R 30 -22.88 -10.87 0.05
C LEU R 30 -22.78 -10.23 1.42
N SER R 31 -23.67 -9.30 1.75
CA SER R 31 -23.64 -8.66 3.05
C SER R 31 -24.04 -9.64 4.15
N SER R 32 -25.07 -10.45 3.91
CA SER R 32 -25.54 -11.36 4.93
C SER R 32 -24.54 -12.48 5.18
N GLY R 33 -23.84 -12.92 4.14
CA GLY R 33 -22.99 -14.08 4.24
C GLY R 33 -23.70 -15.41 4.11
N PHE R 34 -25.02 -15.41 3.91
CA PHE R 34 -25.81 -16.62 3.76
C PHE R 34 -26.47 -16.62 2.38
N LYS R 35 -26.56 -17.81 1.79
CA LYS R 35 -27.16 -17.99 0.48
C LYS R 35 -28.68 -18.04 0.53
N ILE R 36 -29.26 -18.35 1.70
CA ILE R 36 -30.70 -18.52 1.86
C ILE R 36 -31.11 -17.60 3.00
N ASN R 37 -31.64 -16.43 2.64
CA ASN R 37 -32.19 -15.48 3.61
C ASN R 37 -33.71 -15.51 3.67
N ARG R 38 -34.36 -16.04 2.65
CA ARG R 38 -35.80 -16.19 2.60
C ARG R 38 -36.13 -17.61 2.14
N ALA R 39 -37.39 -18.00 2.32
CA ALA R 39 -37.82 -19.31 1.84
C ALA R 39 -38.00 -19.33 0.33
N GLY R 40 -38.24 -18.16 -0.29
CA GLY R 40 -38.29 -18.09 -1.73
C GLY R 40 -36.97 -18.43 -2.39
N ASP R 41 -35.86 -18.19 -1.68
CA ASP R 41 -34.55 -18.58 -2.19
C ASP R 41 -34.49 -20.09 -2.41
N ASP R 42 -34.86 -20.86 -1.39
CA ASP R 42 -34.79 -22.31 -1.48
C ASP R 42 -35.61 -22.90 -0.34
N ALA R 43 -36.68 -23.63 -0.69
CA ALA R 43 -37.56 -24.19 0.33
C ALA R 43 -36.95 -25.43 0.97
N ALA R 44 -36.57 -26.41 0.16
CA ALA R 44 -35.89 -27.62 0.66
C ALA R 44 -34.41 -27.31 0.84
N GLY R 45 -34.01 -27.08 2.09
CA GLY R 45 -32.68 -26.60 2.41
C GLY R 45 -32.76 -25.61 3.55
N LEU R 46 -33.82 -24.79 3.57
CA LEU R 46 -34.12 -24.00 4.75
C LEU R 46 -34.45 -24.91 5.93
N ALA R 47 -35.39 -25.84 5.71
CA ALA R 47 -35.75 -26.81 6.74
C ALA R 47 -34.55 -27.64 7.16
N ILE R 48 -33.76 -28.10 6.20
CA ILE R 48 -32.59 -28.92 6.50
C ILE R 48 -31.59 -28.13 7.32
N SER R 49 -31.39 -26.86 6.98
CA SER R 49 -30.48 -26.01 7.72
C SER R 49 -30.95 -25.81 9.14
N GLU R 50 -32.25 -25.60 9.34
CA GLU R 50 -32.77 -25.40 10.69
C GLU R 50 -32.62 -26.66 11.54
N LYS R 51 -32.97 -27.82 10.98
CA LYS R 51 -32.79 -29.07 11.71
C LYS R 51 -31.32 -29.31 12.04
N MET R 52 -30.43 -29.01 11.10
CA MET R 52 -29.00 -29.22 11.33
C MET R 52 -28.48 -28.27 12.41
N ARG R 53 -28.97 -27.04 12.42
CA ARG R 53 -28.59 -26.09 13.47
C ARG R 53 -29.05 -26.58 14.83
N GLY R 54 -30.29 -27.09 14.91
CA GLY R 54 -30.77 -27.67 16.14
C GLY R 54 -29.89 -28.82 16.61
N GLN R 55 -29.54 -29.71 15.68
CA GLN R 55 -28.69 -30.84 16.03
C GLN R 55 -27.31 -30.40 16.49
N ILE R 56 -26.75 -29.38 15.84
CA ILE R 56 -25.42 -28.89 16.22
C ILE R 56 -25.45 -28.33 17.64
N SER R 57 -26.44 -27.47 17.92
CA SER R 57 -26.56 -26.91 19.26
C SER R 57 -26.76 -28.01 20.30
N GLY R 58 -27.60 -28.99 19.99
CA GLY R 58 -27.82 -30.09 20.92
C GLY R 58 -26.57 -30.91 21.16
N LEU R 59 -25.78 -31.14 20.11
CA LEU R 59 -24.57 -31.94 20.25
C LEU R 59 -23.53 -31.21 21.08
N ASN R 60 -23.36 -29.91 20.85
CA ASN R 60 -22.41 -29.14 21.65
C ASN R 60 -22.84 -29.09 23.12
N MET R 61 -24.13 -28.86 23.37
CA MET R 61 -24.62 -28.85 24.74
C MET R 61 -24.48 -30.22 25.40
N ALA R 62 -24.62 -31.29 24.61
CA ALA R 62 -24.44 -32.64 25.15
C ALA R 62 -22.98 -32.90 25.50
N SER R 63 -22.06 -32.37 24.69
CA SER R 63 -20.64 -32.43 25.04
C SER R 63 -20.38 -31.74 26.37
N LYS R 64 -20.95 -30.54 26.53
CA LYS R 64 -20.83 -29.81 27.79
C LYS R 64 -21.37 -30.63 28.97
N ASN R 65 -22.54 -31.23 28.78
CA ASN R 65 -23.15 -32.02 29.84
C ASN R 65 -22.31 -33.25 30.19
N SER R 66 -21.73 -33.89 29.17
CA SER R 66 -20.87 -35.05 29.42
C SER R 66 -19.64 -34.66 30.22
N SER R 67 -19.05 -33.51 29.91
CA SER R 67 -17.93 -33.03 30.69
C SER R 67 -18.34 -32.75 32.14
N ASP R 68 -19.52 -32.18 32.34
CA ASP R 68 -20.01 -31.95 33.69
C ASP R 68 -20.15 -33.25 34.46
N ALA R 69 -20.70 -34.28 33.80
CA ALA R 69 -20.82 -35.59 34.42
C ALA R 69 -19.46 -36.17 34.78
N ILE R 70 -18.46 -35.98 33.91
CA ILE R 70 -17.11 -36.44 34.21
C ILE R 70 -16.58 -35.75 35.46
N SER R 71 -16.85 -34.45 35.60
CA SER R 71 -16.41 -33.72 36.79
C SER R 71 -17.04 -34.30 38.05
N LEU R 72 -18.36 -34.54 38.00
CA LEU R 72 -19.06 -35.16 39.13
C LEU R 72 -18.43 -36.50 39.51
N ILE R 73 -18.19 -37.35 38.52
CA ILE R 73 -17.66 -38.68 38.78
C ILE R 73 -16.26 -38.57 39.39
N GLN R 74 -15.45 -37.65 38.88
CA GLN R 74 -14.12 -37.43 39.45
C GLN R 74 -14.22 -37.02 40.91
N THR R 75 -15.22 -36.21 41.24
CA THR R 75 -15.42 -35.82 42.65
C THR R 75 -15.67 -37.04 43.51
N ALA R 76 -16.57 -37.91 43.06
CA ALA R 76 -16.90 -39.10 43.85
C ALA R 76 -15.68 -40.04 44.01
N GLU R 77 -14.93 -40.24 42.93
CA GLU R 77 -13.74 -41.11 43.01
C GLU R 77 -12.70 -40.53 43.97
N GLY R 78 -12.48 -39.21 43.91
CA GLY R 78 -11.58 -38.58 44.85
C GLY R 78 -12.06 -38.73 46.28
N GLY R 79 -13.37 -38.71 46.49
CA GLY R 79 -13.91 -38.98 47.81
C GLY R 79 -13.57 -40.38 48.29
N LEU R 80 -13.67 -41.36 47.41
CA LEU R 80 -13.45 -42.75 47.81
C LEU R 80 -11.98 -43.14 47.95
N ASN R 81 -11.07 -42.38 47.36
CA ASN R 81 -9.64 -42.65 47.55
C ASN R 81 -9.25 -42.58 49.03
N GLU R 82 -9.76 -41.57 49.74
CA GLU R 82 -9.43 -41.45 51.16
C GLU R 82 -10.10 -42.54 51.98
N THR R 83 -11.26 -43.01 51.54
CA THR R 83 -11.88 -44.18 52.15
C THR R 83 -10.94 -45.39 52.06
N HIS R 84 -10.37 -45.63 50.87
CA HIS R 84 -9.36 -46.68 50.73
C HIS R 84 -8.22 -46.50 51.73
N ALA R 85 -7.68 -45.28 51.80
CA ALA R 85 -6.52 -45.03 52.65
C ALA R 85 -6.81 -45.32 54.11
N ILE R 86 -7.90 -44.77 54.64
CA ILE R 86 -8.18 -44.95 56.06
C ILE R 86 -8.61 -46.37 56.34
N LEU R 87 -9.19 -47.08 55.36
CA LEU R 87 -9.48 -48.49 55.56
C LEU R 87 -8.19 -49.30 55.70
N GLN R 88 -7.19 -48.98 54.88
CA GLN R 88 -5.89 -49.63 55.04
C GLN R 88 -5.31 -49.37 56.42
N ARG R 89 -5.40 -48.12 56.89
CA ARG R 89 -4.89 -47.79 58.22
C ARG R 89 -5.63 -48.56 59.31
N MET R 90 -6.96 -48.69 59.17
CA MET R 90 -7.78 -49.43 60.14
C MET R 90 -7.41 -50.89 60.16
N ARG R 91 -7.16 -51.49 58.99
CA ARG R 91 -6.72 -52.88 58.94
C ARG R 91 -5.38 -53.06 59.64
N GLU R 92 -4.45 -52.13 59.41
CA GLU R 92 -3.16 -52.18 60.10
C GLU R 92 -3.35 -52.12 61.61
N LEU R 93 -4.21 -51.21 62.08
CA LEU R 93 -4.52 -51.07 63.50
C LEU R 93 -5.11 -52.36 64.07
N ALA R 94 -6.01 -53.00 63.33
CA ALA R 94 -6.62 -54.24 63.83
C ALA R 94 -5.59 -55.36 63.90
N VAL R 95 -4.73 -55.48 62.89
CA VAL R 95 -3.71 -56.53 62.91
C VAL R 95 -2.76 -56.31 64.07
N GLN R 96 -2.45 -55.05 64.40
CA GLN R 96 -1.62 -54.78 65.57
C GLN R 96 -2.35 -55.05 66.88
N SER R 97 -3.62 -54.66 66.98
CA SER R 97 -4.43 -54.91 68.16
C SER R 97 -4.62 -56.39 68.44
N ARG R 98 -4.58 -57.22 67.40
CA ARG R 98 -4.92 -58.64 67.49
C ARG R 98 -3.93 -59.45 68.31
N ASN R 99 -2.70 -58.96 68.46
CA ASN R 99 -1.67 -59.69 69.19
C ASN R 99 -1.86 -59.58 70.69
N ASP R 100 -1.37 -60.59 71.42
CA ASP R 100 -1.56 -60.70 72.86
C ASP R 100 -0.46 -59.99 73.67
N THR R 101 0.47 -59.31 73.00
CA THR R 101 1.38 -58.43 73.71
C THR R 101 0.64 -57.26 74.35
N ASN R 102 -0.50 -56.88 73.78
CA ASN R 102 -1.23 -55.71 74.24
C ASN R 102 -2.15 -56.09 75.40
N ASP R 103 -2.24 -55.20 76.38
CA ASP R 103 -3.03 -55.41 77.59
C ASP R 103 -4.26 -54.54 77.60
N GLU R 104 -5.41 -55.15 77.93
CA GLU R 104 -6.62 -54.38 78.19
C GLU R 104 -6.52 -53.61 79.50
N ALA R 105 -5.72 -54.09 80.45
CA ALA R 105 -5.63 -53.45 81.76
C ALA R 105 -5.00 -52.06 81.66
N THR R 106 -3.81 -51.99 81.06
CA THR R 106 -3.08 -50.73 80.93
C THR R 106 -3.38 -50.01 79.63
N ASN R 107 -4.56 -50.25 79.05
CA ASN R 107 -5.14 -49.36 78.03
C ASN R 107 -4.34 -49.36 76.73
N ASP R 108 -3.79 -50.53 76.36
CA ASP R 108 -3.04 -50.63 75.10
C ASP R 108 -3.99 -50.64 73.91
N ARG R 109 -5.06 -51.44 73.99
CA ARG R 109 -6.01 -51.55 72.88
C ARG R 109 -7.03 -50.43 72.83
N SER R 110 -7.31 -49.78 73.97
CA SER R 110 -8.28 -48.69 73.96
C SER R 110 -7.76 -47.48 73.20
N ASN R 111 -6.44 -47.30 73.12
CA ASN R 111 -5.90 -46.23 72.29
C ASN R 111 -6.05 -46.54 70.79
N LEU R 112 -5.83 -47.80 70.40
CA LEU R 112 -6.08 -48.18 69.02
C LEU R 112 -7.57 -48.07 68.71
N ASN R 113 -8.43 -48.30 69.71
CA ASN R 113 -9.86 -48.12 69.52
C ASN R 113 -10.23 -46.64 69.40
N ASP R 114 -9.55 -45.76 70.16
CA ASP R 114 -9.69 -44.31 69.94
C ASP R 114 -9.40 -43.96 68.49
N GLU R 115 -8.26 -44.43 67.99
CA GLU R 115 -7.86 -44.20 66.60
C GLU R 115 -8.92 -44.73 65.63
N LEU R 116 -9.39 -45.95 65.89
CA LEU R 116 -10.37 -46.59 65.02
C LEU R 116 -11.70 -45.84 65.00
N LYS R 117 -12.17 -45.39 66.18
CA LYS R 117 -13.40 -44.63 66.24
C LYS R 117 -13.29 -43.31 65.49
N GLN R 118 -12.14 -42.63 65.61
CA GLN R 118 -11.97 -41.40 64.85
C GLN R 118 -11.98 -41.67 63.35
N LEU R 119 -11.35 -42.76 62.92
CA LEU R 119 -11.36 -43.08 61.49
C LEU R 119 -12.75 -43.49 61.01
N GLN R 120 -13.56 -44.08 61.88
CA GLN R 120 -14.94 -44.40 61.51
C GLN R 120 -15.80 -43.14 61.41
N GLU R 121 -15.57 -42.16 62.29
CA GLU R 121 -16.26 -40.90 62.13
C GLU R 121 -15.84 -40.22 60.83
N GLU R 122 -14.58 -40.37 60.43
CA GLU R 122 -14.13 -39.77 59.17
C GLU R 122 -14.71 -40.47 57.95
N ILE R 123 -14.79 -41.81 57.98
CA ILE R 123 -15.38 -42.53 56.85
C ILE R 123 -16.86 -42.18 56.70
N THR R 124 -17.57 -41.93 57.81
CA THR R 124 -18.95 -41.46 57.68
C THR R 124 -19.02 -40.01 57.21
N ARG R 125 -18.08 -39.17 57.68
CA ARG R 125 -18.07 -37.77 57.32
C ARG R 125 -17.87 -37.58 55.82
N ILE R 126 -16.92 -38.32 55.23
CA ILE R 126 -16.69 -38.22 53.80
C ILE R 126 -17.94 -38.61 53.03
N SER R 127 -18.67 -39.62 53.53
CA SER R 127 -19.90 -40.04 52.88
C SER R 127 -20.92 -38.92 52.84
N SER R 128 -21.31 -38.42 54.02
CA SER R 128 -22.42 -37.46 54.10
C SER R 128 -21.97 -36.00 54.20
N GLN R 129 -20.79 -35.65 53.67
CA GLN R 129 -20.41 -34.26 53.47
C GLN R 129 -19.76 -34.05 52.11
N MET R 130 -20.03 -34.93 51.16
CA MET R 130 -19.55 -34.82 49.79
C MET R 130 -20.66 -34.26 48.92
N GLU R 131 -20.36 -33.30 48.06
CA GLU R 131 -21.41 -32.70 47.24
C GLU R 131 -20.82 -32.06 45.99
N PHE R 132 -21.64 -32.04 44.94
CA PHE R 132 -21.35 -31.39 43.67
C PHE R 132 -22.57 -30.57 43.30
N ASN R 133 -22.43 -29.24 43.39
CA ASN R 133 -23.52 -28.32 43.06
C ASN R 133 -24.71 -28.51 44.02
N ASN R 134 -24.39 -28.68 45.30
CA ASN R 134 -25.40 -28.88 46.33
C ASN R 134 -26.20 -30.17 46.09
N LYS R 135 -25.47 -31.28 45.95
CA LYS R 135 -26.07 -32.56 45.64
C LYS R 135 -25.29 -33.65 46.36
N LYS R 136 -25.87 -34.20 47.42
CA LYS R 136 -25.23 -35.26 48.17
C LYS R 136 -25.16 -36.53 47.31
N LEU R 137 -23.96 -37.09 47.19
CA LEU R 137 -23.69 -38.21 46.29
C LEU R 137 -23.61 -39.56 46.99
N LEU R 138 -22.82 -39.65 48.06
CA LEU R 138 -22.48 -40.93 48.71
C LEU R 138 -23.32 -41.19 49.96
N ASP R 139 -24.61 -40.87 49.91
CA ASP R 139 -25.50 -41.01 51.07
C ASP R 139 -26.56 -42.05 50.82
N GLY R 140 -26.89 -42.30 49.55
CA GLY R 140 -28.07 -43.02 49.15
C GLY R 140 -29.13 -42.18 48.47
N SER R 141 -28.85 -40.91 48.17
CA SER R 141 -29.84 -40.09 47.45
C SER R 141 -30.07 -40.61 46.04
N GLN R 142 -28.99 -40.97 45.35
CA GLN R 142 -29.07 -41.42 43.97
C GLN R 142 -29.28 -42.92 43.85
N SER R 143 -29.20 -43.67 44.96
CA SER R 143 -29.38 -45.11 44.91
C SER R 143 -30.85 -45.50 44.71
N THR R 144 -31.78 -44.54 44.81
CA THR R 144 -33.20 -44.85 44.68
C THR R 144 -33.64 -44.81 43.22
N ASN R 145 -33.33 -43.72 42.52
CA ASN R 145 -33.72 -43.52 41.13
C ASN R 145 -32.53 -43.39 40.20
N GLY R 146 -31.57 -42.53 40.53
CA GLY R 146 -30.33 -42.42 39.80
C GLY R 146 -30.21 -41.08 39.09
N LEU R 147 -28.97 -40.72 38.76
CA LEU R 147 -28.66 -39.51 38.01
C LEU R 147 -28.72 -39.80 36.52
N THR R 148 -29.42 -38.95 35.79
CA THR R 148 -29.63 -39.11 34.36
C THR R 148 -28.89 -38.00 33.61
N PHE R 149 -27.99 -38.40 32.71
CA PHE R 149 -27.21 -37.47 31.90
C PHE R 149 -27.72 -37.51 30.46
N GLN R 150 -28.03 -36.32 29.93
CA GLN R 150 -28.41 -36.16 28.53
C GLN R 150 -27.13 -36.02 27.72
N ILE R 151 -26.82 -37.06 26.95
CA ILE R 151 -25.58 -37.11 26.15
C ILE R 151 -25.93 -37.14 24.67
N GLY R 152 -27.04 -36.48 24.31
CA GLY R 152 -27.46 -36.45 22.93
C GLY R 152 -28.40 -35.29 22.69
N ALA R 153 -28.48 -34.89 21.42
CA ALA R 153 -29.30 -33.75 21.05
C ALA R 153 -30.79 -34.05 21.25
N ASN R 154 -31.23 -35.23 20.86
CA ASN R 154 -32.65 -35.57 20.85
C ASN R 154 -33.09 -36.15 22.19
N ALA R 155 -34.39 -36.36 22.31
CA ALA R 155 -34.99 -36.91 23.53
C ALA R 155 -34.76 -38.42 23.60
N GLY R 156 -34.52 -38.90 24.82
CA GLY R 156 -34.25 -40.30 25.05
C GLY R 156 -32.79 -40.71 24.95
N GLN R 157 -31.93 -39.83 24.44
CA GLN R 157 -30.52 -40.13 24.31
C GLN R 157 -29.81 -39.83 25.64
N THR R 158 -30.12 -40.67 26.61
CA THR R 158 -29.70 -40.47 28.00
C THR R 158 -28.94 -41.67 28.50
N ILE R 159 -28.30 -41.49 29.67
CA ILE R 159 -27.73 -42.60 30.42
C ILE R 159 -28.06 -42.40 31.89
N THR R 160 -28.50 -43.47 32.55
CA THR R 160 -28.80 -43.46 33.97
C THR R 160 -27.62 -44.05 34.74
N MET R 161 -27.46 -43.57 35.97
CA MET R 161 -26.36 -43.96 36.83
C MET R 161 -26.86 -44.03 38.26
N LYS R 162 -26.20 -44.86 39.06
CA LYS R 162 -26.57 -45.04 40.46
C LYS R 162 -25.32 -45.18 41.30
N ILE R 163 -25.37 -44.61 42.50
CA ILE R 163 -24.28 -44.68 43.48
C ILE R 163 -24.88 -45.15 44.79
N SER R 164 -24.23 -46.13 45.41
CA SER R 164 -24.73 -46.76 46.61
C SER R 164 -24.29 -45.99 47.85
N THR R 165 -24.97 -46.28 48.97
CA THR R 165 -24.55 -45.73 50.25
C THR R 165 -23.22 -46.34 50.66
N MET R 166 -22.26 -45.47 51.00
CA MET R 166 -20.89 -45.84 51.35
C MET R 166 -20.55 -45.37 52.76
N SER R 167 -21.48 -45.53 53.69
CA SER R 167 -21.25 -45.27 55.10
C SER R 167 -20.73 -46.52 55.81
N ALA R 168 -20.35 -46.34 57.08
CA ALA R 168 -19.81 -47.45 57.86
C ALA R 168 -20.88 -48.47 58.19
N THR R 169 -22.13 -48.03 58.38
CA THR R 169 -23.21 -48.97 58.70
C THR R 169 -23.48 -49.93 57.54
N LYS R 170 -23.46 -49.43 56.31
CA LYS R 170 -23.78 -50.26 55.15
C LYS R 170 -22.72 -51.31 54.93
N LEU R 171 -21.46 -50.99 55.22
CA LEU R 171 -20.32 -51.87 54.95
C LEU R 171 -19.96 -52.76 56.13
N GLY R 172 -20.74 -52.75 57.21
CA GLY R 172 -20.48 -53.65 58.33
C GLY R 172 -19.16 -53.40 59.02
N VAL R 173 -18.74 -52.14 59.11
CA VAL R 173 -17.49 -51.76 59.75
C VAL R 173 -17.70 -50.71 60.85
N ASP R 174 -18.93 -50.23 61.05
CA ASP R 174 -19.23 -49.35 62.15
C ASP R 174 -18.86 -49.96 63.50
N ALA R 175 -18.77 -49.10 64.51
CA ALA R 175 -18.26 -49.51 65.82
C ALA R 175 -19.14 -50.56 66.49
N ALA R 176 -20.41 -50.67 66.10
CA ALA R 176 -21.28 -51.69 66.67
C ALA R 176 -20.91 -53.10 66.25
N LYS R 177 -20.07 -53.27 65.22
CA LYS R 177 -19.69 -54.59 64.74
C LYS R 177 -18.21 -54.71 64.38
N ALA R 178 -17.39 -53.69 64.68
CA ALA R 178 -15.98 -53.71 64.31
C ALA R 178 -15.08 -53.13 65.39
N SER R 179 -15.45 -53.29 66.65
CA SER R 179 -14.56 -52.86 67.72
C SER R 179 -13.30 -53.72 67.74
N ILE R 180 -12.24 -53.16 68.30
CA ILE R 180 -11.00 -53.90 68.53
C ILE R 180 -10.63 -53.79 70.02
N SER R 181 -11.65 -53.66 70.88
CA SER R 181 -11.43 -53.74 72.31
C SER R 181 -10.76 -55.06 72.69
N LYS R 182 -11.26 -56.18 72.16
CA LYS R 182 -10.78 -57.50 72.52
C LYS R 182 -9.77 -57.97 71.49
N GLY R 183 -9.27 -59.20 71.68
CA GLY R 183 -8.49 -59.88 70.67
C GLY R 183 -9.40 -60.58 69.68
N THR R 184 -10.54 -61.08 70.16
CA THR R 184 -11.46 -61.79 69.28
C THR R 184 -12.10 -60.85 68.26
N ALA R 185 -12.48 -59.64 68.70
CA ALA R 185 -13.18 -58.73 67.81
C ALA R 185 -12.29 -58.25 66.67
N ALA R 186 -10.98 -58.16 66.89
CA ALA R 186 -10.08 -57.78 65.81
C ALA R 186 -10.05 -58.83 64.70
N SER R 187 -10.21 -60.10 65.08
CA SER R 187 -10.30 -61.18 64.09
C SER R 187 -11.41 -60.92 63.09
N LYS R 188 -12.62 -60.62 63.59
CA LYS R 188 -13.72 -60.30 62.69
C LYS R 188 -13.50 -58.96 62.00
N ALA R 189 -12.85 -58.01 62.67
CA ALA R 189 -12.66 -56.69 62.11
C ALA R 189 -11.78 -56.74 60.87
N ILE R 190 -10.78 -57.62 60.87
CA ILE R 190 -9.90 -57.74 59.71
C ILE R 190 -10.69 -58.15 58.47
N LYS R 191 -11.50 -59.22 58.61
CA LYS R 191 -12.31 -59.70 57.50
C LYS R 191 -13.34 -58.65 57.09
N SER R 192 -13.93 -57.97 58.06
CA SER R 192 -14.90 -56.93 57.79
C SER R 192 -14.29 -55.80 56.96
N ILE R 193 -13.06 -55.41 57.33
CA ILE R 193 -12.36 -54.34 56.61
C ILE R 193 -11.98 -54.79 55.21
N ASP R 194 -11.58 -56.05 55.04
CA ASP R 194 -11.29 -56.57 53.70
C ASP R 194 -12.53 -56.52 52.81
N ASP R 195 -13.67 -56.96 53.35
CA ASP R 195 -14.92 -56.91 52.58
C ASP R 195 -15.25 -55.49 52.19
N ALA R 196 -15.07 -54.54 53.11
CA ALA R 196 -15.36 -53.14 52.80
C ALA R 196 -14.44 -52.59 51.72
N ILE R 197 -13.15 -52.93 51.78
CA ILE R 197 -12.20 -52.48 50.75
C ILE R 197 -12.61 -53.02 49.39
N ASN R 198 -12.98 -54.31 49.32
CA ASN R 198 -13.41 -54.88 48.04
C ASN R 198 -14.66 -54.19 47.51
N THR R 199 -15.63 -53.92 48.39
CA THR R 199 -16.86 -53.28 47.96
C THR R 199 -16.58 -51.88 47.41
N VAL R 200 -15.75 -51.10 48.08
CA VAL R 200 -15.53 -49.73 47.61
C VAL R 200 -14.67 -49.74 46.35
N SER R 201 -13.80 -50.74 46.18
CA SER R 201 -13.11 -50.91 44.91
C SER R 201 -14.09 -51.19 43.78
N LYS R 202 -15.08 -52.05 44.05
CA LYS R 202 -16.11 -52.34 43.05
C LYS R 202 -16.85 -51.07 42.65
N THR R 203 -17.24 -50.26 43.63
CA THR R 203 -17.95 -49.02 43.31
C THR R 203 -17.08 -48.06 42.50
N ARG R 204 -15.80 -47.93 42.86
CA ARG R 204 -14.90 -47.08 42.08
C ARG R 204 -14.77 -47.56 40.65
N SER R 205 -14.68 -48.87 40.44
CA SER R 205 -14.66 -49.43 39.09
C SER R 205 -15.92 -49.05 38.32
N ALA R 206 -17.07 -49.16 38.99
CA ALA R 206 -18.34 -48.83 38.35
C ALA R 206 -18.37 -47.37 37.90
N LEU R 207 -17.77 -46.47 38.70
CA LEU R 207 -17.73 -45.07 38.30
C LEU R 207 -16.77 -44.85 37.13
N GLY R 208 -15.57 -45.44 37.21
CA GLY R 208 -14.58 -45.23 36.17
C GLY R 208 -15.02 -45.74 34.81
N ALA R 209 -15.81 -46.81 34.79
CA ALA R 209 -16.34 -47.32 33.53
C ALA R 209 -17.20 -46.26 32.84
N VAL R 210 -18.08 -45.60 33.59
CA VAL R 210 -18.94 -44.59 33.01
C VAL R 210 -18.11 -43.38 32.55
N GLN R 211 -17.06 -43.05 33.30
CA GLN R 211 -16.16 -41.98 32.87
C GLN R 211 -15.54 -42.29 31.51
N ASN R 212 -14.99 -43.50 31.38
CA ASN R 212 -14.35 -43.89 30.13
C ASN R 212 -15.34 -43.93 28.98
N ARG R 213 -16.58 -44.33 29.26
CA ARG R 213 -17.63 -44.29 28.24
C ARG R 213 -17.88 -42.84 27.78
N LEU R 214 -18.00 -41.93 28.75
CA LEU R 214 -18.32 -40.54 28.41
C LEU R 214 -17.23 -39.90 27.58
N GLU R 215 -15.97 -40.31 27.77
CA GLU R 215 -14.89 -39.79 26.94
C GLU R 215 -15.12 -40.11 25.45
N HIS R 216 -15.36 -41.39 25.15
CA HIS R 216 -15.67 -41.80 23.77
C HIS R 216 -16.91 -41.08 23.25
N THR R 217 -17.92 -40.92 24.12
CA THR R 217 -19.12 -40.19 23.71
C THR R 217 -18.79 -38.76 23.29
N ILE R 218 -17.91 -38.09 24.04
CA ILE R 218 -17.54 -36.72 23.71
C ILE R 218 -16.82 -36.67 22.37
N ASN R 219 -15.92 -37.62 22.14
CA ASN R 219 -15.21 -37.67 20.85
C ASN R 219 -16.20 -37.81 19.69
N ASN R 220 -17.15 -38.74 19.82
CA ASN R 220 -18.13 -38.96 18.77
C ASN R 220 -19.00 -37.72 18.56
N LEU R 221 -19.39 -37.06 19.65
CA LEU R 221 -20.21 -35.85 19.52
C LEU R 221 -19.45 -34.76 18.78
N GLY R 222 -18.17 -34.57 19.10
CA GLY R 222 -17.38 -33.57 18.40
C GLY R 222 -17.28 -33.85 16.91
N THR R 223 -16.99 -35.11 16.56
CA THR R 223 -16.91 -35.48 15.15
C THR R 223 -18.22 -35.22 14.42
N SER R 224 -19.33 -35.65 15.02
CA SER R 224 -20.63 -35.47 14.37
C SER R 224 -20.97 -33.99 14.23
N ALA R 225 -20.64 -33.19 15.25
CA ALA R 225 -20.93 -31.76 15.18
C ALA R 225 -20.14 -31.09 14.06
N GLU R 226 -18.85 -31.44 13.93
CA GLU R 226 -18.06 -30.88 12.84
C GLU R 226 -18.62 -31.27 11.48
N ASN R 227 -18.98 -32.54 11.31
CA ASN R 227 -19.50 -32.98 10.01
C ASN R 227 -20.81 -32.29 9.67
N LEU R 228 -21.73 -32.20 10.62
CA LEU R 228 -22.99 -31.53 10.35
C LEU R 228 -22.79 -30.02 10.13
N THR R 229 -21.81 -29.43 10.81
CA THR R 229 -21.49 -28.03 10.56
C THR R 229 -21.02 -27.82 9.13
N ALA R 230 -20.16 -28.72 8.65
CA ALA R 230 -19.72 -28.65 7.25
C ALA R 230 -20.91 -28.77 6.30
N ALA R 231 -21.79 -29.72 6.57
CA ALA R 231 -22.96 -29.92 5.72
C ALA R 231 -23.85 -28.66 5.70
N GLU R 232 -24.13 -28.10 6.87
CA GLU R 232 -24.98 -26.92 6.95
C GLU R 232 -24.33 -25.72 6.27
N SER R 233 -23.01 -25.58 6.41
CA SER R 233 -22.29 -24.53 5.72
C SER R 233 -22.44 -24.66 4.22
N ARG R 234 -22.23 -25.87 3.70
CA ARG R 234 -22.34 -26.07 2.26
C ARG R 234 -23.76 -25.86 1.76
N ILE R 235 -24.76 -26.13 2.60
CA ILE R 235 -26.14 -25.93 2.19
C ILE R 235 -26.48 -24.44 2.15
N ARG R 236 -26.28 -23.75 3.27
CA ARG R 236 -26.83 -22.42 3.46
C ARG R 236 -25.86 -21.29 3.15
N ASP R 237 -24.60 -21.41 3.55
CA ASP R 237 -23.65 -20.32 3.32
C ASP R 237 -23.36 -20.19 1.83
N THR R 238 -22.91 -19.00 1.44
CA THR R 238 -22.67 -18.65 0.04
C THR R 238 -21.19 -18.50 -0.23
N ASP R 239 -20.79 -18.82 -1.45
CA ASP R 239 -19.42 -18.60 -1.90
C ASP R 239 -19.28 -17.15 -2.36
N MET R 240 -18.29 -16.46 -1.79
CA MET R 240 -18.13 -15.03 -2.06
C MET R 240 -17.78 -14.78 -3.52
N ALA R 241 -16.96 -15.65 -4.11
CA ALA R 241 -16.45 -15.41 -5.45
C ALA R 241 -17.55 -15.45 -6.49
N ALA R 242 -18.44 -16.44 -6.41
CA ALA R 242 -19.52 -16.55 -7.38
C ALA R 242 -20.47 -15.36 -7.31
N GLU R 243 -20.82 -14.95 -6.09
CA GLU R 243 -21.71 -13.80 -5.95
C GLU R 243 -21.03 -12.51 -6.39
N MET R 244 -19.73 -12.38 -6.16
CA MET R 244 -18.99 -11.24 -6.68
C MET R 244 -19.04 -11.19 -8.20
N MET R 245 -18.81 -12.35 -8.84
CA MET R 245 -18.91 -12.45 -10.29
C MET R 245 -20.29 -11.99 -10.76
N ALA R 246 -21.34 -12.55 -10.17
CA ALA R 246 -22.71 -12.23 -10.58
C ALA R 246 -23.00 -10.75 -10.38
N PHE R 247 -22.53 -10.18 -9.27
CA PHE R 247 -22.80 -8.78 -8.98
C PHE R 247 -22.12 -7.86 -9.98
N THR R 248 -20.86 -8.14 -10.31
CA THR R 248 -20.15 -7.36 -11.32
C THR R 248 -20.85 -7.45 -12.67
N LYS R 249 -21.24 -8.67 -13.05
CA LYS R 249 -21.97 -8.88 -14.30
C LYS R 249 -23.25 -8.06 -14.35
N ASN R 250 -24.03 -8.10 -13.27
CA ASN R 250 -25.30 -7.38 -13.25
C ASN R 250 -25.09 -5.87 -13.26
N ASN R 251 -24.02 -5.38 -12.62
CA ASN R 251 -23.71 -3.95 -12.69
C ASN R 251 -23.39 -3.54 -14.12
N ILE R 252 -22.56 -4.33 -14.80
CA ILE R 252 -22.20 -4.01 -16.19
C ILE R 252 -23.45 -4.00 -17.06
N LEU R 253 -24.34 -4.96 -16.85
CA LEU R 253 -25.59 -5.00 -17.61
C LEU R 253 -26.46 -3.79 -17.31
N THR R 254 -26.51 -3.37 -16.05
CA THR R 254 -27.27 -2.19 -15.67
C THR R 254 -26.74 -0.95 -16.39
N GLN R 255 -25.42 -0.79 -16.42
CA GLN R 255 -24.83 0.35 -17.12
C GLN R 255 -25.15 0.32 -18.60
N ALA R 256 -25.05 -0.87 -19.21
CA ALA R 256 -25.37 -1.01 -20.63
C ALA R 256 -26.82 -0.62 -20.91
N ALA R 257 -27.75 -1.07 -20.08
CA ALA R 257 -29.16 -0.74 -20.26
C ALA R 257 -29.39 0.75 -20.04
N GLN R 258 -28.67 1.37 -19.10
CA GLN R 258 -28.79 2.81 -18.90
C GLN R 258 -28.39 3.58 -20.16
N SER R 259 -27.24 3.23 -20.73
CA SER R 259 -26.80 3.89 -21.96
C SER R 259 -27.78 3.65 -23.10
N MET R 260 -28.29 2.43 -23.22
CA MET R 260 -29.24 2.11 -24.27
C MET R 260 -30.51 2.93 -24.13
N LEU R 261 -30.97 3.13 -22.90
CA LEU R 261 -32.18 3.93 -22.68
C LEU R 261 -31.92 5.40 -22.99
N ALA R 262 -30.74 5.90 -22.61
CA ALA R 262 -30.38 7.27 -22.96
C ALA R 262 -30.38 7.48 -24.47
N GLN R 263 -29.95 6.47 -25.22
CA GLN R 263 -30.01 6.55 -26.68
C GLN R 263 -31.44 6.49 -27.19
N ALA R 264 -32.21 5.53 -26.68
CA ALA R 264 -33.57 5.33 -27.16
C ALA R 264 -34.46 6.54 -26.91
N ASN R 265 -34.19 7.29 -25.83
CA ASN R 265 -34.96 8.50 -25.58
C ASN R 265 -34.65 9.58 -26.61
N GLN R 266 -33.42 9.62 -27.12
CA GLN R 266 -33.04 10.59 -28.14
C GLN R 266 -33.43 10.15 -29.54
N GLN R 267 -33.67 8.86 -29.75
CA GLN R 267 -33.99 8.36 -31.10
C GLN R 267 -35.19 9.05 -31.73
N PRO R 268 -36.34 9.22 -31.06
CA PRO R 268 -37.47 9.90 -31.74
C PRO R 268 -37.35 11.43 -31.77
N GLN R 269 -36.61 11.93 -32.75
CA GLN R 269 -36.48 13.36 -33.00
C GLN R 269 -36.66 13.59 -34.50
N GLY R 270 -37.92 13.78 -34.91
CA GLY R 270 -38.25 14.08 -36.29
C GLY R 270 -38.88 15.45 -36.39
N VAL R 271 -38.40 16.39 -35.57
CA VAL R 271 -38.92 17.75 -35.61
C VAL R 271 -38.47 18.47 -36.87
N LEU R 272 -37.36 18.04 -37.48
CA LEU R 272 -36.91 18.67 -38.72
C LEU R 272 -37.81 18.39 -39.91
N GLN R 273 -38.73 17.43 -39.81
CA GLN R 273 -39.77 17.33 -40.83
C GLN R 273 -40.58 18.61 -40.91
N LEU R 274 -41.04 19.08 -39.75
CA LEU R 274 -42.03 20.14 -39.70
C LEU R 274 -41.41 21.50 -39.97
N LEU R 275 -40.49 21.93 -39.12
CA LEU R 275 -39.87 23.24 -39.23
C LEU R 275 -38.67 23.18 -40.16
N GLN R 276 -37.96 24.30 -40.29
CA GLN R 276 -36.76 24.34 -41.11
C GLN R 276 -35.98 25.61 -40.82
N MET S 1 -50.03 32.67 -16.96
CA MET S 1 -50.22 31.46 -17.76
C MET S 1 -49.11 30.95 -18.70
N ARG S 2 -48.39 31.86 -19.40
CA ARG S 2 -47.41 31.49 -20.40
C ARG S 2 -46.01 32.00 -20.09
N ILE S 3 -45.86 33.31 -19.86
CA ILE S 3 -44.55 33.96 -19.87
C ILE S 3 -44.20 34.53 -18.51
N GLN S 4 -45.06 35.42 -18.00
CA GLN S 4 -44.75 36.22 -16.82
C GLN S 4 -44.47 35.37 -15.59
N HIS S 5 -44.97 34.15 -15.53
CA HIS S 5 -44.78 33.26 -14.39
C HIS S 5 -44.54 31.84 -14.89
N ASN S 6 -43.58 31.16 -14.27
CA ASN S 6 -43.19 29.79 -14.65
C ASN S 6 -43.19 28.93 -13.38
N ILE S 7 -44.33 28.29 -13.10
CA ILE S 7 -44.55 27.72 -11.78
C ILE S 7 -43.74 26.45 -11.56
N ALA S 8 -43.48 25.69 -12.64
CA ALA S 8 -42.66 24.48 -12.53
C ALA S 8 -41.27 24.82 -11.99
N ALA S 9 -40.68 25.90 -12.47
CA ALA S 9 -39.37 26.31 -12.01
C ALA S 9 -39.40 26.72 -10.54
N LEU S 10 -40.49 27.35 -10.10
CA LEU S 10 -40.62 27.69 -8.69
C LEU S 10 -40.65 26.43 -7.82
N ASN S 11 -41.46 25.45 -8.21
CA ASN S 11 -41.51 24.20 -7.45
C ASN S 11 -40.15 23.51 -7.42
N THR S 12 -39.47 23.49 -8.56
CA THR S 12 -38.14 22.89 -8.62
C THR S 12 -37.16 23.62 -7.72
N HIS S 13 -37.25 24.94 -7.67
CA HIS S 13 -36.38 25.74 -6.80
C HIS S 13 -36.63 25.41 -5.34
N ARG S 14 -37.91 25.31 -4.95
CA ARG S 14 -38.26 24.91 -3.59
C ARG S 14 -37.62 23.57 -3.22
N ASN S 15 -37.83 22.57 -4.06
CA ASN S 15 -37.30 21.24 -3.76
C ASN S 15 -35.78 21.24 -3.70
N LEU S 16 -35.15 22.01 -4.60
CA LEU S 16 -33.69 22.11 -4.61
C LEU S 16 -33.18 22.71 -3.30
N ALA S 17 -33.83 23.78 -2.84
CA ALA S 17 -33.44 24.41 -1.58
C ALA S 17 -33.58 23.43 -0.42
N ALA S 18 -34.68 22.68 -0.39
CA ALA S 18 -34.89 21.70 0.68
C ALA S 18 -33.80 20.63 0.67
N ASN S 19 -33.46 20.11 -0.51
CA ASN S 19 -32.42 19.08 -0.59
C ASN S 19 -31.08 19.62 -0.14
N ASN S 20 -30.75 20.86 -0.54
CA ASN S 20 -29.50 21.47 -0.10
C ASN S 20 -29.45 21.61 1.42
N ALA S 21 -30.56 22.04 2.02
CA ALA S 21 -30.62 22.18 3.47
C ALA S 21 -30.40 20.83 4.17
N ALA S 22 -31.04 19.78 3.66
CA ALA S 22 -30.88 18.46 4.27
C ALA S 22 -29.44 17.98 4.16
N ALA S 23 -28.82 18.18 3.00
CA ALA S 23 -27.43 17.79 2.82
C ALA S 23 -26.51 18.55 3.77
N SER S 24 -26.79 19.85 3.99
CA SER S 24 -26.00 20.62 4.91
C SER S 24 -26.14 20.10 6.34
N LYS S 25 -27.36 19.75 6.74
CA LYS S 25 -27.55 19.15 8.07
C LYS S 25 -26.75 17.86 8.22
N ASN S 26 -26.76 17.02 7.18
CA ASN S 26 -26.00 15.77 7.24
C ASN S 26 -24.50 16.05 7.33
N LEU S 27 -24.02 17.05 6.60
CA LEU S 27 -22.61 17.43 6.70
C LEU S 27 -22.26 17.87 8.12
N GLU S 28 -23.14 18.66 8.74
CA GLU S 28 -22.92 19.07 10.13
C GLU S 28 -22.81 17.85 11.04
N LYS S 29 -23.75 16.91 10.90
CA LYS S 29 -23.73 15.73 11.77
C LYS S 29 -22.49 14.87 11.53
N LEU S 30 -21.98 14.84 10.30
CA LEU S 30 -20.81 14.01 10.01
C LEU S 30 -19.53 14.66 10.50
N SER S 31 -19.39 15.98 10.32
CA SER S 31 -18.20 16.67 10.77
C SER S 31 -18.14 16.72 12.29
N SER S 32 -19.28 16.99 12.94
CA SER S 32 -19.29 17.12 14.40
C SER S 32 -19.06 15.77 15.06
N GLY S 33 -19.56 14.69 14.47
CA GLY S 33 -19.54 13.40 15.10
C GLY S 33 -20.65 13.16 16.11
N PHE S 34 -21.54 14.13 16.30
CA PHE S 34 -22.67 14.01 17.22
C PHE S 34 -23.97 14.14 16.44
N LYS S 35 -24.97 13.38 16.87
CA LYS S 35 -26.28 13.39 16.24
C LYS S 35 -27.15 14.55 16.70
N ILE S 36 -26.84 15.13 17.86
CA ILE S 36 -27.64 16.19 18.46
C ILE S 36 -26.69 17.35 18.73
N ASN S 37 -26.69 18.34 17.83
CA ASN S 37 -25.91 19.56 18.01
C ASN S 37 -26.75 20.74 18.46
N ARG S 38 -28.07 20.66 18.27
CA ARG S 38 -29.01 21.69 18.72
C ARG S 38 -30.16 21.01 19.44
N ALA S 39 -30.94 21.81 20.17
CA ALA S 39 -32.12 21.26 20.83
C ALA S 39 -33.25 20.99 19.85
N GLY S 40 -33.26 21.67 18.70
CA GLY S 40 -34.23 21.36 17.67
C GLY S 40 -34.06 19.96 17.11
N ASP S 41 -32.85 19.43 17.14
CA ASP S 41 -32.61 18.06 16.73
C ASP S 41 -33.42 17.09 17.57
N ASP S 42 -33.30 17.21 18.89
CA ASP S 42 -34.00 16.30 19.80
C ASP S 42 -33.98 16.91 21.19
N ALA S 43 -35.16 17.23 21.73
CA ALA S 43 -35.24 17.87 23.03
C ALA S 43 -35.04 16.86 24.16
N ALA S 44 -35.82 15.79 24.17
CA ALA S 44 -35.65 14.70 25.14
C ALA S 44 -34.54 13.78 24.68
N GLY S 45 -33.37 13.94 25.28
CA GLY S 45 -32.17 13.28 24.83
C GLY S 45 -30.99 14.21 24.96
N LEU S 46 -31.19 15.50 24.70
CA LEU S 46 -30.20 16.50 25.06
C LEU S 46 -30.02 16.56 26.57
N ALA S 47 -31.14 16.69 27.29
CA ALA S 47 -31.11 16.70 28.75
C ALA S 47 -30.52 15.41 29.30
N ILE S 48 -30.93 14.27 28.73
CA ILE S 48 -30.43 12.98 29.20
C ILE S 48 -28.93 12.88 28.96
N SER S 49 -28.46 13.36 27.82
CA SER S 49 -27.03 13.34 27.52
C SER S 49 -26.26 14.21 28.48
N GLU S 50 -26.79 15.38 28.82
CA GLU S 50 -26.08 16.27 29.74
C GLU S 50 -26.01 15.66 31.14
N LYS S 51 -27.12 15.12 31.63
CA LYS S 51 -27.10 14.46 32.93
C LYS S 51 -26.15 13.28 32.94
N MET S 52 -26.13 12.50 31.86
CA MET S 52 -25.24 11.34 31.81
C MET S 52 -23.79 11.76 31.76
N ARG S 53 -23.48 12.85 31.06
CA ARG S 53 -22.12 13.38 31.04
C ARG S 53 -21.70 13.82 32.43
N GLY S 54 -22.59 14.51 33.15
CA GLY S 54 -22.30 14.88 34.52
C GLY S 54 -22.02 13.68 35.39
N GLN S 55 -22.85 12.64 35.27
CA GLN S 55 -22.66 11.43 36.06
C GLN S 55 -21.34 10.74 35.71
N ILE S 56 -20.98 10.71 34.43
CA ILE S 56 -19.74 10.07 34.01
C ILE S 56 -18.55 10.79 34.61
N SER S 57 -18.52 12.12 34.48
CA SER S 57 -17.43 12.90 35.06
C SER S 57 -17.35 12.71 36.56
N GLY S 58 -18.51 12.72 37.24
CA GLY S 58 -18.51 12.51 38.68
C GLY S 58 -18.01 11.14 39.07
N LEU S 59 -18.37 10.11 38.31
CA LEU S 59 -17.95 8.75 38.64
C LEU S 59 -16.45 8.59 38.44
N ASN S 60 -15.90 9.14 37.35
CA ASN S 60 -14.46 9.05 37.14
C ASN S 60 -13.70 9.82 38.22
N MET S 61 -14.17 11.02 38.58
CA MET S 61 -13.52 11.77 39.64
C MET S 61 -13.64 11.06 40.98
N ALA S 62 -14.74 10.35 41.21
CA ALA S 62 -14.90 9.58 42.44
C ALA S 62 -13.95 8.40 42.48
N SER S 63 -13.71 7.77 41.33
CA SER S 63 -12.70 6.72 41.25
C SER S 63 -11.33 7.28 41.62
N LYS S 64 -10.99 8.44 41.07
CA LYS S 64 -9.73 9.10 41.40
C LYS S 64 -9.63 9.38 42.91
N ASN S 65 -10.70 9.90 43.50
CA ASN S 65 -10.72 10.20 44.93
C ASN S 65 -10.56 8.94 45.77
N SER S 66 -11.21 7.85 45.35
CA SER S 66 -11.09 6.60 46.08
C SER S 66 -9.66 6.08 46.05
N SER S 67 -9.00 6.20 44.90
CA SER S 67 -7.59 5.81 44.83
C SER S 67 -6.73 6.67 45.75
N ASP S 68 -7.01 7.98 45.80
CA ASP S 68 -6.28 8.85 46.71
C ASP S 68 -6.45 8.42 48.16
N ALA S 69 -7.68 8.08 48.54
CA ALA S 69 -7.95 7.59 49.89
C ALA S 69 -7.18 6.30 50.17
N ILE S 70 -7.10 5.41 49.18
CA ILE S 70 -6.34 4.18 49.35
C ILE S 70 -4.88 4.49 49.62
N SER S 71 -4.34 5.48 48.91
CA SER S 71 -2.94 5.88 49.12
C SER S 71 -2.72 6.39 50.53
N LEU S 72 -3.62 7.26 51.01
CA LEU S 72 -3.56 7.74 52.38
C LEU S 72 -3.56 6.60 53.40
N ILE S 73 -4.49 5.65 53.22
CA ILE S 73 -4.62 4.55 54.16
C ILE S 73 -3.35 3.69 54.15
N GLN S 74 -2.80 3.45 52.96
CA GLN S 74 -1.55 2.71 52.87
C GLN S 74 -0.43 3.41 53.61
N THR S 75 -0.40 4.74 53.55
CA THR S 75 0.60 5.50 54.30
C THR S 75 0.48 5.23 55.79
N ALA S 76 -0.76 5.30 56.31
CA ALA S 76 -0.96 5.09 57.74
C ALA S 76 -0.59 3.67 58.16
N GLU S 77 -0.98 2.67 57.37
CA GLU S 77 -0.64 1.28 57.70
C GLU S 77 0.86 1.07 57.71
N GLY S 78 1.56 1.62 56.71
CA GLY S 78 3.01 1.54 56.70
C GLY S 78 3.64 2.21 57.91
N GLY S 79 3.03 3.30 58.37
CA GLY S 79 3.49 3.92 59.61
C GLY S 79 3.36 2.99 60.80
N LEU S 80 2.25 2.26 60.88
CA LEU S 80 1.99 1.41 62.05
C LEU S 80 2.76 0.09 62.03
N ASN S 81 3.24 -0.35 60.86
CA ASN S 81 4.06 -1.56 60.81
C ASN S 81 5.32 -1.42 61.68
N GLU S 82 5.97 -0.26 61.63
CA GLU S 82 7.17 -0.06 62.43
C GLU S 82 6.83 0.06 63.90
N THR S 83 5.65 0.59 64.22
CA THR S 83 5.16 0.55 65.59
C THR S 83 5.09 -0.89 66.10
N HIS S 84 4.50 -1.79 65.31
CA HIS S 84 4.49 -3.22 65.65
C HIS S 84 5.90 -3.72 65.93
N ALA S 85 6.83 -3.42 65.02
CA ALA S 85 8.19 -3.96 65.12
C ALA S 85 8.88 -3.50 66.40
N ILE S 86 8.86 -2.20 66.67
CA ILE S 86 9.57 -1.70 67.85
C ILE S 86 8.85 -2.10 69.12
N LEU S 87 7.53 -2.32 69.07
CA LEU S 87 6.84 -2.86 70.24
C LEU S 87 7.30 -4.27 70.55
N GLN S 88 7.48 -5.09 69.51
CA GLN S 88 8.04 -6.43 69.72
C GLN S 88 9.42 -6.35 70.35
N ARG S 89 10.26 -5.45 69.85
CA ARG S 89 11.59 -5.29 70.41
C ARG S 89 11.54 -4.86 71.87
N MET S 90 10.63 -3.94 72.21
CA MET S 90 10.48 -3.47 73.58
C MET S 90 10.01 -4.59 74.50
N ARG S 91 9.10 -5.44 74.03
CA ARG S 91 8.67 -6.58 74.83
C ARG S 91 9.83 -7.53 75.08
N GLU S 92 10.64 -7.78 74.06
CA GLU S 92 11.82 -8.63 74.23
C GLU S 92 12.76 -8.04 75.28
N LEU S 93 13.00 -6.72 75.20
CA LEU S 93 13.84 -6.03 76.17
C LEU S 93 13.30 -6.15 77.59
N ALA S 94 11.98 -6.00 77.75
CA ALA S 94 11.39 -6.12 79.08
C ALA S 94 11.52 -7.54 79.63
N VAL S 95 11.28 -8.55 78.80
CA VAL S 95 11.39 -9.93 79.26
C VAL S 95 12.83 -10.23 79.66
N GLN S 96 13.80 -9.65 78.95
CA GLN S 96 15.19 -9.83 79.36
C GLN S 96 15.52 -9.06 80.64
N SER S 97 15.05 -7.83 80.76
CA SER S 97 15.26 -7.02 81.95
C SER S 97 14.66 -7.65 83.20
N ARG S 98 13.60 -8.43 83.04
CA ARG S 98 12.79 -8.95 84.15
C ARG S 98 13.54 -9.96 85.00
N ASN S 99 14.58 -10.59 84.47
CA ASN S 99 15.32 -11.62 85.18
C ASN S 99 16.28 -11.00 86.20
N ASP S 100 16.57 -11.76 87.26
CA ASP S 100 17.40 -11.29 88.37
C ASP S 100 18.89 -11.51 88.16
N THR S 101 19.30 -12.03 86.99
CA THR S 101 20.71 -12.04 86.66
C THR S 101 21.25 -10.62 86.49
N ASN S 102 20.39 -9.67 86.13
CA ASN S 102 20.81 -8.31 85.85
C ASN S 102 20.89 -7.49 87.14
N ASP S 103 21.92 -6.66 87.24
CA ASP S 103 22.18 -5.85 88.42
C ASP S 103 21.87 -4.39 88.16
N GLU S 104 21.15 -3.77 89.09
CA GLU S 104 20.99 -2.31 89.07
C GLU S 104 22.29 -1.60 89.43
N ALA S 105 23.17 -2.23 90.19
CA ALA S 105 24.40 -1.58 90.64
C ALA S 105 25.34 -1.31 89.47
N THR S 106 25.66 -2.35 88.70
CA THR S 106 26.58 -2.23 87.57
C THR S 106 25.85 -1.94 86.26
N ASN S 107 24.67 -1.32 86.31
CA ASN S 107 24.07 -0.64 85.18
C ASN S 107 23.66 -1.62 84.07
N ASP S 108 23.18 -2.80 84.46
CA ASP S 108 22.71 -3.78 83.48
C ASP S 108 21.36 -3.39 82.91
N ARG S 109 20.43 -2.98 83.78
CA ARG S 109 19.08 -2.62 83.33
C ARG S 109 18.99 -1.19 82.80
N SER S 110 19.88 -0.29 83.22
CA SER S 110 19.82 1.08 82.73
C SER S 110 20.17 1.16 81.25
N ASN S 111 20.96 0.22 80.73
CA ASN S 111 21.21 0.18 79.30
C ASN S 111 19.99 -0.29 78.51
N LEU S 112 19.26 -1.28 79.05
CA LEU S 112 18.01 -1.66 78.41
C LEU S 112 16.99 -0.55 78.51
N ASN S 113 17.07 0.27 79.58
CA ASN S 113 16.19 1.43 79.69
C ASN S 113 16.59 2.53 78.71
N ASP S 114 17.89 2.71 78.46
CA ASP S 114 18.34 3.58 77.37
C ASP S 114 17.69 3.17 76.04
N GLU S 115 17.80 1.87 75.72
CA GLU S 115 17.19 1.33 74.51
C GLU S 115 15.68 1.59 74.49
N LEU S 116 15.01 1.32 75.61
CA LEU S 116 13.57 1.48 75.70
C LEU S 116 13.15 2.94 75.52
N LYS S 117 13.88 3.87 76.14
CA LYS S 117 13.56 5.28 76.00
C LYS S 117 13.73 5.74 74.56
N GLN S 118 14.78 5.28 73.87
CA GLN S 118 14.94 5.65 72.48
C GLN S 118 13.81 5.09 71.62
N LEU S 119 13.37 3.87 71.90
CA LEU S 119 12.26 3.30 71.14
C LEU S 119 10.94 4.01 71.44
N GLN S 120 10.78 4.53 72.66
CA GLN S 120 9.60 5.33 72.98
C GLN S 120 9.62 6.68 72.28
N GLU S 121 10.79 7.29 72.16
CA GLU S 121 10.88 8.51 71.37
C GLU S 121 10.56 8.22 69.91
N GLU S 122 10.95 7.04 69.41
CA GLU S 122 10.64 6.71 68.02
C GLU S 122 9.16 6.43 67.81
N ILE S 123 8.50 5.73 68.76
CA ILE S 123 7.07 5.48 68.62
C ILE S 123 6.28 6.78 68.67
N THR S 124 6.74 7.77 69.44
CA THR S 124 6.08 9.08 69.40
C THR S 124 6.39 9.84 68.10
N ARG S 125 7.63 9.70 67.61
CA ARG S 125 8.05 10.41 66.40
C ARG S 125 7.23 9.95 65.20
N ILE S 126 7.04 8.63 65.06
CA ILE S 126 6.26 8.13 63.93
C ILE S 126 4.84 8.66 64.00
N SER S 127 4.30 8.79 65.21
CA SER S 127 2.95 9.33 65.36
C SER S 127 2.86 10.75 64.84
N SER S 128 3.66 11.66 65.42
CA SER S 128 3.51 13.08 65.11
C SER S 128 4.52 13.59 64.08
N GLN S 129 5.00 12.74 63.17
CA GLN S 129 5.74 13.18 61.99
C GLN S 129 5.29 12.44 60.74
N MET S 130 4.08 11.89 60.76
CA MET S 130 3.50 11.21 59.60
C MET S 130 2.52 12.15 58.92
N GLU S 131 2.57 12.22 57.60
CA GLU S 131 1.68 13.17 56.90
C GLU S 131 1.47 12.74 55.46
N PHE S 132 0.31 13.10 54.93
CA PHE S 132 -0.08 12.89 53.55
C PHE S 132 -0.63 14.21 53.04
N ASN S 133 0.11 14.89 52.18
CA ASN S 133 -0.31 16.17 51.60
C ASN S 133 -0.43 17.23 52.70
N ASN S 134 0.53 17.25 53.62
CA ASN S 134 0.55 18.20 54.73
C ASN S 134 -0.67 18.01 55.63
N LYS S 135 -0.86 16.78 56.11
CA LYS S 135 -2.02 16.42 56.91
C LYS S 135 -1.58 15.39 57.95
N LYS S 136 -1.45 15.82 59.20
CA LYS S 136 -1.07 14.91 60.27
C LYS S 136 -2.19 13.91 60.52
N LEU S 137 -1.85 12.61 60.51
CA LEU S 137 -2.82 11.53 60.57
C LEU S 137 -2.92 10.89 61.96
N LEU S 138 -1.79 10.50 62.55
CA LEU S 138 -1.76 9.71 63.77
C LEU S 138 -1.52 10.53 65.02
N ASP S 139 -2.14 11.70 65.11
CA ASP S 139 -1.94 12.62 66.22
C ASP S 139 -3.20 12.80 67.04
N GLY S 140 -4.36 12.56 66.42
CA GLY S 140 -5.64 12.95 66.94
C GLY S 140 -6.33 14.06 66.18
N SER S 141 -5.79 14.50 65.03
CA SER S 141 -6.44 15.54 64.25
C SER S 141 -7.77 15.03 63.68
N GLN S 142 -7.78 13.81 63.17
CA GLN S 142 -8.97 13.24 62.55
C GLN S 142 -9.86 12.51 63.53
N SER S 143 -9.42 12.33 64.78
CA SER S 143 -10.23 11.64 65.77
C SER S 143 -11.38 12.49 66.28
N THR S 144 -11.41 13.79 65.94
CA THR S 144 -12.46 14.68 66.43
C THR S 144 -13.68 14.66 65.51
N ASN S 145 -13.47 14.84 64.21
CA ASN S 145 -14.54 14.88 63.22
C ASN S 145 -14.41 13.78 62.17
N GLY S 146 -13.24 13.62 61.58
CA GLY S 146 -12.96 12.52 60.68
C GLY S 146 -12.76 13.00 59.25
N LEU S 147 -12.09 12.15 58.47
CA LEU S 147 -11.86 12.40 57.05
C LEU S 147 -13.02 11.88 56.23
N THR S 148 -13.53 12.71 55.33
CA THR S 148 -14.69 12.41 54.50
C THR S 148 -14.25 12.25 53.05
N PHE S 149 -14.51 11.09 52.47
CA PHE S 149 -14.20 10.80 51.08
C PHE S 149 -15.47 10.78 50.25
N GLN S 150 -15.46 11.55 49.16
CA GLN S 150 -16.54 11.57 48.18
C GLN S 150 -16.29 10.42 47.19
N ILE S 151 -17.12 9.39 47.28
CA ILE S 151 -16.95 8.19 46.46
C ILE S 151 -18.17 8.04 45.55
N GLY S 152 -18.74 9.17 45.14
CA GLY S 152 -19.91 9.15 44.28
C GLY S 152 -20.07 10.47 43.57
N ALA S 153 -20.78 10.42 42.44
CA ALA S 153 -20.98 11.61 41.63
C ALA S 153 -21.84 12.65 42.35
N ASN S 154 -22.90 12.21 43.01
CA ASN S 154 -23.88 13.11 43.60
C ASN S 154 -23.50 13.49 45.04
N ALA S 155 -24.28 14.41 45.60
CA ALA S 155 -24.05 14.87 46.95
C ALA S 155 -24.57 13.86 47.96
N GLY S 156 -23.84 13.73 49.07
CA GLY S 156 -24.18 12.79 50.12
C GLY S 156 -23.59 11.40 49.94
N GLN S 157 -23.03 11.09 48.77
CA GLN S 157 -22.43 9.78 48.51
C GLN S 157 -21.01 9.78 49.04
N THR S 158 -20.91 9.79 50.37
CA THR S 158 -19.65 9.97 51.07
C THR S 158 -19.42 8.82 52.05
N ILE S 159 -18.20 8.74 52.54
CA ILE S 159 -17.87 7.87 53.68
C ILE S 159 -16.98 8.65 54.64
N THR S 160 -17.28 8.55 55.92
CA THR S 160 -16.49 9.16 56.97
C THR S 160 -15.56 8.12 57.60
N MET S 161 -14.43 8.61 58.09
CA MET S 161 -13.39 7.75 58.65
C MET S 161 -12.75 8.49 59.81
N LYS S 162 -12.20 7.73 60.75
CA LYS S 162 -11.58 8.29 61.94
C LYS S 162 -10.35 7.48 62.29
N ILE S 163 -9.31 8.17 62.74
CA ILE S 163 -8.06 7.54 63.17
C ILE S 163 -7.73 8.08 64.55
N SER S 164 -7.40 7.19 65.47
CA SER S 164 -7.17 7.54 66.86
C SER S 164 -5.73 7.99 67.08
N THR S 165 -5.49 8.64 68.22
CA THR S 165 -4.14 8.98 68.62
C THR S 165 -3.37 7.71 68.97
N MET S 166 -2.19 7.55 68.38
CA MET S 166 -1.33 6.37 68.50
C MET S 166 0.03 6.76 69.07
N SER S 167 0.04 7.64 70.06
CA SER S 167 1.25 7.99 70.79
C SER S 167 1.45 7.06 71.99
N ALA S 168 2.61 7.22 72.65
CA ALA S 168 2.92 6.38 73.80
C ALA S 168 2.04 6.71 74.99
N THR S 169 1.66 7.98 75.15
CA THR S 169 0.83 8.37 76.29
C THR S 169 -0.55 7.72 76.20
N LYS S 170 -1.14 7.66 75.00
CA LYS S 170 -2.49 7.12 74.87
C LYS S 170 -2.52 5.63 75.15
N LEU S 171 -1.45 4.92 74.81
CA LEU S 171 -1.38 3.47 74.93
C LEU S 171 -0.79 2.99 76.24
N GLY S 172 -0.50 3.89 77.18
CA GLY S 172 -0.03 3.48 78.49
C GLY S 172 1.32 2.78 78.46
N VAL S 173 2.20 3.20 77.54
CA VAL S 173 3.54 2.63 77.41
C VAL S 173 4.64 3.68 77.51
N ASP S 174 4.29 4.96 77.65
CA ASP S 174 5.26 6.01 77.88
C ASP S 174 6.09 5.73 79.13
N ALA S 175 7.24 6.42 79.22
CA ALA S 175 8.22 6.14 80.27
C ALA S 175 7.68 6.41 81.67
N ALA S 176 6.63 7.23 81.80
CA ALA S 176 6.05 7.48 83.10
C ALA S 176 5.32 6.27 83.69
N LYS S 177 5.03 5.25 82.87
CA LYS S 177 4.30 4.07 83.34
C LYS S 177 4.87 2.76 82.78
N ALA S 178 6.01 2.78 82.09
CA ALA S 178 6.56 1.58 81.48
C ALA S 178 8.08 1.50 81.61
N SER S 179 8.65 2.04 82.68
CA SER S 179 10.07 1.88 82.90
C SER S 179 10.41 0.42 83.16
N ILE S 180 11.67 0.07 82.89
CA ILE S 180 12.19 -1.25 83.23
C ILE S 180 13.45 -1.07 84.08
N SER S 181 13.50 0.01 84.85
CA SER S 181 14.56 0.18 85.83
C SER S 181 14.59 -0.97 86.82
N LYS S 182 13.43 -1.37 87.34
CA LYS S 182 13.34 -2.40 88.35
C LYS S 182 13.00 -3.74 87.70
N GLY S 183 12.86 -4.77 88.54
CA GLY S 183 12.30 -6.04 88.11
C GLY S 183 10.79 -6.00 88.12
N THR S 184 10.23 -5.27 89.09
CA THR S 184 8.77 -5.20 89.22
C THR S 184 8.15 -4.44 88.04
N ALA S 185 8.79 -3.34 87.62
CA ALA S 185 8.21 -2.51 86.57
C ALA S 185 8.17 -3.24 85.24
N ALA S 186 9.12 -4.15 84.97
CA ALA S 186 9.09 -4.92 83.74
C ALA S 186 7.88 -5.84 83.69
N SER S 187 7.44 -6.34 84.86
CA SER S 187 6.23 -7.15 84.92
C SER S 187 5.04 -6.41 84.34
N LYS S 188 4.82 -5.18 84.79
CA LYS S 188 3.72 -4.38 84.25
C LYS S 188 4.00 -3.96 82.81
N ALA S 189 5.28 -3.75 82.46
CA ALA S 189 5.62 -3.30 81.12
C ALA S 189 5.27 -4.34 80.08
N ILE S 190 5.43 -5.62 80.41
CA ILE S 190 5.11 -6.69 79.47
C ILE S 190 3.62 -6.64 79.11
N LYS S 191 2.77 -6.59 80.13
CA LYS S 191 1.32 -6.52 79.90
C LYS S 191 0.93 -5.26 79.17
N SER S 192 1.57 -4.14 79.54
CA SER S 192 1.30 -2.86 78.89
C SER S 192 1.63 -2.92 77.40
N ILE S 193 2.76 -3.55 77.07
CA ILE S 193 3.18 -3.67 75.68
C ILE S 193 2.25 -4.60 74.91
N ASP S 194 1.77 -5.68 75.55
CA ASP S 194 0.81 -6.56 74.91
C ASP S 194 -0.49 -5.81 74.58
N ASP S 195 -0.99 -5.03 75.54
CA ASP S 195 -2.20 -4.25 75.30
C ASP S 195 -2.00 -3.28 74.15
N ALA S 196 -0.83 -2.63 74.10
CA ALA S 196 -0.55 -1.69 73.02
C ALA S 196 -0.51 -2.39 71.66
N ILE S 197 0.13 -3.56 71.60
CA ILE S 197 0.19 -4.32 70.34
C ILE S 197 -1.22 -4.67 69.87
N ASN S 198 -2.07 -5.14 70.79
CA ASN S 198 -3.45 -5.48 70.41
C ASN S 198 -4.20 -4.27 69.91
N THR S 199 -4.04 -3.12 70.58
CA THR S 199 -4.74 -1.90 70.16
C THR S 199 -4.32 -1.47 68.77
N VAL S 200 -3.01 -1.50 68.48
CA VAL S 200 -2.56 -1.02 67.18
C VAL S 200 -2.93 -2.03 66.09
N SER S 201 -3.00 -3.32 66.43
CA SER S 201 -3.54 -4.29 65.49
C SER S 201 -5.00 -4.00 65.16
N LYS S 202 -5.79 -3.65 66.18
CA LYS S 202 -7.18 -3.28 65.96
C LYS S 202 -7.30 -2.10 65.00
N THR S 203 -6.48 -1.06 65.24
CA THR S 203 -6.53 0.11 64.36
C THR S 203 -6.13 -0.25 62.93
N ARG S 204 -5.10 -1.06 62.76
CA ARG S 204 -4.70 -1.49 61.41
C ARG S 204 -5.82 -2.23 60.72
N SER S 205 -6.51 -3.12 61.45
CA SER S 205 -7.66 -3.82 60.88
C SER S 205 -8.73 -2.83 60.42
N ALA S 206 -9.01 -1.83 61.26
CA ALA S 206 -10.01 -0.82 60.92
C ALA S 206 -9.65 -0.09 59.63
N LEU S 207 -8.36 0.17 59.42
CA LEU S 207 -7.94 0.83 58.18
C LEU S 207 -8.07 -0.10 56.97
N GLY S 208 -7.61 -1.35 57.13
CA GLY S 208 -7.64 -2.28 56.01
C GLY S 208 -9.04 -2.60 55.53
N ALA S 209 -10.01 -2.59 56.45
CA ALA S 209 -11.40 -2.81 56.06
C ALA S 209 -11.86 -1.74 55.09
N VAL S 210 -11.56 -0.47 55.39
CA VAL S 210 -11.98 0.61 54.52
C VAL S 210 -11.26 0.54 53.18
N GLN S 211 -9.99 0.12 53.20
CA GLN S 211 -9.26 -0.09 51.95
C GLN S 211 -9.96 -1.12 51.05
N ASN S 212 -10.30 -2.27 51.64
CA ASN S 212 -10.96 -3.33 50.88
C ASN S 212 -12.32 -2.88 50.37
N ARG S 213 -13.03 -2.07 51.16
CA ARG S 213 -14.29 -1.51 50.69
C ARG S 213 -14.08 -0.62 49.47
N LEU S 214 -13.08 0.26 49.54
CA LEU S 214 -12.85 1.20 48.46
C LEU S 214 -12.47 0.50 47.17
N GLU S 215 -11.82 -0.65 47.25
CA GLU S 215 -11.52 -1.42 46.04
C GLU S 215 -12.79 -1.82 45.30
N HIS S 216 -13.73 -2.45 46.02
CA HIS S 216 -15.01 -2.82 45.43
C HIS S 216 -15.75 -1.59 44.91
N THR S 217 -15.69 -0.48 45.64
CA THR S 217 -16.30 0.76 45.19
C THR S 217 -15.73 1.20 43.85
N ILE S 218 -14.41 1.11 43.69
CA ILE S 218 -13.78 1.51 42.43
C ILE S 218 -14.25 0.62 41.29
N ASN S 219 -14.34 -0.68 41.53
CA ASN S 219 -14.81 -1.60 40.50
C ASN S 219 -16.22 -1.23 40.06
N ASN S 220 -17.12 -1.00 41.03
CA ASN S 220 -18.50 -0.65 40.70
C ASN S 220 -18.57 0.67 39.94
N LEU S 221 -17.75 1.65 40.34
CA LEU S 221 -17.75 2.94 39.65
C LEU S 221 -17.29 2.79 38.21
N GLY S 222 -16.26 1.98 37.97
CA GLY S 222 -15.82 1.76 36.60
C GLY S 222 -16.88 1.11 35.74
N THR S 223 -17.54 0.07 36.28
CA THR S 223 -18.61 -0.59 35.54
C THR S 223 -19.74 0.38 35.20
N SER S 224 -20.17 1.16 36.19
CA SER S 224 -21.27 2.10 35.95
C SER S 224 -20.88 3.17 34.95
N ALA S 225 -19.63 3.64 35.01
CA ALA S 225 -19.19 4.66 34.07
C ALA S 225 -19.17 4.13 32.65
N GLU S 226 -18.69 2.90 32.46
CA GLU S 226 -18.69 2.30 31.12
C GLU S 226 -20.12 2.15 30.60
N ASN S 227 -21.03 1.66 31.43
CA ASN S 227 -22.40 1.46 30.98
C ASN S 227 -23.07 2.78 30.60
N LEU S 228 -22.92 3.81 31.45
CA LEU S 228 -23.51 5.10 31.12
C LEU S 228 -22.85 5.74 29.91
N THR S 229 -21.55 5.50 29.71
CA THR S 229 -20.89 5.98 28.51
C THR S 229 -21.48 5.35 27.27
N ALA S 230 -21.72 4.04 27.31
CA ALA S 230 -22.38 3.36 26.20
C ALA S 230 -23.76 3.95 25.93
N ALA S 231 -24.54 4.17 26.99
CA ALA S 231 -25.88 4.75 26.84
C ALA S 231 -25.81 6.13 26.20
N GLU S 232 -24.92 6.99 26.71
CA GLU S 232 -24.81 8.34 26.19
C GLU S 232 -24.34 8.34 24.73
N SER S 233 -23.42 7.42 24.40
CA SER S 233 -22.98 7.30 23.01
C SER S 233 -24.14 6.92 22.11
N ARG S 234 -24.93 5.93 22.52
CA ARG S 234 -26.06 5.51 21.69
C ARG S 234 -27.12 6.60 21.57
N ILE S 235 -27.25 7.45 22.59
CA ILE S 235 -28.24 8.52 22.54
C ILE S 235 -27.76 9.62 21.59
N ARG S 236 -26.57 10.17 21.84
CA ARG S 236 -26.15 11.41 21.20
C ARG S 236 -25.27 11.22 19.98
N ASP S 237 -24.33 10.28 20.01
CA ASP S 237 -23.44 10.10 18.87
C ASP S 237 -24.21 9.54 17.67
N THR S 238 -23.67 9.77 16.48
CA THR S 238 -24.30 9.42 15.23
C THR S 238 -23.55 8.27 14.55
N ASP S 239 -24.30 7.45 13.82
CA ASP S 239 -23.72 6.40 13.01
C ASP S 239 -23.27 6.99 11.68
N MET S 240 -21.99 6.77 11.35
CA MET S 240 -21.42 7.38 10.15
C MET S 240 -22.08 6.85 8.88
N ALA S 241 -22.41 5.56 8.86
CA ALA S 241 -22.91 4.95 7.64
C ALA S 241 -24.27 5.50 7.22
N ALA S 242 -25.18 5.65 8.19
CA ALA S 242 -26.51 6.15 7.87
C ALA S 242 -26.45 7.59 7.37
N GLU S 243 -25.65 8.43 8.01
CA GLU S 243 -25.53 9.82 7.57
C GLU S 243 -24.84 9.91 6.22
N MET S 244 -23.88 9.02 5.95
CA MET S 244 -23.27 8.97 4.63
C MET S 244 -24.30 8.62 3.56
N MET S 245 -25.13 7.61 3.84
CA MET S 245 -26.23 7.25 2.94
C MET S 245 -27.12 8.44 2.66
N ALA S 246 -27.58 9.10 3.72
CA ALA S 246 -28.49 10.23 3.57
C ALA S 246 -27.84 11.37 2.79
N PHE S 247 -26.56 11.62 3.04
CA PHE S 247 -25.87 12.71 2.35
C PHE S 247 -25.72 12.44 0.87
N THR S 248 -25.34 11.20 0.51
CA THR S 248 -25.26 10.83 -0.90
C THR S 248 -26.62 10.94 -1.59
N LYS S 249 -27.67 10.45 -0.92
CA LYS S 249 -29.02 10.56 -1.45
C LYS S 249 -29.41 12.01 -1.71
N ASN S 250 -29.15 12.88 -0.74
CA ASN S 250 -29.53 14.28 -0.87
C ASN S 250 -28.71 14.97 -1.97
N ASN S 251 -27.44 14.61 -2.14
CA ASN S 251 -26.65 15.17 -3.23
C ASN S 251 -27.24 14.77 -4.58
N ILE S 252 -27.59 13.48 -4.73
CA ILE S 252 -28.17 13.02 -5.99
C ILE S 252 -29.47 13.76 -6.27
N LEU S 253 -30.29 13.96 -5.25
CA LEU S 253 -31.54 14.69 -5.42
C LEU S 253 -31.29 16.14 -5.80
N THR S 254 -30.26 16.75 -5.21
CA THR S 254 -29.89 18.13 -5.56
C THR S 254 -29.50 18.23 -7.02
N GLN S 255 -28.68 17.29 -7.50
CA GLN S 255 -28.28 17.29 -8.91
C GLN S 255 -29.49 17.12 -9.83
N ALA S 256 -30.39 16.20 -9.46
CA ALA S 256 -31.59 15.99 -10.26
C ALA S 256 -32.44 17.26 -10.34
N ALA S 257 -32.61 17.94 -9.21
CA ALA S 257 -33.40 19.18 -9.21
C ALA S 257 -32.69 20.27 -10.01
N GLN S 258 -31.37 20.32 -9.96
CA GLN S 258 -30.63 21.28 -10.77
C GLN S 258 -30.88 21.07 -12.25
N SER S 259 -30.77 19.83 -12.72
CA SER S 259 -31.04 19.53 -14.13
C SER S 259 -32.48 19.84 -14.49
N MET S 260 -33.43 19.51 -13.61
CA MET S 260 -34.83 19.78 -13.88
C MET S 260 -35.09 21.27 -14.01
N LEU S 261 -34.43 22.07 -13.18
CA LEU S 261 -34.61 23.52 -13.26
C LEU S 261 -33.98 24.09 -14.53
N ALA S 262 -32.82 23.56 -14.92
CA ALA S 262 -32.22 23.97 -16.17
C ALA S 262 -33.13 23.68 -17.35
N GLN S 263 -33.86 22.56 -17.29
CA GLN S 263 -34.82 22.26 -18.35
C GLN S 263 -36.03 23.19 -18.28
N ALA S 264 -36.58 23.39 -17.08
CA ALA S 264 -37.78 24.20 -16.92
C ALA S 264 -37.55 25.65 -17.34
N ASN S 265 -36.33 26.16 -17.17
CA ASN S 265 -36.04 27.51 -17.63
C ASN S 265 -36.06 27.61 -19.15
N GLN S 266 -35.67 26.54 -19.85
CA GLN S 266 -35.69 26.52 -21.30
C GLN S 266 -37.06 26.20 -21.87
N GLN S 267 -37.94 25.58 -21.07
CA GLN S 267 -39.27 25.19 -21.58
C GLN S 267 -40.06 26.34 -22.17
N PRO S 268 -40.18 27.52 -21.53
CA PRO S 268 -40.98 28.59 -22.17
C PRO S 268 -40.22 29.36 -23.25
N GLN S 269 -40.23 28.81 -24.46
CA GLN S 269 -39.66 29.46 -25.64
C GLN S 269 -40.66 29.32 -26.77
N GLY S 270 -41.58 30.28 -26.86
CA GLY S 270 -42.55 30.36 -27.92
C GLY S 270 -42.36 31.60 -28.76
N VAL S 271 -41.09 31.98 -28.96
CA VAL S 271 -40.80 33.15 -29.77
C VAL S 271 -41.04 32.86 -31.25
N LEU S 272 -41.02 31.59 -31.66
CA LEU S 272 -41.29 31.29 -33.06
C LEU S 272 -42.75 31.49 -33.45
N GLN S 273 -43.65 31.69 -32.50
CA GLN S 273 -44.99 32.16 -32.87
C GLN S 273 -44.91 33.50 -33.58
N LEU S 274 -44.19 34.43 -32.98
CA LEU S 274 -44.22 35.82 -33.40
C LEU S 274 -43.42 36.04 -34.67
N LEU S 275 -42.12 35.80 -34.61
CA LEU S 275 -41.23 36.04 -35.73
C LEU S 275 -41.18 34.82 -36.65
N GLN S 276 -40.34 34.89 -37.68
CA GLN S 276 -40.20 33.75 -38.58
C GLN S 276 -38.95 33.95 -39.44
N MET T 1 -27.49 55.21 -24.35
CA MET T 1 -28.69 54.44 -24.02
C MET T 1 -28.93 53.04 -24.63
N ARG T 2 -28.56 52.82 -25.90
CA ARG T 2 -28.84 51.57 -26.58
C ARG T 2 -27.59 50.86 -27.09
N ILE T 3 -26.74 51.56 -27.84
CA ILE T 3 -25.69 50.90 -28.63
C ILE T 3 -24.31 51.33 -28.17
N GLN T 4 -24.05 52.63 -28.20
CA GLN T 4 -22.71 53.16 -28.01
C GLN T 4 -22.10 52.80 -26.66
N HIS T 5 -22.93 52.50 -25.66
CA HIS T 5 -22.46 52.16 -24.32
C HIS T 5 -23.32 51.03 -23.76
N ASN T 6 -22.67 50.06 -23.13
CA ASN T 6 -23.34 48.89 -22.56
C ASN T 6 -22.88 48.75 -21.11
N ILE T 7 -23.64 49.32 -20.19
CA ILE T 7 -23.15 49.53 -18.82
C ILE T 7 -23.13 48.23 -18.03
N ALA T 8 -24.06 47.31 -18.32
CA ALA T 8 -24.07 46.02 -17.64
C ALA T 8 -22.76 45.28 -17.86
N ALA T 9 -22.25 45.31 -19.07
CA ALA T 9 -20.98 44.64 -19.37
C ALA T 9 -19.83 45.30 -18.63
N LEU T 10 -19.86 46.62 -18.46
CA LEU T 10 -18.82 47.31 -17.69
C LEU T 10 -18.84 46.84 -16.24
N ASN T 11 -20.03 46.80 -15.63
CA ASN T 11 -20.12 46.34 -14.24
C ASN T 11 -19.64 44.90 -14.11
N THR T 12 -20.03 44.04 -15.06
CA THR T 12 -19.60 42.66 -15.03
C THR T 12 -18.08 42.56 -15.16
N HIS T 13 -17.48 43.39 -16.01
CA HIS T 13 -16.03 43.40 -16.16
C HIS T 13 -15.34 43.80 -14.86
N ARG T 14 -15.86 44.85 -14.20
CA ARG T 14 -15.33 45.26 -12.91
C ARG T 14 -15.33 44.11 -11.91
N ASN T 15 -16.49 43.46 -11.75
CA ASN T 15 -16.60 42.38 -10.78
C ASN T 15 -15.68 41.22 -11.13
N LEU T 16 -15.56 40.92 -12.43
CA LEU T 16 -14.69 39.85 -12.89
C LEU T 16 -13.24 40.15 -12.53
N ALA T 17 -12.80 41.38 -12.77
CA ALA T 17 -11.43 41.78 -12.42
C ALA T 17 -11.19 41.65 -10.92
N ALA T 18 -12.16 42.09 -10.11
CA ALA T 18 -12.02 41.96 -8.66
C ALA T 18 -11.88 40.51 -8.22
N ASN T 19 -12.72 39.64 -8.76
CA ASN T 19 -12.66 38.23 -8.40
C ASN T 19 -11.33 37.61 -8.80
N ASN T 20 -10.83 37.95 -10.00
CA ASN T 20 -9.53 37.44 -10.43
C ASN T 20 -8.43 37.91 -9.49
N ALA T 21 -8.47 39.17 -9.08
CA ALA T 21 -7.45 39.68 -8.16
C ALA T 21 -7.49 38.94 -6.83
N ALA T 22 -8.69 38.69 -6.30
CA ALA T 22 -8.79 37.99 -5.02
C ALA T 22 -8.27 36.56 -5.14
N ALA T 23 -8.60 35.89 -6.24
CA ALA T 23 -8.10 34.53 -6.45
C ALA T 23 -6.58 34.52 -6.56
N SER T 24 -6.00 35.53 -7.21
CA SER T 24 -4.54 35.60 -7.30
C SER T 24 -3.90 35.80 -5.93
N LYS T 25 -4.50 36.65 -5.10
CA LYS T 25 -4.00 36.81 -3.73
C LYS T 25 -4.05 35.50 -2.97
N ASN T 26 -5.14 34.75 -3.11
CA ASN T 26 -5.24 33.46 -2.42
C ASN T 26 -4.19 32.48 -2.92
N LEU T 27 -3.93 32.48 -4.23
CA LEU T 27 -2.87 31.64 -4.78
C LEU T 27 -1.52 32.00 -4.20
N GLU T 28 -1.24 33.29 -4.07
CA GLU T 28 0.00 33.73 -3.46
C GLU T 28 0.12 33.20 -2.03
N LYS T 29 -0.95 33.35 -1.24
CA LYS T 29 -0.91 32.90 0.15
C LYS T 29 -0.76 31.39 0.25
N LEU T 30 -1.30 30.64 -0.71
CA LEU T 30 -1.20 29.18 -0.65
C LEU T 30 0.17 28.68 -1.08
N SER T 31 0.73 29.28 -2.14
CA SER T 31 2.05 28.88 -2.60
C SER T 31 3.13 29.28 -1.60
N SER T 32 3.03 30.49 -1.04
CA SER T 32 4.06 30.96 -0.12
C SER T 32 4.02 30.19 1.19
N GLY T 33 2.83 29.80 1.63
CA GLY T 33 2.67 29.22 2.95
C GLY T 33 2.58 30.22 4.08
N PHE T 34 2.66 31.52 3.80
CA PHE T 34 2.57 32.57 4.80
C PHE T 34 1.37 33.44 4.51
N LYS T 35 0.72 33.91 5.58
CA LYS T 35 -0.46 34.75 5.48
C LYS T 35 -0.10 36.21 5.24
N ILE T 36 1.12 36.62 5.56
CA ILE T 36 1.56 38.01 5.46
C ILE T 36 2.83 38.00 4.62
N ASN T 37 2.68 38.32 3.32
CA ASN T 37 3.81 38.46 2.40
C ASN T 37 4.18 39.91 2.15
N ARG T 38 3.27 40.85 2.41
CA ARG T 38 3.50 42.27 2.26
C ARG T 38 3.01 42.97 3.51
N ALA T 39 3.42 44.23 3.68
CA ALA T 39 2.93 45.01 4.81
C ALA T 39 1.49 45.47 4.60
N GLY T 40 1.04 45.56 3.36
CA GLY T 40 -0.36 45.86 3.11
C GLY T 40 -1.30 44.78 3.62
N ASP T 41 -0.81 43.53 3.69
CA ASP T 41 -1.61 42.46 4.27
C ASP T 41 -1.95 42.77 5.72
N ASP T 42 -0.94 43.10 6.52
CA ASP T 42 -1.15 43.37 7.94
C ASP T 42 0.08 44.07 8.49
N ALA T 43 -0.09 45.32 8.93
CA ALA T 43 1.04 46.10 9.43
C ALA T 43 1.44 45.67 10.84
N ALA T 44 0.49 45.66 11.77
CA ALA T 44 0.74 45.18 13.13
C ALA T 44 0.65 43.67 13.15
N GLY T 45 1.80 43.01 13.16
CA GLY T 45 1.89 41.58 12.98
C GLY T 45 3.09 41.23 12.14
N LEU T 46 3.39 42.05 11.13
CA LEU T 46 4.66 41.95 10.45
C LEU T 46 5.82 42.26 11.40
N ALA T 47 5.72 43.40 12.11
CA ALA T 47 6.72 43.77 13.10
C ALA T 47 6.83 42.72 14.19
N ILE T 48 5.68 42.24 14.68
CA ILE T 48 5.68 41.25 15.74
C ILE T 48 6.34 39.96 15.27
N SER T 49 6.07 39.56 14.03
CA SER T 49 6.67 38.36 13.47
C SER T 49 8.18 38.51 13.35
N GLU T 50 8.64 39.69 12.92
CA GLU T 50 10.08 39.89 12.78
C GLU T 50 10.78 39.87 14.13
N LYS T 51 10.21 40.55 15.12
CA LYS T 51 10.80 40.52 16.46
C LYS T 51 10.80 39.09 17.02
N MET T 52 9.73 38.34 16.80
CA MET T 52 9.65 36.99 17.32
C MET T 52 10.65 36.08 16.62
N ARG T 53 10.87 36.28 15.32
CA ARG T 53 11.89 35.52 14.61
C ARG T 53 13.28 35.82 15.16
N GLY T 54 13.56 37.10 15.41
CA GLY T 54 14.83 37.46 16.02
C GLY T 54 15.01 36.79 17.37
N GLN T 55 13.97 36.81 18.20
CA GLN T 55 14.05 36.19 19.51
C GLN T 55 14.25 34.68 19.41
N ILE T 56 13.58 34.04 18.45
CA ILE T 56 13.72 32.59 18.28
C ILE T 56 15.15 32.23 17.89
N SER T 57 15.68 32.94 16.90
CA SER T 57 17.07 32.69 16.49
C SER T 57 18.04 32.92 17.64
N GLY T 58 17.84 34.01 18.39
CA GLY T 58 18.70 34.30 19.52
C GLY T 58 18.62 33.22 20.59
N LEU T 59 17.42 32.72 20.86
CA LEU T 59 17.25 31.70 21.89
C LEU T 59 17.90 30.38 21.49
N ASN T 60 17.74 29.98 20.23
CA ASN T 60 18.39 28.76 19.75
C ASN T 60 19.91 28.90 19.79
N MET T 61 20.43 30.04 19.35
CA MET T 61 21.88 30.25 19.41
C MET T 61 22.38 30.30 20.85
N ALA T 62 21.57 30.82 21.76
CA ALA T 62 21.95 30.83 23.17
C ALA T 62 21.97 29.42 23.76
N SER T 63 21.04 28.58 23.33
CA SER T 63 21.08 27.17 23.72
C SER T 63 22.38 26.52 23.25
N LYS T 64 22.75 26.78 21.98
CA LYS T 64 24.01 26.27 21.45
C LYS T 64 25.19 26.75 22.28
N ASN T 65 25.22 28.04 22.60
CA ASN T 65 26.31 28.61 23.38
C ASN T 65 26.38 28.00 24.78
N SER T 66 25.23 27.77 25.40
CA SER T 66 25.20 27.16 26.73
C SER T 66 25.76 25.74 26.68
N SER T 67 25.43 24.99 25.64
CA SER T 67 26.01 23.66 25.49
C SER T 67 27.52 23.72 25.32
N ASP T 68 28.00 24.70 24.55
CA ASP T 68 29.44 24.88 24.38
C ASP T 68 30.11 25.16 25.72
N ALA T 69 29.50 26.03 26.53
CA ALA T 69 30.03 26.31 27.86
C ALA T 69 30.07 25.06 28.73
N ILE T 70 29.02 24.22 28.64
CA ILE T 70 29.01 22.98 29.40
C ILE T 70 30.18 22.09 28.98
N SER T 71 30.46 22.04 27.67
CA SER T 71 31.59 21.24 27.20
C SER T 71 32.92 21.75 27.78
N LEU T 72 33.11 23.06 27.75
CA LEU T 72 34.31 23.67 28.34
C LEU T 72 34.45 23.30 29.82
N ILE T 73 33.36 23.43 30.57
CA ILE T 73 33.41 23.15 32.01
C ILE T 73 33.73 21.68 32.25
N GLN T 74 33.15 20.79 31.45
CA GLN T 74 33.44 19.37 31.58
C GLN T 74 34.92 19.10 31.32
N THR T 75 35.52 19.82 30.37
CA THR T 75 36.95 19.67 30.11
C THR T 75 37.75 20.02 31.36
N ALA T 76 37.43 21.16 31.98
CA ALA T 76 38.18 21.59 33.16
C ALA T 76 38.01 20.60 34.32
N GLU T 77 36.79 20.12 34.56
CA GLU T 77 36.57 19.16 35.63
C GLU T 77 37.33 17.87 35.39
N GLY T 78 37.32 17.37 34.15
CA GLY T 78 38.11 16.20 33.83
C GLY T 78 39.58 16.42 34.04
N GLY T 79 40.06 17.64 33.79
CA GLY T 79 41.45 17.97 34.10
C GLY T 79 41.75 17.87 35.58
N LEU T 80 40.81 18.33 36.42
CA LEU T 80 41.06 18.37 37.87
C LEU T 80 40.87 17.00 38.55
N ASN T 81 40.16 16.07 37.92
CA ASN T 81 40.04 14.72 38.48
C ASN T 81 41.41 14.07 38.66
N GLU T 82 42.28 14.21 37.67
CA GLU T 82 43.61 13.60 37.79
C GLU T 82 44.47 14.34 38.81
N THR T 83 44.24 15.64 38.98
CA THR T 83 44.86 16.37 40.08
C THR T 83 44.50 15.74 41.42
N HIS T 84 43.21 15.48 41.64
CA HIS T 84 42.77 14.75 42.84
C HIS T 84 43.53 13.45 43.00
N ALA T 85 43.59 12.65 41.94
CA ALA T 85 44.20 11.32 42.01
C ALA T 85 45.67 11.40 42.41
N ILE T 86 46.44 12.23 41.73
CA ILE T 86 47.88 12.27 42.01
C ILE T 86 48.13 12.95 43.35
N LEU T 87 47.24 13.84 43.80
CA LEU T 87 47.37 14.38 45.15
C LEU T 87 47.18 13.30 46.20
N GLN T 88 46.21 12.41 46.00
CA GLN T 88 46.05 11.28 46.90
C GLN T 88 47.31 10.42 46.93
N ARG T 89 47.87 10.15 45.74
CA ARG T 89 49.09 9.35 45.69
C ARG T 89 50.24 10.03 46.42
N MET T 90 50.37 11.35 46.26
CA MET T 90 51.42 12.12 46.92
C MET T 90 51.26 12.08 48.44
N ARG T 91 50.02 12.19 48.92
CA ARG T 91 49.79 12.08 50.36
C ARG T 91 50.18 10.71 50.88
N GLU T 92 49.83 9.65 50.14
CA GLU T 92 50.25 8.30 50.52
C GLU T 92 51.76 8.19 50.60
N LEU T 93 52.46 8.73 49.60
CA LEU T 93 53.92 8.74 49.57
C LEU T 93 54.49 9.48 50.77
N ALA T 94 53.92 10.63 51.13
CA ALA T 94 54.42 11.38 52.28
C ALA T 94 54.20 10.62 53.58
N VAL T 95 53.03 10.01 53.75
CA VAL T 95 52.77 9.26 54.97
C VAL T 95 53.73 8.08 55.10
N GLN T 96 54.08 7.45 53.96
CA GLN T 96 55.07 6.39 54.00
C GLN T 96 56.47 6.91 54.28
N SER T 97 56.85 8.03 53.65
CA SER T 97 58.16 8.64 53.87
C SER T 97 58.36 9.09 55.31
N ARG T 98 57.28 9.42 56.01
CA ARG T 98 57.31 10.05 57.32
C ARG T 98 57.86 9.12 58.41
N ASN T 99 57.80 7.81 58.19
CA ASN T 99 58.23 6.84 59.19
C ASN T 99 59.75 6.73 59.22
N ASP T 100 60.28 6.35 60.39
CA ASP T 100 61.72 6.29 60.63
C ASP T 100 62.34 4.94 60.26
N THR T 101 61.55 4.02 59.70
CA THR T 101 62.13 2.82 59.10
C THR T 101 62.99 3.16 57.90
N ASN T 102 62.70 4.27 57.23
CA ASN T 102 63.39 4.64 56.00
C ASN T 102 64.67 5.39 56.32
N ASP T 103 65.72 5.10 55.55
CA ASP T 103 67.04 5.68 55.75
C ASP T 103 67.37 6.68 54.66
N GLU T 104 67.87 7.85 55.07
CA GLU T 104 68.44 8.79 54.11
C GLU T 104 69.75 8.30 53.52
N ALA T 105 70.49 7.45 54.26
CA ALA T 105 71.79 6.99 53.81
C ALA T 105 71.67 6.11 52.58
N THR T 106 70.85 5.05 52.68
CA THR T 106 70.67 4.10 51.58
C THR T 106 69.51 4.47 50.66
N ASN T 107 69.17 5.76 50.59
CA ASN T 107 68.38 6.31 49.49
C ASN T 107 66.94 5.77 49.50
N ASP T 108 66.36 5.57 50.70
CA ASP T 108 64.98 5.11 50.80
C ASP T 108 64.00 6.24 50.49
N ARG T 109 64.24 7.42 51.05
CA ARG T 109 63.34 8.55 50.85
C ARG T 109 63.59 9.30 49.55
N SER T 110 64.80 9.23 48.99
CA SER T 110 65.07 9.92 47.74
C SER T 110 64.33 9.30 46.57
N ASN T 111 63.99 8.01 46.65
CA ASN T 111 63.15 7.41 45.62
C ASN T 111 61.71 7.88 45.72
N LEU T 112 61.18 8.02 46.94
CA LEU T 112 59.85 8.60 47.09
C LEU T 112 59.86 10.06 46.67
N ASN T 113 60.99 10.74 46.83
CA ASN T 113 61.12 12.12 46.35
C ASN T 113 61.18 12.17 44.82
N ASP T 114 61.85 11.20 44.18
CA ASP T 114 61.78 11.05 42.74
C ASP T 114 60.33 10.96 42.27
N GLU T 115 59.57 10.05 42.89
CA GLU T 115 58.15 9.89 42.59
C GLU T 115 57.39 11.20 42.79
N LEU T 116 57.63 11.87 43.91
CA LEU T 116 56.94 13.11 44.24
C LEU T 116 57.25 14.21 43.23
N LYS T 117 58.52 14.34 42.85
CA LYS T 117 58.90 15.35 41.87
C LYS T 117 58.24 15.10 40.52
N GLN T 118 58.17 13.83 40.09
CA GLN T 118 57.49 13.54 38.84
C GLN T 118 56.01 13.87 38.92
N LEU T 119 55.37 13.60 40.06
CA LEU T 119 53.96 13.93 40.20
C LEU T 119 53.75 15.44 40.26
N GLN T 120 54.71 16.19 40.80
CA GLN T 120 54.61 17.64 40.78
C GLN T 120 54.78 18.21 39.37
N GLU T 121 55.67 17.62 38.58
CA GLU T 121 55.75 18.03 37.18
C GLU T 121 54.46 17.72 36.46
N GLU T 122 53.79 16.61 36.81
CA GLU T 122 52.52 16.28 36.16
C GLU T 122 51.40 17.22 36.59
N ILE T 123 51.33 17.58 37.88
CA ILE T 123 50.30 18.51 38.32
C ILE T 123 50.47 19.88 37.68
N THR T 124 51.72 20.30 37.42
CA THR T 124 51.92 21.55 36.68
C THR T 124 51.58 21.38 35.19
N ARG T 125 51.91 20.22 34.62
CA ARG T 125 51.66 19.96 33.20
C ARG T 125 50.17 20.00 32.89
N ILE T 126 49.35 19.36 33.74
CA ILE T 126 47.91 19.39 33.51
C ILE T 126 47.38 20.81 33.56
N SER T 127 47.95 21.63 34.44
CA SER T 127 47.53 23.03 34.54
C SER T 127 47.78 23.76 33.24
N SER T 128 49.04 23.82 32.81
CA SER T 128 49.42 24.65 31.68
C SER T 128 49.55 23.89 30.36
N GLN T 129 48.81 22.79 30.18
CA GLN T 129 48.65 22.15 28.88
C GLN T 129 47.20 21.73 28.64
N MET T 130 46.26 22.36 29.33
CA MET T 130 44.84 22.12 29.16
C MET T 130 44.25 23.23 28.30
N GLU T 131 43.43 22.87 27.33
CA GLU T 131 42.88 23.91 26.43
C GLU T 131 41.59 23.44 25.79
N PHE T 132 40.74 24.40 25.47
CA PHE T 132 39.49 24.21 24.76
C PHE T 132 39.44 25.27 23.66
N ASN T 133 39.60 24.84 22.41
CA ASN T 133 39.58 25.74 21.26
C ASN T 133 40.73 26.73 21.33
N ASN T 134 41.92 26.24 21.71
CA ASN T 134 43.11 27.07 21.82
C ASN T 134 42.94 28.15 22.88
N LYS T 135 42.56 27.73 24.09
CA LYS T 135 42.28 28.64 25.19
C LYS T 135 42.75 27.99 26.48
N LYS T 136 43.86 28.48 27.02
CA LYS T 136 44.37 27.96 28.28
C LYS T 136 43.43 28.32 29.42
N LEU T 137 43.03 27.31 30.20
CA LEU T 137 42.00 27.47 31.23
C LEU T 137 42.57 27.55 32.65
N LEU T 138 43.45 26.62 33.02
CA LEU T 138 43.92 26.47 34.40
C LEU T 138 45.28 27.09 34.64
N ASP T 139 45.52 28.27 34.06
CA ASP T 139 46.82 28.94 34.15
C ASP T 139 46.72 30.23 34.93
N GLY T 140 45.52 30.82 34.96
CA GLY T 140 45.32 32.18 35.39
C GLY T 140 44.94 33.15 34.28
N SER T 141 44.68 32.66 33.06
CA SER T 141 44.25 33.56 31.98
C SER T 141 42.88 34.14 32.27
N GLN T 142 41.95 33.32 32.74
CA GLN T 142 40.59 33.74 33.02
C GLN T 142 40.40 34.28 34.42
N SER T 143 41.40 34.18 35.29
CA SER T 143 41.28 34.68 36.65
C SER T 143 41.36 36.20 36.71
N THR T 144 41.72 36.87 35.61
CA THR T 144 41.86 38.33 35.62
C THR T 144 40.53 39.01 35.32
N ASN T 145 39.87 38.60 34.24
CA ASN T 145 38.60 39.19 33.80
C ASN T 145 37.46 38.18 33.79
N GLY T 146 37.65 37.01 33.20
CA GLY T 146 36.70 35.93 33.25
C GLY T 146 36.07 35.66 31.89
N LEU T 147 35.54 34.45 31.75
CA LEU T 147 34.84 34.02 30.54
C LEU T 147 33.36 34.42 30.63
N THR T 148 32.86 35.03 29.58
CA THR T 148 31.49 35.53 29.52
C THR T 148 30.69 34.72 28.51
N PHE T 149 29.61 34.11 28.96
CA PHE T 149 28.73 33.31 28.12
C PHE T 149 27.43 34.07 27.89
N GLN T 150 27.06 34.20 26.62
CA GLN T 150 25.79 34.78 26.20
C GLN T 150 24.74 33.68 26.23
N ILE T 151 23.84 33.74 27.21
CA ILE T 151 22.82 32.72 27.41
C ILE T 151 21.44 33.33 27.20
N GLY T 152 21.36 34.30 26.30
CA GLY T 152 20.10 34.97 26.02
C GLY T 152 20.14 35.66 24.67
N ALA T 153 18.96 35.88 24.12
CA ALA T 153 18.85 36.50 22.80
C ALA T 153 19.32 37.94 22.82
N ASN T 154 18.94 38.69 23.85
CA ASN T 154 19.20 40.13 23.89
C ASN T 154 20.55 40.43 24.52
N ALA T 155 20.91 41.71 24.49
CA ALA T 155 22.18 42.17 25.05
C ALA T 155 22.08 42.26 26.57
N GLY T 156 23.20 41.92 27.23
CA GLY T 156 23.26 41.93 28.67
C GLY T 156 22.84 40.64 29.35
N GLN T 157 22.23 39.71 28.61
CA GLN T 157 21.79 38.43 29.16
C GLN T 157 22.96 37.47 29.16
N THR T 158 23.92 37.75 30.04
CA THR T 158 25.20 37.07 30.08
C THR T 158 25.45 36.50 31.47
N ILE T 159 26.46 35.64 31.55
CA ILE T 159 27.00 35.20 32.83
C ILE T 159 28.52 35.21 32.75
N THR T 160 29.16 35.74 33.78
CA THR T 160 30.62 35.75 33.88
C THR T 160 31.08 34.62 34.77
N MET T 161 32.29 34.13 34.49
CA MET T 161 32.87 33.00 35.19
C MET T 161 34.36 33.23 35.32
N LYS T 162 34.95 32.63 36.34
CA LYS T 162 36.37 32.78 36.62
C LYS T 162 36.93 31.46 37.10
N ILE T 163 38.16 31.17 36.68
CA ILE T 163 38.88 29.96 37.08
C ILE T 163 40.25 30.39 37.57
N SER T 164 40.64 29.86 38.72
CA SER T 164 41.88 30.26 39.38
C SER T 164 43.06 29.46 38.86
N THR T 165 44.26 29.95 39.15
CA THR T 165 45.47 29.20 38.84
C THR T 165 45.55 27.98 39.75
N MET T 166 45.76 26.82 39.14
CA MET T 166 45.80 25.52 39.80
C MET T 166 47.14 24.83 39.58
N SER T 167 48.22 25.59 39.67
CA SER T 167 49.56 25.05 39.62
C SER T 167 50.06 24.69 41.03
N ALA T 168 51.24 24.06 41.07
CA ALA T 168 51.81 23.64 42.35
C ALA T 168 52.26 24.84 43.17
N THR T 169 52.74 25.90 42.52
CA THR T 169 53.20 27.08 43.26
C THR T 169 52.05 27.76 44.00
N LYS T 170 50.88 27.86 43.37
CA LYS T 170 49.75 28.56 43.98
C LYS T 170 49.23 27.80 45.19
N LEU T 171 49.29 26.47 45.16
CA LEU T 171 48.74 25.64 46.20
C LEU T 171 49.74 25.26 47.29
N GLY T 172 50.95 25.80 47.26
CA GLY T 172 51.92 25.55 48.31
C GLY T 172 52.35 24.10 48.41
N VAL T 173 52.44 23.41 47.27
CA VAL T 173 52.85 22.01 47.23
C VAL T 173 54.03 21.78 46.30
N ASP T 174 54.51 22.82 45.61
CA ASP T 174 55.73 22.72 44.81
C ASP T 174 56.92 22.25 45.65
N ALA T 175 57.96 21.78 44.94
CA ALA T 175 59.09 21.15 45.61
C ALA T 175 59.86 22.10 46.52
N ALA T 176 59.71 23.41 46.33
CA ALA T 176 60.38 24.36 47.21
C ALA T 176 59.79 24.40 48.62
N LYS T 177 58.60 23.82 48.83
CA LYS T 177 57.95 23.83 50.13
C LYS T 177 57.28 22.50 50.49
N ALA T 178 57.49 21.44 49.70
CA ALA T 178 56.83 20.16 49.96
C ALA T 178 57.75 18.98 49.70
N SER T 179 59.05 19.13 49.94
CA SER T 179 59.95 17.99 49.82
C SER T 179 59.64 16.97 50.91
N ILE T 180 60.02 15.72 50.64
CA ILE T 180 59.94 14.65 51.63
C ILE T 180 61.31 14.01 51.77
N SER T 181 62.38 14.80 51.55
CA SER T 181 63.73 14.34 51.84
C SER T 181 63.86 13.91 53.30
N LYS T 182 63.35 14.74 54.22
CA LYS T 182 63.51 14.50 55.64
C LYS T 182 62.26 13.81 56.19
N GLY T 183 62.26 13.57 57.50
CA GLY T 183 61.06 13.16 58.20
C GLY T 183 60.22 14.36 58.59
N THR T 184 60.87 15.47 58.90
CA THR T 184 60.16 16.68 59.31
C THR T 184 59.36 17.27 58.15
N ALA T 185 59.96 17.29 56.95
CA ALA T 185 59.31 17.92 55.81
C ALA T 185 58.04 17.18 55.39
N ALA T 186 58.00 15.86 55.59
CA ALA T 186 56.79 15.11 55.27
C ALA T 186 55.64 15.51 56.17
N SER T 187 55.92 15.88 57.42
CA SER T 187 54.89 16.37 58.33
C SER T 187 54.17 17.57 57.73
N LYS T 188 54.92 18.57 57.26
CA LYS T 188 54.30 19.71 56.63
C LYS T 188 53.69 19.35 55.29
N ALA T 189 54.28 18.39 54.58
CA ALA T 189 53.79 18.02 53.26
C ALA T 189 52.40 17.41 53.34
N ILE T 190 52.13 16.65 54.39
CA ILE T 190 50.80 16.04 54.55
C ILE T 190 49.73 17.11 54.65
N LYS T 191 49.94 18.09 55.54
CA LYS T 191 48.99 19.18 55.71
C LYS T 191 48.87 20.02 54.44
N SER T 192 50.00 20.25 53.78
CA SER T 192 50.01 21.02 52.54
C SER T 192 49.17 20.32 51.47
N ILE T 193 49.29 19.00 51.38
CA ILE T 193 48.54 18.23 50.39
C ILE T 193 47.06 18.22 50.74
N ASP T 194 46.72 18.14 52.03
CA ASP T 194 45.32 18.21 52.43
C ASP T 194 44.70 19.56 52.03
N ASP T 195 45.42 20.65 52.29
CA ASP T 195 44.94 21.97 51.91
C ASP T 195 44.73 22.06 50.41
N ALA T 196 45.66 21.51 49.63
CA ALA T 196 45.54 21.53 48.18
C ALA T 196 44.32 20.73 47.70
N ILE T 197 44.10 19.55 48.29
CA ILE T 197 42.94 18.74 47.93
C ILE T 197 41.65 19.50 48.20
N ASN T 198 41.55 20.14 49.37
CA ASN T 198 40.35 20.91 49.70
C ASN T 198 40.14 22.06 48.72
N THR T 199 41.21 22.76 48.36
CA THR T 199 41.09 23.89 47.44
C THR T 199 40.61 23.43 46.07
N VAL T 200 41.16 22.33 45.56
CA VAL T 200 40.75 21.91 44.22
C VAL T 200 39.34 21.32 44.24
N SER T 201 38.93 20.73 45.37
CA SER T 201 37.53 20.33 45.53
C SER T 201 36.61 21.55 45.47
N LYS T 202 37.00 22.63 46.14
CA LYS T 202 36.23 23.86 46.10
C LYS T 202 36.07 24.37 44.67
N THR T 203 37.17 24.39 43.92
CA THR T 203 37.11 24.86 42.53
C THR T 203 36.21 23.97 41.67
N ARG T 204 36.31 22.65 41.85
CA ARG T 204 35.43 21.74 41.11
C ARG T 204 33.97 21.98 41.43
N SER T 205 33.65 22.22 42.71
CA SER T 205 32.29 22.56 43.09
C SER T 205 31.82 23.82 42.38
N ALA T 206 32.69 24.84 42.35
CA ALA T 206 32.35 26.10 41.69
C ALA T 206 32.03 25.88 40.21
N LEU T 207 32.75 24.98 39.56
CA LEU T 207 32.47 24.70 38.15
C LEU T 207 31.14 23.94 37.98
N GLY T 208 30.94 22.91 38.80
CA GLY T 208 29.74 22.10 38.68
C GLY T 208 28.47 22.89 38.93
N ALA T 209 28.52 23.88 39.82
CA ALA T 209 27.36 24.74 40.05
C ALA T 209 26.93 25.45 38.76
N VAL T 210 27.89 26.01 38.04
CA VAL T 210 27.58 26.72 36.81
C VAL T 210 27.06 25.75 35.76
N GLN T 211 27.60 24.53 35.74
CA GLN T 211 27.09 23.51 34.81
C GLN T 211 25.61 23.24 35.09
N ASN T 212 25.27 22.99 36.35
CA ASN T 212 23.90 22.70 36.72
C ASN T 212 22.98 23.87 36.42
N ARG T 213 23.47 25.09 36.59
CA ARG T 213 22.69 26.27 36.21
C ARG T 213 22.41 26.28 34.72
N LEU T 214 23.44 26.02 33.91
CA LEU T 214 23.28 26.09 32.46
C LEU T 214 22.30 25.05 31.95
N GLU T 215 22.20 23.91 32.63
CA GLU T 215 21.20 22.91 32.23
C GLU T 215 19.78 23.48 32.32
N HIS T 216 19.43 24.03 33.48
CA HIS T 216 18.12 24.67 33.66
C HIS T 216 17.92 25.79 32.66
N THR T 217 18.97 26.57 32.40
CA THR T 217 18.89 27.64 31.41
C THR T 217 18.52 27.09 30.03
N ILE T 218 19.13 25.96 29.65
CA ILE T 218 18.83 25.36 28.35
C ILE T 218 17.38 24.91 28.28
N ASN T 219 16.89 24.29 29.36
CA ASN T 219 15.49 23.87 29.39
C ASN T 219 14.55 25.06 29.20
N ASN T 220 14.80 26.14 29.93
CA ASN T 220 13.95 27.32 29.83
C ASN T 220 14.02 27.92 28.43
N LEU T 221 15.21 27.96 27.82
CA LEU T 221 15.34 28.49 26.48
C LEU T 221 14.56 27.68 25.47
N GLY T 222 14.62 26.35 25.58
CA GLY T 222 13.86 25.50 24.68
C GLY T 222 12.37 25.73 24.81
N THR T 223 11.86 25.80 26.05
CA THR T 223 10.44 26.04 26.26
C THR T 223 10.01 27.38 25.66
N SER T 224 10.78 28.44 25.92
CA SER T 224 10.44 29.76 25.42
C SER T 224 10.48 29.80 23.89
N ALA T 225 11.46 29.12 23.29
CA ALA T 225 11.56 29.10 21.84
C ALA T 225 10.37 28.39 21.22
N GLU T 226 9.94 27.26 21.80
CA GLU T 226 8.77 26.58 21.27
C GLU T 226 7.52 27.45 21.39
N ASN T 227 7.33 28.10 22.53
CA ASN T 227 6.14 28.94 22.71
C ASN T 227 6.12 30.10 21.72
N LEU T 228 7.25 30.80 21.57
CA LEU T 228 7.29 31.90 20.63
C LEU T 228 7.16 31.43 19.19
N THR T 229 7.66 30.23 18.89
CA THR T 229 7.46 29.67 17.56
C THR T 229 5.98 29.42 17.28
N ALA T 230 5.27 28.88 18.26
CA ALA T 230 3.82 28.70 18.12
C ALA T 230 3.13 30.04 17.89
N ALA T 231 3.49 31.05 18.68
CA ALA T 231 2.89 32.38 18.53
C ALA T 231 3.14 32.95 17.14
N GLU T 232 4.39 32.88 16.68
CA GLU T 232 4.73 33.43 15.36
C GLU T 232 4.02 32.67 14.25
N SER T 233 3.90 31.35 14.39
CA SER T 233 3.17 30.55 13.42
C SER T 233 1.71 31.00 13.35
N ARG T 234 1.07 31.16 14.51
CA ARG T 234 -0.32 31.56 14.51
C ARG T 234 -0.50 32.97 13.96
N ILE T 235 0.50 33.84 14.13
CA ILE T 235 0.39 35.20 13.61
C ILE T 235 0.54 35.21 12.09
N ARG T 236 1.65 34.66 11.59
CA ARG T 236 2.05 34.87 10.20
C ARG T 236 1.63 33.74 9.26
N ASP T 237 1.76 32.48 9.67
CA ASP T 237 1.41 31.39 8.78
C ASP T 237 -0.09 31.34 8.53
N THR T 238 -0.46 30.73 7.41
CA THR T 238 -1.85 30.68 6.96
C THR T 238 -2.40 29.27 7.07
N ASP T 239 -3.71 29.19 7.32
CA ASP T 239 -4.41 27.91 7.32
C ASP T 239 -4.77 27.54 5.89
N MET T 240 -4.36 26.34 5.48
CA MET T 240 -4.55 25.92 4.09
C MET T 240 -6.03 25.78 3.74
N ALA T 241 -6.83 25.30 4.69
CA ALA T 241 -8.23 25.00 4.40
C ALA T 241 -9.02 26.26 4.08
N ALA T 242 -8.83 27.32 4.88
CA ALA T 242 -9.58 28.55 4.68
C ALA T 242 -9.22 29.20 3.33
N GLU T 243 -7.93 29.22 2.99
CA GLU T 243 -7.52 29.80 1.73
C GLU T 243 -8.00 28.95 0.56
N MET T 244 -8.02 27.63 0.72
CA MET T 244 -8.59 26.76 -0.31
C MET T 244 -10.06 27.08 -0.54
N MET T 245 -10.82 27.22 0.55
CA MET T 245 -12.22 27.62 0.46
C MET T 245 -12.37 28.92 -0.31
N ALA T 246 -11.62 29.94 0.08
CA ALA T 246 -11.72 31.24 -0.55
C ALA T 246 -11.35 31.18 -2.02
N PHE T 247 -10.32 30.40 -2.35
CA PHE T 247 -9.87 30.30 -3.74
C PHE T 247 -10.92 29.63 -4.61
N THR T 248 -11.52 28.53 -4.12
CA THR T 248 -12.58 27.88 -4.87
C THR T 248 -13.78 28.81 -5.06
N LYS T 249 -14.16 29.52 -4.00
CA LYS T 249 -15.25 30.50 -4.09
C LYS T 249 -14.97 31.55 -5.16
N ASN T 250 -13.76 32.12 -5.14
CA ASN T 250 -13.42 33.17 -6.09
C ASN T 250 -13.36 32.63 -7.52
N ASN T 251 -12.91 31.39 -7.71
CA ASN T 251 -12.94 30.81 -9.05
C ASN T 251 -14.37 30.66 -9.55
N ILE T 252 -15.27 30.16 -8.70
CA ILE T 252 -16.66 30.00 -9.10
C ILE T 252 -17.26 31.36 -9.47
N LEU T 253 -16.94 32.39 -8.68
CA LEU T 253 -17.45 33.72 -8.98
C LEU T 253 -16.88 34.24 -10.29
N THR T 254 -15.61 33.97 -10.56
CA THR T 254 -14.99 34.37 -11.82
C THR T 254 -15.70 33.73 -13.00
N GLN T 255 -15.99 32.42 -12.90
CA GLN T 255 -16.71 31.74 -13.98
C GLN T 255 -18.10 32.33 -14.18
N ALA T 256 -18.80 32.60 -13.08
CA ALA T 256 -20.13 33.21 -13.17
C ALA T 256 -20.08 34.55 -13.87
N ALA T 257 -19.11 35.39 -13.52
CA ALA T 257 -18.98 36.70 -14.14
C ALA T 257 -18.61 36.57 -15.62
N GLN T 258 -17.79 35.57 -15.95
CA GLN T 258 -17.45 35.33 -17.36
C GLN T 258 -18.71 35.02 -18.18
N SER T 259 -19.52 34.09 -17.68
CA SER T 259 -20.76 33.75 -18.38
C SER T 259 -21.69 34.95 -18.48
N MET T 260 -21.80 35.72 -17.40
CA MET T 260 -22.67 36.90 -17.41
C MET T 260 -22.21 37.91 -18.43
N LEU T 261 -20.89 38.09 -18.58
CA LEU T 261 -20.37 39.03 -19.56
C LEU T 261 -20.61 38.52 -20.98
N ALA T 262 -20.44 37.21 -21.20
CA ALA T 262 -20.75 36.63 -22.49
C ALA T 262 -22.20 36.86 -22.88
N GLN T 263 -23.11 36.81 -21.89
CA GLN T 263 -24.51 37.10 -22.17
C GLN T 263 -24.73 38.58 -22.44
N ALA T 264 -24.15 39.45 -21.61
CA ALA T 264 -24.35 40.89 -21.74
C ALA T 264 -23.83 41.41 -23.06
N ASN T 265 -22.77 40.80 -23.61
CA ASN T 265 -22.28 41.23 -24.91
C ASN T 265 -23.27 40.88 -26.02
N GLN T 266 -24.02 39.79 -25.88
CA GLN T 266 -25.01 39.40 -26.86
C GLN T 266 -26.34 40.13 -26.68
N GLN T 267 -26.60 40.68 -25.50
CA GLN T 267 -27.87 41.34 -25.23
C GLN T 267 -28.20 42.46 -26.22
N PRO T 268 -27.30 43.39 -26.54
CA PRO T 268 -27.68 44.46 -27.50
C PRO T 268 -27.60 44.01 -28.96
N GLN T 269 -28.69 43.38 -29.42
CA GLN T 269 -28.84 42.99 -30.82
C GLN T 269 -30.25 43.38 -31.25
N GLY T 270 -30.39 44.61 -31.73
CA GLY T 270 -31.64 45.13 -32.25
C GLY T 270 -31.51 45.45 -33.72
N VAL T 271 -30.73 44.63 -34.45
CA VAL T 271 -30.57 44.84 -35.87
C VAL T 271 -31.83 44.48 -36.63
N LEU T 272 -32.69 43.63 -36.07
CA LEU T 272 -33.93 43.29 -36.75
C LEU T 272 -34.94 44.42 -36.78
N GLN T 273 -34.73 45.50 -36.03
CA GLN T 273 -35.52 46.70 -36.25
C GLN T 273 -35.33 47.22 -37.66
N LEU T 274 -34.08 47.34 -38.08
CA LEU T 274 -33.73 48.05 -39.30
C LEU T 274 -34.03 47.21 -40.53
N LEU T 275 -33.35 46.08 -40.66
CA LEU T 275 -33.48 45.23 -41.83
C LEU T 275 -34.64 44.24 -41.64
N GLN T 276 -34.81 43.35 -42.61
CA GLN T 276 -35.87 42.34 -42.50
C GLN T 276 -35.64 41.27 -43.56
N MET U 1 -8.88 48.66 -50.53
CA MET U 1 -9.70 49.25 -49.47
C MET U 1 -10.89 48.48 -48.88
N ARG U 2 -11.64 47.73 -49.70
CA ARG U 2 -12.85 47.05 -49.25
C ARG U 2 -12.80 45.54 -49.43
N ILE U 3 -12.50 45.06 -50.64
CA ILE U 3 -12.73 43.66 -51.01
C ILE U 3 -11.42 42.96 -51.34
N GLN U 4 -10.70 43.48 -52.32
CA GLN U 4 -9.55 42.80 -52.89
C GLN U 4 -8.46 42.49 -51.87
N HIS U 5 -8.39 43.24 -50.76
CA HIS U 5 -7.39 43.03 -49.74
C HIS U 5 -8.03 43.22 -48.37
N ASN U 6 -7.68 42.32 -47.44
CA ASN U 6 -8.22 42.33 -46.08
C ASN U 6 -7.06 42.28 -45.10
N ILE U 7 -6.59 43.46 -44.66
CA ILE U 7 -5.30 43.56 -43.99
C ILE U 7 -5.36 43.02 -42.57
N ALA U 8 -6.52 43.14 -41.92
CA ALA U 8 -6.67 42.60 -40.56
C ALA U 8 -6.40 41.11 -40.54
N ALA U 9 -6.91 40.39 -41.53
CA ALA U 9 -6.69 38.95 -41.61
C ALA U 9 -5.23 38.62 -41.84
N LEU U 10 -4.52 39.45 -42.63
CA LEU U 10 -3.09 39.25 -42.82
C LEU U 10 -2.33 39.38 -41.50
N ASN U 11 -2.61 40.44 -40.75
CA ASN U 11 -1.96 40.63 -39.45
C ASN U 11 -2.26 39.48 -38.51
N THR U 12 -3.52 39.03 -38.48
CA THR U 12 -3.90 37.91 -37.64
C THR U 12 -3.16 36.64 -38.04
N HIS U 13 -3.00 36.43 -39.35
CA HIS U 13 -2.26 35.26 -39.83
C HIS U 13 -0.80 35.30 -39.39
N ARG U 14 -0.17 36.48 -39.51
CA ARG U 14 1.19 36.65 -39.04
C ARG U 14 1.32 36.27 -37.57
N ASN U 15 0.48 36.85 -36.72
CA ASN U 15 0.56 36.58 -35.29
C ASN U 15 0.29 35.11 -34.98
N LEU U 16 -0.64 34.50 -35.70
CA LEU U 16 -0.93 33.09 -35.52
C LEU U 16 0.27 32.22 -35.85
N ALA U 17 0.93 32.52 -36.96
CA ALA U 17 2.14 31.78 -37.35
C ALA U 17 3.23 31.92 -36.29
N ALA U 18 3.42 33.14 -35.78
CA ALA U 18 4.42 33.36 -34.74
C ALA U 18 4.13 32.55 -33.48
N ASN U 19 2.86 32.55 -33.05
CA ASN U 19 2.49 31.80 -31.85
C ASN U 19 2.70 30.31 -32.05
N ASN U 20 2.34 29.79 -33.23
CA ASN U 20 2.56 28.38 -33.52
C ASN U 20 4.04 28.03 -33.48
N ALA U 21 4.88 28.89 -34.04
CA ALA U 21 6.33 28.64 -34.02
C ALA U 21 6.86 28.60 -32.59
N ALA U 22 6.41 29.54 -31.75
CA ALA U 22 6.88 29.57 -30.36
C ALA U 22 6.44 28.32 -29.61
N ALA U 23 5.20 27.89 -29.83
CA ALA U 23 4.71 26.68 -29.18
C ALA U 23 5.51 25.46 -29.63
N SER U 24 5.87 25.40 -30.92
CA SER U 24 6.68 24.30 -31.42
C SER U 24 8.05 24.28 -30.75
N LYS U 25 8.67 25.45 -30.61
CA LYS U 25 9.96 25.53 -29.92
C LYS U 25 9.84 25.02 -28.48
N ASN U 26 8.76 25.40 -27.79
CA ASN U 26 8.57 24.94 -26.42
C ASN U 26 8.38 23.42 -26.37
N LEU U 27 7.65 22.87 -27.34
CA LEU U 27 7.49 21.43 -27.42
C LEU U 27 8.83 20.74 -27.60
N GLU U 28 9.68 21.29 -28.47
CA GLU U 28 11.02 20.75 -28.66
C GLU U 28 11.79 20.74 -27.36
N LYS U 29 11.78 21.86 -26.64
CA LYS U 29 12.53 21.95 -25.39
C LYS U 29 11.98 21.01 -24.33
N LEU U 30 10.68 20.74 -24.34
CA LEU U 30 10.10 19.85 -23.33
C LEU U 30 10.36 18.38 -23.65
N SER U 31 10.25 18.00 -24.93
CA SER U 31 10.50 16.62 -25.30
C SER U 31 11.99 16.28 -25.17
N SER U 32 12.87 17.19 -25.58
CA SER U 32 14.30 16.91 -25.54
C SER U 32 14.80 16.86 -24.10
N GLY U 33 14.24 17.68 -23.23
CA GLY U 33 14.76 17.83 -21.89
C GLY U 33 15.93 18.77 -21.76
N PHE U 34 16.39 19.38 -22.86
CA PHE U 34 17.51 20.32 -22.87
C PHE U 34 17.03 21.67 -23.35
N LYS U 35 17.59 22.73 -22.75
CA LYS U 35 17.24 24.10 -23.10
C LYS U 35 17.96 24.58 -24.34
N ILE U 36 19.07 23.94 -24.72
CA ILE U 36 19.91 24.36 -25.84
C ILE U 36 20.06 23.15 -26.75
N ASN U 37 19.25 23.09 -27.80
CA ASN U 37 19.35 22.06 -28.81
C ASN U 37 20.06 22.53 -30.08
N ARG U 38 20.15 23.84 -30.30
CA ARG U 38 20.84 24.42 -31.43
C ARG U 38 21.73 25.54 -30.91
N ALA U 39 22.66 25.98 -31.77
CA ALA U 39 23.51 27.11 -31.39
C ALA U 39 22.75 28.44 -31.46
N GLY U 40 21.69 28.51 -32.27
CA GLY U 40 20.87 29.70 -32.29
C GLY U 40 20.18 29.94 -30.96
N ASP U 41 19.92 28.88 -30.19
CA ASP U 41 19.35 29.04 -28.85
C ASP U 41 20.28 29.88 -27.98
N ASP U 42 21.55 29.49 -27.91
CA ASP U 42 22.50 30.20 -27.06
C ASP U 42 23.91 29.79 -27.49
N ALA U 43 24.69 30.75 -27.98
CA ALA U 43 26.04 30.46 -28.46
C ALA U 43 27.02 30.27 -27.31
N ALA U 44 27.10 31.25 -26.41
CA ALA U 44 27.94 31.16 -25.22
C ALA U 44 27.19 30.38 -24.16
N GLY U 45 27.54 29.11 -24.00
CA GLY U 45 26.81 28.18 -23.17
C GLY U 45 26.77 26.82 -23.82
N LEU U 46 26.65 26.79 -25.15
CA LEU U 46 26.88 25.54 -25.87
C LEU U 46 28.33 25.09 -25.72
N ALA U 47 29.27 26.00 -25.99
CA ALA U 47 30.69 25.70 -25.83
C ALA U 47 31.00 25.32 -24.38
N ILE U 48 30.44 26.07 -23.43
CA ILE U 48 30.71 25.79 -22.02
C ILE U 48 30.17 24.42 -21.64
N SER U 49 28.98 24.07 -22.15
CA SER U 49 28.40 22.77 -21.88
C SER U 49 29.25 21.65 -22.46
N GLU U 50 29.77 21.84 -23.66
CA GLU U 50 30.60 20.80 -24.27
C GLU U 50 31.90 20.61 -23.51
N LYS U 51 32.57 21.71 -23.13
CA LYS U 51 33.78 21.60 -22.34
C LYS U 51 33.50 20.94 -21.00
N MET U 52 32.39 21.29 -20.36
CA MET U 52 32.07 20.70 -19.07
C MET U 52 31.76 19.22 -19.19
N ARG U 53 31.09 18.82 -20.27
CA ARG U 53 30.84 17.41 -20.51
C ARG U 53 32.15 16.64 -20.69
N GLY U 54 33.07 17.22 -21.46
CA GLY U 54 34.39 16.61 -21.61
C GLY U 54 35.09 16.44 -20.27
N GLN U 55 35.05 17.49 -19.45
CA GLN U 55 35.69 17.42 -18.14
C GLN U 55 35.04 16.39 -17.25
N ILE U 56 33.71 16.28 -17.30
CA ILE U 56 33.00 15.31 -16.47
C ILE U 56 33.39 13.90 -16.86
N SER U 57 33.37 13.60 -18.16
CA SER U 57 33.76 12.28 -18.64
C SER U 57 35.21 11.98 -18.25
N GLY U 58 36.11 12.95 -18.43
CA GLY U 58 37.49 12.74 -18.05
C GLY U 58 37.68 12.48 -16.56
N LEU U 59 36.93 13.21 -15.73
CA LEU U 59 37.05 13.03 -14.28
C LEU U 59 36.54 11.67 -13.84
N ASN U 60 35.41 11.22 -14.40
CA ASN U 60 34.91 9.90 -14.06
C ASN U 60 35.86 8.80 -14.51
N MET U 61 36.40 8.93 -15.73
CA MET U 61 37.36 7.94 -16.21
C MET U 61 38.64 7.97 -15.38
N ALA U 62 39.04 9.15 -14.89
CA ALA U 62 40.21 9.23 -14.04
C ALA U 62 39.97 8.58 -12.69
N SER U 63 38.75 8.71 -12.15
CA SER U 63 38.38 7.97 -10.95
C SER U 63 38.51 6.47 -11.17
N LYS U 64 37.99 5.99 -12.30
CA LYS U 64 38.11 4.57 -12.65
C LYS U 64 39.58 4.14 -12.71
N ASN U 65 40.41 4.95 -13.37
CA ASN U 65 41.82 4.63 -13.50
C ASN U 65 42.52 4.61 -12.15
N SER U 66 42.17 5.54 -11.26
CA SER U 66 42.77 5.58 -9.93
C SER U 66 42.41 4.32 -9.15
N SER U 67 41.15 3.88 -9.27
CA SER U 67 40.77 2.63 -8.62
C SER U 67 41.55 1.45 -9.16
N ASP U 68 41.76 1.42 -10.49
CA ASP U 68 42.56 0.35 -11.08
C ASP U 68 43.99 0.35 -10.53
N ALA U 69 44.58 1.54 -10.40
CA ALA U 69 45.92 1.64 -9.82
C ALA U 69 45.94 1.15 -8.38
N ILE U 70 44.89 1.45 -7.61
CA ILE U 70 44.81 0.97 -6.24
C ILE U 70 44.79 -0.56 -6.23
N SER U 71 44.05 -1.17 -7.16
CA SER U 71 44.01 -2.63 -7.24
C SER U 71 45.40 -3.20 -7.52
N LEU U 72 46.09 -2.62 -8.49
CA LEU U 72 47.47 -3.04 -8.80
C LEU U 72 48.37 -2.97 -7.57
N ILE U 73 48.32 -1.84 -6.86
CA ILE U 73 49.18 -1.65 -5.70
C ILE U 73 48.84 -2.67 -4.61
N GLN U 74 47.55 -2.94 -4.41
CA GLN U 74 47.14 -3.95 -3.44
C GLN U 74 47.70 -5.31 -3.81
N THR U 75 47.74 -5.62 -5.11
CA THR U 75 48.31 -6.88 -5.55
C THR U 75 49.78 -6.97 -5.14
N ALA U 76 50.54 -5.91 -5.40
CA ALA U 76 51.97 -5.93 -5.07
C ALA U 76 52.20 -6.05 -3.55
N GLU U 77 51.42 -5.30 -2.75
CA GLU U 77 51.58 -5.39 -1.30
C GLU U 77 51.25 -6.79 -0.78
N GLY U 78 50.18 -7.40 -1.31
CA GLY U 78 49.88 -8.77 -0.93
C GLY U 78 50.97 -9.73 -1.32
N GLY U 79 51.64 -9.47 -2.45
CA GLY U 79 52.79 -10.27 -2.81
C GLY U 79 53.92 -10.15 -1.80
N LEU U 80 54.17 -8.94 -1.30
CA LEU U 80 55.29 -8.73 -0.38
C LEU U 80 55.01 -9.17 1.05
N ASN U 81 53.75 -9.32 1.43
CA ASN U 81 53.43 -9.84 2.77
C ASN U 81 54.04 -11.23 2.99
N GLU U 82 53.94 -12.10 1.99
CA GLU U 82 54.50 -13.44 2.13
C GLU U 82 56.02 -13.42 2.12
N THR U 83 56.61 -12.46 1.41
CA THR U 83 58.04 -12.21 1.51
C THR U 83 58.45 -11.94 2.95
N HIS U 84 57.72 -11.02 3.61
CA HIS U 84 57.95 -10.77 5.03
C HIS U 84 57.90 -12.06 5.85
N ALA U 85 56.84 -12.84 5.63
CA ALA U 85 56.62 -14.05 6.44
C ALA U 85 57.77 -15.05 6.28
N ILE U 86 58.14 -15.36 5.04
CA ILE U 86 59.18 -16.37 4.84
C ILE U 86 60.54 -15.82 5.23
N LEU U 87 60.73 -14.50 5.18
CA LEU U 87 61.98 -13.93 5.69
C LEU U 87 62.08 -14.12 7.21
N GLN U 88 60.97 -13.92 7.92
CA GLN U 88 60.96 -14.20 9.35
C GLN U 88 61.31 -15.65 9.62
N ARG U 89 60.70 -16.57 8.85
CA ARG U 89 60.99 -17.99 9.04
C ARG U 89 62.47 -18.29 8.78
N MET U 90 63.05 -17.69 7.75
CA MET U 90 64.45 -17.89 7.41
C MET U 90 65.36 -17.37 8.52
N ARG U 91 65.03 -16.22 9.11
CA ARG U 91 65.80 -15.71 10.23
C ARG U 91 65.74 -16.66 11.42
N GLU U 92 64.56 -17.19 11.71
CA GLU U 92 64.42 -18.17 12.78
C GLU U 92 65.29 -19.39 12.52
N LEU U 93 65.27 -19.90 11.29
CA LEU U 93 66.10 -21.03 10.89
C LEU U 93 67.59 -20.73 11.06
N ALA U 94 68.03 -19.54 10.67
CA ALA U 94 69.44 -19.19 10.82
C ALA U 94 69.84 -19.10 12.29
N VAL U 95 69.00 -18.50 13.13
CA VAL U 95 69.32 -18.38 14.55
C VAL U 95 69.40 -19.77 15.18
N GLN U 96 68.55 -20.70 14.73
CA GLN U 96 68.65 -22.06 15.23
C GLN U 96 69.88 -22.78 14.70
N SER U 97 70.20 -22.62 13.42
CA SER U 97 71.38 -23.23 12.82
C SER U 97 72.68 -22.73 13.46
N ARG U 98 72.68 -21.52 13.98
CA ARG U 98 73.88 -20.83 14.46
C ARG U 98 74.49 -21.49 15.69
N ASN U 99 73.70 -22.25 16.45
CA ASN U 99 74.17 -22.86 17.68
C ASN U 99 75.02 -24.10 17.39
N ASP U 100 75.94 -24.41 18.31
CA ASP U 100 76.89 -25.51 18.14
C ASP U 100 76.37 -26.85 18.64
N THR U 101 75.12 -26.91 19.09
CA THR U 101 74.48 -28.20 19.35
C THR U 101 74.32 -29.00 18.06
N ASN U 102 74.23 -28.33 16.92
CA ASN U 102 73.97 -28.98 15.65
C ASN U 102 75.27 -29.46 15.03
N ASP U 103 75.22 -30.66 14.42
CA ASP U 103 76.38 -31.29 13.83
C ASP U 103 76.29 -31.28 12.31
N GLU U 104 77.39 -30.89 11.68
CA GLU U 104 77.52 -31.06 10.23
C GLU U 104 77.65 -32.52 9.83
N ALA U 105 78.18 -33.37 10.71
CA ALA U 105 78.41 -34.77 10.38
C ALA U 105 77.09 -35.51 10.17
N THR U 106 76.20 -35.45 11.16
CA THR U 106 74.91 -36.14 11.10
C THR U 106 73.81 -35.28 10.52
N ASN U 107 74.15 -34.30 9.68
CA ASN U 107 73.22 -33.66 8.76
C ASN U 107 72.15 -32.85 9.49
N ASP U 108 72.54 -32.21 10.60
CA ASP U 108 71.60 -31.35 11.35
C ASP U 108 71.35 -30.04 10.62
N ARG U 109 72.41 -29.40 10.14
CA ARG U 109 72.28 -28.11 9.46
C ARG U 109 71.90 -28.23 7.99
N SER U 110 72.19 -29.37 7.35
CA SER U 110 71.83 -29.53 5.95
C SER U 110 70.32 -29.61 5.76
N ASN U 111 69.58 -30.06 6.78
CA ASN U 111 68.12 -30.03 6.70
C ASN U 111 67.57 -28.60 6.82
N LEU U 112 68.16 -27.79 7.69
CA LEU U 112 67.77 -26.39 7.75
C LEU U 112 68.16 -25.68 6.46
N ASN U 113 69.25 -26.12 5.81
CA ASN U 113 69.63 -25.57 4.52
C ASN U 113 68.67 -26.01 3.41
N ASP U 114 68.18 -27.25 3.47
CA ASP U 114 67.08 -27.67 2.59
C ASP U 114 65.90 -26.72 2.71
N GLU U 115 65.46 -26.48 3.95
CA GLU U 115 64.35 -25.55 4.21
C GLU U 115 64.66 -24.17 3.65
N LEU U 116 65.88 -23.67 3.91
CA LEU U 116 66.26 -22.34 3.48
C LEU U 116 66.29 -22.22 1.96
N LYS U 117 66.82 -23.24 1.26
CA LYS U 117 66.85 -23.21 -0.19
C LYS U 117 65.44 -23.22 -0.77
N GLN U 118 64.53 -24.00 -0.18
CA GLN U 118 63.15 -23.98 -0.68
C GLN U 118 62.51 -22.60 -0.46
N LEU U 119 62.78 -21.98 0.68
CA LEU U 119 62.23 -20.65 0.91
C LEU U 119 62.84 -19.60 -0.02
N GLN U 120 64.10 -19.78 -0.41
CA GLN U 120 64.71 -18.88 -1.39
C GLN U 120 64.13 -19.07 -2.78
N GLU U 121 63.83 -20.31 -3.15
CA GLU U 121 63.13 -20.52 -4.41
C GLU U 121 61.74 -19.88 -4.37
N GLU U 122 61.09 -19.90 -3.21
CA GLU U 122 59.76 -19.28 -3.10
C GLU U 122 59.84 -17.75 -3.15
N ILE U 123 60.84 -17.15 -2.50
CA ILE U 123 60.98 -15.69 -2.55
C ILE U 123 61.28 -15.23 -3.97
N THR U 124 62.02 -16.03 -4.76
CA THR U 124 62.21 -15.68 -6.16
C THR U 124 60.94 -15.91 -6.99
N ARG U 125 60.20 -16.98 -6.67
CA ARG U 125 59.00 -17.31 -7.41
C ARG U 125 57.95 -16.22 -7.26
N ILE U 126 57.74 -15.72 -6.05
CA ILE U 126 56.78 -14.65 -5.83
C ILE U 126 57.16 -13.42 -6.64
N SER U 127 58.46 -13.14 -6.73
CA SER U 127 58.94 -12.00 -7.50
C SER U 127 58.55 -12.14 -8.97
N SER U 128 59.02 -13.20 -9.63
CA SER U 128 58.85 -13.32 -11.07
C SER U 128 57.68 -14.21 -11.49
N GLN U 129 56.63 -14.32 -10.66
CA GLN U 129 55.37 -14.91 -11.09
C GLN U 129 54.18 -14.09 -10.60
N MET U 130 54.40 -12.81 -10.30
CA MET U 130 53.34 -11.88 -9.90
C MET U 130 52.94 -11.04 -11.10
N GLU U 131 51.65 -10.85 -11.30
CA GLU U 131 51.22 -10.09 -12.48
C GLU U 131 49.82 -9.52 -12.28
N PHE U 132 49.58 -8.40 -12.92
CA PHE U 132 48.28 -7.73 -12.97
C PHE U 132 48.01 -7.39 -14.42
N ASN U 133 47.06 -8.10 -15.03
CA ASN U 133 46.68 -7.87 -16.43
C ASN U 133 47.86 -8.19 -17.36
N ASN U 134 48.56 -9.28 -17.07
CA ASN U 134 49.71 -9.71 -17.87
C ASN U 134 50.83 -8.67 -17.82
N LYS U 135 51.23 -8.30 -16.60
CA LYS U 135 52.24 -7.26 -16.39
C LYS U 135 53.07 -7.65 -15.18
N LYS U 136 54.31 -8.08 -15.43
CA LYS U 136 55.20 -8.44 -14.35
C LYS U 136 55.59 -7.19 -13.56
N LEU U 137 55.42 -7.24 -12.24
CA LEU U 137 55.59 -6.08 -11.37
C LEU U 137 56.92 -6.09 -10.61
N LEU U 138 57.24 -7.20 -9.94
CA LEU U 138 58.37 -7.28 -9.01
C LEU U 138 59.60 -7.92 -9.61
N ASP U 139 59.90 -7.60 -10.88
CA ASP U 139 61.02 -8.20 -11.59
C ASP U 139 62.09 -7.17 -11.92
N GLY U 140 61.69 -5.90 -12.00
CA GLY U 140 62.50 -4.85 -12.57
C GLY U 140 61.97 -4.30 -13.88
N SER U 141 60.78 -4.71 -14.33
CA SER U 141 60.23 -4.16 -15.56
C SER U 141 59.91 -2.68 -15.41
N GLN U 142 59.32 -2.31 -14.28
CA GLN U 142 58.90 -0.93 -14.03
C GLN U 142 59.99 -0.09 -13.39
N SER U 143 61.10 -0.70 -12.98
CA SER U 143 62.19 0.05 -12.35
C SER U 143 62.99 0.87 -13.36
N THR U 144 62.76 0.68 -14.66
CA THR U 144 63.52 1.39 -15.69
C THR U 144 62.86 2.73 -16.01
N ASN U 145 61.56 2.72 -16.30
CA ASN U 145 60.82 3.92 -16.68
C ASN U 145 59.69 4.23 -15.70
N GLY U 146 58.87 3.26 -15.38
CA GLY U 146 57.84 3.40 -14.36
C GLY U 146 56.44 3.36 -14.95
N LEU U 147 55.48 3.06 -14.08
CA LEU U 147 54.07 3.03 -14.45
C LEU U 147 53.46 4.42 -14.26
N THR U 148 52.75 4.88 -15.29
CA THR U 148 52.16 6.21 -15.32
C THR U 148 50.63 6.09 -15.25
N PHE U 149 50.03 6.71 -14.25
CA PHE U 149 48.60 6.71 -14.05
C PHE U 149 48.04 8.09 -14.40
N GLN U 150 47.03 8.11 -15.27
CA GLN U 150 46.29 9.32 -15.61
C GLN U 150 45.20 9.52 -14.57
N ILE U 151 45.36 10.51 -13.72
CA ILE U 151 44.44 10.78 -12.61
C ILE U 151 43.79 12.14 -12.82
N GLY U 152 43.60 12.52 -14.09
CA GLY U 152 42.99 13.79 -14.40
C GLY U 152 42.43 13.79 -15.81
N ALA U 153 41.48 14.69 -16.04
CA ALA U 153 40.81 14.76 -17.33
C ALA U 153 41.77 15.22 -18.43
N ASN U 154 42.59 16.23 -18.13
CA ASN U 154 43.44 16.85 -19.13
C ASN U 154 44.78 16.15 -19.26
N ALA U 155 45.57 16.57 -20.24
CA ALA U 155 46.88 16.01 -20.49
C ALA U 155 47.90 16.55 -19.49
N GLY U 156 48.81 15.67 -19.09
CA GLY U 156 49.83 16.01 -18.12
C GLY U 156 49.43 15.79 -16.68
N GLN U 157 48.16 15.54 -16.39
CA GLN U 157 47.68 15.30 -15.03
C GLN U 157 47.91 13.84 -14.68
N THR U 158 49.18 13.50 -14.51
CA THR U 158 49.63 12.12 -14.35
C THR U 158 50.45 11.98 -13.07
N ILE U 159 50.68 10.73 -12.69
CA ILE U 159 51.65 10.40 -11.65
C ILE U 159 52.47 9.21 -12.10
N THR U 160 53.78 9.29 -11.93
CA THR U 160 54.69 8.19 -12.23
C THR U 160 55.03 7.43 -10.98
N MET U 161 55.31 6.14 -11.15
CA MET U 161 55.59 5.23 -10.05
C MET U 161 56.65 4.24 -10.50
N LYS U 162 57.39 3.72 -9.54
CA LYS U 162 58.47 2.77 -9.82
C LYS U 162 58.50 1.71 -8.74
N ILE U 163 58.79 0.48 -9.14
CA ILE U 163 58.90 -0.66 -8.23
C ILE U 163 60.22 -1.34 -8.54
N SER U 164 60.99 -1.64 -7.48
CA SER U 164 62.32 -2.19 -7.63
C SER U 164 62.28 -3.71 -7.74
N THR U 165 63.39 -4.28 -8.19
CA THR U 165 63.53 -5.73 -8.20
C THR U 165 63.62 -6.24 -6.78
N MET U 166 62.79 -7.24 -6.46
CA MET U 166 62.65 -7.82 -5.13
C MET U 166 62.95 -9.31 -5.16
N SER U 167 63.98 -9.70 -5.90
CA SER U 167 64.48 -11.06 -5.91
C SER U 167 65.54 -11.27 -4.82
N ALA U 168 65.96 -12.53 -4.67
CA ALA U 168 66.95 -12.86 -3.65
C ALA U 168 68.32 -12.33 -4.01
N THR U 169 68.65 -12.25 -5.31
CA THR U 169 69.96 -11.75 -5.71
C THR U 169 70.11 -10.27 -5.37
N LYS U 170 69.05 -9.47 -5.57
CA LYS U 170 69.15 -8.04 -5.33
C LYS U 170 69.31 -7.73 -3.85
N LEU U 171 68.71 -8.54 -2.99
CA LEU U 171 68.70 -8.30 -1.56
C LEU U 171 69.83 -9.01 -0.82
N GLY U 172 70.76 -9.65 -1.52
CA GLY U 172 71.91 -10.26 -0.88
C GLY U 172 71.56 -11.39 0.06
N VAL U 173 70.51 -12.16 -0.27
CA VAL U 173 70.07 -13.29 0.54
C VAL U 173 70.01 -14.59 -0.25
N ASP U 174 70.32 -14.56 -1.54
CA ASP U 174 70.43 -15.77 -2.34
C ASP U 174 71.46 -16.74 -1.76
N ALA U 175 71.36 -18.00 -2.19
CA ALA U 175 72.17 -19.07 -1.60
C ALA U 175 73.67 -18.87 -1.81
N ALA U 176 74.07 -18.07 -2.79
CA ALA U 176 75.48 -17.80 -3.00
C ALA U 176 76.11 -16.95 -1.91
N LYS U 177 75.29 -16.29 -1.06
CA LYS U 177 75.80 -15.43 -0.01
C LYS U 177 75.05 -15.58 1.31
N ALA U 178 74.14 -16.54 1.44
CA ALA U 178 73.34 -16.70 2.66
C ALA U 178 73.15 -18.16 3.05
N SER U 179 74.12 -19.01 2.76
CA SER U 179 74.03 -20.38 3.23
C SER U 179 74.12 -20.44 4.74
N ILE U 180 73.57 -21.51 5.31
CA ILE U 180 73.69 -21.80 6.73
C ILE U 180 74.28 -23.19 6.91
N SER U 181 75.10 -23.62 5.96
CA SER U 181 75.86 -24.85 6.12
C SER U 181 76.72 -24.81 7.37
N LYS U 182 77.44 -23.70 7.59
CA LYS U 182 78.37 -23.56 8.69
C LYS U 182 77.71 -22.83 9.85
N GLY U 183 78.47 -22.63 10.91
CA GLY U 183 78.07 -21.74 11.99
C GLY U 183 78.40 -20.30 11.65
N THR U 184 79.50 -20.09 10.94
CA THR U 184 79.93 -18.73 10.59
C THR U 184 78.96 -18.10 9.59
N ALA U 185 78.51 -18.87 8.60
CA ALA U 185 77.67 -18.31 7.56
C ALA U 185 76.32 -17.86 8.10
N ALA U 186 75.80 -18.53 9.14
CA ALA U 186 74.54 -18.10 9.75
C ALA U 186 74.68 -16.73 10.39
N SER U 187 75.86 -16.41 10.93
CA SER U 187 76.11 -15.08 11.47
C SER U 187 75.83 -14.00 10.44
N LYS U 188 76.42 -14.14 9.26
CA LYS U 188 76.18 -13.18 8.19
C LYS U 188 74.75 -13.27 7.68
N ALA U 189 74.17 -14.47 7.68
CA ALA U 189 72.82 -14.66 7.15
C ALA U 189 71.79 -13.90 7.98
N ILE U 190 71.98 -13.84 9.30
CA ILE U 190 71.05 -13.12 10.16
C ILE U 190 71.01 -11.64 9.78
N LYS U 191 72.18 -11.01 9.66
CA LYS U 191 72.26 -9.60 9.29
C LYS U 191 71.72 -9.38 7.88
N SER U 192 72.03 -10.31 6.98
CA SER U 192 71.56 -10.20 5.60
C SER U 192 70.03 -10.24 5.55
N ILE U 193 69.43 -11.12 6.35
CA ILE U 193 67.98 -11.24 6.39
C ILE U 193 67.35 -10.00 7.02
N ASP U 194 67.98 -9.43 8.04
CA ASP U 194 67.49 -8.19 8.63
C ASP U 194 67.49 -7.06 7.61
N ASP U 195 68.58 -6.92 6.86
CA ASP U 195 68.66 -5.89 5.83
C ASP U 195 67.57 -6.09 4.79
N ALA U 196 67.32 -7.34 4.39
CA ALA U 196 66.29 -7.61 3.41
C ALA U 196 64.89 -7.26 3.93
N ILE U 197 64.61 -7.60 5.19
CA ILE U 197 63.33 -7.25 5.80
C ILE U 197 63.13 -5.74 5.80
N ASN U 198 64.16 -4.99 6.19
CA ASN U 198 64.05 -3.54 6.21
C ASN U 198 63.80 -2.98 4.81
N THR U 199 64.50 -3.52 3.80
CA THR U 199 64.33 -3.03 2.44
C THR U 199 62.92 -3.28 1.93
N VAL U 200 62.38 -4.48 2.19
CA VAL U 200 61.04 -4.76 1.66
C VAL U 200 59.98 -3.99 2.43
N SER U 201 60.22 -3.71 3.72
CA SER U 201 59.34 -2.80 4.45
C SER U 201 59.34 -1.41 3.84
N LYS U 202 60.52 -0.92 3.45
CA LYS U 202 60.63 0.37 2.79
C LYS U 202 59.81 0.40 1.50
N THR U 203 59.94 -0.65 0.69
CA THR U 203 59.19 -0.70 -0.57
C THR U 203 57.69 -0.75 -0.31
N ARG U 204 57.24 -1.52 0.68
CA ARG U 204 55.82 -1.57 1.01
C ARG U 204 55.30 -0.20 1.43
N SER U 205 56.09 0.52 2.23
CA SER U 205 55.73 1.88 2.62
C SER U 205 55.57 2.78 1.39
N ALA U 206 56.52 2.66 0.45
CA ALA U 206 56.46 3.47 -0.76
C ALA U 206 55.18 3.20 -1.55
N LEU U 207 54.73 1.93 -1.57
CA LEU U 207 53.49 1.62 -2.28
C LEU U 207 52.27 2.18 -1.53
N GLY U 208 52.23 1.98 -0.21
CA GLY U 208 51.08 2.41 0.55
C GLY U 208 50.88 3.91 0.52
N ALA U 209 51.97 4.67 0.44
CA ALA U 209 51.86 6.13 0.33
C ALA U 209 51.09 6.51 -0.93
N VAL U 210 51.40 5.88 -2.06
CA VAL U 210 50.73 6.21 -3.32
C VAL U 210 49.27 5.78 -3.24
N GLN U 211 48.99 4.65 -2.58
CA GLN U 211 47.61 4.22 -2.38
C GLN U 211 46.81 5.29 -1.63
N ASN U 212 47.36 5.75 -0.50
CA ASN U 212 46.67 6.75 0.31
C ASN U 212 46.48 8.06 -0.46
N ARG U 213 47.46 8.42 -1.30
CA ARG U 213 47.31 9.59 -2.15
C ARG U 213 46.14 9.41 -3.13
N LEU U 214 46.06 8.25 -3.76
CA LEU U 214 45.03 8.01 -4.77
C LEU U 214 43.64 8.05 -4.16
N GLU U 215 43.51 7.67 -2.89
CA GLU U 215 42.21 7.76 -2.23
C GLU U 215 41.71 9.20 -2.18
N HIS U 216 42.55 10.11 -1.68
CA HIS U 216 42.22 11.53 -1.65
C HIS U 216 41.94 12.06 -3.05
N THR U 217 42.74 11.62 -4.03
CA THR U 217 42.52 12.02 -5.41
C THR U 217 41.13 11.62 -5.89
N ILE U 218 40.69 10.41 -5.55
CA ILE U 218 39.37 9.94 -5.96
C ILE U 218 38.28 10.80 -5.33
N ASN U 219 38.44 11.12 -4.04
CA ASN U 219 37.46 11.97 -3.36
C ASN U 219 37.34 13.33 -4.06
N ASN U 220 38.48 13.95 -4.35
CA ASN U 220 38.48 15.25 -5.01
C ASN U 220 37.84 15.16 -6.40
N LEU U 221 38.14 14.10 -7.14
CA LEU U 221 37.56 13.93 -8.46
C LEU U 221 36.05 13.81 -8.40
N GLY U 222 35.54 13.03 -7.44
CA GLY U 222 34.11 12.90 -7.29
C GLY U 222 33.44 14.23 -6.98
N THR U 223 34.01 14.99 -6.05
CA THR U 223 33.45 16.29 -5.69
C THR U 223 33.42 17.22 -6.91
N SER U 224 34.55 17.29 -7.64
CA SER U 224 34.61 18.18 -8.80
C SER U 224 33.63 17.75 -9.88
N ALA U 225 33.47 16.44 -10.08
CA ALA U 225 32.54 15.96 -11.09
C ALA U 225 31.11 16.32 -10.73
N GLU U 226 30.73 16.16 -9.46
CA GLU U 226 29.38 16.54 -9.05
C GLU U 226 29.15 18.04 -9.24
N ASN U 227 30.12 18.87 -8.86
CA ASN U 227 29.93 20.31 -8.99
C ASN U 227 29.80 20.73 -10.45
N LEU U 228 30.67 20.20 -11.32
CA LEU U 228 30.58 20.54 -12.73
C LEU U 228 29.31 19.99 -13.36
N THR U 229 28.83 18.83 -12.89
CA THR U 229 27.56 18.31 -13.38
C THR U 229 26.42 19.24 -13.02
N ALA U 230 26.42 19.76 -11.79
CA ALA U 230 25.41 20.74 -11.39
C ALA U 230 25.47 21.98 -12.28
N ALA U 231 26.68 22.49 -12.52
CA ALA U 231 26.85 23.66 -13.36
C ALA U 231 26.32 23.42 -14.78
N GLU U 232 26.70 22.29 -15.37
CA GLU U 232 26.26 21.97 -16.73
C GLU U 232 24.76 21.79 -16.80
N SER U 233 24.17 21.17 -15.77
CA SER U 233 22.72 21.03 -15.72
C SER U 233 22.04 22.39 -15.70
N ARG U 234 22.53 23.30 -14.83
CA ARG U 234 21.93 24.61 -14.75
C ARG U 234 22.11 25.41 -16.03
N ILE U 235 23.19 25.16 -16.77
CA ILE U 235 23.42 25.89 -18.02
C ILE U 235 22.47 25.36 -19.10
N ARG U 236 22.52 24.06 -19.37
CA ARG U 236 21.91 23.48 -20.57
C ARG U 236 20.52 22.91 -20.34
N ASP U 237 20.28 22.21 -19.24
CA ASP U 237 18.98 21.62 -19.02
C ASP U 237 17.93 22.69 -18.77
N THR U 238 16.67 22.33 -19.02
CA THR U 238 15.55 23.26 -18.95
C THR U 238 14.64 22.91 -17.77
N ASP U 239 14.03 23.95 -17.21
CA ASP U 239 13.03 23.76 -16.17
C ASP U 239 11.69 23.44 -16.80
N MET U 240 11.09 22.34 -16.38
CA MET U 240 9.85 21.87 -17.00
C MET U 240 8.71 22.85 -16.77
N ALA U 241 8.65 23.45 -15.58
CA ALA U 241 7.51 24.29 -15.22
C ALA U 241 7.44 25.54 -16.08
N ALA U 242 8.57 26.21 -16.30
CA ALA U 242 8.58 27.43 -17.09
C ALA U 242 8.18 27.16 -18.54
N GLU U 243 8.70 26.08 -19.12
CA GLU U 243 8.35 25.74 -20.49
C GLU U 243 6.89 25.31 -20.60
N MET U 244 6.37 24.63 -19.58
CA MET U 244 4.95 24.30 -19.55
C MET U 244 4.10 25.56 -19.55
N MET U 245 4.47 26.52 -18.70
CA MET U 245 3.78 27.82 -18.67
C MET U 245 3.78 28.47 -20.05
N ALA U 246 4.96 28.57 -20.66
CA ALA U 246 5.09 29.22 -21.96
C ALA U 246 4.27 28.49 -23.02
N PHE U 247 4.27 27.16 -22.99
CA PHE U 247 3.56 26.38 -23.99
C PHE U 247 2.05 26.58 -23.85
N THR U 248 1.53 26.56 -22.63
CA THR U 248 0.10 26.80 -22.42
C THR U 248 -0.27 28.22 -22.88
N LYS U 249 0.55 29.20 -22.54
CA LYS U 249 0.31 30.58 -22.98
C LYS U 249 0.25 30.67 -24.50
N ASN U 250 1.22 30.06 -25.18
CA ASN U 250 1.26 30.13 -26.63
C ASN U 250 0.08 29.41 -27.27
N ASN U 251 -0.36 28.29 -26.68
CA ASN U 251 -1.56 27.61 -27.19
C ASN U 251 -2.78 28.51 -27.07
N ILE U 252 -2.95 29.16 -25.91
CA ILE U 252 -4.10 30.04 -25.72
C ILE U 252 -4.06 31.18 -26.74
N LEU U 253 -2.87 31.73 -26.98
CA LEU U 253 -2.74 32.81 -27.96
C LEU U 253 -3.05 32.30 -29.36
N THR U 254 -2.63 31.08 -29.69
CA THR U 254 -2.94 30.49 -30.98
C THR U 254 -4.45 30.36 -31.18
N GLN U 255 -5.15 29.87 -30.16
CA GLN U 255 -6.60 29.75 -30.25
C GLN U 255 -7.26 31.11 -30.43
N ALA U 256 -6.80 32.11 -29.68
CA ALA U 256 -7.34 33.46 -29.81
C ALA U 256 -7.16 33.99 -31.22
N ALA U 257 -5.97 33.82 -31.79
CA ALA U 257 -5.71 34.28 -33.14
C ALA U 257 -6.56 33.53 -34.16
N GLN U 258 -6.77 32.23 -33.93
CA GLN U 258 -7.65 31.45 -34.81
C GLN U 258 -9.06 32.03 -34.84
N SER U 259 -9.62 32.27 -33.66
CA SER U 259 -10.97 32.84 -33.59
C SER U 259 -11.01 34.23 -34.23
N MET U 260 -9.98 35.04 -33.98
CA MET U 260 -9.94 36.38 -34.57
C MET U 260 -9.89 36.32 -36.08
N LEU U 261 -9.15 35.36 -36.64
CA LEU U 261 -9.09 35.23 -38.09
C LEU U 261 -10.42 34.74 -38.66
N ALA U 262 -11.07 33.81 -37.95
CA ALA U 262 -12.39 33.36 -38.39
C ALA U 262 -13.38 34.53 -38.43
N GLN U 263 -13.26 35.47 -37.48
CA GLN U 263 -14.11 36.65 -37.51
C GLN U 263 -13.73 37.59 -38.65
N ALA U 264 -12.43 37.84 -38.81
CA ALA U 264 -11.97 38.79 -39.83
C ALA U 264 -12.31 38.33 -41.23
N ASN U 265 -12.36 37.01 -41.46
CA ASN U 265 -12.76 36.52 -42.76
C ASN U 265 -14.24 36.80 -43.04
N GLN U 266 -15.08 36.78 -42.01
CA GLN U 266 -16.49 37.07 -42.17
C GLN U 266 -16.79 38.57 -42.19
N GLN U 267 -15.89 39.41 -41.69
CA GLN U 267 -16.14 40.84 -41.62
C GLN U 267 -16.47 41.47 -42.98
N PRO U 268 -15.73 41.21 -44.07
CA PRO U 268 -16.11 41.85 -45.35
C PRO U 268 -17.25 41.15 -46.08
N GLN U 269 -18.48 41.50 -45.68
CA GLN U 269 -19.70 41.02 -46.34
C GLN U 269 -20.62 42.23 -46.53
N GLY U 270 -20.44 42.90 -47.67
CA GLY U 270 -21.27 44.02 -48.06
C GLY U 270 -22.04 43.71 -49.32
N VAL U 271 -22.46 42.45 -49.46
CA VAL U 271 -23.23 42.05 -50.63
C VAL U 271 -24.63 42.63 -50.58
N LEU U 272 -25.14 42.95 -49.39
CA LEU U 272 -26.48 43.54 -49.30
C LEU U 272 -26.54 44.96 -49.85
N GLN U 273 -25.40 45.61 -50.11
CA GLN U 273 -25.46 46.86 -50.87
C GLN U 273 -26.07 46.62 -52.25
N LEU U 274 -25.57 45.60 -52.94
CA LEU U 274 -25.86 45.41 -54.35
C LEU U 274 -27.25 44.83 -54.55
N LEU U 275 -27.48 43.63 -54.04
CA LEU U 275 -28.73 42.92 -54.23
C LEU U 275 -29.73 43.31 -53.14
N GLN U 276 -30.90 42.69 -53.16
CA GLN U 276 -31.90 42.96 -52.13
C GLN U 276 -32.98 41.88 -52.17
N MET V 1 -19.00 23.48 -68.78
CA MET V 1 -18.49 24.74 -68.24
C MET V 1 -19.13 25.38 -66.99
N ARG V 2 -20.47 25.31 -66.86
CA ARG V 2 -21.17 25.99 -65.77
C ARG V 2 -21.96 25.04 -64.89
N ILE V 3 -22.84 24.21 -65.48
CA ILE V 3 -23.87 23.49 -64.73
C ILE V 3 -23.67 21.99 -64.81
N GLN V 4 -23.65 21.46 -66.04
CA GLN V 4 -23.70 20.02 -66.26
C GLN V 4 -22.53 19.27 -65.62
N HIS V 5 -21.41 19.95 -65.39
CA HIS V 5 -20.23 19.33 -64.80
C HIS V 5 -19.59 20.30 -63.82
N ASN V 6 -19.18 19.77 -62.66
CA ASN V 6 -18.57 20.56 -61.58
C ASN V 6 -17.26 19.90 -61.18
N ILE V 7 -16.16 20.33 -61.80
CA ILE V 7 -14.92 19.56 -61.74
C ILE V 7 -14.24 19.68 -60.38
N ALA V 8 -14.41 20.82 -59.71
CA ALA V 8 -13.84 21.00 -58.37
C ALA V 8 -14.37 19.94 -57.41
N ALA V 9 -15.66 19.66 -57.48
CA ALA V 9 -16.27 18.66 -56.61
C ALA V 9 -15.72 17.27 -56.93
N LEU V 10 -15.46 16.98 -58.21
CA LEU V 10 -14.86 15.70 -58.57
C LEU V 10 -13.47 15.54 -57.96
N ASN V 11 -12.64 16.58 -58.09
CA ASN V 11 -11.30 16.52 -57.49
C ASN V 11 -11.37 16.35 -55.97
N THR V 12 -12.28 17.09 -55.34
CA THR V 12 -12.46 16.96 -53.89
C THR V 12 -12.90 15.56 -53.51
N HIS V 13 -13.78 14.96 -54.29
CA HIS V 13 -14.22 13.60 -54.03
C HIS V 13 -13.07 12.61 -54.14
N ARG V 14 -12.25 12.76 -55.17
CA ARG V 14 -11.05 11.92 -55.32
C ARG V 14 -10.17 11.99 -54.08
N ASN V 15 -9.83 13.21 -53.67
CA ASN V 15 -8.94 13.38 -52.53
C ASN V 15 -9.56 12.83 -51.25
N LEU V 16 -10.88 13.02 -51.09
CA LEU V 16 -11.57 12.49 -49.93
C LEU V 16 -11.50 10.97 -49.88
N ALA V 17 -11.73 10.32 -51.02
CA ALA V 17 -11.64 8.86 -51.09
C ALA V 17 -10.24 8.39 -50.74
N ALA V 18 -9.21 9.07 -51.26
CA ALA V 18 -7.83 8.69 -50.95
C ALA V 18 -7.54 8.81 -49.47
N ASN V 19 -7.98 9.91 -48.84
CA ASN V 19 -7.73 10.08 -47.41
C ASN V 19 -8.44 9.02 -46.59
N ASN V 20 -9.68 8.70 -46.96
CA ASN V 20 -10.41 7.64 -46.26
C ASN V 20 -9.69 6.30 -46.37
N ALA V 21 -9.18 5.98 -47.57
CA ALA V 21 -8.45 4.74 -47.75
C ALA V 21 -7.21 4.69 -46.88
N ALA V 22 -6.45 5.79 -46.83
CA ALA V 22 -5.25 5.81 -46.01
C ALA V 22 -5.57 5.64 -44.53
N ALA V 23 -6.63 6.31 -44.07
CA ALA V 23 -7.04 6.17 -42.67
C ALA V 23 -7.46 4.74 -42.36
N SER V 24 -8.13 4.08 -43.31
CA SER V 24 -8.52 2.69 -43.10
C SER V 24 -7.30 1.78 -43.00
N LYS V 25 -6.29 2.01 -43.86
CA LYS V 25 -5.05 1.25 -43.75
C LYS V 25 -4.39 1.43 -42.39
N ASN V 26 -4.37 2.68 -41.90
CA ASN V 26 -3.77 2.93 -40.58
C ASN V 26 -4.55 2.23 -39.49
N LEU V 27 -5.88 2.23 -39.58
CA LEU V 27 -6.70 1.50 -38.61
C LEU V 27 -6.37 0.01 -38.62
N GLU V 28 -6.21 -0.56 -39.81
CA GLU V 28 -5.82 -1.96 -39.92
C GLU V 28 -4.50 -2.22 -39.22
N LYS V 29 -3.50 -1.37 -39.47
CA LYS V 29 -2.19 -1.57 -38.86
C LYS V 29 -2.23 -1.40 -37.36
N LEU V 30 -3.11 -0.54 -36.85
CA LEU V 30 -3.18 -0.32 -35.42
C LEU V 30 -3.93 -1.44 -34.70
N SER V 31 -5.02 -1.92 -35.29
CA SER V 31 -5.78 -3.01 -34.68
C SER V 31 -5.00 -4.32 -34.73
N SER V 32 -4.34 -4.59 -35.87
CA SER V 32 -3.62 -5.85 -36.01
C SER V 32 -2.38 -5.89 -35.12
N GLY V 33 -1.73 -4.74 -34.93
CA GLY V 33 -0.47 -4.69 -34.25
C GLY V 33 0.73 -5.05 -35.10
N PHE V 34 0.54 -5.34 -36.38
CA PHE V 34 1.61 -5.68 -37.31
C PHE V 34 1.64 -4.67 -38.43
N LYS V 35 2.85 -4.35 -38.88
CA LYS V 35 3.06 -3.39 -39.96
C LYS V 35 2.86 -4.01 -41.34
N ILE V 36 2.95 -5.33 -41.45
CA ILE V 36 2.87 -6.04 -42.72
C ILE V 36 1.79 -7.09 -42.56
N ASN V 37 0.58 -6.79 -43.05
CA ASN V 37 -0.53 -7.73 -43.07
C ASN V 37 -0.74 -8.36 -44.43
N ARG V 38 -0.25 -7.74 -45.49
CA ARG V 38 -0.33 -8.24 -46.85
C ARG V 38 1.05 -8.16 -47.48
N ALA V 39 1.23 -8.85 -48.61
CA ALA V 39 2.48 -8.77 -49.33
C ALA V 39 2.61 -7.46 -50.10
N GLY V 40 1.49 -6.81 -50.41
CA GLY V 40 1.57 -5.49 -51.02
C GLY V 40 2.17 -4.45 -50.10
N ASP V 41 2.05 -4.65 -48.78
CA ASP V 41 2.69 -3.77 -47.83
C ASP V 41 4.20 -3.77 -48.02
N ASP V 42 4.80 -4.96 -48.05
CA ASP V 42 6.25 -5.08 -48.19
C ASP V 42 6.58 -6.52 -48.57
N ALA V 43 7.15 -6.70 -49.76
CA ALA V 43 7.45 -8.04 -50.24
C ALA V 43 8.72 -8.60 -49.57
N ALA V 44 9.82 -7.87 -49.64
CA ALA V 44 11.06 -8.25 -48.97
C ALA V 44 10.99 -7.82 -47.51
N GLY V 45 10.71 -8.78 -46.64
CA GLY V 45 10.41 -8.52 -45.25
C GLY V 45 9.32 -9.43 -44.76
N LEU V 46 8.34 -9.72 -45.62
CA LEU V 46 7.40 -10.80 -45.34
C LEU V 46 8.13 -12.14 -45.31
N ALA V 47 8.91 -12.42 -46.35
CA ALA V 47 9.70 -13.65 -46.40
C ALA V 47 10.68 -13.72 -45.23
N ILE V 48 11.35 -12.61 -44.93
CA ILE V 48 12.32 -12.58 -43.85
C ILE V 48 11.62 -12.85 -42.52
N SER V 49 10.43 -12.26 -42.32
CA SER V 49 9.68 -12.48 -41.10
C SER V 49 9.26 -13.93 -40.96
N GLU V 50 8.83 -14.56 -42.06
CA GLU V 50 8.41 -15.96 -41.97
C GLU V 50 9.59 -16.87 -41.66
N LYS V 51 10.72 -16.66 -42.32
CA LYS V 51 11.91 -17.46 -42.01
C LYS V 51 12.35 -17.25 -40.57
N MET V 52 12.30 -16.01 -40.08
CA MET V 52 12.72 -15.74 -38.71
C MET V 52 11.76 -16.38 -37.72
N ARG V 53 10.46 -16.38 -38.01
CA ARG V 53 9.50 -17.06 -37.16
C ARG V 53 9.78 -18.56 -37.10
N GLY V 54 10.06 -19.15 -38.26
CA GLY V 54 10.44 -20.56 -38.29
C GLY V 54 11.66 -20.85 -37.44
N GLN V 55 12.68 -19.99 -37.57
CA GLN V 55 13.90 -20.18 -36.79
C GLN V 55 13.65 -20.02 -35.29
N ILE V 56 12.80 -19.06 -34.92
CA ILE V 56 12.50 -18.84 -33.51
C ILE V 56 11.80 -20.05 -32.92
N SER V 57 10.77 -20.55 -33.61
CA SER V 57 10.07 -21.75 -33.14
C SER V 57 11.01 -22.93 -33.04
N GLY V 58 11.87 -23.12 -34.05
CA GLY V 58 12.82 -24.21 -34.01
C GLY V 58 13.80 -24.10 -32.86
N LEU V 59 14.26 -22.89 -32.58
CA LEU V 59 15.24 -22.69 -31.51
C LEU V 59 14.61 -22.96 -30.14
N ASN V 60 13.38 -22.48 -29.94
CA ASN V 60 12.69 -22.75 -28.67
C ASN V 60 12.43 -24.23 -28.49
N MET V 61 11.98 -24.90 -29.55
CA MET V 61 11.75 -26.34 -29.46
C MET V 61 13.06 -27.10 -29.23
N ALA V 62 14.16 -26.61 -29.79
CA ALA V 62 15.45 -27.24 -29.57
C ALA V 62 15.92 -27.06 -28.13
N SER V 63 15.63 -25.90 -27.54
CA SER V 63 15.89 -25.70 -26.11
C SER V 63 15.11 -26.72 -25.28
N LYS V 64 13.84 -26.89 -25.61
CA LYS V 64 13.02 -27.88 -24.92
C LYS V 64 13.61 -29.28 -25.05
N ASN V 65 14.03 -29.64 -26.26
CA ASN V 65 14.60 -30.96 -26.50
C ASN V 65 15.91 -31.16 -25.73
N SER V 66 16.73 -30.11 -25.66
CA SER V 66 17.99 -30.20 -24.93
C SER V 66 17.72 -30.41 -23.44
N SER V 67 16.72 -29.74 -22.89
CA SER V 67 16.36 -29.96 -21.50
C SER V 67 15.88 -31.40 -21.28
N ASP V 68 15.10 -31.94 -22.23
CA ASP V 68 14.66 -33.32 -22.12
C ASP V 68 15.85 -34.28 -22.10
N ALA V 69 16.83 -34.03 -22.98
CA ALA V 69 18.04 -34.85 -22.99
C ALA V 69 18.79 -34.76 -21.67
N ILE V 70 18.84 -33.57 -21.08
CA ILE V 70 19.50 -33.41 -19.78
C ILE V 70 18.78 -34.26 -18.73
N SER V 71 17.45 -34.30 -18.78
CA SER V 71 16.70 -35.10 -17.84
C SER V 71 17.03 -36.59 -17.99
N LEU V 72 17.06 -37.06 -19.23
CA LEU V 72 17.44 -38.45 -19.51
C LEU V 72 18.82 -38.78 -18.94
N ILE V 73 19.79 -37.90 -19.21
CA ILE V 73 21.16 -38.15 -18.76
C ILE V 73 21.23 -38.17 -17.24
N GLN V 74 20.49 -37.26 -16.58
CA GLN V 74 20.45 -37.27 -15.12
C GLN V 74 19.88 -38.58 -14.60
N THR V 75 18.88 -39.12 -15.30
CA THR V 75 18.34 -40.42 -14.89
C THR V 75 19.40 -41.50 -14.93
N ALA V 76 20.16 -41.55 -16.02
CA ALA V 76 21.20 -42.58 -16.14
C ALA V 76 22.29 -42.42 -15.08
N GLU V 77 22.73 -41.18 -14.83
CA GLU V 77 23.75 -40.96 -13.82
C GLU V 77 23.27 -41.37 -12.43
N GLY V 78 22.02 -41.01 -12.10
CA GLY V 78 21.46 -41.45 -10.84
C GLY V 78 21.38 -42.96 -10.74
N GLY V 79 21.13 -43.63 -11.85
CA GLY V 79 21.18 -45.09 -11.86
C GLY V 79 22.55 -45.62 -11.52
N LEU V 80 23.60 -44.99 -12.07
CA LEU V 80 24.97 -45.50 -11.88
C LEU V 80 25.56 -45.15 -10.51
N ASN V 81 25.02 -44.14 -9.83
CA ASN V 81 25.50 -43.83 -8.47
C ASN V 81 25.34 -45.03 -7.54
N GLU V 82 24.21 -45.72 -7.62
CA GLU V 82 24.00 -46.88 -6.74
C GLU V 82 24.89 -48.04 -7.16
N THR V 83 25.19 -48.15 -8.46
CA THR V 83 26.19 -49.11 -8.91
C THR V 83 27.52 -48.86 -8.22
N HIS V 84 27.98 -47.62 -8.20
CA HIS V 84 29.19 -47.26 -7.45
C HIS V 84 29.10 -47.73 -6.00
N ALA V 85 27.98 -47.41 -5.34
CA ALA V 85 27.84 -47.71 -3.92
C ALA V 85 27.93 -49.21 -3.64
N ILE V 86 27.16 -50.01 -4.37
CA ILE V 86 27.16 -51.44 -4.10
C ILE V 86 28.46 -52.09 -4.55
N LEU V 87 29.15 -51.50 -5.53
CA LEU V 87 30.47 -52.00 -5.89
C LEU V 87 31.46 -51.78 -4.75
N GLN V 88 31.40 -50.62 -4.11
CA GLN V 88 32.22 -50.37 -2.93
C GLN V 88 31.93 -51.40 -1.84
N ARG V 89 30.65 -51.66 -1.60
CA ARG V 89 30.27 -52.65 -0.58
C ARG V 89 30.80 -54.03 -0.93
N MET V 90 30.72 -54.42 -2.20
CA MET V 90 31.22 -55.71 -2.66
C MET V 90 32.73 -55.83 -2.48
N ARG V 91 33.45 -54.75 -2.77
CA ARG V 91 34.89 -54.76 -2.55
C ARG V 91 35.22 -54.94 -1.07
N GLU V 92 34.49 -54.24 -0.21
CA GLU V 92 34.68 -54.40 1.23
C GLU V 92 34.44 -55.85 1.66
N LEU V 93 33.36 -56.44 1.16
CA LEU V 93 33.04 -57.84 1.44
C LEU V 93 34.14 -58.78 0.97
N ALA V 94 34.70 -58.55 -0.21
CA ALA V 94 35.77 -59.41 -0.71
C ALA V 94 37.03 -59.27 0.13
N VAL V 95 37.39 -58.05 0.51
CA VAL V 95 38.59 -57.85 1.33
C VAL V 95 38.41 -58.52 2.68
N GLN V 96 37.19 -58.52 3.23
CA GLN V 96 36.95 -59.25 4.47
C GLN V 96 36.97 -60.76 4.28
N SER V 97 36.35 -61.25 3.20
CA SER V 97 36.36 -62.67 2.89
C SER V 97 37.76 -63.23 2.66
N ARG V 98 38.68 -62.40 2.20
CA ARG V 98 40.00 -62.81 1.76
C ARG V 98 40.88 -63.32 2.90
N ASN V 99 40.59 -62.94 4.13
CA ASN V 99 41.40 -63.33 5.28
C ASN V 99 41.12 -64.76 5.70
N ASP V 100 42.12 -65.41 6.31
CA ASP V 100 42.04 -66.82 6.68
C ASP V 100 41.45 -67.03 8.08
N THR V 101 41.00 -65.98 8.75
CA THR V 101 40.21 -66.16 9.97
C THR V 101 38.88 -66.83 9.66
N ASN V 102 38.38 -66.67 8.45
CA ASN V 102 37.07 -67.19 8.08
C ASN V 102 37.17 -68.65 7.64
N ASP V 103 36.19 -69.45 8.06
CA ASP V 103 36.16 -70.88 7.78
C ASP V 103 35.10 -71.21 6.73
N GLU V 104 35.47 -72.02 5.75
CA GLU V 104 34.50 -72.60 4.84
C GLU V 104 33.62 -73.64 5.52
N ALA V 105 34.14 -74.30 6.57
CA ALA V 105 33.38 -75.36 7.23
C ALA V 105 32.14 -74.81 7.93
N THR V 106 32.32 -73.82 8.80
CA THR V 106 31.23 -73.25 9.55
C THR V 106 30.59 -72.04 8.86
N ASN V 107 30.69 -71.98 7.53
CA ASN V 107 29.82 -71.14 6.70
C ASN V 107 30.09 -69.66 6.93
N ASP V 108 31.35 -69.28 7.16
CA ASP V 108 31.70 -67.86 7.33
C ASP V 108 31.68 -67.12 6.01
N ARG V 109 32.27 -67.71 4.97
CA ARG V 109 32.34 -67.06 3.67
C ARG V 109 31.07 -67.23 2.84
N SER V 110 30.28 -68.28 3.09
CA SER V 110 29.06 -68.46 2.32
C SER V 110 28.02 -67.39 2.64
N ASN V 111 28.07 -66.80 3.83
CA ASN V 111 27.19 -65.66 4.13
C ASN V 111 27.62 -64.40 3.39
N LEU V 112 28.93 -64.16 3.28
CA LEU V 112 29.39 -63.04 2.48
C LEU V 112 29.09 -63.29 1.00
N ASN V 113 29.07 -64.56 0.59
CA ASN V 113 28.67 -64.89 -0.77
C ASN V 113 27.17 -64.69 -0.99
N ASP V 114 26.34 -65.00 0.01
CA ASP V 114 24.93 -64.62 -0.03
C ASP V 114 24.77 -63.13 -0.29
N GLU V 115 25.45 -62.32 0.52
CA GLU V 115 25.44 -60.87 0.36
C GLU V 115 25.88 -60.46 -1.05
N LEU V 116 26.99 -61.05 -1.52
CA LEU V 116 27.54 -60.71 -2.82
C LEU V 116 26.58 -61.08 -3.96
N LYS V 117 25.94 -62.25 -3.88
CA LYS V 117 24.99 -62.65 -4.90
C LYS V 117 23.79 -61.72 -4.94
N GLN V 118 23.30 -61.30 -3.77
CA GLN V 118 22.18 -60.35 -3.77
C GLN V 118 22.60 -59.02 -4.38
N LEU V 119 23.82 -58.57 -4.10
CA LEU V 119 24.27 -57.31 -4.69
C LEU V 119 24.49 -57.44 -6.20
N GLN V 120 24.86 -58.63 -6.67
CA GLN V 120 24.99 -58.86 -8.11
C GLN V 120 23.61 -58.88 -8.80
N GLU V 121 22.61 -59.46 -8.13
CA GLU V 121 21.27 -59.37 -8.68
C GLU V 121 20.79 -57.92 -8.72
N GLU V 122 21.19 -57.10 -7.74
CA GLU V 122 20.79 -55.71 -7.75
C GLU V 122 21.51 -54.91 -8.84
N ILE V 123 22.81 -55.17 -9.05
CA ILE V 123 23.53 -54.45 -10.11
C ILE V 123 22.96 -54.82 -11.48
N THR V 124 22.49 -56.05 -11.67
CA THR V 124 21.81 -56.38 -12.93
C THR V 124 20.42 -55.75 -13.00
N ARG V 125 19.72 -55.70 -11.87
CA ARG V 125 18.37 -55.15 -11.85
C ARG V 125 18.37 -53.68 -12.22
N ILE V 126 19.31 -52.90 -11.67
CA ILE V 126 19.38 -51.48 -12.00
C ILE V 126 19.65 -51.30 -13.49
N SER V 127 20.46 -52.19 -14.07
CA SER V 127 20.74 -52.11 -15.50
C SER V 127 19.47 -52.28 -16.31
N SER V 128 18.80 -53.42 -16.17
CA SER V 128 17.67 -53.75 -17.04
C SER V 128 16.31 -53.47 -16.42
N GLN V 129 16.21 -52.49 -15.52
CA GLN V 129 14.92 -51.95 -15.08
C GLN V 129 14.95 -50.44 -14.99
N MET V 130 15.87 -49.80 -15.71
CA MET V 130 15.97 -48.35 -15.79
C MET V 130 15.33 -47.88 -17.08
N GLU V 131 14.53 -46.82 -17.01
CA GLU V 131 13.84 -46.37 -18.24
C GLU V 131 13.44 -44.91 -18.12
N PHE V 132 13.38 -44.25 -19.26
CA PHE V 132 12.92 -42.87 -19.41
C PHE V 132 11.94 -42.86 -20.57
N ASN V 133 10.65 -42.69 -20.27
CA ASN V 133 9.61 -42.65 -21.29
C ASN V 133 9.50 -43.99 -22.02
N ASN V 134 9.60 -45.08 -21.26
CA ASN V 134 9.53 -46.43 -21.81
C ASN V 134 10.68 -46.70 -22.77
N LYS V 135 11.91 -46.47 -22.29
CA LYS V 135 13.11 -46.60 -23.10
C LYS V 135 14.22 -47.15 -22.22
N LYS V 136 14.56 -48.41 -22.42
CA LYS V 136 15.64 -49.03 -21.66
C LYS V 136 16.97 -48.41 -22.08
N LEU V 137 17.74 -47.94 -21.09
CA LEU V 137 18.97 -47.19 -21.31
C LEU V 137 20.24 -48.01 -21.12
N LEU V 138 20.36 -48.71 -19.99
CA LEU V 138 21.60 -49.39 -19.59
C LEU V 138 21.60 -50.87 -19.89
N ASP V 139 21.07 -51.26 -21.05
CA ASP V 139 20.95 -52.66 -21.43
C ASP V 139 21.82 -52.99 -22.62
N GLY V 140 22.14 -51.98 -23.44
CA GLY V 140 22.70 -52.17 -24.75
C GLY V 140 21.77 -51.81 -25.90
N SER V 141 20.60 -51.23 -25.62
CA SER V 141 19.69 -50.82 -26.69
C SER V 141 20.31 -49.69 -27.52
N GLN V 142 20.90 -48.71 -26.84
CA GLN V 142 21.46 -47.54 -27.49
C GLN V 142 22.92 -47.74 -27.91
N SER V 143 23.56 -48.84 -27.48
CA SER V 143 24.95 -49.09 -27.84
C SER V 143 25.11 -49.51 -29.30
N THR V 144 24.01 -49.79 -30.00
CA THR V 144 24.09 -50.24 -31.39
C THR V 144 24.12 -49.07 -32.35
N ASN V 145 23.17 -48.14 -32.22
CA ASN V 145 23.05 -46.98 -33.10
C ASN V 145 23.20 -45.67 -32.35
N GLY V 146 22.49 -45.49 -31.25
CA GLY V 146 22.65 -44.34 -30.38
C GLY V 146 21.43 -43.43 -30.40
N LEU V 147 21.32 -42.62 -29.35
CA LEU V 147 20.26 -41.64 -29.22
C LEU V 147 20.67 -40.34 -29.88
N THR V 148 19.79 -39.79 -30.72
CA THR V 148 20.05 -38.58 -31.48
C THR V 148 19.17 -37.46 -30.96
N PHE V 149 19.79 -36.37 -30.53
CA PHE V 149 19.09 -35.19 -30.04
C PHE V 149 19.18 -34.07 -31.06
N GLN V 150 18.03 -33.51 -31.41
CA GLN V 150 17.93 -32.34 -32.28
C GLN V 150 18.08 -31.10 -31.41
N ILE V 151 19.23 -30.43 -31.55
CA ILE V 151 19.56 -29.27 -30.73
C ILE V 151 19.68 -28.04 -31.63
N GLY V 152 18.89 -28.02 -32.70
CA GLY V 152 18.92 -26.90 -33.63
C GLY V 152 17.66 -26.85 -34.45
N ALA V 153 17.37 -25.65 -34.97
CA ALA V 153 16.15 -25.45 -35.74
C ALA V 153 16.18 -26.22 -37.05
N ASN V 154 17.31 -26.22 -37.74
CA ASN V 154 17.42 -26.79 -39.07
C ASN V 154 17.78 -28.27 -39.03
N ALA V 155 17.77 -28.89 -40.20
CA ALA V 155 18.09 -30.29 -40.33
C ALA V 155 19.60 -30.51 -40.26
N GLY V 156 19.99 -31.63 -39.63
CA GLY V 156 21.39 -31.95 -39.45
C GLY V 156 22.03 -31.38 -38.20
N GLN V 157 21.36 -30.46 -37.51
CA GLN V 157 21.90 -29.86 -36.30
C GLN V 157 21.59 -30.77 -35.11
N THR V 158 22.28 -31.91 -35.10
CA THR V 158 22.00 -32.99 -34.17
C THR V 158 23.26 -33.37 -33.41
N ILE V 159 23.07 -34.16 -32.35
CA ILE V 159 24.19 -34.81 -31.67
C ILE V 159 23.79 -36.25 -31.38
N THR V 160 24.70 -37.18 -31.64
CA THR V 160 24.51 -38.59 -31.36
C THR V 160 25.19 -38.95 -30.05
N MET V 161 24.63 -39.95 -29.38
CA MET V 161 25.11 -40.39 -28.07
C MET V 161 24.95 -41.89 -27.99
N LYS V 162 25.80 -42.51 -27.16
CA LYS V 162 25.78 -43.96 -26.99
C LYS V 162 26.03 -44.29 -25.52
N ILE V 163 25.34 -45.33 -25.05
CA ILE V 163 25.50 -45.81 -23.69
C ILE V 163 25.74 -47.32 -23.77
N SER V 164 26.75 -47.79 -23.05
CA SER V 164 27.16 -49.18 -23.11
C SER V 164 26.36 -50.04 -22.15
N THR V 165 26.42 -51.35 -22.36
CA THR V 165 25.82 -52.29 -21.42
C THR V 165 26.59 -52.26 -20.11
N MET V 166 25.87 -52.10 -19.00
CA MET V 166 26.41 -51.97 -17.66
C MET V 166 25.88 -53.06 -16.74
N SER V 167 25.79 -54.28 -17.26
CA SER V 167 25.44 -55.45 -16.46
C SER V 167 26.68 -56.10 -15.84
N ALA V 168 26.43 -57.09 -14.99
CA ALA V 168 27.54 -57.77 -14.33
C ALA V 168 28.34 -58.63 -15.30
N THR V 169 27.68 -59.20 -16.32
CA THR V 169 28.40 -60.03 -17.28
C THR V 169 29.40 -59.22 -18.08
N LYS V 170 29.03 -58.00 -18.49
CA LYS V 170 29.91 -57.19 -19.32
C LYS V 170 31.14 -56.75 -18.56
N LEU V 171 31.00 -56.51 -17.26
CA LEU V 171 32.08 -55.98 -16.42
C LEU V 171 32.90 -57.06 -15.73
N GLY V 172 32.66 -58.33 -16.02
CA GLY V 172 33.47 -59.40 -15.46
C GLY V 172 33.37 -59.52 -13.96
N VAL V 173 32.19 -59.24 -13.39
CA VAL V 173 31.96 -59.31 -11.95
C VAL V 173 30.79 -60.23 -11.60
N ASP V 174 30.10 -60.80 -12.59
CA ASP V 174 29.07 -61.78 -12.35
C ASP V 174 29.60 -62.98 -11.56
N ALA V 175 28.67 -63.73 -10.98
CA ALA V 175 29.04 -64.80 -10.06
C ALA V 175 29.85 -65.91 -10.72
N ALA V 176 29.79 -66.04 -12.04
CA ALA V 176 30.59 -67.05 -12.73
C ALA V 176 32.08 -66.74 -12.72
N LYS V 177 32.48 -65.51 -12.37
CA LYS V 177 33.89 -65.13 -12.36
C LYS V 177 34.28 -64.28 -11.16
N ALA V 178 33.39 -64.09 -10.18
CA ALA V 178 33.68 -63.23 -9.04
C ALA V 178 33.15 -63.80 -7.72
N SER V 179 33.12 -65.12 -7.59
CA SER V 179 32.75 -65.71 -6.31
C SER V 179 33.78 -65.39 -5.25
N ILE V 180 33.35 -65.43 -4.00
CA ILE V 180 34.25 -65.30 -2.85
C ILE V 180 34.06 -66.50 -1.94
N SER V 181 33.69 -67.64 -2.52
CA SER V 181 33.66 -68.89 -1.77
C SER V 181 35.02 -69.19 -1.16
N LYS V 182 36.09 -69.06 -1.95
CA LYS V 182 37.43 -69.41 -1.52
C LYS V 182 38.17 -68.16 -1.04
N GLY V 183 39.43 -68.35 -0.65
CA GLY V 183 40.33 -67.24 -0.41
C GLY V 183 40.97 -66.77 -1.70
N THR V 184 41.22 -67.71 -2.61
CA THR V 184 41.86 -67.36 -3.89
C THR V 184 40.93 -66.52 -4.76
N ALA V 185 39.64 -66.86 -4.80
CA ALA V 185 38.71 -66.17 -5.68
C ALA V 185 38.51 -64.72 -5.26
N ALA V 186 38.60 -64.44 -3.97
CA ALA V 186 38.48 -63.05 -3.51
C ALA V 186 39.64 -62.19 -4.03
N SER V 187 40.82 -62.78 -4.18
CA SER V 187 41.96 -62.07 -4.77
C SER V 187 41.61 -61.53 -6.14
N LYS V 188 41.07 -62.38 -7.02
CA LYS V 188 40.67 -61.92 -8.34
C LYS V 188 39.46 -61.00 -8.25
N ALA V 189 38.57 -61.24 -7.29
CA ALA V 189 37.35 -60.45 -7.18
C ALA V 189 37.67 -58.99 -6.86
N ILE V 190 38.70 -58.75 -6.05
CA ILE V 190 39.08 -57.38 -5.71
C ILE V 190 39.48 -56.61 -6.96
N LYS V 191 40.37 -57.20 -7.77
CA LYS V 191 40.82 -56.55 -9.00
C LYS V 191 39.67 -56.39 -9.97
N SER V 192 38.80 -57.40 -10.05
CA SER V 192 37.64 -57.35 -10.95
C SER V 192 36.72 -56.19 -10.57
N ILE V 193 36.51 -56.01 -9.27
CA ILE V 193 35.65 -54.94 -8.78
C ILE V 193 36.28 -53.57 -9.03
N ASP V 194 37.60 -53.48 -8.87
CA ASP V 194 38.29 -52.22 -9.18
C ASP V 194 38.13 -51.85 -10.65
N ASP V 195 38.31 -52.83 -11.53
CA ASP V 195 38.14 -52.58 -12.97
C ASP V 195 36.72 -52.13 -13.27
N ALA V 196 35.73 -52.76 -12.63
CA ALA V 196 34.34 -52.37 -12.86
C ALA V 196 34.07 -50.94 -12.38
N ILE V 197 34.60 -50.58 -11.21
CA ILE V 197 34.42 -49.23 -10.69
C ILE V 197 35.01 -48.21 -11.65
N ASN V 198 36.22 -48.48 -12.17
CA ASN V 198 36.84 -47.55 -13.11
C ASN V 198 36.01 -47.42 -14.39
N THR V 199 35.50 -48.55 -14.90
CA THR V 199 34.71 -48.50 -16.12
C THR V 199 33.43 -47.69 -15.94
N VAL V 200 32.74 -47.88 -14.82
CA VAL V 200 31.48 -47.15 -14.64
C VAL V 200 31.76 -45.68 -14.36
N SER V 201 32.89 -45.36 -13.72
CA SER V 201 33.30 -43.96 -13.61
C SER V 201 33.52 -43.33 -14.97
N LYS V 202 34.17 -44.07 -15.88
CA LYS V 202 34.39 -43.59 -17.24
C LYS V 202 33.07 -43.29 -17.93
N THR V 203 32.11 -44.21 -17.82
CA THR V 203 30.81 -44.01 -18.44
C THR V 203 30.09 -42.78 -17.86
N ARG V 204 30.13 -42.62 -16.54
CA ARG V 204 29.53 -41.45 -15.92
C ARG V 204 30.16 -40.15 -16.41
N SER V 205 31.48 -40.14 -16.55
CA SER V 205 32.17 -38.97 -17.11
C SER V 205 31.67 -38.69 -18.52
N ALA V 206 31.52 -39.73 -19.34
CA ALA V 206 31.05 -39.56 -20.71
C ALA V 206 29.66 -38.94 -20.74
N LEU V 207 28.80 -39.30 -19.79
CA LEU V 207 27.47 -38.71 -19.73
C LEU V 207 27.51 -37.25 -19.28
N GLY V 208 28.28 -36.98 -18.23
CA GLY V 208 28.34 -35.63 -17.70
C GLY V 208 28.91 -34.62 -18.69
N ALA V 209 29.84 -35.07 -19.54
CA ALA V 209 30.37 -34.17 -20.58
C ALA V 209 29.26 -33.69 -21.51
N VAL V 210 28.39 -34.61 -21.95
CA VAL V 210 27.31 -34.23 -22.84
C VAL V 210 26.31 -33.33 -22.12
N GLN V 211 26.08 -33.58 -20.84
CA GLN V 211 25.22 -32.68 -20.06
C GLN V 211 25.77 -31.26 -20.05
N ASN V 212 27.05 -31.12 -19.74
CA ASN V 212 27.68 -29.79 -19.68
C ASN V 212 27.65 -29.12 -21.04
N ARG V 213 27.82 -29.90 -22.12
CA ARG V 213 27.69 -29.33 -23.46
C ARG V 213 26.29 -28.80 -23.70
N LEU V 214 25.27 -29.58 -23.34
CA LEU V 214 23.90 -29.18 -23.61
C LEU V 214 23.52 -27.91 -22.85
N GLU V 215 24.12 -27.69 -21.68
CA GLU V 215 23.86 -26.44 -20.96
C GLU V 215 24.28 -25.21 -21.78
N HIS V 216 25.53 -25.22 -22.25
CA HIS V 216 26.01 -24.14 -23.11
C HIS V 216 25.16 -24.01 -24.38
N THR V 217 24.75 -25.15 -24.95
CA THR V 217 23.88 -25.11 -26.12
C THR V 217 22.57 -24.39 -25.82
N ILE V 218 21.99 -24.65 -24.65
CA ILE V 218 20.74 -24.00 -24.27
C ILE V 218 20.93 -22.49 -24.13
N ASN V 219 22.04 -22.09 -23.51
CA ASN V 219 22.33 -20.66 -23.37
C ASN V 219 22.41 -19.98 -24.73
N ASN V 220 23.17 -20.59 -25.65
CA ASN V 220 23.32 -20.03 -26.99
C ASN V 220 21.99 -19.96 -27.72
N LEU V 221 21.16 -21.00 -27.58
CA LEU V 221 19.86 -21.01 -28.24
C LEU V 221 18.98 -19.88 -27.72
N GLY V 222 18.97 -19.67 -26.40
CA GLY V 222 18.19 -18.58 -25.83
C GLY V 222 18.63 -17.23 -26.34
N THR V 223 19.95 -16.99 -26.37
CA THR V 223 20.46 -15.72 -26.87
C THR V 223 20.07 -15.50 -28.33
N SER V 224 20.24 -16.52 -29.17
CA SER V 224 19.91 -16.39 -30.58
C SER V 224 18.43 -16.15 -30.79
N ALA V 225 17.59 -16.84 -30.00
CA ALA V 225 16.15 -16.66 -30.13
C ALA V 225 15.74 -15.24 -29.75
N GLU V 226 16.30 -14.70 -28.68
CA GLU V 226 15.98 -13.33 -28.31
C GLU V 226 16.41 -12.34 -29.40
N ASN V 227 17.62 -12.52 -29.94
CA ASN V 227 18.10 -11.59 -30.96
C ASN V 227 17.22 -11.65 -32.21
N LEU V 228 16.90 -12.85 -32.68
CA LEU V 228 16.05 -12.96 -33.86
C LEU V 228 14.64 -12.48 -33.59
N THR V 229 14.15 -12.63 -32.36
CA THR V 229 12.85 -12.07 -32.01
C THR V 229 12.86 -10.55 -32.11
N ALA V 230 13.93 -9.93 -31.61
CA ALA V 230 14.08 -8.49 -31.74
C ALA V 230 14.09 -8.06 -33.20
N ALA V 231 14.86 -8.78 -34.02
CA ALA V 231 14.93 -8.47 -35.45
C ALA V 231 13.56 -8.58 -36.12
N GLU V 232 12.85 -9.68 -35.85
CA GLU V 232 11.54 -9.88 -36.47
C GLU V 232 10.54 -8.83 -36.00
N SER V 233 10.61 -8.45 -34.73
CA SER V 233 9.75 -7.39 -34.22
C SER V 233 10.02 -6.09 -34.95
N ARG V 234 11.28 -5.72 -35.10
CA ARG V 234 11.61 -4.47 -35.78
C ARG V 234 11.22 -4.51 -37.25
N ILE V 235 11.24 -5.69 -37.87
CA ILE V 235 10.86 -5.79 -39.27
C ILE V 235 9.35 -5.65 -39.43
N ARG V 236 8.59 -6.51 -38.73
CA ARG V 236 7.17 -6.67 -39.02
C ARG V 236 6.25 -5.87 -38.12
N ASP V 237 6.53 -5.78 -36.82
CA ASP V 237 5.65 -5.04 -35.93
C ASP V 237 5.71 -3.56 -36.21
N THR V 238 4.65 -2.84 -35.82
CA THR V 238 4.48 -1.43 -36.10
C THR V 238 4.61 -0.61 -34.83
N ASP V 239 5.11 0.61 -34.99
CA ASP V 239 5.16 1.56 -33.88
C ASP V 239 3.80 2.26 -33.76
N MET V 240 3.23 2.20 -32.56
CA MET V 240 1.88 2.74 -32.35
C MET V 240 1.83 4.24 -32.56
N ALA V 241 2.88 4.95 -32.14
CA ALA V 241 2.86 6.40 -32.17
C ALA V 241 2.82 6.94 -33.59
N ALA V 242 3.64 6.39 -34.48
CA ALA V 242 3.67 6.87 -35.86
C ALA V 242 2.34 6.63 -36.56
N GLU V 243 1.75 5.45 -36.37
CA GLU V 243 0.47 5.16 -36.99
C GLU V 243 -0.64 6.01 -36.40
N MET V 244 -0.58 6.31 -35.10
CA MET V 244 -1.53 7.23 -34.51
C MET V 244 -1.43 8.61 -35.12
N MET V 245 -0.20 9.11 -35.30
CA MET V 245 0.03 10.38 -35.97
C MET V 245 -0.60 10.38 -37.36
N ALA V 246 -0.28 9.36 -38.16
CA ALA V 246 -0.78 9.28 -39.52
C ALA V 246 -2.30 9.21 -39.55
N PHE V 247 -2.90 8.46 -38.63
CA PHE V 247 -4.35 8.31 -38.60
C PHE V 247 -5.03 9.62 -38.26
N THR V 248 -4.51 10.34 -37.26
CA THR V 248 -5.08 11.64 -36.92
C THR V 248 -4.94 12.62 -38.09
N LYS V 249 -3.78 12.63 -38.74
CA LYS V 249 -3.58 13.48 -39.91
C LYS V 249 -4.60 13.17 -41.01
N ASN V 250 -4.79 11.89 -41.31
CA ASN V 250 -5.70 11.51 -42.38
C ASN V 250 -7.15 11.83 -42.01
N ASN V 251 -7.51 11.71 -40.74
CA ASN V 251 -8.86 12.11 -40.33
C ASN V 251 -9.08 13.60 -40.53
N ILE V 252 -8.10 14.42 -40.14
CA ILE V 252 -8.21 15.86 -40.30
C ILE V 252 -8.34 16.21 -41.78
N LEU V 253 -7.57 15.54 -42.63
CA LEU V 253 -7.65 15.78 -44.07
C LEU V 253 -9.01 15.36 -44.61
N THR V 254 -9.56 14.24 -44.12
CA THR V 254 -10.88 13.79 -44.53
C THR V 254 -11.94 14.84 -44.19
N GLN V 255 -11.88 15.38 -42.97
CA GLN V 255 -12.84 16.42 -42.57
C GLN V 255 -12.70 17.65 -43.45
N ALA V 256 -11.46 18.07 -43.73
CA ALA V 256 -11.24 19.22 -44.59
C ALA V 256 -11.84 19.00 -45.98
N ALA V 257 -11.61 17.83 -46.56
CA ALA V 257 -12.16 17.53 -47.88
C ALA V 257 -13.68 17.48 -47.84
N GLN V 258 -14.26 16.98 -46.75
CA GLN V 258 -15.71 16.96 -46.61
C GLN V 258 -16.28 18.38 -46.65
N SER V 259 -15.69 19.27 -45.86
CA SER V 259 -16.16 20.67 -45.85
C SER V 259 -15.97 21.31 -47.22
N MET V 260 -14.83 21.04 -47.87
CA MET V 260 -14.57 21.62 -49.19
C MET V 260 -15.60 21.14 -50.21
N LEU V 261 -16.00 19.87 -50.12
CA LEU V 261 -17.00 19.34 -51.05
C LEU V 261 -18.37 19.95 -50.76
N ALA V 262 -18.70 20.12 -49.48
CA ALA V 262 -19.96 20.78 -49.14
C ALA V 262 -20.01 22.19 -49.70
N GLN V 263 -18.87 22.88 -49.71
CA GLN V 263 -18.82 24.22 -50.32
C GLN V 263 -18.95 24.15 -51.83
N ALA V 264 -18.19 23.25 -52.46
CA ALA V 264 -18.16 23.15 -53.91
C ALA V 264 -19.52 22.78 -54.47
N ASN V 265 -20.31 22.00 -53.73
CA ASN V 265 -21.66 21.68 -54.20
C ASN V 265 -22.56 22.90 -54.19
N GLN V 266 -22.35 23.83 -53.26
CA GLN V 266 -23.14 25.05 -53.19
C GLN V 266 -22.64 26.13 -54.16
N GLN V 267 -21.38 26.03 -54.60
CA GLN V 267 -20.81 27.07 -55.47
C GLN V 267 -21.63 27.32 -56.74
N PRO V 268 -22.05 26.30 -57.51
CA PRO V 268 -22.84 26.61 -58.73
C PRO V 268 -24.31 26.91 -58.46
N GLN V 269 -24.58 28.17 -58.10
CA GLN V 269 -25.95 28.66 -57.92
C GLN V 269 -26.05 30.00 -58.64
N GLY V 270 -26.40 29.94 -59.93
CA GLY V 270 -26.61 31.12 -60.74
C GLY V 270 -28.05 31.20 -61.19
N VAL V 271 -28.97 30.77 -60.33
CA VAL V 271 -30.39 30.83 -60.67
C VAL V 271 -30.90 32.26 -60.66
N LEU V 272 -30.24 33.16 -59.94
CA LEU V 272 -30.67 34.56 -59.93
C LEU V 272 -30.41 35.28 -61.24
N GLN V 273 -29.64 34.69 -62.17
CA GLN V 273 -29.60 35.23 -63.52
C GLN V 273 -30.98 35.20 -64.14
N LEU V 274 -31.63 34.05 -64.06
CA LEU V 274 -32.85 33.78 -64.82
C LEU V 274 -34.05 34.49 -64.21
N LEU V 275 -34.40 34.10 -62.99
CA LEU V 275 -35.58 34.63 -62.32
C LEU V 275 -35.23 35.92 -61.58
N GLN V 276 -36.21 36.47 -60.86
CA GLN V 276 -35.96 37.68 -60.08
C GLN V 276 -37.11 37.89 -59.10
N MET W 1 -48.80 12.06 -61.66
CA MET W 1 -47.56 12.53 -62.27
C MET W 1 -46.79 13.73 -61.69
N ARG W 2 -47.50 14.76 -61.20
CA ARG W 2 -46.86 15.99 -60.74
C ARG W 2 -47.18 16.30 -59.28
N ILE W 3 -48.45 16.34 -58.89
CA ILE W 3 -48.87 16.94 -57.63
C ILE W 3 -49.51 15.90 -56.72
N GLN W 4 -50.57 15.26 -57.20
CA GLN W 4 -51.42 14.42 -56.37
C GLN W 4 -50.67 13.26 -55.73
N HIS W 5 -49.54 12.84 -56.31
CA HIS W 5 -48.76 11.73 -55.79
C HIS W 5 -47.28 12.05 -55.93
N ASN W 6 -46.51 11.74 -54.89
CA ASN W 6 -45.07 12.02 -54.84
C ASN W 6 -44.36 10.73 -54.45
N ILE W 7 -43.93 9.95 -55.45
CA ILE W 7 -43.54 8.56 -55.21
C ILE W 7 -42.17 8.47 -54.53
N ALA W 8 -41.29 9.44 -54.79
CA ALA W 8 -39.98 9.46 -54.15
C ALA W 8 -40.13 9.53 -52.63
N ALA W 9 -41.05 10.35 -52.16
CA ALA W 9 -41.28 10.48 -50.72
C ALA W 9 -41.84 9.19 -50.14
N LEU W 10 -42.68 8.47 -50.88
CA LEU W 10 -43.17 7.17 -50.42
C LEU W 10 -42.03 6.18 -50.26
N ASN W 11 -41.15 6.08 -51.26
CA ASN W 11 -40.01 5.17 -51.16
C ASN W 11 -39.11 5.54 -49.98
N THR W 12 -38.87 6.84 -49.80
CA THR W 12 -38.05 7.30 -48.68
C THR W 12 -38.69 6.95 -47.35
N HIS W 13 -40.02 7.08 -47.26
CA HIS W 13 -40.73 6.72 -46.04
C HIS W 13 -40.59 5.23 -45.74
N ARG W 14 -40.75 4.39 -46.76
CA ARG W 14 -40.55 2.95 -46.61
C ARG W 14 -39.18 2.64 -46.03
N ASN W 15 -38.13 3.18 -46.66
CA ASN W 15 -36.77 2.89 -46.22
C ASN W 15 -36.53 3.41 -44.81
N LEU W 16 -37.08 4.57 -44.48
CA LEU W 16 -36.95 5.14 -43.14
C LEU W 16 -37.58 4.23 -42.10
N ALA W 17 -38.79 3.73 -42.39
CA ALA W 17 -39.46 2.81 -41.47
C ALA W 17 -38.63 1.54 -41.27
N ALA W 18 -38.08 1.00 -42.36
CA ALA W 18 -37.26 -0.20 -42.24
C ALA W 18 -36.03 0.04 -41.36
N ASN W 19 -35.35 1.16 -41.58
CA ASN W 19 -34.17 1.47 -40.78
C ASN W 19 -34.51 1.63 -39.31
N ASN W 20 -35.63 2.31 -39.01
CA ASN W 20 -36.06 2.46 -37.63
C ASN W 20 -36.34 1.11 -36.99
N ALA W 21 -37.01 0.21 -37.73
CA ALA W 21 -37.30 -1.12 -37.19
C ALA W 21 -36.02 -1.88 -36.88
N ALA W 22 -35.04 -1.83 -37.79
CA ALA W 22 -33.78 -2.52 -37.55
C ALA W 22 -33.05 -1.96 -36.33
N ALA W 23 -33.03 -0.63 -36.20
CA ALA W 23 -32.40 -0.02 -35.04
C ALA W 23 -33.09 -0.43 -33.75
N SER W 24 -34.43 -0.53 -33.77
CA SER W 24 -35.16 -0.98 -32.58
C SER W 24 -34.80 -2.41 -32.22
N LYS W 25 -34.69 -3.29 -33.22
CA LYS W 25 -34.27 -4.67 -32.95
C LYS W 25 -32.89 -4.70 -32.32
N ASN W 26 -31.97 -3.88 -32.81
CA ASN W 26 -30.62 -3.84 -32.24
C ASN W 26 -30.65 -3.34 -30.81
N LEU W 27 -31.49 -2.33 -30.53
CA LEU W 27 -31.64 -1.85 -29.16
C LEU W 27 -32.14 -2.95 -28.25
N GLU W 28 -33.12 -3.73 -28.71
CA GLU W 28 -33.63 -4.85 -27.94
C GLU W 28 -32.51 -5.84 -27.62
N LYS W 29 -31.72 -6.20 -28.64
CA LYS W 29 -30.65 -7.16 -28.42
C LYS W 29 -29.57 -6.63 -27.48
N LEU W 30 -29.34 -5.31 -27.49
CA LEU W 30 -28.31 -4.76 -26.63
C LEU W 30 -28.78 -4.62 -25.19
N SER W 31 -30.03 -4.20 -24.99
CA SER W 31 -30.56 -4.08 -23.64
C SER W 31 -30.75 -5.44 -22.99
N SER W 32 -31.26 -6.41 -23.75
CA SER W 32 -31.53 -7.72 -23.18
C SER W 32 -30.24 -8.46 -22.86
N GLY W 33 -29.21 -8.26 -23.67
CA GLY W 33 -27.99 -9.03 -23.56
C GLY W 33 -28.04 -10.39 -24.22
N PHE W 34 -29.17 -10.76 -24.85
CA PHE W 34 -29.32 -12.04 -25.53
C PHE W 34 -29.59 -11.78 -27.01
N LYS W 35 -29.04 -12.67 -27.84
CA LYS W 35 -29.21 -12.57 -29.29
C LYS W 35 -30.53 -13.14 -29.77
N ILE W 36 -31.17 -14.00 -28.97
CA ILE W 36 -32.41 -14.68 -29.35
C ILE W 36 -33.41 -14.40 -28.24
N ASN W 37 -34.29 -13.42 -28.47
CA ASN W 37 -35.38 -13.10 -27.56
C ASN W 37 -36.72 -13.65 -28.02
N ARG W 38 -36.84 -13.98 -29.30
CA ARG W 38 -38.04 -14.57 -29.86
C ARG W 38 -37.64 -15.77 -30.71
N ALA W 39 -38.62 -16.60 -31.06
CA ALA W 39 -38.34 -17.73 -31.94
C ALA W 39 -38.17 -17.28 -33.40
N GLY W 40 -38.73 -16.13 -33.76
CA GLY W 40 -38.48 -15.60 -35.09
C GLY W 40 -37.03 -15.23 -35.32
N ASP W 41 -36.31 -14.89 -34.25
CA ASP W 41 -34.88 -14.63 -34.36
C ASP W 41 -34.16 -15.86 -34.88
N ASP W 42 -34.38 -17.01 -34.24
CA ASP W 42 -33.69 -18.24 -34.64
C ASP W 42 -34.42 -19.41 -34.00
N ALA W 43 -34.98 -20.29 -34.85
CA ALA W 43 -35.75 -21.42 -34.35
C ALA W 43 -34.83 -22.53 -33.83
N ALA W 44 -33.90 -22.99 -34.66
CA ALA W 44 -32.92 -23.99 -34.26
C ALA W 44 -31.78 -23.29 -33.52
N GLY W 45 -31.80 -23.39 -32.20
CA GLY W 45 -30.91 -22.63 -31.35
C GLY W 45 -31.64 -22.18 -30.11
N LEU W 46 -32.92 -21.82 -30.26
CA LEU W 46 -33.77 -21.62 -29.10
C LEU W 46 -33.95 -22.94 -28.35
N ALA W 47 -34.34 -23.99 -29.07
CA ALA W 47 -34.48 -25.31 -28.47
C ALA W 47 -33.16 -25.79 -27.87
N ILE W 48 -32.07 -25.61 -28.60
CA ILE W 48 -30.76 -26.04 -28.12
C ILE W 48 -30.39 -25.30 -26.85
N SER W 49 -30.67 -23.99 -26.81
CA SER W 49 -30.38 -23.20 -25.62
C SER W 49 -31.21 -23.67 -24.43
N GLU W 50 -32.48 -23.98 -24.65
CA GLU W 50 -33.33 -24.43 -23.54
C GLU W 50 -32.85 -25.78 -23.00
N LYS W 51 -32.55 -26.72 -23.89
CA LYS W 51 -32.03 -28.01 -23.44
C LYS W 51 -30.71 -27.85 -22.71
N MET W 52 -29.84 -26.97 -23.19
CA MET W 52 -28.55 -26.77 -22.55
C MET W 52 -28.72 -26.12 -21.18
N ARG W 53 -29.67 -25.19 -21.05
CA ARG W 53 -29.96 -24.60 -19.76
C ARG W 53 -30.46 -25.66 -18.77
N GLY W 54 -31.36 -26.53 -19.24
CA GLY W 54 -31.81 -27.62 -18.39
C GLY W 54 -30.67 -28.51 -17.94
N GLN W 55 -29.77 -28.85 -18.87
CA GLN W 55 -28.63 -29.69 -18.52
C GLN W 55 -27.71 -29.00 -17.54
N ILE W 56 -27.49 -27.69 -17.71
CA ILE W 56 -26.61 -26.96 -16.80
C ILE W 56 -27.17 -26.95 -15.39
N SER W 57 -28.47 -26.62 -15.27
CA SER W 57 -29.11 -26.62 -13.95
C SER W 57 -29.05 -28.01 -13.33
N GLY W 58 -29.33 -29.06 -14.12
CA GLY W 58 -29.27 -30.41 -13.59
C GLY W 58 -27.87 -30.79 -13.13
N LEU W 59 -26.85 -30.38 -13.88
CA LEU W 59 -25.48 -30.73 -13.52
C LEU W 59 -25.04 -30.02 -12.24
N ASN W 60 -25.39 -28.74 -12.10
CA ASN W 60 -25.06 -28.02 -10.88
C ASN W 60 -25.78 -28.62 -9.67
N MET W 61 -27.06 -28.94 -9.83
CA MET W 61 -27.80 -29.56 -8.73
C MET W 61 -27.25 -30.94 -8.40
N ALA W 62 -26.76 -31.67 -9.41
CA ALA W 62 -26.16 -32.97 -9.16
C ALA W 62 -24.84 -32.84 -8.41
N SER W 63 -24.07 -31.79 -8.71
CA SER W 63 -22.87 -31.50 -7.94
C SER W 63 -23.22 -31.25 -6.48
N LYS W 64 -24.26 -30.44 -6.25
CA LYS W 64 -24.73 -30.19 -4.89
C LYS W 64 -25.13 -31.48 -4.19
N ASN W 65 -25.88 -32.33 -4.88
CA ASN W 65 -26.32 -33.61 -4.30
C ASN W 65 -25.14 -34.51 -3.98
N SER W 66 -24.13 -34.54 -4.85
CA SER W 66 -22.95 -35.36 -4.61
C SER W 66 -22.20 -34.88 -3.37
N SER W 67 -22.11 -33.57 -3.19
CA SER W 67 -21.48 -33.04 -1.99
C SER W 67 -22.27 -33.43 -0.74
N ASP W 68 -23.60 -33.39 -0.83
CA ASP W 68 -24.44 -33.81 0.29
C ASP W 68 -24.18 -35.27 0.64
N ALA W 69 -24.09 -36.13 -0.37
CA ALA W 69 -23.79 -37.54 -0.14
C ALA W 69 -22.42 -37.71 0.52
N ILE W 70 -21.44 -36.91 0.10
CA ILE W 70 -20.11 -36.98 0.72
C ILE W 70 -20.21 -36.63 2.20
N SER W 71 -21.03 -35.62 2.53
CA SER W 71 -21.20 -35.24 3.93
C SER W 71 -21.80 -36.38 4.74
N LEU W 72 -22.85 -37.02 4.20
CA LEU W 72 -23.46 -38.18 4.85
C LEU W 72 -22.44 -39.28 5.11
N ILE W 73 -21.65 -39.61 4.08
CA ILE W 73 -20.67 -40.69 4.21
C ILE W 73 -19.63 -40.34 5.26
N GLN W 74 -19.18 -39.09 5.28
CA GLN W 74 -18.22 -38.66 6.30
C GLN W 74 -18.80 -38.82 7.69
N THR W 75 -20.11 -38.55 7.84
CA THR W 75 -20.76 -38.74 9.15
C THR W 75 -20.66 -40.20 9.57
N ALA W 76 -20.99 -41.12 8.66
CA ALA W 76 -20.95 -42.54 9.00
C ALA W 76 -19.54 -43.01 9.34
N GLU W 77 -18.53 -42.57 8.56
CA GLU W 77 -17.15 -42.96 8.84
C GLU W 77 -16.70 -42.45 10.20
N GLY W 78 -17.03 -41.19 10.51
CA GLY W 78 -16.71 -40.66 11.83
C GLY W 78 -17.39 -41.44 12.93
N GLY W 79 -18.60 -41.92 12.69
CA GLY W 79 -19.24 -42.79 13.66
C GLY W 79 -18.48 -44.08 13.89
N LEU W 80 -17.95 -44.67 12.83
CA LEU W 80 -17.27 -45.96 12.95
C LEU W 80 -15.84 -45.86 13.49
N ASN W 81 -15.23 -44.69 13.43
CA ASN W 81 -13.90 -44.52 14.03
C ASN W 81 -13.91 -44.82 15.52
N GLU W 82 -14.94 -44.35 16.23
CA GLU W 82 -15.01 -44.63 17.66
C GLU W 82 -15.33 -46.08 17.94
N THR W 83 -16.06 -46.73 17.04
CA THR W 83 -16.25 -48.18 17.12
C THR W 83 -14.90 -48.89 17.09
N HIS W 84 -14.04 -48.52 16.14
CA HIS W 84 -12.68 -49.06 16.10
C HIS W 84 -11.97 -48.86 17.44
N ALA W 85 -12.02 -47.64 17.97
CA ALA W 85 -11.29 -47.31 19.19
C ALA W 85 -11.75 -48.17 20.37
N ILE W 86 -13.06 -48.22 20.61
CA ILE W 86 -13.53 -48.95 21.77
C ILE W 86 -13.39 -50.46 21.56
N LEU W 87 -13.38 -50.93 20.31
CA LEU W 87 -13.09 -52.33 20.07
C LEU W 87 -11.66 -52.67 20.44
N GLN W 88 -10.72 -51.77 20.11
CA GLN W 88 -9.33 -51.96 20.54
C GLN W 88 -9.25 -52.03 22.07
N ARG W 89 -9.94 -51.11 22.74
CA ARG W 89 -9.93 -51.11 24.20
C ARG W 89 -10.51 -52.41 24.76
N MET W 90 -11.59 -52.90 24.17
CA MET W 90 -12.22 -54.15 24.61
C MET W 90 -11.28 -55.33 24.42
N ARG W 91 -10.55 -55.38 23.30
CA ARG W 91 -9.58 -56.44 23.09
C ARG W 91 -8.48 -56.38 24.15
N GLU W 92 -7.99 -55.18 24.45
CA GLU W 92 -6.99 -55.03 25.51
C GLU W 92 -7.51 -55.56 26.84
N LEU W 93 -8.75 -55.20 27.18
CA LEU W 93 -9.40 -55.66 28.40
C LEU W 93 -9.51 -57.18 28.43
N ALA W 94 -9.89 -57.80 27.32
CA ALA W 94 -10.00 -59.26 27.28
C ALA W 94 -8.65 -59.93 27.45
N VAL W 95 -7.62 -59.41 26.78
CA VAL W 95 -6.29 -60.00 26.91
C VAL W 95 -5.78 -59.89 28.34
N GLN W 96 -6.12 -58.80 29.03
CA GLN W 96 -5.76 -58.68 30.43
C GLN W 96 -6.57 -59.61 31.32
N SER W 97 -7.88 -59.71 31.07
CA SER W 97 -8.75 -60.60 31.82
C SER W 97 -8.37 -62.07 31.68
N ARG W 98 -7.75 -62.43 30.56
CA ARG W 98 -7.48 -63.82 30.19
C ARG W 98 -6.45 -64.48 31.09
N ASN W 99 -5.62 -63.70 31.77
CA ASN W 99 -4.55 -64.24 32.61
C ASN W 99 -5.10 -64.72 33.95
N ASP W 100 -4.42 -65.71 34.54
CA ASP W 100 -4.85 -66.34 35.77
C ASP W 100 -4.37 -65.64 37.04
N THR W 101 -3.67 -64.50 36.90
CA THR W 101 -3.39 -63.67 38.06
C THR W 101 -4.67 -63.10 38.66
N ASN W 102 -5.72 -62.95 37.84
CA ASN W 102 -6.95 -62.32 38.27
C ASN W 102 -7.86 -63.35 38.94
N ASP W 103 -8.53 -62.94 40.01
CA ASP W 103 -9.40 -63.80 40.80
C ASP W 103 -10.86 -63.44 40.58
N GLU W 104 -11.68 -64.47 40.36
CA GLU W 104 -13.13 -64.29 40.37
C GLU W 104 -13.65 -64.02 41.78
N ALA W 105 -12.96 -64.50 42.81
CA ALA W 105 -13.44 -64.35 44.18
C ALA W 105 -13.44 -62.89 44.61
N THR W 106 -12.28 -62.23 44.49
CA THR W 106 -12.14 -60.83 44.90
C THR W 106 -12.41 -59.85 43.76
N ASN W 107 -13.22 -60.25 42.78
CA ASN W 107 -13.88 -59.32 41.87
C ASN W 107 -12.88 -58.61 40.95
N ASP W 108 -11.83 -59.32 40.52
CA ASP W 108 -10.86 -58.75 39.61
C ASP W 108 -11.41 -58.67 38.19
N ARG W 109 -12.04 -59.74 37.72
CA ARG W 109 -12.58 -59.78 36.36
C ARG W 109 -13.95 -59.11 36.24
N SER W 110 -14.72 -59.03 37.32
CA SER W 110 -16.03 -58.38 37.23
C SER W 110 -15.91 -56.88 36.99
N ASN W 111 -14.80 -56.26 37.40
CA ASN W 111 -14.58 -54.86 37.07
C ASN W 111 -14.25 -54.67 35.59
N LEU W 112 -13.45 -55.58 35.02
CA LEU W 112 -13.22 -55.51 33.58
C LEU W 112 -14.50 -55.82 32.82
N ASN W 113 -15.38 -56.64 33.40
CA ASN W 113 -16.67 -56.89 32.78
C ASN W 113 -17.59 -55.67 32.88
N ASP W 114 -17.53 -54.93 34.00
CA ASP W 114 -18.20 -53.63 34.09
C ASP W 114 -17.78 -52.72 32.93
N GLU W 115 -16.46 -52.58 32.76
CA GLU W 115 -15.91 -51.78 31.67
C GLU W 115 -16.40 -52.28 30.31
N LEU W 116 -16.36 -53.60 30.11
CA LEU W 116 -16.76 -54.19 28.84
C LEU W 116 -18.25 -53.95 28.55
N LYS W 117 -19.10 -54.11 29.57
CA LYS W 117 -20.53 -53.88 29.38
C LYS W 117 -20.81 -52.43 29.03
N GLN W 118 -20.11 -51.49 29.67
CA GLN W 118 -20.31 -50.08 29.32
C GLN W 118 -19.87 -49.81 27.88
N LEU W 119 -18.76 -50.42 27.46
CA LEU W 119 -18.32 -50.21 26.08
C LEU W 119 -19.27 -50.87 25.08
N GLN W 120 -19.93 -51.97 25.47
CA GLN W 120 -20.93 -52.57 24.59
C GLN W 120 -22.19 -51.71 24.49
N GLU W 121 -22.59 -51.08 25.59
CA GLU W 121 -23.69 -50.13 25.51
C GLU W 121 -23.32 -48.96 24.62
N GLU W 122 -22.05 -48.54 24.65
CA GLU W 122 -21.63 -47.42 23.79
C GLU W 122 -21.58 -47.83 22.31
N ILE W 123 -21.10 -49.04 22.00
CA ILE W 123 -21.07 -49.48 20.61
C ILE W 123 -22.49 -49.62 20.05
N THR W 124 -23.45 -50.00 20.88
CA THR W 124 -24.84 -50.01 20.41
C THR W 124 -25.41 -48.59 20.29
N ARG W 125 -25.03 -47.70 21.22
CA ARG W 125 -25.53 -46.33 21.21
C ARG W 125 -25.09 -45.60 19.96
N ILE W 126 -23.83 -45.74 19.57
CA ILE W 126 -23.34 -45.08 18.35
C ILE W 126 -24.11 -45.58 17.14
N SER W 127 -24.45 -46.88 17.13
CA SER W 127 -25.20 -47.43 16.02
C SER W 127 -26.57 -46.77 15.90
N SER W 128 -27.38 -46.86 16.95
CA SER W 128 -28.77 -46.41 16.87
C SER W 128 -29.01 -45.02 17.45
N GLN W 129 -28.00 -44.14 17.43
CA GLN W 129 -28.20 -42.72 17.71
C GLN W 129 -27.42 -41.85 16.73
N MET W 130 -27.08 -42.39 15.56
CA MET W 130 -26.40 -41.67 14.50
C MET W 130 -27.42 -41.25 13.46
N GLU W 131 -27.35 -40.01 13.00
CA GLU W 131 -28.36 -39.55 12.02
C GLU W 131 -27.83 -38.37 11.22
N PHE W 132 -28.32 -38.26 10.00
CA PHE W 132 -28.05 -37.17 9.08
C PHE W 132 -29.39 -36.72 8.53
N ASN W 133 -29.84 -35.53 8.95
CA ASN W 133 -31.12 -34.97 8.49
C ASN W 133 -32.29 -35.86 8.92
N ASN W 134 -32.22 -36.35 10.17
CA ASN W 134 -33.27 -37.20 10.72
C ASN W 134 -33.37 -38.52 9.94
N LYS W 135 -32.24 -39.21 9.80
CA LYS W 135 -32.16 -40.43 9.02
C LYS W 135 -31.18 -41.37 9.70
N LYS W 136 -31.70 -42.41 10.35
CA LYS W 136 -30.86 -43.39 11.01
C LYS W 136 -30.08 -44.18 9.96
N LEU W 137 -28.76 -44.25 10.13
CA LEU W 137 -27.85 -44.83 9.14
C LEU W 137 -27.37 -46.23 9.51
N LEU W 138 -26.87 -46.42 10.73
CA LEU W 138 -26.20 -47.65 11.14
C LEU W 138 -27.10 -48.58 11.94
N ASP W 139 -28.36 -48.71 11.54
CA ASP W 139 -29.34 -49.52 12.26
C ASP W 139 -29.79 -50.71 11.44
N GLY W 140 -29.69 -50.59 10.12
CA GLY W 140 -30.34 -51.49 9.19
C GLY W 140 -31.48 -50.88 8.40
N SER W 141 -31.70 -49.56 8.50
CA SER W 141 -32.74 -48.92 7.71
C SER W 141 -32.42 -48.97 6.23
N GLN W 142 -31.17 -48.69 5.86
CA GLN W 142 -30.75 -48.65 4.47
C GLN W 142 -30.27 -50.00 3.96
N SER W 143 -30.14 -50.99 4.83
CA SER W 143 -29.69 -52.32 4.39
C SER W 143 -30.77 -53.08 3.63
N THR W 144 -32.02 -52.58 3.62
CA THR W 144 -33.11 -53.27 2.95
C THR W 144 -33.19 -52.89 1.48
N ASN W 145 -33.22 -51.58 1.20
CA ASN W 145 -33.34 -51.07 -0.16
C ASN W 145 -32.14 -50.24 -0.58
N GLY W 146 -31.72 -49.28 0.24
CA GLY W 146 -30.51 -48.52 0.03
C GLY W 146 -30.81 -47.06 -0.30
N LEU W 147 -29.79 -46.22 -0.09
CA LEU W 147 -29.86 -44.80 -0.39
C LEU W 147 -29.45 -44.57 -1.83
N THR W 148 -30.27 -43.80 -2.55
CA THR W 148 -30.08 -43.52 -3.97
C THR W 148 -29.71 -42.05 -4.15
N PHE W 149 -28.56 -41.79 -4.75
CA PHE W 149 -28.08 -40.44 -5.03
C PHE W 149 -28.19 -40.15 -6.52
N GLN W 150 -28.84 -39.04 -6.84
CA GLN W 150 -28.93 -38.53 -8.20
C GLN W 150 -27.68 -37.71 -8.49
N ILE W 151 -26.80 -38.25 -9.33
CA ILE W 151 -25.52 -37.62 -9.65
C ILE W 151 -25.49 -37.26 -11.13
N GLY W 152 -26.65 -36.92 -11.67
CA GLY W 152 -26.74 -36.57 -13.08
C GLY W 152 -28.00 -35.77 -13.35
N ALA W 153 -27.95 -35.02 -14.45
CA ALA W 153 -29.08 -34.16 -14.81
C ALA W 153 -30.30 -34.98 -15.19
N ASN W 154 -30.11 -36.04 -15.97
CA ASN W 154 -31.22 -36.80 -16.52
C ASN W 154 -31.66 -37.92 -15.58
N ALA W 155 -32.75 -38.58 -15.96
CA ALA W 155 -33.30 -39.67 -15.17
C ALA W 155 -32.49 -40.94 -15.37
N GLY W 156 -32.35 -41.70 -14.28
CA GLY W 156 -31.59 -42.93 -14.29
C GLY W 156 -30.12 -42.77 -13.99
N GLN W 157 -29.61 -41.54 -13.97
CA GLN W 157 -28.19 -41.28 -13.68
C GLN W 157 -28.00 -41.24 -12.17
N THR W 158 -28.13 -42.42 -11.56
CA THR W 158 -28.16 -42.57 -10.11
C THR W 158 -27.10 -43.55 -9.66
N ILE W 159 -26.87 -43.58 -8.35
CA ILE W 159 -26.07 -44.63 -7.72
C ILE W 159 -26.77 -45.06 -6.45
N THR W 160 -26.86 -46.37 -6.24
CA THR W 160 -27.44 -46.94 -5.04
C THR W 160 -26.33 -47.33 -4.06
N MET W 161 -26.66 -47.28 -2.78
CA MET W 161 -25.71 -47.55 -1.71
C MET W 161 -26.44 -48.27 -0.58
N LYS W 162 -25.69 -49.04 0.19
CA LYS W 162 -26.25 -49.81 1.28
C LYS W 162 -25.28 -49.80 2.45
N ILE W 163 -25.83 -49.72 3.66
CA ILE W 163 -25.06 -49.76 4.90
C ILE W 163 -25.67 -50.82 5.80
N SER W 164 -24.83 -51.67 6.36
CA SER W 164 -25.27 -52.81 7.15
C SER W 164 -25.50 -52.41 8.60
N THR W 165 -26.20 -53.27 9.33
CA THR W 165 -26.35 -53.08 10.76
C THR W 165 -25.01 -53.32 11.44
N MET W 166 -24.61 -52.36 12.28
CA MET W 166 -23.33 -52.35 12.98
C MET W 166 -23.53 -52.30 14.49
N SER W 167 -24.50 -53.07 14.99
CA SER W 167 -24.70 -53.24 16.41
C SER W 167 -23.88 -54.40 16.96
N ALA W 168 -23.91 -54.56 18.29
CA ALA W 168 -23.14 -55.62 18.92
C ALA W 168 -23.74 -56.99 18.63
N THR W 169 -25.05 -57.08 18.48
CA THR W 169 -25.68 -58.38 18.20
C THR W 169 -25.27 -58.91 16.83
N LYS W 170 -25.19 -58.04 15.82
CA LYS W 170 -24.88 -58.49 14.48
C LYS W 170 -23.44 -58.99 14.39
N LEU W 171 -22.53 -58.39 15.15
CA LEU W 171 -21.11 -58.69 15.08
C LEU W 171 -20.67 -59.76 16.08
N GLY W 172 -21.59 -60.38 16.81
CA GLY W 172 -21.25 -61.46 17.71
C GLY W 172 -20.34 -61.04 18.86
N VAL W 173 -20.52 -59.82 19.35
CA VAL W 173 -19.72 -59.29 20.45
C VAL W 173 -20.58 -58.81 21.62
N ASP W 174 -21.90 -58.86 21.49
CA ASP W 174 -22.79 -58.56 22.61
C ASP W 174 -22.51 -59.44 23.82
N ALA W 175 -23.01 -58.99 24.98
CA ALA W 175 -22.67 -59.64 26.25
C ALA W 175 -23.16 -61.08 26.33
N ALA W 176 -24.15 -61.46 25.52
CA ALA W 176 -24.63 -62.83 25.52
C ALA W 176 -23.61 -63.82 24.94
N LYS W 177 -22.58 -63.34 24.24
CA LYS W 177 -21.58 -64.21 23.63
C LYS W 177 -20.16 -63.70 23.77
N ALA W 178 -19.92 -62.64 24.55
CA ALA W 178 -18.58 -62.06 24.68
C ALA W 178 -18.27 -61.62 26.10
N SER W 179 -18.81 -62.31 27.10
CA SER W 179 -18.44 -62.01 28.47
C SER W 179 -16.98 -62.35 28.72
N ILE W 180 -16.40 -61.70 29.72
CA ILE W 180 -15.06 -62.02 30.18
C ILE W 180 -15.10 -62.30 31.68
N SER W 181 -16.24 -62.82 32.16
CA SER W 181 -16.33 -63.31 33.52
C SER W 181 -15.28 -64.38 33.80
N LYS W 182 -15.13 -65.34 32.89
CA LYS W 182 -14.24 -66.47 33.08
C LYS W 182 -12.91 -66.20 32.37
N GLY W 183 -12.01 -67.18 32.44
CA GLY W 183 -10.82 -67.19 31.62
C GLY W 183 -11.10 -67.75 30.25
N THR W 184 -12.01 -68.74 30.19
CA THR W 184 -12.33 -69.37 28.92
C THR W 184 -13.05 -68.41 27.98
N ALA W 185 -13.99 -67.62 28.53
CA ALA W 185 -14.79 -66.74 27.69
C ALA W 185 -13.96 -65.64 27.04
N ALA W 186 -12.89 -65.20 27.72
CA ALA W 186 -12.01 -64.19 27.12
C ALA W 186 -11.30 -64.74 25.88
N SER W 187 -11.00 -66.04 25.88
CA SER W 187 -10.41 -66.67 24.70
C SER W 187 -11.28 -66.47 23.47
N LYS W 188 -12.58 -66.77 23.59
CA LYS W 188 -13.48 -66.56 22.48
C LYS W 188 -13.70 -65.08 22.21
N ALA W 189 -13.67 -64.26 23.27
CA ALA W 189 -13.93 -62.83 23.12
C ALA W 189 -12.85 -62.16 22.28
N ILE W 190 -11.61 -62.60 22.41
CA ILE W 190 -10.52 -62.03 21.61
C ILE W 190 -10.78 -62.23 20.12
N LYS W 191 -11.07 -63.48 19.74
CA LYS W 191 -11.35 -63.79 18.35
C LYS W 191 -12.59 -63.07 17.85
N SER W 192 -13.61 -63.00 18.71
CA SER W 192 -14.85 -62.31 18.35
C SER W 192 -14.59 -60.84 18.07
N ILE W 193 -13.75 -60.21 18.90
CA ILE W 193 -13.43 -58.80 18.73
C ILE W 193 -12.59 -58.58 17.47
N ASP W 194 -11.67 -59.51 17.17
CA ASP W 194 -10.91 -59.41 15.92
C ASP W 194 -11.82 -59.48 14.71
N ASP W 195 -12.76 -60.42 14.71
CA ASP W 195 -13.71 -60.53 13.60
C ASP W 195 -14.52 -59.25 13.45
N ALA W 196 -14.95 -58.67 14.57
CA ALA W 196 -15.72 -57.42 14.51
C ALA W 196 -14.90 -56.28 13.95
N ILE W 197 -13.63 -56.16 14.37
CA ILE W 197 -12.76 -55.11 13.85
C ILE W 197 -12.59 -55.25 12.35
N ASN W 198 -12.37 -56.47 11.86
CA ASN W 198 -12.22 -56.69 10.43
C ASN W 198 -13.50 -56.32 9.68
N THR W 199 -14.66 -56.70 10.22
CA THR W 199 -15.92 -56.39 9.55
C THR W 199 -16.14 -54.89 9.45
N VAL W 200 -15.88 -54.15 10.54
CA VAL W 200 -16.15 -52.71 10.49
C VAL W 200 -15.11 -52.01 9.61
N SER W 201 -13.89 -52.54 9.54
CA SER W 201 -12.92 -52.03 8.56
C SER W 201 -13.42 -52.22 7.14
N LYS W 202 -14.00 -53.40 6.85
CA LYS W 202 -14.57 -53.65 5.54
C LYS W 202 -15.65 -52.64 5.20
N THR W 203 -16.55 -52.39 6.15
CA THR W 203 -17.63 -51.43 5.91
C THR W 203 -17.08 -50.02 5.66
N ARG W 204 -16.09 -49.61 6.46
CA ARG W 204 -15.48 -48.29 6.25
C ARG W 204 -14.85 -48.18 4.87
N SER W 205 -14.17 -49.24 4.42
CA SER W 205 -13.61 -49.25 3.06
C SER W 205 -14.72 -49.08 2.03
N ALA W 206 -15.83 -49.79 2.22
CA ALA W 206 -16.94 -49.70 1.27
C ALA W 206 -17.48 -48.27 1.19
N LEU W 207 -17.51 -47.55 2.31
CA LEU W 207 -17.97 -46.17 2.30
C LEU W 207 -16.95 -45.25 1.59
N GLY W 208 -15.67 -45.41 1.94
CA GLY W 208 -14.65 -44.55 1.37
C GLY W 208 -14.52 -44.67 -0.13
N ALA W 209 -14.77 -45.88 -0.66
CA ALA W 209 -14.75 -46.07 -2.11
C ALA W 209 -15.79 -45.18 -2.79
N VAL W 210 -17.01 -45.14 -2.25
CA VAL W 210 -18.07 -44.34 -2.84
C VAL W 210 -17.73 -42.86 -2.71
N GLN W 211 -17.11 -42.47 -1.59
CA GLN W 211 -16.68 -41.08 -1.44
C GLN W 211 -15.69 -40.69 -2.54
N ASN W 212 -14.67 -41.52 -2.75
CA ASN W 212 -13.66 -41.23 -3.77
C ASN W 212 -14.27 -41.20 -5.16
N ARG W 213 -15.27 -42.06 -5.41
CA ARG W 213 -15.98 -42.01 -6.69
C ARG W 213 -16.71 -40.68 -6.87
N LEU W 214 -17.40 -40.23 -5.81
CA LEU W 214 -18.19 -39.01 -5.92
C LEU W 214 -17.32 -37.80 -6.16
N GLU W 215 -16.07 -37.81 -5.65
CA GLU W 215 -15.16 -36.71 -5.93
C GLU W 215 -14.90 -36.57 -7.45
N HIS W 216 -14.51 -37.66 -8.09
CA HIS W 216 -14.30 -37.65 -9.54
C HIS W 216 -15.57 -37.26 -10.28
N THR W 217 -16.73 -37.74 -9.79
CA THR W 217 -18.00 -37.36 -10.40
C THR W 217 -18.21 -35.85 -10.35
N ILE W 218 -17.88 -35.23 -9.21
CA ILE W 218 -18.05 -33.79 -9.07
C ILE W 218 -17.15 -33.05 -10.05
N ASN W 219 -15.90 -33.51 -10.17
CA ASN W 219 -14.98 -32.88 -11.13
C ASN W 219 -15.53 -32.94 -12.55
N ASN W 220 -16.00 -34.11 -12.96
CA ASN W 220 -16.54 -34.27 -14.30
C ASN W 220 -17.77 -33.39 -14.50
N LEU W 221 -18.64 -33.31 -13.49
CA LEU W 221 -19.83 -32.48 -13.61
C LEU W 221 -19.47 -31.01 -13.78
N GLY W 222 -18.49 -30.53 -13.01
CA GLY W 222 -18.06 -29.16 -13.16
C GLY W 222 -17.52 -28.86 -14.55
N THR W 223 -16.66 -29.76 -15.06
CA THR W 223 -16.11 -29.57 -16.41
C THR W 223 -17.22 -29.53 -17.45
N SER W 224 -18.15 -30.48 -17.39
CA SER W 224 -19.23 -30.53 -18.36
C SER W 224 -20.12 -29.29 -18.28
N ALA W 225 -20.39 -28.82 -17.06
CA ALA W 225 -21.22 -27.64 -16.90
C ALA W 225 -20.55 -26.41 -17.50
N GLU W 226 -19.24 -26.25 -17.26
CA GLU W 226 -18.55 -25.11 -17.86
C GLU W 226 -18.56 -25.18 -19.38
N ASN W 227 -18.32 -26.36 -19.95
CA ASN W 227 -18.31 -26.48 -21.41
C ASN W 227 -19.68 -26.18 -22.01
N LEU W 228 -20.73 -26.73 -21.43
CA LEU W 228 -22.07 -26.46 -21.94
C LEU W 228 -22.47 -25.01 -21.73
N THR W 229 -22.00 -24.39 -20.65
CA THR W 229 -22.25 -22.97 -20.45
C THR W 229 -21.61 -22.14 -21.55
N ALA W 230 -20.36 -22.47 -21.90
CA ALA W 230 -19.70 -21.80 -23.01
C ALA W 230 -20.48 -21.96 -24.31
N ALA W 231 -20.92 -23.19 -24.59
CA ALA W 231 -21.69 -23.46 -25.80
C ALA W 231 -22.99 -22.65 -25.83
N GLU W 232 -23.73 -22.65 -24.73
CA GLU W 232 -24.99 -21.92 -24.67
C GLU W 232 -24.76 -20.41 -24.81
N SER W 233 -23.69 -19.91 -24.20
CA SER W 233 -23.34 -18.49 -24.35
C SER W 233 -23.08 -18.16 -25.80
N ARG W 234 -22.28 -18.97 -26.48
CA ARG W 234 -21.97 -18.70 -27.88
C ARG W 234 -23.20 -18.81 -28.76
N ILE W 235 -24.15 -19.66 -28.39
CA ILE W 235 -25.37 -19.80 -29.20
C ILE W 235 -26.28 -18.60 -29.01
N ARG W 236 -26.65 -18.31 -27.76
CA ARG W 236 -27.73 -17.38 -27.46
C ARG W 236 -27.27 -15.95 -27.16
N ASP W 237 -26.20 -15.79 -26.40
CA ASP W 237 -25.77 -14.43 -26.05
C ASP W 237 -25.23 -13.71 -27.28
N THR W 238 -25.25 -12.38 -27.21
CA THR W 238 -24.88 -11.52 -28.33
C THR W 238 -23.57 -10.80 -28.04
N ASP W 239 -22.81 -10.53 -29.11
CA ASP W 239 -21.60 -9.73 -29.00
C ASP W 239 -21.98 -8.26 -29.03
N MET W 240 -21.53 -7.51 -28.03
CA MET W 240 -21.92 -6.11 -27.90
C MET W 240 -21.38 -5.28 -29.06
N ALA W 241 -20.18 -5.57 -29.51
CA ALA W 241 -19.52 -4.74 -30.51
C ALA W 241 -20.26 -4.78 -31.84
N ALA W 242 -20.65 -5.97 -32.29
CA ALA W 242 -21.33 -6.10 -33.58
C ALA W 242 -22.68 -5.39 -33.56
N GLU W 243 -23.43 -5.55 -32.47
CA GLU W 243 -24.73 -4.90 -32.38
C GLU W 243 -24.57 -3.38 -32.26
N MET W 244 -23.52 -2.92 -31.59
CA MET W 244 -23.23 -1.49 -31.54
C MET W 244 -22.96 -0.95 -32.94
N MET W 245 -22.14 -1.66 -33.71
CA MET W 245 -21.87 -1.31 -35.10
C MET W 245 -23.16 -1.20 -35.89
N ALA W 246 -23.99 -2.23 -35.83
CA ALA W 246 -25.23 -2.25 -36.59
C ALA W 246 -26.16 -1.12 -36.16
N PHE W 247 -26.23 -0.84 -34.86
CA PHE W 247 -27.11 0.20 -34.37
C PHE W 247 -26.67 1.57 -34.85
N THR W 248 -25.36 1.85 -34.79
CA THR W 248 -24.85 3.13 -35.29
C THR W 248 -25.11 3.27 -36.79
N LYS W 249 -24.87 2.19 -37.55
CA LYS W 249 -25.15 2.20 -38.98
C LYS W 249 -26.62 2.52 -39.26
N ASN W 250 -27.53 1.85 -38.56
CA ASN W 250 -28.95 2.06 -38.79
C ASN W 250 -29.38 3.46 -38.39
N ASN W 251 -28.80 4.03 -37.33
CA ASN W 251 -29.11 5.42 -36.98
C ASN W 251 -28.68 6.37 -38.07
N ILE W 252 -27.47 6.18 -38.60
CA ILE W 252 -26.97 7.05 -39.67
C ILE W 252 -27.89 6.95 -40.89
N LEU W 253 -28.32 5.72 -41.22
CA LEU W 253 -29.23 5.55 -42.34
C LEU W 253 -30.57 6.21 -42.09
N THR W 254 -31.07 6.14 -40.85
CA THR W 254 -32.31 6.80 -40.50
C THR W 254 -32.21 8.31 -40.70
N GLN W 255 -31.10 8.90 -40.24
CA GLN W 255 -30.91 10.34 -40.42
C GLN W 255 -30.85 10.70 -41.90
N ALA W 256 -30.13 9.90 -42.69
CA ALA W 256 -30.04 10.16 -44.12
C ALA W 256 -31.41 10.12 -44.77
N ALA W 257 -32.23 9.12 -44.43
CA ALA W 257 -33.57 9.01 -44.99
C ALA W 257 -34.44 10.18 -44.55
N GLN W 258 -34.28 10.63 -43.31
CA GLN W 258 -35.02 11.79 -42.83
C GLN W 258 -34.72 13.03 -43.66
N SER W 259 -33.43 13.30 -43.88
CA SER W 259 -33.05 14.44 -44.70
C SER W 259 -33.56 14.30 -46.13
N MET W 260 -33.47 13.10 -46.68
CA MET W 260 -33.94 12.86 -48.05
C MET W 260 -35.44 13.11 -48.16
N LEU W 261 -36.20 12.72 -47.15
CA LEU W 261 -37.64 12.95 -47.17
C LEU W 261 -37.96 14.43 -47.03
N ALA W 262 -37.21 15.14 -46.18
CA ALA W 262 -37.40 16.58 -46.05
C ALA W 262 -37.15 17.28 -47.39
N GLN W 263 -36.17 16.78 -48.16
CA GLN W 263 -35.94 17.34 -49.50
C GLN W 263 -37.06 16.98 -50.46
N ALA W 264 -37.46 15.71 -50.48
CA ALA W 264 -38.47 15.24 -51.42
C ALA W 264 -39.81 15.93 -51.20
N ASN W 265 -40.12 16.31 -49.96
CA ASN W 265 -41.36 17.04 -49.71
C ASN W 265 -41.31 18.44 -50.31
N GLN W 266 -40.13 19.06 -50.35
CA GLN W 266 -39.96 20.38 -50.94
C GLN W 266 -39.82 20.34 -52.45
N GLN W 267 -39.45 19.20 -53.02
CA GLN W 267 -39.22 19.11 -54.46
C GLN W 267 -40.43 19.55 -55.29
N PRO W 268 -41.67 19.09 -55.02
CA PRO W 268 -42.79 19.54 -55.88
C PRO W 268 -43.32 20.93 -55.51
N GLN W 269 -42.66 21.95 -56.05
CA GLN W 269 -43.09 23.35 -55.90
C GLN W 269 -43.01 24.00 -57.28
N GLY W 270 -44.10 23.88 -58.04
CA GLY W 270 -44.22 24.51 -59.35
C GLY W 270 -45.32 25.54 -59.34
N VAL W 271 -45.47 26.25 -58.21
CA VAL W 271 -46.49 27.28 -58.12
C VAL W 271 -46.11 28.50 -58.95
N LEU W 272 -44.82 28.70 -59.25
CA LEU W 272 -44.41 29.82 -60.07
C LEU W 272 -44.82 29.68 -61.53
N GLN W 273 -45.26 28.50 -61.97
CA GLN W 273 -45.90 28.41 -63.27
C GLN W 273 -47.13 29.30 -63.32
N LEU W 274 -47.99 29.17 -62.32
CA LEU W 274 -49.33 29.75 -62.35
C LEU W 274 -49.28 31.26 -62.09
N LEU W 275 -48.83 31.63 -60.91
CA LEU W 275 -48.82 33.03 -60.50
C LEU W 275 -47.52 33.69 -60.95
N GLN W 276 -47.34 34.96 -60.57
CA GLN W 276 -46.12 35.66 -60.92
C GLN W 276 -46.02 36.95 -60.09
N MET X 1 -66.43 30.64 -41.35
CA MET X 1 -65.92 29.77 -42.40
C MET X 1 -64.52 30.02 -43.02
N ARG X 2 -64.11 31.28 -43.20
CA ARG X 2 -62.86 31.62 -43.87
C ARG X 2 -61.91 32.43 -43.00
N ILE X 3 -62.38 33.54 -42.44
CA ILE X 3 -61.49 34.55 -41.87
C ILE X 3 -61.72 34.70 -40.37
N GLN X 4 -62.96 35.04 -40.00
CA GLN X 4 -63.28 35.43 -38.64
C GLN X 4 -62.95 34.37 -37.61
N HIS X 5 -62.90 33.09 -38.00
CA HIS X 5 -62.61 32.00 -37.09
C HIS X 5 -61.71 30.98 -37.79
N ASN X 6 -60.70 30.50 -37.07
CA ASN X 6 -59.72 29.55 -37.59
C ASN X 6 -59.64 28.37 -36.63
N ILE X 7 -60.44 27.32 -36.90
CA ILE X 7 -60.70 26.29 -35.89
C ILE X 7 -59.50 25.37 -35.71
N ALA X 8 -58.72 25.15 -36.77
CA ALA X 8 -57.52 24.33 -36.68
C ALA X 8 -56.55 24.89 -35.65
N ALA X 9 -56.38 26.21 -35.64
CA ALA X 9 -55.49 26.84 -34.68
C ALA X 9 -56.01 26.69 -33.25
N LEU X 10 -57.33 26.73 -33.07
CA LEU X 10 -57.91 26.50 -31.75
C LEU X 10 -57.60 25.10 -31.25
N ASN X 11 -57.82 24.10 -32.10
CA ASN X 11 -57.51 22.71 -31.71
C ASN X 11 -56.04 22.55 -31.38
N THR X 12 -55.17 23.14 -32.20
CA THR X 12 -53.73 23.07 -31.95
C THR X 12 -53.37 23.73 -30.63
N HIS X 13 -54.01 24.85 -30.31
CA HIS X 13 -53.77 25.54 -29.04
C HIS X 13 -54.18 24.66 -27.86
N ARG X 14 -55.34 24.03 -27.96
CA ARG X 14 -55.79 23.10 -26.94
C ARG X 14 -54.76 22.01 -26.68
N ASN X 15 -54.34 21.33 -27.75
CA ASN X 15 -53.39 20.23 -27.60
C ASN X 15 -52.06 20.72 -27.03
N LEU X 16 -51.62 21.90 -27.47
CA LEU X 16 -50.38 22.48 -26.95
C LEU X 16 -50.46 22.73 -25.46
N ALA X 17 -51.58 23.31 -25.00
CA ALA X 17 -51.78 23.55 -23.59
C ALA X 17 -51.76 22.25 -22.79
N ALA X 18 -52.43 21.21 -23.31
CA ALA X 18 -52.43 19.93 -22.63
C ALA X 18 -51.03 19.34 -22.51
N ASN X 19 -50.26 19.39 -23.59
CA ASN X 19 -48.90 18.87 -23.55
C ASN X 19 -48.03 19.64 -22.56
N ASN X 20 -48.16 20.96 -22.54
CA ASN X 20 -47.41 21.76 -21.57
C ASN X 20 -47.77 21.38 -20.15
N ALA X 21 -49.06 21.18 -19.87
CA ALA X 21 -49.49 20.80 -18.53
C ALA X 21 -48.90 19.46 -18.12
N ALA X 22 -48.92 18.48 -19.04
CA ALA X 22 -48.36 17.17 -18.73
C ALA X 22 -46.86 17.25 -18.46
N ALA X 23 -46.14 18.03 -19.26
CA ALA X 23 -44.71 18.20 -19.04
C ALA X 23 -44.43 18.86 -17.69
N SER X 24 -45.25 19.82 -17.30
CA SER X 24 -45.09 20.46 -16.00
C SER X 24 -45.30 19.47 -14.87
N LYS X 25 -46.33 18.61 -14.99
CA LYS X 25 -46.54 17.57 -13.98
C LYS X 25 -45.34 16.65 -13.88
N ASN X 26 -44.76 16.26 -15.02
CA ASN X 26 -43.59 15.40 -14.99
C ASN X 26 -42.40 16.10 -14.34
N LEU X 27 -42.23 17.39 -14.61
CA LEU X 27 -41.17 18.15 -13.96
C LEU X 27 -41.36 18.16 -12.44
N GLU X 28 -42.59 18.36 -12.00
CA GLU X 28 -42.89 18.32 -10.56
C GLU X 28 -42.49 16.98 -9.97
N LYS X 29 -42.89 15.88 -10.62
CA LYS X 29 -42.58 14.56 -10.10
C LYS X 29 -41.08 14.28 -10.09
N LEU X 30 -40.35 14.85 -11.05
CA LEU X 30 -38.90 14.60 -11.11
C LEU X 30 -38.14 15.43 -10.08
N SER X 31 -38.53 16.69 -9.91
CA SER X 31 -37.86 17.54 -8.92
C SER X 31 -38.18 17.09 -7.50
N SER X 32 -39.44 16.73 -7.23
CA SER X 32 -39.82 16.33 -5.88
C SER X 32 -39.21 15.00 -5.50
N GLY X 33 -39.06 14.10 -6.46
CA GLY X 33 -38.65 12.74 -6.17
C GLY X 33 -39.76 11.83 -5.69
N PHE X 34 -40.99 12.32 -5.58
CA PHE X 34 -42.14 11.53 -5.15
C PHE X 34 -43.17 11.49 -6.27
N LYS X 35 -43.83 10.34 -6.38
CA LYS X 35 -44.85 10.13 -7.41
C LYS X 35 -46.20 10.71 -7.00
N ILE X 36 -46.43 10.93 -5.70
CA ILE X 36 -47.71 11.40 -5.18
C ILE X 36 -47.40 12.65 -4.36
N ASN X 37 -47.61 13.82 -4.95
CA ASN X 37 -47.47 15.09 -4.26
C ASN X 37 -48.81 15.69 -3.86
N ARG X 38 -49.90 15.26 -4.49
CA ARG X 38 -51.25 15.71 -4.17
C ARG X 38 -52.13 14.48 -4.04
N ALA X 39 -53.33 14.68 -3.47
CA ALA X 39 -54.28 13.59 -3.38
C ALA X 39 -54.95 13.31 -4.72
N GLY X 40 -54.99 14.30 -5.62
CA GLY X 40 -55.49 14.06 -6.95
C GLY X 40 -54.64 13.08 -7.74
N ASP X 41 -53.35 13.00 -7.41
CA ASP X 41 -52.48 12.00 -8.03
C ASP X 41 -52.99 10.59 -7.74
N ASP X 42 -53.22 10.29 -6.48
CA ASP X 42 -53.66 8.95 -6.09
C ASP X 42 -54.20 9.02 -4.67
N ALA X 43 -55.49 8.74 -4.51
CA ALA X 43 -56.12 8.82 -3.19
C ALA X 43 -55.77 7.62 -2.33
N ALA X 44 -56.02 6.41 -2.82
CA ALA X 44 -55.64 5.19 -2.12
C ALA X 44 -54.17 4.90 -2.38
N GLY X 45 -53.34 5.22 -1.40
CA GLY X 45 -51.90 5.18 -1.56
C GLY X 45 -51.28 6.34 -0.83
N LEU X 46 -51.93 7.50 -0.85
CA LEU X 46 -51.55 8.58 0.05
C LEU X 46 -51.77 8.19 1.50
N ALA X 47 -52.96 7.69 1.82
CA ALA X 47 -53.26 7.20 3.16
C ALA X 47 -52.32 6.08 3.57
N ILE X 48 -52.10 5.13 2.65
CA ILE X 48 -51.23 4.00 2.95
C ILE X 48 -49.81 4.48 3.22
N SER X 49 -49.33 5.45 2.43
CA SER X 49 -48.00 5.99 2.63
C SER X 49 -47.89 6.70 3.98
N GLU X 50 -48.92 7.44 4.38
CA GLU X 50 -48.86 8.13 5.66
C GLU X 50 -48.86 7.15 6.83
N LYS X 51 -49.73 6.14 6.77
CA LYS X 51 -49.73 5.12 7.82
C LYS X 51 -48.40 4.39 7.88
N MET X 52 -47.81 4.08 6.72
CA MET X 52 -46.54 3.37 6.70
C MET X 52 -45.42 4.23 7.24
N ARG X 53 -45.45 5.54 6.95
CA ARG X 53 -44.46 6.45 7.52
C ARG X 53 -44.58 6.51 9.04
N GLY X 54 -45.81 6.58 9.55
CA GLY X 54 -46.02 6.53 10.99
C GLY X 54 -45.46 5.27 11.60
N GLN X 55 -45.74 4.13 10.97
CA GLN X 55 -45.24 2.85 11.49
C GLN X 55 -43.72 2.79 11.45
N ILE X 56 -43.10 3.32 10.40
CA ILE X 56 -41.65 3.31 10.28
C ILE X 56 -41.03 4.13 11.39
N SER X 57 -41.53 5.35 11.59
CA SER X 57 -41.02 6.20 12.66
C SER X 57 -41.21 5.54 14.02
N GLY X 58 -42.37 4.96 14.26
CA GLY X 58 -42.61 4.27 15.52
C GLY X 58 -41.68 3.10 15.74
N LEU X 59 -41.41 2.33 14.69
CA LEU X 59 -40.55 1.16 14.81
C LEU X 59 -39.11 1.57 15.10
N ASN X 60 -38.62 2.61 14.42
CA ASN X 60 -37.26 3.09 14.69
C ASN X 60 -37.15 3.63 16.11
N MET X 61 -38.14 4.41 16.55
CA MET X 61 -38.11 4.93 17.91
C MET X 61 -38.22 3.80 18.94
N ALA X 62 -38.95 2.74 18.61
CA ALA X 62 -39.05 1.60 19.51
C ALA X 62 -37.72 0.85 19.59
N SER X 63 -37.00 0.76 18.47
CA SER X 63 -35.65 0.21 18.51
C SER X 63 -34.75 1.01 19.43
N LYS X 64 -34.82 2.34 19.31
CA LYS X 64 -34.05 3.23 20.19
C LYS X 64 -34.41 2.99 21.66
N ASN X 65 -35.70 2.89 21.95
CA ASN X 65 -36.16 2.68 23.33
C ASN X 65 -35.69 1.33 23.86
N SER X 66 -35.72 0.29 23.02
CA SER X 66 -35.25 -1.02 23.43
C SER X 66 -33.77 -1.00 23.78
N SER X 67 -32.98 -0.28 22.97
CA SER X 67 -31.56 -0.15 23.29
C SER X 67 -31.36 0.59 24.62
N ASP X 68 -32.16 1.63 24.86
CA ASP X 68 -32.08 2.33 26.14
C ASP X 68 -32.38 1.40 27.31
N ALA X 69 -33.40 0.57 27.17
CA ALA X 69 -33.73 -0.41 28.20
C ALA X 69 -32.59 -1.38 28.42
N ILE X 70 -31.93 -1.82 27.34
CA ILE X 70 -30.79 -2.72 27.47
C ILE X 70 -29.68 -2.03 28.28
N SER X 71 -29.46 -0.74 28.04
CA SER X 71 -28.44 -0.01 28.79
C SER X 71 -28.77 0.02 30.28
N LEU X 72 -30.03 0.33 30.59
CA LEU X 72 -30.49 0.32 31.99
C LEU X 72 -30.23 -1.04 32.65
N ILE X 73 -30.62 -2.11 31.97
CA ILE X 73 -30.49 -3.45 32.53
C ILE X 73 -29.02 -3.78 32.76
N GLN X 74 -28.16 -3.40 31.80
CA GLN X 74 -26.72 -3.63 31.96
C GLN X 74 -26.19 -2.89 33.18
N THR X 75 -26.72 -1.69 33.43
CA THR X 75 -26.31 -0.95 34.63
C THR X 75 -26.64 -1.73 35.89
N ALA X 76 -27.87 -2.24 35.97
CA ALA X 76 -28.28 -2.99 37.16
C ALA X 76 -27.46 -4.26 37.34
N GLU X 77 -27.21 -5.00 36.26
CA GLU X 77 -26.41 -6.23 36.36
C GLU X 77 -24.99 -5.92 36.82
N GLY X 78 -24.38 -4.87 36.28
CA GLY X 78 -23.07 -4.47 36.74
C GLY X 78 -23.07 -4.08 38.20
N GLY X 79 -24.16 -3.47 38.67
CA GLY X 79 -24.28 -3.20 40.09
C GLY X 79 -24.29 -4.47 40.94
N LEU X 80 -24.97 -5.51 40.46
CA LEU X 80 -25.11 -6.73 41.26
C LEU X 80 -23.87 -7.64 41.19
N ASN X 81 -23.01 -7.47 40.18
CA ASN X 81 -21.77 -8.24 40.14
C ASN X 81 -20.91 -8.00 41.39
N GLU X 82 -20.81 -6.74 41.83
CA GLU X 82 -20.01 -6.45 43.01
C GLU X 82 -20.68 -6.96 44.27
N THR X 83 -22.02 -7.00 44.28
CA THR X 83 -22.75 -7.67 45.36
C THR X 83 -22.31 -9.12 45.47
N HIS X 84 -22.29 -9.84 44.35
CA HIS X 84 -21.78 -11.21 44.33
C HIS X 84 -20.38 -11.29 44.95
N ALA X 85 -19.49 -10.41 44.49
CA ALA X 85 -18.09 -10.47 44.93
C ALA X 85 -17.96 -10.28 46.43
N ILE X 86 -18.58 -9.23 46.97
CA ILE X 86 -18.41 -8.96 48.39
C ILE X 86 -19.17 -9.98 49.22
N LEU X 87 -20.23 -10.59 48.68
CA LEU X 87 -20.87 -11.69 49.39
C LEU X 87 -19.95 -12.89 49.51
N GLN X 88 -19.23 -13.20 48.43
CA GLN X 88 -18.22 -14.27 48.51
C GLN X 88 -17.18 -13.95 49.58
N ARG X 89 -16.70 -12.71 49.60
CA ARG X 89 -15.71 -12.32 50.60
C ARG X 89 -16.27 -12.46 52.02
N MET X 90 -17.52 -12.07 52.23
CA MET X 90 -18.16 -12.18 53.53
C MET X 90 -18.31 -13.62 53.97
N ARG X 91 -18.65 -14.51 53.03
CA ARG X 91 -18.72 -15.93 53.36
C ARG X 91 -17.37 -16.47 53.76
N GLU X 92 -16.32 -16.08 53.04
CA GLU X 92 -14.96 -16.49 53.41
C GLU X 92 -14.62 -16.02 54.81
N LEU X 93 -14.93 -14.76 55.12
CA LEU X 93 -14.69 -14.20 56.45
C LEU X 93 -15.44 -14.97 57.53
N ALA X 94 -16.70 -15.33 57.28
CA ALA X 94 -17.47 -16.08 58.27
C ALA X 94 -16.89 -17.47 58.49
N VAL X 95 -16.50 -18.16 57.42
CA VAL X 95 -15.93 -19.50 57.56
C VAL X 95 -14.62 -19.43 58.34
N GLN X 96 -13.85 -18.36 58.16
CA GLN X 96 -12.64 -18.19 58.95
C GLN X 96 -12.95 -17.84 60.41
N SER X 97 -13.91 -16.96 60.64
CA SER X 97 -14.32 -16.59 61.98
C SER X 97 -14.88 -17.76 62.78
N ARG X 98 -15.45 -18.74 62.11
CA ARG X 98 -16.19 -19.84 62.71
C ARG X 98 -15.29 -20.78 63.53
N ASN X 99 -13.99 -20.80 63.23
CA ASN X 99 -13.07 -21.71 63.91
C ASN X 99 -12.72 -21.19 65.31
N ASP X 100 -12.37 -22.13 66.20
CA ASP X 100 -12.10 -21.82 67.60
C ASP X 100 -10.63 -21.45 67.86
N THR X 101 -9.80 -21.38 66.82
CA THR X 101 -8.47 -20.81 66.98
C THR X 101 -8.54 -19.33 67.34
N ASN X 102 -9.62 -18.66 66.93
CA ASN X 102 -9.74 -17.22 67.14
C ASN X 102 -10.31 -16.92 68.52
N ASP X 103 -9.77 -15.88 69.14
CA ASP X 103 -10.14 -15.48 70.50
C ASP X 103 -10.95 -14.20 70.48
N GLU X 104 -12.06 -14.21 71.24
CA GLU X 104 -12.80 -12.98 71.49
C GLU X 104 -12.02 -12.03 72.42
N ALA X 105 -11.16 -12.56 73.27
CA ALA X 105 -10.44 -11.74 74.24
C ALA X 105 -9.47 -10.80 73.55
N THR X 106 -8.57 -11.34 72.72
CA THR X 106 -7.57 -10.55 72.01
C THR X 106 -8.03 -10.10 70.64
N ASN X 107 -9.35 -9.95 70.44
CA ASN X 107 -9.91 -9.16 69.35
C ASN X 107 -9.63 -9.78 67.98
N ASP X 108 -9.63 -11.12 67.90
CA ASP X 108 -9.43 -11.80 66.63
C ASP X 108 -10.66 -11.69 65.74
N ARG X 109 -11.84 -11.94 66.31
CA ARG X 109 -13.08 -11.91 65.54
C ARG X 109 -13.64 -10.51 65.35
N SER X 110 -13.31 -9.57 66.24
CA SER X 110 -13.82 -8.21 66.08
C SER X 110 -13.22 -7.52 64.86
N ASN X 111 -12.02 -7.91 64.43
CA ASN X 111 -11.46 -7.37 63.20
C ASN X 111 -12.19 -7.93 61.97
N LEU X 112 -12.53 -9.22 61.98
CA LEU X 112 -13.33 -9.76 60.90
C LEU X 112 -14.72 -9.14 60.90
N ASN X 113 -15.22 -8.76 62.08
CA ASN X 113 -16.50 -8.05 62.16
C ASN X 113 -16.39 -6.62 61.65
N ASP X 114 -15.25 -5.95 61.90
CA ASP X 114 -14.98 -4.66 61.25
C ASP X 114 -15.09 -4.80 59.73
N GLU X 115 -14.38 -5.78 59.17
CA GLU X 115 -14.42 -6.05 57.73
C GLU X 115 -15.85 -6.31 57.26
N LEU X 116 -16.58 -7.15 58.01
CA LEU X 116 -17.94 -7.51 57.64
C LEU X 116 -18.88 -6.30 57.67
N LYS X 117 -18.76 -5.46 58.69
CA LYS X 117 -19.60 -4.27 58.77
C LYS X 117 -19.32 -3.32 57.62
N GLN X 118 -18.05 -3.15 57.24
CA GLN X 118 -17.75 -2.29 56.10
C GLN X 118 -18.33 -2.87 54.81
N LEU X 119 -18.27 -4.19 54.65
CA LEU X 119 -18.85 -4.79 53.44
C LEU X 119 -20.37 -4.69 53.45
N GLN X 120 -21.00 -4.70 54.62
CA GLN X 120 -22.45 -4.51 54.69
C GLN X 120 -22.83 -3.06 54.37
N GLU X 121 -22.02 -2.10 54.80
CA GLU X 121 -22.28 -0.74 54.38
C GLU X 121 -22.11 -0.59 52.88
N GLU X 122 -21.17 -1.33 52.28
CA GLU X 122 -20.99 -1.25 50.82
C GLU X 122 -22.14 -1.92 50.07
N ILE X 123 -22.64 -3.07 50.56
CA ILE X 123 -23.77 -3.72 49.89
C ILE X 123 -25.02 -2.84 49.96
N THR X 124 -25.19 -2.08 51.05
CA THR X 124 -26.31 -1.14 51.09
C THR X 124 -26.06 0.08 50.18
N ARG X 125 -24.80 0.54 50.12
CA ARG X 125 -24.46 1.70 49.32
C ARG X 125 -24.71 1.44 47.85
N ILE X 126 -24.30 0.27 47.34
CA ILE X 126 -24.54 -0.05 45.94
C ILE X 126 -26.03 -0.07 45.64
N SER X 127 -26.83 -0.54 46.60
CA SER X 127 -28.27 -0.58 46.41
C SER X 127 -28.83 0.83 46.22
N SER X 128 -28.63 1.69 47.22
CA SER X 128 -29.27 3.01 47.21
C SER X 128 -28.38 4.14 46.73
N GLN X 129 -27.40 3.85 45.87
CA GLN X 129 -26.67 4.89 45.15
C GLN X 129 -26.47 4.51 43.67
N MET X 130 -27.32 3.63 43.15
CA MET X 130 -27.30 3.22 41.76
C MET X 130 -28.40 3.98 41.02
N GLU X 131 -28.09 4.50 39.84
CA GLU X 131 -29.11 5.28 39.12
C GLU X 131 -28.80 5.32 37.63
N PHE X 132 -29.86 5.44 36.84
CA PHE X 132 -29.81 5.60 35.40
C PHE X 132 -30.73 6.75 35.05
N ASN X 133 -30.16 7.89 34.66
CA ASN X 133 -30.93 9.07 34.30
C ASN X 133 -31.73 9.60 35.49
N ASN X 134 -31.09 9.61 36.66
CA ASN X 134 -31.72 10.08 37.89
C ASN X 134 -32.91 9.20 38.27
N LYS X 135 -32.67 7.90 38.35
CA LYS X 135 -33.73 6.92 38.63
C LYS X 135 -33.14 5.81 39.48
N LYS X 136 -33.49 5.80 40.77
CA LYS X 136 -33.02 4.76 41.66
C LYS X 136 -33.64 3.42 41.29
N LEU X 137 -32.80 2.40 41.11
CA LEU X 137 -33.22 1.11 40.58
C LEU X 137 -33.35 0.04 41.67
N LEU X 138 -32.33 -0.13 42.51
CA LEU X 138 -32.23 -1.24 43.45
C LEU X 138 -32.65 -0.86 44.87
N ASP X 139 -33.70 -0.06 45.00
CA ASP X 139 -34.15 0.44 46.29
C ASP X 139 -35.53 -0.11 46.65
N GLY X 140 -36.30 -0.49 45.64
CA GLY X 140 -37.72 -0.74 45.77
C GLY X 140 -38.61 0.28 45.10
N SER X 141 -38.06 1.23 44.34
CA SER X 141 -38.90 2.20 43.63
C SER X 141 -39.73 1.52 42.56
N GLN X 142 -39.12 0.61 41.81
CA GLN X 142 -39.79 -0.08 40.70
C GLN X 142 -40.50 -1.34 41.14
N SER X 143 -40.30 -1.79 42.39
CA SER X 143 -40.95 -3.00 42.87
C SER X 143 -42.44 -2.80 43.13
N THR X 144 -42.92 -1.55 43.12
CA THR X 144 -44.33 -1.28 43.40
C THR X 144 -45.19 -1.38 42.15
N ASN X 145 -44.79 -0.71 41.08
CA ASN X 145 -45.53 -0.68 39.82
C ASN X 145 -44.74 -1.26 38.66
N GLY X 146 -43.50 -0.82 38.48
CA GLY X 146 -42.60 -1.38 37.49
C GLY X 146 -42.31 -0.41 36.36
N LEU X 147 -41.19 -0.67 35.68
CA LEU X 147 -40.78 0.11 34.52
C LEU X 147 -41.41 -0.46 33.26
N THR X 148 -42.00 0.41 32.46
CA THR X 148 -42.71 0.04 31.24
C THR X 148 -41.94 0.55 30.03
N PHE X 149 -41.56 -0.37 29.14
CA PHE X 149 -40.85 -0.05 27.91
C PHE X 149 -41.78 -0.20 26.72
N GLN X 150 -41.85 0.86 25.91
CA GLN X 150 -42.58 0.85 24.65
C GLN X 150 -41.67 0.26 23.57
N ILE X 151 -41.99 -0.95 23.14
CA ILE X 151 -41.17 -1.67 22.16
C ILE X 151 -41.98 -1.89 20.89
N GLY X 152 -42.86 -0.95 20.58
CA GLY X 152 -43.69 -1.05 19.40
C GLY X 152 -44.23 0.30 18.99
N ALA X 153 -44.59 0.40 17.72
CA ALA X 153 -45.08 1.67 17.18
C ALA X 153 -46.42 2.05 17.79
N ASN X 154 -47.33 1.09 17.93
CA ASN X 154 -48.69 1.36 18.34
C ASN X 154 -48.83 1.33 19.86
N ALA X 155 -50.02 1.70 20.33
CA ALA X 155 -50.32 1.72 21.75
C ALA X 155 -50.58 0.31 22.27
N GLY X 156 -50.12 0.06 23.50
CA GLY X 156 -50.26 -1.23 24.12
C GLY X 156 -49.14 -2.21 23.85
N GLN X 157 -48.26 -1.90 22.89
CA GLN X 157 -47.13 -2.77 22.56
C GLN X 157 -45.98 -2.48 23.53
N THR X 158 -46.20 -2.89 24.77
CA THR X 158 -45.31 -2.56 25.88
C THR X 158 -44.85 -3.83 26.58
N ILE X 159 -43.84 -3.67 27.44
CA ILE X 159 -43.45 -4.71 28.38
C ILE X 159 -43.19 -4.07 29.74
N THR X 160 -43.71 -4.69 30.79
CA THR X 160 -43.50 -4.24 32.15
C THR X 160 -42.39 -5.06 32.80
N MET X 161 -41.70 -4.44 33.73
CA MET X 161 -40.56 -5.03 34.41
C MET X 161 -40.56 -4.57 35.86
N LYS X 162 -39.96 -5.39 36.72
CA LYS X 162 -39.90 -5.08 38.15
C LYS X 162 -38.56 -5.52 38.70
N ILE X 163 -38.02 -4.72 39.62
CA ILE X 163 -36.77 -5.02 40.28
C ILE X 163 -37.01 -4.90 41.79
N SER X 164 -36.54 -5.89 42.53
CA SER X 164 -36.80 -5.97 43.96
C SER X 164 -35.76 -5.19 44.75
N THR X 165 -36.07 -4.92 46.01
CA THR X 165 -35.10 -4.31 46.91
C THR X 165 -33.98 -5.31 47.20
N MET X 166 -32.74 -4.85 47.02
CA MET X 166 -31.53 -5.64 47.16
C MET X 166 -30.61 -5.06 48.22
N SER X 167 -31.19 -4.61 49.33
CA SER X 167 -30.43 -4.16 50.48
C SER X 167 -30.13 -5.32 51.44
N ALA X 168 -29.33 -5.02 52.46
CA ALA X 168 -28.96 -6.05 53.43
C ALA X 168 -30.13 -6.45 54.31
N THR X 169 -31.03 -5.51 54.60
CA THR X 169 -32.18 -5.83 55.44
C THR X 169 -33.11 -6.83 54.76
N LYS X 170 -33.35 -6.66 53.46
CA LYS X 170 -34.28 -7.54 52.75
C LYS X 170 -33.74 -8.95 52.66
N LEU X 171 -32.43 -9.11 52.55
CA LEU X 171 -31.79 -10.41 52.35
C LEU X 171 -31.37 -11.09 53.64
N GLY X 172 -31.70 -10.52 54.80
CA GLY X 172 -31.40 -11.17 56.07
C GLY X 172 -29.91 -11.33 56.33
N VAL X 173 -29.10 -10.36 55.90
CA VAL X 173 -27.66 -10.39 56.09
C VAL X 173 -27.15 -9.12 56.78
N ASP X 174 -28.02 -8.16 57.08
CA ASP X 174 -27.64 -6.99 57.86
C ASP X 174 -27.07 -7.39 59.23
N ALA X 175 -26.36 -6.44 59.85
CA ALA X 175 -25.62 -6.72 61.07
C ALA X 175 -26.52 -7.13 62.23
N ALA X 176 -27.81 -6.81 62.19
CA ALA X 176 -28.72 -7.22 63.24
C ALA X 176 -28.99 -8.72 63.25
N LYS X 177 -28.64 -9.45 62.17
CA LYS X 177 -28.89 -10.88 62.09
C LYS X 177 -27.74 -11.66 61.48
N ALA X 178 -26.57 -11.03 61.23
CA ALA X 178 -25.45 -11.71 60.58
C ALA X 178 -24.11 -11.31 61.19
N SER X 179 -24.08 -11.01 62.48
CA SER X 179 -22.80 -10.76 63.13
C SER X 179 -21.96 -12.03 63.15
N ILE X 180 -20.63 -11.83 63.25
CA ILE X 180 -19.70 -12.94 63.44
C ILE X 180 -18.85 -12.66 64.67
N SER X 181 -19.43 -11.94 65.65
CA SER X 181 -18.78 -11.78 66.94
C SER X 181 -18.50 -13.13 67.59
N LYS X 182 -19.47 -14.03 67.57
CA LYS X 182 -19.35 -15.32 68.24
C LYS X 182 -18.95 -16.39 67.23
N GLY X 183 -18.84 -17.62 67.71
CA GLY X 183 -18.70 -18.78 66.84
C GLY X 183 -20.06 -19.25 66.36
N THR X 184 -21.08 -19.12 67.22
CA THR X 184 -22.41 -19.57 66.85
C THR X 184 -23.01 -18.71 65.74
N ALA X 185 -22.82 -17.39 65.82
CA ALA X 185 -23.44 -16.49 64.86
C ALA X 185 -22.87 -16.70 63.45
N ALA X 186 -21.60 -17.08 63.34
CA ALA X 186 -21.03 -17.36 62.03
C ALA X 186 -21.71 -18.56 61.36
N SER X 187 -22.15 -19.54 62.16
CA SER X 187 -22.89 -20.68 61.62
C SER X 187 -24.12 -20.21 60.86
N LYS X 188 -24.93 -19.35 61.48
CA LYS X 188 -26.11 -18.82 60.80
C LYS X 188 -25.71 -17.88 59.68
N ALA X 189 -24.60 -17.15 59.83
CA ALA X 189 -24.18 -16.18 58.84
C ALA X 189 -23.83 -16.86 57.52
N ILE X 190 -23.23 -18.04 57.59
CA ILE X 190 -22.87 -18.77 56.37
C ILE X 190 -24.12 -19.10 55.56
N LYS X 191 -25.13 -19.69 56.21
CA LYS X 191 -26.37 -20.02 55.53
C LYS X 191 -27.08 -18.77 55.03
N SER X 192 -27.06 -17.70 55.83
CA SER X 192 -27.68 -16.45 55.43
C SER X 192 -27.04 -15.89 54.17
N ILE X 193 -25.71 -15.97 54.10
CA ILE X 193 -24.98 -15.46 52.95
C ILE X 193 -25.25 -16.32 51.72
N ASP X 194 -25.35 -17.65 51.91
CA ASP X 194 -25.70 -18.52 50.79
C ASP X 194 -27.08 -18.17 50.22
N ASP X 195 -28.06 -17.99 51.11
CA ASP X 195 -29.40 -17.61 50.66
C ASP X 195 -29.37 -16.29 49.90
N ALA X 196 -28.59 -15.32 50.39
CA ALA X 196 -28.50 -14.04 49.71
C ALA X 196 -27.86 -14.17 48.33
N ILE X 197 -26.80 -14.97 48.22
CA ILE X 197 -26.16 -15.20 46.92
C ILE X 197 -27.15 -15.82 45.94
N ASN X 198 -27.92 -16.81 46.38
CA ASN X 198 -28.90 -17.44 45.50
C ASN X 198 -29.96 -16.44 45.05
N THR X 199 -30.44 -15.61 45.98
CA THR X 199 -31.47 -14.63 45.64
C THR X 199 -30.97 -13.63 44.61
N VAL X 200 -29.74 -13.13 44.79
CA VAL X 200 -29.25 -12.11 43.85
C VAL X 200 -28.93 -12.75 42.50
N SER X 201 -28.52 -14.03 42.49
CA SER X 201 -28.38 -14.75 41.23
C SER X 201 -29.72 -14.85 40.51
N LYS X 202 -30.79 -15.15 41.25
CA LYS X 202 -32.12 -15.21 40.67
C LYS X 202 -32.50 -13.88 40.03
N THR X 203 -32.27 -12.78 40.74
CA THR X 203 -32.59 -11.46 40.20
C THR X 203 -31.79 -11.16 38.94
N ARG X 204 -30.50 -11.48 38.94
CA ARG X 204 -29.67 -11.26 37.75
C ARG X 204 -30.19 -12.06 36.57
N SER X 205 -30.59 -13.31 36.81
CA SER X 205 -31.19 -14.11 35.75
C SER X 205 -32.44 -13.44 35.19
N ALA X 206 -33.29 -12.93 36.08
CA ALA X 206 -34.52 -12.26 35.66
C ALA X 206 -34.21 -11.05 34.77
N LEU X 207 -33.14 -10.32 35.08
CA LEU X 207 -32.77 -9.19 34.24
C LEU X 207 -32.23 -9.63 32.88
N GLY X 208 -31.34 -10.63 32.88
CA GLY X 208 -30.73 -11.09 31.65
C GLY X 208 -31.74 -11.66 30.67
N ALA X 209 -32.78 -12.30 31.18
CA ALA X 209 -33.84 -12.81 30.31
C ALA X 209 -34.48 -11.68 29.50
N VAL X 210 -34.80 -10.57 30.17
CA VAL X 210 -35.43 -9.45 29.48
C VAL X 210 -34.46 -8.83 28.49
N GLN X 211 -33.17 -8.79 28.84
CA GLN X 211 -32.17 -8.31 27.89
C GLN X 211 -32.17 -9.14 26.61
N ASN X 212 -32.11 -10.47 26.77
CA ASN X 212 -32.09 -11.36 25.62
C ASN X 212 -33.36 -11.24 24.79
N ARG X 213 -34.50 -11.03 25.45
CA ARG X 213 -35.75 -10.79 24.72
C ARG X 213 -35.66 -9.52 23.89
N LEU X 214 -35.14 -8.44 24.49
CA LEU X 214 -35.10 -7.16 23.79
C LEU X 214 -34.19 -7.21 22.57
N GLU X 215 -33.16 -8.05 22.61
CA GLU X 215 -32.30 -8.21 21.43
C GLU X 215 -33.09 -8.74 20.23
N HIS X 216 -33.82 -9.84 20.43
CA HIS X 216 -34.67 -10.38 19.38
C HIS X 216 -35.71 -9.36 18.92
N THR X 217 -36.27 -8.62 19.88
CA THR X 217 -37.24 -7.58 19.54
C THR X 217 -36.62 -6.54 18.61
N ILE X 218 -35.38 -6.13 18.88
CA ILE X 218 -34.71 -5.14 18.04
C ILE X 218 -34.50 -5.70 16.63
N ASN X 219 -34.08 -6.96 16.54
CA ASN X 219 -33.90 -7.57 15.21
C ASN X 219 -35.20 -7.56 14.42
N ASN X 220 -36.30 -7.98 15.05
CA ASN X 220 -37.59 -8.00 14.38
C ASN X 220 -38.03 -6.61 13.96
N LEU X 221 -37.81 -5.61 14.82
CA LEU X 221 -38.18 -4.24 14.49
C LEU X 221 -37.40 -3.73 13.29
N GLY X 222 -36.10 -4.03 13.23
CA GLY X 222 -35.31 -3.61 12.08
C GLY X 222 -35.80 -4.24 10.79
N THR X 223 -36.07 -5.55 10.82
CA THR X 223 -36.57 -6.24 9.63
C THR X 223 -37.89 -5.63 9.17
N SER X 224 -38.82 -5.42 10.10
CA SER X 224 -40.13 -4.89 9.73
C SER X 224 -40.00 -3.47 9.19
N ALA X 225 -39.12 -2.66 9.78
CA ALA X 225 -38.93 -1.30 9.30
C ALA X 225 -38.38 -1.28 7.88
N GLU X 226 -37.40 -2.14 7.59
CA GLU X 226 -36.87 -2.20 6.23
C GLU X 226 -37.93 -2.63 5.24
N ASN X 227 -38.74 -3.65 5.59
CA ASN X 227 -39.75 -4.13 4.66
C ASN X 227 -40.81 -3.05 4.40
N LEU X 228 -41.28 -2.38 5.45
CA LEU X 228 -42.27 -1.33 5.25
C LEU X 228 -41.68 -0.13 4.51
N THR X 229 -40.39 0.14 4.71
CA THR X 229 -39.74 1.21 3.94
C THR X 229 -39.73 0.87 2.46
N ALA X 230 -39.41 -0.37 2.12
CA ALA X 230 -39.46 -0.82 0.73
C ALA X 230 -40.87 -0.65 0.16
N ALA X 231 -41.87 -1.08 0.91
CA ALA X 231 -43.26 -0.95 0.45
C ALA X 231 -43.63 0.50 0.21
N GLU X 232 -43.32 1.38 1.16
CA GLU X 232 -43.67 2.78 1.03
C GLU X 232 -42.92 3.43 -0.14
N SER X 233 -41.67 3.04 -0.34
CA SER X 233 -40.92 3.54 -1.49
C SER X 233 -41.59 3.14 -2.79
N ARG X 234 -41.96 1.87 -2.90
CA ARG X 234 -42.60 1.40 -4.13
C ARG X 234 -43.95 2.06 -4.34
N ILE X 235 -44.65 2.41 -3.27
CA ILE X 235 -45.96 3.06 -3.41
C ILE X 235 -45.78 4.50 -3.87
N ARG X 236 -45.02 5.29 -3.11
CA ARG X 236 -45.02 6.75 -3.27
C ARG X 236 -43.88 7.28 -4.14
N ASP X 237 -42.67 6.76 -4.01
CA ASP X 237 -41.56 7.27 -4.79
C ASP X 237 -41.75 6.94 -6.27
N THR X 238 -41.09 7.72 -7.12
CA THR X 238 -41.23 7.63 -8.56
C THR X 238 -39.95 7.10 -9.19
N ASP X 239 -40.11 6.37 -10.29
CA ASP X 239 -38.97 5.92 -11.09
C ASP X 239 -38.53 7.03 -12.01
N MET X 240 -37.24 7.37 -11.93
CA MET X 240 -36.71 8.51 -12.70
C MET X 240 -36.80 8.26 -14.19
N ALA X 241 -36.55 7.03 -14.62
CA ALA X 241 -36.46 6.73 -16.04
C ALA X 241 -37.80 6.92 -16.75
N ALA X 242 -38.88 6.42 -16.14
CA ALA X 242 -40.19 6.54 -16.76
C ALA X 242 -40.63 7.99 -16.88
N GLU X 243 -40.40 8.78 -15.83
CA GLU X 243 -40.78 10.18 -15.88
C GLU X 243 -39.91 10.95 -16.87
N MET X 244 -38.63 10.58 -16.99
CA MET X 244 -37.78 11.19 -18.00
C MET X 244 -38.31 10.90 -19.41
N MET X 245 -38.69 9.64 -19.66
CA MET X 245 -39.30 9.26 -20.92
C MET X 245 -40.53 10.12 -21.22
N ALA X 246 -41.44 10.19 -20.25
CA ALA X 246 -42.68 10.93 -20.44
C ALA X 246 -42.41 12.42 -20.68
N PHE X 247 -41.43 12.98 -19.96
CA PHE X 247 -41.13 14.39 -20.10
C PHE X 247 -40.54 14.71 -21.47
N THR X 248 -39.63 13.86 -21.95
CA THR X 248 -39.09 14.05 -23.29
C THR X 248 -40.18 13.93 -24.35
N LYS X 249 -41.05 12.93 -24.22
CA LYS X 249 -42.16 12.77 -25.13
C LYS X 249 -43.05 14.01 -25.17
N ASN X 250 -43.42 14.52 -23.99
CA ASN X 250 -44.29 15.68 -23.93
C ASN X 250 -43.62 16.93 -24.49
N ASN X 251 -42.30 17.08 -24.30
CA ASN X 251 -41.60 18.21 -24.91
C ASN X 251 -41.64 18.13 -26.43
N ILE X 252 -41.39 16.93 -26.98
CA ILE X 252 -41.42 16.75 -28.43
C ILE X 252 -42.82 17.07 -28.96
N LEU X 253 -43.85 16.63 -28.25
CA LEU X 253 -45.22 16.93 -28.67
C LEU X 253 -45.51 18.42 -28.60
N THR X 254 -45.00 19.09 -27.57
CA THR X 254 -45.16 20.54 -27.45
C THR X 254 -44.54 21.26 -28.64
N GLN X 255 -43.31 20.86 -29.01
CA GLN X 255 -42.65 21.48 -30.16
C GLN X 255 -43.44 21.24 -31.44
N ALA X 256 -43.94 20.01 -31.63
CA ALA X 256 -44.74 19.69 -32.81
C ALA X 256 -45.98 20.57 -32.88
N ALA X 257 -46.68 20.73 -31.75
CA ALA X 257 -47.88 21.55 -31.74
C ALA X 257 -47.54 23.02 -31.98
N GLN X 258 -46.39 23.49 -31.49
CA GLN X 258 -45.95 24.85 -31.75
C GLN X 258 -45.78 25.09 -33.24
N SER X 259 -45.05 24.19 -33.90
CA SER X 259 -44.85 24.32 -35.35
C SER X 259 -46.17 24.25 -36.10
N MET X 260 -47.06 23.34 -35.68
CA MET X 260 -48.35 23.21 -36.35
C MET X 260 -49.18 24.48 -36.21
N LEU X 261 -49.11 25.13 -35.05
CA LEU X 261 -49.85 26.37 -34.85
C LEU X 261 -49.25 27.50 -35.67
N ALA X 262 -47.92 27.55 -35.76
CA ALA X 262 -47.27 28.55 -36.61
C ALA X 262 -47.70 28.39 -38.06
N GLN X 263 -47.90 27.15 -38.50
CA GLN X 263 -48.39 26.91 -39.87
C GLN X 263 -49.86 27.32 -39.99
N ALA X 264 -50.69 26.91 -39.04
CA ALA X 264 -52.12 27.17 -39.11
C ALA X 264 -52.42 28.66 -39.08
N ASN X 265 -51.59 29.45 -38.40
CA ASN X 265 -51.80 30.91 -38.42
C ASN X 265 -51.51 31.50 -39.79
N GLN X 266 -50.58 30.92 -40.54
CA GLN X 266 -50.27 31.39 -41.89
C GLN X 266 -51.22 30.85 -42.94
N GLN X 267 -51.92 29.75 -42.65
CA GLN X 267 -52.80 29.14 -43.63
C GLN X 267 -53.85 30.10 -44.19
N PRO X 268 -54.60 30.87 -43.38
CA PRO X 268 -55.60 31.78 -43.98
C PRO X 268 -55.02 33.08 -44.54
N GLN X 269 -54.52 33.00 -45.77
CA GLN X 269 -54.02 34.16 -46.51
C GLN X 269 -54.60 34.09 -47.92
N GLY X 270 -55.79 34.68 -48.09
CA GLY X 270 -56.45 34.77 -49.37
C GLY X 270 -56.59 36.21 -49.79
N VAL X 271 -55.59 37.04 -49.45
CA VAL X 271 -55.63 38.44 -49.83
C VAL X 271 -55.41 38.62 -51.32
N LEU X 272 -54.77 37.65 -51.99
CA LEU X 272 -54.57 37.75 -53.43
C LEU X 272 -55.85 37.58 -54.23
N GLN X 273 -56.96 37.15 -53.62
CA GLN X 273 -58.24 37.24 -54.29
C GLN X 273 -58.57 38.68 -54.62
N LEU X 274 -58.44 39.55 -53.61
CA LEU X 274 -58.96 40.91 -53.69
C LEU X 274 -58.06 41.80 -54.54
N LEU X 275 -56.83 41.99 -54.10
CA LEU X 275 -55.89 42.87 -54.76
C LEU X 275 -55.15 42.13 -55.86
N GLN X 276 -54.20 42.81 -56.51
CA GLN X 276 -53.40 42.17 -57.54
C GLN X 276 -52.20 43.04 -57.87
N MET Y 1 -54.47 60.21 -35.38
CA MET Y 1 -55.28 59.03 -35.66
C MET Y 1 -54.77 57.93 -36.60
N ARG Y 2 -54.08 58.29 -37.70
CA ARG Y 2 -53.65 57.33 -38.70
C ARG Y 2 -52.15 57.28 -38.89
N ILE Y 3 -51.51 58.43 -39.15
CA ILE Y 3 -50.14 58.47 -39.67
C ILE Y 3 -49.20 59.14 -38.69
N GLN Y 4 -49.51 60.39 -38.33
CA GLN Y 4 -48.58 61.24 -37.59
C GLN Y 4 -48.20 60.65 -36.23
N HIS Y 5 -49.03 59.78 -35.66
CA HIS Y 5 -48.77 59.18 -34.36
C HIS Y 5 -49.18 57.72 -34.39
N ASN Y 6 -48.35 56.85 -33.82
CA ASN Y 6 -48.57 55.41 -33.79
C ASN Y 6 -48.43 54.93 -32.34
N ILE Y 7 -49.55 54.88 -31.62
CA ILE Y 7 -49.50 54.77 -30.16
C ILE Y 7 -49.12 53.35 -29.72
N ALA Y 8 -49.49 52.35 -30.51
CA ALA Y 8 -49.12 50.97 -30.18
C ALA Y 8 -47.61 50.82 -30.10
N ALA Y 9 -46.89 51.43 -31.04
CA ALA Y 9 -45.45 51.36 -31.04
C ALA Y 9 -44.86 52.06 -29.82
N LEU Y 10 -45.47 53.17 -29.39
CA LEU Y 10 -45.02 53.84 -28.17
C LEU Y 10 -45.15 52.94 -26.96
N ASN Y 11 -46.33 52.31 -26.80
CA ASN Y 11 -46.52 51.40 -25.68
C ASN Y 11 -45.53 50.24 -25.72
N THR Y 12 -45.30 49.68 -26.91
CA THR Y 12 -44.34 48.59 -27.06
C THR Y 12 -42.94 49.04 -26.68
N HIS Y 13 -42.57 50.27 -27.07
CA HIS Y 13 -41.26 50.80 -26.72
C HIS Y 13 -41.11 50.95 -25.21
N ARG Y 14 -42.14 51.47 -24.54
CA ARG Y 14 -42.13 51.57 -23.09
C ARG Y 14 -41.88 50.21 -22.44
N ASN Y 15 -42.67 49.21 -22.83
CA ASN Y 15 -42.53 47.89 -22.23
C ASN Y 15 -41.16 47.29 -22.51
N LEU Y 16 -40.65 47.50 -23.72
CA LEU Y 16 -39.33 47.00 -24.08
C LEU Y 16 -38.25 47.62 -23.20
N ALA Y 17 -38.32 48.93 -23.00
CA ALA Y 17 -37.36 49.62 -22.13
C ALA Y 17 -37.42 49.07 -20.71
N ALA Y 18 -38.63 48.85 -20.20
CA ALA Y 18 -38.78 48.32 -18.84
C ALA Y 18 -38.16 46.93 -18.73
N ASN Y 19 -38.42 46.06 -19.71
CA ASN Y 19 -37.86 44.71 -19.67
C ASN Y 19 -36.34 44.75 -19.73
N ASN Y 20 -35.78 45.61 -20.59
CA ASN Y 20 -34.32 45.74 -20.66
C ASN Y 20 -33.75 46.20 -19.32
N ALA Y 21 -34.39 47.15 -18.67
CA ALA Y 21 -33.91 47.63 -17.38
C ALA Y 21 -33.93 46.51 -16.34
N ALA Y 22 -35.01 45.73 -16.30
CA ALA Y 22 -35.09 44.63 -15.34
C ALA Y 22 -34.02 43.59 -15.60
N ALA Y 23 -33.77 43.25 -16.87
CA ALA Y 23 -32.72 42.30 -17.20
C ALA Y 23 -31.35 42.82 -16.79
N SER Y 24 -31.11 44.12 -16.96
CA SER Y 24 -29.85 44.70 -16.54
C SER Y 24 -29.66 44.62 -15.03
N LYS Y 25 -30.73 44.89 -14.28
CA LYS Y 25 -30.66 44.74 -12.82
C LYS Y 25 -30.32 43.30 -12.44
N ASN Y 26 -30.94 42.33 -13.10
CA ASN Y 26 -30.65 40.93 -12.79
C ASN Y 26 -29.21 40.59 -13.13
N LEU Y 27 -28.69 41.12 -14.24
CA LEU Y 27 -27.28 40.91 -14.58
C LEU Y 27 -26.38 41.47 -13.50
N GLU Y 28 -26.68 42.66 -13.00
CA GLU Y 28 -25.92 43.25 -11.92
C GLU Y 28 -25.90 42.33 -10.70
N LYS Y 29 -27.08 41.85 -10.31
CA LYS Y 29 -27.17 40.99 -9.13
C LYS Y 29 -26.43 39.66 -9.32
N LEU Y 30 -26.39 39.16 -10.55
CA LEU Y 30 -25.71 37.89 -10.79
C LEU Y 30 -24.20 38.05 -10.84
N SER Y 31 -23.72 39.11 -11.48
CA SER Y 31 -22.28 39.35 -11.55
C SER Y 31 -21.70 39.72 -10.19
N SER Y 32 -22.42 40.56 -9.44
CA SER Y 32 -21.92 41.00 -8.15
C SER Y 32 -21.92 39.87 -7.13
N GLY Y 33 -22.91 38.98 -7.22
CA GLY Y 33 -23.10 37.98 -6.20
C GLY Y 33 -23.84 38.44 -4.97
N PHE Y 34 -24.25 39.70 -4.91
CA PHE Y 34 -24.98 40.27 -3.78
C PHE Y 34 -26.35 40.74 -4.25
N LYS Y 35 -27.35 40.56 -3.38
CA LYS Y 35 -28.72 40.96 -3.68
C LYS Y 35 -28.95 42.45 -3.45
N ILE Y 36 -28.11 43.10 -2.65
CA ILE Y 36 -28.27 44.51 -2.27
C ILE Y 36 -26.97 45.21 -2.63
N ASN Y 37 -26.93 45.87 -3.78
CA ASN Y 37 -25.80 46.67 -4.21
C ASN Y 37 -26.02 48.16 -3.99
N ARG Y 38 -27.27 48.60 -3.86
CA ARG Y 38 -27.62 49.98 -3.59
C ARG Y 38 -28.63 50.01 -2.44
N ALA Y 39 -28.82 51.20 -1.88
CA ALA Y 39 -29.83 51.34 -0.83
C ALA Y 39 -31.24 51.34 -1.39
N GLY Y 40 -31.41 51.70 -2.67
CA GLY Y 40 -32.72 51.58 -3.29
C GLY Y 40 -33.20 50.16 -3.38
N ASP Y 41 -32.27 49.19 -3.44
CA ASP Y 41 -32.65 47.78 -3.42
C ASP Y 41 -33.41 47.46 -2.14
N ASP Y 42 -32.82 47.81 -0.98
CA ASP Y 42 -33.45 47.49 0.29
C ASP Y 42 -32.77 48.33 1.36
N ALA Y 43 -33.53 49.22 2.01
CA ALA Y 43 -32.98 50.11 3.01
C ALA Y 43 -32.75 49.39 4.33
N ALA Y 44 -33.79 48.75 4.87
CA ALA Y 44 -33.67 47.95 6.10
C ALA Y 44 -33.12 46.58 5.73
N GLY Y 45 -31.84 46.38 5.97
CA GLY Y 45 -31.14 45.20 5.52
C GLY Y 45 -29.75 45.57 5.07
N LEU Y 46 -29.59 46.74 4.44
CA LEU Y 46 -28.27 47.30 4.23
C LEU Y 46 -27.60 47.63 5.55
N ALA Y 47 -28.31 48.37 6.41
CA ALA Y 47 -27.80 48.69 7.74
C ALA Y 47 -27.51 47.43 8.55
N ILE Y 48 -28.43 46.46 8.49
CA ILE Y 48 -28.26 45.22 9.24
C ILE Y 48 -27.04 44.46 8.74
N SER Y 49 -26.84 44.44 7.42
CA SER Y 49 -25.69 43.77 6.84
C SER Y 49 -24.39 44.45 7.27
N GLU Y 50 -24.37 45.78 7.29
CA GLU Y 50 -23.15 46.48 7.70
C GLU Y 50 -22.82 46.23 9.16
N LYS Y 51 -23.83 46.31 10.03
CA LYS Y 51 -23.59 46.01 11.45
C LYS Y 51 -23.12 44.58 11.64
N MET Y 52 -23.72 43.64 10.90
CA MET Y 52 -23.32 42.24 11.05
C MET Y 52 -21.91 42.00 10.54
N ARG Y 53 -21.52 42.69 9.47
CA ARG Y 53 -20.15 42.60 8.99
C ARG Y 53 -19.17 43.14 10.02
N GLY Y 54 -19.51 44.26 10.64
CA GLY Y 54 -18.67 44.79 11.71
C GLY Y 54 -18.54 43.81 12.85
N GLN Y 55 -19.65 43.20 13.26
CA GLN Y 55 -19.60 42.23 14.35
C GLN Y 55 -18.78 41.00 13.97
N ILE Y 56 -18.89 40.54 12.73
CA ILE Y 56 -18.14 39.37 12.29
C ILE Y 56 -16.64 39.66 12.33
N SER Y 57 -16.23 40.79 11.77
CA SER Y 57 -14.82 41.18 11.80
C SER Y 57 -14.32 41.31 13.23
N GLY Y 58 -15.11 41.95 14.10
CA GLY Y 58 -14.71 42.08 15.49
C GLY Y 58 -14.58 40.76 16.19
N LEU Y 59 -15.48 39.82 15.92
CA LEU Y 59 -15.45 38.52 16.58
C LEU Y 59 -14.24 37.71 16.12
N ASN Y 60 -13.93 37.75 14.83
CA ASN Y 60 -12.75 37.04 14.35
C ASN Y 60 -11.47 37.65 14.91
N MET Y 61 -11.39 38.97 14.95
CA MET Y 61 -10.21 39.61 15.53
C MET Y 61 -10.10 39.33 17.02
N ALA Y 62 -11.24 39.21 17.71
CA ALA Y 62 -11.22 38.87 19.13
C ALA Y 62 -10.75 37.45 19.35
N SER Y 63 -11.12 36.53 18.45
CA SER Y 63 -10.59 35.17 18.50
C SER Y 63 -9.06 35.19 18.36
N LYS Y 64 -8.57 35.96 17.40
CA LYS Y 64 -7.13 36.11 17.20
C LYS Y 64 -6.46 36.65 18.47
N ASN Y 65 -7.05 37.68 19.06
CA ASN Y 65 -6.50 38.28 20.28
C ASN Y 65 -6.49 37.29 21.45
N SER Y 66 -7.54 36.49 21.57
CA SER Y 66 -7.61 35.50 22.63
C SER Y 66 -6.52 34.46 22.47
N SER Y 67 -6.27 34.03 21.23
CA SER Y 67 -5.18 33.09 20.98
C SER Y 67 -3.83 33.71 21.34
N ASP Y 68 -3.64 34.99 21.02
CA ASP Y 68 -2.41 35.68 21.40
C ASP Y 68 -2.22 35.69 22.91
N ALA Y 69 -3.30 35.98 23.65
CA ALA Y 69 -3.24 35.96 25.10
C ALA Y 69 -2.89 34.57 25.62
N ILE Y 70 -3.44 33.53 25.00
CA ILE Y 70 -3.10 32.16 25.40
C ILE Y 70 -1.61 31.91 25.21
N SER Y 71 -1.05 32.40 24.11
CA SER Y 71 0.38 32.23 23.86
C SER Y 71 1.21 32.91 24.96
N LEU Y 72 0.85 34.15 25.30
CA LEU Y 72 1.52 34.87 26.37
C LEU Y 72 1.48 34.09 27.68
N ILE Y 73 0.29 33.59 28.05
CA ILE Y 73 0.13 32.87 29.31
C ILE Y 73 0.96 31.60 29.30
N GLN Y 74 0.99 30.90 28.16
CA GLN Y 74 1.83 29.70 28.07
C GLN Y 74 3.30 30.04 28.27
N THR Y 75 3.73 31.20 27.75
CA THR Y 75 5.11 31.62 27.98
C THR Y 75 5.40 31.77 29.47
N ALA Y 76 4.50 32.46 30.18
CA ALA Y 76 4.73 32.67 31.61
C ALA Y 76 4.74 31.36 32.39
N GLU Y 77 3.81 30.45 32.08
CA GLU Y 77 3.77 29.17 32.78
C GLU Y 77 5.03 28.36 32.52
N GLY Y 78 5.51 28.34 31.27
CA GLY Y 78 6.76 27.68 30.97
C GLY Y 78 7.93 28.29 31.71
N GLY Y 79 7.89 29.60 31.92
CA GLY Y 79 8.90 30.24 32.75
C GLY Y 79 8.88 29.75 34.18
N LEU Y 80 7.68 29.57 34.74
CA LEU Y 80 7.57 29.18 36.15
C LEU Y 80 7.82 27.70 36.40
N ASN Y 81 7.72 26.86 35.37
CA ASN Y 81 8.05 25.43 35.54
C ASN Y 81 9.48 25.24 36.01
N GLU Y 82 10.42 25.99 35.44
CA GLU Y 82 11.82 25.85 35.85
C GLU Y 82 12.04 26.43 37.24
N THR Y 83 11.26 27.45 37.62
CA THR Y 83 11.27 27.93 39.00
C THR Y 83 10.91 26.80 39.95
N HIS Y 84 9.83 26.07 39.65
CA HIS Y 84 9.48 24.88 40.45
C HIS Y 84 10.66 23.92 40.55
N ALA Y 85 11.28 23.60 39.42
CA ALA Y 85 12.34 22.60 39.40
C ALA Y 85 13.52 23.02 40.27
N ILE Y 86 14.02 24.24 40.09
CA ILE Y 86 15.20 24.65 40.85
C ILE Y 86 14.85 24.88 42.31
N LEU Y 87 13.58 25.21 42.61
CA LEU Y 87 13.18 25.28 44.01
C LEU Y 87 13.24 23.91 44.67
N GLN Y 88 12.79 22.88 43.96
CA GLN Y 88 12.92 21.52 44.47
C GLN Y 88 14.38 21.17 44.73
N ARG Y 89 15.25 21.51 43.77
CA ARG Y 89 16.67 21.23 43.95
C ARG Y 89 17.25 21.96 45.16
N MET Y 90 16.85 23.22 45.36
CA MET Y 90 17.31 24.01 46.49
C MET Y 90 16.84 23.41 47.81
N ARG Y 91 15.61 22.94 47.86
CA ARG Y 91 15.12 22.28 49.07
C ARG Y 91 15.92 21.01 49.37
N GLU Y 92 16.22 20.23 48.33
CA GLU Y 92 17.05 19.05 48.51
C GLU Y 92 18.42 19.42 49.08
N LEU Y 93 19.03 20.46 48.52
CA LEU Y 93 20.32 20.96 48.98
C LEU Y 93 20.26 21.39 50.44
N ALA Y 94 19.20 22.10 50.83
CA ALA Y 94 19.08 22.54 52.22
C ALA Y 94 18.92 21.36 53.17
N VAL Y 95 18.10 20.38 52.80
CA VAL Y 95 17.90 19.21 53.65
C VAL Y 95 19.20 18.44 53.81
N GLN Y 96 20.02 18.39 52.76
CA GLN Y 96 21.34 17.77 52.89
C GLN Y 96 22.30 18.59 53.73
N SER Y 97 22.32 19.91 53.54
CA SER Y 97 23.16 20.80 54.31
C SER Y 97 22.84 20.78 55.80
N ARG Y 98 21.58 20.48 56.14
CA ARG Y 98 21.07 20.59 57.50
C ARG Y 98 21.69 19.59 58.47
N ASN Y 99 22.23 18.50 57.95
CA ASN Y 99 22.80 17.44 58.79
C ASN Y 99 24.18 17.83 59.31
N ASP Y 100 24.55 17.28 60.47
CA ASP Y 100 25.79 17.61 61.15
C ASP Y 100 26.97 16.76 60.71
N THR Y 101 26.78 15.87 59.73
CA THR Y 101 27.92 15.21 59.10
C THR Y 101 28.81 16.20 58.36
N ASN Y 102 28.24 17.31 57.92
CA ASN Y 102 28.96 18.28 57.11
C ASN Y 102 29.71 19.26 58.00
N ASP Y 103 30.93 19.61 57.58
CA ASP Y 103 31.82 20.49 58.34
C ASP Y 103 31.93 21.85 57.68
N GLU Y 104 31.80 22.90 58.48
CA GLU Y 104 32.12 24.24 58.01
C GLU Y 104 33.62 24.43 57.81
N ALA Y 105 34.45 23.68 58.54
CA ALA Y 105 35.90 23.86 58.46
C ALA Y 105 36.43 23.46 57.09
N THR Y 106 36.13 22.23 56.66
CA THR Y 106 36.60 21.71 55.38
C THR Y 106 35.62 21.95 54.24
N ASN Y 107 34.80 23.00 54.34
CA ASN Y 107 34.11 23.60 53.21
C ASN Y 107 33.07 22.65 52.61
N ASP Y 108 32.38 21.87 53.47
CA ASP Y 108 31.32 20.98 52.99
C ASP Y 108 30.06 21.76 52.63
N ARG Y 109 29.66 22.69 53.50
CA ARG Y 109 28.44 23.46 53.27
C ARG Y 109 28.64 24.65 52.33
N SER Y 110 29.86 25.17 52.21
CA SER Y 110 30.08 26.29 51.32
C SER Y 110 29.94 25.90 49.85
N ASN Y 111 30.16 24.62 49.52
CA ASN Y 111 29.90 24.16 48.16
C ASN Y 111 28.40 24.07 47.87
N LEU Y 112 27.61 23.61 48.85
CA LEU Y 112 26.17 23.63 48.68
C LEU Y 112 25.67 25.06 48.61
N ASN Y 113 26.34 25.99 49.30
CA ASN Y 113 25.99 27.40 49.21
C ASN Y 113 26.37 27.99 47.85
N ASP Y 114 27.50 27.56 47.28
CA ASP Y 114 27.82 27.91 45.89
C ASP Y 114 26.67 27.50 44.96
N GLU Y 115 26.25 26.24 45.07
CA GLU Y 115 25.13 25.74 44.27
C GLU Y 115 23.87 26.57 44.49
N LEU Y 116 23.56 26.86 45.76
CA LEU Y 116 22.36 27.61 46.10
C LEU Y 116 22.40 29.03 45.54
N LYS Y 117 23.55 29.70 45.64
CA LYS Y 117 23.68 31.05 45.11
C LYS Y 117 23.50 31.06 43.60
N GLN Y 118 24.06 30.07 42.90
CA GLN Y 118 23.86 30.01 41.45
C GLN Y 118 22.39 29.79 41.11
N LEU Y 119 21.70 28.94 41.87
CA LEU Y 119 20.28 28.73 41.60
C LEU Y 119 19.45 29.96 41.93
N GLN Y 120 19.88 30.76 42.91
CA GLN Y 120 19.19 32.02 43.19
C GLN Y 120 19.42 33.05 42.09
N GLU Y 121 20.61 33.09 41.53
CA GLU Y 121 20.83 33.95 40.37
C GLU Y 121 19.97 33.50 39.20
N GLU Y 122 19.77 32.19 39.05
CA GLU Y 122 18.93 31.70 37.95
C GLU Y 122 17.45 32.01 38.18
N ILE Y 123 16.97 31.87 39.42
CA ILE Y 123 15.56 32.20 39.69
C ILE Y 123 15.30 33.69 39.47
N THR Y 124 16.28 34.55 39.75
CA THR Y 124 16.10 35.96 39.43
C THR Y 124 16.20 36.22 37.91
N ARG Y 125 17.10 35.49 37.24
CA ARG Y 125 17.29 35.66 35.81
C ARG Y 125 16.03 35.31 35.03
N ILE Y 126 15.39 34.20 35.38
CA ILE Y 126 14.15 33.81 34.70
C ILE Y 126 13.09 34.88 34.89
N SER Y 127 13.05 35.49 36.07
CA SER Y 127 12.08 36.54 36.34
C SER Y 127 12.29 37.72 35.39
N SER Y 128 13.48 38.33 35.44
CA SER Y 128 13.72 39.58 34.72
C SER Y 128 14.43 39.40 33.38
N GLN Y 129 14.29 38.24 32.73
CA GLN Y 129 14.69 38.07 31.34
C GLN Y 129 13.64 37.30 30.54
N MET Y 130 12.39 37.32 30.99
CA MET Y 130 11.28 36.68 30.31
C MET Y 130 10.49 37.77 29.56
N GLU Y 131 10.12 37.51 28.32
CA GLU Y 131 9.41 38.55 27.56
C GLU Y 131 8.61 37.94 26.43
N PHE Y 132 7.53 38.61 26.08
CA PHE Y 132 6.66 38.27 24.96
C PHE Y 132 6.43 39.56 24.18
N ASN Y 133 7.02 39.65 22.99
CA ASN Y 133 6.88 40.83 22.14
C ASN Y 133 7.47 42.07 22.81
N ASN Y 134 8.63 41.89 23.44
CA ASN Y 134 9.32 42.99 24.13
C ASN Y 134 8.49 43.51 25.30
N LYS Y 135 8.07 42.61 26.18
CA LYS Y 135 7.19 42.94 27.30
C LYS Y 135 7.59 42.09 28.49
N LYS Y 136 8.25 42.70 29.47
CA LYS Y 136 8.64 41.98 30.67
C LYS Y 136 7.40 41.61 31.47
N LEU Y 137 7.30 40.32 31.83
CA LEU Y 137 6.10 39.77 32.46
C LEU Y 137 6.26 39.55 33.96
N LEU Y 138 7.33 38.89 34.39
CA LEU Y 138 7.50 38.44 35.77
C LEU Y 138 8.39 39.35 36.59
N ASP Y 139 8.25 40.67 36.41
CA ASP Y 139 9.10 41.65 37.08
C ASP Y 139 8.30 42.50 38.05
N GLY Y 140 6.99 42.63 37.81
CA GLY Y 140 6.15 43.61 38.43
C GLY Y 140 5.66 44.71 37.52
N SER Y 141 5.91 44.61 36.20
CA SER Y 141 5.39 45.62 35.28
C SER Y 141 3.87 45.59 35.23
N GLN Y 142 3.29 44.39 35.15
CA GLN Y 142 1.85 44.23 35.04
C GLN Y 142 1.15 44.17 36.38
N SER Y 143 1.89 44.11 37.49
CA SER Y 143 1.27 44.05 38.81
C SER Y 143 0.70 45.39 39.24
N THR Y 144 0.98 46.47 38.51
CA THR Y 144 0.50 47.80 38.89
C THR Y 144 -0.89 48.07 38.32
N ASN Y 145 -1.07 47.86 37.01
CA ASN Y 145 -2.33 48.10 36.33
C ASN Y 145 -2.92 46.84 35.71
N GLY Y 146 -2.13 46.08 34.96
CA GLY Y 146 -2.53 44.80 34.44
C GLY Y 146 -2.68 44.82 32.92
N LEU Y 147 -2.62 43.61 32.35
CA LEU Y 147 -2.79 43.42 30.91
C LEU Y 147 -4.27 43.25 30.59
N THR Y 148 -4.75 44.00 29.60
CA THR Y 148 -6.15 44.01 29.20
C THR Y 148 -6.28 43.37 27.82
N PHE Y 149 -7.09 42.31 27.74
CA PHE Y 149 -7.35 41.61 26.49
C PHE Y 149 -8.76 41.92 26.01
N GLN Y 150 -8.86 42.35 24.75
CA GLN Y 150 -10.14 42.58 24.09
C GLN Y 150 -10.61 41.25 23.51
N ILE Y 151 -11.65 40.69 24.11
CA ILE Y 151 -12.17 39.38 23.72
C ILE Y 151 -13.60 39.54 23.20
N GLY Y 152 -13.87 40.68 22.58
CA GLY Y 152 -15.19 40.94 22.05
C GLY Y 152 -15.15 42.02 20.99
N ALA Y 153 -16.17 42.01 20.13
CA ALA Y 153 -16.22 42.97 19.04
C ALA Y 153 -16.41 44.39 19.54
N ASN Y 154 -17.28 44.59 20.51
CA ASN Y 154 -17.66 45.91 20.98
C ASN Y 154 -16.73 46.41 22.08
N ALA Y 155 -16.93 47.67 22.45
CA ALA Y 155 -16.13 48.30 23.49
C ALA Y 155 -16.58 47.84 24.87
N GLY Y 156 -15.61 47.67 25.77
CA GLY Y 156 -15.88 47.22 27.11
C GLY Y 156 -15.86 45.71 27.29
N GLN Y 157 -15.86 44.95 26.20
CA GLN Y 157 -15.85 43.49 26.27
C GLN Y 157 -14.39 43.02 26.44
N THR Y 158 -13.86 43.29 27.64
CA THR Y 158 -12.47 43.09 27.95
C THR Y 158 -12.32 42.20 29.17
N ILE Y 159 -11.08 41.75 29.40
CA ILE Y 159 -10.71 41.10 30.65
C ILE Y 159 -9.35 41.63 31.08
N THR Y 160 -9.23 41.97 32.36
CA THR Y 160 -7.98 42.43 32.94
C THR Y 160 -7.29 41.27 33.65
N MET Y 161 -5.96 41.34 33.69
CA MET Y 161 -5.13 40.30 34.27
C MET Y 161 -3.94 40.96 34.95
N LYS Y 162 -3.39 40.26 35.94
CA LYS Y 162 -2.26 40.77 36.71
C LYS Y 162 -1.32 39.63 37.03
N ILE Y 163 -0.02 39.92 36.99
CA ILE Y 163 1.01 38.95 37.32
C ILE Y 163 1.94 39.62 38.33
N SER Y 164 2.26 38.89 39.40
CA SER Y 164 3.02 39.43 40.51
C SER Y 164 4.53 39.28 40.25
N THR Y 165 5.31 40.02 41.02
CA THR Y 165 6.75 39.86 40.97
C THR Y 165 7.14 38.50 41.55
N MET Y 166 7.94 37.74 40.81
CA MET Y 166 8.36 36.39 41.13
C MET Y 166 9.88 36.30 41.22
N SER Y 167 10.49 37.30 41.84
CA SER Y 167 11.92 37.28 42.12
C SER Y 167 12.20 36.65 43.49
N ALA Y 168 13.49 36.47 43.79
CA ALA Y 168 13.88 35.85 45.04
C ALA Y 168 13.61 36.78 46.23
N THR Y 169 13.72 38.09 46.03
CA THR Y 169 13.48 39.03 47.12
C THR Y 169 12.03 38.99 47.57
N LYS Y 170 11.09 38.92 46.62
CA LYS Y 170 9.68 38.95 46.97
C LYS Y 170 9.25 37.70 47.73
N LEU Y 171 9.87 36.57 47.42
CA LEU Y 171 9.49 35.28 48.00
C LEU Y 171 10.29 34.91 49.24
N GLY Y 172 11.14 35.80 49.73
CA GLY Y 172 11.87 35.55 50.97
C GLY Y 172 12.83 34.38 50.88
N VAL Y 173 13.44 34.18 49.71
CA VAL Y 173 14.40 33.10 49.48
C VAL Y 173 15.74 33.61 48.98
N ASP Y 174 15.89 34.91 48.76
CA ASP Y 174 17.18 35.49 48.40
C ASP Y 174 18.24 35.19 49.47
N ALA Y 175 19.51 35.35 49.06
CA ALA Y 175 20.62 34.95 49.90
C ALA Y 175 20.70 35.73 51.21
N ALA Y 176 20.07 36.90 51.30
CA ALA Y 176 20.07 37.66 52.54
C ALA Y 176 19.22 37.01 53.63
N LYS Y 177 18.37 36.04 53.29
CA LYS Y 177 17.50 35.40 54.26
C LYS Y 177 17.39 33.89 54.08
N ALA Y 178 18.18 33.28 53.18
CA ALA Y 178 18.08 31.85 52.90
C ALA Y 178 19.44 31.20 52.71
N SER Y 179 20.47 31.67 53.39
CA SER Y 179 21.76 31.02 53.33
C SER Y 179 21.67 29.64 53.99
N ILE Y 180 22.59 28.76 53.59
CA ILE Y 180 22.74 27.45 54.22
C ILE Y 180 24.19 27.29 54.66
N SER Y 181 24.84 28.41 55.00
CA SER Y 181 26.16 28.35 55.62
C SER Y 181 26.14 27.53 56.90
N LYS Y 182 25.14 27.77 57.75
CA LYS Y 182 25.06 27.12 59.06
C LYS Y 182 24.12 25.93 58.98
N GLY Y 183 23.93 25.27 60.12
CA GLY Y 183 22.89 24.27 60.27
C GLY Y 183 21.57 24.93 60.60
N THR Y 184 21.62 26.02 61.37
CA THR Y 184 20.40 26.70 61.78
C THR Y 184 19.70 27.36 60.58
N ALA Y 185 20.48 27.98 59.69
CA ALA Y 185 19.90 28.71 58.58
C ALA Y 185 19.17 27.78 57.60
N ALA Y 186 19.65 26.54 57.46
CA ALA Y 186 18.97 25.58 56.59
C ALA Y 186 17.58 25.25 57.13
N SER Y 187 17.41 25.25 58.46
CA SER Y 187 16.09 25.04 59.04
C SER Y 187 15.08 26.05 58.52
N LYS Y 188 15.43 27.33 58.58
CA LYS Y 188 14.55 28.36 58.05
C LYS Y 188 14.45 28.29 56.53
N ALA Y 189 15.54 27.88 55.86
CA ALA Y 189 15.55 27.84 54.41
C ALA Y 189 14.56 26.83 53.88
N ILE Y 190 14.40 25.71 54.58
CA ILE Y 190 13.45 24.68 54.14
C ILE Y 190 12.03 25.25 54.12
N LYS Y 191 11.62 25.87 55.23
CA LYS Y 191 10.29 26.46 55.31
C LYS Y 191 10.12 27.58 54.30
N SER Y 192 11.17 28.39 54.12
CA SER Y 192 11.13 29.49 53.16
C SER Y 192 10.91 28.96 51.75
N ILE Y 193 11.59 27.87 51.40
CA ILE Y 193 11.48 27.28 50.08
C ILE Y 193 10.09 26.67 49.89
N ASP Y 194 9.53 26.05 50.94
CA ASP Y 194 8.17 25.52 50.86
C ASP Y 194 7.16 26.63 50.59
N ASP Y 195 7.28 27.74 51.32
CA ASP Y 195 6.39 28.87 51.10
C ASP Y 195 6.51 29.40 49.68
N ALA Y 196 7.73 29.47 49.17
CA ALA Y 196 7.93 29.95 47.79
C ALA Y 196 7.29 29.01 46.76
N ILE Y 197 7.45 27.69 46.96
CA ILE Y 197 6.85 26.72 46.06
C ILE Y 197 5.34 26.87 46.05
N ASN Y 198 4.73 27.02 47.23
CA ASN Y 198 3.28 27.19 47.31
C ASN Y 198 2.83 28.46 46.59
N THR Y 199 3.57 29.55 46.79
CA THR Y 199 3.20 30.82 46.16
C THR Y 199 3.26 30.72 44.64
N VAL Y 200 4.32 30.10 44.12
CA VAL Y 200 4.43 30.05 42.65
C VAL Y 200 3.42 29.06 42.07
N SER Y 201 3.06 28.02 42.83
CA SER Y 201 1.95 27.16 42.41
C SER Y 201 0.64 27.94 42.33
N LYS Y 202 0.40 28.80 43.32
CA LYS Y 202 -0.80 29.65 43.30
C LYS Y 202 -0.83 30.53 42.05
N THR Y 203 0.30 31.16 41.74
CA THR Y 203 0.36 32.03 40.56
C THR Y 203 0.12 31.23 39.28
N ARG Y 204 0.72 30.05 39.16
CA ARG Y 204 0.49 29.20 37.99
C ARG Y 204 -0.98 28.83 37.85
N SER Y 205 -1.63 28.50 38.97
CA SER Y 205 -3.07 28.22 38.93
C SER Y 205 -3.85 29.42 38.42
N ALA Y 206 -3.49 30.62 38.90
CA ALA Y 206 -4.17 31.83 38.47
C ALA Y 206 -4.04 32.04 36.97
N LEU Y 207 -2.88 31.71 36.40
CA LEU Y 207 -2.70 31.84 34.96
C LEU Y 207 -3.52 30.80 34.19
N GLY Y 208 -3.46 29.55 34.64
CA GLY Y 208 -4.15 28.48 33.94
C GLY Y 208 -5.65 28.66 33.92
N ALA Y 209 -6.21 29.26 34.98
CA ALA Y 209 -7.65 29.55 34.99
C ALA Y 209 -8.04 30.47 33.83
N VAL Y 210 -7.26 31.53 33.62
CA VAL Y 210 -7.55 32.48 32.55
C VAL Y 210 -7.38 31.80 31.20
N GLN Y 211 -6.39 30.92 31.08
CA GLN Y 211 -6.23 30.17 29.84
C GLN Y 211 -7.47 29.34 29.52
N ASN Y 212 -7.95 28.58 30.52
CA ASN Y 212 -9.12 27.74 30.32
C ASN Y 212 -10.36 28.58 30.00
N ARG Y 213 -10.47 29.76 30.61
CA ARG Y 213 -11.56 30.67 30.27
C ARG Y 213 -11.48 31.10 28.81
N LEU Y 214 -10.28 31.48 28.35
CA LEU Y 214 -10.13 31.98 26.99
C LEU Y 214 -10.46 30.91 25.97
N GLU Y 215 -10.23 29.64 26.29
CA GLU Y 215 -10.60 28.57 25.37
C GLU Y 215 -12.11 28.57 25.10
N HIS Y 216 -12.90 28.55 26.16
CA HIS Y 216 -14.35 28.62 26.04
C HIS Y 216 -14.78 29.89 25.31
N THR Y 217 -14.12 31.01 25.60
CA THR Y 217 -14.42 32.26 24.90
C THR Y 217 -14.21 32.11 23.41
N ILE Y 218 -13.13 31.46 22.99
CA ILE Y 218 -12.84 31.27 21.57
C ILE Y 218 -13.93 30.42 20.92
N ASN Y 219 -14.34 29.35 21.61
CA ASN Y 219 -15.41 28.50 21.07
C ASN Y 219 -16.68 29.30 20.84
N ASN Y 220 -17.08 30.09 21.85
CA ASN Y 220 -18.29 30.89 21.74
C ASN Y 220 -18.18 31.91 20.60
N LEU Y 221 -17.01 32.54 20.47
CA LEU Y 221 -16.81 33.51 19.41
C LEU Y 221 -16.94 32.87 18.04
N GLY Y 222 -16.36 31.69 17.86
CA GLY Y 222 -16.49 30.99 16.58
C GLY Y 222 -17.93 30.68 16.25
N THR Y 223 -18.67 30.14 17.23
CA THR Y 223 -20.08 29.82 17.00
C THR Y 223 -20.87 31.06 16.62
N SER Y 224 -20.69 32.16 17.36
CA SER Y 224 -21.44 33.38 17.07
C SER Y 224 -21.08 33.94 15.71
N ALA Y 225 -19.79 33.87 15.33
CA ALA Y 225 -19.37 34.38 14.03
C ALA Y 225 -20.01 33.58 12.91
N GLU Y 226 -20.03 32.25 13.04
CA GLU Y 226 -20.67 31.43 12.01
C GLU Y 226 -22.16 31.75 11.89
N ASN Y 227 -22.85 31.88 13.02
CA ASN Y 227 -24.28 32.16 12.97
C ASN Y 227 -24.57 33.51 12.33
N LEU Y 228 -23.83 34.55 12.73
CA LEU Y 228 -24.04 35.86 12.13
C LEU Y 228 -23.64 35.88 10.66
N THR Y 229 -22.63 35.09 10.28
CA THR Y 229 -22.29 34.99 8.87
C THR Y 229 -23.43 34.38 8.07
N ALA Y 230 -24.05 33.33 8.61
CA ALA Y 230 -25.22 32.75 7.95
C ALA Y 230 -26.33 33.77 7.81
N ALA Y 231 -26.60 34.51 8.88
CA ALA Y 231 -27.65 35.54 8.84
C ALA Y 231 -27.36 36.60 7.78
N GLU Y 232 -26.12 37.11 7.76
CA GLU Y 232 -25.76 38.14 6.80
C GLU Y 232 -25.83 37.62 5.37
N SER Y 233 -25.42 36.37 5.16
CA SER Y 233 -25.52 35.76 3.84
C SER Y 233 -26.98 35.69 3.39
N ARG Y 234 -27.86 35.24 4.27
CA ARG Y 234 -29.27 35.13 3.91
C ARG Y 234 -29.89 36.50 3.66
N ILE Y 235 -29.40 37.53 4.34
CA ILE Y 235 -29.95 38.88 4.14
C ILE Y 235 -29.49 39.44 2.80
N ARG Y 236 -28.17 39.50 2.60
CA ARG Y 236 -27.59 40.28 1.51
C ARG Y 236 -27.29 39.48 0.26
N ASP Y 237 -26.75 38.27 0.39
CA ASP Y 237 -26.39 37.50 -0.80
C ASP Y 237 -27.65 37.05 -1.53
N THR Y 238 -27.48 36.76 -2.82
CA THR Y 238 -28.58 36.42 -3.71
C THR Y 238 -28.51 34.95 -4.12
N ASP Y 239 -29.68 34.36 -4.34
CA ASP Y 239 -29.76 33.01 -4.87
C ASP Y 239 -29.62 33.05 -6.38
N MET Y 240 -28.67 32.26 -6.89
CA MET Y 240 -28.36 32.30 -8.32
C MET Y 240 -29.52 31.82 -9.16
N ALA Y 241 -30.25 30.81 -8.68
CA ALA Y 241 -31.29 30.17 -9.49
C ALA Y 241 -32.44 31.13 -9.75
N ALA Y 242 -32.89 31.85 -8.72
CA ALA Y 242 -34.02 32.77 -8.89
C ALA Y 242 -33.67 33.91 -9.83
N GLU Y 243 -32.47 34.46 -9.71
CA GLU Y 243 -32.06 35.54 -10.60
C GLU Y 243 -31.87 35.04 -12.02
N MET Y 244 -31.38 33.81 -12.19
CA MET Y 244 -31.30 33.21 -13.52
C MET Y 244 -32.68 33.08 -14.14
N MET Y 245 -33.65 32.58 -13.38
CA MET Y 245 -35.03 32.50 -13.84
C MET Y 245 -35.54 33.87 -14.30
N ALA Y 246 -35.38 34.88 -13.44
CA ALA Y 246 -35.87 36.21 -13.77
C ALA Y 246 -35.18 36.78 -15.00
N PHE Y 247 -33.89 36.54 -15.14
CA PHE Y 247 -33.14 37.07 -16.27
C PHE Y 247 -33.59 36.42 -17.58
N THR Y 248 -33.78 35.10 -17.58
CA THR Y 248 -34.28 34.42 -18.76
C THR Y 248 -35.68 34.93 -19.13
N LYS Y 249 -36.55 35.07 -18.12
CA LYS Y 249 -37.89 35.59 -18.36
C LYS Y 249 -37.84 36.98 -19.00
N ASN Y 250 -37.02 37.87 -18.44
CA ASN Y 250 -36.94 39.23 -18.96
C ASN Y 250 -36.35 39.25 -20.37
N ASN Y 251 -35.40 38.37 -20.68
CA ASN Y 251 -34.89 38.30 -22.05
C ASN Y 251 -35.97 37.87 -23.02
N ILE Y 252 -36.75 36.85 -22.64
CA ILE Y 252 -37.82 36.39 -23.52
C ILE Y 252 -38.84 37.51 -23.75
N LEU Y 253 -39.16 38.26 -22.68
CA LEU Y 253 -40.09 39.36 -22.83
C LEU Y 253 -39.51 40.46 -23.72
N THR Y 254 -38.22 40.72 -23.60
CA THR Y 254 -37.57 41.71 -24.46
C THR Y 254 -37.67 41.31 -25.93
N GLN Y 255 -37.40 40.04 -26.22
CA GLN Y 255 -37.51 39.57 -27.60
C GLN Y 255 -38.94 39.70 -28.12
N ALA Y 256 -39.91 39.33 -27.29
CA ALA Y 256 -41.32 39.46 -27.68
C ALA Y 256 -41.67 40.90 -28.00
N ALA Y 257 -41.24 41.84 -27.15
CA ALA Y 257 -41.54 43.24 -27.39
C ALA Y 257 -40.83 43.75 -28.64
N GLN Y 258 -39.62 43.26 -28.91
CA GLN Y 258 -38.90 43.62 -30.13
C GLN Y 258 -39.70 43.21 -31.37
N SER Y 259 -40.15 41.96 -31.40
CA SER Y 259 -40.95 41.49 -32.53
C SER Y 259 -42.25 42.27 -32.66
N MET Y 260 -42.90 42.56 -31.53
CA MET Y 260 -44.15 43.31 -31.56
C MET Y 260 -43.94 44.71 -32.12
N LEU Y 261 -42.81 45.35 -31.77
CA LEU Y 261 -42.53 46.67 -32.28
C LEU Y 261 -42.22 46.63 -33.77
N ALA Y 262 -41.48 45.60 -34.21
CA ALA Y 262 -41.22 45.44 -35.64
C ALA Y 262 -42.52 45.28 -36.42
N GLN Y 263 -43.51 44.61 -35.84
CA GLN Y 263 -44.82 44.50 -36.49
C GLN Y 263 -45.56 45.83 -36.48
N ALA Y 264 -45.58 46.50 -35.32
CA ALA Y 264 -46.33 47.74 -35.19
C ALA Y 264 -45.79 48.83 -36.10
N ASN Y 265 -44.49 48.82 -36.38
CA ASN Y 265 -43.95 49.80 -37.32
C ASN Y 265 -44.43 49.54 -38.74
N GLN Y 266 -44.67 48.29 -39.11
CA GLN Y 266 -45.17 47.95 -40.43
C GLN Y 266 -46.68 48.10 -40.54
N GLN Y 267 -47.40 48.09 -39.42
CA GLN Y 267 -48.85 48.17 -39.46
C GLN Y 267 -49.39 49.38 -40.22
N PRO Y 268 -48.91 50.61 -39.99
CA PRO Y 268 -49.48 51.75 -40.76
C PRO Y 268 -48.92 51.88 -42.18
N GLN Y 269 -49.49 51.12 -43.10
CA GLN Y 269 -49.16 51.19 -44.53
C GLN Y 269 -50.48 51.23 -45.29
N GLY Y 270 -51.01 52.44 -45.50
CA GLY Y 270 -52.20 52.66 -46.28
C GLY Y 270 -51.89 53.48 -47.51
N VAL Y 271 -50.72 53.25 -48.09
CA VAL Y 271 -50.34 53.98 -49.30
C VAL Y 271 -51.13 53.51 -50.50
N LEU Y 272 -51.67 52.28 -50.47
CA LEU Y 272 -52.47 51.80 -51.58
C LEU Y 272 -53.83 52.48 -51.69
N GLN Y 273 -54.25 53.24 -50.68
CA GLN Y 273 -55.40 54.12 -50.88
C GLN Y 273 -55.14 55.11 -51.99
N LEU Y 274 -53.98 55.77 -51.93
CA LEU Y 274 -53.70 56.93 -52.77
C LEU Y 274 -53.35 56.51 -54.19
N LEU Y 275 -52.24 55.78 -54.33
CA LEU Y 275 -51.75 55.38 -55.63
C LEU Y 275 -52.41 54.07 -56.07
N GLN Y 276 -51.97 53.56 -57.23
CA GLN Y 276 -52.52 52.29 -57.70
C GLN Y 276 -51.64 51.76 -58.84
N MET Z 1 -29.60 69.34 -54.63
CA MET Z 1 -30.81 69.22 -53.81
C MET Z 1 -31.66 67.95 -53.85
N ARG Z 2 -31.83 67.31 -55.02
CA ARG Z 2 -32.72 66.17 -55.17
C ARG Z 2 -32.01 64.92 -55.67
N ILE Z 3 -31.27 65.01 -56.78
CA ILE Z 3 -30.81 63.83 -57.52
C ILE Z 3 -29.30 63.75 -57.53
N GLN Z 4 -28.66 64.79 -58.06
CA GLN Z 4 -27.23 64.76 -58.35
C GLN Z 4 -26.37 64.50 -57.12
N HIS Z 5 -26.87 64.79 -55.92
CA HIS Z 5 -26.12 64.60 -54.69
C HIS Z 5 -27.06 64.09 -53.61
N ASN Z 6 -26.59 63.09 -52.85
CA ASN Z 6 -27.38 62.46 -51.79
C ASN Z 6 -26.55 62.48 -50.51
N ILE Z 7 -26.73 63.51 -49.68
CA ILE Z 7 -25.76 63.80 -48.62
C ILE Z 7 -25.92 62.82 -47.46
N ALA Z 8 -27.12 62.31 -47.22
CA ALA Z 8 -27.34 61.33 -46.16
C ALA Z 8 -26.49 60.10 -46.39
N ALA Z 9 -26.42 59.64 -47.64
CA ALA Z 9 -25.62 58.46 -47.96
C ALA Z 9 -24.13 58.75 -47.76
N LEU Z 10 -23.68 59.96 -48.04
CA LEU Z 10 -22.28 60.32 -47.78
C LEU Z 10 -21.96 60.24 -46.29
N ASN Z 11 -22.83 60.83 -45.46
CA ASN Z 11 -22.61 60.78 -44.01
C ASN Z 11 -22.60 59.34 -43.51
N THR Z 12 -23.53 58.52 -44.01
CA THR Z 12 -23.59 57.12 -43.63
C THR Z 12 -22.33 56.38 -44.03
N HIS Z 13 -21.80 56.68 -45.22
CA HIS Z 13 -20.56 56.07 -45.69
C HIS Z 13 -19.40 56.44 -44.78
N ARG Z 14 -19.30 57.71 -44.41
CA ARG Z 14 -18.27 58.16 -43.47
C ARG Z 14 -18.32 57.37 -42.18
N ASN Z 15 -19.50 57.31 -41.56
CA ASN Z 15 -19.62 56.62 -40.28
C ASN Z 15 -19.32 55.13 -40.42
N LEU Z 16 -19.73 54.52 -41.54
CA LEU Z 16 -19.44 53.12 -41.79
C LEU Z 16 -17.94 52.87 -41.88
N ALA Z 17 -17.23 53.73 -42.61
CA ALA Z 17 -15.79 53.61 -42.71
C ALA Z 17 -15.12 53.73 -41.35
N ALA Z 18 -15.56 54.69 -40.54
CA ALA Z 18 -15.00 54.85 -39.21
C ALA Z 18 -15.21 53.62 -38.34
N ASN Z 19 -16.42 53.06 -38.37
CA ASN Z 19 -16.70 51.87 -37.58
C ASN Z 19 -15.85 50.69 -38.03
N ASN Z 20 -15.70 50.52 -39.35
CA ASN Z 20 -14.85 49.45 -39.86
C ASN Z 20 -13.41 49.62 -39.39
N ALA Z 21 -12.89 50.83 -39.43
CA ALA Z 21 -11.53 51.09 -38.98
C ALA Z 21 -11.36 50.74 -37.51
N ALA Z 22 -12.33 51.14 -36.68
CA ALA Z 22 -12.23 50.84 -35.25
C ALA Z 22 -12.27 49.34 -34.99
N ALA Z 23 -13.14 48.63 -35.71
CA ALA Z 23 -13.21 47.18 -35.56
C ALA Z 23 -11.90 46.52 -35.97
N SER Z 24 -11.27 47.03 -37.04
CA SER Z 24 -9.99 46.49 -37.47
C SER Z 24 -8.91 46.71 -36.41
N LYS Z 25 -8.88 47.90 -35.80
CA LYS Z 25 -7.93 48.15 -34.72
C LYS Z 25 -8.15 47.18 -33.57
N ASN Z 26 -9.41 46.92 -33.21
CA ASN Z 26 -9.69 45.98 -32.13
C ASN Z 26 -9.24 44.57 -32.49
N LEU Z 27 -9.45 44.17 -33.75
CA LEU Z 27 -8.96 42.86 -34.20
C LEU Z 27 -7.45 42.76 -34.07
N GLU Z 28 -6.74 43.83 -34.46
CA GLU Z 28 -5.29 43.85 -34.30
C GLU Z 28 -4.89 43.65 -32.85
N LYS Z 29 -5.54 44.40 -31.95
CA LYS Z 29 -5.18 44.30 -30.54
C LYS Z 29 -5.51 42.92 -29.96
N LEU Z 30 -6.54 42.27 -30.48
CA LEU Z 30 -6.92 40.95 -29.95
C LEU Z 30 -6.01 39.85 -30.48
N SER Z 31 -5.66 39.92 -31.77
CA SER Z 31 -4.78 38.91 -32.34
C SER Z 31 -3.36 39.05 -31.80
N SER Z 32 -2.87 40.29 -31.68
CA SER Z 32 -1.50 40.48 -31.21
C SER Z 32 -1.35 40.12 -29.74
N GLY Z 33 -2.38 40.36 -28.95
CA GLY Z 33 -2.29 40.21 -27.52
C GLY Z 33 -1.66 41.38 -26.80
N PHE Z 34 -1.27 42.44 -27.50
CA PHE Z 34 -0.67 43.64 -26.92
C PHE Z 34 -1.56 44.84 -27.21
N LYS Z 35 -1.62 45.75 -26.24
CA LYS Z 35 -2.42 46.96 -26.37
C LYS Z 35 -1.71 48.05 -27.15
N ILE Z 36 -0.39 47.98 -27.26
CA ILE Z 36 0.42 49.01 -27.91
C ILE Z 36 1.26 48.30 -28.97
N ASN Z 37 0.81 48.35 -30.21
CA ASN Z 37 1.55 47.80 -31.35
C ASN Z 37 2.26 48.88 -32.15
N ARG Z 38 1.84 50.14 -32.03
CA ARG Z 38 2.46 51.26 -32.69
C ARG Z 38 2.66 52.37 -31.67
N ALA Z 39 3.48 53.35 -32.04
CA ALA Z 39 3.68 54.50 -31.15
C ALA Z 39 2.49 55.44 -31.17
N GLY Z 40 1.70 55.43 -32.25
CA GLY Z 40 0.48 56.21 -32.27
C GLY Z 40 -0.53 55.75 -31.23
N ASP Z 41 -0.49 54.47 -30.86
CA ASP Z 41 -1.34 53.97 -29.80
C ASP Z 41 -1.07 54.71 -28.49
N ASP Z 42 0.20 54.77 -28.09
CA ASP Z 42 0.56 55.42 -26.83
C ASP Z 42 2.06 55.66 -26.85
N ALA Z 43 2.47 56.94 -26.81
CA ALA Z 43 3.88 57.28 -26.86
C ALA Z 43 4.56 57.05 -25.52
N ALA Z 44 4.03 57.64 -24.45
CA ALA Z 44 4.55 57.42 -23.10
C ALA Z 44 3.97 56.12 -22.56
N GLY Z 45 4.79 55.08 -22.59
CA GLY Z 45 4.34 53.73 -22.28
C GLY Z 45 5.02 52.75 -23.20
N LEU Z 46 5.22 53.13 -24.46
CA LEU Z 46 6.09 52.35 -25.33
C LEU Z 46 7.53 52.38 -24.81
N ALA Z 47 8.04 53.58 -24.53
CA ALA Z 47 9.37 53.73 -23.97
C ALA Z 47 9.49 53.00 -22.64
N ILE Z 48 8.48 53.15 -21.78
CA ILE Z 48 8.51 52.52 -20.46
C ILE Z 48 8.53 51.00 -20.61
N SER Z 49 7.74 50.48 -21.56
CA SER Z 49 7.69 49.05 -21.80
C SER Z 49 9.04 48.53 -22.29
N GLU Z 50 9.69 49.29 -23.18
CA GLU Z 50 10.99 48.85 -23.70
C GLU Z 50 12.04 48.85 -22.60
N LYS Z 51 12.10 49.91 -21.79
CA LYS Z 51 13.04 49.94 -20.68
C LYS Z 51 12.77 48.82 -19.69
N MET Z 52 11.50 48.54 -19.42
CA MET Z 52 11.17 47.48 -18.47
C MET Z 52 11.54 46.11 -19.02
N ARG Z 53 11.36 45.91 -20.33
CA ARG Z 53 11.78 44.66 -20.95
C ARG Z 53 13.29 44.49 -20.85
N GLY Z 54 14.04 45.56 -21.11
CA GLY Z 54 15.48 45.50 -20.94
C GLY Z 54 15.87 45.13 -19.52
N GLN Z 55 15.23 45.77 -18.54
CA GLN Z 55 15.53 45.47 -17.15
C GLN Z 55 15.18 44.04 -16.79
N ILE Z 56 14.07 43.52 -17.30
CA ILE Z 56 13.66 42.15 -17.01
C ILE Z 56 14.69 41.17 -17.55
N SER Z 57 15.07 41.35 -18.82
CA SER Z 57 16.07 40.47 -19.42
C SER Z 57 17.39 40.55 -18.65
N GLY Z 58 17.81 41.76 -18.28
CA GLY Z 58 19.04 41.91 -17.52
C GLY Z 58 18.98 41.23 -16.16
N LEU Z 59 17.83 41.33 -15.49
CA LEU Z 59 17.70 40.74 -14.16
C LEU Z 59 17.71 39.22 -14.24
N ASN Z 60 17.03 38.65 -15.23
CA ASN Z 60 17.05 37.19 -15.39
C ASN Z 60 18.45 36.70 -15.73
N MET Z 61 19.14 37.40 -16.64
CA MET Z 61 20.51 37.02 -16.97
C MET Z 61 21.44 37.17 -15.79
N ALA Z 62 21.19 38.17 -14.93
CA ALA Z 62 22.00 38.35 -13.74
C ALA Z 62 21.76 37.22 -12.74
N SER Z 63 20.52 36.76 -12.64
CA SER Z 63 20.22 35.58 -11.82
C SER Z 63 21.01 34.37 -12.31
N LYS Z 64 21.01 34.17 -13.63
CA LYS Z 64 21.78 33.09 -14.23
C LYS Z 64 23.27 33.21 -13.90
N ASN Z 65 23.81 34.42 -14.03
CA ASN Z 65 25.22 34.65 -13.76
C ASN Z 65 25.55 34.39 -12.28
N SER Z 66 24.65 34.80 -11.38
CA SER Z 66 24.87 34.57 -9.96
C SER Z 66 24.89 33.08 -9.64
N SER Z 67 24.01 32.31 -10.27
CA SER Z 67 24.04 30.87 -10.09
C SER Z 67 25.35 30.27 -10.60
N ASP Z 68 25.83 30.76 -11.74
CA ASP Z 68 27.11 30.29 -12.27
C ASP Z 68 28.25 30.57 -11.28
N ALA Z 69 28.25 31.77 -10.70
CA ALA Z 69 29.25 32.10 -9.69
C ALA Z 69 29.17 31.19 -8.48
N ILE Z 70 27.94 30.84 -8.06
CA ILE Z 70 27.77 29.92 -6.95
C ILE Z 70 28.38 28.57 -7.28
N SER Z 71 28.19 28.11 -8.53
CA SER Z 71 28.77 26.84 -8.95
C SER Z 71 30.30 26.88 -8.87
N LEU Z 72 30.90 27.95 -9.39
CA LEU Z 72 32.35 28.14 -9.30
C LEU Z 72 32.83 28.08 -7.85
N ILE Z 73 32.17 28.81 -6.97
CA ILE Z 73 32.60 28.86 -5.57
C ILE Z 73 32.47 27.50 -4.93
N GLN Z 74 31.40 26.77 -5.24
CA GLN Z 74 31.25 25.42 -4.71
C GLN Z 74 32.39 24.52 -5.17
N THR Z 75 32.83 24.71 -6.43
CA THR Z 75 33.98 23.92 -6.92
C THR Z 75 35.21 24.19 -6.07
N ALA Z 76 35.50 25.47 -5.81
CA ALA Z 76 36.69 25.81 -5.03
C ALA Z 76 36.61 25.27 -3.60
N GLU Z 77 35.44 25.39 -2.96
CA GLU Z 77 35.29 24.87 -1.60
C GLU Z 77 35.47 23.36 -1.55
N GLY Z 78 34.90 22.65 -2.53
CA GLY Z 78 35.10 21.22 -2.61
C GLY Z 78 36.55 20.86 -2.81
N GLY Z 79 37.29 21.69 -3.56
CA GLY Z 79 38.72 21.48 -3.67
C GLY Z 79 39.45 21.61 -2.34
N LEU Z 80 39.05 22.59 -1.53
CA LEU Z 80 39.75 22.83 -0.27
C LEU Z 80 39.37 21.87 0.85
N ASN Z 81 38.23 21.19 0.73
CA ASN Z 81 37.88 20.17 1.73
C ASN Z 81 38.93 19.07 1.82
N GLU Z 82 39.43 18.62 0.67
CA GLU Z 82 40.45 17.57 0.69
C GLU Z 82 41.78 18.10 1.19
N THR Z 83 42.06 19.39 0.96
CA THR Z 83 43.21 20.03 1.60
C THR Z 83 43.13 19.92 3.11
N HIS Z 84 41.96 20.26 3.69
CA HIS Z 84 41.74 20.07 5.12
C HIS Z 84 42.05 18.64 5.54
N ALA Z 85 41.49 17.67 4.82
CA ALA Z 85 41.62 16.27 5.20
C ALA Z 85 43.08 15.83 5.22
N ILE Z 86 43.81 16.08 4.14
CA ILE Z 86 45.19 15.61 4.08
C ILE Z 86 46.08 16.41 5.02
N LEU Z 87 45.72 17.65 5.33
CA LEU Z 87 46.46 18.39 6.35
C LEU Z 87 46.30 17.74 7.72
N GLN Z 88 45.07 17.31 8.05
CA GLN Z 88 44.86 16.57 9.28
C GLN Z 88 45.71 15.31 9.33
N ARG Z 89 45.73 14.57 8.22
CA ARG Z 89 46.54 13.35 8.15
C ARG Z 89 48.02 13.66 8.35
N MET Z 90 48.50 14.74 7.73
CA MET Z 90 49.90 15.14 7.86
C MET Z 90 50.25 15.51 9.29
N ARG Z 91 49.34 16.22 9.97
CA ARG Z 91 49.57 16.54 11.37
C ARG Z 91 49.65 15.28 12.23
N GLU Z 92 48.76 14.32 11.97
CA GLU Z 92 48.81 13.05 12.68
C GLU Z 92 50.14 12.35 12.47
N LEU Z 93 50.60 12.31 11.21
CA LEU Z 93 51.89 11.72 10.87
C LEU Z 93 53.05 12.42 11.59
N ALA Z 94 53.02 13.75 11.67
CA ALA Z 94 54.08 14.46 12.36
C ALA Z 94 54.08 14.18 13.85
N VAL Z 95 52.90 14.16 14.47
CA VAL Z 95 52.83 13.88 15.90
C VAL Z 95 53.33 12.47 16.19
N GLN Z 96 53.07 11.52 15.28
CA GLN Z 96 53.62 10.18 15.46
C GLN Z 96 55.12 10.13 15.23
N SER Z 97 55.62 10.82 14.20
CA SER Z 97 57.04 10.88 13.92
C SER Z 97 57.84 11.52 15.04
N ARG Z 98 57.22 12.41 15.80
CA ARG Z 98 57.89 13.25 16.79
C ARG Z 98 58.43 12.45 17.98
N ASN Z 99 57.87 11.27 18.23
CA ASN Z 99 58.28 10.46 19.38
C ASN Z 99 59.60 9.75 19.11
N ASP Z 100 60.34 9.46 20.19
CA ASP Z 100 61.67 8.86 20.11
C ASP Z 100 61.66 7.34 20.09
N THR Z 101 60.47 6.72 20.06
CA THR Z 101 60.40 5.29 19.79
C THR Z 101 60.87 4.96 18.38
N ASN Z 102 60.76 5.93 17.46
CA ASN Z 102 61.08 5.69 16.06
C ASN Z 102 62.57 5.91 15.82
N ASP Z 103 63.16 5.05 14.98
CA ASP Z 103 64.58 5.07 14.69
C ASP Z 103 64.83 5.57 13.28
N GLU Z 104 65.78 6.48 13.15
CA GLU Z 104 66.28 6.88 11.83
C GLU Z 104 67.10 5.77 11.18
N ALA Z 105 67.72 4.89 11.97
CA ALA Z 105 68.57 3.84 11.42
C ALA Z 105 67.77 2.83 10.62
N THR Z 106 66.74 2.26 11.24
CA THR Z 106 65.90 1.25 10.59
C THR Z 106 64.69 1.84 9.88
N ASN Z 107 64.78 3.10 9.46
CA ASN Z 107 63.89 3.66 8.45
C ASN Z 107 62.45 3.78 8.95
N ASP Z 108 62.28 4.10 10.24
CA ASP Z 108 60.93 4.28 10.79
C ASP Z 108 60.33 5.60 10.34
N ARG Z 109 61.10 6.69 10.40
CA ARG Z 109 60.61 8.01 10.04
C ARG Z 109 60.65 8.27 8.54
N SER Z 110 61.51 7.59 7.79
CA SER Z 110 61.56 7.81 6.35
C SER Z 110 60.31 7.31 5.65
N ASN Z 111 59.62 6.32 6.23
CA ASN Z 111 58.34 5.89 5.67
C ASN Z 111 57.24 6.93 5.92
N LEU Z 112 57.23 7.54 7.11
CA LEU Z 112 56.29 8.63 7.34
C LEU Z 112 56.63 9.82 6.46
N ASN Z 113 57.91 10.00 6.14
CA ASN Z 113 58.30 11.05 5.20
C ASN Z 113 57.88 10.73 3.77
N ASP Z 114 57.95 9.45 3.38
CA ASP Z 114 57.36 9.02 2.11
C ASP Z 114 55.88 9.43 2.03
N GLU Z 115 55.12 9.08 3.07
CA GLU Z 115 53.71 9.44 3.15
C GLU Z 115 53.53 10.95 3.06
N LEU Z 116 54.33 11.70 3.81
CA LEU Z 116 54.22 13.15 3.86
C LEU Z 116 54.53 13.78 2.50
N LYS Z 117 55.58 13.29 1.82
CA LYS Z 117 55.91 13.81 0.50
C LYS Z 117 54.81 13.55 -0.51
N GLN Z 118 54.19 12.37 -0.46
CA GLN Z 118 53.08 12.09 -1.36
C GLN Z 118 51.90 13.02 -1.07
N LEU Z 119 51.62 13.28 0.21
CA LEU Z 119 50.52 14.18 0.53
C LEU Z 119 50.84 15.62 0.13
N GLN Z 120 52.12 16.01 0.16
CA GLN Z 120 52.49 17.34 -0.32
C GLN Z 120 52.37 17.45 -1.84
N GLU Z 121 52.69 16.39 -2.56
CA GLU Z 121 52.44 16.40 -4.00
C GLU Z 121 50.95 16.49 -4.27
N GLU Z 122 50.12 15.86 -3.44
CA GLU Z 122 48.67 15.94 -3.65
C GLU Z 122 48.12 17.33 -3.31
N ILE Z 123 48.61 17.96 -2.25
CA ILE Z 123 48.14 19.31 -1.92
C ILE Z 123 48.53 20.30 -3.01
N THR Z 124 49.69 20.11 -3.66
CA THR Z 124 50.02 20.97 -4.80
C THR Z 124 49.17 20.61 -6.04
N ARG Z 125 48.90 19.32 -6.24
CA ARG Z 125 48.13 18.89 -7.39
C ARG Z 125 46.72 19.46 -7.37
N ILE Z 126 46.06 19.41 -6.20
CA ILE Z 126 44.71 19.97 -6.10
C ILE Z 126 44.73 21.46 -6.42
N SER Z 127 45.79 22.15 -6.01
CA SER Z 127 45.90 23.58 -6.29
C SER Z 127 45.94 23.84 -7.79
N SER Z 128 46.94 23.27 -8.48
CA SER Z 128 47.16 23.60 -9.88
C SER Z 128 46.60 22.58 -10.86
N GLN Z 129 45.53 21.85 -10.48
CA GLN Z 129 44.75 21.07 -11.43
C GLN Z 129 43.25 21.23 -11.19
N MET Z 130 42.85 22.33 -10.57
CA MET Z 130 41.45 22.65 -10.34
C MET Z 130 41.00 23.67 -11.37
N GLU Z 131 39.83 23.48 -11.96
CA GLU Z 131 39.40 24.42 -13.01
C GLU Z 131 37.89 24.39 -13.16
N PHE Z 132 37.34 25.52 -13.58
CA PHE Z 132 35.93 25.70 -13.89
C PHE Z 132 35.87 26.40 -15.24
N ASN Z 133 35.46 25.67 -16.28
CA ASN Z 133 35.35 26.22 -17.64
C ASN Z 133 36.72 26.65 -18.16
N ASN Z 134 37.73 25.81 -17.90
CA ASN Z 134 39.10 26.09 -18.35
C ASN Z 134 39.65 27.35 -17.69
N LYS Z 135 39.58 27.40 -16.37
CA LYS Z 135 39.98 28.57 -15.59
C LYS Z 135 40.62 28.09 -14.30
N LYS Z 136 41.94 28.20 -14.20
CA LYS Z 136 42.64 27.81 -12.99
C LYS Z 136 42.30 28.78 -11.86
N LEU Z 137 41.87 28.23 -10.73
CA LEU Z 137 41.35 29.01 -9.60
C LEU Z 137 42.35 29.18 -8.46
N LEU Z 138 42.95 28.08 -8.00
CA LEU Z 138 43.77 28.06 -6.79
C LEU Z 138 45.26 28.11 -7.07
N ASP Z 139 45.67 28.92 -8.05
CA ASP Z 139 47.06 29.00 -8.47
C ASP Z 139 47.65 30.38 -8.17
N GLY Z 140 46.79 31.38 -8.09
CA GLY Z 140 47.19 32.78 -8.10
C GLY Z 140 46.80 33.54 -9.36
N SER Z 141 46.01 32.93 -10.26
CA SER Z 141 45.56 33.65 -11.44
C SER Z 141 44.63 34.80 -11.08
N GLN Z 142 43.71 34.56 -10.16
CA GLN Z 142 42.72 35.55 -9.76
C GLN Z 142 43.19 36.42 -8.61
N SER Z 143 44.34 36.10 -8.00
CA SER Z 143 44.83 36.91 -6.89
C SER Z 143 45.42 38.24 -7.36
N THR Z 144 45.60 38.43 -8.67
CA THR Z 144 46.19 39.66 -9.19
C THR Z 144 45.13 40.74 -9.40
N ASN Z 145 44.05 40.41 -10.11
CA ASN Z 145 42.98 41.35 -10.43
C ASN Z 145 41.64 40.92 -9.85
N GLY Z 146 41.24 39.68 -10.04
CA GLY Z 146 40.05 39.11 -9.43
C GLY Z 146 38.96 38.83 -10.45
N LEU Z 147 38.05 37.94 -10.05
CA LEU Z 147 36.90 37.58 -10.86
C LEU Z 147 35.75 38.54 -10.58
N THR Z 148 35.15 39.07 -11.65
CA THR Z 148 34.08 40.05 -11.58
C THR Z 148 32.78 39.42 -12.06
N PHE Z 149 31.77 39.43 -11.19
CA PHE Z 149 30.45 38.89 -11.51
C PHE Z 149 29.47 40.03 -11.69
N GLN Z 150 28.76 40.02 -12.82
CA GLN Z 150 27.68 40.96 -13.11
C GLN Z 150 26.41 40.41 -12.49
N ILE Z 151 25.95 41.06 -11.42
CA ILE Z 151 24.79 40.61 -10.66
C ILE Z 151 23.69 41.67 -10.77
N GLY Z 152 23.63 42.37 -11.90
CA GLY Z 152 22.65 43.40 -12.10
C GLY Z 152 22.47 43.69 -13.57
N ALA Z 153 21.29 44.25 -13.90
CA ALA Z 153 20.97 44.53 -15.28
C ALA Z 153 21.86 45.63 -15.86
N ASN Z 154 22.11 46.67 -15.09
CA ASN Z 154 22.82 47.85 -15.57
C ASN Z 154 24.33 47.71 -15.40
N ALA Z 155 25.06 48.68 -15.94
CA ALA Z 155 26.50 48.71 -15.85
C ALA Z 155 26.95 49.17 -14.47
N GLY Z 156 28.04 48.57 -14.00
CA GLY Z 156 28.59 48.87 -12.69
C GLY Z 156 28.01 48.06 -11.56
N GLN Z 157 26.93 47.31 -11.78
CA GLN Z 157 26.30 46.49 -10.75
C GLN Z 157 27.03 45.15 -10.68
N THR Z 158 28.26 45.22 -10.19
CA THR Z 158 29.19 44.10 -10.20
C THR Z 158 29.69 43.81 -8.79
N ILE Z 159 30.33 42.65 -8.64
CA ILE Z 159 31.09 42.33 -7.44
C ILE Z 159 32.40 41.70 -7.86
N THR Z 160 33.49 42.14 -7.23
CA THR Z 160 34.81 41.58 -7.46
C THR Z 160 35.16 40.58 -6.36
N MET Z 161 35.97 39.60 -6.72
CA MET Z 161 36.35 38.52 -5.83
C MET Z 161 37.80 38.15 -6.11
N LYS Z 162 38.46 37.61 -5.10
CA LYS Z 162 39.86 37.22 -5.21
C LYS Z 162 40.09 35.93 -4.46
N ILE Z 163 40.95 35.08 -5.01
CA ILE Z 163 41.32 33.81 -4.40
C ILE Z 163 42.84 33.74 -4.38
N SER Z 164 43.40 33.37 -3.24
CA SER Z 164 44.83 33.38 -3.04
C SER Z 164 45.45 32.06 -3.51
N THR Z 165 46.77 32.08 -3.68
CA THR Z 165 47.50 30.85 -3.97
C THR Z 165 47.47 29.95 -2.75
N MET Z 166 47.08 28.68 -2.96
CA MET Z 166 46.91 27.68 -1.93
C MET Z 166 47.80 26.47 -2.20
N SER Z 167 49.04 26.73 -2.60
CA SER Z 167 50.05 25.69 -2.76
C SER Z 167 50.83 25.47 -1.46
N ALA Z 168 51.68 24.46 -1.47
CA ALA Z 168 52.47 24.15 -0.28
C ALA Z 168 53.54 25.20 -0.02
N THR Z 169 54.09 25.81 -1.08
CA THR Z 169 55.12 26.82 -0.90
C THR Z 169 54.57 28.06 -0.20
N LYS Z 170 53.35 28.47 -0.55
CA LYS Z 170 52.79 29.70 0.02
C LYS Z 170 52.48 29.52 1.50
N LEU Z 171 52.09 28.31 1.90
CA LEU Z 171 51.67 28.03 3.27
C LEU Z 171 52.79 27.53 4.17
N GLY Z 172 54.03 27.51 3.68
CA GLY Z 172 55.16 27.13 4.52
C GLY Z 172 55.10 25.69 5.01
N VAL Z 173 54.58 24.80 4.17
CA VAL Z 173 54.47 23.37 4.52
C VAL Z 173 55.14 22.47 3.47
N ASP Z 174 55.69 23.05 2.40
CA ASP Z 174 56.46 22.29 1.43
C ASP Z 174 57.64 21.57 2.09
N ALA Z 175 58.18 20.57 1.38
CA ALA Z 175 59.20 19.70 1.94
C ALA Z 175 60.49 20.44 2.30
N ALA Z 176 60.73 21.61 1.72
CA ALA Z 176 61.91 22.38 2.07
C ALA Z 176 61.87 22.97 3.47
N LYS Z 177 60.69 22.99 4.12
CA LYS Z 177 60.55 23.56 5.45
C LYS Z 177 59.65 22.74 6.38
N ALA Z 178 59.23 21.54 5.96
CA ALA Z 178 58.31 20.73 6.77
C ALA Z 178 58.66 19.24 6.72
N SER Z 179 59.94 18.91 6.60
CA SER Z 179 60.33 17.51 6.68
C SER Z 179 60.08 16.97 8.08
N ILE Z 180 59.93 15.65 8.17
CA ILE Z 180 59.83 14.96 9.46
C ILE Z 180 60.88 13.87 9.50
N SER Z 181 62.01 14.08 8.81
CA SER Z 181 63.15 13.19 8.93
C SER Z 181 63.62 13.09 10.37
N LYS Z 182 63.73 14.23 11.06
CA LYS Z 182 64.27 14.28 12.41
C LYS Z 182 63.12 14.30 13.41
N GLY Z 183 63.46 14.39 14.69
CA GLY Z 183 62.51 14.67 15.74
C GLY Z 183 62.27 16.16 15.87
N THR Z 184 63.33 16.95 15.65
CA THR Z 184 63.21 18.40 15.77
C THR Z 184 62.31 18.98 14.68
N ALA Z 185 62.45 18.49 13.44
CA ALA Z 185 61.70 19.06 12.34
C ALA Z 185 60.21 18.83 12.48
N ALA Z 186 59.81 17.72 13.10
CA ALA Z 186 58.39 17.47 13.33
C ALA Z 186 57.78 18.50 14.27
N SER Z 187 58.58 19.00 15.24
CA SER Z 187 58.13 20.06 16.13
C SER Z 187 57.66 21.28 15.34
N LYS Z 188 58.50 21.75 14.42
CA LYS Z 188 58.12 22.88 13.58
C LYS Z 188 57.01 22.50 12.61
N ALA Z 189 57.00 21.25 12.14
CA ALA Z 189 56.00 20.82 11.17
C ALA Z 189 54.60 20.86 11.74
N ILE Z 190 54.45 20.54 13.03
CA ILE Z 190 53.14 20.58 13.67
C ILE Z 190 52.57 22.00 13.64
N LYS Z 191 53.38 22.97 14.08
CA LYS Z 191 52.94 24.36 14.08
C LYS Z 191 52.68 24.86 12.66
N SER Z 192 53.55 24.46 11.72
CA SER Z 192 53.39 24.86 10.33
C SER Z 192 52.06 24.34 9.77
N ILE Z 193 51.72 23.09 10.09
CA ILE Z 193 50.48 22.49 9.62
C ILE Z 193 49.27 23.17 10.26
N ASP Z 194 49.37 23.53 11.54
CA ASP Z 194 48.29 24.26 12.19
C ASP Z 194 48.05 25.60 11.51
N ASP Z 195 49.12 26.34 11.23
CA ASP Z 195 48.99 27.62 10.55
C ASP Z 195 48.34 27.45 9.18
N ALA Z 196 48.73 26.40 8.45
CA ALA Z 196 48.15 26.14 7.14
C ALA Z 196 46.65 25.83 7.24
N ILE Z 197 46.27 25.00 8.22
CA ILE Z 197 44.86 24.68 8.42
C ILE Z 197 44.05 25.94 8.69
N ASN Z 198 44.57 26.81 9.57
CA ASN Z 198 43.85 28.06 9.87
C ASN Z 198 43.72 28.93 8.64
N THR Z 199 44.79 29.03 7.84
CA THR Z 199 44.73 29.88 6.64
C THR Z 199 43.70 29.36 5.65
N VAL Z 200 43.66 28.05 5.43
CA VAL Z 200 42.73 27.53 4.43
C VAL Z 200 41.30 27.60 4.96
N SER Z 201 41.10 27.49 6.28
CA SER Z 201 39.78 27.75 6.86
C SER Z 201 39.34 29.18 6.60
N LYS Z 202 40.27 30.13 6.77
CA LYS Z 202 39.97 31.53 6.49
C LYS Z 202 39.52 31.73 5.05
N THR Z 203 40.26 31.13 4.11
CA THR Z 203 39.89 31.25 2.70
C THR Z 203 38.53 30.63 2.41
N ARG Z 204 38.24 29.47 2.99
CA ARG Z 204 36.93 28.85 2.81
C ARG Z 204 35.81 29.74 3.33
N SER Z 205 36.03 30.37 4.50
CA SER Z 205 35.06 31.31 5.03
C SER Z 205 34.82 32.46 4.06
N ALA Z 206 35.91 32.99 3.50
CA ALA Z 206 35.79 34.10 2.56
C ALA Z 206 34.96 33.70 1.33
N LEU Z 207 35.09 32.45 0.88
CA LEU Z 207 34.28 32.01 -0.25
C LEU Z 207 32.82 31.85 0.14
N GLY Z 208 32.56 31.20 1.29
CA GLY Z 208 31.19 30.95 1.70
C GLY Z 208 30.40 32.21 1.95
N ALA Z 209 31.07 33.27 2.41
CA ALA Z 209 30.39 34.55 2.60
C ALA Z 209 29.82 35.06 1.28
N VAL Z 210 30.62 35.01 0.21
CA VAL Z 210 30.17 35.49 -1.09
C VAL Z 210 29.04 34.60 -1.62
N GLN Z 211 29.12 33.30 -1.36
CA GLN Z 211 28.03 32.41 -1.73
C GLN Z 211 26.72 32.81 -1.07
N ASN Z 212 26.76 33.03 0.25
CA ASN Z 212 25.55 33.41 0.98
C ASN Z 212 25.03 34.76 0.51
N ARG Z 213 25.92 35.68 0.15
CA ARG Z 213 25.49 36.95 -0.41
C ARG Z 213 24.75 36.75 -1.73
N LEU Z 214 25.30 35.91 -2.61
CA LEU Z 214 24.72 35.70 -3.92
C LEU Z 214 23.34 35.07 -3.83
N GLU Z 215 23.09 34.25 -2.80
CA GLU Z 215 21.76 33.69 -2.61
C GLU Z 215 20.71 34.78 -2.41
N HIS Z 216 20.97 35.68 -1.46
CA HIS Z 216 20.08 36.81 -1.22
C HIS Z 216 19.93 37.67 -2.47
N THR Z 217 21.02 37.87 -3.20
CA THR Z 217 20.97 38.63 -4.45
C THR Z 217 20.02 37.98 -5.44
N ILE Z 218 20.06 36.65 -5.56
CA ILE Z 218 19.17 35.94 -6.48
C ILE Z 218 17.72 36.12 -6.07
N ASN Z 219 17.44 36.01 -4.77
CA ASN Z 219 16.07 36.22 -4.29
C ASN Z 219 15.56 37.61 -4.66
N ASN Z 220 16.38 38.63 -4.40
CA ASN Z 220 15.97 40.01 -4.71
C ASN Z 220 15.76 40.19 -6.21
N LEU Z 221 16.64 39.60 -7.03
CA LEU Z 221 16.49 39.72 -8.47
C LEU Z 221 15.19 39.09 -8.95
N GLY Z 222 14.85 37.91 -8.41
CA GLY Z 222 13.60 37.27 -8.79
C GLY Z 222 12.39 38.11 -8.43
N THR Z 223 12.38 38.65 -7.21
CA THR Z 223 11.27 39.50 -6.78
C THR Z 223 11.12 40.72 -7.69
N SER Z 224 12.25 41.40 -7.97
CA SER Z 224 12.19 42.60 -8.80
C SER Z 224 11.74 42.26 -10.21
N ALA Z 225 12.20 41.13 -10.75
CA ALA Z 225 11.80 40.74 -12.10
C ALA Z 225 10.30 40.48 -12.17
N GLU Z 226 9.76 39.77 -11.17
CA GLU Z 226 8.31 39.53 -11.16
C GLU Z 226 7.53 40.82 -11.08
N ASN Z 227 7.95 41.75 -10.21
CA ASN Z 227 7.22 43.00 -10.06
C ASN Z 227 7.26 43.83 -11.35
N LEU Z 228 8.43 43.94 -11.96
CA LEU Z 228 8.52 44.70 -13.21
C LEU Z 228 7.77 44.00 -14.34
N THR Z 229 7.73 42.66 -14.33
CA THR Z 229 6.93 41.96 -15.32
C THR Z 229 5.45 42.28 -15.17
N ALA Z 230 4.96 42.31 -13.93
CA ALA Z 230 3.58 42.71 -13.68
C ALA Z 230 3.32 44.12 -14.19
N ALA Z 231 4.23 45.05 -13.88
CA ALA Z 231 4.07 46.43 -14.33
C ALA Z 231 4.02 46.52 -15.86
N GLU Z 232 4.96 45.85 -16.54
CA GLU Z 232 5.01 45.89 -17.99
C GLU Z 232 3.77 45.26 -18.61
N SER Z 233 3.28 44.17 -18.01
CA SER Z 233 2.04 43.55 -18.48
C SER Z 233 0.88 44.52 -18.37
N ARG Z 234 0.75 45.18 -17.22
CA ARG Z 234 -0.35 46.12 -17.04
C ARG Z 234 -0.24 47.31 -17.97
N ILE Z 235 0.98 47.71 -18.33
CA ILE Z 235 1.15 48.84 -19.24
C ILE Z 235 0.79 48.44 -20.67
N ARG Z 236 1.43 47.39 -21.19
CA ARG Z 236 1.39 47.10 -22.61
C ARG Z 236 0.35 46.06 -23.01
N ASP Z 237 0.19 44.99 -22.24
CA ASP Z 237 -0.77 43.96 -22.62
C ASP Z 237 -2.19 44.48 -22.50
N THR Z 238 -3.10 43.84 -23.23
CA THR Z 238 -4.48 44.25 -23.34
C THR Z 238 -5.40 43.25 -22.64
N ASP Z 239 -6.50 43.77 -22.10
CA ASP Z 239 -7.54 42.93 -21.52
C ASP Z 239 -8.45 42.42 -22.62
N MET Z 240 -8.61 41.10 -22.69
CA MET Z 240 -9.38 40.50 -23.78
C MET Z 240 -10.84 40.89 -23.73
N ALA Z 241 -11.40 41.01 -22.53
CA ALA Z 241 -12.83 41.25 -22.38
C ALA Z 241 -13.23 42.62 -22.92
N ALA Z 242 -12.46 43.65 -22.59
CA ALA Z 242 -12.79 45.00 -23.03
C ALA Z 242 -12.70 45.12 -24.55
N GLU Z 243 -11.66 44.54 -25.15
CA GLU Z 243 -11.53 44.60 -26.59
C GLU Z 243 -12.61 43.78 -27.29
N MET Z 244 -13.02 42.66 -26.69
CA MET Z 244 -14.14 41.89 -27.22
C MET Z 244 -15.42 42.72 -27.21
N MET Z 245 -15.68 43.39 -26.10
CA MET Z 245 -16.83 44.31 -26.00
C MET Z 245 -16.79 45.35 -27.11
N ALA Z 246 -15.66 46.02 -27.25
CA ALA Z 246 -15.54 47.08 -28.25
C ALA Z 246 -15.71 46.54 -29.66
N PHE Z 247 -15.16 45.36 -29.93
CA PHE Z 247 -15.26 44.78 -31.26
C PHE Z 247 -16.69 44.41 -31.61
N THR Z 248 -17.41 43.79 -30.66
CA THR Z 248 -18.82 43.48 -30.89
C THR Z 248 -19.64 44.74 -31.12
N LYS Z 249 -19.39 45.77 -30.31
CA LYS Z 249 -20.07 47.05 -30.47
C LYS Z 249 -19.83 47.63 -31.87
N ASN Z 250 -18.57 47.65 -32.30
CA ASN Z 250 -18.25 48.22 -33.60
C ASN Z 250 -18.85 47.41 -34.74
N ASN Z 251 -18.91 46.08 -34.60
CA ASN Z 251 -19.57 45.27 -35.62
C ASN Z 251 -21.05 45.61 -35.73
N ILE Z 252 -21.72 45.73 -34.58
CA ILE Z 252 -23.14 46.07 -34.59
C ILE Z 252 -23.36 47.43 -35.24
N LEU Z 253 -22.49 48.38 -34.94
CA LEU Z 253 -22.59 49.71 -35.55
C LEU Z 253 -22.35 49.64 -37.06
N THR Z 254 -21.40 48.81 -37.48
CA THR Z 254 -21.15 48.63 -38.91
C THR Z 254 -22.37 48.09 -39.63
N GLN Z 255 -23.01 47.09 -39.04
CA GLN Z 255 -24.23 46.52 -39.63
C GLN Z 255 -25.33 47.56 -39.71
N ALA Z 256 -25.51 48.34 -38.64
CA ALA Z 256 -26.51 49.39 -38.64
C ALA Z 256 -26.27 50.41 -39.75
N ALA Z 257 -25.01 50.84 -39.90
CA ALA Z 257 -24.69 51.80 -40.95
C ALA Z 257 -24.88 51.20 -42.34
N GLN Z 258 -24.60 49.90 -42.50
CA GLN Z 258 -24.85 49.23 -43.78
C GLN Z 258 -26.32 49.28 -44.14
N SER Z 259 -27.19 48.91 -43.20
CA SER Z 259 -28.62 48.96 -43.46
C SER Z 259 -29.09 50.38 -43.74
N MET Z 260 -28.58 51.35 -42.99
CA MET Z 260 -28.97 52.74 -43.19
C MET Z 260 -28.57 53.22 -44.59
N LEU Z 261 -27.39 52.81 -45.06
CA LEU Z 261 -26.96 53.20 -46.39
C LEU Z 261 -27.80 52.53 -47.47
N ALA Z 262 -28.15 51.26 -47.26
CA ALA Z 262 -29.04 50.57 -48.20
C ALA Z 262 -30.38 51.29 -48.30
N GLN Z 263 -30.87 51.83 -47.18
CA GLN Z 263 -32.11 52.60 -47.22
C GLN Z 263 -31.91 53.94 -47.92
N ALA Z 264 -30.83 54.65 -47.58
CA ALA Z 264 -30.60 55.97 -48.13
C ALA Z 264 -30.40 55.93 -49.65
N ASN Z 265 -29.85 54.85 -50.16
CA ASN Z 265 -29.70 54.72 -51.61
C ASN Z 265 -31.05 54.57 -52.29
N GLN Z 266 -32.02 53.93 -51.64
CA GLN Z 266 -33.36 53.78 -52.19
C GLN Z 266 -34.24 55.01 -51.98
N GLN Z 267 -33.90 55.86 -51.01
CA GLN Z 267 -34.73 57.02 -50.72
C GLN Z 267 -34.98 57.93 -51.92
N PRO Z 268 -33.98 58.31 -52.73
CA PRO Z 268 -34.30 59.19 -53.88
C PRO Z 268 -34.86 58.44 -55.10
N GLN Z 269 -36.17 58.22 -55.06
CA GLN Z 269 -36.90 57.61 -56.18
C GLN Z 269 -38.16 58.44 -56.40
N GLY Z 270 -38.04 59.48 -57.22
CA GLY Z 270 -39.15 60.33 -57.60
C GLY Z 270 -39.41 60.23 -59.08
N VAL Z 271 -39.24 59.04 -59.64
CA VAL Z 271 -39.48 58.83 -61.06
C VAL Z 271 -40.98 58.85 -61.36
N LEU Z 272 -41.83 58.57 -60.37
CA LEU Z 272 -43.27 58.62 -60.60
C LEU Z 272 -43.80 60.03 -60.79
N GLN Z 273 -43.01 61.07 -60.51
CA GLN Z 273 -43.40 62.41 -60.93
C GLN Z 273 -43.54 62.46 -62.46
N LEU Z 274 -42.52 61.97 -63.15
CA LEU Z 274 -42.39 62.18 -64.58
C LEU Z 274 -43.34 61.28 -65.36
N LEU Z 275 -43.14 59.97 -65.25
CA LEU Z 275 -43.92 59.01 -66.00
C LEU Z 275 -45.19 58.65 -65.25
N GLN Z 276 -45.97 57.72 -65.80
CA GLN Z 276 -47.18 57.28 -65.14
C GLN Z 276 -47.68 56.00 -65.78
N MET AA 1 -23.89 50.22 -80.36
CA MET AA 1 -24.07 51.31 -79.41
C MET AA 1 -25.19 51.25 -78.34
N ARG AA 2 -26.36 50.70 -78.68
CA ARG AA 2 -27.51 50.69 -77.78
C ARG AA 2 -28.01 49.30 -77.46
N ILE AA 3 -28.30 48.47 -78.47
CA ILE AA 3 -29.09 47.25 -78.29
C ILE AA 3 -28.26 46.02 -78.64
N GLN AA 4 -27.77 45.98 -79.87
CA GLN AA 4 -27.15 44.77 -80.43
C GLN AA 4 -25.96 44.28 -79.63
N HIS AA 5 -25.30 45.17 -78.88
CA HIS AA 5 -24.13 44.80 -78.08
C HIS AA 5 -24.18 45.54 -76.76
N ASN AA 6 -23.85 44.82 -75.68
CA ASN AA 6 -23.89 45.34 -74.31
C ASN AA 6 -22.54 45.05 -73.66
N ILE AA 7 -21.61 46.00 -73.74
CA ILE AA 7 -20.21 45.72 -73.46
C ILE AA 7 -19.96 45.58 -71.96
N ALA AA 8 -20.73 46.30 -71.14
CA ALA AA 8 -20.60 46.19 -69.69
C ALA AA 8 -20.84 44.77 -69.22
N ALA AA 9 -21.86 44.11 -69.79
CA ALA AA 9 -22.16 42.73 -69.43
C ALA AA 9 -21.03 41.79 -69.86
N LEU AA 10 -20.40 42.06 -71.00
CA LEU AA 10 -19.26 41.25 -71.43
C LEU AA 10 -18.10 41.36 -70.43
N ASN AA 11 -17.77 42.59 -70.03
CA ASN AA 11 -16.70 42.79 -69.05
C ASN AA 11 -17.03 42.09 -67.73
N THR AA 12 -18.28 42.21 -67.28
CA THR AA 12 -18.70 41.57 -66.05
C THR AA 12 -18.59 40.05 -66.16
N HIS AA 13 -18.95 39.50 -67.32
CA HIS AA 13 -18.83 38.07 -67.54
C HIS AA 13 -17.39 37.61 -67.48
N ARG AA 14 -16.48 38.37 -68.11
CA ARG AA 14 -15.06 38.07 -68.03
C ARG AA 14 -14.58 38.00 -66.59
N ASN AA 15 -14.86 39.05 -65.82
CA ASN AA 15 -14.40 39.09 -64.44
C ASN AA 15 -15.02 37.97 -63.61
N LEU AA 16 -16.28 37.65 -63.85
CA LEU AA 16 -16.94 36.56 -63.15
C LEU AA 16 -16.25 35.23 -63.43
N ALA AA 17 -15.94 34.98 -64.70
CA ALA AA 17 -15.24 33.74 -65.06
C ALA AA 17 -13.87 33.67 -64.38
N ALA AA 18 -13.15 34.78 -64.35
CA ALA AA 18 -11.84 34.79 -63.70
C ALA AA 18 -11.95 34.48 -62.21
N ASN AA 19 -12.93 35.10 -61.54
CA ASN AA 19 -13.11 34.86 -60.11
C ASN AA 19 -13.47 33.40 -59.84
N ASN AA 20 -14.35 32.83 -60.66
CA ASN AA 20 -14.70 31.42 -60.51
C ASN AA 20 -13.49 30.52 -60.68
N ALA AA 21 -12.65 30.81 -61.67
CA ALA AA 21 -11.45 30.01 -61.88
C ALA AA 21 -10.52 30.08 -60.67
N ALA AA 22 -10.32 31.29 -60.12
CA ALA AA 22 -9.44 31.43 -58.96
C ALA AA 22 -10.00 30.66 -57.76
N ALA AA 23 -11.31 30.75 -57.54
CA ALA AA 23 -11.92 30.01 -56.44
C ALA AA 23 -11.76 28.52 -56.62
N SER AA 24 -11.88 28.03 -57.86
CA SER AA 24 -11.69 26.60 -58.13
C SER AA 24 -10.25 26.18 -57.83
N LYS AA 25 -9.28 27.00 -58.22
CA LYS AA 25 -7.88 26.70 -57.88
C LYS AA 25 -7.68 26.62 -56.37
N ASN AA 26 -8.28 27.55 -55.63
CA ASN AA 26 -8.15 27.52 -54.17
C ASN AA 26 -8.79 26.27 -53.59
N LEU AA 27 -9.94 25.86 -54.13
CA LEU AA 27 -10.58 24.63 -53.68
C LEU AA 27 -9.67 23.43 -53.91
N GLU AA 28 -9.03 23.38 -55.09
CA GLU AA 28 -8.08 22.31 -55.37
C GLU AA 28 -6.96 22.28 -54.34
N LYS AA 29 -6.37 23.45 -54.05
CA LYS AA 29 -5.27 23.50 -53.10
C LYS AA 29 -5.71 23.12 -51.70
N LEU AA 30 -6.95 23.41 -51.33
CA LEU AA 30 -7.42 23.10 -49.98
C LEU AA 30 -7.78 21.62 -49.84
N SER AA 31 -8.41 21.04 -50.86
CA SER AA 31 -8.75 19.62 -50.80
C SER AA 31 -7.52 18.75 -50.88
N SER AA 32 -6.58 19.10 -51.76
CA SER AA 32 -5.38 18.28 -51.94
C SER AA 32 -4.48 18.35 -50.72
N GLY AA 33 -4.42 19.51 -50.06
CA GLY AA 33 -3.47 19.74 -49.01
C GLY AA 33 -2.08 20.11 -49.46
N PHE AA 34 -1.84 20.22 -50.77
CA PHE AA 34 -0.56 20.59 -51.33
C PHE AA 34 -0.69 21.88 -52.12
N LYS AA 35 0.34 22.71 -52.05
CA LYS AA 35 0.36 23.99 -52.75
C LYS AA 35 0.75 23.85 -54.22
N ILE AA 36 1.40 22.75 -54.59
CA ILE AA 36 1.90 22.53 -55.94
C ILE AA 36 1.35 21.19 -56.40
N ASN AA 37 0.27 21.23 -57.18
CA ASN AA 37 -0.32 20.04 -57.78
C ASN AA 37 0.04 19.89 -59.24
N ARG AA 38 0.47 20.96 -59.91
CA ARG AA 38 0.91 20.94 -61.29
C ARG AA 38 2.23 21.69 -61.38
N ALA AA 39 2.91 21.51 -62.51
CA ALA AA 39 4.15 22.25 -62.73
C ALA AA 39 3.89 23.70 -63.08
N GLY AA 40 2.71 24.03 -63.61
CA GLY AA 40 2.35 25.41 -63.83
C GLY AA 40 2.26 26.21 -62.56
N ASP AA 41 1.94 25.54 -61.44
CA ASP AA 41 1.94 26.21 -60.15
C ASP AA 41 3.31 26.77 -59.83
N ASP AA 42 4.34 25.93 -59.91
CA ASP AA 42 5.69 26.35 -59.58
C ASP AA 42 6.66 25.33 -60.14
N ALA AA 43 7.51 25.75 -61.08
CA ALA AA 43 8.45 24.83 -61.72
C ALA AA 43 9.63 24.53 -60.81
N ALA AA 44 10.33 25.57 -60.35
CA ALA AA 44 11.43 25.41 -59.40
C ALA AA 44 10.87 25.25 -58.00
N GLY AA 45 10.82 24.03 -57.52
CA GLY AA 45 10.15 23.69 -56.27
C GLY AA 45 9.46 22.36 -56.42
N LEU AA 46 8.90 22.08 -57.59
CA LEU AA 46 8.46 20.72 -57.90
C LEU AA 46 9.65 19.77 -57.92
N ALA AA 47 10.69 20.12 -58.68
CA ALA AA 47 11.90 19.31 -58.74
C ALA AA 47 12.53 19.18 -57.36
N ILE AA 48 12.60 20.28 -56.62
CA ILE AA 48 13.20 20.25 -55.28
C ILE AA 48 12.40 19.34 -54.36
N SER AA 49 11.08 19.40 -54.45
CA SER AA 49 10.22 18.54 -53.64
C SER AA 49 10.42 17.08 -53.98
N GLU AA 50 10.55 16.76 -55.27
CA GLU AA 50 10.75 15.37 -55.66
C GLU AA 50 12.09 14.84 -55.18
N LYS AA 51 13.15 15.62 -55.36
CA LYS AA 51 14.47 15.21 -54.86
C LYS AA 51 14.45 15.04 -53.35
N MET AA 52 13.78 15.94 -52.64
CA MET AA 52 13.74 15.85 -51.18
C MET AA 52 12.94 14.64 -50.73
N ARG AA 53 11.86 14.31 -51.44
CA ARG AA 53 11.10 13.11 -51.13
C ARG AA 53 11.96 11.86 -51.33
N GLY AA 54 12.71 11.82 -52.44
CA GLY AA 54 13.62 10.71 -52.65
C GLY AA 54 14.63 10.57 -51.53
N GLN AA 55 15.21 11.71 -51.11
CA GLN AA 55 16.20 11.68 -50.04
C GLN AA 55 15.57 11.23 -48.72
N ILE AA 56 14.34 11.66 -48.44
CA ILE AA 56 13.67 11.28 -47.20
C ILE AA 56 13.44 9.78 -47.17
N SER AA 57 12.88 9.23 -48.27
CA SER AA 57 12.65 7.80 -48.35
C SER AA 57 13.96 7.03 -48.21
N GLY AA 58 15.01 7.49 -48.89
CA GLY AA 58 16.30 6.82 -48.78
C GLY AA 58 16.87 6.86 -47.38
N LEU AA 59 16.71 7.98 -46.68
CA LEU AA 59 17.24 8.10 -45.33
C LEU AA 59 16.49 7.21 -44.36
N ASN AA 60 15.17 7.15 -44.48
CA ASN AA 60 14.41 6.26 -43.61
C ASN AA 60 14.75 4.80 -43.87
N MET AA 61 14.86 4.41 -45.14
CA MET AA 61 15.23 3.04 -45.46
C MET AA 61 16.65 2.73 -44.99
N ALA AA 62 17.55 3.72 -45.02
CA ALA AA 62 18.90 3.51 -44.52
C ALA AA 62 18.91 3.33 -43.01
N SER AA 63 18.04 4.06 -42.30
CA SER AA 63 17.89 3.84 -40.87
C SER AA 63 17.43 2.40 -40.59
N LYS AA 64 16.45 1.93 -41.37
CA LYS AA 64 15.99 0.55 -41.24
C LYS AA 64 17.12 -0.44 -41.48
N ASN AA 65 17.91 -0.21 -42.53
CA ASN AA 65 19.01 -1.10 -42.86
C ASN AA 65 20.07 -1.10 -41.76
N SER AA 66 20.36 0.07 -41.19
CA SER AA 66 21.33 0.16 -40.11
C SER AA 66 20.86 -0.62 -38.89
N SER AA 67 19.57 -0.55 -38.57
CA SER AA 67 19.04 -1.34 -37.48
C SER AA 67 19.17 -2.83 -37.76
N ASP AA 68 18.91 -3.24 -39.01
CA ASP AA 68 19.08 -4.64 -39.38
C ASP AA 68 20.52 -5.10 -39.17
N ALA AA 69 21.48 -4.27 -39.59
CA ALA AA 69 22.88 -4.58 -39.38
C ALA AA 69 23.22 -4.71 -37.90
N ILE AA 70 22.64 -3.84 -37.06
CA ILE AA 70 22.86 -3.93 -35.63
C ILE AA 70 22.35 -5.27 -35.10
N SER AA 71 21.20 -5.72 -35.60
CA SER AA 71 20.66 -7.01 -35.17
C SER AA 71 21.60 -8.14 -35.54
N LEU AA 72 22.10 -8.13 -36.78
CA LEU AA 72 23.08 -9.14 -37.22
C LEU AA 72 24.30 -9.17 -36.32
N ILE AA 73 24.86 -7.99 -36.03
CA ILE AA 73 26.07 -7.91 -35.22
C ILE AA 73 25.80 -8.42 -33.80
N GLN AA 74 24.63 -8.09 -33.25
CA GLN AA 74 24.27 -8.60 -31.93
C GLN AA 74 24.20 -10.12 -31.95
N THR AA 75 23.70 -10.70 -33.04
CA THR AA 75 23.66 -12.15 -33.15
C THR AA 75 25.06 -12.74 -33.06
N ALA AA 76 26.00 -12.17 -33.83
CA ALA AA 76 27.36 -12.69 -33.83
C ALA AA 76 28.02 -12.55 -32.46
N GLU AA 77 27.85 -11.39 -31.79
CA GLU AA 77 28.43 -11.21 -30.47
C GLU AA 77 27.87 -12.20 -29.47
N GLY AA 78 26.55 -12.41 -29.50
CA GLY AA 78 25.96 -13.41 -28.64
C GLY AA 78 26.49 -14.80 -28.91
N GLY AA 79 26.79 -15.10 -30.17
CA GLY AA 79 27.44 -16.36 -30.48
C GLY AA 79 28.80 -16.50 -29.85
N LEU AA 80 29.58 -15.41 -29.85
CA LEU AA 80 30.95 -15.47 -29.33
C LEU AA 80 31.03 -15.43 -27.80
N ASN AA 81 29.98 -14.96 -27.12
CA ASN AA 81 29.98 -14.99 -25.66
C ASN AA 81 30.14 -16.42 -25.12
N GLU AA 82 29.44 -17.37 -25.73
CA GLU AA 82 29.55 -18.75 -25.28
C GLU AA 82 30.90 -19.35 -25.63
N THR AA 83 31.50 -18.89 -26.73
CA THR AA 83 32.88 -19.25 -27.03
C THR AA 83 33.81 -18.84 -25.89
N HIS AA 84 33.68 -17.59 -25.43
CA HIS AA 84 34.44 -17.14 -24.26
C HIS AA 84 34.23 -18.08 -23.07
N ALA AA 85 32.97 -18.39 -22.77
CA ALA AA 85 32.65 -19.18 -21.59
C ALA AA 85 33.30 -20.57 -21.65
N ILE AA 86 33.11 -21.28 -22.76
CA ILE AA 86 33.64 -22.64 -22.84
C ILE AA 86 35.16 -22.62 -22.96
N LEU AA 87 35.74 -21.54 -23.49
CA LEU AA 87 37.20 -21.44 -23.48
C LEU AA 87 37.72 -21.30 -22.06
N GLN AA 88 37.04 -20.52 -21.23
CA GLN AA 88 37.40 -20.43 -19.82
C GLN AA 88 37.34 -21.80 -19.16
N ARG AA 89 36.25 -22.54 -19.43
CA ARG AA 89 36.11 -23.87 -18.85
C ARG AA 89 37.23 -24.80 -19.30
N MET AA 90 37.60 -24.73 -20.59
CA MET AA 90 38.67 -25.56 -21.13
C MET AA 90 40.01 -25.22 -20.48
N ARG AA 91 40.28 -23.93 -20.26
CA ARG AA 91 41.51 -23.54 -19.58
C ARG AA 91 41.54 -24.10 -18.16
N GLU AA 92 40.41 -24.01 -17.45
CA GLU AA 92 40.33 -24.59 -16.11
C GLU AA 92 40.62 -26.08 -16.13
N LEU AA 93 40.02 -26.80 -17.09
CA LEU AA 93 40.26 -28.23 -17.26
C LEU AA 93 41.73 -28.53 -17.53
N ALA AA 94 42.39 -27.74 -18.37
CA ALA AA 94 43.80 -27.98 -18.66
C ALA AA 94 44.66 -27.73 -17.44
N VAL AA 95 44.39 -26.66 -16.69
CA VAL AA 95 45.18 -26.38 -15.50
C VAL AA 95 45.01 -27.48 -14.47
N GLN AA 96 43.81 -28.07 -14.39
CA GLN AA 96 43.62 -29.21 -13.49
C GLN AA 96 44.32 -30.47 -14.01
N SER AA 97 44.22 -30.74 -15.31
CA SER AA 97 44.87 -31.89 -15.91
C SER AA 97 46.38 -31.84 -15.78
N ARG AA 98 46.96 -30.64 -15.71
CA ARG AA 98 48.40 -30.42 -15.76
C ARG AA 98 49.14 -30.97 -14.54
N ASN AA 99 48.44 -31.16 -13.43
CA ASN AA 99 49.07 -31.62 -12.19
C ASN AA 99 49.32 -33.12 -12.23
N ASP AA 100 50.34 -33.56 -11.49
CA ASP AA 100 50.77 -34.96 -11.48
C ASP AA 100 50.04 -35.82 -10.47
N THR AA 101 49.05 -35.26 -9.75
CA THR AA 101 48.16 -36.10 -8.95
C THR AA 101 47.33 -37.03 -9.83
N ASN AA 102 47.09 -36.64 -11.07
CA ASN AA 102 46.23 -37.40 -11.97
C ASN AA 102 47.02 -38.50 -12.67
N ASP AA 103 46.39 -39.67 -12.81
CA ASP AA 103 47.01 -40.84 -13.39
C ASP AA 103 46.44 -41.13 -14.77
N GLU AA 104 47.34 -41.39 -15.73
CA GLU AA 104 46.92 -41.90 -17.03
C GLU AA 104 46.43 -43.34 -16.93
N ALA AA 105 46.91 -44.11 -15.95
CA ALA AA 105 46.55 -45.52 -15.84
C ALA AA 105 45.08 -45.69 -15.50
N THR AA 106 44.63 -45.05 -14.41
CA THR AA 106 43.25 -45.15 -13.97
C THR AA 106 42.36 -44.06 -14.54
N ASN AA 107 42.70 -43.52 -15.71
CA ASN AA 107 41.77 -42.79 -16.56
C ASN AA 107 41.34 -41.47 -15.93
N ASP AA 108 42.25 -40.81 -15.20
CA ASP AA 108 41.94 -39.51 -14.60
C ASP AA 108 41.90 -38.41 -15.66
N ARG AA 109 42.90 -38.37 -16.54
CA ARG AA 109 42.97 -37.33 -17.56
C ARG AA 109 42.10 -37.62 -18.78
N SER AA 110 41.79 -38.89 -19.05
CA SER AA 110 40.95 -39.19 -20.21
C SER AA 110 39.52 -38.69 -20.02
N ASN AA 111 39.06 -38.56 -18.78
CA ASN AA 111 37.75 -37.96 -18.55
C ASN AA 111 37.77 -36.44 -18.79
N LEU AA 112 38.84 -35.77 -18.39
CA LEU AA 112 38.97 -34.36 -18.72
C LEU AA 112 39.12 -34.18 -20.23
N ASN AA 113 39.72 -35.16 -20.90
CA ASN AA 113 39.82 -35.11 -22.36
C ASN AA 113 38.46 -35.36 -23.01
N ASP AA 114 37.63 -36.24 -22.43
CA ASP AA 114 36.24 -36.37 -22.87
C ASP AA 114 35.54 -35.02 -22.82
N GLU AA 115 35.63 -34.35 -21.67
CA GLU AA 115 35.05 -33.02 -21.49
C GLU AA 115 35.58 -32.04 -22.53
N LEU AA 116 36.90 -32.04 -22.73
CA LEU AA 116 37.54 -31.12 -23.66
C LEU AA 116 37.08 -31.37 -25.10
N LYS AA 117 37.00 -32.64 -25.50
CA LYS AA 117 36.56 -32.96 -26.85
C LYS AA 117 35.11 -32.51 -27.07
N GLN AA 118 34.25 -32.71 -26.08
CA GLN AA 118 32.87 -32.24 -26.24
C GLN AA 118 32.81 -30.72 -26.36
N LEU AA 119 33.65 -30.00 -25.58
CA LEU AA 119 33.65 -28.56 -25.69
C LEU AA 119 34.23 -28.08 -27.02
N GLN AA 120 35.16 -28.84 -27.59
CA GLN AA 120 35.67 -28.52 -28.93
C GLN AA 120 34.63 -28.76 -30.01
N GLU AA 121 33.84 -29.82 -29.87
CA GLU AA 121 32.74 -30.00 -30.80
C GLU AA 121 31.73 -28.86 -30.67
N GLU AA 122 31.52 -28.35 -29.46
CA GLU AA 122 30.59 -27.24 -29.27
C GLU AA 122 31.14 -25.93 -29.85
N ILE AA 123 32.44 -25.66 -29.66
CA ILE AA 123 33.01 -24.44 -30.23
C ILE AA 123 32.96 -24.47 -31.76
N THR AA 124 33.10 -25.66 -32.38
CA THR AA 124 32.92 -25.74 -33.82
C THR AA 124 31.45 -25.61 -34.22
N ARG AA 125 30.55 -26.19 -33.41
CA ARG AA 125 29.13 -26.15 -33.71
C ARG AA 125 28.60 -24.72 -33.72
N ILE AA 126 28.98 -23.92 -32.72
CA ILE AA 126 28.54 -22.53 -32.68
C ILE AA 126 29.03 -21.78 -33.91
N SER AA 127 30.23 -22.09 -34.37
CA SER AA 127 30.77 -21.45 -35.55
C SER AA 127 29.90 -21.73 -36.77
N SER AA 128 29.75 -23.01 -37.12
CA SER AA 128 29.09 -23.38 -38.38
C SER AA 128 27.62 -23.79 -38.20
N GLN AA 129 26.93 -23.27 -37.18
CA GLN AA 129 25.48 -23.37 -37.10
C GLN AA 129 24.85 -22.05 -36.66
N MET AA 130 25.56 -20.94 -36.86
CA MET AA 130 25.06 -19.60 -36.57
C MET AA 130 24.58 -18.96 -37.86
N GLU AA 131 23.42 -18.32 -37.83
CA GLU AA 131 22.90 -17.73 -39.07
C GLU AA 131 21.91 -16.62 -38.76
N PHE AA 132 21.85 -15.66 -39.68
CA PHE AA 132 20.90 -14.55 -39.66
C PHE AA 132 20.29 -14.47 -41.05
N ASN AA 133 19.01 -14.84 -41.16
CA ASN AA 133 18.29 -14.80 -42.43
C ASN AA 133 18.93 -15.76 -43.44
N ASN AA 134 19.29 -16.96 -42.96
CA ASN AA 134 19.91 -17.99 -43.80
C ASN AA 134 21.25 -17.52 -44.35
N LYS AA 135 22.13 -17.07 -43.45
CA LYS AA 135 23.43 -16.52 -43.82
C LYS AA 135 24.45 -16.93 -42.77
N LYS AA 136 25.31 -17.87 -43.12
CA LYS AA 136 26.35 -18.31 -42.20
C LYS AA 136 27.36 -17.19 -41.99
N LEU AA 137 27.63 -16.87 -40.72
CA LEU AA 137 28.44 -15.72 -40.35
C LEU AA 137 29.87 -16.10 -39.94
N LEU AA 138 30.02 -17.06 -39.03
CA LEU AA 138 31.30 -17.37 -38.40
C LEU AA 138 31.98 -18.58 -39.00
N ASP AA 139 31.93 -18.70 -40.33
CA ASP AA 139 32.50 -19.85 -41.04
C ASP AA 139 33.67 -19.46 -41.91
N GLY AA 140 33.71 -18.18 -42.32
CA GLY AA 140 34.57 -17.70 -43.38
C GLY AA 140 33.85 -17.31 -44.66
N SER AA 141 32.51 -17.28 -44.66
CA SER AA 141 31.78 -16.85 -45.86
C SER AA 141 32.03 -15.36 -46.14
N GLN AA 142 32.00 -14.54 -45.10
CA GLN AA 142 32.17 -13.11 -45.24
C GLN AA 142 33.62 -12.66 -45.17
N SER AA 143 34.54 -13.56 -44.83
CA SER AA 143 35.95 -13.20 -44.74
C SER AA 143 36.59 -13.03 -46.11
N THR AA 144 35.90 -13.39 -47.19
CA THR AA 144 36.47 -13.30 -48.53
C THR AA 144 36.22 -11.92 -49.14
N ASN AA 145 34.96 -11.46 -49.13
CA ASN AA 145 34.57 -10.19 -49.70
C ASN AA 145 33.99 -9.23 -48.66
N GLY AA 146 33.05 -9.68 -47.85
CA GLY AA 146 32.52 -8.91 -46.75
C GLY AA 146 31.08 -8.50 -46.97
N LEU AA 147 30.40 -8.19 -45.86
CA LEU AA 147 29.03 -7.72 -45.87
C LEU AA 147 29.01 -6.21 -46.04
N THR AA 148 28.18 -5.73 -46.98
CA THR AA 148 28.08 -4.32 -47.31
C THR AA 148 26.72 -3.80 -46.88
N PHE AA 149 26.72 -2.78 -46.03
CA PHE AA 149 25.50 -2.14 -45.54
C PHE AA 149 25.35 -0.77 -46.19
N GLN AA 150 24.17 -0.54 -46.78
CA GLN AA 150 23.80 0.75 -47.33
C GLN AA 150 23.23 1.61 -46.20
N ILE AA 151 23.99 2.61 -45.80
CA ILE AA 151 23.62 3.48 -44.67
C ILE AA 151 23.41 4.90 -45.17
N GLY AA 152 22.94 5.02 -46.41
CA GLY AA 152 22.72 6.34 -46.99
C GLY AA 152 21.75 6.24 -48.16
N ALA AA 153 21.13 7.38 -48.46
CA ALA AA 153 20.14 7.42 -49.53
C ALA AA 153 20.77 7.19 -50.89
N ASN AA 154 21.92 7.81 -51.14
CA ASN AA 154 22.54 7.79 -52.44
C ASN AA 154 23.47 6.59 -52.62
N ALA AA 155 23.98 6.44 -53.84
CA ALA AA 155 24.87 5.34 -54.17
C ALA AA 155 26.27 5.63 -53.65
N GLY AA 156 26.94 4.57 -53.20
CA GLY AA 156 28.27 4.67 -52.65
C GLY AA 156 28.33 4.96 -51.16
N GLN AA 157 27.20 5.32 -50.54
CA GLN AA 157 27.16 5.62 -49.11
C GLN AA 157 27.00 4.30 -48.34
N THR AA 158 28.07 3.52 -48.36
CA THR AA 158 28.08 2.15 -47.85
C THR AA 158 29.18 1.99 -46.81
N ILE AA 159 29.11 0.87 -46.09
CA ILE AA 159 30.21 0.42 -45.24
C ILE AA 159 30.39 -1.07 -45.43
N THR AA 160 31.64 -1.50 -45.59
CA THR AA 160 31.99 -2.91 -45.71
C THR AA 160 32.46 -3.44 -44.36
N MET AA 161 32.23 -4.74 -44.16
CA MET AA 161 32.54 -5.41 -42.91
C MET AA 161 33.01 -6.82 -43.23
N LYS AA 162 33.83 -7.37 -42.34
CA LYS AA 162 34.37 -8.70 -42.52
C LYS AA 162 34.42 -9.41 -41.18
N ILE AA 163 34.13 -10.72 -41.19
CA ILE AA 163 34.17 -11.55 -40.01
C ILE AA 163 35.02 -12.77 -40.35
N SER AA 164 35.95 -13.11 -39.45
CA SER AA 164 36.90 -14.17 -39.69
C SER AA 164 36.33 -15.52 -39.28
N THR AA 165 36.99 -16.58 -39.75
CA THR AA 165 36.64 -17.92 -39.31
C THR AA 165 37.02 -18.09 -37.84
N MET AA 166 36.07 -18.56 -37.03
CA MET AA 166 36.20 -18.72 -35.59
C MET AA 166 35.97 -20.18 -35.19
N SER AA 167 36.52 -21.10 -35.97
CA SER AA 167 36.51 -22.52 -35.63
C SER AA 167 37.74 -22.89 -34.79
N ALA AA 168 37.75 -24.14 -34.32
CA ALA AA 168 38.86 -24.61 -33.50
C ALA AA 168 40.13 -24.77 -34.32
N THR AA 169 40.02 -25.13 -35.60
CA THR AA 169 41.20 -25.31 -36.43
C THR AA 169 41.93 -23.98 -36.64
N LYS AA 170 41.19 -22.91 -36.86
CA LYS AA 170 41.82 -21.62 -37.15
C LYS AA 170 42.55 -21.08 -35.92
N LEU AA 171 42.05 -21.36 -34.73
CA LEU AA 171 42.59 -20.82 -33.49
C LEU AA 171 43.61 -21.74 -32.82
N GLY AA 172 43.99 -22.84 -33.45
CA GLY AA 172 45.02 -23.71 -32.91
C GLY AA 172 44.65 -24.35 -31.59
N VAL AA 173 43.37 -24.68 -31.42
CA VAL AA 173 42.88 -25.32 -30.20
C VAL AA 173 42.14 -26.62 -30.48
N ASP AA 174 41.99 -27.02 -31.75
CA ASP AA 174 41.43 -28.31 -32.09
C ASP AA 174 42.23 -29.46 -31.46
N ALA AA 175 41.59 -30.63 -31.41
CA ALA AA 175 42.15 -31.76 -30.70
C ALA AA 175 43.48 -32.25 -31.28
N ALA AA 176 43.77 -31.93 -32.54
CA ALA AA 176 45.05 -32.31 -33.13
C ALA AA 176 46.23 -31.56 -32.55
N LYS AA 177 46.00 -30.46 -31.81
CA LYS AA 177 47.08 -29.67 -31.26
C LYS AA 177 46.80 -29.20 -29.82
N ALA AA 178 45.72 -29.66 -29.18
CA ALA AA 178 45.37 -29.19 -27.84
C ALA AA 178 44.85 -30.32 -26.96
N SER AA 179 45.35 -31.54 -27.14
CA SER AA 179 44.97 -32.61 -26.24
C SER AA 179 45.52 -32.35 -24.84
N ILE AA 180 44.89 -32.95 -23.85
CA ILE AA 180 45.37 -32.93 -22.48
C ILE AA 180 45.50 -34.36 -21.98
N SER AA 181 45.77 -35.30 -22.89
CA SER AA 181 46.11 -36.66 -22.50
C SER AA 181 47.30 -36.69 -21.55
N LYS AA 182 48.35 -35.95 -21.89
CA LYS AA 182 49.60 -35.97 -21.13
C LYS AA 182 49.62 -34.79 -20.16
N GLY AA 183 50.72 -34.68 -19.42
CA GLY AA 183 51.00 -33.48 -18.65
C GLY AA 183 51.65 -32.42 -19.51
N THR AA 184 52.47 -32.85 -20.47
CA THR AA 184 53.17 -31.90 -21.33
C THR AA 184 52.19 -31.16 -22.24
N ALA AA 185 51.21 -31.88 -22.80
CA ALA AA 185 50.30 -31.28 -23.76
C ALA AA 185 49.41 -30.21 -23.12
N ALA AA 186 49.09 -30.37 -21.83
CA ALA AA 186 48.32 -29.34 -21.14
C ALA AA 186 49.09 -28.03 -21.03
N SER AA 187 50.42 -28.11 -20.91
CA SER AA 187 51.25 -26.91 -20.90
C SER AA 187 51.03 -26.07 -22.15
N LYS AA 188 51.10 -26.71 -23.33
CA LYS AA 188 50.85 -25.99 -24.56
C LYS AA 188 49.38 -25.60 -24.69
N ALA AA 189 48.48 -26.44 -24.16
CA ALA AA 189 47.04 -26.17 -24.28
C ALA AA 189 46.66 -24.89 -23.56
N ILE AA 190 47.29 -24.62 -22.41
CA ILE AA 190 46.98 -23.41 -21.66
C ILE AA 190 47.30 -22.16 -22.49
N LYS AA 191 48.50 -22.11 -23.06
CA LYS AA 191 48.90 -20.99 -23.89
C LYS AA 191 48.03 -20.88 -25.13
N SER AA 192 47.71 -22.03 -25.73
CA SER AA 192 46.86 -22.06 -26.92
C SER AA 192 45.48 -21.48 -26.62
N ILE AA 193 44.93 -21.82 -25.46
CA ILE AA 193 43.62 -21.34 -25.06
C ILE AA 193 43.66 -19.84 -24.76
N ASP AA 194 44.75 -19.37 -24.15
CA ASP AA 194 44.91 -17.93 -23.91
C ASP AA 194 44.94 -17.17 -25.24
N ASP AA 195 45.71 -17.66 -26.21
CA ASP AA 195 45.77 -17.01 -27.51
C ASP AA 195 44.39 -16.97 -28.16
N ALA AA 196 43.64 -18.07 -28.06
CA ALA AA 196 42.31 -18.11 -28.64
C ALA AA 196 41.36 -17.11 -27.97
N ILE AA 197 41.42 -17.01 -26.64
CA ILE AA 197 40.59 -16.05 -25.91
C ILE AA 197 40.90 -14.63 -26.38
N ASN AA 198 42.19 -14.30 -26.50
CA ASN AA 198 42.57 -12.96 -26.94
C ASN AA 198 42.06 -12.68 -28.35
N THR AA 199 42.19 -13.67 -29.24
CA THR AA 199 41.74 -13.48 -30.62
C THR AA 199 40.24 -13.23 -30.69
N VAL AA 200 39.46 -14.01 -29.94
CA VAL AA 200 38.00 -13.85 -30.04
C VAL AA 200 37.57 -12.55 -29.35
N SER AA 201 38.31 -12.11 -28.32
CA SER AA 201 38.06 -10.79 -27.76
C SER AA 201 38.30 -9.70 -28.79
N LYS AA 202 39.38 -9.83 -29.56
CA LYS AA 202 39.68 -8.87 -30.63
C LYS AA 202 38.53 -8.80 -31.63
N THR AA 203 38.04 -9.96 -32.06
CA THR AA 203 36.95 -10.00 -33.02
C THR AA 203 35.67 -9.36 -32.45
N ARG AA 204 35.36 -9.65 -31.19
CA ARG AA 204 34.19 -9.03 -30.56
C ARG AA 204 34.33 -7.52 -30.51
N SER AA 205 35.52 -7.02 -30.18
CA SER AA 205 35.76 -5.58 -30.21
C SER AA 205 35.51 -5.01 -31.59
N ALA AA 206 35.99 -5.69 -32.63
CA ALA AA 206 35.81 -5.23 -34.00
C ALA AA 206 34.34 -5.13 -34.35
N LEU AA 207 33.52 -6.06 -33.85
CA LEU AA 207 32.08 -6.00 -34.12
C LEU AA 207 31.42 -4.84 -33.36
N GLY AA 208 31.75 -4.71 -32.08
CA GLY AA 208 31.14 -3.68 -31.26
C GLY AA 208 31.43 -2.28 -31.75
N ALA AA 209 32.62 -2.07 -32.31
CA ALA AA 209 32.95 -0.76 -32.88
C ALA AA 209 31.97 -0.38 -33.99
N VAL AA 210 31.69 -1.33 -34.90
CA VAL AA 210 30.77 -1.05 -36.00
C VAL AA 210 29.37 -0.82 -35.46
N GLN AA 211 28.98 -1.55 -34.42
CA GLN AA 211 27.68 -1.32 -33.79
C GLN AA 211 27.56 0.12 -33.28
N ASN AA 212 28.57 0.56 -32.52
CA ASN AA 212 28.55 1.90 -31.97
C ASN AA 212 28.56 2.96 -33.07
N ARG AA 213 29.26 2.70 -34.17
CA ARG AA 213 29.23 3.61 -35.31
C ARG AA 213 27.81 3.71 -35.88
N LEU AA 214 27.15 2.56 -36.06
CA LEU AA 214 25.83 2.55 -36.69
C LEU AA 214 24.82 3.28 -35.83
N GLU AA 215 24.99 3.28 -34.51
CA GLU AA 215 24.09 4.04 -33.65
C GLU AA 215 24.13 5.54 -33.98
N HIS AA 216 25.33 6.11 -34.00
CA HIS AA 216 25.51 7.51 -34.38
C HIS AA 216 24.98 7.77 -35.78
N THR AA 217 25.21 6.84 -36.70
CA THR AA 217 24.69 6.98 -38.06
C THR AA 217 23.17 7.08 -38.05
N ILE AA 218 22.50 6.26 -37.25
CA ILE AA 218 21.04 6.30 -37.18
C ILE AA 218 20.56 7.64 -36.64
N ASN AA 219 21.24 8.15 -35.60
CA ASN AA 219 20.86 9.46 -35.05
C ASN AA 219 20.97 10.55 -36.11
N ASN AA 220 22.09 10.57 -36.84
CA ASN AA 220 22.28 11.57 -37.88
C ASN AA 220 21.24 11.44 -38.98
N LEU AA 221 20.92 10.21 -39.37
CA LEU AA 221 19.92 10.00 -40.41
C LEU AA 221 18.55 10.52 -39.97
N GLY AA 222 18.17 10.25 -38.72
CA GLY AA 222 16.90 10.76 -38.23
C GLY AA 222 16.84 12.28 -38.24
N THR AA 223 17.91 12.93 -37.75
CA THR AA 223 17.96 14.38 -37.75
C THR AA 223 17.82 14.94 -39.17
N SER AA 224 18.60 14.39 -40.11
CA SER AA 224 18.57 14.88 -41.48
C SER AA 224 17.20 14.67 -42.11
N ALA AA 225 16.57 13.52 -41.83
CA ALA AA 225 15.24 13.25 -42.39
C ALA AA 225 14.22 14.23 -41.87
N GLU AA 226 14.25 14.53 -40.57
CA GLU AA 226 13.31 15.51 -40.03
C GLU AA 226 13.52 16.89 -40.65
N ASN AA 227 14.78 17.31 -40.77
CA ASN AA 227 15.05 18.64 -41.34
C ASN AA 227 14.59 18.73 -42.79
N LEU AA 228 14.89 17.72 -43.61
CA LEU AA 228 14.46 17.74 -44.99
C LEU AA 228 12.95 17.62 -45.10
N THR AA 229 12.30 16.91 -44.18
CA THR AA 229 10.85 16.85 -44.17
C THR AA 229 10.25 18.22 -43.91
N ALA AA 230 10.82 18.96 -42.95
CA ALA AA 230 10.39 20.32 -42.69
C ALA AA 230 10.55 21.19 -43.93
N ALA AA 231 11.70 21.10 -44.58
CA ALA AA 231 11.96 21.88 -45.80
C ALA AA 231 10.94 21.56 -46.89
N GLU AA 232 10.71 20.26 -47.14
CA GLU AA 232 9.78 19.87 -48.19
C GLU AA 232 8.35 20.31 -47.86
N SER AA 233 7.97 20.23 -46.58
CA SER AA 233 6.66 20.71 -46.16
C SER AA 233 6.51 22.19 -46.45
N ARG AA 234 7.52 22.99 -46.08
CA ARG AA 234 7.43 24.42 -46.30
C ARG AA 234 7.43 24.76 -47.79
N ILE AA 235 8.07 23.94 -48.61
CA ILE AA 235 8.09 24.20 -50.05
C ILE AA 235 6.73 23.88 -50.66
N ARG AA 236 6.27 22.64 -50.48
CA ARG AA 236 5.14 22.12 -51.26
C ARG AA 236 3.80 22.23 -50.55
N ASP AA 237 3.72 21.95 -49.26
CA ASP AA 237 2.44 22.00 -48.56
C ASP AA 237 1.94 23.44 -48.47
N THR AA 238 0.63 23.57 -48.30
CA THR AA 238 -0.05 24.86 -48.30
C THR AA 238 -0.56 25.20 -46.90
N ASP AA 239 -0.59 26.49 -46.60
CA ASP AA 239 -1.18 26.97 -45.36
C ASP AA 239 -2.69 27.10 -45.54
N MET AA 240 -3.45 26.45 -44.65
CA MET AA 240 -4.90 26.41 -44.80
C MET AA 240 -5.52 27.79 -44.66
N ALA AA 241 -4.98 28.61 -43.76
CA ALA AA 241 -5.59 29.89 -43.46
C ALA AA 241 -5.55 30.84 -44.65
N ALA AA 242 -4.40 30.92 -45.32
CA ALA AA 242 -4.25 31.83 -46.46
C ALA AA 242 -5.18 31.42 -47.61
N GLU AA 243 -5.26 30.12 -47.89
CA GLU AA 243 -6.12 29.66 -48.96
C GLU AA 243 -7.58 29.85 -48.60
N MET AA 244 -7.94 29.69 -47.32
CA MET AA 244 -9.29 29.98 -46.88
C MET AA 244 -9.65 31.44 -47.11
N MET AA 245 -8.73 32.34 -46.72
CA MET AA 245 -8.90 33.77 -46.99
C MET AA 245 -9.15 34.03 -48.46
N ALA AA 246 -8.27 33.50 -49.31
CA ALA AA 246 -8.38 33.74 -50.75
C ALA AA 246 -9.68 33.19 -51.31
N PHE AA 247 -10.10 32.02 -50.82
CA PHE AA 247 -11.32 31.39 -51.33
C PHE AA 247 -12.56 32.21 -50.94
N THR AA 248 -12.61 32.68 -49.69
CA THR AA 248 -13.72 33.53 -49.27
C THR AA 248 -13.76 34.82 -50.08
N LYS AA 249 -12.59 35.44 -50.28
CA LYS AA 249 -12.50 36.65 -51.09
C LYS AA 249 -13.03 36.42 -52.49
N ASN AA 250 -12.59 35.33 -53.13
CA ASN AA 250 -13.01 35.06 -54.50
C ASN AA 250 -14.50 34.75 -54.59
N ASN AA 251 -15.07 34.08 -53.57
CA ASN AA 251 -16.51 33.85 -53.55
C ASN AA 251 -17.27 35.16 -53.48
N ILE AA 252 -16.83 36.07 -52.59
CA ILE AA 252 -17.49 37.36 -52.46
C ILE AA 252 -17.42 38.13 -53.77
N LEU AA 253 -16.27 38.08 -54.44
CA LEU AA 253 -16.13 38.75 -55.73
C LEU AA 253 -17.04 38.12 -56.78
N THR AA 254 -17.17 36.79 -56.76
CA THR AA 254 -18.06 36.11 -57.69
C THR AA 254 -19.50 36.56 -57.50
N GLN AA 255 -19.95 36.65 -56.24
CA GLN AA 255 -21.31 37.10 -55.96
C GLN AA 255 -21.50 38.54 -56.43
N ALA AA 256 -20.52 39.40 -56.18
CA ALA AA 256 -20.61 40.79 -56.62
C ALA AA 256 -20.74 40.87 -58.15
N ALA AA 257 -19.93 40.10 -58.86
CA ALA AA 257 -20.00 40.11 -60.32
C ALA AA 257 -21.32 39.55 -60.82
N GLN AA 258 -21.87 38.55 -60.12
CA GLN AA 258 -23.18 38.01 -60.49
C GLN AA 258 -24.26 39.08 -60.39
N SER AA 259 -24.30 39.80 -59.26
CA SER AA 259 -25.27 40.87 -59.10
C SER AA 259 -25.07 41.97 -60.14
N MET AA 260 -23.81 42.33 -60.41
CA MET AA 260 -23.53 43.36 -61.40
C MET AA 260 -24.02 42.95 -62.78
N LEU AA 261 -23.86 41.68 -63.13
CA LEU AA 261 -24.33 41.21 -64.43
C LEU AA 261 -25.84 41.19 -64.50
N ALA AA 262 -26.49 40.80 -63.41
CA ALA AA 262 -27.95 40.84 -63.36
C ALA AA 262 -28.46 42.25 -63.56
N GLN AA 263 -27.74 43.25 -63.03
CA GLN AA 263 -28.11 44.65 -63.26
C GLN AA 263 -27.86 45.06 -64.71
N ALA AA 264 -26.68 44.72 -65.23
CA ALA AA 264 -26.28 45.14 -66.57
C ALA AA 264 -27.21 44.56 -67.64
N ASN AA 265 -27.75 43.37 -67.40
CA ASN AA 265 -28.71 42.80 -68.34
C ASN AA 265 -30.02 43.58 -68.37
N GLN AA 266 -30.41 44.15 -67.23
CA GLN AA 266 -31.63 44.95 -67.16
C GLN AA 266 -31.43 46.38 -67.62
N GLN AA 267 -30.18 46.86 -67.63
CA GLN AA 267 -29.92 48.26 -68.00
C GLN AA 267 -30.45 48.64 -69.37
N PRO AA 268 -30.24 47.86 -70.45
CA PRO AA 268 -30.79 48.29 -71.76
C PRO AA 268 -32.28 47.99 -71.93
N GLN AA 269 -33.11 48.88 -71.42
CA GLN AA 269 -34.57 48.80 -71.59
C GLN AA 269 -35.05 50.20 -71.98
N GLY AA 270 -35.06 50.47 -73.28
CA GLY AA 270 -35.55 51.72 -73.83
C GLY AA 270 -36.75 51.47 -74.71
N VAL AA 271 -37.59 50.49 -74.33
CA VAL AA 271 -38.78 50.19 -75.10
C VAL AA 271 -39.83 51.28 -74.95
N LEU AA 272 -39.78 52.05 -73.85
CA LEU AA 272 -40.74 53.13 -73.67
C LEU AA 272 -40.52 54.30 -74.62
N GLN AA 273 -39.39 54.36 -75.34
CA GLN AA 273 -39.28 55.30 -76.44
C GLN AA 273 -40.35 55.03 -77.48
N LEU AA 274 -40.46 53.77 -77.89
CA LEU AA 274 -41.25 53.40 -79.05
C LEU AA 274 -42.75 53.41 -78.73
N LEU AA 275 -43.17 52.55 -77.82
CA LEU AA 275 -44.57 52.40 -77.49
C LEU AA 275 -44.96 53.39 -76.40
N GLN AA 276 -46.22 53.31 -75.94
CA GLN AA 276 -46.67 54.19 -74.88
C GLN AA 276 -47.99 53.67 -74.32
N MET BA 1 -46.97 27.95 -86.53
CA MET BA 1 -45.93 28.98 -86.57
C MET BA 1 -45.88 30.09 -85.51
N ARG BA 2 -47.03 30.61 -85.06
CA ARG BA 2 -47.10 31.73 -84.14
C ARG BA 2 -47.82 31.42 -82.84
N ILE BA 3 -49.04 30.90 -82.91
CA ILE BA 3 -49.94 30.86 -81.76
C ILE BA 3 -50.28 29.42 -81.38
N GLN BA 4 -50.84 28.67 -82.33
CA GLN BA 4 -51.43 27.37 -82.04
C GLN BA 4 -50.42 26.38 -81.47
N HIS BA 5 -49.13 26.57 -81.72
CA HIS BA 5 -48.09 25.67 -81.23
C HIS BA 5 -46.89 26.49 -80.79
N ASN BA 6 -46.31 26.12 -79.65
CA ASN BA 6 -45.17 26.82 -79.06
C ASN BA 6 -44.09 25.78 -78.76
N ILE BA 7 -43.17 25.58 -79.70
CA ILE BA 7 -42.30 24.40 -79.66
C ILE BA 7 -41.21 24.54 -78.60
N ALA BA 8 -40.77 25.77 -78.33
CA ALA BA 8 -39.77 26.00 -77.29
C ALA BA 8 -40.25 25.49 -75.94
N ALA BA 9 -41.53 25.76 -75.63
CA ALA BA 9 -42.10 25.30 -74.37
C ALA BA 9 -42.18 23.79 -74.32
N LEU BA 10 -42.46 23.13 -75.45
CA LEU BA 10 -42.46 21.67 -75.48
C LEU BA 10 -41.07 21.11 -75.17
N ASN BA 11 -40.04 21.65 -75.82
CA ASN BA 11 -38.68 21.19 -75.55
C ASN BA 11 -38.31 21.42 -74.08
N THR BA 12 -38.66 22.58 -73.54
CA THR BA 12 -38.38 22.87 -72.15
C THR BA 12 -39.10 21.89 -71.22
N HIS BA 13 -40.34 21.54 -71.55
CA HIS BA 13 -41.08 20.58 -70.76
C HIS BA 13 -40.41 19.21 -70.78
N ARG BA 14 -39.97 18.76 -71.96
CA ARG BA 14 -39.24 17.51 -72.08
C ARG BA 14 -38.02 17.49 -71.16
N ASN BA 15 -37.19 18.52 -71.26
CA ASN BA 15 -35.97 18.56 -70.46
C ASN BA 15 -36.28 18.61 -68.97
N LEU BA 16 -37.33 19.36 -68.60
CA LEU BA 16 -37.73 19.43 -67.20
C LEU BA 16 -38.15 18.07 -66.68
N ALA BA 17 -38.94 17.34 -67.46
CA ALA BA 17 -39.36 15.99 -67.05
C ALA BA 17 -38.15 15.07 -66.88
N ALA BA 18 -37.20 15.15 -67.81
CA ALA BA 18 -35.99 14.32 -67.70
C ALA BA 18 -35.20 14.64 -66.44
N ASN BA 19 -35.02 15.93 -66.13
CA ASN BA 19 -34.28 16.31 -64.94
C ASN BA 19 -34.99 15.84 -63.68
N ASN BA 20 -36.31 15.97 -63.63
CA ASN BA 20 -37.07 15.49 -62.48
C ASN BA 20 -36.90 13.99 -62.30
N ALA BA 21 -36.95 13.23 -63.40
CA ALA BA 21 -36.77 11.78 -63.31
C ALA BA 21 -35.39 11.43 -62.77
N ALA BA 22 -34.35 12.11 -63.26
CA ALA BA 22 -33.00 11.83 -62.77
C ALA BA 22 -32.86 12.14 -61.29
N ALA BA 23 -33.43 13.27 -60.86
CA ALA BA 23 -33.38 13.63 -59.45
C ALA BA 23 -34.12 12.59 -58.59
N SER BA 24 -35.24 12.08 -59.09
CA SER BA 24 -35.96 11.04 -58.34
C SER BA 24 -35.13 9.77 -58.23
N LYS BA 25 -34.45 9.37 -59.30
CA LYS BA 25 -33.57 8.21 -59.23
C LYS BA 25 -32.48 8.42 -58.18
N ASN BA 26 -31.89 9.61 -58.15
CA ASN BA 26 -30.84 9.89 -57.17
C ASN BA 26 -31.40 9.84 -55.74
N LEU BA 27 -32.61 10.35 -55.54
CA LEU BA 27 -33.25 10.26 -54.23
C LEU BA 27 -33.45 8.81 -53.82
N GLU BA 28 -33.89 7.97 -54.76
CA GLU BA 28 -34.03 6.54 -54.48
C GLU BA 28 -32.71 5.94 -54.03
N LYS BA 29 -31.64 6.22 -54.78
CA LYS BA 29 -30.34 5.65 -54.43
C LYS BA 29 -29.81 6.15 -53.09
N LEU BA 30 -30.15 7.39 -52.73
CA LEU BA 30 -29.67 7.94 -51.46
C LEU BA 30 -30.46 7.41 -50.27
N SER BA 31 -31.78 7.30 -50.41
CA SER BA 31 -32.60 6.77 -49.33
C SER BA 31 -32.35 5.29 -49.11
N SER BA 32 -32.23 4.52 -50.20
CA SER BA 32 -32.04 3.08 -50.08
C SER BA 32 -30.67 2.75 -49.52
N GLY BA 33 -29.66 3.54 -49.87
CA GLY BA 33 -28.29 3.22 -49.53
C GLY BA 33 -27.62 2.23 -50.46
N PHE BA 34 -28.32 1.76 -51.50
CA PHE BA 34 -27.79 0.81 -52.46
C PHE BA 34 -27.79 1.45 -53.85
N LYS BA 35 -26.77 1.13 -54.63
CA LYS BA 35 -26.63 1.67 -55.98
C LYS BA 35 -27.46 0.88 -56.99
N ILE BA 36 -27.85 -0.35 -56.67
CA ILE BA 36 -28.56 -1.24 -57.59
C ILE BA 36 -29.82 -1.69 -56.85
N ASN BA 37 -30.94 -1.04 -57.13
CA ASN BA 37 -32.24 -1.43 -56.59
C ASN BA 37 -33.09 -2.20 -57.59
N ARG BA 38 -32.78 -2.09 -58.88
CA ARG BA 38 -33.47 -2.81 -59.93
C ARG BA 38 -32.43 -3.44 -60.85
N ALA BA 39 -32.87 -4.37 -61.68
CA ALA BA 39 -31.97 -4.98 -62.65
C ALA BA 39 -31.67 -4.04 -63.82
N GLY BA 40 -32.56 -3.08 -64.08
CA GLY BA 40 -32.27 -2.08 -65.09
C GLY BA 40 -31.10 -1.20 -64.73
N ASP BA 41 -30.84 -1.03 -63.43
CA ASP BA 41 -29.66 -0.29 -62.98
C ASP BA 41 -28.39 -0.96 -63.50
N ASP BA 42 -28.25 -2.26 -63.26
CA ASP BA 42 -27.05 -2.98 -63.66
C ASP BA 42 -27.35 -4.47 -63.60
N ALA BA 43 -27.30 -5.14 -64.76
CA ALA BA 43 -27.61 -6.56 -64.81
C ALA BA 43 -26.46 -7.42 -64.29
N ALA BA 44 -25.26 -7.23 -64.84
CA ALA BA 44 -24.06 -7.92 -64.37
C ALA BA 44 -23.52 -7.19 -63.16
N GLY BA 45 -23.79 -7.72 -61.98
CA GLY BA 45 -23.50 -7.05 -60.73
C GLY BA 45 -24.62 -7.32 -59.74
N LEU BA 46 -25.86 -7.36 -60.22
CA LEU BA 46 -26.94 -7.88 -59.40
C LEU BA 46 -26.73 -9.35 -59.08
N ALA BA 47 -26.47 -10.16 -60.11
CA ALA BA 47 -26.18 -11.58 -59.91
C ALA BA 47 -24.95 -11.77 -59.03
N ILE BA 48 -23.90 -11.00 -59.27
CA ILE BA 48 -22.68 -11.12 -58.51
C ILE BA 48 -22.94 -10.77 -57.05
N SER BA 49 -23.74 -9.73 -56.80
CA SER BA 49 -24.07 -9.33 -55.44
C SER BA 49 -24.87 -10.42 -54.74
N GLU BA 50 -25.81 -11.04 -55.44
CA GLU BA 50 -26.61 -12.10 -54.81
C GLU BA 50 -25.76 -13.32 -54.47
N LYS BA 51 -24.91 -13.75 -55.40
CA LYS BA 51 -24.01 -14.86 -55.11
C LYS BA 51 -23.08 -14.54 -53.95
N MET BA 52 -22.57 -13.31 -53.90
CA MET BA 52 -21.65 -12.93 -52.82
C MET BA 52 -22.37 -12.88 -51.49
N ARG BA 53 -23.62 -12.42 -51.48
CA ARG BA 53 -24.42 -12.44 -50.25
C ARG BA 53 -24.64 -13.87 -49.77
N GLY BA 54 -24.97 -14.78 -50.70
CA GLY BA 54 -25.11 -16.17 -50.33
C GLY BA 54 -23.83 -16.73 -49.73
N GLN BA 55 -22.69 -16.42 -50.35
CA GLN BA 55 -21.40 -16.91 -49.85
C GLN BA 55 -21.09 -16.32 -48.47
N ILE BA 56 -21.41 -15.05 -48.27
CA ILE BA 56 -21.14 -14.42 -46.97
C ILE BA 56 -21.96 -15.07 -45.88
N SER BA 57 -23.26 -15.25 -46.13
CA SER BA 57 -24.12 -15.92 -45.14
C SER BA 57 -23.62 -17.33 -44.86
N GLY BA 58 -23.26 -18.07 -45.91
CA GLY BA 58 -22.76 -19.42 -45.72
C GLY BA 58 -21.48 -19.46 -44.91
N LEU BA 59 -20.58 -18.51 -45.17
CA LEU BA 59 -19.31 -18.48 -44.45
C LEU BA 59 -19.50 -18.16 -42.98
N ASN BA 60 -20.36 -17.20 -42.68
CA ASN BA 60 -20.64 -16.87 -41.28
C ASN BA 60 -21.30 -18.04 -40.56
N MET BA 61 -22.27 -18.69 -41.21
CA MET BA 61 -22.90 -19.85 -40.60
C MET BA 61 -21.92 -21.00 -40.42
N ALA BA 62 -20.96 -21.14 -41.34
CA ALA BA 62 -19.94 -22.17 -41.21
C ALA BA 62 -19.00 -21.88 -40.05
N SER BA 63 -18.68 -20.60 -39.84
CA SER BA 63 -17.91 -20.21 -38.65
C SER BA 63 -18.66 -20.60 -37.38
N LYS BA 64 -19.96 -20.31 -37.34
CA LYS BA 64 -20.78 -20.70 -36.20
C LYS BA 64 -20.76 -22.22 -35.98
N ASN BA 65 -20.91 -22.98 -37.06
CA ASN BA 65 -20.90 -24.43 -36.97
C ASN BA 65 -19.55 -24.96 -36.48
N SER BA 66 -18.45 -24.36 -36.95
CA SER BA 66 -17.13 -24.78 -36.52
C SER BA 66 -16.94 -24.53 -35.03
N SER BA 67 -17.44 -23.40 -34.54
CA SER BA 67 -17.38 -23.14 -33.10
C SER BA 67 -18.18 -24.17 -32.32
N ASP BA 68 -19.36 -24.53 -32.83
CA ASP BA 68 -20.17 -25.57 -32.19
C ASP BA 68 -19.42 -26.88 -32.11
N ALA BA 69 -18.76 -27.26 -33.20
CA ALA BA 69 -17.95 -28.49 -33.21
C ALA BA 69 -16.82 -28.42 -32.19
N ILE BA 70 -16.20 -27.25 -32.06
CA ILE BA 70 -15.14 -27.08 -31.06
C ILE BA 70 -15.70 -27.31 -29.66
N SER BA 71 -16.90 -26.81 -29.40
CA SER BA 71 -17.53 -27.00 -28.10
C SER BA 71 -17.77 -28.49 -27.82
N LEU BA 72 -18.30 -29.20 -28.81
CA LEU BA 72 -18.51 -30.65 -28.69
C LEU BA 72 -17.20 -31.37 -28.36
N ILE BA 73 -16.14 -31.05 -29.11
CA ILE BA 73 -14.86 -31.73 -28.91
C ILE BA 73 -14.31 -31.43 -27.52
N GLN BA 74 -14.45 -30.18 -27.06
CA GLN BA 74 -14.01 -29.84 -25.71
C GLN BA 74 -14.77 -30.65 -24.67
N THR BA 75 -16.07 -30.88 -24.91
CA THR BA 75 -16.83 -31.72 -23.99
C THR BA 75 -16.24 -33.11 -23.89
N ALA BA 76 -15.95 -33.72 -25.05
CA ALA BA 76 -15.40 -35.08 -25.05
C ALA BA 76 -14.03 -35.14 -24.36
N GLU BA 77 -13.15 -34.17 -24.65
CA GLU BA 77 -11.84 -34.15 -24.01
C GLU BA 77 -11.95 -34.00 -22.50
N GLY BA 78 -12.84 -33.12 -22.04
CA GLY BA 78 -13.06 -32.99 -20.61
C GLY BA 78 -13.59 -34.28 -20.00
N GLY BA 79 -14.40 -35.02 -20.74
CA GLY BA 79 -14.82 -36.32 -20.27
C GLY BA 79 -13.66 -37.29 -20.10
N LEU BA 80 -12.72 -37.28 -21.03
CA LEU BA 80 -11.61 -38.23 -20.98
C LEU BA 80 -10.51 -37.85 -19.98
N ASN BA 81 -10.45 -36.59 -19.56
CA ASN BA 81 -9.47 -36.21 -18.54
C ASN BA 81 -9.69 -37.00 -17.24
N GLU BA 82 -10.94 -37.17 -16.84
CA GLU BA 82 -11.22 -37.92 -15.61
C GLU BA 82 -10.95 -39.40 -15.79
N THR BA 83 -11.14 -39.91 -17.01
CA THR BA 83 -10.71 -41.27 -17.33
C THR BA 83 -9.23 -41.44 -17.07
N HIS BA 84 -8.40 -40.50 -17.57
CA HIS BA 84 -6.97 -40.51 -17.25
C HIS BA 84 -6.72 -40.57 -15.76
N ALA BA 85 -7.40 -39.69 -15.00
CA ALA BA 85 -7.15 -39.58 -13.57
C ALA BA 85 -7.46 -40.89 -12.85
N ILE BA 86 -8.65 -41.45 -13.08
CA ILE BA 86 -9.03 -42.64 -12.34
C ILE BA 86 -8.23 -43.85 -12.83
N LEU BA 87 -7.76 -43.83 -14.09
CA LEU BA 87 -6.86 -44.90 -14.53
C LEU BA 87 -5.53 -44.84 -13.77
N GLN BA 88 -5.00 -43.64 -13.56
CA GLN BA 88 -3.80 -43.49 -12.74
C GLN BA 88 -4.03 -44.04 -11.33
N ARG BA 89 -5.18 -43.70 -10.74
CA ARG BA 89 -5.49 -44.18 -9.40
C ARG BA 89 -5.59 -45.71 -9.37
N MET BA 90 -6.20 -46.30 -10.40
CA MET BA 90 -6.34 -47.76 -10.50
C MET BA 90 -4.97 -48.43 -10.62
N ARG BA 91 -4.08 -47.84 -11.40
CA ARG BA 91 -2.72 -48.38 -11.52
C ARG BA 91 -2.00 -48.34 -10.17
N GLU BA 92 -2.15 -47.23 -9.44
CA GLU BA 92 -1.56 -47.13 -8.12
C GLU BA 92 -2.09 -48.21 -7.19
N LEU BA 93 -3.42 -48.42 -7.22
CA LEU BA 93 -4.07 -49.46 -6.42
C LEU BA 93 -3.54 -50.85 -6.78
N ALA BA 94 -3.36 -51.13 -8.06
CA ALA BA 94 -2.85 -52.44 -8.47
C ALA BA 94 -1.42 -52.65 -8.01
N VAL BA 95 -0.57 -51.62 -8.16
CA VAL BA 95 0.82 -51.75 -7.73
C VAL BA 95 0.89 -51.97 -6.23
N GLN BA 96 -0.01 -51.35 -5.47
CA GLN BA 96 -0.05 -51.61 -4.03
C GLN BA 96 -0.59 -53.01 -3.71
N SER BA 97 -1.65 -53.44 -4.39
CA SER BA 97 -2.20 -54.76 -4.20
C SER BA 97 -1.22 -55.88 -4.54
N ARG BA 98 -0.28 -55.62 -5.44
CA ARG BA 98 0.61 -56.62 -6.00
C ARG BA 98 1.60 -57.18 -4.98
N ASN BA 99 1.87 -56.44 -3.91
CA ASN BA 99 2.84 -56.86 -2.90
C ASN BA 99 2.26 -57.93 -1.98
N ASP BA 100 3.14 -58.76 -1.42
CA ASP BA 100 2.75 -59.89 -0.59
C ASP BA 100 2.61 -59.53 0.88
N THR BA 101 2.78 -58.26 1.25
CA THR BA 101 2.41 -57.83 2.59
C THR BA 101 0.91 -57.95 2.84
N ASN BA 102 0.12 -57.88 1.78
CA ASN BA 102 -1.33 -57.89 1.90
C ASN BA 102 -1.86 -59.32 1.96
N ASP BA 103 -2.86 -59.53 2.81
CA ASP BA 103 -3.43 -60.85 3.04
C ASP BA 103 -4.83 -60.94 2.44
N GLU BA 104 -5.07 -62.04 1.72
CA GLU BA 104 -6.43 -62.36 1.29
C GLU BA 104 -7.32 -62.78 2.46
N ALA BA 105 -6.73 -63.32 3.53
CA ALA BA 105 -7.53 -63.82 4.65
C ALA BA 105 -8.22 -62.67 5.38
N THR BA 106 -7.45 -61.67 5.81
CA THR BA 106 -8.00 -60.53 6.54
C THR BA 106 -8.39 -59.37 5.64
N ASN BA 107 -8.73 -59.65 4.38
CA ASN BA 107 -9.50 -58.75 3.54
C ASN BA 107 -8.70 -57.48 3.19
N ASP BA 108 -7.38 -57.62 3.01
CA ASP BA 108 -6.55 -56.47 2.62
C ASP BA 108 -6.77 -56.10 1.16
N ARG BA 109 -6.78 -57.10 0.27
CA ARG BA 109 -6.94 -56.84 -1.16
C ARG BA 109 -8.39 -56.66 -1.59
N SER BA 110 -9.35 -57.21 -0.83
CA SER BA 110 -10.74 -57.04 -1.20
C SER BA 110 -11.21 -55.60 -1.04
N ASN BA 111 -10.58 -54.83 -0.15
CA ASN BA 111 -10.90 -53.41 -0.07
C ASN BA 111 -10.35 -52.63 -1.27
N LEU BA 112 -9.14 -52.97 -1.73
CA LEU BA 112 -8.64 -52.35 -2.94
C LEU BA 112 -9.47 -52.77 -4.14
N ASN BA 113 -10.04 -53.98 -4.10
CA ASN BA 113 -10.95 -54.42 -5.16
C ASN BA 113 -12.28 -53.68 -5.09
N ASP BA 114 -12.79 -53.40 -3.88
CA ASP BA 114 -13.94 -52.50 -3.73
C ASP BA 114 -13.68 -51.17 -4.43
N GLU BA 115 -12.54 -50.55 -4.12
CA GLU BA 115 -12.14 -49.30 -4.74
C GLU BA 115 -12.07 -49.42 -6.27
N LEU BA 116 -11.44 -50.50 -6.74
CA LEU BA 116 -11.27 -50.72 -8.17
C LEU BA 116 -12.61 -50.92 -8.88
N LYS BA 117 -13.53 -51.68 -8.28
CA LYS BA 117 -14.84 -51.88 -8.88
C LYS BA 117 -15.62 -50.57 -8.96
N GLN BA 118 -15.53 -49.73 -7.92
CA GLN BA 118 -16.21 -48.44 -7.99
C GLN BA 118 -15.62 -47.56 -9.09
N LEU BA 119 -14.30 -47.59 -9.24
CA LEU BA 119 -13.68 -46.80 -10.31
C LEU BA 119 -14.03 -47.34 -11.70
N GLN BA 120 -14.24 -48.65 -11.81
CA GLN BA 120 -14.68 -49.23 -13.08
C GLN BA 120 -16.13 -48.85 -13.40
N GLU BA 121 -16.98 -48.80 -12.38
CA GLU BA 121 -18.33 -48.30 -12.61
C GLU BA 121 -18.29 -46.83 -13.04
N GLU BA 122 -17.35 -46.05 -12.50
CA GLU BA 122 -17.25 -44.65 -12.88
C GLU BA 122 -16.72 -44.48 -14.31
N ILE BA 123 -15.72 -45.28 -14.70
CA ILE BA 123 -15.20 -45.18 -16.06
C ILE BA 123 -16.27 -45.58 -17.08
N THR BA 124 -17.16 -46.53 -16.74
CA THR BA 124 -18.27 -46.83 -17.63
C THR BA 124 -19.33 -45.72 -17.61
N ARG BA 125 -19.57 -45.14 -16.43
CA ARG BA 125 -20.57 -44.08 -16.29
C ARG BA 125 -20.21 -42.87 -17.14
N ILE BA 126 -18.95 -42.44 -17.09
CA ILE BA 126 -18.53 -41.29 -17.88
C ILE BA 126 -18.74 -41.57 -19.36
N SER BA 127 -18.49 -42.82 -19.79
CA SER BA 127 -18.68 -43.18 -21.18
C SER BA 127 -20.13 -43.00 -21.60
N SER BA 128 -21.06 -43.71 -20.93
CA SER BA 128 -22.45 -43.74 -21.37
C SER BA 128 -23.36 -42.79 -20.61
N GLN BA 129 -22.83 -41.68 -20.07
CA GLN BA 129 -23.66 -40.59 -19.58
C GLN BA 129 -23.11 -39.23 -20.00
N MET BA 130 -22.32 -39.20 -21.08
CA MET BA 130 -21.79 -37.97 -21.65
C MET BA 130 -22.63 -37.59 -22.86
N GLU BA 131 -22.98 -36.32 -22.97
CA GLU BA 131 -23.84 -35.91 -24.10
C GLU BA 131 -23.69 -34.43 -24.38
N PHE BA 132 -23.90 -34.08 -25.64
CA PHE BA 132 -23.91 -32.70 -26.14
C PHE BA 132 -25.16 -32.56 -27.00
N ASN BA 133 -26.15 -31.81 -26.49
CA ASN BA 133 -27.40 -31.58 -27.20
C ASN BA 133 -28.16 -32.89 -27.41
N ASN BA 134 -28.18 -33.72 -26.37
CA ASN BA 134 -28.87 -35.01 -26.41
C ASN BA 134 -28.25 -35.94 -27.45
N LYS BA 135 -26.93 -36.12 -27.35
CA LYS BA 135 -26.17 -36.92 -28.32
C LYS BA 135 -25.07 -37.65 -27.57
N LYS BA 136 -25.24 -38.96 -27.41
CA LYS BA 136 -24.23 -39.77 -26.74
C LYS BA 136 -22.99 -39.85 -27.62
N LEU BA 137 -21.83 -39.54 -27.04
CA LEU BA 137 -20.57 -39.41 -27.77
C LEU BA 137 -19.65 -40.62 -27.59
N LEU BA 138 -19.41 -41.03 -26.35
CA LEU BA 138 -18.38 -42.03 -26.02
C LEU BA 138 -18.97 -43.42 -25.81
N ASP BA 139 -19.95 -43.81 -26.63
CA ASP BA 139 -20.63 -45.09 -26.48
C ASP BA 139 -20.35 -46.01 -27.66
N GLY BA 140 -20.01 -45.42 -28.81
CA GLY BA 140 -20.01 -46.11 -30.08
C GLY BA 140 -21.09 -45.67 -31.04
N SER BA 141 -21.86 -44.62 -30.72
CA SER BA 141 -22.87 -44.13 -31.65
C SER BA 141 -22.24 -43.56 -32.91
N GLN BA 142 -21.18 -42.78 -32.75
CA GLN BA 142 -20.51 -42.13 -33.86
C GLN BA 142 -19.41 -42.98 -34.49
N SER BA 143 -19.07 -44.13 -33.88
CA SER BA 143 -18.03 -44.98 -34.43
C SER BA 143 -18.51 -45.76 -35.66
N THR BA 144 -19.81 -45.73 -35.98
CA THR BA 144 -20.34 -46.46 -37.11
C THR BA 144 -20.25 -45.65 -38.40
N ASN BA 145 -20.74 -44.41 -38.36
CA ASN BA 145 -20.77 -43.54 -39.53
C ASN BA 145 -19.95 -42.26 -39.32
N GLY BA 146 -20.17 -41.57 -38.21
CA GLY BA 146 -19.37 -40.42 -37.83
C GLY BA 146 -20.16 -39.12 -37.89
N LEU BA 147 -19.65 -38.13 -37.17
CA LEU BA 147 -20.24 -36.80 -37.14
C LEU BA 147 -19.66 -35.96 -38.28
N THR BA 148 -20.54 -35.31 -39.03
CA THR BA 148 -20.17 -34.51 -40.19
C THR BA 148 -20.42 -33.05 -39.90
N PHE BA 149 -19.37 -32.23 -40.00
CA PHE BA 149 -19.46 -30.79 -39.78
C PHE BA 149 -19.34 -30.07 -41.12
N GLN BA 150 -20.30 -29.19 -41.38
CA GLN BA 150 -20.29 -28.31 -42.54
C GLN BA 150 -19.46 -27.07 -42.19
N ILE BA 151 -18.28 -26.97 -42.78
CA ILE BA 151 -17.34 -25.89 -42.50
C ILE BA 151 -17.13 -25.06 -43.76
N GLY BA 152 -18.18 -24.96 -44.57
CA GLY BA 152 -18.09 -24.19 -45.80
C GLY BA 152 -19.47 -23.82 -46.30
N ALA BA 153 -19.50 -22.76 -47.12
CA ALA BA 153 -20.77 -22.25 -47.62
C ALA BA 153 -21.43 -23.25 -48.57
N ASN BA 154 -20.65 -23.85 -49.45
CA ASN BA 154 -21.18 -24.70 -50.51
C ASN BA 154 -21.32 -26.15 -50.05
N ALA BA 155 -21.92 -26.96 -50.92
CA ALA BA 155 -22.13 -28.37 -50.64
C ALA BA 155 -20.85 -29.16 -50.84
N GLY BA 156 -20.65 -30.16 -49.97
CA GLY BA 156 -19.47 -30.98 -50.00
C GLY BA 156 -18.29 -30.46 -49.19
N GLN BA 157 -18.36 -29.21 -48.72
CA GLN BA 157 -17.28 -28.62 -47.92
C GLN BA 157 -17.47 -29.04 -46.46
N THR BA 158 -17.23 -30.32 -46.23
CA THR BA 158 -17.52 -30.96 -44.95
C THR BA 158 -16.26 -31.63 -44.40
N ILE BA 159 -16.34 -32.02 -43.13
CA ILE BA 159 -15.34 -32.89 -42.52
C ILE BA 159 -16.07 -33.95 -41.69
N THR BA 160 -15.64 -35.20 -41.83
CA THR BA 160 -16.18 -36.30 -41.05
C THR BA 160 -15.26 -36.62 -39.88
N MET BA 161 -15.86 -37.12 -38.81
CA MET BA 161 -15.15 -37.40 -37.57
C MET BA 161 -15.74 -38.65 -36.96
N LYS BA 162 -14.93 -39.36 -36.18
CA LYS BA 162 -15.35 -40.59 -35.53
C LYS BA 162 -14.75 -40.67 -34.14
N ILE BA 163 -15.54 -41.20 -33.20
CA ILE BA 163 -15.12 -41.39 -31.82
C ILE BA 163 -15.42 -42.83 -31.45
N SER BA 164 -14.44 -43.50 -30.84
CA SER BA 164 -14.55 -44.91 -30.54
C SER BA 164 -15.22 -45.13 -29.19
N THR BA 165 -15.66 -46.37 -28.96
CA THR BA 165 -16.19 -46.74 -27.66
C THR BA 165 -15.05 -46.74 -26.64
N MET BA 166 -15.28 -46.05 -25.52
CA MET BA 166 -14.31 -45.85 -24.45
C MET BA 166 -14.85 -46.39 -23.13
N SER BA 167 -15.49 -47.56 -23.18
CA SER BA 167 -15.92 -48.26 -21.98
C SER BA 167 -14.84 -49.21 -21.47
N ALA BA 168 -15.08 -49.80 -20.30
CA ALA BA 168 -14.11 -50.70 -19.71
C ALA BA 168 -14.00 -52.00 -20.48
N THR BA 169 -15.09 -52.47 -21.09
CA THR BA 169 -15.05 -53.72 -21.85
C THR BA 169 -14.15 -53.58 -23.07
N LYS BA 170 -14.23 -52.45 -23.78
CA LYS BA 170 -13.46 -52.28 -25.00
C LYS BA 170 -11.97 -52.22 -24.71
N LEU BA 171 -11.59 -51.65 -23.57
CA LEU BA 171 -10.19 -51.43 -23.23
C LEU BA 171 -9.58 -52.57 -22.40
N GLY BA 172 -10.30 -53.66 -22.19
CA GLY BA 172 -9.74 -54.81 -21.50
C GLY BA 172 -9.37 -54.53 -20.06
N VAL BA 173 -10.14 -53.68 -19.38
CA VAL BA 173 -9.90 -53.33 -17.99
C VAL BA 173 -11.12 -53.59 -17.10
N ASP BA 174 -12.24 -54.03 -17.67
CA ASP BA 174 -13.39 -54.43 -16.89
C ASP BA 174 -13.05 -55.53 -15.88
N ALA BA 175 -13.93 -55.69 -14.89
CA ALA BA 175 -13.64 -56.58 -13.77
C ALA BA 175 -13.51 -58.04 -14.18
N ALA BA 176 -14.04 -58.42 -15.35
CA ALA BA 176 -13.88 -59.80 -15.82
C ALA BA 176 -12.45 -60.13 -16.23
N LYS BA 177 -11.59 -59.12 -16.41
CA LYS BA 177 -10.21 -59.36 -16.84
C LYS BA 177 -9.19 -58.49 -16.11
N ALA BA 178 -9.60 -57.73 -15.08
CA ALA BA 178 -8.69 -56.84 -14.38
C ALA BA 178 -8.90 -56.84 -12.87
N SER BA 179 -9.31 -57.96 -12.30
CA SER BA 179 -9.42 -58.04 -10.86
C SER BA 179 -8.05 -57.95 -10.21
N ILE BA 180 -8.03 -57.52 -8.95
CA ILE BA 180 -6.82 -57.52 -8.15
C ILE BA 180 -7.07 -58.30 -6.86
N SER BA 181 -7.96 -59.29 -6.93
CA SER BA 181 -8.14 -60.22 -5.82
C SER BA 181 -6.83 -60.91 -5.46
N LYS BA 182 -6.10 -61.39 -6.46
CA LYS BA 182 -4.89 -62.16 -6.25
C LYS BA 182 -3.67 -61.25 -6.39
N GLY BA 183 -2.49 -61.84 -6.24
CA GLY BA 183 -1.25 -61.17 -6.58
C GLY BA 183 -0.95 -61.29 -8.06
N THR BA 184 -1.34 -62.44 -8.65
CA THR BA 184 -1.08 -62.67 -10.06
C THR BA 184 -1.92 -61.74 -10.94
N ALA BA 185 -3.18 -61.54 -10.58
CA ALA BA 185 -4.07 -60.75 -11.42
C ALA BA 185 -3.65 -59.28 -11.47
N ALA BA 186 -3.04 -58.76 -10.40
CA ALA BA 186 -2.55 -57.39 -10.42
C ALA BA 186 -1.42 -57.22 -11.43
N SER BA 187 -0.61 -58.27 -11.64
CA SER BA 187 0.43 -58.23 -12.65
C SER BA 187 -0.15 -57.91 -14.02
N LYS BA 188 -1.19 -58.65 -14.42
CA LYS BA 188 -1.83 -58.37 -15.70
C LYS BA 188 -2.58 -57.05 -15.67
N ALA BA 189 -3.13 -56.68 -14.51
CA ALA BA 189 -3.91 -55.45 -14.41
C ALA BA 189 -3.06 -54.23 -14.67
N ILE BA 190 -1.80 -54.25 -14.23
CA ILE BA 190 -0.90 -53.11 -14.46
C ILE BA 190 -0.71 -52.88 -15.95
N LYS BA 191 -0.37 -53.94 -16.68
CA LYS BA 191 -0.17 -53.82 -18.13
C LYS BA 191 -1.46 -53.44 -18.83
N SER BA 192 -2.59 -54.00 -18.37
CA SER BA 192 -3.89 -53.68 -18.95
C SER BA 192 -4.21 -52.19 -18.79
N ILE BA 193 -3.91 -51.65 -17.61
CA ILE BA 193 -4.17 -50.25 -17.33
C ILE BA 193 -3.25 -49.35 -18.15
N ASP BA 194 -1.98 -49.76 -18.33
CA ASP BA 194 -1.08 -49.00 -19.18
C ASP BA 194 -1.59 -48.94 -20.62
N ASP BA 195 -2.02 -50.09 -21.15
CA ASP BA 195 -2.57 -50.11 -22.51
C ASP BA 195 -3.78 -49.20 -22.62
N ALA BA 196 -4.65 -49.22 -21.61
CA ALA BA 196 -5.83 -48.36 -21.64
C ALA BA 196 -5.46 -46.87 -21.62
N ILE BA 197 -4.49 -46.51 -20.78
CA ILE BA 197 -4.03 -45.11 -20.72
C ILE BA 197 -3.50 -44.67 -22.08
N ASN BA 198 -2.68 -45.51 -22.72
CA ASN BA 198 -2.15 -45.16 -24.03
C ASN BA 198 -3.26 -45.00 -25.06
N THR BA 199 -4.24 -45.90 -25.04
CA THR BA 199 -5.33 -45.82 -26.01
C THR BA 199 -6.14 -44.53 -25.83
N VAL BA 200 -6.44 -44.17 -24.59
CA VAL BA 200 -7.27 -42.98 -24.39
C VAL BA 200 -6.46 -41.71 -24.68
N SER BA 201 -5.14 -41.75 -24.45
CA SER BA 201 -4.28 -40.65 -24.90
C SER BA 201 -4.33 -40.50 -26.42
N LYS BA 202 -4.28 -41.62 -27.14
CA LYS BA 202 -4.38 -41.59 -28.60
C LYS BA 202 -5.70 -40.94 -29.04
N THR BA 203 -6.80 -41.34 -28.43
CA THR BA 203 -8.10 -40.77 -28.78
C THR BA 203 -8.15 -39.26 -28.50
N ARG BA 204 -7.62 -38.84 -27.35
CA ARG BA 204 -7.57 -37.41 -27.03
C ARG BA 204 -6.76 -36.64 -28.06
N SER BA 205 -5.62 -37.19 -28.48
CA SER BA 205 -4.83 -36.56 -29.53
C SER BA 205 -5.64 -36.42 -30.81
N ALA BA 206 -6.37 -37.47 -31.18
CA ALA BA 206 -7.19 -37.43 -32.39
C ALA BA 206 -8.23 -36.32 -32.32
N LEU BA 207 -8.80 -36.09 -31.14
CA LEU BA 207 -9.78 -35.00 -31.00
C LEU BA 207 -9.11 -33.63 -31.08
N GLY BA 208 -7.98 -33.47 -30.38
CA GLY BA 208 -7.32 -32.18 -30.35
C GLY BA 208 -6.82 -31.74 -31.72
N ALA BA 209 -6.42 -32.70 -32.55
CA ALA BA 209 -6.01 -32.36 -33.92
C ALA BA 209 -7.14 -31.69 -34.68
N VAL BA 210 -8.34 -32.24 -34.59
CA VAL BA 210 -9.48 -31.68 -35.30
C VAL BA 210 -9.84 -30.31 -34.73
N GLN BA 211 -9.70 -30.14 -33.42
CA GLN BA 211 -9.92 -28.83 -32.81
C GLN BA 211 -8.97 -27.78 -33.40
N ASN BA 212 -7.68 -28.12 -33.43
CA ASN BA 212 -6.68 -27.18 -33.96
C ASN BA 212 -6.93 -26.89 -35.44
N ARG BA 213 -7.39 -27.88 -36.19
CA ARG BA 213 -7.76 -27.64 -37.59
C ARG BA 213 -8.91 -26.65 -37.68
N LEU BA 214 -9.94 -26.83 -36.86
CA LEU BA 214 -11.12 -25.98 -36.94
C LEU BA 214 -10.80 -24.54 -36.59
N GLU BA 215 -9.81 -24.32 -35.72
CA GLU BA 215 -9.40 -22.95 -35.42
C GLU BA 215 -8.90 -22.23 -36.67
N HIS BA 216 -7.95 -22.84 -37.38
CA HIS BA 216 -7.45 -22.28 -38.63
C HIS BA 216 -8.57 -22.09 -39.64
N THR BA 217 -9.50 -23.06 -39.70
CA THR BA 217 -10.64 -22.94 -40.60
C THR BA 217 -11.47 -21.71 -40.27
N ILE BA 218 -11.69 -21.43 -38.99
CA ILE BA 218 -12.47 -20.26 -38.59
C ILE BA 218 -11.76 -18.98 -39.00
N ASN BA 219 -10.44 -18.93 -38.80
CA ASN BA 219 -9.67 -17.75 -39.22
C ASN BA 219 -9.82 -17.50 -40.72
N ASN BA 220 -9.66 -18.55 -41.52
CA ASN BA 220 -9.78 -18.40 -42.97
C ASN BA 220 -11.18 -17.97 -43.38
N LEU BA 221 -12.21 -18.53 -42.71
CA LEU BA 221 -13.58 -18.14 -43.04
C LEU BA 221 -13.82 -16.67 -42.73
N GLY BA 222 -13.33 -16.19 -41.59
CA GLY BA 222 -13.49 -14.78 -41.27
C GLY BA 222 -12.82 -13.87 -42.29
N THR BA 223 -11.59 -14.21 -42.67
CA THR BA 223 -10.88 -13.40 -43.67
C THR BA 223 -11.64 -13.37 -44.99
N SER BA 224 -12.09 -14.54 -45.45
CA SER BA 224 -12.80 -14.60 -46.73
C SER BA 224 -14.12 -13.84 -46.66
N ALA BA 225 -14.82 -13.93 -45.54
CA ALA BA 225 -16.08 -13.21 -45.39
C ALA BA 225 -15.87 -11.71 -45.44
N GLU BA 226 -14.83 -11.22 -44.75
CA GLU BA 226 -14.55 -9.78 -44.80
C GLU BA 226 -14.20 -9.33 -46.22
N ASN BA 227 -13.37 -10.09 -46.93
CA ASN BA 227 -12.98 -9.70 -48.28
C ASN BA 227 -14.19 -9.68 -49.22
N LEU BA 228 -15.02 -10.72 -49.17
CA LEU BA 228 -16.20 -10.74 -50.03
C LEU BA 228 -17.21 -9.66 -49.64
N THR BA 229 -17.28 -9.33 -48.35
CA THR BA 229 -18.14 -8.23 -47.93
C THR BA 229 -17.67 -6.92 -48.53
N ALA BA 230 -16.36 -6.67 -48.51
CA ALA BA 230 -15.80 -5.49 -49.15
C ALA BA 230 -16.14 -5.45 -50.64
N ALA BA 231 -15.95 -6.58 -51.32
CA ALA BA 231 -16.26 -6.66 -52.74
C ALA BA 231 -17.72 -6.34 -53.02
N GLU BA 232 -18.63 -6.97 -52.26
CA GLU BA 232 -20.05 -6.76 -52.46
C GLU BA 232 -20.45 -5.32 -52.17
N SER BA 233 -19.84 -4.72 -51.14
CA SER BA 233 -20.10 -3.33 -50.84
C SER BA 233 -19.69 -2.43 -52.01
N ARG BA 234 -18.49 -2.67 -52.54
CA ARG BA 234 -18.02 -1.85 -53.65
C ARG BA 234 -18.86 -2.05 -54.89
N ILE BA 235 -19.42 -3.24 -55.08
CA ILE BA 235 -20.26 -3.48 -56.25
C ILE BA 235 -21.61 -2.79 -56.11
N ARG BA 236 -22.33 -3.07 -55.02
CA ARG BA 236 -23.74 -2.72 -54.91
C ARG BA 236 -23.99 -1.42 -54.15
N ASP BA 237 -23.28 -1.17 -53.05
CA ASP BA 237 -23.54 0.04 -52.29
C ASP BA 237 -23.10 1.28 -53.06
N THR BA 238 -23.67 2.42 -52.70
CA THR BA 238 -23.46 3.68 -53.41
C THR BA 238 -22.68 4.64 -52.53
N ASP BA 239 -21.88 5.49 -53.19
CA ASP BA 239 -21.16 6.55 -52.51
C ASP BA 239 -22.10 7.75 -52.33
N MET BA 240 -22.22 8.20 -51.09
CA MET BA 240 -23.18 9.27 -50.78
C MET BA 240 -22.81 10.57 -51.46
N ALA BA 241 -21.51 10.86 -51.54
CA ALA BA 241 -21.06 12.16 -52.04
C ALA BA 241 -21.39 12.33 -53.52
N ALA BA 242 -21.14 11.31 -54.33
CA ALA BA 242 -21.41 11.41 -55.76
C ALA BA 242 -22.90 11.58 -56.04
N GLU BA 243 -23.74 10.82 -55.34
CA GLU BA 243 -25.18 10.94 -55.53
C GLU BA 243 -25.69 12.29 -55.03
N MET BA 244 -25.11 12.81 -53.96
CA MET BA 244 -25.46 14.15 -53.50
C MET BA 244 -25.13 15.20 -54.57
N MET BA 245 -23.93 15.09 -55.15
CA MET BA 245 -23.54 15.98 -56.24
C MET BA 245 -24.55 15.92 -57.38
N ALA BA 246 -24.87 14.70 -57.83
CA ALA BA 246 -25.78 14.54 -58.95
C ALA BA 246 -27.17 15.08 -58.63
N PHE BA 247 -27.63 14.87 -57.40
CA PHE BA 247 -28.96 15.33 -57.00
C PHE BA 247 -29.03 16.85 -56.98
N THR BA 248 -28.00 17.50 -56.41
CA THR BA 248 -27.97 18.96 -56.41
C THR BA 248 -27.93 19.50 -57.84
N LYS BA 249 -27.11 18.91 -58.70
CA LYS BA 249 -27.03 19.30 -60.10
C LYS BA 249 -28.39 19.20 -60.78
N ASN BA 250 -29.07 18.07 -60.59
CA ASN BA 250 -30.36 17.86 -61.24
C ASN BA 250 -31.42 18.82 -60.69
N ASN BA 251 -31.37 19.16 -59.41
CA ASN BA 251 -32.30 20.15 -58.87
C ASN BA 251 -32.07 21.51 -59.51
N ILE BA 252 -30.81 21.92 -59.63
CA ILE BA 252 -30.50 23.22 -60.24
C ILE BA 252 -30.98 23.24 -61.69
N LEU BA 253 -30.79 22.14 -62.41
CA LEU BA 253 -31.26 22.06 -63.79
C LEU BA 253 -32.79 22.12 -63.85
N THR BA 254 -33.47 21.47 -62.90
CA THR BA 254 -34.92 21.53 -62.85
C THR BA 254 -35.41 22.95 -62.65
N GLN BA 255 -34.79 23.68 -61.73
CA GLN BA 255 -35.16 25.07 -61.50
C GLN BA 255 -34.94 25.92 -62.75
N ALA BA 256 -33.80 25.72 -63.40
CA ALA BA 256 -33.50 26.46 -64.63
C ALA BA 256 -34.57 26.20 -65.69
N ALA BA 257 -34.94 24.93 -65.88
CA ALA BA 257 -35.95 24.60 -66.88
C ALA BA 257 -37.31 25.17 -66.49
N GLN BA 258 -37.62 25.21 -65.20
CA GLN BA 258 -38.87 25.82 -64.75
C GLN BA 258 -38.92 27.30 -65.13
N SER BA 259 -37.86 28.04 -64.83
CA SER BA 259 -37.82 29.45 -65.20
C SER BA 259 -37.88 29.64 -66.70
N MET BA 260 -37.19 28.79 -67.46
CA MET BA 260 -37.20 28.89 -68.91
C MET BA 260 -38.59 28.67 -69.47
N LEU BA 261 -39.33 27.73 -68.88
CA LEU BA 261 -40.69 27.47 -69.33
C LEU BA 261 -41.62 28.62 -68.98
N ALA BA 262 -41.45 29.19 -67.79
CA ALA BA 262 -42.23 30.36 -67.41
C ALA BA 262 -42.00 31.51 -68.38
N GLN BA 263 -40.77 31.65 -68.88
CA GLN BA 263 -40.50 32.68 -69.88
C GLN BA 263 -41.12 32.33 -71.23
N ALA BA 264 -40.94 31.08 -71.67
CA ALA BA 264 -41.43 30.66 -72.97
C ALA BA 264 -42.96 30.75 -73.07
N ASN BA 265 -43.66 30.56 -71.96
CA ASN BA 265 -45.11 30.71 -71.98
C ASN BA 265 -45.52 32.16 -72.19
N GLN BA 266 -44.72 33.11 -71.68
CA GLN BA 266 -45.00 34.53 -71.87
C GLN BA 266 -44.52 35.07 -73.21
N GLN BA 267 -43.58 34.37 -73.86
CA GLN BA 267 -43.04 34.85 -75.13
C GLN BA 267 -44.09 35.12 -76.19
N PRO BA 268 -45.06 34.22 -76.46
CA PRO BA 268 -46.04 34.54 -77.52
C PRO BA 268 -47.17 35.47 -77.05
N GLN BA 269 -46.89 36.77 -77.09
CA GLN BA 269 -47.88 37.81 -76.78
C GLN BA 269 -47.77 38.87 -77.87
N GLY BA 270 -48.52 38.68 -78.94
CA GLY BA 270 -48.60 39.62 -80.03
C GLY BA 270 -49.99 40.17 -80.17
N VAL BA 271 -50.68 40.37 -79.03
CA VAL BA 271 -52.02 40.91 -79.05
C VAL BA 271 -52.01 42.39 -79.41
N LEU BA 272 -50.89 43.08 -79.19
CA LEU BA 272 -50.81 44.50 -79.55
C LEU BA 272 -50.79 44.73 -81.05
N GLN BA 273 -50.59 43.70 -81.87
CA GLN BA 273 -50.83 43.86 -83.30
C GLN BA 273 -52.27 44.25 -83.56
N LEU BA 274 -53.20 43.52 -82.96
CA LEU BA 274 -54.61 43.60 -83.30
C LEU BA 274 -55.25 44.85 -82.72
N LEU BA 275 -55.28 44.92 -81.39
CA LEU BA 275 -55.93 46.02 -80.70
C LEU BA 275 -54.97 47.19 -80.53
N GLN BA 276 -55.42 48.23 -79.83
CA GLN BA 276 -54.55 49.38 -79.58
C GLN BA 276 -55.18 50.26 -78.50
N MET CA 1 -74.72 31.59 -69.69
CA MET CA 1 -73.68 31.36 -70.68
C MET CA 1 -72.41 32.24 -70.71
N ARG CA 2 -72.55 33.55 -70.46
CA ARG CA 2 -71.43 34.48 -70.57
C ARG CA 2 -71.12 35.22 -69.28
N ILE CA 3 -72.11 35.85 -68.66
CA ILE CA 3 -71.87 36.84 -67.60
C ILE CA 3 -72.48 36.39 -66.28
N GLN CA 4 -73.78 36.15 -66.28
CA GLN CA 4 -74.54 35.93 -65.05
C GLN CA 4 -74.04 34.74 -64.24
N HIS CA 5 -73.37 33.78 -64.88
CA HIS CA 5 -72.87 32.59 -64.20
C HIS CA 5 -71.50 32.25 -64.77
N ASN CA 6 -70.57 31.89 -63.87
CA ASN CA 6 -69.19 31.55 -64.24
C ASN CA 6 -68.85 30.21 -63.60
N ILE CA 7 -69.05 29.12 -64.35
CA ILE CA 7 -69.08 27.79 -63.75
C ILE CA 7 -67.67 27.31 -63.40
N ALA CA 8 -66.66 27.74 -64.15
CA ALA CA 8 -65.28 27.37 -63.86
C ALA CA 8 -64.89 27.84 -62.46
N ALA CA 9 -65.28 29.05 -62.10
CA ALA CA 9 -64.97 29.57 -60.77
C ALA CA 9 -65.69 28.79 -59.69
N LEU CA 10 -66.92 28.33 -59.95
CA LEU CA 10 -67.62 27.49 -58.99
C LEU CA 10 -66.89 26.18 -58.75
N ASN CA 11 -66.46 25.51 -59.82
CA ASN CA 11 -65.72 24.27 -59.68
C ASN CA 11 -64.42 24.49 -58.92
N THR CA 12 -63.71 25.58 -59.24
CA THR CA 12 -62.47 25.90 -58.55
C THR CA 12 -62.72 26.15 -57.06
N HIS CA 13 -63.82 26.83 -56.74
CA HIS CA 13 -64.17 27.07 -55.34
C HIS CA 13 -64.44 25.77 -54.60
N ARG CA 14 -65.18 24.86 -55.23
CA ARG CA 14 -65.41 23.54 -54.65
C ARG CA 14 -64.10 22.84 -54.32
N ASN CA 15 -63.21 22.73 -55.31
CA ASN CA 15 -61.95 22.03 -55.09
C ASN CA 15 -61.11 22.71 -54.03
N LEU CA 16 -61.11 24.04 -54.00
CA LEU CA 16 -60.38 24.78 -52.99
C LEU CA 16 -60.89 24.47 -51.59
N ALA CA 17 -62.21 24.46 -51.42
CA ALA CA 17 -62.80 24.12 -50.13
C ALA CA 17 -62.42 22.71 -49.70
N ALA CA 18 -62.46 21.76 -50.63
CA ALA CA 18 -62.09 20.39 -50.31
C ALA CA 18 -60.64 20.29 -49.85
N ASN CA 19 -59.74 20.97 -50.57
CA ASN CA 19 -58.32 20.93 -50.20
C ASN CA 19 -58.09 21.55 -48.83
N ASN CA 20 -58.76 22.67 -48.55
CA ASN CA 20 -58.65 23.29 -47.23
C ASN CA 20 -59.13 22.36 -46.13
N ALA CA 21 -60.25 21.67 -46.36
CA ALA CA 21 -60.75 20.72 -45.37
C ALA CA 21 -59.76 19.60 -45.11
N ALA CA 22 -59.17 19.05 -46.17
CA ALA CA 22 -58.21 17.96 -46.00
C ALA CA 22 -56.98 18.43 -45.23
N ALA CA 23 -56.49 19.64 -45.55
CA ALA CA 23 -55.35 20.18 -44.83
C ALA CA 23 -55.68 20.39 -43.35
N SER CA 24 -56.89 20.84 -43.05
CA SER CA 24 -57.30 21.02 -41.66
C SER CA 24 -57.33 19.69 -40.92
N LYS CA 25 -57.85 18.63 -41.56
CA LYS CA 25 -57.83 17.31 -40.96
C LYS CA 25 -56.40 16.85 -40.66
N ASN CA 26 -55.48 17.09 -41.60
CA ASN CA 26 -54.10 16.70 -41.38
C ASN CA 26 -53.48 17.48 -40.22
N LEU CA 27 -53.81 18.78 -40.12
CA LEU CA 27 -53.34 19.57 -38.99
C LEU CA 27 -53.84 19.01 -37.68
N GLU CA 28 -55.12 18.63 -37.63
CA GLU CA 28 -55.67 18.00 -36.44
C GLU CA 28 -54.90 16.74 -36.07
N LYS CA 29 -54.65 15.87 -37.04
CA LYS CA 29 -53.93 14.63 -36.76
C LYS CA 29 -52.50 14.88 -36.32
N LEU CA 30 -51.87 15.94 -36.81
CA LEU CA 30 -50.49 16.21 -36.43
C LEU CA 30 -50.39 16.85 -35.05
N SER CA 31 -51.30 17.77 -34.73
CA SER CA 31 -51.28 18.40 -33.42
C SER CA 31 -51.68 17.42 -32.33
N SER CA 32 -52.70 16.60 -32.59
CA SER CA 32 -53.18 15.67 -31.57
C SER CA 32 -52.17 14.57 -31.32
N GLY CA 33 -51.46 14.14 -32.36
CA GLY CA 33 -50.59 12.98 -32.26
C GLY CA 33 -51.29 11.65 -32.40
N PHE CA 34 -52.61 11.65 -32.61
CA PHE CA 34 -53.40 10.42 -32.78
C PHE CA 34 -54.03 10.42 -34.16
N LYS CA 35 -54.11 9.23 -34.75
CA LYS CA 35 -54.70 9.06 -36.07
C LYS CA 35 -56.23 8.99 -36.03
N ILE CA 36 -56.81 8.68 -34.87
CA ILE CA 36 -58.25 8.49 -34.71
C ILE CA 36 -58.68 9.40 -33.57
N ASN CA 37 -59.22 10.57 -33.92
CA ASN CA 37 -59.78 11.50 -32.96
C ASN CA 37 -61.30 11.46 -32.90
N ARG CA 38 -61.94 10.93 -33.95
CA ARG CA 38 -63.38 10.77 -33.99
C ARG CA 38 -63.69 9.35 -34.47
N ALA CA 39 -64.94 8.95 -34.30
CA ALA CA 39 -65.36 7.64 -34.79
C ALA CA 39 -65.53 7.63 -36.30
N GLY CA 40 -65.78 8.79 -36.91
CA GLY CA 40 -65.83 8.86 -38.36
C GLY CA 40 -64.49 8.54 -39.00
N ASP CA 41 -63.39 8.80 -38.29
CA ASP CA 41 -62.07 8.42 -38.79
C ASP CA 41 -62.00 6.91 -39.02
N ASP CA 42 -62.36 6.14 -38.01
CA ASP CA 42 -62.28 4.68 -38.11
C ASP CA 42 -63.11 4.08 -36.97
N ALA CA 43 -64.16 3.35 -37.33
CA ALA CA 43 -65.04 2.76 -36.32
C ALA CA 43 -64.43 1.53 -35.68
N ALA CA 44 -64.02 0.55 -36.50
CA ALA CA 44 -63.34 -0.64 -36.01
C ALA CA 44 -61.87 -0.32 -35.81
N GLY CA 45 -61.49 -0.10 -34.57
CA GLY CA 45 -60.17 0.39 -34.23
C GLY CA 45 -60.26 1.37 -33.09
N LEU CA 46 -61.32 2.18 -33.07
CA LEU CA 46 -61.63 2.96 -31.87
C LEU CA 46 -61.97 2.04 -30.71
N ALA CA 47 -62.89 1.10 -30.94
CA ALA CA 47 -63.26 0.13 -29.92
C ALA CA 47 -62.05 -0.70 -29.49
N ILE CA 48 -61.25 -1.15 -30.46
CA ILE CA 48 -60.08 -1.96 -30.17
C ILE CA 48 -59.09 -1.16 -29.33
N SER CA 49 -58.90 0.12 -29.65
CA SER CA 49 -57.99 0.97 -28.90
C SER CA 49 -58.49 1.16 -27.47
N GLU CA 50 -59.79 1.34 -27.29
CA GLU CA 50 -60.31 1.54 -25.94
C GLU CA 50 -60.16 0.28 -25.10
N LYS CA 51 -60.50 -0.89 -25.68
CA LYS CA 51 -60.31 -2.14 -24.94
C LYS CA 51 -58.84 -2.37 -24.60
N MET CA 52 -57.93 -2.05 -25.54
CA MET CA 52 -56.51 -2.26 -25.29
C MET CA 52 -56.00 -1.30 -24.22
N ARG CA 53 -56.51 -0.07 -24.20
CA ARG CA 53 -56.14 0.87 -23.14
C ARG CA 53 -56.61 0.36 -21.79
N GLY CA 54 -57.84 -0.16 -21.72
CA GLY CA 54 -58.32 -0.75 -20.48
C GLY CA 54 -57.45 -1.90 -20.03
N GLN CA 55 -57.07 -2.77 -20.95
CA GLN CA 55 -56.22 -3.91 -20.61
C GLN CA 55 -54.84 -3.45 -20.14
N ILE CA 56 -54.28 -2.42 -20.77
CA ILE CA 56 -52.97 -1.92 -20.39
C ILE CA 56 -53.01 -1.36 -18.97
N SER CA 57 -54.01 -0.52 -18.68
CA SER CA 57 -54.14 0.03 -17.34
C SER CA 57 -54.33 -1.07 -16.31
N GLY CA 58 -55.18 -2.06 -16.63
CA GLY CA 58 -55.38 -3.17 -15.71
C GLY CA 58 -54.13 -3.97 -15.46
N LEU CA 59 -53.33 -4.21 -16.51
CA LEU CA 59 -52.11 -4.99 -16.36
C LEU CA 59 -51.08 -4.25 -15.53
N ASN CA 60 -50.93 -2.95 -15.75
CA ASN CA 60 -49.99 -2.17 -14.94
C ASN CA 60 -50.42 -2.14 -13.47
N MET CA 61 -51.73 -1.92 -13.23
CA MET CA 61 -52.21 -1.93 -11.86
C MET CA 61 -52.07 -3.30 -11.21
N ALA CA 62 -52.21 -4.37 -12.00
CA ALA CA 62 -52.01 -5.71 -11.47
C ALA CA 62 -50.55 -5.96 -11.12
N SER CA 63 -49.63 -5.42 -11.92
CA SER CA 63 -48.22 -5.48 -11.56
C SER CA 63 -47.97 -4.79 -10.22
N LYS CA 64 -48.54 -3.60 -10.06
CA LYS CA 64 -48.44 -2.87 -8.79
C LYS CA 64 -48.97 -3.70 -7.62
N ASN CA 65 -50.15 -4.31 -7.81
CA ASN CA 65 -50.76 -5.12 -6.77
C ASN CA 65 -49.90 -6.33 -6.42
N SER CA 66 -49.30 -6.96 -7.44
CA SER CA 66 -48.45 -8.12 -7.19
C SER CA 66 -47.23 -7.72 -6.39
N SER CA 67 -46.65 -6.56 -6.69
CA SER CA 67 -45.52 -6.08 -5.89
C SER CA 67 -45.94 -5.81 -4.44
N ASP CA 68 -47.14 -5.25 -4.26
CA ASP CA 68 -47.64 -5.04 -2.90
C ASP CA 68 -47.77 -6.35 -2.14
N ALA CA 69 -48.31 -7.38 -2.80
CA ALA CA 69 -48.42 -8.70 -2.20
C ALA CA 69 -47.05 -9.25 -1.83
N ILE CA 70 -46.05 -9.05 -2.69
CA ILE CA 70 -44.70 -9.50 -2.39
C ILE CA 70 -44.19 -8.82 -1.13
N SER CA 71 -44.47 -7.52 -0.98
CA SER CA 71 -44.04 -6.80 0.22
C SER CA 71 -44.68 -7.39 1.47
N LEU CA 72 -45.99 -7.64 1.41
CA LEU CA 72 -46.69 -8.27 2.52
C LEU CA 72 -46.06 -9.61 2.91
N ILE CA 73 -45.81 -10.45 1.91
CA ILE CA 73 -45.25 -11.78 2.17
C ILE CA 73 -43.86 -11.66 2.78
N GLN CA 74 -43.05 -10.72 2.29
CA GLN CA 74 -41.73 -10.50 2.87
C GLN CA 74 -41.85 -10.10 4.33
N THR CA 75 -42.86 -9.29 4.66
CA THR CA 75 -43.07 -8.91 6.06
C THR CA 75 -43.32 -10.15 6.92
N ALA CA 76 -44.20 -11.03 6.45
CA ALA CA 76 -44.52 -12.22 7.24
C ALA CA 76 -43.31 -13.14 7.39
N GLU CA 77 -42.54 -13.34 6.32
CA GLU CA 77 -41.35 -14.19 6.41
C GLU CA 77 -40.32 -13.61 7.38
N GLY CA 78 -40.11 -12.29 7.32
CA GLY CA 78 -39.22 -11.66 8.28
C GLY CA 78 -39.70 -11.82 9.70
N GLY CA 79 -41.02 -11.81 9.89
CA GLY CA 79 -41.56 -12.09 11.22
C GLY CA 79 -41.22 -13.49 11.70
N LEU CA 80 -41.29 -14.48 10.80
CA LEU CA 80 -41.08 -15.88 11.19
C LEU CA 80 -39.60 -16.24 11.34
N ASN CA 81 -38.68 -15.46 10.76
CA ASN CA 81 -37.26 -15.72 10.96
C ASN CA 81 -36.88 -15.65 12.45
N GLU CA 82 -37.40 -14.66 13.17
CA GLU CA 82 -37.08 -14.55 14.58
C GLU CA 82 -37.75 -15.65 15.39
N THR CA 83 -38.91 -16.12 14.94
CA THR CA 83 -39.51 -17.31 15.53
C THR CA 83 -38.56 -18.50 15.45
N HIS CA 84 -37.99 -18.74 14.26
CA HIS CA 84 -36.97 -19.77 14.12
C HIS CA 84 -35.84 -19.59 15.12
N ALA CA 85 -35.31 -18.37 15.21
CA ALA CA 85 -34.15 -18.10 16.06
C ALA CA 85 -34.45 -18.41 17.53
N ILE CA 86 -35.55 -17.87 18.05
CA ILE CA 86 -35.83 -18.06 19.47
C ILE CA 86 -36.26 -19.49 19.74
N LEU CA 87 -36.82 -20.20 18.75
CA LEU CA 87 -37.09 -21.62 18.94
C LEU CA 87 -35.81 -22.41 19.08
N GLN CA 88 -34.80 -22.08 18.27
CA GLN CA 88 -33.49 -22.71 18.42
C GLN CA 88 -32.94 -22.46 19.83
N ARG CA 89 -33.03 -21.21 20.30
CA ARG CA 89 -32.53 -20.89 21.63
C ARG CA 89 -33.28 -21.67 22.71
N MET CA 90 -34.61 -21.81 22.56
CA MET CA 90 -35.41 -22.55 23.51
C MET CA 90 -35.03 -24.03 23.54
N ARG CA 91 -34.76 -24.62 22.36
CA ARG CA 91 -34.32 -26.00 22.31
C ARG CA 91 -32.98 -26.17 23.02
N GLU CA 92 -32.06 -25.23 22.80
CA GLU CA 92 -30.77 -25.27 23.50
C GLU CA 92 -30.98 -25.23 25.00
N LEU CA 93 -31.84 -24.32 25.46
CA LEU CA 93 -32.16 -24.21 26.89
C LEU CA 93 -32.75 -25.49 27.45
N ALA CA 94 -33.65 -26.14 26.71
CA ALA CA 94 -34.23 -27.39 27.19
C ALA CA 94 -33.20 -28.50 27.27
N VAL CA 95 -32.33 -28.61 26.26
CA VAL CA 95 -31.31 -29.65 26.28
C VAL CA 95 -30.36 -29.43 27.44
N GLN CA 96 -30.06 -28.17 27.79
CA GLN CA 96 -29.25 -27.89 28.96
C GLN CA 96 -29.98 -28.18 30.26
N SER CA 97 -31.26 -27.79 30.35
CA SER CA 97 -32.07 -28.06 31.53
C SER CA 97 -32.25 -29.55 31.80
N ARG CA 98 -32.19 -30.37 30.76
CA ARG CA 98 -32.52 -31.79 30.83
C ARG CA 98 -31.53 -32.60 31.66
N ASN CA 99 -30.31 -32.10 31.83
CA ASN CA 99 -29.26 -32.82 32.55
C ASN CA 99 -29.48 -32.73 34.05
N ASP CA 100 -28.99 -33.74 34.78
CA ASP CA 100 -29.18 -33.85 36.22
C ASP CA 100 -28.09 -33.15 37.03
N THR CA 101 -27.16 -32.46 36.37
CA THR CA 101 -26.26 -31.57 37.10
C THR CA 101 -27.02 -30.41 37.74
N ASN CA 102 -28.15 -30.03 37.16
CA ASN CA 102 -28.91 -28.88 37.62
C ASN CA 102 -29.84 -29.26 38.77
N ASP CA 103 -29.94 -28.38 39.77
CA ASP CA 103 -30.72 -28.62 40.97
C ASP CA 103 -31.98 -27.74 40.97
N GLU CA 104 -33.11 -28.37 41.28
CA GLU CA 104 -34.33 -27.63 41.55
C GLU CA 104 -34.25 -26.85 42.86
N ALA CA 105 -33.45 -27.33 43.82
CA ALA CA 105 -33.37 -26.70 45.14
C ALA CA 105 -32.75 -25.31 45.05
N THR CA 106 -31.56 -25.22 44.46
CA THR CA 106 -30.84 -23.95 44.34
C THR CA 106 -31.13 -23.23 43.03
N ASN CA 107 -32.31 -23.47 42.44
CA ASN CA 107 -32.89 -22.58 41.44
C ASN CA 107 -32.09 -22.57 40.14
N ASP CA 108 -31.52 -23.72 39.76
CA ASP CA 108 -30.77 -23.82 38.51
C ASP CA 108 -31.71 -23.83 37.30
N ARG CA 109 -32.77 -24.63 37.37
CA ARG CA 109 -33.70 -24.75 36.26
C ARG CA 109 -34.73 -23.64 36.21
N SER CA 110 -35.04 -23.00 37.35
CA SER CA 110 -36.02 -21.92 37.34
C SER CA 110 -35.51 -20.70 36.59
N ASN CA 111 -34.18 -20.50 36.52
CA ASN CA 111 -33.65 -19.42 35.70
C ASN CA 111 -33.77 -19.73 34.21
N LEU CA 112 -33.55 -20.99 33.81
CA LEU CA 112 -33.79 -21.35 32.42
C LEU CA 112 -35.27 -21.26 32.10
N ASN CA 113 -36.13 -21.50 33.10
CA ASN CA 113 -37.57 -21.33 32.90
C ASN CA 113 -37.95 -19.85 32.79
N ASP CA 114 -37.29 -18.98 33.55
CA ASP CA 114 -37.44 -17.54 33.35
C ASP CA 114 -37.14 -17.17 31.89
N GLU CA 115 -35.99 -17.61 31.40
CA GLU CA 115 -35.60 -17.38 30.01
C GLU CA 115 -36.64 -17.92 29.04
N LEU CA 116 -37.10 -19.14 29.28
CA LEU CA 116 -38.07 -19.79 28.40
C LEU CA 116 -39.40 -19.04 28.38
N LYS CA 117 -39.88 -18.61 29.56
CA LYS CA 117 -41.13 -17.85 29.62
C LYS CA 117 -41.02 -16.54 28.88
N GLN CA 118 -39.88 -15.84 29.00
CA GLN CA 118 -39.72 -14.60 28.25
C GLN CA 118 -39.71 -14.86 26.75
N LEU CA 119 -39.07 -15.95 26.31
CA LEU CA 119 -39.07 -16.26 24.89
C LEU CA 119 -40.45 -16.68 24.40
N GLN CA 120 -41.26 -17.29 25.26
CA GLN CA 120 -42.63 -17.61 24.88
C GLN CA 120 -43.50 -16.35 24.77
N GLU CA 121 -43.28 -15.39 25.66
CA GLU CA 121 -43.98 -14.12 25.51
C GLU CA 121 -43.57 -13.43 24.22
N GLU CA 122 -42.29 -13.57 23.83
CA GLU CA 122 -41.85 -12.95 22.57
C GLU CA 122 -42.42 -13.67 21.34
N ILE CA 123 -42.49 -15.00 21.37
CA ILE CA 123 -43.06 -15.72 20.22
C ILE CA 123 -44.54 -15.39 20.07
N THR CA 124 -45.26 -15.14 21.17
CA THR CA 124 -46.65 -14.68 21.05
C THR CA 124 -46.72 -13.23 20.58
N ARG CA 125 -45.80 -12.39 21.06
CA ARG CA 125 -45.80 -10.98 20.70
C ARG CA 125 -45.59 -10.79 19.21
N ILE CA 126 -44.63 -11.52 18.63
CA ILE CA 126 -44.39 -11.40 17.19
C ILE CA 126 -45.63 -11.80 16.41
N SER CA 127 -46.35 -12.81 16.91
CA SER CA 127 -47.58 -13.25 16.24
C SER CA 127 -48.60 -12.13 16.21
N SER CA 128 -49.01 -11.63 17.37
CA SER CA 128 -50.13 -10.69 17.45
C SER CA 128 -49.69 -9.24 17.58
N GLN CA 129 -48.52 -8.87 17.05
CA GLN CA 129 -48.15 -7.47 16.87
C GLN CA 129 -47.49 -7.25 15.51
N MET CA 130 -47.76 -8.13 14.55
CA MET CA 130 -47.26 -8.00 13.18
C MET CA 130 -48.38 -7.45 12.31
N GLU CA 131 -48.06 -6.48 11.46
CA GLU CA 131 -49.13 -5.88 10.63
C GLU CA 131 -48.54 -5.24 9.39
N PHE CA 132 -49.34 -5.21 8.34
CA PHE CA 132 -49.04 -4.56 7.07
C PHE CA 132 -50.26 -3.73 6.71
N ASN CA 133 -50.15 -2.41 6.81
CA ASN CA 133 -51.24 -1.49 6.47
C ASN CA 133 -52.43 -1.70 7.42
N ASN CA 134 -52.12 -1.89 8.70
CA ASN CA 134 -53.15 -2.10 9.73
C ASN CA 134 -53.92 -3.38 9.47
N LYS CA 135 -53.19 -4.49 9.33
CA LYS CA 135 -53.77 -5.78 9.01
C LYS CA 135 -52.98 -6.86 9.73
N LYS CA 136 -53.57 -7.42 10.78
CA LYS CA 136 -52.91 -8.49 11.52
C LYS CA 136 -52.83 -9.74 10.65
N LEU CA 137 -51.63 -10.30 10.55
CA LEU CA 137 -51.35 -11.41 9.63
C LEU CA 137 -51.26 -12.76 10.34
N LEU CA 138 -50.47 -12.86 11.40
CA LEU CA 138 -50.13 -14.13 12.05
C LEU CA 138 -50.97 -14.40 13.29
N ASP CA 139 -52.26 -14.09 13.24
CA ASP CA 139 -53.15 -14.24 14.39
C ASP CA 139 -54.21 -15.30 14.13
N GLY CA 140 -54.52 -15.54 12.85
CA GLY CA 140 -55.69 -16.28 12.44
C GLY CA 140 -56.76 -15.44 11.76
N SER CA 141 -56.50 -14.17 11.46
CA SER CA 141 -57.48 -13.36 10.76
C SER CA 141 -57.69 -13.86 9.34
N GLN CA 142 -56.62 -14.20 8.65
CA GLN CA 142 -56.67 -14.65 7.27
C GLN CA 142 -56.86 -16.15 7.14
N SER CA 143 -56.79 -16.91 8.23
CA SER CA 143 -56.97 -18.35 8.18
C SER CA 143 -58.42 -18.76 7.97
N THR CA 144 -59.37 -17.80 8.07
CA THR CA 144 -60.78 -18.12 7.93
C THR CA 144 -61.22 -18.08 6.47
N ASN CA 145 -60.91 -16.98 5.77
CA ASN CA 145 -61.29 -16.78 4.38
C ASN CA 145 -60.09 -16.63 3.46
N GLY CA 146 -59.15 -15.77 3.81
CA GLY CA 146 -57.90 -15.64 3.09
C GLY CA 146 -57.79 -14.30 2.37
N LEU CA 147 -56.55 -13.93 2.06
CA LEU CA 147 -56.25 -12.71 1.32
C LEU CA 147 -56.29 -12.99 -0.17
N THR CA 148 -57.00 -12.14 -0.91
CA THR CA 148 -57.20 -12.28 -2.34
C THR CA 148 -56.46 -11.17 -3.07
N PHE CA 149 -55.55 -11.55 -3.97
CA PHE CA 149 -54.79 -10.61 -4.77
C PHE CA 149 -55.28 -10.65 -6.20
N GLN CA 150 -55.59 -9.46 -6.73
CA GLN CA 150 -55.96 -9.29 -8.13
C GLN CA 150 -54.68 -9.14 -8.94
N ILE CA 151 -54.35 -10.16 -9.72
CA ILE CA 151 -53.12 -10.20 -10.50
C ILE CA 151 -53.46 -10.23 -11.99
N GLY CA 152 -54.56 -9.58 -12.35
CA GLY CA 152 -54.98 -9.53 -13.74
C GLY CA 152 -55.93 -8.38 -13.98
N ALA CA 153 -56.01 -7.98 -15.24
CA ALA CA 153 -56.84 -6.84 -15.62
C ALA CA 153 -58.32 -7.15 -15.42
N ASN CA 154 -58.75 -8.34 -15.83
CA ASN CA 154 -60.16 -8.70 -15.84
C ASN CA 154 -60.61 -9.28 -14.50
N ALA CA 155 -61.91 -9.52 -14.40
CA ALA CA 155 -62.50 -10.07 -13.19
C ALA CA 155 -62.26 -11.58 -13.12
N GLY CA 156 -62.03 -12.06 -11.91
CA GLY CA 156 -61.75 -13.46 -11.68
C GLY CA 156 -60.30 -13.85 -11.77
N GLN CA 157 -59.43 -12.97 -12.28
CA GLN CA 157 -58.01 -13.25 -12.40
C GLN CA 157 -57.32 -12.95 -11.07
N THR CA 158 -57.62 -13.81 -10.09
CA THR CA 158 -57.23 -13.61 -8.71
C THR CA 158 -56.45 -14.81 -8.19
N ILE CA 159 -55.81 -14.63 -7.04
CA ILE CA 159 -55.24 -15.74 -6.29
C ILE CA 159 -55.59 -15.55 -4.82
N THR CA 160 -56.02 -16.63 -4.17
CA THR CA 160 -56.32 -16.63 -2.74
C THR CA 160 -55.15 -17.21 -1.97
N MET CA 161 -54.99 -16.74 -0.74
CA MET CA 161 -53.89 -17.12 0.13
C MET CA 161 -54.41 -17.21 1.56
N LYS CA 162 -53.75 -18.03 2.36
CA LYS CA 162 -54.13 -18.23 3.75
C LYS CA 162 -52.88 -18.35 4.60
N ILE CA 163 -52.94 -17.80 5.81
CA ILE CA 163 -51.86 -17.86 6.78
C ILE CA 163 -52.46 -18.35 8.09
N SER CA 164 -51.80 -19.33 8.71
CA SER CA 164 -52.31 -19.97 9.91
C SER CA 164 -51.89 -19.20 11.15
N THR CA 165 -52.56 -19.51 12.26
CA THR CA 165 -52.17 -18.96 13.54
C THR CA 165 -50.82 -19.55 13.96
N MET CA 166 -49.88 -18.69 14.33
CA MET CA 166 -48.51 -19.04 14.67
C MET CA 166 -48.17 -18.57 16.09
N SER CA 167 -49.12 -18.76 17.01
CA SER CA 167 -48.89 -18.49 18.42
C SER CA 167 -48.36 -19.74 19.13
N ALA CA 168 -48.00 -19.57 20.41
CA ALA CA 168 -47.45 -20.68 21.18
C ALA CA 168 -48.53 -21.72 21.50
N THR CA 169 -49.77 -21.30 21.68
CA THR CA 169 -50.84 -22.24 21.98
C THR CA 169 -51.09 -23.20 20.82
N LYS CA 170 -51.08 -22.68 19.59
CA LYS CA 170 -51.38 -23.52 18.43
C LYS CA 170 -50.30 -24.56 18.21
N LEU CA 171 -49.05 -24.22 18.51
CA LEU CA 171 -47.91 -25.08 18.24
C LEU CA 171 -47.54 -25.99 19.42
N GLY CA 172 -48.32 -25.99 20.49
CA GLY CA 172 -48.07 -26.89 21.61
C GLY CA 172 -46.75 -26.64 22.31
N VAL CA 173 -46.34 -25.37 22.40
CA VAL CA 173 -45.10 -24.98 23.05
C VAL CA 173 -45.33 -23.94 24.16
N ASP CA 174 -46.56 -23.47 24.35
CA ASP CA 174 -46.89 -22.60 25.46
C ASP CA 174 -46.52 -23.22 26.81
N ALA CA 175 -46.44 -22.36 27.83
CA ALA CA 175 -45.93 -22.78 29.13
C ALA CA 175 -46.81 -23.84 29.80
N ALA CA 176 -48.07 -23.95 29.39
CA ALA CA 176 -48.94 -24.99 29.95
C ALA CA 176 -48.56 -26.40 29.53
N LYS CA 177 -47.71 -26.55 28.50
CA LYS CA 177 -47.32 -27.86 28.01
C LYS CA 177 -45.83 -27.96 27.66
N ALA CA 178 -45.03 -26.94 27.97
CA ALA CA 178 -43.61 -26.94 27.61
C ALA CA 178 -42.72 -26.37 28.71
N SER CA 179 -43.09 -26.54 29.97
CA SER CA 179 -42.22 -26.11 31.04
C SER CA 179 -40.96 -26.96 31.06
N ILE CA 180 -39.89 -26.38 31.63
CA ILE CA 180 -38.66 -27.11 31.87
C ILE CA 180 -38.29 -27.01 33.35
N SER CA 181 -39.32 -26.91 34.20
CA SER CA 181 -39.11 -26.99 35.65
C SER CA 181 -38.43 -28.30 36.03
N LYS CA 182 -38.91 -29.42 35.48
CA LYS CA 182 -38.43 -30.74 35.84
C LYS CA 182 -37.40 -31.20 34.80
N GLY CA 183 -36.90 -32.42 35.00
CA GLY CA 183 -36.10 -33.09 33.99
C GLY CA 183 -37.00 -33.78 32.98
N THR CA 184 -38.13 -34.30 33.45
CA THR CA 184 -39.05 -35.02 32.57
C THR CA 184 -39.68 -34.07 31.55
N ALA CA 185 -40.07 -32.88 31.98
CA ALA CA 185 -40.78 -31.96 31.10
C ALA CA 185 -39.89 -31.47 29.96
N ALA CA 186 -38.58 -31.36 30.20
CA ALA CA 186 -37.68 -30.97 29.12
C ALA CA 186 -37.62 -32.02 28.02
N SER CA 187 -37.78 -33.29 28.37
CA SER CA 187 -37.85 -34.36 27.38
C SER CA 187 -38.96 -34.10 26.37
N LYS CA 188 -40.17 -33.82 26.86
CA LYS CA 188 -41.27 -33.50 25.97
C LYS CA 188 -41.07 -32.16 25.29
N ALA CA 189 -40.43 -31.21 25.98
CA ALA CA 189 -40.24 -29.87 25.42
C ALA CA 189 -39.35 -29.91 24.18
N ILE CA 190 -38.34 -30.78 24.18
CA ILE CA 190 -37.45 -30.89 23.02
C ILE CA 190 -38.24 -31.31 21.79
N LYS CA 191 -39.03 -32.38 21.91
CA LYS CA 191 -39.83 -32.85 20.79
C LYS CA 191 -40.87 -31.82 20.37
N SER CA 192 -41.47 -31.14 21.36
CA SER CA 192 -42.46 -30.12 21.08
C SER CA 192 -41.84 -28.98 20.27
N ILE CA 193 -40.63 -28.57 20.64
CA ILE CA 193 -39.93 -27.50 19.95
C ILE CA 193 -39.54 -27.93 18.53
N ASP CA 194 -39.13 -29.19 18.35
CA ASP CA 194 -38.83 -29.70 17.03
C ASP CA 194 -40.06 -29.65 16.13
N ASP CA 195 -41.20 -30.11 16.65
CA ASP CA 195 -42.44 -30.07 15.87
C ASP CA 195 -42.79 -28.64 15.49
N ALA CA 196 -42.61 -27.69 16.42
CA ALA CA 196 -42.91 -26.30 16.12
C ALA CA 196 -42.00 -25.74 15.04
N ILE CA 197 -40.70 -26.06 15.11
CA ILE CA 197 -39.75 -25.61 14.09
C ILE CA 197 -40.15 -26.14 12.71
N ASN CA 198 -40.51 -27.42 12.64
CA ASN CA 198 -40.91 -28.00 11.36
C ASN CA 198 -42.18 -27.31 10.83
N THR CA 199 -43.14 -27.05 11.70
CA THR CA 199 -44.39 -26.41 11.26
C THR CA 199 -44.13 -25.01 10.72
N VAL CA 200 -43.30 -24.23 11.41
CA VAL CA 200 -43.08 -22.86 10.95
C VAL CA 200 -42.22 -22.85 9.68
N SER CA 201 -41.34 -23.84 9.52
CA SER CA 201 -40.63 -24.01 8.25
C SER CA 201 -41.61 -24.28 7.12
N LYS CA 202 -42.60 -25.15 7.37
CA LYS CA 202 -43.61 -25.44 6.37
C LYS CA 202 -44.36 -24.18 5.96
N THR CA 203 -44.77 -23.38 6.94
CA THR CA 203 -45.48 -22.15 6.64
C THR CA 203 -44.63 -21.17 5.83
N ARG CA 204 -43.35 -21.03 6.20
CA ARG CA 204 -42.45 -20.17 5.44
C ARG CA 204 -42.31 -20.64 4.00
N SER CA 205 -42.20 -21.95 3.79
CA SER CA 205 -42.16 -22.49 2.43
C SER CA 205 -43.42 -22.13 1.66
N ALA CA 206 -44.58 -22.26 2.31
CA ALA CA 206 -45.85 -21.92 1.66
C ALA CA 206 -45.88 -20.47 1.23
N LEU CA 207 -45.30 -19.57 2.03
CA LEU CA 207 -45.27 -18.16 1.65
C LEU CA 207 -44.30 -17.92 0.48
N GLY CA 208 -43.10 -18.50 0.57
CA GLY CA 208 -42.10 -18.29 -0.46
C GLY CA 208 -42.53 -18.79 -1.83
N ALA CA 209 -43.31 -19.87 -1.85
CA ALA CA 209 -43.83 -20.37 -3.13
C ALA CA 209 -44.69 -19.31 -3.82
N VAL CA 210 -45.58 -18.66 -3.07
CA VAL CA 210 -46.45 -17.65 -3.65
C VAL CA 210 -45.63 -16.45 -4.09
N GLN CA 211 -44.59 -16.11 -3.34
CA GLN CA 211 -43.70 -15.03 -3.76
C GLN CA 211 -43.06 -15.32 -5.11
N ASN CA 212 -42.49 -16.53 -5.25
CA ASN CA 212 -41.84 -16.91 -6.50
C ASN CA 212 -42.83 -16.94 -7.65
N ARG CA 213 -44.07 -17.36 -7.39
CA ARG CA 213 -45.11 -17.31 -8.42
C ARG CA 213 -45.38 -15.88 -8.86
N LEU CA 214 -45.50 -14.96 -7.89
CA LEU CA 214 -45.84 -13.58 -8.22
C LEU CA 214 -44.75 -12.92 -9.03
N GLU CA 215 -43.50 -13.32 -8.84
CA GLU CA 215 -42.41 -12.79 -9.67
C GLU CA 215 -42.63 -13.10 -11.16
N HIS CA 216 -42.85 -14.38 -11.47
CA HIS CA 216 -43.14 -14.78 -12.84
C HIS CA 216 -44.38 -14.07 -13.37
N THR CA 217 -45.40 -13.93 -12.52
CA THR CA 217 -46.61 -13.21 -12.92
C THR CA 217 -46.29 -11.77 -13.33
N ILE CA 218 -45.43 -11.10 -12.57
CA ILE CA 218 -45.06 -9.72 -12.89
C ILE CA 218 -44.34 -9.66 -14.22
N ASN CA 219 -43.42 -10.60 -14.46
CA ASN CA 219 -42.72 -10.63 -15.74
C ASN CA 219 -43.69 -10.78 -16.91
N ASN CA 220 -44.62 -11.72 -16.79
CA ASN CA 220 -45.60 -11.94 -17.86
C ASN CA 220 -46.48 -10.70 -18.06
N LEU CA 221 -46.88 -10.06 -16.98
CA LEU CA 221 -47.70 -8.86 -17.09
C LEU CA 221 -46.96 -7.75 -17.82
N GLY CA 222 -45.68 -7.55 -17.49
CA GLY CA 222 -44.90 -6.54 -18.18
C GLY CA 222 -44.78 -6.81 -19.67
N THR CA 223 -44.48 -8.07 -20.03
CA THR CA 223 -44.38 -8.43 -21.44
C THR CA 223 -45.70 -8.17 -22.18
N SER CA 224 -46.81 -8.62 -21.59
CA SER CA 224 -48.11 -8.44 -22.24
C SER CA 224 -48.46 -6.97 -22.38
N ALA CA 225 -48.14 -6.17 -21.36
CA ALA CA 225 -48.44 -4.74 -21.42
C ALA CA 225 -47.65 -4.07 -22.53
N GLU CA 226 -46.36 -4.40 -22.65
CA GLU CA 226 -45.57 -3.82 -23.73
C GLU CA 226 -46.11 -4.21 -25.10
N ASN CA 227 -46.46 -5.48 -25.27
CA ASN CA 227 -46.96 -5.92 -26.59
C ASN CA 227 -48.28 -5.24 -26.94
N LEU CA 228 -49.21 -5.17 -25.98
CA LEU CA 228 -50.48 -4.49 -26.25
C LEU CA 228 -50.29 -2.99 -26.46
N THR CA 229 -49.31 -2.39 -25.78
CA THR CA 229 -49.01 -0.99 -26.01
C THR CA 229 -48.53 -0.77 -27.44
N ALA CA 230 -47.65 -1.65 -27.92
CA ALA CA 230 -47.21 -1.57 -29.31
C ALA CA 230 -48.38 -1.70 -30.28
N ALA CA 231 -49.27 -2.66 -30.02
CA ALA CA 231 -50.43 -2.85 -30.88
C ALA CA 231 -51.33 -1.62 -30.89
N GLU CA 232 -51.62 -1.06 -29.72
CA GLU CA 232 -52.49 0.11 -29.64
C GLU CA 232 -51.84 1.32 -30.31
N SER CA 233 -50.52 1.46 -30.17
CA SER CA 233 -49.81 2.54 -30.84
C SER CA 233 -49.94 2.41 -32.34
N ARG CA 234 -49.72 1.20 -32.88
CA ARG CA 234 -49.82 1.00 -34.31
C ARG CA 234 -51.24 1.21 -34.81
N ILE CA 235 -52.24 0.93 -33.99
CA ILE CA 235 -53.63 1.12 -34.41
C ILE CA 235 -53.98 2.61 -34.43
N ARG CA 236 -53.80 3.29 -33.31
CA ARG CA 236 -54.36 4.62 -33.12
C ARG CA 236 -53.39 5.75 -33.41
N ASP CA 237 -52.13 5.65 -33.00
CA ASP CA 237 -51.19 6.74 -33.23
C ASP CA 237 -50.89 6.88 -34.71
N THR CA 238 -50.45 8.08 -35.09
CA THR CA 238 -50.21 8.44 -36.48
C THR CA 238 -48.72 8.61 -36.74
N ASP CA 239 -48.31 8.30 -37.97
CA ASP CA 239 -46.95 8.54 -38.41
C ASP CA 239 -46.81 9.99 -38.85
N MET CA 240 -45.84 10.69 -38.28
CA MET CA 240 -45.69 12.12 -38.54
C MET CA 240 -45.32 12.38 -39.99
N ALA CA 241 -44.49 11.52 -40.58
CA ALA CA 241 -43.97 11.77 -41.91
C ALA CA 241 -45.08 11.74 -42.96
N ALA CA 242 -45.96 10.74 -42.89
CA ALA CA 242 -47.03 10.61 -43.87
C ALA CA 242 -47.99 11.80 -43.80
N GLU CA 243 -48.36 12.21 -42.59
CA GLU CA 243 -49.25 13.34 -42.43
C GLU CA 243 -48.59 14.63 -42.87
N MET CA 244 -47.28 14.78 -42.64
CA MET CA 244 -46.55 15.93 -43.14
C MET CA 244 -46.59 15.98 -44.66
N MET CA 245 -46.34 14.84 -45.30
CA MET CA 245 -46.45 14.74 -46.76
C MET CA 245 -47.82 15.18 -47.24
N ALA CA 246 -48.87 14.61 -46.64
CA ALA CA 246 -50.23 14.93 -47.07
C ALA CA 246 -50.55 16.41 -46.86
N PHE CA 247 -50.09 16.97 -45.75
CA PHE CA 247 -50.38 18.37 -45.44
C PHE CA 247 -49.69 19.30 -46.44
N THR CA 248 -48.42 19.02 -46.76
CA THR CA 248 -47.72 19.83 -47.76
C THR CA 248 -48.40 19.72 -49.11
N LYS CA 249 -48.79 18.51 -49.51
CA LYS CA 249 -49.50 18.31 -50.76
C LYS CA 249 -50.79 19.12 -50.81
N ASN CA 250 -51.58 19.05 -49.74
CA ASN CA 250 -52.85 19.78 -49.71
C ASN CA 250 -52.64 21.28 -49.72
N ASN CA 251 -51.60 21.78 -49.07
CA ASN CA 251 -51.31 23.21 -49.13
C ASN CA 251 -50.97 23.64 -50.56
N ILE CA 252 -50.13 22.86 -51.25
CA ILE CA 252 -49.76 23.18 -52.62
C ILE CA 252 -51.01 23.19 -53.50
N LEU CA 253 -51.90 22.22 -53.30
CA LEU CA 253 -53.14 22.17 -54.08
C LEU CA 253 -54.02 23.38 -53.77
N THR CA 254 -54.08 23.78 -52.50
CA THR CA 254 -54.85 24.96 -52.13
C THR CA 254 -54.34 26.20 -52.83
N GLN CA 255 -53.01 26.38 -52.85
CA GLN CA 255 -52.43 27.53 -53.54
C GLN CA 255 -52.74 27.50 -55.03
N ALA CA 256 -52.63 26.32 -55.65
CA ALA CA 256 -52.94 26.18 -57.07
C ALA CA 256 -54.39 26.57 -57.35
N ALA CA 257 -55.32 26.09 -56.52
CA ALA CA 257 -56.72 26.42 -56.72
C ALA CA 257 -56.98 27.91 -56.49
N GLN CA 258 -56.27 28.52 -55.55
CA GLN CA 258 -56.40 29.96 -55.33
C GLN CA 258 -56.00 30.74 -56.59
N SER CA 259 -54.84 30.42 -57.15
CA SER CA 259 -54.40 31.08 -58.37
C SER CA 259 -55.37 30.84 -59.52
N MET CA 260 -55.86 29.61 -59.65
CA MET CA 260 -56.81 29.29 -60.72
C MET CA 260 -58.10 30.09 -60.58
N LEU CA 261 -58.56 30.29 -59.35
CA LEU CA 261 -59.77 31.08 -59.13
C LEU CA 261 -59.53 32.54 -59.42
N ALA CA 262 -58.35 33.05 -59.04
CA ALA CA 262 -58.02 34.44 -59.38
C ALA CA 262 -58.00 34.65 -60.89
N GLN CA 263 -57.56 33.64 -61.64
CA GLN CA 263 -57.60 33.74 -63.10
C GLN CA 263 -59.03 33.66 -63.62
N ALA CA 264 -59.80 32.70 -63.13
CA ALA CA 264 -61.16 32.49 -63.61
C ALA CA 264 -62.06 33.69 -63.36
N ASN CA 265 -61.80 34.43 -62.27
CA ASN CA 265 -62.58 35.63 -62.02
C ASN CA 265 -62.27 36.72 -63.04
N GLN CA 266 -61.04 36.78 -63.54
CA GLN CA 266 -60.67 37.76 -64.56
C GLN CA 266 -61.04 37.33 -65.97
N GLN CA 267 -61.27 36.03 -66.19
CA GLN CA 267 -61.57 35.53 -67.53
C GLN CA 267 -62.78 36.22 -68.17
N PRO CA 268 -63.94 36.38 -67.50
CA PRO CA 268 -65.06 37.06 -68.18
C PRO CA 268 -64.97 38.58 -68.20
N GLN CA 269 -64.22 39.09 -69.18
CA GLN CA 269 -64.10 40.53 -69.42
C GLN CA 269 -64.27 40.76 -70.92
N GLY CA 270 -65.52 40.94 -71.34
CA GLY CA 270 -65.86 41.25 -72.71
C GLY CA 270 -66.50 42.62 -72.81
N VAL CA 271 -66.03 43.55 -71.98
CA VAL CA 271 -66.57 44.90 -72.03
C VAL CA 271 -66.11 45.63 -73.28
N LEU CA 272 -64.99 45.22 -73.88
CA LEU CA 272 -64.54 45.88 -75.11
C LEU CA 272 -65.43 45.58 -76.31
N GLN CA 273 -66.35 44.63 -76.22
CA GLN CA 273 -67.37 44.51 -77.25
C GLN CA 273 -68.19 45.78 -77.33
N LEU CA 274 -68.66 46.24 -76.17
CA LEU CA 274 -69.67 47.30 -76.11
C LEU CA 274 -69.06 48.66 -76.38
N LEU CA 275 -68.14 49.10 -75.51
CA LEU CA 275 -67.54 50.41 -75.60
C LEU CA 275 -66.32 50.37 -76.53
N GLN CA 276 -65.63 51.50 -76.65
CA GLN CA 276 -64.43 51.55 -77.47
C GLN CA 276 -63.65 52.83 -77.16
N MET DA 1 -77.83 59.57 -53.43
CA MET DA 1 -78.01 58.36 -54.23
C MET DA 1 -76.89 57.86 -55.17
N ARG DA 2 -76.17 58.78 -55.85
CA ARG DA 2 -75.19 58.42 -56.85
C ARG DA 2 -73.79 58.93 -56.53
N ILE DA 3 -73.65 60.25 -56.28
CA ILE DA 3 -72.34 60.91 -56.29
C ILE DA 3 -72.00 61.47 -54.93
N GLN DA 4 -72.87 62.35 -54.42
CA GLN DA 4 -72.57 63.15 -53.23
C GLN DA 4 -72.29 62.30 -52.00
N HIS DA 5 -72.79 61.07 -51.96
CA HIS DA 5 -72.59 60.17 -50.82
C HIS DA 5 -72.36 58.77 -51.32
N ASN DA 6 -71.38 58.09 -50.70
CA ASN DA 6 -71.00 56.73 -51.08
C ASN DA 6 -70.99 55.86 -49.82
N ILE DA 7 -72.12 55.20 -49.55
CA ILE DA 7 -72.35 54.62 -48.22
C ILE DA 7 -71.52 53.36 -48.02
N ALA DA 8 -71.26 52.61 -49.09
CA ALA DA 8 -70.44 51.41 -48.99
C ALA DA 8 -69.06 51.74 -48.44
N ALA DA 9 -68.47 52.84 -48.92
CA ALA DA 9 -67.16 53.25 -48.44
C ALA DA 9 -67.20 53.66 -46.97
N LEU DA 10 -68.30 54.28 -46.53
CA LEU DA 10 -68.45 54.61 -45.11
C LEU DA 10 -68.47 53.36 -44.25
N ASN DA 11 -69.26 52.36 -44.65
CA ASN DA 11 -69.32 51.10 -43.89
C ASN DA 11 -67.95 50.43 -43.86
N THR DA 12 -67.26 50.42 -45.00
CA THR DA 12 -65.94 49.82 -45.06
C THR DA 12 -64.96 50.55 -44.15
N HIS DA 13 -65.06 51.89 -44.10
CA HIS DA 13 -64.20 52.67 -43.21
C HIS DA 13 -64.46 52.33 -41.75
N ARG DA 14 -65.73 52.23 -41.37
CA ARG DA 14 -66.09 51.82 -40.01
C ARG DA 14 -65.44 50.49 -39.65
N ASN DA 15 -65.64 49.48 -40.49
CA ASN DA 15 -65.11 48.15 -40.19
C ASN DA 15 -63.59 48.17 -40.13
N LEU DA 16 -62.95 48.94 -41.02
CA LEU DA 16 -61.50 49.06 -41.02
C LEU DA 16 -61.00 49.66 -39.71
N ALA DA 17 -61.66 50.73 -39.24
CA ALA DA 17 -61.28 51.34 -37.97
C ALA DA 17 -61.43 50.36 -36.82
N ALA DA 18 -62.52 49.60 -36.80
CA ALA DA 18 -62.73 48.62 -35.74
C ALA DA 18 -61.63 47.56 -35.75
N ASN DA 19 -61.28 47.04 -36.93
CA ASN DA 19 -60.24 46.03 -37.01
C ASN DA 19 -58.90 46.57 -36.54
N ASN DA 20 -58.57 47.81 -36.94
CA ASN DA 20 -57.33 48.42 -36.49
C ASN DA 20 -57.30 48.56 -34.97
N ALA DA 21 -58.42 48.98 -34.37
CA ALA DA 21 -58.48 49.11 -32.92
C ALA DA 21 -58.25 47.76 -32.23
N ALA DA 22 -58.89 46.71 -32.74
CA ALA DA 22 -58.72 45.39 -32.13
C ALA DA 22 -57.28 44.91 -32.24
N ALA DA 23 -56.65 45.13 -33.41
CA ALA DA 23 -55.26 44.75 -33.57
C ALA DA 23 -54.35 45.52 -32.61
N SER DA 24 -54.64 46.81 -32.40
CA SER DA 24 -53.86 47.59 -31.45
C SER DA 24 -53.99 47.05 -30.04
N LYS DA 25 -55.22 46.68 -29.63
CA LYS DA 25 -55.41 46.08 -28.32
C LYS DA 25 -54.60 44.80 -28.17
N ASN DA 26 -54.60 43.96 -29.21
CA ASN DA 26 -53.84 42.72 -29.16
C ASN DA 26 -52.34 43.00 -29.06
N LEU DA 27 -51.85 44.02 -29.78
CA LEU DA 27 -50.45 44.41 -29.66
C LEU DA 27 -50.11 44.84 -28.25
N GLU DA 28 -51.00 45.63 -27.63
CA GLU DA 28 -50.81 46.02 -26.23
C GLU DA 28 -50.68 44.81 -25.33
N LYS DA 29 -51.61 43.85 -25.47
CA LYS DA 29 -51.59 42.67 -24.61
C LYS DA 29 -50.35 41.82 -24.85
N LEU DA 30 -49.83 41.80 -26.07
CA LEU DA 30 -48.65 40.98 -26.35
C LEU DA 30 -47.38 41.64 -25.85
N SER DA 31 -47.25 42.96 -26.03
CA SER DA 31 -46.06 43.66 -25.57
C SER DA 31 -46.01 43.70 -24.05
N SER DA 32 -47.16 43.96 -23.40
CA SER DA 32 -47.18 44.08 -21.95
C SER DA 32 -46.95 42.73 -21.28
N GLY DA 33 -47.43 41.65 -21.89
CA GLY DA 33 -47.41 40.35 -21.26
C GLY DA 33 -48.53 40.10 -20.27
N PHE DA 34 -49.42 41.06 -20.08
CA PHE DA 34 -50.55 40.94 -19.16
C PHE DA 34 -51.85 41.06 -19.95
N LYS DA 35 -52.85 40.29 -19.52
CA LYS DA 35 -54.15 40.29 -20.17
C LYS DA 35 -55.04 41.44 -19.70
N ILE DA 36 -54.74 42.02 -18.54
CA ILE DA 36 -55.54 43.08 -17.93
C ILE DA 36 -54.61 44.24 -17.66
N ASN DA 37 -54.61 45.23 -18.55
CA ASN DA 37 -53.84 46.46 -18.37
C ASN DA 37 -54.70 47.62 -17.92
N ARG DA 38 -56.02 47.55 -18.11
CA ARG DA 38 -56.96 48.56 -17.67
C ARG DA 38 -58.11 47.87 -16.95
N ALA DA 39 -58.90 48.65 -16.23
CA ALA DA 39 -60.07 48.10 -15.58
C ALA DA 39 -61.20 47.83 -16.56
N GLY DA 40 -61.21 48.51 -17.71
CA GLY DA 40 -62.17 48.20 -18.74
C GLY DA 40 -62.00 46.81 -19.32
N ASP DA 41 -60.76 46.29 -19.28
CA ASP DA 41 -60.52 44.91 -19.70
C ASP DA 41 -61.33 43.94 -18.86
N ASP DA 42 -61.22 44.05 -17.54
CA ASP DA 42 -61.92 43.13 -16.64
C ASP DA 42 -61.91 43.74 -15.25
N ALA DA 43 -63.10 44.05 -14.73
CA ALA DA 43 -63.20 44.68 -13.41
C ALA DA 43 -62.98 43.66 -12.29
N ALA DA 44 -63.76 42.57 -12.29
CA ALA DA 44 -63.60 41.50 -11.32
C ALA DA 44 -62.47 40.59 -11.78
N GLY DA 45 -61.30 40.75 -11.17
CA GLY DA 45 -60.09 40.09 -11.62
C GLY DA 45 -58.92 41.04 -11.47
N LEU DA 46 -59.14 42.33 -11.73
CA LEU DA 46 -58.15 43.34 -11.36
C LEU DA 46 -57.99 43.39 -9.84
N ALA DA 47 -59.11 43.52 -9.13
CA ALA DA 47 -59.09 43.51 -7.67
C ALA DA 47 -58.50 42.22 -7.13
N ILE DA 48 -58.89 41.09 -7.69
CA ILE DA 48 -58.40 39.80 -7.24
C ILE DA 48 -56.89 39.71 -7.46
N SER DA 49 -56.40 40.19 -8.61
CA SER DA 49 -54.99 40.18 -8.89
C SER DA 49 -54.22 41.05 -7.92
N GLU DA 50 -54.76 42.22 -7.58
CA GLU DA 50 -54.06 43.10 -6.65
C GLU DA 50 -53.99 42.49 -5.25
N LYS DA 51 -55.11 41.93 -4.77
CA LYS DA 51 -55.09 41.28 -3.47
C LYS DA 51 -54.13 40.10 -3.46
N MET DA 52 -54.09 39.32 -4.55
CA MET DA 52 -53.21 38.18 -4.60
C MET DA 52 -51.74 38.60 -4.64
N ARG DA 53 -51.45 39.71 -5.35
CA ARG DA 53 -50.09 40.24 -5.34
C ARG DA 53 -49.68 40.68 -3.95
N GLY DA 54 -50.59 41.36 -3.23
CA GLY DA 54 -50.31 41.73 -1.86
C GLY DA 54 -50.02 40.52 -0.99
N GLN DA 55 -50.84 39.48 -1.13
CA GLN DA 55 -50.64 38.27 -0.34
C GLN DA 55 -49.32 37.58 -0.68
N ILE DA 56 -48.96 37.57 -1.96
CA ILE DA 56 -47.71 36.93 -2.37
C ILE DA 56 -46.52 37.66 -1.77
N SER DA 57 -46.50 38.99 -1.88
CA SER DA 57 -45.42 39.78 -1.30
C SER DA 57 -45.35 39.58 0.21
N GLY DA 58 -46.51 39.58 0.88
CA GLY DA 58 -46.53 39.36 2.31
C GLY DA 58 -46.01 37.98 2.70
N LEU DA 59 -46.37 36.96 1.93
CA LEU DA 59 -45.94 35.61 2.26
C LEU DA 59 -44.43 35.45 2.07
N ASN DA 60 -43.88 36.01 0.99
CA ASN DA 60 -42.44 35.94 0.79
C ASN DA 60 -41.69 36.70 1.88
N MET DA 61 -42.17 37.89 2.23
CA MET DA 61 -41.53 38.64 3.31
C MET DA 61 -41.65 37.93 4.65
N ALA DA 62 -42.75 37.21 4.86
CA ALA DA 62 -42.91 36.44 6.09
C ALA DA 62 -41.95 35.26 6.13
N SER DA 63 -41.71 34.64 4.98
CA SER DA 63 -40.68 33.60 4.90
C SER DA 63 -39.32 34.16 5.27
N LYS DA 64 -38.99 35.33 4.74
CA LYS DA 64 -37.74 36.01 5.08
C LYS DA 64 -37.65 36.27 6.58
N ASN DA 65 -38.73 36.78 7.17
CA ASN DA 65 -38.75 37.08 8.60
C ASN DA 65 -38.59 35.81 9.44
N SER DA 66 -39.23 34.71 9.02
CA SER DA 66 -39.11 33.46 9.74
C SER DA 66 -37.67 32.95 9.72
N SER DA 67 -37.01 33.09 8.57
CA SER DA 67 -35.60 32.70 8.50
C SER DA 67 -34.74 33.56 9.43
N ASP DA 68 -35.04 34.87 9.49
CA ASP DA 68 -34.32 35.75 10.41
C ASP DA 68 -34.50 35.31 11.85
N ALA DA 69 -35.73 34.96 12.22
CA ALA DA 69 -36.00 34.46 13.58
C ALA DA 69 -35.22 33.17 13.85
N ILE DA 70 -35.13 32.29 12.86
CA ILE DA 70 -34.36 31.06 13.03
C ILE DA 70 -32.90 31.38 13.30
N SER DA 71 -32.36 32.38 12.60
CA SER DA 71 -30.98 32.79 12.82
C SER DA 71 -30.77 33.29 14.24
N LEU DA 72 -31.68 34.14 14.72
CA LEU DA 72 -31.62 34.63 16.10
C LEU DA 72 -31.63 33.49 17.10
N ILE DA 73 -32.55 32.54 16.92
CA ILE DA 73 -32.66 31.42 17.85
C ILE DA 73 -31.41 30.57 17.83
N GLN DA 74 -30.83 30.34 16.65
CA GLN DA 74 -29.58 29.60 16.56
C GLN DA 74 -28.47 30.32 17.32
N THR DA 75 -28.46 31.65 17.26
CA THR DA 75 -27.46 32.40 18.02
C THR DA 75 -27.59 32.13 19.51
N ALA DA 76 -28.82 32.20 20.02
CA ALA DA 76 -29.04 31.97 21.45
C ALA DA 76 -28.67 30.55 21.88
N GLU DA 77 -29.05 29.55 21.07
CA GLU DA 77 -28.69 28.16 21.40
C GLU DA 77 -27.19 27.96 21.41
N GLY DA 78 -26.48 28.53 20.42
CA GLY DA 78 -25.04 28.46 20.42
C GLY DA 78 -24.43 29.13 21.63
N GLY DA 79 -25.04 30.21 22.11
CA GLY DA 79 -24.59 30.82 23.34
C GLY DA 79 -24.73 29.89 24.53
N LEU DA 80 -25.84 29.14 24.61
CA LEU DA 80 -26.09 28.29 25.77
C LEU DA 80 -25.31 26.97 25.74
N ASN DA 81 -24.82 26.55 24.57
CA ASN DA 81 -23.98 25.35 24.52
C ASN DA 81 -22.74 25.50 25.39
N GLU DA 82 -22.09 26.66 25.35
CA GLU DA 82 -20.90 26.85 26.17
C GLU DA 82 -21.25 26.97 27.65
N THR DA 83 -22.44 27.48 27.96
CA THR DA 83 -22.93 27.43 29.32
C THR DA 83 -23.01 26.00 29.83
N HIS DA 84 -23.59 25.10 29.03
CA HIS DA 84 -23.57 23.67 29.36
C HIS DA 84 -22.16 23.17 29.64
N ALA DA 85 -21.23 23.48 28.74
CA ALA DA 85 -19.87 22.95 28.84
C ALA DA 85 -19.20 23.41 30.14
N ILE DA 86 -19.23 24.71 30.42
CA ILE DA 86 -18.53 25.20 31.60
C ILE DA 86 -19.25 24.79 32.87
N LEU DA 87 -20.57 24.57 32.80
CA LEU DA 87 -21.27 24.02 33.96
C LEU DA 87 -20.79 22.61 34.27
N GLN DA 88 -20.60 21.79 33.23
CA GLN DA 88 -20.04 20.46 33.43
C GLN DA 88 -18.66 20.55 34.08
N ARG DA 89 -17.83 21.46 33.58
CA ARG DA 89 -16.49 21.62 34.15
C ARG DA 89 -16.56 22.04 35.62
N MET DA 90 -17.48 22.95 35.95
CA MET DA 90 -17.65 23.42 37.32
C MET DA 90 -18.11 22.29 38.23
N ARG DA 91 -19.01 21.43 37.75
CA ARG DA 91 -19.43 20.29 38.55
C ARG DA 91 -18.27 19.34 38.80
N GLU DA 92 -17.45 19.09 37.78
CA GLU DA 92 -16.27 18.26 37.95
C GLU DA 92 -15.33 18.85 39.01
N LEU DA 93 -15.10 20.17 38.94
CA LEU DA 93 -14.27 20.86 39.92
C LEU DA 93 -14.83 20.74 41.33
N ALA DA 94 -16.15 20.88 41.49
CA ALA DA 94 -16.75 20.75 42.82
C ALA DA 94 -16.61 19.33 43.36
N VAL DA 95 -16.85 18.32 42.53
CA VAL DA 95 -16.73 16.94 42.98
C VAL DA 95 -15.29 16.64 43.38
N GLN DA 96 -14.31 17.23 42.68
CA GLN DA 96 -12.92 17.06 43.11
C GLN DA 96 -12.60 17.82 44.39
N SER DA 97 -13.09 19.05 44.51
CA SER DA 97 -12.88 19.85 45.72
C SER DA 97 -13.50 19.22 46.95
N ARG DA 98 -14.55 18.43 46.79
CA ARG DA 98 -15.36 17.90 47.87
C ARG DA 98 -14.60 16.89 48.73
N ASN DA 99 -13.56 16.27 48.20
CA ASN DA 99 -12.81 15.24 48.91
C ASN DA 99 -11.87 15.86 49.95
N ASP DA 100 -11.57 15.10 51.00
CA ASP DA 100 -10.76 15.59 52.12
C ASP DA 100 -9.26 15.37 51.92
N THR DA 101 -8.85 14.85 50.76
CA THR DA 101 -7.43 14.86 50.42
C THR DA 101 -6.90 16.28 50.27
N ASN DA 102 -7.77 17.22 49.91
CA ASN DA 102 -7.34 18.59 49.65
C ASN DA 102 -7.28 19.39 50.93
N ASP DA 103 -6.26 20.24 51.04
CA ASP DA 103 -6.01 21.05 52.23
C ASP DA 103 -6.34 22.51 51.97
N GLU DA 104 -7.06 23.12 52.91
CA GLU DA 104 -7.23 24.57 52.89
C GLU DA 104 -5.95 25.30 53.24
N ALA DA 105 -5.06 24.67 54.03
CA ALA DA 105 -3.84 25.32 54.48
C ALA DA 105 -2.90 25.60 53.31
N THR DA 106 -2.56 24.57 52.54
CA THR DA 106 -1.65 24.70 51.41
C THR DA 106 -2.36 24.98 50.09
N ASN DA 107 -3.54 25.61 50.16
CA ASN DA 107 -4.14 26.29 49.02
C ASN DA 107 -4.54 25.31 47.91
N ASP DA 108 -5.02 24.11 48.29
CA ASP DA 108 -5.47 23.14 47.29
C ASP DA 108 -6.82 23.54 46.72
N ARG DA 109 -7.76 23.93 47.58
CA ARG DA 109 -9.11 24.29 47.14
C ARG DA 109 -9.21 25.71 46.61
N SER DA 110 -8.33 26.61 47.04
CA SER DA 110 -8.39 27.98 46.55
C SER DA 110 -8.03 28.08 45.07
N ASN DA 111 -7.24 27.15 44.56
CA ASN DA 111 -6.97 27.12 43.12
C ASN DA 111 -8.19 26.64 42.33
N LEU DA 112 -8.91 25.65 42.86
CA LEU DA 112 -10.16 25.25 42.22
C LEU DA 112 -11.19 26.37 42.32
N ASN DA 113 -11.12 27.17 43.38
CA ASN DA 113 -12.00 28.33 43.50
C ASN DA 113 -11.60 29.43 42.52
N ASP DA 114 -10.30 29.62 42.28
CA ASP DA 114 -9.86 30.51 41.20
C ASP DA 114 -10.50 30.09 39.87
N GLU DA 115 -10.37 28.80 39.53
CA GLU DA 115 -10.97 28.26 38.32
C GLU DA 115 -12.48 28.51 38.29
N LEU DA 116 -13.15 28.22 39.41
CA LEU DA 116 -14.60 28.38 39.49
C LEU DA 116 -15.03 29.83 39.31
N LYS DA 117 -14.31 30.76 39.95
CA LYS DA 117 -14.63 32.18 39.80
C LYS DA 117 -14.46 32.65 38.37
N GLN DA 118 -13.40 32.19 37.68
CA GLN DA 118 -13.24 32.57 36.29
C GLN DA 118 -14.36 32.01 35.42
N LEU DA 119 -14.79 30.77 35.70
CA LEU DA 119 -15.90 30.21 34.93
C LEU DA 119 -17.21 30.91 35.22
N GLN DA 120 -17.39 31.43 36.45
CA GLN DA 120 -18.58 32.21 36.76
C GLN DA 120 -18.56 33.57 36.07
N GLU DA 121 -17.39 34.19 35.96
CA GLU DA 121 -17.31 35.42 35.18
C GLU DA 121 -17.61 35.13 33.71
N GLU DA 122 -17.22 33.96 33.21
CA GLU DA 122 -17.52 33.62 31.82
C GLU DA 122 -19.00 33.33 31.59
N ILE DA 123 -19.65 32.63 32.53
CA ILE DA 123 -21.08 32.36 32.38
C ILE DA 123 -21.88 33.66 32.43
N THR DA 124 -21.44 34.65 33.21
CA THR DA 124 -22.10 35.96 33.16
C THR DA 124 -21.79 36.72 31.88
N ARG DA 125 -20.54 36.60 31.40
CA ARG DA 125 -20.13 37.31 30.20
C ARG DA 125 -20.92 36.85 28.99
N ILE DA 126 -21.10 35.54 28.83
CA ILE DA 126 -21.88 35.03 27.71
C ILE DA 126 -23.30 35.56 27.76
N SER DA 127 -23.86 35.68 28.97
CA SER DA 127 -25.20 36.20 29.12
C SER DA 127 -25.30 37.62 28.61
N SER DA 128 -24.52 38.53 29.19
CA SER DA 128 -24.68 39.96 28.88
C SER DA 128 -23.65 40.48 27.87
N GLN DA 129 -23.16 39.64 26.96
CA GLN DA 129 -22.43 40.09 25.79
C GLN DA 129 -22.85 39.34 24.53
N MET DA 130 -24.07 38.79 24.53
CA MET DA 130 -24.64 38.11 23.39
C MET DA 130 -25.62 39.05 22.69
N GLU DA 131 -25.56 39.13 21.36
CA GLU DA 131 -26.44 40.07 20.67
C GLU DA 131 -26.65 39.65 19.22
N PHE DA 132 -27.80 40.00 18.69
CA PHE DA 132 -28.19 39.80 17.30
C PHE DA 132 -28.75 41.12 16.80
N ASN DA 133 -28.00 41.81 15.94
CA ASN DA 133 -28.43 43.08 15.38
C ASN DA 133 -28.57 44.14 16.47
N ASN DA 134 -27.61 44.15 17.40
CA ASN DA 134 -27.61 45.11 18.51
C ASN DA 134 -28.82 44.91 19.41
N LYS DA 135 -29.01 43.66 19.87
CA LYS DA 135 -30.17 43.30 20.67
C LYS DA 135 -29.72 42.27 21.70
N LYS DA 136 -29.62 42.69 22.96
CA LYS DA 136 -29.24 41.78 24.03
C LYS DA 136 -30.36 40.76 24.26
N LEU DA 137 -30.00 39.48 24.25
CA LEU DA 137 -30.96 38.38 24.30
C LEU DA 137 -31.07 37.74 25.69
N LEU DA 138 -29.94 37.36 26.28
CA LEU DA 138 -29.91 36.55 27.50
C LEU DA 138 -29.68 37.37 28.76
N ASP DA 139 -30.31 38.54 28.84
CA ASP DA 139 -30.13 39.45 29.96
C ASP DA 139 -31.39 39.62 30.77
N GLY DA 140 -32.55 39.38 30.14
CA GLY DA 140 -33.84 39.75 30.66
C GLY DA 140 -34.52 40.87 29.90
N SER DA 141 -33.98 41.32 28.76
CA SER DA 141 -34.64 42.35 27.97
C SER DA 141 -35.95 41.85 27.40
N GLN DA 142 -35.95 40.62 26.88
CA GLN DA 142 -37.13 40.04 26.24
C GLN DA 142 -38.03 39.30 27.23
N SER DA 143 -37.59 39.12 28.46
CA SER DA 143 -38.41 38.41 29.46
C SER DA 143 -39.57 39.26 29.97
N THR DA 144 -39.60 40.56 29.63
CA THR DA 144 -40.66 41.44 30.12
C THR DA 144 -41.87 41.41 29.19
N ASN DA 145 -41.66 41.61 27.89
CA ASN DA 145 -42.71 41.65 26.89
C ASN DA 145 -42.58 40.55 25.84
N GLY DA 146 -41.40 40.39 25.26
CA GLY DA 146 -41.11 39.30 24.35
C GLY DA 146 -40.90 39.79 22.92
N LEU DA 147 -40.23 38.95 22.14
CA LEU DA 147 -39.98 39.22 20.73
C LEU DA 147 -41.14 38.68 19.90
N THR DA 148 -41.65 39.52 19.01
CA THR DA 148 -42.80 39.20 18.17
C THR DA 148 -42.35 39.07 16.72
N PHE DA 149 -42.61 37.90 16.13
CA PHE DA 149 -42.27 37.62 14.73
C PHE DA 149 -43.54 37.59 13.90
N GLN DA 150 -43.54 38.37 12.82
CA GLN DA 150 -44.61 38.38 11.83
C GLN DA 150 -44.34 37.25 10.84
N ILE DA 151 -45.16 36.20 10.91
CA ILE DA 151 -44.99 35.01 10.09
C ILE DA 151 -46.19 34.86 9.17
N GLY DA 152 -46.77 35.99 8.76
CA GLY DA 152 -47.93 35.97 7.90
C GLY DA 152 -48.10 37.29 7.18
N ALA DA 153 -48.81 37.24 6.06
CA ALA DA 153 -49.00 38.44 5.25
C ALA DA 153 -49.87 39.46 5.97
N ASN DA 154 -50.94 39.01 6.62
CA ASN DA 154 -51.92 39.90 7.20
C ASN DA 154 -51.56 40.27 8.64
N ALA DA 155 -52.34 41.19 9.21
CA ALA DA 155 -52.13 41.65 10.56
C ALA DA 155 -52.65 40.62 11.57
N GLY DA 156 -51.92 40.50 12.68
CA GLY DA 156 -52.26 39.55 13.71
C GLY DA 156 -51.66 38.17 13.54
N GLN DA 157 -51.10 37.86 12.37
CA GLN DA 157 -50.49 36.56 12.11
C GLN DA 157 -49.06 36.56 12.65
N THR DA 158 -48.97 36.57 13.98
CA THR DA 158 -47.71 36.75 14.69
C THR DA 158 -47.49 35.60 15.65
N ILE DA 159 -46.27 35.52 16.17
CA ILE DA 159 -45.95 34.66 17.30
C ILE DA 159 -45.06 35.42 18.26
N THR DA 160 -45.38 35.32 19.56
CA THR DA 160 -44.59 35.94 20.61
C THR DA 160 -43.66 34.91 21.23
N MET DA 161 -42.54 35.39 21.73
CA MET DA 161 -41.50 34.54 22.29
C MET DA 161 -40.87 35.28 23.46
N LYS DA 162 -40.32 34.52 24.41
CA LYS DA 162 -39.70 35.08 25.60
C LYS DA 162 -38.46 34.27 25.95
N ILE DA 163 -37.43 34.97 26.42
CA ILE DA 163 -36.19 34.35 26.85
C ILE DA 163 -35.87 34.88 28.24
N SER DA 164 -35.54 33.98 29.15
CA SER DA 164 -35.32 34.34 30.55
C SER DA 164 -33.88 34.79 30.78
N THR DA 165 -33.66 35.44 31.92
CA THR DA 165 -32.31 35.78 32.33
C THR DA 165 -31.55 34.52 32.68
N MET DA 166 -30.35 34.37 32.09
CA MET DA 166 -29.49 33.21 32.22
C MET DA 166 -28.13 33.60 32.79
N SER DA 167 -28.14 34.47 33.79
CA SER DA 167 -26.94 34.82 34.53
C SER DA 167 -26.74 33.90 35.73
N ALA DA 168 -25.59 34.06 36.39
CA ALA DA 168 -25.27 33.21 37.53
C ALA DA 168 -26.15 33.53 38.74
N THR DA 169 -26.55 34.79 38.90
CA THR DA 169 -27.39 35.17 40.02
C THR DA 169 -28.77 34.51 39.94
N LYS DA 170 -29.35 34.46 38.73
CA LYS DA 170 -30.69 33.91 38.58
C LYS DA 170 -30.71 32.41 38.85
N LEU DA 171 -29.63 31.72 38.52
CA LEU DA 171 -29.55 30.26 38.63
C LEU DA 171 -28.97 29.78 39.95
N GLY DA 172 -28.70 30.67 40.89
CA GLY DA 172 -28.22 30.27 42.20
C GLY DA 172 -26.87 29.59 42.18
N VAL DA 173 -25.99 30.01 41.27
CA VAL DA 173 -24.65 29.44 41.15
C VAL DA 173 -23.56 30.51 41.25
N ASP DA 174 -23.92 31.78 41.39
CA ASP DA 174 -22.95 32.84 41.64
C ASP DA 174 -22.12 32.56 42.89
N ALA DA 175 -20.99 33.25 42.98
CA ALA DA 175 -20.02 32.97 44.04
C ALA DA 175 -20.56 33.24 45.44
N ALA DA 176 -21.62 34.05 45.57
CA ALA DA 176 -22.22 34.29 46.88
C ALA DA 176 -22.93 33.08 47.44
N LYS DA 177 -23.21 32.05 46.62
CA LYS DA 177 -23.93 30.86 47.07
C LYS DA 177 -23.35 29.57 46.52
N ALA DA 178 -22.21 29.60 45.83
CA ALA DA 178 -21.64 28.39 45.22
C ALA DA 178 -20.13 28.33 45.36
N SER DA 179 -19.58 28.86 46.44
CA SER DA 179 -18.14 28.71 46.66
C SER DA 179 -17.80 27.26 46.92
N ILE DA 180 -16.54 26.92 46.66
CA ILE DA 180 -16.00 25.60 47.00
C ILE DA 180 -14.75 25.78 47.85
N SER DA 181 -14.71 26.87 48.62
CA SER DA 181 -13.67 27.04 49.62
C SER DA 181 -13.62 25.88 50.60
N LYS DA 182 -14.79 25.47 51.10
CA LYS DA 182 -14.89 24.44 52.12
C LYS DA 182 -15.21 23.09 51.46
N GLY DA 183 -15.35 22.07 52.29
CA GLY DA 183 -15.88 20.79 51.85
C GLY DA 183 -17.40 20.82 51.86
N THR DA 184 -17.98 21.54 52.83
CA THR DA 184 -19.44 21.60 52.94
C THR DA 184 -20.05 22.36 51.76
N ALA DA 185 -19.42 23.47 51.35
CA ALA DA 185 -20.00 24.30 50.30
C ALA DA 185 -20.03 23.57 48.96
N ALA DA 186 -19.06 22.68 48.70
CA ALA DA 186 -19.08 21.90 47.47
C ALA DA 186 -20.29 20.98 47.41
N SER DA 187 -20.73 20.46 48.57
CA SER DA 187 -21.94 19.64 48.62
C SER DA 187 -23.13 20.39 48.04
N LYS DA 188 -23.36 21.62 48.49
CA LYS DA 188 -24.45 22.41 47.94
C LYS DA 188 -24.17 22.83 46.51
N ALA DA 189 -22.90 23.06 46.17
CA ALA DA 189 -22.54 23.52 44.84
C ALA DA 189 -22.89 22.48 43.78
N ILE DA 190 -22.72 21.20 44.11
CA ILE DA 190 -23.03 20.14 43.16
C ILE DA 190 -24.51 20.17 42.79
N LYS DA 191 -25.38 20.21 43.81
CA LYS DA 191 -26.82 20.27 43.57
C LYS DA 191 -27.20 21.54 42.85
N SER DA 192 -26.58 22.66 43.22
CA SER DA 192 -26.86 23.94 42.58
C SER DA 192 -26.52 23.89 41.10
N ILE DA 193 -25.39 23.27 40.76
CA ILE DA 193 -24.95 23.15 39.38
C ILE DA 193 -25.88 22.23 38.60
N ASP DA 194 -26.34 21.14 39.23
CA ASP DA 194 -27.31 20.26 38.58
C ASP DA 194 -28.59 21.00 38.24
N ASP DA 195 -29.11 21.77 39.21
CA ASP DA 195 -30.33 22.54 38.96
C ASP DA 195 -30.12 23.52 37.82
N ALA DA 196 -28.96 24.17 37.78
CA ALA DA 196 -28.68 25.12 36.70
C ALA DA 196 -28.62 24.43 35.34
N ILE DA 197 -27.97 23.26 35.27
CA ILE DA 197 -27.91 22.51 34.02
C ILE DA 197 -29.30 22.14 33.53
N ASN DA 198 -30.16 21.67 34.45
CA ASN DA 198 -31.53 21.32 34.06
C ASN DA 198 -32.30 22.54 33.56
N THR DA 199 -32.14 23.68 34.23
CA THR DA 199 -32.85 24.89 33.82
C THR DA 199 -32.42 25.34 32.42
N VAL DA 200 -31.11 25.32 32.16
CA VAL DA 200 -30.67 25.81 30.85
C VAL DA 200 -31.02 24.80 29.75
N SER DA 201 -31.07 23.51 30.08
CA SER DA 201 -31.60 22.53 29.13
C SER DA 201 -33.06 22.82 28.80
N LYS DA 202 -33.85 23.16 29.82
CA LYS DA 202 -35.25 23.52 29.60
C LYS DA 202 -35.37 24.70 28.65
N THR DA 203 -34.57 25.74 28.89
CA THR DA 203 -34.62 26.92 28.02
C THR DA 203 -34.21 26.59 26.58
N ARG DA 204 -33.17 25.76 26.41
CA ARG DA 204 -32.76 25.35 25.07
C ARG DA 204 -33.87 24.60 24.36
N SER DA 205 -34.55 23.71 25.08
CA SER DA 205 -35.69 23.00 24.51
C SER DA 205 -36.77 23.98 24.05
N ALA DA 206 -37.06 24.98 24.89
CA ALA DA 206 -38.07 25.98 24.54
C ALA DA 206 -37.70 26.72 23.25
N LEU DA 207 -36.42 26.99 23.06
CA LEU DA 207 -36.00 27.66 21.82
C LEU DA 207 -36.11 26.74 20.61
N GLY DA 208 -35.64 25.50 20.76
CA GLY DA 208 -35.66 24.56 19.64
C GLY DA 208 -37.06 24.24 19.16
N ALA DA 209 -38.03 24.23 20.07
CA ALA DA 209 -39.41 24.00 19.67
C ALA DA 209 -39.88 25.08 18.70
N VAL DA 210 -39.59 26.34 19.00
CA VAL DA 210 -40.00 27.44 18.14
C VAL DA 210 -39.28 27.37 16.80
N GLN DA 211 -38.01 26.96 16.83
CA GLN DA 211 -37.27 26.77 15.58
C GLN DA 211 -37.96 25.74 14.69
N ASN DA 212 -38.29 24.57 15.25
CA ASN DA 212 -38.93 23.51 14.49
C ASN DA 212 -40.29 23.96 13.98
N ARG DA 213 -41.01 24.75 14.76
CA ARG DA 213 -42.29 25.31 14.29
C ARG DA 213 -42.08 26.22 13.08
N LEU DA 214 -41.07 27.09 13.15
CA LEU DA 214 -40.84 28.05 12.08
C LEU DA 214 -40.46 27.35 10.78
N GLU DA 215 -39.79 26.20 10.87
CA GLU DA 215 -39.48 25.45 9.66
C GLU DA 215 -40.75 25.03 8.91
N HIS DA 216 -41.68 24.40 9.61
CA HIS DA 216 -42.96 24.02 9.02
C HIS DA 216 -43.71 25.25 8.49
N THR DA 217 -43.65 26.35 9.24
CA THR DA 217 -44.28 27.59 8.79
C THR DA 217 -43.70 28.05 7.46
N ILE DA 218 -42.37 27.96 7.29
CA ILE DA 218 -41.74 28.38 6.05
C ILE DA 218 -42.20 27.49 4.90
N ASN DA 219 -42.27 26.18 5.15
CA ASN DA 219 -42.74 25.27 4.10
C ASN DA 219 -44.15 25.62 3.64
N ASN DA 220 -45.05 25.85 4.62
CA ASN DA 220 -46.43 26.20 4.28
C ASN DA 220 -46.50 27.52 3.52
N LEU DA 221 -45.69 28.49 3.93
CA LEU DA 221 -45.69 29.80 3.25
C LEU DA 221 -45.23 29.64 1.80
N GLY DA 222 -44.18 28.85 1.57
CA GLY DA 222 -43.73 28.63 0.20
C GLY DA 222 -44.80 27.98 -0.66
N THR DA 223 -45.45 26.94 -0.13
CA THR DA 223 -46.51 26.28 -0.89
C THR DA 223 -47.64 27.24 -1.23
N SER DA 224 -48.09 28.01 -0.24
CA SER DA 224 -49.19 28.95 -0.47
C SER DA 224 -48.81 30.02 -1.47
N ALA DA 225 -47.56 30.50 -1.40
CA ALA DA 225 -47.11 31.53 -2.33
C ALA DA 225 -47.09 31.00 -3.76
N GLU DA 226 -46.59 29.77 -3.94
CA GLU DA 226 -46.59 29.20 -5.29
C GLU DA 226 -48.00 29.03 -5.82
N ASN DA 227 -48.92 28.53 -4.99
CA ASN DA 227 -50.29 28.32 -5.46
C ASN DA 227 -50.97 29.64 -5.83
N LEU DA 228 -50.83 30.66 -4.98
CA LEU DA 228 -51.42 31.95 -5.30
C LEU DA 228 -50.76 32.60 -6.51
N THR DA 229 -49.45 32.37 -6.70
CA THR DA 229 -48.79 32.87 -7.90
C THR DA 229 -49.37 32.24 -9.15
N ALA DA 230 -49.60 30.92 -9.11
CA ALA DA 230 -50.25 30.24 -10.23
C ALA DA 230 -51.62 30.83 -10.50
N ALA DA 231 -52.42 31.03 -9.45
CA ALA DA 231 -53.76 31.60 -9.60
C ALA DA 231 -53.70 32.98 -10.23
N GLU DA 232 -52.82 33.85 -9.72
CA GLU DA 232 -52.71 35.21 -10.24
C GLU DA 232 -52.24 35.22 -11.68
N SER DA 233 -51.32 34.31 -12.02
CA SER DA 233 -50.86 34.19 -13.40
C SER DA 233 -52.01 33.81 -14.31
N ARG DA 234 -52.80 32.81 -13.92
CA ARG DA 234 -53.91 32.39 -14.75
C ARG DA 234 -54.98 33.47 -14.87
N ILE DA 235 -55.12 34.31 -13.85
CA ILE DA 235 -56.12 35.38 -13.91
C ILE DA 235 -55.65 36.49 -14.84
N ARG DA 236 -54.46 37.05 -14.58
CA ARG DA 236 -54.04 38.29 -15.21
C ARG DA 236 -53.15 38.11 -16.43
N ASP DA 237 -52.20 37.17 -16.40
CA ASP DA 237 -51.31 37.01 -17.54
C ASP DA 237 -52.06 36.45 -18.74
N THR DA 238 -51.51 36.68 -19.92
CA THR DA 238 -52.14 36.33 -21.18
C THR DA 238 -51.38 35.20 -21.87
N ASP DA 239 -52.13 34.37 -22.60
CA ASP DA 239 -51.53 33.33 -23.42
C ASP DA 239 -51.07 33.93 -24.74
N MET DA 240 -49.79 33.73 -25.07
CA MET DA 240 -49.22 34.35 -26.25
C MET DA 240 -49.86 33.82 -27.53
N ALA DA 241 -50.18 32.53 -27.56
CA ALA DA 241 -50.67 31.91 -28.79
C ALA DA 241 -52.03 32.47 -29.20
N ALA DA 242 -52.95 32.59 -28.25
CA ALA DA 242 -54.28 33.10 -28.57
C ALA DA 242 -54.24 34.53 -29.07
N GLU DA 243 -53.44 35.38 -28.42
CA GLU DA 243 -53.32 36.76 -28.85
C GLU DA 243 -52.63 36.87 -30.20
N MET DA 244 -51.66 35.99 -30.47
CA MET DA 244 -51.04 35.95 -31.79
C MET DA 244 -52.07 35.60 -32.86
N MET DA 245 -52.89 34.58 -32.59
CA MET DA 245 -53.97 34.21 -33.49
C MET DA 245 -54.88 35.40 -33.78
N ALA DA 246 -55.35 36.05 -32.71
CA ALA DA 246 -56.27 37.17 -32.87
C ALA DA 246 -55.63 38.32 -33.64
N PHE DA 247 -54.34 38.59 -33.38
CA PHE DA 247 -53.65 39.68 -34.05
C PHE DA 247 -53.50 39.40 -35.54
N THR DA 248 -53.11 38.18 -35.90
CA THR DA 248 -53.01 37.83 -37.31
C THR DA 248 -54.37 37.93 -38.00
N LYS DA 249 -55.41 37.43 -37.34
CA LYS DA 249 -56.77 37.53 -37.88
C LYS DA 249 -57.16 38.98 -38.14
N ASN DA 250 -56.93 39.85 -37.16
CA ASN DA 250 -57.30 41.25 -37.30
C ASN DA 250 -56.49 41.94 -38.38
N ASN DA 251 -55.21 41.59 -38.54
CA ASN DA 251 -54.42 42.16 -39.63
C ASN DA 251 -54.99 41.76 -40.98
N ILE DA 252 -55.33 40.48 -41.14
CA ILE DA 252 -55.90 40.01 -42.40
C ILE DA 252 -57.21 40.74 -42.70
N LEU DA 253 -58.04 40.93 -41.67
CA LEU DA 253 -59.30 41.66 -41.86
C LEU DA 253 -59.05 43.11 -42.23
N THR DA 254 -58.02 43.73 -41.62
CA THR DA 254 -57.67 45.10 -41.97
C THR DA 254 -57.27 45.22 -43.43
N GLN DA 255 -56.44 44.28 -43.90
CA GLN DA 255 -56.04 44.30 -45.31
C GLN DA 255 -57.23 44.12 -46.23
N ALA DA 256 -58.13 43.20 -45.88
CA ALA DA 256 -59.33 42.98 -46.68
C ALA DA 256 -60.17 44.25 -46.76
N ALA DA 257 -60.37 44.92 -45.64
CA ALA DA 257 -61.16 46.15 -45.64
C ALA DA 257 -60.46 47.25 -46.43
N GLN DA 258 -59.13 47.30 -46.38
CA GLN DA 258 -58.39 48.28 -47.16
C GLN DA 258 -58.64 48.08 -48.66
N SER DA 259 -58.51 46.84 -49.12
CA SER DA 259 -58.77 46.54 -50.53
C SER DA 259 -60.21 46.85 -50.91
N MET DA 260 -61.15 46.51 -50.03
CA MET DA 260 -62.56 46.76 -50.31
C MET DA 260 -62.83 48.25 -50.43
N LEU DA 261 -62.18 49.06 -49.60
CA LEU DA 261 -62.37 50.51 -49.66
C LEU DA 261 -61.74 51.08 -50.93
N ALA DA 262 -60.57 50.56 -51.32
CA ALA DA 262 -59.95 50.98 -52.57
C ALA DA 262 -60.87 50.69 -53.75
N GLN DA 263 -61.59 49.57 -53.71
CA GLN DA 263 -62.55 49.27 -54.77
C GLN DA 263 -63.76 50.19 -54.71
N ALA DA 264 -64.32 50.38 -53.51
CA ALA DA 264 -65.53 51.19 -53.34
C ALA DA 264 -65.30 52.63 -53.75
N ASN DA 265 -64.08 53.15 -53.58
CA ASN DA 265 -63.80 54.51 -54.03
C ASN DA 265 -63.81 54.61 -55.55
N GLN DA 266 -63.41 53.55 -56.25
CA GLN DA 266 -63.43 53.53 -57.70
C GLN DA 266 -64.79 53.20 -58.28
N GLN DA 267 -65.68 52.58 -57.50
CA GLN DA 267 -66.98 52.18 -58.00
C GLN DA 267 -67.79 53.33 -58.61
N PRO DA 268 -67.93 54.50 -57.96
CA PRO DA 268 -68.73 55.57 -58.59
C PRO DA 268 -67.97 56.36 -59.67
N GLN DA 269 -67.96 55.81 -60.87
CA GLN DA 269 -67.39 56.47 -62.05
C GLN DA 269 -68.38 56.34 -63.19
N GLY DA 270 -69.30 57.29 -63.28
CA GLY DA 270 -70.27 57.36 -64.35
C GLY DA 270 -70.07 58.60 -65.18
N VAL DA 271 -68.81 58.99 -65.37
CA VAL DA 271 -68.52 60.17 -66.18
C VAL DA 271 -68.76 59.90 -67.65
N LEU DA 272 -68.72 58.63 -68.07
CA LEU DA 272 -68.98 58.32 -69.47
C LEU DA 272 -70.44 58.51 -69.88
N GLN DA 273 -71.35 58.70 -68.92
CA GLN DA 273 -72.69 59.16 -69.30
C GLN DA 273 -72.61 60.51 -70.01
N LEU DA 274 -71.89 61.44 -69.40
CA LEU DA 274 -71.94 62.84 -69.81
C LEU DA 274 -71.13 63.06 -71.08
N LEU DA 275 -69.84 62.83 -71.01
CA LEU DA 275 -68.94 63.09 -72.12
C LEU DA 275 -68.88 61.87 -73.05
N GLN DA 276 -68.03 61.94 -74.07
CA GLN DA 276 -67.87 60.82 -74.98
C GLN DA 276 -66.62 61.03 -75.83
N MET EA 1 -55.53 82.27 -60.51
CA MET EA 1 -56.72 81.49 -60.20
C MET EA 1 -56.95 80.10 -60.81
N ARG EA 2 -56.57 79.89 -62.07
CA ARG EA 2 -56.84 78.63 -62.78
C ARG EA 2 -55.59 77.94 -63.27
N ILE EA 3 -54.73 78.63 -64.02
CA ILE EA 3 -53.68 77.99 -64.81
C ILE EA 3 -52.29 78.43 -64.34
N GLN EA 4 -52.05 79.74 -64.36
CA GLN EA 4 -50.71 80.28 -64.16
C GLN EA 4 -50.11 79.91 -62.81
N HIS EA 5 -50.94 79.62 -61.81
CA HIS EA 5 -50.47 79.26 -60.48
C HIS EA 5 -51.33 78.13 -59.93
N ASN EA 6 -50.67 77.16 -59.29
CA ASN EA 6 -51.34 75.97 -58.74
C ASN EA 6 -50.89 75.83 -57.28
N ILE EA 7 -51.66 76.39 -56.36
CA ILE EA 7 -51.18 76.60 -55.00
C ILE EA 7 -51.15 75.30 -54.20
N ALA EA 8 -52.06 74.37 -54.50
CA ALA EA 8 -52.08 73.08 -53.84
C ALA EA 8 -50.76 72.35 -54.04
N ALA EA 9 -50.24 72.39 -55.26
CA ALA EA 9 -48.97 71.73 -55.55
C ALA EA 9 -47.82 72.40 -54.80
N LEU EA 10 -47.86 73.72 -54.64
CA LEU EA 10 -46.84 74.41 -53.85
C LEU EA 10 -46.85 73.94 -52.39
N ASN EA 11 -48.04 73.88 -51.79
CA ASN EA 11 -48.15 73.41 -50.42
C ASN EA 11 -47.66 71.98 -50.27
N THR EA 12 -48.02 71.12 -51.24
CA THR EA 12 -47.58 69.74 -51.22
C THR EA 12 -46.07 69.65 -51.33
N HIS EA 13 -45.47 70.50 -52.18
CA HIS EA 13 -44.02 70.52 -52.32
C HIS EA 13 -43.35 70.92 -51.02
N ARG EA 14 -43.87 71.95 -50.36
CA ARG EA 14 -43.35 72.37 -49.05
C ARG EA 14 -43.35 71.21 -48.06
N ASN EA 15 -44.50 70.56 -47.91
CA ASN EA 15 -44.61 69.46 -46.94
C ASN EA 15 -43.69 68.30 -47.30
N LEU EA 16 -43.56 68.01 -48.60
CA LEU EA 16 -42.67 66.95 -49.05
C LEU EA 16 -41.22 67.27 -48.69
N ALA EA 17 -40.79 68.51 -48.92
CA ALA EA 17 -39.43 68.91 -48.56
C ALA EA 17 -39.20 68.77 -47.06
N ALA EA 18 -40.17 69.19 -46.26
CA ALA EA 18 -40.04 69.08 -44.81
C ALA EA 18 -39.90 67.62 -44.37
N ASN EA 19 -40.73 66.74 -44.93
CA ASN EA 19 -40.65 65.33 -44.57
C ASN EA 19 -39.32 64.72 -44.96
N ASN EA 20 -38.82 65.07 -46.15
CA ASN EA 20 -37.51 64.58 -46.58
C ASN EA 20 -36.41 65.05 -45.63
N ALA EA 21 -36.46 66.31 -45.22
CA ALA EA 21 -35.46 66.83 -44.29
C ALA EA 21 -35.49 66.07 -42.96
N ALA EA 22 -36.69 65.83 -42.43
CA ALA EA 22 -36.80 65.11 -41.16
C ALA EA 22 -36.26 63.69 -41.29
N ALA EA 23 -36.58 63.01 -42.40
CA ALA EA 23 -36.07 61.66 -42.62
C ALA EA 23 -34.55 61.66 -42.71
N SER EA 24 -33.98 62.67 -43.36
CA SER EA 24 -32.52 62.77 -43.44
C SER EA 24 -31.90 62.96 -42.06
N LYS EA 25 -32.50 63.80 -41.22
CA LYS EA 25 -32.01 63.96 -39.86
C LYS EA 25 -32.04 62.65 -39.09
N ASN EA 26 -33.13 61.88 -39.25
CA ASN EA 26 -33.22 60.60 -38.57
C ASN EA 26 -32.16 59.63 -39.07
N LEU EA 27 -31.90 59.63 -40.38
CA LEU EA 27 -30.83 58.80 -40.92
C LEU EA 27 -29.48 59.17 -40.33
N GLU EA 28 -29.21 60.47 -40.21
CA GLU EA 28 -27.98 60.92 -39.57
C GLU EA 28 -27.87 60.38 -38.15
N LYS EA 29 -28.94 60.52 -37.36
CA LYS EA 29 -28.91 60.05 -35.98
C LYS EA 29 -28.75 58.54 -35.89
N LEU EA 30 -29.28 57.80 -36.85
CA LEU EA 30 -29.17 56.34 -36.79
C LEU EA 30 -27.79 55.85 -37.23
N SER EA 31 -27.22 56.47 -38.27
CA SER EA 31 -25.90 56.07 -38.72
C SER EA 31 -24.83 56.47 -37.72
N SER EA 32 -24.94 57.67 -37.16
CA SER EA 32 -23.92 58.15 -36.23
C SER EA 32 -23.96 57.38 -34.93
N GLY EA 33 -25.14 56.98 -34.49
CA GLY EA 33 -25.32 56.39 -33.19
C GLY EA 33 -25.41 57.38 -32.04
N PHE EA 34 -25.35 58.69 -32.32
CA PHE EA 34 -25.45 59.73 -31.32
C PHE EA 34 -26.66 60.60 -31.60
N LYS EA 35 -27.31 61.05 -30.53
CA LYS EA 35 -28.50 61.89 -30.64
C LYS EA 35 -28.15 63.36 -30.88
N ILE EA 36 -26.93 63.77 -30.54
CA ILE EA 36 -26.49 65.17 -30.64
C ILE EA 36 -25.23 65.17 -31.48
N ASN EA 37 -25.37 65.49 -32.76
CA ASN EA 37 -24.24 65.64 -33.67
C ASN EA 37 -23.88 67.10 -33.92
N ARG EA 38 -24.81 68.02 -33.66
CA ARG EA 38 -24.58 69.46 -33.80
C ARG EA 38 -25.08 70.15 -32.54
N ALA EA 39 -24.69 71.41 -32.38
CA ALA EA 39 -25.18 72.18 -31.24
C ALA EA 39 -26.62 72.63 -31.45
N GLY EA 40 -27.08 72.72 -32.70
CA GLY EA 40 -28.48 73.01 -32.95
C GLY EA 40 -29.39 71.92 -32.45
N ASP EA 41 -28.91 70.68 -32.39
CA ASP EA 41 -29.70 69.59 -31.81
C ASP EA 41 -30.05 69.89 -30.37
N ASP EA 42 -29.05 70.23 -29.56
CA ASP EA 42 -29.27 70.49 -28.14
C ASP EA 42 -28.05 71.20 -27.59
N ALA EA 43 -28.23 72.44 -27.13
CA ALA EA 43 -27.11 73.23 -26.63
C ALA EA 43 -26.71 72.79 -25.22
N ALA EA 44 -27.65 72.78 -24.29
CA ALA EA 44 -27.41 72.29 -22.94
C ALA EA 44 -27.50 70.78 -22.92
N GLY EA 45 -26.34 70.13 -22.92
CA GLY EA 45 -26.25 68.70 -23.09
C GLY EA 45 -25.04 68.37 -23.93
N LEU EA 46 -24.74 69.19 -24.93
CA LEU EA 46 -23.45 69.10 -25.60
C LEU EA 46 -22.32 69.42 -24.64
N ALA EA 47 -22.42 70.56 -23.94
CA ALA EA 47 -21.43 70.93 -22.95
C ALA EA 47 -21.32 69.88 -21.85
N ILE EA 48 -22.46 69.38 -21.37
CA ILE EA 48 -22.46 68.39 -20.31
C ILE EA 48 -21.79 67.11 -20.79
N SER EA 49 -22.06 66.71 -22.03
CA SER EA 49 -21.44 65.52 -22.59
C SER EA 49 -19.93 65.68 -22.71
N GLU EA 50 -19.47 66.85 -23.13
CA GLU EA 50 -18.03 67.07 -23.26
C GLU EA 50 -17.34 67.05 -21.91
N LYS EA 51 -17.92 67.73 -20.91
CA LYS EA 51 -17.34 67.69 -19.57
C LYS EA 51 -17.33 66.27 -19.01
N MET EA 52 -18.40 65.51 -19.25
CA MET EA 52 -18.47 64.15 -18.73
C MET EA 52 -17.45 63.25 -19.42
N ARG EA 53 -17.23 63.45 -20.73
CA ARG EA 53 -16.21 62.71 -21.44
C ARG EA 53 -14.82 63.02 -20.88
N GLY EA 54 -14.55 64.30 -20.62
CA GLY EA 54 -13.29 64.67 -20.00
C GLY EA 54 -13.10 64.00 -18.65
N GLN EA 55 -14.16 64.00 -17.83
CA GLN EA 55 -14.07 63.37 -16.52
C GLN EA 55 -13.86 61.86 -16.63
N ILE EA 56 -14.51 61.22 -17.59
CA ILE EA 56 -14.37 59.78 -17.77
C ILE EA 56 -12.94 59.43 -18.16
N SER EA 57 -12.39 60.15 -19.14
CA SER EA 57 -11.02 59.92 -19.54
C SER EA 57 -10.06 60.16 -18.38
N GLY EA 58 -10.27 61.23 -17.64
CA GLY EA 58 -9.41 61.51 -16.50
C GLY EA 58 -9.49 60.43 -15.43
N LEU EA 59 -10.69 59.92 -15.17
CA LEU EA 59 -10.85 58.90 -14.15
C LEU EA 59 -10.19 57.59 -14.55
N ASN EA 60 -10.33 57.20 -15.82
CA ASN EA 60 -9.68 55.98 -16.28
C ASN EA 60 -8.16 56.12 -16.24
N MET EA 61 -7.64 57.28 -16.68
CA MET EA 61 -6.21 57.49 -16.61
C MET EA 61 -5.70 57.54 -15.18
N ALA EA 62 -6.53 58.04 -14.25
CA ALA EA 62 -6.15 58.06 -12.85
C ALA EA 62 -6.12 56.65 -12.27
N SER EA 63 -7.05 55.80 -12.70
CA SER EA 63 -6.99 54.39 -12.32
C SER EA 63 -5.69 53.75 -12.78
N LYS EA 64 -5.31 54.02 -14.04
CA LYS EA 64 -4.05 53.52 -14.57
C LYS EA 64 -2.86 54.00 -13.74
N ASN EA 65 -2.86 55.30 -13.40
CA ASN EA 65 -1.77 55.87 -12.62
C ASN EA 65 -1.70 55.25 -11.23
N SER EA 66 -2.86 55.01 -10.61
CA SER EA 66 -2.89 54.40 -9.29
C SER EA 66 -2.32 52.99 -9.33
N SER EA 67 -2.64 52.23 -10.39
CA SER EA 67 -2.06 50.90 -10.53
C SER EA 67 -0.54 50.99 -10.70
N ASP EA 68 -0.06 51.97 -11.47
CA ASP EA 68 1.38 52.16 -11.62
C ASP EA 68 2.05 52.44 -10.27
N ALA EA 69 1.42 53.29 -9.47
CA ALA EA 69 1.94 53.57 -8.14
C ALA EA 69 1.97 52.33 -7.27
N ILE EA 70 0.94 51.49 -7.37
CA ILE EA 70 0.93 50.23 -6.62
C ILE EA 70 2.12 49.36 -7.04
N SER EA 71 2.41 49.32 -8.34
CA SER EA 71 3.54 48.53 -8.81
C SER EA 71 4.86 49.05 -8.23
N LEU EA 72 5.05 50.36 -8.25
CA LEU EA 72 6.24 50.97 -7.65
C LEU EA 72 6.37 50.59 -6.17
N ILE EA 73 5.28 50.72 -5.42
CA ILE EA 73 5.33 50.43 -3.99
C ILE EA 73 5.65 48.96 -3.75
N GLN EA 74 5.08 48.07 -4.55
CA GLN EA 74 5.39 46.65 -4.43
C GLN EA 74 6.86 46.39 -4.68
N THR EA 75 7.46 47.13 -5.63
CA THR EA 75 8.90 46.99 -5.87
C THR EA 75 9.69 47.34 -4.62
N ALA EA 76 9.36 48.48 -4.00
CA ALA EA 76 10.09 48.90 -2.81
C ALA EA 76 9.92 47.91 -1.65
N GLU EA 77 8.71 47.41 -1.43
CA GLU EA 77 8.48 46.44 -0.36
C GLU EA 77 9.26 45.16 -0.60
N GLY EA 78 9.27 44.67 -1.85
CA GLY EA 78 10.06 43.51 -2.17
C GLY EA 78 11.55 43.74 -1.94
N GLY EA 79 12.00 44.96 -2.19
CA GLY EA 79 13.39 45.30 -1.87
C GLY EA 79 13.67 45.20 -0.38
N LEU EA 80 12.74 45.65 0.45
CA LEU EA 80 12.98 45.67 1.90
C LEU EA 80 12.80 44.31 2.57
N ASN EA 81 12.09 43.37 1.93
CA ASN EA 81 11.98 42.02 2.49
C ASN EA 81 13.36 41.38 2.68
N GLU EA 82 14.24 41.53 1.69
CA GLU EA 82 15.57 40.94 1.81
C GLU EA 82 16.41 41.67 2.84
N THR EA 83 16.17 42.97 3.01
CA THR EA 83 16.78 43.70 4.12
C THR EA 83 16.42 43.06 5.45
N HIS EA 84 15.13 42.79 5.66
CA HIS EA 84 14.69 42.06 6.86
C HIS EA 84 15.46 40.76 7.02
N ALA EA 85 15.53 39.96 5.95
CA ALA EA 85 16.15 38.64 6.03
C ALA EA 85 17.61 38.72 6.43
N ILE EA 86 18.39 39.57 5.75
CA ILE EA 86 19.82 39.62 6.05
C ILE EA 86 20.07 40.30 7.39
N LEU EA 87 19.15 41.16 7.85
CA LEU EA 87 19.28 41.71 9.18
C LEU EA 87 19.10 40.62 10.23
N GLN EA 88 18.13 39.73 10.02
CA GLN EA 88 17.97 38.59 10.92
C GLN EA 88 19.25 37.74 10.95
N ARG EA 89 19.82 37.48 9.78
CA ARG EA 89 21.04 36.68 9.71
C ARG EA 89 22.18 37.38 10.46
N MET EA 90 22.30 38.70 10.31
CA MET EA 90 23.34 39.47 10.98
C MET EA 90 23.17 39.42 12.50
N ARG EA 91 21.93 39.51 12.97
CA ARG EA 91 21.68 39.40 14.40
C ARG EA 91 22.09 38.02 14.92
N GLU EA 92 21.75 36.97 14.17
CA GLU EA 92 22.17 35.63 14.56
C GLU EA 92 23.69 35.53 14.64
N LEU EA 93 24.38 36.08 13.65
CA LEU EA 93 25.84 36.09 13.63
C LEU EA 93 26.41 36.83 14.83
N ALA EA 94 25.83 37.98 15.19
CA ALA EA 94 26.32 38.73 16.34
C ALA EA 94 26.11 37.96 17.64
N VAL EA 95 24.94 37.35 17.81
CA VAL EA 95 24.66 36.59 19.03
C VAL EA 95 25.63 35.41 19.14
N GLN EA 96 25.99 34.80 18.01
CA GLN EA 96 27.00 33.73 18.05
C GLN EA 96 28.40 34.27 18.34
N SER EA 97 28.77 35.39 17.71
CA SER EA 97 30.07 36.01 17.95
C SER EA 97 30.25 36.45 19.39
N ARG EA 98 29.17 36.77 20.08
CA ARG EA 98 29.20 37.39 21.40
C ARG EA 98 29.74 36.47 22.48
N ASN EA 99 29.69 35.16 22.26
CA ASN EA 99 30.12 34.19 23.26
C ASN EA 99 31.65 34.09 23.30
N ASP EA 100 32.17 33.72 24.47
CA ASP EA 100 33.62 33.65 24.71
C ASP EA 100 34.24 32.31 24.33
N THR EA 101 33.47 31.39 23.77
CA THR EA 101 34.05 30.20 23.17
C THR EA 101 34.92 30.55 21.97
N ASN EA 102 34.63 31.67 21.31
CA ASN EA 102 35.31 32.05 20.09
C ASN EA 102 36.59 32.81 20.42
N ASP EA 103 37.65 32.53 19.65
CA ASP EA 103 38.96 33.11 19.86
C ASP EA 103 39.29 34.12 18.77
N GLU EA 104 39.78 35.29 19.18
CA GLU EA 104 40.34 36.24 18.24
C GLU EA 104 41.67 35.75 17.67
N ALA EA 105 42.40 34.91 18.39
CA ALA EA 105 43.72 34.47 17.95
C ALA EA 105 43.60 33.58 16.71
N THR EA 106 42.80 32.53 16.80
CA THR EA 106 42.62 31.58 15.69
C THR EA 106 41.47 31.94 14.79
N ASN EA 107 41.11 33.23 14.72
CA ASN EA 107 40.32 33.78 13.61
C ASN EA 107 38.89 33.24 13.61
N ASP EA 108 38.31 33.01 14.80
CA ASP EA 108 36.93 32.55 14.90
C ASP EA 108 35.95 33.67 14.58
N ARG EA 109 36.17 34.85 15.15
CA ARG EA 109 35.26 35.98 14.95
C ARG EA 109 35.53 36.73 13.65
N SER EA 110 36.73 36.67 13.11
CA SER EA 110 37.01 37.37 11.86
C SER EA 110 36.27 36.74 10.68
N ASN EA 111 35.94 35.45 10.76
CA ASN EA 111 35.11 34.85 9.71
C ASN EA 111 33.65 35.32 9.81
N LEU EA 112 33.13 35.45 11.03
CA LEU EA 112 31.80 36.01 11.18
C LEU EA 112 31.79 37.48 10.76
N ASN EA 113 32.92 38.17 10.92
CA ASN EA 113 33.03 39.54 10.45
C ASN EA 113 33.11 39.61 8.92
N ASP EA 114 33.79 38.65 8.30
CA ASP EA 114 33.73 38.50 6.83
C ASP EA 114 32.28 38.40 6.37
N GLU EA 115 31.53 37.49 6.98
CA GLU EA 115 30.12 37.31 6.66
C GLU EA 115 29.33 38.61 6.86
N LEU EA 116 29.57 39.27 8.00
CA LEU EA 116 28.86 40.51 8.33
C LEU EA 116 29.17 41.62 7.33
N LYS EA 117 30.44 41.77 6.95
CA LYS EA 117 30.82 42.79 5.97
C LYS EA 117 30.17 42.53 4.62
N GLN EA 118 30.11 41.26 4.19
CA GLN EA 118 29.44 40.98 2.93
C GLN EA 118 27.96 41.29 3.01
N LEU EA 119 27.32 41.01 4.15
CA LEU EA 119 25.90 41.33 4.28
C LEU EA 119 25.67 42.84 4.34
N GLN EA 120 26.62 43.59 4.88
CA GLN EA 120 26.52 45.05 4.87
C GLN EA 120 26.69 45.62 3.47
N GLU EA 121 27.59 45.04 2.68
CA GLU EA 121 27.67 45.45 1.29
C GLU EA 121 26.38 45.14 0.55
N GLU EA 122 25.72 44.03 0.89
CA GLU EA 122 24.46 43.69 0.24
C GLU EA 122 23.32 44.62 0.67
N ILE EA 123 23.26 44.98 1.95
CA ILE EA 123 22.20 45.89 2.40
C ILE EA 123 22.38 47.27 1.76
N THR EA 124 23.62 47.70 1.51
CA THR EA 124 23.81 48.95 0.78
C THR EA 124 23.49 48.78 -0.71
N ARG EA 125 23.83 47.62 -1.28
CA ARG EA 125 23.58 47.38 -2.70
C ARG EA 125 22.10 47.41 -3.02
N ILE EA 126 21.28 46.76 -2.19
CA ILE EA 126 19.84 46.77 -2.42
C ILE EA 126 19.30 48.19 -2.36
N SER EA 127 19.85 49.01 -1.48
CA SER EA 127 19.43 50.40 -1.37
C SER EA 127 19.68 51.15 -2.68
N SER EA 128 20.95 51.22 -3.09
CA SER EA 128 21.32 52.06 -4.22
C SER EA 128 21.46 51.30 -5.55
N GLN EA 129 20.74 50.19 -5.72
CA GLN EA 129 20.59 49.56 -7.03
C GLN EA 129 19.14 49.13 -7.28
N MET EA 130 18.19 49.75 -6.59
CA MET EA 130 16.77 49.50 -6.77
C MET EA 130 16.19 50.60 -7.64
N GLU EA 131 15.36 50.25 -8.61
CA GLU EA 131 14.82 51.29 -9.51
C GLU EA 131 13.53 50.81 -10.16
N PHE EA 132 12.68 51.77 -10.47
CA PHE EA 132 11.43 51.57 -11.19
C PHE EA 132 11.39 52.62 -12.28
N ASN EA 133 11.55 52.21 -13.54
CA ASN EA 133 11.52 53.12 -14.68
C ASN EA 133 12.67 54.12 -14.62
N ASN EA 134 13.85 53.63 -14.23
CA ASN EA 134 15.05 54.47 -14.10
C ASN EA 134 14.86 55.54 -13.04
N LYS EA 135 14.48 55.11 -11.83
CA LYS EA 135 14.19 56.01 -10.72
C LYS EA 135 14.66 55.36 -9.43
N LYS EA 136 15.75 55.86 -8.89
CA LYS EA 136 16.27 55.34 -7.63
C LYS EA 136 15.31 55.69 -6.50
N LEU EA 137 14.91 54.67 -5.72
CA LEU EA 137 13.88 54.81 -4.70
C LEU EA 137 14.45 54.90 -3.28
N LEU EA 138 15.33 53.97 -2.90
CA LEU EA 138 15.78 53.81 -1.52
C LEU EA 138 17.15 54.45 -1.27
N ASP EA 139 17.39 55.63 -1.84
CA ASP EA 139 18.67 56.30 -1.75
C ASP EA 139 18.56 57.60 -0.97
N GLY EA 140 17.36 58.18 -0.94
CA GLY EA 140 17.14 59.54 -0.51
C GLY EA 140 16.75 60.51 -1.61
N SER EA 141 16.51 60.03 -2.83
CA SER EA 141 16.08 60.91 -3.91
C SER EA 141 14.70 61.49 -3.63
N GLN EA 142 13.78 60.66 -3.15
CA GLN EA 142 12.41 61.07 -2.90
C GLN EA 142 12.21 61.61 -1.49
N SER EA 143 13.21 61.50 -0.61
CA SER EA 143 13.08 61.99 0.75
C SER EA 143 13.15 63.52 0.82
N THR EA 144 13.51 64.20 -0.28
CA THR EA 144 13.63 65.65 -0.27
C THR EA 144 12.30 66.32 -0.57
N ASN EA 145 11.64 65.91 -1.65
CA ASN EA 145 10.38 66.49 -2.10
C ASN EA 145 9.24 65.48 -2.11
N GLY EA 146 9.45 64.32 -2.71
CA GLY EA 146 8.50 63.23 -2.67
C GLY EA 146 7.89 62.95 -4.04
N LEU EA 147 7.36 61.74 -4.19
CA LEU EA 147 6.67 61.32 -5.40
C LEU EA 147 5.20 61.69 -5.30
N THR EA 148 4.69 62.33 -6.36
CA THR EA 148 3.32 62.81 -6.43
C THR EA 148 2.54 61.99 -7.45
N PHE EA 149 1.45 61.37 -7.00
CA PHE EA 149 0.59 60.57 -7.85
C PHE EA 149 -0.72 61.31 -8.09
N GLN EA 150 -1.09 61.46 -9.36
CA GLN EA 150 -2.36 62.03 -9.77
C GLN EA 150 -3.40 60.92 -9.76
N ILE EA 151 -4.31 60.97 -8.78
CA ILE EA 151 -5.32 59.93 -8.59
C ILE EA 151 -6.70 60.54 -8.81
N GLY EA 152 -6.79 61.52 -9.71
CA GLY EA 152 -8.04 62.17 -9.99
C GLY EA 152 -8.00 62.87 -11.33
N ALA EA 153 -9.19 63.08 -11.88
CA ALA EA 153 -9.29 63.70 -13.21
C ALA EA 153 -8.83 65.15 -13.18
N ASN EA 154 -9.22 65.90 -12.15
CA ASN EA 154 -8.98 67.32 -12.10
C ASN EA 154 -7.63 67.65 -11.46
N ALA EA 155 -7.28 68.92 -11.49
CA ALA EA 155 -6.02 69.38 -10.91
C ALA EA 155 -6.12 69.48 -9.39
N GLY EA 156 -5.02 69.14 -8.73
CA GLY EA 156 -4.95 69.14 -7.29
C GLY EA 156 -5.37 67.84 -6.63
N GLN EA 157 -5.97 66.93 -7.38
CA GLN EA 157 -6.40 65.64 -6.82
C GLN EA 157 -5.22 64.68 -6.83
N THR EA 158 -4.27 64.97 -5.94
CA THR EA 158 -2.99 64.29 -5.89
C THR EA 158 -2.74 63.71 -4.50
N ILE EA 159 -1.73 62.86 -4.42
CA ILE EA 159 -1.19 62.42 -3.13
C ILE EA 159 0.33 62.44 -3.22
N THR EA 160 0.97 62.97 -2.18
CA THR EA 160 2.42 63.00 -2.08
C THR EA 160 2.89 61.86 -1.18
N MET EA 161 4.10 61.39 -1.46
CA MET EA 161 4.69 60.26 -0.77
C MET EA 161 6.18 60.50 -0.62
N LYS EA 162 6.77 59.90 0.41
CA LYS EA 162 8.18 60.06 0.69
C LYS EA 162 8.75 58.74 1.16
N ILE EA 163 9.99 58.45 0.74
CA ILE EA 163 10.71 57.26 1.15
C ILE EA 163 12.07 57.69 1.65
N SER EA 164 12.47 57.16 2.80
CA SER EA 164 13.69 57.57 3.46
C SER EA 164 14.89 56.78 2.95
N THR EA 165 16.08 57.29 3.24
CA THR EA 165 17.30 56.54 2.94
C THR EA 165 17.39 55.32 3.84
N MET EA 166 17.61 54.16 3.23
CA MET EA 166 17.65 52.85 3.89
C MET EA 166 18.99 52.18 3.68
N SER EA 167 20.07 52.95 3.77
CA SER EA 167 21.42 52.41 3.73
C SER EA 167 21.92 52.05 5.13
N ALA EA 168 23.09 51.43 5.17
CA ALA EA 168 23.66 51.02 6.45
C ALA EA 168 24.11 52.20 7.29
N THR EA 169 24.57 53.29 6.65
CA THR EA 169 25.02 54.46 7.39
C THR EA 169 23.86 55.12 8.13
N LYS EA 170 22.69 55.22 7.48
CA LYS EA 170 21.56 55.91 8.10
C LYS EA 170 21.04 55.15 9.30
N LEU EA 171 21.10 53.82 9.27
CA LEU EA 171 20.55 52.97 10.31
C LEU EA 171 21.55 52.59 11.40
N GLY EA 172 22.76 53.15 11.37
CA GLY EA 172 23.73 52.90 12.42
C GLY EA 172 24.17 51.45 12.52
N VAL EA 173 24.27 50.77 11.39
CA VAL EA 173 24.69 49.36 11.34
C VAL EA 173 25.88 49.16 10.40
N ASP EA 174 26.36 50.20 9.73
CA ASP EA 174 27.57 50.12 8.93
C ASP EA 174 28.77 49.65 9.77
N ALA EA 175 29.81 49.20 9.07
CA ALA EA 175 30.95 48.56 9.74
C ALA EA 175 31.70 49.52 10.67
N ALA EA 176 31.55 50.83 10.49
CA ALA EA 176 32.20 51.78 11.38
C ALA EA 176 31.60 51.80 12.78
N LYS EA 177 30.41 51.22 12.97
CA LYS EA 177 29.76 51.22 14.27
C LYS EA 177 29.11 49.87 14.62
N ALA EA 178 29.32 48.82 13.83
CA ALA EA 178 28.67 47.53 14.08
C ALA EA 178 29.61 46.36 13.83
N SER EA 179 30.90 46.52 14.06
CA SER EA 179 31.81 45.39 13.95
C SER EA 179 31.50 44.36 15.02
N ILE EA 180 31.89 43.12 14.76
CA ILE EA 180 31.82 42.04 15.74
C ILE EA 180 33.19 41.41 15.88
N SER EA 181 34.25 42.21 15.67
CA SER EA 181 35.60 41.76 15.97
C SER EA 181 35.74 41.33 17.43
N LYS EA 182 35.21 42.14 18.35
CA LYS EA 182 35.36 41.90 19.77
C LYS EA 182 34.11 41.20 20.31
N GLY EA 183 34.11 40.95 21.62
CA GLY EA 183 32.91 40.53 22.31
C GLY EA 183 32.06 41.72 22.69
N THR EA 184 32.71 42.83 23.02
CA THR EA 184 31.97 44.04 23.43
C THR EA 184 31.18 44.63 22.27
N ALA EA 185 31.78 44.66 21.07
CA ALA EA 185 31.13 45.29 19.93
C ALA EA 185 29.88 44.55 19.51
N ALA EA 186 29.84 43.23 19.69
CA ALA EA 186 28.64 42.46 19.37
C ALA EA 186 27.47 42.85 20.26
N SER EA 187 27.76 43.21 21.51
CA SER EA 187 26.72 43.70 22.42
C SER EA 187 25.99 44.89 21.82
N LYS EA 188 26.73 45.90 21.37
CA LYS EA 188 26.10 47.04 20.73
C LYS EA 188 25.50 46.67 19.39
N ALA EA 189 26.11 45.72 18.68
CA ALA EA 189 25.63 45.36 17.35
C ALA EA 189 24.24 44.74 17.42
N ILE EA 190 23.97 43.96 18.47
CA ILE EA 190 22.65 43.34 18.62
C ILE EA 190 21.57 44.42 18.72
N LYS EA 191 21.77 45.39 19.61
CA LYS EA 191 20.80 46.48 19.78
C LYS EA 191 20.68 47.31 18.52
N SER EA 192 21.81 47.56 17.86
CA SER EA 192 21.83 48.33 16.62
C SER EA 192 21.00 47.63 15.55
N ILE EA 193 21.14 46.31 15.45
CA ILE EA 193 20.40 45.54 14.46
C ILE EA 193 18.91 45.51 14.79
N ASP EA 194 18.57 45.43 16.08
CA ASP EA 194 17.16 45.50 16.47
C ASP EA 194 16.54 46.83 16.08
N ASP EA 195 17.24 47.93 16.35
CA ASP EA 195 16.75 49.25 15.98
C ASP EA 195 16.55 49.34 14.47
N ALA EA 196 17.49 48.80 13.70
CA ALA EA 196 17.36 48.83 12.24
C ALA EA 196 16.17 48.03 11.76
N ILE EA 197 15.95 46.84 12.34
CA ILE EA 197 14.80 46.02 11.97
C ILE EA 197 13.49 46.77 12.24
N ASN EA 198 13.40 47.41 13.41
CA ASN EA 198 12.19 48.16 13.73
C ASN EA 198 11.97 49.31 12.76
N THR EA 199 13.04 50.03 12.41
CA THR EA 199 12.92 51.15 11.49
C THR EA 199 12.44 50.70 10.12
N VAL EA 200 13.00 49.60 9.60
CA VAL EA 200 12.61 49.17 8.26
C VAL EA 200 11.20 48.59 8.28
N SER EA 201 10.79 47.98 9.40
CA SER EA 201 9.39 47.58 9.54
C SER EA 201 8.46 48.78 9.49
N LYS EA 202 8.85 49.87 10.16
CA LYS EA 202 8.06 51.10 10.13
C LYS EA 202 7.90 51.61 8.70
N THR EA 203 9.01 51.65 7.96
CA THR EA 203 8.95 52.12 6.57
C THR EA 203 8.06 51.22 5.71
N ARG EA 204 8.17 49.90 5.87
CA ARG EA 204 7.31 48.99 5.12
C ARG EA 204 5.84 49.22 5.44
N SER EA 205 5.52 49.44 6.71
CA SER EA 205 4.14 49.78 7.09
C SER EA 205 3.67 51.04 6.38
N ALA EA 206 4.53 52.06 6.36
CA ALA EA 206 4.18 53.32 5.70
C ALA EA 206 3.88 53.11 4.23
N LEU EA 207 4.61 52.22 3.57
CA LEU EA 207 4.33 51.94 2.16
C LEU EA 207 3.02 51.17 1.98
N GLY EA 208 2.82 50.14 2.80
CA GLY EA 208 1.63 49.32 2.67
C GLY EA 208 0.34 50.09 2.91
N ALA EA 209 0.39 51.08 3.81
CA ALA EA 209 -0.79 51.93 4.03
C ALA EA 209 -1.21 52.65 2.76
N VAL EA 210 -0.24 53.21 2.03
CA VAL EA 210 -0.56 53.93 0.80
C VAL EA 210 -1.06 52.96 -0.26
N GLN EA 211 -0.51 51.75 -0.28
CA GLN EA 211 -1.02 50.73 -1.21
C GLN EA 211 -2.49 50.44 -0.95
N ASN EA 212 -2.83 50.18 0.32
CA ASN EA 212 -4.22 49.88 0.68
C ASN EA 212 -5.14 51.05 0.37
N ARG EA 213 -4.66 52.28 0.56
CA ARG EA 213 -5.45 53.45 0.18
C ARG EA 213 -5.72 53.46 -1.32
N LEU EA 214 -4.68 53.21 -2.12
CA LEU EA 214 -4.84 53.29 -3.57
C LEU EA 214 -5.81 52.25 -4.09
N GLU EA 215 -5.90 51.10 -3.42
CA GLU EA 215 -6.88 50.10 -3.83
C GLU EA 215 -8.31 50.64 -3.74
N HIS EA 216 -8.68 51.19 -2.58
CA HIS EA 216 -9.98 51.82 -2.40
C HIS EA 216 -10.19 52.94 -3.40
N THR EA 217 -9.15 53.73 -3.65
CA THR EA 217 -9.24 54.80 -4.64
C THR EA 217 -9.59 54.26 -6.01
N ILE EA 218 -8.97 53.14 -6.41
CA ILE EA 218 -9.26 52.54 -7.71
C ILE EA 218 -10.71 52.08 -7.79
N ASN EA 219 -11.19 51.46 -6.71
CA ASN EA 219 -12.59 51.03 -6.69
C ASN EA 219 -13.53 52.20 -6.88
N ASN EA 220 -13.30 53.29 -6.13
CA ASN EA 220 -14.16 54.46 -6.25
C ASN EA 220 -14.10 55.07 -7.65
N LEU EA 221 -12.90 55.11 -8.24
CA LEU EA 221 -12.76 55.66 -9.58
C LEU EA 221 -13.53 54.83 -10.60
N GLY EA 222 -13.46 53.51 -10.49
CA GLY EA 222 -14.21 52.66 -11.40
C GLY EA 222 -15.71 52.88 -11.29
N THR EA 223 -16.21 52.94 -10.04
CA THR EA 223 -17.64 53.17 -9.84
C THR EA 223 -18.08 54.51 -10.44
N SER EA 224 -17.31 55.57 -10.16
CA SER EA 224 -17.67 56.89 -10.67
C SER EA 224 -17.62 56.93 -12.19
N ALA EA 225 -16.63 56.27 -12.78
CA ALA EA 225 -16.52 56.25 -14.23
C ALA EA 225 -17.71 55.55 -14.87
N GLU EA 226 -18.12 54.41 -14.30
CA GLU EA 226 -19.29 53.71 -14.83
C GLU EA 226 -20.54 54.57 -14.72
N ASN EA 227 -20.75 55.22 -13.57
CA ASN EA 227 -21.94 56.04 -13.40
C ASN EA 227 -21.97 57.22 -14.37
N LEU EA 228 -20.84 57.92 -14.52
CA LEU EA 228 -20.80 59.03 -15.46
C LEU EA 228 -20.93 58.56 -16.90
N THR EA 229 -20.42 57.36 -17.21
CA THR EA 229 -20.60 56.81 -18.54
C THR EA 229 -22.07 56.57 -18.83
N ALA EA 230 -22.79 56.00 -17.85
CA ALA EA 230 -24.23 55.81 -17.99
C ALA EA 230 -24.94 57.14 -18.23
N ALA EA 231 -24.59 58.16 -17.44
CA ALA EA 231 -25.20 59.48 -17.59
C ALA EA 231 -24.94 60.06 -18.97
N GLU EA 232 -23.68 60.00 -19.43
CA GLU EA 232 -23.34 60.56 -20.74
C GLU EA 232 -24.05 59.79 -21.86
N SER EA 233 -24.16 58.48 -21.72
CA SER EA 233 -24.88 57.68 -22.70
C SER EA 233 -26.33 58.11 -22.77
N ARG EA 234 -26.99 58.26 -21.62
CA ARG EA 234 -28.39 58.66 -21.62
C ARG EA 234 -28.57 60.07 -22.16
N ILE EA 235 -27.58 60.94 -21.99
CA ILE EA 235 -27.69 62.31 -22.50
C ILE EA 235 -27.54 62.31 -24.02
N ARG EA 236 -26.42 61.79 -24.51
CA ARG EA 236 -26.02 62.00 -25.90
C ARG EA 236 -26.42 60.88 -26.85
N ASP EA 237 -26.28 59.62 -26.45
CA ASP EA 237 -26.61 58.52 -27.34
C ASP EA 237 -28.12 58.47 -27.59
N THR EA 238 -28.49 57.85 -28.71
CA THR EA 238 -29.86 57.80 -29.18
C THR EA 238 -30.41 56.38 -29.08
N ASP EA 239 -31.71 56.29 -28.84
CA ASP EA 239 -32.40 55.01 -28.85
C ASP EA 239 -32.76 54.64 -30.28
N MET EA 240 -32.33 53.44 -30.69
CA MET EA 240 -32.51 53.03 -32.09
C MET EA 240 -33.98 52.89 -32.44
N ALA EA 241 -34.79 52.39 -31.50
CA ALA EA 241 -36.18 52.08 -31.80
C ALA EA 241 -36.98 53.34 -32.11
N ALA EA 242 -36.81 54.40 -31.31
CA ALA EA 242 -37.56 55.62 -31.52
C ALA EA 242 -37.20 56.27 -32.85
N GLU EA 243 -35.91 56.31 -33.18
CA GLU EA 243 -35.50 56.89 -34.44
C GLU EA 243 -35.95 56.05 -35.62
N MET EA 244 -35.98 54.73 -35.46
CA MET EA 244 -36.54 53.86 -36.50
C MET EA 244 -38.01 54.17 -36.75
N MET EA 245 -38.78 54.30 -35.66
CA MET EA 245 -40.18 54.68 -35.75
C MET EA 245 -40.34 55.99 -36.52
N ALA EA 246 -39.59 57.01 -36.11
CA ALA EA 246 -39.70 58.32 -36.74
C ALA EA 246 -39.32 58.27 -38.21
N PHE EA 247 -38.29 57.49 -38.54
CA PHE EA 247 -37.83 57.41 -39.92
C PHE EA 247 -38.86 56.72 -40.80
N THR EA 248 -39.46 55.63 -40.32
CA THR EA 248 -40.52 54.97 -41.08
C THR EA 248 -41.71 55.90 -41.27
N LYS EA 249 -42.11 56.61 -40.21
CA LYS EA 249 -43.20 57.56 -40.31
C LYS EA 249 -42.92 58.62 -41.36
N ASN EA 250 -41.72 59.20 -41.33
CA ASN EA 250 -41.39 60.26 -42.28
C ASN EA 250 -41.31 59.72 -43.71
N ASN EA 251 -40.86 58.50 -43.91
CA ASN EA 251 -40.87 57.91 -45.25
C ASN EA 251 -42.29 57.75 -45.76
N ILE EA 252 -43.19 57.25 -44.91
CA ILE EA 252 -44.58 57.08 -45.32
C ILE EA 252 -45.20 58.44 -45.68
N LEU EA 253 -44.90 59.47 -44.89
CA LEU EA 253 -45.40 60.80 -45.19
C LEU EA 253 -44.83 61.33 -46.50
N THR EA 254 -43.55 61.06 -46.76
CA THR EA 254 -42.94 61.47 -48.02
C THR EA 254 -43.64 60.83 -49.21
N GLN EA 255 -43.91 59.53 -49.11
CA GLN EA 255 -44.62 58.84 -50.20
C GLN EA 255 -46.01 59.42 -50.40
N ALA EA 256 -46.73 59.68 -49.31
CA ALA EA 256 -48.05 60.28 -49.40
C ALA EA 256 -48.01 61.63 -50.10
N ALA EA 257 -47.05 62.47 -49.72
CA ALA EA 257 -46.93 63.78 -50.35
C ALA EA 257 -46.55 63.66 -51.82
N GLN EA 258 -45.72 62.67 -52.17
CA GLN EA 258 -45.37 62.44 -53.56
C GLN EA 258 -46.62 62.11 -54.39
N SER EA 259 -47.43 61.18 -53.90
CA SER EA 259 -48.67 60.83 -54.61
C SER EA 259 -49.61 62.03 -54.71
N MET EA 260 -49.72 62.80 -53.62
CA MET EA 260 -50.60 63.97 -53.63
C MET EA 260 -50.15 64.99 -54.65
N LEU EA 261 -48.83 65.17 -54.79
CA LEU EA 261 -48.31 66.12 -55.76
C LEU EA 261 -48.54 65.62 -57.18
N ALA EA 262 -48.36 64.31 -57.40
CA ALA EA 262 -48.66 63.73 -58.71
C ALA EA 262 -50.12 63.96 -59.10
N GLN EA 263 -51.02 63.90 -58.12
CA GLN EA 263 -52.42 64.18 -58.40
C GLN EA 263 -52.65 65.66 -58.67
N ALA EA 264 -52.07 66.53 -57.83
CA ALA EA 264 -52.29 67.96 -57.95
C ALA EA 264 -51.76 68.50 -59.27
N ASN EA 265 -50.70 67.90 -59.81
CA ASN EA 265 -50.22 68.33 -61.11
C ASN EA 265 -51.19 67.99 -62.23
N GLN EA 266 -51.93 66.89 -62.09
CA GLN EA 266 -52.92 66.49 -63.09
C GLN EA 266 -54.25 67.21 -62.91
N GLN EA 267 -54.52 67.75 -61.72
CA GLN EA 267 -55.80 68.40 -61.46
C GLN EA 267 -56.14 69.52 -62.44
N PRO EA 268 -55.23 70.47 -62.76
CA PRO EA 268 -55.62 71.53 -63.72
C PRO EA 268 -55.54 71.10 -65.18
N GLN EA 269 -56.60 70.45 -65.65
CA GLN EA 269 -56.75 70.07 -67.05
C GLN EA 269 -58.17 70.45 -67.49
N GLY EA 270 -58.31 71.69 -67.96
CA GLY EA 270 -59.55 72.20 -68.49
C GLY EA 270 -59.42 72.53 -69.95
N VAL EA 271 -58.64 71.71 -70.67
CA VAL EA 271 -58.47 71.94 -72.10
C VAL EA 271 -59.72 71.57 -72.87
N LEU EA 272 -60.58 70.71 -72.31
CA LEU EA 272 -61.82 70.35 -73.00
C LEU EA 272 -62.83 71.49 -73.03
N GLN EA 273 -62.62 72.57 -72.27
CA GLN EA 273 -63.44 73.76 -72.50
C GLN EA 273 -63.24 74.28 -73.91
N LEU EA 274 -61.99 74.41 -74.31
CA LEU EA 274 -61.64 75.13 -75.53
C LEU EA 274 -61.92 74.30 -76.77
N LEU EA 275 -61.24 73.17 -76.90
CA LEU EA 275 -61.35 72.32 -78.07
C LEU EA 275 -62.50 71.33 -77.90
N GLN EA 276 -62.67 70.45 -78.87
CA GLN EA 276 -63.71 69.43 -78.76
C GLN EA 276 -63.47 68.35 -79.82
N MET FA 1 -36.76 76.09 -86.57
CA MET FA 1 -37.59 76.66 -85.51
C MET FA 1 -38.78 75.87 -84.92
N ARG FA 2 -39.52 75.12 -85.75
CA ARG FA 2 -40.72 74.43 -85.31
C ARG FA 2 -40.65 72.93 -85.51
N ILE FA 3 -40.34 72.45 -86.72
CA ILE FA 3 -40.57 71.06 -87.09
C ILE FA 3 -39.26 70.36 -87.42
N GLN FA 4 -38.52 70.90 -88.39
CA GLN FA 4 -37.37 70.23 -88.97
C GLN FA 4 -36.28 69.92 -87.93
N HIS FA 5 -36.24 70.66 -86.83
CA HIS FA 5 -35.22 70.45 -85.79
C HIS FA 5 -35.87 70.63 -84.44
N ASN FA 6 -35.52 69.74 -83.50
CA ASN FA 6 -36.07 69.73 -82.14
C ASN FA 6 -34.91 69.70 -81.16
N ILE FA 7 -34.47 70.87 -80.71
CA ILE FA 7 -33.17 70.98 -80.05
C ILE FA 7 -33.22 70.43 -78.61
N ALA FA 8 -34.39 70.53 -77.97
CA ALA FA 8 -34.54 69.99 -76.62
C ALA FA 8 -34.26 68.49 -76.61
N ALA FA 9 -34.77 67.78 -77.60
CA ALA FA 9 -34.53 66.34 -77.69
C ALA FA 9 -33.07 66.02 -77.92
N LEU FA 10 -32.37 66.86 -78.69
CA LEU FA 10 -30.93 66.67 -78.88
C LEU FA 10 -30.18 66.81 -77.56
N ASN FA 11 -30.48 67.86 -76.80
CA ASN FA 11 -29.83 68.06 -75.50
C ASN FA 11 -30.12 66.89 -74.56
N THR FA 12 -31.38 66.43 -74.54
CA THR FA 12 -31.75 65.30 -73.71
C THR FA 12 -31.00 64.04 -74.12
N HIS FA 13 -30.83 63.84 -75.42
CA HIS FA 13 -30.09 62.67 -75.91
C HIS FA 13 -28.63 62.73 -75.47
N ARG FA 14 -28.01 63.91 -75.58
CA ARG FA 14 -26.64 64.10 -75.09
C ARG FA 14 -26.51 63.69 -73.63
N ASN FA 15 -27.37 64.26 -72.78
CA ASN FA 15 -27.29 63.99 -71.35
C ASN FA 15 -27.55 62.52 -71.05
N LEU FA 16 -28.48 61.90 -71.77
CA LEU FA 16 -28.77 60.49 -71.60
C LEU FA 16 -27.55 59.64 -71.93
N ALA FA 17 -26.87 59.95 -73.04
CA ALA FA 17 -25.67 59.21 -73.42
C ALA FA 17 -24.58 59.36 -72.36
N ALA FA 18 -24.41 60.58 -71.83
CA ALA FA 18 -23.41 60.79 -70.79
C ALA FA 18 -23.71 59.97 -69.55
N ASN FA 19 -24.97 59.97 -69.12
CA ASN FA 19 -25.34 59.21 -67.93
C ASN FA 19 -25.11 57.72 -68.13
N ASN FA 20 -25.47 57.20 -69.31
CA ASN FA 20 -25.25 55.80 -69.60
C ASN FA 20 -23.76 55.46 -69.55
N ALA FA 21 -22.91 56.34 -70.12
CA ALA FA 21 -21.48 56.10 -70.08
C ALA FA 21 -20.95 56.05 -68.65
N ALA FA 22 -21.40 56.99 -67.81
CA ALA FA 22 -20.94 57.00 -66.42
C ALA FA 22 -21.37 55.74 -65.69
N ALA FA 23 -22.62 55.32 -65.91
CA ALA FA 23 -23.10 54.09 -65.27
C ALA FA 23 -22.29 52.88 -65.73
N SER FA 24 -21.92 52.84 -67.01
CA SER FA 24 -21.11 51.74 -67.50
C SER FA 24 -19.73 51.73 -66.85
N LYS FA 25 -19.11 52.91 -66.68
CA LYS FA 25 -17.84 52.99 -65.98
C LYS FA 25 -17.96 52.47 -64.55
N ASN FA 26 -19.04 52.84 -63.86
CA ASN FA 26 -19.23 52.36 -62.50
C ASN FA 26 -19.41 50.85 -62.46
N LEU FA 27 -20.14 50.30 -63.43
CA LEU FA 27 -20.29 48.85 -63.51
C LEU FA 27 -18.94 48.18 -63.70
N GLU FA 28 -18.09 48.73 -64.56
CA GLU FA 28 -16.75 48.21 -64.75
C GLU FA 28 -15.98 48.20 -63.44
N LYS FA 29 -16.00 49.31 -62.72
CA LYS FA 29 -15.26 49.40 -61.46
C LYS FA 29 -15.81 48.45 -60.41
N LEU FA 30 -17.11 48.17 -60.43
CA LEU FA 30 -17.69 47.28 -59.43
C LEU FA 30 -17.41 45.81 -59.76
N SER FA 31 -17.51 45.44 -61.03
CA SER FA 31 -17.24 44.06 -61.41
C SER FA 31 -15.77 43.72 -61.27
N SER FA 32 -14.88 44.65 -61.68
CA SER FA 32 -13.46 44.37 -61.63
C SER FA 32 -12.96 44.33 -60.19
N GLY FA 33 -13.53 45.14 -59.31
CA GLY FA 33 -13.01 45.29 -57.97
C GLY FA 33 -11.84 46.23 -57.84
N PHE FA 34 -11.39 46.85 -58.93
CA PHE FA 34 -10.28 47.79 -58.92
C PHE FA 34 -10.77 49.15 -59.39
N LYS FA 35 -10.21 50.20 -58.80
CA LYS FA 35 -10.58 51.56 -59.14
C LYS FA 35 -9.85 52.07 -60.39
N ILE FA 36 -8.73 51.44 -60.76
CA ILE FA 36 -7.90 51.87 -61.87
C ILE FA 36 -7.74 50.66 -62.79
N ASN FA 37 -8.53 50.61 -63.85
CA ASN FA 37 -8.43 49.57 -64.86
C ASN FA 37 -7.71 50.05 -66.12
N ARG FA 38 -7.64 51.37 -66.33
CA ARG FA 38 -6.94 51.96 -67.46
C ARG FA 38 -6.06 53.10 -66.93
N ALA FA 39 -5.13 53.55 -67.77
CA ALA FA 39 -4.29 54.68 -67.39
C ALA FA 39 -5.05 55.99 -67.48
N GLY FA 40 -6.12 56.06 -68.27
CA GLY FA 40 -6.95 57.24 -68.28
C GLY FA 40 -7.66 57.48 -66.96
N ASP FA 41 -7.91 56.41 -66.20
CA ASP FA 41 -8.48 56.57 -64.87
C ASP FA 41 -7.56 57.40 -63.98
N ASP FA 42 -6.28 57.03 -63.92
CA ASP FA 42 -5.33 57.73 -63.06
C ASP FA 42 -3.93 57.33 -63.49
N ALA FA 43 -3.15 58.30 -63.96
CA ALA FA 43 -1.80 58.02 -64.44
C ALA FA 43 -0.83 57.84 -63.28
N ALA FA 44 -0.75 58.83 -62.38
CA ALA FA 44 0.09 58.72 -61.18
C ALA FA 44 -0.66 57.92 -60.12
N GLY FA 45 -0.30 56.66 -59.97
CA GLY FA 45 -1.03 55.73 -59.15
C GLY FA 45 -1.06 54.37 -59.81
N LEU FA 46 -1.17 54.34 -61.14
CA LEU FA 46 -0.93 53.11 -61.87
C LEU FA 46 0.52 52.67 -61.72
N ALA FA 47 1.46 53.58 -61.98
CA ALA FA 47 2.87 53.29 -61.80
C ALA FA 47 3.19 52.91 -60.37
N ILE FA 48 2.62 53.64 -59.41
CA ILE FA 48 2.87 53.36 -58.00
C ILE FA 48 2.34 51.99 -57.63
N SER FA 49 1.16 51.63 -58.15
CA SER FA 49 0.59 50.32 -57.88
C SER FA 49 1.46 49.21 -58.46
N GLU FA 50 1.98 49.40 -59.67
CA GLU FA 50 2.81 48.38 -60.28
C GLU FA 50 4.11 48.19 -59.51
N LYS FA 51 4.78 49.30 -59.13
CA LYS FA 51 5.98 49.19 -58.33
C LYS FA 51 5.71 48.52 -56.99
N MET FA 52 4.58 48.86 -56.36
CA MET FA 52 4.26 48.27 -55.07
C MET FA 52 3.95 46.79 -55.20
N ARG FA 53 3.30 46.39 -56.29
CA ARG FA 53 3.07 44.97 -56.53
C ARG FA 53 4.38 44.22 -56.72
N GLY FA 54 5.30 44.80 -57.48
CA GLY FA 54 6.62 44.20 -57.62
C GLY FA 54 7.32 44.04 -56.29
N GLN FA 55 7.27 45.08 -55.45
CA GLN FA 55 7.91 45.01 -54.15
C GLN FA 55 7.25 43.97 -53.26
N ILE FA 56 5.93 43.85 -53.31
CA ILE FA 56 5.23 42.87 -52.49
C ILE FA 56 5.63 41.46 -52.89
N SER FA 57 5.60 41.17 -54.19
CA SER FA 57 6.02 39.86 -54.66
C SER FA 57 7.46 39.56 -54.28
N GLY FA 58 8.35 40.54 -54.44
CA GLY FA 58 9.74 40.34 -54.06
C GLY FA 58 9.92 40.08 -52.58
N LEU FA 59 9.15 40.79 -51.75
CA LEU FA 59 9.28 40.61 -50.30
C LEU FA 59 8.78 39.24 -49.86
N ASN FA 60 7.66 38.79 -50.44
CA ASN FA 60 7.16 37.46 -50.09
C ASN FA 60 8.13 36.37 -50.55
N MET FA 61 8.66 36.51 -51.77
CA MET FA 61 9.64 35.54 -52.25
C MET FA 61 10.91 35.56 -51.41
N ALA FA 62 11.29 36.74 -50.91
CA ALA FA 62 12.47 36.83 -50.05
C ALA FA 62 12.22 36.16 -48.70
N SER FA 63 11.00 36.29 -48.18
CA SER FA 63 10.63 35.54 -46.98
C SER FA 63 10.77 34.04 -47.20
N LYS FA 64 10.26 33.57 -48.34
CA LYS FA 64 10.40 32.15 -48.70
C LYS FA 64 11.87 31.74 -48.75
N ASN FA 65 12.69 32.55 -49.41
CA ASN FA 65 14.11 32.25 -49.54
C ASN FA 65 14.81 32.22 -48.18
N SER FA 66 14.44 33.15 -47.29
CA SER FA 66 15.04 33.18 -45.96
C SER FA 66 14.67 31.92 -45.18
N SER FA 67 13.43 31.46 -45.31
CA SER FA 67 13.05 30.21 -44.66
C SER FA 67 13.84 29.03 -45.22
N ASP FA 68 14.06 29.02 -46.53
CA ASP FA 68 14.87 27.97 -47.14
C ASP FA 68 16.29 27.96 -46.58
N ALA FA 69 16.88 29.15 -46.45
CA ALA FA 69 18.21 29.27 -45.85
C ALA FA 69 18.23 28.77 -44.41
N ILE FA 70 17.17 29.06 -43.65
CA ILE FA 70 17.09 28.56 -42.28
C ILE FA 70 17.08 27.04 -42.27
N SER FA 71 16.36 26.43 -43.22
CA SER FA 71 16.33 24.97 -43.30
C SER FA 71 17.71 24.41 -43.58
N LEU FA 72 18.42 25.00 -44.54
CA LEU FA 72 19.79 24.58 -44.84
C LEU FA 72 20.68 24.66 -43.61
N ILE FA 73 20.62 25.79 -42.90
CA ILE FA 73 21.48 25.97 -41.73
C ILE FA 73 21.14 24.95 -40.65
N GLN FA 74 19.85 24.67 -40.45
CA GLN FA 74 19.46 23.66 -39.49
C GLN FA 74 20.02 22.30 -39.87
N THR FA 75 20.07 22.00 -41.17
CA THR FA 75 20.66 20.73 -41.61
C THR FA 75 22.12 20.65 -41.20
N ALA FA 76 22.87 21.72 -41.45
CA ALA FA 76 24.30 21.72 -41.11
C ALA FA 76 24.52 21.59 -39.60
N GLU FA 77 23.74 22.32 -38.80
CA GLU FA 77 23.88 22.23 -37.34
C GLU FA 77 23.57 20.83 -36.84
N GLY FA 78 22.51 20.21 -37.37
CA GLY FA 78 22.21 18.85 -37.00
C GLY FA 78 23.32 17.89 -37.39
N GLY FA 79 23.98 18.16 -38.51
CA GLY FA 79 25.15 17.37 -38.87
C GLY FA 79 26.27 17.48 -37.85
N LEU FA 80 26.51 18.69 -37.35
CA LEU FA 80 27.62 18.91 -36.42
C LEU FA 80 27.34 18.46 -34.99
N ASN FA 81 26.08 18.30 -34.62
CA ASN FA 81 25.76 17.78 -33.29
C ASN FA 81 26.37 16.38 -33.07
N GLU FA 82 26.29 15.52 -34.08
CA GLU FA 82 26.85 14.19 -33.94
C GLU FA 82 28.37 14.23 -33.94
N THR FA 83 28.95 15.19 -34.65
CA THR FA 83 30.39 15.43 -34.54
C THR FA 83 30.78 15.72 -33.10
N HIS FA 84 30.05 16.61 -32.43
CA HIS FA 84 30.27 16.87 -31.00
C HIS FA 84 30.22 15.57 -30.20
N ALA FA 85 29.17 14.77 -30.42
CA ALA FA 85 28.96 13.57 -29.63
C ALA FA 85 30.11 12.59 -29.78
N ILE FA 86 30.49 12.27 -31.02
CA ILE FA 86 31.53 11.28 -31.22
C ILE FA 86 32.90 11.83 -30.82
N LEU FA 87 33.08 13.15 -30.86
CA LEU FA 87 34.31 13.73 -30.35
C LEU FA 87 34.42 13.54 -28.84
N GLN FA 88 33.30 13.72 -28.13
CA GLN FA 88 33.28 13.44 -26.69
C GLN FA 88 33.64 11.99 -26.42
N ARG FA 89 33.05 11.07 -27.20
CA ARG FA 89 33.35 9.65 -27.03
C ARG FA 89 34.82 9.36 -27.27
N MET FA 90 35.40 9.97 -28.31
CA MET FA 90 36.82 9.79 -28.63
C MET FA 90 37.72 10.30 -27.52
N ARG FA 91 37.36 11.44 -26.93
CA ARG FA 91 38.14 11.96 -25.80
C ARG FA 91 38.08 11.01 -24.61
N GLU FA 92 36.90 10.46 -24.34
CA GLU FA 92 36.76 9.48 -23.27
C GLU FA 92 37.65 8.26 -23.53
N LEU FA 93 37.64 7.77 -24.77
CA LEU FA 93 38.46 6.64 -25.16
C LEU FA 93 39.95 6.94 -24.99
N ALA FA 94 40.39 8.15 -25.37
CA ALA FA 94 41.79 8.50 -25.21
C ALA FA 94 42.19 8.58 -23.74
N VAL FA 95 41.34 9.19 -22.90
CA VAL FA 95 41.65 9.29 -21.48
C VAL FA 95 41.74 7.90 -20.86
N GLN FA 96 40.90 6.97 -21.31
CA GLN FA 96 41.01 5.59 -20.82
C GLN FA 96 42.25 4.89 -21.34
N SER FA 97 42.57 5.06 -22.63
CA SER FA 97 43.76 4.47 -23.22
C SER FA 97 45.05 4.97 -22.59
N ARG FA 98 45.04 6.19 -22.04
CA ARG FA 98 46.23 6.88 -21.57
C ARG FA 98 46.84 6.22 -20.33
N ASN FA 99 46.05 5.44 -19.58
CA ASN FA 99 46.53 4.83 -18.36
C ASN FA 99 47.39 3.60 -18.65
N ASP FA 100 48.29 3.29 -17.72
CA ASP FA 100 49.26 2.21 -17.88
C ASP FA 100 48.74 0.85 -17.40
N THR FA 101 47.48 0.78 -16.95
CA THR FA 101 46.87 -0.51 -16.72
C THR FA 101 46.71 -1.31 -18.00
N ASN FA 102 46.62 -0.62 -19.13
CA ASN FA 102 46.37 -1.27 -20.41
C ASN FA 102 47.68 -1.75 -21.03
N ASP FA 103 47.64 -2.93 -21.64
CA ASP FA 103 48.81 -3.56 -22.23
C ASP FA 103 48.73 -3.54 -23.75
N GLU FA 104 49.83 -3.14 -24.38
CA GLU FA 104 49.97 -3.30 -25.82
C GLU FA 104 50.11 -4.76 -26.23
N ALA FA 105 50.64 -5.61 -25.35
CA ALA FA 105 50.89 -7.00 -25.69
C ALA FA 105 49.57 -7.75 -25.91
N THR FA 106 48.68 -7.71 -24.93
CA THR FA 106 47.40 -8.42 -25.00
C THR FA 106 46.28 -7.55 -25.57
N ASN FA 107 46.63 -6.56 -26.40
CA ASN FA 107 45.70 -5.94 -27.33
C ASN FA 107 44.62 -5.13 -26.59
N ASP FA 108 44.98 -4.48 -25.47
CA ASP FA 108 44.03 -3.65 -24.74
C ASP FA 108 43.78 -2.33 -25.46
N ARG FA 109 44.85 -1.68 -25.93
CA ARG FA 109 44.71 -0.39 -26.60
C ARG FA 109 44.34 -0.51 -28.07
N SER FA 110 44.64 -1.64 -28.72
CA SER FA 110 44.28 -1.79 -30.12
C SER FA 110 42.77 -1.88 -30.31
N ASN FA 111 42.03 -2.34 -29.30
CA ASN FA 111 40.58 -2.33 -29.40
C ASN FA 111 40.02 -0.91 -29.27
N LEU FA 112 40.60 -0.08 -28.39
CA LEU FA 112 40.19 1.30 -28.33
C LEU FA 112 40.58 2.03 -29.61
N ASN FA 113 41.68 1.59 -30.25
CA ASN FA 113 42.06 2.16 -31.54
C ASN FA 113 41.11 1.71 -32.65
N ASP FA 114 40.62 0.47 -32.60
CA ASP FA 114 39.53 0.04 -33.49
C ASP FA 114 38.34 0.99 -33.38
N GLU FA 115 37.90 1.21 -32.14
CA GLU FA 115 36.79 2.13 -31.88
C GLU FA 115 37.08 3.53 -32.42
N LEU FA 116 38.29 4.03 -32.16
CA LEU FA 116 38.67 5.37 -32.59
C LEU FA 116 38.71 5.49 -34.11
N LYS FA 117 39.24 4.48 -34.80
CA LYS FA 117 39.28 4.52 -36.25
C LYS FA 117 37.87 4.51 -36.84
N GLN FA 118 36.96 3.71 -36.26
CA GLN FA 118 35.60 3.73 -36.76
C GLN FA 118 34.94 5.08 -36.54
N LEU FA 119 35.20 5.72 -35.40
CA LEU FA 119 34.63 7.04 -35.17
C LEU FA 119 35.24 8.10 -36.08
N GLN FA 120 36.51 7.92 -36.47
CA GLN FA 120 37.12 8.84 -37.43
C GLN FA 120 36.54 8.65 -38.84
N GLU FA 121 36.25 7.41 -39.22
CA GLU FA 121 35.55 7.21 -40.47
C GLU FA 121 34.17 7.83 -40.44
N GLU FA 122 33.50 7.80 -39.28
CA GLU FA 122 32.18 8.41 -39.17
C GLU FA 122 32.25 9.93 -39.22
N ILE FA 123 33.24 10.54 -38.55
CA ILE FA 123 33.36 12.00 -38.60
C ILE FA 123 33.67 12.47 -40.02
N THR FA 124 34.42 11.68 -40.81
CA THR FA 124 34.62 12.05 -42.20
C THR FA 124 33.35 11.81 -43.03
N ARG FA 125 32.62 10.73 -42.73
CA ARG FA 125 31.41 10.40 -43.47
C ARG FA 125 30.36 11.48 -43.33
N ILE FA 126 30.15 11.97 -42.12
CA ILE FA 126 29.17 13.03 -41.91
C ILE FA 126 29.56 14.28 -42.69
N SER FA 127 30.85 14.55 -42.79
CA SER FA 127 31.32 15.70 -43.54
C SER FA 127 30.94 15.58 -45.01
N SER FA 128 31.42 14.52 -45.67
CA SER FA 128 31.26 14.40 -47.12
C SER FA 128 30.10 13.51 -47.55
N GLN FA 129 29.05 13.38 -46.73
CA GLN FA 129 27.78 12.79 -47.16
C GLN FA 129 26.58 13.60 -46.67
N MET FA 130 26.80 14.88 -46.37
CA MET FA 130 25.74 15.79 -45.96
C MET FA 130 25.33 16.64 -47.15
N GLU FA 131 24.04 16.81 -47.37
CA GLU FA 131 23.60 17.59 -48.55
C GLU FA 131 22.21 18.14 -48.34
N PHE FA 132 21.95 19.26 -48.99
CA PHE FA 132 20.65 19.93 -49.04
C PHE FA 132 20.39 20.27 -50.49
N ASN FA 133 19.44 19.55 -51.10
CA ASN FA 133 19.07 19.79 -52.50
C ASN FA 133 20.25 19.49 -53.43
N ASN FA 134 20.96 18.39 -53.14
CA ASN FA 134 22.12 17.98 -53.93
C ASN FA 134 23.23 19.03 -53.88
N LYS FA 135 23.62 19.39 -52.66
CA LYS FA 135 24.62 20.44 -52.43
C LYS FA 135 25.46 20.05 -51.23
N LYS FA 136 26.69 19.63 -51.48
CA LYS FA 136 27.59 19.27 -50.39
C LYS FA 136 27.97 20.52 -49.60
N LEU FA 137 27.79 20.46 -48.28
CA LEU FA 137 27.96 21.62 -47.40
C LEU FA 137 29.27 21.61 -46.63
N LEU FA 138 29.60 20.50 -45.96
CA LEU FA 138 30.72 20.43 -45.03
C LEU FA 138 31.96 19.80 -45.63
N ASP FA 139 32.27 20.13 -46.89
CA ASP FA 139 33.38 19.54 -47.61
C ASP FA 139 34.45 20.58 -47.92
N GLY FA 140 34.05 21.85 -47.99
CA GLY FA 140 34.85 22.91 -48.56
C GLY FA 140 34.33 23.46 -49.88
N SER FA 141 33.14 23.05 -50.34
CA SER FA 141 32.58 23.59 -51.56
C SER FA 141 32.25 25.07 -51.41
N GLN FA 142 31.65 25.44 -50.27
CA GLN FA 142 31.24 26.81 -50.03
C GLN FA 142 32.31 27.65 -49.37
N SER FA 143 33.44 27.04 -48.96
CA SER FA 143 34.50 27.80 -48.33
C SER FA 143 35.30 28.63 -49.32
N THR FA 144 35.08 28.44 -50.63
CA THR FA 144 35.83 29.17 -51.64
C THR FA 144 35.17 30.51 -51.96
N ASN FA 145 33.88 30.49 -52.26
CA ASN FA 145 33.13 31.69 -52.63
C ASN FA 145 31.99 31.99 -51.66
N GLY FA 146 31.17 31.00 -51.35
CA GLY FA 146 30.13 31.13 -50.33
C GLY FA 146 28.74 31.08 -50.94
N LEU FA 147 27.77 30.76 -50.07
CA LEU FA 147 26.36 30.74 -50.44
C LEU FA 147 25.75 32.12 -50.25
N THR FA 148 25.04 32.58 -51.27
CA THR FA 148 24.44 33.90 -51.30
C THR FA 148 22.92 33.78 -51.24
N PHE FA 149 22.31 34.38 -50.23
CA PHE FA 149 20.87 34.37 -50.05
C PHE FA 149 20.30 35.75 -50.39
N GLN FA 150 19.30 35.76 -51.27
CA GLN FA 150 18.55 36.97 -51.60
C GLN FA 150 17.45 37.15 -50.57
N ILE FA 151 17.61 38.16 -49.71
CA ILE FA 151 16.68 38.40 -48.61
C ILE FA 151 16.02 39.75 -48.82
N GLY FA 152 15.82 40.14 -50.08
CA GLY FA 152 15.22 41.41 -50.39
C GLY FA 152 14.66 41.41 -51.80
N ALA FA 153 13.70 42.32 -52.02
CA ALA FA 153 13.04 42.38 -53.32
C ALA FA 153 14.00 42.86 -54.40
N ASN FA 154 14.81 43.86 -54.10
CA ASN FA 154 15.66 44.50 -55.10
C ASN FA 154 17.02 43.80 -55.22
N ALA FA 155 17.79 44.25 -56.20
CA ALA FA 155 19.11 43.69 -56.45
C ALA FA 155 20.12 44.23 -55.44
N GLY FA 156 21.05 43.36 -55.03
CA GLY FA 156 22.05 43.70 -54.06
C GLY FA 156 21.66 43.47 -52.62
N GLN FA 157 20.38 43.21 -52.35
CA GLN FA 157 19.89 42.97 -50.99
C GLN FA 157 20.13 41.49 -50.64
N THR FA 158 21.41 41.16 -50.48
CA THR FA 158 21.87 39.79 -50.31
C THR FA 158 22.68 39.65 -49.04
N ILE FA 159 22.92 38.40 -48.65
CA ILE FA 159 23.89 38.08 -47.61
C ILE FA 159 24.71 36.89 -48.07
N THR FA 160 26.03 36.98 -47.88
CA THR FA 160 26.95 35.90 -48.20
C THR FA 160 27.29 35.12 -46.94
N MET FA 161 27.57 33.83 -47.12
CA MET FA 161 27.86 32.92 -46.03
C MET FA 161 28.93 31.94 -46.48
N LYS FA 162 29.67 31.42 -45.51
CA LYS FA 162 30.75 30.48 -45.79
C LYS FA 162 30.78 29.41 -44.72
N ILE FA 163 31.08 28.19 -45.12
CA ILE FA 163 31.20 27.06 -44.22
C ILE FA 163 32.53 26.37 -44.52
N SER FA 164 33.29 26.08 -43.47
CA SER FA 164 34.63 25.54 -43.61
C SER FA 164 34.59 24.02 -43.73
N THR FA 165 35.71 23.46 -44.18
CA THR FA 165 35.86 22.01 -44.20
C THR FA 165 35.95 21.50 -42.78
N MET FA 166 35.13 20.50 -42.46
CA MET FA 166 34.99 19.90 -41.14
C MET FA 166 35.30 18.41 -41.17
N SER FA 167 36.34 18.03 -41.91
CA SER FA 167 36.85 16.67 -41.92
C SER FA 167 37.90 16.46 -40.84
N ALA FA 168 38.33 15.21 -40.69
CA ALA FA 168 39.32 14.89 -39.67
C ALA FA 168 40.69 15.44 -40.01
N THR FA 169 41.02 15.51 -41.31
CA THR FA 169 42.33 16.03 -41.71
C THR FA 169 42.47 17.51 -41.35
N LYS FA 170 41.40 18.30 -41.56
CA LYS FA 170 41.49 19.73 -41.32
C LYS FA 170 41.65 20.03 -39.84
N LEU FA 171 41.05 19.21 -38.98
CA LEU FA 171 41.04 19.44 -37.54
C LEU FA 171 42.17 18.75 -36.80
N GLY FA 172 43.10 18.11 -37.50
CA GLY FA 172 44.25 17.51 -36.86
C GLY FA 172 43.90 16.37 -35.92
N VAL FA 173 42.87 15.60 -36.26
CA VAL FA 173 42.43 14.45 -35.45
C VAL FA 173 42.39 13.17 -36.26
N ASP FA 174 42.70 13.20 -37.55
CA ASP FA 174 42.81 11.99 -38.36
C ASP FA 174 43.84 11.03 -37.77
N ALA FA 175 43.77 9.77 -38.20
CA ALA FA 175 44.58 8.71 -37.62
C ALA FA 175 46.07 8.92 -37.82
N ALA FA 176 46.47 9.72 -38.80
CA ALA FA 176 47.89 10.01 -39.01
C ALA FA 176 48.50 10.86 -37.90
N LYS FA 177 47.68 11.50 -37.06
CA LYS FA 177 48.18 12.36 -36.00
C LYS FA 177 47.43 12.20 -34.68
N ALA FA 178 46.52 11.22 -34.56
CA ALA FA 178 45.72 11.06 -33.35
C ALA FA 178 45.53 9.61 -32.96
N SER FA 179 46.51 8.76 -33.25
CA SER FA 179 46.43 7.37 -32.79
C SER FA 179 46.50 7.32 -31.27
N ILE FA 180 45.97 6.23 -30.72
CA ILE FA 180 46.08 5.95 -29.29
C ILE FA 180 46.67 4.56 -29.11
N SER FA 181 47.51 4.13 -30.07
CA SER FA 181 48.28 2.91 -29.91
C SER FA 181 49.14 2.96 -28.65
N LYS FA 182 49.84 4.08 -28.43
CA LYS FA 182 50.77 4.20 -27.32
C LYS FA 182 50.10 4.92 -26.17
N GLY FA 183 50.85 5.14 -25.10
CA GLY FA 183 50.43 6.01 -24.02
C GLY FA 183 50.76 7.46 -24.34
N THR FA 184 51.87 7.67 -25.05
CA THR FA 184 52.28 9.04 -25.40
C THR FA 184 51.32 9.67 -26.40
N ALA FA 185 50.87 8.90 -27.39
CA ALA FA 185 50.03 9.46 -28.44
C ALA FA 185 48.67 9.90 -27.89
N ALA FA 186 48.16 9.22 -26.87
CA ALA FA 186 46.90 9.63 -26.26
C ALA FA 186 47.01 11.00 -25.60
N SER FA 187 48.19 11.33 -25.07
CA SER FA 187 48.43 12.66 -24.50
C SER FA 187 48.16 13.74 -25.53
N LYS FA 188 48.74 13.61 -26.72
CA LYS FA 188 48.50 14.58 -27.78
C LYS FA 188 47.06 14.47 -28.30
N ALA FA 189 46.50 13.27 -28.30
CA ALA FA 189 45.16 13.08 -28.84
C ALA FA 189 44.12 13.82 -28.02
N ILE FA 190 44.31 13.88 -26.70
CA ILE FA 190 43.37 14.60 -25.84
C ILE FA 190 43.31 16.07 -26.21
N LYS FA 191 44.48 16.70 -26.31
CA LYS FA 191 44.54 18.11 -26.68
C LYS FA 191 44.02 18.34 -28.09
N SER FA 192 44.34 17.43 -29.00
CA SER FA 192 43.87 17.53 -30.38
C SER FA 192 42.34 17.48 -30.44
N ILE FA 193 41.74 16.60 -29.65
CA ILE FA 193 40.29 16.46 -29.61
C ILE FA 193 39.65 17.70 -28.98
N ASP FA 194 40.28 18.26 -27.95
CA ASP FA 194 39.77 19.50 -27.36
C ASP FA 194 39.76 20.63 -28.38
N ASP FA 195 40.87 20.78 -29.11
CA ASP FA 195 40.94 21.82 -30.14
C ASP FA 195 39.85 21.62 -31.19
N ALA FA 196 39.62 20.36 -31.59
CA ALA FA 196 38.59 20.09 -32.59
C ALA FA 196 37.19 20.44 -32.06
N ILE FA 197 36.91 20.09 -30.80
CA ILE FA 197 35.62 20.42 -30.21
C ILE FA 197 35.40 21.93 -30.19
N ASN FA 198 36.44 22.68 -29.80
CA ASN FA 198 36.30 24.14 -29.77
C ASN FA 198 36.06 24.69 -31.17
N THR FA 199 36.77 24.18 -32.17
CA THR FA 199 36.61 24.67 -33.53
C THR FA 199 35.19 24.41 -34.05
N VAL FA 200 34.67 23.21 -33.80
CA VAL FA 200 33.33 22.91 -34.34
C VAL FA 200 32.26 23.67 -33.57
N SER FA 201 32.50 23.95 -32.28
CA SER FA 201 31.60 24.84 -31.54
C SER FA 201 31.59 26.24 -32.16
N LYS FA 202 32.78 26.74 -32.53
CA LYS FA 202 32.87 28.04 -33.18
C LYS FA 202 32.06 28.07 -34.47
N THR FA 203 32.21 27.02 -35.29
CA THR FA 203 31.46 26.96 -36.55
C THR FA 203 29.95 26.92 -36.31
N ARG FA 204 29.51 26.13 -35.32
CA ARG FA 204 28.09 26.07 -35.00
C ARG FA 204 27.56 27.43 -34.57
N SER FA 205 28.34 28.16 -33.76
CA SER FA 205 27.96 29.51 -33.37
C SER FA 205 27.80 30.41 -34.59
N ALA FA 206 28.76 30.31 -35.52
CA ALA FA 206 28.70 31.12 -36.74
C ALA FA 206 27.43 30.85 -37.53
N LEU FA 207 26.98 29.59 -37.57
CA LEU FA 207 25.75 29.26 -38.27
C LEU FA 207 24.53 29.80 -37.54
N GLY FA 208 24.48 29.59 -36.22
CA GLY FA 208 23.32 30.03 -35.45
C GLY FA 208 23.11 31.52 -35.47
N ALA FA 209 24.20 32.29 -35.55
CA ALA FA 209 24.07 33.73 -35.66
C ALA FA 209 23.30 34.13 -36.91
N VAL FA 210 23.63 33.52 -38.05
CA VAL FA 210 22.95 33.83 -39.30
C VAL FA 210 21.51 33.39 -39.25
N GLN FA 211 21.23 32.26 -38.58
CA GLN FA 211 19.85 31.82 -38.40
C GLN FA 211 19.04 32.88 -37.63
N ASN FA 212 19.57 33.34 -36.51
CA ASN FA 212 18.88 34.34 -35.70
C ASN FA 212 18.70 35.64 -36.46
N ARG FA 213 19.67 36.00 -37.29
CA ARG FA 213 19.51 37.19 -38.14
C ARG FA 213 18.34 37.01 -39.12
N LEU FA 214 18.29 35.83 -39.76
CA LEU FA 214 17.26 35.61 -40.77
C LEU FA 214 15.86 35.63 -40.17
N GLU FA 215 15.73 35.24 -38.90
CA GLU FA 215 14.42 35.32 -38.25
C GLU FA 215 13.91 36.76 -38.20
N HIS FA 216 14.75 37.67 -37.68
CA HIS FA 216 14.40 39.09 -37.65
C HIS FA 216 14.13 39.63 -39.05
N THR FA 217 14.93 39.19 -40.02
CA THR FA 217 14.71 39.59 -41.40
C THR FA 217 13.32 39.19 -41.89
N ILE FA 218 12.89 37.97 -41.56
CA ILE FA 218 11.58 37.50 -41.97
C ILE FA 218 10.48 38.34 -41.34
N ASN FA 219 10.63 38.66 -40.06
CA ASN FA 219 9.64 39.50 -39.39
C ASN FA 219 9.51 40.86 -40.07
N ASN FA 220 10.66 41.49 -40.35
CA ASN FA 220 10.64 42.80 -41.01
C ASN FA 220 10.02 42.71 -42.40
N LEU FA 221 10.33 41.64 -43.14
CA LEU FA 221 9.76 41.48 -44.48
C LEU FA 221 8.25 41.35 -44.42
N GLY FA 222 7.74 40.56 -43.47
CA GLY FA 222 6.30 40.43 -43.32
C GLY FA 222 5.62 41.74 -43.00
N THR FA 223 6.19 42.50 -42.06
CA THR FA 223 5.62 43.80 -41.71
C THR FA 223 5.60 44.73 -42.92
N SER FA 224 6.71 44.82 -43.64
CA SER FA 224 6.78 45.71 -44.80
C SER FA 224 5.80 45.28 -45.89
N ALA FA 225 5.66 43.97 -46.10
CA ALA FA 225 4.74 43.49 -47.11
C ALA FA 225 3.30 43.84 -46.76
N GLU FA 226 2.92 43.67 -45.49
CA GLU FA 226 1.57 44.04 -45.08
C GLU FA 226 1.32 45.53 -45.27
N ASN FA 227 2.28 46.38 -44.87
CA ASN FA 227 2.09 47.81 -45.00
C ASN FA 227 1.96 48.23 -46.46
N LEU FA 228 2.84 47.72 -47.32
CA LEU FA 228 2.74 48.07 -48.74
C LEU FA 228 1.48 47.50 -49.37
N THR FA 229 1.01 46.35 -48.91
CA THR FA 229 -0.26 45.81 -49.40
C THR FA 229 -1.40 46.74 -49.05
N ALA FA 230 -1.42 47.25 -47.82
CA ALA FA 230 -2.43 48.22 -47.42
C ALA FA 230 -2.38 49.46 -48.30
N ALA FA 231 -1.17 49.98 -48.53
CA ALA FA 231 -1.00 51.16 -49.37
C ALA FA 231 -1.53 50.92 -50.79
N GLU FA 232 -1.13 49.79 -51.39
CA GLU FA 232 -1.56 49.49 -52.75
C GLU FA 232 -3.06 49.29 -52.83
N SER FA 233 -3.66 48.67 -51.80
CA SER FA 233 -5.10 48.51 -51.75
C SER FA 233 -5.79 49.86 -51.72
N ARG FA 234 -5.32 50.76 -50.87
CA ARG FA 234 -5.93 52.08 -50.77
C ARG FA 234 -5.75 52.89 -52.05
N ILE FA 235 -4.66 52.65 -52.78
CA ILE FA 235 -4.44 53.38 -54.03
C ILE FA 235 -5.36 52.86 -55.12
N ARG FA 236 -5.31 51.55 -55.39
CA ARG FA 236 -5.91 50.98 -56.59
C ARG FA 236 -7.29 50.40 -56.38
N ASP FA 237 -7.54 49.69 -55.28
CA ASP FA 237 -8.84 49.08 -55.08
C ASP FA 237 -9.89 50.15 -54.82
N THR FA 238 -11.15 49.79 -55.08
CA THR FA 238 -12.28 50.70 -55.01
C THR FA 238 -13.18 50.34 -53.83
N ASP FA 239 -13.81 51.37 -53.27
CA ASP FA 239 -14.81 51.18 -52.23
C ASP FA 239 -16.14 50.86 -52.87
N MET FA 240 -16.75 49.74 -52.46
CA MET FA 240 -17.98 49.26 -53.09
C MET FA 240 -19.12 50.23 -52.85
N ALA FA 241 -19.19 50.83 -51.67
CA ALA FA 241 -20.33 51.65 -51.30
C ALA FA 241 -20.42 52.92 -52.16
N ALA FA 242 -19.29 53.59 -52.37
CA ALA FA 242 -19.29 54.82 -53.16
C ALA FA 242 -19.68 54.55 -54.61
N GLU FA 243 -19.15 53.48 -55.19
CA GLU FA 243 -19.49 53.15 -56.57
C GLU FA 243 -20.93 52.70 -56.69
N MET FA 244 -21.47 52.01 -55.67
CA MET FA 244 -22.88 51.67 -55.65
C MET FA 244 -23.75 52.92 -55.65
N MET FA 245 -23.39 53.88 -54.79
CA MET FA 245 -24.08 55.18 -54.76
C MET FA 245 -24.08 55.83 -56.13
N ALA FA 246 -22.90 55.95 -56.74
CA ALA FA 246 -22.78 56.61 -58.03
C ALA FA 246 -23.58 55.87 -59.11
N PHE FA 247 -23.56 54.55 -59.07
CA PHE FA 247 -24.28 53.77 -60.08
C PHE FA 247 -25.78 53.95 -59.95
N THR FA 248 -26.30 53.91 -58.73
CA THR FA 248 -27.73 54.16 -58.52
C THR FA 248 -28.12 55.56 -58.98
N LYS FA 249 -27.30 56.55 -58.64
CA LYS FA 249 -27.54 57.93 -59.06
C LYS FA 249 -27.61 58.03 -60.58
N ASN FA 250 -26.63 57.43 -61.26
CA ASN FA 250 -26.58 57.51 -62.72
C ASN FA 250 -27.75 56.77 -63.36
N ASN FA 251 -28.20 55.66 -62.78
CA ASN FA 251 -29.37 54.98 -63.30
C ASN FA 251 -30.62 55.86 -63.18
N ILE FA 252 -30.80 56.50 -62.03
CA ILE FA 252 -31.94 57.37 -61.83
C ILE FA 252 -31.91 58.52 -62.84
N LEU FA 253 -30.72 59.08 -63.07
CA LEU FA 253 -30.60 60.16 -64.05
C LEU FA 253 -30.91 59.67 -65.46
N THR FA 254 -30.47 58.44 -65.78
CA THR FA 254 -30.77 57.86 -67.09
C THR FA 254 -32.27 57.73 -67.29
N GLN FA 255 -32.97 57.22 -66.27
CA GLN FA 255 -34.43 57.08 -66.37
C GLN FA 255 -35.10 58.44 -66.54
N ALA FA 256 -34.64 59.44 -65.79
CA ALA FA 256 -35.20 60.78 -65.91
C ALA FA 256 -35.01 61.33 -67.32
N ALA FA 257 -33.81 61.16 -67.89
CA ALA FA 257 -33.56 61.64 -69.24
C ALA FA 257 -34.39 60.88 -70.27
N GLN FA 258 -34.61 59.59 -70.04
CA GLN FA 258 -35.46 58.80 -70.93
C GLN FA 258 -36.88 59.37 -70.96
N SER FA 259 -37.45 59.59 -69.78
CA SER FA 259 -38.80 60.17 -69.72
C SER FA 259 -38.85 61.55 -70.35
N MET FA 260 -37.83 62.37 -70.10
CA MET FA 260 -37.79 63.71 -70.67
C MET FA 260 -37.74 63.67 -72.19
N LEU FA 261 -37.00 62.71 -72.75
CA LEU FA 261 -36.93 62.59 -74.19
C LEU FA 261 -38.24 62.09 -74.77
N ALA FA 262 -38.89 61.15 -74.08
CA ALA FA 262 -40.21 60.70 -74.51
C ALA FA 262 -41.20 61.85 -74.56
N GLN FA 263 -41.10 62.78 -73.60
CA GLN FA 263 -41.95 63.97 -73.62
C GLN FA 263 -41.58 64.91 -74.76
N ALA FA 264 -40.28 65.19 -74.91
CA ALA FA 264 -39.82 66.13 -75.92
C ALA FA 264 -40.16 65.68 -77.33
N ASN FA 265 -40.19 64.36 -77.56
CA ASN FA 265 -40.58 63.88 -78.88
C ASN FA 265 -42.05 64.14 -79.16
N GLN FA 266 -42.90 64.12 -78.14
CA GLN FA 266 -44.32 64.39 -78.30
C GLN FA 266 -44.63 65.89 -78.31
N GLN FA 267 -43.73 66.73 -77.80
CA GLN FA 267 -43.99 68.16 -77.73
C GLN FA 267 -44.33 68.79 -79.08
N PRO FA 268 -43.58 68.55 -80.17
CA PRO FA 268 -43.96 69.19 -81.45
C PRO FA 268 -45.10 68.49 -82.19
N GLN FA 269 -46.32 68.82 -81.80
CA GLN FA 269 -47.54 68.34 -82.46
C GLN FA 269 -48.46 69.54 -82.66
N GLY FA 270 -48.28 70.23 -83.79
CA GLY FA 270 -49.12 71.34 -84.17
C GLY FA 270 -49.88 71.02 -85.44
N VAL FA 271 -50.29 69.77 -85.59
CA VAL FA 271 -51.05 69.37 -86.77
C VAL FA 271 -52.47 69.93 -86.72
N LEU FA 272 -52.98 70.25 -85.53
CA LEU FA 272 -54.31 70.83 -85.44
C LEU FA 272 -54.39 72.25 -85.98
N GLN FA 273 -53.26 72.91 -86.23
CA GLN FA 273 -53.32 74.16 -86.99
C GLN FA 273 -53.92 73.92 -88.37
N LEU FA 274 -53.41 72.91 -89.07
CA LEU FA 274 -53.70 72.73 -90.48
C LEU FA 274 -55.09 72.14 -90.69
N LEU FA 275 -55.30 70.93 -90.19
CA LEU FA 275 -56.56 70.21 -90.38
C LEU FA 275 -57.56 70.60 -89.30
N GLN FA 276 -58.72 69.95 -89.32
CA GLN FA 276 -59.72 70.21 -88.30
C GLN FA 276 -60.80 69.14 -88.35
N MET GA 1 -46.51 51.00 -105.00
CA MET GA 1 -46.02 52.27 -104.46
C MET GA 1 -46.68 52.90 -103.20
N ARG GA 2 -48.00 52.82 -103.07
CA ARG GA 2 -48.73 53.48 -101.99
C ARG GA 2 -49.51 52.52 -101.13
N ILE GA 3 -50.37 51.69 -101.71
CA ILE GA 3 -51.40 50.96 -100.98
C ILE GA 3 -51.18 49.46 -101.06
N GLN GA 4 -51.17 48.94 -102.30
CA GLN GA 4 -51.21 47.50 -102.53
C GLN GA 4 -50.03 46.76 -101.89
N HIS GA 5 -48.91 47.44 -101.65
CA HIS GA 5 -47.73 46.82 -101.05
C HIS GA 5 -47.11 47.79 -100.06
N ASN GA 6 -46.70 47.27 -98.91
CA ASN GA 6 -46.11 48.05 -97.82
C ASN GA 6 -44.79 47.39 -97.42
N ILE GA 7 -43.69 47.84 -98.01
CA ILE GA 7 -42.44 47.06 -97.97
C ILE GA 7 -41.77 47.19 -96.60
N ALA GA 8 -41.95 48.33 -95.92
CA ALA GA 8 -41.39 48.50 -94.58
C ALA GA 8 -41.92 47.44 -93.63
N ALA GA 9 -43.21 47.15 -93.71
CA ALA GA 9 -43.80 46.13 -92.85
C ALA GA 9 -43.26 44.74 -93.18
N LEU GA 10 -42.99 44.47 -94.46
CA LEU GA 10 -42.38 43.19 -94.83
C LEU GA 10 -40.99 43.05 -94.20
N ASN GA 11 -40.16 44.08 -94.31
CA ASN GA 11 -38.83 44.03 -93.71
C ASN GA 11 -38.91 43.86 -92.20
N THR GA 12 -39.83 44.58 -91.56
CA THR GA 12 -40.01 44.45 -90.12
C THR GA 12 -40.44 43.04 -89.74
N HIS GA 13 -41.32 42.43 -90.55
CA HIS GA 13 -41.75 41.06 -90.29
C HIS GA 13 -40.59 40.09 -90.40
N ARG GA 14 -39.76 40.25 -91.43
CA ARG GA 14 -38.56 39.42 -91.58
C ARG GA 14 -37.69 39.49 -90.33
N ASN GA 15 -37.35 40.71 -89.91
CA ASN GA 15 -36.46 40.88 -88.75
C ASN GA 15 -37.10 40.31 -87.48
N LEU GA 16 -38.40 40.50 -87.33
CA LEU GA 16 -39.11 39.96 -86.18
C LEU GA 16 -39.03 38.43 -86.14
N ALA GA 17 -39.25 37.79 -87.29
CA ALA GA 17 -39.14 36.34 -87.36
C ALA GA 17 -37.74 35.87 -87.01
N ALA GA 18 -36.73 36.56 -87.52
CA ALA GA 18 -35.34 36.19 -87.21
C ALA GA 18 -35.07 36.30 -85.71
N ASN GA 19 -35.50 37.39 -85.09
CA ASN GA 19 -35.27 37.57 -83.66
C ASN GA 19 -35.97 36.48 -82.85
N ASN GA 20 -37.21 36.15 -83.22
CA ASN GA 20 -37.93 35.09 -82.53
C ASN GA 20 -37.20 33.76 -82.65
N ALA GA 21 -36.69 33.45 -83.84
CA ALA GA 21 -35.95 32.21 -84.04
C ALA GA 21 -34.70 32.16 -83.15
N ALA GA 22 -33.96 33.27 -83.09
CA ALA GA 22 -32.76 33.30 -82.26
C ALA GA 22 -33.09 33.12 -80.79
N ALA GA 23 -34.16 33.78 -80.33
CA ALA GA 23 -34.58 33.62 -78.94
C ALA GA 23 -34.98 32.18 -78.64
N SER GA 24 -35.65 31.53 -79.59
CA SER GA 24 -36.03 30.13 -79.40
C SER GA 24 -34.80 29.23 -79.30
N LYS GA 25 -33.79 29.48 -80.13
CA LYS GA 25 -32.54 28.72 -80.04
C LYS GA 25 -31.89 28.90 -78.67
N ASN GA 26 -31.88 30.14 -78.16
CA ASN GA 26 -31.29 30.39 -76.86
C ASN GA 26 -32.07 29.68 -75.76
N LEU GA 27 -33.40 29.67 -75.87
CA LEU GA 27 -34.22 28.92 -74.91
C LEU GA 27 -33.88 27.44 -74.92
N GLU GA 28 -33.71 26.87 -76.12
CA GLU GA 28 -33.31 25.48 -76.23
C GLU GA 28 -31.99 25.23 -75.52
N LYS GA 29 -31.00 26.08 -75.77
CA LYS GA 29 -29.69 25.89 -75.15
C LYS GA 29 -29.75 26.05 -73.64
N LEU GA 30 -30.63 26.91 -73.13
CA LEU GA 30 -30.71 27.11 -71.70
C LEU GA 30 -31.46 25.98 -71.00
N SER GA 31 -32.53 25.50 -71.59
CA SER GA 31 -33.28 24.40 -70.99
C SER GA 31 -32.50 23.10 -71.06
N SER GA 32 -31.84 22.83 -72.19
CA SER GA 32 -31.10 21.59 -72.33
C SER GA 32 -29.87 21.56 -71.43
N GLY GA 33 -29.23 22.70 -71.23
CA GLY GA 33 -27.97 22.75 -70.55
C GLY GA 33 -26.76 22.42 -71.39
N PHE GA 34 -26.95 22.12 -72.68
CA PHE GA 34 -25.86 21.80 -73.60
C PHE GA 34 -25.83 22.83 -74.71
N LYS GA 35 -24.62 23.16 -75.16
CA LYS GA 35 -24.42 24.12 -76.23
C LYS GA 35 -24.61 23.51 -77.62
N ILE GA 36 -24.50 22.19 -77.74
CA ILE GA 36 -24.57 21.49 -79.01
C ILE GA 36 -25.65 20.42 -78.86
N ASN GA 37 -26.86 20.72 -79.35
CA ASN GA 37 -27.96 19.77 -79.38
C ASN GA 37 -28.17 19.15 -80.75
N ARG GA 38 -27.66 19.79 -81.81
CA ARG GA 38 -27.74 19.28 -83.17
C ARG GA 38 -26.35 19.38 -83.79
N ALA GA 39 -26.17 18.70 -84.92
CA ALA GA 39 -24.90 18.79 -85.64
C ALA GA 39 -24.78 20.11 -86.39
N GLY GA 40 -25.90 20.76 -86.72
CA GLY GA 40 -25.84 22.08 -87.31
C GLY GA 40 -25.24 23.11 -86.38
N ASP GA 41 -25.38 22.90 -85.06
CA ASP GA 41 -24.73 23.79 -84.10
C ASP GA 41 -23.23 23.80 -84.29
N ASP GA 42 -22.61 22.62 -84.32
CA ASP GA 42 -21.18 22.51 -84.45
C ASP GA 42 -20.83 21.08 -84.84
N ALA GA 43 -20.24 20.90 -86.02
CA ALA GA 43 -19.92 19.56 -86.51
C ALA GA 43 -18.67 19.02 -85.84
N ALA GA 44 -17.57 19.76 -85.90
CA ALA GA 44 -16.33 19.38 -85.22
C ALA GA 44 -16.41 19.79 -83.76
N GLY GA 45 -16.70 18.83 -82.90
CA GLY GA 45 -17.00 19.08 -81.50
C GLY GA 45 -18.09 18.15 -81.03
N LEU GA 46 -19.06 17.87 -81.91
CA LEU GA 46 -19.99 16.78 -81.64
C LEU GA 46 -19.26 15.44 -81.60
N ALA GA 47 -18.47 15.16 -82.64
CA ALA GA 47 -17.66 13.94 -82.69
C ALA GA 47 -16.70 13.87 -81.52
N ILE GA 48 -16.04 14.99 -81.22
CA ILE GA 48 -15.07 15.02 -80.12
C ILE GA 48 -15.77 14.74 -78.79
N SER GA 49 -16.97 15.31 -78.61
CA SER GA 49 -17.73 15.09 -77.39
C SER GA 49 -18.14 13.63 -77.26
N GLU GA 50 -18.55 13.01 -78.36
CA GLU GA 50 -18.97 11.61 -78.29
C GLU GA 50 -17.78 10.70 -77.98
N LYS GA 51 -16.64 10.92 -78.63
CA LYS GA 51 -15.45 10.13 -78.32
C LYS GA 51 -15.02 10.34 -76.87
N MET GA 52 -15.09 11.57 -76.38
CA MET GA 52 -14.67 11.83 -75.00
C MET GA 52 -15.62 11.18 -74.01
N ARG GA 53 -16.93 11.16 -74.33
CA ARG GA 53 -17.89 10.48 -73.47
C ARG GA 53 -17.61 8.99 -73.43
N GLY GA 54 -17.30 8.39 -74.59
CA GLY GA 54 -16.93 7.00 -74.62
C GLY GA 54 -15.70 6.71 -73.76
N GLN GA 55 -14.69 7.56 -73.89
CA GLN GA 55 -13.47 7.39 -73.10
C GLN GA 55 -13.73 7.54 -71.61
N ILE GA 56 -14.59 8.49 -71.23
CA ILE GA 56 -14.91 8.70 -69.82
C ILE GA 56 -15.60 7.48 -69.24
N SER GA 57 -16.61 6.97 -69.95
CA SER GA 57 -17.31 5.78 -69.49
C SER GA 57 -16.36 4.58 -69.39
N GLY GA 58 -15.50 4.41 -70.40
CA GLY GA 58 -14.53 3.33 -70.35
C GLY GA 58 -13.56 3.45 -69.20
N LEU GA 59 -13.11 4.66 -68.91
CA LEU GA 59 -12.14 4.85 -67.83
C LEU GA 59 -12.79 4.58 -66.47
N ASN GA 60 -14.02 5.03 -66.27
CA ASN GA 60 -14.70 4.76 -65.01
C ASN GA 60 -14.95 3.26 -64.84
N MET GA 61 -15.40 2.60 -65.91
CA MET GA 61 -15.62 1.16 -65.82
C MET GA 61 -14.31 0.41 -65.59
N ALA GA 62 -13.21 0.92 -66.14
CA ALA GA 62 -11.91 0.29 -65.92
C ALA GA 62 -11.45 0.47 -64.47
N SER GA 63 -11.76 1.63 -63.88
CA SER GA 63 -11.50 1.82 -62.45
C SER GA 63 -12.27 0.79 -61.62
N LYS GA 64 -13.55 0.60 -61.96
CA LYS GA 64 -14.37 -0.40 -61.29
C LYS GA 64 -13.76 -1.79 -61.41
N ASN GA 65 -13.35 -2.14 -62.63
CA ASN GA 65 -12.75 -3.46 -62.88
C ASN GA 65 -11.45 -3.64 -62.10
N SER GA 66 -10.63 -2.59 -62.03
CA SER GA 66 -9.38 -2.67 -61.28
C SER GA 66 -9.65 -2.90 -59.80
N SER GA 67 -10.67 -2.24 -59.26
CA SER GA 67 -11.03 -2.47 -57.87
C SER GA 67 -11.49 -3.91 -57.66
N ASP GA 68 -12.27 -4.45 -58.61
CA ASP GA 68 -12.70 -5.84 -58.52
C ASP GA 68 -11.50 -6.78 -58.50
N ALA GA 69 -10.51 -6.54 -59.36
CA ALA GA 69 -9.30 -7.34 -59.38
C ALA GA 69 -8.56 -7.25 -58.05
N ILE GA 70 -8.52 -6.06 -57.46
CA ILE GA 70 -7.88 -5.91 -56.15
C ILE GA 70 -8.58 -6.77 -55.10
N SER GA 71 -9.92 -6.81 -55.16
CA SER GA 71 -10.67 -7.63 -54.23
C SER GA 71 -10.33 -9.11 -54.39
N LEU GA 72 -10.29 -9.58 -55.64
CA LEU GA 72 -9.89 -10.97 -55.92
C LEU GA 72 -8.52 -11.28 -55.34
N ILE GA 73 -7.55 -10.40 -55.60
CA ILE GA 73 -6.18 -10.64 -55.14
C ILE GA 73 -6.13 -10.67 -53.62
N GLN GA 74 -6.86 -9.78 -52.96
CA GLN GA 74 -6.91 -9.79 -51.51
C GLN GA 74 -7.48 -11.11 -51.00
N THR GA 75 -8.47 -11.65 -51.70
CA THR GA 75 -9.01 -12.96 -51.30
C THR GA 75 -7.94 -14.03 -51.35
N ALA GA 76 -7.16 -14.07 -52.44
CA ALA GA 76 -6.12 -15.09 -52.56
C ALA GA 76 -5.03 -14.92 -51.50
N GLU GA 77 -4.61 -13.69 -51.23
CA GLU GA 77 -3.59 -13.46 -50.21
C GLU GA 77 -4.09 -13.88 -48.83
N GLY GA 78 -5.33 -13.54 -48.50
CA GLY GA 78 -5.90 -14.00 -47.25
C GLY GA 78 -5.97 -15.49 -47.15
N GLY GA 79 -6.22 -16.17 -48.28
CA GLY GA 79 -6.16 -17.61 -48.29
C GLY GA 79 -4.78 -18.15 -47.96
N LEU GA 80 -3.72 -17.51 -48.49
CA LEU GA 80 -2.37 -18.01 -48.29
C LEU GA 80 -1.77 -17.65 -46.92
N ASN GA 81 -2.33 -16.66 -46.22
CA ASN GA 81 -1.86 -16.36 -44.88
C ASN GA 81 -2.01 -17.56 -43.95
N GLU GA 82 -3.14 -18.26 -44.04
CA GLU GA 82 -3.34 -19.42 -43.17
C GLU GA 82 -2.45 -20.59 -43.59
N THR GA 83 -2.13 -20.68 -44.89
CA THR GA 83 -1.12 -21.63 -45.34
C THR GA 83 0.20 -21.37 -44.65
N HIS GA 84 0.66 -20.12 -44.61
CA HIS GA 84 1.85 -19.76 -43.85
C HIS GA 84 1.75 -20.24 -42.40
N ALA GA 85 0.64 -19.93 -41.74
CA ALA GA 85 0.49 -20.25 -40.33
C ALA GA 85 0.59 -21.75 -40.07
N ILE GA 86 -0.17 -22.55 -40.80
CA ILE GA 86 -0.17 -23.99 -40.53
C ILE GA 86 1.15 -24.62 -40.99
N LEU GA 87 1.83 -24.02 -41.97
CA LEU GA 87 3.16 -24.50 -42.31
C LEU GA 87 4.14 -24.28 -41.16
N GLN GA 88 4.06 -23.13 -40.52
CA GLN GA 88 4.88 -22.89 -39.33
C GLN GA 88 4.59 -23.92 -38.25
N ARG GA 89 3.31 -24.19 -38.02
CA ARG GA 89 2.94 -25.18 -37.01
C ARG GA 89 3.48 -26.57 -37.36
N MET GA 90 3.41 -26.94 -38.64
CA MET GA 90 3.92 -28.24 -39.11
C MET GA 90 5.43 -28.34 -38.92
N ARG GA 91 6.14 -27.25 -39.19
CA ARG GA 91 7.59 -27.26 -38.96
C ARG GA 91 7.91 -27.44 -37.48
N GLU GA 92 7.16 -26.75 -36.62
CA GLU GA 92 7.34 -26.92 -35.18
C GLU GA 92 7.12 -28.37 -34.77
N LEU GA 93 6.04 -28.98 -35.28
CA LEU GA 93 5.73 -30.37 -35.00
C LEU GA 93 6.85 -31.30 -35.47
N ALA GA 94 7.40 -31.06 -36.66
CA ALA GA 94 8.48 -31.91 -37.16
C ALA GA 94 9.74 -31.77 -36.30
N VAL GA 95 10.10 -30.54 -35.91
CA VAL GA 95 11.27 -30.34 -35.08
C VAL GA 95 11.10 -31.03 -33.74
N GLN GA 96 9.88 -31.03 -33.20
CA GLN GA 96 9.63 -31.77 -31.96
C GLN GA 96 9.67 -33.28 -32.16
N SER GA 97 9.07 -33.77 -33.25
CA SER GA 97 9.08 -35.19 -33.56
C SER GA 97 10.48 -35.74 -33.79
N ARG GA 98 11.40 -34.89 -34.24
CA ARG GA 98 12.73 -35.30 -34.68
C ARG GA 98 13.61 -35.81 -33.54
N ASN GA 99 13.30 -35.43 -32.30
CA ASN GA 99 14.11 -35.82 -31.16
C ASN GA 99 13.83 -37.27 -30.75
N ASP GA 100 14.84 -37.90 -30.14
CA ASP GA 100 14.77 -39.31 -29.76
C ASP GA 100 14.18 -39.54 -28.38
N THR GA 101 13.72 -38.49 -27.70
CA THR GA 101 12.92 -38.69 -26.50
C THR GA 101 11.60 -39.37 -26.81
N ASN GA 102 11.09 -39.21 -28.03
CA ASN GA 102 9.80 -39.74 -28.41
C ASN GA 102 9.91 -41.19 -28.85
N ASP GA 103 8.93 -42.00 -28.45
CA ASP GA 103 8.91 -43.43 -28.74
C ASP GA 103 7.85 -43.76 -29.78
N GLU GA 104 8.25 -44.56 -30.76
CA GLU GA 104 7.28 -45.14 -31.69
C GLU GA 104 6.41 -46.19 -31.02
N ALA GA 105 6.92 -46.85 -29.97
CA ALA GA 105 6.18 -47.93 -29.32
C ALA GA 105 4.93 -47.40 -28.63
N THR GA 106 5.09 -46.41 -27.75
CA THR GA 106 3.98 -45.84 -27.00
C THR GA 106 3.36 -44.64 -27.70
N ASN GA 107 3.45 -44.57 -29.02
CA ASN GA 107 2.58 -43.73 -29.85
C ASN GA 107 2.84 -42.24 -29.60
N ASP GA 108 4.10 -41.86 -29.36
CA ASP GA 108 4.44 -40.45 -29.18
C ASP GA 108 4.42 -39.70 -30.50
N ARG GA 109 5.02 -40.27 -31.54
CA ARG GA 109 5.10 -39.61 -32.85
C ARG GA 109 3.83 -39.79 -33.68
N SER GA 110 3.04 -40.84 -33.45
CA SER GA 110 1.82 -41.03 -34.22
C SER GA 110 0.78 -39.96 -33.90
N ASN GA 111 0.81 -39.38 -32.70
CA ASN GA 111 -0.07 -38.26 -32.40
C ASN GA 111 0.35 -36.98 -33.13
N LEU GA 112 1.66 -36.73 -33.22
CA LEU GA 112 2.11 -35.60 -34.02
C LEU GA 112 1.82 -35.85 -35.49
N ASN GA 113 1.81 -37.11 -35.92
CA ASN GA 113 1.42 -37.44 -37.29
C ASN GA 113 -0.07 -37.25 -37.52
N ASP GA 114 -0.90 -37.57 -36.51
CA ASP GA 114 -2.32 -37.22 -36.56
C ASP GA 114 -2.49 -35.71 -36.81
N GLU GA 115 -1.81 -34.90 -36.00
CA GLU GA 115 -1.84 -33.45 -36.15
C GLU GA 115 -1.39 -33.03 -37.55
N LEU GA 116 -0.28 -33.61 -38.01
CA LEU GA 116 0.27 -33.26 -39.32
C LEU GA 116 -0.68 -33.62 -40.46
N LYS GA 117 -1.30 -34.81 -40.39
CA LYS GA 117 -2.24 -35.22 -41.42
C LYS GA 117 -3.45 -34.28 -41.45
N GLN GA 118 -3.96 -33.87 -40.29
CA GLN GA 118 -5.07 -32.94 -40.29
C GLN GA 118 -4.67 -31.59 -40.89
N LEU GA 119 -3.45 -31.13 -40.60
CA LEU GA 119 -3.01 -29.86 -41.19
C LEU GA 119 -2.78 -29.99 -42.69
N GLN GA 120 -2.40 -31.18 -43.17
CA GLN GA 120 -2.27 -31.38 -44.61
C GLN GA 120 -3.63 -31.42 -45.30
N GLU GA 121 -4.63 -32.00 -44.64
CA GLU GA 121 -5.98 -31.93 -45.20
C GLU GA 121 -6.45 -30.48 -45.24
N GLU GA 122 -6.07 -29.67 -44.25
CA GLU GA 122 -6.48 -28.26 -44.25
C GLU GA 122 -5.75 -27.46 -45.33
N ILE GA 123 -4.46 -27.71 -45.54
CA ILE GA 123 -3.74 -26.98 -46.59
C ILE GA 123 -4.29 -27.33 -47.96
N THR GA 124 -4.76 -28.58 -48.16
CA THR GA 124 -5.43 -28.90 -49.43
C THR GA 124 -6.82 -28.28 -49.51
N ARG GA 125 -7.54 -28.24 -48.38
CA ARG GA 125 -8.89 -27.70 -48.36
C ARG GA 125 -8.89 -26.23 -48.72
N ILE GA 126 -7.97 -25.45 -48.16
CA ILE GA 126 -7.90 -24.03 -48.48
C ILE GA 126 -7.62 -23.83 -49.97
N SER GA 127 -6.80 -24.71 -50.55
CA SER GA 127 -6.51 -24.62 -51.98
C SER GA 127 -7.78 -24.80 -52.80
N SER GA 128 -8.44 -25.95 -52.66
CA SER GA 128 -9.56 -26.28 -53.55
C SER GA 128 -10.93 -26.01 -52.93
N GLN GA 129 -11.04 -25.04 -52.02
CA GLN GA 129 -12.34 -24.52 -51.59
C GLN GA 129 -12.32 -22.99 -51.49
N MET GA 130 -11.40 -22.34 -52.21
CA MET GA 130 -11.31 -20.89 -52.27
C MET GA 130 -11.95 -20.42 -53.57
N GLU GA 131 -12.76 -19.37 -53.50
CA GLU GA 131 -13.44 -18.92 -54.72
C GLU GA 131 -13.86 -17.46 -54.60
N PHE GA 132 -13.91 -16.80 -55.73
CA PHE GA 132 -14.38 -15.42 -55.88
C PHE GA 132 -15.35 -15.41 -57.05
N ASN GA 133 -16.64 -15.25 -56.75
CA ASN GA 133 -17.68 -15.21 -57.77
C ASN GA 133 -17.77 -16.54 -58.51
N ASN GA 134 -17.68 -17.64 -57.75
CA ASN GA 134 -17.74 -18.99 -58.32
C ASN GA 134 -16.57 -19.24 -59.27
N LYS GA 135 -15.35 -19.01 -58.78
CA LYS GA 135 -14.15 -19.13 -59.60
C LYS GA 135 -13.03 -19.66 -58.71
N LYS GA 136 -12.68 -20.93 -58.91
CA LYS GA 136 -11.61 -21.54 -58.14
C LYS GA 136 -10.27 -20.91 -58.55
N LEU GA 137 -9.51 -20.45 -57.55
CA LEU GA 137 -8.29 -19.68 -57.78
C LEU GA 137 -7.02 -20.50 -57.57
N LEU GA 138 -6.90 -21.21 -56.45
CA LEU GA 138 -5.66 -21.86 -56.05
C LEU GA 138 -5.64 -23.36 -56.36
N ASP GA 139 -6.16 -23.74 -57.52
CA ASP GA 139 -6.27 -25.14 -57.91
C ASP GA 139 -5.39 -25.45 -59.10
N GLY GA 140 -5.07 -24.44 -59.91
CA GLY GA 140 -4.51 -24.60 -61.22
C GLY GA 140 -5.43 -24.24 -62.37
N SER GA 141 -6.61 -23.68 -62.10
CA SER GA 141 -7.50 -23.27 -63.18
C SER GA 141 -6.90 -22.13 -63.98
N GLN GA 142 -6.31 -21.15 -63.30
CA GLN GA 142 -5.75 -19.97 -63.94
C GLN GA 142 -4.30 -20.16 -64.34
N SER GA 143 -3.66 -21.26 -63.93
CA SER GA 143 -2.26 -21.49 -64.28
C SER GA 143 -2.08 -21.90 -65.73
N THR GA 144 -3.17 -22.19 -66.45
CA THR GA 144 -3.08 -22.63 -67.84
C THR GA 144 -3.06 -21.45 -68.80
N ASN GA 145 -4.02 -20.53 -68.66
CA ASN GA 145 -4.14 -19.37 -69.52
C ASN GA 145 -4.00 -18.05 -68.77
N GLY GA 146 -4.72 -17.89 -67.67
CA GLY GA 146 -4.57 -16.75 -66.79
C GLY GA 146 -5.80 -15.84 -66.82
N LEU GA 147 -5.93 -15.05 -65.76
CA LEU GA 147 -7.00 -14.07 -65.63
C LEU GA 147 -6.59 -12.76 -66.28
N THR GA 148 -7.47 -12.22 -67.12
CA THR GA 148 -7.21 -11.00 -67.88
C THR GA 148 -8.12 -9.89 -67.36
N PHE GA 149 -7.50 -8.79 -66.91
CA PHE GA 149 -8.21 -7.63 -66.42
C PHE GA 149 -8.12 -6.50 -67.43
N GLN GA 150 -9.28 -5.95 -67.78
CA GLN GA 150 -9.38 -4.78 -68.65
C GLN GA 150 -9.24 -3.54 -67.77
N ILE GA 151 -8.09 -2.86 -67.90
CA ILE GA 151 -7.79 -1.69 -67.07
C ILE GA 151 -7.67 -0.46 -67.97
N GLY GA 152 -8.45 -0.43 -69.03
CA GLY GA 152 -8.42 0.69 -69.96
C GLY GA 152 -9.68 0.74 -70.79
N ALA GA 153 -9.97 1.93 -71.30
CA ALA GA 153 -11.19 2.13 -72.08
C ALA GA 153 -11.14 1.36 -73.39
N ASN GA 154 -10.01 1.39 -74.08
CA ASN GA 154 -9.89 0.83 -75.41
C ASN GA 154 -9.52 -0.66 -75.37
N ALA GA 155 -9.52 -1.27 -76.55
CA ALA GA 155 -9.18 -2.68 -76.69
C ALA GA 155 -7.67 -2.88 -76.61
N GLY GA 156 -7.28 -3.98 -75.98
CA GLY GA 156 -5.88 -4.31 -75.80
C GLY GA 156 -5.25 -3.75 -74.55
N GLN GA 157 -5.93 -2.83 -73.85
CA GLN GA 157 -5.40 -2.23 -72.63
C GLN GA 157 -5.71 -3.16 -71.45
N THR GA 158 -5.03 -4.29 -71.45
CA THR GA 158 -5.29 -5.38 -70.52
C THR GA 158 -4.03 -5.75 -69.75
N ILE GA 159 -4.22 -6.55 -68.70
CA ILE GA 159 -3.11 -7.20 -68.02
C ILE GA 159 -3.49 -8.64 -67.74
N THR GA 160 -2.58 -9.56 -68.01
CA THR GA 160 -2.77 -10.97 -67.73
C THR GA 160 -2.08 -11.34 -66.41
N MET GA 161 -2.63 -12.35 -65.75
CA MET GA 161 -2.16 -12.79 -64.45
C MET GA 161 -2.30 -14.29 -64.37
N LYS GA 162 -1.47 -14.92 -63.55
CA LYS GA 162 -1.47 -16.37 -63.38
C LYS GA 162 -1.23 -16.71 -61.93
N ILE GA 163 -1.91 -17.75 -61.46
CA ILE GA 163 -1.75 -18.24 -60.09
C ILE GA 163 -1.51 -19.74 -60.19
N SER GA 164 -0.50 -20.21 -59.46
CA SER GA 164 -0.07 -21.60 -59.53
C SER GA 164 -0.88 -22.47 -58.58
N THR GA 165 -0.80 -23.79 -58.80
CA THR GA 165 -1.40 -24.73 -57.87
C THR GA 165 -0.63 -24.71 -56.55
N MET GA 166 -1.36 -24.55 -55.46
CA MET GA 166 -0.82 -24.43 -54.10
C MET GA 166 -1.37 -25.53 -53.20
N SER GA 167 -1.43 -26.75 -53.72
CA SER GA 167 -1.79 -27.91 -52.93
C SER GA 167 -0.55 -28.56 -52.32
N ALA GA 168 -0.79 -29.57 -51.47
CA ALA GA 168 0.31 -30.24 -50.80
C ALA GA 168 1.13 -31.10 -51.78
N THR GA 169 0.48 -31.66 -52.80
CA THR GA 169 1.21 -32.48 -53.77
C THR GA 169 2.21 -31.65 -54.56
N LYS GA 170 1.83 -30.44 -54.95
CA LYS GA 170 2.72 -29.62 -55.79
C LYS GA 170 3.94 -29.18 -55.00
N LEU GA 171 3.79 -28.94 -53.71
CA LEU GA 171 4.86 -28.41 -52.87
C LEU GA 171 5.68 -29.49 -52.17
N GLY GA 172 5.45 -30.75 -52.47
CA GLY GA 172 6.27 -31.82 -51.91
C GLY GA 172 6.17 -31.94 -50.41
N VAL GA 173 4.98 -31.68 -49.85
CA VAL GA 173 4.74 -31.77 -48.42
C VAL GA 173 3.56 -32.69 -48.08
N ASP GA 174 2.89 -33.26 -49.08
CA ASP GA 174 1.87 -34.25 -48.85
C ASP GA 174 2.40 -35.45 -48.06
N ALA GA 175 1.47 -36.22 -47.49
CA ALA GA 175 1.84 -37.29 -46.57
C ALA GA 175 2.67 -38.39 -47.23
N ALA GA 176 2.61 -38.51 -48.56
CA ALA GA 176 3.42 -39.51 -49.26
C ALA GA 176 4.92 -39.19 -49.22
N LYS GA 177 5.31 -37.96 -48.87
CA LYS GA 177 6.71 -37.57 -48.85
C LYS GA 177 7.09 -36.72 -47.64
N ALA GA 178 6.19 -36.54 -46.66
CA ALA GA 178 6.46 -35.69 -45.51
C ALA GA 178 5.94 -36.27 -44.21
N SER GA 179 5.91 -37.59 -44.08
CA SER GA 179 5.53 -38.19 -42.81
C SER GA 179 6.57 -37.87 -41.75
N ILE GA 180 6.13 -37.92 -40.49
CA ILE GA 180 7.03 -37.79 -39.35
C ILE GA 180 6.83 -39.00 -38.43
N SER GA 181 6.48 -40.14 -39.02
CA SER GA 181 6.46 -41.40 -38.28
C SER GA 181 7.82 -41.70 -37.66
N LYS GA 182 8.88 -41.54 -38.45
CA LYS GA 182 10.23 -41.90 -38.01
C LYS GA 182 10.95 -40.64 -37.53
N GLY GA 183 12.21 -40.82 -37.13
CA GLY GA 183 13.10 -39.71 -36.88
C GLY GA 183 13.74 -39.23 -38.16
N THR GA 184 14.01 -40.15 -39.08
CA THR GA 184 14.65 -39.80 -40.34
C THR GA 184 13.72 -38.95 -41.21
N ALA GA 185 12.44 -39.31 -41.26
CA ALA GA 185 11.50 -38.62 -42.15
C ALA GA 185 11.28 -37.17 -41.72
N ALA GA 186 11.38 -36.89 -40.42
CA ALA GA 186 11.24 -35.51 -39.96
C ALA GA 186 12.39 -34.64 -40.46
N SER GA 187 13.58 -35.22 -40.62
CA SER GA 187 14.71 -34.50 -41.19
C SER GA 187 14.37 -33.94 -42.56
N LYS GA 188 13.84 -34.80 -43.45
CA LYS GA 188 13.45 -34.34 -44.76
C LYS GA 188 12.23 -33.43 -44.68
N ALA GA 189 11.34 -33.68 -43.72
CA ALA GA 189 10.11 -32.89 -43.62
C ALA GA 189 10.42 -31.44 -43.29
N ILE GA 190 11.44 -31.19 -42.47
CA ILE GA 190 11.81 -29.82 -42.12
C ILE GA 190 12.21 -29.05 -43.37
N LYS GA 191 13.11 -29.61 -44.17
CA LYS GA 191 13.55 -28.96 -45.38
C LYS GA 191 12.41 -28.79 -46.37
N SER GA 192 11.56 -29.82 -46.46
CA SER GA 192 10.41 -29.77 -47.36
C SER GA 192 9.47 -28.62 -46.97
N ILE GA 193 9.24 -28.45 -45.68
CA ILE GA 193 8.36 -27.39 -45.19
C ILE GA 193 9.00 -26.02 -45.42
N ASP GA 194 10.32 -25.90 -45.26
CA ASP GA 194 11.00 -24.65 -45.56
C ASP GA 194 10.84 -24.28 -47.03
N ASP GA 195 11.05 -25.24 -47.93
CA ASP GA 195 10.88 -24.99 -49.35
C ASP GA 195 9.46 -24.54 -49.66
N ALA GA 196 8.47 -25.18 -49.04
CA ALA GA 196 7.08 -24.80 -49.26
C ALA GA 196 6.79 -23.38 -48.78
N ILE GA 197 7.31 -23.02 -47.59
CA ILE GA 197 7.12 -21.67 -47.07
C ILE GA 197 7.70 -20.64 -48.03
N ASN GA 198 8.92 -20.89 -48.54
CA ASN GA 198 9.54 -19.96 -49.47
C ASN GA 198 8.72 -19.84 -50.75
N THR GA 199 8.21 -20.96 -51.27
CA THR GA 199 7.43 -20.91 -52.50
C THR GA 199 6.15 -20.10 -52.31
N VAL GA 200 5.45 -20.30 -51.20
CA VAL GA 200 4.19 -19.60 -51.03
C VAL GA 200 4.45 -18.11 -50.73
N SER GA 201 5.58 -17.79 -50.10
CA SER GA 201 5.97 -16.39 -49.96
C SER GA 201 6.21 -15.76 -51.33
N LYS GA 202 6.87 -16.49 -52.23
CA LYS GA 202 7.09 -16.00 -53.59
C LYS GA 202 5.77 -15.70 -54.29
N THR GA 203 4.81 -16.63 -54.18
CA THR GA 203 3.51 -16.42 -54.81
C THR GA 203 2.78 -15.21 -54.22
N ARG GA 204 2.81 -15.05 -52.90
CA ARG GA 204 2.19 -13.89 -52.27
C ARG GA 204 2.82 -12.59 -52.76
N SER GA 205 4.15 -12.57 -52.89
CA SER GA 205 4.81 -11.39 -53.44
C SER GA 205 4.33 -11.09 -54.85
N ALA GA 206 4.19 -12.13 -55.67
CA ALA GA 206 3.72 -11.96 -57.04
C ALA GA 206 2.34 -11.35 -57.08
N LEU GA 207 1.47 -11.73 -56.14
CA LEU GA 207 0.13 -11.15 -56.09
C LEU GA 207 0.17 -9.69 -55.63
N GLY GA 208 0.93 -9.41 -54.57
CA GLY GA 208 0.99 -8.07 -54.03
C GLY GA 208 1.54 -7.06 -55.00
N ALA GA 209 2.48 -7.49 -55.86
CA ALA GA 209 3.01 -6.59 -56.88
C ALA GA 209 1.91 -6.11 -57.82
N VAL GA 210 1.04 -7.02 -58.27
CA VAL GA 210 -0.04 -6.65 -59.17
C VAL GA 210 -1.04 -5.77 -58.46
N GLN GA 211 -1.28 -6.02 -57.16
CA GLN GA 211 -2.15 -5.14 -56.38
C GLN GA 211 -1.62 -3.71 -56.37
N ASN GA 212 -0.33 -3.56 -56.04
CA ASN GA 212 0.27 -2.23 -55.98
C ASN GA 212 0.25 -1.55 -57.34
N ARG GA 213 0.43 -2.31 -58.42
CA ARG GA 213 0.31 -1.75 -59.75
C ARG GA 213 -1.09 -1.22 -60.01
N LEU GA 214 -2.11 -2.01 -59.64
CA LEU GA 214 -3.49 -1.61 -59.92
C LEU GA 214 -3.87 -0.36 -59.16
N GLU GA 215 -3.29 -0.14 -57.99
CA GLU GA 215 -3.55 1.10 -57.25
C GLU GA 215 -3.14 2.34 -58.06
N HIS GA 216 -1.89 2.34 -58.54
CA HIS GA 216 -1.41 3.43 -59.38
C HIS GA 216 -2.26 3.56 -60.64
N THR GA 217 -2.66 2.43 -61.23
CA THR GA 217 -3.51 2.46 -62.40
C THR GA 217 -4.83 3.18 -62.10
N ILE GA 218 -5.43 2.90 -60.94
CA ILE GA 218 -6.68 3.55 -60.57
C ILE GA 218 -6.49 5.05 -60.43
N ASN GA 219 -5.39 5.45 -59.79
CA ASN GA 219 -5.12 6.88 -59.64
C ASN GA 219 -5.02 7.57 -61.00
N ASN GA 220 -4.27 6.97 -61.91
CA ASN GA 220 -4.11 7.55 -63.24
C ASN GA 220 -5.44 7.61 -63.98
N LEU GA 221 -6.26 6.56 -63.86
CA LEU GA 221 -7.55 6.55 -64.53
C LEU GA 221 -8.45 7.67 -64.00
N GLY GA 222 -8.46 7.87 -62.68
CA GLY GA 222 -9.25 8.95 -62.12
C GLY GA 222 -8.83 10.31 -62.62
N THR GA 223 -7.51 10.55 -62.63
CA THR GA 223 -6.99 11.82 -63.12
C THR GA 223 -7.39 12.06 -64.58
N SER GA 224 -7.20 11.05 -65.42
CA SER GA 224 -7.52 11.18 -66.83
C SER GA 224 -9.01 11.41 -67.05
N ALA GA 225 -9.84 10.71 -66.28
CA ALA GA 225 -11.28 10.88 -66.41
C ALA GA 225 -11.70 12.29 -66.03
N GLU GA 226 -11.15 12.83 -64.94
CA GLU GA 226 -11.49 14.20 -64.57
C GLU GA 226 -11.07 15.19 -65.64
N ASN GA 227 -9.84 15.03 -66.18
CA ASN GA 227 -9.37 15.97 -67.19
C ASN GA 227 -10.24 15.93 -68.45
N LEU GA 228 -10.55 14.71 -68.93
CA LEU GA 228 -11.39 14.60 -70.12
C LEU GA 228 -12.80 15.08 -69.85
N THR GA 229 -13.31 14.92 -68.62
CA THR GA 229 -14.61 15.46 -68.27
C THR GA 229 -14.61 16.98 -68.37
N ALA GA 230 -13.55 17.61 -67.85
CA ALA GA 230 -13.42 19.06 -67.97
C ALA GA 230 -13.39 19.48 -69.44
N ALA GA 231 -12.61 18.78 -70.25
CA ALA GA 231 -12.54 19.10 -71.68
C ALA GA 231 -13.90 18.98 -72.36
N GLU GA 232 -14.60 17.88 -72.11
CA GLU GA 232 -15.90 17.67 -72.73
C GLU GA 232 -16.92 18.71 -72.27
N SER GA 233 -16.86 19.08 -70.99
CA SER GA 233 -17.73 20.13 -70.47
C SER GA 233 -17.47 21.44 -71.20
N ARG GA 234 -16.20 21.82 -71.33
CA ARG GA 234 -15.88 23.07 -72.01
C ARG GA 234 -16.27 23.04 -73.48
N ILE GA 235 -16.24 21.87 -74.10
CA ILE GA 235 -16.61 21.77 -75.51
C ILE GA 235 -18.12 21.90 -75.68
N ARG GA 236 -18.87 21.03 -74.99
CA ARG GA 236 -20.29 20.86 -75.28
C ARG GA 236 -21.22 21.66 -74.38
N ASP GA 237 -20.95 21.73 -73.08
CA ASP GA 237 -21.84 22.45 -72.19
C ASP GA 237 -21.78 23.96 -72.46
N THR GA 238 -22.85 24.64 -72.07
CA THR GA 238 -23.03 26.06 -72.35
C THR GA 238 -22.93 26.88 -71.07
N ASP GA 239 -22.43 28.10 -71.22
CA ASP GA 239 -22.40 29.05 -70.11
C ASP GA 239 -23.75 29.73 -69.99
N MET GA 240 -24.34 29.67 -68.79
CA MET GA 240 -25.69 30.18 -68.59
C MET GA 240 -25.74 31.68 -68.79
N ALA GA 241 -24.70 32.40 -68.36
CA ALA GA 241 -24.73 33.86 -68.37
C ALA GA 241 -24.78 34.41 -69.79
N ALA GA 242 -23.94 33.86 -70.69
CA ALA GA 242 -23.91 34.35 -72.06
C ALA GA 242 -25.23 34.10 -72.77
N GLU GA 243 -25.82 32.93 -72.59
CA GLU GA 243 -27.08 32.63 -73.23
C GLU GA 243 -28.21 33.47 -72.64
N MET GA 244 -28.16 33.76 -71.33
CA MET GA 244 -29.12 34.66 -70.73
C MET GA 244 -29.02 36.06 -71.35
N MET GA 245 -27.80 36.56 -71.50
CA MET GA 245 -27.57 37.84 -72.17
C MET GA 245 -28.19 37.84 -73.56
N ALA GA 246 -27.87 36.82 -74.36
CA ALA GA 246 -28.35 36.76 -75.73
C ALA GA 246 -29.87 36.67 -75.78
N PHE GA 247 -30.47 35.91 -74.86
CA PHE GA 247 -31.92 35.75 -74.84
C PHE GA 247 -32.62 37.06 -74.49
N THR GA 248 -32.11 37.77 -73.49
CA THR GA 248 -32.68 39.07 -73.14
C THR GA 248 -32.56 40.05 -74.30
N LYS GA 249 -31.39 40.08 -74.95
CA LYS GA 249 -31.18 40.94 -76.11
C LYS GA 249 -32.19 40.62 -77.21
N ASN GA 250 -32.36 39.34 -77.53
CA ASN GA 250 -33.27 38.97 -78.59
C ASN GA 250 -34.73 39.27 -78.25
N ASN GA 251 -35.10 39.15 -76.98
CA ASN GA 251 -36.45 39.53 -76.56
C ASN GA 251 -36.68 41.03 -76.76
N ILE GA 252 -35.70 41.85 -76.35
CA ILE GA 252 -35.84 43.29 -76.52
C ILE GA 252 -35.95 43.64 -77.99
N LEU GA 253 -35.16 42.98 -78.84
CA LEU GA 253 -35.25 43.23 -80.28
C LEU GA 253 -36.60 42.80 -80.84
N THR GA 254 -37.14 41.69 -80.34
CA THR GA 254 -38.46 41.23 -80.77
C THR GA 254 -39.53 42.27 -80.43
N GLN GA 255 -39.49 42.80 -79.21
CA GLN GA 255 -40.44 43.83 -78.81
C GLN GA 255 -40.32 45.07 -79.67
N ALA GA 256 -39.08 45.49 -79.95
CA ALA GA 256 -38.86 46.66 -80.80
C ALA GA 256 -39.45 46.45 -82.18
N ALA GA 257 -39.21 45.27 -82.77
CA ALA GA 257 -39.75 44.98 -84.09
C ALA GA 257 -41.28 44.91 -84.07
N GLN GA 258 -41.85 44.40 -82.99
CA GLN GA 258 -43.31 44.38 -82.85
C GLN GA 258 -43.88 45.78 -82.89
N SER GA 259 -43.31 46.69 -82.09
CA SER GA 259 -43.77 48.07 -82.07
C SER GA 259 -43.59 48.73 -83.44
N MET GA 260 -42.44 48.47 -84.09
CA MET GA 260 -42.18 49.05 -85.40
C MET GA 260 -43.20 48.57 -86.42
N LEU GA 261 -43.59 47.30 -86.35
CA LEU GA 261 -44.58 46.78 -87.28
C LEU GA 261 -45.96 47.37 -87.01
N ALA GA 262 -46.31 47.53 -85.73
CA ALA GA 262 -47.57 48.18 -85.38
C ALA GA 262 -47.62 49.59 -85.93
N GLN GA 263 -46.49 50.29 -85.94
CA GLN GA 263 -46.45 51.62 -86.53
C GLN GA 263 -46.56 51.57 -88.05
N ALA GA 264 -45.79 50.68 -88.67
CA ALA GA 264 -45.76 50.59 -90.13
C ALA GA 264 -47.11 50.21 -90.71
N ASN GA 265 -47.90 49.42 -89.98
CA ASN GA 265 -49.24 49.09 -90.45
C ASN GA 265 -50.16 50.31 -90.44
N GLN GA 266 -49.96 51.24 -89.51
CA GLN GA 266 -50.75 52.46 -89.44
C GLN GA 266 -50.26 53.54 -90.38
N GLN GA 267 -49.00 53.45 -90.82
CA GLN GA 267 -48.43 54.49 -91.69
C GLN GA 267 -49.24 54.75 -92.95
N PRO GA 268 -49.65 53.73 -93.73
CA PRO GA 268 -50.43 54.04 -94.95
C PRO GA 268 -51.91 54.33 -94.69
N GLN GA 269 -52.20 55.59 -94.33
CA GLN GA 269 -53.56 56.07 -94.15
C GLN GA 269 -53.67 57.41 -94.86
N GLY GA 270 -54.01 57.36 -96.15
CA GLY GA 270 -54.23 58.55 -96.95
C GLY GA 270 -55.67 58.61 -97.42
N VAL GA 271 -56.60 58.17 -96.56
CA VAL GA 271 -58.01 58.22 -96.91
C VAL GA 271 -58.53 59.65 -96.90
N LEU GA 272 -57.87 60.56 -96.16
CA LEU GA 272 -58.32 61.94 -96.14
C LEU GA 272 -58.06 62.67 -97.45
N GLN GA 273 -57.27 62.10 -98.38
CA GLN GA 273 -57.23 62.66 -99.72
C GLN GA 273 -58.62 62.62 -100.36
N LEU GA 274 -59.26 61.45 -100.29
CA LEU GA 274 -60.46 61.18 -101.05
C LEU GA 274 -61.67 61.87 -100.45
N LEU GA 275 -62.02 61.48 -99.23
CA LEU GA 275 -63.22 61.99 -98.56
C LEU GA 275 -62.87 63.28 -97.82
N GLN GA 276 -63.87 63.82 -97.09
CA GLN GA 276 -63.64 65.02 -96.31
C GLN GA 276 -64.79 65.23 -95.33
N MET HA 1 -76.20 39.37 -98.14
CA MET HA 1 -74.96 39.85 -98.74
C MET HA 1 -74.20 41.06 -98.14
N ARG HA 2 -74.91 42.08 -97.66
CA ARG HA 2 -74.29 43.31 -97.18
C ARG HA 2 -74.61 43.61 -95.72
N ILE HA 3 -75.89 43.64 -95.34
CA ILE HA 3 -76.32 44.23 -94.07
C ILE HA 3 -76.95 43.18 -93.17
N GLN HA 4 -78.02 42.54 -93.67
CA GLN HA 4 -78.86 41.68 -92.85
C GLN HA 4 -78.11 40.53 -92.21
N HIS HA 5 -76.98 40.11 -92.79
CA HIS HA 5 -76.19 39.01 -92.27
C HIS HA 5 -74.71 39.33 -92.41
N ASN HA 6 -73.94 39.03 -91.36
CA ASN HA 6 -72.51 39.31 -91.29
C ASN HA 6 -71.79 38.02 -90.91
N ILE HA 7 -71.35 37.25 -91.92
CA ILE HA 7 -70.95 35.86 -91.68
C ILE HA 7 -69.59 35.78 -90.99
N ALA HA 8 -68.71 36.75 -91.25
CA ALA HA 8 -67.40 36.77 -90.59
C ALA HA 8 -67.56 36.84 -89.08
N ALA HA 9 -68.49 37.65 -88.60
CA ALA HA 9 -68.72 37.77 -87.18
C ALA HA 9 -69.28 36.46 -86.60
N LEU HA 10 -70.11 35.75 -87.36
CA LEU HA 10 -70.60 34.45 -86.90
C LEU HA 10 -69.46 33.45 -86.73
N ASN HA 11 -68.57 33.38 -87.73
CA ASN HA 11 -67.42 32.47 -87.63
C ASN HA 11 -66.54 32.84 -86.45
N THR HA 12 -66.30 34.14 -86.26
CA THR HA 12 -65.49 34.59 -85.13
C THR HA 12 -66.14 34.23 -83.80
N HIS HA 13 -67.47 34.35 -83.72
CA HIS HA 13 -68.18 33.98 -82.50
C HIS HA 13 -68.04 32.49 -82.22
N ARG HA 14 -68.18 31.65 -83.25
CA ARG HA 14 -67.98 30.22 -83.10
C ARG HA 14 -66.60 29.91 -82.52
N ASN HA 15 -65.56 30.46 -83.14
CA ASN HA 15 -64.20 30.18 -82.69
C ASN HA 15 -63.97 30.69 -81.27
N LEU HA 16 -64.53 31.85 -80.95
CA LEU HA 16 -64.41 32.40 -79.60
C LEU HA 16 -65.04 31.48 -78.57
N ALA HA 17 -66.24 30.97 -78.86
CA ALA HA 17 -66.91 30.05 -77.96
C ALA HA 17 -66.08 28.79 -77.75
N ALA HA 18 -65.52 28.24 -78.84
CA ALA HA 18 -64.68 27.05 -78.73
C ALA HA 18 -63.47 27.29 -77.85
N ASN HA 19 -62.80 28.43 -78.04
CA ASN HA 19 -61.61 28.73 -77.24
C ASN HA 19 -61.97 28.88 -75.77
N ASN HA 20 -63.10 29.56 -75.49
CA ASN HA 20 -63.53 29.69 -74.10
C ASN HA 20 -63.82 28.33 -73.47
N ALA HA 21 -64.47 27.43 -74.22
CA ALA HA 21 -64.75 26.11 -73.69
C ALA HA 21 -63.47 25.35 -73.38
N ALA HA 22 -62.48 25.42 -74.28
CA ALA HA 22 -61.22 24.72 -74.04
C ALA HA 22 -60.50 25.29 -72.82
N ALA HA 23 -60.50 26.61 -72.67
CA ALA HA 23 -59.87 27.22 -71.50
C ALA HA 23 -60.57 26.80 -70.21
N SER HA 24 -61.90 26.68 -70.25
CA SER HA 24 -62.64 26.24 -69.07
C SER HA 24 -62.28 24.80 -68.71
N LYS HA 25 -62.16 23.93 -69.72
CA LYS HA 25 -61.73 22.55 -69.45
C LYS HA 25 -60.35 22.52 -68.81
N ASN HA 26 -59.43 23.35 -69.31
CA ASN HA 26 -58.08 23.39 -68.72
C ASN HA 26 -58.13 23.89 -67.29
N LEU HA 27 -58.97 24.89 -67.01
CA LEU HA 27 -59.14 25.36 -65.63
C LEU HA 27 -59.63 24.25 -64.73
N GLU HA 28 -60.61 23.47 -65.20
CA GLU HA 28 -61.11 22.33 -64.44
C GLU HA 28 -59.98 21.36 -64.13
N LYS HA 29 -59.19 21.00 -65.14
CA LYS HA 29 -58.11 20.04 -64.93
C LYS HA 29 -57.05 20.58 -63.98
N LEU HA 30 -56.82 21.89 -63.97
CA LEU HA 30 -55.80 22.46 -63.10
C LEU HA 30 -56.28 22.58 -61.66
N SER HA 31 -57.53 22.99 -61.47
CA SER HA 31 -58.06 23.11 -60.12
C SER HA 31 -58.25 21.74 -59.48
N SER HA 32 -58.76 20.77 -60.25
CA SER HA 32 -59.02 19.44 -59.69
C SER HA 32 -57.72 18.71 -59.37
N GLY HA 33 -56.69 18.93 -60.17
CA GLY HA 33 -55.47 18.16 -60.06
C GLY HA 33 -55.51 16.81 -60.73
N PHE HA 34 -56.62 16.43 -61.36
CA PHE HA 34 -56.77 15.16 -62.05
C PHE HA 34 -57.03 15.42 -63.53
N LYS HA 35 -56.48 14.55 -64.37
CA LYS HA 35 -56.64 14.65 -65.82
C LYS HA 35 -57.96 14.08 -66.31
N ILE HA 36 -58.59 13.21 -65.52
CA ILE HA 36 -59.82 12.52 -65.90
C ILE HA 36 -60.84 12.79 -64.80
N ASN HA 37 -61.71 13.77 -65.03
CA ASN HA 37 -62.81 14.08 -64.12
C ASN HA 37 -64.15 13.52 -64.59
N ARG HA 38 -64.26 13.20 -65.87
CA ARG HA 38 -65.45 12.60 -66.45
C ARG HA 38 -65.04 11.42 -67.30
N ALA HA 39 -66.01 10.58 -67.67
CA ALA HA 39 -65.73 9.46 -68.55
C ALA HA 39 -65.55 9.91 -69.99
N GLY HA 40 -66.11 11.07 -70.36
CA GLY HA 40 -65.86 11.61 -71.69
C GLY HA 40 -64.41 11.99 -71.91
N ASP HA 41 -63.70 12.32 -70.82
CA ASP HA 41 -62.27 12.59 -70.93
C ASP HA 41 -61.53 11.37 -71.46
N ASP HA 42 -61.75 10.22 -70.83
CA ASP HA 42 -61.06 9.00 -71.22
C ASP HA 42 -61.78 7.81 -70.61
N ALA HA 43 -62.33 6.94 -71.45
CA ALA HA 43 -63.10 5.79 -70.96
C ALA HA 43 -62.18 4.69 -70.44
N ALA HA 44 -61.24 4.24 -71.28
CA ALA HA 44 -60.25 3.25 -70.87
C ALA HA 44 -59.13 3.94 -70.13
N GLY HA 45 -59.15 3.83 -68.81
CA GLY HA 45 -58.26 4.60 -67.95
C GLY HA 45 -59.01 5.04 -66.71
N LEU HA 46 -60.29 5.40 -66.86
CA LEU HA 46 -61.15 5.58 -65.70
C LEU HA 46 -61.33 4.25 -64.97
N ALA HA 47 -61.70 3.20 -65.70
CA ALA HA 47 -61.84 1.88 -65.10
C ALA HA 47 -60.53 1.40 -64.50
N ILE HA 48 -59.42 1.59 -65.22
CA ILE HA 48 -58.12 1.16 -64.73
C ILE HA 48 -57.76 1.91 -63.46
N SER HA 49 -58.05 3.21 -63.40
CA SER HA 49 -57.77 4.00 -62.21
C SER HA 49 -58.60 3.52 -61.03
N GLU HA 50 -59.86 3.19 -61.26
CA GLU HA 50 -60.72 2.74 -60.17
C GLU HA 50 -60.24 1.38 -59.63
N LYS HA 51 -59.93 0.44 -60.52
CA LYS HA 51 -59.40 -0.84 -60.09
C LYS HA 51 -58.08 -0.67 -59.33
N MET HA 52 -57.21 0.22 -59.81
CA MET HA 52 -55.93 0.42 -59.16
C MET HA 52 -56.11 1.06 -57.78
N ARG HA 53 -57.07 1.97 -57.65
CA ARG HA 53 -57.36 2.55 -56.36
C ARG HA 53 -57.87 1.50 -55.39
N GLY HA 54 -58.76 0.62 -55.86
CA GLY HA 54 -59.21 -0.49 -55.03
C GLY HA 54 -58.06 -1.36 -54.57
N GLN HA 55 -57.16 -1.69 -55.49
CA GLN HA 55 -56.02 -2.53 -55.15
C GLN HA 55 -55.10 -1.85 -54.15
N ILE HA 56 -54.89 -0.53 -54.32
CA ILE HA 56 -54.02 0.21 -53.41
C ILE HA 56 -54.60 0.20 -52.00
N SER HA 57 -55.89 0.52 -51.88
CA SER HA 57 -56.54 0.50 -50.57
C SER HA 57 -56.47 -0.88 -49.95
N GLY HA 58 -56.74 -1.92 -50.75
CA GLY HA 58 -56.67 -3.28 -50.23
C GLY HA 58 -55.28 -3.66 -49.76
N LEU HA 59 -54.26 -3.24 -50.50
CA LEU HA 59 -52.89 -3.59 -50.15
C LEU HA 59 -52.46 -2.88 -48.86
N ASN HA 60 -52.83 -1.61 -48.71
CA ASN HA 60 -52.49 -0.90 -47.48
C ASN HA 60 -53.22 -1.51 -46.28
N MET HA 61 -54.51 -1.82 -46.44
CA MET HA 61 -55.25 -2.46 -45.36
C MET HA 61 -54.69 -3.84 -45.03
N ALA HA 62 -54.19 -4.56 -46.04
CA ALA HA 62 -53.57 -5.86 -45.80
C ALA HA 62 -52.27 -5.72 -45.04
N SER HA 63 -51.50 -4.67 -45.34
CA SER HA 63 -50.30 -4.37 -44.55
C SER HA 63 -50.67 -4.14 -43.09
N LYS HA 64 -51.71 -3.34 -42.86
CA LYS HA 64 -52.19 -3.09 -41.50
C LYS HA 64 -52.58 -4.39 -40.80
N ASN HA 65 -53.33 -5.25 -41.51
CA ASN HA 65 -53.76 -6.52 -40.94
C ASN HA 65 -52.57 -7.43 -40.62
N SER HA 66 -51.57 -7.45 -41.49
CA SER HA 66 -50.39 -8.26 -41.25
C SER HA 66 -49.65 -7.79 -40.00
N SER HA 67 -49.56 -6.47 -39.82
CA SER HA 67 -48.94 -5.95 -38.60
C SER HA 67 -49.74 -6.34 -37.36
N ASP HA 68 -51.07 -6.30 -37.46
CA ASP HA 68 -51.90 -6.74 -36.35
C ASP HA 68 -51.64 -8.20 -35.99
N ALA HA 69 -51.54 -9.06 -37.01
CA ALA HA 69 -51.23 -10.46 -36.79
C ALA HA 69 -49.87 -10.63 -36.13
N ILE HA 70 -48.88 -9.83 -36.54
CA ILE HA 70 -47.57 -9.89 -35.91
C ILE HA 70 -47.68 -9.55 -34.43
N SER HA 71 -48.49 -8.55 -34.09
CA SER HA 71 -48.67 -8.18 -32.70
C SER HA 71 -49.28 -9.33 -31.89
N LEU HA 72 -50.32 -9.97 -32.44
CA LEU HA 72 -50.93 -11.13 -31.80
C LEU HA 72 -49.90 -12.24 -31.55
N ILE HA 73 -49.10 -12.55 -32.57
CA ILE HA 73 -48.12 -13.63 -32.44
C ILE HA 73 -47.07 -13.28 -31.40
N GLN HA 74 -46.64 -12.02 -31.36
CA GLN HA 74 -45.70 -11.59 -30.33
C GLN HA 74 -46.28 -11.76 -28.95
N THR HA 75 -47.59 -11.49 -28.79
CA THR HA 75 -48.24 -11.71 -27.51
C THR HA 75 -48.14 -13.18 -27.09
N ALA HA 76 -48.45 -14.08 -28.01
CA ALA HA 76 -48.41 -15.51 -27.67
C ALA HA 76 -46.99 -15.97 -27.33
N GLU HA 77 -46.00 -15.53 -28.10
CA GLU HA 77 -44.62 -15.91 -27.81
C GLU HA 77 -44.17 -15.40 -26.45
N GLY HA 78 -44.51 -14.15 -26.13
CA GLY HA 78 -44.20 -13.63 -24.81
C GLY HA 78 -44.87 -14.40 -23.71
N GLY HA 79 -46.08 -14.89 -23.97
CA GLY HA 79 -46.73 -15.77 -23.00
C GLY HA 79 -45.96 -17.06 -22.77
N LEU HA 80 -45.42 -17.65 -23.84
CA LEU HA 80 -44.73 -18.94 -23.72
C LEU HA 80 -43.31 -18.83 -23.17
N ASN HA 81 -42.69 -17.64 -23.22
CA ASN HA 81 -41.38 -17.47 -22.62
C ASN HA 81 -41.39 -17.79 -21.13
N GLU HA 82 -42.43 -17.34 -20.42
CA GLU HA 82 -42.51 -17.61 -18.99
C GLU HA 82 -42.82 -19.07 -18.72
N THR HA 83 -43.55 -19.72 -19.63
CA THR HA 83 -43.72 -21.17 -19.56
C THR HA 83 -42.37 -21.88 -19.59
N HIS HA 84 -41.50 -21.49 -20.53
CA HIS HA 84 -40.13 -22.02 -20.57
C HIS HA 84 -39.44 -21.83 -19.22
N ALA HA 85 -39.50 -20.61 -18.69
CA ALA HA 85 -38.77 -20.29 -17.46
C ALA HA 85 -39.23 -21.15 -16.29
N ILE HA 86 -40.54 -21.21 -16.06
CA ILE HA 86 -41.03 -21.96 -14.90
C ILE HA 86 -40.87 -23.46 -15.12
N LEU HA 87 -40.85 -23.92 -16.37
CA LEU HA 87 -40.55 -25.32 -16.63
C LEU HA 87 -39.12 -25.65 -16.24
N GLN HA 88 -38.18 -24.75 -16.56
CA GLN HA 88 -36.80 -24.93 -16.12
C GLN HA 88 -36.72 -25.00 -14.60
N ARG HA 89 -37.43 -24.10 -13.92
CA ARG HA 89 -37.43 -24.10 -12.46
C ARG HA 89 -37.99 -25.41 -11.91
N MET HA 90 -39.07 -25.91 -12.52
CA MET HA 90 -39.69 -27.17 -12.09
C MET HA 90 -38.75 -28.34 -12.28
N ARG HA 91 -38.02 -28.37 -13.39
CA ARG HA 91 -37.04 -29.43 -13.60
C ARG HA 91 -35.94 -29.38 -12.54
N GLU HA 92 -35.47 -28.17 -12.22
CA GLU HA 92 -34.47 -28.03 -11.16
C GLU HA 92 -35.00 -28.56 -9.84
N LEU HA 93 -36.24 -28.21 -9.51
CA LEU HA 93 -36.89 -28.69 -8.29
C LEU HA 93 -36.99 -30.21 -8.27
N ALA HA 94 -37.36 -30.82 -9.39
CA ALA HA 94 -37.46 -32.27 -9.44
C ALA HA 94 -36.10 -32.94 -9.26
N VAL HA 95 -35.08 -32.42 -9.92
CA VAL HA 95 -33.74 -33.00 -9.79
C VAL HA 95 -33.25 -32.89 -8.36
N GLN HA 96 -33.60 -31.80 -7.67
CA GLN HA 96 -33.24 -31.69 -6.25
C GLN HA 96 -34.06 -32.63 -5.37
N SER HA 97 -35.37 -32.75 -5.64
CA SER HA 97 -36.23 -33.64 -4.89
C SER HA 97 -35.84 -35.11 -5.04
N ARG HA 98 -35.22 -35.46 -6.16
CA ARG HA 98 -34.94 -36.84 -6.54
C ARG HA 98 -33.91 -37.50 -5.63
N ASN HA 99 -33.07 -36.72 -4.95
CA ASN HA 99 -32.01 -37.26 -4.11
C ASN HA 99 -32.57 -37.76 -2.77
N ASP HA 100 -31.88 -38.74 -2.19
CA ASP HA 100 -32.32 -39.39 -0.95
C ASP HA 100 -31.84 -38.69 0.31
N THR HA 101 -31.16 -37.55 0.18
CA THR HA 101 -30.89 -36.72 1.35
C THR HA 101 -32.18 -36.16 1.94
N ASN HA 102 -33.21 -36.01 1.12
CA ASN HA 102 -34.46 -35.39 1.56
C ASN HA 102 -35.37 -36.43 2.21
N ASP HA 103 -36.03 -36.03 3.28
CA ASP HA 103 -36.91 -36.90 4.06
C ASP HA 103 -38.37 -36.55 3.84
N GLU HA 104 -39.18 -37.58 3.60
CA GLU HA 104 -40.63 -37.41 3.60
C GLU HA 104 -41.16 -37.15 5.01
N ALA HA 105 -40.47 -37.63 6.04
CA ALA HA 105 -40.96 -37.50 7.41
C ALA HA 105 -40.97 -36.04 7.85
N THR HA 106 -39.82 -35.36 7.74
CA THR HA 106 -39.68 -33.97 8.16
C THR HA 106 -39.96 -32.99 7.03
N ASN HA 107 -40.76 -33.38 6.05
CA ASN HA 107 -41.42 -32.46 5.14
C ASN HA 107 -40.42 -31.74 4.22
N ASP HA 108 -39.36 -32.44 3.80
CA ASP HA 108 -38.39 -31.85 2.89
C ASP HA 108 -38.94 -31.76 1.47
N ARG HA 109 -39.57 -32.84 0.99
CA ARG HA 109 -40.09 -32.87 -0.36
C ARG HA 109 -41.46 -32.21 -0.50
N SER HA 110 -42.24 -32.14 0.58
CA SER HA 110 -43.55 -31.51 0.49
C SER HA 110 -43.44 -30.00 0.26
N ASN HA 111 -42.33 -29.38 0.67
CA ASN HA 111 -42.13 -27.96 0.36
C ASN HA 111 -41.78 -27.77 -1.12
N LEU HA 112 -40.98 -28.66 -1.70
CA LEU HA 112 -40.74 -28.60 -3.13
C LEU HA 112 -42.01 -28.90 -3.90
N ASN HA 113 -42.89 -29.73 -3.33
CA ASN HA 113 -44.19 -29.98 -3.95
C ASN HA 113 -45.10 -28.78 -3.85
N ASP HA 114 -45.06 -28.04 -2.73
CA ASP HA 114 -45.73 -26.75 -2.64
C ASP HA 114 -45.31 -25.83 -3.79
N GLU HA 115 -43.99 -25.68 -3.95
CA GLU HA 115 -43.44 -24.86 -5.03
C GLU HA 115 -43.93 -25.36 -6.39
N LEU HA 116 -43.87 -26.67 -6.61
CA LEU HA 116 -44.27 -27.26 -7.89
C LEU HA 116 -45.75 -27.03 -8.18
N LYS HA 117 -46.61 -27.20 -7.17
CA LYS HA 117 -48.03 -26.97 -7.36
C LYS HA 117 -48.32 -25.52 -7.71
N GLN HA 118 -47.64 -24.58 -7.05
CA GLN HA 118 -47.84 -23.17 -7.39
C GLN HA 118 -47.39 -22.88 -8.82
N LEU HA 119 -46.28 -23.49 -9.26
CA LEU HA 119 -45.83 -23.28 -10.63
C LEU HA 119 -46.77 -23.93 -11.64
N GLN HA 120 -47.43 -25.02 -11.26
CA GLN HA 120 -48.42 -25.64 -12.15
C GLN HA 120 -49.68 -24.78 -12.24
N GLU HA 121 -50.08 -24.16 -11.13
CA GLU HA 121 -51.19 -23.23 -11.22
C GLU HA 121 -50.83 -22.03 -12.10
N GLU HA 122 -49.56 -21.61 -12.07
CA GLU HA 122 -49.14 -20.49 -12.92
C GLU HA 122 -49.08 -20.89 -14.39
N ILE HA 123 -48.59 -22.09 -14.71
CA ILE HA 123 -48.55 -22.52 -16.11
C ILE HA 123 -49.96 -22.66 -16.67
N THR HA 124 -50.94 -23.06 -15.85
CA THR HA 124 -52.32 -23.07 -16.33
C THR HA 124 -52.89 -21.66 -16.44
N ARG HA 125 -52.52 -20.78 -15.50
CA ARG HA 125 -53.03 -19.41 -15.51
C ARG HA 125 -52.59 -18.66 -16.76
N ILE HA 126 -51.33 -18.79 -17.14
CA ILE HA 126 -50.84 -18.12 -18.34
C ILE HA 126 -51.60 -18.62 -19.56
N SER HA 127 -51.93 -19.91 -19.59
CA SER HA 127 -52.67 -20.47 -20.70
C SER HA 127 -54.05 -19.81 -20.83
N SER HA 128 -54.86 -19.91 -19.78
CA SER HA 128 -56.25 -19.47 -19.87
C SER HA 128 -56.51 -18.09 -19.28
N GLN HA 129 -55.50 -17.20 -19.28
CA GLN HA 129 -55.71 -15.78 -19.00
C GLN HA 129 -54.93 -14.91 -19.98
N MET HA 130 -54.58 -15.44 -21.14
CA MET HA 130 -53.90 -14.71 -22.19
C MET HA 130 -54.91 -14.28 -23.24
N GLU HA 131 -54.85 -13.04 -23.69
CA GLU HA 131 -55.86 -12.58 -24.67
C GLU HA 131 -55.32 -11.40 -25.46
N PHE HA 132 -55.82 -11.28 -26.68
CA PHE HA 132 -55.54 -10.17 -27.59
C PHE HA 132 -56.89 -9.73 -28.15
N ASN HA 133 -57.34 -8.55 -27.72
CA ASN HA 133 -58.61 -8.00 -28.18
C ASN HA 133 -59.79 -8.89 -27.76
N ASN HA 134 -59.74 -9.38 -26.53
CA ASN HA 134 -60.77 -10.25 -25.98
C ASN HA 134 -60.87 -11.56 -26.77
N LYS HA 135 -59.73 -12.24 -26.91
CA LYS HA 135 -59.63 -13.47 -27.70
C LYS HA 135 -58.65 -14.41 -27.01
N LYS HA 136 -59.17 -15.45 -26.38
CA LYS HA 136 -58.32 -16.43 -25.73
C LYS HA 136 -57.54 -17.21 -26.77
N LEU HA 137 -56.21 -17.27 -26.59
CA LEU HA 137 -55.30 -17.84 -27.59
C LEU HA 137 -54.82 -19.24 -27.22
N LEU HA 138 -54.33 -19.44 -26.00
CA LEU HA 138 -53.64 -20.66 -25.60
C LEU HA 138 -54.54 -21.61 -24.80
N ASP HA 139 -55.79 -21.74 -25.21
CA ASP HA 139 -56.78 -22.55 -24.50
C ASP HA 139 -57.22 -23.74 -25.33
N GLY HA 140 -57.11 -23.62 -26.65
CA GLY HA 140 -57.74 -24.52 -27.60
C GLY HA 140 -58.88 -23.90 -28.39
N SER HA 141 -59.12 -22.59 -28.28
CA SER HA 141 -60.17 -21.95 -29.06
C SER HA 141 -59.83 -21.99 -30.55
N GLN HA 142 -58.57 -21.70 -30.90
CA GLN HA 142 -58.14 -21.64 -32.28
C GLN HA 142 -57.66 -22.99 -32.81
N SER HA 143 -57.53 -24.00 -31.95
CA SER HA 143 -57.06 -25.30 -32.39
C SER HA 143 -58.14 -26.07 -33.15
N THR HA 144 -59.38 -25.57 -33.17
CA THR HA 144 -60.47 -26.28 -33.84
C THR HA 144 -60.55 -25.88 -35.32
N ASN HA 145 -60.59 -24.57 -35.60
CA ASN HA 145 -60.69 -24.05 -36.96
C ASN HA 145 -59.49 -23.20 -37.35
N GLY HA 146 -59.09 -22.26 -36.53
CA GLY HA 146 -57.88 -21.48 -36.74
C GLY HA 146 -58.19 -20.03 -37.05
N LEU HA 147 -57.18 -19.19 -36.83
CA LEU HA 147 -57.25 -17.76 -37.12
C LEU HA 147 -56.84 -17.51 -38.57
N THR HA 148 -57.66 -16.75 -39.29
CA THR HA 148 -57.46 -16.46 -40.69
C THR HA 148 -57.11 -14.99 -40.87
N PHE HA 149 -55.95 -14.72 -41.46
CA PHE HA 149 -55.48 -13.36 -41.73
C PHE HA 149 -55.58 -13.07 -43.21
N GLN HA 150 -56.23 -11.95 -43.53
CA GLN HA 150 -56.33 -11.44 -44.89
C GLN HA 150 -55.08 -10.61 -45.17
N ILE HA 151 -54.19 -11.14 -46.01
CA ILE HA 151 -52.91 -10.50 -46.31
C ILE HA 151 -52.87 -10.13 -47.79
N GLY HA 152 -54.04 -9.80 -48.34
CA GLY HA 152 -54.12 -9.43 -49.74
C GLY HA 152 -55.38 -8.65 -50.01
N ALA HA 153 -55.33 -7.88 -51.10
CA ALA HA 153 -56.45 -7.03 -51.47
C ALA HA 153 -57.68 -7.85 -51.87
N ASN HA 154 -57.48 -8.91 -52.64
CA ASN HA 154 -58.57 -9.67 -53.21
C ASN HA 154 -59.01 -10.79 -52.28
N ALA HA 155 -60.10 -11.47 -52.67
CA ALA HA 155 -60.65 -12.56 -51.89
C ALA HA 155 -59.83 -13.83 -52.09
N GLY HA 156 -59.70 -14.60 -51.02
CA GLY HA 156 -58.92 -15.82 -51.03
C GLY HA 156 -57.45 -15.65 -50.71
N GLN HA 157 -56.94 -14.42 -50.69
CA GLN HA 157 -55.54 -14.15 -50.38
C GLN HA 157 -55.36 -14.12 -48.86
N THR HA 158 -55.48 -15.30 -48.26
CA THR HA 158 -55.52 -15.46 -46.83
C THR HA 158 -54.45 -16.44 -46.37
N ILE HA 159 -54.23 -16.47 -45.06
CA ILE HA 159 -53.43 -17.53 -44.44
C ILE HA 159 -54.14 -17.97 -43.16
N THR HA 160 -54.21 -19.28 -42.96
CA THR HA 160 -54.79 -19.86 -41.76
C THR HA 160 -53.69 -20.25 -40.79
N MET HA 161 -54.02 -20.21 -39.51
CA MET HA 161 -53.08 -20.47 -38.43
C MET HA 161 -53.81 -21.20 -37.32
N LYS HA 162 -53.06 -21.98 -36.55
CA LYS HA 162 -53.63 -22.76 -35.45
C LYS HA 162 -52.66 -22.76 -34.28
N ILE HA 163 -53.22 -22.69 -33.08
CA ILE HA 163 -52.45 -22.73 -31.85
C ILE HA 163 -53.06 -23.80 -30.95
N SER HA 164 -52.21 -24.65 -30.39
CA SER HA 164 -52.66 -25.79 -29.62
C SER HA 164 -52.89 -25.41 -28.16
N THR HA 165 -53.60 -26.27 -27.44
CA THR HA 165 -53.76 -26.10 -26.00
C THR HA 165 -52.42 -26.32 -25.32
N MET HA 166 -52.03 -25.37 -24.47
CA MET HA 166 -50.75 -25.34 -23.77
C MET HA 166 -50.96 -25.32 -22.25
N SER HA 167 -51.92 -26.10 -21.77
CA SER HA 167 -52.14 -26.28 -20.34
C SER HA 167 -51.31 -27.45 -19.80
N ALA HA 168 -51.35 -27.60 -18.48
CA ALA HA 168 -50.58 -28.66 -17.84
C ALA HA 168 -51.16 -30.04 -18.15
N THR HA 169 -52.48 -30.13 -18.30
CA THR HA 169 -53.10 -31.42 -18.59
C THR HA 169 -52.68 -31.96 -19.96
N LYS HA 170 -52.60 -31.07 -20.96
CA LYS HA 170 -52.27 -31.52 -22.31
C LYS HA 170 -50.83 -32.00 -22.40
N LEU HA 171 -49.94 -31.40 -21.62
CA LEU HA 171 -48.52 -31.70 -21.68
C LEU HA 171 -48.07 -32.77 -20.69
N GLY HA 172 -48.99 -33.40 -19.97
CA GLY HA 172 -48.64 -34.48 -19.08
C GLY HA 172 -47.75 -34.07 -17.93
N VAL HA 173 -47.94 -32.85 -17.42
CA VAL HA 173 -47.14 -32.32 -16.31
C VAL HA 173 -48.02 -31.85 -15.15
N ASP HA 174 -49.34 -31.92 -15.28
CA ASP HA 174 -50.24 -31.62 -14.18
C ASP HA 174 -49.95 -32.51 -12.97
N ALA HA 175 -50.45 -32.07 -11.81
CA ALA HA 175 -50.13 -32.72 -10.54
C ALA HA 175 -50.61 -34.17 -10.47
N ALA HA 176 -51.60 -34.55 -11.29
CA ALA HA 176 -52.05 -35.93 -11.30
C ALA HA 176 -51.03 -36.90 -11.88
N LYS HA 177 -50.00 -36.41 -12.57
CA LYS HA 177 -49.00 -37.27 -13.19
C LYS HA 177 -47.57 -36.75 -13.03
N ALA HA 178 -47.34 -35.69 -12.25
CA ALA HA 178 -46.01 -35.11 -12.11
C ALA HA 178 -45.72 -34.69 -10.67
N SER HA 179 -46.25 -35.39 -9.69
CA SER HA 179 -45.89 -35.09 -8.30
C SER HA 179 -44.43 -35.42 -8.05
N ILE HA 180 -43.86 -34.76 -7.05
CA ILE HA 180 -42.51 -35.08 -6.57
C ILE HA 180 -42.57 -35.38 -5.08
N SER HA 181 -43.71 -35.92 -4.62
CA SER HA 181 -43.79 -36.41 -3.25
C SER HA 181 -42.75 -37.47 -2.97
N LYS HA 182 -42.59 -38.42 -3.89
CA LYS HA 182 -41.70 -39.55 -3.71
C LYS HA 182 -40.36 -39.28 -4.40
N GLY HA 183 -39.46 -40.24 -4.33
CA GLY HA 183 -38.25 -40.23 -5.15
C GLY HA 183 -38.53 -40.80 -6.52
N THR HA 184 -39.43 -41.78 -6.59
CA THR HA 184 -39.74 -42.42 -7.88
C THR HA 184 -40.47 -41.45 -8.80
N ALA HA 185 -41.41 -40.67 -8.26
CA ALA HA 185 -42.22 -39.80 -9.10
C ALA HA 185 -41.38 -38.68 -9.73
N ALA HA 186 -40.33 -38.23 -9.05
CA ALA HA 186 -39.44 -37.23 -9.63
C ALA HA 186 -38.73 -37.76 -10.87
N SER HA 187 -38.41 -39.06 -10.88
CA SER HA 187 -37.81 -39.68 -12.06
C SER HA 187 -38.68 -39.46 -13.30
N LYS HA 188 -39.97 -39.79 -13.18
CA LYS HA 188 -40.87 -39.57 -14.31
C LYS HA 188 -41.10 -38.08 -14.55
N ALA HA 189 -41.08 -37.27 -13.50
CA ALA HA 189 -41.34 -35.84 -13.63
C ALA HA 189 -40.27 -35.16 -14.48
N ILE HA 190 -39.02 -35.60 -14.34
CA ILE HA 190 -37.93 -35.01 -15.13
C ILE HA 190 -38.18 -35.21 -16.62
N LYS HA 191 -38.46 -36.45 -17.01
CA LYS HA 191 -38.73 -36.76 -18.41
C LYS HA 191 -39.98 -36.05 -18.90
N SER HA 192 -41.00 -35.98 -18.05
CA SER HA 192 -42.25 -35.30 -18.41
C SER HA 192 -42.00 -33.82 -18.68
N ILE HA 193 -41.17 -33.20 -17.84
CA ILE HA 193 -40.84 -31.79 -18.00
C ILE HA 193 -40.01 -31.56 -19.26
N ASP HA 194 -39.07 -32.47 -19.56
CA ASP HA 194 -38.31 -32.37 -20.79
C ASP HA 194 -39.22 -32.42 -22.02
N ASP HA 195 -40.16 -33.37 -22.03
CA ASP HA 195 -41.09 -33.49 -23.14
C ASP HA 195 -41.91 -32.21 -23.29
N ALA HA 196 -42.35 -31.64 -22.16
CA ALA HA 196 -43.13 -30.40 -22.22
C ALA HA 196 -42.30 -29.24 -22.77
N ILE HA 197 -41.04 -29.12 -22.34
CA ILE HA 197 -40.18 -28.06 -22.85
C ILE HA 197 -40.00 -28.19 -24.36
N ASN HA 198 -39.77 -29.42 -24.84
CA ASN HA 198 -39.60 -29.62 -26.29
C ASN HA 198 -40.88 -29.25 -27.04
N THR HA 199 -42.04 -29.64 -26.51
CA THR HA 199 -43.30 -29.34 -27.17
C THR HA 199 -43.53 -27.83 -27.27
N VAL HA 200 -43.27 -27.10 -26.18
CA VAL HA 200 -43.55 -25.66 -26.22
C VAL HA 200 -42.52 -24.94 -27.09
N SER HA 201 -41.29 -25.47 -27.16
CA SER HA 201 -40.32 -24.95 -28.13
C SER HA 201 -40.82 -25.13 -29.55
N LYS HA 202 -41.38 -26.31 -29.84
CA LYS HA 202 -41.95 -26.56 -31.17
C LYS HA 202 -43.03 -25.56 -31.51
N THR HA 203 -43.94 -25.32 -30.56
CA THR HA 203 -45.02 -24.35 -30.80
C THR HA 203 -44.48 -22.94 -31.03
N ARG HA 204 -43.49 -22.53 -30.23
CA ARG HA 204 -42.88 -21.21 -30.43
C ARG HA 204 -42.26 -21.09 -31.81
N SER HA 205 -41.57 -22.14 -32.26
CA SER HA 205 -41.00 -22.15 -33.60
C SER HA 205 -42.10 -21.97 -34.65
N ALA HA 206 -43.22 -22.69 -34.47
CA ALA HA 206 -44.32 -22.59 -35.42
C ALA HA 206 -44.86 -21.16 -35.50
N LEU HA 207 -44.90 -20.47 -34.36
CA LEU HA 207 -45.37 -19.08 -34.38
C LEU HA 207 -44.36 -18.15 -35.07
N GLY HA 208 -43.08 -18.30 -34.72
CA GLY HA 208 -42.06 -17.43 -35.28
C GLY HA 208 -41.93 -17.55 -36.78
N ALA HA 209 -42.16 -18.75 -37.32
CA ALA HA 209 -42.13 -18.93 -38.77
C ALA HA 209 -43.17 -18.04 -39.45
N VAL HA 210 -44.39 -18.02 -38.91
CA VAL HA 210 -45.45 -17.22 -39.50
C VAL HA 210 -45.13 -15.73 -39.36
N GLN HA 211 -44.52 -15.34 -38.24
CA GLN HA 211 -44.08 -13.96 -38.08
C GLN HA 211 -43.10 -13.56 -39.17
N ASN HA 212 -42.08 -14.38 -39.38
CA ASN HA 212 -41.07 -14.08 -40.38
C ASN HA 212 -41.67 -14.04 -41.78
N ARG HA 213 -42.65 -14.90 -42.05
CA ARG HA 213 -43.36 -14.86 -43.33
C ARG HA 213 -44.09 -13.53 -43.50
N LEU HA 214 -44.79 -13.09 -42.45
CA LEU HA 214 -45.60 -11.87 -42.55
C LEU HA 214 -44.72 -10.65 -42.78
N GLU HA 215 -43.49 -10.66 -42.27
CA GLU HA 215 -42.57 -9.55 -42.54
C GLU HA 215 -42.31 -9.40 -44.04
N HIS HA 216 -41.90 -10.48 -44.70
CA HIS HA 216 -41.69 -10.48 -46.14
C HIS HA 216 -42.97 -10.07 -46.88
N THR HA 217 -44.12 -10.57 -46.40
CA THR HA 217 -45.39 -10.19 -47.01
C THR HA 217 -45.60 -8.69 -46.95
N ILE HA 218 -45.29 -8.07 -45.82
CA ILE HA 218 -45.47 -6.62 -45.67
C ILE HA 218 -44.56 -5.88 -46.64
N ASN HA 219 -43.31 -6.33 -46.76
CA ASN HA 219 -42.38 -5.69 -47.70
C ASN HA 219 -42.93 -5.74 -49.12
N ASN HA 220 -43.39 -6.92 -49.54
CA ASN HA 220 -43.93 -7.07 -50.90
C ASN HA 220 -45.16 -6.20 -51.10
N LEU HA 221 -46.04 -6.13 -50.09
CA LEU HA 221 -47.24 -5.30 -50.21
C LEU HA 221 -46.87 -3.83 -50.37
N GLY HA 222 -45.90 -3.35 -49.59
CA GLY HA 222 -45.47 -1.97 -49.73
C GLY HA 222 -44.93 -1.66 -51.12
N THR HA 223 -44.06 -2.55 -51.62
CA THR HA 223 -43.51 -2.35 -52.97
C THR HA 223 -44.61 -2.30 -54.02
N SER HA 224 -45.54 -3.27 -53.96
CA SER HA 224 -46.62 -3.32 -54.95
C SER HA 224 -47.51 -2.09 -54.86
N ALA HA 225 -47.79 -1.63 -53.64
CA ALA HA 225 -48.63 -0.44 -53.47
C ALA HA 225 -47.97 0.79 -54.07
N GLU HA 226 -46.66 0.96 -53.82
CA GLU HA 226 -45.96 2.10 -54.41
C GLU HA 226 -45.98 2.04 -55.93
N ASN HA 227 -45.72 0.86 -56.50
CA ASN HA 227 -45.70 0.76 -57.96
C ASN HA 227 -47.07 1.06 -58.56
N LEU HA 228 -48.12 0.49 -57.99
CA LEU HA 228 -49.46 0.75 -58.52
C LEU HA 228 -49.87 2.20 -58.30
N THR HA 229 -49.41 2.82 -57.21
CA THR HA 229 -49.67 4.24 -57.00
C THR HA 229 -49.02 5.08 -58.10
N ALA HA 230 -47.77 4.76 -58.44
CA ALA HA 230 -47.11 5.44 -59.55
C ALA HA 230 -47.88 5.27 -60.85
N ALA HA 231 -48.32 4.05 -61.14
CA ALA HA 231 -49.08 3.78 -62.35
C ALA HA 231 -50.37 4.59 -62.39
N GLU HA 232 -51.12 4.58 -61.29
CA GLU HA 232 -52.39 5.30 -61.23
C GLU HA 232 -52.17 6.80 -61.36
N SER HA 233 -51.10 7.32 -60.75
CA SER HA 233 -50.77 8.74 -60.88
C SER HA 233 -50.50 9.09 -62.33
N ARG HA 234 -49.69 8.27 -63.01
CA ARG HA 234 -49.38 8.56 -64.40
C ARG HA 234 -50.60 8.45 -65.30
N ILE HA 235 -51.55 7.58 -64.94
CA ILE HA 235 -52.76 7.44 -65.75
C ILE HA 235 -53.68 8.64 -65.55
N ARG HA 236 -54.05 8.92 -64.30
CA ARG HA 236 -55.14 9.84 -64.02
C ARG HA 236 -54.70 11.26 -63.70
N ASP HA 237 -53.63 11.45 -62.93
CA ASP HA 237 -53.20 12.79 -62.58
C ASP HA 237 -52.66 13.53 -63.79
N THR HA 238 -52.69 14.85 -63.72
CA THR HA 238 -52.32 15.72 -64.83
C THR HA 238 -51.02 16.45 -64.52
N ASP HA 239 -50.26 16.72 -65.58
CA ASP HA 239 -49.05 17.52 -65.47
C ASP HA 239 -49.44 19.00 -65.50
N MET HA 240 -49.00 19.74 -64.48
CA MET HA 240 -49.39 21.14 -64.35
C MET HA 240 -48.86 21.99 -65.49
N ALA HA 241 -47.63 21.70 -65.94
CA ALA HA 241 -46.99 22.55 -66.93
C ALA HA 241 -47.72 22.51 -68.27
N ALA HA 242 -48.09 21.32 -68.73
CA ALA HA 242 -48.78 21.20 -70.02
C ALA HA 242 -50.13 21.89 -70.00
N GLU HA 243 -50.88 21.72 -68.92
CA GLU HA 243 -52.18 22.38 -68.83
C GLU HA 243 -52.04 23.88 -68.70
N MET HA 244 -51.00 24.36 -68.02
CA MET HA 244 -50.71 25.78 -67.97
C MET HA 244 -50.44 26.33 -69.37
N MET HA 245 -49.60 25.62 -70.13
CA MET HA 245 -49.33 26.00 -71.51
C MET HA 245 -50.62 26.11 -72.31
N ALA HA 246 -51.45 25.06 -72.26
CA ALA HA 246 -52.68 25.04 -73.03
C ALA HA 246 -53.62 26.15 -72.61
N PHE HA 247 -53.69 26.43 -71.30
CA PHE HA 247 -54.59 27.47 -70.81
C PHE HA 247 -54.15 28.85 -71.28
N THR HA 248 -52.85 29.13 -71.20
CA THR HA 248 -52.34 30.41 -71.69
C THR HA 248 -52.60 30.56 -73.19
N LYS HA 249 -52.35 29.49 -73.95
CA LYS HA 249 -52.61 29.50 -75.39
C LYS HA 249 -54.08 29.82 -75.68
N ASN HA 250 -54.99 29.14 -74.98
CA ASN HA 250 -56.41 29.33 -75.22
C ASN HA 250 -56.86 30.74 -74.82
N ASN HA 251 -56.28 31.31 -73.75
CA ASN HA 251 -56.60 32.68 -73.39
C ASN HA 251 -56.17 33.66 -74.48
N ILE HA 252 -54.95 33.47 -75.01
CA ILE HA 252 -54.47 34.35 -76.06
C ILE HA 252 -55.37 34.25 -77.29
N LEU HA 253 -55.79 33.03 -77.62
CA LEU HA 253 -56.69 32.85 -78.76
C LEU HA 253 -58.04 33.51 -78.51
N THR HA 254 -58.54 33.42 -77.27
CA THR HA 254 -59.80 34.08 -76.92
C THR HA 254 -59.70 35.58 -77.11
N GLN HA 255 -58.60 36.19 -76.65
CA GLN HA 255 -58.41 37.62 -76.81
C GLN HA 255 -58.33 38.00 -78.29
N ALA HA 256 -57.62 37.20 -79.08
CA ALA HA 256 -57.53 37.46 -80.51
C ALA HA 256 -58.90 37.42 -81.17
N ALA HA 257 -59.70 36.41 -80.84
CA ALA HA 257 -61.04 36.32 -81.41
C ALA HA 257 -61.92 37.46 -80.96
N GLN HA 258 -61.76 37.92 -79.71
CA GLN HA 258 -62.52 39.07 -79.23
C GLN HA 258 -62.22 40.30 -80.06
N SER HA 259 -60.93 40.59 -80.27
CA SER HA 259 -60.55 41.75 -81.08
C SER HA 259 -61.05 41.61 -82.51
N MET HA 260 -60.95 40.40 -83.08
CA MET HA 260 -61.41 40.17 -84.44
C MET HA 260 -62.91 40.42 -84.56
N LEU HA 261 -63.67 40.01 -83.55
CA LEU HA 261 -65.12 40.23 -83.59
C LEU HA 261 -65.45 41.71 -83.43
N ALA HA 262 -64.71 42.41 -82.57
CA ALA HA 262 -64.90 43.86 -82.45
C ALA HA 262 -64.65 44.56 -83.78
N GLN HA 263 -63.68 44.08 -84.54
CA GLN HA 263 -63.43 44.66 -85.87
C GLN HA 263 -64.54 44.29 -86.85
N ALA HA 264 -64.94 43.02 -86.87
CA ALA HA 264 -65.94 42.55 -87.82
C ALA HA 264 -67.29 43.23 -87.61
N ASN HA 265 -67.60 43.59 -86.37
CA ASN HA 265 -68.85 44.32 -86.13
C ASN HA 265 -68.80 45.72 -86.71
N GLN HA 266 -67.63 46.35 -86.74
CA GLN HA 266 -67.47 47.68 -87.31
C GLN HA 266 -67.32 47.65 -88.83
N GLN HA 267 -66.93 46.51 -89.40
CA GLN HA 267 -66.70 46.43 -90.84
C GLN HA 267 -67.91 46.86 -91.68
N PRO HA 268 -69.14 46.40 -91.42
CA PRO HA 268 -70.27 46.85 -92.27
C PRO HA 268 -70.81 48.23 -91.91
N GLN HA 269 -70.15 49.26 -92.43
CA GLN HA 269 -70.59 50.65 -92.28
C GLN HA 269 -70.50 51.31 -93.66
N GLY HA 270 -71.58 51.20 -94.42
CA GLY HA 270 -71.71 51.83 -95.72
C GLY HA 270 -72.81 52.85 -95.71
N VAL HA 271 -72.97 53.55 -94.59
CA VAL HA 271 -73.99 54.59 -94.49
C VAL HA 271 -73.62 55.80 -95.31
N LEU HA 272 -72.33 56.01 -95.59
CA LEU HA 272 -71.92 57.15 -96.41
C LEU HA 272 -72.32 57.02 -97.87
N GLN HA 273 -72.76 55.82 -98.32
CA GLN HA 273 -73.39 55.75 -99.63
C GLN HA 273 -74.63 56.63 -99.69
N LEU HA 274 -75.49 56.49 -98.68
CA LEU HA 274 -76.82 57.06 -98.72
C LEU HA 274 -76.80 58.56 -98.45
N LEU HA 275 -76.35 58.94 -97.26
CA LEU HA 275 -76.34 60.33 -96.85
C LEU HA 275 -75.05 61.01 -97.29
N GLN HA 276 -74.89 62.27 -96.90
CA GLN HA 276 -73.66 62.99 -97.24
C GLN HA 276 -73.57 64.26 -96.41
N MET IA 1 -94.06 57.54 -77.94
CA MET IA 1 -93.53 56.69 -79.00
C MET IA 1 -92.13 56.94 -79.60
N ARG IA 2 -91.74 58.21 -79.78
CA ARG IA 2 -90.49 58.55 -80.43
C ARG IA 2 -89.55 59.37 -79.56
N ILE IA 3 -90.02 60.47 -78.99
CA ILE IA 3 -89.13 61.49 -78.40
C ILE IA 3 -89.38 61.63 -76.91
N GLN IA 4 -90.62 61.96 -76.55
CA GLN IA 4 -90.95 62.36 -75.18
C GLN IA 4 -90.62 61.28 -74.16
N HIS IA 5 -90.56 60.01 -74.56
CA HIS IA 5 -90.27 58.91 -73.65
C HIS IA 5 -89.36 57.91 -74.35
N ASN IA 6 -88.36 57.42 -73.62
CA ASN IA 6 -87.36 56.48 -74.14
C ASN IA 6 -87.29 55.29 -73.18
N ILE IA 7 -88.07 54.25 -73.47
CA ILE IA 7 -88.33 53.22 -72.46
C ILE IA 7 -87.13 52.30 -72.28
N ALA IA 8 -86.33 52.09 -73.35
CA ALA IA 8 -85.13 51.27 -73.24
C ALA IA 8 -84.18 51.83 -72.20
N ALA IA 9 -84.01 53.15 -72.19
CA ALA IA 9 -83.13 53.79 -71.22
C ALA IA 9 -83.66 53.62 -69.81
N LEU IA 10 -84.98 53.67 -69.63
CA LEU IA 10 -85.57 53.43 -68.31
C LEU IA 10 -85.25 52.02 -67.81
N ASN IA 11 -85.46 51.02 -68.67
CA ASN IA 11 -85.15 49.63 -68.29
C ASN IA 11 -83.67 49.48 -67.95
N THR IA 12 -82.81 50.08 -68.76
CA THR IA 12 -81.38 50.01 -68.50
C THR IA 12 -81.02 50.67 -67.16
N HIS IA 13 -81.67 51.79 -66.85
CA HIS IA 13 -81.43 52.46 -65.58
C HIS IA 13 -81.85 51.59 -64.41
N ARG IA 14 -83.01 50.95 -64.51
CA ARG IA 14 -83.46 50.01 -63.49
C ARG IA 14 -82.43 48.93 -63.24
N ASN IA 15 -81.99 48.26 -64.31
CA ASN IA 15 -81.04 47.16 -64.16
C ASN IA 15 -79.71 47.66 -63.58
N LEU IA 16 -79.28 48.84 -64.01
CA LEU IA 16 -78.05 49.42 -63.49
C LEU IA 16 -78.14 49.67 -61.99
N ALA IA 17 -79.26 50.24 -61.54
CA ALA IA 17 -79.47 50.47 -60.11
C ALA IA 17 -79.45 49.17 -59.33
N ALA IA 18 -80.11 48.13 -59.86
CA ALA IA 18 -80.12 46.84 -59.19
C ALA IA 18 -78.70 46.27 -59.05
N ASN IA 19 -77.92 46.33 -60.13
CA ASN IA 19 -76.55 45.80 -60.09
C ASN IA 19 -75.70 46.57 -59.09
N ASN IA 20 -75.85 47.90 -59.06
CA ASN IA 20 -75.10 48.70 -58.09
C ASN IA 20 -75.47 48.32 -56.66
N ALA IA 21 -76.76 48.11 -56.40
CA ALA IA 21 -77.19 47.71 -55.05
C ALA IA 21 -76.59 46.37 -54.66
N ALA IA 22 -76.60 45.40 -55.58
CA ALA IA 22 -76.03 44.09 -55.27
C ALA IA 22 -74.55 44.18 -54.99
N ALA IA 23 -73.83 44.96 -55.79
CA ALA IA 23 -72.39 45.15 -55.56
C ALA IA 23 -72.13 45.79 -54.21
N SER IA 24 -72.97 46.76 -53.81
CA SER IA 24 -72.81 47.39 -52.51
C SER IA 24 -73.03 46.39 -51.38
N LYS IA 25 -74.04 45.53 -51.51
CA LYS IA 25 -74.26 44.48 -50.52
C LYS IA 25 -73.05 43.57 -50.40
N ASN IA 26 -72.46 43.19 -51.54
CA ASN IA 26 -71.28 42.33 -51.51
C ASN IA 26 -70.11 43.03 -50.85
N LEU IA 27 -69.94 44.34 -51.11
CA LEU IA 27 -68.88 45.10 -50.45
C LEU IA 27 -69.08 45.10 -48.94
N GLU IA 28 -70.32 45.29 -48.50
CA GLU IA 28 -70.63 45.24 -47.07
C GLU IA 28 -70.22 43.89 -46.47
N LYS IA 29 -70.61 42.81 -47.14
CA LYS IA 29 -70.29 41.47 -46.62
C LYS IA 29 -68.79 41.21 -46.60
N LEU IA 30 -68.06 41.78 -47.55
CA LEU IA 30 -66.61 41.54 -47.61
C LEU IA 30 -65.86 42.38 -46.57
N SER IA 31 -66.26 43.63 -46.39
CA SER IA 31 -65.60 44.48 -45.40
C SER IA 31 -65.92 44.02 -43.99
N SER IA 32 -67.18 43.66 -43.73
CA SER IA 32 -67.57 43.26 -42.38
C SER IA 32 -66.95 41.92 -42.00
N GLY IA 33 -66.80 41.02 -42.96
CA GLY IA 33 -66.38 39.67 -42.67
C GLY IA 33 -67.48 38.75 -42.20
N PHE IA 34 -68.72 39.23 -42.10
CA PHE IA 34 -69.86 38.43 -41.68
C PHE IA 34 -70.88 38.38 -42.80
N LYS IA 35 -71.54 37.23 -42.93
CA LYS IA 35 -72.56 37.02 -43.95
C LYS IA 35 -73.91 37.59 -43.56
N ILE IA 36 -74.15 37.81 -42.26
CA ILE IA 36 -75.43 38.27 -41.74
C ILE IA 36 -75.15 39.50 -40.91
N ASN IA 37 -75.35 40.68 -41.51
CA ASN IA 37 -75.22 41.96 -40.80
C ASN IA 37 -76.57 42.55 -40.41
N ARG IA 38 -77.65 42.11 -41.04
CA ARG IA 38 -79.01 42.54 -40.73
C ARG IA 38 -79.89 41.31 -40.62
N ALA IA 39 -81.08 41.50 -40.06
CA ALA IA 39 -82.04 40.40 -39.98
C ALA IA 39 -82.70 40.13 -41.32
N GLY IA 40 -82.74 41.12 -42.21
CA GLY IA 40 -83.23 40.87 -43.56
C GLY IA 40 -82.37 39.90 -44.33
N ASP IA 41 -81.07 39.83 -43.99
CA ASP IA 41 -80.19 38.85 -44.63
C ASP IA 41 -80.69 37.43 -44.34
N ASP IA 42 -80.93 37.12 -43.08
CA ASP IA 42 -81.36 35.78 -42.69
C ASP IA 42 -81.92 35.85 -41.28
N ALA IA 43 -83.21 35.55 -41.13
CA ALA IA 43 -83.85 35.62 -39.82
C ALA IA 43 -83.50 34.42 -38.95
N ALA IA 44 -83.73 33.21 -39.46
CA ALA IA 44 -83.35 31.98 -38.77
C ALA IA 44 -81.87 31.70 -39.01
N GLY IA 45 -81.05 32.03 -38.03
CA GLY IA 45 -79.61 32.00 -38.17
C GLY IA 45 -79.00 33.17 -37.44
N LEU IA 46 -79.66 34.32 -37.46
CA LEU IA 46 -79.29 35.40 -36.56
C LEU IA 46 -79.51 34.98 -35.10
N ALA IA 47 -80.71 34.49 -34.79
CA ALA IA 47 -81.02 34.00 -33.46
C ALA IA 47 -80.07 32.87 -33.05
N ILE IA 48 -79.83 31.93 -33.97
CA ILE IA 48 -78.95 30.80 -33.67
C ILE IA 48 -77.54 31.28 -33.39
N SER IA 49 -77.06 32.27 -34.17
CA SER IA 49 -75.73 32.83 -33.96
C SER IA 49 -75.64 33.51 -32.60
N GLU IA 50 -76.68 34.25 -32.21
CA GLU IA 50 -76.63 34.94 -30.93
C GLU IA 50 -76.63 33.96 -29.77
N LYS IA 51 -77.49 32.94 -29.83
CA LYS IA 51 -77.49 31.90 -28.79
C LYS IA 51 -76.16 31.19 -28.72
N MET IA 52 -75.56 30.89 -29.88
CA MET IA 52 -74.29 30.18 -29.89
C MET IA 52 -73.17 31.05 -29.34
N ARG IA 53 -73.21 32.35 -29.63
CA ARG IA 53 -72.23 33.28 -29.05
C ARG IA 53 -72.36 33.32 -27.53
N GLY IA 54 -73.60 33.38 -27.03
CA GLY IA 54 -73.81 33.33 -25.59
C GLY IA 54 -73.26 32.07 -24.98
N GLN IA 55 -73.51 30.93 -25.61
CA GLN IA 55 -73.01 29.66 -25.10
C GLN IA 55 -71.49 29.60 -25.13
N ILE IA 56 -70.87 30.15 -26.18
CA ILE IA 56 -69.41 30.14 -26.29
C ILE IA 56 -68.80 30.96 -25.16
N SER IA 57 -69.32 32.18 -24.96
CA SER IA 57 -68.82 33.03 -23.89
C SER IA 57 -69.01 32.36 -22.53
N GLY IA 58 -70.18 31.76 -22.31
CA GLY IA 58 -70.41 31.07 -21.05
C GLY IA 58 -69.49 29.90 -20.83
N LEU IA 59 -69.20 29.14 -21.88
CA LEU IA 59 -68.32 27.98 -21.76
C LEU IA 59 -66.90 28.40 -21.46
N ASN IA 60 -66.41 29.44 -22.13
CA ASN IA 60 -65.06 29.92 -21.85
C ASN IA 60 -64.95 30.46 -20.43
N MET IA 61 -65.95 31.23 -19.99
CA MET IA 61 -65.94 31.75 -18.63
C MET IA 61 -66.04 30.62 -17.61
N ALA IA 62 -66.77 29.55 -17.94
CA ALA IA 62 -66.86 28.41 -17.05
C ALA IA 62 -65.53 27.67 -16.96
N SER IA 63 -64.80 27.58 -18.08
CA SER IA 63 -63.44 27.04 -18.04
C SER IA 63 -62.56 27.85 -17.10
N LYS IA 64 -62.63 29.17 -17.22
CA LYS IA 64 -61.88 30.06 -16.33
C LYS IA 64 -62.24 29.81 -14.86
N ASN IA 65 -63.54 29.71 -14.57
CA ASN IA 65 -64.00 29.48 -13.21
C ASN IA 65 -63.53 28.14 -12.67
N SER IA 66 -63.54 27.10 -13.53
CA SER IA 66 -63.08 25.79 -13.11
C SER IA 66 -61.59 25.82 -12.76
N SER IA 67 -60.80 26.54 -13.55
CA SER IA 67 -59.39 26.69 -13.23
C SER IA 67 -59.19 27.42 -11.90
N ASP IA 68 -60.01 28.45 -11.66
CA ASP IA 68 -59.94 29.15 -10.38
C ASP IA 68 -60.23 28.21 -9.21
N ALA IA 69 -61.25 27.37 -9.36
CA ALA IA 69 -61.59 26.39 -8.33
C ALA IA 69 -60.44 25.42 -8.11
N ILE IA 70 -59.77 25.00 -9.18
CA ILE IA 70 -58.62 24.11 -9.06
C ILE IA 70 -57.52 24.79 -8.24
N SER IA 71 -57.31 26.09 -8.47
CA SER IA 71 -56.29 26.82 -7.72
C SER IA 71 -56.64 26.85 -6.22
N LEU IA 72 -57.90 27.14 -5.91
CA LEU IA 72 -58.36 27.12 -4.52
C LEU IA 72 -58.11 25.77 -3.87
N ILE IA 73 -58.50 24.69 -4.56
CA ILE IA 73 -58.35 23.35 -3.99
C ILE IA 73 -56.86 23.02 -3.77
N GLN IA 74 -56.01 23.41 -4.71
CA GLN IA 74 -54.58 23.20 -4.55
C GLN IA 74 -54.06 23.94 -3.32
N THR IA 75 -54.59 25.13 -3.06
CA THR IA 75 -54.20 25.87 -1.86
C THR IA 75 -54.53 25.07 -0.60
N ALA IA 76 -55.76 24.55 -0.54
CA ALA IA 76 -56.17 23.80 0.65
C ALA IA 76 -55.34 22.53 0.83
N GLU IA 77 -55.08 21.80 -0.25
CA GLU IA 77 -54.28 20.58 -0.15
C GLU IA 77 -52.86 20.90 0.32
N GLY IA 78 -52.26 21.96 -0.22
CA GLY IA 78 -50.95 22.36 0.25
C GLY IA 78 -50.95 22.75 1.72
N GLY IA 79 -52.05 23.34 2.18
CA GLY IA 79 -52.18 23.61 3.61
C GLY IA 79 -52.18 22.33 4.44
N LEU IA 80 -52.87 21.29 3.96
CA LEU IA 80 -52.99 20.06 4.74
C LEU IA 80 -51.76 19.16 4.68
N ASN IA 81 -50.89 19.35 3.69
CA ASN IA 81 -49.65 18.58 3.64
C ASN IA 81 -48.79 18.82 4.90
N GLU IA 82 -48.69 20.07 5.34
CA GLU IA 82 -47.91 20.36 6.52
C GLU IA 82 -48.59 19.85 7.79
N THR IA 83 -49.92 19.80 7.79
CA THR IA 83 -50.65 19.12 8.86
C THR IA 83 -50.22 17.67 8.97
N HIS IA 84 -50.18 16.96 7.84
CA HIS IA 84 -49.65 15.59 7.82
C HIS IA 84 -48.27 15.52 8.44
N ALA IA 85 -47.37 16.40 7.99
CA ALA IA 85 -45.98 16.36 8.44
C ALA IA 85 -45.86 16.53 9.95
N ILE IA 86 -46.48 17.58 10.48
CA ILE IA 86 -46.33 17.85 11.91
C ILE IA 86 -47.08 16.82 12.74
N LEU IA 87 -48.14 16.21 12.18
CA LEU IA 87 -48.79 15.10 12.89
C LEU IA 87 -47.85 13.90 13.00
N GLN IA 88 -47.12 13.60 11.94
CA GLN IA 88 -46.11 12.54 12.00
C GLN IA 88 -45.07 12.85 13.08
N ARG IA 89 -44.60 14.10 13.11
CA ARG IA 89 -43.62 14.49 14.12
C ARG IA 89 -44.18 14.34 15.53
N MET IA 90 -45.44 14.73 15.74
CA MET IA 90 -46.09 14.61 17.04
C MET IA 90 -46.23 13.16 17.46
N ARG IA 91 -46.57 12.27 16.53
CA ARG IA 91 -46.64 10.85 16.85
C ARG IA 91 -45.27 10.31 17.26
N GLU IA 92 -44.23 10.71 16.55
CA GLU IA 92 -42.87 10.31 16.92
C GLU IA 92 -42.53 10.77 18.32
N LEU IA 93 -42.86 12.03 18.64
CA LEU IA 93 -42.63 12.59 19.97
C LEU IA 93 -43.38 11.81 21.04
N ALA IA 94 -44.63 11.45 20.77
CA ALA IA 94 -45.40 10.68 21.76
C ALA IA 94 -44.82 9.30 21.97
N VAL IA 95 -44.42 8.61 20.90
CA VAL IA 95 -43.83 7.29 21.04
C VAL IA 95 -42.54 7.36 21.84
N GLN IA 96 -41.77 8.44 21.66
CA GLN IA 96 -40.56 8.60 22.47
C GLN IA 96 -40.88 8.94 23.92
N SER IA 97 -41.85 9.82 24.15
CA SER IA 97 -42.27 10.18 25.49
C SER IA 97 -42.83 9.01 26.28
N ARG IA 98 -43.38 8.02 25.60
CA ARG IA 98 -44.12 6.92 26.20
C ARG IA 98 -43.23 5.98 27.01
N ASN IA 99 -41.93 5.97 26.73
CA ASN IA 99 -41.00 5.06 27.41
C ASN IA 99 -40.66 5.57 28.80
N ASP IA 100 -40.31 4.64 29.69
CA ASP IA 100 -40.04 4.94 31.09
C ASP IA 100 -38.59 5.31 31.37
N THR IA 101 -37.76 5.39 30.33
CA THR IA 101 -36.43 5.98 30.50
C THR IA 101 -36.51 7.45 30.86
N ASN IA 102 -37.59 8.13 30.47
CA ASN IA 102 -37.72 9.56 30.66
C ASN IA 102 -38.29 9.85 32.05
N ASP IA 103 -37.76 10.89 32.68
CA ASP IA 103 -38.14 11.28 34.04
C ASP IA 103 -38.97 12.56 34.02
N GLU IA 104 -40.08 12.54 34.77
CA GLU IA 104 -40.82 13.76 35.03
C GLU IA 104 -40.07 14.70 35.96
N ALA IA 105 -39.20 14.17 36.82
CA ALA IA 105 -38.49 15.00 37.79
C ALA IA 105 -37.52 15.95 37.10
N THR IA 106 -36.62 15.41 36.29
CA THR IA 106 -35.62 16.21 35.60
C THR IA 106 -36.08 16.68 34.22
N ASN IA 107 -37.38 16.81 34.01
CA ASN IA 107 -37.95 17.60 32.92
C ASN IA 107 -37.65 16.99 31.55
N ASP IA 108 -37.66 15.65 31.46
CA ASP IA 108 -37.43 14.98 30.19
C ASP IA 108 -38.66 15.08 29.29
N ARG IA 109 -39.84 14.82 29.86
CA ARG IA 109 -41.08 14.85 29.08
C ARG IA 109 -41.64 16.25 28.89
N SER IA 110 -41.34 17.19 29.78
CA SER IA 110 -41.85 18.55 29.62
C SER IA 110 -41.25 19.25 28.42
N ASN IA 111 -40.04 18.86 28.00
CA ASN IA 111 -39.48 19.41 26.77
C ASN IA 111 -40.19 18.86 25.53
N LEU IA 112 -40.53 17.57 25.54
CA LEU IA 112 -41.31 17.03 24.44
C LEU IA 112 -42.71 17.64 24.44
N ASN IA 113 -43.22 18.00 25.62
CA ASN IA 113 -44.50 18.69 25.70
C ASN IA 113 -44.40 20.13 25.19
N ASP IA 114 -43.28 20.81 25.44
CA ASP IA 114 -43.00 22.10 24.80
C ASP IA 114 -43.10 21.97 23.29
N GLU IA 115 -42.39 21.00 22.73
CA GLU IA 115 -42.42 20.73 21.30
C GLU IA 115 -43.84 20.47 20.81
N LEU IA 116 -44.57 19.62 21.55
CA LEU IA 116 -45.93 19.25 21.17
C LEU IA 116 -46.87 20.45 21.19
N LYS IA 117 -46.77 21.29 22.23
CA LYS IA 117 -47.61 22.48 22.30
C LYS IA 117 -47.33 23.44 21.16
N GLN IA 118 -46.05 23.62 20.79
CA GLN IA 118 -45.76 24.48 19.66
C GLN IA 118 -46.33 23.91 18.36
N LEU IA 119 -46.25 22.58 18.19
CA LEU IA 119 -46.82 21.99 16.98
C LEU IA 119 -48.35 22.07 16.97
N GLN IA 120 -48.98 22.06 18.15
CA GLN IA 120 -50.43 22.24 18.21
C GLN IA 120 -50.82 23.69 17.88
N GLU IA 121 -50.02 24.66 18.33
CA GLU IA 121 -50.28 26.02 17.91
C GLU IA 121 -50.11 26.17 16.41
N GLU IA 122 -49.17 25.44 15.82
CA GLU IA 122 -48.97 25.52 14.37
C GLU IA 122 -50.12 24.86 13.60
N ILE IA 123 -50.61 23.70 14.08
CA ILE IA 123 -51.73 23.04 13.40
C ILE IA 123 -52.98 23.91 13.47
N THR IA 124 -53.17 24.67 14.55
CA THR IA 124 -54.30 25.61 14.59
C THR IA 124 -54.04 26.82 13.69
N ARG IA 125 -52.79 27.29 13.65
CA ARG IA 125 -52.45 28.47 12.85
C ARG IA 125 -52.69 28.21 11.37
N ILE IA 126 -52.28 27.04 10.87
CA ILE IA 126 -52.49 26.72 9.46
C ILE IA 126 -53.99 26.70 9.16
N SER IA 127 -54.79 26.21 10.10
CA SER IA 127 -56.23 26.18 9.90
C SER IA 127 -56.79 27.58 9.73
N SER IA 128 -56.61 28.45 10.72
CA SER IA 128 -57.27 29.75 10.72
C SER IA 128 -56.36 30.89 10.25
N GLN IA 129 -55.39 30.62 9.39
CA GLN IA 129 -54.66 31.66 8.68
C GLN IA 129 -54.44 31.28 7.21
N MET IA 130 -55.28 30.39 6.68
CA MET IA 130 -55.25 30.00 5.28
C MET IA 130 -56.35 30.75 4.53
N GLU IA 131 -56.04 31.29 3.36
CA GLU IA 131 -57.06 32.06 2.64
C GLU IA 131 -56.74 32.10 1.15
N PHE IA 132 -57.79 32.23 0.36
CA PHE IA 132 -57.73 32.40 -1.09
C PHE IA 132 -58.67 33.54 -1.43
N ASN IA 133 -58.10 34.69 -1.81
CA ASN IA 133 -58.88 35.87 -2.18
C ASN IA 133 -59.69 36.38 -0.99
N ASN IA 134 -59.05 36.39 0.19
CA ASN IA 134 -59.69 36.85 1.42
C ASN IA 134 -60.88 35.96 1.79
N LYS IA 135 -60.63 34.65 1.86
CA LYS IA 135 -61.68 33.68 2.12
C LYS IA 135 -61.09 32.57 2.98
N LYS IA 136 -61.46 32.55 4.26
CA LYS IA 136 -60.98 31.51 5.16
C LYS IA 136 -61.60 30.18 4.77
N LEU IA 137 -60.75 29.15 4.58
CA LEU IA 137 -61.15 27.86 4.06
C LEU IA 137 -61.29 26.79 5.14
N LEU IA 138 -60.27 26.62 5.98
CA LEU IA 138 -60.17 25.50 6.92
C LEU IA 138 -60.59 25.87 8.33
N ASP IA 139 -61.65 26.67 8.46
CA ASP IA 139 -62.12 27.16 9.76
C ASP IA 139 -63.49 26.60 10.10
N GLY IA 140 -64.25 26.23 9.09
CA GLY IA 140 -65.67 25.96 9.21
C GLY IA 140 -66.58 26.98 8.54
N SER IA 141 -66.02 27.94 7.78
CA SER IA 141 -66.86 28.89 7.08
C SER IA 141 -67.68 28.22 5.99
N GLN IA 142 -67.06 27.31 5.24
CA GLN IA 142 -67.71 26.63 4.13
C GLN IA 142 -68.42 25.35 4.56
N SER IA 143 -68.23 24.91 5.81
CA SER IA 143 -68.88 23.68 6.28
C SER IA 143 -70.37 23.88 6.54
N THR IA 144 -70.86 25.13 6.52
CA THR IA 144 -72.27 25.38 6.80
C THR IA 144 -73.12 25.28 5.54
N ASN IA 145 -72.72 25.96 4.48
CA ASN IA 145 -73.46 25.98 3.21
C ASN IA 145 -72.64 25.42 2.05
N GLY IA 146 -71.41 25.88 1.88
CA GLY IA 146 -70.50 25.32 0.89
C GLY IA 146 -70.20 26.29 -0.23
N LEU IA 147 -69.09 26.04 -0.90
CA LEU IA 147 -68.66 26.84 -2.05
C LEU IA 147 -69.29 26.27 -3.32
N THR IA 148 -69.88 27.14 -4.12
CA THR IA 148 -70.58 26.77 -5.35
C THR IA 148 -69.81 27.29 -6.55
N PHE IA 149 -69.42 26.38 -7.44
CA PHE IA 149 -68.70 26.71 -8.66
C PHE IA 149 -69.62 26.56 -9.86
N GLN IA 150 -69.69 27.62 -10.67
CA GLN IA 150 -70.42 27.61 -11.93
C GLN IA 150 -69.51 27.04 -13.00
N ILE IA 151 -69.81 25.82 -13.45
CA ILE IA 151 -68.98 25.11 -14.41
C ILE IA 151 -69.78 24.89 -15.69
N GLY IA 152 -70.67 25.83 -16.01
CA GLY IA 152 -71.48 25.73 -17.19
C GLY IA 152 -72.03 27.08 -17.59
N ALA IA 153 -72.38 27.18 -18.88
CA ALA IA 153 -72.87 28.44 -19.41
C ALA IA 153 -74.23 28.82 -18.81
N ASN IA 154 -75.12 27.85 -18.68
CA ASN IA 154 -76.50 28.11 -18.27
C ASN IA 154 -76.64 28.07 -16.75
N ALA IA 155 -77.83 28.43 -16.29
CA ALA IA 155 -78.14 28.45 -14.87
C ALA IA 155 -78.40 27.03 -14.36
N GLY IA 156 -77.95 26.78 -13.13
CA GLY IA 156 -78.09 25.48 -12.51
C GLY IA 156 -76.94 24.51 -12.79
N GLN IA 157 -76.06 24.83 -13.73
CA GLN IA 157 -74.93 23.97 -14.07
C GLN IA 157 -73.79 24.26 -13.09
N THR IA 158 -74.01 23.85 -11.85
CA THR IA 158 -73.14 24.18 -10.74
C THR IA 158 -72.68 22.91 -10.03
N ILE IA 159 -71.67 23.07 -9.17
CA ILE IA 159 -71.28 22.03 -8.23
C ILE IA 159 -71.04 22.66 -6.87
N THR IA 160 -71.55 22.04 -5.83
CA THR IA 160 -71.35 22.48 -4.45
C THR IA 160 -70.24 21.66 -3.81
N MET IA 161 -69.55 22.29 -2.87
CA MET IA 161 -68.41 21.70 -2.19
C MET IA 161 -68.42 22.16 -0.73
N LYS IA 162 -67.84 21.34 0.12
CA LYS IA 162 -67.79 21.63 1.55
C LYS IA 162 -66.44 21.20 2.11
N ILE IA 163 -65.91 21.99 3.04
CA ILE IA 163 -64.66 21.71 3.72
C ILE IA 163 -64.91 21.82 5.21
N SER IA 164 -64.45 20.83 5.96
CA SER IA 164 -64.71 20.73 7.38
C SER IA 164 -63.67 21.53 8.18
N THR IA 165 -64.00 21.78 9.44
CA THR IA 165 -63.05 22.39 10.35
C THR IA 165 -61.91 21.41 10.64
N MET IA 166 -60.68 21.88 10.47
CA MET IA 166 -59.46 21.08 10.61
C MET IA 166 -58.55 21.67 11.68
N SER IA 167 -59.14 22.11 12.80
CA SER IA 167 -58.39 22.56 13.95
C SER IA 167 -58.09 21.41 14.90
N ALA IA 168 -57.29 21.70 15.93
CA ALA IA 168 -56.92 20.68 16.89
C ALA IA 168 -58.09 20.25 17.77
N THR IA 169 -59.01 21.18 18.07
CA THR IA 169 -60.16 20.85 18.90
C THR IA 169 -61.08 19.85 18.20
N LYS IA 170 -61.31 20.02 16.90
CA LYS IA 170 -62.22 19.15 16.18
C LYS IA 170 -61.69 17.73 16.08
N LEU IA 171 -60.37 17.59 15.98
CA LEU IA 171 -59.73 16.29 15.78
C LEU IA 171 -59.30 15.62 17.07
N GLY IA 172 -59.64 16.17 18.23
CA GLY IA 172 -59.35 15.52 19.50
C GLY IA 172 -57.87 15.37 19.77
N VAL IA 173 -57.06 16.34 19.34
CA VAL IA 173 -55.62 16.33 19.55
C VAL IA 173 -55.12 17.59 20.25
N ASP IA 174 -55.99 18.54 20.55
CA ASP IA 174 -55.63 19.71 21.33
C ASP IA 174 -55.06 19.31 22.69
N ALA IA 175 -54.37 20.26 23.33
CA ALA IA 175 -53.64 19.98 24.56
C ALA IA 175 -54.53 19.56 25.71
N ALA IA 176 -55.82 19.88 25.66
CA ALA IA 176 -56.74 19.45 26.71
C ALA IA 176 -56.99 17.95 26.71
N LYS IA 177 -56.64 17.24 25.63
CA LYS IA 177 -56.88 15.80 25.54
C LYS IA 177 -55.72 15.04 24.93
N ALA IA 178 -54.55 15.67 24.69
CA ALA IA 178 -53.42 15.01 24.05
C ALA IA 178 -52.10 15.40 24.66
N SER IA 179 -52.07 15.69 25.96
CA SER IA 179 -50.79 15.95 26.61
C SER IA 179 -49.94 14.70 26.63
N ILE IA 180 -48.63 14.89 26.74
CA ILE IA 180 -47.68 13.80 26.93
C ILE IA 180 -46.84 14.08 28.17
N SER IA 181 -47.43 14.78 29.15
CA SER IA 181 -46.80 14.94 30.45
C SER IA 181 -46.50 13.59 31.09
N LYS IA 182 -47.47 12.68 31.06
CA LYS IA 182 -47.36 11.39 31.73
C LYS IA 182 -46.93 10.33 30.71
N GLY IA 183 -46.82 9.09 31.19
CA GLY IA 183 -46.67 7.95 30.31
C GLY IA 183 -48.02 7.46 29.82
N THR IA 184 -49.04 7.58 30.68
CA THR IA 184 -50.38 7.12 30.29
C THR IA 184 -50.98 7.99 29.19
N ALA IA 185 -50.79 9.31 29.27
CA ALA IA 185 -51.40 10.21 28.31
C ALA IA 185 -50.83 10.02 26.91
N ALA IA 186 -49.56 9.64 26.80
CA ALA IA 186 -48.98 9.36 25.49
C ALA IA 186 -49.64 8.16 24.82
N SER IA 187 -50.08 7.18 25.60
CA SER IA 187 -50.81 6.05 25.06
C SER IA 187 -52.05 6.50 24.29
N LYS IA 188 -52.86 7.36 24.91
CA LYS IA 188 -54.04 7.88 24.23
C LYS IA 188 -53.64 8.83 23.11
N ALA IA 189 -52.53 9.57 23.28
CA ALA IA 189 -52.12 10.54 22.28
C ALA IA 189 -51.75 9.87 20.97
N ILE IA 190 -51.15 8.69 21.04
CA ILE IA 190 -50.77 7.97 19.82
C ILE IA 190 -52.01 7.64 19.00
N LYS IA 191 -53.02 7.05 19.64
CA LYS IA 191 -54.26 6.70 18.95
C LYS IA 191 -54.98 7.94 18.45
N SER IA 192 -54.97 9.01 19.25
CA SER IA 192 -55.60 10.26 18.87
C SER IA 192 -54.94 10.83 17.61
N ILE IA 193 -53.62 10.77 17.55
CA ILE IA 193 -52.88 11.28 16.40
C ILE IA 193 -53.14 10.43 15.17
N ASP IA 194 -53.23 9.10 15.34
CA ASP IA 194 -53.57 8.23 14.22
C ASP IA 194 -54.95 8.57 13.65
N ASP IA 195 -55.94 8.75 14.53
CA ASP IA 195 -57.28 9.12 14.08
C ASP IA 195 -57.25 10.44 13.32
N ALA IA 196 -56.49 11.42 13.82
CA ALA IA 196 -56.39 12.70 13.15
C ALA IA 196 -55.75 12.58 11.76
N ILE IA 197 -54.68 11.78 11.66
CA ILE IA 197 -54.04 11.56 10.36
C ILE IA 197 -55.01 10.95 9.37
N ASN IA 198 -55.78 9.95 9.81
CA ASN IA 198 -56.75 9.31 8.91
C ASN IA 198 -57.81 10.31 8.47
N THR IA 199 -58.30 11.13 9.40
CA THR IA 199 -59.33 12.10 9.06
C THR IA 199 -58.83 13.12 8.03
N VAL IA 200 -57.62 13.62 8.23
CA VAL IA 200 -57.13 14.65 7.29
C VAL IA 200 -56.78 14.02 5.94
N SER IA 201 -56.37 12.75 5.93
CA SER IA 201 -56.22 12.02 4.66
C SER IA 201 -57.55 11.92 3.94
N LYS IA 202 -58.62 11.61 4.67
CA LYS IA 202 -59.96 11.54 4.07
C LYS IA 202 -60.34 12.87 3.45
N THR IA 203 -60.11 13.98 4.16
CA THR IA 203 -60.44 15.29 3.63
C THR IA 203 -59.63 15.62 2.37
N ARG IA 204 -58.34 15.29 2.38
CA ARG IA 204 -57.51 15.51 1.20
C ARG IA 204 -58.01 14.72 0.01
N SER IA 205 -58.41 13.47 0.23
CA SER IA 205 -59.00 12.67 -0.83
C SER IA 205 -60.26 13.34 -1.39
N ALA IA 206 -61.11 13.85 -0.50
CA ALA IA 206 -62.34 14.50 -0.93
C ALA IA 206 -62.04 15.72 -1.81
N LEU IA 207 -60.97 16.45 -1.49
CA LEU IA 207 -60.60 17.60 -2.33
C LEU IA 207 -60.06 17.15 -3.69
N GLY IA 208 -59.15 16.16 -3.68
CA GLY IA 208 -58.54 15.71 -4.91
C GLY IA 208 -59.53 15.14 -5.90
N ALA IA 209 -60.59 14.49 -5.39
CA ALA IA 209 -61.63 13.98 -6.28
C ALA IA 209 -62.27 15.11 -7.08
N VAL IA 210 -62.60 16.21 -6.41
CA VAL IA 210 -63.24 17.33 -7.10
C VAL IA 210 -62.26 17.96 -8.09
N GLN IA 211 -60.97 18.01 -7.73
CA GLN IA 211 -59.98 18.50 -8.68
C GLN IA 211 -59.96 17.68 -9.95
N ASN IA 212 -59.89 16.35 -9.80
CA ASN IA 212 -59.85 15.46 -10.96
C ASN IA 212 -61.13 15.58 -11.80
N ARG IA 213 -62.26 15.78 -11.14
CA ARG IA 213 -63.51 16.02 -11.87
C ARG IA 213 -63.43 17.29 -12.69
N LEU IA 214 -62.92 18.37 -12.09
CA LEU IA 214 -62.88 19.65 -12.79
C LEU IA 214 -61.97 19.61 -13.99
N GLU IA 215 -60.92 18.78 -13.95
CA GLU IA 215 -60.06 18.63 -15.12
C GLU IA 215 -60.84 18.11 -16.34
N HIS IA 216 -61.56 16.99 -16.14
CA HIS IA 216 -62.41 16.45 -17.20
C HIS IA 216 -63.45 17.46 -17.66
N THR IA 217 -64.03 18.20 -16.71
CA THR IA 217 -64.99 19.25 -17.05
C THR IA 217 -64.37 20.29 -17.97
N ILE IA 218 -63.14 20.70 -17.69
CA ILE IA 218 -62.47 21.69 -18.52
C ILE IA 218 -62.25 21.15 -19.92
N ASN IA 219 -61.83 19.90 -20.03
CA ASN IA 219 -61.63 19.29 -21.35
C ASN IA 219 -62.93 19.30 -22.16
N ASN IA 220 -64.02 18.87 -21.53
CA ASN IA 220 -65.31 18.83 -22.21
C ASN IA 220 -65.76 20.23 -22.62
N LEU IA 221 -65.55 21.22 -21.76
CA LEU IA 221 -65.92 22.59 -22.09
C LEU IA 221 -65.14 23.11 -23.29
N GLY IA 222 -63.84 22.83 -23.33
CA GLY IA 222 -63.04 23.25 -24.48
C GLY IA 222 -63.52 22.63 -25.77
N THR IA 223 -63.78 21.32 -25.75
CA THR IA 223 -64.27 20.64 -26.94
C THR IA 223 -65.59 21.23 -27.42
N SER IA 224 -66.53 21.42 -26.48
CA SER IA 224 -67.84 21.96 -26.86
C SER IA 224 -67.72 23.38 -27.40
N ALA IA 225 -66.85 24.19 -26.80
CA ALA IA 225 -66.66 25.56 -27.27
C ALA IA 225 -66.11 25.58 -28.69
N GLU IA 226 -65.12 24.73 -28.97
CA GLU IA 226 -64.58 24.67 -30.33
C GLU IA 226 -65.64 24.24 -31.34
N ASN IA 227 -66.42 23.22 -30.99
CA ASN IA 227 -67.44 22.74 -31.93
C ASN IA 227 -68.50 23.82 -32.20
N LEU IA 228 -68.99 24.47 -31.14
CA LEU IA 228 -69.98 25.52 -31.34
C LEU IA 228 -69.39 26.72 -32.07
N THR IA 229 -68.10 27.01 -31.86
CA THR IA 229 -67.46 28.08 -32.62
C THR IA 229 -67.44 27.75 -34.10
N ALA IA 230 -67.10 26.50 -34.44
CA ALA IA 230 -67.14 26.07 -35.83
C ALA IA 230 -68.54 26.23 -36.42
N ALA IA 231 -69.56 25.80 -35.67
CA ALA IA 231 -70.93 25.91 -36.14
C ALA IA 231 -71.33 27.37 -36.38
N GLU IA 232 -71.02 28.24 -35.41
CA GLU IA 232 -71.38 29.65 -35.55
C GLU IA 232 -70.63 30.29 -36.71
N SER IA 233 -69.37 29.92 -36.91
CA SER IA 233 -68.61 30.44 -38.04
C SER IA 233 -69.27 30.03 -39.35
N ARG IA 234 -69.64 28.75 -39.48
CA ARG IA 234 -70.27 28.29 -40.71
C ARG IA 234 -71.62 28.95 -40.93
N ILE IA 235 -72.33 29.29 -39.86
CA ILE IA 235 -73.64 29.93 -40.01
C ILE IA 235 -73.47 31.37 -40.46
N ARG IA 236 -72.72 32.17 -39.69
CA ARG IA 236 -72.72 33.61 -39.83
C ARG IA 236 -71.59 34.16 -40.69
N ASP IA 237 -70.38 33.64 -40.56
CA ASP IA 237 -69.26 34.17 -41.34
C ASP IA 237 -69.43 33.85 -42.81
N THR IA 238 -68.78 34.64 -43.66
CA THR IA 238 -68.91 34.55 -45.10
C THR IA 238 -67.62 34.03 -45.73
N ASP IA 239 -67.77 33.31 -46.83
CA ASP IA 239 -66.63 32.86 -47.61
C ASP IA 239 -66.18 33.98 -48.54
N MET IA 240 -64.89 34.34 -48.45
CA MET IA 240 -64.38 35.48 -49.21
C MET IA 240 -64.45 35.23 -50.71
N ALA IA 241 -64.19 34.00 -51.13
CA ALA IA 241 -64.09 33.71 -52.56
C ALA IA 241 -65.43 33.89 -53.27
N ALA IA 242 -66.51 33.39 -52.68
CA ALA IA 242 -67.81 33.49 -53.31
C ALA IA 242 -68.27 34.95 -53.42
N GLU IA 243 -68.06 35.73 -52.36
CA GLU IA 243 -68.44 37.14 -52.41
C GLU IA 243 -67.57 37.91 -53.39
N MET IA 244 -66.29 37.56 -53.50
CA MET IA 244 -65.43 38.16 -54.51
C MET IA 244 -65.95 37.89 -55.92
N MET IA 245 -66.31 36.63 -56.17
CA MET IA 245 -66.91 36.25 -57.45
C MET IA 245 -68.14 37.10 -57.75
N ALA IA 246 -69.06 37.16 -56.78
CA ALA IA 246 -70.31 37.90 -56.98
C ALA IA 246 -70.04 39.38 -57.21
N PHE IA 247 -69.07 39.95 -56.48
CA PHE IA 247 -68.78 41.37 -56.61
C PHE IA 247 -68.19 41.68 -57.98
N THR IA 248 -67.26 40.85 -58.46
CA THR IA 248 -66.72 41.05 -59.80
C THR IA 248 -67.80 40.94 -60.86
N LYS IA 249 -68.67 39.92 -60.73
CA LYS IA 249 -69.78 39.75 -61.65
C LYS IA 249 -70.67 40.99 -61.69
N ASN IA 250 -71.04 41.50 -60.51
CA ASN IA 250 -71.93 42.65 -60.45
C ASN IA 250 -71.25 43.90 -61.01
N ASN IA 251 -69.95 44.06 -60.81
CA ASN IA 251 -69.25 45.19 -61.41
C ASN IA 251 -69.28 45.11 -62.93
N ILE IA 252 -69.02 43.92 -63.47
CA ILE IA 252 -69.04 43.76 -64.93
C ILE IA 252 -70.43 44.07 -65.48
N LEU IA 253 -71.48 43.62 -64.77
CA LEU IA 253 -72.84 43.91 -65.19
C LEU IA 253 -73.14 45.40 -65.13
N THR IA 254 -72.63 46.07 -64.09
CA THR IA 254 -72.82 47.52 -63.96
C THR IA 254 -72.19 48.25 -65.14
N GLN IA 255 -70.96 47.86 -65.51
CA GLN IA 255 -70.30 48.49 -66.65
C GLN IA 255 -71.07 48.25 -67.94
N ALA IA 256 -71.57 47.02 -68.13
CA ALA IA 256 -72.35 46.70 -69.32
C ALA IA 256 -73.60 47.57 -69.39
N ALA IA 257 -74.30 47.72 -68.27
CA ALA IA 257 -75.51 48.54 -68.25
C ALA IA 257 -75.18 50.00 -68.49
N GLN IA 258 -74.04 50.47 -67.99
CA GLN IA 258 -73.61 51.85 -68.24
C GLN IA 258 -73.43 52.09 -69.73
N SER IA 259 -72.69 51.20 -70.39
CA SER IA 259 -72.48 51.33 -71.84
C SER IA 259 -73.80 51.26 -72.60
N MET IA 260 -74.68 50.34 -72.19
CA MET IA 260 -75.97 50.21 -72.86
C MET IA 260 -76.80 51.48 -72.73
N LEU IA 261 -76.75 52.12 -71.56
CA LEU IA 261 -77.49 53.35 -71.36
C LEU IA 261 -76.90 54.49 -72.17
N ALA IA 262 -75.56 54.55 -72.25
CA ALA IA 262 -74.91 55.55 -73.09
C ALA IA 262 -75.34 55.40 -74.55
N GLN IA 263 -75.52 54.16 -75.00
CA GLN IA 263 -76.00 53.93 -76.36
C GLN IA 263 -77.47 54.33 -76.50
N ALA IA 264 -78.31 53.90 -75.55
CA ALA IA 264 -79.74 54.17 -75.63
C ALA IA 264 -80.05 55.65 -75.60
N ASN IA 265 -79.23 56.44 -74.91
CA ASN IA 265 -79.45 57.89 -74.92
C ASN IA 265 -79.16 58.49 -76.29
N GLN IA 266 -78.22 57.93 -77.03
CA GLN IA 266 -77.90 58.40 -78.37
C GLN IA 266 -78.84 57.86 -79.44
N GLN IA 267 -79.53 56.76 -79.15
CA GLN IA 267 -80.41 56.14 -80.15
C GLN IA 267 -81.47 57.10 -80.71
N PRO IA 268 -82.21 57.87 -79.90
CA PRO IA 268 -83.22 58.77 -80.50
C PRO IA 268 -82.64 60.07 -81.05
N GLN IA 269 -82.14 60.00 -82.28
CA GLN IA 269 -81.65 61.17 -83.01
C GLN IA 269 -82.21 61.10 -84.42
N GLY IA 270 -83.40 61.67 -84.59
CA GLY IA 270 -84.06 61.78 -85.88
C GLY IA 270 -84.21 63.22 -86.30
N VAL IA 271 -83.21 64.05 -85.95
CA VAL IA 271 -83.26 65.45 -86.31
C VAL IA 271 -83.03 65.64 -87.82
N LEU IA 272 -82.38 64.67 -88.48
CA LEU IA 272 -82.17 64.79 -89.92
C LEU IA 272 -83.45 64.61 -90.73
N GLN IA 273 -84.55 64.17 -90.12
CA GLN IA 273 -85.83 64.26 -90.80
C GLN IA 273 -86.17 65.71 -91.12
N LEU IA 274 -86.06 66.56 -90.11
CA LEU IA 274 -86.57 67.92 -90.18
C LEU IA 274 -85.68 68.82 -91.03
N LEU IA 275 -84.45 69.01 -90.58
CA LEU IA 275 -83.52 69.91 -91.24
C LEU IA 275 -82.76 69.17 -92.33
N GLN IA 276 -81.81 69.86 -92.97
CA GLN IA 276 -81.00 69.22 -94.00
C GLN IA 276 -79.81 70.11 -94.32
N MET JA 1 -82.42 87.15 -71.71
CA MET JA 1 -83.23 85.97 -71.99
C MET JA 1 -82.71 84.87 -72.95
N ARG JA 2 -82.01 85.23 -74.03
CA ARG JA 2 -81.58 84.28 -75.04
C ARG JA 2 -80.06 84.25 -75.23
N ILE JA 3 -79.43 85.40 -75.47
CA ILE JA 3 -78.06 85.46 -75.98
C ILE JA 3 -77.13 86.13 -74.98
N GLN JA 4 -77.45 87.37 -74.63
CA GLN JA 4 -76.55 88.23 -73.87
C GLN JA 4 -76.16 87.64 -72.51
N HIS JA 5 -76.98 86.76 -71.96
CA HIS JA 5 -76.72 86.15 -70.65
C HIS JA 5 -77.13 84.69 -70.69
N ASN JA 6 -76.29 83.83 -70.12
CA ASN JA 6 -76.50 82.38 -70.10
C ASN JA 6 -76.37 81.90 -68.66
N ILE JA 7 -77.49 81.83 -67.94
CA ILE JA 7 -77.45 81.71 -66.48
C ILE JA 7 -77.06 80.30 -66.05
N ALA JA 8 -77.41 79.29 -66.84
CA ALA JA 8 -77.04 77.93 -66.53
C ALA JA 8 -75.52 77.77 -66.44
N ALA JA 9 -74.81 78.40 -67.37
CA ALA JA 9 -73.36 78.34 -67.36
C ALA JA 9 -72.79 79.05 -66.14
N LEU JA 10 -73.40 80.14 -65.69
CA LEU JA 10 -72.97 80.82 -64.48
C LEU JA 10 -73.10 79.91 -63.26
N ASN JA 11 -74.27 79.26 -63.12
CA ASN JA 11 -74.47 78.34 -62.00
C ASN JA 11 -73.47 77.19 -62.04
N THR JA 12 -73.23 76.65 -63.24
CA THR JA 12 -72.26 75.57 -63.39
C THR JA 12 -70.86 76.02 -63.00
N HIS JA 13 -70.50 77.26 -63.38
CA HIS JA 13 -69.20 77.79 -63.02
C HIS JA 13 -69.06 77.94 -61.51
N ARG JA 14 -70.10 78.44 -60.85
CA ARG JA 14 -70.10 78.54 -59.39
C ARG JA 14 -69.83 77.18 -58.75
N ASN JA 15 -70.61 76.17 -59.14
CA ASN JA 15 -70.48 74.84 -58.54
C ASN JA 15 -69.10 74.25 -58.82
N LEU JA 16 -68.57 74.48 -60.03
CA LEU JA 16 -67.25 74.00 -60.38
C LEU JA 16 -66.18 74.62 -59.49
N ALA JA 17 -66.27 75.93 -59.28
CA ALA JA 17 -65.31 76.61 -58.41
C ALA JA 17 -65.39 76.06 -56.99
N ALA JA 18 -66.60 75.84 -56.48
CA ALA JA 18 -66.75 75.29 -55.14
C ALA JA 18 -66.11 73.90 -55.03
N ASN JA 19 -66.35 73.04 -56.01
CA ASN JA 19 -65.80 71.70 -55.98
C ASN JA 19 -64.27 71.74 -56.03
N ASN JA 20 -63.71 72.61 -56.87
CA ASN JA 20 -62.26 72.76 -56.93
C ASN JA 20 -61.69 73.21 -55.60
N ALA JA 21 -62.35 74.17 -54.94
CA ALA JA 21 -61.89 74.63 -53.64
C ALA JA 21 -61.89 73.51 -52.61
N ALA JA 22 -62.97 72.71 -52.59
CA ALA JA 22 -63.05 71.61 -51.63
C ALA JA 22 -61.95 70.59 -51.88
N ALA JA 23 -61.71 70.26 -53.16
CA ALA JA 23 -60.65 69.31 -53.49
C ALA JA 23 -59.29 69.85 -53.07
N SER JA 24 -59.06 71.14 -53.23
CA SER JA 24 -57.80 71.74 -52.80
C SER JA 24 -57.63 71.64 -51.29
N LYS JA 25 -58.70 71.90 -50.54
CA LYS JA 25 -58.63 71.75 -49.08
C LYS JA 25 -58.29 70.31 -48.69
N ASN JA 26 -58.89 69.33 -49.38
CA ASN JA 26 -58.60 67.94 -49.08
C ASN JA 26 -57.14 67.60 -49.40
N LEU JA 27 -56.62 68.14 -50.51
CA LEU JA 27 -55.22 67.95 -50.84
C LEU JA 27 -54.31 68.50 -49.76
N GLU JA 28 -54.64 69.70 -49.26
CA GLU JA 28 -53.88 70.28 -48.16
C GLU JA 28 -53.87 69.37 -46.95
N LYS JA 29 -55.05 68.86 -46.56
CA LYS JA 29 -55.13 68.00 -45.38
C LYS JA 29 -54.39 66.69 -45.59
N LEU JA 30 -54.33 66.19 -46.81
CA LEU JA 30 -53.65 64.92 -47.06
C LEU JA 30 -52.13 65.09 -47.10
N SER JA 31 -51.65 66.17 -47.73
CA SER JA 31 -50.22 66.41 -47.79
C SER JA 31 -49.66 66.77 -46.42
N SER JA 32 -50.38 67.62 -45.68
CA SER JA 32 -49.88 68.05 -44.38
C SER JA 32 -49.89 66.91 -43.36
N GLY JA 33 -50.87 66.02 -43.45
CA GLY JA 33 -51.07 65.00 -42.46
C GLY JA 33 -51.81 65.45 -41.22
N PHE JA 34 -52.23 66.72 -41.16
CA PHE JA 34 -52.98 67.27 -40.03
C PHE JA 34 -54.34 67.73 -40.51
N LYS JA 35 -55.35 67.55 -39.64
CA LYS JA 35 -56.71 67.94 -39.95
C LYS JA 35 -56.96 69.42 -39.71
N ILE JA 36 -56.13 70.08 -38.90
CA ILE JA 36 -56.31 71.47 -38.52
C ILE JA 36 -55.00 72.19 -38.87
N ASN JA 37 -54.97 72.85 -40.02
CA ASN JA 37 -53.84 73.67 -40.43
C ASN JA 37 -54.07 75.16 -40.21
N ARG JA 38 -55.33 75.58 -40.08
CA ARG JA 38 -55.69 76.96 -39.80
C ARG JA 38 -56.71 76.98 -38.67
N ALA JA 39 -56.91 78.16 -38.09
CA ALA JA 39 -57.92 78.29 -37.06
C ALA JA 39 -59.34 78.28 -37.62
N GLY JA 40 -59.49 78.64 -38.89
CA GLY JA 40 -60.80 78.53 -39.53
C GLY JA 40 -61.27 77.09 -39.63
N ASP JA 41 -60.34 76.13 -39.69
CA ASP JA 41 -60.71 74.72 -39.67
C ASP JA 41 -61.47 74.38 -38.40
N ASP JA 42 -60.90 74.74 -37.25
CA ASP JA 42 -61.52 74.40 -35.97
C ASP JA 42 -60.85 75.25 -34.89
N ALA JA 43 -61.63 76.12 -34.26
CA ALA JA 43 -61.08 77.02 -33.24
C ALA JA 43 -60.86 76.29 -31.91
N ALA JA 44 -61.89 75.64 -31.39
CA ALA JA 44 -61.78 74.83 -30.17
C ALA JA 44 -61.23 73.47 -30.54
N GLY JA 45 -59.94 73.28 -30.29
CA GLY JA 45 -59.22 72.11 -30.75
C GLY JA 45 -57.83 72.50 -31.18
N LEU JA 46 -57.69 73.66 -31.81
CA LEU JA 46 -56.37 74.24 -32.01
C LEU JA 46 -55.71 74.57 -30.68
N ALA JA 47 -56.43 75.29 -29.82
CA ALA JA 47 -55.93 75.61 -28.48
C ALA JA 47 -55.64 74.34 -27.69
N ILE JA 48 -56.55 73.37 -27.74
CA ILE JA 48 -56.37 72.13 -27.01
C ILE JA 48 -55.14 71.39 -27.50
N SER JA 49 -54.94 71.37 -28.83
CA SER JA 49 -53.77 70.71 -29.39
C SER JA 49 -52.48 71.39 -28.96
N GLU JA 50 -52.47 72.72 -28.92
CA GLU JA 50 -51.27 73.43 -28.52
C GLU JA 50 -50.94 73.18 -27.05
N LYS JA 51 -51.95 73.24 -26.17
CA LYS JA 51 -51.73 72.95 -24.76
C LYS JA 51 -51.25 71.52 -24.58
N MET JA 52 -51.83 70.58 -25.32
CA MET JA 52 -51.42 69.18 -25.19
C MET JA 52 -50.01 68.96 -25.68
N ARG JA 53 -49.61 69.65 -26.75
CA ARG JA 53 -48.25 69.58 -27.23
C ARG JA 53 -47.27 70.11 -26.18
N GLY JA 54 -47.62 71.24 -25.56
CA GLY JA 54 -46.79 71.76 -24.49
C GLY JA 54 -46.65 70.78 -23.34
N GLN JA 55 -47.76 70.15 -22.95
CA GLN JA 55 -47.72 69.18 -21.86
C GLN JA 55 -46.88 67.97 -22.24
N ILE JA 56 -46.99 67.51 -23.48
CA ILE JA 56 -46.21 66.34 -23.92
C ILE JA 56 -44.73 66.64 -23.87
N SER JA 57 -44.32 67.79 -24.43
CA SER JA 57 -42.92 68.17 -24.39
C SER JA 57 -42.42 68.31 -22.96
N GLY JA 58 -43.23 68.93 -22.08
CA GLY JA 58 -42.84 69.07 -20.69
C GLY JA 58 -42.69 67.73 -19.99
N LEU JA 59 -43.60 66.79 -20.28
CA LEU JA 59 -43.55 65.50 -19.62
C LEU JA 59 -42.33 64.70 -20.08
N ASN JA 60 -42.02 64.74 -21.37
CA ASN JA 60 -40.82 64.04 -21.86
C ASN JA 60 -39.55 64.65 -21.27
N MET JA 61 -39.48 65.98 -21.23
CA MET JA 61 -38.31 66.63 -20.64
C MET JA 61 -38.22 66.34 -19.14
N ALA JA 62 -39.36 66.21 -18.46
CA ALA JA 62 -39.34 65.86 -17.05
C ALA JA 62 -38.85 64.44 -16.84
N SER JA 63 -39.22 63.52 -17.73
CA SER JA 63 -38.68 62.17 -17.69
C SER JA 63 -37.16 62.20 -17.82
N LYS JA 64 -36.66 62.99 -18.78
CA LYS JA 64 -35.22 63.14 -18.96
C LYS JA 64 -34.56 63.68 -17.69
N ASN JA 65 -35.16 64.70 -17.08
CA ASN JA 65 -34.62 65.30 -15.87
C ASN JA 65 -34.60 64.31 -14.71
N SER JA 66 -35.66 63.50 -14.60
CA SER JA 66 -35.72 62.50 -13.54
C SER JA 66 -34.62 61.46 -13.70
N SER JA 67 -34.36 61.05 -14.94
CA SER JA 67 -33.26 60.12 -15.19
C SER JA 67 -31.92 60.75 -14.82
N ASP JA 68 -31.75 62.04 -15.13
CA ASP JA 68 -30.51 62.72 -14.74
C ASP JA 68 -30.33 62.73 -13.22
N ALA JA 69 -31.42 63.01 -12.49
CA ALA JA 69 -31.37 62.98 -11.05
C ALA JA 69 -31.01 61.60 -10.52
N ILE JA 70 -31.55 60.55 -11.15
CA ILE JA 70 -31.21 59.18 -10.77
C ILE JA 70 -29.72 58.94 -10.95
N SER JA 71 -29.14 59.45 -12.04
CA SER JA 71 -27.71 59.28 -12.28
C SER JA 71 -26.89 59.97 -11.17
N LEU JA 72 -27.27 61.21 -10.84
CA LEU JA 72 -26.61 61.93 -9.74
C LEU JA 72 -26.65 61.13 -8.43
N ILE JA 73 -27.84 60.62 -8.09
CA ILE JA 73 -28.00 59.91 -6.83
C ILE JA 73 -27.16 58.63 -6.84
N GLN JA 74 -27.11 57.93 -7.98
CA GLN JA 74 -26.28 56.75 -8.08
C GLN JA 74 -24.81 57.10 -7.87
N THR JA 75 -24.39 58.26 -8.36
CA THR JA 75 -23.01 58.69 -8.14
C THR JA 75 -22.72 58.84 -6.65
N ALA JA 76 -23.64 59.51 -5.93
CA ALA JA 76 -23.41 59.73 -4.51
C ALA JA 76 -23.41 58.40 -3.73
N GLU JA 77 -24.33 57.50 -4.04
CA GLU JA 77 -24.35 56.20 -3.35
C GLU JA 77 -23.08 55.40 -3.61
N GLY JA 78 -22.60 55.40 -4.86
CA GLY JA 78 -21.34 54.75 -5.15
C GLY JA 78 -20.18 55.37 -4.40
N GLY JA 79 -20.23 56.68 -4.20
CA GLY JA 79 -19.23 57.32 -3.35
C GLY JA 79 -19.26 56.82 -1.92
N LEU JA 80 -20.45 56.63 -1.37
CA LEU JA 80 -20.57 56.24 0.04
C LEU JA 80 -20.32 54.75 0.28
N ASN JA 81 -20.40 53.91 -0.76
CA ASN JA 81 -20.07 52.49 -0.59
C ASN JA 81 -18.63 52.31 -0.10
N GLU JA 82 -17.69 53.07 -0.67
CA GLU JA 82 -16.30 52.95 -0.25
C GLU JA 82 -16.09 53.52 1.14
N THR JA 83 -16.88 54.53 1.51
CA THR JA 83 -16.88 55.00 2.89
C THR JA 83 -17.24 53.86 3.85
N HIS JA 84 -18.31 53.12 3.54
CA HIS JA 84 -18.66 51.93 4.33
C HIS JA 84 -17.47 50.97 4.44
N ALA JA 85 -16.84 50.67 3.30
CA ALA JA 85 -15.78 49.67 3.27
C ALA JA 85 -14.60 50.09 4.17
N ILE JA 86 -14.11 51.33 3.99
CA ILE JA 86 -12.94 51.74 4.75
C ILE JA 86 -13.30 51.96 6.21
N LEU JA 87 -14.56 52.27 6.52
CA LEU JA 87 -14.97 52.34 7.91
C LEU JA 87 -14.92 50.97 8.57
N GLN JA 88 -15.36 49.93 7.84
CA GLN JA 88 -15.22 48.57 8.34
C GLN JA 88 -13.75 48.23 8.62
N ARG JA 89 -12.88 48.58 7.67
CA ARG JA 89 -11.46 48.31 7.85
C ARG JA 89 -10.90 49.05 9.07
N MET JA 90 -11.31 50.30 9.27
CA MET JA 90 -10.86 51.09 10.41
C MET JA 90 -11.32 50.48 11.73
N ARG JA 91 -12.56 49.99 11.77
CA ARG JA 91 -13.05 49.31 12.96
C ARG JA 91 -12.24 48.06 13.26
N GLU JA 92 -11.93 47.28 12.22
CA GLU JA 92 -11.09 46.11 12.41
C GLU JA 92 -9.73 46.48 12.98
N LEU JA 93 -9.12 47.54 12.42
CA LEU JA 93 -7.84 48.04 12.90
C LEU JA 93 -7.90 48.48 14.36
N ALA JA 94 -8.98 49.17 14.76
CA ALA JA 94 -9.11 49.59 16.14
C ALA JA 94 -9.27 48.41 17.08
N VAL JA 95 -10.08 47.43 16.70
CA VAL JA 95 -10.27 46.25 17.55
C VAL JA 95 -8.96 45.49 17.71
N GLN JA 96 -8.14 45.46 16.66
CA GLN JA 96 -6.82 44.84 16.79
C GLN JA 96 -5.86 45.67 17.65
N SER JA 97 -5.86 46.99 17.46
CA SER JA 97 -5.02 47.89 18.26
C SER JA 97 -5.37 47.84 19.73
N ARG JA 98 -6.61 47.54 20.07
CA ARG JA 98 -7.14 47.64 21.43
C ARG JA 98 -6.51 46.64 22.38
N ASN JA 99 -5.96 45.55 21.87
CA ASN JA 99 -5.39 44.50 22.71
C ASN JA 99 -4.01 44.90 23.24
N ASP JA 100 -3.66 44.34 24.39
CA ASP JA 100 -2.41 44.67 25.09
C ASP JA 100 -1.22 43.84 24.65
N THR JA 101 -1.40 42.95 23.67
CA THR JA 101 -0.26 42.31 23.04
C THR JA 101 0.63 43.31 22.31
N ASN JA 102 0.05 44.41 21.87
CA ASN JA 102 0.78 45.39 21.07
C ASN JA 102 1.52 46.37 21.97
N ASP JA 103 2.73 46.73 21.56
CA ASP JA 103 3.60 47.62 22.33
C ASP JA 103 3.70 48.98 21.66
N GLU JA 104 3.57 50.03 22.47
CA GLU JA 104 3.88 51.37 22.02
C GLU JA 104 5.37 51.57 21.82
N ALA JA 105 6.22 50.83 22.56
CA ALA JA 105 7.66 51.02 22.49
C ALA JA 105 8.20 50.63 21.11
N THR JA 106 7.91 49.39 20.68
CA THR JA 106 8.39 48.89 19.41
C THR JA 106 7.42 49.14 18.26
N ASN JA 107 6.59 50.17 18.37
CA ASN JA 107 5.90 50.77 17.23
C ASN JA 107 4.87 49.82 16.62
N ASP JA 108 4.19 49.04 17.47
CA ASP JA 108 3.14 48.13 16.98
C ASP JA 108 1.88 48.90 16.62
N ARG JA 109 1.45 49.82 17.48
CA ARG JA 109 0.24 50.59 17.25
C ARG JA 109 0.43 51.78 16.32
N SER JA 110 1.64 52.31 16.22
CA SER JA 110 1.88 53.44 15.32
C SER JA 110 1.74 53.05 13.86
N ASN JA 111 1.97 51.77 13.52
CA ASN JA 111 1.72 51.33 12.16
C ASN JA 111 0.22 51.22 11.86
N LEU JA 112 -0.56 50.76 12.83
CA LEU JA 112 -2.01 50.77 12.65
C LEU JA 112 -2.52 52.19 12.59
N ASN JA 113 -1.86 53.12 13.28
CA ASN JA 113 -2.23 54.52 13.20
C ASN JA 113 -1.84 55.13 11.85
N ASP JA 114 -0.70 54.71 11.28
CA ASP JA 114 -0.38 55.06 9.89
C ASP JA 114 -1.52 54.66 8.95
N GLU JA 115 -1.93 53.40 9.05
CA GLU JA 115 -3.04 52.88 8.25
C GLU JA 115 -4.31 53.71 8.47
N LEU JA 116 -4.62 53.99 9.73
CA LEU JA 116 -5.83 54.73 10.07
C LEU JA 116 -5.80 56.15 9.52
N LYS JA 117 -4.66 56.82 9.64
CA LYS JA 117 -4.54 58.18 9.09
C LYS JA 117 -4.70 58.20 7.59
N GLN JA 118 -4.13 57.21 6.89
CA GLN JA 118 -4.32 57.16 5.44
C GLN JA 118 -5.78 56.93 5.08
N LEU JA 119 -6.47 56.07 5.84
CA LEU JA 119 -7.90 55.85 5.56
C LEU JA 119 -8.73 57.08 5.89
N GLN JA 120 -8.32 57.87 6.88
CA GLN JA 120 -9.03 59.12 7.16
C GLN JA 120 -8.79 60.16 6.07
N GLU JA 121 -7.59 60.22 5.51
CA GLU JA 121 -7.38 61.09 4.37
C GLU JA 121 -8.22 60.63 3.19
N GLU JA 122 -8.42 59.32 3.03
CA GLU JA 122 -9.25 58.84 1.92
C GLU JA 122 -10.73 59.13 2.15
N ILE JA 123 -11.23 58.98 3.38
CA ILE JA 123 -12.63 59.29 3.65
C ILE JA 123 -12.91 60.77 3.43
N THR JA 124 -11.93 61.65 3.72
CA THR JA 124 -12.13 63.07 3.40
C THR JA 124 -12.02 63.32 1.89
N ARG JA 125 -11.11 62.61 1.21
CA ARG JA 125 -10.91 62.79 -0.22
C ARG JA 125 -12.16 62.43 -1.00
N ILE JA 126 -12.79 61.32 -0.66
CA ILE JA 126 -14.02 60.92 -1.36
C ILE JA 126 -15.10 61.98 -1.17
N SER JA 127 -15.15 62.59 0.03
CA SER JA 127 -16.13 63.64 0.29
C SER JA 127 -15.92 64.82 -0.64
N SER JA 128 -14.74 65.43 -0.59
CA SER JA 128 -14.51 66.68 -1.31
C SER JA 128 -13.77 66.52 -2.63
N GLN JA 129 -13.91 65.36 -3.29
CA GLN JA 129 -13.49 65.19 -4.69
C GLN JA 129 -14.53 64.43 -5.50
N MET JA 130 -15.79 64.43 -5.04
CA MET JA 130 -16.89 63.80 -5.75
C MET JA 130 -17.68 64.87 -6.49
N GLU JA 131 -18.04 64.63 -7.74
CA GLU JA 131 -18.75 65.66 -8.49
C GLU JA 131 -19.55 65.05 -9.64
N PHE JA 132 -20.63 65.71 -9.98
CA PHE JA 132 -21.49 65.38 -11.11
C PHE JA 132 -21.73 66.66 -11.89
N ASN JA 133 -21.13 66.77 -13.07
CA ASN JA 133 -21.28 67.95 -13.92
C ASN JA 133 -20.70 69.19 -13.24
N ASN JA 134 -19.54 69.02 -12.60
CA ASN JA 134 -18.86 70.11 -11.90
C ASN JA 134 -19.71 70.62 -10.74
N LYS JA 135 -20.13 69.71 -9.86
CA LYS JA 135 -21.01 70.04 -8.75
C LYS JA 135 -20.61 69.18 -7.56
N LYS JA 136 -19.97 69.79 -6.57
CA LYS JA 136 -19.57 69.06 -5.38
C LYS JA 136 -20.81 68.68 -4.57
N LEU JA 137 -20.91 67.39 -4.23
CA LEU JA 137 -22.11 66.82 -3.61
C LEU JA 137 -21.96 66.60 -2.10
N LEU JA 138 -20.88 65.95 -1.67
CA LEU JA 138 -20.71 65.49 -0.30
C LEU JA 138 -19.83 66.41 0.54
N ASP JA 139 -19.99 67.72 0.36
CA ASP JA 139 -19.15 68.71 1.04
C ASP JA 139 -19.96 69.55 2.01
N GLY JA 140 -21.27 69.66 1.76
CA GLY JA 140 -22.13 70.63 2.40
C GLY JA 140 -22.62 71.74 1.48
N SER JA 141 -22.37 71.64 0.16
CA SER JA 141 -22.87 72.66 -0.76
C SER JA 141 -24.39 72.62 -0.83
N GLN JA 142 -24.96 71.42 -0.90
CA GLN JA 142 -26.40 71.24 -1.03
C GLN JA 142 -27.12 71.17 0.31
N SER JA 143 -26.38 71.11 1.41
CA SER JA 143 -27.01 71.04 2.73
C SER JA 143 -27.60 72.37 3.17
N THR JA 144 -27.32 73.46 2.44
CA THR JA 144 -27.81 74.78 2.82
C THR JA 144 -29.20 75.04 2.25
N ASN JA 145 -29.37 74.84 0.94
CA ASN JA 145 -30.63 75.08 0.25
C ASN JA 145 -31.20 73.81 -0.38
N GLY JA 146 -30.41 73.07 -1.12
CA GLY JA 146 -30.80 71.78 -1.65
C GLY JA 146 -30.93 71.80 -3.17
N LEU JA 147 -30.86 70.61 -3.76
CA LEU JA 147 -31.02 70.42 -5.19
C LEU JA 147 -32.50 70.24 -5.52
N THR JA 148 -32.97 70.98 -6.51
CA THR JA 148 -34.37 70.98 -6.92
C THR JA 148 -34.49 70.35 -8.31
N PHE JA 149 -35.29 69.29 -8.39
CA PHE JA 149 -35.54 68.59 -9.65
C PHE JA 149 -36.95 68.90 -10.13
N GLN JA 150 -37.05 69.34 -11.39
CA GLN JA 150 -38.31 69.56 -12.07
C GLN JA 150 -38.78 68.22 -12.65
N ILE JA 151 -39.81 67.65 -12.05
CA ILE JA 151 -40.33 66.34 -12.46
C ILE JA 151 -41.75 66.49 -12.99
N GLY JA 152 -42.03 67.62 -13.61
CA GLY JA 152 -43.35 67.89 -14.14
C GLY JA 152 -43.30 68.98 -15.19
N ALA JA 153 -44.32 68.96 -16.06
CA ALA JA 153 -44.38 69.92 -17.15
C ALA JA 153 -44.57 71.34 -16.64
N ASN JA 154 -45.46 71.52 -15.67
CA ASN JA 154 -45.85 72.84 -15.20
C ASN JA 154 -44.93 73.34 -14.09
N ALA JA 155 -45.14 74.60 -13.71
CA ALA JA 155 -44.35 75.23 -12.66
C ALA JA 155 -44.81 74.76 -11.29
N GLY JA 156 -43.85 74.60 -10.39
CA GLY JA 156 -44.10 74.13 -9.05
C GLY JA 156 -44.09 72.63 -8.88
N GLN JA 157 -44.07 71.86 -9.97
CA GLN JA 157 -44.03 70.41 -9.92
C GLN JA 157 -42.59 69.95 -9.73
N THR JA 158 -42.07 70.22 -8.54
CA THR JA 158 -40.67 70.02 -8.22
C THR JA 158 -40.52 69.14 -6.99
N ILE JA 159 -39.29 68.68 -6.76
CA ILE JA 159 -38.91 68.03 -5.51
C ILE JA 159 -37.57 68.58 -5.07
N THR JA 160 -37.45 68.91 -3.79
CA THR JA 160 -36.21 69.37 -3.21
C THR JA 160 -35.51 68.22 -2.49
N MET JA 161 -34.19 68.30 -2.44
CA MET JA 161 -33.36 67.26 -1.87
C MET JA 161 -32.18 67.92 -1.18
N LYS JA 162 -31.63 67.23 -0.18
CA LYS JA 162 -30.51 67.74 0.59
C LYS JA 162 -29.56 66.61 0.92
N ILE JA 163 -28.26 66.90 0.89
CA ILE JA 163 -27.22 65.94 1.22
C ILE JA 163 -26.30 66.60 2.24
N SER JA 164 -25.99 65.88 3.31
CA SER JA 164 -25.23 66.42 4.42
C SER JA 164 -23.73 66.28 4.17
N THR JA 165 -22.95 67.02 4.94
CA THR JA 165 -21.50 66.88 4.92
C THR JA 165 -21.12 65.52 5.48
N MET JA 166 -20.31 64.77 4.74
CA MET JA 166 -19.88 63.42 5.06
C MET JA 166 -18.35 63.34 5.16
N SER JA 167 -17.75 64.34 5.79
CA SER JA 167 -16.32 64.33 6.08
C SER JA 167 -16.05 63.70 7.44
N ALA JA 168 -14.77 63.53 7.75
CA ALA JA 168 -14.37 62.91 9.00
C ALA JA 168 -14.66 63.82 10.19
N THR JA 169 -14.55 65.14 10.01
CA THR JA 169 -14.81 66.06 11.10
C THR JA 169 -16.27 66.02 11.54
N LYS JA 170 -17.20 65.94 10.58
CA LYS JA 170 -18.62 65.96 10.92
C LYS JA 170 -19.02 64.71 11.67
N LEU JA 171 -18.41 63.58 11.36
CA LEU JA 171 -18.77 62.29 11.93
C LEU JA 171 -17.98 61.92 13.17
N GLY JA 172 -17.14 62.81 13.68
CA GLY JA 172 -16.41 62.55 14.91
C GLY JA 172 -15.44 61.40 14.83
N VAL JA 173 -14.83 61.21 13.66
CA VAL JA 173 -13.85 60.13 13.44
C VAL JA 173 -12.51 60.65 12.94
N ASP JA 174 -12.38 61.96 12.73
CA ASP JA 174 -11.09 62.55 12.38
C ASP JA 174 -10.03 62.26 13.45
N ALA JA 175 -8.77 62.43 13.05
CA ALA JA 175 -7.65 62.02 13.90
C ALA JA 175 -7.58 62.80 15.22
N ALA JA 176 -8.22 63.97 15.30
CA ALA JA 176 -8.24 64.71 16.54
C ALA JA 176 -9.08 64.07 17.62
N LYS JA 177 -9.93 63.09 17.27
CA LYS JA 177 -10.81 62.43 18.24
C LYS JA 177 -10.90 60.92 18.04
N ALA JA 178 -10.10 60.33 17.15
CA ALA JA 178 -10.19 58.90 16.86
C ALA JA 178 -8.82 58.25 16.68
N SER JA 179 -7.80 58.74 17.37
CA SER JA 179 -6.50 58.08 17.32
C SER JA 179 -6.58 56.71 17.97
N ILE JA 180 -5.66 55.84 17.56
CA ILE JA 180 -5.50 54.53 18.20
C ILE JA 180 -4.05 54.37 18.64
N SER JA 181 -3.42 55.50 18.98
CA SER JA 181 -2.09 55.44 19.60
C SER JA 181 -2.12 54.62 20.89
N LYS JA 182 -3.12 54.84 21.74
CA LYS JA 182 -3.20 54.20 23.04
C LYS JA 182 -4.14 52.99 22.95
N GLY JA 183 -4.33 52.33 24.08
CA GLY JA 183 -5.36 51.32 24.22
C GLY JA 183 -6.69 51.96 24.56
N THR JA 184 -6.66 53.05 25.32
CA THR JA 184 -7.89 53.72 25.73
C THR JA 184 -8.58 54.38 24.53
N ALA JA 185 -7.80 55.01 23.65
CA ALA JA 185 -8.38 55.74 22.53
C ALA JA 185 -9.08 54.81 21.55
N ALA JA 186 -8.61 53.58 21.41
CA ALA JA 186 -9.27 52.61 20.53
C ALA JA 186 -10.67 52.27 21.05
N SER JA 187 -10.85 52.26 22.38
CA SER JA 187 -12.16 52.04 22.97
C SER JA 187 -13.17 53.04 22.44
N LYS JA 188 -12.83 54.33 22.50
CA LYS JA 188 -13.72 55.36 21.97
C LYS JA 188 -13.81 55.29 20.45
N ALA JA 189 -12.72 54.90 19.79
CA ALA JA 189 -12.69 54.86 18.34
C ALA JA 189 -13.67 53.84 17.80
N ILE JA 190 -13.84 52.72 18.48
CA ILE JA 190 -14.77 51.68 18.04
C ILE JA 190 -16.19 52.23 18.02
N LYS JA 191 -16.62 52.86 19.12
CA LYS JA 191 -17.95 53.43 19.20
C LYS JA 191 -18.13 54.56 18.20
N SER JA 192 -17.08 55.38 18.02
CA SER JA 192 -17.12 56.48 17.07
C SER JA 192 -17.32 55.96 15.65
N ILE JA 193 -16.63 54.87 15.31
CA ILE JA 193 -16.75 54.29 13.98
C ILE JA 193 -18.12 53.66 13.78
N ASP JA 194 -18.68 53.04 14.82
CA ASP JA 194 -20.03 52.49 14.73
C ASP JA 194 -21.05 53.60 14.46
N ASP JA 195 -20.94 54.71 15.19
CA ASP JA 195 -21.84 55.84 14.99
C ASP JA 195 -21.73 56.36 13.56
N ALA JA 196 -20.50 56.46 13.05
CA ALA JA 196 -20.30 56.95 11.68
C ALA JA 196 -20.92 56.00 10.65
N ILE JA 197 -20.74 54.69 10.84
CA ILE JA 197 -21.34 53.71 9.93
C ILE JA 197 -22.86 53.85 9.91
N ASN JA 198 -23.47 53.99 11.10
CA ASN JA 198 -24.91 54.14 11.15
C ASN JA 198 -25.37 55.42 10.46
N THR JA 199 -24.65 56.52 10.66
CA THR JA 199 -25.02 57.78 10.03
C THR JA 199 -24.95 57.69 8.51
N VAL JA 200 -23.89 57.08 7.98
CA VAL JA 200 -23.75 57.04 6.52
C VAL JA 200 -24.76 56.04 5.93
N SER JA 201 -25.12 55.00 6.68
CA SER JA 201 -26.21 54.13 6.25
C SER JA 201 -27.53 54.91 6.17
N LYS JA 202 -27.79 55.76 7.16
CA LYS JA 202 -28.99 56.60 7.14
C LYS JA 202 -29.02 57.48 5.90
N THR JA 203 -27.89 58.13 5.59
CA THR JA 203 -27.83 59.00 4.43
C THR JA 203 -28.06 58.21 3.13
N ARG JA 204 -27.45 57.03 3.01
CA ARG JA 204 -27.67 56.19 1.83
C ARG JA 204 -29.13 55.81 1.68
N SER JA 205 -29.79 55.46 2.79
CA SER JA 205 -31.22 55.18 2.75
C SER JA 205 -32.01 56.37 2.23
N ALA JA 206 -31.66 57.57 2.72
CA ALA JA 206 -32.35 58.78 2.30
C ALA JA 206 -32.21 59.00 0.80
N LEU JA 207 -31.04 58.67 0.24
CA LEU JA 207 -30.86 58.81 -1.20
C LEU JA 207 -31.67 57.78 -1.98
N GLY JA 208 -31.60 56.51 -1.53
CA GLY JA 208 -32.28 55.45 -2.25
C GLY JA 208 -33.78 55.62 -2.27
N ALA JA 209 -34.35 56.21 -1.22
CA ALA JA 209 -35.78 56.49 -1.21
C ALA JA 209 -36.17 57.41 -2.36
N VAL JA 210 -35.40 58.48 -2.57
CA VAL JA 210 -35.70 59.43 -3.64
C VAL JA 210 -35.51 58.77 -4.99
N GLN JA 211 -34.52 57.89 -5.11
CA GLN JA 211 -34.34 57.14 -6.35
C GLN JA 211 -35.57 56.31 -6.68
N ASN JA 212 -36.06 55.54 -5.69
CA ASN JA 212 -37.23 54.70 -5.90
C ASN JA 212 -38.46 55.52 -6.22
N ARG JA 213 -38.59 56.70 -5.61
CA ARG JA 213 -39.68 57.60 -5.95
C ARG JA 213 -39.60 58.04 -7.41
N LEU JA 214 -38.40 58.42 -7.86
CA LEU JA 214 -38.25 58.94 -9.21
C LEU JA 214 -38.55 57.88 -10.25
N GLU JA 215 -38.31 56.60 -9.93
CA GLU JA 215 -38.68 55.53 -10.86
C GLU JA 215 -40.19 55.52 -11.14
N HIS JA 216 -40.98 55.49 -10.07
CA HIS JA 216 -42.44 55.55 -10.21
C HIS JA 216 -42.87 56.82 -10.94
N THR JA 217 -42.21 57.94 -10.63
CA THR JA 217 -42.52 59.19 -11.33
C THR JA 217 -42.30 59.06 -12.83
N ILE JA 218 -41.21 58.41 -13.23
CA ILE JA 218 -40.92 58.23 -14.65
C ILE JA 218 -41.99 57.38 -15.31
N ASN JA 219 -42.40 56.30 -14.64
CA ASN JA 219 -43.45 55.45 -15.19
C ASN JA 219 -44.74 56.24 -15.41
N ASN JA 220 -45.14 57.02 -14.40
CA ASN JA 220 -46.37 57.81 -14.53
C ASN JA 220 -46.25 58.84 -15.64
N LEU JA 221 -45.08 59.48 -15.77
CA LEU JA 221 -44.89 60.47 -16.83
C LEU JA 221 -45.01 59.83 -18.20
N GLY JA 222 -44.42 58.65 -18.38
CA GLY JA 222 -44.53 57.97 -19.66
C GLY JA 222 -45.97 57.62 -20.01
N THR JA 223 -46.71 57.09 -19.04
CA THR JA 223 -48.12 56.76 -19.27
C THR JA 223 -48.92 57.99 -19.66
N SER JA 224 -48.74 59.09 -18.91
CA SER JA 224 -49.49 60.31 -19.19
C SER JA 224 -49.13 60.87 -20.55
N ALA JA 225 -47.84 60.82 -20.92
CA ALA JA 225 -47.42 61.33 -22.21
C ALA JA 225 -48.04 60.53 -23.35
N GLU JA 226 -48.06 59.20 -23.23
CA GLU JA 226 -48.69 58.39 -24.26
C GLU JA 226 -50.18 58.69 -24.39
N ASN JA 227 -50.88 58.81 -23.26
CA ASN JA 227 -52.32 59.08 -23.32
C ASN JA 227 -52.61 60.43 -23.95
N LEU JA 228 -51.87 61.47 -23.55
CA LEU JA 228 -52.09 62.78 -24.14
C LEU JA 228 -51.69 62.82 -25.61
N THR JA 229 -50.68 62.04 -25.99
CA THR JA 229 -50.31 61.94 -27.39
C THR JA 229 -51.44 61.34 -28.21
N ALA JA 230 -52.07 60.27 -27.68
CA ALA JA 230 -53.23 59.69 -28.35
C ALA JA 230 -54.35 60.70 -28.48
N ALA JA 231 -54.64 61.45 -27.41
CA ALA JA 231 -55.68 62.45 -27.46
C ALA JA 231 -55.39 63.52 -28.51
N GLU JA 232 -54.17 64.04 -28.52
CA GLU JA 232 -53.81 65.09 -29.47
C GLU JA 232 -53.85 64.57 -30.90
N SER JA 233 -53.44 63.33 -31.11
CA SER JA 233 -53.53 62.72 -32.44
C SER JA 233 -54.98 62.64 -32.89
N ARG JA 234 -55.86 62.17 -32.03
CA ARG JA 234 -57.27 62.06 -32.40
C ARG JA 234 -57.90 63.43 -32.64
N ILE JA 235 -57.42 64.45 -31.95
CA ILE JA 235 -57.98 65.80 -32.14
C ILE JA 235 -57.51 66.38 -33.48
N ARG JA 236 -56.19 66.45 -33.68
CA ARG JA 236 -55.62 67.24 -34.76
C ARG JA 236 -55.29 66.44 -36.01
N ASP JA 237 -54.74 65.23 -35.89
CA ASP JA 237 -54.38 64.46 -37.07
C ASP JA 237 -55.63 64.01 -37.81
N THR JA 238 -55.45 63.72 -39.11
CA THR JA 238 -56.54 63.39 -40.00
C THR JA 238 -56.46 61.93 -40.42
N ASP JA 239 -57.62 61.33 -40.66
CA ASP JA 239 -57.69 59.97 -41.18
C ASP JA 239 -57.54 60.02 -42.70
N MET JA 240 -56.58 59.25 -43.21
CA MET JA 240 -56.26 59.30 -44.63
C MET JA 240 -57.42 58.81 -45.49
N ALA JA 241 -58.14 57.79 -45.01
CA ALA JA 241 -59.17 57.16 -45.83
C ALA JA 241 -60.32 58.11 -46.09
N ALA JA 242 -60.79 58.82 -45.06
CA ALA JA 242 -61.92 59.73 -45.23
C ALA JA 242 -61.57 60.87 -46.17
N GLU JA 243 -60.38 61.44 -46.03
CA GLU JA 243 -59.98 62.52 -46.92
C GLU JA 243 -59.76 62.03 -48.34
N MET JA 244 -59.28 60.80 -48.51
CA MET JA 244 -59.18 60.21 -49.83
C MET JA 244 -60.55 60.07 -50.48
N MET JA 245 -61.52 59.57 -49.71
CA MET JA 245 -62.90 59.48 -50.18
C MET JA 245 -63.41 60.84 -50.64
N ALA JA 246 -63.27 61.85 -49.78
CA ALA JA 246 -63.78 63.18 -50.10
C ALA JA 246 -63.08 63.76 -51.32
N PHE JA 247 -61.78 63.53 -51.46
CA PHE JA 247 -61.03 64.07 -52.59
C PHE JA 247 -61.47 63.43 -53.90
N THR JA 248 -61.64 62.11 -53.91
CA THR JA 248 -62.14 61.43 -55.10
C THR JA 248 -63.53 61.92 -55.48
N LYS JA 249 -64.41 62.05 -54.48
CA LYS JA 249 -65.76 62.57 -54.71
C LYS JA 249 -65.72 63.95 -55.34
N ASN JA 250 -64.90 64.85 -54.78
CA ASN JA 250 -64.83 66.21 -55.29
C ASN JA 250 -64.24 66.25 -56.70
N ASN JA 251 -63.27 65.39 -57.00
CA ASN JA 251 -62.75 65.32 -58.37
C ASN JA 251 -63.83 64.89 -59.35
N ILE JA 252 -64.60 63.86 -58.99
CA ILE JA 252 -65.67 63.40 -59.87
C ILE JA 252 -66.69 64.50 -60.09
N LEU JA 253 -67.02 65.24 -59.04
CA LEU JA 253 -67.96 66.35 -59.17
C LEU JA 253 -67.39 67.45 -60.06
N THR JA 254 -66.09 67.73 -59.93
CA THR JA 254 -65.44 68.72 -60.77
C THR JA 254 -65.53 68.33 -62.25
N GLN JA 255 -65.26 67.06 -62.55
CA GLN JA 255 -65.35 66.59 -63.93
C GLN JA 255 -66.78 66.72 -64.45
N ALA JA 256 -67.75 66.34 -63.63
CA ALA JA 256 -69.16 66.45 -64.04
C ALA JA 256 -69.52 67.90 -64.35
N ALA JA 257 -69.11 68.83 -63.49
CA ALA JA 257 -69.41 70.24 -63.72
C ALA JA 257 -68.70 70.76 -64.97
N GLN JA 258 -67.48 70.27 -65.23
CA GLN JA 258 -66.77 70.65 -66.45
C GLN JA 258 -67.54 70.24 -67.69
N SER JA 259 -67.99 68.98 -67.74
CA SER JA 259 -68.78 68.52 -68.88
C SER JA 259 -70.08 69.29 -69.00
N MET JA 260 -70.74 69.57 -67.88
CA MET JA 260 -72.00 70.31 -67.92
C MET JA 260 -71.79 71.71 -68.46
N LEU JA 261 -70.68 72.35 -68.11
CA LEU JA 261 -70.39 73.68 -68.62
C LEU JA 261 -70.08 73.65 -70.10
N ALA JA 262 -69.33 72.63 -70.53
CA ALA JA 262 -69.06 72.48 -71.96
C ALA JA 262 -70.36 72.32 -72.76
N GLN JA 263 -71.34 71.62 -72.18
CA GLN JA 263 -72.64 71.51 -72.83
C GLN JA 263 -73.39 72.84 -72.82
N ALA JA 264 -73.44 73.50 -71.66
CA ALA JA 264 -74.19 74.74 -71.53
C ALA JA 264 -73.66 75.84 -72.43
N ASN JA 265 -72.36 75.84 -72.71
CA ASN JA 265 -71.82 76.83 -73.64
C ASN JA 265 -72.28 76.58 -75.06
N GLN JA 266 -72.51 75.32 -75.44
CA GLN JA 266 -73.00 74.98 -76.77
C GLN JA 266 -74.52 75.12 -76.88
N GLN JA 267 -75.23 75.11 -75.76
CA GLN JA 267 -76.70 75.17 -75.81
C GLN JA 267 -77.23 76.38 -76.56
N PRO JA 268 -76.76 77.62 -76.34
CA PRO JA 268 -77.34 78.75 -77.11
C PRO JA 268 -76.76 78.89 -78.51
N GLN JA 269 -77.34 78.14 -79.44
CA GLN JA 269 -77.00 78.22 -80.86
C GLN JA 269 -78.31 78.25 -81.65
N GLY JA 270 -78.83 79.45 -81.84
CA GLY JA 270 -80.04 79.66 -82.63
C GLY JA 270 -79.73 80.50 -83.86
N VAL JA 271 -78.54 80.29 -84.44
CA VAL JA 271 -78.17 81.02 -85.62
C VAL JA 271 -78.95 80.55 -86.84
N LEU JA 272 -79.47 79.32 -86.82
CA LEU JA 272 -80.26 78.83 -87.94
C LEU JA 272 -81.62 79.50 -88.05
N GLN JA 273 -82.06 80.26 -87.04
CA GLN JA 273 -83.22 81.12 -87.24
C GLN JA 273 -82.96 82.13 -88.35
N LEU JA 274 -81.81 82.80 -88.27
CA LEU JA 274 -81.53 83.96 -89.10
C LEU JA 274 -81.16 83.55 -90.52
N LEU JA 275 -80.05 82.83 -90.66
CA LEU JA 275 -79.55 82.44 -91.97
C LEU JA 275 -80.20 81.14 -92.42
N GLN JA 276 -79.76 80.62 -93.57
CA GLN JA 276 -80.28 79.35 -94.06
C GLN JA 276 -79.39 78.85 -95.18
N MET KA 1 -57.51 96.72 -90.66
CA MET KA 1 -58.71 96.59 -89.85
C MET KA 1 -59.56 95.30 -89.88
N ARG KA 2 -59.72 94.68 -91.05
CA ARG KA 2 -60.60 93.52 -91.22
C ARG KA 2 -59.87 92.28 -91.71
N ILE KA 3 -59.13 92.38 -92.83
CA ILE KA 3 -58.67 91.21 -93.56
C ILE KA 3 -57.14 91.14 -93.58
N GLN KA 4 -56.52 92.19 -94.09
CA GLN KA 4 -55.08 92.17 -94.38
C GLN KA 4 -54.22 91.90 -93.16
N HIS KA 5 -54.73 92.19 -91.96
CA HIS KA 5 -53.98 92.00 -90.72
C HIS KA 5 -54.93 91.48 -89.65
N ASN KA 6 -54.46 90.48 -88.88
CA ASN KA 6 -55.24 89.83 -87.84
C ASN KA 6 -54.42 89.85 -86.55
N ILE KA 7 -54.61 90.88 -85.72
CA ILE KA 7 -53.66 91.18 -84.65
C ILE KA 7 -53.79 90.19 -83.50
N ALA KA 8 -55.00 89.67 -83.26
CA ALA KA 8 -55.21 88.69 -82.21
C ALA KA 8 -54.35 87.45 -82.44
N ALA KA 9 -54.28 87.00 -83.69
CA ALA KA 9 -53.46 85.84 -84.02
C ALA KA 9 -51.98 86.12 -83.80
N LEU KA 10 -51.54 87.35 -84.09
CA LEU KA 10 -50.15 87.72 -83.82
C LEU KA 10 -49.84 87.64 -82.33
N ASN KA 11 -50.71 88.22 -81.49
CA ASN KA 11 -50.50 88.16 -80.05
C ASN KA 11 -50.48 86.71 -79.55
N THR KA 12 -51.40 85.89 -80.06
CA THR KA 12 -51.46 84.49 -79.68
C THR KA 12 -50.17 83.76 -80.09
N HIS KA 13 -49.65 84.08 -81.26
CA HIS KA 13 -48.40 83.48 -81.73
C HIS KA 13 -47.24 83.85 -80.83
N ARG KA 14 -47.16 85.13 -80.44
CA ARG KA 14 -46.13 85.58 -79.50
C ARG KA 14 -46.18 84.78 -78.21
N ASN KA 15 -47.36 84.70 -77.59
CA ASN KA 15 -47.50 84.00 -76.32
C ASN KA 15 -47.17 82.52 -76.47
N LEU KA 16 -47.58 81.92 -77.58
CA LEU KA 16 -47.28 80.50 -77.84
C LEU KA 16 -45.77 80.28 -77.92
N ALA KA 17 -45.07 81.15 -78.65
CA ALA KA 17 -43.62 81.03 -78.75
C ALA KA 17 -42.96 81.15 -77.39
N ALA KA 18 -43.42 82.11 -76.57
CA ALA KA 18 -42.86 82.28 -75.24
C ALA KA 18 -43.07 81.03 -74.38
N ASN KA 19 -44.27 80.46 -74.42
CA ASN KA 19 -44.54 79.27 -73.62
C ASN KA 19 -43.68 78.09 -74.08
N ASN KA 20 -43.52 77.93 -75.40
CA ASN KA 20 -42.67 76.86 -75.91
C ASN KA 20 -41.23 77.04 -75.44
N ALA KA 21 -40.72 78.27 -75.47
CA ALA KA 21 -39.36 78.53 -75.01
C ALA KA 21 -39.19 78.17 -73.54
N ALA KA 22 -40.16 78.57 -72.70
CA ALA KA 22 -40.08 78.27 -71.28
C ALA KA 22 -40.10 76.76 -71.04
N ALA KA 23 -40.97 76.04 -71.75
CA ALA KA 23 -41.02 74.59 -71.60
C ALA KA 23 -39.72 73.95 -72.03
N SER KA 24 -39.08 74.46 -73.09
CA SER KA 24 -37.79 73.93 -73.51
C SER KA 24 -36.72 74.16 -72.46
N LYS KA 25 -36.71 75.34 -71.84
CA LYS KA 25 -35.76 75.60 -70.75
C LYS KA 25 -35.97 74.61 -69.60
N ASN KA 26 -37.23 74.35 -69.25
CA ASN KA 26 -37.51 73.41 -68.17
C ASN KA 26 -37.05 71.99 -68.54
N LEU KA 27 -37.24 71.60 -69.80
CA LEU KA 27 -36.75 70.31 -70.25
C LEU KA 27 -35.24 70.22 -70.13
N GLU KA 28 -34.54 71.28 -70.51
CA GLU KA 28 -33.09 71.32 -70.34
C GLU KA 28 -32.69 71.12 -68.89
N LYS KA 29 -33.34 71.85 -67.98
CA LYS KA 29 -33.00 71.75 -66.57
C LYS KA 29 -33.32 70.37 -66.00
N LEU KA 30 -34.34 69.70 -66.53
CA LEU KA 30 -34.71 68.39 -66.00
C LEU KA 30 -33.79 67.30 -66.54
N SER KA 31 -33.43 67.37 -67.83
CA SER KA 31 -32.54 66.37 -68.40
C SER KA 31 -31.13 66.52 -67.85
N SER KA 32 -30.65 67.75 -67.72
CA SER KA 32 -29.28 67.97 -67.25
C SER KA 32 -29.14 67.60 -65.78
N GLY KA 33 -30.17 67.83 -64.99
CA GLY KA 33 -30.09 67.67 -63.56
C GLY KA 33 -29.47 68.84 -62.82
N PHE KA 34 -29.09 69.91 -63.53
CA PHE KA 34 -28.50 71.10 -62.94
C PHE KA 34 -29.40 72.30 -63.23
N LYS KA 35 -29.46 73.20 -62.26
CA LYS KA 35 -30.28 74.41 -62.39
C LYS KA 35 -29.58 75.51 -63.16
N ILE KA 36 -28.25 75.46 -63.26
CA ILE KA 36 -27.45 76.49 -63.91
C ILE KA 36 -26.59 75.79 -64.96
N ASN KA 37 -27.05 75.84 -66.21
CA ASN KA 37 -26.29 75.30 -67.35
C ASN KA 37 -25.57 76.39 -68.14
N ARG KA 38 -26.01 77.64 -68.01
CA ARG KA 38 -25.40 78.78 -68.66
C ARG KA 38 -25.20 79.88 -67.63
N ALA KA 39 -24.39 80.88 -67.99
CA ALA KA 39 -24.21 82.01 -67.10
C ALA KA 39 -25.40 82.95 -67.13
N GLY KA 40 -26.19 82.94 -68.21
CA GLY KA 40 -27.42 83.71 -68.23
C GLY KA 40 -28.43 83.24 -67.21
N ASP KA 41 -28.37 81.95 -66.84
CA ASP KA 41 -29.23 81.45 -65.77
C ASP KA 41 -28.97 82.18 -64.47
N ASP KA 42 -27.70 82.25 -64.06
CA ASP KA 42 -27.35 82.89 -62.80
C ASP KA 42 -25.85 83.15 -62.80
N ALA KA 43 -25.46 84.43 -62.76
CA ALA KA 43 -24.04 84.79 -62.81
C ALA KA 43 -23.36 84.54 -61.46
N ALA KA 44 -23.90 85.13 -60.39
CA ALA KA 44 -23.39 84.91 -59.04
C ALA KA 44 -23.95 83.60 -58.50
N GLY KA 45 -23.14 82.56 -58.53
CA GLY KA 45 -23.58 81.22 -58.23
C GLY KA 45 -22.89 80.24 -59.16
N LEU KA 46 -22.69 80.63 -60.41
CA LEU KA 46 -21.80 79.87 -61.29
C LEU KA 46 -20.37 79.90 -60.76
N ALA KA 47 -19.87 81.10 -60.48
CA ALA KA 47 -18.53 81.26 -59.90
C ALA KA 47 -18.42 80.52 -58.58
N ILE KA 48 -19.43 80.67 -57.72
CA ILE KA 48 -19.41 80.03 -56.41
C ILE KA 48 -19.39 78.51 -56.57
N SER KA 49 -20.17 77.98 -57.51
CA SER KA 49 -20.19 76.55 -57.76
C SER KA 49 -18.84 76.05 -58.26
N GLU KA 50 -18.18 76.82 -59.14
CA GLU KA 50 -16.89 76.39 -59.65
C GLU KA 50 -15.83 76.39 -58.55
N LYS KA 51 -15.79 77.45 -57.73
CA LYS KA 51 -14.85 77.49 -56.62
C LYS KA 51 -15.12 76.35 -55.63
N MET KA 52 -16.39 76.06 -55.36
CA MET KA 52 -16.72 75.00 -54.42
C MET KA 52 -16.34 73.64 -54.98
N ARG KA 53 -16.51 73.44 -56.29
CA ARG KA 53 -16.07 72.19 -56.92
C ARG KA 53 -14.57 72.03 -56.82
N GLY KA 54 -13.82 73.10 -57.06
CA GLY KA 54 -12.38 73.06 -56.89
C GLY KA 54 -11.99 72.69 -55.47
N GLN KA 55 -12.65 73.31 -54.49
CA GLN KA 55 -12.35 73.02 -53.09
C GLN KA 55 -12.68 71.58 -52.74
N ILE KA 56 -13.80 71.06 -53.27
CA ILE KA 56 -14.19 69.68 -52.97
C ILE KA 56 -13.16 68.71 -53.52
N SER KA 57 -12.77 68.89 -54.78
CA SER KA 57 -11.76 68.03 -55.38
C SER KA 57 -10.45 68.11 -54.61
N GLY KA 58 -10.04 69.32 -54.24
CA GLY KA 58 -8.81 69.48 -53.48
C GLY KA 58 -8.87 68.80 -52.11
N LEU KA 59 -10.01 68.89 -51.44
CA LEU KA 59 -10.16 68.28 -50.13
C LEU KA 59 -10.13 66.77 -50.21
N ASN KA 60 -10.80 66.19 -51.21
CA ASN KA 60 -10.77 64.75 -51.36
C ASN KA 60 -9.36 64.26 -51.71
N MET KA 61 -8.67 64.97 -52.61
CA MET KA 61 -7.31 64.60 -52.94
C MET KA 61 -6.38 64.75 -51.74
N ALA KA 62 -6.63 65.75 -50.89
CA ALA KA 62 -5.83 65.92 -49.68
C ALA KA 62 -6.07 64.80 -48.69
N SER KA 63 -7.32 64.32 -48.60
CA SER KA 63 -7.59 63.13 -47.79
C SER KA 63 -6.80 61.94 -48.28
N LYS KA 64 -6.80 61.74 -49.61
CA LYS KA 64 -6.01 60.66 -50.21
C LYS KA 64 -4.53 60.78 -49.87
N ASN KA 65 -4.00 62.00 -49.99
CA ASN KA 65 -2.59 62.24 -49.70
C ASN KA 65 -2.27 61.99 -48.24
N SER KA 66 -3.17 62.39 -47.34
CA SER KA 66 -2.96 62.15 -45.92
C SER KA 66 -2.93 60.66 -45.61
N SER KA 67 -3.80 59.89 -46.25
CA SER KA 67 -3.76 58.44 -46.07
C SER KA 67 -2.45 57.86 -46.58
N ASP KA 68 -1.96 58.36 -47.72
CA ASP KA 68 -0.67 57.91 -48.24
C ASP KA 68 0.46 58.18 -47.24
N ALA KA 69 0.45 59.37 -46.65
CA ALA KA 69 1.45 59.72 -45.64
C ALA KA 69 1.35 58.79 -44.43
N ILE KA 70 0.13 58.44 -44.03
CA ILE KA 70 -0.04 57.51 -42.91
C ILE KA 70 0.59 56.17 -43.26
N SER KA 71 0.41 55.71 -44.50
CA SER KA 71 1.00 54.44 -44.92
C SER KA 71 2.53 54.50 -44.84
N LEU KA 72 3.11 55.58 -45.35
CA LEU KA 72 4.56 55.77 -45.26
C LEU KA 72 5.05 55.71 -43.81
N ILE KA 73 4.37 56.44 -42.92
CA ILE KA 73 4.79 56.48 -41.53
C ILE KA 73 4.68 55.11 -40.89
N GLN KA 74 3.61 54.38 -41.20
CA GLN KA 74 3.47 53.02 -40.68
C GLN KA 74 4.62 52.14 -41.15
N THR KA 75 5.07 52.33 -42.39
CA THR KA 75 6.21 51.56 -42.89
C THR KA 75 7.45 51.83 -42.03
N ALA KA 76 7.72 53.11 -41.77
CA ALA KA 76 8.91 53.45 -40.98
C ALA KA 76 8.82 52.90 -39.55
N GLU KA 77 7.66 53.02 -38.92
CA GLU KA 77 7.50 52.49 -37.56
C GLU KA 77 7.69 50.98 -37.52
N GLY KA 78 7.12 50.27 -38.50
CA GLY KA 78 7.34 48.84 -38.57
C GLY KA 78 8.81 48.50 -38.78
N GLY KA 79 9.53 49.34 -39.52
CA GLY KA 79 10.96 49.14 -39.63
C GLY KA 79 11.69 49.26 -38.30
N LEU KA 80 11.28 50.24 -37.48
CA LEU KA 80 11.98 50.49 -36.21
C LEU KA 80 11.59 49.51 -35.11
N ASN KA 81 10.46 48.82 -35.22
CA ASN KA 81 10.11 47.81 -34.24
C ASN KA 81 11.17 46.71 -34.15
N GLU KA 82 11.68 46.26 -35.29
CA GLU KA 82 12.70 45.22 -35.29
C GLU KA 82 14.03 45.76 -34.77
N THR KA 83 14.30 47.05 -34.99
CA THR KA 83 15.45 47.69 -34.36
C THR KA 83 15.35 47.58 -32.84
N HIS KA 84 14.18 47.91 -32.27
CA HIS KA 84 13.96 47.71 -30.84
C HIS KA 84 14.28 46.28 -30.42
N ALA KA 85 13.73 45.31 -31.15
CA ALA KA 85 13.87 43.91 -30.77
C ALA KA 85 15.34 43.48 -30.74
N ILE KA 86 16.06 43.75 -31.82
CA ILE KA 86 17.45 43.28 -31.88
C ILE KA 86 18.32 44.08 -30.93
N LEU KA 87 17.96 45.32 -30.61
CA LEU KA 87 18.69 46.06 -29.59
C LEU KA 87 18.52 45.41 -28.22
N GLN KA 88 17.30 44.96 -27.91
CA GLN KA 88 17.09 44.22 -26.67
C GLN KA 88 17.95 42.96 -26.63
N ARG KA 89 17.98 42.23 -27.75
CA ARG KA 89 18.79 41.02 -27.81
C ARG KA 89 20.27 41.33 -27.61
N MET KA 90 20.76 42.41 -28.22
CA MET KA 90 22.15 42.82 -28.08
C MET KA 90 22.48 43.20 -26.65
N ARG KA 91 21.58 43.89 -25.97
CA ARG KA 91 21.79 44.21 -24.56
C ARG KA 91 21.88 42.94 -23.72
N GLU KA 92 20.99 41.98 -23.98
CA GLU KA 92 21.04 40.71 -23.27
C GLU KA 92 22.39 40.03 -23.48
N LEU KA 93 22.86 39.99 -24.74
CA LEU KA 93 24.15 39.41 -25.08
C LEU KA 93 25.30 40.11 -24.35
N ALA KA 94 25.27 41.44 -24.28
CA ALA KA 94 26.32 42.16 -23.58
C ALA KA 94 26.31 41.87 -22.08
N VAL KA 95 25.13 41.83 -21.47
CA VAL KA 95 25.05 41.54 -20.04
C VAL KA 95 25.56 40.14 -19.75
N GLN KA 96 25.31 39.20 -20.67
CA GLN KA 96 25.87 37.85 -20.49
C GLN KA 96 27.38 37.82 -20.71
N SER KA 97 27.87 38.51 -21.73
CA SER KA 97 29.30 38.59 -22.01
C SER KA 97 30.08 39.24 -20.89
N ARG KA 98 29.46 40.12 -20.12
CA ARG KA 98 30.11 40.95 -19.13
C ARG KA 98 30.65 40.16 -17.95
N ASN KA 99 30.11 38.97 -17.69
CA ASN KA 99 30.51 38.15 -16.56
C ASN KA 99 31.84 37.46 -16.82
N ASP KA 100 32.57 37.17 -15.73
CA ASP KA 100 33.91 36.58 -15.82
C ASP KA 100 33.91 35.06 -15.85
N THR KA 101 32.72 34.43 -15.88
CA THR KA 101 32.67 33.00 -16.16
C THR KA 101 33.15 32.70 -17.57
N ASN KA 102 33.03 33.65 -18.49
CA ASN KA 102 33.36 33.43 -19.87
C ASN KA 102 34.85 33.65 -20.11
N ASP KA 103 35.44 32.81 -20.95
CA ASP KA 103 36.88 32.84 -21.24
C ASP KA 103 37.12 33.35 -22.66
N GLU KA 104 38.07 34.27 -22.77
CA GLU KA 104 38.57 34.67 -24.08
C GLU KA 104 39.40 33.57 -24.74
N ALA KA 105 40.02 32.69 -23.95
CA ALA KA 105 40.89 31.66 -24.49
C ALA KA 105 40.09 30.64 -25.30
N THR KA 106 39.06 30.05 -24.69
CA THR KA 106 38.24 29.04 -25.35
C THR KA 106 37.03 29.63 -26.05
N ASN KA 107 37.11 30.90 -26.47
CA ASN KA 107 36.23 31.46 -27.49
C ASN KA 107 34.78 31.56 -27.00
N ASP KA 108 34.59 31.87 -25.71
CA ASP KA 108 33.25 32.04 -25.16
C ASP KA 108 32.63 33.36 -25.61
N ARG KA 109 33.40 34.44 -25.53
CA ARG KA 109 32.90 35.77 -25.89
C ARG KA 109 32.94 36.03 -27.40
N SER KA 110 33.81 35.37 -28.14
CA SER KA 110 33.87 35.59 -29.58
C SER KA 110 32.62 35.08 -30.28
N ASN KA 111 31.94 34.09 -29.71
CA ASN KA 111 30.66 33.66 -30.28
C ASN KA 111 29.55 34.68 -30.03
N LEU KA 112 29.53 35.28 -28.84
CA LEU KA 112 28.59 36.36 -28.60
C LEU KA 112 28.92 37.56 -29.48
N ASN KA 113 30.20 37.76 -29.80
CA ASN KA 113 30.59 38.82 -30.72
C ASN KA 113 30.18 38.49 -32.16
N ASP KA 114 30.26 37.22 -32.56
CA ASP KA 114 29.67 36.80 -33.83
C ASP KA 114 28.20 37.19 -33.91
N GLU KA 115 27.43 36.83 -32.88
CA GLU KA 115 26.02 37.18 -32.80
C GLU KA 115 25.82 38.69 -32.89
N LEU KA 116 26.62 39.44 -32.12
CA LEU KA 116 26.50 40.89 -32.08
C LEU KA 116 26.81 41.53 -33.43
N LYS KA 117 27.86 41.05 -34.11
CA LYS KA 117 28.20 41.58 -35.42
C LYS KA 117 27.09 41.31 -36.44
N GLN KA 118 26.49 40.11 -36.39
CA GLN KA 118 25.39 39.85 -37.31
C GLN KA 118 24.20 40.75 -37.01
N LEU KA 119 23.92 41.01 -35.74
CA LEU KA 119 22.80 41.91 -35.41
C LEU KA 119 23.12 43.35 -35.81
N GLN KA 120 24.38 43.75 -35.78
CA GLN KA 120 24.76 45.08 -36.25
C GLN KA 120 24.64 45.20 -37.76
N GLU KA 121 24.97 44.14 -38.49
CA GLU KA 121 24.72 44.17 -39.92
C GLU KA 121 23.24 44.24 -40.21
N GLU KA 122 22.41 43.61 -39.38
CA GLU KA 122 20.96 43.67 -39.59
C GLU KA 122 20.39 45.06 -39.26
N ILE KA 123 20.87 45.69 -38.19
CA ILE KA 123 20.39 47.03 -37.85
C ILE KA 123 20.78 48.03 -38.94
N THR KA 124 21.94 47.85 -39.58
CA THR KA 124 22.27 48.71 -40.72
C THR KA 124 21.44 48.37 -41.96
N ARG KA 125 21.17 47.07 -42.16
CA ARG KA 125 20.41 46.63 -43.33
C ARG KA 125 19.00 47.19 -43.30
N ILE KA 126 18.34 47.14 -42.15
CA ILE KA 126 16.99 47.68 -42.04
C ILE KA 126 16.99 49.17 -42.35
N SER KA 127 18.04 49.88 -41.94
CA SER KA 127 18.14 51.30 -42.22
C SER KA 127 18.19 51.56 -43.71
N SER KA 128 19.19 51.01 -44.39
CA SER KA 128 19.41 51.35 -45.80
C SER KA 128 18.86 50.32 -46.78
N GLN KA 129 17.80 49.60 -46.41
CA GLN KA 129 17.02 48.80 -47.37
C GLN KA 129 15.52 48.95 -47.13
N MET KA 130 15.12 50.05 -46.50
CA MET KA 130 13.71 50.36 -46.28
C MET KA 130 13.27 51.38 -47.31
N GLU KA 131 12.10 51.19 -47.90
CA GLU KA 131 11.66 52.13 -48.95
C GLU KA 131 10.15 52.08 -49.11
N PHE KA 132 9.60 53.20 -49.53
CA PHE KA 132 8.18 53.38 -49.86
C PHE KA 132 8.13 54.09 -51.20
N ASN KA 133 7.73 53.36 -52.23
CA ASN KA 133 7.61 53.92 -53.59
C ASN KA 133 8.98 54.36 -54.11
N ASN KA 134 10.00 53.53 -53.85
CA ASN KA 134 11.37 53.82 -54.29
C ASN KA 134 11.91 55.08 -53.62
N LYS KA 135 11.84 55.12 -52.29
CA LYS KA 135 12.22 56.29 -51.52
C LYS KA 135 12.86 55.82 -50.22
N LYS KA 136 14.18 55.93 -50.12
CA LYS KA 136 14.88 55.54 -48.91
C LYS KA 136 14.52 56.49 -47.78
N LEU KA 137 14.09 55.94 -46.64
CA LEU KA 137 13.56 56.71 -45.52
C LEU KA 137 14.56 56.88 -44.38
N LEU KA 138 15.16 55.79 -43.92
CA LEU KA 138 15.98 55.77 -42.70
C LEU KA 138 17.47 55.83 -42.98
N ASP KA 139 17.87 56.65 -43.95
CA ASP KA 139 19.27 56.74 -44.36
C ASP KA 139 19.85 58.11 -44.06
N GLY KA 140 18.98 59.13 -43.96
CA GLY KA 140 19.37 60.51 -43.98
C GLY KA 140 18.97 61.28 -45.23
N SER KA 141 18.20 60.67 -46.13
CA SER KA 141 17.75 61.39 -47.33
C SER KA 141 16.81 62.54 -46.96
N GLN KA 142 15.88 62.27 -46.04
CA GLN KA 142 14.88 63.26 -45.64
C GLN KA 142 15.35 64.14 -44.49
N SER KA 143 16.49 63.82 -43.87
CA SER KA 143 16.99 64.62 -42.76
C SER KA 143 17.56 65.97 -43.22
N THR KA 144 17.73 66.17 -44.53
CA THR KA 144 18.32 67.40 -45.03
C THR KA 144 17.26 68.47 -45.25
N ASN KA 145 16.18 68.13 -45.96
CA ASN KA 145 15.11 69.06 -46.28
C ASN KA 145 13.76 68.63 -45.70
N GLY KA 146 13.38 67.37 -45.91
CA GLY KA 146 12.20 66.81 -45.31
C GLY KA 146 11.11 66.51 -46.33
N LEU KA 147 10.20 65.62 -45.94
CA LEU KA 147 9.05 65.25 -46.76
C LEU KA 147 7.90 66.21 -46.48
N THR KA 148 7.30 66.73 -47.55
CA THR KA 148 6.22 67.70 -47.48
C THR KA 148 4.94 67.07 -47.96
N PHE KA 149 3.91 67.06 -47.10
CA PHE KA 149 2.60 66.52 -47.43
C PHE KA 149 1.61 67.66 -47.60
N GLN KA 150 0.91 67.65 -48.74
CA GLN KA 150 -0.17 68.58 -49.03
C GLN KA 150 -1.44 68.02 -48.42
N ILE KA 151 -1.91 68.66 -47.34
CA ILE KA 151 -3.08 68.20 -46.59
C ILE KA 151 -4.18 69.25 -46.70
N GLY KA 152 -4.24 69.94 -47.83
CA GLY KA 152 -5.24 70.98 -48.03
C GLY KA 152 -5.41 71.27 -49.49
N ALA KA 153 -6.59 71.82 -49.83
CA ALA KA 153 -6.91 72.10 -51.21
C ALA KA 153 -6.02 73.21 -51.78
N ASN KA 154 -5.79 74.26 -51.01
CA ASN KA 154 -5.08 75.45 -51.48
C ASN KA 154 -3.57 75.31 -51.30
N ALA KA 155 -2.85 76.30 -51.84
CA ALA KA 155 -1.40 76.33 -51.74
C ALA KA 155 -0.96 76.79 -50.36
N GLY KA 156 0.13 76.19 -49.88
CA GLY KA 156 0.66 76.49 -48.57
C GLY KA 156 0.08 75.66 -47.44
N GLN KA 157 -0.99 74.92 -47.68
CA GLN KA 157 -1.62 74.09 -46.65
C GLN KA 157 -0.88 72.75 -46.59
N THR KA 158 0.36 72.82 -46.09
CA THR KA 158 1.30 71.71 -46.10
C THR KA 158 1.79 71.42 -44.69
N ILE KA 159 2.44 70.27 -44.54
CA ILE KA 159 3.19 69.95 -43.34
C ILE KA 159 4.51 69.33 -43.75
N THR KA 160 5.60 69.78 -43.12
CA THR KA 160 6.93 69.23 -43.34
C THR KA 160 7.26 68.23 -42.25
N MET KA 161 8.10 67.25 -42.61
CA MET KA 161 8.48 66.17 -41.73
C MET KA 161 9.93 65.81 -42.00
N LYS KA 162 10.59 65.27 -40.99
CA LYS KA 162 12.00 64.90 -41.10
C LYS KA 162 12.23 63.60 -40.35
N ILE KA 163 13.09 62.76 -40.91
CA ILE KA 163 13.48 61.49 -40.29
C ILE KA 163 15.00 61.43 -40.28
N SER KA 164 15.56 61.07 -39.13
CA SER KA 164 16.99 61.08 -38.92
C SER KA 164 17.62 59.77 -39.39
N THR KA 165 18.94 59.80 -39.55
CA THR KA 165 19.68 58.58 -39.86
C THR KA 165 19.65 57.66 -38.64
N MET KA 166 19.27 56.41 -38.86
CA MET KA 166 19.10 55.38 -37.82
C MET KA 166 20.00 54.19 -38.09
N SER KA 167 21.24 54.45 -38.50
CA SER KA 167 22.25 53.42 -38.66
C SER KA 167 23.03 53.22 -37.35
N ALA KA 168 23.90 52.20 -37.36
CA ALA KA 168 24.68 51.89 -36.17
C ALA KA 168 25.74 52.95 -35.91
N THR KA 169 26.29 53.57 -36.96
CA THR KA 169 27.31 54.59 -36.77
C THR KA 169 26.74 55.81 -36.06
N LYS KA 170 25.53 56.23 -36.43
CA LYS KA 170 24.95 57.44 -35.84
C LYS KA 170 24.64 57.25 -34.36
N LEU KA 171 24.26 56.04 -33.98
CA LEU KA 171 23.84 55.75 -32.61
C LEU KA 171 24.96 55.25 -31.71
N GLY KA 172 26.20 55.24 -32.19
CA GLY KA 172 27.33 54.88 -31.35
C GLY KA 172 27.28 53.43 -30.87
N VAL KA 173 26.77 52.52 -31.71
CA VAL KA 173 26.68 51.11 -31.38
C VAL KA 173 27.35 50.23 -32.42
N ASP KA 174 27.90 50.80 -33.49
CA ASP KA 174 28.68 50.05 -34.46
C ASP KA 174 29.86 49.35 -33.79
N ALA KA 175 30.41 48.35 -34.51
CA ALA KA 175 31.43 47.49 -33.95
C ALA KA 175 32.71 48.24 -33.57
N ALA KA 176 32.95 49.41 -34.15
CA ALA KA 176 34.12 50.19 -33.80
C ALA KA 176 34.07 50.76 -32.39
N LYS KA 177 32.89 50.77 -31.75
CA LYS KA 177 32.73 51.34 -30.41
C LYS KA 177 31.85 50.50 -29.50
N ALA KA 178 31.42 49.30 -29.91
CA ALA KA 178 30.52 48.49 -29.12
C ALA KA 178 30.88 47.01 -29.16
N SER KA 179 32.16 46.68 -29.29
CA SER KA 179 32.56 45.28 -29.21
C SER KA 179 32.31 44.73 -27.81
N ILE KA 180 32.16 43.42 -27.73
CA ILE KA 180 32.07 42.72 -26.45
C ILE KA 180 33.14 41.63 -26.40
N SER KA 181 34.25 41.86 -27.10
CA SER KA 181 35.41 40.98 -26.97
C SER KA 181 35.87 40.87 -25.53
N LYS KA 182 35.98 42.01 -24.83
CA LYS KA 182 36.50 42.05 -23.48
C LYS KA 182 35.34 42.07 -22.48
N GLY KA 183 35.69 42.15 -21.20
CA GLY KA 183 34.72 42.42 -20.16
C GLY KA 183 34.47 43.90 -20.02
N THR KA 184 35.53 44.70 -20.24
CA THR KA 184 35.40 46.16 -20.10
C THR KA 184 34.51 46.74 -21.20
N ALA KA 185 34.66 46.25 -22.43
CA ALA KA 185 33.91 46.82 -23.55
C ALA KA 185 32.41 46.57 -23.41
N ALA KA 186 32.02 45.46 -22.79
CA ALA KA 186 30.59 45.20 -22.57
C ALA KA 186 29.98 46.22 -21.62
N SER KA 187 30.77 46.72 -20.66
CA SER KA 187 30.30 47.76 -19.77
C SER KA 187 29.84 48.99 -20.55
N LYS KA 188 30.67 49.47 -21.47
CA LYS KA 188 30.29 50.60 -22.30
C LYS KA 188 29.18 50.21 -23.27
N ALA KA 189 29.19 48.96 -23.74
CA ALA KA 189 28.19 48.53 -24.73
C ALA KA 189 26.79 48.58 -24.15
N ILE KA 190 26.65 48.24 -22.87
CA ILE KA 190 25.32 48.26 -22.24
C ILE KA 190 24.75 49.67 -22.27
N LYS KA 191 25.54 50.66 -21.82
CA LYS KA 191 25.09 52.04 -21.81
C LYS KA 191 24.84 52.55 -23.22
N SER KA 192 25.70 52.16 -24.16
CA SER KA 192 25.55 52.56 -25.55
C SER KA 192 24.24 52.04 -26.13
N ILE KA 193 23.89 50.79 -25.80
CA ILE KA 193 22.66 50.18 -26.29
C ILE KA 193 21.45 50.84 -25.65
N ASP KA 194 21.54 51.19 -24.36
CA ASP KA 194 20.45 51.92 -23.72
C ASP KA 194 20.19 53.26 -24.39
N ASP KA 195 21.27 54.01 -24.67
CA ASP KA 195 21.14 55.29 -25.35
C ASP KA 195 20.49 55.12 -26.71
N ALA KA 196 20.89 54.08 -27.44
CA ALA KA 196 20.31 53.83 -28.75
C ALA KA 196 18.82 53.50 -28.67
N ILE KA 197 18.43 52.67 -27.69
CA ILE KA 197 17.03 52.33 -27.50
C ILE KA 197 16.22 53.58 -27.22
N ASN KA 198 16.71 54.46 -26.34
CA ASN KA 198 16.00 55.69 -26.04
C ASN KA 198 15.85 56.57 -27.27
N THR KA 199 16.93 56.68 -28.06
CA THR KA 199 16.87 57.53 -29.26
C THR KA 199 15.85 57.01 -30.26
N VAL KA 200 15.83 55.70 -30.48
CA VAL KA 200 14.89 55.18 -31.48
C VAL KA 200 13.45 55.23 -30.96
N SER KA 201 13.27 55.12 -29.64
CA SER KA 201 11.95 55.36 -29.07
C SER KA 201 11.49 56.79 -29.32
N LYS KA 202 12.42 57.75 -29.14
CA LYS KA 202 12.10 59.15 -29.42
C LYS KA 202 11.66 59.35 -30.86
N THR KA 203 12.40 58.76 -31.80
CA THR KA 203 12.04 58.88 -33.21
C THR KA 203 10.68 58.26 -33.51
N ARG KA 204 10.41 57.09 -32.94
CA ARG KA 204 9.10 56.46 -33.13
C ARG KA 204 7.97 57.35 -32.60
N SER KA 205 8.17 57.96 -31.43
CA SER KA 205 7.19 58.89 -30.90
C SER KA 205 6.96 60.05 -31.87
N ALA KA 206 8.04 60.59 -32.42
CA ALA KA 206 7.92 61.70 -33.37
C ALA KA 206 7.10 61.31 -34.58
N LEU KA 207 7.24 60.07 -35.05
CA LEU KA 207 6.43 59.62 -36.18
C LEU KA 207 4.96 59.43 -35.80
N GLY KA 208 4.72 58.79 -34.66
CA GLY KA 208 3.35 58.53 -34.25
C GLY KA 208 2.55 59.79 -34.00
N ALA KA 209 3.20 60.84 -33.53
CA ALA KA 209 2.52 62.12 -33.34
C ALA KA 209 1.96 62.64 -34.66
N VAL KA 210 2.75 62.59 -35.72
CA VAL KA 210 2.29 63.07 -37.02
C VAL KA 210 1.18 62.19 -37.56
N GLN KA 211 1.27 60.87 -37.30
CA GLN KA 211 0.19 59.97 -37.69
C GLN KA 211 -1.13 60.37 -37.03
N ASN KA 212 -1.10 60.58 -35.71
CA ASN KA 212 -2.30 60.94 -34.98
C ASN KA 212 -2.84 62.29 -35.45
N ARG KA 213 -1.95 63.22 -35.79
CA ARG KA 213 -2.40 64.49 -36.36
C ARG KA 213 -3.13 64.29 -37.68
N LEU KA 214 -2.56 63.45 -38.55
CA LEU KA 214 -3.14 63.26 -39.88
C LEU KA 214 -4.52 62.61 -39.79
N GLU KA 215 -4.75 61.79 -38.77
CA GLU KA 215 -6.08 61.21 -38.58
C GLU KA 215 -7.14 62.29 -38.38
N HIS KA 216 -6.90 63.20 -37.42
CA HIS KA 216 -7.80 64.32 -37.18
C HIS KA 216 -7.95 65.18 -38.43
N THR KA 217 -6.85 65.39 -39.16
CA THR KA 217 -6.91 66.15 -40.40
C THR KA 217 -7.85 65.50 -41.40
N ILE KA 218 -7.80 64.17 -41.52
CA ILE KA 218 -8.67 63.47 -42.46
C ILE KA 218 -10.13 63.64 -42.05
N ASN KA 219 -10.41 63.52 -40.75
CA ASN KA 219 -11.78 63.71 -40.28
C ASN KA 219 -12.31 65.10 -40.64
N ASN KA 220 -11.50 66.12 -40.37
CA ASN KA 220 -11.91 67.50 -40.68
C ASN KA 220 -12.13 67.69 -42.18
N LEU KA 221 -11.24 67.11 -43.00
CA LEU KA 221 -11.38 67.23 -44.45
C LEU KA 221 -12.67 66.59 -44.93
N GLY KA 222 -13.01 65.40 -44.40
CA GLY KA 222 -14.26 64.76 -44.78
C GLY KA 222 -15.47 65.59 -44.42
N THR KA 223 -15.49 66.13 -43.20
CA THR KA 223 -16.60 66.97 -42.77
C THR KA 223 -16.76 68.19 -43.67
N SER KA 224 -15.64 68.88 -43.94
CA SER KA 224 -15.70 70.08 -44.77
C SER KA 224 -16.14 69.75 -46.19
N ALA KA 225 -15.67 68.62 -46.73
CA ALA KA 225 -16.07 68.24 -48.08
C ALA KA 225 -17.55 67.95 -48.16
N GLU KA 226 -18.11 67.24 -47.17
CA GLU KA 226 -19.54 66.99 -47.16
C GLU KA 226 -20.33 68.28 -47.08
N ASN KA 227 -19.92 69.21 -46.20
CA ASN KA 227 -20.67 70.46 -46.06
C ASN KA 227 -20.64 71.28 -47.34
N LEU KA 228 -19.46 71.41 -47.95
CA LEU KA 228 -19.37 72.17 -49.19
C LEU KA 228 -20.11 71.47 -50.33
N THR KA 229 -20.15 70.14 -50.32
CA THR KA 229 -20.93 69.42 -51.32
C THR KA 229 -22.41 69.73 -51.17
N ALA KA 230 -22.90 69.77 -49.93
CA ALA KA 230 -24.28 70.15 -49.69
C ALA KA 230 -24.56 71.56 -50.19
N ALA KA 231 -23.66 72.49 -49.88
CA ALA KA 231 -23.82 73.87 -50.33
C ALA KA 231 -23.86 73.97 -51.85
N GLU KA 232 -22.92 73.31 -52.52
CA GLU KA 232 -22.87 73.37 -53.98
C GLU KA 232 -24.11 72.73 -54.60
N SER KA 233 -24.59 71.63 -54.00
CA SER KA 233 -25.82 71.00 -54.48
C SER KA 233 -26.99 71.96 -54.38
N ARG KA 234 -27.13 72.61 -53.23
CA ARG KA 234 -28.24 73.54 -53.05
C ARG KA 234 -28.13 74.74 -53.98
N ILE KA 235 -26.91 75.15 -54.34
CA ILE KA 235 -26.74 76.28 -55.23
C ILE KA 235 -27.10 75.89 -56.66
N ARG KA 236 -26.45 74.85 -57.18
CA ARG KA 236 -26.48 74.56 -58.62
C ARG KA 236 -27.51 73.52 -59.01
N ASP KA 237 -27.67 72.44 -58.26
CA ASP KA 237 -28.61 71.40 -58.64
C ASP KA 237 -30.05 71.91 -58.53
N THR KA 238 -30.95 71.26 -59.27
CA THR KA 238 -32.33 71.67 -59.37
C THR KA 238 -33.24 70.67 -58.68
N ASP KA 239 -34.35 71.17 -58.14
CA ASP KA 239 -35.38 70.32 -57.57
C ASP KA 239 -36.29 69.81 -58.68
N MET KA 240 -36.44 68.49 -58.75
CA MET KA 240 -37.19 67.88 -59.85
C MET KA 240 -38.66 68.28 -59.80
N ALA KA 241 -39.22 68.38 -58.60
CA ALA KA 241 -40.66 68.61 -58.47
C ALA KA 241 -41.06 69.97 -59.00
N ALA KA 242 -40.30 71.01 -58.65
CA ALA KA 242 -40.64 72.36 -59.09
C ALA KA 242 -40.54 72.49 -60.61
N GLU KA 243 -39.50 71.92 -61.21
CA GLU KA 243 -39.36 71.98 -62.65
C GLU KA 243 -40.44 71.15 -63.35
N MET KA 244 -40.84 70.03 -62.76
CA MET KA 244 -41.95 69.26 -63.29
C MET KA 244 -43.23 70.08 -63.29
N MET KA 245 -43.51 70.76 -62.18
CA MET KA 245 -44.66 71.64 -62.09
C MET KA 245 -44.63 72.70 -63.19
N ALA KA 246 -43.50 73.38 -63.32
CA ALA KA 246 -43.38 74.45 -64.31
C ALA KA 246 -43.55 73.91 -65.73
N PHE KA 247 -42.99 72.73 -66.00
CA PHE KA 247 -43.07 72.16 -67.34
C PHE KA 247 -44.51 71.77 -67.69
N THR KA 248 -45.22 71.16 -66.75
CA THR KA 248 -46.63 70.83 -66.98
C THR KA 248 -47.45 72.10 -67.22
N LYS KA 249 -47.22 73.11 -66.40
CA LYS KA 249 -47.91 74.40 -66.56
C LYS KA 249 -47.67 74.98 -67.94
N ASN KA 250 -46.41 75.01 -68.38
CA ASN KA 250 -46.08 75.59 -69.68
C ASN KA 250 -46.66 74.77 -70.82
N ASN KA 251 -46.73 73.45 -70.68
CA ASN KA 251 -47.36 72.63 -71.71
C ASN KA 251 -48.86 72.96 -71.82
N ILE KA 252 -49.53 73.08 -70.68
CA ILE KA 252 -50.96 73.40 -70.69
C ILE KA 252 -51.18 74.76 -71.34
N LEU KA 253 -50.31 75.73 -71.03
CA LEU KA 253 -50.42 77.05 -71.63
C LEU KA 253 -50.18 76.99 -73.13
N THR KA 254 -49.23 76.17 -73.57
CA THR KA 254 -48.96 76.01 -74.98
C THR KA 254 -50.18 75.45 -75.71
N GLN KA 255 -50.82 74.44 -75.13
CA GLN KA 255 -52.02 73.87 -75.74
C GLN KA 255 -53.14 74.91 -75.82
N ALA KA 256 -53.31 75.68 -74.74
CA ALA KA 256 -54.33 76.72 -74.74
C ALA KA 256 -54.09 77.74 -75.84
N ALA KA 257 -52.83 78.18 -75.99
CA ALA KA 257 -52.51 79.15 -77.03
C ALA KA 257 -52.71 78.56 -78.42
N GLN KA 258 -52.41 77.26 -78.58
CA GLN KA 258 -52.64 76.61 -79.86
C GLN KA 258 -54.12 76.63 -80.24
N SER KA 259 -54.99 76.25 -79.30
CA SER KA 259 -56.42 76.29 -79.56
C SER KA 259 -56.90 77.71 -79.84
N MET KA 260 -56.40 78.68 -79.09
CA MET KA 260 -56.79 80.07 -79.28
C MET KA 260 -56.39 80.56 -80.67
N LEU KA 261 -55.21 80.15 -81.14
CA LEU KA 261 -54.78 80.55 -82.48
C LEU KA 261 -55.61 79.89 -83.56
N ALA KA 262 -55.95 78.61 -83.36
CA ALA KA 262 -56.83 77.93 -84.30
C ALA KA 262 -58.18 78.63 -84.40
N GLN KA 263 -58.67 79.16 -83.29
CA GLN KA 263 -59.92 79.93 -83.33
C GLN KA 263 -59.73 81.27 -84.02
N ALA KA 264 -58.66 81.98 -83.67
CA ALA KA 264 -58.43 83.32 -84.22
C ALA KA 264 -58.22 83.28 -85.72
N ASN KA 265 -57.66 82.20 -86.25
CA ASN KA 265 -57.51 82.08 -87.70
C ASN KA 265 -58.86 81.92 -88.39
N GLN KA 266 -59.82 81.28 -87.74
CA GLN KA 266 -61.16 81.12 -88.30
C GLN KA 266 -62.05 82.34 -88.08
N GLN KA 267 -61.72 83.19 -87.11
CA GLN KA 267 -62.56 84.35 -86.81
C GLN KA 267 -62.81 85.25 -88.01
N PRO KA 268 -61.81 85.65 -88.82
CA PRO KA 268 -62.13 86.53 -89.97
C PRO KA 268 -62.68 85.79 -91.18
N GLN KA 269 -63.99 85.55 -91.16
CA GLN KA 269 -64.71 84.95 -92.28
C GLN KA 269 -65.97 85.76 -92.51
N GLY KA 270 -65.86 86.81 -93.32
CA GLY KA 270 -66.97 87.65 -93.70
C GLY KA 270 -67.23 87.56 -95.18
N VAL KA 271 -67.04 86.36 -95.75
CA VAL KA 271 -67.29 86.16 -97.17
C VAL KA 271 -68.78 86.17 -97.47
N LEU KA 272 -69.63 85.88 -96.48
CA LEU KA 272 -71.07 85.92 -96.73
C LEU KA 272 -71.61 87.34 -96.91
N GLN KA 273 -70.83 88.37 -96.63
CA GLN KA 273 -71.23 89.70 -97.05
C GLN KA 273 -71.36 89.77 -98.56
N LEU KA 274 -70.33 89.28 -99.25
CA LEU KA 274 -70.20 89.51 -100.68
C LEU KA 274 -71.13 88.60 -101.48
N LEU KA 275 -70.93 87.29 -101.37
CA LEU KA 275 -71.70 86.32 -102.13
C LEU KA 275 -72.98 85.96 -101.39
N GLN KA 276 -73.73 85.02 -101.95
CA GLN KA 276 -74.96 84.58 -101.28
C GLN KA 276 -75.45 83.28 -101.94
N MET LA 1 -51.58 77.78 -116.44
CA MET LA 1 -51.78 78.85 -115.50
C MET LA 1 -52.90 78.78 -114.43
N ARG LA 2 -54.07 78.23 -114.77
CA ARG LA 2 -55.22 78.21 -113.88
C ARG LA 2 -55.71 76.80 -113.57
N ILE LA 3 -56.00 75.99 -114.59
CA ILE LA 3 -56.77 74.76 -114.42
C ILE LA 3 -55.94 73.53 -114.77
N GLN LA 4 -55.43 73.50 -116.00
CA GLN LA 4 -54.81 72.30 -116.55
C GLN LA 4 -53.61 71.81 -115.75
N HIS LA 5 -52.96 72.70 -114.99
CA HIS LA 5 -51.79 72.34 -114.20
C HIS LA 5 -51.86 73.06 -112.86
N ASN LA 6 -51.53 72.34 -111.79
CA ASN LA 6 -51.58 72.87 -110.43
C ASN LA 6 -50.23 72.58 -109.77
N ILE LA 7 -49.31 73.54 -109.84
CA ILE LA 7 -47.90 73.25 -109.55
C ILE LA 7 -47.66 73.11 -108.05
N ALA LA 8 -48.44 73.82 -107.23
CA ALA LA 8 -48.32 73.71 -105.78
C ALA LA 8 -48.54 72.27 -105.32
N ALA LA 9 -49.56 71.62 -105.90
CA ALA LA 9 -49.85 70.24 -105.55
C ALA LA 9 -48.72 69.30 -105.97
N LEU LA 10 -48.08 69.58 -107.11
CA LEU LA 10 -46.94 68.79 -107.54
C LEU LA 10 -45.79 68.89 -106.54
N ASN LA 11 -45.46 70.13 -106.13
CA ASN LA 11 -44.39 70.32 -105.15
C ASN LA 11 -44.72 69.62 -103.84
N THR LA 12 -45.98 69.73 -103.39
CA THR LA 12 -46.40 69.07 -102.16
C THR LA 12 -46.28 67.56 -102.28
N HIS LA 13 -46.62 67.01 -103.44
CA HIS LA 13 -46.50 65.58 -103.68
C HIS LA 13 -45.05 65.13 -103.60
N ARG LA 14 -44.15 65.90 -104.23
CA ARG LA 14 -42.72 65.62 -104.15
C ARG LA 14 -42.24 65.54 -102.71
N ASN LA 15 -42.55 66.58 -101.93
CA ASN LA 15 -42.09 66.63 -100.54
C ASN LA 15 -42.70 65.49 -99.71
N LEU LA 16 -43.96 65.16 -99.98
CA LEU LA 16 -44.62 64.06 -99.27
C LEU LA 16 -43.91 62.74 -99.56
N ALA LA 17 -43.60 62.49 -100.83
CA ALA LA 17 -42.89 61.27 -101.19
C ALA LA 17 -41.53 61.20 -100.51
N ALA LA 18 -40.80 62.32 -100.48
CA ALA LA 18 -39.50 62.34 -99.82
C ALA LA 18 -39.62 62.01 -98.33
N ASN LA 19 -40.60 62.62 -97.66
CA ASN LA 19 -40.79 62.37 -96.24
C ASN LA 19 -41.15 60.91 -95.97
N ASN LA 20 -42.01 60.34 -96.81
CA ASN LA 20 -42.36 58.93 -96.66
C ASN LA 20 -41.14 58.04 -96.83
N ALA LA 21 -40.30 58.34 -97.82
CA ALA LA 21 -39.08 57.55 -98.03
C ALA LA 21 -38.16 57.61 -96.81
N ALA LA 22 -37.97 58.82 -96.26
CA ALA LA 22 -37.11 58.95 -95.09
C ALA LA 22 -37.66 58.19 -93.89
N ALA LA 23 -38.97 58.27 -93.68
CA ALA LA 23 -39.58 57.51 -92.58
C ALA LA 23 -39.41 56.02 -92.78
N SER LA 24 -39.52 55.54 -94.02
CA SER LA 24 -39.32 54.12 -94.28
C SER LA 24 -37.88 53.70 -93.98
N LYS LA 25 -36.90 54.53 -94.36
CA LYS LA 25 -35.51 54.24 -94.03
C LYS LA 25 -35.32 54.14 -92.52
N ASN LA 26 -35.92 55.07 -91.77
CA ASN LA 26 -35.81 55.04 -90.32
C ASN LA 26 -36.44 53.78 -89.74
N LEU LA 27 -37.59 53.37 -90.29
CA LEU LA 27 -38.21 52.12 -89.85
C LEU LA 27 -37.30 50.94 -90.08
N GLU LA 28 -36.65 50.90 -91.25
CA GLU LA 28 -35.69 49.83 -91.54
C GLU LA 28 -34.58 49.81 -90.50
N LYS LA 29 -34.00 50.97 -90.21
CA LYS LA 29 -32.90 51.02 -89.25
C LYS LA 29 -33.35 50.64 -87.85
N LEU LA 30 -34.60 50.92 -87.49
CA LEU LA 30 -35.07 50.59 -86.14
C LEU LA 30 -35.41 49.11 -86.02
N SER LA 31 -36.04 48.53 -87.04
CA SER LA 31 -36.37 47.12 -86.99
C SER LA 31 -35.13 46.25 -87.07
N SER LA 32 -34.18 46.62 -87.94
CA SER LA 32 -32.98 45.80 -88.12
C SER LA 32 -32.08 45.87 -86.90
N GLY LA 33 -32.04 47.03 -86.24
CA GLY LA 33 -31.10 47.25 -85.18
C GLY LA 33 -29.70 47.64 -85.62
N PHE LA 34 -29.46 47.76 -86.92
CA PHE LA 34 -28.18 48.14 -87.48
C PHE LA 34 -28.32 49.43 -88.25
N LYS LA 35 -27.29 50.27 -88.18
CA LYS LA 35 -27.28 51.55 -88.87
C LYS LA 35 -26.88 51.43 -90.33
N ILE LA 36 -26.22 50.33 -90.71
CA ILE LA 36 -25.71 50.12 -92.06
C ILE LA 36 -26.25 48.78 -92.53
N ASN LA 37 -27.33 48.82 -93.31
CA ASN LA 37 -27.91 47.62 -93.92
C ASN LA 37 -27.53 47.48 -95.39
N ARG LA 38 -27.11 48.57 -96.04
CA ARG LA 38 -26.67 48.55 -97.42
C ARG LA 38 -25.35 49.32 -97.51
N ALA LA 39 -24.67 49.15 -98.64
CA ALA LA 39 -23.43 49.89 -98.85
C ALA LA 39 -23.70 51.35 -99.19
N GLY LA 40 -24.88 51.66 -99.72
CA GLY LA 40 -25.25 53.05 -99.94
C GLY LA 40 -25.35 53.84 -98.66
N ASP LA 41 -25.67 53.17 -97.54
CA ASP LA 41 -25.69 53.83 -96.25
C ASP LA 41 -24.31 54.40 -95.91
N ASP LA 42 -23.28 53.57 -96.01
CA ASP LA 42 -21.93 53.99 -95.66
C ASP LA 42 -20.95 52.98 -96.23
N ALA LA 43 -20.10 53.41 -97.16
CA ALA LA 43 -19.15 52.50 -97.80
C ALA LA 43 -17.97 52.21 -96.89
N ALA LA 44 -17.29 53.24 -96.42
CA ALA LA 44 -16.18 53.08 -95.46
C ALA LA 44 -16.75 52.93 -94.06
N GLY LA 45 -16.79 51.69 -93.58
CA GLY LA 45 -17.47 51.34 -92.35
C GLY LA 45 -18.15 50.00 -92.50
N LEU LA 46 -18.70 49.73 -93.69
CA LEU LA 46 -19.13 48.37 -94.00
C LEU LA 46 -17.94 47.42 -94.03
N ALA LA 47 -16.90 47.79 -94.78
CA ALA LA 47 -15.68 46.99 -94.83
C ALA LA 47 -15.06 46.85 -93.45
N ILE LA 48 -14.99 47.95 -92.70
CA ILE LA 48 -14.40 47.92 -91.37
C ILE LA 48 -15.19 46.99 -90.46
N SER LA 49 -16.52 47.05 -90.55
CA SER LA 49 -17.38 46.18 -89.75
C SER LA 49 -17.15 44.72 -90.09
N GLU LA 50 -17.03 44.41 -91.38
CA GLU LA 50 -16.82 43.02 -91.78
C GLU LA 50 -15.48 42.50 -91.30
N LYS LA 51 -14.41 43.29 -91.47
CA LYS LA 51 -13.10 42.88 -90.97
C LYS LA 51 -13.12 42.70 -89.45
N MET LA 52 -13.81 43.61 -88.74
CA MET LA 52 -13.85 43.50 -87.29
C MET LA 52 -14.65 42.29 -86.84
N ARG LA 53 -15.72 41.95 -87.56
CA ARG LA 53 -16.47 40.74 -87.27
C ARG LA 53 -15.61 39.50 -87.47
N GLY LA 54 -14.86 39.47 -88.57
CA GLY LA 54 -13.92 38.37 -88.78
C GLY LA 54 -12.91 38.24 -87.66
N GLN LA 55 -12.34 39.36 -87.24
CA GLN LA 55 -11.37 39.34 -86.15
C GLN LA 55 -12.00 38.88 -84.84
N ILE LA 56 -13.23 39.31 -84.57
CA ILE LA 56 -13.90 38.91 -83.34
C ILE LA 56 -14.13 37.41 -83.31
N SER LA 57 -14.67 36.87 -84.41
CA SER LA 57 -14.90 35.42 -84.51
C SER LA 57 -13.58 34.66 -84.37
N GLY LA 58 -12.53 35.13 -85.04
CA GLY LA 58 -11.24 34.47 -84.92
C GLY LA 58 -10.68 34.51 -83.52
N LEU LA 59 -10.85 35.62 -82.82
CA LEU LA 59 -10.31 35.75 -81.46
C LEU LA 59 -11.07 34.84 -80.50
N ASN LA 60 -12.39 34.77 -80.63
CA ASN LA 60 -13.15 33.87 -79.77
C ASN LA 60 -12.80 32.41 -80.03
N MET LA 61 -12.68 32.04 -81.31
CA MET LA 61 -12.29 30.67 -81.64
C MET LA 61 -10.88 30.36 -81.16
N ALA LA 62 -9.99 31.36 -81.18
CA ALA LA 62 -8.64 31.16 -80.68
C ALA LA 62 -8.63 30.97 -79.17
N SER LA 63 -9.50 31.69 -78.46
CA SER LA 63 -9.67 31.46 -77.03
C SER LA 63 -10.11 30.02 -76.76
N LYS LA 64 -11.09 29.55 -77.54
CA LYS LA 64 -11.54 28.17 -77.42
C LYS LA 64 -10.40 27.18 -77.66
N ASN LA 65 -9.62 27.42 -78.71
CA ASN LA 65 -8.50 26.54 -79.03
C ASN LA 65 -7.44 26.54 -77.94
N SER LA 66 -7.18 27.71 -77.35
CA SER LA 66 -6.20 27.80 -76.27
C SER LA 66 -6.67 27.00 -75.05
N SER LA 67 -7.96 27.07 -74.75
CA SER LA 67 -8.49 26.27 -73.65
C SER LA 67 -8.35 24.78 -73.95
N ASP LA 68 -8.60 24.38 -75.19
CA ASP LA 68 -8.43 22.98 -75.57
C ASP LA 68 -6.98 22.53 -75.37
N ALA LA 69 -6.03 23.38 -75.77
CA ALA LA 69 -4.62 23.06 -75.56
C ALA LA 69 -4.29 22.93 -74.08
N ILE LA 70 -4.87 23.79 -73.24
CA ILE LA 70 -4.66 23.69 -71.81
C ILE LA 70 -5.16 22.35 -71.29
N SER LA 71 -6.31 21.90 -71.79
CA SER LA 71 -6.85 20.60 -71.38
C SER LA 71 -5.89 19.47 -71.75
N LEU LA 72 -5.39 19.49 -72.98
CA LEU LA 72 -4.40 18.50 -73.43
C LEU LA 72 -3.18 18.48 -72.51
N ILE LA 73 -2.64 19.66 -72.22
CA ILE LA 73 -1.43 19.74 -71.40
C ILE LA 73 -1.70 19.21 -69.99
N GLN LA 74 -2.87 19.54 -69.44
CA GLN LA 74 -3.24 19.01 -68.13
C GLN LA 74 -3.30 17.50 -68.15
N THR LA 75 -3.79 16.92 -69.25
CA THR LA 75 -3.82 15.46 -69.36
C THR LA 75 -2.41 14.89 -69.28
N ALA LA 76 -1.47 15.48 -70.03
CA ALA LA 76 -0.10 14.96 -70.03
C ALA LA 76 0.55 15.10 -68.65
N GLU LA 77 0.36 16.24 -67.99
CA GLU LA 77 0.94 16.43 -66.66
C GLU LA 77 0.37 15.43 -65.66
N GLY LA 78 -0.94 15.21 -65.71
CA GLY LA 78 -1.53 14.19 -64.85
C GLY LA 78 -0.99 12.81 -65.12
N GLY LA 79 -0.68 12.52 -66.39
CA GLY LA 79 -0.02 11.27 -66.71
C GLY LA 79 1.34 11.14 -66.06
N LEU LA 80 2.11 12.23 -66.05
CA LEU LA 80 3.48 12.17 -65.53
C LEU LA 80 3.56 12.21 -64.00
N ASN LA 81 2.50 12.67 -63.33
CA ASN LA 81 2.49 12.63 -61.86
C ASN LA 81 2.65 11.20 -61.34
N GLU LA 82 1.97 10.24 -61.95
CA GLU LA 82 2.08 8.86 -61.50
C GLU LA 82 3.44 8.27 -61.86
N THR LA 83 4.04 8.74 -62.95
CA THR LA 83 5.42 8.39 -63.25
C THR LA 83 6.34 8.81 -62.10
N HIS LA 84 6.20 10.05 -61.64
CA HIS LA 84 6.95 10.50 -60.45
C HIS LA 84 6.75 9.56 -59.28
N ALA LA 85 5.49 9.23 -58.99
CA ALA LA 85 5.17 8.43 -57.80
C ALA LA 85 5.82 7.05 -57.87
N ILE LA 86 5.65 6.34 -58.99
CA ILE LA 86 6.19 4.99 -59.06
C ILE LA 86 7.71 5.02 -59.18
N LEU LA 87 8.28 6.10 -59.71
CA LEU LA 87 9.74 6.22 -59.70
C LEU LA 87 10.26 6.35 -58.27
N GLN LA 88 9.56 7.13 -57.43
CA GLN LA 88 9.93 7.21 -56.02
C GLN LA 88 9.87 5.83 -55.37
N ARG LA 89 8.79 5.09 -55.64
CA ARG LA 89 8.65 3.76 -55.07
C ARG LA 89 9.78 2.83 -55.53
N MET LA 90 10.15 2.91 -56.81
CA MET LA 90 11.24 2.09 -57.36
C MET LA 90 12.57 2.44 -56.71
N ARG LA 91 12.82 3.72 -56.47
CA ARG LA 91 14.05 4.12 -55.78
C ARG LA 91 14.08 3.56 -54.36
N GLU LA 92 12.94 3.63 -53.66
CA GLU LA 92 12.85 3.05 -52.32
C GLU LA 92 13.17 1.56 -52.35
N LEU LA 93 12.58 0.85 -53.32
CA LEU LA 93 12.82 -0.59 -53.49
C LEU LA 93 14.29 -0.88 -53.75
N ALA LA 94 14.95 -0.07 -54.60
CA ALA LA 94 16.37 -0.30 -54.88
C ALA LA 94 17.22 -0.06 -53.65
N VAL LA 95 16.94 1.00 -52.90
CA VAL LA 95 17.73 1.29 -51.70
C VAL LA 95 17.56 0.17 -50.68
N GLN LA 96 16.36 -0.42 -50.60
CA GLN LA 96 16.17 -1.57 -49.71
C GLN LA 96 16.87 -2.82 -50.24
N SER LA 97 16.79 -3.09 -51.54
CA SER LA 97 17.46 -4.22 -52.15
C SER LA 97 18.96 -4.16 -52.01
N ARG LA 98 19.53 -2.97 -51.92
CA ARG LA 98 20.97 -2.73 -51.97
C ARG LA 98 21.71 -3.28 -50.75
N ASN LA 99 21.00 -3.47 -49.64
CA ASN LA 99 21.63 -3.95 -48.41
C ASN LA 99 21.89 -5.45 -48.46
N ASP LA 100 22.91 -5.89 -47.70
CA ASP LA 100 23.35 -7.27 -47.71
C ASP LA 100 22.62 -8.15 -46.69
N THR LA 101 21.62 -7.60 -45.99
CA THR LA 101 20.73 -8.44 -45.20
C THR LA 101 19.92 -9.37 -46.08
N ASN LA 102 19.68 -8.98 -47.33
CA ASN LA 102 18.82 -9.74 -48.22
C ASN LA 102 19.63 -10.83 -48.93
N ASP LA 103 19.02 -12.01 -49.07
CA ASP LA 103 19.65 -13.18 -49.66
C ASP LA 103 19.09 -13.46 -51.05
N GLU LA 104 19.98 -13.70 -52.00
CA GLU LA 104 19.57 -14.22 -53.31
C GLU LA 104 19.10 -15.66 -53.22
N ALA LA 105 19.58 -16.42 -52.24
CA ALA LA 105 19.23 -17.84 -52.14
C ALA LA 105 17.75 -18.02 -51.80
N THR LA 106 17.30 -17.39 -50.73
CA THR LA 106 15.91 -17.51 -50.27
C THR LA 106 15.01 -16.42 -50.85
N ASN LA 107 15.37 -15.88 -52.01
CA ASN LA 107 14.43 -15.14 -52.86
C ASN LA 107 13.98 -13.83 -52.22
N ASP LA 108 14.89 -13.16 -51.50
CA ASP LA 108 14.57 -11.86 -50.89
C ASP LA 108 14.53 -10.76 -51.93
N ARG LA 109 15.52 -10.72 -52.82
CA ARG LA 109 15.60 -9.68 -53.83
C ARG LA 109 14.74 -9.96 -55.06
N SER LA 110 14.44 -11.22 -55.34
CA SER LA 110 13.61 -11.52 -56.50
C SER LA 110 12.17 -11.04 -56.31
N ASN LA 111 11.70 -10.91 -55.07
CA ASN LA 111 10.38 -10.32 -54.84
C ASN LA 111 10.40 -8.82 -55.08
N LEU LA 112 11.47 -8.13 -54.67
CA LEU LA 112 11.57 -6.72 -54.99
C LEU LA 112 11.74 -6.53 -56.49
N ASN LA 113 12.35 -7.50 -57.17
CA ASN LA 113 12.45 -7.45 -58.63
C ASN LA 113 11.10 -7.70 -59.29
N ASP LA 114 10.27 -8.59 -58.72
CA ASP LA 114 8.88 -8.73 -59.16
C ASP LA 114 8.17 -7.37 -59.11
N GLU LA 115 8.26 -6.72 -57.95
CA GLU LA 115 7.66 -5.39 -57.77
C GLU LA 115 8.20 -4.40 -58.80
N LEU LA 116 9.51 -4.39 -58.99
CA LEU LA 116 10.15 -3.46 -59.91
C LEU LA 116 9.71 -3.70 -61.36
N LYS LA 117 9.63 -4.97 -61.77
CA LYS LA 117 9.19 -5.29 -63.13
C LYS LA 117 7.75 -4.85 -63.35
N GLN LA 118 6.88 -5.05 -62.36
CA GLN LA 118 5.50 -4.60 -62.52
C GLN LA 118 5.44 -3.07 -62.63
N LEU LA 119 6.26 -2.37 -61.85
CA LEU LA 119 6.25 -0.90 -61.95
C LEU LA 119 6.84 -0.44 -63.28
N GLN LA 120 7.78 -1.19 -63.86
CA GLN LA 120 8.29 -0.84 -65.17
C GLN LA 120 7.25 -1.08 -66.27
N GLU LA 121 6.47 -2.15 -66.14
CA GLU LA 121 5.37 -2.33 -67.08
C GLU LA 121 4.36 -1.20 -66.95
N GLU LA 122 4.15 -0.70 -65.73
CA GLU LA 122 3.20 0.41 -65.55
C GLU LA 122 3.75 1.72 -66.11
N ILE LA 123 5.04 1.99 -65.92
CA ILE LA 123 5.61 3.23 -66.47
C ILE LA 123 5.57 3.20 -68.00
N THR LA 124 5.71 2.03 -68.62
CA THR LA 124 5.54 1.95 -70.08
C THR LA 124 4.07 2.07 -70.47
N ARG LA 125 3.17 1.48 -69.67
CA ARG LA 125 1.75 1.51 -69.99
C ARG LA 125 1.21 2.93 -69.99
N ILE LA 126 1.59 3.73 -68.98
CA ILE LA 126 1.13 5.12 -68.93
C ILE LA 126 1.62 5.87 -70.16
N SER LA 127 2.83 5.57 -70.61
CA SER LA 127 3.37 6.24 -71.79
C SER LA 127 2.51 5.94 -73.01
N SER LA 128 2.36 4.66 -73.37
CA SER LA 128 1.71 4.30 -74.63
C SER LA 128 0.25 3.88 -74.46
N GLN LA 129 -0.45 4.40 -73.45
CA GLN LA 129 -1.91 4.28 -73.37
C GLN LA 129 -2.54 5.59 -72.92
N MET LA 130 -1.84 6.72 -73.12
CA MET LA 130 -2.35 8.05 -72.82
C MET LA 130 -2.83 8.69 -74.11
N GLU LA 131 -3.99 9.32 -74.09
CA GLU LA 131 -4.51 9.92 -75.32
C GLU LA 131 -5.52 11.02 -75.02
N PHE LA 132 -5.58 11.98 -75.93
CA PHE LA 132 -6.53 13.08 -75.90
C PHE LA 132 -7.14 13.17 -77.29
N ASN LA 133 -8.41 12.79 -77.41
CA ASN LA 133 -9.12 12.82 -78.69
C ASN LA 133 -8.48 11.87 -79.70
N ASN LA 134 -8.10 10.69 -79.22
CA ASN LA 134 -7.48 9.67 -80.07
C ASN LA 134 -6.14 10.15 -80.61
N LYS LA 135 -5.27 10.59 -79.70
CA LYS LA 135 -3.97 11.16 -80.06
C LYS LA 135 -2.96 10.75 -79.00
N LYS LA 136 -2.09 9.81 -79.36
CA LYS LA 136 -1.05 9.37 -78.43
C LYS LA 136 -0.04 10.50 -78.21
N LEU LA 137 0.21 10.82 -76.95
CA LEU LA 137 1.03 11.97 -76.57
C LEU LA 137 2.45 11.61 -76.15
N LEU LA 138 2.60 10.64 -75.24
CA LEU LA 138 3.88 10.33 -74.60
C LEU LA 138 4.57 9.13 -75.22
N ASP LA 139 4.53 9.02 -76.55
CA ASP LA 139 5.10 7.87 -77.26
C ASP LA 139 6.28 8.29 -78.13
N GLY LA 140 6.30 9.55 -78.52
CA GLY LA 140 7.17 10.05 -79.58
C GLY LA 140 6.46 10.45 -80.85
N SER LA 141 5.12 10.46 -80.86
CA SER LA 141 4.39 10.90 -82.06
C SER LA 141 4.63 12.38 -82.33
N GLN LA 142 4.60 13.20 -81.30
CA GLN LA 142 4.75 14.64 -81.42
C GLN LA 142 6.21 15.09 -81.34
N SER LA 143 7.13 14.20 -81.00
CA SER LA 143 8.53 14.56 -80.91
C SER LA 143 9.18 14.76 -82.28
N THR LA 144 8.50 14.38 -83.36
CA THR LA 144 9.07 14.50 -84.70
C THR LA 144 8.81 15.88 -85.30
N ASN LA 145 7.55 16.32 -85.29
CA ASN LA 145 7.15 17.60 -85.86
C ASN LA 145 6.56 18.54 -84.81
N GLY LA 146 5.62 18.08 -84.02
CA GLY LA 146 5.08 18.85 -82.91
C GLY LA 146 3.63 19.24 -83.13
N LEU LA 147 2.96 19.55 -82.02
CA LEU LA 147 1.58 20.00 -82.05
C LEU LA 147 1.54 21.52 -82.21
N THR LA 148 0.73 21.99 -83.14
CA THR LA 148 0.61 23.41 -83.47
C THR LA 148 -0.76 23.92 -83.04
N PHE LA 149 -0.77 24.93 -82.19
CA PHE LA 149 -1.99 25.56 -81.70
C PHE LA 149 -2.15 26.93 -82.34
N GLN LA 150 -3.32 27.15 -82.93
CA GLN LA 150 -3.71 28.45 -83.49
C GLN LA 150 -4.29 29.29 -82.36
N ILE LA 151 -3.53 30.30 -81.92
CA ILE LA 151 -3.92 31.15 -80.80
C ILE LA 151 -4.13 32.58 -81.30
N GLY LA 152 -4.59 32.71 -82.53
CA GLY LA 152 -4.83 34.01 -83.12
C GLY LA 152 -5.79 33.93 -84.28
N ALA LA 153 -6.41 35.07 -84.57
CA ALA LA 153 -7.40 35.11 -85.65
C ALA LA 153 -6.76 34.88 -87.01
N ASN LA 154 -5.62 35.51 -87.25
CA ASN LA 154 -4.99 35.51 -88.56
C ASN LA 154 -4.06 34.32 -88.74
N ALA LA 155 -3.54 34.17 -89.96
CA ALA LA 155 -2.63 33.09 -90.29
C ALA LA 155 -1.23 33.38 -89.76
N GLY LA 156 -0.56 32.33 -89.30
CA GLY LA 156 0.77 32.43 -88.74
C GLY LA 156 0.81 32.71 -87.26
N GLN LA 157 -0.32 33.06 -86.64
CA GLN LA 157 -0.37 33.34 -85.21
C GLN LA 157 -0.52 32.03 -84.45
N THR LA 158 0.56 31.25 -84.47
CA THR LA 158 0.57 29.89 -83.96
C THR LA 158 1.66 29.72 -82.92
N ILE LA 159 1.60 28.60 -82.21
CA ILE LA 159 2.69 28.16 -81.36
C ILE LA 159 2.89 26.66 -81.56
N THR LA 160 4.14 26.24 -81.70
CA THR LA 160 4.50 24.84 -81.84
C THR LA 160 4.97 24.30 -80.50
N MET LA 161 4.75 23.00 -80.30
CA MET LA 161 5.06 22.33 -79.05
C MET LA 161 5.54 20.92 -79.38
N LYS LA 162 6.36 20.37 -78.48
CA LYS LA 162 6.92 19.04 -78.66
C LYS LA 162 6.96 18.33 -77.32
N ILE LA 163 6.68 17.02 -77.36
CA ILE LA 163 6.72 16.18 -76.17
C ILE LA 163 7.58 14.96 -76.51
N SER LA 164 8.51 14.63 -75.63
CA SER LA 164 9.47 13.57 -75.86
C SER LA 164 8.91 12.22 -75.46
N THR LA 165 9.57 11.16 -75.93
CA THR LA 165 9.23 9.82 -75.50
C THR LA 165 9.60 9.64 -74.04
N MET LA 166 8.66 9.16 -73.23
CA MET LA 166 8.77 8.99 -71.79
C MET LA 166 8.55 7.54 -71.39
N SER LA 167 9.12 6.62 -72.18
CA SER LA 167 9.11 5.20 -71.85
C SER LA 167 10.33 4.83 -71.01
N ALA LA 168 10.36 3.58 -70.55
CA ALA LA 168 11.46 3.11 -69.72
C ALA LA 168 12.75 2.97 -70.53
N THR LA 169 12.64 2.60 -71.81
CA THR LA 169 13.83 2.44 -72.64
C THR LA 169 14.56 3.78 -72.84
N LYS LA 170 13.81 4.86 -73.05
CA LYS LA 170 14.42 6.15 -73.33
C LYS LA 170 15.16 6.68 -72.10
N LEU LA 171 14.63 6.40 -70.92
CA LEU LA 171 15.17 6.92 -69.67
C LEU LA 171 16.20 6.01 -69.00
N GLY LA 172 16.59 4.91 -69.64
CA GLY LA 172 17.62 4.06 -69.11
C GLY LA 172 17.24 3.41 -67.79
N VAL LA 173 15.97 3.06 -67.62
CA VAL LA 173 15.47 2.41 -66.41
C VAL LA 173 14.75 1.10 -66.70
N ASP LA 174 14.61 0.72 -67.96
CA ASP LA 174 14.07 -0.57 -68.33
C ASP LA 174 14.85 -1.72 -67.69
N ALA LA 175 14.23 -2.90 -67.65
CA ALA LA 175 14.80 -4.03 -66.94
C ALA LA 175 16.13 -4.51 -67.52
N ALA LA 176 16.43 -4.18 -68.78
CA ALA LA 176 17.70 -4.55 -69.37
C ALA LA 176 18.88 -3.79 -68.77
N LYS LA 177 18.64 -2.70 -68.04
CA LYS LA 177 19.72 -1.90 -67.46
C LYS LA 177 19.43 -1.44 -66.03
N ALA LA 178 18.35 -1.91 -65.40
CA ALA LA 178 17.99 -1.46 -64.06
C ALA LA 178 17.47 -2.59 -63.19
N SER LA 179 17.97 -3.81 -63.37
CA SER LA 179 17.61 -4.89 -62.48
C SER LA 179 18.15 -4.62 -61.08
N ILE LA 180 17.51 -5.25 -60.09
CA ILE LA 180 17.99 -5.22 -58.72
C ILE LA 180 18.12 -6.66 -58.21
N SER LA 181 18.41 -7.59 -59.14
CA SER LA 181 18.75 -8.95 -58.75
C SER LA 181 19.94 -8.98 -57.80
N LYS LA 182 20.98 -8.23 -58.12
CA LYS LA 182 22.23 -8.24 -57.36
C LYS LA 182 22.24 -7.07 -56.38
N GLY LA 183 23.33 -6.95 -55.64
CA GLY LA 183 23.61 -5.77 -54.86
C GLY LA 183 24.26 -4.68 -55.71
N THR LA 184 25.07 -5.11 -56.67
CA THR LA 184 25.77 -4.14 -57.53
C THR LA 184 24.80 -3.41 -58.44
N ALA LA 185 23.82 -4.14 -59.00
CA ALA LA 185 22.90 -3.53 -59.97
C ALA LA 185 22.02 -2.48 -59.32
N ALA LA 186 21.69 -2.63 -58.03
CA ALA LA 186 20.90 -1.62 -57.35
C ALA LA 186 21.67 -0.31 -57.22
N SER LA 187 23.00 -0.38 -57.09
CA SER LA 187 23.82 0.83 -57.08
C SER LA 187 23.59 1.68 -58.32
N LYS LA 188 23.68 1.05 -59.50
CA LYS LA 188 23.42 1.77 -60.74
C LYS LA 188 21.96 2.15 -60.86
N ALA LA 189 21.06 1.31 -60.34
CA ALA LA 189 19.63 1.56 -60.47
C ALA LA 189 19.22 2.83 -59.74
N ILE LA 190 19.85 3.10 -58.60
CA ILE LA 190 19.52 4.31 -57.83
C ILE LA 190 19.83 5.56 -58.66
N LYS LA 191 21.04 5.62 -59.22
CA LYS LA 191 21.44 6.76 -60.04
C LYS LA 191 20.58 6.85 -61.29
N SER LA 192 20.26 5.71 -61.89
CA SER LA 192 19.42 5.68 -63.08
C SER LA 192 18.03 6.25 -62.78
N ILE LA 193 17.48 5.89 -61.64
CA ILE LA 193 16.16 6.37 -61.24
C ILE LA 193 16.20 7.87 -60.93
N ASP LA 194 17.28 8.34 -60.31
CA ASP LA 194 17.43 9.78 -60.07
C ASP LA 194 17.46 10.56 -61.39
N ASP LA 195 18.24 10.07 -62.35
CA ASP LA 195 18.30 10.73 -63.66
C ASP LA 195 16.93 10.76 -64.31
N ALA LA 196 16.19 9.65 -64.22
CA ALA LA 196 14.85 9.61 -64.81
C ALA LA 196 13.90 10.60 -64.13
N ILE LA 197 13.94 10.69 -62.79
CA ILE LA 197 13.10 11.64 -62.08
C ILE LA 197 13.41 13.07 -62.52
N ASN LA 198 14.70 13.41 -62.63
CA ASN LA 198 15.07 14.76 -63.08
C ASN LA 198 14.57 15.03 -64.49
N THR LA 199 14.70 14.06 -65.39
CA THR LA 199 14.26 14.26 -66.77
C THR LA 199 12.75 14.49 -66.85
N VAL LA 200 11.98 13.70 -66.10
CA VAL LA 200 10.52 13.85 -66.20
C VAL LA 200 10.08 15.14 -65.51
N SER LA 201 10.81 15.58 -64.47
CA SER LA 201 10.55 16.89 -63.90
C SER LA 201 10.79 18.00 -64.92
N LYS LA 202 11.87 17.88 -65.69
CA LYS LA 202 12.17 18.84 -66.75
C LYS LA 202 11.03 18.91 -67.76
N THR LA 203 10.54 17.74 -68.20
CA THR LA 203 9.46 17.71 -69.17
C THR LA 203 8.18 18.33 -68.60
N ARG LA 204 7.85 18.04 -67.34
CA ARG LA 204 6.69 18.65 -66.71
C ARG LA 204 6.81 20.16 -66.65
N SER LA 205 8.00 20.66 -66.32
CA SER LA 205 8.23 22.11 -66.33
C SER LA 205 7.97 22.69 -67.72
N ALA LA 206 8.47 22.00 -68.75
CA ALA LA 206 8.30 22.48 -70.12
C ALA LA 206 6.81 22.56 -70.49
N LEU LA 207 6.00 21.62 -69.99
CA LEU LA 207 4.56 21.68 -70.27
C LEU LA 207 3.90 22.83 -69.50
N GLY LA 208 4.23 22.96 -68.21
CA GLY LA 208 3.60 23.98 -67.40
C GLY LA 208 3.88 25.39 -67.87
N ALA LA 209 5.07 25.60 -68.43
CA ALA LA 209 5.39 26.92 -69.00
C ALA LA 209 4.42 27.30 -70.11
N VAL LA 210 4.15 26.36 -71.01
CA VAL LA 210 3.24 26.63 -72.12
C VAL LA 210 1.82 26.85 -71.59
N GLN LA 211 1.44 26.11 -70.55
CA GLN LA 211 0.13 26.33 -69.93
C GLN LA 211 0.00 27.76 -69.42
N ASN LA 212 1.01 28.21 -68.65
CA ASN LA 212 0.98 29.56 -68.08
C ASN LA 212 0.98 30.62 -69.18
N ARG LA 213 1.69 30.36 -70.28
CA ARG LA 213 1.65 31.27 -71.41
C ARG LA 213 0.24 31.37 -72.00
N LEU LA 214 -0.41 30.21 -72.19
CA LEU LA 214 -1.73 30.20 -72.81
C LEU LA 214 -2.76 30.92 -71.96
N GLU LA 215 -2.58 30.91 -70.63
CA GLU LA 215 -3.50 31.66 -69.78
C GLU LA 215 -3.47 33.17 -70.10
N HIS LA 216 -2.26 33.74 -70.10
CA HIS LA 216 -2.10 35.15 -70.48
C HIS LA 216 -2.62 35.42 -71.88
N THR LA 217 -2.38 34.48 -72.81
CA THR LA 217 -2.89 34.63 -74.16
C THR LA 217 -4.42 34.73 -74.16
N ILE LA 218 -5.08 33.89 -73.36
CA ILE LA 218 -6.54 33.91 -73.30
C ILE LA 218 -7.03 35.25 -72.76
N ASN LA 219 -6.37 35.76 -71.72
CA ASN LA 219 -6.76 37.06 -71.17
C ASN LA 219 -6.65 38.16 -72.21
N ASN LA 220 -5.53 38.20 -72.94
CA ASN LA 220 -5.34 39.21 -73.97
C ASN LA 220 -6.37 39.07 -75.08
N LEU LA 221 -6.69 37.84 -75.48
CA LEU LA 221 -7.69 37.63 -76.52
C LEU LA 221 -9.06 38.14 -76.09
N GLY LA 222 -9.44 37.86 -74.85
CA GLY LA 222 -10.72 38.36 -74.35
C GLY LA 222 -10.78 39.87 -74.35
N THR LA 223 -9.72 40.53 -73.86
CA THR LA 223 -9.69 41.99 -73.85
C THR LA 223 -9.81 42.55 -75.27
N SER LA 224 -9.03 42.01 -76.20
CA SER LA 224 -9.06 42.51 -77.57
C SER LA 224 -10.43 42.28 -78.20
N ALA LA 225 -11.05 41.14 -77.94
CA ALA LA 225 -12.36 40.86 -78.50
C ALA LA 225 -13.40 41.84 -77.98
N GLU LA 226 -13.38 42.12 -76.67
CA GLU LA 226 -14.32 43.10 -76.13
C GLU LA 226 -14.12 44.47 -76.75
N ASN LA 227 -12.86 44.91 -76.87
CA ASN LA 227 -12.61 46.24 -77.43
C ASN LA 227 -13.06 46.34 -78.88
N LEU LA 228 -12.74 45.33 -79.69
CA LEU LA 228 -13.17 45.36 -81.08
C LEU LA 228 -14.69 45.23 -81.21
N THR LA 229 -15.32 44.50 -80.29
CA THR LA 229 -16.78 44.44 -80.29
C THR LA 229 -17.39 45.81 -80.02
N ALA LA 230 -16.82 46.54 -79.05
CA ALA LA 230 -17.28 47.90 -78.79
C ALA LA 230 -17.11 48.79 -80.02
N ALA LA 231 -15.95 48.70 -80.67
CA ALA LA 231 -15.70 49.48 -81.88
C ALA LA 231 -16.71 49.17 -82.98
N GLU LA 232 -16.93 47.88 -83.24
CA GLU LA 232 -17.86 47.48 -84.30
C GLU LA 232 -19.28 47.89 -83.96
N SER LA 233 -19.66 47.82 -82.69
CA SER LA 233 -20.98 48.28 -82.28
C SER LA 233 -21.14 49.76 -82.55
N ARG LA 234 -20.15 50.56 -82.17
CA ARG LA 234 -20.24 52.00 -82.38
C ARG LA 234 -20.23 52.34 -83.87
N ILE LA 235 -19.59 51.53 -84.70
CA ILE LA 235 -19.56 51.80 -86.14
C ILE LA 235 -20.91 51.48 -86.76
N ARG LA 236 -21.38 50.23 -86.58
CA ARG LA 236 -22.49 49.71 -87.36
C ARG LA 236 -23.84 49.80 -86.66
N ASP LA 237 -23.91 49.52 -85.37
CA ASP LA 237 -25.20 49.56 -84.69
C ASP LA 237 -25.70 50.99 -84.59
N THR LA 238 -27.03 51.12 -84.42
CA THR LA 238 -27.71 52.40 -84.42
C THR LA 238 -28.24 52.73 -83.02
N ASP LA 239 -28.27 54.01 -82.71
CA ASP LA 239 -28.87 54.48 -81.47
C ASP LA 239 -30.39 54.60 -81.66
N MET LA 240 -31.14 53.94 -80.78
CA MET LA 240 -32.58 53.89 -80.93
C MET LA 240 -33.22 55.26 -80.79
N ALA LA 241 -32.68 56.09 -79.88
CA ALA LA 241 -33.31 57.37 -79.58
C ALA LA 241 -33.26 58.32 -80.76
N ALA LA 242 -32.11 58.41 -81.42
CA ALA LA 242 -31.98 59.33 -82.55
C ALA LA 242 -32.88 58.92 -83.71
N GLU LA 243 -32.95 57.62 -84.00
CA GLU LA 243 -33.81 57.16 -85.08
C GLU LA 243 -35.29 57.32 -84.72
N MET LA 244 -35.64 57.16 -83.45
CA MET LA 244 -37.00 57.44 -83.00
C MET LA 244 -37.36 58.91 -83.23
N MET LA 245 -36.45 59.80 -82.85
CA MET LA 245 -36.63 61.24 -83.09
C MET LA 245 -36.87 61.50 -84.57
N ALA LA 246 -35.99 60.99 -85.42
CA ALA LA 246 -36.09 61.24 -86.86
C ALA LA 246 -37.39 60.67 -87.42
N PHE LA 247 -37.81 59.50 -86.95
CA PHE LA 247 -39.02 58.87 -87.45
C PHE LA 247 -40.25 59.67 -87.08
N THR LA 248 -40.33 60.13 -85.83
CA THR LA 248 -41.44 60.98 -85.40
C THR LA 248 -41.48 62.27 -86.20
N LYS LA 249 -40.32 62.90 -86.40
CA LYS LA 249 -40.23 64.11 -87.20
C LYS LA 249 -40.75 63.89 -88.61
N ASN LA 250 -40.31 62.81 -89.25
CA ASN LA 250 -40.72 62.54 -90.62
C ASN LA 250 -42.21 62.22 -90.71
N ASN LA 251 -42.77 61.54 -89.70
CA ASN LA 251 -44.21 61.30 -89.69
C ASN LA 251 -44.98 62.61 -89.61
N ILE LA 252 -44.55 63.52 -88.72
CA ILE LA 252 -45.22 64.80 -88.59
C ILE LA 252 -45.16 65.57 -89.89
N LEU LA 253 -44.00 65.54 -90.56
CA LEU LA 253 -43.86 66.21 -91.84
C LEU LA 253 -44.75 65.59 -92.91
N THR LA 254 -44.87 64.27 -92.89
CA THR LA 254 -45.76 63.57 -93.82
C THR LA 254 -47.20 64.02 -93.63
N GLN LA 255 -47.66 64.09 -92.38
CA GLN LA 255 -49.02 64.53 -92.11
C GLN LA 255 -49.23 65.97 -92.57
N ALA LA 256 -48.25 66.84 -92.31
CA ALA LA 256 -48.34 68.23 -92.75
C ALA LA 256 -48.47 68.32 -94.27
N ALA LA 257 -47.65 67.55 -94.99
CA ALA LA 257 -47.71 67.57 -96.45
C ALA LA 257 -49.04 67.01 -96.95
N GLN LA 258 -49.57 66.00 -96.26
CA GLN LA 258 -50.88 65.46 -96.64
C GLN LA 258 -51.97 66.53 -96.53
N SER LA 259 -52.02 67.23 -95.41
CA SER LA 259 -52.99 68.30 -95.24
C SER LA 259 -52.79 69.41 -96.28
N MET LA 260 -51.55 69.77 -96.55
CA MET LA 260 -51.26 70.81 -97.52
C MET LA 260 -51.74 70.41 -98.91
N LEU LA 261 -51.57 69.14 -99.26
CA LEU LA 261 -52.03 68.67 -100.57
C LEU LA 261 -53.54 68.64 -100.64
N ALA LA 262 -54.21 68.23 -99.55
CA ALA LA 262 -55.66 68.27 -99.51
C ALA LA 262 -56.17 69.69 -99.71
N GLN LA 263 -55.46 70.67 -99.18
CA GLN LA 263 -55.85 72.07 -99.40
C GLN LA 263 -55.58 72.50 -100.84
N ALA LA 264 -54.39 72.18 -101.36
CA ALA LA 264 -54.01 72.60 -102.70
C ALA LA 264 -54.92 72.02 -103.76
N ASN LA 265 -55.45 70.82 -103.54
CA ASN LA 265 -56.40 70.24 -104.49
C ASN LA 265 -57.71 71.02 -104.52
N GLN LA 266 -58.12 71.58 -103.38
CA GLN LA 266 -59.35 72.38 -103.31
C GLN LA 266 -59.15 73.81 -103.76
N GLN LA 267 -57.91 74.30 -103.76
CA GLN LA 267 -57.65 75.70 -104.12
C GLN LA 267 -58.19 76.08 -105.49
N PRO LA 268 -57.97 75.32 -106.58
CA PRO LA 268 -58.52 75.75 -107.88
C PRO LA 268 -60.00 75.43 -108.07
N GLN LA 269 -60.84 76.31 -107.55
CA GLN LA 269 -62.29 76.23 -107.73
C GLN LA 269 -62.78 77.63 -108.12
N GLY LA 270 -62.77 77.91 -109.42
CA GLY LA 270 -63.29 79.15 -109.95
C GLY LA 270 -64.48 78.90 -110.85
N VAL LA 271 -65.31 77.92 -110.48
CA VAL LA 271 -66.50 77.61 -111.25
C VAL LA 271 -67.55 78.69 -111.09
N LEU LA 272 -67.51 79.46 -110.00
CA LEU LA 272 -68.49 80.53 -109.82
C LEU LA 272 -68.26 81.71 -110.76
N GLN LA 273 -67.14 81.77 -111.47
CA GLN LA 273 -67.03 82.73 -112.56
C GLN LA 273 -68.09 82.46 -113.61
N LEU LA 274 -68.20 81.19 -114.02
CA LEU LA 274 -68.98 80.82 -115.20
C LEU LA 274 -70.47 80.82 -114.89
N LEU LA 275 -70.89 79.95 -113.98
CA LEU LA 275 -72.30 79.79 -113.65
C LEU LA 275 -72.69 80.78 -112.57
N GLN LA 276 -73.95 80.69 -112.12
CA GLN LA 276 -74.41 81.55 -111.04
C GLN LA 276 -75.73 81.02 -110.49
N MET MA 1 -74.34 55.40 -122.90
CA MET MA 1 -73.31 56.44 -122.92
C MET MA 1 -73.28 57.54 -121.85
N ARG MA 2 -74.44 58.04 -121.41
CA ARG MA 2 -74.51 59.16 -120.49
C ARG MA 2 -75.23 58.83 -119.19
N ILE MA 3 -76.46 58.31 -119.27
CA ILE MA 3 -77.37 58.26 -118.12
C ILE MA 3 -77.69 56.82 -117.75
N GLN MA 4 -78.25 56.07 -118.71
CA GLN MA 4 -78.83 54.76 -118.44
C GLN MA 4 -77.82 53.77 -117.86
N HIS MA 5 -76.53 53.97 -118.11
CA HIS MA 5 -75.48 53.08 -117.61
C HIS MA 5 -74.29 53.91 -117.17
N ASN MA 6 -73.72 53.53 -116.02
CA ASN MA 6 -72.58 54.23 -115.43
C ASN MA 6 -71.50 53.20 -115.12
N ILE MA 7 -70.57 53.01 -116.06
CA ILE MA 7 -69.69 51.83 -116.03
C ILE MA 7 -68.61 51.97 -114.96
N ALA MA 8 -68.17 53.20 -114.68
CA ALA MA 8 -67.19 53.43 -113.63
C ALA MA 8 -67.68 52.92 -112.29
N ALA MA 9 -68.95 53.18 -111.98
CA ALA MA 9 -69.53 52.71 -110.72
C ALA MA 9 -69.60 51.18 -110.68
N LEU MA 10 -69.86 50.53 -111.82
CA LEU MA 10 -69.86 49.08 -111.87
C LEU MA 10 -68.47 48.52 -111.54
N ASN MA 11 -67.43 49.08 -112.18
CA ASN MA 11 -66.08 48.63 -111.91
C ASN MA 11 -65.71 48.84 -110.45
N THR MA 12 -66.08 49.99 -109.90
CA THR MA 12 -65.80 50.28 -108.50
C THR MA 12 -66.52 49.29 -107.59
N HIS MA 13 -67.76 48.94 -107.93
CA HIS MA 13 -68.50 47.96 -107.14
C HIS MA 13 -67.83 46.60 -107.16
N ARG MA 14 -67.38 46.17 -108.35
CA ARG MA 14 -66.63 44.92 -108.46
C ARG MA 14 -65.42 44.90 -107.54
N ASN MA 15 -64.59 45.94 -107.63
CA ASN MA 15 -63.37 45.98 -106.83
C ASN MA 15 -63.69 46.03 -105.34
N LEU MA 16 -64.75 46.76 -104.96
CA LEU MA 16 -65.16 46.83 -103.57
C LEU MA 16 -65.58 45.45 -103.05
N ALA MA 17 -66.36 44.72 -103.84
CA ALA MA 17 -66.76 43.37 -103.44
C ALA MA 17 -65.56 42.46 -103.27
N ALA MA 18 -64.60 42.54 -104.19
CA ALA MA 18 -63.39 41.73 -104.09
C ALA MA 18 -62.61 42.04 -102.82
N ASN MA 19 -62.45 43.32 -102.51
CA ASN MA 19 -61.70 43.71 -101.32
C ASN MA 19 -62.41 43.22 -100.05
N ASN MA 20 -63.74 43.35 -100.01
CA ASN MA 20 -64.50 42.85 -98.87
C ASN MA 20 -64.32 41.35 -98.69
N ALA MA 21 -64.36 40.61 -99.80
CA ALA MA 21 -64.18 39.16 -99.72
C ALA MA 21 -62.79 38.81 -99.16
N ALA MA 22 -61.76 39.49 -99.64
CA ALA MA 22 -60.41 39.21 -99.16
C ALA MA 22 -60.27 39.53 -97.67
N ALA MA 23 -60.86 40.65 -97.24
CA ALA MA 23 -60.82 41.00 -95.82
C ALA MA 23 -61.55 39.95 -94.98
N SER MA 24 -62.66 39.44 -95.48
CA SER MA 24 -63.38 38.39 -94.76
C SER MA 24 -62.55 37.12 -94.63
N LYS MA 25 -61.86 36.74 -95.71
CA LYS MA 25 -60.97 35.57 -95.64
C LYS MA 25 -59.88 35.78 -94.58
N ASN MA 26 -59.30 36.98 -94.54
CA ASN MA 26 -58.27 37.26 -93.55
C ASN MA 26 -58.83 37.19 -92.14
N LEU MA 27 -60.05 37.70 -91.94
CA LEU MA 27 -60.70 37.61 -90.63
C LEU MA 27 -60.88 36.15 -90.22
N GLU MA 28 -61.31 35.31 -91.16
CA GLU MA 28 -61.44 33.88 -90.89
C GLU MA 28 -60.12 33.28 -90.44
N LYS MA 29 -59.05 33.58 -91.18
CA LYS MA 29 -57.75 33.01 -90.84
C LYS MA 29 -57.24 33.51 -89.50
N LEU MA 30 -57.58 34.74 -89.12
CA LEU MA 30 -57.11 35.28 -87.85
C LEU MA 30 -57.91 34.74 -86.68
N SER MA 31 -59.22 34.62 -86.82
CA SER MA 31 -60.04 34.09 -85.74
C SER MA 31 -59.79 32.61 -85.54
N SER MA 32 -59.66 31.85 -86.63
CA SER MA 32 -59.46 30.40 -86.50
C SER MA 32 -58.09 30.09 -85.94
N GLY MA 33 -57.09 30.88 -86.28
CA GLY MA 33 -55.72 30.57 -85.94
C GLY MA 33 -55.03 29.58 -86.87
N PHE MA 34 -55.72 29.11 -87.91
CA PHE MA 34 -55.18 28.18 -88.88
C PHE MA 34 -55.18 28.81 -90.26
N LYS MA 35 -54.15 28.52 -91.04
CA LYS MA 35 -54.01 29.05 -92.38
C LYS MA 35 -54.83 28.27 -93.41
N ILE MA 36 -55.21 27.03 -93.10
CA ILE MA 36 -55.92 26.15 -94.02
C ILE MA 36 -57.17 25.68 -93.30
N ASN MA 37 -58.30 26.33 -93.58
CA ASN MA 37 -59.60 25.94 -93.05
C ASN MA 37 -60.44 25.17 -94.05
N ARG MA 38 -60.12 25.28 -95.34
CA ARG MA 38 -60.80 24.56 -96.41
C ARG MA 38 -59.75 23.94 -97.32
N ALA MA 39 -60.19 23.02 -98.16
CA ALA MA 39 -59.27 22.42 -99.13
C ALA MA 39 -58.98 23.37 -100.29
N GLY MA 40 -59.88 24.32 -100.56
CA GLY MA 40 -59.59 25.34 -101.56
C GLY MA 40 -58.41 26.22 -101.17
N ASP MA 41 -58.17 26.38 -99.87
CA ASP MA 41 -56.99 27.12 -99.42
C ASP MA 41 -55.72 26.47 -99.93
N ASP MA 42 -55.57 25.17 -99.70
CA ASP MA 42 -54.37 24.45 -100.10
C ASP MA 42 -54.65 22.96 -100.06
N ALA MA 43 -54.59 22.30 -101.20
CA ALA MA 43 -54.90 20.88 -101.27
C ALA MA 43 -53.74 20.03 -100.76
N ALA MA 44 -52.54 20.22 -101.30
CA ALA MA 44 -51.35 19.53 -100.82
C ALA MA 44 -50.81 20.26 -99.60
N GLY MA 45 -51.08 19.72 -98.42
CA GLY MA 45 -50.80 20.38 -97.17
C GLY MA 45 -51.92 20.10 -96.19
N LEU MA 46 -53.16 20.05 -96.68
CA LEU MA 46 -54.25 19.53 -95.86
C LEU MA 46 -54.03 18.05 -95.55
N ALA MA 47 -53.76 17.26 -96.58
CA ALA MA 47 -53.47 15.84 -96.39
C ALA MA 47 -52.24 15.65 -95.51
N ILE MA 48 -51.19 16.43 -95.75
CA ILE MA 48 -49.96 16.31 -94.96
C ILE MA 48 -50.24 16.65 -93.50
N SER MA 49 -51.06 17.69 -93.26
CA SER MA 49 -51.40 18.06 -91.90
C SER MA 49 -52.19 16.97 -91.20
N GLU MA 50 -53.13 16.35 -91.92
CA GLU MA 50 -53.92 15.29 -91.30
C GLU MA 50 -53.06 14.08 -90.96
N LYS MA 51 -52.20 13.66 -91.89
CA LYS MA 51 -51.30 12.54 -91.60
C LYS MA 51 -50.37 12.86 -90.44
N MET MA 52 -49.87 14.11 -90.38
CA MET MA 52 -48.96 14.47 -89.30
C MET MA 52 -49.69 14.52 -87.96
N ARG MA 53 -50.95 14.96 -87.96
CA ARG MA 53 -51.74 14.94 -86.73
C ARG MA 53 -51.96 13.51 -86.25
N GLY MA 54 -52.27 12.60 -87.19
CA GLY MA 54 -52.40 11.19 -86.83
C GLY MA 54 -51.12 10.64 -86.23
N GLN MA 55 -49.99 10.96 -86.84
CA GLN MA 55 -48.71 10.48 -86.34
C GLN MA 55 -48.41 11.05 -84.96
N ILE MA 56 -48.73 12.33 -84.74
CA ILE MA 56 -48.47 12.96 -83.44
C ILE MA 56 -49.29 12.28 -82.36
N SER MA 57 -50.58 12.10 -82.61
CA SER MA 57 -51.45 11.43 -81.64
C SER MA 57 -50.95 10.02 -81.36
N GLY MA 58 -50.58 9.29 -82.42
CA GLY MA 58 -50.07 7.93 -82.22
C GLY MA 58 -48.78 7.91 -81.42
N LEU MA 59 -47.89 8.86 -81.66
CA LEU MA 59 -46.62 8.88 -80.94
C LEU MA 59 -46.83 9.20 -79.47
N ASN MA 60 -47.70 10.16 -79.17
CA ASN MA 60 -47.98 10.48 -77.77
C ASN MA 60 -48.64 9.29 -77.06
N MET MA 61 -49.60 8.64 -77.72
CA MET MA 61 -50.23 7.47 -77.11
C MET MA 61 -49.24 6.34 -76.94
N ALA MA 62 -48.28 6.21 -77.86
CA ALA MA 62 -47.26 5.18 -77.72
C ALA MA 62 -46.33 5.48 -76.55
N SER MA 63 -46.02 6.75 -76.33
CA SER MA 63 -45.26 7.14 -75.14
C SER MA 63 -46.00 6.72 -73.88
N LYS MA 64 -47.31 7.01 -73.84
CA LYS MA 64 -48.13 6.61 -72.70
C LYS MA 64 -48.09 5.09 -72.49
N ASN MA 65 -48.23 4.34 -73.58
CA ASN MA 65 -48.22 2.88 -73.50
C ASN MA 65 -46.87 2.36 -73.01
N SER MA 66 -45.78 2.98 -73.47
CA SER MA 66 -44.46 2.56 -73.03
C SER MA 66 -44.27 2.80 -71.53
N SER MA 67 -44.78 3.93 -71.05
CA SER MA 67 -44.72 4.17 -69.61
C SER MA 67 -45.53 3.14 -68.83
N ASP MA 68 -46.71 2.77 -69.36
CA ASP MA 68 -47.51 1.73 -68.72
C ASP MA 68 -46.75 0.41 -68.65
N ALA MA 69 -46.08 0.05 -69.74
CA ALA MA 69 -45.27 -1.17 -69.75
C ALA MA 69 -44.15 -1.10 -68.72
N ILE MA 70 -43.53 0.07 -68.58
CA ILE MA 70 -42.48 0.24 -67.57
C ILE MA 70 -43.04 0.00 -66.18
N SER MA 71 -44.26 0.49 -65.92
CA SER MA 71 -44.88 0.28 -64.62
C SER MA 71 -45.11 -1.20 -64.36
N LEU MA 72 -45.64 -1.91 -65.35
CA LEU MA 72 -45.84 -3.35 -65.24
C LEU MA 72 -44.53 -4.08 -64.91
N ILE MA 73 -43.47 -3.75 -65.65
CA ILE MA 73 -42.18 -4.42 -65.45
C ILE MA 73 -41.65 -4.13 -64.06
N GLN MA 74 -41.79 -2.88 -63.59
CA GLN MA 74 -41.36 -2.54 -62.23
C GLN MA 74 -42.12 -3.37 -61.20
N THR MA 75 -43.40 -3.61 -61.45
CA THR MA 75 -44.18 -4.45 -60.53
C THR MA 75 -43.58 -5.84 -60.46
N ALA MA 76 -43.27 -6.44 -61.60
CA ALA MA 76 -42.72 -7.80 -61.61
C ALA MA 76 -41.36 -7.85 -60.92
N GLU MA 77 -40.49 -6.87 -61.19
CA GLU MA 77 -39.18 -6.86 -60.55
C GLU MA 77 -39.29 -6.72 -59.04
N GLY MA 78 -40.18 -5.83 -58.58
CA GLY MA 78 -40.42 -5.72 -57.15
C GLY MA 78 -40.94 -7.01 -56.55
N GLY MA 79 -41.74 -7.75 -57.30
CA GLY MA 79 -42.16 -9.06 -56.84
C GLY MA 79 -41.00 -10.02 -56.66
N LEU MA 80 -40.04 -10.00 -57.59
CA LEU MA 80 -38.93 -10.95 -57.55
C LEU MA 80 -37.84 -10.58 -56.54
N ASN MA 81 -37.78 -9.31 -56.10
CA ASN MA 81 -36.82 -8.93 -55.07
C ASN MA 81 -37.04 -9.73 -53.79
N GLU MA 82 -38.30 -9.90 -53.38
CA GLU MA 82 -38.57 -10.66 -52.16
C GLU MA 82 -38.29 -12.15 -52.36
N THR MA 83 -38.47 -12.65 -53.58
CA THR MA 83 -38.04 -13.99 -53.91
C THR MA 83 -36.54 -14.16 -53.64
N HIS MA 84 -35.73 -13.22 -54.12
CA HIS MA 84 -34.30 -13.22 -53.80
C HIS MA 84 -34.06 -13.29 -52.30
N ALA MA 85 -34.74 -12.41 -51.55
CA ALA MA 85 -34.50 -12.31 -50.12
C ALA MA 85 -34.81 -13.62 -49.40
N ILE MA 86 -36.00 -14.18 -49.65
CA ILE MA 86 -36.37 -15.40 -48.92
C ILE MA 86 -35.56 -16.59 -49.41
N LEU MA 87 -35.08 -16.56 -50.65
CA LEU MA 87 -34.17 -17.62 -51.10
C LEU MA 87 -32.85 -17.56 -50.34
N GLN MA 88 -32.33 -16.36 -50.11
CA GLN MA 88 -31.13 -16.21 -49.29
C GLN MA 88 -31.37 -16.77 -47.88
N ARG MA 89 -32.53 -16.43 -47.31
CA ARG MA 89 -32.84 -16.93 -45.96
C ARG MA 89 -32.93 -18.45 -45.95
N MET MA 90 -33.54 -19.05 -46.98
CA MET MA 90 -33.65 -20.50 -47.08
C MET MA 90 -32.30 -21.17 -47.21
N ARG MA 91 -31.39 -20.57 -47.98
CA ARG MA 91 -30.04 -21.11 -48.08
C ARG MA 91 -29.32 -21.06 -46.74
N GLU MA 92 -29.48 -19.95 -46.00
CA GLU MA 92 -28.89 -19.85 -44.67
C GLU MA 92 -29.44 -20.95 -43.77
N LEU MA 93 -30.76 -21.17 -43.80
CA LEU MA 93 -31.39 -22.22 -43.00
C LEU MA 93 -30.86 -23.59 -43.37
N ALA MA 94 -30.67 -23.87 -44.66
CA ALA MA 94 -30.15 -25.18 -45.07
C ALA MA 94 -28.72 -25.37 -44.61
N VAL MA 95 -27.88 -24.35 -44.73
CA VAL MA 95 -26.49 -24.47 -44.30
C VAL MA 95 -26.42 -24.70 -42.80
N GLN MA 96 -27.34 -24.09 -42.04
CA GLN MA 96 -27.38 -24.36 -40.61
C GLN MA 96 -27.91 -25.75 -40.30
N SER MA 97 -28.96 -26.19 -41.00
CA SER MA 97 -29.52 -27.52 -40.81
C SER MA 97 -28.53 -28.62 -41.14
N ARG MA 98 -27.59 -28.35 -42.04
CA ARG MA 98 -26.68 -29.35 -42.60
C ARG MA 98 -25.70 -29.91 -41.58
N ASN MA 99 -25.44 -29.17 -40.50
CA ASN MA 99 -24.47 -29.59 -39.49
C ASN MA 99 -25.05 -30.66 -38.58
N ASP MA 100 -24.16 -31.50 -38.03
CA ASP MA 100 -24.55 -32.64 -37.20
C ASP MA 100 -24.70 -32.29 -35.72
N THR MA 101 -24.54 -31.02 -35.35
CA THR MA 101 -24.91 -30.59 -34.00
C THR MA 101 -26.41 -30.73 -33.77
N ASN MA 102 -27.21 -30.66 -34.83
CA ASN MA 102 -28.65 -30.67 -34.72
C ASN MA 102 -29.17 -32.11 -34.67
N ASP MA 103 -30.18 -32.34 -33.81
CA ASP MA 103 -30.75 -33.65 -33.60
C ASP MA 103 -32.13 -33.75 -34.21
N GLU MA 104 -32.37 -34.84 -34.93
CA GLU MA 104 -33.72 -35.17 -35.38
C GLU MA 104 -34.62 -35.60 -34.22
N ALA MA 105 -34.03 -36.15 -33.15
CA ALA MA 105 -34.82 -36.66 -32.04
C ALA MA 105 -35.54 -35.52 -31.30
N THR MA 106 -34.77 -34.52 -30.86
CA THR MA 106 -35.33 -33.38 -30.12
C THR MA 106 -35.73 -32.22 -31.02
N ASN MA 107 -36.05 -32.50 -32.29
CA ASN MA 107 -36.82 -31.59 -33.13
C ASN MA 107 -36.03 -30.31 -33.46
N ASP MA 108 -34.71 -30.45 -33.65
CA ASP MA 108 -33.89 -29.29 -34.02
C ASP MA 108 -34.10 -28.91 -35.48
N ARG MA 109 -34.10 -29.90 -36.37
CA ARG MA 109 -34.25 -29.64 -37.81
C ARG MA 109 -35.70 -29.47 -38.24
N SER MA 110 -36.66 -30.03 -37.48
CA SER MA 110 -38.06 -29.86 -37.87
C SER MA 110 -38.53 -28.42 -37.70
N ASN MA 111 -37.91 -27.66 -36.81
CA ASN MA 111 -38.24 -26.24 -36.71
C ASN MA 111 -37.69 -25.45 -37.90
N LEU MA 112 -36.48 -25.78 -38.36
CA LEU MA 112 -35.97 -25.14 -39.56
C LEU MA 112 -36.80 -25.57 -40.77
N ASN MA 113 -37.36 -26.79 -40.74
CA ASN MA 113 -38.25 -27.22 -41.81
C ASN MA 113 -39.60 -26.49 -41.74
N ASP MA 114 -40.11 -26.22 -40.53
CA ASP MA 114 -41.26 -25.33 -40.39
C ASP MA 114 -41.01 -23.99 -41.08
N GLU MA 115 -39.87 -23.37 -40.76
CA GLU MA 115 -39.47 -22.10 -41.37
C GLU MA 115 -39.41 -22.22 -42.89
N LEU MA 116 -38.77 -23.30 -43.37
CA LEU MA 116 -38.59 -23.51 -44.80
C LEU MA 116 -39.92 -23.70 -45.51
N LYS MA 117 -40.84 -24.47 -44.92
CA LYS MA 117 -42.15 -24.68 -45.52
C LYS MA 117 -42.92 -23.38 -45.61
N GLN MA 118 -42.86 -22.55 -44.56
CA GLN MA 118 -43.55 -21.26 -44.63
C GLN MA 118 -42.95 -20.36 -45.72
N LEU MA 119 -41.62 -20.39 -45.87
CA LEU MA 119 -41.01 -19.58 -46.93
C LEU MA 119 -41.35 -20.13 -48.32
N GLN MA 120 -41.55 -21.44 -48.45
CA GLN MA 120 -41.97 -22.00 -49.73
C GLN MA 120 -43.43 -21.63 -50.04
N GLU MA 121 -44.28 -21.59 -49.03
CA GLU MA 121 -45.63 -21.10 -49.27
C GLU MA 121 -45.60 -19.63 -49.68
N GLU MA 122 -44.67 -18.85 -49.13
CA GLU MA 122 -44.58 -17.44 -49.51
C GLU MA 122 -44.04 -17.26 -50.93
N ILE MA 123 -43.03 -18.06 -51.32
CA ILE MA 123 -42.51 -17.94 -52.68
C ILE MA 123 -43.57 -18.35 -53.70
N THR MA 124 -44.45 -19.31 -53.38
CA THR MA 124 -45.55 -19.60 -54.28
C THR MA 124 -46.62 -18.49 -54.25
N ARG MA 125 -46.88 -17.92 -53.08
CA ARG MA 125 -47.88 -16.88 -52.93
C ARG MA 125 -47.53 -15.66 -53.76
N ILE MA 126 -46.27 -15.22 -53.71
CA ILE MA 126 -45.85 -14.07 -54.50
C ILE MA 126 -46.04 -14.34 -55.98
N SER MA 127 -45.79 -15.57 -56.41
CA SER MA 127 -45.97 -15.94 -57.80
C SER MA 127 -47.43 -15.77 -58.23
N SER MA 128 -48.34 -16.48 -57.57
CA SER MA 128 -49.73 -16.52 -58.02
C SER MA 128 -50.66 -15.58 -57.25
N GLN MA 129 -50.14 -14.47 -56.72
CA GLN MA 129 -50.98 -13.39 -56.21
C GLN MA 129 -50.43 -12.02 -56.63
N MET MA 130 -49.64 -11.98 -57.71
CA MET MA 130 -49.11 -10.74 -58.26
C MET MA 130 -49.95 -10.36 -59.47
N GLU MA 131 -50.31 -9.09 -59.57
CA GLU MA 131 -51.17 -8.68 -60.71
C GLU MA 131 -51.02 -7.19 -60.98
N PHE MA 132 -51.22 -6.84 -62.24
CA PHE MA 132 -51.25 -5.47 -62.72
C PHE MA 132 -52.49 -5.32 -63.58
N ASN MA 133 -53.48 -4.59 -63.08
CA ASN MA 133 -54.73 -4.36 -63.81
C ASN MA 133 -55.48 -5.67 -64.02
N ASN MA 134 -55.50 -6.50 -62.99
CA ASN MA 134 -56.18 -7.80 -63.04
C ASN MA 134 -55.54 -8.71 -64.08
N LYS MA 135 -54.23 -8.90 -63.98
CA LYS MA 135 -53.47 -9.68 -64.95
C LYS MA 135 -52.36 -10.41 -64.20
N LYS MA 136 -52.53 -11.72 -64.04
CA LYS MA 136 -51.52 -12.52 -63.38
C LYS MA 136 -50.27 -12.60 -64.24
N LEU MA 137 -49.12 -12.28 -63.65
CA LEU MA 137 -47.86 -12.14 -64.38
C LEU MA 137 -46.93 -13.34 -64.20
N LEU MA 138 -46.69 -13.77 -62.97
CA LEU MA 138 -45.66 -14.77 -62.64
C LEU MA 138 -46.24 -16.15 -62.43
N ASP MA 139 -47.20 -16.54 -63.26
CA ASP MA 139 -47.89 -17.83 -63.13
C ASP MA 139 -47.60 -18.73 -64.31
N GLY MA 140 -47.26 -18.15 -65.45
CA GLY MA 140 -47.24 -18.82 -66.72
C GLY MA 140 -48.33 -18.39 -67.70
N SER MA 141 -49.10 -17.34 -67.36
CA SER MA 141 -50.11 -16.85 -68.30
C SER MA 141 -49.47 -16.27 -69.55
N GLN MA 142 -48.41 -15.49 -69.38
CA GLN MA 142 -47.74 -14.82 -70.49
C GLN MA 142 -46.63 -15.67 -71.11
N SER MA 143 -46.29 -16.81 -70.51
CA SER MA 143 -45.25 -17.66 -71.06
C SER MA 143 -45.71 -18.43 -72.29
N THR MA 144 -47.00 -18.40 -72.62
CA THR MA 144 -47.53 -19.14 -73.76
C THR MA 144 -47.44 -18.32 -75.04
N ASN MA 145 -47.94 -17.08 -75.01
CA ASN MA 145 -47.96 -16.20 -76.17
C ASN MA 145 -47.16 -14.92 -75.94
N GLY MA 146 -47.38 -14.24 -74.83
CA GLY MA 146 -46.59 -13.09 -74.44
C GLY MA 146 -47.40 -11.80 -74.50
N LEU MA 147 -46.89 -10.80 -73.77
CA LEU MA 147 -47.49 -9.47 -73.73
C LEU MA 147 -46.91 -8.63 -74.87
N THR MA 148 -47.79 -7.98 -75.62
CA THR MA 148 -47.42 -7.17 -76.77
C THR MA 148 -47.68 -5.70 -76.48
N PHE MA 149 -46.63 -4.88 -76.57
CA PHE MA 149 -46.73 -3.45 -76.34
C PHE MA 149 -46.61 -2.71 -77.67
N GLN MA 150 -47.58 -1.84 -77.93
CA GLN MA 150 -47.57 -0.95 -79.09
C GLN MA 150 -46.74 0.28 -78.73
N ILE MA 151 -45.55 0.39 -79.32
CA ILE MA 151 -44.63 1.48 -79.02
C ILE MA 151 -44.42 2.32 -80.27
N GLY MA 152 -45.46 2.42 -81.09
CA GLY MA 152 -45.37 3.19 -82.32
C GLY MA 152 -46.75 3.57 -82.82
N ALA MA 153 -46.78 4.62 -83.63
CA ALA MA 153 -48.05 5.13 -84.14
C ALA MA 153 -48.70 4.13 -85.10
N ASN MA 154 -47.91 3.54 -85.98
CA ASN MA 154 -48.43 2.69 -87.04
C ASN MA 154 -48.57 1.25 -86.59
N ALA MA 155 -49.16 0.43 -87.47
CA ALA MA 155 -49.37 -0.98 -87.19
C ALA MA 155 -48.07 -1.77 -87.39
N GLY MA 156 -47.87 -2.76 -86.53
CA GLY MA 156 -46.68 -3.58 -86.56
C GLY MA 156 -45.52 -3.05 -85.75
N GLN MA 157 -45.60 -1.81 -85.27
CA GLN MA 157 -44.53 -1.22 -84.46
C GLN MA 157 -44.72 -1.65 -83.00
N THR MA 158 -44.47 -2.93 -82.77
CA THR MA 158 -44.76 -3.58 -81.49
C THR MA 158 -43.50 -4.24 -80.94
N ILE MA 159 -43.59 -4.64 -79.68
CA ILE MA 159 -42.59 -5.51 -79.08
C ILE MA 159 -43.31 -6.57 -78.25
N THR MA 160 -42.88 -7.83 -78.39
CA THR MA 160 -43.42 -8.94 -77.63
C THR MA 160 -42.50 -9.24 -76.45
N MET MA 161 -43.09 -9.75 -75.38
CA MET MA 161 -42.39 -10.05 -74.15
C MET MA 161 -42.99 -11.31 -73.54
N LYS MA 162 -42.17 -12.01 -72.76
CA LYS MA 162 -42.59 -13.26 -72.13
C LYS MA 162 -42.00 -13.33 -70.73
N ILE MA 163 -42.79 -13.87 -69.80
CA ILE MA 163 -42.37 -14.06 -68.42
C ILE MA 163 -42.66 -15.52 -68.05
N SER MA 164 -41.68 -16.17 -67.45
CA SER MA 164 -41.78 -17.59 -67.15
C SER MA 164 -42.47 -17.82 -65.81
N THR MA 165 -42.89 -19.06 -65.59
CA THR MA 165 -43.43 -19.45 -64.30
C THR MA 165 -42.30 -19.44 -63.26
N MET MA 166 -42.54 -18.76 -62.14
CA MET MA 166 -41.58 -18.57 -61.06
C MET MA 166 -42.11 -19.11 -59.75
N SER MA 167 -42.75 -20.28 -59.80
CA SER MA 167 -43.18 -21.00 -58.62
C SER MA 167 -42.09 -21.94 -58.11
N ALA MA 168 -42.34 -22.55 -56.94
CA ALA MA 168 -41.37 -23.44 -56.35
C ALA MA 168 -41.24 -24.74 -57.13
N THR MA 169 -42.33 -25.20 -57.75
CA THR MA 169 -42.28 -26.44 -58.51
C THR MA 169 -41.38 -26.30 -59.74
N LYS MA 170 -41.45 -25.17 -60.43
CA LYS MA 170 -40.68 -24.98 -61.65
C LYS MA 170 -39.18 -24.92 -61.35
N LEU MA 171 -38.82 -24.35 -60.21
CA LEU MA 171 -37.42 -24.13 -59.85
C LEU MA 171 -36.81 -25.27 -59.04
N GLY MA 172 -37.53 -26.37 -58.83
CA GLY MA 172 -36.96 -27.51 -58.14
C GLY MA 172 -36.60 -27.24 -56.70
N VAL MA 173 -37.38 -26.40 -56.02
CA VAL MA 173 -37.15 -26.06 -54.62
C VAL MA 173 -38.38 -26.32 -53.75
N ASP MA 174 -39.48 -26.77 -54.33
CA ASP MA 174 -40.65 -27.18 -53.55
C ASP MA 174 -40.30 -28.28 -52.55
N ALA MA 175 -41.18 -28.45 -51.56
CA ALA MA 175 -40.90 -29.35 -50.45
C ALA MA 175 -40.75 -30.80 -50.86
N ALA MA 176 -41.27 -31.18 -52.04
CA ALA MA 176 -41.10 -32.55 -52.52
C ALA MA 176 -39.68 -32.88 -52.92
N LYS MA 177 -38.81 -31.87 -53.10
CA LYS MA 177 -37.43 -32.10 -53.52
C LYS MA 177 -36.42 -31.22 -52.77
N ALA MA 178 -36.84 -30.48 -51.73
CA ALA MA 178 -35.94 -29.58 -51.02
C ALA MA 178 -36.16 -29.58 -49.52
N SER MA 179 -36.57 -30.72 -48.96
CA SER MA 179 -36.68 -30.81 -47.51
C SER MA 179 -35.31 -30.70 -46.87
N ILE MA 180 -35.30 -30.29 -45.60
CA ILE MA 180 -34.09 -30.28 -44.79
C ILE MA 180 -34.35 -31.07 -43.51
N SER MA 181 -35.23 -32.07 -43.59
CA SER MA 181 -35.41 -33.00 -42.48
C SER MA 181 -34.10 -33.68 -42.12
N LYS MA 182 -33.36 -34.16 -43.13
CA LYS MA 182 -32.14 -34.92 -42.90
C LYS MA 182 -30.93 -34.00 -43.03
N GLY MA 183 -29.74 -34.58 -42.88
CA GLY MA 183 -28.52 -33.90 -43.22
C GLY MA 183 -28.21 -34.02 -44.71
N THR MA 184 -28.58 -35.16 -45.29
CA THR MA 184 -28.31 -35.39 -46.71
C THR MA 184 -29.14 -34.46 -47.58
N ALA MA 185 -30.42 -34.27 -47.23
CA ALA MA 185 -31.31 -33.47 -48.06
C ALA MA 185 -30.89 -32.01 -48.11
N ALA MA 186 -30.29 -31.49 -47.03
CA ALA MA 186 -29.81 -30.12 -47.05
C ALA MA 186 -28.68 -29.93 -48.04
N SER MA 187 -27.86 -30.97 -48.25
CA SER MA 187 -26.81 -30.92 -49.26
C SER MA 187 -27.39 -30.60 -50.64
N LYS MA 188 -28.43 -31.34 -51.05
CA LYS MA 188 -29.06 -31.06 -52.32
C LYS MA 188 -29.83 -29.75 -52.29
N ALA MA 189 -30.38 -29.38 -51.13
CA ALA MA 189 -31.17 -28.16 -51.02
C ALA MA 189 -30.32 -26.92 -51.28
N ILE MA 190 -29.07 -26.95 -50.83
CA ILE MA 190 -28.18 -25.80 -51.04
C ILE MA 190 -27.97 -25.56 -52.54
N LYS MA 191 -27.63 -26.61 -53.27
CA LYS MA 191 -27.42 -26.49 -54.72
C LYS MA 191 -28.71 -26.10 -55.42
N SER MA 192 -29.83 -26.68 -54.98
CA SER MA 192 -31.13 -26.36 -55.57
C SER MA 192 -31.46 -24.88 -55.38
N ILE MA 193 -31.17 -24.34 -54.21
CA ILE MA 193 -31.45 -22.94 -53.92
C ILE MA 193 -30.52 -22.03 -54.73
N ASP MA 194 -29.26 -22.44 -54.90
CA ASP MA 194 -28.34 -21.67 -55.75
C ASP MA 194 -28.85 -21.60 -57.19
N ASP MA 195 -29.28 -22.74 -57.72
CA ASP MA 195 -29.81 -22.77 -59.08
C ASP MA 195 -31.03 -21.86 -59.21
N ALA MA 196 -31.91 -21.90 -58.20
CA ALA MA 196 -33.09 -21.03 -58.23
C ALA MA 196 -32.72 -19.55 -58.19
N ILE MA 197 -31.76 -19.18 -57.35
CA ILE MA 197 -31.32 -17.79 -57.29
C ILE MA 197 -30.77 -17.33 -58.64
N ASN MA 198 -29.95 -18.17 -59.28
CA ASN MA 198 -29.41 -17.82 -60.58
C ASN MA 198 -30.51 -17.64 -61.61
N THR MA 199 -31.50 -18.55 -61.61
CA THR MA 199 -32.59 -18.46 -62.58
C THR MA 199 -33.40 -17.18 -62.40
N VAL MA 200 -33.71 -16.83 -61.15
CA VAL MA 200 -34.54 -15.64 -60.96
C VAL MA 200 -33.73 -14.38 -61.23
N SER MA 201 -32.42 -14.41 -61.00
CA SER MA 201 -31.57 -13.30 -61.43
C SER MA 201 -31.61 -13.14 -62.95
N LYS MA 202 -31.56 -14.26 -63.68
CA LYS MA 202 -31.65 -14.22 -65.14
C LYS MA 202 -32.95 -13.58 -65.59
N THR MA 203 -34.07 -13.99 -64.97
CA THR MA 203 -35.36 -13.41 -65.34
C THR MA 203 -35.42 -11.92 -65.04
N ARG MA 204 -34.90 -11.49 -63.89
CA ARG MA 204 -34.87 -10.07 -63.56
C ARG MA 204 -34.05 -9.28 -64.58
N SER MA 205 -32.91 -9.84 -65.00
CA SER MA 205 -32.12 -9.20 -66.05
C SER MA 205 -32.92 -9.04 -67.33
N ALA MA 206 -33.65 -10.10 -67.71
CA ALA MA 206 -34.46 -10.06 -68.92
C ALA MA 206 -35.51 -8.96 -68.85
N LEU MA 207 -36.08 -8.73 -67.67
CA LEU MA 207 -37.07 -7.65 -67.53
C LEU MA 207 -36.41 -6.28 -67.61
N GLY MA 208 -35.30 -6.11 -66.89
CA GLY MA 208 -34.63 -4.81 -66.85
C GLY MA 208 -34.12 -4.37 -68.21
N ALA MA 209 -33.72 -5.32 -69.05
CA ALA MA 209 -33.30 -4.97 -70.40
C ALA MA 209 -34.43 -4.30 -71.19
N VAL MA 210 -35.63 -4.86 -71.10
CA VAL MA 210 -36.77 -4.30 -71.81
C VAL MA 210 -37.13 -2.94 -71.24
N GLN MA 211 -37.01 -2.79 -69.92
CA GLN MA 211 -37.23 -1.47 -69.30
C GLN MA 211 -36.29 -0.42 -69.88
N ASN MA 212 -35.00 -0.74 -69.92
CA ASN MA 212 -34.00 0.20 -70.44
C ASN MA 212 -34.24 0.51 -71.90
N ARG MA 213 -34.69 -0.48 -72.67
CA ARG MA 213 -35.05 -0.24 -74.07
C ARG MA 213 -36.22 0.75 -74.16
N LEU MA 214 -37.25 0.56 -73.35
CA LEU MA 214 -38.44 1.39 -73.42
C LEU MA 214 -38.12 2.83 -73.07
N GLU MA 215 -37.14 3.06 -72.19
CA GLU MA 215 -36.73 4.43 -71.88
C GLU MA 215 -36.23 5.16 -73.12
N HIS MA 216 -35.28 4.56 -73.83
CA HIS MA 216 -34.77 5.13 -75.08
C HIS MA 216 -35.90 5.32 -76.10
N THR MA 217 -36.81 4.34 -76.16
CA THR MA 217 -37.95 4.46 -77.06
C THR MA 217 -38.79 5.69 -76.74
N ILE MA 218 -39.02 5.96 -75.45
CA ILE MA 218 -39.80 7.12 -75.05
C ILE MA 218 -39.10 8.41 -75.45
N ASN MA 219 -37.79 8.47 -75.25
CA ASN MA 219 -37.03 9.65 -75.65
C ASN MA 219 -37.17 9.91 -77.15
N ASN MA 220 -36.99 8.85 -77.96
CA ASN MA 220 -37.10 9.01 -79.41
C ASN MA 220 -38.51 9.44 -79.81
N LEU MA 221 -39.53 8.87 -79.17
CA LEU MA 221 -40.91 9.25 -79.49
C LEU MA 221 -41.16 10.72 -79.18
N GLY MA 222 -40.67 11.20 -78.03
CA GLY MA 222 -40.84 12.61 -77.71
C GLY MA 222 -40.18 13.52 -78.72
N THR MA 223 -38.94 13.20 -79.10
CA THR MA 223 -38.24 14.01 -80.08
C THR MA 223 -38.99 14.05 -81.41
N SER MA 224 -39.43 12.88 -81.88
CA SER MA 224 -40.13 12.82 -83.16
C SER MA 224 -41.45 13.57 -83.10
N ALA MA 225 -42.16 13.47 -81.97
CA ALA MA 225 -43.43 14.18 -81.84
C ALA MA 225 -43.23 15.69 -81.87
N GLU MA 226 -42.19 16.18 -81.18
CA GLU MA 226 -41.92 17.62 -81.22
C GLU MA 226 -41.57 18.08 -82.63
N ASN MA 227 -40.73 17.32 -83.33
CA ASN MA 227 -40.34 17.73 -84.68
C ASN MA 227 -41.54 17.75 -85.63
N LEU MA 228 -42.37 16.70 -85.59
CA LEU MA 228 -43.54 16.68 -86.46
C LEU MA 228 -44.55 17.75 -86.07
N THR MA 229 -44.64 18.08 -84.77
CA THR MA 229 -45.51 19.17 -84.36
C THR MA 229 -45.04 20.49 -84.94
N ALA MA 230 -43.73 20.73 -84.91
CA ALA MA 230 -43.17 21.93 -85.54
C ALA MA 230 -43.50 21.97 -87.03
N ALA MA 231 -43.31 20.85 -87.72
CA ALA MA 231 -43.60 20.78 -89.15
C ALA MA 231 -45.07 21.08 -89.42
N GLU MA 232 -45.98 20.44 -88.68
CA GLU MA 232 -47.40 20.65 -88.89
C GLU MA 232 -47.81 22.08 -88.59
N SER MA 233 -47.21 22.68 -87.56
CA SER MA 233 -47.47 24.08 -87.25
C SER MA 233 -47.06 24.97 -88.40
N ARG MA 234 -45.86 24.76 -88.93
CA ARG MA 234 -45.39 25.59 -90.03
C ARG MA 234 -46.23 25.39 -91.29
N ILE MA 235 -46.78 24.20 -91.48
CA ILE MA 235 -47.62 23.94 -92.66
C ILE MA 235 -48.97 24.64 -92.51
N ARG MA 236 -49.69 24.34 -91.44
CA ARG MA 236 -51.10 24.69 -91.33
C ARG MA 236 -51.36 25.99 -90.57
N ASP MA 237 -50.67 26.23 -89.46
CA ASP MA 237 -50.93 27.43 -88.70
C ASP MA 237 -50.49 28.67 -89.45
N THR MA 238 -51.08 29.81 -89.09
CA THR MA 238 -50.86 31.07 -89.78
C THR MA 238 -50.08 32.04 -88.91
N ASP MA 239 -49.30 32.89 -89.56
CA ASP MA 239 -48.59 33.95 -88.86
C ASP MA 239 -49.53 35.14 -88.69
N MET MA 240 -49.68 35.59 -87.44
CA MET MA 240 -50.64 36.65 -87.13
C MET MA 240 -50.26 37.96 -87.80
N ALA MA 241 -48.97 38.26 -87.88
CA ALA MA 241 -48.53 39.56 -88.37
C ALA MA 241 -48.85 39.74 -89.85
N ALA MA 242 -48.59 38.73 -90.66
CA ALA MA 242 -48.85 38.83 -92.09
C ALA MA 242 -50.34 39.00 -92.37
N GLU MA 243 -51.18 38.23 -91.68
CA GLU MA 243 -52.61 38.34 -91.89
C GLU MA 243 -53.14 39.67 -91.38
N MET MA 244 -52.57 40.20 -90.30
CA MET MA 244 -52.93 41.54 -89.84
C MET MA 244 -52.60 42.59 -90.89
N MET MA 245 -51.39 42.50 -91.46
CA MET MA 245 -51.00 43.39 -92.56
C MET MA 245 -52.00 43.33 -93.70
N ALA MA 246 -52.32 42.12 -94.16
CA ALA MA 246 -53.23 41.95 -95.29
C ALA MA 246 -54.61 42.49 -94.96
N PHE MA 247 -55.08 42.27 -93.74
CA PHE MA 247 -56.41 42.72 -93.35
C PHE MA 247 -56.49 44.23 -93.31
N THR MA 248 -55.47 44.89 -92.75
CA THR MA 248 -55.45 46.35 -92.74
C THR MA 248 -55.41 46.90 -94.16
N LYS MA 249 -54.57 46.31 -95.01
CA LYS MA 249 -54.49 46.71 -96.41
C LYS MA 249 -55.86 46.61 -97.10
N ASN MA 250 -56.53 45.47 -96.92
CA ASN MA 250 -57.82 45.26 -97.58
C ASN MA 250 -58.88 46.21 -97.04
N ASN MA 251 -58.84 46.53 -95.74
CA ASN MA 251 -59.78 47.53 -95.20
C ASN MA 251 -59.56 48.89 -95.83
N ILE MA 252 -58.29 49.31 -95.94
CA ILE MA 252 -57.99 50.61 -96.55
C ILE MA 252 -58.46 50.63 -97.99
N LEU MA 253 -58.26 49.54 -98.72
CA LEU MA 253 -58.73 49.47 -100.10
C LEU MA 253 -60.25 49.52 -100.17
N THR MA 254 -60.93 48.86 -99.24
CA THR MA 254 -62.38 48.90 -99.18
C THR MA 254 -62.89 50.33 -98.99
N GLN MA 255 -62.27 51.05 -98.05
CA GLN MA 255 -62.66 52.44 -97.82
C GLN MA 255 -62.43 53.30 -99.06
N ALA MA 256 -61.28 53.10 -99.72
CA ALA MA 256 -60.98 53.86 -100.94
C ALA MA 256 -62.04 53.60 -102.01
N ALA MA 257 -62.41 52.33 -102.21
CA ALA MA 257 -63.41 52.00 -103.20
C ALA MA 257 -64.78 52.56 -102.83
N GLN MA 258 -65.10 52.60 -101.53
CA GLN MA 258 -66.35 53.19 -101.08
C GLN MA 258 -66.41 54.67 -101.46
N SER MA 259 -65.35 55.41 -101.15
CA SER MA 259 -65.31 56.83 -101.51
C SER MA 259 -65.37 57.02 -103.01
N MET MA 260 -64.66 56.19 -103.77
CA MET MA 260 -64.68 56.30 -105.23
C MET MA 260 -66.07 56.06 -105.78
N LEU MA 261 -66.80 55.12 -105.21
CA LEU MA 261 -68.15 54.85 -105.67
C LEU MA 261 -69.10 55.99 -105.31
N ALA MA 262 -68.93 56.56 -104.12
CA ALA MA 262 -69.72 57.73 -103.73
C ALA MA 262 -69.50 58.88 -104.71
N GLN MA 263 -68.27 59.04 -105.19
CA GLN MA 263 -68.00 60.07 -106.18
C GLN MA 263 -68.61 59.72 -107.53
N ALA MA 264 -68.42 58.47 -107.98
CA ALA MA 264 -68.90 58.06 -109.30
C ALA MA 264 -70.41 58.15 -109.40
N ASN MA 265 -71.13 57.93 -108.29
CA ASN MA 265 -72.57 58.09 -108.32
C ASN MA 265 -72.99 59.54 -108.52
N GLN MA 266 -72.21 60.48 -108.02
CA GLN MA 266 -72.49 61.90 -108.19
C GLN MA 266 -72.01 62.45 -109.52
N GLN MA 267 -71.07 61.76 -110.17
CA GLN MA 267 -70.52 62.26 -111.43
C GLN MA 267 -71.57 62.52 -112.51
N PRO MA 268 -72.53 61.62 -112.79
CA PRO MA 268 -73.51 61.95 -113.85
C PRO MA 268 -74.64 62.86 -113.37
N GLN MA 269 -74.38 64.16 -113.40
CA GLN MA 269 -75.37 65.19 -113.10
C GLN MA 269 -75.26 66.27 -114.18
N GLY MA 270 -76.00 66.07 -115.26
CA GLY MA 270 -76.08 67.02 -116.34
C GLY MA 270 -77.49 67.57 -116.48
N VAL MA 271 -78.17 67.75 -115.35
CA VAL MA 271 -79.51 68.28 -115.37
C VAL MA 271 -79.51 69.77 -115.72
N LEU MA 272 -78.39 70.47 -115.49
CA LEU MA 272 -78.33 71.88 -115.84
C LEU MA 272 -78.29 72.12 -117.34
N GLN MA 273 -78.09 71.09 -118.17
CA GLN MA 273 -78.32 71.26 -119.60
C GLN MA 273 -79.77 71.65 -119.87
N LEU MA 274 -80.69 70.90 -119.27
CA LEU MA 274 -82.10 70.98 -119.63
C LEU MA 274 -82.74 72.22 -119.03
N LEU MA 275 -82.78 72.29 -117.70
CA LEU MA 275 -83.45 73.38 -117.01
C LEU MA 275 -82.50 74.55 -116.83
N GLN MA 276 -82.95 75.59 -116.13
CA GLN MA 276 -82.09 76.74 -115.86
C GLN MA 276 -82.73 77.61 -114.78
N MET NA 1 -102.17 58.62 -106.31
CA MET NA 1 -101.12 58.40 -107.29
C MET NA 1 -99.85 59.29 -107.30
N ARG NA 2 -100.00 60.61 -107.05
CA ARG NA 2 -98.88 61.54 -107.15
C ARG NA 2 -98.59 62.27 -105.85
N ILE NA 3 -99.59 62.91 -105.24
CA ILE NA 3 -99.36 63.89 -104.18
C ILE NA 3 -99.97 63.43 -102.86
N GLN NA 4 -101.28 63.18 -102.86
CA GLN NA 4 -102.04 62.95 -101.64
C GLN NA 4 -101.53 61.75 -100.84
N HIS NA 5 -100.86 60.80 -101.48
CA HIS NA 5 -100.35 59.62 -100.80
C HIS NA 5 -98.97 59.28 -101.36
N ASN NA 6 -98.04 58.93 -100.46
CA ASN NA 6 -96.67 58.61 -100.82
C ASN NA 6 -96.32 57.26 -100.19
N ILE NA 7 -96.51 56.18 -100.95
CA ILE NA 7 -96.53 54.84 -100.35
C ILE NA 7 -95.13 54.37 -99.99
N ALA NA 8 -94.12 54.81 -100.74
CA ALA NA 8 -92.73 54.44 -100.43
C ALA NA 8 -92.35 54.90 -99.03
N ALA NA 9 -92.76 56.11 -98.67
CA ALA NA 9 -92.46 56.63 -97.34
C ALA NA 9 -93.17 55.83 -96.25
N LEU NA 10 -94.39 55.37 -96.53
CA LEU NA 10 -95.11 54.52 -95.58
C LEU NA 10 -94.35 53.21 -95.34
N ASN NA 11 -93.93 52.56 -96.42
CA ASN NA 11 -93.17 51.31 -96.28
C ASN NA 11 -91.88 51.55 -95.51
N THR NA 12 -91.18 52.64 -95.82
CA THR NA 12 -89.94 52.97 -95.11
C THR NA 12 -90.20 53.21 -93.64
N HIS NA 13 -91.31 53.87 -93.31
CA HIS NA 13 -91.67 54.11 -91.92
C HIS NA 13 -91.93 52.80 -91.18
N ARG NA 14 -92.66 51.89 -91.83
CA ARG NA 14 -92.90 50.56 -91.24
C ARG NA 14 -91.59 49.86 -90.91
N ASN NA 15 -90.69 49.78 -91.89
CA ASN NA 15 -89.43 49.08 -91.68
C ASN NA 15 -88.59 49.76 -90.60
N LEU NA 16 -88.61 51.09 -90.57
CA LEU NA 16 -87.87 51.83 -89.55
C LEU NA 16 -88.39 51.51 -88.15
N ALA NA 17 -89.72 51.48 -88.00
CA ALA NA 17 -90.32 51.13 -86.71
C ALA NA 17 -89.93 49.73 -86.28
N ALA NA 18 -89.96 48.78 -87.22
CA ALA NA 18 -89.57 47.41 -86.91
C ALA NA 18 -88.13 47.32 -86.44
N ASN NA 19 -87.22 48.00 -87.14
CA ASN NA 19 -85.81 47.97 -86.77
C ASN NA 19 -85.60 48.59 -85.40
N ASN NA 20 -86.28 49.71 -85.11
CA ASN NA 20 -86.18 50.32 -83.79
C ASN NA 20 -86.65 49.38 -82.70
N ALA NA 21 -87.77 48.68 -82.94
CA ALA NA 21 -88.28 47.74 -81.96
C ALA NA 21 -87.28 46.61 -81.69
N ALA NA 22 -86.68 46.07 -82.76
CA ALA NA 22 -85.71 44.99 -82.58
C ALA NA 22 -84.49 45.47 -81.80
N ALA NA 23 -84.01 46.68 -82.11
CA ALA NA 23 -82.87 47.22 -81.37
C ALA NA 23 -83.20 47.43 -79.91
N SER NA 24 -84.43 47.86 -79.61
CA SER NA 24 -84.84 48.02 -78.23
C SER NA 24 -84.87 46.69 -77.49
N LYS NA 25 -85.38 45.64 -78.15
CA LYS NA 25 -85.35 44.31 -77.54
C LYS NA 25 -83.93 43.87 -77.24
N ASN NA 26 -83.01 44.11 -78.17
CA ASN NA 26 -81.62 43.73 -77.94
C ASN NA 26 -81.01 44.51 -76.78
N LEU NA 27 -81.35 45.80 -76.67
CA LEU NA 27 -80.89 46.60 -75.53
C LEU NA 27 -81.40 46.03 -74.22
N GLU NA 28 -82.67 45.63 -74.19
CA GLU NA 28 -83.22 44.99 -73.00
C GLU NA 28 -82.45 43.75 -72.62
N LYS NA 29 -82.19 42.88 -73.61
CA LYS NA 29 -81.48 41.64 -73.32
C LYS NA 29 -80.04 41.90 -72.88
N LEU NA 30 -79.42 42.96 -73.36
CA LEU NA 30 -78.04 43.24 -72.98
C LEU NA 30 -77.95 43.87 -71.59
N SER NA 31 -78.87 44.78 -71.28
CA SER NA 31 -78.85 45.42 -69.96
C SER NA 31 -79.25 44.43 -68.87
N SER NA 32 -80.27 43.60 -69.14
CA SER NA 32 -80.75 42.66 -68.13
C SER NA 32 -79.73 41.56 -67.88
N GLY NA 33 -79.01 41.14 -68.92
CA GLY NA 33 -78.15 39.99 -68.82
C GLY NA 33 -78.83 38.66 -68.96
N PHE NA 34 -80.16 38.64 -69.18
CA PHE NA 34 -80.93 37.42 -69.36
C PHE NA 34 -81.56 37.41 -70.75
N LYS NA 35 -81.63 36.23 -71.35
CA LYS NA 35 -82.21 36.07 -72.68
C LYS NA 35 -83.72 35.99 -72.64
N ILE NA 36 -84.32 35.65 -71.48
CA ILE NA 36 -85.76 35.46 -71.35
C ILE NA 36 -86.20 36.36 -70.20
N ASN NA 37 -86.74 37.53 -70.55
CA ASN NA 37 -87.31 38.46 -69.58
C ASN NA 37 -88.83 38.40 -69.53
N ARG NA 38 -89.47 37.88 -70.58
CA ARG NA 38 -90.91 37.71 -70.65
C ARG NA 38 -91.21 36.29 -71.13
N ALA NA 39 -92.46 35.87 -70.96
CA ALA NA 39 -92.86 34.56 -71.46
C ALA NA 39 -93.03 34.56 -72.97
N GLY NA 40 -93.28 35.74 -73.57
CA GLY NA 40 -93.31 35.81 -75.03
C GLY NA 40 -91.98 35.50 -75.66
N ASP NA 41 -90.88 35.76 -74.95
CA ASP NA 41 -89.56 35.39 -75.44
C ASP NA 41 -89.48 33.89 -75.67
N ASP NA 42 -89.83 33.09 -74.67
CA ASP NA 42 -89.75 31.65 -74.78
C ASP NA 42 -90.57 31.04 -73.65
N ALA NA 43 -91.62 30.30 -74.02
CA ALA NA 43 -92.51 29.71 -73.01
C ALA NA 43 -91.89 28.47 -72.38
N ALA NA 44 -91.48 27.50 -73.20
CA ALA NA 44 -90.79 26.31 -72.71
C ALA NA 44 -89.32 26.63 -72.50
N GLY NA 45 -88.95 26.85 -71.25
CA GLY NA 45 -87.63 27.35 -70.91
C GLY NA 45 -87.74 28.33 -69.76
N LEU NA 46 -88.80 29.13 -69.75
CA LEU NA 46 -89.12 29.91 -68.55
C LEU NA 46 -89.47 28.97 -67.39
N ALA NA 47 -90.38 28.03 -67.63
CA ALA NA 47 -90.74 27.05 -66.61
C ALA NA 47 -89.53 26.23 -66.19
N ILE NA 48 -88.73 25.79 -67.15
CA ILE NA 48 -87.55 24.98 -66.85
C ILE NA 48 -86.57 25.78 -66.00
N SER NA 49 -86.38 27.07 -66.32
CA SER NA 49 -85.49 27.92 -65.56
C SER NA 49 -85.99 28.10 -64.13
N GLU NA 50 -87.30 28.27 -63.96
CA GLU NA 50 -87.83 28.46 -62.62
C GLU NA 50 -87.68 27.19 -61.79
N LYS NA 51 -88.00 26.03 -62.35
CA LYS NA 51 -87.80 24.78 -61.64
C LYS NA 51 -86.34 24.55 -61.29
N MET NA 52 -85.43 24.89 -62.21
CA MET NA 52 -84.02 24.68 -61.97
C MET NA 52 -83.51 25.63 -60.88
N ARG NA 53 -84.02 26.86 -60.85
CA ARG NA 53 -83.67 27.80 -59.79
C ARG NA 53 -84.14 27.29 -58.44
N GLY NA 54 -85.37 26.76 -58.39
CA GLY NA 54 -85.85 26.16 -57.16
C GLY NA 54 -84.98 25.02 -56.69
N GLN NA 55 -84.59 24.14 -57.62
CA GLN NA 55 -83.73 23.01 -57.28
C GLN NA 55 -82.36 23.47 -56.80
N ILE NA 56 -81.81 24.52 -57.43
CA ILE NA 56 -80.50 25.02 -57.03
C ILE NA 56 -80.55 25.57 -55.61
N SER NA 57 -81.55 26.40 -55.34
CA SER NA 57 -81.70 26.95 -53.98
C SER NA 57 -81.89 25.83 -52.96
N GLY NA 58 -82.72 24.85 -53.28
CA GLY NA 58 -82.93 23.74 -52.37
C GLY NA 58 -81.67 22.93 -52.13
N LEU NA 59 -80.87 22.72 -53.17
CA LEU NA 59 -79.65 21.94 -53.02
C LEU NA 59 -78.62 22.68 -52.17
N ASN NA 60 -78.48 23.98 -52.38
CA ASN NA 60 -77.55 24.75 -51.56
C ASN NA 60 -78.00 24.79 -50.10
N MET NA 61 -79.30 24.99 -49.87
CA MET NA 61 -79.80 24.98 -48.50
C MET NA 61 -79.65 23.60 -47.86
N ALA NA 62 -79.77 22.54 -48.66
CA ALA NA 62 -79.57 21.20 -48.13
C ALA NA 62 -78.11 20.95 -47.77
N SER NA 63 -77.19 21.49 -48.55
CA SER NA 63 -75.78 21.45 -48.19
C SER NA 63 -75.54 22.13 -46.86
N LYS NA 64 -76.14 23.32 -46.68
CA LYS NA 64 -76.03 24.04 -45.42
C LYS NA 64 -76.57 23.20 -44.26
N ASN NA 65 -77.74 22.59 -44.45
CA ASN NA 65 -78.35 21.77 -43.41
C ASN NA 65 -77.49 20.56 -43.08
N SER NA 66 -76.88 19.94 -44.08
CA SER NA 66 -76.01 18.79 -43.85
C SER NA 66 -74.80 19.19 -43.02
N SER NA 67 -74.23 20.36 -43.31
CA SER NA 67 -73.12 20.84 -42.51
C SER NA 67 -73.55 21.10 -41.07
N ASP NA 68 -74.74 21.65 -40.88
CA ASP NA 68 -75.26 21.86 -39.53
C ASP NA 68 -75.38 20.54 -38.77
N ALA NA 69 -75.91 19.51 -39.45
CA ALA NA 69 -76.01 18.19 -38.85
C ALA NA 69 -74.65 17.63 -38.47
N ILE NA 70 -73.65 17.85 -39.33
CA ILE NA 70 -72.29 17.40 -39.02
C ILE NA 70 -71.80 18.09 -37.75
N SER NA 71 -72.08 19.37 -37.61
CA SER NA 71 -71.67 20.10 -36.40
C SER NA 71 -72.30 19.50 -35.15
N LEU NA 72 -73.62 19.24 -35.22
CA LEU NA 72 -74.33 18.60 -34.11
C LEU NA 72 -73.69 17.26 -33.73
N ILE NA 73 -73.41 16.42 -34.73
CA ILE NA 73 -72.86 15.10 -34.48
C ILE NA 73 -71.47 15.22 -33.85
N GLN NA 74 -70.66 16.17 -34.34
CA GLN NA 74 -69.35 16.40 -33.75
C GLN NA 74 -69.47 16.79 -32.28
N THR NA 75 -70.49 17.58 -31.96
CA THR NA 75 -70.71 17.96 -30.56
C THR NA 75 -70.95 16.72 -29.71
N ALA NA 76 -71.84 15.84 -30.18
CA ALA NA 76 -72.15 14.63 -29.41
C ALA NA 76 -70.94 13.72 -29.25
N GLU NA 77 -70.16 13.53 -30.32
CA GLU NA 77 -68.97 12.69 -30.23
C GLU NA 77 -67.95 13.27 -29.25
N GLY NA 78 -67.74 14.59 -29.30
CA GLY NA 78 -66.86 15.22 -28.33
C GLY NA 78 -67.35 15.06 -26.91
N GLY NA 79 -68.67 15.06 -26.72
CA GLY NA 79 -69.21 14.76 -25.40
C GLY NA 79 -68.86 13.36 -24.93
N LEU NA 80 -68.93 12.38 -25.83
CA LEU NA 80 -68.70 10.99 -25.44
C LEU NA 80 -67.23 10.63 -25.29
N ASN NA 81 -66.31 11.42 -25.86
CA ASN NA 81 -64.90 11.17 -25.65
C ASN NA 81 -64.52 11.23 -24.17
N GLU NA 82 -65.05 12.21 -23.45
CA GLU NA 82 -64.74 12.32 -22.03
C GLU NA 82 -65.41 11.21 -21.23
N THR NA 83 -66.56 10.74 -21.69
CA THR NA 83 -67.16 9.54 -21.10
C THR NA 83 -66.20 8.35 -21.19
N HIS NA 84 -65.62 8.13 -22.37
CA HIS NA 84 -64.59 7.10 -22.52
C HIS NA 84 -63.47 7.29 -21.50
N ALA NA 85 -62.95 8.51 -21.41
CA ALA NA 85 -61.80 8.78 -20.55
C ALA NA 85 -62.10 8.46 -19.08
N ILE NA 86 -63.21 9.00 -18.57
CA ILE NA 86 -63.50 8.79 -17.15
C ILE NA 86 -63.92 7.35 -16.88
N LEU NA 87 -64.46 6.66 -17.88
CA LEU NA 87 -64.74 5.24 -17.71
C LEU NA 87 -63.44 4.45 -17.56
N GLN NA 88 -62.43 4.79 -18.36
CA GLN NA 88 -61.12 4.16 -18.19
C GLN NA 88 -60.57 4.41 -16.79
N ARG NA 89 -60.68 5.65 -16.32
CA ARG NA 89 -60.20 5.97 -14.98
C ARG NA 89 -60.94 5.18 -13.92
N MET NA 90 -62.26 5.04 -14.07
CA MET NA 90 -63.08 4.28 -13.12
C MET NA 90 -62.69 2.81 -13.11
N ARG NA 91 -62.41 2.24 -14.28
CA ARG NA 91 -61.96 0.85 -14.34
C ARG NA 91 -60.62 0.68 -13.62
N GLU NA 92 -59.70 1.63 -13.83
CA GLU NA 92 -58.42 1.59 -13.13
C GLU NA 92 -58.63 1.63 -11.62
N LEU NA 93 -59.51 2.52 -11.16
CA LEU NA 93 -59.83 2.64 -9.74
C LEU NA 93 -60.41 1.34 -9.18
N ALA NA 94 -61.31 0.69 -9.94
CA ALA NA 94 -61.89 -0.56 -9.47
C ALA NA 94 -60.85 -1.66 -9.39
N VAL NA 95 -59.97 -1.77 -10.39
CA VAL NA 95 -58.94 -2.80 -10.37
C VAL NA 95 -58.00 -2.57 -9.19
N GLN NA 96 -57.72 -1.31 -8.85
CA GLN NA 96 -56.91 -1.04 -7.67
C GLN NA 96 -57.66 -1.34 -6.37
N SER NA 97 -58.93 -0.97 -6.28
CA SER NA 97 -59.75 -1.24 -5.11
C SER NA 97 -59.92 -2.72 -4.85
N ARG NA 98 -59.86 -3.55 -5.89
CA ARG NA 98 -60.18 -4.97 -5.83
C ARG NA 98 -59.18 -5.78 -5.01
N ASN NA 99 -57.96 -5.27 -4.83
CA ASN NA 99 -56.92 -5.99 -4.11
C ASN NA 99 -57.14 -5.90 -2.60
N ASP NA 100 -56.65 -6.91 -1.88
CA ASP NA 100 -56.85 -7.03 -0.44
C ASP NA 100 -55.78 -6.33 0.39
N THR NA 101 -54.84 -5.62 -0.27
CA THR NA 101 -53.96 -4.74 0.47
C THR NA 101 -54.72 -3.58 1.12
N ASN NA 102 -55.86 -3.21 0.53
CA ASN NA 102 -56.62 -2.06 0.99
C ASN NA 102 -57.55 -2.46 2.14
N ASP NA 103 -57.66 -1.59 3.13
CA ASP NA 103 -58.46 -1.83 4.33
C ASP NA 103 -59.71 -0.97 4.33
N GLU NA 104 -60.84 -1.60 4.64
CA GLU NA 104 -62.07 -0.86 4.90
C GLU NA 104 -62.01 -0.10 6.21
N ALA NA 105 -61.20 -0.57 7.17
CA ALA NA 105 -61.14 0.05 8.49
C ALA NA 105 -60.53 1.45 8.41
N THR NA 106 -59.33 1.55 7.83
CA THR NA 106 -58.62 2.82 7.72
C THR NA 106 -58.92 3.55 6.41
N ASN NA 107 -60.09 3.30 5.82
CA ASN NA 107 -60.66 4.19 4.81
C ASN NA 107 -59.85 4.22 3.52
N ASP NA 108 -59.27 3.06 3.14
CA ASP NA 108 -58.51 2.98 1.90
C ASP NA 108 -59.44 2.96 0.68
N ARG NA 109 -60.51 2.16 0.74
CA ARG NA 109 -61.43 2.04 -0.37
C ARG NA 109 -62.47 3.15 -0.43
N SER NA 110 -62.79 3.77 0.72
CA SER NA 110 -63.77 4.85 0.69
C SER NA 110 -63.25 6.08 -0.04
N ASN NA 111 -61.94 6.28 -0.10
CA ASN NA 111 -61.40 7.37 -0.92
C ASN NA 111 -61.52 7.07 -2.41
N LEU NA 112 -61.29 5.82 -2.82
CA LEU NA 112 -61.51 5.46 -4.20
C LEU NA 112 -63.00 5.54 -4.53
N ASN NA 113 -63.86 5.28 -3.54
CA ASN NA 113 -65.30 5.45 -3.75
C ASN NA 113 -65.68 6.92 -3.85
N ASP NA 114 -65.03 7.80 -3.08
CA ASP NA 114 -65.19 9.25 -3.28
C ASP NA 114 -64.89 9.62 -4.73
N GLU NA 115 -63.72 9.18 -5.22
CA GLU NA 115 -63.33 9.43 -6.61
C GLU NA 115 -64.37 8.88 -7.59
N LEU NA 116 -64.82 7.66 -7.36
CA LEU NA 116 -65.78 7.02 -8.24
C LEU NA 116 -67.12 7.74 -8.26
N LYS NA 117 -67.60 8.18 -7.09
CA LYS NA 117 -68.85 8.92 -7.04
C LYS NA 117 -68.75 10.25 -7.77
N GLN NA 118 -67.62 10.94 -7.63
CA GLN NA 118 -67.46 12.18 -8.37
C GLN NA 118 -67.44 11.94 -9.88
N LEU NA 119 -66.79 10.86 -10.32
CA LEU NA 119 -66.78 10.55 -11.74
C LEU NA 119 -68.15 10.12 -12.25
N GLN NA 120 -68.97 9.51 -11.39
CA GLN NA 120 -70.34 9.18 -11.79
C GLN NA 120 -71.21 10.43 -11.88
N GLU NA 121 -71.01 11.39 -10.98
CA GLU NA 121 -71.71 12.64 -11.14
C GLU NA 121 -71.29 13.35 -12.43
N GLU NA 122 -70.02 13.22 -12.82
CA GLU NA 122 -69.57 13.85 -14.06
C GLU NA 122 -70.13 13.14 -15.29
N ILE NA 123 -70.18 11.80 -15.28
CA ILE NA 123 -70.75 11.10 -16.43
C ILE NA 123 -72.23 11.41 -16.59
N THR NA 124 -72.95 11.65 -15.49
CA THR NA 124 -74.34 12.09 -15.62
C THR NA 124 -74.43 13.56 -16.08
N ARG NA 125 -73.51 14.39 -15.59
CA ARG NA 125 -73.52 15.81 -15.94
C ARG NA 125 -73.29 16.01 -17.44
N ILE NA 126 -72.34 15.30 -18.02
CA ILE NA 126 -72.09 15.42 -19.45
C ILE NA 126 -73.32 15.00 -20.24
N SER NA 127 -74.04 13.99 -19.76
CA SER NA 127 -75.25 13.55 -20.43
C SER NA 127 -76.29 14.66 -20.47
N SER NA 128 -76.71 15.15 -19.29
CA SER NA 128 -77.82 16.08 -19.21
C SER NA 128 -77.40 17.54 -19.08
N GLN NA 129 -76.23 17.92 -19.60
CA GLN NA 129 -75.86 19.32 -19.78
C GLN NA 129 -75.20 19.56 -21.13
N MET NA 130 -75.45 18.68 -22.09
CA MET NA 130 -74.95 18.82 -23.46
C MET NA 130 -76.06 19.37 -24.34
N GLU NA 131 -75.75 20.33 -25.18
CA GLU NA 131 -76.81 20.94 -26.02
C GLU NA 131 -76.22 21.59 -27.25
N PHE NA 132 -77.02 21.61 -28.30
CA PHE NA 132 -76.72 22.27 -29.57
C PHE NA 132 -77.95 23.09 -29.93
N ASN NA 133 -77.83 24.42 -29.83
CA ASN NA 133 -78.93 25.32 -30.16
C ASN NA 133 -80.12 25.10 -29.22
N ASN NA 134 -79.82 24.93 -27.93
CA ASN NA 134 -80.85 24.70 -26.92
C ASN NA 134 -81.62 23.41 -27.18
N LYS NA 135 -80.88 22.32 -27.33
CA LYS NA 135 -81.45 21.01 -27.66
C LYS NA 135 -80.66 19.93 -26.93
N LYS NA 136 -81.25 19.36 -25.90
CA LYS NA 136 -80.60 18.30 -25.16
C LYS NA 136 -80.50 17.05 -26.02
N LEU NA 137 -79.29 16.50 -26.13
CA LEU NA 137 -78.99 15.40 -27.05
C LEU NA 137 -78.90 14.04 -26.35
N LEU NA 138 -78.12 13.95 -25.27
CA LEU NA 138 -77.78 12.67 -24.63
C LEU NA 138 -78.62 12.39 -23.40
N ASP NA 139 -79.92 12.69 -23.45
CA ASP NA 139 -80.81 12.53 -22.32
C ASP NA 139 -81.86 11.47 -22.59
N GLY NA 140 -82.17 11.23 -23.87
CA GLY NA 140 -83.33 10.49 -24.29
C GLY NA 140 -84.40 11.32 -24.97
N SER NA 141 -84.14 12.60 -25.26
CA SER NA 141 -85.12 13.41 -25.97
C SER NA 141 -85.33 12.91 -27.39
N GLN NA 142 -84.24 12.57 -28.08
CA GLN NA 142 -84.29 12.14 -29.46
C GLN NA 142 -84.47 10.64 -29.60
N SER NA 143 -84.40 9.87 -28.50
CA SER NA 143 -84.57 8.43 -28.57
C SER NA 143 -86.02 8.02 -28.78
N THR NA 144 -86.96 8.96 -28.69
CA THR NA 144 -88.38 8.63 -28.84
C THR NA 144 -88.81 8.68 -30.30
N ASN NA 145 -88.50 9.79 -30.99
CA ASN NA 145 -88.88 9.99 -32.38
C ASN NA 145 -87.67 10.16 -33.30
N GLY NA 146 -86.73 11.02 -32.95
CA GLY NA 146 -85.48 11.17 -33.66
C GLY NA 146 -85.37 12.51 -34.36
N LEU NA 147 -84.14 12.88 -34.66
CA LEU NA 147 -83.84 14.11 -35.39
C LEU NA 147 -83.87 13.83 -36.89
N THR NA 148 -84.58 14.69 -37.63
CA THR NA 148 -84.77 14.55 -39.06
C THR NA 148 -84.04 15.67 -39.78
N PHE NA 149 -83.12 15.30 -40.67
CA PHE NA 149 -82.35 16.25 -41.47
C PHE NA 149 -82.84 16.21 -42.91
N GLN NA 150 -83.16 17.40 -43.43
CA GLN NA 150 -83.52 17.58 -44.84
C GLN NA 150 -82.23 17.74 -45.63
N ILE NA 151 -81.89 16.72 -46.41
CA ILE NA 151 -80.65 16.70 -47.19
C ILE NA 151 -80.99 16.67 -48.67
N GLY NA 152 -82.09 17.32 -49.04
CA GLY NA 152 -82.51 17.36 -50.43
C GLY NA 152 -83.46 18.51 -50.68
N ALA NA 153 -83.53 18.92 -51.94
CA ALA NA 153 -84.37 20.05 -52.31
C ALA NA 153 -85.85 19.73 -52.12
N ASN NA 154 -86.27 18.54 -52.53
CA ASN NA 154 -87.68 18.17 -52.55
C ASN NA 154 -88.13 17.58 -51.23
N ALA NA 155 -89.43 17.35 -51.13
CA ALA NA 155 -90.02 16.77 -49.93
C ALA NA 155 -89.77 15.27 -49.87
N GLY NA 156 -89.54 14.77 -48.65
CA GLY NA 156 -89.26 13.38 -48.42
C GLY NA 156 -87.80 13.00 -48.52
N GLN NA 157 -86.94 13.89 -49.02
CA GLN NA 157 -85.51 13.62 -49.13
C GLN NA 157 -84.84 13.92 -47.79
N THR NA 158 -85.14 13.06 -46.81
CA THR NA 158 -84.74 13.25 -45.43
C THR NA 158 -83.97 12.05 -44.92
N ILE NA 159 -83.35 12.23 -43.77
CA ILE NA 159 -82.78 11.12 -43.01
C ILE NA 159 -83.13 11.30 -41.54
N THR NA 160 -83.55 10.22 -40.90
CA THR NA 160 -83.87 10.20 -39.48
C THR NA 160 -82.69 9.63 -38.70
N MET NA 161 -82.55 10.09 -37.46
CA MET NA 161 -81.45 9.71 -36.60
C MET NA 161 -81.97 9.62 -35.17
N LYS NA 162 -81.30 8.79 -34.37
CA LYS NA 162 -81.69 8.59 -32.98
C LYS NA 162 -80.46 8.47 -32.11
N ILE NA 163 -80.53 9.01 -30.91
CA ILE NA 163 -79.45 8.95 -29.94
C ILE NA 163 -80.05 8.46 -28.63
N SER NA 164 -79.40 7.49 -28.02
CA SER NA 164 -79.91 6.84 -26.83
C SER NA 164 -79.50 7.60 -25.57
N THR NA 165 -80.18 7.28 -24.47
CA THR NA 165 -79.78 7.83 -23.17
C THR NA 165 -78.44 7.23 -22.76
N MET NA 166 -77.51 8.10 -22.39
CA MET NA 166 -76.14 7.76 -22.02
C MET NA 166 -75.82 8.21 -20.61
N SER NA 167 -76.77 8.03 -19.69
CA SER NA 167 -76.55 8.28 -18.27
C SER NA 167 -76.01 7.03 -17.57
N ALA NA 168 -75.66 7.21 -16.30
CA ALA NA 168 -75.11 6.10 -15.53
C ALA NA 168 -76.18 5.04 -15.21
N THR NA 169 -77.43 5.46 -15.04
CA THR NA 169 -78.50 4.50 -14.74
C THR NA 169 -78.73 3.56 -15.91
N LYS NA 170 -78.72 4.08 -17.14
CA LYS NA 170 -79.01 3.25 -18.30
C LYS NA 170 -77.93 2.22 -18.53
N LEU NA 171 -76.68 2.56 -18.22
CA LEU NA 171 -75.53 1.70 -18.48
C LEU NA 171 -75.16 0.79 -17.31
N GLY NA 172 -75.95 0.78 -16.24
CA GLY NA 172 -75.70 -0.12 -15.13
C GLY NA 172 -74.39 0.14 -14.41
N VAL NA 173 -73.99 1.41 -14.32
CA VAL NA 173 -72.75 1.79 -13.65
C VAL NA 173 -72.98 2.84 -12.55
N ASP NA 174 -74.23 3.29 -12.35
CA ASP NA 174 -74.56 4.16 -11.25
C ASP NA 174 -74.20 3.53 -9.90
N ALA NA 175 -74.12 4.39 -8.88
CA ALA NA 175 -73.62 3.96 -7.57
C ALA NA 175 -74.51 2.90 -6.92
N ALA NA 176 -75.76 2.78 -7.32
CA ALA NA 176 -76.62 1.74 -6.78
C ALA NA 176 -76.23 0.34 -7.20
N LYS NA 177 -75.38 0.19 -8.23
CA LYS NA 177 -74.97 -1.12 -8.73
C LYS NA 177 -73.49 -1.21 -9.06
N ALA NA 178 -72.69 -0.18 -8.74
CA ALA NA 178 -71.27 -0.17 -9.09
C ALA NA 178 -70.39 0.40 -8.00
N SER NA 179 -70.77 0.23 -6.74
CA SER NA 179 -69.91 0.65 -5.65
C SER NA 179 -68.63 -0.18 -5.63
N ILE NA 180 -67.58 0.39 -5.04
CA ILE NA 180 -66.34 -0.34 -4.81
C ILE NA 180 -65.99 -0.24 -3.33
N SER NA 181 -67.02 -0.13 -2.48
CA SER NA 181 -66.82 -0.23 -1.03
C SER NA 181 -66.13 -1.54 -0.65
N LYS NA 182 -66.60 -2.65 -1.22
CA LYS NA 182 -66.11 -3.97 -0.87
C LYS NA 182 -65.08 -4.43 -1.88
N GLY NA 183 -64.56 -5.64 -1.70
CA GLY NA 183 -63.76 -6.30 -2.70
C GLY NA 183 -64.64 -7.00 -3.72
N THR NA 184 -65.78 -7.53 -3.25
CA THR NA 184 -66.69 -8.24 -4.15
C THR NA 184 -67.33 -7.30 -5.17
N ALA NA 185 -67.74 -6.11 -4.73
CA ALA NA 185 -68.44 -5.19 -5.62
C ALA NA 185 -67.54 -4.69 -6.74
N ALA NA 186 -66.23 -4.57 -6.51
CA ALA NA 186 -65.32 -4.17 -7.56
C ALA NA 186 -65.26 -5.22 -8.68
N SER NA 187 -65.42 -6.49 -8.32
CA SER NA 187 -65.47 -7.55 -9.33
C SER NA 187 -66.57 -7.29 -10.34
N LYS NA 188 -67.79 -7.03 -9.86
CA LYS NA 188 -68.89 -6.71 -10.76
C LYS NA 188 -68.68 -5.36 -11.43
N ALA NA 189 -68.05 -4.42 -10.73
CA ALA NA 189 -67.87 -3.08 -11.28
C ALA NA 189 -66.98 -3.10 -12.51
N ILE NA 190 -65.96 -3.97 -12.52
CA ILE NA 190 -65.07 -4.06 -13.67
C ILE NA 190 -65.84 -4.48 -14.91
N LYS NA 191 -66.63 -5.55 -14.79
CA LYS NA 191 -67.42 -6.03 -15.92
C LYS NA 191 -68.46 -5.00 -16.34
N SER NA 192 -69.07 -4.34 -15.36
CA SER NA 192 -70.07 -3.30 -15.64
C SER NA 192 -69.45 -2.16 -16.44
N ILE NA 193 -68.23 -1.76 -16.07
CA ILE NA 193 -67.55 -0.67 -16.74
C ILE NA 193 -67.15 -1.09 -18.16
N ASP NA 194 -66.72 -2.35 -18.33
CA ASP NA 194 -66.41 -2.85 -19.67
C ASP NA 194 -67.64 -2.81 -20.58
N ASP NA 195 -68.78 -3.27 -20.06
CA ASP NA 195 -70.01 -3.23 -20.84
C ASP NA 195 -70.37 -1.80 -21.22
N ALA NA 196 -70.20 -0.87 -20.28
CA ALA NA 196 -70.51 0.53 -20.58
C ALA NA 196 -69.58 1.10 -21.65
N ILE NA 197 -68.29 0.79 -21.58
CA ILE NA 197 -67.34 1.25 -22.59
C ILE NA 197 -67.73 0.73 -23.96
N ASN NA 198 -68.08 -0.56 -24.05
CA ASN NA 198 -68.48 -1.12 -25.34
C ASN NA 198 -69.74 -0.46 -25.87
N THR NA 199 -70.71 -0.20 -25.01
CA THR NA 199 -71.96 0.43 -25.44
C THR NA 199 -71.70 1.83 -25.99
N VAL NA 200 -70.88 2.62 -25.28
CA VAL NA 200 -70.67 3.99 -25.74
C VAL NA 200 -69.80 4.01 -26.99
N SER NA 201 -68.91 3.02 -27.16
CA SER NA 201 -68.19 2.88 -28.43
C SER NA 201 -69.16 2.60 -29.57
N LYS NA 202 -70.15 1.73 -29.32
CA LYS NA 202 -71.16 1.43 -30.33
C LYS NA 202 -71.92 2.68 -30.74
N THR NA 203 -72.33 3.48 -29.75
CA THR NA 203 -73.05 4.72 -30.06
C THR NA 203 -72.19 5.68 -30.86
N ARG NA 204 -70.92 5.84 -30.48
CA ARG NA 204 -70.02 6.71 -31.23
C ARG NA 204 -69.86 6.25 -32.68
N SER NA 205 -69.75 4.94 -32.89
CA SER NA 205 -69.70 4.40 -34.24
C SER NA 205 -70.96 4.77 -35.02
N ALA NA 206 -72.12 4.63 -34.38
CA ALA NA 206 -73.39 4.95 -35.03
C ALA NA 206 -73.43 6.41 -35.46
N LEU NA 207 -72.86 7.30 -34.65
CA LEU NA 207 -72.83 8.72 -35.04
C LEU NA 207 -71.85 8.97 -36.19
N GLY NA 208 -70.66 8.39 -36.10
CA GLY NA 208 -69.65 8.62 -37.12
C GLY NA 208 -70.06 8.12 -38.49
N ALA NA 209 -70.84 7.04 -38.53
CA ALA NA 209 -71.35 6.54 -39.81
C ALA NA 209 -72.21 7.60 -40.50
N VAL NA 210 -73.11 8.24 -39.75
CA VAL NA 210 -73.98 9.25 -40.34
C VAL NA 210 -73.16 10.46 -40.77
N GLN NA 211 -72.13 10.81 -40.00
CA GLN NA 211 -71.24 11.89 -40.40
C GLN NA 211 -70.59 11.61 -41.76
N ASN NA 212 -70.02 10.41 -41.90
CA ASN NA 212 -69.36 10.03 -43.15
C ASN NA 212 -70.35 9.99 -44.31
N ARG NA 213 -71.58 9.57 -44.05
CA ARG NA 213 -72.62 9.62 -45.08
C ARG NA 213 -72.89 11.05 -45.52
N LEU NA 214 -73.03 11.96 -44.55
CA LEU NA 214 -73.37 13.34 -44.88
C LEU NA 214 -72.28 14.02 -45.69
N GLU NA 215 -71.02 13.61 -45.49
CA GLU NA 215 -69.94 14.16 -46.30
C GLU NA 215 -70.14 13.86 -47.79
N HIS NA 216 -70.36 12.58 -48.11
CA HIS NA 216 -70.64 12.18 -49.49
C HIS NA 216 -71.88 12.89 -50.02
N THR NA 217 -72.91 13.03 -49.18
CA THR NA 217 -74.12 13.73 -49.58
C THR NA 217 -73.80 15.18 -49.97
N ILE NA 218 -72.95 15.85 -49.21
CA ILE NA 218 -72.59 17.23 -49.52
C ILE NA 218 -71.86 17.30 -50.86
N ASN NA 219 -70.94 16.37 -51.09
CA ASN NA 219 -70.22 16.35 -52.37
C ASN NA 219 -71.19 16.20 -53.54
N ASN NA 220 -72.12 15.25 -53.43
CA ASN NA 220 -73.08 15.03 -54.50
C ASN NA 220 -73.96 16.26 -54.71
N LEU NA 221 -74.38 16.91 -53.62
CA LEU NA 221 -75.21 18.09 -53.74
C LEU NA 221 -74.47 19.22 -54.46
N GLY NA 222 -73.20 19.42 -54.12
CA GLY NA 222 -72.41 20.44 -54.80
C GLY NA 222 -72.29 20.18 -56.28
N THR NA 223 -71.98 18.93 -56.65
CA THR NA 223 -71.86 18.57 -58.06
C THR NA 223 -73.17 18.82 -58.81
N SER NA 224 -74.30 18.37 -58.23
CA SER NA 224 -75.58 18.53 -58.89
C SER NA 224 -75.95 20.01 -59.02
N ALA NA 225 -75.65 20.80 -58.00
CA ALA NA 225 -75.95 22.23 -58.05
C ALA NA 225 -75.15 22.91 -59.15
N GLU NA 226 -73.86 22.59 -59.26
CA GLU NA 226 -73.06 23.18 -60.34
C GLU NA 226 -73.60 22.79 -61.71
N ASN NA 227 -73.94 21.52 -61.90
CA ASN NA 227 -74.44 21.09 -63.20
C ASN NA 227 -75.75 21.77 -63.56
N LEU NA 228 -76.69 21.83 -62.62
CA LEU NA 228 -77.96 22.50 -62.90
C LEU NA 228 -77.78 23.99 -63.09
N THR NA 229 -76.81 24.60 -62.41
CA THR NA 229 -76.51 26.01 -62.63
C THR NA 229 -76.03 26.23 -64.05
N ALA NA 230 -75.14 25.35 -64.54
CA ALA NA 230 -74.69 25.44 -65.93
C ALA NA 230 -75.85 25.32 -66.89
N ALA NA 231 -76.74 24.34 -66.65
CA ALA NA 231 -77.90 24.14 -67.51
C ALA NA 231 -78.80 25.39 -67.53
N GLU NA 232 -79.10 25.93 -66.35
CA GLU NA 232 -79.97 27.10 -66.27
C GLU NA 232 -79.33 28.31 -66.93
N SER NA 233 -78.01 28.46 -66.78
CA SER NA 233 -77.31 29.55 -67.44
C SER NA 233 -77.43 29.42 -68.95
N ARG NA 234 -77.20 28.23 -69.48
CA ARG NA 234 -77.28 28.03 -70.92
C ARG NA 234 -78.71 28.23 -71.43
N ILE NA 235 -79.71 27.93 -70.61
CA ILE NA 235 -81.09 28.12 -71.04
C ILE NA 235 -81.45 29.60 -71.07
N ARG NA 236 -81.28 30.28 -69.93
CA ARG NA 236 -81.86 31.61 -69.74
C ARG NA 236 -80.89 32.76 -70.01
N ASP NA 237 -79.63 32.65 -69.61
CA ASP NA 237 -78.70 33.75 -69.82
C ASP NA 237 -78.39 33.90 -71.30
N THR NA 238 -77.96 35.10 -71.67
CA THR NA 238 -77.71 35.48 -73.06
C THR NA 238 -76.22 35.65 -73.31
N ASP NA 239 -75.81 35.34 -74.53
CA ASP NA 239 -74.44 35.60 -74.96
C ASP NA 239 -74.30 37.05 -75.40
N MET NA 240 -73.34 37.75 -74.82
CA MET NA 240 -73.20 39.19 -75.07
C MET NA 240 -72.82 39.46 -76.52
N ALA NA 241 -71.99 38.61 -77.10
CA ALA NA 241 -71.46 38.87 -78.43
C ALA NA 241 -72.55 38.82 -79.49
N ALA NA 242 -73.44 37.83 -79.43
CA ALA NA 242 -74.49 37.70 -80.42
C ALA NA 242 -75.47 38.87 -80.35
N GLU NA 243 -75.84 39.28 -79.13
CA GLU NA 243 -76.75 40.41 -78.98
C GLU NA 243 -76.09 41.71 -79.41
N MET NA 244 -74.78 41.85 -79.17
CA MET NA 244 -74.05 43.01 -79.66
C MET NA 244 -74.09 43.08 -81.19
N MET NA 245 -73.83 41.93 -81.82
CA MET NA 245 -73.92 41.84 -83.28
C MET NA 245 -75.29 42.28 -83.77
N ALA NA 246 -76.35 41.70 -83.19
CA ALA NA 246 -77.70 42.01 -83.62
C ALA NA 246 -78.04 43.49 -83.39
N PHE NA 247 -77.58 44.06 -82.28
CA PHE NA 247 -77.88 45.45 -81.97
C PHE NA 247 -77.19 46.39 -82.96
N THR NA 248 -75.92 46.12 -83.27
CA THR NA 248 -75.22 46.93 -84.27
C THR NA 248 -75.90 46.83 -85.63
N LYS NA 249 -76.27 45.61 -86.03
CA LYS NA 249 -76.98 45.41 -87.29
C LYS NA 249 -78.27 46.22 -87.34
N ASN NA 250 -79.06 46.14 -86.28
CA ASN NA 250 -80.34 46.84 -86.26
C ASN NA 250 -80.15 48.36 -86.26
N ASN NA 251 -79.10 48.87 -85.59
CA ASN NA 251 -78.81 50.30 -85.65
C ASN NA 251 -78.47 50.73 -87.07
N ILE NA 252 -77.63 49.96 -87.75
CA ILE NA 252 -77.26 50.29 -89.12
C ILE NA 252 -78.50 50.30 -90.02
N LEU NA 253 -79.38 49.32 -89.82
CA LEU NA 253 -80.62 49.27 -90.61
C LEU NA 253 -81.52 50.46 -90.30
N THR NA 254 -81.57 50.86 -89.04
CA THR NA 254 -82.36 52.03 -88.66
C THR NA 254 -81.84 53.29 -89.35
N GLN NA 255 -80.53 53.47 -89.36
CA GLN NA 255 -79.94 54.63 -90.05
C GLN NA 255 -80.25 54.60 -91.54
N ALA NA 256 -80.13 53.42 -92.16
CA ALA NA 256 -80.44 53.29 -93.58
C ALA NA 256 -81.87 53.67 -93.87
N ALA NA 257 -82.80 53.18 -93.05
CA ALA NA 257 -84.21 53.51 -93.25
C ALA NA 257 -84.47 54.99 -93.03
N GLN NA 258 -83.78 55.61 -92.07
CA GLN NA 258 -83.92 57.04 -91.85
C GLN NA 258 -83.51 57.83 -93.09
N SER NA 259 -82.35 57.50 -93.66
CA SER NA 259 -81.91 58.19 -94.87
C SER NA 259 -82.87 57.95 -96.03
N MET NA 260 -83.36 56.71 -96.16
CA MET NA 260 -84.29 56.40 -97.24
C MET NA 260 -85.59 57.19 -97.10
N LEU NA 261 -86.06 57.38 -95.87
CA LEU NA 261 -87.27 58.16 -95.66
C LEU NA 261 -87.03 59.62 -95.95
N ALA NA 262 -85.87 60.15 -95.55
CA ALA NA 262 -85.53 61.53 -95.87
C ALA NA 262 -85.52 61.74 -97.39
N GLN NA 263 -85.06 60.75 -98.14
CA GLN NA 263 -85.09 60.85 -99.60
C GLN NA 263 -86.52 60.77 -100.13
N ALA NA 264 -87.30 59.80 -99.64
CA ALA NA 264 -88.64 59.58 -100.14
C ALA NA 264 -89.55 60.78 -99.89
N ASN NA 265 -89.31 61.52 -98.80
CA ASN NA 265 -90.10 62.71 -98.54
C ASN NA 265 -89.79 63.80 -99.56
N GLN NA 266 -88.55 63.87 -100.05
CA GLN NA 266 -88.17 64.85 -101.06
C GLN NA 266 -88.54 64.43 -102.47
N GLN NA 267 -88.75 63.14 -102.71
CA GLN NA 267 -89.05 62.65 -104.04
C GLN NA 267 -90.26 63.33 -104.70
N PRO NA 268 -91.42 63.48 -104.03
CA PRO NA 268 -92.54 64.15 -104.72
C PRO NA 268 -92.46 65.67 -104.73
N GLN NA 269 -91.72 66.19 -105.70
CA GLN NA 269 -91.60 67.64 -105.93
C GLN NA 269 -91.76 67.87 -107.43
N GLY NA 270 -93.02 68.05 -107.85
CA GLY NA 270 -93.34 68.36 -109.23
C GLY NA 270 -93.99 69.72 -109.33
N VAL NA 271 -93.53 70.66 -108.49
CA VAL NA 271 -94.08 72.00 -108.53
C VAL NA 271 -93.62 72.75 -109.77
N LEU NA 272 -92.49 72.35 -110.38
CA LEU NA 272 -92.04 73.00 -111.59
C LEU NA 272 -92.92 72.71 -112.80
N GLN NA 273 -93.83 71.74 -112.72
CA GLN NA 273 -94.85 71.64 -113.76
C GLN NA 273 -95.68 72.91 -113.84
N LEU NA 274 -96.16 73.35 -112.68
CA LEU NA 274 -97.17 74.40 -112.62
C LEU NA 274 -96.56 75.77 -112.88
N LEU NA 275 -95.66 76.20 -112.01
CA LEU NA 275 -95.06 77.52 -112.09
C LEU NA 275 -93.84 77.49 -113.00
N GLN NA 276 -93.15 78.63 -113.11
CA GLN NA 276 -91.95 78.69 -113.93
C GLN NA 276 -91.19 79.97 -113.61
N MET OA 1 -105.67 86.34 -89.93
CA MET OA 1 -105.83 85.13 -90.73
C MET OA 1 -104.70 84.65 -91.67
N ARG OA 2 -104.00 85.57 -92.35
CA ARG OA 2 -103.00 85.21 -93.35
C ARG OA 2 -101.61 85.75 -93.02
N ILE OA 3 -101.49 87.05 -92.76
CA ILE OA 3 -100.18 87.72 -92.76
C ILE OA 3 -99.86 88.28 -91.39
N GLN OA 4 -100.72 89.16 -90.89
CA GLN OA 4 -100.45 89.95 -89.70
C GLN OA 4 -100.17 89.11 -88.46
N HIS OA 5 -100.66 87.86 -88.42
CA HIS OA 5 -100.46 86.98 -87.29
C HIS OA 5 -100.20 85.57 -87.80
N ASN OA 6 -99.23 84.89 -87.18
CA ASN OA 6 -98.83 83.53 -87.56
C ASN OA 6 -98.83 82.67 -86.30
N ILE OA 7 -99.95 82.00 -86.03
CA ILE OA 7 -100.19 81.41 -84.71
C ILE OA 7 -99.36 80.15 -84.50
N ALA OA 8 -99.08 79.41 -85.58
CA ALA OA 8 -98.24 78.22 -85.47
C ALA OA 8 -96.88 78.56 -84.92
N ALA OA 9 -96.29 79.66 -85.38
CA ALA OA 9 -94.99 80.08 -84.91
C ALA OA 9 -95.04 80.48 -83.43
N LEU OA 10 -96.15 81.09 -83.00
CA LEU OA 10 -96.31 81.41 -81.58
C LEU OA 10 -96.32 80.16 -80.72
N ASN OA 11 -97.11 79.16 -81.13
CA ASN OA 11 -97.15 77.90 -80.38
C ASN OA 11 -95.79 77.23 -80.34
N THR OA 12 -95.09 77.23 -81.48
CA THR OA 12 -93.74 76.65 -81.53
C THR OA 12 -92.79 77.38 -80.61
N HIS OA 13 -92.89 78.71 -80.55
CA HIS OA 13 -92.05 79.50 -79.66
C HIS OA 13 -92.32 79.16 -78.20
N ARG OA 14 -93.60 79.04 -77.83
CA ARG OA 14 -93.95 78.63 -76.48
C ARG OA 14 -93.30 77.30 -76.11
N ASN OA 15 -93.49 76.29 -76.96
CA ASN OA 15 -92.95 74.97 -76.66
C ASN OA 15 -91.43 74.99 -76.59
N LEU OA 16 -90.79 75.77 -77.47
CA LEU OA 16 -89.34 75.90 -77.46
C LEU OA 16 -88.85 76.49 -76.15
N ALA OA 17 -89.52 77.55 -75.69
CA ALA OA 17 -89.15 78.17 -74.42
C ALA OA 17 -89.30 77.19 -73.26
N ALA OA 18 -90.39 76.41 -73.25
CA ALA OA 18 -90.59 75.43 -72.20
C ALA OA 18 -89.49 74.38 -72.20
N ASN OA 19 -89.13 73.88 -73.38
CA ASN OA 19 -88.08 72.86 -73.47
C ASN OA 19 -86.74 73.42 -72.98
N ASN OA 20 -86.42 74.66 -73.37
CA ASN OA 20 -85.18 75.28 -72.91
C ASN OA 20 -85.16 75.41 -71.40
N ALA OA 21 -86.29 75.81 -70.80
CA ALA OA 21 -86.36 75.94 -69.35
C ALA OA 21 -86.13 74.60 -68.67
N ALA OA 22 -86.75 73.54 -69.18
CA ALA OA 22 -86.58 72.22 -68.58
C ALA OA 22 -85.13 71.75 -68.68
N ALA OA 23 -84.50 71.98 -69.84
CA ALA OA 23 -83.11 71.61 -70.00
C ALA OA 23 -82.21 72.38 -69.03
N SER OA 24 -82.51 73.66 -68.82
CA SER OA 24 -81.73 74.44 -67.87
C SER OA 24 -81.88 73.91 -66.44
N LYS OA 25 -83.10 73.53 -66.06
CA LYS OA 25 -83.30 72.93 -64.75
C LYS OA 25 -82.49 71.65 -64.60
N ASN OA 26 -82.47 70.81 -65.65
CA ASN OA 26 -81.69 69.58 -65.59
C ASN OA 26 -80.20 69.87 -65.47
N LEU OA 27 -79.72 70.89 -66.18
CA LEU OA 27 -78.33 71.29 -66.06
C LEU OA 27 -78.00 71.71 -64.64
N GLU OA 28 -78.89 72.49 -64.02
CA GLU OA 28 -78.70 72.89 -62.63
C GLU OA 28 -78.59 71.67 -61.73
N LYS OA 29 -79.50 70.71 -61.88
CA LYS OA 29 -79.48 69.53 -61.03
C LYS OA 29 -78.23 68.68 -61.26
N LEU OA 30 -77.70 68.67 -62.48
CA LEU OA 30 -76.52 67.86 -62.77
C LEU OA 30 -75.24 68.53 -62.26
N SER OA 31 -75.13 69.84 -62.42
CA SER OA 31 -73.95 70.54 -61.94
C SER OA 31 -73.91 70.59 -60.43
N SER OA 32 -75.06 70.84 -59.79
CA SER OA 32 -75.09 70.95 -58.34
C SER OA 32 -74.85 69.60 -57.67
N GLY OA 33 -75.32 68.53 -58.29
CA GLY OA 33 -75.30 67.22 -57.66
C GLY OA 33 -76.42 66.96 -56.68
N PHE OA 34 -77.33 67.92 -56.48
CA PHE OA 34 -78.46 67.78 -55.57
C PHE OA 34 -79.75 67.89 -56.36
N LYS OA 35 -80.75 67.11 -55.96
CA LYS OA 35 -82.05 67.11 -56.61
C LYS OA 35 -82.94 68.25 -56.13
N ILE OA 36 -82.66 68.83 -54.97
CA ILE OA 36 -83.47 69.88 -54.37
C ILE OA 36 -82.54 71.05 -54.08
N ASN OA 37 -82.55 72.04 -54.97
CA ASN OA 37 -81.78 73.27 -54.79
C ASN OA 37 -82.65 74.43 -54.33
N ARG OA 38 -83.97 74.34 -54.53
CA ARG OA 38 -84.92 75.35 -54.09
C ARG OA 38 -86.07 74.65 -53.39
N ALA OA 39 -86.88 75.43 -52.67
CA ALA OA 39 -88.05 74.86 -52.02
C ALA OA 39 -89.17 74.58 -53.02
N GLY OA 40 -89.18 75.28 -54.16
CA GLY OA 40 -90.13 74.96 -55.20
C GLY OA 40 -89.95 73.57 -55.78
N ASP OA 41 -88.71 73.06 -55.73
CA ASP OA 41 -88.45 71.69 -56.16
C ASP OA 41 -89.26 70.70 -55.33
N ASP OA 42 -89.16 70.81 -54.00
CA ASP OA 42 -89.86 69.89 -53.11
C ASP OA 42 -89.86 70.49 -51.71
N ALA OA 43 -91.05 70.79 -51.19
CA ALA OA 43 -91.15 71.41 -49.88
C ALA OA 43 -90.95 70.40 -48.76
N ALA OA 44 -91.72 69.30 -48.78
CA ALA OA 44 -91.55 68.22 -47.80
C ALA OA 44 -90.41 67.32 -48.26
N GLY OA 45 -89.25 67.49 -47.65
CA GLY OA 45 -88.03 66.85 -48.09
C GLY OA 45 -86.87 67.79 -47.93
N LEU OA 46 -87.09 69.08 -48.19
CA LEU OA 46 -86.12 70.09 -47.81
C LEU OA 46 -85.96 70.14 -46.29
N ALA OA 47 -87.09 70.26 -45.58
CA ALA OA 47 -87.07 70.25 -44.13
C ALA OA 47 -86.46 68.96 -43.58
N ILE OA 48 -86.86 67.83 -44.16
CA ILE OA 48 -86.35 66.54 -43.70
C ILE OA 48 -84.85 66.46 -43.91
N SER OA 49 -84.37 66.96 -45.06
CA SER OA 49 -82.94 66.96 -45.33
C SER OA 49 -82.18 67.83 -44.35
N GLU OA 50 -82.74 68.99 -44.02
CA GLU OA 50 -82.05 69.88 -43.07
C GLU OA 50 -81.99 69.27 -41.68
N LYS OA 51 -83.10 68.70 -41.21
CA LYS OA 51 -83.08 68.03 -39.91
C LYS OA 51 -82.12 66.86 -39.90
N MET OA 52 -82.07 66.09 -40.99
CA MET OA 52 -81.17 64.94 -41.04
C MET OA 52 -79.72 65.39 -41.08
N ARG OA 53 -79.42 66.49 -41.76
CA ARG OA 53 -78.07 67.04 -41.75
C ARG OA 53 -77.66 67.47 -40.35
N GLY OA 54 -78.58 68.14 -39.65
CA GLY OA 54 -78.31 68.52 -38.27
C GLY OA 54 -78.02 67.31 -37.40
N GLN OA 55 -78.83 66.26 -37.55
CA GLN OA 55 -78.63 65.04 -36.76
C GLN OA 55 -77.31 64.37 -37.10
N ILE OA 56 -76.93 64.36 -38.38
CA ILE OA 56 -75.68 63.73 -38.78
C ILE OA 56 -74.50 64.47 -38.16
N SER OA 57 -74.49 65.80 -38.28
CA SER OA 57 -73.42 66.59 -37.69
C SER OA 57 -73.35 66.38 -36.18
N GLY OA 58 -74.51 66.38 -35.52
CA GLY OA 58 -74.54 66.16 -34.08
C GLY OA 58 -74.02 64.79 -33.69
N LEU OA 59 -74.35 63.76 -34.47
CA LEU OA 59 -73.92 62.41 -34.14
C LEU OA 59 -72.41 62.27 -34.33
N ASN OA 60 -71.87 62.84 -35.40
CA ASN OA 60 -70.42 62.78 -35.60
C ASN OA 60 -69.68 63.54 -34.50
N MET OA 61 -70.18 64.72 -34.14
CA MET OA 61 -69.54 65.47 -33.07
C MET OA 61 -69.67 64.75 -31.73
N ALA OA 62 -70.77 64.02 -31.52
CA ALA OA 62 -70.92 63.24 -30.30
C ALA OA 62 -69.96 62.07 -30.26
N SER OA 63 -69.70 61.46 -31.42
CA SER OA 63 -68.67 60.43 -31.49
C SER OA 63 -67.31 60.99 -31.10
N LYS OA 64 -66.99 62.17 -31.63
CA LYS OA 64 -65.74 62.85 -31.27
C LYS OA 64 -65.66 63.11 -29.78
N ASN OA 65 -66.75 63.61 -29.20
CA ASN OA 65 -66.78 63.91 -27.77
C ASN OA 65 -66.63 62.64 -26.93
N SER OA 66 -67.24 61.54 -27.36
CA SER OA 66 -67.12 60.28 -26.64
C SER OA 66 -65.68 59.79 -26.66
N SER OA 67 -65.01 59.93 -27.80
CA SER OA 67 -63.60 59.56 -27.86
C SER OA 67 -62.75 60.42 -26.93
N ASP OA 68 -63.05 61.72 -26.86
CA ASP OA 68 -62.35 62.60 -25.94
C ASP OA 68 -62.53 62.15 -24.49
N ALA OA 69 -63.76 61.79 -24.12
CA ALA OA 69 -64.03 61.29 -22.79
C ALA OA 69 -63.26 60.01 -22.51
N ILE OA 70 -63.15 59.12 -23.50
CA ILE OA 70 -62.38 57.90 -23.33
C ILE OA 70 -60.91 58.24 -23.05
N SER OA 71 -60.38 59.24 -23.75
CA SER OA 71 -59.00 59.65 -23.52
C SER OA 71 -58.80 60.15 -22.09
N LEU OA 72 -59.72 61.00 -21.62
CA LEU OA 72 -59.68 61.49 -20.24
C LEU OA 72 -59.68 60.33 -19.24
N ILE OA 73 -60.59 59.37 -19.43
CA ILE OA 73 -60.71 58.26 -18.50
C ILE OA 73 -59.44 57.42 -18.50
N GLN OA 74 -58.86 57.21 -19.69
CA GLN OA 74 -57.60 56.46 -19.78
C GLN OA 74 -56.50 57.18 -19.01
N THR OA 75 -56.50 58.51 -19.07
CA THR OA 75 -55.50 59.28 -18.30
C THR OA 75 -55.66 58.99 -16.80
N ALA OA 76 -56.89 59.05 -16.30
CA ALA OA 76 -57.11 58.83 -14.87
C ALA OA 76 -56.72 57.40 -14.46
N GLU OA 77 -57.09 56.40 -15.26
CA GLU OA 77 -56.74 55.02 -14.94
C GLU OA 77 -55.22 54.83 -14.91
N GLY OA 78 -54.52 55.39 -15.90
CA GLY OA 78 -53.07 55.34 -15.89
C GLY OA 78 -52.47 56.00 -14.68
N GLY OA 79 -53.10 57.08 -14.21
CA GLY OA 79 -52.66 57.69 -12.96
C GLY OA 79 -52.80 56.77 -11.77
N LEU OA 80 -53.90 56.01 -11.71
CA LEU OA 80 -54.16 55.14 -10.55
C LEU OA 80 -53.36 53.84 -10.59
N ASN OA 81 -52.87 53.42 -11.75
CA ASN OA 81 -52.03 52.22 -11.79
C ASN OA 81 -50.78 52.37 -10.91
N GLU OA 82 -50.14 53.54 -10.95
CA GLU OA 82 -48.96 53.74 -10.14
C GLU OA 82 -49.32 53.85 -8.65
N THR OA 83 -50.51 54.35 -8.35
CA THR OA 83 -51.02 54.30 -6.99
C THR OA 83 -51.07 52.86 -6.49
N HIS OA 84 -51.65 51.96 -7.30
CA HIS OA 84 -51.63 50.53 -6.96
C HIS OA 84 -50.22 50.04 -6.68
N ALA OA 85 -49.28 50.36 -7.58
CA ALA OA 85 -47.92 49.85 -7.46
C ALA OA 85 -47.25 50.30 -6.16
N ILE OA 86 -47.29 51.60 -5.88
CA ILE OA 86 -46.60 52.09 -4.70
C ILE OA 86 -47.34 51.68 -3.43
N LEU OA 87 -48.65 51.44 -3.51
CA LEU OA 87 -49.34 50.88 -2.35
C LEU OA 87 -48.87 49.47 -2.05
N GLN OA 88 -48.67 48.66 -3.09
CA GLN OA 88 -48.09 47.33 -2.88
C GLN OA 88 -46.72 47.43 -2.22
N ARG OA 89 -45.88 48.35 -2.72
CA ARG OA 89 -44.55 48.52 -2.14
C ARG OA 89 -44.63 48.93 -0.68
N MET OA 90 -45.56 49.84 -0.34
CA MET OA 90 -45.75 50.29 1.02
C MET OA 90 -46.19 49.16 1.93
N ARG OA 91 -47.09 48.30 1.45
CA ARG OA 91 -47.51 47.14 2.24
C ARG OA 91 -46.34 46.21 2.49
N GLU OA 92 -45.51 45.97 1.47
CA GLU OA 92 -44.33 45.15 1.65
C GLU OA 92 -43.41 45.74 2.72
N LEU OA 93 -43.18 47.05 2.66
CA LEU OA 93 -42.36 47.75 3.64
C LEU OA 93 -42.93 47.62 5.04
N ALA OA 94 -44.24 47.74 5.20
CA ALA OA 94 -44.85 47.61 6.53
C ALA OA 94 -44.71 46.20 7.06
N VAL OA 95 -44.94 45.19 6.21
CA VAL OA 95 -44.80 43.80 6.66
C VAL OA 95 -43.37 43.51 7.08
N GLN OA 96 -42.39 44.11 6.39
CA GLN OA 96 -41.00 43.95 6.81
C GLN OA 96 -40.70 44.71 8.10
N SER OA 97 -41.19 45.94 8.23
CA SER OA 97 -41.00 46.73 9.43
C SER OA 97 -41.62 46.09 10.67
N ARG OA 98 -42.67 45.29 10.49
CA ARG OA 98 -43.48 44.75 11.57
C ARG OA 98 -42.72 43.75 12.43
N ASN OA 99 -41.66 43.14 11.90
CA ASN OA 99 -40.92 42.12 12.62
C ASN OA 99 -39.98 42.74 13.66
N ASP OA 100 -39.69 41.98 14.71
CA ASP OA 100 -38.89 42.46 15.83
C ASP OA 100 -37.39 42.25 15.64
N THR OA 101 -36.96 41.74 14.48
CA THR OA 101 -35.54 41.76 14.16
C THR OA 101 -35.02 43.18 14.00
N ASN OA 102 -35.88 44.12 13.66
CA ASN OA 102 -35.47 45.49 13.39
C ASN OA 102 -35.43 46.30 14.68
N ASP OA 103 -34.41 47.15 14.80
CA ASP OA 103 -34.18 47.95 15.99
C ASP OA 103 -34.50 49.41 15.73
N GLU OA 104 -35.24 50.02 16.67
CA GLU OA 104 -35.42 51.46 16.66
C GLU OA 104 -34.14 52.20 17.03
N ALA OA 105 -33.26 51.57 17.81
CA ALA OA 105 -32.04 52.24 18.26
C ALA OA 105 -31.10 52.52 17.11
N THR OA 106 -30.75 51.49 16.34
CA THR OA 106 -29.83 51.64 15.21
C THR OA 106 -30.54 51.92 13.90
N ASN OA 107 -31.72 52.54 13.95
CA ASN OA 107 -32.32 53.22 12.81
C ASN OA 107 -32.72 52.25 11.69
N ASP OA 108 -33.17 51.04 12.07
CA ASP OA 108 -33.62 50.06 11.07
C ASP OA 108 -34.97 50.45 10.49
N ARG OA 109 -35.92 50.83 11.34
CA ARG OA 109 -37.26 51.18 10.89
C ARG OA 109 -37.37 52.61 10.38
N SER OA 110 -36.49 53.52 10.81
CA SER OA 110 -36.57 54.89 10.33
C SER OA 110 -36.19 55.00 8.85
N ASN OA 111 -35.39 54.07 8.33
CA ASN OA 111 -35.12 54.05 6.90
C ASN OA 111 -36.34 53.57 6.10
N LEU OA 112 -37.05 52.56 6.61
CA LEU OA 112 -38.29 52.16 5.97
C LEU OA 112 -39.33 53.27 6.07
N ASN OA 113 -39.27 54.07 7.14
CA ASN OA 113 -40.16 55.22 7.25
C ASN OA 113 -39.77 56.33 6.28
N ASP OA 114 -38.47 56.53 6.05
CA ASP OA 114 -38.02 57.42 4.96
C ASP OA 114 -38.65 57.00 3.63
N GLU OA 115 -38.51 55.72 3.30
CA GLU OA 115 -39.10 55.18 2.08
C GLU OA 115 -40.61 55.41 2.04
N LEU OA 116 -41.29 55.12 3.15
CA LEU OA 116 -42.74 55.26 3.23
C LEU OA 116 -43.18 56.71 3.05
N LYS OA 117 -42.47 57.65 3.69
CA LYS OA 117 -42.80 59.07 3.55
C LYS OA 117 -42.63 59.54 2.12
N GLN OA 118 -41.56 59.10 1.45
CA GLN OA 118 -41.39 59.48 0.05
C GLN OA 118 -42.50 58.92 -0.82
N LEU OA 119 -42.93 57.67 -0.55
CA LEU OA 119 -44.02 57.11 -1.34
C LEU OA 119 -45.35 57.79 -1.04
N GLN OA 120 -45.53 58.31 0.19
CA GLN OA 120 -46.73 59.08 0.50
C GLN OA 120 -46.72 60.44 -0.20
N GLU OA 121 -45.55 61.07 -0.29
CA GLU OA 121 -45.47 62.29 -1.07
C GLU OA 121 -45.77 62.02 -2.54
N GLU OA 122 -45.37 60.85 -3.04
CA GLU OA 122 -45.65 60.52 -4.45
C GLU OA 122 -47.13 60.22 -4.67
N ILE OA 123 -47.78 59.51 -3.74
CA ILE OA 123 -49.21 59.23 -3.90
C ILE OA 123 -50.02 60.52 -3.85
N THR OA 124 -49.59 61.52 -3.07
CA THR OA 124 -50.26 62.81 -3.11
C THR OA 124 -49.94 63.58 -4.39
N ARG OA 125 -48.70 63.48 -4.86
CA ARG OA 125 -48.28 64.20 -6.06
C ARG OA 125 -49.06 63.74 -7.28
N ILE OA 126 -49.24 62.41 -7.44
CA ILE OA 126 -49.99 61.90 -8.57
C ILE OA 126 -51.44 62.42 -8.52
N SER OA 127 -51.99 62.54 -7.31
CA SER OA 127 -53.34 63.04 -7.17
C SER OA 127 -53.44 64.47 -7.68
N SER OA 128 -52.67 65.39 -7.09
CA SER OA 128 -52.83 66.81 -7.39
C SER OA 128 -51.82 67.35 -8.40
N GLN OA 129 -51.32 66.51 -9.31
CA GLN OA 129 -50.58 66.97 -10.48
C GLN OA 129 -50.99 66.22 -11.74
N MET OA 130 -52.20 65.66 -11.75
CA MET OA 130 -52.76 64.98 -12.90
C MET OA 130 -53.74 65.93 -13.60
N GLU OA 131 -53.67 66.00 -14.91
CA GLU OA 131 -54.57 66.94 -15.62
C GLU OA 131 -54.75 66.52 -17.07
N PHE OA 132 -55.91 66.87 -17.60
CA PHE OA 132 -56.28 66.67 -18.99
C PHE OA 132 -56.86 67.99 -19.50
N ASN OA 133 -56.11 68.68 -20.35
CA ASN OA 133 -56.54 69.96 -20.91
C ASN OA 133 -56.69 71.01 -19.82
N ASN OA 134 -55.74 71.03 -18.88
CA ASN OA 134 -55.75 71.98 -17.76
C ASN OA 134 -56.97 71.76 -16.87
N LYS OA 135 -57.16 70.52 -16.42
CA LYS OA 135 -58.31 70.14 -15.62
C LYS OA 135 -57.86 69.11 -14.59
N LYS OA 136 -57.77 69.54 -13.33
CA LYS OA 136 -57.39 68.62 -12.27
C LYS OA 136 -58.50 67.60 -12.04
N LEU OA 137 -58.13 66.32 -12.06
CA LEU OA 137 -59.09 65.21 -12.01
C LEU OA 137 -59.20 64.56 -10.64
N LEU OA 138 -58.07 64.19 -10.04
CA LEU OA 138 -58.04 63.37 -8.81
C LEU OA 138 -57.82 64.20 -7.55
N ASP OA 139 -58.47 65.36 -7.47
CA ASP OA 139 -58.29 66.28 -6.34
C ASP OA 139 -59.57 66.41 -5.54
N GLY OA 140 -60.71 66.18 -6.18
CA GLY OA 140 -62.01 66.53 -5.67
C GLY OA 140 -62.70 67.65 -6.43
N SER OA 141 -62.14 68.11 -7.57
CA SER OA 141 -62.81 69.14 -8.35
C SER OA 141 -64.13 68.62 -8.93
N GLN OA 142 -64.11 67.41 -9.46
CA GLN OA 142 -65.28 66.82 -10.10
C GLN OA 142 -66.18 66.07 -9.13
N SER OA 143 -65.74 65.88 -7.88
CA SER OA 143 -66.56 65.17 -6.91
C SER OA 143 -67.73 66.01 -6.40
N THR OA 144 -67.77 67.30 -6.72
CA THR OA 144 -68.84 68.18 -6.25
C THR OA 144 -70.04 68.14 -7.17
N ASN OA 145 -69.82 68.35 -8.48
CA ASN OA 145 -70.88 68.38 -9.47
C ASN OA 145 -70.73 67.29 -10.53
N GLY OA 146 -69.55 67.15 -11.11
CA GLY OA 146 -69.24 66.07 -12.02
C GLY OA 146 -69.03 66.56 -13.44
N LEU OA 147 -68.34 65.72 -14.23
CA LEU OA 147 -68.10 65.99 -15.63
C LEU OA 147 -69.25 65.45 -16.48
N THR OA 148 -69.76 66.29 -17.37
CA THR OA 148 -70.90 65.97 -18.21
C THR OA 148 -70.45 65.84 -19.66
N PHE OA 149 -70.69 64.68 -20.25
CA PHE OA 149 -70.34 64.40 -21.65
C PHE OA 149 -71.60 64.37 -22.49
N GLN OA 150 -71.59 65.15 -23.57
CA GLN OA 150 -72.66 65.16 -24.57
C GLN OA 150 -72.38 64.03 -25.55
N ILE OA 151 -73.19 62.98 -25.49
CA ILE OA 151 -73.01 61.79 -26.32
C ILE OA 151 -74.21 61.64 -27.25
N GLY OA 152 -74.79 62.76 -27.65
CA GLY OA 152 -75.95 62.73 -28.53
C GLY OA 152 -76.13 64.06 -29.23
N ALA OA 153 -76.82 64.01 -30.36
CA ALA OA 153 -77.03 65.21 -31.16
C ALA OA 153 -77.90 66.22 -30.45
N ASN OA 154 -78.98 65.75 -29.81
CA ASN OA 154 -79.97 66.64 -29.22
C ASN OA 154 -79.62 67.01 -27.78
N ALA OA 155 -80.41 67.91 -27.22
CA ALA OA 155 -80.21 68.37 -25.85
C ALA OA 155 -80.71 67.35 -24.86
N GLY OA 156 -79.99 67.22 -23.75
CA GLY OA 156 -80.33 66.27 -22.71
C GLY OA 156 -79.72 64.89 -22.89
N GLN OA 157 -79.15 64.59 -24.06
CA GLN OA 157 -78.54 63.29 -24.32
C GLN OA 157 -77.11 63.30 -23.77
N THR OA 158 -77.03 63.30 -22.44
CA THR OA 158 -75.79 63.50 -21.72
C THR OA 158 -75.55 62.34 -20.76
N ILE OA 159 -74.33 62.27 -20.24
CA ILE OA 159 -74.00 61.40 -19.12
C ILE OA 159 -73.14 62.18 -18.15
N THR OA 160 -73.45 62.07 -16.86
CA THR OA 160 -72.68 62.69 -15.79
C THR OA 160 -71.75 61.66 -15.17
N MET OA 161 -70.62 62.15 -14.66
CA MET OA 161 -69.59 61.31 -14.09
C MET OA 161 -68.97 62.05 -12.92
N LYS OA 162 -68.42 61.28 -11.98
CA LYS OA 162 -67.81 61.84 -10.78
C LYS OA 162 -66.57 61.04 -10.42
N ILE OA 163 -65.54 61.74 -9.95
CA ILE OA 163 -64.31 61.12 -9.51
C ILE OA 163 -64.00 61.66 -8.12
N SER OA 164 -63.65 60.76 -7.20
CA SER OA 164 -63.45 61.11 -5.81
C SER OA 164 -62.02 61.57 -5.57
N THR OA 165 -61.81 62.22 -4.42
CA THR OA 165 -60.46 62.58 -4.00
C THR OA 165 -59.69 61.31 -3.65
N MET OA 166 -58.50 61.17 -4.24
CA MET OA 166 -57.63 60.02 -4.10
C MET OA 166 -56.27 60.41 -3.52
N SER OA 167 -56.29 61.28 -2.52
CA SER OA 167 -55.10 61.64 -1.77
C SER OA 167 -54.89 60.71 -0.58
N ALA OA 168 -53.75 60.88 0.09
CA ALA OA 168 -53.44 60.03 1.24
C ALA OA 168 -54.32 60.34 2.43
N THR OA 169 -54.73 61.60 2.59
CA THR OA 169 -55.59 61.97 3.72
C THR OA 169 -56.96 61.30 3.62
N LYS OA 170 -57.53 61.25 2.41
CA LYS OA 170 -58.87 60.69 2.24
C LYS OA 170 -58.87 59.19 2.52
N LEU OA 171 -57.79 58.51 2.18
CA LEU OA 171 -57.71 57.05 2.29
C LEU OA 171 -57.13 56.57 3.61
N GLY OA 172 -56.86 57.47 4.56
CA GLY OA 172 -56.39 57.05 5.87
C GLY OA 172 -55.04 56.38 5.86
N VAL OA 173 -54.16 56.82 4.96
CA VAL OA 173 -52.80 56.26 4.84
C VAL OA 173 -51.72 57.33 4.95
N ASP OA 174 -52.09 58.60 5.10
CA ASP OA 174 -51.13 59.66 5.34
C ASP OA 174 -50.32 59.38 6.60
N ALA OA 175 -49.18 60.09 6.71
CA ALA OA 175 -48.22 59.82 7.76
C ALA OA 175 -48.77 60.07 9.16
N ALA OA 176 -49.83 60.86 9.29
CA ALA OA 176 -50.44 61.10 10.60
C ALA OA 176 -51.15 59.88 11.16
N LYS OA 177 -51.42 58.86 10.32
CA LYS OA 177 -52.13 57.66 10.77
C LYS OA 177 -51.55 56.36 10.22
N ALA OA 178 -50.39 56.41 9.53
CA ALA OA 178 -49.81 55.21 8.93
C ALA OA 178 -48.30 55.16 9.07
N SER OA 179 -47.75 55.70 10.15
CA SER OA 179 -46.33 55.56 10.38
C SER OA 179 -45.97 54.10 10.64
N ILE OA 180 -44.71 53.77 10.38
CA ILE OA 180 -44.17 52.46 10.72
C ILE OA 180 -42.93 52.64 11.58
N SER OA 181 -42.89 53.73 12.36
CA SER OA 181 -41.85 53.90 13.36
C SER OA 181 -41.82 52.73 14.34
N LYS OA 182 -42.98 52.31 14.83
CA LYS OA 182 -43.07 51.28 15.85
C LYS OA 182 -43.38 49.94 15.18
N GLY OA 183 -43.52 48.90 16.00
CA GLY OA 183 -44.05 47.63 15.56
C GLY OA 183 -45.56 47.64 15.56
N THR OA 184 -46.15 48.36 16.52
CA THR OA 184 -47.61 48.41 16.63
C THR OA 184 -48.22 49.16 15.45
N ALA OA 185 -47.60 50.28 15.05
CA ALA OA 185 -48.17 51.11 14.00
C ALA OA 185 -48.19 50.39 12.66
N ALA OA 186 -47.22 49.51 12.40
CA ALA OA 186 -47.22 48.74 11.17
C ALA OA 186 -48.42 47.80 11.10
N SER OA 187 -48.87 47.29 12.24
CA SER OA 187 -50.07 46.45 12.28
C SER OA 187 -51.26 47.19 11.69
N LYS OA 188 -51.51 48.41 12.16
CA LYS OA 188 -52.61 49.20 11.61
C LYS OA 188 -52.31 49.63 10.18
N ALA OA 189 -51.03 49.87 9.85
CA ALA OA 189 -50.68 50.34 8.51
C ALA OA 189 -51.00 49.30 7.46
N ILE OA 190 -50.83 48.02 7.79
CA ILE OA 190 -51.13 46.95 6.83
C ILE OA 190 -52.61 46.98 6.45
N LYS OA 191 -53.49 47.02 7.47
CA LYS OA 191 -54.92 47.06 7.22
C LYS OA 191 -55.32 48.33 6.50
N SER OA 192 -54.70 49.45 6.88
CA SER OA 192 -54.99 50.73 6.24
C SER OA 192 -54.63 50.69 4.75
N ILE OA 193 -53.50 50.08 4.43
CA ILE OA 193 -53.06 49.98 3.04
C ILE OA 193 -53.97 49.03 2.26
N ASP OA 194 -54.43 47.94 2.88
CA ASP OA 194 -55.38 47.06 2.22
C ASP OA 194 -56.67 47.79 1.88
N ASP OA 195 -57.21 48.55 2.85
CA ASP OA 195 -58.42 49.32 2.60
C ASP OA 195 -58.22 50.31 1.47
N ALA OA 196 -57.06 50.97 1.42
CA ALA OA 196 -56.79 51.92 0.35
C ALA OA 196 -56.71 51.23 -1.01
N ILE OA 197 -56.06 50.07 -1.08
CA ILE OA 197 -55.98 49.33 -2.33
C ILE OA 197 -57.37 48.95 -2.82
N ASN OA 198 -58.23 48.48 -1.92
CA ASN OA 198 -59.58 48.11 -2.32
C ASN OA 198 -60.36 49.33 -2.82
N THR OA 199 -60.22 50.46 -2.14
CA THR OA 199 -60.94 51.67 -2.56
C THR OA 199 -60.50 52.13 -3.94
N VAL OA 200 -59.20 52.12 -4.21
CA VAL OA 200 -58.74 52.61 -5.51
C VAL OA 200 -59.09 51.61 -6.61
N SER OA 201 -59.14 50.31 -6.28
CA SER OA 201 -59.65 49.33 -7.23
C SER OA 201 -61.10 49.62 -7.57
N LYS OA 202 -61.91 49.95 -6.57
CA LYS OA 202 -63.31 50.29 -6.79
C LYS OA 202 -63.42 51.49 -7.74
N THR OA 203 -62.63 52.53 -7.50
CA THR OA 203 -62.68 53.71 -8.35
C THR OA 203 -62.27 53.38 -9.79
N ARG OA 204 -61.22 52.57 -9.96
CA ARG OA 204 -60.79 52.17 -11.30
C ARG OA 204 -61.90 51.40 -12.02
N SER OA 205 -62.58 50.51 -11.30
CA SER OA 205 -63.72 49.80 -11.88
C SER OA 205 -64.80 50.77 -12.34
N ALA OA 206 -65.09 51.77 -11.51
CA ALA OA 206 -66.11 52.75 -11.86
C ALA OA 206 -65.74 53.50 -13.13
N LEU OA 207 -64.46 53.79 -13.33
CA LEU OA 207 -64.03 54.46 -14.56
C LEU OA 207 -64.14 53.54 -15.77
N GLY OA 208 -63.66 52.30 -15.62
CA GLY OA 208 -63.66 51.38 -16.75
C GLY OA 208 -65.05 51.04 -17.24
N ALA OA 209 -66.04 51.02 -16.33
CA ALA OA 209 -67.41 50.79 -16.74
C ALA OA 209 -67.89 51.86 -17.71
N VAL OA 210 -67.60 53.13 -17.40
CA VAL OA 210 -68.02 54.23 -18.27
C VAL OA 210 -67.29 54.17 -19.59
N GLN OA 211 -66.01 53.76 -19.57
CA GLN OA 211 -65.27 53.58 -20.81
C GLN OA 211 -65.94 52.55 -21.71
N ASN OA 212 -66.27 51.38 -21.14
CA ASN OA 212 -66.90 50.33 -21.92
C ASN OA 212 -68.26 50.76 -22.44
N ARG OA 213 -69.00 51.54 -21.66
CA ARG OA 213 -70.27 52.09 -22.13
C ARG OA 213 -70.05 53.00 -23.34
N LEU OA 214 -69.05 53.89 -23.26
CA LEU OA 214 -68.83 54.85 -24.33
C LEU OA 214 -68.43 54.16 -25.62
N GLU OA 215 -67.76 53.01 -25.53
CA GLU OA 215 -67.44 52.26 -26.75
C GLU OA 215 -68.69 51.85 -27.51
N HIS OA 216 -69.63 51.20 -26.81
CA HIS OA 216 -70.90 50.82 -27.41
C HIS OA 216 -71.65 52.04 -27.93
N THR OA 217 -71.60 53.15 -27.18
CA THR OA 217 -72.24 54.38 -27.64
C THR OA 217 -71.67 54.85 -28.97
N ILE OA 218 -70.34 54.77 -29.12
CA ILE OA 218 -69.70 55.19 -30.36
C ILE OA 218 -70.14 54.31 -31.52
N ASN OA 219 -70.20 53.00 -31.28
CA ASN OA 219 -70.66 52.08 -32.33
C ASN OA 219 -72.08 52.44 -32.79
N ASN OA 220 -72.98 52.65 -31.82
CA ASN OA 220 -74.36 52.98 -32.16
C ASN OA 220 -74.44 54.31 -32.92
N LEU OA 221 -73.64 55.30 -32.50
CA LEU OA 221 -73.64 56.59 -33.19
C LEU OA 221 -73.18 56.45 -34.62
N GLY OA 222 -72.13 55.67 -34.85
CA GLY OA 222 -71.66 55.46 -36.22
C GLY OA 222 -72.71 54.81 -37.09
N THR OA 223 -73.36 53.75 -36.57
CA THR OA 223 -74.41 53.08 -37.33
C THR OA 223 -75.55 54.04 -37.68
N SER OA 224 -76.01 54.80 -36.69
CA SER OA 224 -77.12 55.72 -36.92
C SER OA 224 -76.73 56.81 -37.92
N ALA OA 225 -75.50 57.31 -37.83
CA ALA OA 225 -75.05 58.34 -38.76
C ALA OA 225 -75.00 57.82 -40.18
N GLU OA 226 -74.50 56.60 -40.38
CA GLU OA 226 -74.49 56.02 -41.72
C GLU OA 226 -75.90 55.85 -42.26
N ASN OA 227 -76.81 55.33 -41.44
CA ASN OA 227 -78.19 55.12 -41.92
C ASN OA 227 -78.86 56.43 -42.29
N LEU OA 228 -78.74 57.45 -41.45
CA LEU OA 228 -79.34 58.74 -41.76
C LEU OA 228 -78.67 59.40 -42.95
N THR OA 229 -77.38 59.18 -43.14
CA THR OA 229 -76.70 59.68 -44.33
C THR OA 229 -77.27 59.05 -45.59
N ALA OA 230 -77.49 57.74 -45.55
CA ALA OA 230 -78.12 57.06 -46.68
C ALA OA 230 -79.51 57.63 -46.96
N ALA OA 231 -80.31 57.83 -45.91
CA ALA OA 231 -81.64 58.38 -46.07
C ALA OA 231 -81.59 59.78 -46.69
N GLU OA 232 -80.73 60.64 -46.17
CA GLU OA 232 -80.63 62.01 -46.69
C GLU OA 232 -80.14 62.02 -48.13
N SER OA 233 -79.21 61.13 -48.46
CA SER OA 233 -78.75 61.01 -49.84
C SER OA 233 -79.89 60.62 -50.77
N ARG OA 234 -80.67 59.62 -50.37
CA ARG OA 234 -81.78 59.18 -51.21
C ARG OA 234 -82.85 60.27 -51.34
N ILE OA 235 -83.01 61.10 -50.31
CA ILE OA 235 -84.01 62.17 -50.37
C ILE OA 235 -83.54 63.28 -51.31
N ARG OA 236 -82.36 63.85 -51.03
CA ARG OA 236 -81.95 65.09 -51.65
C ARG OA 236 -81.05 64.92 -52.87
N ASP OA 237 -80.10 64.00 -52.84
CA ASP OA 237 -79.20 63.84 -53.97
C ASP OA 237 -79.95 63.28 -55.18
N THR OA 238 -79.38 63.53 -56.36
CA THR OA 238 -80.00 63.17 -57.62
C THR OA 238 -79.23 62.05 -58.30
N ASP OA 239 -79.97 61.23 -59.05
CA ASP OA 239 -79.35 60.18 -59.86
C ASP OA 239 -78.89 60.79 -61.18
N MET OA 240 -77.61 60.59 -61.51
CA MET OA 240 -77.04 61.23 -62.69
C MET OA 240 -77.67 60.70 -63.97
N ALA OA 241 -77.98 59.40 -64.00
CA ALA OA 241 -78.46 58.78 -65.23
C ALA OA 241 -79.81 59.33 -65.65
N ALA OA 242 -80.74 59.45 -64.70
CA ALA OA 242 -82.08 59.94 -65.03
C ALA OA 242 -82.04 61.39 -65.53
N GLU OA 243 -81.25 62.23 -64.87
CA GLU OA 243 -81.15 63.62 -65.30
C GLU OA 243 -80.45 63.73 -66.64
N MET OA 244 -79.46 62.86 -66.90
CA MET OA 244 -78.84 62.83 -68.22
C MET OA 244 -79.86 62.47 -69.30
N MET OA 245 -80.67 61.45 -69.03
CA MET OA 245 -81.75 61.08 -69.95
C MET OA 245 -82.66 62.26 -70.23
N ALA OA 246 -83.14 62.91 -69.17
CA ALA OA 246 -84.07 64.02 -69.32
C ALA OA 246 -83.43 65.18 -70.09
N PHE OA 247 -82.15 65.45 -69.82
CA PHE OA 247 -81.47 66.55 -70.49
C PHE OA 247 -81.29 66.29 -71.98
N THR OA 248 -80.91 65.07 -72.34
CA THR OA 248 -80.79 64.71 -73.75
C THR OA 248 -82.15 64.81 -74.45
N LYS OA 249 -83.19 64.30 -73.80
CA LYS OA 249 -84.54 64.39 -74.34
C LYS OA 249 -84.95 65.85 -74.60
N ASN OA 250 -84.72 66.71 -73.61
CA ASN OA 250 -85.11 68.10 -73.75
C ASN OA 250 -84.29 68.82 -74.82
N ASN OA 251 -83.01 68.46 -74.98
CA ASN OA 251 -82.22 69.05 -76.06
C ASN OA 251 -82.78 68.65 -77.42
N ILE OA 252 -83.12 67.36 -77.58
CA ILE OA 252 -83.67 66.90 -78.85
C ILE OA 252 -84.98 67.62 -79.15
N LEU OA 253 -85.81 67.79 -78.13
CA LEU OA 253 -87.07 68.51 -78.31
C LEU OA 253 -86.83 69.98 -78.69
N THR OA 254 -85.82 70.59 -78.07
CA THR OA 254 -85.47 71.97 -78.40
C THR OA 254 -85.07 72.09 -79.87
N GLN OA 255 -84.23 71.17 -80.34
CA GLN OA 255 -83.81 71.19 -81.74
C GLN OA 255 -85.01 71.01 -82.67
N ALA OA 256 -85.90 70.08 -82.33
CA ALA OA 256 -87.09 69.85 -83.14
C ALA OA 256 -87.94 71.12 -83.23
N ALA OA 257 -88.16 71.79 -82.09
CA ALA OA 257 -88.95 73.01 -82.09
C ALA OA 257 -88.25 74.12 -82.87
N GLN OA 258 -86.93 74.19 -82.81
CA GLN OA 258 -86.19 75.16 -83.60
C GLN OA 258 -86.42 74.96 -85.09
N SER OA 259 -86.29 73.73 -85.56
CA SER OA 259 -86.53 73.44 -86.97
C SER OA 259 -87.98 73.73 -87.35
N MET OA 260 -88.93 73.38 -86.49
CA MET OA 260 -90.33 73.63 -86.77
C MET OA 260 -90.61 75.12 -86.89
N LEU OA 261 -89.98 75.93 -86.05
CA LEU OA 261 -90.17 77.37 -86.11
C LEU OA 261 -89.54 77.95 -87.37
N ALA OA 262 -88.37 77.45 -87.75
CA ALA OA 262 -87.75 77.88 -89.00
C ALA OA 262 -88.65 77.58 -90.19
N GLN OA 263 -89.36 76.46 -90.15
CA GLN OA 263 -90.32 76.15 -91.22
C GLN OA 263 -91.53 77.06 -91.16
N ALA OA 264 -92.09 77.24 -89.96
CA ALA OA 264 -93.31 78.04 -89.82
C ALA OA 264 -93.10 79.49 -90.21
N ASN OA 265 -91.88 80.01 -90.03
CA ASN OA 265 -91.61 81.38 -90.47
C ASN OA 265 -91.61 81.49 -91.99
N GLN OA 266 -91.20 80.43 -92.69
CA GLN OA 266 -91.20 80.42 -94.15
C GLN OA 266 -92.56 80.08 -94.74
N GLN OA 267 -93.44 79.45 -93.96
CA GLN OA 267 -94.76 79.04 -94.47
C GLN OA 267 -95.56 80.18 -95.07
N PRO OA 268 -95.71 81.36 -94.42
CA PRO OA 268 -96.51 82.43 -95.07
C PRO OA 268 -95.75 83.22 -96.12
N GLN OA 269 -95.74 82.68 -97.34
CA GLN OA 269 -95.16 83.34 -98.50
C GLN OA 269 -96.15 83.20 -99.65
N GLY OA 270 -97.08 84.15 -99.74
CA GLY OA 270 -98.04 84.21 -100.82
C GLY OA 270 -97.85 85.46 -101.64
N VAL OA 271 -96.58 85.86 -101.82
CA VAL OA 271 -96.30 87.04 -102.62
C VAL OA 271 -96.52 86.78 -104.10
N LEU OA 272 -96.47 85.51 -104.53
CA LEU OA 272 -96.73 85.20 -105.93
C LEU OA 272 -98.18 85.39 -106.34
N GLN OA 273 -99.11 85.57 -105.39
CA GLN OA 273 -100.44 86.02 -105.77
C GLN OA 273 -100.37 87.37 -106.47
N LEU OA 274 -99.66 88.31 -105.86
CA LEU OA 274 -99.71 89.70 -106.26
C LEU OA 274 -98.90 89.94 -107.53
N LEU OA 275 -97.60 89.72 -107.46
CA LEU OA 275 -96.69 89.98 -108.57
C LEU OA 275 -96.63 88.77 -109.49
N GLN OA 276 -95.77 88.85 -110.51
CA GLN OA 276 -95.61 87.73 -111.42
C GLN OA 276 -94.35 87.95 -112.27
N MET PA 1 -83.54 109.28 -96.70
CA MET PA 1 -84.73 108.51 -96.39
C MET PA 1 -84.94 107.10 -97.01
N ARG PA 2 -84.56 106.90 -98.28
CA ARG PA 2 -84.81 105.65 -98.98
C ARG PA 2 -83.54 104.97 -99.48
N ILE PA 3 -82.69 105.67 -100.22
CA ILE PA 3 -81.63 105.04 -101.00
C ILE PA 3 -80.25 105.49 -100.52
N GLN PA 4 -80.02 106.80 -100.55
CA GLN PA 4 -78.68 107.35 -100.33
C GLN PA 4 -78.09 106.99 -98.98
N HIS PA 5 -78.92 106.67 -97.98
CA HIS PA 5 -78.46 106.32 -96.65
C HIS PA 5 -79.31 105.17 -96.11
N ASN PA 6 -78.65 104.21 -95.48
CA ASN PA 6 -79.31 103.01 -94.92
C ASN PA 6 -78.87 102.86 -93.47
N ILE PA 7 -79.65 103.43 -92.55
CA ILE PA 7 -79.17 103.63 -91.18
C ILE PA 7 -79.14 102.32 -90.40
N ALA PA 8 -80.05 101.39 -90.71
CA ALA PA 8 -80.04 100.09 -90.04
C ALA PA 8 -78.72 99.37 -90.24
N ALA PA 9 -78.19 99.43 -91.46
CA ALA PA 9 -76.92 98.78 -91.75
C ALA PA 9 -75.78 99.45 -90.99
N LEU PA 10 -75.83 100.77 -90.82
CA LEU PA 10 -74.82 101.46 -90.02
C LEU PA 10 -74.84 100.99 -88.57
N ASN PA 11 -76.04 100.92 -87.97
CA ASN PA 11 -76.15 100.44 -86.59
C ASN PA 11 -75.64 99.01 -86.47
N THR PA 12 -76.00 98.16 -87.44
CA THR PA 12 -75.54 96.77 -87.42
C THR PA 12 -74.03 96.69 -87.52
N HIS PA 13 -73.43 97.55 -88.36
CA HIS PA 13 -71.98 97.58 -88.49
C HIS PA 13 -71.31 97.99 -87.19
N ARG PA 14 -71.85 99.01 -86.52
CA ARG PA 14 -71.35 99.42 -85.22
C ARG PA 14 -71.34 98.26 -84.24
N ASN PA 15 -72.49 97.60 -84.09
CA ASN PA 15 -72.59 96.50 -83.14
C ASN PA 15 -71.65 95.36 -83.50
N LEU PA 16 -71.52 95.07 -84.79
CA LEU PA 16 -70.62 94.02 -85.24
C LEU PA 16 -69.17 94.34 -84.87
N ALA PA 17 -68.76 95.58 -85.09
CA ALA PA 17 -67.41 95.99 -84.73
C ALA PA 17 -67.17 95.85 -83.22
N ALA PA 18 -68.16 96.26 -82.42
CA ALA PA 18 -68.02 96.14 -80.96
C ALA PA 18 -67.87 94.69 -80.54
N ASN PA 19 -68.70 93.80 -81.10
CA ASN PA 19 -68.62 92.38 -80.75
C ASN PA 19 -67.26 91.79 -81.14
N ASN PA 20 -66.77 92.16 -82.33
CA ASN PA 20 -65.46 91.67 -82.76
C ASN PA 20 -64.37 92.14 -81.80
N ALA PA 21 -64.43 93.40 -81.37
CA ALA PA 21 -63.44 93.92 -80.44
C ALA PA 21 -63.47 93.16 -79.12
N ALA PA 22 -64.67 92.91 -78.60
CA ALA PA 22 -64.78 92.18 -77.33
C ALA PA 22 -64.23 90.76 -77.46
N ALA PA 23 -64.54 90.08 -78.57
CA ALA PA 23 -64.02 88.75 -78.79
C ALA PA 23 -62.49 88.75 -78.88
N SER PA 24 -61.92 89.78 -79.51
CA SER PA 24 -60.47 89.88 -79.59
C SER PA 24 -59.85 90.07 -78.21
N LYS PA 25 -60.47 90.90 -77.37
CA LYS PA 25 -59.99 91.07 -76.00
C LYS PA 25 -60.01 89.75 -75.25
N ASN PA 26 -61.10 88.97 -75.41
CA ASN PA 26 -61.18 87.68 -74.74
C ASN PA 26 -60.11 86.73 -75.25
N LEU PA 27 -59.84 86.74 -76.55
CA LEU PA 27 -58.77 85.92 -77.10
C LEU PA 27 -57.42 86.29 -76.48
N GLU PA 28 -57.16 87.59 -76.35
CA GLU PA 28 -55.94 88.05 -75.71
C GLU PA 28 -55.83 87.50 -74.29
N LYS PA 29 -56.91 87.63 -73.51
CA LYS PA 29 -56.87 87.16 -72.13
C LYS PA 29 -56.70 85.65 -72.04
N LEU PA 30 -57.22 84.90 -73.01
CA LEU PA 30 -57.11 83.46 -72.96
C LEU PA 30 -55.72 82.98 -73.39
N SER PA 31 -55.15 83.59 -74.42
CA SER PA 31 -53.83 83.20 -74.88
C SER PA 31 -52.76 83.62 -73.87
N SER PA 32 -52.88 84.82 -73.31
CA SER PA 32 -51.88 85.30 -72.36
C SER PA 32 -51.91 84.52 -71.06
N GLY PA 33 -53.10 84.11 -70.63
CA GLY PA 33 -53.27 83.52 -69.32
C GLY PA 33 -53.38 84.50 -68.18
N PHE PA 34 -53.33 85.80 -68.46
CA PHE PA 34 -53.44 86.85 -67.45
C PHE PA 34 -54.66 87.70 -67.74
N LYS PA 35 -55.32 88.14 -66.67
CA LYS PA 35 -56.50 88.98 -66.78
C LYS PA 35 -56.17 90.44 -67.00
N ILE PA 36 -54.95 90.87 -66.66
CA ILE PA 36 -54.53 92.26 -66.74
C ILE PA 36 -53.26 92.28 -67.58
N ASN PA 37 -53.39 92.61 -68.86
CA ASN PA 37 -52.26 92.78 -69.76
C ASN PA 37 -51.91 94.23 -70.00
N ARG PA 38 -52.85 95.15 -69.75
CA ARG PA 38 -52.63 96.58 -69.88
C ARG PA 38 -53.15 97.26 -68.62
N ALA PA 39 -52.76 98.52 -68.45
CA ALA PA 39 -53.27 99.29 -67.31
C ALA PA 39 -54.71 99.73 -67.52
N GLY PA 40 -55.16 99.82 -68.78
CA GLY PA 40 -56.56 100.11 -69.04
C GLY PA 40 -57.48 99.01 -68.54
N ASP PA 41 -56.98 97.77 -68.49
CA ASP PA 41 -57.76 96.67 -67.92
C ASP PA 41 -58.12 96.97 -66.48
N ASP PA 42 -57.13 97.30 -65.66
CA ASP PA 42 -57.36 97.55 -64.25
C ASP PA 42 -56.15 98.27 -63.69
N ALA PA 43 -56.35 99.51 -63.22
CA ALA PA 43 -55.23 100.30 -62.70
C ALA PA 43 -54.83 99.86 -61.30
N ALA PA 44 -55.79 99.83 -60.37
CA ALA PA 44 -55.55 99.35 -59.01
C ALA PA 44 -55.62 97.83 -59.01
N GLY PA 45 -54.46 97.19 -59.00
CA GLY PA 45 -54.35 95.76 -59.19
C GLY PA 45 -53.14 95.44 -60.02
N LEU PA 46 -52.84 96.28 -61.01
CA LEU PA 46 -51.55 96.20 -61.68
C LEU PA 46 -50.42 96.53 -60.71
N ALA PA 47 -50.54 97.65 -60.01
CA ALA PA 47 -49.55 98.03 -59.00
C ALA PA 47 -49.44 96.97 -57.91
N ILE PA 48 -50.58 96.47 -57.44
CA ILE PA 48 -50.58 95.47 -56.38
C ILE PA 48 -49.90 94.19 -56.87
N SER PA 49 -50.16 93.79 -58.11
CA SER PA 49 -49.53 92.62 -58.67
C SER PA 49 -48.02 92.80 -58.78
N GLU PA 50 -47.56 93.98 -59.19
CA GLU PA 50 -46.13 94.20 -59.31
C GLU PA 50 -45.44 94.18 -57.95
N LYS PA 51 -46.03 94.85 -56.96
CA LYS PA 51 -45.46 94.81 -55.62
C LYS PA 51 -45.44 93.38 -55.07
N MET PA 52 -46.51 92.62 -55.31
CA MET PA 52 -46.56 91.25 -54.81
C MET PA 52 -45.53 90.37 -55.50
N ARG PA 53 -45.30 90.58 -56.80
CA ARG PA 53 -44.27 89.85 -57.51
C ARG PA 53 -42.89 90.16 -56.94
N GLY PA 54 -42.63 91.44 -56.67
CA GLY PA 54 -41.39 91.81 -56.04
C GLY PA 54 -41.19 91.14 -54.70
N GLN PA 55 -42.25 91.13 -53.89
CA GLN PA 55 -42.18 90.50 -52.57
C GLN PA 55 -41.95 88.99 -52.68
N ILE PA 56 -42.60 88.35 -53.66
CA ILE PA 56 -42.44 86.91 -53.84
C ILE PA 56 -41.00 86.57 -54.22
N SER PA 57 -40.45 87.30 -55.20
CA SER PA 57 -39.08 87.08 -55.60
C SER PA 57 -38.12 87.32 -54.44
N GLY PA 58 -38.35 88.40 -53.67
CA GLY PA 58 -37.50 88.67 -52.53
C GLY PA 58 -37.57 87.59 -51.47
N LEU PA 59 -38.77 87.06 -51.22
CA LEU PA 59 -38.92 86.04 -50.20
C LEU PA 59 -38.25 84.74 -50.62
N ASN PA 60 -38.39 84.35 -51.89
CA ASN PA 60 -37.72 83.14 -52.35
C ASN PA 60 -36.20 83.30 -52.29
N MET PA 61 -35.69 84.46 -52.72
CA MET PA 61 -34.26 84.68 -52.65
C MET PA 61 -33.77 84.72 -51.21
N ALA PA 62 -34.60 85.22 -50.29
CA ALA PA 62 -34.23 85.23 -48.88
C ALA PA 62 -34.19 83.82 -48.31
N SER PA 63 -35.11 82.96 -48.75
CA SER PA 63 -35.05 81.55 -48.38
C SER PA 63 -33.73 80.93 -48.84
N LYS PA 64 -33.36 81.21 -50.09
CA LYS PA 64 -32.09 80.72 -50.62
C LYS PA 64 -30.91 81.21 -49.77
N ASN PA 65 -30.91 82.49 -49.44
CA ASN PA 65 -29.83 83.07 -48.64
C ASN PA 65 -29.76 82.45 -47.25
N SER PA 66 -30.93 82.19 -46.65
CA SER PA 66 -30.96 81.57 -45.33
C SER PA 66 -30.38 80.18 -45.37
N SER PA 67 -30.69 79.42 -46.43
CA SER PA 67 -30.09 78.09 -46.58
C SER PA 67 -28.57 78.19 -46.74
N ASP PA 68 -28.10 79.19 -47.50
CA ASP PA 68 -26.66 79.38 -47.65
C ASP PA 68 -26.00 79.66 -46.29
N ALA PA 69 -26.64 80.51 -45.48
CA ALA PA 69 -26.12 80.79 -44.15
C ALA PA 69 -26.08 79.54 -43.29
N ILE PA 70 -27.11 78.68 -43.40
CA ILE PA 70 -27.12 77.43 -42.66
C ILE PA 70 -25.93 76.57 -43.07
N SER PA 71 -25.62 76.53 -44.37
CA SER PA 71 -24.48 75.76 -44.84
C SER PA 71 -23.17 76.28 -44.24
N LEU PA 72 -23.00 77.60 -44.26
CA LEU PA 72 -21.81 78.22 -43.64
C LEU PA 72 -21.68 77.83 -42.17
N ILE PA 73 -22.78 77.94 -41.43
CA ILE PA 73 -22.74 77.64 -40.00
C ILE PA 73 -22.41 76.17 -39.77
N GLN PA 74 -22.97 75.29 -40.58
CA GLN PA 74 -22.65 73.87 -40.46
C GLN PA 74 -21.17 73.63 -40.70
N THR PA 75 -20.57 74.37 -41.64
CA THR PA 75 -19.13 74.25 -41.88
C THR PA 75 -18.35 74.59 -40.63
N ALA PA 76 -18.70 75.72 -40.00
CA ALA PA 76 -17.97 76.14 -38.80
C ALA PA 76 -18.13 75.15 -37.65
N GLU PA 77 -19.35 74.64 -37.43
CA GLU PA 77 -19.57 73.67 -36.37
C GLU PA 77 -18.78 72.39 -36.62
N GLY PA 78 -18.76 71.91 -37.87
CA GLY PA 78 -17.96 70.75 -38.18
C GLY PA 78 -16.48 71.00 -37.96
N GLY PA 79 -16.03 72.22 -38.20
CA GLY PA 79 -14.66 72.57 -37.86
C GLY PA 79 -14.37 72.46 -36.37
N LEU PA 80 -15.32 72.90 -35.54
CA LEU PA 80 -15.09 72.93 -34.10
C LEU PA 80 -15.26 71.55 -33.43
N ASN PA 81 -15.95 70.61 -34.08
CA ASN PA 81 -16.05 69.27 -33.52
C ASN PA 81 -14.68 68.62 -33.33
N GLU PA 82 -13.79 68.79 -34.31
CA GLU PA 82 -12.46 68.21 -34.20
C GLU PA 82 -11.63 68.94 -33.15
N THR PA 83 -11.87 70.24 -32.97
CA THR PA 83 -11.27 70.97 -31.86
C THR PA 83 -11.64 70.33 -30.53
N HIS PA 84 -12.94 70.04 -30.33
CA HIS PA 84 -13.37 69.30 -29.14
C HIS PA 84 -12.59 68.00 -28.98
N ALA PA 85 -12.51 67.22 -30.05
CA ALA PA 85 -11.89 65.90 -29.98
C ALA PA 85 -10.41 65.99 -29.56
N ILE PA 86 -9.64 66.84 -30.24
CA ILE PA 86 -8.22 66.90 -29.93
C ILE PA 86 -7.98 67.57 -28.59
N LEU PA 87 -8.91 68.43 -28.14
CA LEU PA 87 -8.78 68.97 -26.79
C LEU PA 87 -8.96 67.88 -25.75
N GLN PA 88 -9.93 66.97 -25.96
CA GLN PA 88 -10.08 65.83 -25.08
C GLN PA 88 -8.81 65.00 -25.04
N ARG PA 89 -8.22 64.74 -26.22
CA ARG PA 89 -6.99 63.96 -26.28
C ARG PA 89 -5.86 64.66 -25.52
N MET PA 90 -5.75 65.98 -25.67
CA MET PA 90 -4.72 66.76 -24.98
C MET PA 90 -4.90 66.70 -23.48
N ARG PA 91 -6.15 66.78 -23.00
CA ARG PA 91 -6.39 66.65 -21.57
C ARG PA 91 -5.99 65.29 -21.06
N GLU PA 92 -6.31 64.23 -21.81
CA GLU PA 92 -5.89 62.89 -21.44
C GLU PA 92 -4.36 62.80 -21.33
N LEU PA 93 -3.66 63.36 -22.33
CA LEU PA 93 -2.21 63.38 -22.34
C LEU PA 93 -1.65 64.12 -21.13
N ALA PA 94 -2.25 65.27 -20.76
CA ALA PA 94 -1.76 66.01 -19.61
C ALA PA 94 -1.99 65.24 -18.32
N VAL PA 95 -3.15 64.60 -18.16
CA VAL PA 95 -3.42 63.84 -16.95
C VAL PA 95 -2.44 62.67 -16.83
N GLN PA 96 -2.07 62.07 -17.97
CA GLN PA 96 -1.06 61.01 -17.92
C GLN PA 96 0.33 61.57 -17.63
N SER PA 97 0.71 62.68 -18.24
CA SER PA 97 1.99 63.31 -18.00
C SER PA 97 2.16 63.75 -16.55
N ARG PA 98 1.07 64.07 -15.86
CA ARG PA 98 1.09 64.68 -14.54
C ARG PA 98 1.63 63.74 -13.46
N ASN PA 99 1.60 62.44 -13.69
CA ASN PA 99 2.04 61.46 -12.70
C ASN PA 99 3.57 61.38 -12.65
N ASP PA 100 4.09 61.00 -11.48
CA ASP PA 100 5.53 60.95 -11.23
C ASP PA 100 6.16 59.62 -11.60
N THR PA 101 5.39 58.69 -12.18
CA THR PA 101 5.99 57.51 -12.78
C THR PA 101 6.87 57.87 -13.98
N ASN PA 102 6.56 58.98 -14.64
CA ASN PA 102 7.26 59.38 -15.86
C ASN PA 102 8.53 60.15 -15.51
N ASP PA 103 9.60 59.88 -16.27
CA ASP PA 103 10.90 60.47 -16.05
C ASP PA 103 11.22 61.50 -17.13
N GLU PA 104 11.70 62.66 -16.71
CA GLU PA 104 12.26 63.63 -17.65
C GLU PA 104 13.60 63.15 -18.22
N ALA PA 105 14.33 62.32 -17.49
CA ALA PA 105 15.65 61.88 -17.93
C ALA PA 105 15.56 61.00 -19.17
N THR PA 106 14.76 59.93 -19.09
CA THR PA 106 14.60 58.99 -20.20
C THR PA 106 13.44 59.35 -21.12
N ASN PA 107 13.08 60.64 -21.19
CA ASN PA 107 12.28 61.18 -22.28
C ASN PA 107 10.86 60.63 -22.30
N ASP PA 108 10.28 60.40 -21.12
CA ASP PA 108 8.90 59.92 -21.03
C ASP PA 108 7.91 61.03 -21.34
N ARG PA 109 8.12 62.22 -20.76
CA ARG PA 109 7.21 63.33 -20.97
C ARG PA 109 7.47 64.10 -22.26
N SER PA 110 8.68 64.06 -22.80
CA SER PA 110 8.96 64.76 -24.05
C SER PA 110 8.22 64.14 -25.23
N ASN PA 111 7.90 62.84 -25.16
CA ASN PA 111 7.08 62.24 -26.21
C ASN PA 111 5.63 62.69 -26.12
N LEU PA 112 5.10 62.81 -24.90
CA LEU PA 112 3.76 63.36 -24.76
C LEU PA 112 3.74 64.82 -25.17
N ASN PA 113 4.87 65.53 -24.99
CA ASN PA 113 4.98 66.91 -25.46
C ASN PA 113 5.06 66.97 -26.98
N ASP PA 114 5.74 66.02 -27.62
CA ASP PA 114 5.70 65.89 -29.08
C ASP PA 114 4.24 65.78 -29.55
N GLU PA 115 3.50 64.85 -28.95
CA GLU PA 115 2.08 64.66 -29.27
C GLU PA 115 1.30 65.96 -29.07
N LEU PA 116 1.53 66.62 -27.93
CA LEU PA 116 0.81 67.85 -27.60
C LEU PA 116 1.11 68.97 -28.60
N LYS PA 117 2.39 69.13 -28.97
CA LYS PA 117 2.75 70.16 -29.93
C LYS PA 117 2.12 69.90 -31.29
N GLN PA 118 2.07 68.64 -31.73
CA GLN PA 118 1.41 68.35 -33.00
C GLN PA 118 -0.08 68.66 -32.93
N LEU PA 119 -0.72 68.35 -31.79
CA LEU PA 119 -2.14 68.67 -31.67
C LEU PA 119 -2.38 70.17 -31.59
N GLN PA 120 -1.43 70.93 -31.04
CA GLN PA 120 -1.55 72.39 -31.04
C GLN PA 120 -1.38 72.97 -32.45
N GLU PA 121 -0.47 72.39 -33.24
CA GLU PA 121 -0.39 72.82 -34.63
C GLU PA 121 -1.67 72.50 -35.37
N GLU PA 122 -2.32 71.38 -35.03
CA GLU PA 122 -3.58 71.04 -35.70
C GLU PA 122 -4.73 71.95 -35.27
N ILE PA 123 -4.80 72.30 -33.98
CA ILE PA 123 -5.86 73.20 -33.54
C ILE PA 123 -5.70 74.59 -34.17
N THR PA 124 -4.46 75.03 -34.41
CA THR PA 124 -4.27 76.29 -35.14
C THR PA 124 -4.59 76.13 -36.63
N ARG PA 125 -4.24 74.97 -37.21
CA ARG PA 125 -4.47 74.74 -38.63
C ARG PA 125 -5.94 74.75 -38.95
N ILE PA 126 -6.77 74.09 -38.13
CA ILE PA 126 -8.21 74.09 -38.37
C ILE PA 126 -8.75 75.51 -38.31
N SER PA 127 -8.21 76.32 -37.42
CA SER PA 127 -8.66 77.71 -37.30
C SER PA 127 -8.40 78.47 -38.60
N SER PA 128 -7.13 78.55 -39.02
CA SER PA 128 -6.77 79.40 -40.14
C SER PA 128 -6.60 78.65 -41.46
N GLN PA 129 -7.32 77.54 -41.65
CA GLN PA 129 -7.45 76.91 -42.96
C GLN PA 129 -8.89 76.47 -43.22
N MET PA 130 -9.86 77.08 -42.53
CA MET PA 130 -11.27 76.82 -42.73
C MET PA 130 -11.86 77.92 -43.59
N GLU PA 131 -12.68 77.57 -44.57
CA GLU PA 131 -13.22 78.61 -45.46
C GLU PA 131 -14.49 78.12 -46.13
N PHE PA 132 -15.36 79.08 -46.43
CA PHE PA 132 -16.61 78.87 -47.17
C PHE PA 132 -16.65 79.93 -48.26
N ASN PA 133 -16.47 79.52 -49.51
CA ASN PA 133 -16.51 80.43 -50.64
C ASN PA 133 -15.37 81.45 -50.56
N ASN PA 134 -14.19 80.96 -50.17
CA ASN PA 134 -13.00 81.81 -50.05
C ASN PA 134 -13.20 82.88 -48.97
N LYS PA 135 -13.58 82.44 -47.76
CA LYS PA 135 -13.89 83.33 -46.66
C LYS PA 135 -13.42 82.68 -45.37
N LYS PA 136 -12.33 83.18 -44.81
CA LYS PA 136 -11.82 82.65 -43.56
C LYS PA 136 -12.78 83.00 -42.43
N LEU PA 137 -13.18 81.97 -41.66
CA LEU PA 137 -14.22 82.10 -40.64
C LEU PA 137 -13.66 82.19 -39.22
N LEU PA 138 -12.77 81.26 -38.85
CA LEU PA 138 -12.32 81.10 -37.45
C LEU PA 138 -10.96 81.74 -37.20
N ASP PA 139 -10.73 82.93 -37.77
CA ASP PA 139 -9.45 83.62 -37.65
C ASP PA 139 -9.58 84.91 -36.87
N GLY PA 140 -10.78 85.48 -36.84
CA GLY PA 140 -11.02 86.83 -36.41
C GLY PA 140 -11.40 87.80 -37.51
N SER PA 141 -11.65 87.32 -38.73
CA SER PA 141 -12.07 88.21 -39.81
C SER PA 141 -13.45 88.79 -39.53
N GLN PA 142 -14.37 87.94 -39.06
CA GLN PA 142 -15.75 88.34 -38.81
C GLN PA 142 -15.96 88.87 -37.40
N SER PA 143 -14.95 88.76 -36.52
CA SER PA 143 -15.11 89.25 -35.16
C SER PA 143 -15.05 90.77 -35.08
N THR PA 144 -14.69 91.46 -36.17
CA THR PA 144 -14.57 92.91 -36.15
C THR PA 144 -15.91 93.57 -36.46
N ASN PA 145 -16.56 93.17 -37.55
CA ASN PA 145 -17.82 93.74 -38.00
C ASN PA 145 -18.95 92.72 -38.02
N GLY PA 146 -18.73 91.56 -38.63
CA GLY PA 146 -19.67 90.46 -38.60
C GLY PA 146 -20.28 90.20 -39.98
N LEU PA 147 -20.79 88.98 -40.13
CA LEU PA 147 -21.47 88.56 -41.35
C LEU PA 147 -22.95 88.92 -41.27
N THR PA 148 -23.46 89.55 -42.32
CA THR PA 148 -24.83 90.02 -42.39
C THR PA 148 -25.60 89.20 -43.42
N PHE PA 149 -26.68 88.57 -42.97
CA PHE PA 149 -27.54 87.77 -43.84
C PHE PA 149 -28.85 88.50 -44.07
N GLN PA 150 -29.21 88.65 -45.35
CA GLN PA 150 -30.48 89.21 -45.77
C GLN PA 150 -31.51 88.09 -45.76
N ILE PA 151 -32.43 88.13 -44.80
CA ILE PA 151 -33.43 87.09 -44.61
C ILE PA 151 -34.82 87.68 -44.84
N GLY PA 152 -34.91 88.67 -45.73
CA GLY PA 152 -36.17 89.31 -46.01
C GLY PA 152 -36.12 90.01 -47.35
N ALA PA 153 -37.32 90.23 -47.91
CA ALA PA 153 -37.42 90.85 -49.22
C ALA PA 153 -36.97 92.30 -49.19
N ASN PA 154 -37.37 93.05 -48.17
CA ASN PA 154 -37.13 94.47 -48.10
C ASN PA 154 -35.79 94.79 -47.45
N ALA PA 155 -35.45 96.08 -47.48
CA ALA PA 155 -34.20 96.55 -46.89
C ALA PA 155 -34.30 96.63 -45.37
N GLY PA 156 -33.21 96.30 -44.70
CA GLY PA 156 -33.15 96.29 -43.26
C GLY PA 156 -33.56 94.99 -42.61
N GLN PA 157 -34.15 94.06 -43.36
CA GLN PA 157 -34.58 92.77 -42.83
C GLN PA 157 -33.38 91.82 -42.83
N THR PA 158 -32.44 92.12 -41.94
CA THR PA 158 -31.15 91.45 -41.88
C THR PA 158 -30.91 90.88 -40.49
N ILE PA 159 -29.89 90.02 -40.40
CA ILE PA 159 -29.35 89.58 -39.12
C ILE PA 159 -27.83 89.62 -39.20
N THR PA 160 -27.21 90.15 -38.15
CA THR PA 160 -25.76 90.19 -38.04
C THR PA 160 -25.28 89.04 -37.15
N MET PA 161 -24.07 88.58 -37.43
CA MET PA 161 -23.47 87.45 -36.72
C MET PA 161 -21.98 87.72 -36.57
N LYS PA 162 -21.40 87.11 -35.55
CA LYS PA 162 -19.98 87.28 -35.26
C LYS PA 162 -19.41 85.95 -34.79
N ILE PA 163 -18.16 85.69 -35.20
CA ILE PA 163 -17.43 84.49 -34.80
C ILE PA 163 -16.08 84.93 -34.29
N SER PA 164 -15.69 84.41 -33.13
CA SER PA 164 -14.47 84.82 -32.47
C SER PA 164 -13.27 84.03 -32.97
N THR PA 165 -12.08 84.55 -32.68
CA THR PA 165 -10.85 83.82 -32.98
C THR PA 165 -10.77 82.59 -32.08
N MET PA 166 -10.53 81.44 -32.69
CA MET PA 166 -10.48 80.13 -32.04
C MET PA 166 -9.13 79.47 -32.25
N SER PA 167 -8.06 80.25 -32.15
CA SER PA 167 -6.70 79.72 -32.19
C SER PA 167 -6.22 79.35 -30.78
N ALA PA 168 -5.03 78.75 -30.73
CA ALA PA 168 -4.48 78.33 -29.45
C ALA PA 168 -4.04 79.52 -28.60
N THR PA 169 -3.58 80.59 -29.25
CA THR PA 169 -3.14 81.77 -28.49
C THR PA 169 -4.31 82.43 -27.75
N LYS PA 170 -5.48 82.51 -28.40
CA LYS PA 170 -6.61 83.19 -27.79
C LYS PA 170 -7.13 82.42 -26.60
N LEU PA 171 -7.06 81.09 -26.64
CA LEU PA 171 -7.61 80.23 -25.60
C LEU PA 171 -6.62 79.86 -24.52
N GLY PA 172 -5.41 80.42 -24.54
CA GLY PA 172 -4.45 80.17 -23.48
C GLY PA 172 -4.00 78.73 -23.38
N VAL PA 173 -3.88 78.06 -24.53
CA VAL PA 173 -3.45 76.66 -24.57
C VAL PA 173 -2.26 76.46 -25.50
N ASP PA 174 -1.78 77.51 -26.16
CA ASP PA 174 -0.56 77.44 -26.96
C ASP PA 174 0.63 76.99 -26.11
N ALA PA 175 1.68 76.54 -26.81
CA ALA PA 175 2.82 75.92 -26.14
C ALA PA 175 3.56 76.87 -25.20
N ALA PA 176 3.40 78.18 -25.38
CA ALA PA 176 4.04 79.13 -24.49
C ALA PA 176 3.43 79.14 -23.09
N LYS PA 177 2.24 78.54 -22.90
CA LYS PA 177 1.58 78.53 -21.61
C LYS PA 177 0.95 77.20 -21.26
N ALA PA 178 1.17 76.14 -22.06
CA ALA PA 178 0.53 74.84 -21.81
C ALA PA 178 1.47 73.68 -22.07
N SER PA 179 2.76 73.85 -21.83
CA SER PA 179 3.68 72.73 -21.94
C SER PA 179 3.38 71.69 -20.87
N ILE PA 180 3.79 70.45 -21.15
CA ILE PA 180 3.71 69.37 -20.17
C ILE PA 180 5.08 68.75 -20.02
N SER PA 181 6.14 69.56 -20.22
CA SER PA 181 7.50 69.12 -19.91
C SER PA 181 7.62 68.68 -18.46
N LYS PA 182 7.09 69.48 -17.54
CA LYS PA 182 7.24 69.23 -16.11
C LYS PA 182 5.99 68.52 -15.59
N GLY PA 183 5.97 68.28 -14.28
CA GLY PA 183 4.78 67.83 -13.60
C GLY PA 183 3.92 69.01 -13.21
N THR PA 184 4.56 70.14 -12.88
CA THR PA 184 3.81 71.33 -12.46
C THR PA 184 3.02 71.92 -13.63
N ALA PA 185 3.63 71.97 -14.82
CA ALA PA 185 2.97 72.59 -15.96
C ALA PA 185 1.73 71.84 -16.40
N ALA PA 186 1.71 70.52 -16.23
CA ALA PA 186 0.51 69.74 -16.56
C ALA PA 186 -0.67 70.12 -15.67
N SER PA 187 -0.38 70.48 -14.41
CA SER PA 187 -1.43 70.95 -13.51
C SER PA 187 -2.18 72.14 -14.10
N LYS PA 188 -1.43 73.16 -14.55
CA LYS PA 188 -2.07 74.31 -15.18
C LYS PA 188 -2.67 73.94 -16.53
N ALA PA 189 -2.04 73.00 -17.25
CA ALA PA 189 -2.51 72.63 -18.57
C ALA PA 189 -3.90 72.00 -18.51
N ILE PA 190 -4.17 71.23 -17.47
CA ILE PA 190 -5.48 70.59 -17.34
C ILE PA 190 -6.57 71.66 -17.23
N LYS PA 191 -6.38 72.63 -16.34
CA LYS PA 191 -7.36 73.70 -16.16
C LYS PA 191 -7.48 74.54 -17.42
N SER PA 192 -6.34 74.80 -18.08
CA SER PA 192 -6.33 75.57 -19.31
C SER PA 192 -7.15 74.88 -20.39
N ILE PA 193 -7.00 73.56 -20.50
CA ILE PA 193 -7.73 72.78 -21.49
C ILE PA 193 -9.21 72.75 -21.17
N ASP PA 194 -9.57 72.65 -19.88
CA ASP PA 194 -10.97 72.71 -19.50
C ASP PA 194 -11.61 74.04 -19.88
N ASP PA 195 -10.91 75.14 -19.60
CA ASP PA 195 -11.42 76.46 -19.97
C ASP PA 195 -11.61 76.56 -21.48
N ALA PA 196 -10.66 76.02 -22.25
CA ALA PA 196 -10.77 76.06 -23.71
C ALA PA 196 -11.97 75.25 -24.21
N ILE PA 197 -12.19 74.06 -23.63
CA ILE PA 197 -13.32 73.24 -24.01
C ILE PA 197 -14.62 73.97 -23.74
N ASN PA 198 -14.74 74.61 -22.57
CA ASN PA 198 -15.96 75.35 -22.25
C ASN PA 198 -16.17 76.50 -23.22
N THR PA 199 -15.10 77.22 -23.56
CA THR PA 199 -15.24 78.36 -24.48
C THR PA 199 -15.71 77.90 -25.85
N VAL PA 200 -15.13 76.81 -26.37
CA VAL PA 200 -15.51 76.39 -27.72
C VAL PA 200 -16.92 75.79 -27.71
N SER PA 201 -17.33 75.18 -26.60
CA SER PA 201 -18.72 74.76 -26.46
C SER PA 201 -19.66 75.96 -26.51
N LYS PA 202 -19.29 77.05 -25.83
CA LYS PA 202 -20.08 78.27 -25.87
C LYS PA 202 -20.24 78.79 -27.29
N THR PA 203 -19.13 78.83 -28.03
CA THR PA 203 -19.18 79.31 -29.41
C THR PA 203 -20.06 78.41 -30.29
N ARG PA 204 -19.95 77.09 -30.12
CA ARG PA 204 -20.79 76.17 -30.88
C ARG PA 204 -22.27 76.40 -30.58
N SER PA 205 -22.60 76.61 -29.30
CA SER PA 205 -23.98 76.93 -28.93
C SER PA 205 -24.45 78.20 -29.63
N ALA PA 206 -23.60 79.23 -29.65
CA ALA PA 206 -23.96 80.49 -30.30
C ALA PA 206 -24.26 80.28 -31.78
N LEU PA 207 -23.52 79.39 -32.44
CA LEU PA 207 -23.78 79.12 -33.85
C LEU PA 207 -25.08 78.35 -34.03
N GLY PA 208 -25.28 77.30 -33.23
CA GLY PA 208 -26.47 76.48 -33.37
C GLY PA 208 -27.76 77.24 -33.13
N ALA PA 209 -27.73 78.23 -32.23
CA ALA PA 209 -28.91 79.06 -32.00
C ALA PA 209 -29.33 79.78 -33.28
N VAL PA 210 -28.36 80.36 -34.00
CA VAL PA 210 -28.68 81.08 -35.23
C VAL PA 210 -29.18 80.11 -36.29
N GLN PA 211 -28.61 78.90 -36.33
CA GLN PA 211 -29.10 77.89 -37.25
C GLN PA 211 -30.58 77.58 -37.00
N ASN PA 212 -30.92 77.32 -35.74
CA ASN PA 212 -32.30 76.99 -35.39
C ASN PA 212 -33.24 78.16 -35.69
N ARG PA 213 -32.77 79.40 -35.49
CA ARG PA 213 -33.56 80.56 -35.87
C ARG PA 213 -33.82 80.58 -37.37
N LEU PA 214 -32.78 80.34 -38.17
CA LEU PA 214 -32.93 80.42 -39.62
C LEU PA 214 -33.89 79.37 -40.15
N GLU PA 215 -33.98 78.23 -39.49
CA GLU PA 215 -34.95 77.22 -39.90
C GLU PA 215 -36.38 77.75 -39.82
N HIS PA 216 -36.75 78.30 -38.66
CA HIS PA 216 -38.06 78.91 -38.49
C HIS PA 216 -38.28 80.03 -39.49
N THR PA 217 -37.24 80.84 -39.73
CA THR PA 217 -37.33 81.91 -40.71
C THR PA 217 -37.67 81.37 -42.09
N ILE PA 218 -37.05 80.27 -42.48
CA ILE PA 218 -37.32 79.66 -43.79
C ILE PA 218 -38.76 79.19 -43.87
N ASN PA 219 -39.25 78.56 -42.81
CA ASN PA 219 -40.65 78.11 -42.80
C ASN PA 219 -41.60 79.29 -42.99
N ASN PA 220 -41.38 80.37 -42.23
CA ASN PA 220 -42.24 81.54 -42.34
C ASN PA 220 -42.18 82.15 -43.73
N LEU PA 221 -40.98 82.21 -44.32
CA LEU PA 221 -40.83 82.77 -45.66
C LEU PA 221 -41.60 81.94 -46.69
N GLY PA 222 -41.51 80.62 -46.59
CA GLY PA 222 -42.26 79.76 -47.50
C GLY PA 222 -43.76 79.97 -47.39
N THR PA 223 -44.27 80.02 -46.16
CA THR PA 223 -45.70 80.24 -45.95
C THR PA 223 -46.14 81.58 -46.55
N SER PA 224 -45.38 82.64 -46.27
CA SER PA 224 -45.74 83.97 -46.76
C SER PA 224 -45.69 84.01 -48.29
N ALA PA 225 -44.69 83.36 -48.89
CA ALA PA 225 -44.57 83.35 -50.33
C ALA PA 225 -45.75 82.63 -50.98
N GLU PA 226 -46.16 81.49 -50.41
CA GLU PA 226 -47.32 80.79 -50.96
C GLU PA 226 -48.58 81.64 -50.85
N ASN PA 227 -48.80 82.28 -49.69
CA ASN PA 227 -50.00 83.09 -49.53
C ASN PA 227 -50.03 84.27 -50.49
N LEU PA 228 -48.91 84.98 -50.64
CA LEU PA 228 -48.87 86.11 -51.57
C LEU PA 228 -48.99 85.63 -53.01
N THR PA 229 -48.47 84.45 -53.33
CA THR PA 229 -48.64 83.89 -54.67
C THR PA 229 -50.10 83.64 -54.95
N ALA PA 230 -50.83 83.07 -53.98
CA ALA PA 230 -52.27 82.88 -54.14
C ALA PA 230 -52.98 84.20 -54.38
N ALA PA 231 -52.64 85.21 -53.56
CA ALA PA 231 -53.26 86.52 -53.71
C ALA PA 231 -53.01 87.11 -55.10
N GLU PA 232 -51.75 87.07 -55.55
CA GLU PA 232 -51.40 87.63 -56.86
C GLU PA 232 -52.08 86.87 -57.98
N SER PA 233 -52.19 85.55 -57.84
CA SER PA 233 -52.90 84.75 -58.84
C SER PA 233 -54.36 85.17 -58.92
N ARG PA 234 -55.01 85.32 -57.77
CA ARG PA 234 -56.42 85.70 -57.77
C ARG PA 234 -56.61 87.11 -58.31
N ILE PA 235 -55.62 87.99 -58.12
CA ILE PA 235 -55.75 89.35 -58.63
C ILE PA 235 -55.59 89.37 -60.15
N ARG PA 236 -54.46 88.86 -60.64
CA ARG PA 236 -54.05 89.08 -62.02
C ARG PA 236 -54.44 87.96 -62.98
N ASP PA 237 -54.30 86.70 -62.58
CA ASP PA 237 -54.62 85.60 -63.49
C ASP PA 237 -56.12 85.54 -63.75
N THR PA 238 -56.47 84.92 -64.88
CA THR PA 238 -57.84 84.87 -65.35
C THR PA 238 -58.38 83.45 -65.26
N ASP PA 239 -59.69 83.33 -65.02
CA ASP PA 239 -60.37 82.05 -65.04
C ASP PA 239 -60.71 81.69 -66.47
N MET PA 240 -60.28 80.50 -66.90
CA MET PA 240 -60.45 80.09 -68.29
C MET PA 240 -61.92 79.94 -68.66
N ALA PA 241 -62.72 79.43 -67.72
CA ALA PA 241 -64.11 79.11 -68.03
C ALA PA 241 -64.92 80.36 -68.33
N ALA PA 242 -64.76 81.42 -67.53
CA ALA PA 242 -65.52 82.64 -67.73
C ALA PA 242 -65.16 83.30 -69.07
N GLU PA 243 -63.87 83.35 -69.38
CA GLU PA 243 -63.45 83.94 -70.65
C GLU PA 243 -63.89 83.10 -71.84
N MET PA 244 -63.92 81.77 -71.69
CA MET PA 244 -64.45 80.91 -72.73
C MET PA 244 -65.93 81.21 -72.96
N MET PA 245 -66.70 81.32 -71.89
CA MET PA 245 -68.10 81.70 -71.99
C MET PA 245 -68.27 83.01 -72.75
N ALA PA 246 -67.53 84.04 -72.32
CA ALA PA 246 -67.65 85.35 -72.95
C ALA PA 246 -67.26 85.31 -74.42
N PHE PA 247 -66.22 84.54 -74.76
CA PHE PA 247 -65.76 84.46 -76.13
C PHE PA 247 -66.78 83.78 -77.02
N THR PA 248 -67.37 82.68 -76.55
CA THR PA 248 -68.42 82.01 -77.31
C THR PA 248 -69.62 82.93 -77.51
N LYS PA 249 -70.02 83.62 -76.45
CA LYS PA 249 -71.13 84.58 -76.54
C LYS PA 249 -70.85 85.64 -77.60
N ASN PA 250 -69.65 86.23 -77.56
CA ASN PA 250 -69.32 87.29 -78.49
C ASN PA 250 -69.24 86.77 -79.93
N ASN PA 251 -68.76 85.54 -80.13
CA ASN PA 251 -68.77 84.96 -81.48
C ASN PA 251 -70.19 84.80 -81.99
N ILE PA 252 -71.09 84.29 -81.15
CA ILE PA 252 -72.48 84.11 -81.57
C ILE PA 252 -73.10 85.45 -81.93
N LEU PA 253 -72.81 86.48 -81.13
CA LEU PA 253 -73.33 87.82 -81.42
C LEU PA 253 -72.75 88.37 -82.73
N THR PA 254 -71.48 88.10 -82.98
CA THR PA 254 -70.85 88.53 -84.23
C THR PA 254 -71.54 87.89 -85.43
N GLN PA 255 -71.81 86.58 -85.34
CA GLN PA 255 -72.50 85.89 -86.43
C GLN PA 255 -73.90 86.46 -86.65
N ALA PA 256 -74.62 86.71 -85.54
CA ALA PA 256 -75.95 87.30 -85.64
C ALA PA 256 -75.91 88.65 -86.34
N ALA PA 257 -74.96 89.50 -85.96
CA ALA PA 257 -74.85 90.82 -86.58
C ALA PA 257 -74.46 90.71 -88.05
N GLN PA 258 -73.62 89.72 -88.39
CA GLN PA 258 -73.27 89.50 -89.79
C GLN PA 258 -74.50 89.18 -90.61
N SER PA 259 -75.32 88.23 -90.14
CA SER PA 259 -76.54 87.88 -90.86
C SER PA 259 -77.49 89.06 -90.95
N MET PA 260 -77.62 89.83 -89.86
CA MET PA 260 -78.51 90.99 -89.87
C MET PA 260 -78.04 92.02 -90.89
N LEU PA 261 -76.73 92.22 -91.02
CA LEU PA 261 -76.22 93.17 -91.99
C LEU PA 261 -76.44 92.67 -93.41
N ALA PA 262 -76.25 91.37 -93.64
CA ALA PA 262 -76.53 90.80 -94.95
C ALA PA 262 -77.99 91.01 -95.33
N GLN PA 263 -78.90 90.93 -94.36
CA GLN PA 263 -80.30 91.21 -94.65
C GLN PA 263 -80.55 92.69 -94.92
N ALA PA 264 -79.98 93.56 -94.06
CA ALA PA 264 -80.20 94.99 -94.19
C ALA PA 264 -79.67 95.54 -95.50
N ASN PA 265 -78.61 94.95 -96.04
CA ASN PA 265 -78.11 95.39 -97.33
C ASN PA 265 -79.08 95.05 -98.46
N GLN PA 266 -79.80 93.94 -98.34
CA GLN PA 266 -80.79 93.55 -99.33
C GLN PA 266 -82.13 94.25 -99.16
N GLN PA 267 -82.41 94.78 -97.97
CA GLN PA 267 -83.69 95.43 -97.71
C GLN PA 267 -84.04 96.55 -98.69
N PRO PA 268 -83.14 97.50 -99.00
CA PRO PA 268 -83.53 98.56 -99.95
C PRO PA 268 -83.43 98.14 -101.42
N GLN PA 269 -84.50 97.49 -101.89
CA GLN PA 269 -84.63 97.10 -103.30
C GLN PA 269 -86.04 97.48 -103.74
N GLY PA 270 -86.19 98.72 -104.21
CA GLY PA 270 -87.44 99.22 -104.73
C GLY PA 270 -87.30 99.56 -106.21
N VAL PA 271 -86.52 98.76 -106.93
CA VAL PA 271 -86.33 98.99 -108.35
C VAL PA 271 -87.58 98.61 -109.13
N LEU PA 272 -88.43 97.75 -108.58
CA LEU PA 272 -89.66 97.38 -109.28
C LEU PA 272 -90.69 98.51 -109.31
N GLN PA 273 -90.50 99.59 -108.54
CA GLN PA 273 -91.31 100.77 -108.76
C GLN PA 273 -91.11 101.30 -110.17
N LEU PA 274 -89.86 101.46 -110.57
CA LEU PA 274 -89.51 102.18 -111.78
C LEU PA 274 -89.78 101.35 -113.02
N LEU PA 275 -89.09 100.22 -113.16
CA LEU PA 275 -89.18 99.37 -114.33
C LEU PA 275 -90.33 98.38 -114.17
N GLN PA 276 -90.49 97.49 -115.15
CA GLN PA 276 -91.52 96.47 -115.06
C GLN PA 276 -91.27 95.40 -116.12
N MET QA 1 -64.72 103.44 -122.55
CA MET QA 1 -65.57 104.01 -121.49
C MET QA 1 -66.75 103.20 -120.92
N ARG QA 2 -67.48 102.45 -121.76
CA ARG QA 2 -68.68 101.75 -121.33
C ARG QA 2 -68.60 100.24 -121.52
N ILE QA 3 -68.28 99.79 -122.73
CA ILE QA 3 -68.49 98.39 -123.12
C ILE QA 3 -67.17 97.71 -123.44
N GLN QA 4 -66.44 98.26 -124.41
CA GLN QA 4 -65.28 97.60 -124.98
C GLN QA 4 -64.19 97.29 -123.95
N HIS QA 5 -64.15 98.03 -122.84
CA HIS QA 5 -63.14 97.83 -121.81
C HIS QA 5 -63.80 97.98 -120.45
N ASN QA 6 -63.45 97.10 -119.52
CA ASN QA 6 -64.01 97.08 -118.16
C ASN QA 6 -62.85 97.03 -117.17
N ILE QA 7 -62.42 98.22 -116.72
CA ILE QA 7 -61.12 98.33 -116.04
C ILE QA 7 -61.18 97.77 -114.62
N ALA QA 8 -62.34 97.86 -113.97
CA ALA QA 8 -62.51 97.31 -112.63
C ALA QA 8 -62.21 95.82 -112.62
N ALA QA 9 -62.71 95.10 -113.63
CA ALA QA 9 -62.47 93.67 -113.71
C ALA QA 9 -60.99 93.37 -113.95
N LEU QA 10 -60.28 94.21 -114.71
CA LEU QA 10 -58.84 94.04 -114.89
C LEU QA 10 -58.10 94.17 -113.56
N ASN QA 11 -58.42 95.22 -112.81
CA ASN QA 11 -57.77 95.41 -111.50
C ASN QA 11 -58.07 94.23 -110.58
N THR QA 12 -59.31 93.77 -110.56
CA THR QA 12 -59.69 92.63 -109.73
C THR QA 12 -58.92 91.38 -110.14
N HIS QA 13 -58.74 91.18 -111.46
CA HIS QA 13 -57.99 90.03 -111.94
C HIS QA 13 -56.54 90.10 -111.49
N ARG QA 14 -55.92 91.28 -111.59
CA ARG QA 14 -54.56 91.48 -111.10
C ARG QA 14 -54.44 91.07 -109.64
N ASN QA 15 -55.31 91.63 -108.79
CA ASN QA 15 -55.23 91.35 -107.36
C ASN QA 15 -55.46 89.87 -107.07
N LEU QA 16 -56.39 89.25 -107.80
CA LEU QA 16 -56.66 87.83 -107.63
C LEU QA 16 -55.43 86.99 -107.96
N ALA QA 17 -54.77 87.31 -109.08
CA ALA QA 17 -53.55 86.59 -109.44
C ALA QA 17 -52.47 86.74 -108.38
N ALA QA 18 -52.31 87.96 -107.86
CA ALA QA 18 -51.31 88.18 -106.81
C ALA QA 18 -51.62 87.35 -105.56
N ASN QA 19 -52.88 87.34 -105.14
CA ASN QA 19 -53.25 86.56 -103.95
C ASN QA 19 -53.01 85.07 -104.17
N ASN QA 20 -53.35 84.57 -105.36
CA ASN QA 20 -53.11 83.16 -105.66
C ASN QA 20 -51.62 82.83 -105.60
N ALA QA 21 -50.78 83.72 -106.15
CA ALA QA 21 -49.35 83.49 -106.12
C ALA QA 21 -48.83 83.45 -104.68
N ALA QA 22 -49.28 84.37 -103.84
CA ALA QA 22 -48.83 84.39 -102.45
C ALA QA 22 -49.26 83.12 -101.71
N ALA QA 23 -50.50 82.68 -101.95
CA ALA QA 23 -50.97 81.45 -101.32
C ALA QA 23 -50.16 80.25 -101.77
N SER QA 24 -49.78 80.21 -103.06
CA SER QA 24 -48.95 79.13 -103.56
C SER QA 24 -47.57 79.12 -102.89
N LYS QA 25 -46.98 80.31 -102.72
CA LYS QA 25 -45.69 80.39 -102.02
C LYS QA 25 -45.83 79.87 -100.59
N ASN QA 26 -46.92 80.22 -99.91
CA ASN QA 26 -47.11 79.73 -98.54
C ASN QA 26 -47.28 78.23 -98.51
N LEU QA 27 -47.99 77.67 -99.49
CA LEU QA 27 -48.13 76.22 -99.58
C LEU QA 27 -46.77 75.56 -99.76
N GLU QA 28 -45.93 76.13 -100.62
CA GLU QA 28 -44.57 75.61 -100.81
C GLU QA 28 -43.81 75.60 -99.49
N LYS QA 29 -43.85 76.72 -98.77
CA LYS QA 29 -43.11 76.81 -97.50
C LYS QA 29 -43.65 75.83 -96.46
N LEU QA 30 -44.95 75.55 -96.49
CA LEU QA 30 -45.53 74.64 -95.50
C LEU QA 30 -45.24 73.19 -95.83
N SER QA 31 -45.33 72.82 -97.10
CA SER QA 31 -45.05 71.44 -97.49
C SER QA 31 -43.57 71.12 -97.35
N SER QA 32 -42.69 72.05 -97.74
CA SER QA 32 -41.26 71.79 -97.68
C SER QA 32 -40.76 71.74 -96.25
N GLY QA 33 -41.35 72.54 -95.37
CA GLY QA 33 -40.85 72.69 -94.03
C GLY QA 33 -39.68 73.64 -93.88
N PHE QA 34 -39.23 74.27 -94.97
CA PHE QA 34 -38.13 75.22 -94.96
C PHE QA 34 -38.63 76.58 -95.42
N LYS QA 35 -38.08 77.63 -94.81
CA LYS QA 35 -38.45 78.99 -95.15
C LYS QA 35 -37.73 79.51 -96.38
N ILE QA 36 -36.60 78.89 -96.75
CA ILE QA 36 -35.77 79.34 -97.87
C ILE QA 36 -35.59 78.14 -98.78
N ASN QA 37 -36.39 78.08 -99.85
CA ASN QA 37 -36.26 77.06 -100.87
C ASN QA 37 -35.55 77.55 -102.12
N ARG QA 38 -35.49 78.86 -102.33
CA ARG QA 38 -34.79 79.48 -103.44
C ARG QA 38 -33.92 80.60 -102.91
N ALA QA 39 -32.99 81.07 -103.74
CA ALA QA 39 -32.17 82.20 -103.36
C ALA QA 39 -32.94 83.51 -103.43
N GLY QA 40 -33.99 83.58 -104.24
CA GLY QA 40 -34.85 84.76 -104.24
C GLY QA 40 -35.55 84.98 -102.92
N ASP QA 41 -35.80 83.90 -102.17
CA ASP QA 41 -36.37 84.04 -100.84
C ASP QA 41 -35.47 84.88 -99.94
N ASP QA 42 -34.19 84.52 -99.87
CA ASP QA 42 -33.25 85.23 -99.01
C ASP QA 42 -31.84 84.84 -99.43
N ALA QA 43 -31.07 85.83 -99.90
CA ALA QA 43 -29.72 85.55 -100.37
C ALA QA 43 -28.74 85.37 -99.20
N ALA QA 44 -28.68 86.35 -98.30
CA ALA QA 44 -27.85 86.25 -97.10
C ALA QA 44 -28.60 85.45 -96.05
N GLY QA 45 -28.23 84.18 -95.91
CA GLY QA 45 -28.95 83.24 -95.09
C GLY QA 45 -28.96 81.88 -95.76
N LEU QA 46 -29.07 81.86 -97.09
CA LEU QA 46 -28.81 80.63 -97.83
C LEU QA 46 -27.37 80.20 -97.67
N ALA QA 47 -26.43 81.13 -97.92
CA ALA QA 47 -25.02 80.84 -97.74
C ALA QA 47 -24.70 80.46 -96.30
N ILE QA 48 -25.27 81.18 -95.34
CA ILE QA 48 -25.03 80.90 -93.93
C ILE QA 48 -25.55 79.52 -93.58
N SER QA 49 -26.72 79.15 -94.10
CA SER QA 49 -27.29 77.83 -93.84
C SER QA 49 -26.41 76.73 -94.42
N GLU QA 50 -25.88 76.94 -95.63
CA GLU QA 50 -25.04 75.93 -96.24
C GLU QA 50 -23.74 75.75 -95.46
N LYS QA 51 -23.09 76.85 -95.08
CA LYS QA 51 -21.88 76.76 -94.28
C LYS QA 51 -22.16 76.07 -92.94
N MET QA 52 -23.29 76.40 -92.31
CA MET QA 52 -23.61 75.80 -91.02
C MET QA 52 -23.90 74.32 -91.16
N ARG QA 53 -24.55 73.92 -92.26
CA ARG QA 53 -24.77 72.50 -92.52
C ARG QA 53 -23.45 71.76 -92.69
N GLY QA 54 -22.52 72.36 -93.45
CA GLY QA 54 -21.21 71.77 -93.59
C GLY QA 54 -20.52 71.60 -92.25
N GLN QA 55 -20.57 72.64 -91.42
CA GLN QA 55 -19.94 72.57 -90.11
C GLN QA 55 -20.58 71.51 -89.22
N ILE QA 56 -21.91 71.39 -89.29
CA ILE QA 56 -22.62 70.39 -88.47
C ILE QA 56 -22.20 68.99 -88.88
N SER QA 57 -22.21 68.72 -90.18
CA SER QA 57 -21.78 67.40 -90.66
C SER QA 57 -20.34 67.12 -90.27
N GLY QA 58 -19.46 68.10 -90.43
CA GLY QA 58 -18.07 67.92 -90.05
C GLY QA 58 -17.90 67.64 -88.56
N LEU QA 59 -18.67 68.34 -87.72
CA LEU QA 59 -18.55 68.16 -86.28
C LEU QA 59 -19.04 66.78 -85.85
N ASN QA 60 -20.15 66.33 -86.43
CA ASN QA 60 -20.64 64.99 -86.11
C ASN QA 60 -19.66 63.91 -86.57
N MET QA 61 -19.13 64.06 -87.78
CA MET QA 61 -18.14 63.09 -88.25
C MET QA 61 -16.87 63.14 -87.42
N ALA QA 62 -16.50 64.31 -86.91
CA ALA QA 62 -15.33 64.41 -86.04
C ALA QA 62 -15.58 63.73 -84.70
N SER QA 63 -16.80 63.84 -84.18
CA SER QA 63 -17.17 63.09 -82.98
C SER QA 63 -17.01 61.58 -83.21
N LYS QA 64 -17.51 61.11 -84.36
CA LYS QA 64 -17.36 59.70 -84.72
C LYS QA 64 -15.89 59.30 -84.78
N ASN QA 65 -15.07 60.12 -85.42
CA ASN QA 65 -13.65 59.83 -85.54
C ASN QA 65 -12.96 59.81 -84.18
N SER QA 66 -13.34 60.72 -83.30
CA SER QA 66 -12.75 60.74 -81.95
C SER QA 66 -13.10 59.49 -81.18
N SER QA 67 -14.34 59.01 -81.32
CA SER QA 67 -14.72 57.76 -80.68
C SER QA 67 -13.91 56.59 -81.24
N ASP QA 68 -13.68 56.58 -82.56
CA ASP QA 68 -12.87 55.54 -83.16
C ASP QA 68 -11.45 55.55 -82.60
N ALA QA 69 -10.87 56.74 -82.45
CA ALA QA 69 -9.54 56.87 -81.86
C ALA QA 69 -9.53 56.36 -80.43
N ILE QA 70 -10.58 56.63 -79.66
CA ILE QA 70 -10.67 56.13 -78.29
C ILE QA 70 -10.67 54.60 -78.29
N SER QA 71 -11.38 53.99 -79.25
CA SER QA 71 -11.40 52.54 -79.34
C SER QA 71 -10.01 51.98 -79.61
N LEU QA 72 -9.30 52.58 -80.57
CA LEU QA 72 -7.93 52.19 -80.87
C LEU QA 72 -7.04 52.26 -79.63
N ILE QA 73 -7.11 53.38 -78.90
CA ILE QA 73 -6.26 53.57 -77.74
C ILE QA 73 -6.59 52.55 -76.66
N GLN QA 74 -7.89 52.26 -76.48
CA GLN QA 74 -8.28 51.23 -75.52
C GLN QA 74 -7.70 49.88 -75.90
N THR QA 75 -7.64 49.58 -77.20
CA THR QA 75 -7.03 48.33 -77.65
C THR QA 75 -5.58 48.26 -77.24
N ALA QA 76 -4.83 49.34 -77.48
CA ALA QA 76 -3.41 49.34 -77.13
C ALA QA 76 -3.19 49.21 -75.62
N GLU QA 77 -3.99 49.92 -74.81
CA GLU QA 77 -3.84 49.83 -73.36
C GLU QA 77 -4.15 48.42 -72.87
N GLY QA 78 -5.20 47.80 -73.40
CA GLY QA 78 -5.50 46.43 -73.04
C GLY QA 78 -4.38 45.49 -73.43
N GLY QA 79 -3.71 45.76 -74.54
CA GLY QA 79 -2.54 44.99 -74.91
C GLY QA 79 -1.42 45.11 -73.89
N LEU QA 80 -1.19 46.32 -73.37
CA LEU QA 80 -0.08 46.54 -72.44
C LEU QA 80 -0.37 46.08 -71.02
N ASN QA 81 -1.63 45.90 -70.65
CA ASN QA 81 -1.95 45.36 -69.32
C ASN QA 81 -1.33 43.99 -69.11
N GLU QA 82 -1.40 43.13 -70.13
CA GLU QA 82 -0.83 41.79 -69.98
C GLU QA 82 0.70 41.84 -69.98
N THR QA 83 1.27 42.82 -70.68
CA THR QA 83 2.71 43.07 -70.57
C THR QA 83 3.09 43.35 -69.11
N HIS QA 84 2.36 44.24 -68.45
CA HIS QA 84 2.56 44.48 -67.03
C HIS QA 84 2.52 43.18 -66.22
N ALA QA 85 1.47 42.39 -66.46
CA ALA QA 85 1.27 41.17 -65.67
C ALA QA 85 2.43 40.20 -65.82
N ILE QA 86 2.82 39.89 -67.06
CA ILE QA 86 3.87 38.91 -67.26
C ILE QA 86 5.23 39.48 -66.85
N LEU QA 87 5.41 40.79 -66.90
CA LEU QA 87 6.63 41.38 -66.37
C LEU QA 87 6.72 41.18 -64.86
N GLN QA 88 5.60 41.35 -64.15
CA GLN QA 88 5.58 41.06 -62.71
C GLN QA 88 5.95 39.61 -62.46
N ARG QA 89 5.37 38.69 -63.24
CA ARG QA 89 5.68 37.27 -63.07
C ARG QA 89 7.16 36.99 -63.32
N MET QA 90 7.74 37.62 -64.35
CA MET QA 90 9.15 37.45 -64.66
C MET QA 90 10.04 37.96 -63.54
N ARG QA 91 9.68 39.10 -62.95
CA ARG QA 91 10.44 39.61 -61.82
C ARG QA 91 10.39 38.66 -60.63
N GLU QA 92 9.21 38.10 -60.36
CA GLU QA 92 9.08 37.11 -59.30
C GLU QA 92 9.98 35.91 -59.56
N LEU QA 93 9.97 35.41 -60.80
CA LEU QA 93 10.81 34.29 -61.20
C LEU QA 93 12.30 34.61 -61.02
N ALA QA 94 12.72 35.82 -61.39
CA ALA QA 94 14.13 36.18 -61.22
C ALA QA 94 14.52 36.26 -59.75
N VAL QA 95 13.66 36.85 -58.92
CA VAL QA 95 13.97 36.95 -57.49
C VAL QA 95 14.06 35.56 -56.88
N GLN QA 96 13.23 34.63 -57.34
CA GLN QA 96 13.35 33.25 -56.85
C GLN QA 96 14.60 32.56 -57.38
N SER QA 97 14.92 32.74 -58.65
CA SER QA 97 16.12 32.16 -59.24
C SER QA 97 17.40 32.67 -58.60
N ARG QA 98 17.39 33.88 -58.06
CA ARG QA 98 18.56 34.58 -57.57
C ARG QA 98 19.18 33.92 -56.34
N ASN QA 99 18.39 33.14 -55.59
CA ASN QA 99 18.87 32.51 -54.37
C ASN QA 99 19.73 31.30 -54.66
N ASP QA 100 20.65 30.99 -53.73
CA ASP QA 100 21.61 29.91 -53.90
C ASP QA 100 21.11 28.55 -53.43
N THR QA 101 19.85 28.46 -52.98
CA THR QA 101 19.25 27.16 -52.75
C THR QA 101 19.10 26.38 -54.05
N ASN QA 102 19.01 27.06 -55.18
CA ASN QA 102 18.77 26.42 -56.46
C ASN QA 102 20.08 25.96 -57.07
N ASP QA 103 20.06 24.78 -57.69
CA ASP QA 103 21.23 24.16 -58.28
C ASP QA 103 21.16 24.19 -59.81
N GLU QA 104 22.26 24.60 -60.43
CA GLU QA 104 22.41 24.46 -61.87
C GLU QA 104 22.57 23.00 -62.29
N ALA QA 105 23.10 22.15 -61.40
CA ALA QA 105 23.36 20.76 -61.75
C ALA QA 105 22.05 19.99 -61.98
N THR QA 106 21.14 20.03 -61.00
CA THR QA 106 19.88 19.31 -61.08
C THR QA 106 18.76 20.18 -61.66
N ASN QA 107 19.10 21.16 -62.48
CA ASN QA 107 18.15 21.80 -63.41
C ASN QA 107 17.07 22.59 -62.67
N ASP QA 108 17.43 23.23 -61.55
CA ASP QA 108 16.48 24.05 -60.81
C ASP QA 108 16.21 25.37 -61.53
N ARG QA 109 17.27 26.03 -61.99
CA ARG QA 109 17.12 27.33 -62.65
C ARG QA 109 16.76 27.21 -64.13
N SER QA 110 17.08 26.09 -64.78
CA SER QA 110 16.72 25.95 -66.19
C SER QA 110 15.22 25.84 -66.38
N ASN QA 111 14.48 25.37 -65.38
CA ASN QA 111 13.02 25.38 -65.48
C ASN QA 111 12.45 26.79 -65.35
N LEU QA 112 13.02 27.60 -64.46
CA LEU QA 112 12.61 28.99 -64.40
C LEU QA 112 12.99 29.73 -65.66
N ASN QA 113 14.09 29.31 -66.31
CA ASN QA 113 14.47 29.88 -67.59
C ASN QA 113 13.53 29.44 -68.71
N ASP QA 114 13.06 28.19 -68.67
CA ASP QA 114 11.98 27.75 -69.57
C ASP QA 114 10.77 28.69 -69.45
N GLU QA 115 10.32 28.90 -68.21
CA GLU QA 115 9.21 29.82 -67.95
C GLU QA 115 9.49 31.22 -68.48
N LEU QA 116 10.69 31.72 -68.21
CA LEU QA 116 11.06 33.07 -68.63
C LEU QA 116 11.10 33.20 -70.16
N LYS QA 117 11.65 32.20 -70.84
CA LYS QA 117 11.70 32.24 -72.30
C LYS QA 117 10.30 32.22 -72.90
N GLN QA 118 9.39 31.42 -72.32
CA GLN QA 118 8.02 31.42 -72.83
C GLN QA 118 7.35 32.77 -72.61
N LEU QA 119 7.61 33.40 -71.46
CA LEU QA 119 7.02 34.72 -71.21
C LEU QA 119 7.63 35.78 -72.13
N GLN QA 120 8.90 35.62 -72.52
CA GLN QA 120 9.50 36.55 -73.47
C GLN QA 120 8.93 36.36 -74.87
N GLU QA 121 8.65 35.13 -75.26
CA GLU QA 121 7.96 34.92 -76.53
C GLU QA 121 6.57 35.53 -76.49
N GLU QA 122 5.91 35.50 -75.34
CA GLU QA 122 4.57 36.09 -75.24
C GLU QA 122 4.64 37.62 -75.26
N ILE QA 123 5.61 38.23 -74.60
CA ILE QA 123 5.73 39.69 -74.63
C ILE QA 123 6.04 40.17 -76.05
N THR QA 124 6.80 39.39 -76.83
CA THR QA 124 6.99 39.76 -78.24
C THR QA 124 5.74 39.52 -79.07
N ARG QA 125 5.02 38.44 -78.78
CA ARG QA 125 3.81 38.09 -79.53
C ARG QA 125 2.75 39.17 -79.38
N ILE QA 126 2.53 39.66 -78.16
CA ILE QA 126 1.53 40.70 -77.95
C ILE QA 126 1.91 41.95 -78.72
N SER QA 127 3.21 42.24 -78.81
CA SER QA 127 3.68 43.41 -79.57
C SER QA 127 3.30 43.28 -81.03
N SER QA 128 3.78 42.23 -81.70
CA SER QA 128 3.64 42.12 -83.15
C SER QA 128 2.49 41.21 -83.59
N GLN QA 129 1.44 41.08 -82.78
CA GLN QA 129 0.18 40.48 -83.22
C GLN QA 129 -1.03 41.28 -82.72
N MET QA 130 -0.83 42.56 -82.41
CA MET QA 130 -1.90 43.46 -82.01
C MET QA 130 -2.30 44.31 -83.20
N GLU QA 131 -3.60 44.48 -83.42
CA GLU QA 131 -4.03 45.25 -84.60
C GLU QA 131 -5.43 45.79 -84.40
N PHE QA 132 -5.70 46.92 -85.04
CA PHE QA 132 -7.00 47.56 -85.08
C PHE QA 132 -7.26 47.91 -86.54
N ASN QA 133 -8.20 47.20 -87.16
CA ASN QA 133 -8.56 47.44 -88.55
C ASN QA 133 -7.38 47.14 -89.48
N ASN QA 134 -6.66 46.06 -89.19
CA ASN QA 134 -5.49 45.66 -89.98
C ASN QA 134 -4.40 46.72 -89.92
N LYS QA 135 -4.01 47.08 -88.70
CA LYS QA 135 -3.03 48.13 -88.47
C LYS QA 135 -2.19 47.75 -87.25
N LYS QA 136 -0.95 47.33 -87.49
CA LYS QA 136 -0.06 46.97 -86.40
C LYS QA 136 0.31 48.22 -85.61
N LEU QA 137 0.13 48.16 -84.29
CA LEU QA 137 0.28 49.30 -83.40
C LEU QA 137 1.59 49.31 -82.62
N LEU QA 138 1.92 48.20 -81.97
CA LEU QA 138 3.04 48.13 -81.02
C LEU QA 138 4.29 47.51 -81.63
N ASP QA 139 4.59 47.85 -82.88
CA ASP QA 139 5.73 47.28 -83.60
C ASP QA 139 6.78 48.33 -83.90
N GLY QA 140 6.37 49.59 -83.97
CA GLY QA 140 7.16 50.67 -84.53
C GLY QA 140 6.65 51.22 -85.85
N SER QA 141 5.46 50.79 -86.30
CA SER QA 141 4.91 51.35 -87.53
C SER QA 141 4.56 52.82 -87.36
N GLN QA 142 3.96 53.17 -86.24
CA GLN QA 142 3.52 54.54 -85.98
C GLN QA 142 4.60 55.39 -85.32
N SER QA 143 5.71 54.79 -84.90
CA SER QA 143 6.78 55.55 -84.26
C SER QA 143 7.57 56.40 -85.25
N THR QA 144 7.36 56.21 -86.56
CA THR QA 144 8.11 56.95 -87.56
C THR QA 144 7.44 58.29 -87.88
N ASN QA 145 6.14 58.26 -88.19
CA ASN QA 145 5.38 59.45 -88.56
C ASN QA 145 4.24 59.73 -87.58
N GLY QA 146 3.43 58.74 -87.28
CA GLY QA 146 2.39 58.86 -86.28
C GLY QA 146 0.99 58.80 -86.88
N LEU QA 147 0.03 58.47 -86.02
CA LEU QA 147 -1.38 58.43 -86.40
C LEU QA 147 -2.00 59.81 -86.21
N THR QA 148 -2.71 60.27 -87.22
CA THR QA 148 -3.33 61.58 -87.24
C THR QA 148 -4.84 61.45 -87.20
N PHE QA 149 -5.46 62.04 -86.19
CA PHE QA 149 -6.90 62.02 -86.02
C PHE QA 149 -7.47 63.39 -86.34
N GLN QA 150 -8.48 63.41 -87.22
CA GLN QA 150 -9.23 64.60 -87.56
C GLN QA 150 -10.34 64.77 -86.53
N ILE QA 151 -10.19 65.77 -85.66
CA ILE QA 151 -11.13 66.00 -84.57
C ILE QA 151 -11.80 67.35 -84.77
N GLY QA 152 -12.00 67.74 -86.02
CA GLY QA 152 -12.62 69.01 -86.34
C GLY QA 152 -13.17 69.02 -87.75
N ALA QA 153 -14.14 69.90 -87.97
CA ALA QA 153 -14.78 69.98 -89.27
C ALA QA 153 -13.83 70.47 -90.35
N ASN QA 154 -13.03 71.48 -90.04
CA ASN QA 154 -12.17 72.13 -91.03
C ASN QA 154 -10.82 71.45 -91.15
N ALA QA 155 -10.04 71.90 -92.12
CA ALA QA 155 -8.71 71.36 -92.37
C ALA QA 155 -7.71 71.90 -91.35
N GLY QA 156 -6.78 71.04 -90.95
CA GLY QA 156 -5.78 71.38 -89.97
C GLY QA 156 -6.18 71.13 -88.52
N GLN QA 157 -7.47 70.86 -88.26
CA GLN QA 157 -7.95 70.61 -86.91
C GLN QA 157 -7.70 69.14 -86.56
N THR QA 158 -6.42 68.82 -86.40
CA THR QA 158 -5.96 67.45 -86.23
C THR QA 158 -5.15 67.31 -84.96
N ILE QA 159 -4.89 66.06 -84.59
CA ILE QA 159 -3.93 65.74 -83.54
C ILE QA 159 -3.09 64.55 -84.00
N THR QA 160 -1.78 64.65 -83.81
CA THR QA 160 -0.85 63.58 -84.13
C THR QA 160 -0.51 62.80 -82.86
N MET QA 161 -0.21 61.52 -83.05
CA MET QA 161 0.07 60.60 -81.97
C MET QA 161 1.15 59.64 -82.41
N LYS QA 162 1.90 59.11 -81.45
CA LYS QA 162 2.99 58.19 -81.74
C LYS QA 162 3.03 57.12 -80.65
N ILE QA 163 3.34 55.89 -81.08
CA ILE QA 163 3.47 54.75 -80.18
C ILE QA 163 4.80 54.09 -80.48
N SER QA 164 5.56 53.80 -79.43
CA SER QA 164 6.90 53.27 -79.56
C SER QA 164 6.88 51.75 -79.69
N THR QA 165 8.00 51.20 -80.13
CA THR QA 165 8.16 49.75 -80.17
C THR QA 165 8.25 49.23 -78.74
N MET QA 166 7.44 48.22 -78.44
CA MET QA 166 7.29 47.62 -77.12
C MET QA 166 7.62 46.13 -77.15
N SER QA 167 8.66 45.77 -77.90
CA SER QA 167 9.19 44.41 -77.91
C SER QA 167 10.24 44.20 -76.82
N ALA QA 168 10.67 42.96 -76.68
CA ALA QA 168 11.66 42.63 -75.66
C ALA QA 168 13.03 43.20 -76.00
N THR QA 169 13.37 43.28 -77.28
CA THR QA 169 14.67 43.82 -77.68
C THR QA 169 14.80 45.29 -77.31
N LYS QA 170 13.73 46.07 -77.52
CA LYS QA 170 13.81 47.51 -77.27
C LYS QA 170 13.95 47.79 -75.79
N LEU QA 171 13.35 46.96 -74.94
CA LEU QA 171 13.33 47.19 -73.50
C LEU QA 171 14.46 46.49 -72.74
N GLY QA 172 15.40 45.88 -73.46
CA GLY QA 172 16.56 45.27 -72.81
C GLY QA 172 16.21 44.14 -71.88
N VAL QA 173 15.20 43.35 -72.23
CA VAL QA 173 14.75 42.20 -71.44
C VAL QA 173 14.73 40.91 -72.24
N ASP QA 174 15.05 40.96 -73.53
CA ASP QA 174 15.18 39.76 -74.34
C ASP QA 174 16.22 38.80 -73.76
N ALA QA 175 16.15 37.54 -74.21
CA ALA QA 175 16.96 36.49 -73.62
C ALA QA 175 18.46 36.71 -73.82
N ALA QA 176 18.86 37.52 -74.79
CA ALA QA 176 20.27 37.82 -74.98
C ALA QA 176 20.87 38.67 -73.86
N LYS QA 177 20.03 39.30 -73.03
CA LYS QA 177 20.53 40.16 -71.96
C LYS QA 177 19.77 39.99 -70.65
N ALA QA 178 18.87 39.00 -70.53
CA ALA QA 178 18.06 38.83 -69.33
C ALA QA 178 17.89 37.36 -68.95
N SER QA 179 18.88 36.52 -69.24
CA SER QA 179 18.81 35.14 -68.79
C SER QA 179 18.87 35.08 -67.27
N ILE QA 180 18.35 33.99 -66.72
CA ILE QA 180 18.46 33.69 -65.30
C ILE QA 180 19.06 32.30 -65.13
N SER QA 181 19.91 31.89 -66.08
CA SER QA 181 20.69 30.67 -65.92
C SER QA 181 21.54 30.72 -64.67
N LYS QA 182 22.22 31.84 -64.44
CA LYS QA 182 23.15 31.98 -63.33
C LYS QA 182 22.46 32.69 -62.16
N GLY QA 183 23.21 32.89 -61.09
CA GLY QA 183 22.79 33.76 -60.01
C GLY QA 183 23.09 35.22 -60.33
N THR QA 184 24.21 35.44 -61.03
CA THR QA 184 24.61 36.81 -61.36
C THR QA 184 23.64 37.44 -62.36
N ALA QA 185 23.22 36.67 -63.36
CA ALA QA 185 22.36 37.23 -64.41
C ALA QA 185 21.00 37.65 -63.88
N ALA QA 186 20.50 36.96 -62.85
CA ALA QA 186 19.23 37.36 -62.24
C ALA QA 186 19.32 38.73 -61.58
N SER QA 187 20.50 39.06 -61.03
CA SER QA 187 20.73 40.39 -60.47
C SER QA 187 20.45 41.48 -61.49
N LYS QA 188 21.04 41.36 -62.68
CA LYS QA 188 20.78 42.34 -63.73
C LYS QA 188 19.37 42.22 -64.26
N ALA QA 189 18.81 41.01 -64.27
CA ALA QA 189 17.47 40.80 -64.82
C ALA QA 189 16.42 41.54 -63.99
N ILE QA 190 16.60 41.59 -62.67
CA ILE QA 190 15.65 42.29 -61.82
C ILE QA 190 15.59 43.77 -62.18
N LYS QA 191 16.76 44.41 -62.27
CA LYS QA 191 16.81 45.83 -62.63
C LYS QA 191 16.27 46.06 -64.04
N SER QA 192 16.61 45.15 -64.95
CA SER QA 192 16.15 45.25 -66.34
C SER QA 192 14.63 45.20 -66.40
N ILE QA 193 14.03 44.31 -65.62
CA ILE QA 193 12.57 44.16 -65.59
C ILE QA 193 11.93 45.38 -64.95
N ASP QA 194 12.54 45.95 -63.91
CA ASP QA 194 12.02 47.18 -63.32
C ASP QA 194 12.01 48.32 -64.33
N ASP QA 195 13.12 48.48 -65.07
CA ASP QA 195 13.18 49.52 -66.08
C ASP QA 195 12.10 49.32 -67.14
N ALA QA 196 11.88 48.07 -67.55
CA ALA QA 196 10.85 47.79 -68.55
C ALA QA 196 9.46 48.12 -68.03
N ILE QA 197 9.17 47.76 -66.77
CA ILE QA 197 7.87 48.07 -66.18
C ILE QA 197 7.64 49.58 -66.16
N ASN QA 198 8.67 50.34 -65.76
CA ASN QA 198 8.53 51.81 -65.72
C ASN QA 198 8.28 52.37 -67.12
N THR QA 199 9.01 51.86 -68.12
CA THR QA 199 8.84 52.35 -69.48
C THR QA 199 7.44 52.08 -70.00
N VAL QA 200 6.91 50.88 -69.76
CA VAL QA 200 5.59 50.57 -70.31
C VAL QA 200 4.50 51.32 -69.53
N SER QA 201 4.73 51.59 -68.24
CA SER QA 201 3.83 52.48 -67.51
C SER QA 201 3.81 53.88 -68.11
N LYS QA 202 4.99 54.39 -68.48
CA LYS QA 202 5.08 55.69 -69.12
C LYS QA 202 4.27 55.72 -70.42
N THR QA 203 4.43 54.68 -71.25
CA THR QA 203 3.68 54.63 -72.51
C THR QA 203 2.18 54.56 -72.27
N ARG QA 204 1.74 53.76 -71.29
CA ARG QA 204 0.32 53.69 -70.98
C ARG QA 204 -0.22 55.05 -70.54
N SER QA 205 0.55 55.77 -69.72
CA SER QA 205 0.15 57.13 -69.32
C SER QA 205 -0.01 58.02 -70.54
N ALA QA 206 0.95 57.94 -71.47
CA ALA QA 206 0.89 58.76 -72.68
C ALA QA 206 -0.37 58.47 -73.49
N LEU QA 207 -0.80 57.21 -73.53
CA LEU QA 207 -2.04 56.88 -74.24
C LEU QA 207 -3.27 57.40 -73.51
N GLY QA 208 -3.32 57.19 -72.19
CA GLY QA 208 -4.48 57.61 -71.44
C GLY QA 208 -4.71 59.10 -71.44
N ALA QA 209 -3.62 59.88 -71.51
CA ALA QA 209 -3.76 61.33 -71.61
C ALA QA 209 -4.53 61.72 -72.87
N VAL QA 210 -4.19 61.12 -74.01
CA VAL QA 210 -4.86 61.43 -75.26
C VAL QA 210 -6.32 60.98 -75.21
N GLN QA 211 -6.58 59.84 -74.56
CA GLN QA 211 -7.95 59.39 -74.37
C GLN QA 211 -8.78 60.44 -73.62
N ASN QA 212 -8.24 60.89 -72.48
CA ASN QA 212 -8.96 61.88 -71.67
C ASN QA 212 -9.15 63.19 -72.42
N ARG QA 213 -8.18 63.57 -73.25
CA ARG QA 213 -8.34 64.76 -74.09
C ARG QA 213 -9.49 64.56 -75.08
N LEU QA 214 -9.55 63.40 -75.73
CA LEU QA 214 -10.57 63.17 -76.74
C LEU QA 214 -11.97 63.17 -76.15
N GLU QA 215 -12.11 62.76 -74.88
CA GLU QA 215 -13.41 62.84 -74.24
C GLU QA 215 -13.94 64.28 -74.18
N HIS QA 216 -13.11 65.19 -73.65
CA HIS QA 216 -13.47 66.61 -73.61
C HIS QA 216 -13.74 67.15 -75.01
N THR QA 217 -12.93 66.73 -75.98
CA THR QA 217 -13.15 67.14 -77.36
C THR QA 217 -14.53 66.72 -77.86
N ILE QA 218 -14.95 65.50 -77.53
CA ILE QA 218 -16.26 65.01 -77.96
C ILE QA 218 -17.36 65.85 -77.33
N ASN QA 219 -17.22 66.15 -76.04
CA ASN QA 219 -18.23 66.98 -75.36
C ASN QA 219 -18.35 68.35 -76.05
N ASN QA 220 -17.22 69.00 -76.32
CA ASN QA 220 -17.25 70.30 -76.97
C ASN QA 220 -17.86 70.22 -78.36
N LEU QA 221 -17.54 69.16 -79.12
CA LEU QA 221 -18.10 69.00 -80.45
C LEU QA 221 -19.61 68.85 -80.39
N GLY QA 222 -20.12 68.06 -79.44
CA GLY QA 222 -21.56 67.91 -79.31
C GLY QA 222 -22.25 69.22 -78.99
N THR QA 223 -21.69 69.97 -78.04
CA THR QA 223 -22.27 71.27 -77.69
C THR QA 223 -22.30 72.21 -78.89
N SER QA 224 -21.18 72.31 -79.61
CA SER QA 224 -21.11 73.20 -80.76
C SER QA 224 -22.08 72.77 -81.85
N ALA QA 225 -22.21 71.46 -82.08
CA ALA QA 225 -23.13 70.98 -83.09
C ALA QA 225 -24.57 71.32 -82.75
N GLU QA 226 -24.96 71.13 -81.48
CA GLU QA 226 -26.31 71.48 -81.08
C GLU QA 226 -26.58 72.98 -81.26
N ASN QA 227 -25.62 73.83 -80.84
CA ASN QA 227 -25.82 75.27 -80.97
C ASN QA 227 -25.95 75.69 -82.43
N LEU QA 228 -25.06 75.19 -83.30
CA LEU QA 228 -25.16 75.55 -84.70
C LEU QA 228 -26.41 74.98 -85.36
N THR QA 229 -26.87 73.81 -84.89
CA THR QA 229 -28.12 73.27 -85.40
C THR QA 229 -29.29 74.18 -85.04
N ALA QA 230 -29.31 74.69 -83.81
CA ALA QA 230 -30.33 75.65 -83.41
C ALA QA 230 -30.29 76.89 -84.28
N ALA QA 231 -29.08 77.43 -84.50
CA ALA QA 231 -28.92 78.62 -85.33
C ALA QA 231 -29.44 78.37 -86.75
N GLU QA 232 -29.04 77.25 -87.36
CA GLU QA 232 -29.46 76.95 -88.73
C GLU QA 232 -30.96 76.75 -88.81
N SER QA 233 -31.54 76.11 -87.79
CA SER QA 233 -32.99 75.94 -87.75
C SER QA 233 -33.69 77.30 -87.71
N ARG QA 234 -33.22 78.20 -86.85
CA ARG QA 234 -33.85 79.50 -86.76
C ARG QA 234 -33.67 80.31 -88.03
N ILE QA 235 -32.57 80.10 -88.76
CA ILE QA 235 -32.36 80.84 -90.00
C ILE QA 235 -33.27 80.31 -91.10
N ARG QA 236 -33.20 79.01 -91.38
CA ARG QA 236 -33.80 78.44 -92.59
C ARG QA 236 -35.18 77.84 -92.38
N ASP QA 237 -35.42 77.12 -91.28
CA ASP QA 237 -36.72 76.50 -91.08
C ASP QA 237 -37.78 77.56 -90.83
N THR QA 238 -39.03 77.18 -91.10
CA THR QA 238 -40.17 78.09 -91.03
C THR QA 238 -41.07 77.72 -89.86
N ASP QA 239 -41.71 78.74 -89.29
CA ASP QA 239 -42.71 78.53 -88.26
C ASP QA 239 -44.05 78.20 -88.91
N MET QA 240 -44.64 77.07 -88.50
CA MET QA 240 -45.86 76.60 -89.14
C MET QA 240 -47.02 77.55 -88.91
N ALA QA 241 -47.09 78.14 -87.72
CA ALA QA 241 -48.25 78.95 -87.35
C ALA QA 241 -48.34 80.21 -88.21
N ALA QA 242 -47.21 80.91 -88.40
CA ALA QA 242 -47.23 82.14 -89.18
C ALA QA 242 -47.60 81.87 -90.63
N GLU QA 243 -47.06 80.80 -91.22
CA GLU QA 243 -47.39 80.48 -92.60
C GLU QA 243 -48.83 80.03 -92.73
N MET QA 244 -49.36 79.33 -91.73
CA MET QA 244 -50.77 78.97 -91.71
C MET QA 244 -51.65 80.22 -91.71
N MET QA 245 -51.30 81.18 -90.84
CA MET QA 245 -52.01 82.46 -90.80
C MET QA 245 -52.01 83.13 -92.17
N ALA QA 246 -50.82 83.25 -92.77
CA ALA QA 246 -50.71 83.92 -94.07
C ALA QA 246 -51.49 83.19 -95.14
N PHE QA 247 -51.46 81.86 -95.12
CA PHE QA 247 -52.17 81.08 -96.13
C PHE QA 247 -53.67 81.25 -96.02
N THR QA 248 -54.20 81.21 -94.79
CA THR QA 248 -55.64 81.44 -94.59
C THR QA 248 -56.03 82.84 -95.04
N LYS QA 249 -55.23 83.84 -94.68
CA LYS QA 249 -55.48 85.21 -95.11
C LYS QA 249 -55.53 85.32 -96.63
N ASN QA 250 -54.55 84.73 -97.32
CA ASN QA 250 -54.50 84.82 -98.77
C ASN QA 250 -55.66 84.08 -99.42
N ASN QA 251 -56.09 82.96 -98.84
CA ASN QA 251 -57.27 82.27 -99.37
C ASN QA 251 -58.51 83.14 -99.25
N ILE QA 252 -58.70 83.77 -98.09
CA ILE QA 252 -59.87 84.63 -97.90
C ILE QA 252 -59.83 85.79 -98.90
N LEU QA 253 -58.65 86.36 -99.13
CA LEU QA 253 -58.53 87.44 -100.09
C LEU QA 253 -58.82 86.95 -101.51
N THR QA 254 -58.38 85.74 -101.84
CA THR QA 254 -58.67 85.16 -103.15
C THR QA 254 -60.17 85.01 -103.36
N GLN QA 255 -60.87 84.50 -102.35
CA GLN QA 255 -62.32 84.35 -102.45
C GLN QA 255 -63.01 85.70 -102.62
N ALA QA 256 -62.57 86.70 -101.86
CA ALA QA 256 -63.12 88.04 -101.97
C ALA QA 256 -62.94 88.59 -103.38
N ALA QA 257 -61.74 88.44 -103.94
CA ALA QA 257 -61.49 88.93 -105.29
C ALA QA 257 -62.30 88.17 -106.32
N GLN QA 258 -62.51 86.87 -106.12
CA GLN QA 258 -63.35 86.09 -107.01
C GLN QA 258 -64.77 86.63 -107.04
N SER QA 259 -65.35 86.86 -105.87
CA SER QA 259 -66.71 87.41 -105.80
C SER QA 259 -66.76 88.80 -106.42
N MET QA 260 -65.75 89.63 -106.17
CA MET QA 260 -65.72 90.98 -106.73
C MET QA 260 -65.67 90.94 -108.25
N LEU QA 261 -64.91 89.99 -108.81
CA LEU QA 261 -64.83 89.87 -110.25
C LEU QA 261 -66.14 89.37 -110.84
N ALA QA 262 -66.79 88.42 -110.16
CA ALA QA 262 -68.11 87.96 -110.60
C ALA QA 262 -69.10 89.11 -110.63
N GLN QA 263 -69.01 90.03 -109.68
CA GLN QA 263 -69.88 91.20 -109.70
C GLN QA 263 -69.50 92.16 -110.82
N ALA QA 264 -68.20 92.45 -110.97
CA ALA QA 264 -67.75 93.40 -111.97
C ALA QA 264 -68.07 92.95 -113.39
N ASN QA 265 -68.10 91.64 -113.63
CA ASN QA 265 -68.48 91.16 -114.95
C ASN QA 265 -69.96 91.41 -115.24
N GLN QA 266 -70.80 91.38 -114.22
CA GLN QA 266 -72.23 91.65 -114.38
C GLN QA 266 -72.55 93.13 -114.40
N GLN QA 267 -71.66 93.97 -113.86
CA GLN QA 267 -71.93 95.41 -113.80
C GLN QA 267 -72.26 96.05 -115.14
N PRO QA 268 -71.51 95.81 -116.24
CA PRO QA 268 -71.89 96.46 -117.51
C PRO QA 268 -73.02 95.74 -118.25
N GLN QA 269 -74.25 96.08 -117.87
CA GLN QA 269 -75.45 95.58 -118.54
C GLN QA 269 -76.38 96.77 -118.73
N GLY QA 270 -76.21 97.46 -119.86
CA GLY QA 270 -77.05 98.58 -120.23
C GLY QA 270 -77.81 98.26 -121.51
N VAL QA 271 -78.20 97.00 -121.67
CA VAL QA 271 -78.96 96.61 -122.85
C VAL QA 271 -80.38 97.15 -122.81
N LEU QA 272 -80.90 97.47 -121.62
CA LEU QA 272 -82.24 98.03 -121.54
C LEU QA 272 -82.33 99.46 -122.07
N GLN QA 273 -81.20 100.13 -122.31
CA GLN QA 273 -81.27 101.38 -123.06
C GLN QA 273 -81.86 101.14 -124.44
N LEU QA 274 -81.34 100.14 -125.14
CA LEU QA 274 -81.62 99.96 -126.55
C LEU QA 274 -83.00 99.36 -126.78
N LEU QA 275 -83.21 98.14 -126.28
CA LEU QA 275 -84.45 97.42 -126.50
C LEU QA 275 -85.46 97.79 -125.41
N GLN QA 276 -86.62 97.14 -125.44
CA GLN QA 276 -87.63 97.39 -124.41
C GLN QA 276 -88.70 96.29 -124.48
N MET RA 1 -74.01 78.62 -141.07
CA MET RA 1 -73.53 79.88 -140.51
C MET RA 1 -74.20 80.50 -139.25
N ARG RA 2 -75.52 80.40 -139.13
CA ARG RA 2 -76.26 81.06 -138.05
C ARG RA 2 -77.04 80.08 -137.19
N ILE RA 3 -77.89 79.24 -137.80
CA ILE RA 3 -78.92 78.51 -137.07
C ILE RA 3 -78.70 77.01 -137.16
N GLN RA 4 -78.67 76.50 -138.39
CA GLN RA 4 -78.69 75.06 -138.64
C GLN RA 4 -77.52 74.33 -138.00
N HIS RA 5 -76.40 75.01 -137.75
CA HIS RA 5 -75.23 74.40 -137.15
C HIS RA 5 -74.61 75.36 -136.15
N ASN RA 6 -74.20 74.83 -135.00
CA ASN RA 6 -73.62 75.61 -133.91
C ASN RA 6 -72.30 74.96 -133.50
N ILE RA 7 -71.19 75.41 -134.10
CA ILE RA 7 -69.95 74.66 -134.05
C ILE RA 7 -69.28 74.77 -132.67
N ALA RA 8 -69.47 75.90 -131.98
CA ALA RA 8 -68.93 76.07 -130.65
C ALA RA 8 -69.44 75.00 -129.70
N ALA RA 9 -70.74 74.70 -129.79
CA ALA RA 9 -71.33 73.67 -128.94
C ALA RA 9 -70.77 72.29 -129.28
N LEU RA 10 -70.49 72.03 -130.55
CA LEU RA 10 -69.86 70.75 -130.93
C LEU RA 10 -68.48 70.62 -130.30
N ASN RA 11 -67.66 71.66 -130.41
CA ASN RA 11 -66.33 71.62 -129.80
C ASN RA 11 -66.42 71.42 -128.29
N THR RA 12 -67.35 72.13 -127.65
CA THR RA 12 -67.53 72.00 -126.21
C THR RA 12 -67.95 70.58 -125.84
N HIS RA 13 -68.83 69.97 -126.65
CA HIS RA 13 -69.25 68.60 -126.41
C HIS RA 13 -68.09 67.63 -126.51
N ARG RA 14 -67.25 67.81 -127.54
CA ARG RA 14 -66.04 66.99 -127.69
C ARG RA 14 -65.18 67.06 -126.44
N ASN RA 15 -64.85 68.28 -126.01
CA ASN RA 15 -63.97 68.44 -124.86
C ASN RA 15 -64.61 67.87 -123.59
N LEU RA 16 -65.91 68.04 -123.43
CA LEU RA 16 -66.62 67.48 -122.28
C LEU RA 16 -66.52 65.96 -122.27
N ALA RA 17 -66.74 65.32 -123.41
CA ALA RA 17 -66.63 63.87 -123.50
C ALA RA 17 -65.22 63.41 -123.15
N ALA RA 18 -64.20 64.11 -123.65
CA ALA RA 18 -62.83 63.75 -123.33
C ALA RA 18 -62.54 63.84 -121.84
N ASN RA 19 -62.99 64.93 -121.21
CA ASN RA 19 -62.76 65.10 -119.78
C ASN RA 19 -63.47 64.00 -118.97
N ASN RA 20 -64.71 63.66 -119.36
CA ASN RA 20 -65.42 62.60 -118.69
C ASN RA 20 -64.68 61.27 -118.81
N ALA RA 21 -64.16 60.98 -120.00
CA ALA RA 21 -63.41 59.73 -120.19
C ALA RA 21 -62.17 59.70 -119.30
N ALA RA 22 -61.43 60.81 -119.24
CA ALA RA 22 -60.24 60.84 -118.40
C ALA RA 22 -60.59 60.65 -116.93
N ALA RA 23 -61.65 61.29 -116.47
CA ALA RA 23 -62.08 61.13 -115.08
C ALA RA 23 -62.47 59.68 -114.79
N SER RA 24 -63.13 59.02 -115.75
CA SER RA 24 -63.50 57.63 -115.56
C SER RA 24 -62.25 56.74 -115.47
N LYS RA 25 -61.25 56.99 -116.30
CA LYS RA 25 -60.00 56.24 -116.21
C LYS RA 25 -59.36 56.42 -114.84
N ASN RA 26 -59.35 57.66 -114.33
CA ASN RA 26 -58.77 57.90 -113.01
C ASN RA 26 -59.56 57.18 -111.92
N LEU RA 27 -60.89 57.15 -112.04
CA LEU RA 27 -61.70 56.41 -111.08
C LEU RA 27 -61.36 54.92 -111.10
N GLU RA 28 -61.18 54.36 -112.30
CA GLU RA 28 -60.77 52.98 -112.42
C GLU RA 28 -59.45 52.73 -111.71
N LYS RA 29 -58.46 53.59 -111.95
CA LYS RA 29 -57.15 53.40 -111.33
C LYS RA 29 -57.21 53.55 -109.81
N LEU RA 30 -58.11 54.39 -109.30
CA LEU RA 30 -58.19 54.60 -107.87
C LEU RA 30 -58.93 53.45 -107.18
N SER RA 31 -60.01 52.96 -107.79
CA SER RA 31 -60.75 51.86 -107.19
C SER RA 31 -59.96 50.56 -107.26
N SER RA 32 -59.28 50.31 -108.39
CA SER RA 32 -58.54 49.07 -108.54
C SER RA 32 -57.31 49.04 -107.64
N GLY RA 33 -56.69 50.18 -107.43
CA GLY RA 33 -55.42 50.24 -106.73
C GLY RA 33 -54.21 49.92 -107.58
N PHE RA 34 -54.40 49.63 -108.87
CA PHE RA 34 -53.31 49.32 -109.79
C PHE RA 34 -53.28 50.36 -110.91
N LYS RA 35 -52.07 50.70 -111.34
CA LYS RA 35 -51.87 51.67 -112.40
C LYS RA 35 -52.04 51.07 -113.78
N ILE RA 36 -51.93 49.75 -113.91
CA ILE RA 36 -51.99 49.05 -115.19
C ILE RA 36 -53.07 47.98 -115.06
N ASN RA 37 -54.27 48.28 -115.55
CA ASN RA 37 -55.36 47.32 -115.59
C ASN RA 37 -55.57 46.71 -116.97
N ARG RA 38 -55.05 47.36 -118.01
CA ARG RA 38 -55.11 46.86 -119.39
C ARG RA 38 -53.73 46.98 -120.00
N ALA RA 39 -53.54 46.30 -121.13
CA ALA RA 39 -52.27 46.41 -121.84
C ALA RA 39 -52.16 47.74 -122.59
N GLY RA 40 -53.28 48.37 -122.91
CA GLY RA 40 -53.22 49.70 -123.49
C GLY RA 40 -52.63 50.73 -122.56
N ASP RA 41 -52.78 50.51 -121.25
CA ASP RA 41 -52.15 51.40 -120.27
C ASP RA 41 -50.63 51.41 -120.45
N ASP RA 42 -50.02 50.23 -120.49
CA ASP RA 42 -48.58 50.14 -120.61
C ASP RA 42 -48.22 48.72 -121.01
N ALA RA 43 -47.63 48.55 -122.19
CA ALA RA 43 -47.30 47.21 -122.69
C ALA RA 43 -46.04 46.68 -122.01
N ALA RA 44 -44.94 47.43 -122.07
CA ALA RA 44 -43.70 47.05 -121.39
C ALA RA 44 -43.80 47.45 -119.92
N GLY RA 45 -44.07 46.48 -119.07
CA GLY RA 45 -44.38 46.73 -117.68
C GLY RA 45 -45.47 45.78 -117.22
N LEU RA 46 -46.44 45.49 -118.09
CA LEU RA 46 -47.36 44.40 -117.84
C LEU RA 46 -46.62 43.06 -117.81
N ALA RA 47 -45.82 42.80 -118.85
CA ALA RA 47 -45.02 41.59 -118.90
C ALA RA 47 -44.06 41.51 -117.72
N ILE RA 48 -43.40 42.63 -117.41
CA ILE RA 48 -42.45 42.66 -116.31
C ILE RA 48 -43.15 42.37 -114.99
N SER RA 49 -44.34 42.93 -114.80
CA SER RA 49 -45.11 42.69 -113.59
C SER RA 49 -45.51 41.23 -113.47
N GLU RA 50 -45.92 40.61 -114.57
CA GLU RA 50 -46.32 39.21 -114.53
C GLU RA 50 -45.13 38.31 -114.21
N LYS RA 51 -43.99 38.54 -114.86
CA LYS RA 51 -42.80 37.75 -114.55
C LYS RA 51 -42.37 37.95 -113.10
N MET RA 52 -42.45 39.18 -112.60
CA MET RA 52 -42.05 39.44 -111.22
C MET RA 52 -43.00 38.77 -110.23
N ARG RA 53 -44.30 38.75 -110.55
CA ARG RA 53 -45.26 38.05 -109.71
C ARG RA 53 -44.96 36.56 -109.67
N GLY RA 54 -44.66 35.98 -110.84
CA GLY RA 54 -44.27 34.58 -110.88
C GLY RA 54 -43.05 34.30 -110.03
N GLN RA 55 -42.03 35.17 -110.13
CA GLN RA 55 -40.82 34.99 -109.34
C GLN RA 55 -41.09 35.13 -107.86
N ILE RA 56 -41.96 36.07 -107.47
CA ILE RA 56 -42.27 36.27 -106.05
C ILE RA 56 -42.96 35.03 -105.49
N SER RA 57 -43.97 34.53 -106.20
CA SER RA 57 -44.67 33.32 -105.75
C SER RA 57 -43.71 32.15 -105.66
N GLY RA 58 -42.84 31.98 -106.67
CA GLY RA 58 -41.87 30.90 -106.62
C GLY RA 58 -40.90 31.01 -105.47
N LEU RA 59 -40.46 32.23 -105.17
CA LEU RA 59 -39.50 32.43 -104.08
C LEU RA 59 -40.14 32.14 -102.73
N ASN RA 60 -41.38 32.59 -102.52
CA ASN RA 60 -42.06 32.30 -101.27
C ASN RA 60 -42.31 30.80 -101.12
N MET RA 61 -42.75 30.14 -102.19
CA MET RA 61 -42.96 28.70 -102.12
C MET RA 61 -41.64 27.95 -101.89
N ALA RA 62 -40.54 28.47 -102.43
CA ALA RA 62 -39.24 27.85 -102.20
C ALA RA 62 -38.79 28.03 -100.76
N SER RA 63 -39.10 29.17 -100.15
CA SER RA 63 -38.86 29.36 -98.73
C SER RA 63 -39.62 28.33 -97.91
N LYS RA 64 -40.90 28.13 -98.25
CA LYS RA 64 -41.72 27.11 -97.58
C LYS RA 64 -41.10 25.72 -97.72
N ASN RA 65 -40.66 25.38 -98.94
CA ASN RA 65 -40.07 24.08 -99.20
C ASN RA 65 -38.77 23.90 -98.41
N SER RA 66 -37.96 24.95 -98.33
CA SER RA 66 -36.71 24.87 -97.57
C SER RA 66 -36.98 24.62 -96.10
N SER RA 67 -38.00 25.29 -95.55
CA SER RA 67 -38.38 25.03 -94.17
C SER RA 67 -38.83 23.59 -93.96
N ASP RA 68 -39.60 23.06 -94.93
CA ASP RA 68 -40.02 21.66 -94.85
C ASP RA 68 -38.82 20.72 -94.83
N ALA RA 69 -37.84 20.99 -95.69
CA ALA RA 69 -36.61 20.20 -95.70
C ALA RA 69 -35.88 20.27 -94.37
N ILE RA 70 -35.84 21.46 -93.77
CA ILE RA 70 -35.21 21.61 -92.46
C ILE RA 70 -35.92 20.74 -91.43
N SER RA 71 -37.25 20.68 -91.49
CA SER RA 71 -38.01 19.85 -90.56
C SER RA 71 -37.65 18.38 -90.73
N LEU RA 72 -37.60 17.91 -91.98
CA LEU RA 72 -37.20 16.54 -92.28
C LEU RA 72 -35.81 16.23 -91.70
N ILE RA 73 -34.85 17.12 -91.94
CA ILE RA 73 -33.48 16.88 -91.48
C ILE RA 73 -33.44 16.84 -89.96
N GLN RA 74 -34.18 17.73 -89.30
CA GLN RA 74 -34.25 17.70 -87.85
C GLN RA 74 -34.80 16.38 -87.34
N THR RA 75 -35.79 15.82 -88.05
CA THR RA 75 -36.33 14.51 -87.67
C THR RA 75 -35.23 13.46 -87.71
N ALA RA 76 -34.46 13.43 -88.80
CA ALA RA 76 -33.41 12.42 -88.93
C ALA RA 76 -32.33 12.57 -87.85
N GLU RA 77 -31.92 13.82 -87.59
CA GLU RA 77 -30.90 14.04 -86.56
C GLU RA 77 -31.40 13.62 -85.18
N GLY RA 78 -32.66 13.94 -84.85
CA GLY RA 78 -33.22 13.47 -83.60
C GLY RA 78 -33.28 11.96 -83.52
N GLY RA 79 -33.51 11.31 -84.65
CA GLY RA 79 -33.44 9.86 -84.68
C GLY RA 79 -32.06 9.33 -84.34
N LEU RA 80 -31.02 9.99 -84.87
CA LEU RA 80 -29.65 9.49 -84.67
C LEU RA 80 -29.07 9.84 -83.30
N ASN RA 81 -29.63 10.83 -82.59
CA ASN RA 81 -29.17 11.12 -81.24
C ASN RA 81 -29.32 9.91 -80.32
N GLU RA 82 -30.44 9.20 -80.40
CA GLU RA 82 -30.64 8.03 -79.56
C GLU RA 82 -29.74 6.88 -79.98
N THR RA 83 -29.41 6.81 -81.28
CA THR RA 83 -28.40 5.86 -81.74
C THR RA 83 -27.08 6.11 -81.03
N HIS RA 84 -26.63 7.37 -80.99
CA HIS RA 84 -25.44 7.73 -80.21
C HIS RA 84 -25.53 7.24 -78.78
N ALA RA 85 -26.66 7.54 -78.12
CA ALA RA 85 -26.82 7.21 -76.70
C ALA RA 85 -26.71 5.71 -76.45
N ILE RA 86 -27.46 4.91 -77.20
CA ILE RA 86 -27.45 3.48 -76.94
C ILE RA 86 -26.13 2.86 -77.39
N LEU RA 87 -25.44 3.46 -78.36
CA LEU RA 87 -24.11 2.98 -78.71
C LEU RA 87 -23.13 3.21 -77.56
N GLN RA 88 -23.22 4.36 -76.90
CA GLN RA 88 -22.41 4.60 -75.70
C GLN RA 88 -22.70 3.55 -74.64
N ARG RA 89 -23.98 3.27 -74.41
CA ARG RA 89 -24.35 2.26 -73.41
C ARG RA 89 -23.80 0.90 -73.77
N MET RA 90 -23.86 0.53 -75.06
CA MET RA 90 -23.34 -0.76 -75.52
C MET RA 90 -21.84 -0.85 -75.33
N ARG RA 91 -21.11 0.23 -75.60
CA ARG RA 91 -19.67 0.25 -75.36
C ARG RA 91 -19.36 0.05 -73.88
N GLU RA 92 -20.12 0.73 -73.01
CA GLU RA 92 -19.94 0.55 -71.57
C GLU RA 92 -20.16 -0.90 -71.18
N LEU RA 93 -21.22 -1.51 -71.70
CA LEU RA 93 -21.53 -2.92 -71.43
C LEU RA 93 -20.40 -3.84 -71.90
N ALA RA 94 -19.85 -3.58 -73.09
CA ALA RA 94 -18.75 -4.41 -73.58
C ALA RA 94 -17.51 -4.27 -72.72
N VAL RA 95 -17.16 -3.05 -72.32
CA VAL RA 95 -15.99 -2.84 -71.48
C VAL RA 95 -16.16 -3.55 -70.15
N GLN RA 96 -17.39 -3.56 -69.62
CA GLN RA 96 -17.63 -4.31 -68.38
C GLN RA 96 -17.58 -5.82 -68.60
N SER RA 97 -18.18 -6.30 -69.68
CA SER RA 97 -18.16 -7.72 -70.01
C SER RA 97 -16.75 -8.25 -70.24
N ARG RA 98 -15.83 -7.40 -70.68
CA ARG RA 98 -14.50 -7.79 -71.11
C ARG RA 98 -13.62 -8.31 -69.97
N ASN RA 99 -13.94 -7.94 -68.74
CA ASN RA 99 -13.13 -8.34 -67.59
C ASN RA 99 -13.40 -9.79 -67.19
N ASP RA 100 -12.39 -10.42 -66.58
CA ASP RA 100 -12.45 -11.83 -66.21
C ASP RA 100 -13.05 -12.09 -64.84
N THR RA 101 -13.52 -11.04 -64.16
CA THR RA 101 -14.33 -11.24 -62.95
C THR RA 101 -15.64 -11.93 -63.27
N ASN RA 102 -16.14 -11.77 -64.50
CA ASN RA 102 -17.44 -12.30 -64.88
C ASN RA 102 -17.30 -13.75 -65.34
N ASP RA 103 -18.28 -14.57 -64.94
CA ASP RA 103 -18.29 -15.99 -65.24
C ASP RA 103 -19.34 -16.33 -66.29
N GLU RA 104 -18.94 -17.11 -67.29
CA GLU RA 104 -19.89 -17.70 -68.22
C GLU RA 104 -20.76 -18.76 -67.55
N ALA RA 105 -20.26 -19.42 -66.51
CA ALA RA 105 -21.00 -20.51 -65.87
C ALA RA 105 -22.25 -19.99 -65.19
N THR RA 106 -22.09 -19.01 -64.30
CA THR RA 106 -23.21 -18.45 -63.55
C THR RA 106 -23.84 -17.25 -64.23
N ASN RA 107 -23.74 -17.17 -65.56
CA ASN RA 107 -24.61 -16.33 -66.38
C ASN RA 107 -24.37 -14.84 -66.13
N ASP RA 108 -23.11 -14.45 -65.88
CA ASP RA 108 -22.78 -13.04 -65.68
C ASP RA 108 -22.80 -12.28 -67.01
N ARG RA 109 -22.20 -12.84 -68.04
CA ARG RA 109 -22.12 -12.17 -69.34
C ARG RA 109 -23.38 -12.35 -70.18
N SER RA 110 -24.15 -13.41 -69.95
CA SER RA 110 -25.37 -13.60 -70.74
C SER RA 110 -26.43 -12.54 -70.41
N ASN RA 111 -26.39 -11.97 -69.21
CA ASN RA 111 -27.29 -10.86 -68.91
C ASN RA 111 -26.87 -9.58 -69.63
N LEU RA 112 -25.57 -9.32 -69.71
CA LEU RA 112 -25.11 -8.18 -70.51
C LEU RA 112 -25.40 -8.41 -71.98
N ASN RA 113 -25.40 -9.67 -72.42
CA ASN RA 113 -25.78 -9.99 -73.78
C ASN RA 113 -27.28 -9.81 -74.02
N ASP RA 114 -28.11 -10.14 -73.01
CA ASP RA 114 -29.53 -9.79 -73.07
C ASP RA 114 -29.71 -8.29 -73.31
N GLU RA 115 -29.03 -7.49 -72.49
CA GLU RA 115 -29.08 -6.04 -72.64
C GLU RA 115 -28.62 -5.60 -74.02
N LEU RA 116 -27.51 -6.17 -74.49
CA LEU RA 116 -26.95 -5.81 -75.79
C LEU RA 116 -27.89 -6.17 -76.94
N LYS RA 117 -28.51 -7.36 -76.88
CA LYS RA 117 -29.44 -7.76 -77.91
C LYS RA 117 -30.66 -6.84 -77.95
N GLN RA 118 -31.17 -6.45 -76.78
CA GLN RA 118 -32.30 -5.51 -76.78
C GLN RA 118 -31.90 -4.16 -77.37
N LEU RA 119 -30.69 -3.69 -77.07
CA LEU RA 119 -30.25 -2.42 -77.65
C LEU RA 119 -30.01 -2.53 -79.14
N GLN RA 120 -29.62 -3.71 -79.64
CA GLN RA 120 -29.48 -3.90 -81.07
C GLN RA 120 -30.84 -3.95 -81.77
N GLU RA 121 -31.84 -4.55 -81.13
CA GLU RA 121 -33.18 -4.47 -81.69
C GLU RA 121 -33.67 -3.03 -81.71
N GLU RA 122 -33.29 -2.23 -80.71
CA GLU RA 122 -33.72 -0.82 -80.71
C GLU RA 122 -32.99 -0.01 -81.78
N ILE RA 123 -31.69 -0.25 -81.99
CA ILE RA 123 -30.98 0.50 -83.03
C ILE RA 123 -31.52 0.15 -84.42
N THR RA 124 -31.97 -1.09 -84.62
CA THR RA 124 -32.63 -1.42 -85.90
C THR RA 124 -34.03 -0.81 -85.98
N ARG RA 125 -34.76 -0.78 -84.85
CA ARG RA 125 -36.11 -0.25 -84.83
C ARG RA 125 -36.13 1.24 -85.18
N ILE RA 126 -35.19 2.01 -84.61
CA ILE RA 126 -35.14 3.44 -84.92
C ILE RA 126 -34.87 3.64 -86.41
N SER RA 127 -34.05 2.78 -86.99
CA SER RA 127 -33.74 2.87 -88.41
C SER RA 127 -35.00 2.70 -89.25
N SER RA 128 -35.66 1.54 -89.11
CA SER RA 128 -36.77 1.21 -90.01
C SER RA 128 -38.14 1.47 -89.40
N GLN RA 129 -38.27 2.43 -88.48
CA GLN RA 129 -39.57 2.94 -88.06
C GLN RA 129 -39.56 4.46 -87.93
N MET RA 130 -38.64 5.13 -88.65
CA MET RA 130 -38.56 6.58 -88.70
C MET RA 130 -39.20 7.05 -89.99
N GLU RA 131 -40.02 8.10 -89.92
CA GLU RA 131 -40.69 8.55 -91.15
C GLU RA 131 -41.12 10.00 -91.01
N PHE RA 132 -41.17 10.68 -92.15
CA PHE RA 132 -41.65 12.05 -92.29
C PHE RA 132 -42.62 12.06 -93.46
N ASN RA 133 -43.91 12.22 -93.16
CA ASN RA 133 -44.95 12.25 -94.19
C ASN RA 133 -45.02 10.93 -94.93
N ASN RA 134 -44.92 9.82 -94.19
CA ASN RA 134 -44.98 8.48 -94.76
C ASN RA 134 -43.80 8.24 -95.71
N LYS RA 135 -42.58 8.48 -95.22
CA LYS RA 135 -41.37 8.37 -96.02
C LYS RA 135 -40.26 7.83 -95.14
N LYS RA 136 -39.90 6.57 -95.35
CA LYS RA 136 -38.83 5.97 -94.58
C LYS RA 136 -37.49 6.61 -94.98
N LEU RA 137 -36.74 7.07 -93.98
CA LEU RA 137 -35.52 7.85 -94.18
C LEU RA 137 -34.25 7.04 -93.98
N LEU RA 138 -34.13 6.32 -92.87
CA LEU RA 138 -32.89 5.67 -92.46
C LEU RA 138 -32.86 4.19 -92.78
N ASP RA 139 -33.36 3.81 -93.96
CA ASP RA 139 -33.47 2.40 -94.36
C ASP RA 139 -32.58 2.10 -95.54
N GLY RA 140 -32.27 3.12 -96.34
CA GLY RA 140 -31.69 2.97 -97.65
C GLY RA 140 -32.61 3.33 -98.80
N SER RA 141 -33.80 3.88 -98.53
CA SER RA 141 -34.69 4.30 -99.61
C SER RA 141 -34.09 5.45 -100.40
N GLN RA 142 -33.52 6.43 -99.71
CA GLN RA 142 -32.96 7.61 -100.35
C GLN RA 142 -31.50 7.44 -100.74
N SER RA 143 -30.86 6.34 -100.33
CA SER RA 143 -29.46 6.12 -100.67
C SER RA 143 -29.27 5.72 -102.14
N THR RA 144 -30.36 5.43 -102.85
CA THR RA 144 -30.25 4.99 -104.24
C THR RA 144 -30.24 6.18 -105.20
N ASN RA 145 -31.20 7.10 -105.06
CA ASN RA 145 -31.33 8.27 -105.92
C ASN RA 145 -31.20 9.58 -105.15
N GLY RA 146 -31.93 9.73 -104.05
CA GLY RA 146 -31.79 10.87 -103.17
C GLY RA 146 -33.02 11.77 -103.19
N LEU RA 147 -33.16 12.55 -102.13
CA LEU RA 147 -34.25 13.52 -102.00
C LEU RA 147 -33.83 14.84 -102.64
N THR RA 148 -34.71 15.38 -103.47
CA THR RA 148 -34.46 16.60 -104.22
C THR RA 148 -35.37 17.71 -103.69
N PHE RA 149 -34.77 18.81 -103.24
CA PHE RA 149 -35.49 19.96 -102.75
C PHE RA 149 -35.41 21.10 -103.74
N GLN RA 150 -36.56 21.65 -104.10
CA GLN RA 150 -36.66 22.83 -104.96
C GLN RA 150 -36.54 24.06 -104.06
N ILE RA 151 -35.40 24.75 -104.18
CA ILE RA 151 -35.10 25.91 -103.35
C ILE RA 151 -34.98 27.14 -104.23
N GLY RA 152 -35.77 27.17 -105.31
CA GLY RA 152 -35.74 28.29 -106.22
C GLY RA 152 -37.00 28.34 -107.05
N ALA RA 153 -37.29 29.54 -107.56
CA ALA RA 153 -38.50 29.74 -108.34
C ALA RA 153 -38.45 28.99 -109.66
N ASN RA 154 -37.31 29.02 -110.34
CA ASN RA 154 -37.18 28.46 -111.68
C ASN RA 154 -36.81 26.99 -111.65
N ALA RA 155 -36.80 26.38 -112.83
CA ALA RA 155 -36.45 24.98 -112.97
C ALA RA 155 -34.95 24.78 -112.90
N GLY RA 156 -34.54 23.68 -112.27
CA GLY RA 156 -33.14 23.36 -112.08
C GLY RA 156 -32.52 23.92 -110.82
N GLN RA 157 -33.21 24.83 -110.13
CA GLN RA 157 -32.69 25.42 -108.90
C GLN RA 157 -33.01 24.49 -107.73
N THR RA 158 -32.30 23.35 -107.73
CA THR RA 158 -32.57 22.25 -106.81
C THR RA 158 -31.31 21.89 -106.04
N ILE RA 159 -31.50 21.08 -105.00
CA ILE RA 159 -30.39 20.44 -104.32
C ILE RA 159 -30.76 18.98 -104.05
N THR RA 160 -29.84 18.07 -104.32
CA THR RA 160 -30.02 16.66 -104.05
C THR RA 160 -29.33 16.29 -102.75
N MET RA 161 -29.88 15.28 -102.09
CA MET RA 161 -29.42 14.82 -100.78
C MET RA 161 -29.55 13.31 -100.72
N LYS RA 162 -28.71 12.70 -99.90
CA LYS RA 162 -28.70 11.25 -99.74
C LYS RA 162 -28.47 10.90 -98.28
N ILE RA 163 -29.14 9.85 -97.83
CA ILE RA 163 -28.99 9.33 -96.47
C ILE RA 163 -28.72 7.85 -96.57
N SER RA 164 -27.73 7.37 -95.84
CA SER RA 164 -27.29 5.99 -95.92
C SER RA 164 -28.09 5.10 -94.98
N THR RA 165 -28.00 3.80 -95.20
CA THR RA 165 -28.60 2.84 -94.29
C THR RA 165 -27.84 2.86 -92.97
N MET RA 166 -28.57 3.00 -91.86
CA MET RA 166 -28.05 3.13 -90.51
C MET RA 166 -28.59 2.02 -89.62
N SER RA 167 -28.64 0.80 -90.15
CA SER RA 167 -28.99 -0.38 -89.38
C SER RA 167 -27.76 -1.03 -88.76
N ALA RA 168 -27.98 -2.04 -87.92
CA ALA RA 168 -26.88 -2.71 -87.26
C ALA RA 168 -26.06 -3.55 -88.22
N THR RA 169 -26.69 -4.10 -89.26
CA THR RA 169 -25.96 -4.91 -90.23
C THR RA 169 -24.95 -4.08 -91.00
N LYS RA 170 -25.34 -2.86 -91.41
CA LYS RA 170 -24.47 -2.03 -92.21
C LYS RA 170 -23.24 -1.58 -91.43
N LEU RA 171 -23.40 -1.35 -90.13
CA LEU RA 171 -22.35 -0.83 -89.28
C LEU RA 171 -21.51 -1.91 -88.59
N GLY RA 172 -21.74 -3.18 -88.90
CA GLY RA 172 -20.91 -4.25 -88.35
C GLY RA 172 -21.02 -4.38 -86.85
N VAL RA 173 -22.21 -4.13 -86.29
CA VAL RA 173 -22.46 -4.22 -84.86
C VAL RA 173 -23.62 -5.15 -84.53
N ASP RA 174 -24.29 -5.72 -85.54
CA ASP RA 174 -25.32 -6.73 -85.31
C ASP RA 174 -24.77 -7.92 -84.53
N ALA RA 175 -25.69 -8.70 -83.97
CA ALA RA 175 -25.32 -9.78 -83.06
C ALA RA 175 -24.49 -10.86 -83.73
N ALA RA 176 -24.54 -10.98 -85.05
CA ALA RA 176 -23.71 -11.96 -85.75
C ALA RA 176 -22.23 -11.64 -85.72
N LYS RA 177 -21.85 -10.41 -85.35
CA LYS RA 177 -20.44 -10.00 -85.33
C LYS RA 177 -20.08 -9.17 -84.11
N ALA RA 178 -20.98 -9.00 -83.13
CA ALA RA 178 -20.72 -8.15 -81.97
C ALA RA 178 -21.25 -8.74 -80.68
N SER RA 179 -21.26 -10.06 -80.56
CA SER RA 179 -21.64 -10.68 -79.30
C SER RA 179 -20.61 -10.35 -78.22
N ILE RA 180 -21.06 -10.42 -76.97
CA ILE RA 180 -20.17 -10.29 -75.82
C ILE RA 180 -20.36 -11.51 -74.92
N SER RA 181 -20.70 -12.65 -75.51
CA SER RA 181 -20.72 -13.91 -74.78
C SER RA 181 -19.36 -14.21 -74.16
N LYS RA 182 -18.29 -14.04 -74.94
CA LYS RA 182 -16.95 -14.38 -74.51
C LYS RA 182 -16.23 -13.13 -74.00
N GLY RA 183 -14.97 -13.31 -73.60
CA GLY RA 183 -14.10 -12.19 -73.34
C GLY RA 183 -13.45 -11.69 -74.62
N THR RA 184 -13.17 -12.62 -75.54
CA THR RA 184 -12.53 -12.24 -76.80
C THR RA 184 -13.46 -11.39 -77.67
N ALA RA 185 -14.74 -11.76 -77.73
CA ALA RA 185 -15.67 -11.07 -78.61
C ALA RA 185 -15.90 -9.63 -78.17
N ALA RA 186 -15.83 -9.36 -76.87
CA ALA RA 186 -15.96 -7.98 -76.40
C ALA RA 186 -14.82 -7.10 -76.89
N SER RA 187 -13.62 -7.67 -77.04
CA SER RA 187 -12.49 -6.94 -77.60
C SER RA 187 -12.84 -6.38 -78.98
N LYS RA 188 -13.35 -7.22 -79.87
CA LYS RA 188 -13.75 -6.76 -81.19
C LYS RA 188 -14.97 -5.86 -81.11
N ALA RA 189 -15.86 -6.12 -80.15
CA ALA RA 189 -17.10 -5.34 -80.05
C ALA RA 189 -16.81 -3.89 -79.71
N ILE RA 190 -15.79 -3.65 -78.88
CA ILE RA 190 -15.43 -2.27 -78.51
C ILE RA 190 -15.02 -1.49 -79.75
N LYS RA 191 -14.12 -2.04 -80.55
CA LYS RA 191 -13.67 -1.37 -81.77
C LYS RA 191 -14.81 -1.21 -82.76
N SER RA 192 -15.66 -2.24 -82.86
CA SER RA 192 -16.81 -2.19 -83.76
C SER RA 192 -17.76 -1.05 -83.38
N ILE RA 193 -17.98 -0.89 -82.07
CA ILE RA 193 -18.86 0.16 -81.58
C ILE RA 193 -18.25 1.53 -81.81
N ASP RA 194 -16.92 1.65 -81.63
CA ASP RA 194 -16.26 2.92 -81.92
C ASP RA 194 -16.42 3.30 -83.39
N ASP RA 195 -16.19 2.34 -84.29
CA ASP RA 195 -16.36 2.61 -85.71
C ASP RA 195 -17.78 3.05 -86.02
N ALA RA 196 -18.77 2.40 -85.41
CA ALA RA 196 -20.16 2.76 -85.64
C ALA RA 196 -20.46 4.18 -85.15
N ILE RA 197 -19.95 4.53 -83.96
CA ILE RA 197 -20.15 5.89 -83.43
C ILE RA 197 -19.56 6.92 -84.38
N ASN RA 198 -18.35 6.67 -84.88
CA ASN RA 198 -17.73 7.62 -85.81
C ASN RA 198 -18.55 7.76 -87.09
N THR RA 199 -19.04 6.63 -87.62
CA THR RA 199 -19.82 6.68 -88.86
C THR RA 199 -21.11 7.48 -88.67
N VAL RA 200 -21.80 7.26 -87.55
CA VAL RA 200 -23.08 7.97 -87.38
C VAL RA 200 -22.83 9.44 -87.07
N SER RA 201 -21.70 9.76 -86.43
CA SER RA 201 -21.32 11.17 -86.29
C SER RA 201 -21.09 11.82 -87.65
N LYS RA 202 -20.41 11.10 -88.55
CA LYS RA 202 -20.19 11.60 -89.90
C LYS RA 202 -21.51 11.89 -90.60
N THR RA 203 -22.46 10.96 -90.51
CA THR RA 203 -23.76 11.16 -91.15
C THR RA 203 -24.50 12.35 -90.55
N ARG RA 204 -24.47 12.51 -89.23
CA ARG RA 204 -25.10 13.65 -88.59
C ARG RA 204 -24.49 14.97 -89.07
N SER RA 205 -23.16 15.00 -89.20
CA SER RA 205 -22.49 16.19 -89.74
C SER RA 205 -22.98 16.49 -91.15
N ALA RA 206 -23.10 15.46 -91.98
CA ALA RA 206 -23.56 15.64 -93.35
C ALA RA 206 -24.96 16.24 -93.39
N LEU RA 207 -25.82 15.85 -92.45
CA LEU RA 207 -27.16 16.42 -92.40
C LEU RA 207 -27.14 17.87 -91.93
N GLY RA 208 -26.38 18.15 -90.87
CA GLY RA 208 -26.34 19.49 -90.32
C GLY RA 208 -25.79 20.51 -91.29
N ALA RA 209 -24.85 20.10 -92.14
CA ALA RA 209 -24.32 21.00 -93.15
C ALA RA 209 -25.43 21.48 -94.09
N VAL RA 210 -26.28 20.56 -94.54
CA VAL RA 210 -27.36 20.94 -95.45
C VAL RA 210 -28.37 21.82 -94.73
N GLN RA 211 -28.61 21.54 -93.45
CA GLN RA 211 -29.49 22.41 -92.66
C GLN RA 211 -28.96 23.85 -92.63
N ASN RA 212 -27.68 24.01 -92.31
CA ASN RA 212 -27.08 25.34 -92.23
C ASN RA 212 -27.10 26.03 -93.58
N ARG RA 213 -26.92 25.27 -94.67
CA ARG RA 213 -27.03 25.85 -96.00
C ARG RA 213 -28.44 26.37 -96.26
N LEU RA 214 -29.45 25.57 -95.91
CA LEU RA 214 -30.83 25.95 -96.18
C LEU RA 214 -31.23 27.21 -95.41
N GLU RA 215 -30.65 27.42 -94.24
CA GLU RA 215 -30.93 28.65 -93.50
C GLU RA 215 -30.52 29.90 -94.30
N HIS RA 216 -29.27 29.92 -94.76
CA HIS RA 216 -28.78 31.01 -95.60
C HIS RA 216 -29.62 31.15 -96.86
N THR RA 217 -30.02 30.02 -97.46
CA THR RA 217 -30.88 30.05 -98.63
C THR RA 217 -32.19 30.75 -98.34
N ILE RA 218 -32.79 30.47 -97.18
CA ILE RA 218 -34.06 31.10 -96.81
C ILE RA 218 -33.88 32.60 -96.65
N ASN RA 219 -32.79 33.01 -96.01
CA ASN RA 219 -32.53 34.44 -95.85
C ASN RA 219 -32.42 35.13 -97.20
N ASN RA 220 -31.66 34.55 -98.12
CA ASN RA 220 -31.50 35.14 -99.44
C ASN RA 220 -32.82 35.20 -100.19
N LEU RA 221 -33.63 34.14 -100.08
CA LEU RA 221 -34.93 34.13 -100.74
C LEU RA 221 -35.84 35.23 -100.22
N GLY RA 222 -35.86 35.43 -98.90
CA GLY RA 222 -36.66 36.50 -98.33
C GLY RA 222 -36.23 37.87 -98.82
N THR RA 223 -34.92 38.12 -98.81
CA THR RA 223 -34.42 39.40 -99.30
C THR RA 223 -34.80 39.64 -100.75
N SER RA 224 -34.60 38.63 -101.61
CA SER RA 224 -34.92 38.78 -103.02
C SER RA 224 -36.41 39.00 -103.24
N ALA RA 225 -37.25 38.29 -102.47
CA ALA RA 225 -38.69 38.44 -102.61
C ALA RA 225 -39.12 39.85 -102.23
N GLU RA 226 -38.58 40.39 -101.13
CA GLU RA 226 -38.91 41.75 -100.75
C GLU RA 226 -38.49 42.76 -101.82
N ASN RA 227 -37.28 42.61 -102.34
CA ASN RA 227 -36.80 43.55 -103.35
C ASN RA 227 -37.66 43.51 -104.62
N LEU RA 228 -37.96 42.30 -105.11
CA LEU RA 228 -38.80 42.19 -106.29
C LEU RA 228 -40.23 42.66 -106.03
N THR RA 229 -40.72 42.49 -104.81
CA THR RA 229 -42.03 43.02 -104.46
C THR RA 229 -42.04 44.53 -104.54
N ALA RA 230 -40.99 45.17 -104.02
CA ALA RA 230 -40.86 46.62 -104.13
C ALA RA 230 -40.83 47.06 -105.60
N ALA RA 231 -40.05 46.36 -106.41
CA ALA RA 231 -39.96 46.70 -107.83
C ALA RA 231 -41.32 46.58 -108.51
N GLU RA 232 -42.03 45.46 -108.28
CA GLU RA 232 -43.32 45.25 -108.91
C GLU RA 232 -44.34 46.28 -108.44
N SER RA 233 -44.29 46.65 -107.16
CA SER RA 233 -45.17 47.68 -106.64
C SER RA 233 -44.92 49.00 -107.35
N ARG RA 234 -43.65 49.39 -107.48
CA ARG RA 234 -43.34 50.65 -108.14
C ARG RA 234 -43.72 50.62 -109.61
N ILE RA 235 -43.68 49.46 -110.25
CA ILE RA 235 -44.05 49.37 -111.66
C ILE RA 235 -45.56 49.48 -111.83
N ARG RA 236 -46.30 48.61 -111.16
CA ARG RA 236 -47.72 48.43 -111.45
C ARG RA 236 -48.66 49.22 -110.55
N ASP RA 237 -48.39 49.29 -109.25
CA ASP RA 237 -49.30 50.00 -108.36
C ASP RA 237 -49.25 51.49 -108.62
N THR RA 238 -50.32 52.18 -108.23
CA THR RA 238 -50.51 53.59 -108.50
C THR RA 238 -50.40 54.40 -107.21
N ASP RA 239 -49.92 55.64 -107.34
CA ASP RA 239 -49.90 56.57 -106.24
C ASP RA 239 -51.26 57.24 -106.11
N MET RA 240 -51.85 57.16 -104.92
CA MET RA 240 -53.20 57.67 -104.72
C MET RA 240 -53.27 59.18 -104.91
N ALA RA 241 -52.23 59.90 -104.46
CA ALA RA 241 -52.28 61.35 -104.47
C ALA RA 241 -52.32 61.91 -105.89
N ALA RA 242 -51.48 61.38 -106.78
CA ALA RA 242 -51.44 61.88 -108.15
C ALA RA 242 -52.75 61.63 -108.87
N GLU RA 243 -53.34 60.44 -108.69
CA GLU RA 243 -54.61 60.14 -109.34
C GLU RA 243 -55.73 60.97 -108.75
N MET RA 244 -55.68 61.25 -107.45
CA MET RA 244 -56.65 62.15 -106.84
C MET RA 244 -56.57 63.54 -107.45
N MET RA 245 -55.34 64.06 -107.60
CA MET RA 245 -55.12 65.34 -108.25
C MET RA 245 -55.74 65.35 -109.65
N ALA RA 246 -55.40 64.35 -110.46
CA ALA RA 246 -55.89 64.28 -111.83
C ALA RA 246 -57.41 64.18 -111.87
N PHE RA 247 -58.00 63.41 -110.96
CA PHE RA 247 -59.44 63.24 -110.95
C PHE RA 247 -60.16 64.54 -110.60
N THR RA 248 -59.66 65.25 -109.59
CA THR RA 248 -60.24 66.55 -109.24
C THR RA 248 -60.12 67.53 -110.39
N LYS RA 249 -58.94 67.57 -111.03
CA LYS RA 249 -58.74 68.44 -112.19
C LYS RA 249 -59.74 68.13 -113.29
N ASN RA 250 -59.90 66.85 -113.62
CA ASN RA 250 -60.81 66.48 -114.70
C ASN RA 250 -62.27 66.77 -114.35
N ASN RA 251 -62.65 66.63 -113.08
CA ASN RA 251 -64.00 67.01 -112.67
C ASN RA 251 -64.23 68.50 -112.86
N ILE RA 252 -63.27 69.32 -112.44
CA ILE RA 252 -63.41 70.76 -112.59
C ILE RA 252 -63.52 71.13 -114.06
N LEU RA 253 -62.73 70.48 -114.91
CA LEU RA 253 -62.80 70.74 -116.35
C LEU RA 253 -64.15 70.31 -116.92
N THR RA 254 -64.68 69.18 -116.44
CA THR RA 254 -66.00 68.73 -116.87
C THR RA 254 -67.07 69.75 -116.53
N GLN RA 255 -67.04 70.27 -115.30
CA GLN RA 255 -68.01 71.28 -114.90
C GLN RA 255 -67.89 72.54 -115.77
N ALA RA 256 -66.65 72.97 -116.02
CA ALA RA 256 -66.43 74.14 -116.86
C ALA RA 256 -67.02 73.94 -118.25
N ALA RA 257 -66.77 72.77 -118.85
CA ALA RA 257 -67.30 72.48 -120.18
C ALA RA 257 -68.82 72.40 -120.16
N GLN RA 258 -69.40 71.88 -119.08
CA GLN RA 258 -70.86 71.85 -118.95
C GLN RA 258 -71.44 73.26 -118.99
N SER RA 259 -70.89 74.15 -118.17
CA SER RA 259 -71.35 75.53 -118.16
C SER RA 259 -71.16 76.20 -119.51
N MET RA 260 -70.02 75.95 -120.16
CA MET RA 260 -69.76 76.55 -121.46
C MET RA 260 -70.77 76.07 -122.49
N LEU RA 261 -71.15 74.80 -122.44
CA LEU RA 261 -72.13 74.28 -123.37
C LEU RA 261 -73.51 74.85 -123.10
N ALA RA 262 -73.86 75.01 -121.82
CA ALA RA 262 -75.13 75.64 -121.47
C ALA RA 262 -75.19 77.06 -122.02
N GLN RA 263 -74.06 77.77 -122.01
CA GLN RA 263 -74.03 79.11 -122.60
C GLN RA 263 -74.13 79.05 -124.12
N ALA RA 264 -73.35 78.17 -124.74
CA ALA RA 264 -73.32 78.09 -126.20
C ALA RA 264 -74.67 77.71 -126.78
N ASN RA 265 -75.45 76.91 -126.06
CA ASN RA 265 -76.79 76.58 -126.55
C ASN RA 265 -77.71 77.79 -126.53
N GLN RA 266 -77.53 78.71 -125.58
CA GLN RA 266 -78.33 79.93 -125.52
C GLN RA 266 -77.83 81.02 -126.45
N GLN RA 267 -76.57 80.95 -126.88
CA GLN RA 267 -76.02 82.00 -127.73
C GLN RA 267 -76.81 82.26 -129.01
N PRO RA 268 -77.23 81.24 -129.79
CA PRO RA 268 -78.00 81.56 -131.01
C PRO RA 268 -79.48 81.83 -130.75
N GLN RA 269 -79.77 83.08 -130.39
CA GLN RA 269 -81.14 83.55 -130.21
C GLN RA 269 -81.26 84.90 -130.91
N GLY RA 270 -81.59 84.85 -132.20
CA GLY RA 270 -81.82 86.05 -132.99
C GLY RA 270 -83.24 86.11 -133.47
N VAL RA 271 -84.17 85.66 -132.62
CA VAL RA 271 -85.59 85.69 -132.97
C VAL RA 271 -86.12 87.12 -132.95
N LEU RA 272 -85.48 88.02 -132.20
CA LEU RA 272 -85.93 89.41 -132.18
C LEU RA 272 -85.67 90.15 -133.48
N GLN RA 273 -84.87 89.59 -134.41
CA GLN RA 273 -84.84 90.15 -135.75
C GLN RA 273 -86.22 90.10 -136.39
N LEU RA 274 -86.85 88.94 -136.33
CA LEU RA 274 -88.04 88.67 -137.11
C LEU RA 274 -89.27 89.34 -136.51
N LEU RA 275 -89.62 88.95 -135.29
CA LEU RA 275 -90.81 89.45 -134.62
C LEU RA 275 -90.49 90.73 -133.86
N GLN RA 276 -91.49 91.26 -133.14
CA GLN RA 276 -91.26 92.45 -132.35
C GLN RA 276 -92.43 92.64 -131.39
#